data_7AEB
#
_entry.id   7AEB
#
loop_
_entity.id
_entity.type
_entity.pdbx_description
1 polymer 'baseplate protein (Algo12)'
2 polymer 'Baseplate_J domain-containing protein'
3 polymer 'LysM domain-containing protein'
4 polymer 'Putative tail lysozyme'
5 polymer 'Phospholipid/glycerol acyltransferase'
6 polymer 'Putative phage tail sheath protein FI'
7 polymer 'Phage tail protein'
#
loop_
_entity_poly.entity_id
_entity_poly.type
_entity_poly.pdbx_seq_one_letter_code
_entity_poly.pdbx_strand_id
1 'polypeptide(L)'
;MSTLNKHISIPKDMSSKDDLDFHFLREEGIRYIKELGSNFWTDYNTHDPGITMLEVLCYAISDLGNRINIPIEDLIANEE
GGVKGQFYKVQEILPSAPTSELDLRKLFIDIEGIKNCWIKRERVTVFADLKNQKLSYEKTIWEDLKENQKAQFDLKGLYR
ILVETEDADKVLSESLEKAVFTKFHANRNLCEDLIKVEKVATEPISVCANVEVAPEADEELIHAQILIAIEDYLAPSPRH
YSLKQMVDKGYTMDEIFEGPFLENGFIDTVELKASELRKEVRLSDIINIIMSIDGVKIVKEITLGNCDENDGIENNQWVI
CIPENKKPKLCKKTTINYFKGILPINLNPVRVDNHKSKILASRLENDLKAKDDLEPAIPQGTFADWGEYSSIQHEFPETY
GISDIGLPPKLGVKRAVLARQLKGYLLFFDQILASYFEHLSKIKSLLSLDQGPSFTYFTQAIKDIKDVEELFKDPTLLEN
DEELTKSLIGKLDDTIERRNQLMDHLIARFAENFSSYAFLMKFLYGESTDEIVLQDKQSFLREYKEISRERGEGFNFYEQ
SNDNLWDTLNVSGAQKRISKLVGVKDYSRRNLSDTAVEIYRYEHVDGNWVYRWRIRDENGKVLLSATTSYPTYNSAGNEM
YFAILKILETPLSDLEKLLEVNFRNENEAGSFHFHKAATSNKFSFDIINPVIDSESSSDFIVAKQYTYYPDRTQAVLGAI
SLLNFIKYTFTEEGIYLVEHILLRPSPLDPEYLAMQTDAGKEYIEGNFLPFCSDDYENCKMIDPYSFRVSIVLPGFTYRF
ANKDFRDYLENLIREELPAHIVAKICWIGYRKGEEPELFQEDVENPETPIFKENQLEIFEKAYKNYLFELTDIHKRKGFI
ASMNKYNQVLNEMTSSLTGLHTIYPTGRLYDCEDEEEELDGKLILGKTNLGTL
;
A,B,C,D,E,F
2 'polypeptide(L)'
;MSENCNHIVTTLKRDGTGRRDLLDPKLAPESVQLQDFELSDWLIFALNFARKIHFFPSDLANEPLGDWRNFFSTIVSDKT
LISDIENLDDFEKLRGNIEEFLAAYDQSGKLTPHLTLFVSFLKLLETSKKRFNQLTKRHLDFYYQEILHLEKQALSPDHV
FLIFELAKNVSQEKLDEGTEVDGGKDDTGKKNTYLTSFETVLNKTKVGQLKSLYNEISVEKEEIKELNTPISTGTFVMAP
MANSFDGLGEDFPKGSEKWWPFGYTKICNASTVLPALPKARLGCSISSKLLKLSEGTRDIILEFTFNKPILPNGEDYTAL
NKAMSIELTGEKGWIAGLPMTLKSDSGINSGSKKMKLSLTLDSEQPAVVPYQTELHEGSYEVDEPLLRVLFKTNEKEGYN
LYRLFNENVLTDLKITVEVSDITSVQLENDLGVLNPQKPFFPFGPRPIKGSSFIVKYPEAMEKPVTAISYQMDYLNLPEN
LVNHYSAYTIGDDEPLVSDMDYFSVKSFPKSSNDSDQLFSEKSGGGYESDFEFQIENGVWESGLKKELKISLERSFLHEK
YAHYFTLVAISKDTDPTIELLPNEPYAPLAENLVLGYTAISSIDFSSSSSENQVSLIHEMPFGFQQVFTPGDTDNSLYLV
PDYCHGGELYIGLENGKNLQQVTLLLQFLEGSENPDITDIFTGNQKIKWQYLSQNQWQDFQSGEIIQNQTPRFLKSGIFQ
FSIPKQANLDNTVLPPGYHWIKASMVKPFDVVSQLINIHAQAVEAVFEDQGSSGNHLEKGLPAETISKLQERLSWIKSIQ
QPYPSTKGKAQESDEDYYRRVSERLRHKKRAITLWDYEHLILQKFPKVYKVKCLNHTCSSSFQSPGNATLILVPDTVQQS
VFDIYQPRVSQGTLNDVAAFVNELNSFHVQAKVINPNYEEVKVDVKVKFREGLDVSFYLTKVKEDIKKFLSPWAYDQESS
VEFGVTLHRSQMIHYLEQLTYVDYITDLRLLKRQAGSSPCNPIFIETTEKEYIQPSNPKSILVSAKEHLVTPITQNCSSI
SLNNEEECQH
;
G,H,I,J,K,L
3 'polypeptide(L)'
;MSEGKLEKLRIVAYKDSKFSDEVENGEFITLLNPEKYKFQYRVEQNEDQASGTSSAPIRFNKILPQTLEFDFLFDRTGVI
AGYEVTEDGIINDIDHFKKVVYDYNGEKHKPNYLMITWGSLLFKGYLKEMDIEYKLFRPDGTPIRAMATTKIGEFVEEEL
RTAQENNQSPDMSHYRTVKEGDTLPLMTYRIYGDSKYYLEVAKANGLTNFRRLKTGTELIFPPLQKQK
;
M,N,O,P,Q,R
4 'polypeptide(L)'
;MMEKSKDFLGTGWGFPPEFETSIGQVKTTSGVEDIQKSLEILFSTKIGERIMQPTYGCNLDELLFSPINRTLKTYVIELI
KNAILYHEPRIDPEKIDITQGNEIEGELLIHLQYIVRATNSRKNMVYPFYLEEGTNI
;
S,T,U,V,W,X
5 'polypeptide(L)'
;MATYYPPSSFHFLVEFTGIDAKNNDHEFQSVSGLSVDIDTEEFAEGGENRFKHKFPVKTKYPNLVLKRGVLVDSKVISWC
RDAIEDFEFKPIDLTVKLLNEEHQPLMTWNVVHAYPVKWSVEDFNAQESKMAIESVELSYNYFKTIV
;
Y,Z,a,b,c,d
6 'polypeptide(L)'
;MATYKTPGVYIEEITKFPPSVAQVETAIPAFIGYTQFARTKPSVDSDDLILKPKRISSLLDFTTYYGGAQNEQGITVKLT
DTLIEGAENRTINVPEPTFKSPYLMFYSLQMYFANGGGPCYIVSTGVYDDWSDSETPPTINFSDLESGLAVIRKEDEPTL
LLFPDATNLPTDDEFYSLYNSALMQCNDLQDRFTILDTYSDQTYNDGVEDLDPIPALRNGINLTKDYLKYGAAYYPFVQT
ILNYQYSADEIVIQHLSYNPNAIATALDNLNAVNGPTFIDAILDDLRDLSLPDISGEISDAVGFMYDDVDGFDIDGTFTT
NSVKVANFASLVESVLSTLNELIDAKEEINKDVNSAIASSEEDNAIKTAISDALDVFNEDFEGADKIESVAKNLSDLLIK
IKQADTNTKVENVLSINALNFSAEFEKLLTYDVNTGLTASVTLDLFANIGTRLDDIIAAVSAAEPIDVNNGKLNGRLLSD
IEPLDNATYNTILLEINSHKVTLPPSSSMAGAYARVDNDRGVWKSPANIGLNYVSKPSVTVSHEEQESMNVHGTGKSVNA
IRSFVGKGTLVWGARTLAGNDNEWRYISVRRFFNMAEESIKKATEQFVFEPNDGNTWVRVRAMIENFLILQWRAGALAGA
KPEHAFYVKVGLGQTMTAQDILEGNMNVEIGLAVVRPAEFIILKFSHKMQES
;
e,f,g,h,i,j
7 'polypeptide(L)'
;MSYPLSKFHFSVEWGGTKIGFTEVSGLDLETEIIEYRHGASPEYSKIKMPGMQKFSNITLKRGTFKSDNEYFQWYNTINL
NKVERRDLTISLLNEEHEPVVTWKVKNAWPLKVQSTDLKGDGNEVAIESMELAHEGLVIQNE
;
k,l,m,n,o,p
#
# COMPACT_ATOMS: atom_id res chain seq x y z
N THR A 3 15.11 -15.05 -58.30
CA THR A 3 15.39 -16.33 -58.92
C THR A 3 16.49 -17.05 -58.19
N LEU A 4 16.56 -16.79 -56.91
CA LEU A 4 17.55 -17.38 -56.03
C LEU A 4 16.92 -18.51 -55.26
N ASN A 5 17.74 -19.36 -54.68
CA ASN A 5 17.17 -20.43 -53.89
C ASN A 5 16.74 -19.93 -52.54
N LYS A 6 15.62 -20.43 -52.06
CA LYS A 6 15.09 -20.10 -50.75
C LYS A 6 15.29 -21.23 -49.76
N HIS A 7 15.26 -20.91 -48.48
CA HIS A 7 15.36 -21.92 -47.45
C HIS A 7 14.04 -22.68 -47.40
N ILE A 8 14.10 -23.99 -47.20
CA ILE A 8 12.94 -24.88 -47.20
C ILE A 8 12.62 -25.44 -45.81
N SER A 9 11.35 -25.34 -45.44
CA SER A 9 10.87 -25.85 -44.17
C SER A 9 9.48 -26.45 -44.29
N ILE A 10 9.04 -27.10 -43.21
CA ILE A 10 7.73 -27.76 -43.16
C ILE A 10 6.87 -27.19 -42.04
N PRO A 11 5.60 -26.87 -42.37
CA PRO A 11 4.62 -26.32 -41.44
C PRO A 11 4.41 -27.25 -40.25
N LYS A 12 4.06 -26.66 -39.10
CA LYS A 12 3.83 -27.45 -37.88
C LYS A 12 2.36 -27.64 -37.48
N ASP A 13 1.42 -26.99 -38.15
CA ASP A 13 0.00 -27.14 -37.81
C ASP A 13 -0.67 -28.17 -38.71
N MET A 14 -0.40 -29.44 -38.42
CA MET A 14 -0.92 -30.54 -39.22
C MET A 14 -2.38 -30.85 -38.87
N SER A 15 -3.27 -29.97 -39.29
CA SER A 15 -4.69 -30.12 -39.03
C SER A 15 -5.51 -29.48 -40.14
N SER A 16 -6.36 -30.26 -40.79
CA SER A 16 -7.15 -29.71 -41.88
C SER A 16 -8.60 -30.11 -41.83
N LYS A 17 -8.92 -31.16 -41.08
CA LYS A 17 -10.28 -31.69 -41.01
C LYS A 17 -10.83 -32.10 -42.38
N ASP A 18 -10.00 -32.74 -43.19
CA ASP A 18 -10.39 -33.21 -44.51
C ASP A 18 -9.73 -34.57 -44.79
N ASP A 19 -9.71 -34.99 -46.06
CA ASP A 19 -9.20 -36.31 -46.41
C ASP A 19 -7.69 -36.48 -46.29
N LEU A 20 -6.94 -35.41 -46.02
CA LEU A 20 -5.51 -35.54 -45.85
C LEU A 20 -5.12 -35.62 -44.38
N ASP A 21 -6.10 -35.54 -43.50
CA ASP A 21 -5.89 -35.53 -42.05
C ASP A 21 -6.22 -36.90 -41.45
N PHE A 22 -5.17 -37.68 -41.15
CA PHE A 22 -5.34 -39.04 -40.67
C PHE A 22 -6.17 -39.13 -39.40
N HIS A 23 -5.86 -38.30 -38.43
CA HIS A 23 -6.55 -38.40 -37.15
C HIS A 23 -8.01 -38.05 -37.29
N PHE A 24 -8.30 -37.05 -38.11
CA PHE A 24 -9.68 -36.69 -38.37
C PHE A 24 -10.45 -37.87 -38.95
N LEU A 25 -9.88 -38.52 -39.97
CA LEU A 25 -10.56 -39.64 -40.59
C LEU A 25 -10.80 -40.77 -39.62
N ARG A 26 -9.82 -41.05 -38.77
CA ARG A 26 -9.96 -42.12 -37.81
C ARG A 26 -11.12 -41.89 -36.85
N GLU A 27 -11.27 -40.65 -36.35
CA GLU A 27 -12.36 -40.35 -35.44
C GLU A 27 -13.71 -40.49 -36.09
N GLU A 28 -13.83 -40.03 -37.35
CA GLU A 28 -15.09 -40.15 -38.06
C GLU A 28 -15.45 -41.60 -38.27
N GLY A 29 -14.44 -42.42 -38.56
CA GLY A 29 -14.65 -43.83 -38.75
C GLY A 29 -15.30 -44.45 -37.54
N ILE A 30 -14.75 -44.19 -36.36
CA ILE A 30 -15.29 -44.75 -35.15
C ILE A 30 -16.69 -44.23 -34.86
N ARG A 31 -16.94 -42.94 -35.08
CA ARG A 31 -18.28 -42.41 -34.88
C ARG A 31 -19.30 -43.16 -35.72
N TYR A 32 -18.98 -43.42 -36.99
CA TYR A 32 -19.91 -44.13 -37.86
C TYR A 32 -20.14 -45.55 -37.35
N ILE A 33 -19.10 -46.22 -36.88
CA ILE A 33 -19.22 -47.58 -36.37
C ILE A 33 -20.18 -47.64 -35.22
N LYS A 34 -20.07 -46.73 -34.26
CA LYS A 34 -20.99 -46.78 -33.13
C LYS A 34 -22.41 -46.57 -33.54
N GLU A 35 -22.65 -45.63 -34.43
CA GLU A 35 -24.01 -45.34 -34.86
C GLU A 35 -24.68 -46.51 -35.55
N LEU A 36 -23.91 -47.25 -36.33
CA LEU A 36 -24.47 -48.37 -37.08
C LEU A 36 -24.44 -49.72 -36.37
N GLY A 37 -23.36 -50.07 -35.66
CA GLY A 37 -23.25 -51.41 -35.12
C GLY A 37 -22.94 -51.62 -33.65
N SER A 38 -23.15 -50.63 -32.77
CA SER A 38 -22.81 -50.77 -31.35
C SER A 38 -23.55 -51.88 -30.61
N ASN A 39 -24.61 -52.41 -31.19
CA ASN A 39 -25.31 -53.50 -30.54
C ASN A 39 -24.46 -54.74 -30.50
N PHE A 40 -23.58 -54.92 -31.46
CA PHE A 40 -22.80 -56.12 -31.57
C PHE A 40 -21.31 -55.90 -31.43
N TRP A 41 -20.81 -54.76 -31.88
CA TRP A 41 -19.39 -54.48 -31.84
C TRP A 41 -19.14 -53.32 -30.89
N THR A 42 -18.63 -53.63 -29.69
CA THR A 42 -18.39 -52.63 -28.66
C THR A 42 -16.94 -52.47 -28.24
N ASP A 43 -16.08 -53.42 -28.53
CA ASP A 43 -14.69 -53.40 -28.13
C ASP A 43 -13.90 -52.62 -29.17
N TYR A 44 -13.44 -51.41 -28.83
CA TYR A 44 -12.72 -50.61 -29.81
C TYR A 44 -11.26 -50.44 -29.44
N ASN A 45 -10.72 -51.40 -28.72
CA ASN A 45 -9.32 -51.40 -28.33
C ASN A 45 -8.40 -51.69 -29.50
N THR A 46 -7.14 -51.34 -29.35
CA THR A 46 -6.19 -51.44 -30.44
C THR A 46 -5.79 -52.86 -30.85
N HIS A 47 -6.09 -53.88 -30.06
CA HIS A 47 -5.76 -55.23 -30.51
C HIS A 47 -6.81 -55.79 -31.46
N ASP A 48 -7.92 -55.09 -31.63
CA ASP A 48 -9.06 -55.54 -32.42
C ASP A 48 -8.80 -55.48 -33.92
N PRO A 49 -8.91 -56.62 -34.65
CA PRO A 49 -8.78 -56.67 -36.11
C PRO A 49 -9.65 -55.66 -36.83
N GLY A 50 -10.83 -55.37 -36.29
CA GLY A 50 -11.73 -54.41 -36.88
C GLY A 50 -11.09 -53.04 -36.97
N ILE A 51 -10.61 -52.57 -35.83
CA ILE A 51 -9.96 -51.27 -35.73
C ILE A 51 -8.70 -51.25 -36.58
N THR A 52 -7.95 -52.36 -36.59
CA THR A 52 -6.75 -52.42 -37.41
C THR A 52 -7.06 -52.15 -38.88
N MET A 53 -8.12 -52.79 -39.39
CA MET A 53 -8.52 -52.58 -40.78
C MET A 53 -8.90 -51.13 -41.05
N LEU A 54 -9.60 -50.50 -40.12
CA LEU A 54 -9.98 -49.10 -40.28
C LEU A 54 -8.77 -48.21 -40.47
N GLU A 55 -7.76 -48.38 -39.62
CA GLU A 55 -6.58 -47.55 -39.72
C GLU A 55 -5.86 -47.72 -41.05
N VAL A 56 -5.80 -48.95 -41.56
CA VAL A 56 -5.17 -49.19 -42.85
C VAL A 56 -5.91 -48.44 -43.95
N LEU A 57 -7.23 -48.51 -43.94
CA LEU A 57 -8.01 -47.83 -44.95
C LEU A 57 -7.85 -46.31 -44.86
N CYS A 58 -7.77 -45.76 -43.66
CA CYS A 58 -7.60 -44.31 -43.52
C CYS A 58 -6.29 -43.86 -44.17
N TYR A 59 -5.24 -44.65 -43.98
CA TYR A 59 -3.95 -44.38 -44.56
C TYR A 59 -4.04 -44.36 -46.09
N ALA A 60 -4.72 -45.37 -46.67
CA ALA A 60 -4.91 -45.45 -48.11
C ALA A 60 -5.68 -44.25 -48.67
N ILE A 61 -6.65 -43.74 -47.92
CA ILE A 61 -7.40 -42.57 -48.37
C ILE A 61 -6.51 -41.36 -48.49
N SER A 62 -5.64 -41.13 -47.50
CA SER A 62 -4.74 -39.99 -47.55
C SER A 62 -3.87 -40.03 -48.81
N ASP A 63 -3.41 -41.22 -49.19
CA ASP A 63 -2.60 -41.38 -50.40
C ASP A 63 -3.37 -40.95 -51.64
N LEU A 64 -4.63 -41.36 -51.74
CA LEU A 64 -5.43 -40.95 -52.88
C LEU A 64 -5.58 -39.44 -52.93
N GLY A 65 -5.92 -38.83 -51.80
CA GLY A 65 -6.13 -37.40 -51.79
C GLY A 65 -4.88 -36.65 -52.21
N ASN A 66 -3.74 -37.13 -51.78
CA ASN A 66 -2.48 -36.50 -52.13
C ASN A 66 -2.21 -36.50 -53.62
N ARG A 67 -2.63 -37.54 -54.36
CA ARG A 67 -2.37 -37.50 -55.80
C ARG A 67 -3.35 -36.62 -56.52
N ILE A 68 -4.56 -36.53 -56.01
CA ILE A 68 -5.54 -35.68 -56.65
C ILE A 68 -5.03 -34.25 -56.69
N ASN A 69 -4.30 -33.82 -55.66
CA ASN A 69 -3.74 -32.47 -55.60
C ASN A 69 -2.50 -32.20 -56.47
N ILE A 70 -2.02 -33.17 -57.24
CA ILE A 70 -0.90 -32.92 -58.15
C ILE A 70 -1.33 -31.90 -59.18
N PRO A 71 -0.52 -30.89 -59.48
CA PRO A 71 -0.88 -29.82 -60.41
C PRO A 71 -1.16 -30.33 -61.81
N ILE A 72 -2.04 -29.60 -62.50
CA ILE A 72 -2.52 -29.92 -63.83
C ILE A 72 -1.40 -30.08 -64.82
N GLU A 73 -0.34 -29.29 -64.67
CA GLU A 73 0.74 -29.34 -65.64
C GLU A 73 1.30 -30.75 -65.76
N ASP A 74 1.23 -31.52 -64.69
CA ASP A 74 1.77 -32.85 -64.70
C ASP A 74 0.68 -33.86 -64.99
N LEU A 75 -0.51 -33.66 -64.45
CA LEU A 75 -1.56 -34.66 -64.62
C LEU A 75 -1.95 -34.86 -66.07
N ILE A 76 -1.90 -33.83 -66.89
CA ILE A 76 -2.28 -34.01 -68.28
C ILE A 76 -1.11 -33.93 -69.23
N ALA A 77 0.10 -34.13 -68.74
CA ALA A 77 1.28 -34.11 -69.58
C ALA A 77 1.32 -35.27 -70.55
N ASN A 78 1.94 -35.03 -71.71
CA ASN A 78 2.20 -36.09 -72.68
C ASN A 78 3.57 -36.67 -72.44
N GLU A 79 3.75 -37.91 -72.88
CA GLU A 79 5.02 -38.61 -72.75
C GLU A 79 6.16 -37.88 -73.42
N GLU A 80 5.87 -37.25 -74.54
CA GLU A 80 6.82 -36.51 -75.34
C GLU A 80 6.81 -35.02 -75.06
N GLY A 81 6.06 -34.57 -74.07
CA GLY A 81 5.93 -33.15 -73.79
C GLY A 81 4.89 -32.51 -74.70
N GLY A 82 4.61 -31.22 -74.46
CA GLY A 82 3.63 -30.52 -75.27
C GLY A 82 2.20 -30.73 -74.81
N VAL A 83 1.29 -30.01 -75.47
CA VAL A 83 -0.14 -30.03 -75.16
C VAL A 83 -0.98 -30.21 -76.42
N LYS A 84 -0.43 -30.90 -77.41
CA LYS A 84 -1.08 -31.00 -78.71
C LYS A 84 -2.57 -31.38 -78.68
N GLY A 85 -2.95 -32.42 -77.95
CA GLY A 85 -4.35 -32.83 -77.94
C GLY A 85 -5.20 -32.22 -76.85
N GLN A 86 -4.63 -31.30 -76.08
CA GLN A 86 -5.35 -30.73 -74.96
C GLN A 86 -5.75 -29.30 -75.20
N PHE A 87 -4.85 -28.49 -75.72
CA PHE A 87 -5.17 -27.09 -75.84
C PHE A 87 -4.77 -26.53 -77.18
N TYR A 88 -5.43 -25.47 -77.58
CA TYR A 88 -4.98 -24.71 -78.73
C TYR A 88 -4.18 -23.56 -78.16
N LYS A 89 -3.04 -23.24 -78.77
CA LYS A 89 -2.16 -22.19 -78.27
C LYS A 89 -2.54 -20.80 -78.78
N VAL A 90 -2.02 -19.74 -78.13
CA VAL A 90 -2.41 -18.38 -78.54
C VAL A 90 -2.06 -18.05 -79.97
N GLN A 91 -0.95 -18.59 -80.47
CA GLN A 91 -0.50 -18.37 -81.83
C GLN A 91 -1.47 -18.94 -82.84
N GLU A 92 -2.30 -19.85 -82.39
CA GLU A 92 -3.24 -20.57 -83.23
C GLU A 92 -4.68 -20.15 -83.04
N ILE A 93 -5.08 -19.85 -81.80
CA ILE A 93 -6.49 -19.56 -81.53
C ILE A 93 -6.85 -18.08 -81.39
N LEU A 94 -5.90 -17.20 -81.14
CA LEU A 94 -6.26 -15.76 -81.04
C LEU A 94 -6.24 -14.91 -82.33
N PRO A 95 -5.30 -15.10 -83.28
CA PRO A 95 -5.19 -14.30 -84.50
C PRO A 95 -6.41 -14.39 -85.39
N SER A 96 -6.65 -13.35 -86.18
CA SER A 96 -7.82 -13.31 -87.06
C SER A 96 -7.43 -13.02 -88.51
N ALA A 97 -8.21 -13.55 -89.46
CA ALA A 97 -7.95 -13.36 -90.87
C ALA A 97 -8.04 -11.85 -91.10
N PRO A 98 -7.35 -11.28 -92.09
CA PRO A 98 -7.48 -9.83 -92.20
C PRO A 98 -8.68 -9.37 -93.02
N THR A 99 -9.63 -8.66 -92.39
CA THR A 99 -10.83 -8.15 -93.09
C THR A 99 -11.02 -6.63 -93.06
N SER A 100 -10.23 -5.91 -92.27
CA SER A 100 -10.32 -4.46 -92.15
C SER A 100 -9.21 -3.76 -92.92
N GLU A 101 -9.33 -2.43 -93.02
CA GLU A 101 -8.36 -1.60 -93.75
C GLU A 101 -6.98 -1.68 -93.06
N LEU A 102 -6.96 -1.64 -91.71
CA LEU A 102 -5.71 -1.66 -90.98
C LEU A 102 -5.08 -3.03 -91.11
N ASP A 103 -5.89 -4.08 -91.14
CA ASP A 103 -5.34 -5.41 -91.32
C ASP A 103 -4.65 -5.52 -92.65
N LEU A 104 -5.27 -4.97 -93.71
CA LEU A 104 -4.66 -5.02 -95.03
C LEU A 104 -3.36 -4.25 -95.06
N ARG A 105 -3.31 -3.11 -94.39
CA ARG A 105 -2.06 -2.39 -94.38
C ARG A 105 -0.99 -3.22 -93.70
N LYS A 106 -1.32 -3.88 -92.58
CA LYS A 106 -0.34 -4.73 -91.90
C LYS A 106 0.04 -5.94 -92.76
N LEU A 107 -0.91 -6.47 -93.49
CA LEU A 107 -0.66 -7.62 -94.35
C LEU A 107 0.39 -7.32 -95.41
N PHE A 108 0.23 -6.21 -96.11
CA PHE A 108 1.13 -5.90 -97.21
C PHE A 108 2.44 -5.23 -96.78
N ILE A 109 2.44 -4.52 -95.67
CA ILE A 109 3.63 -3.81 -95.22
C ILE A 109 4.76 -4.75 -94.83
N ASP A 110 4.48 -6.04 -94.69
CA ASP A 110 5.49 -7.04 -94.43
C ASP A 110 6.14 -7.67 -95.64
N ILE A 111 5.81 -7.20 -96.82
CA ILE A 111 6.49 -7.68 -98.00
C ILE A 111 7.82 -6.95 -98.03
N GLU A 112 8.92 -7.68 -98.11
CA GLU A 112 10.21 -7.01 -98.05
C GLU A 112 10.32 -6.01 -99.21
N GLY A 113 10.85 -4.83 -98.91
CA GLY A 113 10.99 -3.74 -99.88
C GLY A 113 9.88 -2.71 -99.79
N ILE A 114 8.80 -3.02 -99.07
CA ILE A 114 7.70 -2.07 -98.91
C ILE A 114 7.75 -1.41 -97.55
N LYS A 115 7.70 -0.08 -97.54
CA LYS A 115 7.76 0.69 -96.31
C LYS A 115 6.40 1.06 -95.79
N ASN A 116 5.48 1.32 -96.71
CA ASN A 116 4.12 1.69 -96.31
C ASN A 116 3.16 1.42 -97.46
N CYS A 117 1.87 1.32 -97.11
CA CYS A 117 0.81 1.12 -98.08
C CYS A 117 -0.44 1.84 -97.68
N TRP A 118 -1.19 2.28 -98.67
CA TRP A 118 -2.48 2.87 -98.40
C TRP A 118 -3.52 2.19 -99.28
N ILE A 119 -4.70 1.99 -98.74
CA ILE A 119 -5.76 1.30 -99.46
C ILE A 119 -6.85 2.28 -99.84
N LYS A 120 -7.13 2.38 -101.12
CA LYS A 120 -8.14 3.29 -101.62
C LYS A 120 -9.17 2.50 -102.40
N ARG A 121 -10.34 3.12 -102.60
CA ARG A 121 -11.50 2.50 -103.25
C ARG A 121 -11.71 3.03 -104.66
N GLU A 122 -11.93 2.12 -105.63
CA GLU A 122 -12.25 2.53 -106.99
C GLU A 122 -13.70 2.89 -107.15
N ARG A 123 -13.95 3.89 -108.02
CA ARG A 123 -15.32 4.28 -108.35
C ARG A 123 -15.51 4.09 -109.85
N VAL A 124 -15.97 2.89 -110.24
CA VAL A 124 -16.24 2.58 -111.62
C VAL A 124 -17.65 3.03 -111.88
N THR A 125 -17.86 3.78 -112.96
CA THR A 125 -19.19 4.28 -113.23
C THR A 125 -19.86 3.60 -114.38
N VAL A 126 -21.13 3.31 -114.17
CA VAL A 126 -22.01 2.71 -115.16
C VAL A 126 -23.17 3.63 -115.43
N PHE A 127 -23.43 3.87 -116.70
CA PHE A 127 -24.46 4.78 -117.11
C PHE A 127 -25.64 4.01 -117.64
N ALA A 128 -26.84 4.56 -117.51
CA ALA A 128 -27.97 3.83 -118.04
C ALA A 128 -29.05 4.68 -118.68
N ASP A 129 -29.68 3.99 -119.64
CA ASP A 129 -30.83 4.39 -120.43
C ASP A 129 -32.09 3.91 -119.72
N LEU A 130 -32.93 4.82 -119.24
CA LEU A 130 -34.12 4.43 -118.51
C LEU A 130 -35.33 4.34 -119.43
N LYS A 131 -35.13 4.62 -120.72
CA LYS A 131 -36.20 4.57 -121.70
C LYS A 131 -36.24 3.13 -122.16
N ASN A 132 -35.07 2.64 -122.48
CA ASN A 132 -34.81 1.28 -122.91
C ASN A 132 -33.84 0.78 -121.88
N GLN A 133 -34.25 -0.13 -121.05
CA GLN A 133 -33.32 -0.48 -120.00
C GLN A 133 -32.13 -1.04 -120.71
N LYS A 134 -31.04 -0.29 -120.60
CA LYS A 134 -29.73 -0.70 -121.10
C LYS A 134 -28.63 0.04 -120.34
N LEU A 135 -27.52 -0.65 -120.10
CA LEU A 135 -26.41 -0.04 -119.36
C LEU A 135 -25.04 -0.25 -120.03
N SER A 136 -24.18 0.75 -119.89
CA SER A 136 -22.83 0.77 -120.47
C SER A 136 -21.87 1.67 -119.71
N TYR A 137 -20.57 1.52 -119.95
CA TYR A 137 -19.56 2.34 -119.26
C TYR A 137 -19.36 3.64 -119.99
N GLU A 138 -20.04 3.77 -121.12
CA GLU A 138 -19.98 4.94 -121.97
C GLU A 138 -21.21 5.83 -121.78
N LYS A 139 -21.04 7.15 -121.94
CA LYS A 139 -22.20 8.05 -121.87
C LYS A 139 -22.95 8.10 -123.18
N THR A 140 -22.50 7.28 -124.13
CA THR A 140 -23.09 7.12 -125.44
C THR A 140 -24.41 6.40 -125.26
N ILE A 141 -24.57 5.75 -124.11
CA ILE A 141 -25.79 5.04 -123.73
C ILE A 141 -26.94 6.03 -123.63
N TRP A 142 -26.64 7.33 -123.47
CA TRP A 142 -27.63 8.37 -123.34
C TRP A 142 -28.00 9.10 -124.63
N GLU A 143 -27.41 8.74 -125.76
CA GLU A 143 -27.76 9.45 -126.97
C GLU A 143 -29.24 9.38 -127.27
N ASP A 144 -29.79 10.54 -127.62
CA ASP A 144 -31.18 10.75 -127.99
C ASP A 144 -32.19 10.61 -126.84
N LEU A 145 -31.74 10.64 -125.59
CA LEU A 145 -32.67 10.56 -124.46
C LEU A 145 -32.99 11.92 -123.86
N LYS A 146 -34.11 11.97 -123.16
CA LYS A 146 -34.52 13.18 -122.46
C LYS A 146 -33.78 13.26 -121.14
N GLU A 147 -33.76 14.44 -120.54
CA GLU A 147 -33.05 14.65 -119.28
C GLU A 147 -33.53 13.78 -118.10
N ASN A 148 -34.76 13.31 -118.12
CA ASN A 148 -35.28 12.52 -117.03
C ASN A 148 -35.23 11.02 -117.32
N GLN A 149 -34.50 10.62 -118.36
CA GLN A 149 -34.35 9.22 -118.73
C GLN A 149 -32.92 8.75 -118.49
N LYS A 150 -32.17 9.50 -117.70
CA LYS A 150 -30.77 9.19 -117.48
C LYS A 150 -30.46 8.76 -116.04
N ALA A 151 -29.55 7.79 -115.89
CA ALA A 151 -29.10 7.34 -114.57
C ALA A 151 -27.63 6.93 -114.56
N GLN A 152 -27.04 6.94 -113.36
CA GLN A 152 -25.67 6.51 -113.12
C GLN A 152 -25.55 5.74 -111.82
N PHE A 153 -24.80 4.64 -111.83
CA PHE A 153 -24.55 4.00 -110.54
C PHE A 153 -23.06 3.73 -110.45
N ASP A 154 -22.54 3.74 -109.23
CA ASP A 154 -21.12 3.54 -108.98
C ASP A 154 -20.93 2.16 -108.39
N LEU A 155 -19.79 1.54 -108.64
CA LEU A 155 -19.58 0.21 -108.08
C LEU A 155 -19.09 0.29 -106.61
N LYS A 156 -19.49 -0.72 -105.81
CA LYS A 156 -19.28 -0.69 -104.34
C LYS A 156 -18.15 -1.52 -103.72
N GLY A 157 -17.48 -2.47 -104.40
CA GLY A 157 -16.44 -3.24 -103.68
C GLY A 157 -15.06 -3.38 -104.34
N LEU A 158 -14.57 -2.37 -105.03
CA LEU A 158 -13.29 -2.52 -105.73
C LEU A 158 -12.13 -1.71 -105.12
N TYR A 159 -10.91 -2.30 -105.14
CA TYR A 159 -9.70 -1.69 -104.57
C TYR A 159 -8.56 -1.26 -105.51
N ARG A 160 -7.82 -0.27 -105.02
CA ARG A 160 -6.55 0.23 -105.56
C ARG A 160 -5.51 0.30 -104.44
N ILE A 161 -4.32 -0.24 -104.67
CA ILE A 161 -3.29 -0.24 -103.63
C ILE A 161 -2.12 0.68 -103.97
N LEU A 162 -1.85 1.63 -103.08
CA LEU A 162 -0.77 2.59 -103.24
C LEU A 162 0.44 2.14 -102.43
N VAL A 163 1.57 1.94 -103.11
CA VAL A 163 2.75 1.38 -102.45
C VAL A 163 3.94 2.33 -102.37
N GLU A 164 4.53 2.44 -101.17
CA GLU A 164 5.77 3.18 -100.98
C GLU A 164 6.91 2.20 -100.75
N THR A 165 7.90 2.21 -101.62
CA THR A 165 9.03 1.28 -101.53
C THR A 165 10.35 1.92 -101.15
N GLU A 166 11.27 1.05 -100.72
CA GLU A 166 12.64 1.40 -100.32
C GLU A 166 13.55 1.82 -101.48
N ASP A 167 13.30 1.24 -102.65
CA ASP A 167 14.09 1.38 -103.87
C ASP A 167 14.26 2.80 -104.40
N ALA A 168 13.25 3.65 -104.25
CA ALA A 168 13.25 5.01 -104.80
C ALA A 168 13.41 5.03 -106.32
N ASP A 169 12.78 4.06 -106.99
CA ASP A 169 12.77 3.92 -108.44
C ASP A 169 11.52 4.64 -108.94
N LYS A 170 11.28 4.62 -110.25
CA LYS A 170 10.09 5.27 -110.82
C LYS A 170 8.86 4.37 -110.78
N VAL A 171 9.06 3.05 -110.83
CA VAL A 171 7.95 2.09 -110.91
C VAL A 171 8.14 0.98 -109.87
N LEU A 172 7.10 0.17 -109.66
CA LEU A 172 7.26 -0.98 -108.77
C LEU A 172 7.88 -2.11 -109.55
N SER A 173 8.72 -2.91 -108.89
CA SER A 173 9.23 -4.11 -109.52
C SER A 173 8.06 -5.04 -109.76
N GLU A 174 8.09 -5.79 -110.87
CA GLU A 174 7.00 -6.71 -111.12
C GLU A 174 6.90 -7.76 -110.01
N SER A 175 7.99 -8.02 -109.28
CA SER A 175 7.94 -8.99 -108.20
C SER A 175 7.10 -8.50 -107.03
N LEU A 176 6.94 -7.18 -106.91
CA LEU A 176 6.14 -6.64 -105.85
C LEU A 176 4.71 -6.71 -106.28
N GLU A 177 4.45 -6.38 -107.54
CA GLU A 177 3.08 -6.49 -107.98
C GLU A 177 2.56 -7.90 -107.83
N LYS A 178 3.40 -8.88 -108.13
CA LYS A 178 2.96 -10.25 -107.97
C LYS A 178 2.70 -10.54 -106.48
N ALA A 179 3.59 -10.10 -105.59
CA ALA A 179 3.42 -10.34 -104.16
C ALA A 179 2.13 -9.73 -103.62
N VAL A 180 1.80 -8.51 -104.04
CA VAL A 180 0.59 -7.85 -103.55
C VAL A 180 -0.65 -8.53 -104.07
N PHE A 181 -0.69 -8.81 -105.38
CA PHE A 181 -1.87 -9.47 -105.92
C PHE A 181 -2.04 -10.85 -105.31
N THR A 182 -0.94 -11.58 -105.14
CA THR A 182 -1.02 -12.91 -104.55
C THR A 182 -1.63 -12.90 -103.16
N LYS A 183 -1.12 -12.01 -102.29
CA LYS A 183 -1.65 -11.98 -100.95
C LYS A 183 -3.08 -11.50 -100.92
N PHE A 184 -3.42 -10.52 -101.75
CA PHE A 184 -4.80 -10.05 -101.75
C PHE A 184 -5.74 -11.17 -102.07
N HIS A 185 -5.49 -11.87 -103.16
CA HIS A 185 -6.45 -12.88 -103.57
C HIS A 185 -6.50 -14.04 -102.62
N ALA A 186 -5.35 -14.41 -102.07
CA ALA A 186 -5.29 -15.50 -101.10
C ALA A 186 -6.12 -15.20 -99.86
N ASN A 187 -6.19 -13.93 -99.47
CA ASN A 187 -6.90 -13.51 -98.27
C ASN A 187 -7.91 -12.41 -98.57
N ARG A 188 -9.09 -12.74 -99.09
CA ARG A 188 -10.02 -11.68 -99.45
C ARG A 188 -11.40 -11.89 -98.89
N ASN A 189 -12.15 -10.79 -98.81
CA ASN A 189 -13.51 -10.79 -98.31
C ASN A 189 -14.47 -11.20 -99.42
N LEU A 190 -15.64 -11.66 -99.01
CA LEU A 190 -16.70 -12.01 -99.95
C LEU A 190 -17.22 -10.74 -100.63
N CYS A 191 -17.38 -10.81 -101.96
CA CYS A 191 -17.90 -9.73 -102.83
C CYS A 191 -17.01 -8.49 -102.93
N GLU A 192 -15.69 -8.68 -102.96
CA GLU A 192 -14.73 -7.60 -103.10
C GLU A 192 -13.59 -8.01 -104.05
N ASP A 193 -12.99 -7.05 -104.75
CA ASP A 193 -11.89 -7.37 -105.68
C ASP A 193 -10.86 -6.25 -105.84
N LEU A 194 -9.67 -6.64 -106.30
CA LEU A 194 -8.54 -5.76 -106.53
C LEU A 194 -8.30 -5.46 -107.99
N ILE A 195 -8.30 -4.19 -108.34
CA ILE A 195 -8.12 -3.77 -109.72
C ILE A 195 -6.67 -3.42 -110.02
N LYS A 196 -6.07 -2.55 -109.21
CA LYS A 196 -4.72 -2.09 -109.54
C LYS A 196 -3.82 -1.89 -108.33
N VAL A 197 -2.54 -2.22 -108.52
CA VAL A 197 -1.47 -1.99 -107.57
C VAL A 197 -0.46 -1.07 -108.25
N GLU A 198 -0.14 0.06 -107.60
CA GLU A 198 0.75 1.05 -108.18
C GLU A 198 1.55 1.82 -107.15
N LYS A 199 2.62 2.46 -107.61
CA LYS A 199 3.47 3.26 -106.74
C LYS A 199 2.84 4.62 -106.45
N VAL A 200 2.93 5.05 -105.19
CA VAL A 200 2.34 6.33 -104.75
C VAL A 200 2.98 7.56 -105.42
N ALA A 201 2.14 8.51 -105.85
CA ALA A 201 2.55 9.78 -106.46
C ALA A 201 3.06 10.76 -105.40
N THR A 202 3.90 11.71 -105.80
CA THR A 202 4.42 12.69 -104.85
C THR A 202 4.28 14.16 -105.24
N GLU A 203 4.47 15.04 -104.24
CA GLU A 203 4.47 16.50 -104.38
C GLU A 203 5.73 17.11 -103.74
N PRO A 204 6.60 17.81 -104.48
CA PRO A 204 7.85 18.39 -103.96
C PRO A 204 7.68 19.71 -103.21
N ILE A 205 8.34 19.82 -102.05
CA ILE A 205 8.31 21.02 -101.20
C ILE A 205 9.72 21.54 -100.91
N SER A 206 9.90 22.85 -101.04
CA SER A 206 11.17 23.51 -100.72
C SER A 206 11.18 24.10 -99.32
N VAL A 207 12.33 24.00 -98.66
CA VAL A 207 12.55 24.64 -97.37
C VAL A 207 13.89 25.38 -97.46
N CYS A 208 13.90 26.66 -97.11
CA CYS A 208 15.15 27.45 -97.12
C CYS A 208 15.29 28.21 -95.81
N ALA A 209 16.51 28.22 -95.22
CA ALA A 209 16.69 28.92 -93.95
C ALA A 209 18.11 29.37 -93.61
N ASN A 210 18.19 30.35 -92.69
CA ASN A 210 19.43 30.84 -92.06
C ASN A 210 19.37 30.52 -90.57
N VAL A 211 20.28 29.66 -90.12
CA VAL A 211 20.25 29.17 -88.75
C VAL A 211 21.57 29.43 -88.00
N GLU A 212 21.44 30.09 -86.84
CA GLU A 212 22.60 30.35 -85.99
C GLU A 212 22.71 29.26 -84.95
N VAL A 213 23.93 28.76 -84.77
CA VAL A 213 24.22 27.70 -83.84
C VAL A 213 25.23 28.15 -82.80
N ALA A 214 25.33 27.36 -81.74
CA ALA A 214 26.27 27.61 -80.66
C ALA A 214 27.70 27.61 -81.20
N PRO A 215 28.59 28.45 -80.63
CA PRO A 215 30.00 28.57 -81.01
C PRO A 215 30.79 27.29 -80.85
N GLU A 216 30.28 26.38 -80.04
CA GLU A 216 30.89 25.09 -79.76
C GLU A 216 29.89 24.02 -80.12
N ALA A 217 29.76 23.77 -81.42
CA ALA A 217 28.78 22.83 -81.92
C ALA A 217 29.31 22.17 -83.18
N ASP A 218 28.90 20.92 -83.37
CA ASP A 218 29.24 20.12 -84.54
C ASP A 218 28.17 20.34 -85.60
N GLU A 219 28.47 21.22 -86.56
CA GLU A 219 27.54 21.57 -87.62
C GLU A 219 27.17 20.44 -88.56
N GLU A 220 28.11 19.56 -88.91
CA GLU A 220 27.77 18.50 -89.83
C GLU A 220 26.72 17.60 -89.19
N LEU A 221 26.88 17.35 -87.89
CA LEU A 221 25.90 16.54 -87.18
C LEU A 221 24.57 17.25 -87.06
N ILE A 222 24.58 18.56 -86.78
CA ILE A 222 23.32 19.29 -86.68
C ILE A 222 22.59 19.20 -88.00
N HIS A 223 23.31 19.40 -89.11
CA HIS A 223 22.64 19.35 -90.39
C HIS A 223 22.02 17.97 -90.62
N ALA A 224 22.76 16.90 -90.36
CA ALA A 224 22.21 15.56 -90.57
C ALA A 224 20.95 15.34 -89.73
N GLN A 225 20.95 15.83 -88.49
CA GLN A 225 19.80 15.66 -87.62
C GLN A 225 18.58 16.47 -88.06
N ILE A 226 18.77 17.73 -88.48
CA ILE A 226 17.63 18.54 -88.91
C ILE A 226 17.01 17.90 -90.12
N LEU A 227 17.86 17.54 -91.05
CA LEU A 227 17.45 16.97 -92.30
C LEU A 227 16.62 15.71 -92.10
N ILE A 228 17.06 14.79 -91.23
CA ILE A 228 16.27 13.59 -91.00
C ILE A 228 14.94 13.93 -90.36
N ALA A 229 14.93 14.80 -89.35
CA ALA A 229 13.69 15.12 -88.67
C ALA A 229 12.63 15.71 -89.60
N ILE A 230 13.02 16.57 -90.53
CA ILE A 230 12.02 17.12 -91.45
C ILE A 230 11.48 16.03 -92.35
N GLU A 231 12.35 15.17 -92.86
CA GLU A 231 11.86 14.10 -93.72
C GLU A 231 10.87 13.21 -92.98
N ASP A 232 11.14 12.90 -91.70
CA ASP A 232 10.21 12.05 -90.94
C ASP A 232 8.86 12.73 -90.72
N TYR A 233 8.86 14.05 -90.49
CA TYR A 233 7.61 14.80 -90.38
C TYR A 233 6.74 14.64 -91.61
N LEU A 234 7.34 14.86 -92.77
CA LEU A 234 6.59 14.80 -94.01
C LEU A 234 6.03 13.42 -94.31
N ALA A 235 6.78 12.35 -94.04
CA ALA A 235 6.33 11.01 -94.40
C ALA A 235 6.74 9.91 -93.41
N PRO A 236 6.12 9.84 -92.23
CA PRO A 236 6.42 8.86 -91.16
C PRO A 236 6.16 7.43 -91.60
N SER A 237 6.81 6.47 -90.96
CA SER A 237 6.58 5.05 -91.23
C SER A 237 6.68 4.28 -89.90
N PRO A 238 5.95 3.15 -89.76
CA PRO A 238 5.94 2.30 -88.56
C PRO A 238 7.18 1.42 -88.42
N ARG A 239 7.43 0.93 -87.21
CA ARG A 239 8.53 -0.01 -86.98
C ARG A 239 8.06 -1.28 -86.31
N HIS A 240 8.85 -2.35 -86.47
CA HIS A 240 8.52 -3.63 -85.88
C HIS A 240 9.04 -3.77 -84.47
N TYR A 241 8.27 -4.47 -83.64
CA TYR A 241 8.63 -4.70 -82.25
C TYR A 241 8.68 -6.17 -81.85
N SER A 242 9.49 -6.45 -80.85
CA SER A 242 9.57 -7.78 -80.27
C SER A 242 8.39 -7.98 -79.35
N LEU A 243 8.11 -9.22 -78.96
CA LEU A 243 7.00 -9.43 -78.03
C LEU A 243 7.30 -8.77 -76.70
N LYS A 244 8.53 -8.90 -76.21
CA LYS A 244 8.91 -8.27 -74.96
C LYS A 244 8.63 -6.77 -75.00
N GLN A 245 8.95 -6.12 -76.12
CA GLN A 245 8.67 -4.68 -76.25
C GLN A 245 7.17 -4.37 -76.21
N MET A 246 6.34 -5.17 -76.90
CA MET A 246 4.90 -4.91 -76.87
C MET A 246 4.37 -4.99 -75.44
N VAL A 247 4.92 -5.94 -74.69
CA VAL A 247 4.54 -6.09 -73.29
C VAL A 247 4.99 -4.88 -72.48
N ASP A 248 6.24 -4.40 -72.67
CA ASP A 248 6.72 -3.23 -71.93
C ASP A 248 5.86 -2.00 -72.19
N LYS A 249 5.34 -1.87 -73.43
CA LYS A 249 4.46 -0.76 -73.80
C LYS A 249 3.13 -0.77 -73.05
N GLY A 250 2.78 -1.87 -72.40
CA GLY A 250 1.54 -1.97 -71.67
C GLY A 250 0.41 -2.68 -72.37
N TYR A 251 0.68 -3.40 -73.45
CA TYR A 251 -0.38 -4.10 -74.13
C TYR A 251 -0.58 -5.47 -73.52
N THR A 252 -1.80 -6.01 -73.60
CA THR A 252 -2.02 -7.38 -73.13
C THR A 252 -2.17 -8.36 -74.27
N MET A 253 -2.32 -9.63 -73.93
CA MET A 253 -2.36 -10.70 -74.92
C MET A 253 -3.49 -10.56 -75.91
N ASP A 254 -4.66 -10.20 -75.44
CA ASP A 254 -5.82 -10.06 -76.32
C ASP A 254 -5.56 -9.02 -77.40
N GLU A 255 -4.77 -8.02 -77.08
CA GLU A 255 -4.54 -6.91 -77.97
C GLU A 255 -3.36 -7.18 -78.89
N ILE A 256 -2.32 -7.78 -78.34
CA ILE A 256 -1.11 -8.02 -79.11
C ILE A 256 -1.41 -8.94 -80.28
N PHE A 257 -2.25 -9.93 -80.05
CA PHE A 257 -2.64 -10.91 -81.06
C PHE A 257 -4.00 -10.62 -81.70
N GLU A 258 -4.51 -9.39 -81.61
CA GLU A 258 -5.82 -9.03 -82.18
C GLU A 258 -5.98 -9.21 -83.71
N GLY A 259 -4.96 -8.87 -84.49
CA GLY A 259 -5.07 -8.93 -85.94
C GLY A 259 -4.42 -10.19 -86.53
N PRO A 260 -4.03 -10.13 -87.80
CA PRO A 260 -3.33 -11.20 -88.49
C PRO A 260 -2.01 -11.45 -87.79
N PHE A 261 -1.53 -12.68 -87.78
CA PHE A 261 -0.22 -12.91 -87.19
C PHE A 261 0.82 -12.45 -88.18
N LEU A 262 1.84 -11.74 -87.73
CA LEU A 262 2.88 -11.26 -88.62
C LEU A 262 4.24 -11.86 -88.32
N GLU A 263 4.84 -12.50 -89.32
CA GLU A 263 6.13 -13.18 -89.18
C GLU A 263 7.32 -12.28 -88.86
N ASN A 264 7.22 -10.99 -89.14
CA ASN A 264 8.35 -10.11 -88.98
C ASN A 264 8.37 -9.29 -87.69
N GLY A 265 7.49 -9.56 -86.76
CA GLY A 265 7.45 -8.73 -85.57
C GLY A 265 6.10 -8.07 -85.48
N PHE A 266 5.87 -7.40 -84.37
CA PHE A 266 4.57 -6.82 -84.15
C PHE A 266 4.53 -5.39 -84.66
N ILE A 267 3.38 -4.96 -85.18
CA ILE A 267 3.18 -3.59 -85.63
C ILE A 267 2.14 -2.92 -84.74
N ASP A 268 2.49 -1.75 -84.23
CA ASP A 268 1.64 -0.99 -83.34
C ASP A 268 0.60 -0.22 -84.14
N THR A 269 -0.67 -0.45 -83.80
CA THR A 269 -1.79 0.14 -84.49
C THR A 269 -1.75 1.67 -84.44
N VAL A 270 -1.31 2.24 -83.32
CA VAL A 270 -1.27 3.70 -83.25
C VAL A 270 -0.33 4.28 -84.29
N GLU A 271 0.87 3.72 -84.40
CA GLU A 271 1.81 4.20 -85.39
C GLU A 271 1.23 4.04 -86.78
N LEU A 272 0.54 2.93 -87.02
CA LEU A 272 0.01 2.66 -88.34
C LEU A 272 -1.05 3.70 -88.71
N LYS A 273 -1.92 4.05 -87.76
CA LYS A 273 -2.94 5.05 -88.02
C LYS A 273 -2.31 6.42 -88.26
N ALA A 274 -1.29 6.74 -87.49
CA ALA A 274 -0.61 8.03 -87.63
C ALA A 274 0.03 8.22 -89.01
N SER A 275 0.62 7.17 -89.57
CA SER A 275 1.31 7.26 -90.86
C SER A 275 0.42 7.21 -92.11
N GLU A 276 -0.50 8.18 -92.14
CA GLU A 276 -1.46 8.38 -93.23
C GLU A 276 -0.91 9.46 -94.14
N LEU A 277 -1.33 9.50 -95.39
CA LEU A 277 -0.83 10.55 -96.27
C LEU A 277 -1.23 11.92 -95.71
N ARG A 278 -0.23 12.80 -95.58
CA ARG A 278 -0.39 14.15 -95.06
C ARG A 278 -1.11 15.08 -96.03
N LYS A 279 -2.02 15.90 -95.51
CA LYS A 279 -2.73 16.87 -96.33
C LYS A 279 -2.16 18.27 -96.25
N GLU A 280 -1.55 18.64 -95.13
CA GLU A 280 -1.02 19.99 -94.95
C GLU A 280 0.34 20.05 -94.26
N VAL A 281 1.19 20.94 -94.77
CA VAL A 281 2.53 21.26 -94.27
C VAL A 281 2.62 22.70 -93.83
N ARG A 282 3.17 22.96 -92.64
CA ARG A 282 3.23 24.35 -92.19
C ARG A 282 4.51 24.79 -91.47
N LEU A 283 4.81 26.10 -91.56
CA LEU A 283 5.99 26.63 -90.88
C LEU A 283 5.97 26.47 -89.37
N SER A 284 4.81 26.58 -88.74
CA SER A 284 4.83 26.43 -87.29
C SER A 284 5.32 25.08 -86.81
N ASP A 285 5.31 24.05 -87.67
CA ASP A 285 5.84 22.78 -87.24
C ASP A 285 7.31 22.67 -87.62
N ILE A 286 7.66 23.17 -88.82
CA ILE A 286 9.04 23.06 -89.30
C ILE A 286 9.97 23.84 -88.39
N ILE A 287 9.53 25.02 -87.95
CA ILE A 287 10.36 25.83 -87.07
C ILE A 287 10.63 25.11 -85.77
N ASN A 288 9.61 24.49 -85.21
CA ASN A 288 9.77 23.76 -83.97
C ASN A 288 10.76 22.61 -84.14
N ILE A 289 10.76 21.97 -85.30
CA ILE A 289 11.70 20.88 -85.55
C ILE A 289 13.12 21.39 -85.50
N ILE A 290 13.39 22.51 -86.15
CA ILE A 290 14.73 23.09 -86.16
C ILE A 290 15.12 23.62 -84.78
N MET A 291 14.25 24.36 -84.11
CA MET A 291 14.60 24.96 -82.81
C MET A 291 14.91 23.91 -81.74
N SER A 292 14.32 22.74 -81.84
CA SER A 292 14.57 21.66 -80.90
C SER A 292 15.86 20.89 -81.07
N ILE A 293 16.62 21.16 -82.13
CA ILE A 293 17.87 20.42 -82.33
C ILE A 293 18.96 21.04 -81.47
N ASP A 294 19.61 20.20 -80.67
CA ASP A 294 20.63 20.67 -79.75
C ASP A 294 21.76 21.40 -80.49
N GLY A 295 22.01 22.65 -80.05
CA GLY A 295 22.99 23.53 -80.63
C GLY A 295 22.38 24.66 -81.42
N VAL A 296 21.11 24.56 -81.79
CA VAL A 296 20.47 25.64 -82.53
C VAL A 296 20.04 26.74 -81.59
N LYS A 297 20.39 27.97 -81.93
CA LYS A 297 19.99 29.10 -81.10
C LYS A 297 18.94 29.96 -81.75
N ILE A 298 19.12 30.34 -83.01
CA ILE A 298 18.18 31.26 -83.64
C ILE A 298 17.91 30.89 -85.11
N VAL A 299 16.66 30.86 -85.49
CA VAL A 299 16.37 30.72 -86.91
C VAL A 299 16.11 32.14 -87.35
N LYS A 300 17.01 32.67 -88.17
CA LYS A 300 16.95 34.08 -88.53
C LYS A 300 16.08 34.27 -89.76
N GLU A 301 16.04 33.25 -90.60
CA GLU A 301 15.26 33.32 -91.81
C GLU A 301 14.73 31.94 -92.11
N ILE A 302 13.47 31.86 -92.50
CA ILE A 302 12.92 30.59 -92.92
C ILE A 302 11.72 30.81 -93.82
N THR A 303 11.62 29.95 -94.83
CA THR A 303 10.47 30.01 -95.70
C THR A 303 10.18 28.66 -96.36
N LEU A 304 8.90 28.44 -96.65
CA LEU A 304 8.40 27.28 -97.39
C LEU A 304 7.91 27.67 -98.74
N GLY A 305 7.92 26.72 -99.64
CA GLY A 305 7.22 26.99 -100.86
C GLY A 305 7.10 25.80 -101.75
N ASN A 306 6.06 25.82 -102.57
CA ASN A 306 5.90 24.75 -103.52
C ASN A 306 7.12 24.75 -104.39
N CYS A 307 7.77 23.63 -104.55
CA CYS A 307 8.95 23.71 -105.39
C CYS A 307 8.52 23.94 -106.81
N ASP A 308 9.04 25.00 -107.42
CA ASP A 308 8.63 25.26 -108.79
C ASP A 308 9.76 26.04 -109.48
N GLU A 309 9.56 26.29 -110.77
CA GLU A 309 10.52 27.04 -111.60
C GLU A 309 10.12 28.52 -111.56
N ASN A 310 11.07 29.40 -111.86
CA ASN A 310 10.79 30.83 -111.84
C ASN A 310 10.32 31.23 -110.44
N ASP A 311 11.01 30.68 -109.45
CA ASP A 311 10.65 30.89 -108.05
C ASP A 311 11.19 32.27 -107.65
N GLY A 312 10.44 33.29 -108.07
CA GLY A 312 10.74 34.69 -107.85
C GLY A 312 10.03 35.20 -106.61
N ILE A 313 9.51 36.41 -106.66
CA ILE A 313 8.85 36.96 -105.48
C ILE A 313 7.47 36.33 -105.36
N GLU A 314 7.19 35.78 -104.19
CA GLU A 314 5.96 35.05 -103.89
C GLU A 314 5.65 35.10 -102.40
N ASN A 315 4.37 34.88 -102.09
CA ASN A 315 3.80 34.76 -100.74
C ASN A 315 4.51 33.77 -99.86
N ASN A 316 4.44 34.04 -98.54
CA ASN A 316 5.02 33.21 -97.50
C ASN A 316 4.52 31.77 -97.48
N GLN A 317 3.30 31.50 -97.93
CA GLN A 317 2.82 30.12 -97.93
C GLN A 317 2.97 29.47 -96.56
N TRP A 318 2.38 30.11 -95.55
CA TRP A 318 2.48 29.64 -94.17
C TRP A 318 1.93 28.23 -94.01
N VAL A 319 0.99 27.84 -94.87
CA VAL A 319 0.48 26.48 -94.95
C VAL A 319 0.35 26.06 -96.41
N ILE A 320 0.90 24.91 -96.74
CA ILE A 320 0.81 24.35 -98.08
C ILE A 320 -0.09 23.12 -98.09
N CYS A 321 -1.09 23.13 -98.97
CA CYS A 321 -2.00 22.00 -99.10
C CYS A 321 -1.53 21.02 -100.17
N ILE A 322 -1.80 19.74 -99.94
CA ILE A 322 -1.37 18.64 -100.79
C ILE A 322 -2.58 17.95 -101.45
N PRO A 323 -2.56 17.69 -102.77
CA PRO A 323 -3.60 16.94 -103.49
C PRO A 323 -3.83 15.56 -102.85
N GLU A 324 -5.09 15.13 -102.86
CA GLU A 324 -5.64 13.95 -102.19
C GLU A 324 -4.96 12.57 -102.32
N ASN A 325 -4.10 12.33 -103.30
CA ASN A 325 -3.49 11.01 -103.39
C ASN A 325 -1.99 11.12 -103.54
N LYS A 326 -1.43 12.19 -102.99
CA LYS A 326 0.01 12.38 -103.08
C LYS A 326 0.69 12.39 -101.72
N LYS A 327 1.94 11.99 -101.75
CA LYS A 327 2.82 12.05 -100.60
C LYS A 327 3.77 13.23 -100.78
N PRO A 328 3.96 14.10 -99.81
CA PRO A 328 4.93 15.21 -99.91
C PRO A 328 6.36 14.69 -99.81
N LYS A 329 7.30 15.37 -100.49
CA LYS A 329 8.72 14.97 -100.42
C LYS A 329 9.61 16.19 -100.59
N LEU A 330 10.75 16.29 -99.88
CA LEU A 330 11.62 17.44 -100.10
C LEU A 330 12.12 17.41 -101.54
N CYS A 331 12.17 18.59 -102.14
CA CYS A 331 12.54 18.78 -103.54
C CYS A 331 14.02 18.69 -103.90
N LYS A 332 14.89 18.59 -102.93
CA LYS A 332 16.35 18.50 -103.09
C LYS A 332 17.00 19.77 -103.67
N LYS A 333 16.26 20.88 -103.67
CA LYS A 333 16.76 22.20 -104.04
C LYS A 333 16.77 23.06 -102.80
N THR A 334 16.66 22.40 -101.65
CA THR A 334 16.56 23.01 -100.34
C THR A 334 17.92 23.43 -99.84
N THR A 335 17.94 24.27 -98.78
CA THR A 335 19.24 24.65 -98.23
C THR A 335 19.17 25.34 -96.86
N ILE A 336 20.21 25.11 -96.05
CA ILE A 336 20.35 25.82 -94.79
C ILE A 336 21.73 26.43 -94.67
N ASN A 337 21.75 27.71 -94.39
CA ASN A 337 22.97 28.45 -94.18
C ASN A 337 23.26 28.51 -92.69
N TYR A 338 24.40 27.98 -92.28
CA TYR A 338 24.72 27.97 -90.87
C TYR A 338 25.67 29.07 -90.49
N PHE A 339 25.41 29.68 -89.34
CA PHE A 339 26.21 30.78 -88.82
C PHE A 339 26.61 30.64 -87.36
N LYS A 340 27.76 31.23 -87.02
CA LYS A 340 28.17 31.39 -85.63
C LYS A 340 28.38 32.87 -85.39
N GLY A 341 27.56 33.48 -84.54
CA GLY A 341 27.65 34.91 -84.40
C GLY A 341 27.26 35.51 -85.73
N ILE A 342 28.18 36.21 -86.37
CA ILE A 342 27.87 36.82 -87.66
C ILE A 342 28.66 36.21 -88.81
N LEU A 343 29.38 35.15 -88.51
CA LEU A 343 30.20 34.54 -89.52
C LEU A 343 29.63 33.25 -90.03
N PRO A 344 29.58 33.14 -91.35
CA PRO A 344 29.14 31.96 -92.10
C PRO A 344 30.23 30.91 -92.03
N ILE A 345 29.84 29.64 -91.96
CA ILE A 345 30.77 28.52 -91.90
C ILE A 345 30.45 27.56 -93.04
N ASN A 346 31.40 26.72 -93.42
CA ASN A 346 31.18 25.75 -94.50
C ASN A 346 31.17 24.29 -94.07
N LEU A 347 30.25 23.52 -94.65
CA LEU A 347 30.10 22.09 -94.33
C LEU A 347 30.62 21.17 -95.41
N ASN A 348 31.08 19.98 -95.00
CA ASN A 348 31.62 18.99 -95.93
C ASN A 348 30.63 17.85 -96.13
N PRO A 349 30.33 17.53 -97.39
CA PRO A 349 29.35 16.49 -97.74
C PRO A 349 29.67 15.08 -97.20
N VAL A 350 30.93 14.67 -97.19
CA VAL A 350 31.25 13.33 -96.69
C VAL A 350 30.93 13.12 -95.21
N ARG A 351 31.20 14.12 -94.38
CA ARG A 351 30.90 14.06 -92.96
C ARG A 351 29.42 13.99 -92.67
N VAL A 352 28.61 14.71 -93.45
CA VAL A 352 27.18 14.72 -93.23
C VAL A 352 26.61 13.39 -93.61
N ASP A 353 27.07 12.86 -94.75
CA ASP A 353 26.58 11.57 -95.21
C ASP A 353 26.87 10.49 -94.19
N ASN A 354 28.04 10.55 -93.54
CA ASN A 354 28.36 9.55 -92.54
C ASN A 354 27.44 9.63 -91.35
N HIS A 355 27.12 10.83 -90.89
CA HIS A 355 26.23 10.94 -89.74
C HIS A 355 24.84 10.45 -90.09
N LYS A 356 24.34 10.85 -91.26
CA LYS A 356 23.00 10.45 -91.67
C LYS A 356 22.89 8.92 -91.77
N SER A 357 23.89 8.30 -92.38
CA SER A 357 23.91 6.85 -92.53
C SER A 357 23.87 6.13 -91.21
N LYS A 358 24.70 6.53 -90.26
CA LYS A 358 24.69 5.87 -88.96
C LYS A 358 23.36 5.97 -88.23
N ILE A 359 22.74 7.16 -88.29
CA ILE A 359 21.49 7.39 -87.60
C ILE A 359 20.41 6.48 -88.11
N LEU A 360 20.33 6.32 -89.42
CA LEU A 360 19.30 5.51 -90.00
C LEU A 360 19.64 4.02 -89.99
N ALA A 361 20.90 3.64 -90.15
CA ALA A 361 21.23 2.22 -90.16
C ALA A 361 20.88 1.53 -88.86
N SER A 362 21.01 2.22 -87.74
CA SER A 362 20.67 1.67 -86.43
C SER A 362 19.19 1.33 -86.29
N ARG A 363 18.35 1.85 -87.18
CA ARG A 363 16.93 1.52 -87.13
C ARG A 363 16.70 0.14 -87.72
N LEU A 364 17.51 -0.24 -88.71
CA LEU A 364 17.37 -1.52 -89.37
C LEU A 364 17.68 -2.64 -88.41
N GLU A 365 18.65 -2.38 -87.55
CA GLU A 365 19.06 -3.40 -86.59
C GLU A 365 17.92 -3.80 -85.67
N ASN A 366 17.08 -2.85 -85.30
CA ASN A 366 15.99 -3.21 -84.40
C ASN A 366 14.89 -3.94 -85.13
N ASP A 367 14.61 -3.54 -86.37
CA ASP A 367 13.57 -4.25 -87.11
C ASP A 367 13.96 -5.72 -87.24
N LEU A 368 15.26 -5.99 -87.44
CA LEU A 368 15.71 -7.37 -87.55
C LEU A 368 15.60 -8.13 -86.22
N LYS A 369 15.97 -7.52 -85.10
CA LYS A 369 15.88 -8.20 -83.80
C LYS A 369 14.44 -8.62 -83.48
N ALA A 370 13.48 -7.80 -83.91
CA ALA A 370 12.06 -8.03 -83.71
C ALA A 370 11.56 -9.34 -84.33
N LYS A 371 12.31 -9.92 -85.27
CA LYS A 371 11.86 -11.13 -85.93
C LYS A 371 12.00 -12.41 -85.08
N ASP A 372 12.71 -12.39 -83.96
CA ASP A 372 12.88 -13.65 -83.21
C ASP A 372 11.90 -13.85 -82.05
N ASP A 373 11.63 -12.81 -81.29
CA ASP A 373 10.80 -12.95 -80.09
C ASP A 373 9.32 -12.85 -80.39
N LEU A 374 8.76 -13.91 -80.95
CA LEU A 374 7.35 -13.83 -81.34
C LEU A 374 6.36 -14.65 -80.50
N GLU A 375 6.76 -15.25 -79.37
CA GLU A 375 5.77 -16.04 -78.65
C GLU A 375 6.04 -16.17 -77.13
N PRO A 376 4.99 -16.31 -76.32
CA PRO A 376 5.06 -16.51 -74.86
C PRO A 376 5.42 -17.94 -74.48
N ALA A 377 5.93 -18.09 -73.26
CA ALA A 377 6.21 -19.41 -72.70
C ALA A 377 4.96 -20.10 -72.14
N ILE A 378 4.99 -21.43 -72.19
CA ILE A 378 3.98 -22.31 -71.60
C ILE A 378 4.64 -23.21 -70.57
N PRO A 379 4.14 -23.26 -69.32
CA PRO A 379 4.68 -24.13 -68.26
C PRO A 379 4.68 -25.59 -68.67
N GLN A 380 5.75 -26.32 -68.33
CA GLN A 380 5.89 -27.74 -68.75
C GLN A 380 5.99 -28.67 -67.54
N GLY A 381 5.30 -29.81 -67.59
CA GLY A 381 5.30 -30.78 -66.52
C GLY A 381 6.08 -32.03 -66.86
N THR A 382 5.85 -33.07 -66.05
CA THR A 382 6.52 -34.36 -66.18
C THR A 382 5.48 -35.42 -66.45
N PHE A 383 5.88 -36.67 -66.45
CA PHE A 383 4.96 -37.74 -66.73
C PHE A 383 5.26 -38.93 -65.84
N ALA A 384 4.28 -39.45 -65.10
CA ALA A 384 4.64 -40.54 -64.21
C ALA A 384 3.59 -41.55 -63.81
N ASP A 385 2.77 -42.06 -64.72
CA ASP A 385 1.80 -43.12 -64.37
C ASP A 385 1.03 -42.84 -63.07
N TRP A 386 0.26 -41.77 -63.07
CA TRP A 386 -0.43 -41.29 -61.89
C TRP A 386 -1.38 -42.32 -61.24
N GLY A 387 -1.78 -43.35 -61.99
CA GLY A 387 -2.69 -44.39 -61.53
C GLY A 387 -2.05 -45.61 -60.85
N GLU A 388 -0.75 -45.60 -60.61
CA GLU A 388 -0.11 -46.74 -59.94
C GLU A 388 -0.73 -47.05 -58.59
N TYR A 389 -1.08 -48.31 -58.33
CA TYR A 389 -1.72 -48.68 -57.07
C TYR A 389 -1.15 -49.93 -56.43
N SER A 390 -0.94 -49.89 -55.12
CA SER A 390 -0.48 -51.04 -54.35
C SER A 390 -1.55 -51.51 -53.39
N SER A 391 -1.71 -52.83 -53.28
CA SER A 391 -2.71 -53.46 -52.41
C SER A 391 -2.56 -53.13 -50.93
N ILE A 392 -3.71 -52.94 -50.27
CA ILE A 392 -3.71 -52.63 -48.84
C ILE A 392 -3.35 -53.82 -47.99
N GLN A 393 -3.26 -54.99 -48.61
CA GLN A 393 -2.94 -56.20 -47.90
C GLN A 393 -1.49 -56.19 -47.42
N HIS A 394 -0.67 -55.32 -48.02
CA HIS A 394 0.73 -55.25 -47.64
C HIS A 394 0.94 -54.38 -46.42
N GLU A 395 -0.13 -53.81 -45.88
CA GLU A 395 -0.05 -52.97 -44.70
C GLU A 395 -0.32 -53.73 -43.42
N PHE A 396 -0.63 -55.02 -43.50
CA PHE A 396 -0.95 -55.77 -42.30
C PHE A 396 0.27 -56.50 -41.74
N PRO A 397 0.30 -56.88 -40.46
CA PRO A 397 1.40 -57.73 -39.97
C PRO A 397 1.46 -59.21 -40.44
N GLU A 398 2.66 -59.74 -40.24
CA GLU A 398 2.95 -61.10 -40.67
C GLU A 398 2.00 -62.05 -39.99
N THR A 399 1.64 -61.74 -38.73
CA THR A 399 0.76 -62.62 -37.97
C THR A 399 -0.52 -62.92 -38.75
N TYR A 400 -1.07 -61.92 -39.46
CA TYR A 400 -2.30 -62.12 -40.24
C TYR A 400 -2.12 -63.17 -41.35
N GLY A 401 -0.92 -63.31 -41.93
CA GLY A 401 -0.63 -64.34 -42.92
C GLY A 401 -0.96 -63.97 -44.35
N ILE A 402 -1.27 -62.71 -44.64
CA ILE A 402 -1.65 -62.27 -45.99
C ILE A 402 -0.52 -61.51 -46.68
N SER A 403 0.74 -61.70 -46.26
CA SER A 403 1.88 -61.01 -46.85
C SER A 403 2.70 -61.96 -47.73
N ASP A 404 3.67 -61.40 -48.45
CA ASP A 404 4.53 -62.18 -49.35
C ASP A 404 5.30 -63.34 -48.76
N ILE A 405 5.68 -63.28 -47.50
CA ILE A 405 6.47 -64.37 -46.96
C ILE A 405 5.61 -65.54 -46.50
N GLY A 406 4.30 -65.41 -46.59
CA GLY A 406 3.43 -66.48 -46.19
C GLY A 406 3.31 -66.65 -44.69
N LEU A 407 3.02 -67.89 -44.30
CA LEU A 407 2.73 -68.28 -42.95
C LEU A 407 3.46 -69.60 -42.68
N PRO A 408 4.23 -69.76 -41.60
CA PRO A 408 4.98 -71.00 -41.29
C PRO A 408 4.11 -72.26 -41.25
N PRO A 409 4.54 -73.35 -41.93
CA PRO A 409 3.85 -74.65 -41.98
C PRO A 409 3.42 -75.24 -40.65
N LYS A 410 4.18 -75.01 -39.60
CA LYS A 410 3.87 -75.61 -38.32
C LYS A 410 2.53 -75.14 -37.75
N LEU A 411 1.97 -74.06 -38.27
CA LEU A 411 0.74 -73.52 -37.73
C LEU A 411 -0.50 -74.25 -38.26
N GLY A 412 -0.30 -75.18 -39.20
CA GLY A 412 -1.39 -75.99 -39.69
C GLY A 412 -2.17 -75.41 -40.86
N VAL A 413 -2.92 -76.31 -41.49
CA VAL A 413 -3.76 -76.00 -42.62
C VAL A 413 -4.88 -75.07 -42.28
N LYS A 414 -5.58 -75.31 -41.18
CA LYS A 414 -6.71 -74.44 -40.92
C LYS A 414 -6.33 -72.98 -40.90
N ARG A 415 -5.20 -72.64 -40.29
CA ARG A 415 -4.86 -71.24 -40.27
C ARG A 415 -4.54 -70.73 -41.67
N ALA A 416 -3.89 -71.55 -42.50
CA ALA A 416 -3.63 -71.14 -43.88
C ALA A 416 -4.92 -70.88 -44.65
N VAL A 417 -5.94 -71.71 -44.41
CA VAL A 417 -7.22 -71.54 -45.07
C VAL A 417 -7.87 -70.24 -44.68
N LEU A 418 -7.84 -69.94 -43.38
CA LEU A 418 -8.44 -68.71 -42.91
C LEU A 418 -7.76 -67.50 -43.52
N ALA A 419 -6.45 -67.58 -43.75
CA ALA A 419 -5.77 -66.46 -44.40
C ALA A 419 -6.34 -66.22 -45.79
N ARG A 420 -6.65 -67.32 -46.50
CA ARG A 420 -7.24 -67.23 -47.85
C ARG A 420 -8.58 -66.52 -47.78
N GLN A 421 -9.38 -66.82 -46.73
CA GLN A 421 -10.69 -66.20 -46.58
C GLN A 421 -10.58 -64.70 -46.39
N LEU A 422 -9.57 -64.27 -45.60
CA LEU A 422 -9.37 -62.85 -45.39
C LEU A 422 -8.96 -62.15 -46.68
N LYS A 423 -8.08 -62.76 -47.48
CA LYS A 423 -7.69 -62.10 -48.74
C LYS A 423 -8.91 -61.82 -49.59
N GLY A 424 -9.83 -62.79 -49.65
CA GLY A 424 -11.05 -62.63 -50.40
C GLY A 424 -11.82 -61.42 -49.94
N TYR A 425 -12.05 -61.32 -48.65
CA TYR A 425 -12.78 -60.20 -48.06
C TYR A 425 -12.13 -58.87 -48.39
N LEU A 426 -10.83 -58.76 -48.20
CA LEU A 426 -10.17 -57.48 -48.43
C LEU A 426 -10.23 -57.02 -49.88
N LEU A 427 -10.35 -57.93 -50.87
CA LEU A 427 -10.45 -57.49 -52.27
C LEU A 427 -11.65 -56.58 -52.54
N PHE A 428 -12.67 -56.60 -51.69
CA PHE A 428 -13.80 -55.73 -51.91
C PHE A 428 -13.42 -54.27 -51.70
N PHE A 429 -12.39 -54.02 -50.91
CA PHE A 429 -11.92 -52.69 -50.63
C PHE A 429 -10.88 -52.26 -51.62
N ASP A 430 -10.09 -53.22 -52.10
CA ASP A 430 -9.04 -52.86 -53.02
C ASP A 430 -9.58 -52.61 -54.41
N GLN A 431 -10.59 -53.35 -54.83
CA GLN A 431 -11.04 -53.12 -56.19
C GLN A 431 -11.60 -51.71 -56.36
N ILE A 432 -12.24 -51.19 -55.31
CA ILE A 432 -12.77 -49.83 -55.37
C ILE A 432 -11.67 -48.80 -55.39
N LEU A 433 -10.68 -48.94 -54.51
CA LEU A 433 -9.61 -47.96 -54.52
C LEU A 433 -8.86 -47.98 -55.86
N ALA A 434 -8.64 -49.16 -56.41
CA ALA A 434 -7.93 -49.25 -57.67
C ALA A 434 -8.67 -48.50 -58.77
N SER A 435 -10.00 -48.55 -58.76
CA SER A 435 -10.81 -47.80 -59.72
C SER A 435 -10.56 -46.31 -59.67
N TYR A 436 -10.52 -45.73 -58.48
CA TYR A 436 -10.28 -44.30 -58.38
C TYR A 436 -8.92 -43.90 -58.91
N PHE A 437 -7.89 -44.69 -58.68
CA PHE A 437 -6.56 -44.35 -59.20
C PHE A 437 -6.56 -44.43 -60.72
N GLU A 438 -7.25 -45.43 -61.23
CA GLU A 438 -7.39 -45.67 -62.64
C GLU A 438 -8.09 -44.52 -63.33
N HIS A 439 -9.09 -43.97 -62.67
CA HIS A 439 -9.83 -42.84 -63.21
C HIS A 439 -8.95 -41.62 -63.37
N LEU A 440 -7.99 -41.37 -62.48
CA LEU A 440 -7.06 -40.24 -62.70
C LEU A 440 -6.25 -40.39 -63.97
N SER A 441 -5.83 -41.61 -64.27
CA SER A 441 -5.03 -41.86 -65.48
C SER A 441 -5.76 -41.57 -66.78
N LYS A 442 -7.07 -41.42 -66.74
CA LYS A 442 -7.86 -41.19 -67.93
C LYS A 442 -8.33 -39.76 -68.11
N ILE A 443 -7.93 -38.83 -67.25
CA ILE A 443 -8.45 -37.46 -67.40
C ILE A 443 -8.10 -36.89 -68.75
N LYS A 444 -6.88 -37.17 -69.22
CA LYS A 444 -6.44 -36.69 -70.52
C LYS A 444 -7.33 -37.14 -71.65
N SER A 445 -7.86 -38.36 -71.56
CA SER A 445 -8.68 -38.86 -72.63
C SER A 445 -10.05 -38.28 -72.55
N LEU A 446 -10.58 -38.18 -71.34
CA LEU A 446 -11.94 -37.72 -71.17
C LEU A 446 -12.15 -36.32 -71.72
N LEU A 447 -11.16 -35.47 -71.59
CA LEU A 447 -11.25 -34.11 -72.09
C LEU A 447 -10.47 -33.84 -73.38
N SER A 448 -10.09 -34.88 -74.12
CA SER A 448 -9.30 -34.73 -75.36
C SER A 448 -10.02 -34.03 -76.51
N LEU A 449 -9.26 -33.19 -77.22
CA LEU A 449 -9.78 -32.51 -78.39
C LEU A 449 -9.62 -33.37 -79.63
N ASP A 450 -8.86 -34.44 -79.56
CA ASP A 450 -8.66 -35.29 -80.72
C ASP A 450 -9.64 -36.42 -80.80
N GLN A 451 -9.88 -37.04 -79.64
CA GLN A 451 -10.74 -38.20 -79.56
C GLN A 451 -10.94 -38.66 -78.13
N GLY A 452 -12.18 -38.67 -77.66
CA GLY A 452 -12.44 -39.17 -76.32
C GLY A 452 -12.62 -40.70 -76.31
N PRO A 453 -12.67 -41.27 -75.10
CA PRO A 453 -12.85 -42.71 -74.85
C PRO A 453 -14.29 -43.13 -75.03
N SER A 454 -14.51 -44.44 -75.13
CA SER A 454 -15.85 -45.00 -75.22
C SER A 454 -16.51 -45.22 -73.84
N PHE A 455 -15.72 -45.31 -72.79
CA PHE A 455 -16.22 -45.55 -71.44
C PHE A 455 -16.04 -44.32 -70.59
N THR A 456 -16.81 -44.20 -69.52
CA THR A 456 -16.59 -43.06 -68.64
C THR A 456 -16.15 -43.53 -67.25
N TYR A 457 -16.32 -44.82 -66.94
CA TYR A 457 -15.85 -45.38 -65.68
C TYR A 457 -14.81 -46.45 -65.97
N PHE A 458 -13.84 -46.62 -65.09
CA PHE A 458 -12.73 -47.53 -65.37
C PHE A 458 -12.33 -48.40 -64.18
N THR A 459 -11.67 -49.55 -64.45
CA THR A 459 -11.11 -50.38 -63.36
C THR A 459 -9.73 -50.94 -63.72
N GLN A 460 -9.12 -51.69 -62.80
CA GLN A 460 -7.79 -52.29 -62.99
C GLN A 460 -7.69 -53.72 -62.47
N ALA A 461 -6.86 -54.53 -63.12
CA ALA A 461 -6.54 -55.80 -62.51
C ALA A 461 -5.60 -55.54 -61.35
N ILE A 462 -5.72 -56.30 -60.28
CA ILE A 462 -4.78 -56.17 -59.17
C ILE A 462 -3.86 -57.37 -59.19
N LYS A 463 -2.56 -57.13 -59.36
CA LYS A 463 -1.60 -58.23 -59.51
C LYS A 463 -0.49 -58.31 -58.49
N ASP A 464 -0.52 -57.53 -57.42
CA ASP A 464 0.52 -57.58 -56.40
C ASP A 464 0.08 -58.42 -55.21
N ILE A 465 -0.89 -59.29 -55.45
CA ILE A 465 -1.41 -60.26 -54.52
C ILE A 465 -1.07 -61.63 -55.06
N LYS A 466 -0.36 -62.41 -54.27
CA LYS A 466 0.18 -63.68 -54.74
C LYS A 466 -0.83 -64.72 -55.24
N ASP A 467 -2.06 -64.79 -54.74
CA ASP A 467 -2.84 -65.85 -55.38
C ASP A 467 -3.98 -65.41 -56.25
N VAL A 468 -4.04 -64.16 -56.69
CA VAL A 468 -5.20 -63.77 -57.50
C VAL A 468 -5.64 -64.76 -58.58
N GLU A 469 -4.72 -65.56 -59.10
CA GLU A 469 -5.12 -66.56 -60.07
C GLU A 469 -6.05 -67.63 -59.50
N GLU A 470 -6.07 -67.79 -58.18
CA GLU A 470 -6.96 -68.76 -57.55
C GLU A 470 -8.19 -68.10 -56.95
N LEU A 471 -8.04 -66.86 -56.51
CA LEU A 471 -9.14 -66.14 -55.88
C LEU A 471 -10.26 -65.84 -56.89
N PHE A 472 -9.91 -65.57 -58.15
CA PHE A 472 -10.90 -65.25 -59.19
C PHE A 472 -11.40 -66.47 -59.93
N LYS A 473 -12.71 -66.53 -60.17
CA LYS A 473 -13.30 -67.66 -60.90
C LYS A 473 -12.78 -67.78 -62.32
N ASP A 474 -12.50 -66.66 -62.98
CA ASP A 474 -11.96 -66.69 -64.33
C ASP A 474 -10.81 -65.69 -64.46
N PRO A 475 -9.57 -66.17 -64.35
CA PRO A 475 -8.34 -65.37 -64.41
C PRO A 475 -8.17 -64.64 -65.72
N THR A 476 -8.89 -65.06 -66.76
CA THR A 476 -8.80 -64.40 -68.06
C THR A 476 -8.94 -62.90 -67.96
N LEU A 477 -9.87 -62.44 -67.13
CA LEU A 477 -10.14 -61.02 -67.04
C LEU A 477 -8.96 -60.22 -66.52
N LEU A 478 -8.07 -60.85 -65.79
CA LEU A 478 -6.96 -60.12 -65.21
C LEU A 478 -5.90 -59.83 -66.26
N GLU A 479 -6.08 -60.35 -67.47
CA GLU A 479 -5.14 -60.09 -68.54
C GLU A 479 -5.57 -58.91 -69.42
N ASN A 480 -6.73 -58.31 -69.15
CA ASN A 480 -7.20 -57.22 -70.00
C ASN A 480 -8.20 -56.33 -69.26
N ASP A 481 -7.73 -55.14 -68.86
CA ASP A 481 -8.53 -54.21 -68.07
C ASP A 481 -9.82 -53.78 -68.78
N GLU A 482 -9.87 -53.86 -70.11
CA GLU A 482 -11.08 -53.45 -70.83
C GLU A 482 -12.17 -54.49 -70.64
N GLU A 483 -11.81 -55.77 -70.53
CA GLU A 483 -12.79 -56.82 -70.37
C GLU A 483 -13.23 -56.81 -68.94
N LEU A 484 -12.29 -56.52 -68.05
CA LEU A 484 -12.57 -56.47 -66.65
C LEU A 484 -13.58 -55.35 -66.38
N THR A 485 -13.41 -54.21 -67.06
CA THR A 485 -14.33 -53.08 -66.92
C THR A 485 -15.73 -53.47 -67.35
N LYS A 486 -15.86 -54.09 -68.52
CA LYS A 486 -17.17 -54.49 -69.01
C LYS A 486 -17.85 -55.47 -68.07
N SER A 487 -17.07 -56.40 -67.47
CA SER A 487 -17.61 -57.38 -66.54
C SER A 487 -17.97 -56.81 -65.16
N LEU A 488 -17.15 -55.92 -64.60
CA LEU A 488 -17.41 -55.44 -63.24
C LEU A 488 -18.30 -54.21 -63.15
N ILE A 489 -18.17 -53.26 -64.07
CA ILE A 489 -18.98 -52.07 -64.02
C ILE A 489 -20.17 -52.24 -64.94
N GLY A 490 -19.87 -52.64 -66.16
CA GLY A 490 -20.90 -52.95 -67.14
C GLY A 490 -21.89 -51.83 -67.37
N LYS A 491 -23.17 -52.20 -67.25
CA LYS A 491 -24.23 -51.28 -67.58
C LYS A 491 -24.23 -50.05 -66.72
N LEU A 492 -23.74 -50.15 -65.48
CA LEU A 492 -23.79 -48.99 -64.61
C LEU A 492 -23.24 -47.74 -65.30
N ASP A 493 -22.41 -47.91 -66.33
CA ASP A 493 -21.80 -46.82 -67.06
C ASP A 493 -22.72 -46.35 -68.19
N ASP A 494 -23.52 -45.32 -67.96
CA ASP A 494 -24.43 -44.84 -68.99
C ASP A 494 -23.65 -43.94 -69.92
N THR A 495 -22.95 -44.57 -70.86
CA THR A 495 -22.01 -43.87 -71.71
C THR A 495 -22.64 -42.85 -72.62
N ILE A 496 -23.81 -43.10 -73.18
CA ILE A 496 -24.31 -42.12 -74.13
C ILE A 496 -24.62 -40.78 -73.46
N GLU A 497 -25.28 -40.81 -72.33
CA GLU A 497 -25.59 -39.55 -71.69
C GLU A 497 -24.33 -38.88 -71.16
N ARG A 498 -23.43 -39.65 -70.56
CA ARG A 498 -22.25 -39.03 -70.00
C ARG A 498 -21.32 -38.47 -71.07
N ARG A 499 -21.16 -39.19 -72.18
CA ARG A 499 -20.32 -38.69 -73.25
C ARG A 499 -20.87 -37.40 -73.83
N ASN A 500 -22.19 -37.30 -73.96
CA ASN A 500 -22.73 -36.04 -74.46
C ASN A 500 -22.46 -34.90 -73.51
N GLN A 501 -22.58 -35.11 -72.21
CA GLN A 501 -22.32 -34.00 -71.29
C GLN A 501 -20.90 -33.49 -71.42
N LEU A 502 -19.92 -34.39 -71.55
CA LEU A 502 -18.54 -33.95 -71.69
C LEU A 502 -18.34 -33.17 -72.98
N MET A 503 -18.91 -33.66 -74.07
CA MET A 503 -18.73 -32.97 -75.35
C MET A 503 -19.36 -31.61 -75.34
N ASP A 504 -20.53 -31.49 -74.73
CA ASP A 504 -21.22 -30.21 -74.72
C ASP A 504 -20.44 -29.19 -73.96
N HIS A 505 -19.81 -29.61 -72.86
CA HIS A 505 -18.98 -28.69 -72.10
C HIS A 505 -17.82 -28.18 -72.94
N LEU A 506 -17.10 -29.08 -73.60
CA LEU A 506 -15.96 -28.64 -74.38
C LEU A 506 -16.40 -27.69 -75.51
N ILE A 507 -17.53 -27.98 -76.14
CA ILE A 507 -18.03 -27.13 -77.22
C ILE A 507 -18.38 -25.75 -76.71
N ALA A 508 -19.04 -25.71 -75.55
CA ALA A 508 -19.42 -24.47 -74.91
C ALA A 508 -18.23 -23.57 -74.63
N ARG A 509 -17.06 -24.14 -74.36
CA ARG A 509 -15.87 -23.32 -74.09
C ARG A 509 -15.50 -22.42 -75.25
N PHE A 510 -15.97 -22.72 -76.46
CA PHE A 510 -15.69 -21.91 -77.63
C PHE A 510 -16.90 -21.07 -78.00
N ALA A 511 -17.89 -21.06 -77.13
CA ALA A 511 -19.17 -20.39 -77.30
C ALA A 511 -19.97 -20.91 -78.50
N GLU A 512 -19.92 -22.21 -78.77
CA GLU A 512 -20.67 -22.80 -79.87
C GLU A 512 -21.87 -23.58 -79.30
N ASN A 513 -22.74 -24.13 -80.16
CA ASN A 513 -23.93 -24.85 -79.66
C ASN A 513 -24.54 -25.82 -80.68
N PHE A 514 -24.59 -27.11 -80.34
CA PHE A 514 -25.10 -28.19 -81.18
C PHE A 514 -26.48 -28.73 -80.80
N SER A 515 -27.27 -27.97 -80.06
CA SER A 515 -28.58 -28.45 -79.61
C SER A 515 -29.51 -28.95 -80.72
N SER A 516 -29.49 -28.32 -81.89
CA SER A 516 -30.43 -28.68 -82.95
C SER A 516 -30.22 -30.09 -83.51
N TYR A 517 -29.06 -30.71 -83.28
CA TYR A 517 -28.84 -32.05 -83.80
C TYR A 517 -29.74 -33.05 -83.13
N ALA A 518 -30.18 -32.69 -81.94
CA ALA A 518 -31.04 -33.53 -81.14
C ALA A 518 -32.30 -33.89 -81.87
N PHE A 519 -32.82 -33.03 -82.73
CA PHE A 519 -34.03 -33.42 -83.42
C PHE A 519 -33.86 -33.40 -84.92
N LEU A 520 -32.95 -32.62 -85.46
CA LEU A 520 -32.86 -32.57 -86.91
C LEU A 520 -32.39 -33.90 -87.47
N MET A 521 -31.58 -34.61 -86.72
CA MET A 521 -31.06 -35.87 -87.19
C MET A 521 -32.13 -36.95 -87.20
N LYS A 522 -33.28 -36.70 -86.57
CA LYS A 522 -34.29 -37.74 -86.48
C LYS A 522 -35.10 -37.79 -87.75
N PHE A 523 -34.84 -36.88 -88.67
CA PHE A 523 -35.54 -36.92 -89.92
C PHE A 523 -34.70 -37.68 -90.92
N LEU A 524 -33.52 -38.10 -90.50
CA LEU A 524 -32.60 -38.81 -91.36
C LEU A 524 -32.35 -40.21 -90.85
N TYR A 525 -32.25 -40.37 -89.54
CA TYR A 525 -31.90 -41.63 -88.94
C TYR A 525 -32.83 -41.91 -87.77
N GLY A 526 -32.93 -43.17 -87.40
CA GLY A 526 -33.69 -43.58 -86.24
C GLY A 526 -32.79 -43.65 -85.02
N GLU A 527 -32.79 -44.80 -84.36
CA GLU A 527 -32.04 -44.98 -83.13
C GLU A 527 -30.54 -44.75 -83.29
N SER A 528 -30.04 -44.95 -84.51
CA SER A 528 -28.62 -44.81 -84.83
C SER A 528 -28.11 -43.36 -84.70
N THR A 529 -28.99 -42.37 -84.48
CA THR A 529 -28.50 -41.01 -84.35
C THR A 529 -27.57 -40.84 -83.15
N ASP A 530 -27.73 -41.60 -82.06
CA ASP A 530 -26.86 -41.29 -80.92
C ASP A 530 -25.38 -41.45 -81.24
N GLU A 531 -25.03 -42.48 -82.01
CA GLU A 531 -23.65 -42.70 -82.38
C GLU A 531 -23.20 -41.65 -83.39
N ILE A 532 -24.07 -41.32 -84.33
CA ILE A 532 -23.71 -40.38 -85.37
C ILE A 532 -23.43 -39.01 -84.79
N VAL A 533 -24.30 -38.57 -83.90
CA VAL A 533 -24.15 -37.25 -83.33
C VAL A 533 -22.87 -37.13 -82.51
N LEU A 534 -22.53 -38.13 -81.70
CA LEU A 534 -21.27 -38.01 -80.96
C LEU A 534 -20.07 -37.95 -81.91
N GLN A 535 -20.09 -38.69 -83.00
CA GLN A 535 -18.98 -38.63 -83.93
C GLN A 535 -18.85 -37.23 -84.52
N ASP A 536 -19.98 -36.61 -84.89
CA ASP A 536 -19.93 -35.28 -85.47
C ASP A 536 -19.43 -34.23 -84.49
N LYS A 537 -19.82 -34.34 -83.22
CA LYS A 537 -19.34 -33.36 -82.25
C LYS A 537 -17.83 -33.44 -82.09
N GLN A 538 -17.26 -34.65 -82.07
CA GLN A 538 -15.80 -34.75 -81.94
C GLN A 538 -15.11 -34.13 -83.14
N SER A 539 -15.65 -34.37 -84.34
CA SER A 539 -15.05 -33.82 -85.55
C SER A 539 -15.05 -32.30 -85.51
N PHE A 540 -16.14 -31.72 -85.04
CA PHE A 540 -16.24 -30.28 -84.93
C PHE A 540 -15.12 -29.71 -84.08
N LEU A 541 -14.87 -30.30 -82.91
CA LEU A 541 -13.79 -29.75 -82.09
C LEU A 541 -12.43 -29.84 -82.79
N ARG A 542 -12.16 -30.97 -83.45
CA ARG A 542 -10.85 -31.11 -84.11
C ARG A 542 -10.61 -30.07 -85.18
N GLU A 543 -11.64 -29.75 -85.94
CA GLU A 543 -11.56 -28.82 -87.06
C GLU A 543 -11.77 -27.36 -86.69
N TYR A 544 -11.96 -27.08 -85.40
CA TYR A 544 -12.35 -25.75 -84.97
C TYR A 544 -11.39 -24.63 -85.34
N LYS A 545 -10.08 -24.86 -85.29
CA LYS A 545 -9.17 -23.74 -85.53
C LYS A 545 -9.44 -23.00 -86.84
N GLU A 546 -9.62 -23.74 -87.92
CA GLU A 546 -9.95 -23.14 -89.21
C GLU A 546 -11.40 -22.68 -89.28
N ILE A 547 -12.33 -23.44 -88.71
CA ILE A 547 -13.75 -23.11 -88.82
C ILE A 547 -14.05 -21.71 -88.29
N SER A 548 -13.53 -21.37 -87.12
CA SER A 548 -13.82 -20.07 -86.55
C SER A 548 -13.02 -18.92 -87.14
N ARG A 549 -12.02 -19.20 -87.94
CA ARG A 549 -11.16 -18.15 -88.44
C ARG A 549 -11.49 -17.76 -89.86
N GLU A 550 -11.53 -18.73 -90.75
CA GLU A 550 -11.66 -18.42 -92.16
C GLU A 550 -13.13 -18.31 -92.54
N ARG A 551 -13.77 -17.30 -91.99
CA ARG A 551 -15.18 -17.08 -92.22
C ARG A 551 -15.40 -16.30 -93.49
N THR B 3 -31.68 -44.20 -29.90
CA THR B 3 -31.99 -45.58 -29.54
C THR B 3 -30.73 -46.35 -29.25
N LEU B 4 -29.75 -45.62 -28.75
CA LEU B 4 -28.46 -46.16 -28.40
C LEU B 4 -28.39 -46.38 -26.91
N ASN B 5 -27.44 -47.17 -26.46
CA ASN B 5 -27.30 -47.36 -25.03
C ASN B 5 -26.62 -46.17 -24.40
N LYS B 6 -27.09 -45.79 -23.22
CA LYS B 6 -26.51 -44.71 -22.45
C LYS B 6 -25.71 -45.24 -21.27
N HIS B 7 -24.80 -44.42 -20.77
CA HIS B 7 -24.03 -44.78 -19.59
C HIS B 7 -24.95 -44.68 -18.38
N ILE B 8 -24.81 -45.61 -17.45
CA ILE B 8 -25.66 -45.72 -16.25
C ILE B 8 -24.92 -45.38 -14.96
N SER B 9 -25.53 -44.51 -14.16
CA SER B 9 -24.97 -44.11 -12.88
C SER B 9 -26.07 -43.94 -11.83
N ILE B 10 -25.64 -43.75 -10.58
CA ILE B 10 -26.53 -43.58 -9.45
C ILE B 10 -26.31 -42.24 -8.75
N PRO B 11 -27.41 -41.52 -8.47
CA PRO B 11 -27.41 -40.22 -7.82
C PRO B 11 -26.76 -40.30 -6.45
N LYS B 12 -26.16 -39.19 -6.02
CA LYS B 12 -25.48 -39.13 -4.72
C LYS B 12 -26.22 -38.38 -3.61
N ASP B 13 -27.33 -37.71 -3.91
CA ASP B 13 -28.09 -36.99 -2.89
C ASP B 13 -29.24 -37.85 -2.35
N MET B 14 -28.89 -38.80 -1.51
CA MET B 14 -29.88 -39.72 -0.95
C MET B 14 -30.65 -39.10 0.20
N SER B 15 -31.54 -38.18 -0.13
CA SER B 15 -32.36 -37.48 0.85
C SER B 15 -33.69 -37.09 0.25
N SER B 16 -34.78 -37.54 0.84
CA SER B 16 -36.10 -37.21 0.30
C SER B 16 -37.09 -36.78 1.35
N LYS B 17 -36.82 -37.09 2.61
CA LYS B 17 -37.74 -36.80 3.70
C LYS B 17 -39.12 -37.44 3.52
N ASP B 18 -39.14 -38.68 3.05
CA ASP B 18 -40.37 -39.42 2.84
C ASP B 18 -40.17 -40.89 3.23
N ASP B 19 -41.08 -41.77 2.81
CA ASP B 19 -41.02 -43.17 3.21
C ASP B 19 -39.88 -43.98 2.60
N LEU B 20 -39.13 -43.43 1.66
CA LEU B 20 -38.02 -44.16 1.09
C LEU B 20 -36.69 -43.76 1.74
N ASP B 21 -36.75 -42.84 2.69
CA ASP B 21 -35.57 -42.30 3.36
C ASP B 21 -35.42 -42.91 4.76
N PHE B 22 -34.50 -43.89 4.88
CA PHE B 22 -34.32 -44.62 6.14
C PHE B 22 -34.02 -43.72 7.31
N HIS B 23 -33.06 -42.82 7.14
CA HIS B 23 -32.64 -42.00 8.27
C HIS B 23 -33.74 -41.09 8.71
N PHE B 24 -34.49 -40.54 7.77
CA PHE B 24 -35.64 -39.73 8.11
C PHE B 24 -36.63 -40.49 8.97
N LEU B 25 -36.99 -41.70 8.54
CA LEU B 25 -37.95 -42.48 9.29
C LEU B 25 -37.45 -42.79 10.69
N ARG B 26 -36.18 -43.11 10.82
CA ARG B 26 -35.64 -43.43 12.13
C ARG B 26 -35.75 -42.27 13.09
N GLU B 27 -35.45 -41.05 12.64
CA GLU B 27 -35.55 -39.88 13.51
C GLU B 27 -36.97 -39.62 13.94
N GLU B 28 -37.93 -39.77 13.02
CA GLU B 28 -39.32 -39.54 13.37
C GLU B 28 -39.78 -40.56 14.40
N GLY B 29 -39.32 -41.80 14.24
CA GLY B 29 -39.65 -42.85 15.17
C GLY B 29 -39.27 -42.47 16.58
N ILE B 30 -38.03 -42.02 16.76
CA ILE B 30 -37.57 -41.65 18.08
C ILE B 30 -38.32 -40.44 18.62
N ARG B 31 -38.60 -39.45 17.79
CA ARG B 31 -39.38 -38.31 18.26
C ARG B 31 -40.72 -38.74 18.82
N TYR B 32 -41.41 -39.64 18.12
CA TYR B 32 -42.70 -40.10 18.61
C TYR B 32 -42.57 -40.84 19.93
N ILE B 33 -41.53 -41.66 20.08
CA ILE B 33 -41.31 -42.40 21.32
C ILE B 33 -41.15 -41.47 22.49
N LYS B 34 -40.36 -40.42 22.36
CA LYS B 34 -40.19 -39.51 23.49
C LYS B 34 -41.47 -38.84 23.87
N GLU B 35 -42.23 -38.40 22.89
CA GLU B 35 -43.48 -37.70 23.17
C GLU B 35 -44.49 -38.57 23.91
N LEU B 36 -44.54 -39.84 23.57
CA LEU B 36 -45.50 -40.74 24.18
C LEU B 36 -45.03 -41.47 25.44
N GLY B 37 -43.78 -41.93 25.50
CA GLY B 37 -43.37 -42.78 26.60
C GLY B 37 -42.11 -42.44 27.39
N SER B 38 -41.60 -41.21 27.33
CA SER B 38 -40.34 -40.86 28.02
C SER B 38 -40.38 -41.02 29.53
N ASN B 39 -41.56 -41.14 30.13
CA ASN B 39 -41.63 -41.35 31.56
C ASN B 39 -41.05 -42.68 31.95
N PHE B 40 -41.12 -43.66 31.07
CA PHE B 40 -40.71 -45.00 31.40
C PHE B 40 -39.56 -45.49 30.55
N TRP B 41 -39.48 -45.08 29.30
CA TRP B 41 -38.45 -45.54 28.40
C TRP B 41 -37.56 -44.38 28.02
N THR B 42 -36.35 -44.33 28.63
CA THR B 42 -35.41 -43.24 28.41
C THR B 42 -34.08 -43.65 27.77
N ASP B 43 -33.74 -44.92 27.79
CA ASP B 43 -32.48 -45.42 27.27
C ASP B 43 -32.64 -45.66 25.77
N TYR B 44 -32.03 -44.82 24.93
CA TYR B 44 -32.19 -44.99 23.49
C TYR B 44 -30.90 -45.42 22.82
N ASN B 45 -30.04 -46.10 23.56
CA ASN B 45 -28.79 -46.61 23.05
C ASN B 45 -29.00 -47.80 22.12
N THR B 46 -27.99 -48.07 21.31
CA THR B 46 -28.11 -49.10 20.28
C THR B 46 -28.18 -50.55 20.78
N HIS B 47 -27.87 -50.83 22.03
CA HIS B 47 -28.01 -52.20 22.50
C HIS B 47 -29.44 -52.52 22.89
N ASP B 48 -30.30 -51.52 22.92
CA ASP B 48 -31.69 -51.65 23.39
C ASP B 48 -32.58 -52.39 22.38
N PRO B 49 -33.22 -53.50 22.79
CA PRO B 49 -34.17 -54.25 21.96
C PRO B 49 -35.25 -53.39 21.36
N GLY B 50 -35.68 -52.35 22.08
CA GLY B 50 -36.70 -51.44 21.59
C GLY B 50 -36.26 -50.75 20.31
N ILE B 51 -35.09 -50.14 20.38
CA ILE B 51 -34.53 -49.43 19.25
C ILE B 51 -34.24 -50.41 18.11
N THR B 52 -33.77 -51.62 18.44
CA THR B 52 -33.51 -52.62 17.40
C THR B 52 -34.78 -52.89 16.59
N MET B 53 -35.90 -53.09 17.28
CA MET B 53 -37.17 -53.34 16.60
C MET B 53 -37.57 -52.18 15.70
N LEU B 54 -37.37 -50.94 16.16
CA LEU B 54 -37.70 -49.77 15.34
C LEU B 54 -36.94 -49.76 14.04
N GLU B 55 -35.65 -50.03 14.08
CA GLU B 55 -34.86 -50.02 12.86
C GLU B 55 -35.30 -51.08 11.88
N VAL B 56 -35.69 -52.27 12.37
CA VAL B 56 -36.18 -53.31 11.48
C VAL B 56 -37.44 -52.87 10.79
N LEU B 57 -38.36 -52.27 11.53
CA LEU B 57 -39.60 -51.81 10.93
C LEU B 57 -39.36 -50.72 9.90
N CYS B 58 -38.43 -49.81 10.15
CA CYS B 58 -38.16 -48.73 9.19
C CYS B 58 -37.69 -49.32 7.87
N TYR B 59 -36.85 -50.34 7.94
CA TYR B 59 -36.35 -51.03 6.77
C TYR B 59 -37.50 -51.64 5.97
N ALA B 60 -38.42 -52.33 6.66
CA ALA B 60 -39.60 -52.92 6.03
C ALA B 60 -40.48 -51.88 5.34
N ILE B 61 -40.62 -50.69 5.92
CA ILE B 61 -41.41 -49.64 5.30
C ILE B 61 -40.82 -49.22 3.99
N SER B 62 -39.50 -49.03 3.92
CA SER B 62 -38.86 -48.64 2.67
C SER B 62 -39.16 -49.64 1.56
N ASP B 63 -39.15 -50.94 1.89
CA ASP B 63 -39.46 -51.98 0.91
C ASP B 63 -40.87 -51.81 0.35
N LEU B 64 -41.83 -51.55 1.23
CA LEU B 64 -43.19 -51.36 0.75
C LEU B 64 -43.27 -50.17 -0.19
N GLY B 65 -42.68 -49.04 0.21
CA GLY B 65 -42.76 -47.84 -0.62
C GLY B 65 -42.16 -48.07 -1.99
N ASN B 66 -41.06 -48.82 -2.04
CA ASN B 66 -40.41 -49.10 -3.30
C ASN B 66 -41.29 -49.90 -4.26
N ARG B 67 -42.16 -50.79 -3.76
CA ARG B 67 -43.00 -51.52 -4.70
C ARG B 67 -44.17 -50.69 -5.16
N ILE B 68 -44.64 -49.81 -4.30
CA ILE B 68 -45.75 -48.97 -4.71
C ILE B 68 -45.37 -48.15 -5.93
N ASN B 69 -44.11 -47.73 -6.03
CA ASN B 69 -43.62 -46.96 -7.17
C ASN B 69 -43.36 -47.75 -8.47
N ILE B 70 -43.62 -49.06 -8.51
CA ILE B 70 -43.48 -49.82 -9.75
C ILE B 70 -44.47 -49.27 -10.77
N PRO B 71 -44.07 -49.04 -12.01
CA PRO B 71 -44.94 -48.47 -13.03
C PRO B 71 -46.16 -49.33 -13.32
N ILE B 72 -47.24 -48.65 -13.71
CA ILE B 72 -48.55 -49.23 -13.99
C ILE B 72 -48.47 -50.34 -15.01
N GLU B 73 -47.59 -50.18 -15.99
CA GLU B 73 -47.53 -51.18 -17.05
C GLU B 73 -47.29 -52.56 -16.49
N ASP B 74 -46.59 -52.64 -15.36
CA ASP B 74 -46.28 -53.92 -14.78
C ASP B 74 -47.29 -54.28 -13.70
N LEU B 75 -47.73 -53.31 -12.91
CA LEU B 75 -48.62 -53.63 -11.81
C LEU B 75 -49.94 -54.21 -12.26
N ILE B 76 -50.44 -53.82 -13.42
CA ILE B 76 -51.71 -54.37 -13.85
C ILE B 76 -51.58 -55.31 -15.05
N ALA B 77 -50.38 -55.84 -15.28
CA ALA B 77 -50.16 -56.76 -16.37
C ALA B 77 -50.86 -58.08 -16.16
N ASN B 78 -51.26 -58.71 -17.27
CA ASN B 78 -51.80 -60.06 -17.24
C ASN B 78 -50.70 -61.07 -17.46
N GLU B 79 -50.93 -62.28 -16.96
CA GLU B 79 -49.99 -63.38 -17.11
C GLU B 79 -49.63 -63.68 -18.55
N GLU B 80 -50.62 -63.55 -19.42
CA GLU B 80 -50.50 -63.80 -20.83
C GLU B 80 -50.24 -62.55 -21.66
N GLY B 81 -50.04 -61.41 -21.02
CA GLY B 81 -49.88 -60.15 -21.72
C GLY B 81 -51.23 -59.56 -22.10
N GLY B 82 -51.20 -58.35 -22.66
CA GLY B 82 -52.43 -57.69 -23.06
C GLY B 82 -53.12 -56.95 -21.92
N VAL B 83 -54.20 -56.24 -22.27
CA VAL B 83 -54.98 -55.43 -21.35
C VAL B 83 -56.46 -55.70 -21.48
N LYS B 84 -56.82 -56.93 -21.86
CA LYS B 84 -58.21 -57.25 -22.16
C LYS B 84 -59.24 -56.80 -21.11
N GLY B 85 -59.03 -57.07 -19.84
CA GLY B 85 -60.01 -56.70 -18.84
C GLY B 85 -59.80 -55.35 -18.20
N GLN B 86 -58.81 -54.59 -18.68
CA GLN B 86 -58.50 -53.32 -18.06
C GLN B 86 -58.90 -52.15 -18.91
N PHE B 87 -58.61 -52.21 -20.21
CA PHE B 87 -58.87 -51.05 -21.02
C PHE B 87 -59.51 -51.41 -22.33
N TYR B 88 -60.22 -50.46 -22.90
CA TYR B 88 -60.70 -50.60 -24.25
C TYR B 88 -59.68 -49.88 -25.11
N LYS B 89 -59.31 -50.46 -26.25
CA LYS B 89 -58.29 -49.88 -27.13
C LYS B 89 -58.87 -48.86 -28.12
N VAL B 90 -58.00 -48.04 -28.74
CA VAL B 90 -58.51 -47.00 -29.63
C VAL B 90 -59.28 -47.55 -30.82
N GLN B 91 -58.89 -48.72 -31.31
CA GLN B 91 -59.53 -49.36 -32.44
C GLN B 91 -60.95 -49.76 -32.11
N GLU B 92 -61.26 -49.85 -30.84
CA GLU B 92 -62.54 -50.29 -30.35
C GLU B 92 -63.38 -49.19 -29.76
N ILE B 93 -62.77 -48.23 -29.07
CA ILE B 93 -63.55 -47.22 -28.38
C ILE B 93 -63.64 -45.85 -29.08
N LEU B 94 -62.76 -45.53 -30.01
CA LEU B 94 -62.89 -44.24 -30.71
C LEU B 94 -63.76 -44.16 -31.98
N PRO B 95 -63.79 -45.18 -32.87
CA PRO B 95 -64.56 -45.16 -34.12
C PRO B 95 -66.05 -45.02 -33.90
N SER B 96 -66.74 -44.46 -34.90
CA SER B 96 -68.18 -44.25 -34.79
C SER B 96 -68.94 -44.85 -35.98
N ALA B 97 -70.18 -45.29 -35.74
CA ALA B 97 -70.99 -45.88 -36.78
C ALA B 97 -71.17 -44.81 -37.84
N PRO B 98 -71.37 -45.16 -39.12
CA PRO B 98 -71.48 -44.03 -40.05
C PRO B 98 -72.89 -43.45 -40.18
N THR B 99 -73.07 -42.18 -39.81
CA THR B 99 -74.39 -41.52 -39.89
C THR B 99 -74.44 -40.26 -40.78
N SER B 100 -73.30 -39.77 -41.22
CA SER B 100 -73.21 -38.57 -42.05
C SER B 100 -72.96 -38.92 -43.52
N GLU B 101 -73.06 -37.90 -44.38
CA GLU B 101 -72.88 -38.07 -45.83
C GLU B 101 -71.42 -38.49 -46.12
N LEU B 102 -70.44 -37.88 -45.42
CA LEU B 102 -69.04 -38.20 -45.66
C LEU B 102 -68.75 -39.60 -45.18
N ASP B 103 -69.38 -40.00 -44.07
CA ASP B 103 -69.18 -41.35 -43.58
C ASP B 103 -69.66 -42.37 -44.60
N LEU B 104 -70.82 -42.10 -45.22
CA LEU B 104 -71.33 -43.02 -46.23
C LEU B 104 -70.42 -43.08 -47.42
N ARG B 105 -69.86 -41.95 -47.83
CA ARG B 105 -68.96 -42.02 -48.95
C ARG B 105 -67.75 -42.88 -48.60
N LYS B 106 -67.20 -42.73 -47.37
CA LYS B 106 -66.07 -43.55 -46.95
C LYS B 106 -66.46 -45.01 -46.84
N LEU B 107 -67.68 -45.27 -46.39
CA LEU B 107 -68.16 -46.64 -46.24
C LEU B 107 -68.17 -47.39 -47.56
N PHE B 108 -68.73 -46.79 -48.60
CA PHE B 108 -68.89 -47.47 -49.87
C PHE B 108 -67.65 -47.42 -50.75
N ILE B 109 -66.81 -46.39 -50.60
CA ILE B 109 -65.63 -46.23 -51.45
C ILE B 109 -64.60 -47.34 -51.21
N ASP B 110 -64.75 -48.11 -50.15
CA ASP B 110 -63.90 -49.24 -49.87
C ASP B 110 -64.34 -50.57 -50.46
N ILE B 111 -65.38 -50.56 -51.24
CA ILE B 111 -65.77 -51.78 -51.92
C ILE B 111 -64.84 -51.88 -53.12
N GLU B 112 -64.16 -53.01 -53.26
CA GLU B 112 -63.19 -53.12 -54.34
C GLU B 112 -63.89 -52.92 -55.69
N GLY B 113 -63.26 -52.15 -56.57
CA GLY B 113 -63.81 -51.83 -57.87
C GLY B 113 -64.48 -50.47 -57.93
N ILE B 114 -64.73 -49.86 -56.77
CA ILE B 114 -65.36 -48.53 -56.73
C ILE B 114 -64.32 -47.46 -56.45
N LYS B 115 -64.30 -46.42 -57.29
CA LYS B 115 -63.34 -45.34 -57.14
C LYS B 115 -63.92 -44.16 -56.40
N ASN B 116 -65.21 -43.93 -56.58
CA ASN B 116 -65.85 -42.81 -55.91
C ASN B 116 -67.36 -43.03 -55.85
N CYS B 117 -68.01 -42.33 -54.93
CA CYS B 117 -69.45 -42.40 -54.76
C CYS B 117 -70.02 -41.06 -54.37
N TRP B 118 -71.23 -40.79 -54.81
CA TRP B 118 -71.92 -39.60 -54.38
C TRP B 118 -73.29 -39.98 -53.87
N ILE B 119 -73.74 -39.33 -52.82
CA ILE B 119 -75.01 -39.65 -52.22
C ILE B 119 -76.01 -38.53 -52.50
N LYS B 120 -77.12 -38.88 -53.11
CA LYS B 120 -78.15 -37.92 -53.45
C LYS B 120 -79.45 -38.36 -52.82
N ARG B 121 -80.40 -37.42 -52.73
CA ARG B 121 -81.70 -37.59 -52.07
C ARG B 121 -82.83 -37.70 -53.08
N GLU B 122 -83.71 -38.70 -52.91
CA GLU B 122 -84.89 -38.83 -53.75
C GLU B 122 -86.01 -37.92 -53.32
N ARG B 123 -86.76 -37.43 -54.30
CA ARG B 123 -87.95 -36.60 -54.04
C ARG B 123 -89.15 -37.32 -54.63
N VAL B 124 -89.80 -38.16 -53.82
CA VAL B 124 -90.98 -38.87 -54.23
C VAL B 124 -92.13 -37.95 -53.93
N THR B 125 -93.01 -37.75 -54.89
CA THR B 125 -94.12 -36.85 -54.68
C THR B 125 -95.44 -37.54 -54.52
N VAL B 126 -96.20 -37.03 -53.55
CA VAL B 126 -97.54 -37.49 -53.23
C VAL B 126 -98.51 -36.34 -53.38
N PHE B 127 -99.58 -36.60 -54.10
CA PHE B 127 -100.56 -35.57 -54.38
C PHE B 127 -101.79 -35.82 -53.54
N ALA B 128 -102.52 -34.77 -53.21
CA ALA B 128 -103.71 -35.00 -52.44
C ALA B 128 -104.89 -34.11 -52.78
N ASP B 129 -106.05 -34.74 -52.52
CA ASP B 129 -107.40 -34.21 -52.62
C ASP B 129 -107.79 -33.65 -51.25
N LEU B 130 -108.00 -32.34 -51.16
CA LEU B 130 -108.33 -31.75 -49.87
C LEU B 130 -109.83 -31.62 -49.69
N LYS B 131 -110.60 -32.06 -50.67
CA LYS B 131 -112.05 -32.01 -50.63
C LYS B 131 -112.47 -33.27 -49.91
N ASN B 132 -111.89 -34.36 -50.38
CA ASN B 132 -112.07 -35.70 -49.87
C ASN B 132 -110.68 -36.10 -49.47
N GLN B 133 -110.40 -36.22 -48.21
CA GLN B 133 -109.03 -36.48 -47.89
C GLN B 133 -108.72 -37.81 -48.54
N LYS B 134 -107.85 -37.72 -49.54
CA LYS B 134 -107.31 -38.88 -50.23
C LYS B 134 -105.98 -38.54 -50.87
N LEU B 135 -105.05 -39.50 -50.87
CA LEU B 135 -103.73 -39.25 -51.44
C LEU B 135 -103.25 -40.38 -52.38
N SER B 136 -102.50 -39.98 -53.41
CA SER B 136 -101.97 -40.88 -54.44
C SER B 136 -100.74 -40.33 -55.12
N TYR B 137 -99.99 -41.19 -55.83
CA TYR B 137 -98.76 -40.77 -56.52
C TYR B 137 -99.10 -40.20 -57.87
N GLU B 138 -100.37 -40.26 -58.21
CA GLU B 138 -100.89 -39.78 -59.49
C GLU B 138 -101.57 -38.42 -59.32
N LYS B 139 -101.53 -37.58 -60.37
CA LYS B 139 -102.25 -36.31 -60.31
C LYS B 139 -103.71 -36.47 -60.67
N THR B 140 -104.10 -37.72 -60.88
CA THR B 140 -105.45 -38.12 -61.19
C THR B 140 -106.28 -37.95 -59.93
N ILE B 141 -105.60 -37.86 -58.78
CA ILE B 141 -106.20 -37.63 -57.49
C ILE B 141 -106.89 -36.27 -57.47
N TRP B 142 -106.53 -35.38 -58.39
CA TRP B 142 -107.08 -34.05 -58.49
C TRP B 142 -108.23 -33.88 -59.47
N GLU B 143 -108.64 -34.94 -60.16
CA GLU B 143 -109.72 -34.76 -61.11
C GLU B 143 -110.97 -34.22 -60.45
N ASP B 144 -111.57 -33.24 -61.12
CA ASP B 144 -112.80 -32.54 -60.73
C ASP B 144 -112.68 -31.67 -59.48
N LEU B 145 -111.47 -31.30 -59.05
CA LEU B 145 -111.32 -30.42 -57.90
C LEU B 145 -111.07 -28.97 -58.31
N LYS B 146 -111.34 -28.08 -57.36
CA LYS B 146 -111.09 -26.66 -57.56
C LYS B 146 -109.61 -26.39 -57.27
N GLU B 147 -109.13 -25.25 -57.73
CA GLU B 147 -107.73 -24.88 -57.54
C GLU B 147 -107.26 -24.79 -56.09
N ASN B 148 -108.15 -24.54 -55.15
CA ASN B 148 -107.76 -24.43 -53.76
C ASN B 148 -107.99 -25.71 -52.96
N GLN B 149 -108.24 -26.82 -53.64
CA GLN B 149 -108.45 -28.11 -53.01
C GLN B 149 -107.30 -29.06 -53.32
N LYS B 150 -106.18 -28.51 -53.77
CA LYS B 150 -105.06 -29.34 -54.17
C LYS B 150 -103.83 -29.19 -53.27
N ALA B 151 -103.13 -30.29 -53.02
CA ALA B 151 -101.89 -30.28 -52.25
C ALA B 151 -100.87 -31.30 -52.74
N GLN B 152 -99.61 -31.06 -52.40
CA GLN B 152 -98.49 -31.94 -52.70
C GLN B 152 -97.51 -32.03 -51.55
N PHE B 153 -97.04 -33.21 -51.22
CA PHE B 153 -95.96 -33.25 -50.23
C PHE B 153 -94.87 -34.15 -50.79
N ASP B 154 -93.64 -33.86 -50.40
CA ASP B 154 -92.47 -34.59 -50.87
C ASP B 154 -91.97 -35.47 -49.75
N LEU B 155 -91.38 -36.61 -50.06
CA LEU B 155 -90.87 -37.47 -49.00
C LEU B 155 -89.49 -37.02 -48.50
N LYS B 156 -89.23 -37.23 -47.19
CA LYS B 156 -88.04 -36.66 -46.52
C LYS B 156 -86.83 -37.58 -46.22
N GLY B 157 -86.89 -38.92 -46.31
CA GLY B 157 -85.67 -39.69 -45.98
C GLY B 157 -85.19 -40.77 -46.96
N LEU B 158 -85.29 -40.54 -48.26
CA LEU B 158 -84.91 -41.59 -49.21
C LEU B 158 -83.63 -41.28 -50.01
N TYR B 159 -82.83 -42.32 -50.27
CA TYR B 159 -81.55 -42.20 -50.99
C TYR B 159 -81.40 -42.87 -52.38
N ARG B 160 -80.48 -42.25 -53.15
CA ARG B 160 -79.97 -42.74 -54.43
C ARG B 160 -78.44 -42.70 -54.41
N ILE B 161 -77.80 -43.80 -54.80
CA ILE B 161 -76.33 -43.83 -54.77
C ILE B 161 -75.72 -43.87 -56.17
N LEU B 162 -74.86 -42.89 -56.44
CA LEU B 162 -74.18 -42.76 -57.72
C LEU B 162 -72.78 -43.34 -57.62
N VAL B 163 -72.49 -44.34 -58.44
CA VAL B 163 -71.21 -45.04 -58.34
C VAL B 163 -70.28 -44.89 -59.54
N GLU B 164 -69.01 -44.56 -59.27
CA GLU B 164 -67.97 -44.52 -60.29
C GLU B 164 -67.06 -45.73 -60.12
N THR B 165 -66.97 -46.59 -61.12
CA THR B 165 -66.17 -47.79 -61.05
C THR B 165 -64.95 -47.79 -61.94
N GLU B 166 -64.03 -48.70 -61.61
CA GLU B 166 -62.78 -48.94 -62.35
C GLU B 166 -62.95 -49.57 -63.74
N ASP B 167 -63.98 -50.40 -63.87
CA ASP B 167 -64.29 -51.21 -65.04
C ASP B 167 -64.49 -50.47 -66.35
N ALA B 168 -65.07 -49.26 -66.30
CA ALA B 168 -65.40 -48.48 -67.49
C ALA B 168 -66.38 -49.20 -68.41
N ASP B 169 -67.33 -49.92 -67.81
CA ASP B 169 -68.38 -50.65 -68.51
C ASP B 169 -69.59 -49.71 -68.61
N LYS B 170 -70.68 -50.18 -69.18
CA LYS B 170 -71.90 -49.37 -69.29
C LYS B 170 -72.78 -49.43 -68.04
N VAL B 171 -72.72 -50.55 -67.30
CA VAL B 171 -73.58 -50.75 -66.14
C VAL B 171 -72.76 -51.24 -64.94
N LEU B 172 -73.36 -51.24 -63.75
CA LEU B 172 -72.65 -51.80 -62.61
C LEU B 172 -72.83 -53.30 -62.61
N SER B 173 -71.81 -54.02 -62.18
CA SER B 173 -71.94 -55.45 -61.99
C SER B 173 -72.97 -55.70 -60.91
N GLU B 174 -73.77 -56.76 -61.04
CA GLU B 174 -74.74 -57.02 -60.00
C GLU B 174 -74.07 -57.29 -58.66
N SER B 175 -72.79 -57.70 -58.66
CA SER B 175 -72.10 -57.94 -57.41
C SER B 175 -71.82 -56.64 -56.66
N LEU B 176 -71.80 -55.51 -57.37
CA LEU B 176 -71.57 -54.25 -56.71
C LEU B 176 -72.89 -53.79 -56.16
N GLU B 177 -73.96 -53.97 -56.93
CA GLU B 177 -75.24 -53.58 -56.39
C GLU B 177 -75.55 -54.32 -55.11
N LYS B 178 -75.22 -55.60 -55.06
CA LYS B 178 -75.46 -56.34 -53.85
C LYS B 178 -74.60 -55.79 -52.72
N ALA B 179 -73.32 -55.49 -52.98
CA ALA B 179 -72.43 -54.97 -51.96
C ALA B 179 -72.91 -53.64 -51.39
N VAL B 180 -73.40 -52.75 -52.25
CA VAL B 180 -73.85 -51.45 -51.77
C VAL B 180 -75.13 -51.58 -50.97
N PHE B 181 -76.10 -52.34 -51.47
CA PHE B 181 -77.34 -52.51 -50.72
C PHE B 181 -77.08 -53.19 -49.40
N THR B 182 -76.22 -54.21 -49.39
CA THR B 182 -75.90 -54.92 -48.16
C THR B 182 -75.33 -54.00 -47.10
N LYS B 183 -74.33 -53.20 -47.47
CA LYS B 183 -73.74 -52.33 -46.47
C LYS B 183 -74.69 -51.25 -46.02
N PHE B 184 -75.49 -50.70 -46.95
CA PHE B 184 -76.43 -49.68 -46.53
C PHE B 184 -77.37 -50.20 -45.48
N HIS B 185 -78.00 -51.34 -45.75
CA HIS B 185 -79.00 -51.81 -44.83
C HIS B 185 -78.40 -52.24 -43.51
N ALA B 186 -77.21 -52.85 -43.56
CA ALA B 186 -76.52 -53.28 -42.35
C ALA B 186 -76.22 -52.10 -41.44
N ASN B 187 -75.92 -50.94 -42.02
CA ASN B 187 -75.56 -49.75 -41.27
C ASN B 187 -76.43 -48.55 -41.63
N ARG B 188 -77.63 -48.46 -41.08
CA ARG B 188 -78.50 -47.36 -41.49
C ARG B 188 -79.07 -46.59 -40.32
N ASN B 189 -79.50 -45.36 -40.60
CA ASN B 189 -80.09 -44.48 -39.63
C ASN B 189 -81.56 -44.80 -39.46
N LEU B 190 -82.11 -44.41 -38.33
CA LEU B 190 -83.54 -44.56 -38.06
C LEU B 190 -84.35 -43.64 -38.98
N CYS B 191 -85.41 -44.19 -39.59
CA CYS B 191 -86.35 -43.51 -40.50
C CYS B 191 -85.75 -43.05 -41.83
N GLU B 192 -84.86 -43.85 -42.40
CA GLU B 192 -84.24 -43.56 -43.70
C GLU B 192 -84.15 -44.84 -44.54
N ASP B 193 -84.19 -44.72 -45.87
CA ASP B 193 -84.09 -45.91 -46.73
C ASP B 193 -83.44 -45.64 -48.09
N LEU B 194 -82.96 -46.71 -48.71
CA LEU B 194 -82.29 -46.69 -50.01
C LEU B 194 -83.16 -47.24 -51.12
N ILE B 195 -83.36 -46.42 -52.15
CA ILE B 195 -84.20 -46.80 -53.27
C ILE B 195 -83.39 -47.37 -54.43
N LYS B 196 -82.35 -46.67 -54.86
CA LYS B 196 -81.62 -47.12 -56.05
C LYS B 196 -80.13 -46.88 -55.99
N VAL B 197 -79.39 -47.84 -56.55
CA VAL B 197 -77.94 -47.78 -56.73
C VAL B 197 -77.69 -47.86 -58.23
N GLU B 198 -76.96 -46.89 -58.78
CA GLU B 198 -76.72 -46.83 -60.22
C GLU B 198 -75.38 -46.19 -60.57
N LYS B 199 -74.94 -46.44 -61.80
CA LYS B 199 -73.69 -45.87 -62.29
C LYS B 199 -73.87 -44.41 -62.70
N VAL B 200 -72.89 -43.56 -62.33
CA VAL B 200 -72.94 -42.12 -62.63
C VAL B 200 -72.92 -41.80 -64.13
N ALA B 201 -73.78 -40.86 -64.55
CA ALA B 201 -73.88 -40.36 -65.93
C ALA B 201 -72.73 -39.42 -66.25
N THR B 202 -72.39 -39.28 -67.54
CA THR B 202 -71.31 -38.37 -67.93
C THR B 202 -71.63 -37.37 -69.03
N GLU B 203 -70.75 -36.36 -69.16
CA GLU B 203 -70.80 -35.32 -70.19
C GLU B 203 -69.43 -35.20 -70.89
N PRO B 204 -69.32 -35.43 -72.22
CA PRO B 204 -68.05 -35.36 -72.96
C PRO B 204 -67.59 -33.95 -73.33
N ILE B 205 -66.29 -33.69 -73.11
CA ILE B 205 -65.66 -32.40 -73.41
C ILE B 205 -64.45 -32.56 -74.33
N SER B 206 -64.36 -31.72 -75.36
CA SER B 206 -63.21 -31.70 -76.27
C SER B 206 -62.19 -30.66 -75.90
N VAL B 207 -60.91 -31.00 -76.08
CA VAL B 207 -59.81 -30.06 -75.90
C VAL B 207 -58.91 -30.20 -77.12
N CYS B 208 -58.61 -29.09 -77.79
CA CYS B 208 -57.71 -29.10 -78.95
C CYS B 208 -56.64 -28.02 -78.81
N ALA B 209 -55.38 -28.35 -79.14
CA ALA B 209 -54.31 -27.36 -78.99
C ALA B 209 -53.05 -27.57 -79.85
N ASN B 210 -52.30 -26.47 -80.03
CA ASN B 210 -50.98 -26.42 -80.65
C ASN B 210 -49.96 -25.99 -79.59
N VAL B 211 -49.03 -26.88 -79.26
CA VAL B 211 -48.09 -26.65 -78.16
C VAL B 211 -46.64 -26.76 -78.61
N GLU B 212 -45.87 -25.69 -78.35
CA GLU B 212 -44.45 -25.69 -78.66
C GLU B 212 -43.66 -26.12 -77.43
N VAL B 213 -42.70 -27.01 -77.66
CA VAL B 213 -41.88 -27.54 -76.59
C VAL B 213 -40.41 -27.25 -76.85
N ALA B 214 -39.61 -27.43 -75.80
CA ALA B 214 -38.18 -27.23 -75.87
C ALA B 214 -37.56 -28.16 -76.92
N PRO B 215 -36.49 -27.71 -77.61
CA PRO B 215 -35.78 -28.48 -78.64
C PRO B 215 -35.16 -29.76 -78.12
N GLU B 216 -34.98 -29.85 -76.82
CA GLU B 216 -34.41 -31.00 -76.14
C GLU B 216 -35.40 -31.48 -75.11
N ALA B 217 -36.43 -32.16 -75.59
CA ALA B 217 -37.51 -32.61 -74.74
C ALA B 217 -38.06 -33.91 -75.27
N ASP B 218 -38.54 -34.74 -74.34
CA ASP B 218 -39.17 -36.03 -74.64
C ASP B 218 -40.66 -35.80 -74.80
N GLU B 219 -41.10 -35.71 -76.06
CA GLU B 219 -42.50 -35.46 -76.39
C GLU B 219 -43.46 -36.54 -75.97
N GLU B 220 -43.09 -37.81 -76.08
CA GLU B 220 -44.03 -38.85 -75.70
C GLU B 220 -44.34 -38.73 -74.22
N LEU B 221 -43.32 -38.43 -73.41
CA LEU B 221 -43.52 -38.25 -72.00
C LEU B 221 -44.34 -37.02 -71.70
N ILE B 222 -44.08 -35.90 -72.40
CA ILE B 222 -44.87 -34.70 -72.17
C ILE B 222 -46.32 -34.98 -72.46
N HIS B 223 -46.60 -35.66 -73.56
CA HIS B 223 -47.99 -35.94 -73.88
C HIS B 223 -48.64 -36.78 -72.80
N ALA B 224 -47.97 -37.84 -72.33
CA ALA B 224 -48.57 -38.66 -71.28
C ALA B 224 -48.86 -37.85 -70.03
N GLN B 225 -47.96 -36.94 -69.66
CA GLN B 225 -48.14 -36.13 -68.48
C GLN B 225 -49.27 -35.11 -68.61
N ILE B 226 -49.39 -34.43 -69.76
CA ILE B 226 -50.46 -33.45 -69.93
C ILE B 226 -51.79 -34.15 -69.85
N LEU B 227 -51.87 -35.26 -70.57
CA LEU B 227 -53.08 -36.03 -70.66
C LEU B 227 -53.56 -36.49 -69.30
N ILE B 228 -52.66 -37.02 -68.46
CA ILE B 228 -53.10 -37.44 -67.13
C ILE B 228 -53.56 -36.25 -66.31
N ALA B 229 -52.81 -35.15 -66.31
CA ALA B 229 -53.18 -34.00 -65.50
C ALA B 229 -54.56 -33.45 -65.85
N ILE B 230 -54.92 -33.39 -67.13
CA ILE B 230 -56.25 -32.90 -67.47
C ILE B 230 -57.32 -33.85 -66.97
N GLU B 231 -57.12 -35.15 -67.13
CA GLU B 231 -58.10 -36.09 -66.65
C GLU B 231 -58.31 -35.96 -65.13
N ASP B 232 -57.22 -35.76 -64.37
CA ASP B 232 -57.36 -35.62 -62.92
C ASP B 232 -58.11 -34.34 -62.54
N TYR B 233 -57.90 -33.24 -63.28
CA TYR B 233 -58.67 -32.01 -63.06
C TYR B 233 -60.16 -32.26 -63.17
N LEU B 234 -60.56 -32.89 -64.26
CA LEU B 234 -61.97 -33.10 -64.51
C LEU B 234 -62.63 -34.01 -63.48
N ALA B 235 -61.95 -35.06 -63.02
CA ALA B 235 -62.58 -36.01 -62.10
C ALA B 235 -61.63 -36.62 -61.08
N PRO B 236 -61.22 -35.85 -60.04
CA PRO B 236 -60.29 -36.26 -58.97
C PRO B 236 -60.84 -37.41 -58.15
N SER B 237 -59.96 -38.17 -57.50
CA SER B 237 -60.37 -39.24 -56.61
C SER B 237 -59.39 -39.30 -55.43
N PRO B 238 -59.83 -39.73 -54.23
CA PRO B 238 -59.03 -39.85 -53.01
C PRO B 238 -58.10 -41.05 -53.01
N ARG B 239 -57.07 -41.03 -52.15
CA ARG B 239 -56.18 -42.17 -51.98
C ARG B 239 -56.07 -42.62 -50.53
N HIS B 240 -55.68 -43.87 -50.34
CA HIS B 240 -55.54 -44.42 -49.01
C HIS B 240 -54.18 -44.16 -48.41
N TYR B 241 -54.15 -43.95 -47.10
CA TYR B 241 -52.91 -43.69 -46.38
C TYR B 241 -52.65 -44.65 -45.23
N SER B 242 -51.38 -44.83 -44.93
CA SER B 242 -50.95 -45.61 -43.77
C SER B 242 -51.14 -44.78 -42.52
N LEU B 243 -51.10 -45.41 -41.35
CA LEU B 243 -51.22 -44.62 -40.12
C LEU B 243 -50.04 -43.69 -39.99
N LYS B 244 -48.83 -44.18 -40.27
CA LYS B 244 -47.65 -43.34 -40.20
C LYS B 244 -47.82 -42.09 -41.06
N GLN B 245 -48.37 -42.23 -42.27
CA GLN B 245 -48.59 -41.07 -43.13
C GLN B 245 -49.61 -40.09 -42.54
N MET B 246 -50.71 -40.58 -41.95
CA MET B 246 -51.68 -39.67 -41.35
C MET B 246 -51.03 -38.85 -40.24
N VAL B 247 -50.15 -39.50 -39.49
CA VAL B 247 -49.42 -38.83 -38.44
C VAL B 247 -48.48 -37.77 -39.02
N ASP B 248 -47.74 -38.10 -40.09
CA ASP B 248 -46.83 -37.13 -40.71
C ASP B 248 -47.57 -35.90 -41.21
N LYS B 249 -48.79 -36.09 -41.68
CA LYS B 249 -49.62 -34.99 -42.17
C LYS B 249 -50.03 -34.02 -41.06
N GLY B 250 -49.85 -34.40 -39.79
CA GLY B 250 -50.20 -33.53 -38.69
C GLY B 250 -51.53 -33.83 -38.02
N TYR B 251 -52.13 -34.98 -38.27
CA TYR B 251 -53.40 -35.28 -37.63
C TYR B 251 -53.14 -35.96 -36.29
N THR B 252 -54.08 -35.80 -35.35
CA THR B 252 -53.95 -36.51 -34.08
C THR B 252 -54.91 -37.68 -33.99
N MET B 253 -54.81 -38.43 -32.89
CA MET B 253 -55.59 -39.64 -32.71
C MET B 253 -57.09 -39.42 -32.75
N ASP B 254 -57.55 -38.36 -32.12
CA ASP B 254 -58.98 -38.08 -32.09
C ASP B 254 -59.54 -37.90 -33.49
N GLU B 255 -58.71 -37.38 -34.40
CA GLU B 255 -59.15 -37.05 -35.73
C GLU B 255 -58.99 -38.22 -36.67
N ILE B 256 -57.89 -38.96 -36.51
CA ILE B 256 -57.61 -40.07 -37.40
C ILE B 256 -58.69 -41.11 -37.29
N PHE B 257 -59.15 -41.36 -36.07
CA PHE B 257 -60.18 -42.34 -35.78
C PHE B 257 -61.59 -41.75 -35.61
N GLU B 258 -61.83 -40.52 -36.11
CA GLU B 258 -63.14 -39.86 -35.97
C GLU B 258 -64.33 -40.59 -36.61
N GLY B 259 -64.17 -41.18 -37.78
CA GLY B 259 -65.29 -41.80 -38.48
C GLY B 259 -65.30 -43.31 -38.32
N PRO B 260 -65.94 -44.02 -39.26
CA PRO B 260 -65.97 -45.48 -39.30
C PRO B 260 -64.57 -46.01 -39.44
N PHE B 261 -64.28 -47.16 -38.88
CA PHE B 261 -62.96 -47.72 -39.09
C PHE B 261 -62.91 -48.32 -40.49
N LEU B 262 -61.85 -48.08 -41.23
CA LEU B 262 -61.74 -48.62 -42.58
C LEU B 262 -60.59 -49.60 -42.72
N GLU B 263 -60.91 -50.82 -43.16
CA GLU B 263 -59.95 -51.90 -43.32
C GLU B 263 -58.84 -51.66 -44.35
N ASN B 264 -59.07 -50.77 -45.30
CA ASN B 264 -58.12 -50.57 -46.38
C ASN B 264 -57.16 -49.41 -46.22
N GLY B 265 -57.12 -48.77 -45.08
CA GLY B 265 -56.26 -47.61 -44.94
C GLY B 265 -57.11 -46.40 -44.63
N PHE B 266 -56.46 -45.31 -44.33
CA PHE B 266 -57.19 -44.13 -43.91
C PHE B 266 -57.53 -43.26 -45.11
N ILE B 267 -58.69 -42.60 -45.07
CA ILE B 267 -59.08 -41.66 -46.12
C ILE B 267 -59.15 -40.27 -45.53
N ASP B 268 -58.50 -39.33 -46.19
CA ASP B 268 -58.43 -37.95 -45.75
C ASP B 268 -59.69 -37.21 -46.16
N THR B 269 -60.34 -36.61 -45.15
CA THR B 269 -61.61 -35.92 -45.33
C THR B 269 -61.48 -34.77 -46.33
N VAL B 270 -60.36 -34.05 -46.33
CA VAL B 270 -60.21 -32.95 -47.26
C VAL B 270 -60.27 -33.42 -48.70
N GLU B 271 -59.55 -34.49 -49.02
CA GLU B 271 -59.59 -35.00 -50.37
C GLU B 271 -60.98 -35.45 -50.73
N LEU B 272 -61.66 -36.06 -49.77
CA LEU B 272 -62.99 -36.58 -50.03
C LEU B 272 -63.95 -35.44 -50.36
N LYS B 273 -63.87 -34.33 -49.61
CA LYS B 273 -64.74 -33.20 -49.88
C LYS B 273 -64.41 -32.57 -51.23
N ALA B 274 -63.13 -32.49 -51.57
CA ALA B 274 -62.72 -31.92 -52.83
C ALA B 274 -63.25 -32.69 -54.04
N SER B 275 -63.27 -34.01 -53.98
CA SER B 275 -63.71 -34.85 -55.10
C SER B 275 -65.22 -34.99 -55.29
N GLU B 276 -65.85 -33.83 -55.46
CA GLU B 276 -67.29 -33.68 -55.68
C GLU B 276 -67.51 -33.54 -57.18
N LEU B 277 -68.71 -33.85 -57.66
CA LEU B 277 -68.93 -33.68 -59.10
C LEU B 277 -68.77 -32.21 -59.48
N ARG B 278 -67.94 -31.98 -60.49
CA ARG B 278 -67.63 -30.65 -61.02
C ARG B 278 -68.78 -30.01 -61.78
N LYS B 279 -69.01 -28.72 -61.56
CA LYS B 279 -70.05 -28.00 -62.27
C LYS B 279 -69.54 -27.18 -63.45
N GLU B 280 -68.30 -26.73 -63.40
CA GLU B 280 -67.75 -25.88 -64.45
C GLU B 280 -66.31 -26.21 -64.82
N VAL B 281 -66.04 -26.17 -66.13
CA VAL B 281 -64.74 -26.36 -66.77
C VAL B 281 -64.30 -25.12 -67.53
N ARG B 282 -63.06 -24.67 -67.32
CA ARG B 282 -62.64 -23.46 -68.02
C ARG B 282 -61.21 -23.44 -68.58
N LEU B 283 -61.01 -22.64 -69.64
CA LEU B 283 -59.68 -22.51 -70.22
C LEU B 283 -58.63 -21.97 -69.29
N SER B 284 -58.98 -21.05 -68.41
CA SER B 284 -57.95 -20.53 -67.54
C SER B 284 -57.31 -21.59 -66.64
N ASP B 285 -57.97 -22.73 -66.44
CA ASP B 285 -57.33 -23.76 -65.64
C ASP B 285 -56.59 -24.73 -66.55
N ILE B 286 -57.18 -25.04 -67.70
CA ILE B 286 -56.57 -26.00 -68.62
C ILE B 286 -55.24 -25.48 -69.13
N ILE B 287 -55.17 -24.18 -69.43
CA ILE B 287 -53.94 -23.59 -69.90
C ILE B 287 -52.85 -23.70 -68.86
N ASN B 288 -53.19 -23.42 -67.61
CA ASN B 288 -52.22 -23.50 -66.55
C ASN B 288 -51.70 -24.93 -66.39
N ILE B 289 -52.55 -25.94 -66.62
CA ILE B 289 -52.12 -27.33 -66.53
C ILE B 289 -51.06 -27.61 -67.58
N ILE B 290 -51.30 -27.18 -68.81
CA ILE B 290 -50.35 -27.40 -69.89
C ILE B 290 -49.05 -26.59 -69.69
N MET B 291 -49.17 -25.30 -69.36
CA MET B 291 -47.98 -24.47 -69.21
C MET B 291 -47.03 -24.93 -68.11
N SER B 292 -47.55 -25.58 -67.09
CA SER B 292 -46.75 -26.10 -65.99
C SER B 292 -46.01 -27.40 -66.27
N ILE B 293 -46.22 -28.02 -67.41
CA ILE B 293 -45.52 -29.27 -67.70
C ILE B 293 -44.12 -28.96 -68.19
N ASP B 294 -43.14 -29.57 -67.55
CA ASP B 294 -41.75 -29.31 -67.90
C ASP B 294 -41.45 -29.63 -69.36
N GLY B 295 -40.91 -28.63 -70.06
CA GLY B 295 -40.61 -28.69 -71.47
C GLY B 295 -41.56 -27.88 -72.33
N VAL B 296 -42.72 -27.50 -71.79
CA VAL B 296 -43.65 -26.69 -72.57
C VAL B 296 -43.23 -25.24 -72.55
N LYS B 297 -43.18 -24.63 -73.73
CA LYS B 297 -42.81 -23.23 -73.80
C LYS B 297 -43.99 -22.34 -74.17
N ILE B 298 -44.74 -22.70 -75.21
CA ILE B 298 -45.81 -21.82 -75.67
C ILE B 298 -47.06 -22.61 -76.09
N VAL B 299 -48.22 -22.18 -75.62
CA VAL B 299 -49.43 -22.76 -76.15
C VAL B 299 -49.87 -21.77 -77.19
N LYS B 300 -49.81 -22.17 -78.46
CA LYS B 300 -50.06 -21.23 -79.54
C LYS B 300 -51.53 -21.19 -79.89
N GLU B 301 -52.20 -22.32 -79.65
CA GLU B 301 -53.62 -22.40 -79.95
C GLU B 301 -54.26 -23.31 -78.93
N ILE B 302 -55.42 -22.93 -78.44
CA ILE B 302 -56.15 -23.80 -77.56
C ILE B 302 -57.62 -23.45 -77.57
N THR B 303 -58.45 -24.49 -77.50
CA THR B 303 -59.87 -24.26 -77.42
C THR B 303 -60.59 -25.43 -76.74
N LEU B 304 -61.71 -25.09 -76.09
CA LEU B 304 -62.62 -26.05 -75.47
C LEU B 304 -63.91 -26.10 -76.22
N GLY B 305 -64.59 -27.22 -76.08
CA GLY B 305 -65.94 -27.21 -76.57
C GLY B 305 -66.71 -28.43 -76.21
N ASN B 306 -68.02 -28.27 -76.13
CA ASN B 306 -68.85 -29.42 -75.86
C ASN B 306 -68.61 -30.39 -76.98
N CYS B 307 -68.33 -31.64 -76.67
CA CYS B 307 -68.10 -32.51 -77.80
C CYS B 307 -69.40 -32.74 -78.50
N ASP B 308 -69.43 -32.47 -79.80
CA ASP B 308 -70.68 -32.67 -80.51
C ASP B 308 -70.36 -32.93 -81.98
N GLU B 309 -71.41 -33.21 -82.76
CA GLU B 309 -71.30 -33.47 -84.20
C GLU B 309 -71.50 -32.16 -84.94
N ASN B 310 -71.00 -32.08 -86.18
CA ASN B 310 -71.13 -30.85 -86.96
C ASN B 310 -70.45 -29.71 -86.20
N ASP B 311 -69.28 -30.03 -85.64
CA ASP B 311 -68.52 -29.08 -84.85
C ASP B 311 -67.81 -28.13 -85.81
N GLY B 312 -68.59 -27.18 -86.33
CA GLY B 312 -68.17 -26.17 -87.27
C GLY B 312 -67.76 -24.90 -86.55
N ILE B 313 -68.11 -23.75 -87.10
CA ILE B 313 -67.71 -22.50 -86.47
C ILE B 313 -68.62 -22.24 -85.28
N GLU B 314 -67.99 -22.01 -84.12
CA GLU B 314 -68.67 -21.83 -82.84
C GLU B 314 -67.82 -20.99 -81.89
N ASN B 315 -68.50 -20.40 -80.91
CA ASN B 315 -67.94 -19.62 -79.81
C ASN B 315 -66.85 -20.33 -79.05
N ASN B 316 -65.96 -19.50 -78.46
CA ASN B 316 -64.83 -19.97 -77.65
C ASN B 316 -65.22 -20.80 -76.45
N GLN B 317 -66.40 -20.60 -75.86
CA GLN B 317 -66.80 -21.41 -74.72
C GLN B 317 -65.74 -21.38 -73.61
N TRP B 318 -65.40 -20.17 -73.18
CA TRP B 318 -64.38 -19.97 -72.17
C TRP B 318 -64.70 -20.69 -70.87
N VAL B 319 -65.98 -20.90 -70.60
CA VAL B 319 -66.45 -21.70 -69.49
C VAL B 319 -67.61 -22.59 -69.94
N ILE B 320 -67.50 -23.88 -69.65
CA ILE B 320 -68.53 -24.85 -69.97
C ILE B 320 -69.22 -25.35 -68.71
N CYS B 321 -70.55 -25.24 -68.68
CA CYS B 321 -71.32 -25.69 -67.52
C CYS B 321 -71.80 -27.14 -67.71
N ILE B 322 -71.87 -27.86 -66.61
CA ILE B 322 -72.23 -29.29 -66.58
C ILE B 322 -73.56 -29.49 -65.85
N PRO B 323 -74.50 -30.28 -66.42
CA PRO B 323 -75.77 -30.67 -65.78
C PRO B 323 -75.54 -31.30 -64.41
N GLU B 324 -76.44 -31.02 -63.48
CA GLU B 324 -76.39 -31.35 -62.05
C GLU B 324 -76.07 -32.77 -61.57
N ASN B 325 -76.18 -33.80 -62.39
CA ASN B 325 -75.85 -35.14 -61.90
C ASN B 325 -74.91 -35.85 -62.84
N LYS B 326 -74.09 -35.09 -63.53
CA LYS B 326 -73.14 -35.67 -64.45
C LYS B 326 -71.69 -35.42 -64.07
N LYS B 327 -70.86 -36.34 -64.49
CA LYS B 327 -69.43 -36.22 -64.35
C LYS B 327 -68.84 -35.88 -65.72
N PRO B 328 -67.97 -34.88 -65.86
CA PRO B 328 -67.34 -34.57 -67.13
C PRO B 328 -66.28 -35.61 -67.49
N LYS B 329 -66.07 -35.86 -68.80
CA LYS B 329 -65.04 -36.83 -69.24
C LYS B 329 -64.50 -36.41 -70.60
N LEU B 330 -63.19 -36.58 -70.87
CA LEU B 330 -62.70 -36.23 -72.20
C LEU B 330 -63.38 -37.13 -73.22
N CYS B 331 -63.72 -36.53 -74.35
CA CYS B 331 -64.46 -37.18 -75.43
C CYS B 331 -63.69 -38.12 -76.35
N LYS B 332 -62.39 -38.20 -76.20
CA LYS B 332 -61.49 -39.05 -77.00
C LYS B 332 -61.40 -38.66 -78.48
N LYS B 333 -61.87 -37.47 -78.83
CA LYS B 333 -61.73 -36.88 -80.16
C LYS B 333 -60.81 -35.68 -80.03
N THR B 334 -60.09 -35.63 -78.92
CA THR B 334 -59.20 -34.55 -78.54
C THR B 334 -57.87 -34.67 -79.27
N THR B 335 -57.07 -33.59 -79.25
CA THR B 335 -55.74 -33.70 -79.87
C THR B 335 -54.80 -32.55 -79.53
N ILE B 336 -53.50 -32.88 -79.49
CA ILE B 336 -52.47 -31.86 -79.33
C ILE B 336 -51.40 -32.02 -80.39
N ASN B 337 -51.13 -30.93 -81.09
CA ASN B 337 -50.10 -30.89 -82.09
C ASN B 337 -48.84 -30.33 -81.47
N TYR B 338 -47.77 -31.10 -81.49
CA TYR B 338 -46.54 -30.65 -80.87
C TYR B 338 -45.56 -30.12 -81.90
N PHE B 339 -44.89 -29.04 -81.53
CA PHE B 339 -43.92 -28.38 -82.38
C PHE B 339 -42.60 -28.03 -81.69
N LYS B 340 -41.54 -27.99 -82.49
CA LYS B 340 -40.25 -27.47 -82.05
C LYS B 340 -39.86 -26.35 -83.00
N GLY B 341 -39.81 -25.13 -82.50
CA GLY B 341 -39.59 -24.03 -83.41
C GLY B 341 -40.79 -23.97 -84.33
N ILE B 342 -40.57 -24.17 -85.62
CA ILE B 342 -41.69 -24.11 -86.57
C ILE B 342 -41.99 -25.46 -87.20
N LEU B 343 -41.32 -26.48 -86.72
CA LEU B 343 -41.48 -27.79 -87.30
C LEU B 343 -42.30 -28.70 -86.45
N PRO B 344 -43.28 -29.35 -87.06
CA PRO B 344 -44.17 -30.33 -86.47
C PRO B 344 -43.39 -31.64 -86.31
N ILE B 345 -43.67 -32.38 -85.24
CA ILE B 345 -43.02 -33.65 -84.97
C ILE B 345 -44.10 -34.71 -84.79
N ASN B 346 -43.74 -35.98 -84.94
CA ASN B 346 -44.69 -37.08 -84.79
C ASN B 346 -44.45 -37.99 -83.58
N LEU B 347 -45.55 -38.38 -82.91
CA LEU B 347 -45.48 -39.23 -81.74
C LEU B 347 -45.92 -40.66 -81.98
N ASN B 348 -45.36 -41.61 -81.23
CA ASN B 348 -45.68 -43.02 -81.37
C ASN B 348 -46.56 -43.48 -80.21
N PRO B 349 -47.69 -44.14 -80.54
CA PRO B 349 -48.65 -44.59 -79.54
C PRO B 349 -48.09 -45.57 -78.49
N VAL B 350 -47.23 -46.50 -78.87
CA VAL B 350 -46.71 -47.45 -77.88
C VAL B 350 -45.88 -46.80 -76.77
N ARG B 351 -45.06 -45.82 -77.12
CA ARG B 351 -44.25 -45.10 -76.15
C ARG B 351 -45.09 -44.29 -75.16
N VAL B 352 -46.18 -43.70 -75.64
CA VAL B 352 -47.02 -42.90 -74.79
C VAL B 352 -47.74 -43.79 -73.82
N ASP B 353 -48.26 -44.91 -74.34
CA ASP B 353 -48.98 -45.86 -73.50
C ASP B 353 -48.10 -46.36 -72.37
N ASN B 354 -46.82 -46.60 -72.67
CA ASN B 354 -45.92 -47.08 -71.64
C ASN B 354 -45.70 -46.04 -70.55
N HIS B 355 -45.55 -44.77 -70.93
CA HIS B 355 -45.35 -43.76 -69.90
C HIS B 355 -46.59 -43.61 -69.05
N LYS B 356 -47.76 -43.57 -69.69
CA LYS B 356 -49.00 -43.40 -68.94
C LYS B 356 -49.21 -44.53 -67.95
N SER B 357 -48.98 -45.76 -68.40
CA SER B 357 -49.12 -46.93 -67.55
C SER B 357 -48.24 -46.89 -66.33
N LYS B 358 -46.96 -46.57 -66.50
CA LYS B 358 -46.06 -46.49 -65.35
C LYS B 358 -46.48 -45.44 -64.33
N ILE B 359 -46.90 -44.28 -64.81
CA ILE B 359 -47.27 -43.18 -63.93
C ILE B 359 -48.42 -43.58 -63.06
N LEU B 360 -49.41 -44.22 -63.63
CA LEU B 360 -50.59 -44.59 -62.86
C LEU B 360 -50.40 -45.87 -62.06
N ALA B 361 -49.65 -46.84 -62.56
CA ALA B 361 -49.47 -48.09 -61.82
C ALA B 361 -48.82 -47.86 -60.46
N SER B 362 -47.90 -46.91 -60.38
CA SER B 362 -47.23 -46.60 -59.12
C SER B 362 -48.18 -46.06 -58.05
N ARG B 363 -49.38 -45.65 -58.44
CA ARG B 363 -50.35 -45.19 -57.46
C ARG B 363 -50.99 -46.38 -56.76
N LEU B 364 -51.14 -47.49 -57.47
CA LEU B 364 -51.76 -48.69 -56.92
C LEU B 364 -50.90 -49.25 -55.83
N GLU B 365 -49.60 -49.16 -56.03
CA GLU B 365 -48.67 -49.70 -55.05
C GLU B 365 -48.83 -49.05 -53.69
N ASN B 366 -49.11 -47.75 -53.66
CA ASN B 366 -49.24 -47.10 -52.38
C ASN B 366 -50.56 -47.44 -51.73
N ASP B 367 -51.63 -47.54 -52.51
CA ASP B 367 -52.90 -47.89 -51.91
C ASP B 367 -52.79 -49.25 -51.23
N LEU B 368 -52.04 -50.17 -51.83
CA LEU B 368 -51.85 -51.48 -51.22
C LEU B 368 -51.01 -51.43 -49.94
N LYS B 369 -49.93 -50.65 -49.93
CA LYS B 369 -49.09 -50.56 -48.73
C LYS B 369 -49.88 -50.03 -47.53
N ALA B 370 -50.83 -49.13 -47.79
CA ALA B 370 -51.69 -48.52 -46.79
C ALA B 370 -52.53 -49.54 -46.02
N LYS B 371 -52.70 -50.74 -46.53
CA LYS B 371 -53.53 -51.73 -45.87
C LYS B 371 -52.88 -52.40 -44.65
N ASP B 372 -51.57 -52.23 -44.41
CA ASP B 372 -50.98 -52.95 -43.27
C ASP B 372 -50.84 -52.12 -41.98
N ASP B 373 -50.45 -50.86 -42.10
CA ASP B 373 -50.18 -50.04 -40.94
C ASP B 373 -51.43 -49.38 -40.38
N LEU B 374 -52.26 -50.14 -39.71
CA LEU B 374 -53.51 -49.56 -39.24
C LEU B 374 -53.64 -49.33 -37.72
N GLU B 375 -52.58 -49.49 -36.93
CA GLU B 375 -52.79 -49.28 -35.49
C GLU B 375 -51.51 -48.85 -34.73
N PRO B 376 -51.67 -48.08 -33.64
CA PRO B 376 -50.60 -47.63 -32.75
C PRO B 376 -50.12 -48.72 -31.79
N ALA B 377 -48.90 -48.55 -31.29
CA ALA B 377 -48.36 -49.44 -30.27
C ALA B 377 -48.86 -49.11 -28.86
N ILE B 378 -48.93 -50.15 -28.03
CA ILE B 378 -49.25 -50.06 -26.61
C ILE B 378 -48.08 -50.60 -25.80
N PRO B 379 -47.54 -49.86 -24.82
CA PRO B 379 -46.44 -50.31 -23.94
C PRO B 379 -46.80 -51.59 -23.23
N GLN B 380 -45.84 -52.53 -23.11
CA GLN B 380 -46.10 -53.84 -22.49
C GLN B 380 -45.19 -54.07 -21.28
N GLY B 381 -45.77 -54.61 -20.19
CA GLY B 381 -45.03 -54.88 -18.97
C GLY B 381 -44.78 -56.35 -18.73
N THR B 382 -44.40 -56.67 -17.50
CA THR B 382 -44.07 -58.03 -17.09
C THR B 382 -45.04 -58.44 -15.98
N PHE B 383 -44.80 -59.58 -15.37
CA PHE B 383 -45.70 -60.06 -14.34
C PHE B 383 -44.90 -60.72 -13.24
N ALA B 384 -45.08 -60.31 -11.98
CA ALA B 384 -44.23 -60.91 -10.97
C ALA B 384 -44.72 -60.99 -9.54
N ASP B 385 -45.97 -61.37 -9.28
CA ASP B 385 -46.43 -61.54 -7.89
C ASP B 385 -46.02 -60.38 -6.96
N TRP B 386 -46.53 -59.20 -7.26
CA TRP B 386 -46.14 -57.99 -6.56
C TRP B 386 -46.39 -58.02 -5.05
N GLY B 387 -47.23 -58.93 -4.56
CA GLY B 387 -47.58 -59.07 -3.16
C GLY B 387 -46.70 -60.01 -2.33
N GLU B 388 -45.62 -60.53 -2.88
CA GLU B 388 -44.74 -61.41 -2.09
C GLU B 388 -44.22 -60.75 -0.83
N TYR B 389 -44.33 -61.42 0.31
CA TYR B 389 -43.90 -60.82 1.58
C TYR B 389 -43.08 -61.78 2.44
N SER B 390 -42.00 -61.27 3.03
CA SER B 390 -41.18 -62.04 3.96
C SER B 390 -41.26 -61.44 5.36
N SER B 391 -41.34 -62.31 6.36
CA SER B 391 -41.44 -61.92 7.76
C SER B 391 -40.28 -61.09 8.28
N ILE B 392 -40.59 -60.11 9.13
CA ILE B 392 -39.56 -59.24 9.71
C ILE B 392 -38.75 -59.96 10.76
N GLN B 393 -39.18 -61.14 11.14
CA GLN B 393 -38.50 -61.91 12.16
C GLN B 393 -37.14 -62.39 11.64
N HIS B 394 -36.95 -62.41 10.33
CA HIS B 394 -35.71 -62.86 9.75
C HIS B 394 -34.65 -61.77 9.75
N GLU B 395 -34.99 -60.58 10.22
CA GLU B 395 -34.07 -59.48 10.28
C GLU B 395 -33.37 -59.37 11.62
N PHE B 396 -33.69 -60.23 12.58
CA PHE B 396 -33.08 -60.11 13.90
C PHE B 396 -31.86 -61.01 14.04
N PRO B 397 -30.94 -60.74 14.98
CA PRO B 397 -29.86 -61.71 15.23
C PRO B 397 -30.21 -63.07 15.90
N GLU B 398 -29.24 -63.98 15.74
CA GLU B 398 -29.40 -65.32 16.23
C GLU B 398 -29.62 -65.28 17.73
N THR B 399 -28.96 -64.32 18.40
CA THR B 399 -29.07 -64.22 19.86
C THR B 399 -30.54 -64.17 20.29
N TYR B 400 -31.38 -63.45 19.53
CA TYR B 400 -32.80 -63.34 19.89
C TYR B 400 -33.52 -64.69 19.87
N GLY B 401 -33.10 -65.65 19.02
CA GLY B 401 -33.65 -67.00 18.99
C GLY B 401 -34.88 -67.20 18.14
N ILE B 402 -35.24 -66.21 17.33
CA ILE B 402 -36.47 -66.27 16.50
C ILE B 402 -36.14 -66.56 15.03
N SER B 403 -34.98 -67.14 14.73
CA SER B 403 -34.57 -67.44 13.36
C SER B 403 -34.66 -68.92 13.08
N ASP B 404 -34.47 -69.30 11.81
CA ASP B 404 -34.55 -70.71 11.37
C ASP B 404 -33.63 -71.70 12.05
N ILE B 405 -32.47 -71.28 12.51
CA ILE B 405 -31.57 -72.27 13.11
C ILE B 405 -31.89 -72.53 14.57
N GLY B 406 -32.86 -71.83 15.12
CA GLY B 406 -33.23 -72.03 16.50
C GLY B 406 -32.25 -71.44 17.49
N LEU B 407 -32.21 -72.07 18.66
CA LEU B 407 -31.46 -71.63 19.82
C LEU B 407 -30.81 -72.88 20.43
N PRO B 408 -29.51 -72.89 20.73
CA PRO B 408 -28.82 -74.05 21.33
C PRO B 408 -29.45 -74.57 22.63
N PRO B 409 -29.68 -75.89 22.74
CA PRO B 409 -30.24 -76.57 23.92
C PRO B 409 -29.62 -76.22 25.26
N LYS B 410 -28.33 -75.96 25.29
CA LYS B 410 -27.65 -75.70 26.54
C LYS B 410 -28.16 -74.45 27.24
N LEU B 411 -28.89 -73.58 26.54
CA LEU B 411 -29.34 -72.34 27.14
C LEU B 411 -30.61 -72.52 27.96
N GLY B 412 -31.18 -73.71 27.97
CA GLY B 412 -32.33 -74.02 28.79
C GLY B 412 -33.68 -73.71 28.18
N VAL B 413 -34.69 -74.30 28.82
CA VAL B 413 -36.07 -74.15 28.42
C VAL B 413 -36.58 -72.74 28.59
N LYS B 414 -36.29 -72.11 29.71
CA LYS B 414 -36.87 -70.79 29.89
C LYS B 414 -36.52 -69.85 28.74
N ARG B 415 -35.29 -69.89 28.26
CA ARG B 415 -34.98 -68.98 27.17
C ARG B 415 -35.74 -69.37 25.90
N ALA B 416 -35.90 -70.67 25.65
CA ALA B 416 -36.69 -71.09 24.49
C ALA B 416 -38.13 -70.61 24.57
N VAL B 417 -38.70 -70.62 25.78
CA VAL B 417 -40.08 -70.16 25.97
C VAL B 417 -40.19 -68.69 25.68
N LEU B 418 -39.24 -67.90 26.17
CA LEU B 418 -39.26 -66.48 25.94
C LEU B 418 -39.18 -66.16 24.46
N ALA B 419 -38.44 -66.96 23.70
CA ALA B 419 -38.38 -66.74 22.27
C ALA B 419 -39.76 -66.89 21.64
N ARG B 420 -40.53 -67.87 22.13
CA ARG B 420 -41.90 -68.11 21.65
C ARG B 420 -42.76 -66.88 21.93
N GLN B 421 -42.58 -66.25 23.10
CA GLN B 421 -43.36 -65.08 23.46
C GLN B 421 -43.08 -63.93 22.53
N LEU B 422 -41.81 -63.75 22.15
CA LEU B 422 -41.46 -62.69 21.23
C LEU B 422 -42.07 -62.91 19.86
N LYS B 423 -42.05 -64.16 19.35
CA LYS B 423 -42.64 -64.41 18.04
C LYS B 423 -44.09 -63.98 18.02
N GLY B 424 -44.81 -64.27 19.10
CA GLY B 424 -46.20 -63.89 19.23
C GLY B 424 -46.37 -62.39 19.09
N TYR B 425 -45.59 -61.65 19.85
CA TYR B 425 -45.64 -60.19 19.81
C TYR B 425 -45.38 -59.64 18.43
N LEU B 426 -44.32 -60.12 17.78
CA LEU B 426 -43.97 -59.57 16.48
C LEU B 426 -45.04 -59.82 15.41
N LEU B 427 -45.86 -60.89 15.52
CA LEU B 427 -46.92 -61.11 14.52
C LEU B 427 -47.91 -59.97 14.40
N PHE B 428 -48.01 -59.11 15.42
CA PHE B 428 -48.93 -57.99 15.32
C PHE B 428 -48.46 -56.99 14.29
N PHE B 429 -47.16 -56.96 14.01
CA PHE B 429 -46.58 -56.04 13.05
C PHE B 429 -46.55 -56.69 11.67
N ASP B 430 -46.37 -57.99 11.64
CA ASP B 430 -46.29 -58.65 10.34
C ASP B 430 -47.64 -58.80 9.71
N GLN B 431 -48.68 -59.05 10.49
CA GLN B 431 -49.96 -59.25 9.84
C GLN B 431 -50.40 -57.97 9.11
N ILE B 432 -50.09 -56.82 9.67
CA ILE B 432 -50.45 -55.55 9.04
C ILE B 432 -49.66 -55.32 7.77
N LEU B 433 -48.35 -55.53 7.82
CA LEU B 433 -47.56 -55.32 6.61
C LEU B 433 -47.99 -56.28 5.52
N ALA B 434 -48.27 -57.53 5.86
CA ALA B 434 -48.69 -58.49 4.87
C ALA B 434 -49.95 -58.04 4.16
N SER B 435 -50.88 -57.43 4.90
CA SER B 435 -52.10 -56.88 4.29
C SER B 435 -51.83 -55.86 3.22
N TYR B 436 -50.93 -54.92 3.47
CA TYR B 436 -50.63 -53.91 2.46
C TYR B 436 -50.04 -54.50 1.20
N PHE B 437 -49.20 -55.51 1.31
CA PHE B 437 -48.64 -56.12 0.11
C PHE B 437 -49.71 -56.86 -0.67
N GLU B 438 -50.60 -57.49 0.06
CA GLU B 438 -51.72 -58.22 -0.49
C GLU B 438 -52.65 -57.31 -1.24
N HIS B 439 -52.87 -56.11 -0.72
CA HIS B 439 -53.72 -55.13 -1.36
C HIS B 439 -53.17 -54.72 -2.71
N LEU B 440 -51.86 -54.61 -2.90
CA LEU B 440 -51.31 -54.31 -4.24
C LEU B 440 -51.66 -55.37 -5.26
N SER B 441 -51.64 -56.64 -4.85
CA SER B 441 -51.94 -57.74 -5.75
C SER B 441 -53.37 -57.73 -6.28
N LYS B 442 -54.26 -56.95 -5.66
CA LYS B 442 -55.65 -56.92 -6.06
C LYS B 442 -56.04 -55.69 -6.85
N ILE B 443 -55.11 -54.80 -7.20
CA ILE B 443 -55.53 -53.59 -7.90
C ILE B 443 -56.23 -53.92 -9.20
N LYS B 444 -55.72 -54.93 -9.91
CA LYS B 444 -56.33 -55.34 -11.16
C LYS B 444 -57.77 -55.75 -11.02
N SER B 445 -58.12 -56.36 -9.90
CA SER B 445 -59.48 -56.82 -9.72
C SER B 445 -60.36 -55.67 -9.35
N LEU B 446 -59.87 -54.81 -8.48
CA LEU B 446 -60.68 -53.72 -7.97
C LEU B 446 -61.17 -52.80 -9.07
N LEU B 447 -60.34 -52.59 -10.09
CA LEU B 447 -60.70 -51.73 -11.20
C LEU B 447 -61.08 -52.48 -12.49
N SER B 448 -61.37 -53.77 -12.42
CA SER B 448 -61.70 -54.58 -13.60
C SER B 448 -63.00 -54.21 -14.32
N LEU B 449 -62.94 -54.25 -15.64
CA LEU B 449 -64.13 -54.01 -16.46
C LEU B 449 -64.93 -55.26 -16.66
N ASP B 450 -64.39 -56.41 -16.31
CA ASP B 450 -65.11 -57.66 -16.49
C ASP B 450 -65.89 -58.07 -15.28
N GLN B 451 -65.26 -57.91 -14.13
CA GLN B 451 -65.85 -58.33 -12.87
C GLN B 451 -64.98 -57.96 -11.69
N GLY B 452 -65.51 -57.15 -10.77
CA GLY B 452 -64.76 -56.82 -9.58
C GLY B 452 -64.94 -57.88 -8.48
N PRO B 453 -64.14 -57.77 -7.41
CA PRO B 453 -64.13 -58.65 -6.25
C PRO B 453 -65.28 -58.34 -5.31
N SER B 454 -65.57 -59.28 -4.39
CA SER B 454 -66.59 -59.07 -3.38
C SER B 454 -66.08 -58.32 -2.15
N PHE B 455 -64.77 -58.32 -1.91
CA PHE B 455 -64.16 -57.66 -0.76
C PHE B 455 -63.38 -56.44 -1.20
N THR B 456 -63.15 -55.51 -0.29
CA THR B 456 -62.32 -54.37 -0.66
C THR B 456 -61.05 -54.33 0.18
N TYR B 457 -60.99 -55.08 1.27
CA TYR B 457 -59.79 -55.19 2.08
C TYR B 457 -59.32 -56.64 2.09
N PHE B 458 -58.01 -56.86 2.18
CA PHE B 458 -57.47 -58.21 2.03
C PHE B 458 -56.37 -58.54 3.04
N THR B 459 -56.14 -59.84 3.31
CA THR B 459 -55.02 -60.28 4.15
C THR B 459 -54.33 -61.53 3.60
N GLN B 460 -53.27 -61.98 4.28
CA GLN B 460 -52.50 -63.18 3.87
C GLN B 460 -52.11 -64.07 5.03
N ALA B 461 -52.04 -65.38 4.79
CA ALA B 461 -51.43 -66.23 5.78
C ALA B 461 -49.93 -65.99 5.75
N ILE B 462 -49.28 -66.03 6.90
CA ILE B 462 -47.83 -65.91 6.93
C ILE B 462 -47.25 -67.28 7.22
N LYS B 463 -46.44 -67.81 6.29
CA LYS B 463 -45.93 -69.17 6.44
C LYS B 463 -44.42 -69.32 6.46
N ASP B 464 -43.66 -68.24 6.56
CA ASP B 464 -42.21 -68.36 6.60
C ASP B 464 -41.69 -68.26 8.03
N ILE B 465 -42.57 -68.54 8.97
CA ILE B 465 -42.31 -68.61 10.39
C ILE B 465 -42.51 -70.05 10.81
N LYS B 466 -41.48 -70.64 11.39
CA LYS B 466 -41.49 -72.07 11.68
C LYS B 466 -42.59 -72.57 12.61
N ASP B 467 -43.09 -71.82 13.57
CA ASP B 467 -44.14 -72.51 14.32
C ASP B 467 -45.55 -72.00 14.16
N VAL B 468 -45.85 -71.22 13.13
CA VAL B 468 -47.22 -70.71 13.04
C VAL B 468 -48.34 -71.72 13.32
N GLU B 469 -48.10 -73.00 13.09
CA GLU B 469 -49.12 -73.98 13.42
C GLU B 469 -49.39 -74.09 14.91
N GLU B 470 -48.48 -73.61 15.75
CA GLU B 470 -48.69 -73.64 17.19
C GLU B 470 -49.10 -72.29 17.73
N LEU B 471 -48.63 -71.22 17.09
CA LEU B 471 -48.93 -69.87 17.53
C LEU B 471 -50.41 -69.52 17.37
N PHE B 472 -51.05 -70.05 16.32
CA PHE B 472 -52.46 -69.77 16.06
C PHE B 472 -53.40 -70.78 16.71
N LYS B 473 -54.49 -70.29 17.30
CA LYS B 473 -55.47 -71.18 17.95
C LYS B 473 -56.13 -72.15 16.98
N ASP B 474 -56.35 -71.72 15.74
CA ASP B 474 -56.95 -72.59 14.74
C ASP B 474 -56.20 -72.46 13.42
N PRO B 475 -55.26 -73.37 13.15
CA PRO B 475 -54.43 -73.40 11.94
C PRO B 475 -55.20 -73.51 10.66
N THR B 476 -56.47 -73.93 10.74
CA THR B 476 -57.32 -74.04 9.56
C THR B 476 -57.28 -72.80 8.70
N LEU B 477 -57.30 -71.64 9.33
CA LEU B 477 -57.38 -70.38 8.59
C LEU B 477 -56.15 -70.12 7.74
N LEU B 478 -55.04 -70.73 8.09
CA LEU B 478 -53.83 -70.47 7.35
C LEU B 478 -53.82 -71.22 6.03
N GLU B 479 -54.82 -72.05 5.80
CA GLU B 479 -54.92 -72.78 4.55
C GLU B 479 -55.81 -72.08 3.54
N ASN B 480 -56.39 -70.93 3.89
CA ASN B 480 -57.28 -70.25 2.96
C ASN B 480 -57.42 -68.77 3.30
N ASP B 481 -56.76 -67.93 2.50
CA ASP B 481 -56.73 -66.49 2.74
C ASP B 481 -58.12 -65.84 2.73
N GLU B 482 -59.10 -66.46 2.09
CA GLU B 482 -60.45 -65.87 2.06
C GLU B 482 -61.11 -66.03 3.42
N GLU B 483 -60.83 -67.13 4.12
CA GLU B 483 -61.45 -67.38 5.41
C GLU B 483 -60.74 -66.52 6.42
N LEU B 484 -59.44 -66.39 6.23
CA LEU B 484 -58.63 -65.59 7.10
C LEU B 484 -59.09 -64.14 7.04
N THR B 485 -59.41 -63.66 5.83
CA THR B 485 -59.92 -62.29 5.66
C THR B 485 -61.22 -62.08 6.40
N LYS B 486 -62.17 -63.01 6.24
CA LYS B 486 -63.44 -62.88 6.91
C LYS B 486 -63.28 -62.88 8.43
N SER B 487 -62.36 -63.69 8.95
CA SER B 487 -62.10 -63.77 10.39
C SER B 487 -61.35 -62.57 10.96
N LEU B 488 -60.34 -62.04 10.26
CA LEU B 488 -59.53 -60.96 10.82
C LEU B 488 -60.04 -59.56 10.52
N ILE B 489 -60.57 -59.30 9.34
CA ILE B 489 -61.06 -57.99 9.01
C ILE B 489 -62.54 -57.94 9.24
N GLY B 490 -63.23 -58.92 8.67
CA GLY B 490 -64.64 -59.08 8.87
C GLY B 490 -65.46 -57.85 8.54
N LYS B 491 -66.29 -57.46 9.50
CA LYS B 491 -67.23 -56.39 9.28
C LYS B 491 -66.57 -55.07 8.94
N LEU B 492 -65.35 -54.85 9.43
CA LEU B 492 -64.71 -53.56 9.18
C LEU B 492 -64.77 -53.20 7.70
N ASP B 493 -64.94 -54.19 6.81
CA ASP B 493 -64.99 -53.97 5.38
C ASP B 493 -66.43 -53.67 4.93
N ASP B 494 -66.77 -52.39 4.79
CA ASP B 494 -68.13 -52.03 4.41
C ASP B 494 -68.22 -52.14 2.90
N THR B 495 -68.42 -53.37 2.43
CA THR B 495 -68.33 -53.68 1.01
C THR B 495 -69.39 -53.00 0.17
N ILE B 496 -70.62 -52.85 0.65
CA ILE B 496 -71.61 -52.28 -0.26
C ILE B 496 -71.30 -50.84 -0.60
N GLU B 497 -70.94 -50.03 0.38
CA GLU B 497 -70.66 -48.66 0.06
C GLU B 497 -69.37 -48.54 -0.74
N ARG B 498 -68.34 -49.29 -0.37
CA ARG B 498 -67.09 -49.16 -1.09
C ARG B 498 -67.19 -49.66 -2.53
N ARG B 499 -67.90 -50.76 -2.76
CA ARG B 499 -68.06 -51.27 -4.11
C ARG B 499 -68.80 -50.27 -4.97
N ASN B 500 -69.81 -49.61 -4.43
CA ASN B 500 -70.50 -48.62 -5.24
C ASN B 500 -69.59 -47.47 -5.61
N GLN B 501 -68.75 -47.00 -4.69
CA GLN B 501 -67.88 -45.90 -5.05
C GLN B 501 -66.94 -46.25 -6.20
N LEU B 502 -66.39 -47.47 -6.19
CA LEU B 502 -65.52 -47.88 -7.28
C LEU B 502 -66.26 -47.95 -8.61
N MET B 503 -67.46 -48.51 -8.58
CA MET B 503 -68.22 -48.64 -9.82
C MET B 503 -68.60 -47.30 -10.38
N ASP B 504 -68.98 -46.37 -9.51
CA ASP B 504 -69.40 -45.07 -9.99
C ASP B 504 -68.27 -44.35 -10.65
N HIS B 505 -67.06 -44.49 -10.10
CA HIS B 505 -65.91 -43.86 -10.72
C HIS B 505 -65.68 -44.41 -12.12
N LEU B 506 -65.69 -45.73 -12.26
CA LEU B 506 -65.43 -46.29 -13.58
C LEU B 506 -66.50 -45.87 -14.58
N ILE B 507 -67.75 -45.81 -14.15
CA ILE B 507 -68.83 -45.40 -15.04
C ILE B 507 -68.66 -43.95 -15.46
N ALA B 508 -68.28 -43.10 -14.52
CA ALA B 508 -68.06 -41.69 -14.79
C ALA B 508 -66.99 -41.47 -15.84
N ARG B 509 -66.00 -42.36 -15.94
CA ARG B 509 -64.95 -42.21 -16.94
C ARG B 509 -65.47 -42.21 -18.37
N PHE B 510 -66.67 -42.74 -18.59
CA PHE B 510 -67.28 -42.77 -19.90
C PHE B 510 -68.37 -41.72 -20.02
N ALA B 511 -68.44 -40.84 -19.02
CA ALA B 511 -69.43 -39.79 -18.90
C ALA B 511 -70.86 -40.30 -18.79
N GLU B 512 -71.07 -41.43 -18.11
CA GLU B 512 -72.40 -41.98 -17.94
C GLU B 512 -72.86 -41.74 -16.49
N ASN B 513 -74.11 -42.11 -16.15
CA ASN B 513 -74.61 -41.85 -14.78
C ASN B 513 -75.81 -42.73 -14.38
N PHE B 514 -75.64 -43.54 -13.32
CA PHE B 514 -76.65 -44.47 -12.81
C PHE B 514 -77.37 -44.03 -11.54
N SER B 515 -77.35 -42.75 -11.21
CA SER B 515 -77.96 -42.27 -9.98
C SER B 515 -79.43 -42.68 -9.77
N SER B 516 -80.22 -42.73 -10.82
CA SER B 516 -81.65 -43.00 -10.68
C SER B 516 -81.96 -44.41 -10.18
N TYR B 517 -81.02 -45.35 -10.26
CA TYR B 517 -81.29 -46.70 -9.78
C TYR B 517 -81.47 -46.71 -8.28
N ALA B 518 -80.91 -45.72 -7.63
CA ALA B 518 -80.98 -45.58 -6.20
C ALA B 518 -82.40 -45.55 -5.70
N PHE B 519 -83.34 -45.01 -6.47
CA PHE B 519 -84.69 -45.02 -5.97
C PHE B 519 -85.66 -45.74 -6.88
N LEU B 520 -85.36 -45.85 -8.16
CA LEU B 520 -86.33 -46.49 -9.03
C LEU B 520 -86.46 -47.96 -8.72
N MET B 521 -85.39 -48.57 -8.27
CA MET B 521 -85.41 -49.97 -7.96
C MET B 521 -86.19 -50.28 -6.71
N LYS B 522 -86.54 -49.26 -5.92
CA LYS B 522 -87.23 -49.50 -4.66
C LYS B 522 -88.71 -49.69 -4.90
N PHE B 523 -89.15 -49.53 -6.14
CA PHE B 523 -90.53 -49.77 -6.44
C PHE B 523 -90.68 -51.18 -6.92
N LEU B 524 -89.58 -51.90 -7.03
CA LEU B 524 -89.57 -53.27 -7.52
C LEU B 524 -89.09 -54.22 -6.45
N TYR B 525 -88.09 -53.81 -5.69
CA TYR B 525 -87.47 -54.68 -4.71
C TYR B 525 -87.29 -53.93 -3.41
N GLY B 526 -87.15 -54.67 -2.32
CA GLY B 526 -86.87 -54.09 -1.03
C GLY B 526 -85.37 -54.06 -0.78
N GLU B 527 -84.95 -54.63 0.33
CA GLU B 527 -83.55 -54.60 0.75
C GLU B 527 -82.60 -55.23 -0.28
N SER B 528 -83.13 -56.15 -1.09
CA SER B 528 -82.36 -56.88 -2.09
C SER B 528 -81.86 -55.97 -3.24
N THR B 529 -82.28 -54.71 -3.31
CA THR B 529 -81.79 -53.86 -4.39
C THR B 529 -80.28 -53.66 -4.32
N ASP B 530 -79.64 -53.70 -3.15
CA ASP B 530 -78.21 -53.39 -3.18
C ASP B 530 -77.41 -54.37 -4.02
N GLU B 531 -77.76 -55.64 -3.95
CA GLU B 531 -77.07 -56.65 -4.74
C GLU B 531 -77.42 -56.51 -6.20
N ILE B 532 -78.69 -56.26 -6.48
CA ILE B 532 -79.15 -56.18 -7.87
C ILE B 532 -78.48 -55.04 -8.58
N VAL B 533 -78.44 -53.88 -7.93
CA VAL B 533 -77.86 -52.71 -8.56
C VAL B 533 -76.39 -52.90 -8.85
N LEU B 534 -75.61 -53.46 -7.93
CA LEU B 534 -74.20 -53.65 -8.27
C LEU B 534 -74.03 -54.61 -9.45
N GLN B 535 -74.85 -55.65 -9.55
CA GLN B 535 -74.74 -56.54 -10.69
C GLN B 535 -75.02 -55.80 -12.00
N ASP B 536 -76.04 -54.95 -12.01
CA ASP B 536 -76.38 -54.22 -13.22
C ASP B 536 -75.29 -53.25 -13.63
N LYS B 537 -74.66 -52.58 -12.67
CA LYS B 537 -73.58 -51.65 -13.02
C LYS B 537 -72.41 -52.38 -13.67
N GLN B 538 -72.05 -53.57 -13.16
CA GLN B 538 -70.95 -54.29 -13.79
C GLN B 538 -71.30 -54.69 -15.21
N SER B 539 -72.53 -55.13 -15.43
CA SER B 539 -72.96 -55.54 -16.77
C SER B 539 -72.87 -54.38 -17.74
N PHE B 540 -73.27 -53.21 -17.29
CA PHE B 540 -73.21 -52.03 -18.13
C PHE B 540 -71.80 -51.77 -18.61
N LEU B 541 -70.81 -51.81 -17.72
CA LEU B 541 -69.45 -51.56 -18.20
C LEU B 541 -69.01 -52.61 -19.23
N ARG B 542 -69.33 -53.89 -19.00
CA ARG B 542 -68.90 -54.92 -19.95
C ARG B 542 -69.45 -54.73 -21.34
N GLU B 543 -70.70 -54.31 -21.42
CA GLU B 543 -71.40 -54.14 -22.68
C GLU B 543 -71.23 -52.76 -23.32
N TYR B 544 -70.44 -51.90 -22.71
CA TYR B 544 -70.35 -50.51 -23.13
C TYR B 544 -69.89 -50.29 -24.58
N LYS B 545 -68.95 -51.09 -25.09
CA LYS B 545 -68.44 -50.80 -26.43
C LYS B 545 -69.54 -50.68 -27.48
N GLU B 546 -70.47 -51.62 -27.49
CA GLU B 546 -71.59 -51.58 -28.41
C GLU B 546 -72.63 -50.53 -28.00
N ILE B 547 -72.91 -50.42 -26.71
CA ILE B 547 -73.97 -49.51 -26.25
C ILE B 547 -73.75 -48.09 -26.71
N SER B 548 -72.54 -47.57 -26.57
CA SER B 548 -72.27 -46.19 -26.96
C SER B 548 -72.09 -45.97 -28.44
N ARG B 549 -71.99 -47.03 -29.23
CA ARG B 549 -71.69 -46.87 -30.64
C ARG B 549 -72.92 -47.04 -31.50
N GLU B 550 -73.62 -48.14 -31.33
CA GLU B 550 -74.71 -48.46 -32.22
C GLU B 550 -76.01 -47.83 -31.75
N ARG B 551 -76.02 -46.51 -31.77
CA ARG B 551 -77.16 -45.75 -31.31
C ARG B 551 -78.20 -45.61 -32.40
N THR C 3 -45.25 -30.91 29.14
CA THR C 3 -45.26 -31.65 30.39
C THR C 3 -44.20 -32.71 30.39
N LEU C 4 -43.14 -32.43 29.68
CA LEU C 4 -42.00 -33.31 29.55
C LEU C 4 -40.90 -32.86 30.48
N ASN C 5 -39.94 -33.72 30.74
CA ASN C 5 -38.83 -33.31 31.57
C ASN C 5 -37.85 -32.47 30.78
N LYS C 6 -37.33 -31.44 31.42
CA LYS C 6 -36.32 -30.57 30.83
C LYS C 6 -34.94 -30.85 31.40
N HIS C 7 -33.93 -30.45 30.67
CA HIS C 7 -32.57 -30.58 31.15
C HIS C 7 -32.33 -29.53 32.23
N ILE C 8 -31.61 -29.90 33.28
CA ILE C 8 -31.35 -29.04 34.44
C ILE C 8 -29.90 -28.58 34.53
N SER C 9 -29.72 -27.28 34.73
CA SER C 9 -28.40 -26.69 34.88
C SER C 9 -28.40 -25.57 35.90
N ILE C 10 -27.20 -25.10 36.24
CA ILE C 10 -27.01 -24.03 37.22
C ILE C 10 -26.31 -22.81 36.60
N PRO C 11 -26.85 -21.62 36.86
CA PRO C 11 -26.32 -20.35 36.37
C PRO C 11 -24.91 -20.14 36.82
N LYS C 12 -24.13 -19.40 36.02
CA LYS C 12 -22.72 -19.12 36.32
C LYS C 12 -22.42 -17.71 36.85
N ASP C 13 -23.39 -16.79 36.82
CA ASP C 13 -23.16 -15.43 37.30
C ASP C 13 -23.61 -15.28 38.75
N MET C 14 -22.80 -15.80 39.66
CA MET C 14 -23.12 -15.77 41.08
C MET C 14 -22.82 -14.42 41.71
N SER C 15 -23.65 -13.44 41.39
CA SER C 15 -23.48 -12.07 41.89
C SER C 15 -24.83 -11.39 42.00
N SER C 16 -25.18 -10.94 43.20
CA SER C 16 -26.48 -10.29 43.37
C SER C 16 -26.40 -9.02 44.18
N LYS C 17 -25.33 -8.84 44.94
CA LYS C 17 -25.18 -7.69 45.82
C LYS C 17 -26.30 -7.58 46.85
N ASP C 18 -26.70 -8.71 47.43
CA ASP C 18 -27.73 -8.76 48.44
C ASP C 18 -27.37 -9.80 49.51
N ASP C 19 -28.34 -10.20 50.32
CA ASP C 19 -28.07 -11.10 51.43
C ASP C 19 -27.74 -12.54 51.04
N LEU C 20 -27.88 -12.91 49.77
CA LEU C 20 -27.53 -14.24 49.36
C LEU C 20 -26.12 -14.31 48.76
N ASP C 21 -25.45 -13.18 48.69
CA ASP C 21 -24.12 -13.05 48.10
C ASP C 21 -23.04 -12.99 49.18
N PHE C 22 -22.35 -14.11 49.40
CA PHE C 22 -21.37 -14.21 50.48
C PHE C 22 -20.27 -13.16 50.37
N HIS C 23 -19.69 -13.01 49.20
CA HIS C 23 -18.56 -12.12 49.06
C HIS C 23 -18.97 -10.69 49.27
N PHE C 24 -20.15 -10.33 48.80
CA PHE C 24 -20.67 -9.00 49.04
C PHE C 24 -20.79 -8.72 50.52
N LEU C 25 -21.39 -9.64 51.27
CA LEU C 25 -21.56 -9.44 52.70
C LEU C 25 -20.22 -9.30 53.41
N ARG C 26 -19.25 -10.11 53.03
CA ARG C 26 -17.95 -10.05 53.67
C ARG C 26 -17.30 -8.69 53.49
N GLU C 27 -17.36 -8.12 52.28
CA GLU C 27 -16.76 -6.80 52.05
C GLU C 27 -17.44 -5.72 52.86
N GLU C 28 -18.77 -5.76 52.96
CA GLU C 28 -19.48 -4.76 53.72
C GLU C 28 -19.11 -4.86 55.19
N GLY C 29 -18.95 -6.09 55.67
CA GLY C 29 -18.55 -6.31 57.05
C GLY C 29 -17.27 -5.59 57.36
N ILE C 30 -16.25 -5.78 56.52
CA ILE C 30 -14.97 -5.15 56.76
C ILE C 30 -15.06 -3.65 56.66
N ARG C 31 -15.82 -3.11 55.70
CA ARG C 31 -15.98 -1.67 55.61
C ARG C 31 -16.53 -1.09 56.91
N TYR C 32 -17.55 -1.74 57.48
CA TYR C 32 -18.12 -1.25 58.72
C TYR C 32 -17.11 -1.29 59.86
N ILE C 33 -16.30 -2.35 59.92
CA ILE C 33 -15.30 -2.48 60.97
C ILE C 33 -14.32 -1.35 60.92
N LYS C 34 -13.81 -1.00 59.75
CA LYS C 34 -12.85 0.10 59.69
C LYS C 34 -13.45 1.40 60.12
N GLU C 35 -14.66 1.68 59.70
CA GLU C 35 -15.30 2.94 60.04
C GLU C 35 -15.51 3.10 61.54
N LEU C 36 -15.85 2.02 62.22
CA LEU C 36 -16.12 2.08 63.65
C LEU C 36 -14.92 1.84 64.56
N GLY C 37 -14.03 0.91 64.24
CA GLY C 37 -12.98 0.56 65.19
C GLY C 37 -11.52 0.54 64.74
N SER C 38 -11.17 1.19 63.62
CA SER C 38 -9.79 1.14 63.13
C SER C 38 -8.73 1.71 64.07
N ASN C 39 -9.13 2.43 65.10
CA ASN C 39 -8.17 2.95 66.05
C ASN C 39 -7.53 1.83 66.83
N PHE C 40 -8.25 0.75 67.03
CA PHE C 40 -7.78 -0.34 67.88
C PHE C 40 -7.60 -1.64 67.13
N TRP C 41 -8.43 -1.91 66.14
CA TRP C 41 -8.37 -3.16 65.40
C TRP C 41 -7.97 -2.88 63.98
N THR C 42 -6.70 -3.17 63.65
CA THR C 42 -6.15 -2.90 62.32
C THR C 42 -5.69 -4.14 61.55
N ASP C 43 -5.50 -5.26 62.21
CA ASP C 43 -5.00 -6.47 61.58
C ASP C 43 -6.19 -7.23 61.01
N TYR C 44 -6.34 -7.27 59.68
CA TYR C 44 -7.49 -7.95 59.09
C TYR C 44 -7.08 -9.19 58.34
N ASN C 45 -5.98 -9.80 58.74
CA ASN C 45 -5.49 -11.02 58.13
C ASN C 45 -6.34 -12.22 58.52
N THR C 46 -6.23 -13.28 57.73
CA THR C 46 -7.09 -14.44 57.89
C THR C 46 -6.84 -15.28 59.15
N HIS C 47 -5.73 -15.10 59.86
CA HIS C 47 -5.56 -15.86 61.09
C HIS C 47 -6.28 -15.23 62.26
N ASP C 48 -6.83 -14.04 62.08
CA ASP C 48 -7.47 -13.26 63.13
C ASP C 48 -8.84 -13.83 63.54
N PRO C 49 -9.04 -14.18 64.82
CA PRO C 49 -10.32 -14.64 65.35
C PRO C 49 -11.48 -13.72 65.02
N GLY C 50 -11.23 -12.41 64.96
CA GLY C 50 -12.24 -11.44 64.63
C GLY C 50 -12.82 -11.69 63.26
N ILE C 51 -11.93 -11.76 62.28
CA ILE C 51 -12.31 -12.01 60.90
C ILE C 51 -12.97 -13.39 60.78
N THR C 52 -12.46 -14.38 61.49
CA THR C 52 -13.06 -15.71 61.45
C THR C 52 -14.53 -15.65 61.84
N MET C 53 -14.83 -14.95 62.94
CA MET C 53 -16.22 -14.82 63.38
C MET C 53 -17.09 -14.14 62.35
N LEU C 54 -16.58 -13.11 61.69
CA LEU C 54 -17.33 -12.42 60.65
C LEU C 54 -17.75 -13.36 59.54
N GLU C 55 -16.81 -14.17 59.06
CA GLU C 55 -17.13 -15.07 57.96
C GLU C 55 -18.19 -16.09 58.36
N VAL C 56 -18.15 -16.58 59.60
CA VAL C 56 -19.17 -17.52 60.06
C VAL C 56 -20.54 -16.87 60.06
N LEU C 57 -20.63 -15.64 60.54
CA LEU C 57 -21.90 -14.96 60.57
C LEU C 57 -22.43 -14.69 59.16
N CYS C 58 -21.56 -14.35 58.22
CA CYS C 58 -22.01 -14.10 56.85
C CYS C 58 -22.65 -15.34 56.25
N TYR C 59 -22.06 -16.50 56.53
CA TYR C 59 -22.57 -17.78 56.08
C TYR C 59 -23.97 -18.02 56.65
N ALA C 60 -24.15 -17.78 57.96
CA ALA C 60 -25.45 -17.94 58.61
C ALA C 60 -26.52 -17.02 58.01
N ILE C 61 -26.14 -15.80 57.62
CA ILE C 61 -27.10 -14.89 57.02
C ILE C 61 -27.62 -15.44 55.70
N SER C 62 -26.73 -15.96 54.86
CA SER C 62 -27.16 -16.52 53.59
C SER C 62 -28.21 -17.62 53.79
N ASP C 63 -28.01 -18.46 54.81
CA ASP C 63 -28.97 -19.52 55.12
C ASP C 63 -30.34 -18.96 55.45
N LEU C 64 -30.38 -17.90 56.25
CA LEU C 64 -31.67 -17.31 56.57
C LEU C 64 -32.34 -16.76 55.33
N GLY C 65 -31.60 -16.03 54.50
CA GLY C 65 -32.20 -15.46 53.31
C GLY C 65 -32.78 -16.53 52.40
N ASN C 66 -32.07 -17.64 52.28
CA ASN C 66 -32.53 -18.73 51.44
C ASN C 66 -33.86 -19.31 51.89
N ARG C 67 -34.15 -19.35 53.20
CA ARG C 67 -35.44 -19.90 53.60
C ARG C 67 -36.54 -18.91 53.42
N ILE C 68 -36.24 -17.63 53.56
CA ILE C 68 -37.26 -16.62 53.37
C ILE C 68 -37.84 -16.72 51.97
N ASN C 69 -37.01 -17.08 50.99
CA ASN C 69 -37.45 -17.24 49.60
C ASN C 69 -38.23 -18.52 49.27
N ILE C 70 -38.49 -19.40 50.23
CA ILE C 70 -39.30 -20.59 49.97
C ILE C 70 -40.70 -20.13 49.59
N PRO C 71 -41.31 -20.69 48.54
CA PRO C 71 -42.63 -20.28 48.07
C PRO C 71 -43.72 -20.46 49.12
N ILE C 72 -44.72 -19.58 49.01
CA ILE C 72 -45.85 -19.51 49.93
C ILE C 72 -46.58 -20.83 50.06
N GLU C 73 -46.66 -21.57 48.97
CA GLU C 73 -47.41 -22.82 49.00
C GLU C 73 -46.89 -23.73 50.09
N ASP C 74 -45.60 -23.64 50.39
CA ASP C 74 -45.02 -24.50 51.39
C ASP C 74 -44.97 -23.82 52.74
N LEU C 75 -44.68 -22.52 52.76
CA LEU C 75 -44.53 -21.85 54.04
C LEU C 75 -45.79 -21.84 54.87
N ILE C 76 -46.95 -21.80 54.23
CA ILE C 76 -48.18 -21.79 55.03
C ILE C 76 -48.96 -23.08 54.91
N ALA C 77 -48.32 -24.16 54.51
CA ALA C 77 -48.97 -25.44 54.40
C ALA C 77 -49.38 -26.02 55.76
N ASN C 78 -50.47 -26.78 55.76
CA ASN C 78 -50.88 -27.52 56.95
C ASN C 78 -50.30 -28.91 56.91
N GLU C 79 -50.17 -29.50 58.09
CA GLU C 79 -49.65 -30.84 58.23
C GLU C 79 -50.44 -31.88 57.46
N GLU C 80 -51.74 -31.68 57.41
CA GLU C 80 -52.68 -32.56 56.74
C GLU C 80 -53.05 -32.09 55.34
N GLY C 81 -52.40 -31.05 54.84
CA GLY C 81 -52.73 -30.48 53.55
C GLY C 81 -53.93 -29.53 53.65
N GLY C 82 -54.26 -28.88 52.54
CA GLY C 82 -55.38 -27.95 52.54
C GLY C 82 -55.02 -26.57 53.03
N VAL C 83 -56.00 -25.66 52.95
CA VAL C 83 -55.84 -24.26 53.33
C VAL C 83 -56.99 -23.80 54.21
N LYS C 84 -57.56 -24.71 54.99
CA LYS C 84 -58.75 -24.41 55.76
C LYS C 84 -58.72 -23.11 56.58
N GLY C 85 -57.66 -22.86 57.34
CA GLY C 85 -57.62 -21.66 58.16
C GLY C 85 -56.97 -20.47 57.51
N GLN C 86 -56.59 -20.59 56.25
CA GLN C 86 -55.88 -19.51 55.59
C GLN C 86 -56.72 -18.81 54.55
N PHE C 87 -57.44 -19.55 53.74
CA PHE C 87 -58.16 -18.91 52.66
C PHE C 87 -59.56 -19.44 52.52
N TYR C 88 -60.43 -18.61 51.96
CA TYR C 88 -61.73 -19.09 51.56
C TYR C 88 -61.61 -19.42 50.09
N LYS C 89 -62.19 -20.53 49.65
CA LYS C 89 -62.08 -20.98 48.26
C LYS C 89 -63.15 -20.36 47.36
N VAL C 90 -62.95 -20.43 46.03
CA VAL C 90 -63.92 -19.78 45.13
C VAL C 90 -65.32 -20.34 45.24
N GLN C 91 -65.44 -21.62 45.52
CA GLN C 91 -66.72 -22.30 45.67
C GLN C 91 -67.49 -21.76 46.86
N GLU C 92 -66.80 -21.12 47.77
CA GLU C 92 -67.35 -20.61 48.99
C GLU C 92 -67.48 -19.11 49.04
N ILE C 93 -66.52 -18.38 48.46
CA ILE C 93 -66.54 -16.93 48.58
C ILE C 93 -67.05 -16.17 47.35
N LEU C 94 -67.09 -16.77 46.17
CA LEU C 94 -67.62 -16.02 45.02
C LEU C 94 -69.14 -16.10 44.72
N PRO C 95 -69.83 -17.24 44.92
CA PRO C 95 -71.26 -17.40 44.62
C PRO C 95 -72.14 -16.47 45.44
N SER C 96 -73.31 -16.14 44.89
CA SER C 96 -74.24 -15.23 45.56
C SER C 96 -75.64 -15.83 45.70
N ALA C 97 -76.35 -15.44 46.76
CA ALA C 97 -77.69 -15.96 47.01
C ALA C 97 -78.52 -15.52 45.82
N PRO C 98 -79.59 -16.23 45.45
CA PRO C 98 -80.29 -15.75 44.25
C PRO C 98 -81.34 -14.68 44.54
N THR C 99 -81.16 -13.47 44.02
CA THR C 99 -82.11 -12.36 44.22
C THR C 99 -82.74 -11.78 42.94
N SER C 100 -82.23 -12.15 41.78
CA SER C 100 -82.73 -11.65 40.50
C SER C 100 -83.60 -12.68 39.79
N GLU C 101 -84.25 -12.23 38.71
CA GLU C 101 -85.16 -13.09 37.93
C GLU C 101 -84.37 -14.25 37.29
N LEU C 102 -83.17 -13.96 36.75
CA LEU C 102 -82.37 -14.99 36.11
C LEU C 102 -81.87 -15.98 37.13
N ASP C 103 -81.55 -15.50 38.33
CA ASP C 103 -81.10 -16.39 39.38
C ASP C 103 -82.20 -17.37 39.73
N LEU C 104 -83.44 -16.87 39.83
CA LEU C 104 -84.57 -17.75 40.15
C LEU C 104 -84.78 -18.77 39.06
N ARG C 105 -84.64 -18.37 37.81
CA ARG C 105 -84.81 -19.36 36.76
C ARG C 105 -83.75 -20.44 36.89
N LYS C 106 -82.49 -20.05 37.17
CA LYS C 106 -81.43 -21.04 37.35
C LYS C 106 -81.67 -21.90 38.58
N LEU C 107 -82.21 -21.31 39.63
CA LEU C 107 -82.50 -22.04 40.86
C LEU C 107 -83.48 -23.19 40.62
N PHE C 108 -84.59 -22.90 39.96
CA PHE C 108 -85.63 -23.90 39.79
C PHE C 108 -85.39 -24.86 38.63
N ILE C 109 -84.67 -24.42 37.60
CA ILE C 109 -84.43 -25.25 36.42
C ILE C 109 -83.59 -26.49 36.73
N ASP C 110 -82.97 -26.53 37.90
CA ASP C 110 -82.21 -27.68 38.34
C ASP C 110 -83.00 -28.72 39.12
N ILE C 111 -84.29 -28.55 39.24
CA ILE C 111 -85.09 -29.58 39.86
C ILE C 111 -85.30 -30.63 38.79
N GLU C 112 -84.97 -31.88 39.09
CA GLU C 112 -85.07 -32.91 38.07
C GLU C 112 -86.52 -33.00 37.57
N GLY C 113 -86.67 -33.11 36.26
CA GLY C 113 -87.97 -33.18 35.61
C GLY C 113 -88.43 -31.83 35.05
N ILE C 114 -87.76 -30.75 35.41
CA ILE C 114 -88.11 -29.43 34.90
C ILE C 114 -87.14 -29.00 33.81
N LYS C 115 -87.69 -28.60 32.66
CA LYS C 115 -86.87 -28.18 31.53
C LYS C 115 -86.69 -26.69 31.46
N ASN C 116 -87.71 -25.95 31.88
CA ASN C 116 -87.65 -24.51 31.85
C ASN C 116 -88.67 -23.91 32.82
N CYS C 117 -88.43 -22.66 33.21
CA CYS C 117 -89.32 -21.93 34.09
C CYS C 117 -89.38 -20.47 33.73
N TRP C 118 -90.54 -19.87 33.95
CA TRP C 118 -90.65 -18.45 33.76
C TRP C 118 -91.27 -17.84 35.01
N ILE C 119 -90.81 -16.67 35.39
CA ILE C 119 -91.28 -16.01 36.59
C ILE C 119 -92.13 -14.81 36.24
N LYS C 120 -93.37 -14.81 36.70
CA LYS C 120 -94.29 -13.72 36.43
C LYS C 120 -94.76 -13.14 37.74
N ARG C 121 -95.32 -11.93 37.66
CA ARG C 121 -95.77 -11.13 38.82
C ARG C 121 -97.28 -11.12 38.93
N GLU C 122 -97.81 -11.34 40.14
CA GLU C 122 -99.24 -11.25 40.37
C GLU C 122 -99.68 -9.82 40.60
N ARG C 123 -100.89 -9.52 40.13
CA ARG C 123 -101.50 -8.19 40.35
C ARG C 123 -102.79 -8.40 41.13
N VAL C 124 -102.69 -8.37 42.46
CA VAL C 124 -103.84 -8.51 43.31
C VAL C 124 -104.40 -7.12 43.48
N THR C 125 -105.70 -6.96 43.29
CA THR C 125 -106.28 -5.63 43.39
C THR C 125 -107.11 -5.44 44.63
N VAL C 126 -106.92 -4.27 45.22
CA VAL C 126 -107.65 -3.83 46.38
C VAL C 126 -108.40 -2.56 46.06
N PHE C 127 -109.66 -2.52 46.39
CA PHE C 127 -110.51 -1.40 46.09
C PHE C 127 -110.79 -0.61 47.35
N ALA C 128 -111.00 0.68 47.21
CA ALA C 128 -111.30 1.42 48.41
C ALA C 128 -112.33 2.52 48.26
N ASP C 129 -112.98 2.74 49.42
CA ASP C 129 -113.98 3.75 49.73
C ASP C 129 -113.24 4.96 50.31
N LEU C 130 -113.28 6.09 49.61
CA LEU C 130 -112.57 7.27 50.09
C LEU C 130 -113.48 8.18 50.90
N LYS C 131 -114.74 7.79 51.05
CA LYS C 131 -115.71 8.56 51.81
C LYS C 131 -115.54 8.12 53.24
N ASN C 132 -115.52 6.81 53.39
CA ASN C 132 -115.33 6.12 54.65
C ASN C 132 -114.10 5.30 54.39
N GLN C 133 -113.01 5.62 55.02
CA GLN C 133 -111.83 4.88 54.64
C GLN C 133 -112.13 3.47 55.00
N LYS C 134 -112.22 2.66 53.94
CA LYS C 134 -112.38 1.22 54.05
C LYS C 134 -111.89 0.55 52.77
N LEU C 135 -111.28 -0.63 52.92
CA LEU C 135 -110.77 -1.35 51.75
C LEU C 135 -111.15 -2.83 51.72
N SER C 136 -111.36 -3.35 50.51
CA SER C 136 -111.75 -4.74 50.27
C SER C 136 -111.34 -5.23 48.87
N TYR C 137 -111.37 -6.55 48.67
CA TYR C 137 -110.98 -7.13 47.38
C TYR C 137 -112.17 -7.13 46.44
N GLU C 138 -113.31 -6.70 46.95
CA GLU C 138 -114.56 -6.64 46.21
C GLU C 138 -114.87 -5.21 45.78
N LYS C 139 -115.54 -5.06 44.64
CA LYS C 139 -115.96 -3.71 44.19
C LYS C 139 -117.24 -3.29 44.88
N THR C 140 -117.72 -4.13 45.79
CA THR C 140 -118.90 -3.90 46.58
C THR C 140 -118.56 -2.80 47.60
N ILE C 141 -117.27 -2.58 47.81
CA ILE C 141 -116.76 -1.54 48.68
C ILE C 141 -117.17 -0.18 48.16
N TRP C 142 -117.54 -0.08 46.88
CA TRP C 142 -117.95 1.15 46.24
C TRP C 142 -119.44 1.40 46.20
N GLU C 143 -120.26 0.51 46.73
CA GLU C 143 -121.68 0.76 46.66
C GLU C 143 -122.07 2.07 47.31
N ASP C 144 -122.92 2.82 46.61
CA ASP C 144 -123.48 4.10 47.02
C ASP C 144 -122.47 5.26 47.07
N LEU C 145 -121.30 5.12 46.43
CA LEU C 145 -120.34 6.22 46.40
C LEU C 145 -120.39 7.01 45.11
N LYS C 146 -119.87 8.23 45.18
CA LYS C 146 -119.78 9.10 44.02
C LYS C 146 -118.54 8.70 43.22
N GLU C 147 -118.48 9.14 41.97
CA GLU C 147 -117.35 8.79 41.11
C GLU C 147 -115.98 9.27 41.59
N ASN C 148 -115.92 10.31 42.41
CA ASN C 148 -114.65 10.81 42.89
C ASN C 148 -114.30 10.31 44.28
N GLN C 149 -114.99 9.29 44.76
CA GLN C 149 -114.75 8.71 46.06
C GLN C 149 -114.21 7.29 45.92
N LYS C 150 -113.72 6.95 44.73
CA LYS C 150 -113.26 5.60 44.46
C LYS C 150 -111.75 5.52 44.21
N ALA C 151 -111.13 4.43 44.71
CA ALA C 151 -109.70 4.19 44.48
C ALA C 151 -109.38 2.70 44.34
N GLN C 152 -108.25 2.42 43.72
CA GLN C 152 -107.72 1.07 43.54
C GLN C 152 -106.22 1.03 43.71
N PHE C 153 -105.69 0.04 44.43
CA PHE C 153 -104.24 -0.08 44.44
C PHE C 153 -103.91 -1.54 44.15
N ASP C 154 -102.75 -1.75 43.52
CA ASP C 154 -102.31 -3.09 43.14
C ASP C 154 -101.19 -3.50 44.06
N LEU C 155 -101.06 -4.79 44.32
CA LEU C 155 -99.98 -5.22 45.21
C LEU C 155 -98.63 -5.33 44.46
N LYS C 156 -97.53 -5.05 45.18
CA LYS C 156 -96.18 -4.91 44.56
C LYS C 156 -95.17 -6.07 44.68
N GLY C 157 -95.33 -7.08 45.54
CA GLY C 157 -94.27 -8.12 45.60
C GLY C 157 -94.68 -9.59 45.51
N LEU C 158 -95.67 -9.94 44.70
CA LEU C 158 -96.11 -11.33 44.67
C LEU C 158 -95.79 -12.08 43.37
N TYR C 159 -95.45 -13.38 43.49
CA TYR C 159 -95.06 -14.23 42.34
C TYR C 159 -95.99 -15.40 41.94
N ARG C 160 -95.87 -15.72 40.65
CA ARG C 160 -96.44 -16.90 39.99
C ARG C 160 -95.36 -17.61 39.18
N ILE C 161 -95.23 -18.92 39.35
CA ILE C 161 -94.19 -19.66 38.62
C ILE C 161 -94.77 -20.59 37.56
N LEU C 162 -94.32 -20.39 36.32
CA LEU C 162 -94.76 -21.19 35.19
C LEU C 162 -93.73 -22.26 34.89
N VAL C 163 -94.14 -23.52 34.94
CA VAL C 163 -93.21 -24.63 34.80
C VAL C 163 -93.41 -25.50 33.54
N GLU C 164 -92.32 -25.75 32.82
CA GLU C 164 -92.32 -26.67 31.69
C GLU C 164 -91.60 -27.95 32.10
N THR C 165 -92.30 -29.07 32.06
CA THR C 165 -91.73 -30.36 32.47
C THR C 165 -91.52 -31.35 31.34
N GLU C 166 -90.68 -32.34 31.65
CA GLU C 166 -90.34 -33.46 30.74
C GLU C 166 -91.47 -34.44 30.49
N ASP C 167 -92.32 -34.62 31.50
CA ASP C 167 -93.41 -35.60 31.55
C ASP C 167 -94.46 -35.52 30.45
N ALA C 168 -94.77 -34.30 29.99
CA ALA C 168 -95.83 -34.05 29.00
C ALA C 168 -97.19 -34.53 29.49
N ASP C 169 -97.46 -34.34 30.78
CA ASP C 169 -98.72 -34.69 31.42
C ASP C 169 -99.59 -33.43 31.38
N LYS C 170 -100.79 -33.51 31.95
CA LYS C 170 -101.69 -32.35 31.99
C LYS C 170 -101.41 -31.41 33.16
N VAL C 171 -100.88 -31.96 34.28
CA VAL C 171 -100.67 -31.19 35.50
C VAL C 171 -99.25 -31.44 36.03
N LEU C 172 -98.83 -30.63 37.00
CA LEU C 172 -97.55 -30.88 37.64
C LEU C 172 -97.73 -31.94 38.71
N SER C 173 -96.73 -32.80 38.87
CA SER C 173 -96.74 -33.72 40.00
C SER C 173 -96.70 -32.93 41.27
N GLU C 174 -97.39 -33.41 42.31
CA GLU C 174 -97.33 -32.67 43.56
C GLU C 174 -95.91 -32.62 44.13
N SER C 175 -95.04 -33.55 43.72
CA SER C 175 -93.68 -33.53 44.20
C SER C 175 -92.89 -32.36 43.62
N LEU C 176 -93.34 -31.82 42.48
CA LEU C 176 -92.67 -30.70 41.89
C LEU C 176 -93.16 -29.47 42.58
N GLU C 177 -94.47 -29.41 42.83
CA GLU C 177 -94.96 -28.25 43.54
C GLU C 177 -94.30 -28.10 44.89
N LYS C 178 -94.09 -29.21 45.57
CA LYS C 178 -93.42 -29.12 46.85
C LYS C 178 -91.97 -28.63 46.66
N ALA C 179 -91.27 -29.15 45.66
CA ALA C 179 -89.89 -28.74 45.42
C ALA C 179 -89.77 -27.25 45.11
N VAL C 180 -90.69 -26.71 44.30
CA VAL C 180 -90.62 -25.30 43.95
C VAL C 180 -90.94 -24.44 45.14
N PHE C 181 -92.01 -24.75 45.87
CA PHE C 181 -92.34 -23.94 47.04
C PHE C 181 -91.25 -24.01 48.08
N THR C 182 -90.67 -25.19 48.29
CA THR C 182 -89.61 -25.35 49.26
C THR C 182 -88.42 -24.47 48.95
N LYS C 183 -87.94 -24.52 47.69
CA LYS C 183 -86.78 -23.72 47.36
C LYS C 183 -87.09 -22.24 47.41
N PHE C 184 -88.28 -21.84 46.96
CA PHE C 184 -88.60 -20.42 47.00
C PHE C 184 -88.52 -19.90 48.41
N HIS C 185 -89.20 -20.56 49.33
CA HIS C 185 -89.25 -20.02 50.67
C HIS C 185 -87.92 -20.08 51.36
N ALA C 186 -87.15 -21.13 51.11
CA ALA C 186 -85.82 -21.26 51.69
C ALA C 186 -84.91 -20.13 51.25
N ASN C 187 -85.08 -19.65 50.03
CA ASN C 187 -84.23 -18.61 49.48
C ASN C 187 -85.05 -17.43 48.95
N ARG C 188 -85.50 -16.53 49.82
CA ARG C 188 -86.36 -15.45 49.32
C ARG C 188 -85.88 -14.08 49.76
N ASN C 189 -86.34 -13.08 49.02
CA ASN C 189 -86.02 -11.70 49.29
C ASN C 189 -86.94 -11.14 50.36
N LEU C 190 -86.50 -10.08 51.01
CA LEU C 190 -87.31 -9.38 52.00
C LEU C 190 -88.50 -8.70 51.32
N CYS C 191 -89.69 -8.86 51.90
CA CYS C 191 -90.97 -8.28 51.44
C CYS C 191 -91.49 -8.80 50.10
N GLU C 192 -91.31 -10.09 49.84
CA GLU C 192 -91.79 -10.74 48.63
C GLU C 192 -92.37 -12.13 48.97
N ASP C 193 -93.35 -12.61 48.17
CA ASP C 193 -93.94 -13.91 48.43
C ASP C 193 -94.45 -14.62 47.16
N LEU C 194 -94.59 -15.94 47.28
CA LEU C 194 -95.06 -16.82 46.21
C LEU C 194 -96.49 -17.29 46.41
N ILE C 195 -97.33 -17.04 45.42
CA ILE C 195 -98.73 -17.39 45.49
C ILE C 195 -99.02 -18.72 44.82
N LYS C 196 -98.57 -18.89 43.57
CA LYS C 196 -98.93 -20.10 42.84
C LYS C 196 -97.83 -20.63 41.93
N VAL C 197 -97.75 -21.96 41.87
CA VAL C 197 -96.87 -22.70 40.97
C VAL C 197 -97.77 -23.54 40.07
N GLU C 198 -97.61 -23.40 38.76
CA GLU C 198 -98.47 -24.11 37.81
C GLU C 198 -97.77 -24.44 36.50
N LYS C 199 -98.34 -25.37 35.76
CA LYS C 199 -97.80 -25.77 34.46
C LYS C 199 -98.15 -24.75 33.38
N VAL C 200 -97.18 -24.43 32.51
CA VAL C 200 -97.37 -23.45 31.44
C VAL C 200 -98.42 -23.88 30.39
N ALA C 201 -99.28 -22.93 30.00
CA ALA C 201 -100.31 -23.11 28.97
C ALA C 201 -99.71 -23.09 27.57
N THR C 202 -100.38 -23.72 26.60
CA THR C 202 -99.86 -23.74 25.23
C THR C 202 -100.84 -23.30 24.14
N GLU C 203 -100.27 -23.03 22.96
CA GLU C 203 -101.00 -22.67 21.72
C GLU C 203 -100.55 -23.55 20.56
N PRO C 204 -101.43 -24.35 19.92
CA PRO C 204 -101.08 -25.26 18.81
C PRO C 204 -100.95 -24.58 17.44
N ILE C 205 -99.88 -24.92 16.72
CA ILE C 205 -99.61 -24.39 15.37
C ILE C 205 -99.43 -25.51 14.34
N SER C 206 -100.06 -25.36 13.18
CA SER C 206 -99.91 -26.29 12.09
C SER C 206 -98.90 -25.85 11.06
N VAL C 207 -98.14 -26.82 10.52
CA VAL C 207 -97.22 -26.56 9.43
C VAL C 207 -97.46 -27.65 8.38
N CYS C 208 -97.69 -27.25 7.13
CA CYS C 208 -97.89 -28.20 6.03
C CYS C 208 -97.00 -27.85 4.85
N ALA C 209 -96.36 -28.86 4.23
CA ALA C 209 -95.47 -28.56 3.09
C ALA C 209 -95.21 -29.72 2.11
N ASN C 210 -94.77 -29.32 0.89
CA ASN C 210 -94.29 -30.22 -0.17
C ASN C 210 -92.81 -29.92 -0.39
N VAL C 211 -91.96 -30.91 -0.11
CA VAL C 211 -90.52 -30.71 -0.17
C VAL C 211 -89.81 -31.70 -1.10
N GLU C 212 -89.05 -31.16 -2.05
CA GLU C 212 -88.28 -31.99 -2.97
C GLU C 212 -86.88 -32.16 -2.43
N VAL C 213 -86.39 -33.40 -2.46
CA VAL C 213 -85.08 -33.74 -1.96
C VAL C 213 -84.23 -34.35 -3.06
N ALA C 214 -82.93 -34.42 -2.79
CA ALA C 214 -81.97 -35.00 -3.70
C ALA C 214 -82.32 -36.46 -3.99
N PRO C 215 -82.06 -36.94 -5.22
CA PRO C 215 -82.32 -38.33 -5.66
C PRO C 215 -81.57 -39.37 -4.86
N GLU C 216 -80.51 -38.96 -4.18
CA GLU C 216 -79.67 -39.80 -3.36
C GLU C 216 -79.66 -39.23 -1.96
N ALA C 217 -80.73 -39.45 -1.23
CA ALA C 217 -80.91 -38.89 0.09
C ALA C 217 -81.73 -39.84 0.94
N ASP C 218 -81.42 -39.83 2.23
CA ASP C 218 -82.13 -40.62 3.24
C ASP C 218 -83.28 -39.78 3.79
N GLU C 219 -84.47 -40.05 3.27
CA GLU C 219 -85.68 -39.31 3.65
C GLU C 219 -86.10 -39.49 5.10
N GLU C 220 -85.96 -40.67 5.67
CA GLU C 220 -86.39 -40.83 7.04
C GLU C 220 -85.54 -39.95 7.94
N LEU C 221 -84.24 -39.87 7.64
CA LEU C 221 -83.37 -39.02 8.41
C LEU C 221 -83.68 -37.55 8.20
N ILE C 222 -83.95 -37.15 6.95
CA ILE C 222 -84.29 -35.75 6.70
C ILE C 222 -85.52 -35.38 7.48
N HIS C 223 -86.53 -36.24 7.48
CA HIS C 223 -87.74 -35.90 8.21
C HIS C 223 -87.45 -35.75 9.69
N ALA C 224 -86.69 -36.67 10.29
CA ALA C 224 -86.39 -36.55 11.71
C ALA C 224 -85.67 -35.24 12.03
N GLN C 225 -84.74 -34.84 11.15
CA GLN C 225 -83.99 -33.61 11.36
C GLN C 225 -84.84 -32.35 11.21
N ILE C 226 -85.71 -32.29 10.20
CA ILE C 226 -86.55 -31.10 10.03
C ILE C 226 -87.44 -30.95 11.22
N LEU C 227 -88.06 -32.05 11.60
CA LEU C 227 -89.00 -32.08 12.68
C LEU C 227 -88.38 -31.59 13.99
N ILE C 228 -87.18 -32.07 14.32
CA ILE C 228 -86.54 -31.58 15.55
C ILE C 228 -86.23 -30.10 15.46
N ALA C 229 -85.67 -29.65 14.35
CA ALA C 229 -85.30 -28.25 14.23
C ALA C 229 -86.49 -27.30 14.40
N ILE C 230 -87.66 -27.65 13.86
CA ILE C 230 -88.81 -26.77 14.04
C ILE C 230 -89.23 -26.74 15.49
N GLU C 231 -89.25 -27.90 16.14
CA GLU C 231 -89.64 -27.91 17.54
C GLU C 231 -88.70 -27.05 18.38
N ASP C 232 -87.39 -27.10 18.10
CA ASP C 232 -86.44 -26.29 18.87
C ASP C 232 -86.65 -24.79 18.64
N TYR C 233 -86.99 -24.40 17.42
CA TYR C 233 -87.30 -22.99 17.13
C TYR C 233 -88.44 -22.51 18.00
N LEU C 234 -89.53 -23.26 18.03
CA LEU C 234 -90.69 -22.83 18.77
C LEU C 234 -90.46 -22.74 20.28
N ALA C 235 -89.70 -23.67 20.85
CA ALA C 235 -89.51 -23.68 22.31
C ALA C 235 -88.14 -24.16 22.78
N PRO C 236 -87.09 -23.32 22.62
CA PRO C 236 -85.69 -23.62 22.99
C PRO C 236 -85.53 -23.85 24.48
N SER C 237 -84.49 -24.58 24.87
CA SER C 237 -84.17 -24.80 26.28
C SER C 237 -82.64 -24.80 26.44
N PRO C 238 -82.12 -24.40 27.62
CA PRO C 238 -80.68 -24.35 27.94
C PRO C 238 -80.09 -25.71 28.24
N ARG C 239 -78.75 -25.80 28.16
CA ARG C 239 -78.06 -27.04 28.52
C ARG C 239 -76.97 -26.79 29.56
N HIS C 240 -76.60 -27.85 30.28
CA HIS C 240 -75.58 -27.75 31.29
C HIS C 240 -74.18 -27.96 30.74
N TYR C 241 -73.23 -27.24 31.31
CA TYR C 241 -71.83 -27.34 30.88
C TYR C 241 -70.86 -27.69 32.00
N SER C 242 -69.76 -28.32 31.63
CA SER C 242 -68.68 -28.61 32.53
C SER C 242 -67.88 -27.34 32.78
N LEU C 243 -67.04 -27.32 33.81
CA LEU C 243 -66.22 -26.14 34.02
C LEU C 243 -65.26 -25.96 32.87
N LYS C 244 -64.64 -27.04 32.41
CA LYS C 244 -63.73 -26.95 31.27
C LYS C 244 -64.41 -26.30 30.08
N GLN C 245 -65.66 -26.67 29.80
CA GLN C 245 -66.39 -26.05 28.69
C GLN C 245 -66.64 -24.56 28.89
N MET C 246 -67.01 -24.14 30.11
CA MET C 246 -67.22 -22.71 30.36
C MET C 246 -65.95 -21.92 30.09
N VAL C 247 -64.82 -22.52 30.46
CA VAL C 247 -63.53 -21.91 30.21
C VAL C 247 -63.25 -21.83 28.72
N ASP C 248 -63.50 -22.90 27.96
CA ASP C 248 -63.26 -22.89 26.51
C ASP C 248 -64.09 -21.82 25.81
N LYS C 249 -65.30 -21.57 26.32
CA LYS C 249 -66.18 -20.53 25.77
C LYS C 249 -65.63 -19.13 25.96
N GLY C 250 -64.63 -18.94 26.80
CA GLY C 250 -64.04 -17.63 27.02
C GLY C 250 -64.51 -16.92 28.27
N TYR C 251 -65.15 -17.61 29.20
CA TYR C 251 -65.58 -16.94 30.41
C TYR C 251 -64.49 -16.98 31.46
N THR C 252 -64.46 -16.00 32.35
CA THR C 252 -63.49 -16.05 33.44
C THR C 252 -64.14 -16.42 34.77
N MET C 253 -63.31 -16.54 35.80
CA MET C 253 -63.78 -16.99 37.10
C MET C 253 -64.83 -16.12 37.72
N ASP C 254 -64.68 -14.82 37.62
CA ASP C 254 -65.64 -13.89 38.18
C ASP C 254 -67.02 -14.10 37.59
N GLU C 255 -67.07 -14.50 36.33
CA GLU C 255 -68.32 -14.62 35.62
C GLU C 255 -68.92 -16.00 35.79
N ILE C 256 -68.07 -17.02 35.77
CA ILE C 256 -68.56 -18.39 35.86
C ILE C 256 -69.27 -18.60 37.18
N PHE C 257 -68.73 -18.03 38.25
CA PHE C 257 -69.29 -18.15 39.59
C PHE C 257 -70.13 -16.93 40.02
N GLU C 258 -70.60 -16.11 39.08
CA GLU C 258 -71.39 -14.91 39.41
C GLU C 258 -72.71 -15.15 40.17
N GLY C 259 -73.45 -16.18 39.81
CA GLY C 259 -74.75 -16.40 40.43
C GLY C 259 -74.71 -17.48 41.51
N PRO C 260 -75.85 -18.11 41.79
CA PRO C 260 -75.97 -19.20 42.75
C PRO C 260 -75.10 -20.36 42.27
N PHE C 261 -74.55 -21.12 43.19
CA PHE C 261 -73.79 -22.29 42.75
C PHE C 261 -74.79 -23.37 42.36
N LEU C 262 -74.56 -24.03 41.23
CA LEU C 262 -75.48 -25.07 40.79
C LEU C 262 -74.81 -26.45 40.77
N GLU C 263 -75.40 -27.41 41.48
CA GLU C 263 -74.88 -28.77 41.60
C GLU C 263 -74.84 -29.57 40.31
N ASN C 264 -75.63 -29.20 39.32
CA ASN C 264 -75.74 -29.99 38.11
C ASN C 264 -74.91 -29.51 36.93
N GLY C 265 -74.03 -28.55 37.12
CA GLY C 265 -73.31 -28.03 35.98
C GLY C 265 -73.62 -26.57 35.81
N PHE C 266 -72.91 -25.93 34.91
CA PHE C 266 -73.08 -24.50 34.75
C PHE C 266 -74.12 -24.20 33.70
N ILE C 267 -74.88 -23.12 33.90
CA ILE C 267 -75.88 -22.67 32.92
C ILE C 267 -75.44 -21.33 32.37
N ASP C 268 -75.43 -21.24 31.05
CA ASP C 268 -75.01 -20.04 30.34
C ASP C 268 -76.16 -19.03 30.30
N THR C 269 -75.87 -17.83 30.80
CA THR C 269 -76.86 -16.76 30.91
C THR C 269 -77.44 -16.39 29.54
N VAL C 270 -76.62 -16.41 28.49
CA VAL C 270 -77.14 -16.05 27.17
C VAL C 270 -78.23 -17.00 26.73
N GLU C 271 -77.98 -18.30 26.88
CA GLU C 271 -79.00 -19.26 26.49
C GLU C 271 -80.25 -19.07 27.33
N LEU C 272 -80.07 -18.78 28.61
CA LEU C 272 -81.20 -18.63 29.49
C LEU C 272 -82.06 -17.45 29.07
N LYS C 273 -81.43 -16.32 28.72
CA LYS C 273 -82.18 -15.15 28.27
C LYS C 273 -82.90 -15.44 26.96
N ALA C 274 -82.24 -16.15 26.05
CA ALA C 274 -82.83 -16.47 24.77
C ALA C 274 -84.09 -17.32 24.89
N SER C 275 -84.11 -18.29 25.80
CA SER C 275 -85.25 -19.20 25.97
C SER C 275 -86.45 -18.63 26.74
N GLU C 276 -86.97 -17.52 26.23
CA GLU C 276 -88.12 -16.81 26.75
C GLU C 276 -89.35 -17.25 25.96
N LEU C 277 -90.54 -17.10 26.52
CA LEU C 277 -91.71 -17.49 25.75
C LEU C 277 -91.81 -16.63 24.48
N ARG C 278 -91.96 -17.31 23.35
CA ARG C 278 -92.06 -16.69 22.03
C ARG C 278 -93.38 -15.98 21.80
N LYS C 279 -93.33 -14.80 21.20
CA LYS C 279 -94.54 -14.05 20.88
C LYS C 279 -95.01 -14.20 19.43
N GLU C 280 -94.07 -14.44 18.52
CA GLU C 280 -94.40 -14.53 17.10
C GLU C 280 -93.68 -15.65 16.36
N VAL C 281 -94.43 -16.31 15.47
CA VAL C 281 -93.98 -17.37 14.57
C VAL C 281 -94.17 -16.98 13.12
N ARG C 282 -93.13 -17.17 12.30
CA ARG C 282 -93.30 -16.76 10.89
C ARG C 282 -92.70 -17.68 9.83
N LEU C 283 -93.28 -17.64 8.62
CA LEU C 283 -92.77 -18.45 7.52
C LEU C 283 -91.35 -18.15 7.13
N SER C 284 -90.92 -16.90 7.19
CA SER C 284 -89.55 -16.63 6.79
C SER C 284 -88.51 -17.35 7.64
N ASP C 285 -88.87 -17.80 8.83
CA ASP C 285 -87.90 -18.54 9.63
C ASP C 285 -88.07 -20.03 9.37
N ILE C 286 -89.32 -20.49 9.25
CA ILE C 286 -89.58 -21.92 9.06
C ILE C 286 -89.00 -22.38 7.75
N ILE C 287 -89.11 -21.57 6.70
CA ILE C 287 -88.57 -21.94 5.41
C ILE C 287 -87.07 -22.09 5.49
N ASN C 288 -86.41 -21.17 6.15
CA ASN C 288 -84.97 -21.24 6.29
C ASN C 288 -84.55 -22.52 7.03
N ILE C 289 -85.35 -22.95 8.01
CA ILE C 289 -85.03 -24.17 8.74
C ILE C 289 -85.06 -25.36 7.81
N ILE C 290 -86.09 -25.46 6.97
CA ILE C 290 -86.21 -26.56 6.03
C ILE C 290 -85.13 -26.50 4.94
N MET C 291 -84.92 -25.32 4.33
CA MET C 291 -83.95 -25.21 3.24
C MET C 291 -82.52 -25.54 3.65
N SER C 292 -82.17 -25.33 4.91
CA SER C 292 -80.86 -25.64 5.43
C SER C 292 -80.58 -27.10 5.74
N ILE C 293 -81.58 -27.97 5.63
CA ILE C 293 -81.33 -29.37 5.94
C ILE C 293 -80.70 -30.05 4.73
N ASP C 294 -79.58 -30.71 4.96
CA ASP C 294 -78.84 -31.35 3.88
C ASP C 294 -79.70 -32.37 3.13
N GLY C 295 -79.78 -32.17 1.82
CA GLY C 295 -80.58 -33.00 0.93
C GLY C 295 -81.83 -32.29 0.43
N VAL C 296 -82.23 -31.20 1.07
CA VAL C 296 -83.42 -30.48 0.61
C VAL C 296 -83.05 -29.57 -0.55
N LYS C 297 -83.83 -29.66 -1.63
CA LYS C 297 -83.58 -28.81 -2.78
C LYS C 297 -84.62 -27.73 -2.95
N ILE C 298 -85.91 -28.08 -2.89
CA ILE C 298 -86.94 -27.10 -3.16
C ILE C 298 -88.14 -27.26 -2.21
N VAL C 299 -88.60 -26.17 -1.62
CA VAL C 299 -89.86 -26.25 -0.91
C VAL C 299 -90.86 -25.73 -1.90
N LYS C 300 -91.75 -26.61 -2.37
CA LYS C 300 -92.65 -26.26 -3.44
C LYS C 300 -93.93 -25.66 -2.88
N GLU C 301 -94.27 -26.08 -1.67
CA GLU C 301 -95.48 -25.58 -1.04
C GLU C 301 -95.24 -25.52 0.45
N ILE C 302 -95.68 -24.44 1.07
CA ILE C 302 -95.59 -24.36 2.51
C ILE C 302 -96.61 -23.37 3.05
N THR C 303 -97.18 -23.73 4.19
CA THR C 303 -98.10 -22.81 4.83
C THR C 303 -98.17 -23.05 6.35
N LEU C 304 -98.48 -21.97 7.07
CA LEU C 304 -98.71 -21.97 8.50
C LEU C 304 -100.15 -21.71 8.81
N GLY C 305 -100.57 -22.16 9.96
CA GLY C 305 -101.85 -21.70 10.39
C GLY C 305 -102.19 -22.10 11.79
N ASN C 306 -103.04 -21.30 12.42
CA ASN C 306 -103.48 -21.64 13.75
C ASN C 306 -104.14 -22.98 13.65
N CYS C 307 -103.78 -23.93 14.49
CA CYS C 307 -104.45 -25.19 14.33
C CYS C 307 -105.87 -25.04 14.77
N ASP C 308 -106.80 -25.38 13.90
CA ASP C 308 -108.19 -25.23 14.30
C ASP C 308 -109.04 -26.22 13.49
N GLU C 309 -110.33 -26.27 13.80
CA GLU C 309 -111.29 -27.15 13.13
C GLU C 309 -111.91 -26.38 11.97
N ASN C 310 -112.45 -27.10 10.98
CA ASN C 310 -113.05 -26.45 9.82
C ASN C 310 -111.99 -25.60 9.13
N ASP C 311 -110.79 -26.17 9.02
CA ASP C 311 -109.65 -25.47 8.44
C ASP C 311 -109.80 -25.52 6.93
N GLY C 312 -110.68 -24.65 6.44
CA GLY C 312 -111.02 -24.50 5.04
C GLY C 312 -110.16 -23.43 4.38
N ILE C 313 -110.76 -22.63 3.51
CA ILE C 313 -109.99 -21.61 2.83
C ILE C 313 -109.75 -20.46 3.79
N GLU C 314 -108.49 -20.07 3.95
CA GLU C 314 -108.03 -19.05 4.87
C GLU C 314 -106.73 -18.41 4.40
N ASN C 315 -106.48 -17.20 4.90
CA ASN C 315 -105.27 -16.42 4.71
C ASN C 315 -103.98 -17.15 5.01
N ASN C 316 -102.92 -16.71 4.33
CA ASN C 316 -101.58 -17.26 4.49
C ASN C 316 -101.01 -17.16 5.90
N GLN C 317 -101.42 -16.19 6.70
CA GLN C 317 -100.91 -16.10 8.07
C GLN C 317 -99.38 -16.12 8.09
N TRP C 318 -98.78 -15.17 7.37
CA TRP C 318 -97.34 -15.08 7.25
C TRP C 318 -96.66 -14.90 8.60
N VAL C 319 -97.37 -14.32 9.56
CA VAL C 319 -96.94 -14.20 10.94
C VAL C 319 -98.10 -14.51 11.87
N ILE C 320 -97.87 -15.41 12.82
CA ILE C 320 -98.87 -15.78 13.82
C ILE C 320 -98.46 -15.26 15.19
N CYS C 321 -99.36 -14.51 15.83
CA CYS C 321 -99.10 -13.97 17.16
C CYS C 321 -99.62 -14.92 18.25
N ILE C 322 -98.91 -14.95 19.36
CA ILE C 322 -99.19 -15.84 20.50
C ILE C 322 -99.62 -15.03 21.73
N PRO C 323 -100.70 -15.41 22.43
CA PRO C 323 -101.15 -14.79 23.69
C PRO C 323 -100.03 -14.79 24.74
N GLU C 324 -99.98 -13.73 25.52
CA GLU C 324 -98.94 -13.37 26.50
C GLU C 324 -98.43 -14.40 27.54
N ASN C 325 -99.13 -15.49 27.81
CA ASN C 325 -98.61 -16.44 28.78
C ASN C 325 -98.66 -17.84 28.24
N LYS C 326 -98.54 -17.97 26.93
CA LYS C 326 -98.55 -19.28 26.33
C LYS C 326 -97.27 -19.63 25.61
N LYS C 327 -97.02 -20.92 25.55
CA LYS C 327 -95.91 -21.47 24.80
C LYS C 327 -96.46 -22.10 23.52
N PRO C 328 -95.92 -21.83 22.34
CA PRO C 328 -96.38 -22.47 21.10
C PRO C 328 -95.94 -23.92 21.04
N LYS C 329 -96.74 -24.78 20.38
CA LYS C 329 -96.37 -26.20 20.23
C LYS C 329 -96.95 -26.74 18.93
N LEU C 330 -96.24 -27.63 18.21
CA LEU C 330 -96.82 -28.20 17.00
C LEU C 330 -98.06 -29.00 17.38
N CYS C 331 -99.09 -28.86 16.56
CA CYS C 331 -100.41 -29.46 16.77
C CYS C 331 -100.56 -30.95 16.49
N LYS C 332 -99.54 -31.58 15.94
CA LYS C 332 -99.51 -33.01 15.59
C LYS C 332 -100.50 -33.41 14.48
N LYS C 333 -101.02 -32.43 13.76
CA LYS C 333 -101.85 -32.63 12.58
C LYS C 333 -101.08 -32.13 11.37
N THR C 334 -99.78 -31.95 11.57
CA THR C 334 -98.85 -31.41 10.60
C THR C 334 -98.43 -32.47 9.59
N THR C 335 -97.82 -32.03 8.47
CA THR C 335 -97.35 -33.03 7.52
C THR C 335 -96.40 -32.48 6.45
N ILE C 336 -95.48 -33.35 6.02
CA ILE C 336 -94.61 -33.02 4.90
C ILE C 336 -94.62 -34.13 3.86
N ASN C 337 -94.90 -33.74 2.63
CA ASN C 337 -94.88 -34.64 1.52
C ASN C 337 -93.54 -34.57 0.84
N TYR C 338 -92.84 -35.69 0.77
CA TYR C 338 -91.52 -35.67 0.17
C TYR C 338 -91.55 -36.21 -1.25
N PHE C 339 -90.77 -35.55 -2.11
CA PHE C 339 -90.67 -35.89 -3.52
C PHE C 339 -89.25 -35.98 -4.06
N LYS C 340 -89.08 -36.82 -5.06
CA LYS C 340 -87.84 -36.87 -5.84
C LYS C 340 -88.21 -36.62 -7.30
N GLY C 341 -87.77 -35.50 -7.85
CA GLY C 341 -88.22 -35.19 -9.18
C GLY C 341 -89.71 -34.95 -9.10
N ILE C 342 -90.50 -35.77 -9.79
CA ILE C 342 -91.94 -35.60 -9.76
C ILE C 342 -92.65 -36.74 -9.06
N LEU C 343 -91.89 -37.64 -8.48
CA LEU C 343 -92.47 -38.79 -7.87
C LEU C 343 -92.46 -38.71 -6.37
N PRO C 344 -93.62 -38.98 -5.78
CA PRO C 344 -93.85 -39.05 -4.35
C PRO C 344 -93.24 -40.33 -3.80
N ILE C 345 -92.70 -40.30 -2.59
CA ILE C 345 -92.10 -41.45 -1.95
C ILE C 345 -92.77 -41.65 -0.59
N ASN C 346 -92.68 -42.84 -0.04
CA ASN C 346 -93.28 -43.14 1.28
C ASN C 346 -92.28 -43.42 2.40
N LEU C 347 -92.59 -42.89 3.59
CA LEU C 347 -91.73 -43.05 4.75
C LEU C 347 -92.28 -44.02 5.79
N ASN C 348 -91.38 -44.68 6.52
CA ASN C 348 -91.76 -45.65 7.54
C ASN C 348 -91.56 -45.06 8.94
N PRO C 349 -92.61 -45.15 9.77
CA PRO C 349 -92.58 -44.59 11.13
C PRO C 349 -91.49 -45.14 12.04
N VAL C 350 -91.19 -46.42 12.00
CA VAL C 350 -90.16 -46.97 12.88
C VAL C 350 -88.76 -46.40 12.63
N ARG C 351 -88.40 -46.21 11.38
CA ARG C 351 -87.10 -45.63 11.02
C ARG C 351 -86.96 -44.19 11.46
N VAL C 352 -88.03 -43.42 11.38
CA VAL C 352 -87.99 -42.03 11.76
C VAL C 352 -87.84 -41.93 13.25
N ASP C 353 -88.60 -42.74 13.98
CA ASP C 353 -88.54 -42.73 15.43
C ASP C 353 -87.14 -43.06 15.90
N ASN C 354 -86.47 -44.00 15.23
CA ASN C 354 -85.13 -44.35 15.64
C ASN C 354 -84.16 -43.20 15.44
N HIS C 355 -84.27 -42.48 14.33
CA HIS C 355 -83.36 -41.37 14.12
C HIS C 355 -83.61 -40.27 15.13
N LYS C 356 -84.88 -39.94 15.37
CA LYS C 356 -85.21 -38.89 16.31
C LYS C 356 -84.70 -39.21 17.71
N SER C 357 -84.90 -40.45 18.14
CA SER C 357 -84.44 -40.89 19.46
C SER C 357 -82.95 -40.74 19.63
N LYS C 358 -82.16 -41.21 18.66
CA LYS C 358 -80.72 -41.09 18.77
C LYS C 358 -80.23 -39.65 18.85
N ILE C 359 -80.83 -38.77 18.05
CA ILE C 359 -80.41 -37.38 18.01
C ILE C 359 -80.61 -36.73 19.35
N LEU C 360 -81.74 -36.98 19.97
CA LEU C 360 -82.03 -36.35 21.25
C LEU C 360 -81.37 -37.06 22.43
N ALA C 361 -81.24 -38.39 22.39
CA ALA C 361 -80.64 -39.09 23.52
C ALA C 361 -79.21 -38.64 23.78
N SER C 362 -78.47 -38.34 22.72
CA SER C 362 -77.08 -37.87 22.86
C SER C 362 -76.96 -36.54 23.58
N ARG C 363 -78.06 -35.82 23.74
CA ARG C 363 -78.02 -34.57 24.47
C ARG C 363 -78.00 -34.84 25.97
N LEU C 364 -78.67 -35.93 26.38
CA LEU C 364 -78.76 -36.27 27.79
C LEU C 364 -77.40 -36.64 28.30
N GLU C 365 -76.62 -37.31 27.46
CA GLU C 365 -75.30 -37.74 27.85
C GLU C 365 -74.42 -36.57 28.26
N ASN C 366 -74.54 -35.45 27.57
CA ASN C 366 -73.68 -34.33 27.92
C ASN C 366 -74.15 -33.66 29.19
N ASP C 367 -75.47 -33.55 29.37
CA ASP C 367 -75.94 -32.94 30.60
C ASP C 367 -75.43 -33.72 31.80
N LEU C 368 -75.36 -35.04 31.69
CA LEU C 368 -74.86 -35.85 32.77
C LEU C 368 -73.36 -35.66 33.00
N LYS C 369 -72.56 -35.60 31.94
CA LYS C 369 -71.11 -35.41 32.10
C LYS C 369 -70.79 -34.10 32.83
N ALA C 370 -71.60 -33.08 32.58
CA ALA C 370 -71.45 -31.76 33.18
C ALA C 370 -71.53 -31.78 34.71
N LYS C 371 -72.07 -32.85 35.30
CA LYS C 371 -72.21 -32.88 36.75
C LYS C 371 -70.91 -33.16 37.51
N ASP C 372 -69.84 -33.58 36.85
CA ASP C 372 -68.63 -33.91 37.63
C ASP C 372 -67.58 -32.80 37.71
N ASP C 373 -67.34 -32.10 36.62
CA ASP C 373 -66.28 -31.09 36.58
C ASP C 373 -66.74 -29.74 37.09
N LEU C 374 -66.86 -29.62 38.41
CA LEU C 374 -67.38 -28.36 38.94
C LEU C 374 -66.38 -27.46 39.68
N GLU C 375 -65.07 -27.75 39.67
CA GLU C 375 -64.18 -26.87 40.42
C GLU C 375 -62.74 -26.83 39.90
N PRO C 376 -62.04 -25.69 40.07
CA PRO C 376 -60.62 -25.49 39.71
C PRO C 376 -59.66 -26.13 40.68
N ALA C 377 -58.43 -26.38 40.22
CA ALA C 377 -57.36 -26.88 41.07
C ALA C 377 -56.70 -25.76 41.88
N ILE C 378 -56.19 -26.15 43.05
CA ILE C 378 -55.40 -25.30 43.94
C ILE C 378 -54.02 -25.94 44.14
N PRO C 379 -52.92 -25.21 43.89
CA PRO C 379 -51.55 -25.70 44.10
C PRO C 379 -51.33 -26.19 45.52
N GLN C 380 -50.61 -27.31 45.69
CA GLN C 380 -50.40 -27.91 47.02
C GLN C 380 -48.91 -27.99 47.36
N GLY C 381 -48.55 -27.64 48.61
CA GLY C 381 -47.18 -27.67 49.06
C GLY C 381 -46.90 -28.81 50.03
N THR C 382 -45.76 -28.69 50.71
CA THR C 382 -45.29 -29.69 51.66
C THR C 382 -45.19 -29.05 53.03
N PHE C 383 -44.64 -29.76 53.99
CA PHE C 383 -44.55 -29.23 55.33
C PHE C 383 -43.22 -29.64 55.95
N ALA C 384 -42.44 -28.69 56.45
CA ALA C 384 -41.14 -29.13 56.97
C ALA C 384 -40.47 -28.32 58.06
N ASP C 385 -41.17 -27.89 59.10
CA ASP C 385 -40.49 -27.18 60.21
C ASP C 385 -39.51 -26.10 59.75
N TRP C 386 -40.03 -25.09 59.08
CA TRP C 386 -39.21 -24.06 58.47
C TRP C 386 -38.30 -23.30 59.44
N GLY C 387 -38.58 -23.36 60.74
CA GLY C 387 -37.83 -22.69 61.79
C GLY C 387 -36.66 -23.45 62.39
N GLU C 388 -36.31 -24.63 61.87
CA GLU C 388 -35.18 -25.37 62.41
C GLU C 388 -33.89 -24.58 62.39
N TYR C 389 -33.16 -24.53 63.52
CA TYR C 389 -31.94 -23.74 63.60
C TYR C 389 -30.79 -24.47 64.27
N SER C 390 -29.59 -24.38 63.70
CA SER C 390 -28.39 -24.94 64.26
C SER C 390 -27.42 -23.85 64.69
N SER C 391 -26.79 -24.02 65.85
CA SER C 391 -25.85 -23.06 66.41
C SER C 391 -24.63 -22.79 65.55
N ILE C 392 -24.20 -21.52 65.53
CA ILE C 392 -23.04 -21.12 64.73
C ILE C 392 -21.75 -21.59 65.35
N GLN C 393 -21.82 -22.12 66.57
CA GLN C 393 -20.65 -22.59 67.27
C GLN C 393 -20.09 -23.83 66.60
N HIS C 394 -20.90 -24.50 65.80
CA HIS C 394 -20.46 -25.72 65.13
C HIS C 394 -19.67 -25.41 63.86
N GLU C 395 -19.54 -24.15 63.52
CA GLU C 395 -18.81 -23.73 62.33
C GLU C 395 -17.35 -23.41 62.63
N PHE C 396 -16.93 -23.48 63.89
CA PHE C 396 -15.56 -23.11 64.21
C PHE C 396 -14.64 -24.33 64.25
N PRO C 397 -13.32 -24.18 64.10
CA PRO C 397 -12.42 -25.33 64.31
C PRO C 397 -12.23 -25.88 65.75
N GLU C 398 -11.71 -27.10 65.74
CA GLU C 398 -11.51 -27.82 66.99
C GLU C 398 -10.60 -27.04 67.89
N THR C 399 -9.63 -26.34 67.28
CA THR C 399 -8.66 -25.58 68.07
C THR C 399 -9.37 -24.63 69.04
N TYR C 400 -10.47 -24.00 68.60
CA TYR C 400 -11.21 -23.07 69.46
C TYR C 400 -11.77 -23.76 70.71
N GLY C 401 -12.12 -25.05 70.65
CA GLY C 401 -12.57 -25.81 71.81
C GLY C 401 -14.05 -25.73 72.11
N ILE C 402 -14.86 -25.17 71.21
CA ILE C 402 -16.30 -24.98 71.44
C ILE C 402 -17.14 -26.00 70.65
N SER C 403 -16.56 -27.13 70.26
CA SER C 403 -17.27 -28.15 69.49
C SER C 403 -17.59 -29.36 70.36
N ASP C 404 -18.38 -30.28 69.81
CA ASP C 404 -18.80 -31.50 70.53
C ASP C 404 -17.71 -32.40 71.08
N ILE C 405 -16.55 -32.46 70.45
CA ILE C 405 -15.54 -33.38 70.95
C ILE C 405 -14.73 -32.78 72.08
N GLY C 406 -14.98 -31.53 72.43
CA GLY C 406 -14.27 -30.91 73.52
C GLY C 406 -12.85 -30.51 73.16
N LEU C 407 -12.01 -30.49 74.19
CA LEU C 407 -10.65 -30.01 74.14
C LEU C 407 -9.80 -31.00 74.96
N PRO C 408 -8.68 -31.53 74.46
CA PRO C 408 -7.81 -32.49 75.17
C PRO C 408 -7.35 -32.00 76.55
N PRO C 409 -7.48 -32.83 77.60
CA PRO C 409 -7.05 -32.55 78.98
C PRO C 409 -5.65 -32.01 79.16
N LYS C 410 -4.72 -32.43 78.34
CA LYS C 410 -3.35 -32.01 78.49
C LYS C 410 -3.15 -30.52 78.32
N LEU C 411 -4.12 -29.81 77.76
CA LEU C 411 -3.97 -28.39 77.51
C LEU C 411 -4.27 -27.55 78.74
N GLY C 412 -4.71 -28.17 79.82
CA GLY C 412 -4.94 -27.48 81.07
C GLY C 412 -6.31 -26.85 81.23
N VAL C 413 -6.58 -26.53 82.49
CA VAL C 413 -7.82 -25.91 82.91
C VAL C 413 -8.00 -24.53 82.34
N LYS C 414 -6.96 -23.70 82.38
CA LYS C 414 -7.19 -22.34 81.92
C LYS C 414 -7.74 -22.31 80.51
N ARG C 415 -7.23 -23.15 79.62
CA ARG C 415 -7.74 -23.09 78.26
C ARG C 415 -9.19 -23.56 78.23
N ALA C 416 -9.54 -24.58 79.02
CA ALA C 416 -10.93 -25.01 79.08
C ALA C 416 -11.87 -23.90 79.55
N VAL C 417 -11.41 -23.11 80.52
CA VAL C 417 -12.20 -22.00 81.05
C VAL C 417 -12.44 -20.96 79.98
N LEU C 418 -11.39 -20.63 79.24
CA LEU C 418 -11.52 -19.63 78.19
C LEU C 418 -12.51 -20.09 77.13
N ALA C 419 -12.56 -21.39 76.86
CA ALA C 419 -13.54 -21.88 75.89
C ALA C 419 -14.95 -21.59 76.37
N ARG C 420 -15.18 -21.73 77.68
CA ARG C 420 -16.49 -21.45 78.29
C ARG C 420 -16.85 -19.99 78.08
N GLN C 421 -15.86 -19.09 78.23
CA GLN C 421 -16.10 -17.66 78.07
C GLN C 421 -16.52 -17.34 76.65
N LEU C 422 -15.89 -17.98 75.67
CA LEU C 422 -16.27 -17.75 74.29
C LEU C 422 -17.68 -18.24 74.00
N LYS C 423 -18.08 -19.40 74.53
CA LYS C 423 -19.44 -19.87 74.28
C LYS C 423 -20.45 -18.84 74.75
N GLY C 424 -20.19 -18.25 75.91
CA GLY C 424 -21.07 -17.22 76.45
C GLY C 424 -21.21 -16.07 75.48
N TYR C 425 -20.10 -15.56 75.00
CA TYR C 425 -20.11 -14.44 74.06
C TYR C 425 -20.89 -14.77 72.81
N LEU C 426 -20.63 -15.92 72.21
CA LEU C 426 -21.30 -16.26 70.96
C LEU C 426 -22.81 -16.39 71.10
N LEU C 427 -23.35 -16.74 72.28
CA LEU C 427 -24.81 -16.83 72.44
C LEU C 427 -25.54 -15.53 72.14
N PHE C 428 -24.86 -14.39 72.19
CA PHE C 428 -25.52 -13.14 71.88
C PHE C 428 -25.90 -13.06 70.42
N PHE C 429 -25.19 -13.80 69.57
CA PHE C 429 -25.42 -13.81 68.14
C PHE C 429 -26.41 -14.91 67.79
N ASP C 430 -26.37 -16.00 68.54
CA ASP C 430 -27.26 -17.09 68.21
C ASP C 430 -28.66 -16.83 68.67
N GLN C 431 -28.85 -16.16 69.81
CA GLN C 431 -30.21 -15.99 70.25
C GLN C 431 -30.99 -15.13 69.25
N ILE C 432 -30.32 -14.16 68.63
CA ILE C 432 -30.97 -13.30 67.65
C ILE C 432 -31.32 -14.07 66.39
N LEU C 433 -30.38 -14.84 65.87
CA LEU C 433 -30.68 -15.60 64.66
C LEU C 433 -31.81 -16.58 64.91
N ALA C 434 -31.80 -17.24 66.07
CA ALA C 434 -32.84 -18.20 66.37
C ALA C 434 -34.22 -17.55 66.35
N SER C 435 -34.32 -16.30 66.84
CA SER C 435 -35.57 -15.57 66.79
C SER C 435 -36.12 -15.39 65.38
N TYR C 436 -35.28 -15.01 64.44
CA TYR C 436 -35.74 -14.84 63.07
C TYR C 436 -36.25 -16.13 62.47
N PHE C 437 -35.63 -17.25 62.74
CA PHE C 437 -36.11 -18.51 62.20
C PHE C 437 -37.45 -18.89 62.81
N GLU C 438 -37.57 -18.61 64.09
CA GLU C 438 -38.78 -18.85 64.85
C GLU C 438 -39.93 -18.03 64.33
N HIS C 439 -39.67 -16.80 63.95
CA HIS C 439 -40.67 -15.92 63.40
C HIS C 439 -41.25 -16.46 62.11
N LEU C 440 -40.45 -17.11 61.24
CA LEU C 440 -41.02 -17.74 60.02
C LEU C 440 -42.04 -18.81 60.36
N SER C 441 -41.77 -19.60 61.38
CA SER C 441 -42.67 -20.67 61.77
C SER C 441 -44.05 -20.20 62.23
N LYS C 442 -44.20 -18.92 62.52
CA LYS C 442 -45.45 -18.38 63.01
C LYS C 442 -46.24 -17.60 61.98
N ILE C 443 -45.81 -17.55 60.72
CA ILE C 443 -46.56 -16.73 59.76
C ILE C 443 -47.99 -17.21 59.63
N LYS C 444 -48.17 -18.52 59.63
CA LYS C 444 -49.50 -19.09 59.54
C LYS C 444 -50.44 -18.63 60.64
N SER C 445 -49.90 -18.43 61.84
CA SER C 445 -50.74 -18.03 62.94
C SER C 445 -51.05 -16.57 62.85
N LEU C 446 -50.04 -15.78 62.50
CA LEU C 446 -50.20 -14.33 62.49
C LEU C 446 -51.30 -13.89 61.55
N LEU C 447 -51.44 -14.58 60.42
CA LEU C 447 -52.45 -14.24 59.44
C LEU C 447 -53.66 -15.18 59.42
N SER C 448 -53.86 -15.99 60.46
CA SER C 448 -54.98 -16.94 60.52
C SER C 448 -56.38 -16.35 60.56
N LEU C 449 -57.29 -16.98 59.83
CA LEU C 449 -58.69 -16.58 59.85
C LEU C 449 -59.44 -17.22 60.98
N ASP C 450 -58.86 -18.21 61.64
CA ASP C 450 -59.54 -18.87 62.72
C ASP C 450 -59.24 -18.27 64.06
N GLN C 451 -57.97 -17.95 64.27
CA GLN C 451 -57.50 -17.43 65.54
C GLN C 451 -56.04 -17.06 65.49
N GLY C 452 -55.71 -15.80 65.73
CA GLY C 452 -54.33 -15.38 65.78
C GLY C 452 -53.71 -15.62 67.16
N PRO C 453 -52.38 -15.46 67.25
CA PRO C 453 -51.58 -15.62 68.47
C PRO C 453 -51.70 -14.41 69.38
N SER C 454 -51.28 -14.58 70.64
CA SER C 454 -51.27 -13.49 71.59
C SER C 454 -49.99 -12.63 71.51
N PHE C 455 -48.91 -13.17 70.95
CA PHE C 455 -47.64 -12.46 70.83
C PHE C 455 -47.36 -12.12 69.39
N THR C 456 -46.52 -11.12 69.16
CA THR C 456 -46.16 -10.83 67.77
C THR C 456 -44.67 -11.06 67.55
N TYR C 457 -43.87 -11.18 68.61
CA TYR C 457 -42.46 -11.50 68.48
C TYR C 457 -42.18 -12.81 69.19
N PHE C 458 -41.22 -13.59 68.69
CA PHE C 458 -40.99 -14.93 69.22
C PHE C 458 -39.51 -15.28 69.42
N THR C 459 -39.23 -16.25 70.31
CA THR C 459 -37.85 -16.76 70.46
C THR C 459 -37.81 -18.29 70.61
N GLN C 460 -36.60 -18.86 70.73
CA GLN C 460 -36.40 -20.31 70.89
C GLN C 460 -35.34 -20.67 71.91
N ALA C 461 -35.52 -21.79 72.59
CA ALA C 461 -34.40 -22.30 73.37
C ALA C 461 -33.38 -22.86 72.41
N ILE C 462 -32.11 -22.72 72.73
CA ILE C 462 -31.06 -23.32 71.91
C ILE C 462 -30.50 -24.51 72.65
N LYS C 463 -30.62 -25.71 72.07
CA LYS C 463 -30.21 -26.92 72.78
C LYS C 463 -29.15 -27.77 72.10
N ASP C 464 -28.51 -27.29 71.04
CA ASP C 464 -27.46 -28.06 70.39
C ASP C 464 -26.08 -27.61 70.84
N ILE C 465 -26.04 -26.99 72.00
CA ILE C 465 -24.84 -26.54 72.67
C ILE C 465 -24.74 -27.36 73.95
N LYS C 466 -23.64 -28.05 74.13
CA LYS C 466 -23.49 -28.99 75.22
C LYS C 466 -23.61 -28.43 76.64
N ASP C 467 -23.24 -27.18 76.93
CA ASP C 467 -23.46 -26.87 78.34
C ASP C 467 -24.55 -25.88 78.65
N VAL C 468 -25.45 -25.59 77.74
CA VAL C 468 -26.46 -24.57 78.07
C VAL C 468 -27.09 -24.66 79.46
N GLU C 469 -27.13 -25.85 80.05
CA GLU C 469 -27.65 -25.95 81.41
C GLU C 469 -26.77 -25.24 82.43
N GLU C 470 -25.52 -24.96 82.10
CA GLU C 470 -24.64 -24.26 83.02
C GLU C 470 -24.48 -22.80 82.64
N LEU C 471 -24.57 -22.50 81.35
CA LEU C 471 -24.41 -21.14 80.86
C LEU C 471 -25.55 -20.23 81.33
N PHE C 472 -26.76 -20.76 81.43
CA PHE C 472 -27.93 -19.98 81.85
C PHE C 472 -28.16 -20.01 83.35
N LYS C 473 -28.47 -18.83 83.93
CA LYS C 473 -28.73 -18.74 85.37
C LYS C 473 -29.92 -19.58 85.81
N ASP C 474 -30.95 -19.69 84.97
CA ASP C 474 -32.11 -20.50 85.31
C ASP C 474 -32.53 -21.33 84.11
N PRO C 475 -32.11 -22.60 84.07
CA PRO C 475 -32.38 -23.56 83.00
C PRO C 475 -33.85 -23.82 82.78
N THR C 476 -34.69 -23.49 83.75
CA THR C 476 -36.13 -23.67 83.62
C THR C 476 -36.66 -23.12 82.32
N LEU C 477 -36.19 -21.96 81.92
CA LEU C 477 -36.72 -21.29 80.73
C LEU C 477 -36.46 -22.06 79.46
N LEU C 478 -35.46 -22.92 79.46
CA LEU C 478 -35.13 -23.64 78.25
C LEU C 478 -36.09 -24.78 78.02
N GLU C 479 -37.00 -25.03 78.96
CA GLU C 479 -37.99 -26.07 78.81
C GLU C 479 -39.30 -25.55 78.26
N ASN C 480 -39.41 -24.25 78.00
CA ASN C 480 -40.67 -23.71 77.51
C ASN C 480 -40.47 -22.37 76.80
N ASP C 481 -40.54 -22.41 75.47
CA ASP C 481 -40.30 -21.23 74.65
C ASP C 481 -41.25 -20.06 74.94
N GLU C 482 -42.41 -20.33 75.51
CA GLU C 482 -43.35 -19.24 75.81
C GLU C 482 -42.86 -18.45 77.00
N GLU C 483 -42.20 -19.11 77.96
CA GLU C 483 -41.71 -18.43 79.15
C GLU C 483 -40.46 -17.70 78.77
N LEU C 484 -39.70 -18.31 77.89
CA LEU C 484 -38.47 -17.72 77.43
C LEU C 484 -38.77 -16.43 76.70
N THR C 485 -39.85 -16.43 75.89
CA THR C 485 -40.27 -15.24 75.16
C THR C 485 -40.64 -14.11 76.10
N LYS C 486 -41.46 -14.42 77.11
CA LYS C 486 -41.86 -13.40 78.08
C LYS C 486 -40.66 -12.82 78.81
N SER C 487 -39.68 -13.66 79.15
CA SER C 487 -38.48 -13.21 79.85
C SER C 487 -37.49 -12.42 78.98
N LEU C 488 -37.27 -12.83 77.73
CA LEU C 488 -36.26 -12.16 76.90
C LEU C 488 -36.77 -10.98 76.09
N ILE C 489 -37.98 -11.06 75.56
CA ILE C 489 -38.51 -9.96 74.77
C ILE C 489 -39.38 -9.10 75.63
N GLY C 490 -40.29 -9.75 76.32
CA GLY C 490 -41.15 -9.08 77.29
C GLY C 490 -41.91 -7.91 76.72
N LYS C 491 -41.78 -6.78 77.42
CA LYS C 491 -42.56 -5.60 77.09
C LYS C 491 -42.28 -5.09 75.70
N LEU C 492 -41.08 -5.31 75.18
CA LEU C 492 -40.77 -4.76 73.87
C LEU C 492 -41.85 -5.10 72.84
N ASP C 493 -42.64 -6.15 73.10
CA ASP C 493 -43.69 -6.59 72.20
C ASP C 493 -44.99 -5.86 72.51
N ASP C 494 -45.28 -4.78 71.78
CA ASP C 494 -46.50 -4.01 72.05
C ASP C 494 -47.64 -4.71 71.33
N THR C 495 -48.16 -5.74 71.99
CA THR C 495 -49.13 -6.64 71.37
C THR C 495 -50.45 -5.98 71.02
N ILE C 496 -50.96 -5.06 71.82
CA ILE C 496 -52.28 -4.54 71.48
C ILE C 496 -52.24 -3.76 70.18
N GLU C 497 -51.26 -2.88 70.01
CA GLU C 497 -51.23 -2.12 68.78
C GLU C 497 -50.91 -3.01 67.60
N ARG C 498 -49.95 -3.93 67.75
CA ARG C 498 -49.59 -4.75 66.62
C ARG C 498 -50.70 -5.72 66.21
N ARG C 499 -51.41 -6.30 67.18
CA ARG C 499 -52.50 -7.19 66.85
C ARG C 499 -53.60 -6.46 66.12
N ASN C 500 -53.89 -5.21 66.51
CA ASN C 500 -54.91 -4.48 65.78
C ASN C 500 -54.49 -4.23 64.35
N GLN C 501 -53.23 -3.89 64.11
CA GLN C 501 -52.84 -3.64 62.72
C GLN C 501 -53.03 -4.87 61.84
N LEU C 502 -52.68 -6.05 62.36
CA LEU C 502 -52.87 -7.26 61.57
C LEU C 502 -54.33 -7.53 61.28
N MET C 503 -55.18 -7.36 62.29
CA MET C 503 -56.59 -7.63 62.10
C MET C 503 -57.20 -6.67 61.11
N ASP C 504 -56.82 -5.40 61.18
CA ASP C 504 -57.40 -4.42 60.29
C ASP C 504 -57.05 -4.72 58.86
N HIS C 505 -55.81 -5.17 58.62
CA HIS C 505 -55.43 -5.54 57.27
C HIS C 505 -56.29 -6.67 56.75
N LEU C 506 -56.45 -7.73 57.53
CA LEU C 506 -57.24 -8.86 57.05
C LEU C 506 -58.68 -8.45 56.78
N ILE C 507 -59.25 -7.61 57.64
CA ILE C 507 -60.63 -7.16 57.44
C ILE C 507 -60.75 -6.33 56.17
N ALA C 508 -59.77 -5.46 55.94
CA ALA C 508 -59.76 -4.62 54.75
C ALA C 508 -59.75 -5.44 53.48
N ARG C 509 -59.17 -6.64 53.49
CA ARG C 509 -59.14 -7.47 52.28
C ARG C 509 -60.53 -7.85 51.79
N PHE C 510 -61.55 -7.75 52.64
CA PHE C 510 -62.91 -8.05 52.26
C PHE C 510 -63.71 -6.78 52.07
N ALA C 511 -63.02 -5.65 52.08
CA ALA C 511 -63.58 -4.31 51.97
C ALA C 511 -64.52 -3.95 53.12
N GLU C 512 -64.23 -4.41 54.33
CA GLU C 512 -65.05 -4.10 55.50
C GLU C 512 -64.33 -3.06 56.36
N ASN C 513 -64.97 -2.57 57.44
CA ASN C 513 -64.33 -1.54 58.28
C ASN C 513 -64.92 -1.45 59.70
N PHE C 514 -64.08 -1.68 60.71
CA PHE C 514 -64.46 -1.65 62.14
C PHE C 514 -64.03 -0.42 62.92
N SER C 515 -63.74 0.69 62.25
CA SER C 515 -63.26 1.89 62.93
C SER C 515 -64.15 2.38 64.07
N SER C 516 -65.46 2.27 63.94
CA SER C 516 -66.36 2.83 64.95
C SER C 516 -66.27 2.13 66.31
N TYR C 517 -65.72 0.93 66.39
CA TYR C 517 -65.61 0.25 67.67
C TYR C 517 -64.67 0.98 68.60
N ALA C 518 -63.78 1.75 68.01
CA ALA C 518 -62.80 2.51 68.73
C ALA C 518 -63.43 3.44 69.73
N PHE C 519 -64.62 3.97 69.46
CA PHE C 519 -65.20 4.86 70.44
C PHE C 519 -66.55 4.38 70.92
N LEU C 520 -67.27 3.60 70.12
CA LEU C 520 -68.60 3.21 70.58
C LEU C 520 -68.52 2.30 71.78
N MET C 521 -67.46 1.51 71.86
CA MET C 521 -67.33 0.59 72.96
C MET C 521 -66.99 1.30 74.25
N LYS C 522 -66.63 2.59 74.21
CA LYS C 522 -66.22 3.28 75.41
C LYS C 522 -67.43 3.75 76.17
N PHE C 523 -68.62 3.54 75.62
CA PHE C 523 -69.80 3.92 76.34
C PHE C 523 -70.31 2.71 77.09
N LEU C 524 -69.64 1.58 76.91
CA LEU C 524 -70.05 0.34 77.54
C LEU C 524 -68.99 -0.15 78.49
N TYR C 525 -67.73 -0.01 78.12
CA TYR C 525 -66.63 -0.53 78.90
C TYR C 525 -65.54 0.52 79.02
N GLY C 526 -64.70 0.36 80.02
CA GLY C 526 -63.55 1.23 80.22
C GLY C 526 -62.33 0.62 79.54
N GLU C 527 -61.26 0.47 80.31
CA GLU C 527 -59.99 -0.01 79.78
C GLU C 527 -60.09 -1.40 79.14
N SER C 528 -61.07 -2.19 79.58
CA SER C 528 -61.28 -3.55 79.10
C SER C 528 -61.70 -3.61 77.62
N THR C 529 -62.01 -2.48 76.97
CA THR C 529 -62.40 -2.55 75.57
C THR C 529 -61.28 -3.12 74.69
N ASP C 530 -60.00 -2.94 75.02
CA ASP C 530 -59.01 -3.42 74.04
C ASP C 530 -59.09 -4.92 73.81
N GLU C 531 -59.33 -5.69 74.87
CA GLU C 531 -59.45 -7.12 74.74
C GLU C 531 -60.74 -7.49 74.04
N ILE C 532 -61.82 -6.79 74.38
CA ILE C 532 -63.12 -7.12 73.81
C ILE C 532 -63.12 -6.89 72.32
N VAL C 533 -62.59 -5.74 71.90
CA VAL C 533 -62.59 -5.42 70.49
C VAL C 533 -61.78 -6.41 69.67
N LEU C 534 -60.59 -6.82 70.14
CA LEU C 534 -59.85 -7.81 69.35
C LEU C 534 -60.62 -9.12 69.24
N GLN C 535 -61.31 -9.54 70.30
CA GLN C 535 -62.07 -10.77 70.20
C GLN C 535 -63.17 -10.65 69.15
N ASP C 536 -63.87 -9.50 69.12
CA ASP C 536 -64.95 -9.33 68.15
C ASP C 536 -64.43 -9.31 66.72
N LYS C 537 -63.28 -8.68 66.47
CA LYS C 537 -62.75 -8.67 65.12
C LYS C 537 -62.42 -10.08 64.63
N GLN C 538 -61.86 -10.93 65.49
CA GLN C 538 -61.56 -12.29 65.05
C GLN C 538 -62.83 -13.04 64.72
N SER C 539 -63.87 -12.86 65.54
CA SER C 539 -65.14 -13.55 65.29
C SER C 539 -65.73 -13.14 63.96
N PHE C 540 -65.64 -11.85 63.64
CA PHE C 540 -66.16 -11.36 62.38
C PHE C 540 -65.50 -12.07 61.21
N LEU C 541 -64.17 -12.20 61.20
CA LEU C 541 -63.55 -12.88 60.08
C LEU C 541 -64.02 -14.33 59.97
N ARG C 542 -64.13 -15.06 61.10
CA ARG C 542 -64.54 -16.46 61.03
C ARG C 542 -65.92 -16.64 60.42
N GLU C 543 -66.84 -15.75 60.76
CA GLU C 543 -68.22 -15.83 60.34
C GLU C 543 -68.51 -15.16 58.99
N TYR C 544 -67.48 -14.62 58.35
CA TYR C 544 -67.67 -13.81 57.16
C TYR C 544 -68.37 -14.50 55.99
N LYS C 545 -68.11 -15.78 55.74
CA LYS C 545 -68.70 -16.40 54.55
C LYS C 545 -70.21 -16.23 54.47
N GLU C 546 -70.91 -16.49 55.57
CA GLU C 546 -72.35 -16.31 55.62
C GLU C 546 -72.74 -14.84 55.71
N ILE C 547 -72.01 -14.04 56.48
CA ILE C 547 -72.39 -12.65 56.69
C ILE C 547 -72.50 -11.87 55.39
N SER C 548 -71.54 -12.02 54.49
CA SER C 548 -71.58 -11.28 53.25
C SER C 548 -72.51 -11.85 52.19
N ARG C 549 -73.03 -13.04 52.40
CA ARG C 549 -73.82 -13.68 51.38
C ARG C 549 -75.30 -13.58 51.65
N GLU C 550 -75.72 -14.00 52.84
CA GLU C 550 -77.14 -14.10 53.13
C GLU C 550 -77.67 -12.78 53.66
N ARG C 551 -77.65 -11.79 52.77
CA ARG C 551 -78.07 -10.45 53.13
C ARG C 551 -79.58 -10.31 52.99
N THR D 3 -12.01 11.53 59.80
CA THR D 3 -11.15 11.53 60.98
C THR D 3 -10.45 10.20 61.13
N LEU D 4 -10.20 9.59 59.99
CA LEU D 4 -9.54 8.31 59.91
C LEU D 4 -8.09 8.51 59.54
N ASN D 5 -7.27 7.50 59.75
CA ASN D 5 -5.89 7.65 59.36
C ASN D 5 -5.73 7.46 57.87
N LYS D 6 -4.86 8.25 57.27
CA LYS D 6 -4.55 8.16 55.86
C LYS D 6 -3.19 7.52 55.63
N HIS D 7 -2.98 7.00 54.42
CA HIS D 7 -1.70 6.44 54.07
C HIS D 7 -0.73 7.59 53.85
N ILE D 8 0.52 7.42 54.29
CA ILE D 8 1.56 8.46 54.23
C ILE D 8 2.66 8.13 53.22
N SER D 9 2.98 9.11 52.37
CA SER D 9 4.03 8.97 51.39
C SER D 9 4.80 10.27 51.21
N ILE D 10 5.90 10.18 50.45
CA ILE D 10 6.78 11.32 50.19
C ILE D 10 6.87 11.62 48.70
N PRO D 11 6.72 12.91 48.34
CA PRO D 11 6.79 13.40 46.96
C PRO D 11 8.12 13.05 46.33
N LYS D 12 8.11 12.88 45.00
CA LYS D 12 9.33 12.54 44.26
C LYS D 12 9.97 13.69 43.44
N ASP D 13 9.30 14.83 43.35
CA ASP D 13 9.86 15.96 42.59
C ASP D 13 10.59 16.93 43.52
N MET D 14 11.79 16.54 43.94
CA MET D 14 12.57 17.34 44.87
C MET D 14 13.29 18.48 44.16
N SER D 15 12.53 19.49 43.77
CA SER D 15 13.06 20.65 43.07
C SER D 15 12.22 21.88 43.39
N SER D 16 12.84 22.92 43.93
CA SER D 16 12.08 24.11 44.27
C SER D 16 12.76 25.39 43.85
N LYS D 17 14.07 25.33 43.57
CA LYS D 17 14.84 26.51 43.22
C LYS D 17 14.80 27.60 44.30
N ASP D 18 14.89 27.19 45.56
CA ASP D 18 14.89 28.11 46.70
C ASP D 18 15.87 27.61 47.77
N ASP D 19 15.75 28.14 48.99
CA ASP D 19 16.70 27.81 50.04
C ASP D 19 16.59 26.39 50.59
N LEU D 20 15.58 25.63 50.21
CA LEU D 20 15.47 24.26 50.68
C LEU D 20 16.02 23.26 49.66
N ASP D 21 16.50 23.76 48.54
CA ASP D 21 17.00 22.94 47.43
C ASP D 21 18.53 22.95 47.41
N PHE D 22 19.13 21.87 47.92
CA PHE D 22 20.58 21.78 48.05
C PHE D 22 21.31 21.97 46.74
N HIS D 23 20.88 21.29 45.70
CA HIS D 23 21.60 21.35 44.45
C HIS D 23 21.53 22.72 43.85
N PHE D 24 20.38 23.36 43.96
CA PHE D 24 20.24 24.73 43.49
C PHE D 24 21.24 25.65 44.18
N LEU D 25 21.31 25.57 45.51
CA LEU D 25 22.22 26.43 46.25
C LEU D 25 23.67 26.19 45.85
N ARG D 26 24.04 24.94 45.65
CA ARG D 26 25.40 24.63 45.29
C ARG D 26 25.80 25.26 43.96
N GLU D 27 24.91 25.20 42.96
CA GLU D 27 25.21 25.79 41.66
C GLU D 27 25.36 27.29 41.74
N GLU D 28 24.50 27.95 42.51
CA GLU D 28 24.59 29.39 42.66
C GLU D 28 25.88 29.77 43.33
N GLY D 29 26.30 28.98 44.31
CA GLY D 29 27.54 29.22 45.00
C GLY D 29 28.70 29.28 44.04
N ILE D 30 28.80 28.26 43.17
CA ILE D 30 29.89 28.21 42.22
C ILE D 30 29.81 29.36 41.22
N ARG D 31 28.62 29.70 40.74
CA ARG D 31 28.51 30.83 39.83
C ARG D 31 29.06 32.11 40.45
N TYR D 32 28.74 32.36 41.72
CA TYR D 32 29.24 33.56 42.38
C TYR D 32 30.76 33.52 42.50
N ILE D 33 31.33 32.37 42.81
CA ILE D 33 32.78 32.23 42.94
C ILE D 33 33.47 32.59 41.66
N LYS D 34 33.00 32.09 40.52
CA LYS D 34 33.66 32.42 39.27
C LYS D 34 33.61 33.89 38.97
N GLU D 35 32.47 34.50 39.19
CA GLU D 35 32.32 35.92 38.88
C GLU D 35 33.25 36.80 39.70
N LEU D 36 33.46 36.44 40.95
CA LEU D 36 34.29 37.24 41.84
C LEU D 36 35.77 36.88 41.87
N GLY D 37 36.13 35.61 41.85
CA GLY D 37 37.53 35.23 42.04
C GLY D 37 38.22 34.30 41.05
N SER D 38 37.71 34.13 39.83
CA SER D 38 38.31 33.20 38.86
C SER D 38 39.75 33.53 38.46
N ASN D 39 40.22 34.73 38.75
CA ASN D 39 41.60 35.05 38.43
C ASN D 39 42.55 34.25 39.27
N PHE D 40 42.15 33.86 40.46
CA PHE D 40 43.04 33.19 41.38
C PHE D 40 42.58 31.78 41.74
N TRP D 41 41.29 31.56 41.80
CA TRP D 41 40.76 30.27 42.19
C TRP D 41 40.02 29.65 41.01
N THR D 42 40.66 28.67 40.36
CA THR D 42 40.11 28.02 39.18
C THR D 42 39.83 26.54 39.33
N ASP D 43 40.40 25.88 40.32
CA ASP D 43 40.25 24.44 40.52
C ASP D 43 38.98 24.20 41.32
N TYR D 44 37.93 23.66 40.70
CA TYR D 44 36.68 23.46 41.42
C TYR D 44 36.37 21.99 41.61
N ASN D 45 37.41 21.16 41.66
CA ASN D 45 37.26 19.74 41.87
C ASN D 45 36.89 19.42 43.31
N THR D 46 36.37 18.22 43.51
CA THR D 46 35.84 17.84 44.81
C THR D 46 36.88 17.64 45.92
N HIS D 47 38.17 17.54 45.62
CA HIS D 47 39.13 17.41 46.69
C HIS D 47 39.49 18.76 47.29
N ASP D 48 39.03 19.85 46.70
CA ASP D 48 39.36 21.21 47.10
C ASP D 48 38.67 21.63 48.40
N PRO D 49 39.44 22.03 49.44
CA PRO D 49 38.90 22.54 50.71
C PRO D 49 37.90 23.66 50.52
N GLY D 50 38.08 24.49 49.49
CA GLY D 50 37.18 25.58 49.21
C GLY D 50 35.77 25.07 48.93
N ILE D 51 35.70 24.15 47.98
CA ILE D 51 34.43 23.55 47.59
C ILE D 51 33.83 22.78 48.76
N THR D 52 34.67 22.09 49.54
CA THR D 52 34.16 21.36 50.69
C THR D 52 33.42 22.29 51.65
N MET D 53 34.01 23.46 51.94
CA MET D 53 33.37 24.42 52.82
C MET D 53 32.05 24.92 52.27
N LEU D 54 31.98 25.15 50.96
CA LEU D 54 30.73 25.59 50.34
C LEU D 54 29.61 24.60 50.56
N GLU D 55 29.88 23.32 50.34
CA GLU D 55 28.85 22.31 50.51
C GLU D 55 28.35 22.24 51.94
N VAL D 56 29.24 22.39 52.92
CA VAL D 56 28.83 22.38 54.32
C VAL D 56 27.89 23.54 54.61
N LEU D 57 28.23 24.72 54.11
CA LEU D 57 27.38 25.88 54.34
C LEU D 57 26.02 25.72 53.68
N CYS D 58 25.97 25.14 52.48
CA CYS D 58 24.68 24.96 51.80
C CYS D 58 23.76 24.07 52.63
N TYR D 59 24.33 23.03 53.23
CA TYR D 59 23.60 22.12 54.08
C TYR D 59 23.02 22.88 55.29
N ALA D 60 23.84 23.71 55.93
CA ALA D 60 23.39 24.51 57.07
C ALA D 60 22.25 25.46 56.69
N ILE D 61 22.29 26.03 55.50
CA ILE D 61 21.22 26.92 55.06
C ILE D 61 19.89 26.19 54.98
N SER D 62 19.89 24.98 54.41
CA SER D 62 18.66 24.21 54.30
C SER D 62 18.03 23.99 55.67
N ASP D 63 18.86 23.71 56.68
CA ASP D 63 18.37 23.51 58.04
C ASP D 63 17.67 24.75 58.56
N LEU D 64 18.26 25.92 58.34
CA LEU D 64 17.62 27.14 58.79
C LEU D 64 16.27 27.33 58.11
N GLY D 65 16.23 27.16 56.79
CA GLY D 65 14.98 27.37 56.08
C GLY D 65 13.89 26.45 56.58
N ASN D 66 14.25 25.22 56.88
CA ASN D 66 13.30 24.25 57.37
C ASN D 66 12.66 24.66 58.69
N ARG D 67 13.40 25.34 59.57
CA ARG D 67 12.76 25.73 60.83
C ARG D 67 11.89 26.95 60.66
N ILE D 68 12.25 27.82 59.74
CA ILE D 68 11.45 29.00 59.51
C ILE D 68 10.03 28.59 59.12
N ASN D 69 9.90 27.48 58.37
CA ASN D 69 8.59 26.97 57.95
C ASN D 69 7.76 26.25 59.02
N ILE D 70 8.24 26.13 60.26
CA ILE D 70 7.43 25.52 61.31
C ILE D 70 6.20 26.38 61.54
N PRO D 71 5.01 25.80 61.65
CA PRO D 71 3.77 26.55 61.81
C PRO D 71 3.74 27.40 63.07
N ILE D 72 3.00 28.51 62.96
CA ILE D 72 2.88 29.52 64.01
C ILE D 72 2.41 28.93 65.31
N GLU D 73 1.54 27.93 65.25
CA GLU D 73 0.99 27.38 66.48
C GLU D 73 2.10 26.91 67.40
N ASP D 74 3.21 26.48 66.83
CA ASP D 74 4.30 25.98 67.64
C ASP D 74 5.32 27.06 67.90
N LEU D 75 5.59 27.91 66.91
CA LEU D 75 6.64 28.90 67.09
C LEU D 75 6.35 29.88 68.20
N ILE D 76 5.09 30.21 68.43
CA ILE D 76 4.79 31.16 69.50
C ILE D 76 4.12 30.52 70.68
N ALA D 77 4.24 29.22 70.84
CA ALA D 77 3.65 28.52 71.97
C ALA D 77 4.32 28.89 73.28
N ASN D 78 3.52 28.84 74.36
CA ASN D 78 4.05 29.00 75.70
C ASN D 78 4.38 27.66 76.30
N GLU D 79 5.29 27.67 77.26
CA GLU D 79 5.71 26.45 77.95
C GLU D 79 4.57 25.73 78.62
N GLU D 80 3.62 26.49 79.14
CA GLU D 80 2.45 26.00 79.84
C GLU D 80 1.22 25.92 78.96
N GLY D 81 1.35 26.17 77.66
CA GLY D 81 0.21 26.19 76.77
C GLY D 81 -0.50 27.54 76.83
N GLY D 82 -1.51 27.71 75.97
CA GLY D 82 -2.26 28.96 75.94
C GLY D 82 -1.60 30.03 75.10
N VAL D 83 -2.30 31.16 74.98
CA VAL D 83 -1.87 32.31 74.19
C VAL D 83 -2.02 33.61 74.97
N LYS D 84 -1.89 33.54 76.28
CA LYS D 84 -2.17 34.69 77.14
C LYS D 84 -1.51 36.01 76.70
N GLY D 85 -0.22 36.01 76.41
CA GLY D 85 0.44 37.26 76.05
C GLY D 85 0.49 37.56 74.57
N GLN D 86 -0.16 36.73 73.77
CA GLN D 86 -0.09 36.90 72.32
C GLN D 86 -1.39 37.39 71.74
N PHE D 87 -2.50 36.82 72.16
CA PHE D 87 -3.75 37.19 71.52
C PHE D 87 -4.85 37.42 72.52
N TYR D 88 -5.83 38.21 72.13
CA TYR D 88 -7.04 38.33 72.90
C TYR D 88 -8.02 37.37 72.25
N LYS D 89 -8.78 36.63 73.04
CA LYS D 89 -9.71 35.63 72.52
C LYS D 89 -11.08 36.23 72.18
N VAL D 90 -11.89 35.50 71.39
CA VAL D 90 -13.19 36.05 70.98
C VAL D 90 -14.11 36.37 72.14
N GLN D 91 -14.04 35.58 73.20
CA GLN D 91 -14.86 35.77 74.39
C GLN D 91 -14.53 37.07 75.09
N GLU D 92 -13.37 37.61 74.80
CA GLU D 92 -12.86 38.81 75.43
C GLU D 92 -12.86 40.02 74.53
N ILE D 93 -12.58 39.85 73.25
CA ILE D 93 -12.44 41.00 72.37
C ILE D 93 -13.64 41.30 71.47
N LEU D 94 -14.54 40.35 71.24
CA LEU D 94 -15.71 40.66 70.39
C LEU D 94 -16.98 41.22 71.08
N PRO D 95 -17.37 40.78 72.29
CA PRO D 95 -18.58 41.24 72.98
C PRO D 95 -18.59 42.72 73.28
N SER D 96 -19.79 43.30 73.37
CA SER D 96 -19.92 44.74 73.63
C SER D 96 -20.82 45.03 74.83
N ALA D 97 -20.53 46.13 75.52
CA ALA D 97 -21.31 46.51 76.69
C ALA D 97 -22.74 46.73 76.19
N PRO D 98 -23.77 46.55 77.01
CA PRO D 98 -25.09 46.74 76.42
C PRO D 98 -25.58 48.19 76.42
N THR D 99 -25.78 48.79 75.23
CA THR D 99 -26.26 50.17 75.12
C THR D 99 -27.58 50.36 74.35
N SER D 100 -28.08 49.32 73.71
CA SER D 100 -29.32 49.38 72.95
C SER D 100 -30.47 48.72 73.68
N GLU D 101 -31.69 48.90 73.14
CA GLU D 101 -32.91 48.36 73.75
C GLU D 101 -32.86 46.82 73.75
N LEU D 102 -32.39 46.21 72.65
CA LEU D 102 -32.34 44.77 72.54
C LEU D 102 -31.30 44.23 73.49
N ASP D 103 -30.19 44.95 73.66
CA ASP D 103 -29.17 44.51 74.59
C ASP D 103 -29.72 44.48 76.00
N LEU D 104 -30.50 45.50 76.37
CA LEU D 104 -31.09 45.52 77.71
C LEU D 104 -32.06 44.38 77.89
N ARG D 105 -32.84 44.07 76.87
CA ARG D 105 -33.75 42.95 77.04
C ARG D 105 -32.95 41.67 77.25
N LYS D 106 -31.86 41.47 76.50
CA LYS D 106 -31.03 40.28 76.70
C LYS D 106 -30.36 40.29 78.07
N LEU D 107 -29.96 41.46 78.54
CA LEU D 107 -29.32 41.58 79.83
C LEU D 107 -30.20 41.10 80.96
N PHE D 108 -31.45 41.57 80.99
CA PHE D 108 -32.33 41.25 82.09
C PHE D 108 -33.03 39.90 81.97
N ILE D 109 -33.25 39.43 80.74
CA ILE D 109 -33.96 38.17 80.52
C ILE D 109 -33.20 36.97 81.05
N ASP D 110 -31.92 37.14 81.39
CA ASP D 110 -31.13 36.09 82.00
C ASP D 110 -31.17 36.02 83.51
N ILE D 111 -31.97 36.84 84.14
CA ILE D 111 -32.13 36.74 85.57
C ILE D 111 -33.08 35.57 85.79
N GLU D 112 -32.68 34.60 86.60
CA GLU D 112 -33.52 33.43 86.76
C GLU D 112 -34.89 33.85 87.31
N GLY D 113 -35.95 33.27 86.75
CA GLY D 113 -37.33 33.58 87.12
C GLY D 113 -37.99 34.57 86.17
N ILE D 114 -37.22 35.21 85.30
CA ILE D 114 -37.78 36.15 84.34
C ILE D 114 -37.87 35.53 82.96
N LYS D 115 -39.05 35.60 82.35
CA LYS D 115 -39.28 35.02 81.04
C LYS D 115 -39.13 36.03 79.93
N ASN D 116 -39.53 37.26 80.21
CA ASN D 116 -39.43 38.32 79.21
C ASN D 116 -39.43 39.68 79.88
N CYS D 117 -38.95 40.68 79.15
CA CYS D 117 -38.92 42.05 79.61
C CYS D 117 -39.15 43.02 78.50
N TRP D 118 -39.77 44.14 78.82
CA TRP D 118 -39.94 45.18 77.85
C TRP D 118 -39.45 46.49 78.46
N ILE D 119 -38.82 47.31 77.65
CA ILE D 119 -38.26 48.57 78.13
C ILE D 119 -39.06 49.73 77.59
N LYS D 120 -39.59 50.55 78.48
CA LYS D 120 -40.39 51.69 78.11
C LYS D 120 -39.77 52.94 78.69
N ARG D 121 -40.16 54.09 78.14
CA ARG D 121 -39.61 55.41 78.49
C ARG D 121 -40.59 56.23 79.32
N GLU D 122 -40.10 56.84 80.42
CA GLU D 122 -40.93 57.72 81.22
C GLU D 122 -41.01 59.10 80.64
N ARG D 123 -42.19 59.72 80.82
CA ARG D 123 -42.39 61.11 80.38
C ARG D 123 -42.76 61.93 81.62
N VAL D 124 -41.73 62.49 82.28
CA VAL D 124 -41.93 63.32 83.43
C VAL D 124 -42.15 64.72 82.91
N THR D 125 -43.17 65.38 83.38
CA THR D 125 -43.47 66.71 82.87
C THR D 125 -43.16 67.81 83.84
N VAL D 126 -42.56 68.85 83.31
CA VAL D 126 -42.22 70.07 84.04
C VAL D 126 -42.92 71.24 83.41
N PHE D 127 -43.57 72.03 84.24
CA PHE D 127 -44.33 73.16 83.78
C PHE D 127 -43.59 74.44 84.10
N ALA D 128 -43.79 75.46 83.29
CA ALA D 128 -43.11 76.70 83.60
C ALA D 128 -43.90 77.97 83.34
N ASP D 129 -43.52 78.94 84.18
CA ASP D 129 -43.95 80.34 84.20
C ASP D 129 -42.98 81.15 83.35
N LEU D 130 -43.46 81.71 82.24
CA LEU D 130 -42.56 82.46 81.36
C LEU D 130 -42.59 83.94 81.68
N LYS D 131 -43.38 84.33 82.68
CA LYS D 131 -43.49 85.72 83.09
C LYS D 131 -42.37 85.93 84.07
N ASN D 132 -42.28 85.00 85.00
CA ASN D 132 -41.29 84.93 86.04
C ASN D 132 -40.64 83.60 85.79
N GLN D 133 -39.41 83.58 85.35
CA GLN D 133 -38.89 82.29 85.01
C GLN D 133 -38.90 81.52 86.30
N LYS D 134 -39.75 80.51 86.30
CA LYS D 134 -39.85 79.54 87.39
C LYS D 134 -40.44 78.22 86.87
N LEU D 135 -39.96 77.11 87.40
CA LEU D 135 -40.46 75.80 86.96
C LEU D 135 -40.81 74.85 88.12
N SER D 136 -41.83 74.04 87.90
CA SER D 136 -42.35 73.08 88.88
C SER D 136 -43.07 71.90 88.24
N TYR D 137 -43.29 70.83 89.01
CA TYR D 137 -43.97 69.64 88.48
C TYR D 137 -45.46 69.81 88.58
N GLU D 138 -45.87 70.91 89.18
CA GLU D 138 -47.27 71.25 89.39
C GLU D 138 -47.74 72.28 88.37
N LYS D 139 -49.03 72.23 87.99
CA LYS D 139 -49.57 73.26 87.09
C LYS D 139 -49.97 74.51 87.85
N THR D 140 -49.69 74.50 89.16
CA THR D 140 -49.93 75.60 90.06
C THR D 140 -48.93 76.70 89.72
N ILE D 141 -47.87 76.32 89.01
CA ILE D 141 -46.85 77.24 88.55
C ILE D 141 -47.45 78.26 87.58
N TRP D 142 -48.62 77.94 87.01
CA TRP D 142 -49.31 78.79 86.06
C TRP D 142 -50.38 79.70 86.65
N GLU D 143 -50.61 79.66 87.95
CA GLU D 143 -51.65 80.51 88.50
C GLU D 143 -51.39 81.97 88.20
N ASP D 144 -52.46 82.65 87.77
CA ASP D 144 -52.51 84.07 87.44
C ASP D 144 -51.72 84.47 86.18
N LEU D 145 -51.37 83.52 85.32
CA LEU D 145 -50.67 83.86 84.08
C LEU D 145 -51.60 83.91 82.88
N LYS D 146 -51.15 84.61 81.85
CA LYS D 146 -51.88 84.71 80.60
C LYS D 146 -51.59 83.46 79.77
N GLU D 147 -52.43 83.20 78.78
CA GLU D 147 -52.28 82.03 77.93
C GLU D 147 -50.95 81.92 77.17
N ASN D 148 -50.28 83.03 76.92
CA ASN D 148 -49.03 83.00 76.17
C ASN D 148 -47.81 83.06 77.08
N GLN D 149 -47.99 82.85 78.38
CA GLN D 149 -46.91 82.84 79.35
C GLN D 149 -46.69 81.44 79.91
N LYS D 150 -47.21 80.44 79.24
CA LYS D 150 -47.14 79.08 79.73
C LYS D 150 -46.26 78.16 78.87
N ALA D 151 -45.52 77.25 79.52
CA ALA D 151 -44.70 76.27 78.81
C ALA D 151 -44.64 74.94 79.55
N GLN D 152 -44.30 73.89 78.80
CA GLN D 152 -44.10 72.54 79.31
C GLN D 152 -42.93 71.85 78.64
N PHE D 153 -42.10 71.17 79.42
CA PHE D 153 -41.08 70.36 78.74
C PHE D 153 -41.11 68.98 79.36
N ASP D 154 -40.76 67.97 78.56
CA ASP D 154 -40.78 66.59 78.99
C ASP D 154 -39.35 66.12 79.18
N LEU D 155 -39.11 65.20 80.10
CA LEU D 155 -37.75 64.74 80.30
C LEU D 155 -37.35 63.66 79.27
N LYS D 156 -36.06 63.65 78.89
CA LYS D 156 -35.56 62.83 77.76
C LYS D 156 -34.81 61.52 78.06
N GLY D 157 -34.35 61.20 79.28
CA GLY D 157 -33.60 59.94 79.44
C GLY D 157 -34.01 58.98 80.56
N LEU D 158 -35.29 58.84 80.86
CA LEU D 158 -35.68 58.00 81.99
C LEU D 158 -36.41 56.71 81.60
N TYR D 159 -36.14 55.62 82.34
CA TYR D 159 -36.72 54.29 82.08
C TYR D 159 -37.70 53.68 83.10
N ARG D 160 -38.56 52.81 82.55
CA ARG D 160 -39.47 51.92 83.26
C ARG D 160 -39.33 50.50 82.71
N ILE D 161 -39.17 49.51 83.60
CA ILE D 161 -38.98 48.14 83.15
C ILE D 161 -40.18 47.25 83.47
N LEU D 162 -40.75 46.63 82.44
CA LEU D 162 -41.89 45.75 82.56
C LEU D 162 -41.43 44.30 82.57
N VAL D 163 -41.74 43.58 83.64
CA VAL D 163 -41.23 42.22 83.80
C VAL D 163 -42.30 41.13 83.79
N GLU D 164 -42.07 40.08 82.99
CA GLU D 164 -42.91 38.90 82.98
C GLU D 164 -42.17 37.75 83.67
N THR D 165 -42.72 37.23 84.75
CA THR D 165 -42.08 36.17 85.52
C THR D 165 -42.77 34.82 85.43
N GLU D 166 -42.01 33.79 85.81
CA GLU D 166 -42.47 32.39 85.87
C GLU D 166 -43.47 32.09 86.98
N ASP D 167 -43.36 32.81 88.08
CA ASP D 167 -44.11 32.63 89.32
C ASP D 167 -45.63 32.74 89.20
N ALA D 168 -46.13 33.60 88.32
CA ALA D 168 -47.56 33.87 88.17
C ALA D 168 -48.20 34.39 89.47
N ASP D 169 -47.46 35.23 90.19
CA ASP D 169 -47.88 35.86 91.43
C ASP D 169 -48.47 37.22 91.04
N LYS D 170 -48.91 38.01 92.02
CA LYS D 170 -49.46 39.33 91.75
C LYS D 170 -48.38 40.41 91.63
N VAL D 171 -47.25 40.23 92.32
CA VAL D 171 -46.19 41.24 92.37
C VAL D 171 -44.83 40.60 92.09
N LEU D 172 -43.81 41.42 91.87
CA LEU D 172 -42.47 40.87 91.71
C LEU D 172 -41.88 40.63 93.08
N SER D 173 -41.08 39.57 93.21
CA SER D 173 -40.33 39.37 94.43
C SER D 173 -39.36 40.51 94.60
N GLU D 174 -39.12 40.94 95.83
CA GLU D 174 -38.16 42.01 96.02
C GLU D 174 -36.76 41.60 95.54
N SER D 175 -36.48 40.30 95.48
CA SER D 175 -35.18 39.86 95.00
C SER D 175 -35.00 40.11 93.51
N LEU D 176 -36.10 40.22 92.78
CA LEU D 176 -36.02 40.49 91.37
C LEU D 176 -35.82 41.96 91.20
N GLU D 177 -36.56 42.76 91.98
CA GLU D 177 -36.34 44.19 91.87
C GLU D 177 -34.92 44.56 92.15
N LYS D 178 -34.32 43.91 93.15
CA LYS D 178 -32.94 44.21 93.44
C LYS D 178 -32.04 43.80 92.27
N ALA D 179 -32.29 42.61 91.69
CA ALA D 179 -31.48 42.14 90.57
C ALA D 179 -31.56 43.06 89.36
N VAL D 180 -32.75 43.58 89.05
CA VAL D 180 -32.90 44.46 87.89
C VAL D 180 -32.24 45.79 88.14
N PHE D 181 -32.48 46.39 89.31
CA PHE D 181 -31.86 47.68 89.58
C PHE D 181 -30.35 47.54 89.62
N THR D 182 -29.84 46.46 90.22
CA THR D 182 -28.40 46.25 90.29
C THR D 182 -27.76 46.19 88.93
N LYS D 183 -28.33 45.37 88.03
CA LYS D 183 -27.72 45.26 86.71
C LYS D 183 -27.85 46.55 85.93
N PHE D 184 -28.99 47.24 86.04
CA PHE D 184 -29.13 48.48 85.31
C PHE D 184 -28.04 49.45 85.70
N HIS D 185 -27.89 49.69 86.99
CA HIS D 185 -26.94 50.71 87.39
C HIS D 185 -25.52 50.32 87.10
N ALA D 186 -25.21 49.03 87.26
CA ALA D 186 -23.87 48.54 86.97
C ALA D 186 -23.49 48.76 85.51
N ASN D 187 -24.47 48.66 84.62
CA ASN D 187 -24.24 48.79 83.19
C ASN D 187 -25.13 49.85 82.56
N ARG D 188 -24.80 51.13 82.67
CA ARG D 188 -25.70 52.14 82.15
C ARG D 188 -25.00 53.14 81.25
N ASN D 189 -25.81 53.80 80.41
CA ASN D 189 -25.34 54.81 79.49
C ASN D 189 -25.20 56.14 80.19
N LEU D 190 -24.39 57.01 79.62
CA LEU D 190 -24.22 58.36 80.13
C LEU D 190 -25.51 59.16 79.92
N CYS D 191 -25.93 59.88 80.98
CA CYS D 191 -27.13 60.74 81.01
C CYS D 191 -28.47 60.02 80.89
N GLU D 192 -28.57 58.84 81.51
CA GLU D 192 -29.81 58.05 81.52
C GLU D 192 -30.03 57.44 82.91
N ASP D 193 -31.30 57.22 83.30
CA ASP D 193 -31.58 56.63 84.61
C ASP D 193 -32.86 55.80 84.65
N LEU D 194 -32.94 54.91 85.65
CA LEU D 194 -34.06 54.01 85.88
C LEU D 194 -34.93 54.45 87.04
N ILE D 195 -36.21 54.62 86.77
CA ILE D 195 -37.15 55.06 87.78
C ILE D 195 -37.89 53.91 88.42
N LYS D 196 -38.48 53.02 87.63
CA LYS D 196 -39.29 51.97 88.21
C LYS D 196 -39.20 50.63 87.49
N VAL D 197 -39.24 49.55 88.28
CA VAL D 197 -39.30 48.18 87.82
C VAL D 197 -40.60 47.59 88.35
N GLU D 198 -41.43 47.04 87.45
CA GLU D 198 -42.73 46.51 87.84
C GLU D 198 -43.19 45.35 86.97
N LYS D 199 -44.16 44.60 87.48
CA LYS D 199 -44.72 43.47 86.76
C LYS D 199 -45.70 43.94 85.68
N VAL D 200 -45.62 43.32 84.50
CA VAL D 200 -46.49 43.68 83.36
C VAL D 200 -47.98 43.43 83.62
N ALA D 201 -48.83 44.39 83.23
CA ALA D 201 -50.29 44.30 83.32
C ALA D 201 -50.87 43.41 82.23
N THR D 202 -52.06 42.84 82.47
CA THR D 202 -52.68 41.99 81.46
C THR D 202 -54.12 42.31 81.09
N GLU D 203 -54.56 41.72 79.96
CA GLU D 203 -55.93 41.81 79.44
C GLU D 203 -56.49 40.41 79.14
N PRO D 204 -57.58 39.96 79.77
CA PRO D 204 -58.17 38.62 79.58
C PRO D 204 -59.03 38.47 78.33
N ILE D 205 -58.82 37.37 77.59
CA ILE D 205 -59.57 37.05 76.37
C ILE D 205 -60.22 35.67 76.44
N SER D 206 -61.48 35.58 76.04
CA SER D 206 -62.20 34.32 75.99
C SER D 206 -62.20 33.72 74.61
N VAL D 207 -62.10 32.38 74.54
CA VAL D 207 -62.23 31.64 73.30
C VAL D 207 -63.19 30.48 73.57
N CYS D 208 -64.22 30.35 72.73
CA CYS D 208 -65.18 29.25 72.87
C CYS D 208 -65.39 28.56 71.53
N ALA D 209 -65.43 27.21 71.52
CA ALA D 209 -65.61 26.50 70.24
C ALA D 209 -66.18 25.08 70.32
N ASN D 210 -66.72 24.63 69.17
CA ASN D 210 -67.17 23.25 68.92
C ASN D 210 -66.30 22.65 67.83
N VAL D 211 -65.53 21.62 68.19
CA VAL D 211 -64.56 21.03 67.28
C VAL D 211 -64.78 19.53 67.06
N GLU D 212 -64.90 19.15 65.78
CA GLU D 212 -65.05 17.75 65.42
C GLU D 212 -63.69 17.17 65.09
N VAL D 213 -63.43 15.98 65.63
CA VAL D 213 -62.17 15.30 65.45
C VAL D 213 -62.38 13.94 64.80
N ALA D 214 -61.28 13.38 64.32
CA ALA D 214 -61.30 12.06 63.70
C ALA D 214 -61.79 11.01 64.69
N PRO D 215 -62.51 9.98 64.19
CA PRO D 215 -63.06 8.88 65.00
C PRO D 215 -62.01 8.07 65.73
N GLU D 216 -60.76 8.16 65.27
CA GLU D 216 -59.63 7.47 65.84
C GLU D 216 -58.59 8.51 66.21
N ALA D 217 -58.84 9.19 67.33
CA ALA D 217 -57.99 10.26 67.77
C ALA D 217 -57.99 10.32 69.28
N ASP D 218 -56.85 10.75 69.83
CA ASP D 218 -56.66 10.94 71.26
C ASP D 218 -57.04 12.37 71.61
N GLU D 219 -58.26 12.53 72.12
CA GLU D 219 -58.79 13.84 72.48
C GLU D 219 -58.05 14.55 73.60
N GLU D 220 -57.60 13.85 74.62
CA GLU D 220 -56.93 14.54 75.70
C GLU D 220 -55.66 15.18 75.17
N LEU D 221 -54.97 14.47 74.28
CA LEU D 221 -53.76 15.02 73.68
C LEU D 221 -54.08 16.18 72.76
N ILE D 222 -55.15 16.08 71.96
CA ILE D 222 -55.51 17.19 71.08
C ILE D 222 -55.79 18.42 71.92
N HIS D 223 -56.54 18.25 73.01
CA HIS D 223 -56.84 19.41 73.81
C HIS D 223 -55.58 20.05 74.36
N ALA D 224 -54.66 19.24 74.90
CA ALA D 224 -53.42 19.80 75.44
C ALA D 224 -52.64 20.57 74.38
N GLN D 225 -52.60 20.04 73.16
CA GLN D 225 -51.88 20.69 72.07
C GLN D 225 -52.52 22.00 71.61
N ILE D 226 -53.86 22.03 71.47
CA ILE D 226 -54.52 23.26 71.04
C ILE D 226 -54.29 24.33 72.05
N LEU D 227 -54.49 23.97 73.30
CA LEU D 227 -54.38 24.88 74.41
C LEU D 227 -53.00 25.51 74.47
N ILE D 228 -51.93 24.71 74.34
CA ILE D 228 -50.60 25.30 74.37
C ILE D 228 -50.38 26.23 73.19
N ALA D 229 -50.77 25.81 71.99
CA ALA D 229 -50.54 26.63 70.81
C ALA D 229 -51.21 28.01 70.90
N ILE D 230 -52.43 28.08 71.44
CA ILE D 230 -53.07 29.39 71.56
C ILE D 230 -52.32 30.24 72.56
N GLU D 231 -51.92 29.67 73.69
CA GLU D 231 -51.19 30.46 74.66
C GLU D 231 -49.90 31.01 74.07
N ASP D 232 -49.17 30.21 73.26
CA ASP D 232 -47.94 30.70 72.66
C ASP D 232 -48.19 31.83 71.67
N TYR D 233 -49.29 31.76 70.90
CA TYR D 233 -49.66 32.84 70.00
C TYR D 233 -49.81 34.16 70.74
N LEU D 234 -50.58 34.13 71.82
CA LEU D 234 -50.84 35.35 72.56
C LEU D 234 -49.60 35.95 73.20
N ALA D 235 -48.70 35.13 73.73
CA ALA D 235 -47.53 35.68 74.43
C ALA D 235 -46.25 34.85 74.27
N PRO D 236 -45.60 34.89 73.10
CA PRO D 236 -44.37 34.14 72.77
C PRO D 236 -43.20 34.54 73.65
N SER D 237 -42.22 33.65 73.80
CA SER D 237 -41.00 33.94 74.55
C SER D 237 -39.82 33.27 73.84
N PRO D 238 -38.60 33.84 73.94
CA PRO D 238 -37.36 33.30 73.34
C PRO D 238 -36.78 32.12 74.08
N ARG D 239 -35.92 31.36 73.41
CA ARG D 239 -35.22 30.24 74.05
C ARG D 239 -33.71 30.35 73.89
N HIS D 240 -32.98 29.69 74.77
CA HIS D 240 -31.53 29.70 74.73
C HIS D 240 -30.97 28.63 73.83
N TYR D 241 -29.86 28.94 73.18
CA TYR D 241 -29.19 28.00 72.29
C TYR D 241 -27.73 27.76 72.62
N SER D 242 -27.26 26.57 72.25
CA SER D 242 -25.85 26.23 72.38
C SER D 242 -25.08 26.90 71.27
N LEU D 243 -23.75 26.95 71.37
CA LEU D 243 -22.98 27.54 70.28
C LEU D 243 -23.13 26.69 69.03
N LYS D 244 -23.07 25.38 69.16
CA LYS D 244 -23.24 24.50 68.02
C LYS D 244 -24.54 24.80 67.29
N GLN D 245 -25.63 25.02 68.04
CA GLN D 245 -26.91 25.35 67.41
C GLN D 245 -26.88 26.69 66.67
N MET D 246 -26.24 27.72 67.25
CA MET D 246 -26.17 29.01 66.56
C MET D 246 -25.44 28.86 65.23
N VAL D 247 -24.41 28.02 65.24
CA VAL D 247 -23.66 27.75 64.03
C VAL D 247 -24.53 27.02 63.01
N ASP D 248 -25.28 25.99 63.45
CA ASP D 248 -26.16 25.26 62.51
C ASP D 248 -27.19 26.17 61.86
N LYS D 249 -27.66 27.17 62.60
CA LYS D 249 -28.63 28.14 62.09
C LYS D 249 -28.06 29.01 60.97
N GLY D 250 -26.74 29.03 60.78
CA GLY D 250 -26.13 29.83 59.75
C GLY D 250 -25.53 31.13 60.21
N TYR D 251 -25.34 31.34 61.50
CA TYR D 251 -24.75 32.60 61.94
C TYR D 251 -23.24 32.47 61.97
N THR D 252 -22.55 33.59 61.81
CA THR D 252 -21.09 33.56 61.93
C THR D 252 -20.62 34.18 63.23
N MET D 253 -19.31 34.13 63.45
CA MET D 253 -18.72 34.58 64.70
C MET D 253 -18.99 36.03 65.02
N ASP D 254 -18.89 36.88 64.02
CA ASP D 254 -19.12 38.31 64.24
C ASP D 254 -20.52 38.57 64.76
N GLU D 255 -21.47 37.74 64.37
CA GLU D 255 -22.86 37.94 64.70
C GLU D 255 -23.21 37.27 66.01
N ILE D 256 -22.67 36.09 66.24
CA ILE D 256 -23.00 35.33 67.43
C ILE D 256 -22.56 36.09 68.66
N PHE D 257 -21.40 36.73 68.59
CA PHE D 257 -20.83 37.50 69.69
C PHE D 257 -21.06 39.02 69.56
N GLU D 258 -22.05 39.46 68.76
CA GLU D 258 -22.30 40.89 68.55
C GLU D 258 -22.69 41.69 69.82
N GLY D 259 -23.51 41.12 70.70
CA GLY D 259 -23.99 41.86 71.86
C GLY D 259 -23.22 41.51 73.14
N PRO D 260 -23.85 41.71 74.29
CA PRO D 260 -23.29 41.35 75.59
C PRO D 260 -23.07 39.86 75.64
N PHE D 261 -22.06 39.40 76.36
CA PHE D 261 -21.89 37.96 76.48
C PHE D 261 -22.90 37.47 77.49
N LEU D 262 -23.57 36.36 77.20
CA LEU D 262 -24.56 35.83 78.12
C LEU D 262 -24.18 34.45 78.66
N GLU D 263 -24.12 34.34 79.98
CA GLU D 263 -23.72 33.11 80.66
C GLU D 263 -24.65 31.91 80.47
N ASN D 264 -25.89 32.15 80.10
CA ASN D 264 -26.86 31.08 80.01
C ASN D 264 -27.11 30.52 78.62
N GLY D 265 -26.32 30.90 77.63
CA GLY D 265 -26.61 30.43 76.29
C GLY D 265 -26.90 31.62 75.40
N PHE D 266 -27.02 31.35 74.12
CA PHE D 266 -27.19 32.44 73.19
C PHE D 266 -28.66 32.73 72.97
N ILE D 267 -29.01 34.00 72.76
CA ILE D 267 -30.38 34.40 72.45
C ILE D 267 -30.43 34.96 71.05
N ASP D 268 -31.35 34.44 70.25
CA ASP D 268 -31.51 34.84 68.86
C ASP D 268 -32.31 36.14 68.78
N THR D 269 -31.71 37.13 68.11
CA THR D 269 -32.27 38.46 67.99
C THR D 269 -33.63 38.42 67.30
N VAL D 270 -33.81 37.55 66.31
CA VAL D 270 -35.10 37.51 65.63
C VAL D 270 -36.22 37.12 66.58
N GLU D 271 -36.00 36.09 67.38
CA GLU D 271 -37.01 35.69 68.33
C GLU D 271 -37.28 36.81 69.32
N LEU D 272 -36.23 37.51 69.73
CA LEU D 272 -36.39 38.55 70.71
C LEU D 272 -37.25 39.69 70.15
N LYS D 273 -37.02 40.06 68.90
CA LYS D 273 -37.81 41.12 68.27
C LYS D 273 -39.26 40.68 68.12
N ALA D 274 -39.48 39.43 67.75
CA ALA D 274 -40.82 38.92 67.56
C ALA D 274 -41.64 38.95 68.84
N SER D 275 -41.04 38.62 69.99
CA SER D 275 -41.76 38.57 71.27
C SER D 275 -42.02 39.92 71.95
N GLU D 276 -42.71 40.78 71.21
CA GLU D 276 -43.11 42.12 71.63
C GLU D 276 -44.55 42.04 72.12
N LEU D 277 -44.98 42.97 72.96
CA LEU D 277 -46.37 42.92 73.40
C LEU D 277 -47.30 43.07 72.20
N ARG D 278 -48.24 42.13 72.09
CA ARG D 278 -49.23 42.07 71.02
C ARG D 278 -50.29 43.16 71.12
N LYS D 279 -50.64 43.77 69.99
CA LYS D 279 -51.69 44.78 69.97
C LYS D 279 -53.04 44.26 69.51
N GLU D 280 -53.06 43.23 68.67
CA GLU D 280 -54.31 42.70 68.14
C GLU D 280 -54.38 41.18 68.08
N VAL D 281 -55.56 40.65 68.43
CA VAL D 281 -55.93 39.23 68.40
C VAL D 281 -57.08 38.98 67.44
N ARG D 282 -56.96 37.98 66.57
CA ARG D 282 -58.04 37.76 65.63
C ARG D 282 -58.43 36.30 65.34
N LEU D 283 -59.70 36.10 64.96
CA LEU D 283 -60.17 34.74 64.62
C LEU D 283 -59.44 34.11 63.47
N SER D 284 -59.05 34.87 62.46
CA SER D 284 -58.37 34.22 61.35
C SER D 284 -57.06 33.55 61.74
N ASP D 285 -56.46 33.91 62.88
CA ASP D 285 -55.27 33.21 63.28
C ASP D 285 -55.62 32.07 64.21
N ILE D 286 -56.60 32.28 65.10
CA ILE D 286 -56.98 31.25 66.07
C ILE D 286 -57.52 30.03 65.35
N ILE D 287 -58.32 30.25 64.31
CA ILE D 287 -58.87 29.14 63.56
C ILE D 287 -57.78 28.32 62.92
N ASN D 288 -56.80 28.98 62.34
CA ASN D 288 -55.70 28.28 61.71
C ASN D 288 -54.94 27.44 62.73
N ILE D 289 -54.81 27.93 63.96
CA ILE D 289 -54.11 27.18 64.99
C ILE D 289 -54.85 25.89 65.29
N ILE D 290 -56.16 25.95 65.43
CA ILE D 290 -56.96 24.75 65.70
C ILE D 290 -56.99 23.81 64.49
N MET D 291 -57.22 24.32 63.29
CA MET D 291 -57.33 23.45 62.10
C MET D 291 -56.04 22.69 61.81
N SER D 292 -54.90 23.24 62.18
CA SER D 292 -53.61 22.58 61.96
C SER D 292 -53.26 21.48 62.95
N ILE D 293 -54.06 21.26 63.99
CA ILE D 293 -53.73 20.21 64.95
C ILE D 293 -54.18 18.87 64.40
N ASP D 294 -53.26 17.92 64.37
CA ASP D 294 -53.54 16.61 63.81
C ASP D 294 -54.71 15.93 64.52
N GLY D 295 -55.71 15.54 63.72
CA GLY D 295 -56.93 14.92 64.19
C GLY D 295 -58.13 15.85 64.10
N VAL D 296 -57.91 17.15 63.95
CA VAL D 296 -59.04 18.07 63.84
C VAL D 296 -59.58 18.06 62.43
N LYS D 297 -60.89 17.92 62.30
CA LYS D 297 -61.50 17.94 60.99
C LYS D 297 -62.31 19.18 60.73
N ILE D 298 -63.18 19.57 61.66
CA ILE D 298 -64.06 20.72 61.41
C ILE D 298 -64.23 21.59 62.66
N VAL D 299 -64.09 22.88 62.51
CA VAL D 299 -64.46 23.76 63.61
C VAL D 299 -65.85 24.21 63.25
N LYS D 300 -66.83 23.77 64.04
CA LYS D 300 -68.22 24.01 63.69
C LYS D 300 -68.69 25.33 64.27
N GLU D 301 -68.08 25.71 65.38
CA GLU D 301 -68.45 26.95 66.03
C GLU D 301 -67.21 27.53 66.68
N ILE D 302 -67.04 28.83 66.54
CA ILE D 302 -65.94 29.48 67.23
C ILE D 302 -66.24 30.95 67.41
N THR D 303 -65.83 31.47 68.56
CA THR D 303 -65.98 32.89 68.80
C THR D 303 -64.96 33.41 69.81
N LEU D 304 -64.61 34.69 69.67
CA LEU D 304 -63.75 35.43 70.57
C LEU D 304 -64.52 36.46 71.31
N GLY D 305 -64.01 36.83 72.46
CA GLY D 305 -64.59 38.00 73.06
C GLY D 305 -63.83 38.48 74.26
N ASN D 306 -63.95 39.77 74.52
CA ASN D 306 -63.32 40.31 75.69
C ASN D 306 -63.90 39.58 76.87
N CYS D 307 -63.09 39.05 77.75
CA CYS D 307 -63.73 38.36 78.85
C CYS D 307 -64.40 39.37 79.74
N ASP D 308 -65.69 39.18 79.97
CA ASP D 308 -66.36 40.15 80.81
C ASP D 308 -67.56 39.46 81.47
N GLU D 309 -68.25 40.20 82.34
CA GLU D 309 -69.43 39.71 83.05
C GLU D 309 -70.67 40.09 82.23
N ASN D 310 -71.78 39.37 82.45
CA ASN D 310 -73.00 39.64 81.70
C ASN D 310 -72.72 39.47 80.21
N ASP D 311 -71.99 38.41 79.90
CA ASP D 311 -71.57 38.13 78.53
C ASP D 311 -72.76 37.49 77.82
N GLY D 312 -73.69 38.37 77.43
CA GLY D 312 -74.93 38.03 76.75
C GLY D 312 -74.76 38.14 75.25
N ILE D 313 -75.76 38.65 74.56
CA ILE D 313 -75.66 38.74 73.10
C ILE D 313 -74.77 39.91 72.75
N GLU D 314 -73.76 39.65 71.93
CA GLU D 314 -72.74 40.61 71.53
C GLU D 314 -72.14 40.25 70.18
N ASN D 315 -71.56 41.25 69.53
CA ASN D 315 -70.82 41.17 68.27
C ASN D 315 -69.74 40.13 68.25
N ASN D 316 -69.46 39.63 67.03
CA ASN D 316 -68.43 38.64 66.77
C ASN D 316 -67.03 39.05 67.19
N GLN D 317 -66.70 40.33 67.21
CA GLN D 317 -65.37 40.74 67.63
C GLN D 317 -64.28 39.99 66.85
N TRP D 318 -64.35 40.10 65.53
CA TRP D 318 -63.42 39.40 64.64
C TRP D 318 -61.98 39.80 64.92
N VAL D 319 -61.76 41.01 65.42
CA VAL D 319 -60.47 41.49 65.88
C VAL D 319 -60.63 42.23 67.20
N ILE D 320 -59.82 41.85 68.19
CA ILE D 320 -59.82 42.50 69.49
C ILE D 320 -58.53 43.30 69.69
N CYS D 321 -58.67 44.58 70.02
CA CYS D 321 -57.52 45.43 70.26
C CYS D 321 -57.15 45.46 71.74
N ILE D 322 -55.85 45.57 72.00
CA ILE D 322 -55.28 45.53 73.35
C ILE D 322 -54.66 46.90 73.72
N PRO D 323 -54.94 47.44 74.91
CA PRO D 323 -54.32 48.68 75.43
C PRO D 323 -52.80 48.59 75.42
N GLU D 324 -52.15 49.72 75.12
CA GLU D 324 -50.71 49.90 74.89
C GLU D 324 -49.67 49.32 75.85
N ASN D 325 -50.00 48.97 77.08
CA ASN D 325 -48.96 48.42 77.97
C ASN D 325 -49.44 47.14 78.62
N LYS D 326 -50.30 46.42 77.93
CA LYS D 326 -50.81 45.17 78.46
C LYS D 326 -50.43 43.97 77.62
N LYS D 327 -50.35 42.84 78.30
CA LYS D 327 -50.14 41.56 77.67
C LYS D 327 -51.46 40.80 77.68
N PRO D 328 -51.91 40.22 76.58
CA PRO D 328 -53.14 39.42 76.55
C PRO D 328 -52.94 38.08 77.25
N LYS D 329 -54.00 37.54 77.86
CA LYS D 329 -53.91 36.23 78.53
C LYS D 329 -55.26 35.52 78.47
N LEU D 330 -55.31 34.19 78.29
CA LEU D 330 -56.61 33.53 78.30
C LEU D 330 -57.23 33.70 79.68
N CYS D 331 -58.54 33.94 79.68
CA CYS D 331 -59.32 34.23 80.87
C CYS D 331 -59.69 33.04 81.77
N LYS D 332 -59.40 31.84 81.36
CA LYS D 332 -59.68 30.60 82.09
C LYS D 332 -61.18 30.28 82.26
N LYS D 333 -62.04 30.97 81.50
CA LYS D 333 -63.46 30.71 81.41
C LYS D 333 -63.76 30.18 80.03
N THR D 334 -62.70 29.77 79.34
CA THR D 334 -62.72 29.29 77.97
C THR D 334 -63.19 27.85 77.90
N THR D 335 -63.54 27.40 76.68
CA THR D 335 -63.94 25.99 76.57
C THR D 335 -64.02 25.47 75.13
N ILE D 336 -63.71 24.18 74.97
CA ILE D 336 -63.90 23.51 73.70
C ILE D 336 -64.68 22.23 73.86
N ASN D 337 -65.73 22.12 73.08
CA ASN D 337 -66.56 20.94 73.06
C ASN D 337 -66.11 20.04 71.93
N TYR D 338 -65.71 18.82 72.27
CA TYR D 338 -65.22 17.92 71.24
C TYR D 338 -66.26 16.92 70.83
N PHE D 339 -66.31 16.65 69.52
CA PHE D 339 -67.27 15.74 68.93
C PHE D 339 -66.66 14.73 67.95
N LYS D 340 -67.30 13.57 67.86
CA LYS D 340 -66.99 12.60 66.82
C LYS D 340 -68.28 12.33 66.06
N GLY D 341 -68.33 12.71 64.79
CA GLY D 341 -69.58 12.59 64.09
C GLY D 341 -70.55 13.53 64.76
N ILE D 342 -71.62 13.00 65.32
CA ILE D 342 -72.60 13.85 65.99
C ILE D 342 -72.65 13.63 67.49
N LEU D 343 -71.73 12.84 67.99
CA LEU D 343 -71.75 12.52 69.38
C LEU D 343 -70.66 13.24 70.15
N PRO D 344 -71.06 13.86 71.25
CA PRO D 344 -70.20 14.55 72.20
C PRO D 344 -69.45 13.51 73.02
N ILE D 345 -68.20 13.82 73.38
CA ILE D 345 -67.36 12.93 74.18
C ILE D 345 -66.87 13.70 75.39
N ASN D 346 -66.46 13.00 76.43
CA ASN D 346 -65.96 13.64 77.66
C ASN D 346 -64.46 13.43 77.93
N LEU D 347 -63.81 14.50 78.39
CA LEU D 347 -62.37 14.47 78.69
C LEU D 347 -62.06 14.46 80.18
N ASN D 348 -60.93 13.84 80.54
CA ASN D 348 -60.51 13.74 81.93
C ASN D 348 -59.36 14.70 82.21
N PRO D 349 -59.49 15.51 83.26
CA PRO D 349 -58.49 16.52 83.62
C PRO D 349 -57.08 15.97 83.92
N VAL D 350 -56.97 14.83 84.58
CA VAL D 350 -55.64 14.29 84.88
C VAL D 350 -54.81 13.93 83.64
N ARG D 351 -55.45 13.34 82.63
CA ARG D 351 -54.78 13.00 81.39
C ARG D 351 -54.30 14.21 80.61
N VAL D 352 -55.08 15.29 80.63
CA VAL D 352 -54.72 16.47 79.89
C VAL D 352 -53.55 17.12 80.56
N ASP D 353 -53.60 17.21 81.89
CA ASP D 353 -52.52 17.81 82.65
C ASP D 353 -51.21 17.09 82.39
N ASN D 354 -51.26 15.76 82.29
CA ASN D 354 -50.04 15.02 82.04
C ASN D 354 -49.46 15.33 80.68
N HIS D 355 -50.31 15.43 79.66
CA HIS D 355 -49.77 15.73 78.33
C HIS D 355 -49.18 17.13 78.30
N LYS D 356 -49.89 18.10 78.88
CA LYS D 356 -49.41 19.48 78.87
C LYS D 356 -48.06 19.59 79.58
N SER D 357 -47.93 18.94 80.73
CA SER D 357 -46.70 18.96 81.49
C SER D 357 -45.53 18.41 80.72
N LYS D 358 -45.69 17.25 80.09
CA LYS D 358 -44.60 16.68 79.31
C LYS D 358 -44.13 17.57 78.17
N ILE D 359 -45.10 18.17 77.46
CA ILE D 359 -44.78 19.00 76.31
C ILE D 359 -43.93 20.18 76.72
N LEU D 360 -44.29 20.81 77.82
CA LEU D 360 -43.56 21.98 78.25
C LEU D 360 -42.28 21.64 79.01
N ALA D 361 -42.27 20.57 79.79
CA ALA D 361 -41.06 20.24 80.56
C ALA D 361 -39.86 19.99 79.66
N SER D 362 -40.09 19.39 78.49
CA SER D 362 -39.01 19.12 77.54
C SER D 362 -38.35 20.38 77.00
N ARG D 363 -38.99 21.53 77.18
CA ARG D 363 -38.38 22.78 76.74
C ARG D 363 -37.31 23.22 77.73
N LEU D 364 -37.52 22.91 79.02
CA LEU D 364 -36.59 23.30 80.07
C LEU D 364 -35.29 22.58 79.88
N GLU D 365 -35.38 21.34 79.44
CA GLU D 365 -34.19 20.52 79.25
C GLU D 365 -33.24 21.16 78.25
N ASN D 366 -33.76 21.77 77.20
CA ASN D 366 -32.88 22.35 76.22
C ASN D 366 -32.28 23.64 76.71
N ASP D 367 -33.06 24.44 77.43
CA ASP D 367 -32.49 25.68 77.94
C ASP D 367 -31.30 25.36 78.84
N LEU D 368 -31.39 24.28 79.61
CA LEU D 368 -30.29 23.90 80.48
C LEU D 368 -29.07 23.39 79.70
N LYS D 369 -29.27 22.59 78.65
CA LYS D 369 -28.14 22.09 77.87
C LYS D 369 -27.34 23.24 77.23
N ALA D 370 -28.05 24.30 76.85
CA ALA D 370 -27.47 25.49 76.24
C ALA D 370 -26.43 26.18 77.12
N LYS D 371 -26.43 25.90 78.42
CA LYS D 371 -25.49 26.58 79.32
C LYS D 371 -24.05 26.05 79.24
N ASP D 372 -23.77 24.93 78.60
CA ASP D 372 -22.39 24.42 78.61
C ASP D 372 -21.56 24.80 77.37
N ASP D 373 -22.15 24.73 76.19
CA ASP D 373 -21.40 24.95 74.96
C ASP D 373 -21.29 26.41 74.59
N LEU D 374 -20.44 27.14 75.29
CA LEU D 374 -20.37 28.58 75.03
C LEU D 374 -19.11 29.09 74.32
N GLU D 375 -18.21 28.22 73.82
CA GLU D 375 -17.02 28.79 73.20
C GLU D 375 -16.38 27.87 72.12
N PRO D 376 -15.72 28.46 71.11
CA PRO D 376 -14.98 27.77 70.05
C PRO D 376 -13.64 27.24 70.50
N ALA D 377 -13.12 26.26 69.76
CA ALA D 377 -11.79 25.73 69.99
C ALA D 377 -10.70 26.59 69.37
N ILE D 378 -9.53 26.57 70.00
CA ILE D 378 -8.30 27.20 69.51
C ILE D 378 -7.23 26.14 69.32
N PRO D 379 -6.60 26.04 68.13
CA PRO D 379 -5.52 25.08 67.85
C PRO D 379 -4.37 25.24 68.82
N GLN D 380 -3.79 24.11 69.28
CA GLN D 380 -2.71 24.15 70.29
C GLN D 380 -1.43 23.50 69.75
N GLY D 381 -0.28 24.12 70.02
CA GLY D 381 1.01 23.64 69.58
C GLY D 381 1.84 23.06 70.70
N THR D 382 3.13 22.88 70.40
CA THR D 382 4.10 22.32 71.33
C THR D 382 5.17 23.35 71.61
N PHE D 383 6.22 22.96 72.31
CA PHE D 383 7.26 23.90 72.65
C PHE D 383 8.61 23.22 72.56
N ALA D 384 9.57 23.77 71.81
CA ALA D 384 10.81 23.03 71.70
C ALA D 384 12.09 23.79 71.41
N ASP D 385 12.37 24.91 72.06
CA ASP D 385 13.66 25.61 71.86
C ASP D 385 14.07 25.74 70.39
N TRP D 386 13.26 26.46 69.62
CA TRP D 386 13.43 26.57 68.18
C TRP D 386 14.79 27.12 67.74
N GLY D 387 15.52 27.78 68.65
CA GLY D 387 16.82 28.38 68.38
C GLY D 387 18.04 27.49 68.60
N GLU D 388 17.86 26.21 68.90
CA GLU D 388 19.02 25.32 69.10
C GLU D 388 19.94 25.28 67.90
N TYR D 389 21.24 25.46 68.11
CA TYR D 389 22.20 25.49 66.98
C TYR D 389 23.45 24.67 67.23
N SER D 390 23.87 23.91 66.23
CA SER D 390 25.11 23.14 66.29
C SER D 390 26.12 23.68 65.29
N SER D 391 27.39 23.74 65.72
CA SER D 391 28.49 24.25 64.90
C SER D 391 28.73 23.48 63.61
N ILE D 392 29.06 24.23 62.55
CA ILE D 392 29.32 23.61 61.25
C ILE D 392 30.65 22.89 61.22
N GLN D 393 31.44 23.06 62.27
CA GLN D 393 32.74 22.43 62.34
C GLN D 393 32.61 20.93 62.50
N HIS D 394 31.44 20.47 62.93
CA HIS D 394 31.22 19.05 63.13
C HIS D 394 30.87 18.34 61.83
N GLU D 395 30.79 19.08 60.73
CA GLU D 395 30.46 18.51 59.44
C GLU D 395 31.70 18.18 58.63
N PHE D 396 32.89 18.46 59.14
CA PHE D 396 34.10 18.21 58.36
C PHE D 396 34.72 16.86 58.69
N PRO D 397 35.54 16.26 57.83
CA PRO D 397 36.28 15.05 58.22
C PRO D 397 37.41 15.17 59.28
N GLU D 398 37.72 13.99 59.81
CA GLU D 398 38.72 13.89 60.86
C GLU D 398 40.03 14.42 60.35
N THR D 399 40.31 14.22 59.06
CA THR D 399 41.58 14.66 58.48
C THR D 399 41.81 16.14 58.76
N TYR D 400 40.75 16.97 58.68
CA TYR D 400 40.88 18.41 58.93
C TYR D 400 41.36 18.71 60.36
N GLY D 401 41.02 17.89 61.35
CA GLY D 401 41.51 18.03 62.73
C GLY D 401 40.70 18.96 63.61
N ILE D 402 39.51 19.38 63.17
CA ILE D 402 38.67 20.33 63.93
C ILE D 402 37.49 19.63 64.59
N SER D 403 37.56 18.31 64.82
CA SER D 403 36.48 17.55 65.43
C SER D 403 36.83 17.18 66.88
N ASP D 404 35.85 16.63 67.60
CA ASP D 404 36.02 16.24 69.00
C ASP D 404 37.13 15.26 69.33
N ILE D 405 37.49 14.37 68.41
CA ILE D 405 38.51 13.40 68.76
C ILE D 405 39.92 13.95 68.57
N GLY D 406 40.04 15.17 68.07
CA GLY D 406 41.34 15.76 67.88
C GLY D 406 42.09 15.22 66.69
N LEU D 407 43.41 15.28 66.80
CA LEU D 407 44.35 14.94 65.76
C LEU D 407 45.49 14.14 66.40
N PRO D 408 45.89 12.97 65.88
CA PRO D 408 46.98 12.14 66.46
C PRO D 408 48.29 12.88 66.64
N PRO D 409 48.93 12.78 67.84
CA PRO D 409 50.22 13.39 68.18
C PRO D 409 51.35 13.18 67.19
N LYS D 410 51.39 12.05 66.53
CA LYS D 410 52.49 11.76 65.62
C LYS D 410 52.55 12.72 64.44
N LEU D 411 51.50 13.47 64.18
CA LEU D 411 51.48 14.36 63.04
C LEU D 411 52.19 15.69 63.31
N GLY D 412 52.63 15.91 64.54
CA GLY D 412 53.38 17.09 64.89
C GLY D 412 52.57 18.30 65.28
N VAL D 413 53.29 19.23 65.90
CA VAL D 413 52.75 20.49 66.37
C VAL D 413 52.28 21.36 65.25
N LYS D 414 53.06 21.51 64.19
CA LYS D 414 52.61 22.44 63.17
C LYS D 414 51.23 22.11 62.65
N ARG D 415 50.92 20.84 62.45
CA ARG D 415 49.60 20.54 61.95
C ARG D 415 48.54 20.88 62.99
N ALA D 416 48.82 20.64 64.28
CA ALA D 416 47.87 21.02 65.32
C ALA D 416 47.61 22.52 65.34
N VAL D 417 48.65 23.31 65.11
CA VAL D 417 48.51 24.77 65.07
C VAL D 417 47.62 25.20 63.94
N LEU D 418 47.84 24.62 62.76
CA LEU D 418 47.05 24.97 61.62
C LEU D 418 45.58 24.64 61.85
N ALA D 419 45.29 23.57 62.57
CA ALA D 419 43.90 23.26 62.87
C ALA D 419 43.27 24.38 63.69
N ARG D 420 44.05 24.95 64.62
CA ARG D 420 43.57 26.07 65.45
C ARG D 420 43.23 27.26 64.57
N GLN D 421 44.06 27.53 63.54
CA GLN D 421 43.84 28.65 62.64
C GLN D 421 42.55 28.48 61.88
N LEU D 422 42.26 27.25 61.44
CA LEU D 422 41.01 27.01 60.72
C LEU D 422 39.80 27.21 61.62
N LYS D 423 39.86 26.76 62.88
CA LYS D 423 38.71 26.96 63.77
C LYS D 423 38.38 28.44 63.87
N GLY D 424 39.41 29.27 63.98
CA GLY D 424 39.23 30.70 64.06
C GLY D 424 38.48 31.22 62.86
N TYR D 425 38.93 30.86 61.67
CA TYR D 425 38.30 31.29 60.44
C TYR D 425 36.85 30.87 60.37
N LEU D 426 36.55 29.62 60.66
CA LEU D 426 35.18 29.15 60.55
C LEU D 426 34.21 29.85 61.51
N LEU D 427 34.67 30.37 62.66
CA LEU D 427 33.77 31.08 63.57
C LEU D 427 33.09 32.29 62.93
N PHE D 428 33.65 32.83 61.86
CA PHE D 428 33.01 33.96 61.21
C PHE D 428 31.70 33.57 60.56
N PHE D 429 31.57 32.30 60.20
CA PHE D 429 30.38 31.77 59.56
C PHE D 429 29.39 31.28 60.60
N ASP D 430 29.91 30.76 61.71
CA ASP D 430 29.02 30.23 62.71
C ASP D 430 28.38 31.32 63.51
N GLN D 431 29.09 32.40 63.79
CA GLN D 431 28.45 33.40 64.63
C GLN D 431 27.23 34.00 63.93
N ILE D 432 27.29 34.13 62.60
CA ILE D 432 26.16 34.67 61.86
C ILE D 432 25.00 33.70 61.85
N LEU D 433 25.25 32.43 61.57
CA LEU D 433 24.16 31.49 61.58
C LEU D 433 23.50 31.40 62.95
N ALA D 434 24.31 31.41 64.00
CA ALA D 434 23.75 31.33 65.34
C ALA D 434 22.81 32.48 65.62
N SER D 435 23.14 33.67 65.12
CA SER D 435 22.25 34.83 65.26
C SER D 435 20.88 34.61 64.66
N TYR D 436 20.80 34.07 63.47
CA TYR D 436 19.51 33.84 62.85
C TYR D 436 18.66 32.86 63.63
N PHE D 437 19.26 31.81 64.19
CA PHE D 437 18.48 30.86 64.97
C PHE D 437 17.96 31.51 66.24
N GLU D 438 18.81 32.34 66.83
CA GLU D 438 18.51 33.07 68.03
C GLU D 438 17.36 34.03 67.81
N HIS D 439 17.31 34.65 66.66
CA HIS D 439 16.25 35.57 66.32
C HIS D 439 14.91 34.88 66.25
N LEU D 440 14.82 33.62 65.80
CA LEU D 440 13.53 32.91 65.84
C LEU D 440 13.01 32.73 67.25
N SER D 441 13.90 32.47 68.19
CA SER D 441 13.51 32.26 69.58
C SER D 441 12.89 33.49 70.23
N LYS D 442 13.04 34.66 69.63
CA LYS D 442 12.54 35.89 70.20
C LYS D 442 11.28 36.42 69.54
N ILE D 443 10.69 35.70 68.59
CA ILE D 443 9.51 36.26 67.92
C ILE D 443 8.40 36.54 68.90
N LYS D 444 8.22 35.65 69.87
CA LYS D 444 7.20 35.83 70.88
C LYS D 444 7.36 37.11 71.66
N SER D 445 8.59 37.53 71.92
CA SER D 445 8.80 38.72 72.70
C SER D 445 8.59 39.93 71.84
N LEU D 446 9.07 39.89 70.61
CA LEU D 446 9.01 41.04 69.75
C LEU D 446 7.58 41.50 69.51
N LEU D 447 6.66 40.56 69.42
CA LEU D 447 5.27 40.89 69.19
C LEU D 447 4.37 40.76 70.43
N SER D 448 4.94 40.71 71.63
CA SER D 448 4.16 40.55 72.87
C SER D 448 3.24 41.71 73.23
N LEU D 449 2.05 41.35 73.73
CA LEU D 449 1.10 42.35 74.20
C LEU D 449 1.36 42.73 75.63
N ASP D 450 2.20 41.99 76.33
CA ASP D 450 2.47 42.30 77.72
C ASP D 450 3.67 43.19 77.91
N GLN D 451 4.71 42.89 77.14
CA GLN D 451 5.97 43.61 77.24
C GLN D 451 6.97 43.15 76.21
N GLY D 452 7.41 44.06 75.35
CA GLY D 452 8.44 43.71 74.38
C GLY D 452 9.85 43.84 74.97
N PRO D 453 10.84 43.34 74.22
CA PRO D 453 12.27 43.36 74.57
C PRO D 453 12.88 44.73 74.34
N SER D 454 14.06 44.95 74.92
CA SER D 454 14.81 46.19 74.72
C SER D 454 15.67 46.17 73.44
N PHE D 455 16.00 45.00 72.92
CA PHE D 455 16.83 44.86 71.74
C PHE D 455 16.01 44.34 70.58
N THR D 456 16.47 44.58 69.36
CA THR D 456 15.75 44.01 68.23
C THR D 456 16.61 43.01 67.47
N TYR D 457 17.92 43.00 67.71
CA TYR D 457 18.81 42.02 67.12
C TYR D 457 19.46 41.19 68.22
N PHE D 458 19.75 39.92 67.95
CA PHE D 458 20.23 39.03 69.01
C PHE D 458 21.39 38.13 68.57
N THR D 459 22.18 37.64 69.54
CA THR D 459 23.24 36.65 69.24
C THR D 459 23.32 35.54 70.31
N GLN D 460 24.22 34.58 70.11
CA GLN D 460 24.41 33.45 71.04
C GLN D 460 25.88 33.11 71.28
N ALA D 461 26.20 32.64 72.48
CA ALA D 461 27.50 32.05 72.66
C ALA D 461 27.52 30.71 71.97
N ILE D 462 28.64 30.34 71.39
CA ILE D 462 28.76 29.01 70.79
C ILE D 462 29.63 28.17 71.69
N LYS D 463 29.09 27.07 72.22
CA LYS D 463 29.82 26.26 73.18
C LYS D 463 30.06 24.81 72.81
N ASP D 464 29.78 24.39 71.60
CA ASP D 464 30.00 23.01 71.19
C ASP D 464 31.31 22.86 70.42
N ILE D 465 32.19 23.82 70.62
CA ILE D 465 33.53 23.87 70.08
C ILE D 465 34.48 23.77 71.25
N LYS D 466 35.35 22.77 71.23
CA LYS D 466 36.20 22.47 72.37
C LYS D 466 37.15 23.58 72.83
N ASP D 467 37.65 24.46 71.99
CA ASP D 467 38.52 25.42 72.67
C ASP D 467 38.03 26.84 72.75
N VAL D 468 36.74 27.10 72.54
CA VAL D 468 36.32 28.51 72.58
C VAL D 468 36.88 29.36 73.73
N GLU D 469 37.22 28.74 74.85
CA GLU D 469 37.83 29.51 75.93
C GLU D 469 39.20 30.07 75.57
N GLU D 470 39.85 29.51 74.55
CA GLU D 470 41.15 30.02 74.12
C GLU D 470 41.05 30.88 72.88
N LEU D 471 40.07 30.58 72.03
CA LEU D 471 39.89 31.31 70.78
C LEU D 471 39.46 32.76 71.04
N PHE D 472 38.66 32.99 72.08
CA PHE D 472 38.17 34.34 72.40
C PHE D 472 39.09 35.10 73.35
N LYS D 473 39.32 36.39 73.07
CA LYS D 473 40.18 37.20 73.93
C LYS D 473 39.64 37.35 75.34
N ASP D 474 38.31 37.41 75.49
CA ASP D 474 37.71 37.51 76.81
C ASP D 474 36.53 36.56 76.92
N PRO D 475 36.74 35.37 77.51
CA PRO D 475 35.74 34.32 77.69
C PRO D 475 34.56 34.76 78.51
N THR D 476 34.68 35.84 79.26
CA THR D 476 33.57 36.34 80.06
C THR D 476 32.29 36.46 79.27
N LEU D 477 32.38 36.94 78.04
CA LEU D 477 31.19 37.17 77.24
C LEU D 477 30.43 35.90 76.92
N LEU D 478 31.09 34.77 76.95
CA LEU D 478 30.43 33.53 76.59
C LEU D 478 29.54 33.04 77.72
N GLU D 479 29.59 33.71 78.86
CA GLU D 479 28.75 33.34 79.97
C GLU D 479 27.45 34.13 80.02
N ASN D 480 27.24 35.07 79.09
CA ASN D 480 26.03 35.88 79.12
C ASN D 480 25.72 36.48 77.75
N ASP D 481 24.71 35.91 77.08
CA ASP D 481 24.34 36.31 75.73
C ASP D 481 23.94 37.78 75.63
N GLU D 482 23.51 38.40 76.72
CA GLU D 482 23.12 39.81 76.67
C GLU D 482 24.35 40.69 76.54
N GLU D 483 25.47 40.28 77.15
CA GLU D 483 26.68 41.09 77.10
C GLU D 483 27.31 40.86 75.76
N LEU D 484 27.20 39.63 75.28
CA LEU D 484 27.75 39.28 74.00
C LEU D 484 27.06 40.09 72.91
N THR D 485 25.73 40.25 73.03
CA THR D 485 24.96 41.04 72.07
C THR D 485 25.43 42.48 72.05
N LYS D 486 25.56 43.09 73.23
CA LYS D 486 26.01 44.48 73.28
C LYS D 486 27.39 44.65 72.68
N SER D 487 28.29 43.69 72.91
CA SER D 487 29.65 43.74 72.38
C SER D 487 29.74 43.47 70.87
N LEU D 488 28.99 42.51 70.33
CA LEU D 488 29.13 42.16 68.92
C LEU D 488 28.24 42.94 67.97
N ILE D 489 27.01 43.25 68.35
CA ILE D 489 26.12 43.98 67.48
C ILE D 489 26.17 45.44 67.84
N GLY D 490 26.00 45.70 69.13
CA GLY D 490 26.11 47.05 69.66
C GLY D 490 25.22 48.06 68.98
N LYS D 491 25.86 49.15 68.56
CA LYS D 491 25.12 50.27 68.01
C LYS D 491 24.35 49.92 66.77
N LEU D 492 24.81 48.93 66.01
CA LEU D 492 24.11 48.63 64.77
C LEU D 492 22.61 48.45 65.00
N ASP D 493 22.20 48.15 66.23
CA ASP D 493 20.81 47.94 66.58
C ASP D 493 20.14 49.28 66.94
N ASP D 494 19.46 49.91 65.99
CA ASP D 494 18.83 51.19 66.27
C ASP D 494 17.49 50.91 66.94
N THR D 495 17.56 50.68 68.24
CA THR D 495 16.41 50.22 68.99
C THR D 495 15.27 51.20 69.05
N ILE D 496 15.52 52.49 69.16
CA ILE D 496 14.37 53.38 69.32
C ILE D 496 13.49 53.39 68.07
N GLU D 497 14.09 53.49 66.91
CA GLU D 497 13.27 53.51 65.72
C GLU D 497 12.61 52.16 65.48
N ARG D 498 13.35 51.07 65.67
CA ARG D 498 12.76 49.78 65.40
C ARG D 498 11.65 49.42 66.39
N ARG D 499 11.83 49.75 67.66
CA ARG D 499 10.80 49.46 68.64
C ARG D 499 9.54 50.24 68.34
N ASN D 500 9.67 51.49 67.89
CA ASN D 500 8.46 52.22 67.55
C ASN D 500 7.74 51.59 66.38
N GLN D 501 8.46 51.12 65.37
CA GLN D 501 7.76 50.51 64.24
C GLN D 501 6.95 49.29 64.66
N LEU D 502 7.51 48.45 65.54
CA LEU D 502 6.77 47.28 66.00
C LEU D 502 5.54 47.67 66.78
N MET D 503 5.67 48.66 67.66
CA MET D 503 4.53 49.06 68.47
C MET D 503 3.43 49.65 67.62
N ASP D 504 3.80 50.45 66.63
CA ASP D 504 2.80 51.08 65.80
C ASP D 504 2.01 50.06 65.03
N HIS D 505 2.69 49.01 64.56
CA HIS D 505 1.98 47.95 63.86
C HIS D 505 0.96 47.30 64.76
N LEU D 506 1.36 46.91 65.98
CA LEU D 506 0.42 46.24 66.85
C LEU D 506 -0.76 47.14 67.19
N ILE D 507 -0.51 48.43 67.40
CA ILE D 507 -1.60 49.36 67.72
C ILE D 507 -2.55 49.49 66.55
N ALA D 508 -2.02 49.57 65.35
CA ALA D 508 -2.81 49.66 64.14
C ALA D 508 -3.76 48.49 63.98
N ARG D 509 -3.38 47.30 64.46
CA ARG D 509 -4.25 46.13 64.33
C ARG D 509 -5.60 46.31 65.04
N PHE D 510 -5.69 47.25 65.97
CA PHE D 510 -6.93 47.53 66.67
C PHE D 510 -7.57 48.81 66.15
N ALA D 511 -7.05 49.32 65.05
CA ALA D 511 -7.45 50.56 64.40
C ALA D 511 -7.28 51.79 65.29
N GLU D 512 -6.22 51.84 66.10
CA GLU D 512 -5.97 52.98 66.96
C GLU D 512 -4.80 53.79 66.38
N ASN D 513 -4.45 54.94 66.98
CA ASN D 513 -3.37 55.78 66.44
C ASN D 513 -2.76 56.76 67.45
N PHE D 514 -1.45 56.62 67.72
CA PHE D 514 -0.71 57.43 68.68
C PHE D 514 0.21 58.50 68.07
N SER D 515 -0.03 58.90 66.83
CA SER D 515 0.84 59.87 66.16
C SER D 515 1.06 61.18 66.93
N SER D 516 0.04 61.68 67.63
CA SER D 516 0.14 62.98 68.27
C SER D 516 1.16 63.02 69.43
N TYR D 517 1.57 61.86 69.96
CA TYR D 517 2.53 61.86 71.05
C TYR D 517 3.87 62.36 70.59
N ALA D 518 4.10 62.25 69.31
CA ALA D 518 5.33 62.65 68.69
C ALA D 518 5.64 64.10 68.95
N PHE D 519 4.63 64.96 69.08
CA PHE D 519 4.96 66.33 69.34
C PHE D 519 4.34 66.85 70.62
N LEU D 520 3.24 66.27 71.07
CA LEU D 520 2.63 66.82 72.26
C LEU D 520 3.51 66.62 73.48
N MET D 521 4.27 65.54 73.49
CA MET D 521 5.12 65.27 74.62
C MET D 521 6.30 66.20 74.68
N LYS D 522 6.56 66.97 73.63
CA LYS D 522 7.74 67.83 73.62
C LYS D 522 7.47 69.10 74.36
N PHE D 523 6.24 69.29 74.81
CA PHE D 523 5.92 70.46 75.58
C PHE D 523 6.06 70.13 77.04
N LEU D 524 6.36 68.88 77.34
CA LEU D 524 6.47 68.41 78.70
C LEU D 524 7.88 67.94 79.00
N TYR D 525 8.49 67.27 78.04
CA TYR D 525 9.80 66.67 78.23
C TYR D 525 10.69 66.99 77.05
N GLY D 526 11.99 66.90 77.26
CA GLY D 526 12.96 67.06 76.19
C GLY D 526 13.31 65.72 75.59
N GLU D 527 14.60 65.41 75.54
CA GLU D 527 15.08 64.20 74.91
C GLU D 527 14.50 62.93 75.52
N SER D 528 14.11 63.00 76.79
CA SER D 528 13.57 61.87 77.53
C SER D 528 12.21 61.37 76.99
N THR D 529 11.58 62.10 76.04
CA THR D 529 10.30 61.63 75.53
C THR D 529 10.43 60.27 74.84
N ASP D 530 11.56 59.92 74.23
CA ASP D 530 11.54 58.65 73.50
C ASP D 530 11.25 57.45 74.40
N GLU D 531 11.82 57.46 75.61
CA GLU D 531 11.58 56.37 76.54
C GLU D 531 10.17 56.43 77.06
N ILE D 532 9.68 57.62 77.36
CA ILE D 532 8.36 57.77 77.94
C ILE D 532 7.30 57.29 76.98
N VAL D 533 7.42 57.70 75.72
CA VAL D 533 6.42 57.33 74.74
C VAL D 533 6.37 55.83 74.51
N LEU D 534 7.51 55.15 74.42
CA LEU D 534 7.42 53.70 74.25
C LEU D 534 6.76 53.03 75.46
N GLN D 535 7.01 53.51 76.66
CA GLN D 535 6.37 52.92 77.82
C GLN D 535 4.85 53.09 77.74
N ASP D 536 4.39 54.27 77.34
CA ASP D 536 2.96 54.51 77.25
C ASP D 536 2.29 53.65 76.19
N LYS D 537 2.95 53.45 75.04
CA LYS D 537 2.34 52.61 74.01
C LYS D 537 2.17 51.18 74.50
N GLN D 538 3.15 50.64 75.23
CA GLN D 538 2.99 49.27 75.73
C GLN D 538 1.83 49.18 76.71
N SER D 539 1.69 50.19 77.57
CA SER D 539 0.61 50.18 78.55
C SER D 539 -0.74 50.18 77.86
N PHE D 540 -0.86 50.98 76.80
CA PHE D 540 -2.09 51.05 76.05
C PHE D 540 -2.51 49.69 75.54
N LEU D 541 -1.58 48.94 74.94
CA LEU D 541 -1.98 47.62 74.45
C LEU D 541 -2.45 46.70 75.58
N ARG D 542 -1.74 46.72 76.72
CA ARG D 542 -2.14 45.83 77.82
C ARG D 542 -3.55 46.10 78.34
N GLU D 543 -3.91 47.36 78.41
CA GLU D 543 -5.19 47.80 78.95
C GLU D 543 -6.31 47.85 77.92
N TYR D 544 -6.03 47.47 76.68
CA TYR D 544 -6.98 47.65 75.60
C TYR D 544 -8.33 46.97 75.78
N LYS D 545 -8.38 45.77 76.35
CA LYS D 545 -9.67 45.08 76.41
C LYS D 545 -10.78 45.91 77.04
N GLU D 546 -10.49 46.53 78.18
CA GLU D 546 -11.45 47.40 78.85
C GLU D 546 -11.60 48.74 78.13
N ILE D 547 -10.51 49.31 77.65
CA ILE D 547 -10.56 50.66 77.04
C ILE D 547 -11.55 50.72 75.89
N SER D 548 -11.51 49.74 74.99
CA SER D 548 -12.41 49.78 73.85
C SER D 548 -13.83 49.34 74.13
N ARG D 549 -14.09 48.78 75.29
CA ARG D 549 -15.41 48.25 75.56
C ARG D 549 -16.24 49.17 76.43
N GLU D 550 -15.69 49.57 77.56
CA GLU D 550 -16.49 50.32 78.53
C GLU D 550 -16.43 51.80 78.22
N ARG D 551 -17.00 52.16 77.08
CA ARG D 551 -17.00 53.53 76.63
C ARG D 551 -18.14 54.30 77.24
N THR E 3 34.79 40.69 31.41
CA THR E 3 36.24 40.78 31.60
C THR E 3 36.77 39.50 32.18
N LEU E 4 36.10 38.42 31.83
CA LEU E 4 36.46 37.09 32.28
C LEU E 4 37.22 36.38 31.18
N ASN E 5 37.90 35.31 31.53
CA ASN E 5 38.60 34.56 30.50
C ASN E 5 37.63 33.70 29.73
N LYS E 6 37.85 33.61 28.43
CA LYS E 6 37.05 32.77 27.55
C LYS E 6 37.81 31.52 27.13
N HIS E 7 37.08 30.51 26.72
CA HIS E 7 37.70 29.29 26.21
C HIS E 7 38.26 29.60 24.83
N ILE E 8 39.44 29.05 24.53
CA ILE E 8 40.16 29.29 23.28
C ILE E 8 40.20 28.07 22.37
N SER E 9 39.86 28.28 21.10
CA SER E 9 39.87 27.23 20.10
C SER E 9 40.35 27.76 18.75
N ILE E 10 40.57 26.83 17.82
CA ILE E 10 41.04 27.15 16.48
C ILE E 10 40.05 26.67 15.41
N PRO E 11 39.74 27.55 14.45
CA PRO E 11 38.82 27.29 13.34
C PRO E 11 39.28 26.11 12.52
N LYS E 12 38.33 25.40 11.91
CA LYS E 12 38.63 24.22 11.10
C LYS E 12 38.54 24.42 9.58
N ASP E 13 38.05 25.57 9.11
CA ASP E 13 37.95 25.82 7.67
C ASP E 13 39.17 26.60 7.16
N MET E 14 40.28 25.90 7.02
CA MET E 14 41.53 26.53 6.59
C MET E 14 41.57 26.73 5.09
N SER E 15 40.79 27.70 4.62
CA SER E 15 40.71 28.02 3.20
C SER E 15 40.40 29.49 3.00
N SER E 16 41.26 30.20 2.30
CA SER E 16 41.03 31.63 2.09
C SER E 16 41.25 32.06 0.66
N LYS E 17 41.96 31.28 -0.12
CA LYS E 17 42.29 31.63 -1.49
C LYS E 17 43.09 32.94 -1.59
N ASP E 18 44.03 33.14 -0.68
CA ASP E 18 44.88 34.32 -0.66
C ASP E 18 46.31 33.94 -0.26
N ASP E 19 47.12 34.93 0.12
CA ASP E 19 48.52 34.67 0.42
C ASP E 19 48.78 33.90 1.71
N LEU E 20 47.78 33.65 2.52
CA LEU E 20 47.98 32.87 3.73
C LEU E 20 47.60 31.41 3.54
N ASP E 21 47.15 31.06 2.35
CA ASP E 21 46.67 29.72 2.02
C ASP E 21 47.73 28.96 1.21
N PHE E 22 48.47 28.06 1.89
CA PHE E 22 49.57 27.35 1.25
C PHE E 22 49.16 26.57 0.02
N HIS E 23 48.08 25.81 0.14
CA HIS E 23 47.69 24.95 -0.97
C HIS E 23 47.27 25.76 -2.16
N PHE E 24 46.57 26.86 -1.92
CA PHE E 24 46.20 27.76 -2.99
C PHE E 24 47.42 28.26 -3.74
N LEU E 25 48.42 28.76 -3.00
CA LEU E 25 49.61 29.27 -3.63
C LEU E 25 50.32 28.22 -4.45
N ARG E 26 50.40 27.00 -3.93
CA ARG E 26 51.08 25.94 -4.65
C ARG E 26 50.43 25.65 -5.99
N GLU E 27 49.08 25.59 -6.02
CA GLU E 27 48.40 25.32 -7.29
C GLU E 27 48.62 26.42 -8.30
N GLU E 28 48.60 27.68 -7.85
CA GLU E 28 48.82 28.79 -8.76
C GLU E 28 50.22 28.73 -9.34
N GLY E 29 51.19 28.36 -8.49
CA GLY E 29 52.56 28.23 -8.92
C GLY E 29 52.67 27.28 -10.09
N ILE E 30 52.09 26.10 -9.95
CA ILE E 30 52.17 25.11 -11.01
C ILE E 30 51.44 25.58 -12.26
N ARG E 31 50.29 26.21 -12.12
CA ARG E 31 49.60 26.72 -13.31
C ARG E 31 50.48 27.68 -14.09
N TYR E 32 51.17 28.59 -13.39
CA TYR E 32 52.03 29.53 -14.09
C TYR E 32 53.18 28.82 -14.79
N ILE E 33 53.76 27.80 -14.15
CA ILE E 33 54.86 27.05 -14.75
C ILE E 33 54.44 26.41 -16.05
N LYS E 34 53.28 25.78 -16.10
CA LYS E 34 52.86 25.16 -17.35
C LYS E 34 52.66 26.15 -18.44
N GLU E 35 52.06 27.28 -18.13
CA GLU E 35 51.79 28.29 -19.14
C GLU E 35 53.06 28.85 -19.76
N LEU E 36 54.08 29.02 -18.95
CA LEU E 36 55.32 29.61 -19.42
C LEU E 36 56.37 28.63 -19.94
N GLY E 37 56.56 27.47 -19.30
CA GLY E 37 57.65 26.59 -19.68
C GLY E 37 57.40 25.12 -19.98
N SER E 38 56.16 24.71 -20.27
CA SER E 38 55.85 23.29 -20.50
C SER E 38 56.58 22.66 -21.68
N ASN E 39 57.17 23.46 -22.57
CA ASN E 39 57.91 22.89 -23.67
C ASN E 39 59.14 22.18 -23.19
N PHE E 40 59.70 22.61 -22.07
CA PHE E 40 60.95 22.07 -21.59
C PHE E 40 60.83 21.39 -20.24
N TRP E 41 59.97 21.88 -19.38
CA TRP E 41 59.81 21.33 -18.04
C TRP E 41 58.44 20.71 -17.90
N THR E 42 58.39 19.37 -17.95
CA THR E 42 57.13 18.64 -17.88
C THR E 42 56.97 17.71 -16.68
N ASP E 43 58.05 17.37 -16.01
CA ASP E 43 58.04 16.46 -14.88
C ASP E 43 57.72 17.24 -13.62
N TYR E 44 56.52 17.08 -13.06
CA TYR E 44 56.14 17.85 -11.88
C TYR E 44 56.01 16.97 -10.65
N ASN E 45 56.73 15.87 -10.63
CA ASN E 45 56.73 14.95 -9.51
C ASN E 45 57.49 15.52 -8.32
N THR E 46 57.22 14.96 -7.15
CA THR E 46 57.77 15.50 -5.91
C THR E 46 59.28 15.32 -5.71
N HIS E 47 59.95 14.48 -6.49
CA HIS E 47 61.39 14.38 -6.33
C HIS E 47 62.12 15.49 -7.05
N ASP E 48 61.42 16.28 -7.86
CA ASP E 48 61.99 17.31 -8.70
C ASP E 48 62.46 18.54 -7.91
N PRO E 49 63.75 18.92 -8.00
CA PRO E 49 64.30 20.12 -7.36
C PRO E 49 63.51 21.38 -7.67
N GLY E 50 62.94 21.46 -8.87
CA GLY E 50 62.15 22.61 -9.26
C GLY E 50 60.94 22.79 -8.35
N ILE E 51 60.17 21.71 -8.23
CA ILE E 51 58.98 21.71 -7.39
C ILE E 51 59.37 21.93 -5.93
N THR E 52 60.49 21.34 -5.49
CA THR E 52 60.94 21.54 -4.11
C THR E 52 61.13 23.03 -3.82
N MET E 53 61.80 23.74 -4.73
CA MET E 53 62.03 25.18 -4.55
C MET E 53 60.73 25.95 -4.48
N LEU E 54 59.75 25.59 -5.32
CA LEU E 54 58.45 26.27 -5.29
C LEU E 54 57.78 26.16 -3.94
N GLU E 55 57.77 24.97 -3.36
CA GLU E 55 57.13 24.78 -2.08
C GLU E 55 57.80 25.60 -0.98
N VAL E 56 59.13 25.70 -1.01
CA VAL E 56 59.83 26.51 -0.02
C VAL E 56 59.43 27.97 -0.13
N LEU E 57 59.36 28.48 -1.35
CA LEU E 57 58.98 29.86 -1.54
C LEU E 57 57.55 30.12 -1.09
N CYS E 58 56.63 29.18 -1.34
CA CYS E 58 55.24 29.38 -0.92
C CYS E 58 55.16 29.52 0.60
N TYR E 59 55.94 28.71 1.31
CA TYR E 59 56.00 28.77 2.76
C TYR E 59 56.48 30.14 3.23
N ALA E 60 57.55 30.65 2.61
CA ALA E 60 58.09 31.97 2.93
C ALA E 60 57.07 33.09 2.70
N ILE E 61 56.25 32.98 1.66
CA ILE E 61 55.22 33.98 1.39
C ILE E 61 54.22 34.03 2.51
N SER E 62 53.75 32.88 2.99
CA SER E 62 52.79 32.86 4.08
C SER E 62 53.33 33.59 5.30
N ASP E 63 54.62 33.42 5.61
CA ASP E 63 55.25 34.10 6.74
C ASP E 63 55.16 35.61 6.57
N LEU E 64 55.47 36.10 5.38
CA LEU E 64 55.39 37.53 5.17
C LEU E 64 53.98 38.04 5.37
N GLY E 65 52.99 37.36 4.79
CA GLY E 65 51.61 37.82 4.91
C GLY E 65 51.17 37.87 6.36
N ASN E 66 51.59 36.89 7.14
CA ASN E 66 51.23 36.85 8.54
C ASN E 66 51.76 38.04 9.33
N ARG E 67 52.92 38.59 8.98
CA ARG E 67 53.39 39.74 9.75
C ARG E 67 52.72 41.01 9.30
N ILE E 68 52.35 41.09 8.05
CA ILE E 68 51.67 42.27 7.57
C ILE E 68 50.38 42.48 8.36
N ASN E 69 49.71 41.39 8.74
CA ASN E 69 48.47 41.46 9.53
C ASN E 69 48.64 41.78 11.02
N ILE E 70 49.84 42.00 11.53
CA ILE E 70 50.02 42.40 12.92
C ILE E 70 49.34 43.75 13.13
N PRO E 71 48.57 43.94 14.20
CA PRO E 71 47.84 45.18 14.44
C PRO E 71 48.76 46.39 14.58
N ILE E 72 48.22 47.54 14.18
CA ILE E 72 48.91 48.82 14.16
C ILE E 72 49.50 49.18 15.50
N GLU E 73 48.81 48.83 16.57
CA GLU E 73 49.27 49.21 17.90
C GLU E 73 50.68 48.72 18.13
N ASP E 74 51.05 47.60 17.52
CA ASP E 74 52.36 47.04 17.72
C ASP E 74 53.30 47.47 16.62
N LEU E 75 52.82 47.54 15.39
CA LEU E 75 53.72 47.86 14.28
C LEU E 75 54.34 49.23 14.40
N ILE E 76 53.64 50.19 14.97
CA ILE E 76 54.24 51.52 15.08
C ILE E 76 54.59 51.89 16.51
N ALA E 77 54.74 50.91 17.38
CA ALA E 77 55.10 51.16 18.77
C ALA E 77 56.51 51.68 18.90
N ASN E 78 56.74 52.50 19.93
CA ASN E 78 58.07 52.96 20.28
C ASN E 78 58.67 52.04 21.32
N GLU E 79 60.00 52.02 21.36
CA GLU E 79 60.72 51.20 22.32
C GLU E 79 60.38 51.50 23.75
N GLU E 80 60.13 52.77 24.03
CA GLU E 80 59.79 53.28 25.34
C GLU E 80 58.28 53.44 25.57
N GLY E 81 57.47 53.00 24.62
CA GLY E 81 56.02 53.18 24.71
C GLY E 81 55.63 54.57 24.23
N GLY E 82 54.32 54.82 24.17
CA GLY E 82 53.82 56.11 23.73
C GLY E 82 53.74 56.24 22.22
N VAL E 83 53.19 57.38 21.78
CA VAL E 83 52.98 57.70 20.38
C VAL E 83 53.48 59.08 20.03
N LYS E 84 54.50 59.55 20.74
CA LYS E 84 54.97 60.92 20.59
C LYS E 84 55.18 61.41 19.15
N GLY E 85 55.87 60.65 18.31
CA GLY E 85 56.12 61.11 16.96
C GLY E 85 55.11 60.66 15.92
N GLN E 86 54.04 60.01 16.37
CA GLN E 86 53.07 59.47 15.43
C GLN E 86 51.77 60.22 15.46
N PHE E 87 51.26 60.53 16.65
CA PHE E 87 49.96 61.14 16.70
C PHE E 87 49.91 62.29 17.68
N TYR E 88 48.98 63.19 17.46
CA TYR E 88 48.70 64.20 18.44
C TYR E 88 47.50 63.68 19.21
N LYS E 89 47.51 63.84 20.54
CA LYS E 89 46.44 63.31 21.38
C LYS E 89 45.27 64.27 21.53
N VAL E 90 44.11 63.78 22.00
CA VAL E 90 42.93 64.66 22.08
C VAL E 90 43.13 65.85 23.00
N GLN E 91 43.90 65.69 24.06
CA GLN E 91 44.19 66.75 25.00
C GLN E 91 44.96 67.88 24.37
N GLU E 92 45.59 67.59 23.25
CA GLU E 92 46.45 68.52 22.55
C GLU E 92 45.86 69.05 21.26
N ILE E 93 45.13 68.21 20.52
CA ILE E 93 44.65 68.63 19.22
C ILE E 93 43.17 69.05 19.16
N LEU E 94 42.34 68.67 20.12
CA LEU E 94 40.93 69.12 20.07
C LEU E 94 40.55 70.46 20.74
N PRO E 95 41.13 70.85 21.89
CA PRO E 95 40.80 72.08 22.61
C PRO E 95 41.06 73.33 21.80
N SER E 96 40.31 74.40 22.09
CA SER E 96 40.46 75.66 21.36
C SER E 96 40.70 76.84 22.30
N ALA E 97 41.44 77.84 21.82
CA ALA E 97 41.75 79.02 22.61
C ALA E 97 40.41 79.66 22.94
N PRO E 98 40.27 80.39 24.05
CA PRO E 98 38.92 80.93 24.28
C PRO E 98 38.64 82.26 23.59
N THR E 99 37.68 82.29 22.65
CA THR E 99 37.33 83.52 21.94
C THR E 99 35.86 83.98 22.08
N SER E 100 35.01 83.15 22.67
CA SER E 100 33.60 83.47 22.86
C SER E 100 33.29 83.85 24.30
N GLU E 101 32.06 84.35 24.51
CA GLU E 101 31.63 84.81 25.84
C GLU E 101 31.59 83.62 26.82
N LEU E 102 31.11 82.45 26.37
CA LEU E 102 31.02 81.29 27.23
C LEU E 102 32.40 80.78 27.57
N ASP E 103 33.32 80.87 26.60
CA ASP E 103 34.67 80.44 26.86
C ASP E 103 35.29 81.30 27.95
N LEU E 104 35.06 82.62 27.89
CA LEU E 104 35.60 83.51 28.92
C LEU E 104 35.00 83.20 30.27
N ARG E 105 33.72 82.90 30.32
CA ARG E 105 33.17 82.58 31.62
C ARG E 105 33.83 81.31 32.16
N LYS E 106 34.05 80.29 31.31
CA LYS E 106 34.72 79.07 31.76
C LYS E 106 36.16 79.35 32.15
N LEU E 107 36.82 80.25 31.44
CA LEU E 107 38.20 80.59 31.73
C LEU E 107 38.38 81.15 33.12
N PHE E 108 37.54 82.12 33.49
CA PHE E 108 37.69 82.80 34.76
C PHE E 108 37.06 82.07 35.93
N ILE E 109 36.02 81.27 35.69
CA ILE E 109 35.31 80.58 36.76
C ILE E 109 36.18 79.53 37.44
N ASP E 110 37.32 79.19 36.86
CA ASP E 110 38.27 78.27 37.46
C ASP E 110 39.32 78.91 38.34
N ILE E 111 39.24 80.19 38.58
CA ILE E 111 40.15 80.81 39.51
C ILE E 111 39.58 80.49 40.88
N GLU E 112 40.40 79.92 41.76
CA GLU E 112 39.88 79.51 43.06
C GLU E 112 39.33 80.74 43.79
N GLY E 113 38.17 80.57 44.41
CA GLY E 113 37.50 81.64 45.13
C GLY E 113 36.39 82.29 44.32
N ILE E 114 36.34 82.02 43.01
CA ILE E 114 35.29 82.60 42.17
C ILE E 114 34.22 81.56 41.87
N LYS E 115 32.96 81.93 42.10
CA LYS E 115 31.85 81.02 41.88
C LYS E 115 31.19 81.24 40.54
N ASN E 116 31.17 82.49 40.09
CA ASN E 116 30.56 82.80 38.81
C ASN E 116 31.10 84.13 38.28
N CYS E 117 30.95 84.32 36.97
CA CYS E 117 31.37 85.54 36.31
C CYS E 117 30.43 85.90 35.19
N TRP E 118 30.28 87.19 34.96
CA TRP E 118 29.51 87.65 33.83
C TRP E 118 30.34 88.66 33.05
N ILE E 119 30.23 88.61 31.75
CA ILE E 119 31.03 89.49 30.90
C ILE E 119 30.12 90.53 30.26
N LYS E 120 30.42 91.80 30.49
CA LYS E 120 29.63 92.89 29.94
C LYS E 120 30.55 93.78 29.13
N ARG E 121 29.93 94.60 28.27
CA ARG E 121 30.61 95.48 27.31
C ARG E 121 30.56 96.94 27.75
N GLU E 122 31.69 97.64 27.70
CA GLU E 122 31.73 99.06 27.99
C GLU E 122 31.30 99.90 26.82
N ARG E 123 30.64 101.01 27.12
CA ARG E 123 30.24 101.98 26.08
C ARG E 123 30.91 103.31 26.41
N VAL E 124 32.11 103.52 25.87
CA VAL E 124 32.84 104.75 26.06
C VAL E 124 32.36 105.68 24.98
N THR E 125 31.99 106.89 25.33
CA THR E 125 31.49 107.81 24.33
C THR E 125 32.44 108.92 24.00
N VAL E 126 32.53 109.18 22.70
CA VAL E 126 33.33 110.25 22.13
C VAL E 126 32.44 111.21 21.38
N PHE E 127 32.61 112.47 21.65
CA PHE E 127 31.79 113.50 21.05
C PHE E 127 32.59 114.24 20.02
N ALA E 128 31.91 114.76 19.00
CA ALA E 128 32.67 115.49 18.01
C ALA E 128 31.98 116.71 17.45
N ASP E 129 32.88 117.64 17.07
CA ASP E 129 32.65 118.92 16.40
C ASP E 129 32.74 118.68 14.89
N LEU E 130 31.65 118.85 14.17
CA LEU E 130 31.67 118.60 12.74
C LEU E 130 31.94 119.87 11.95
N LYS E 131 32.11 120.99 12.65
CA LYS E 131 32.39 122.26 12.03
C LYS E 131 33.89 122.32 11.84
N ASN E 132 34.57 121.98 12.92
CA ASN E 132 36.00 121.89 13.02
C ASN E 132 36.23 120.46 13.40
N GLN E 133 36.77 119.66 12.54
CA GLN E 133 36.84 118.27 12.92
C GLN E 133 37.72 118.25 14.14
N LYS E 134 37.08 117.91 15.24
CA LYS E 134 37.75 117.70 16.52
C LYS E 134 36.91 116.77 17.41
N LEU E 135 37.60 115.92 18.18
CA LEU E 135 36.89 115.00 19.06
C LEU E 135 37.43 114.95 20.49
N SER E 136 36.52 114.74 21.44
CA SER E 136 36.83 114.69 22.88
C SER E 136 35.81 113.88 23.67
N TYR E 137 36.17 113.50 24.91
CA TYR E 137 35.27 112.72 25.76
C TYR E 137 34.30 113.62 26.48
N GLU E 138 34.49 114.91 26.30
CA GLU E 138 33.67 115.94 26.92
C GLU E 138 32.65 116.51 25.93
N LYS E 139 31.49 116.93 26.43
CA LYS E 139 30.50 117.59 25.55
C LYS E 139 30.83 119.05 25.35
N THR E 140 31.94 119.48 25.93
CA THR E 140 32.46 120.82 25.82
C THR E 140 32.96 121.02 24.40
N ILE E 141 33.18 119.91 23.70
CA ILE E 141 33.60 119.89 22.31
C ILE E 141 32.53 120.53 21.44
N TRP E 142 31.30 120.63 21.94
CA TRP E 142 30.17 121.19 21.23
C TRP E 142 29.88 122.65 21.51
N GLU E 143 30.66 123.30 22.38
CA GLU E 143 30.35 124.69 22.65
C GLU E 143 30.37 125.54 21.40
N ASP E 144 29.35 126.39 21.28
CA ASP E 144 29.13 127.33 20.19
C ASP E 144 28.79 126.70 18.84
N LEU E 145 28.40 125.44 18.80
CA LEU E 145 28.01 124.81 17.53
C LEU E 145 26.50 124.79 17.33
N LYS E 146 26.12 124.64 16.06
CA LYS E 146 24.71 124.53 15.71
C LYS E 146 24.27 123.08 15.93
N GLU E 147 22.97 122.87 15.98
CA GLU E 147 22.42 121.53 16.21
C GLU E 147 22.81 120.47 15.17
N ASN E 148 23.13 120.87 13.96
CA ASN E 148 23.49 119.91 12.92
C ASN E 148 24.98 119.76 12.74
N GLN E 149 25.77 120.26 13.69
CA GLN E 149 27.22 120.15 13.65
C GLN E 149 27.72 119.22 14.76
N LYS E 150 26.82 118.43 15.33
CA LYS E 150 27.18 117.58 16.45
C LYS E 150 27.13 116.08 16.11
N ALA E 151 28.09 115.32 16.67
CA ALA E 151 28.12 113.87 16.50
C ALA E 151 28.63 113.14 17.74
N GLN E 152 28.29 111.86 17.84
CA GLN E 152 28.74 110.97 18.90
C GLN E 152 29.05 109.59 18.38
N PHE E 153 30.16 108.99 18.81
CA PHE E 153 30.35 107.60 18.44
C PHE E 153 30.73 106.84 19.70
N ASP E 154 30.35 105.56 19.74
CA ASP E 154 30.59 104.71 20.89
C ASP E 154 31.71 103.74 20.55
N LEU E 155 32.49 103.34 21.54
CA LEU E 155 33.57 102.39 21.24
C LEU E 155 33.07 100.94 21.16
N LYS E 156 33.71 100.14 20.28
CA LYS E 156 33.21 98.77 19.95
C LYS E 156 33.90 97.55 20.57
N GLY E 157 35.09 97.62 21.21
CA GLY E 157 35.67 96.37 21.74
C GLY E 157 36.15 96.34 23.20
N LEU E 158 35.46 97.00 24.12
CA LEU E 158 35.96 97.04 25.49
C LEU E 158 35.11 96.25 26.50
N TYR E 159 35.79 95.62 27.48
CA TYR E 159 35.14 94.78 28.50
C TYR E 159 35.17 95.25 29.98
N ARG E 160 34.13 94.77 30.69
CA ARG E 160 33.97 94.86 32.15
C ARG E 160 33.63 93.47 32.70
N ILE E 161 34.33 93.04 33.74
CA ILE E 161 34.08 91.71 34.30
C ILE E 161 33.44 91.77 35.69
N LEU E 162 32.29 91.13 35.81
CA LEU E 162 31.53 91.08 37.06
C LEU E 162 31.80 89.77 37.76
N VAL E 163 32.32 89.84 38.98
CA VAL E 163 32.74 88.64 39.70
C VAL E 163 31.95 88.32 40.97
N GLU E 164 31.50 87.07 41.10
CA GLU E 164 30.86 86.58 42.31
C GLU E 164 31.81 85.66 43.04
N THR E 165 32.18 86.01 44.27
CA THR E 165 33.14 85.22 45.04
C THR E 165 32.54 84.51 46.24
N GLU E 166 33.30 83.52 46.73
CA GLU E 166 32.97 82.72 47.91
C GLU E 166 33.03 83.46 49.24
N ASP E 167 33.94 84.43 49.32
CA ASP E 167 34.30 85.20 50.50
C ASP E 167 33.15 85.97 51.16
N ALA E 168 32.21 86.49 50.38
CA ALA E 168 31.11 87.32 50.88
C ALA E 168 31.61 88.60 51.57
N ASP E 169 32.68 89.18 51.02
CA ASP E 169 33.28 90.41 51.51
C ASP E 169 32.65 91.56 50.71
N LYS E 170 33.08 92.79 50.97
CA LYS E 170 32.55 93.94 50.23
C LYS E 170 33.27 94.17 48.91
N VAL E 171 34.54 93.79 48.81
CA VAL E 171 35.36 94.06 47.63
C VAL E 171 36.09 92.78 47.17
N LEU E 172 36.68 92.81 45.99
CA LEU E 172 37.47 91.67 45.57
C LEU E 172 38.86 91.80 46.16
N SER E 173 39.46 90.67 46.51
CA SER E 173 40.85 90.67 46.92
C SER E 173 41.70 91.13 45.75
N GLU E 174 42.77 91.88 46.02
CA GLU E 174 43.60 92.30 44.92
C GLU E 174 44.23 91.10 44.20
N SER E 175 44.33 89.95 44.86
CA SER E 175 44.88 88.77 44.22
C SER E 175 43.95 88.22 43.15
N LEU E 176 42.66 88.53 43.25
CA LEU E 176 41.72 88.08 42.26
C LEU E 176 41.79 89.01 41.10
N GLU E 177 41.88 90.32 41.39
CA GLU E 177 42.00 91.24 40.28
C GLU E 177 43.22 90.95 39.45
N LYS E 178 44.32 90.60 40.10
CA LYS E 178 45.51 90.28 39.34
C LYS E 178 45.27 89.02 38.51
N ALA E 179 44.63 87.99 39.09
CA ALA E 179 44.38 86.75 38.36
C ALA E 179 43.50 86.97 37.14
N VAL E 180 42.47 87.80 37.26
CA VAL E 180 41.57 88.03 36.13
C VAL E 180 42.27 88.82 35.04
N PHE E 181 42.96 89.90 35.41
CA PHE E 181 43.65 90.68 34.40
C PHE E 181 44.72 89.86 33.73
N THR E 182 45.46 89.07 34.50
CA THR E 182 46.50 88.23 33.92
C THR E 182 45.97 87.27 32.88
N LYS E 183 44.91 86.54 33.22
CA LYS E 183 44.38 85.58 32.25
C LYS E 183 43.79 86.28 31.05
N PHE E 184 43.10 87.40 31.25
CA PHE E 184 42.53 88.09 30.11
C PHE E 184 43.60 88.46 29.12
N HIS E 185 44.64 89.13 29.59
CA HIS E 185 45.63 89.62 28.66
C HIS E 185 46.40 88.49 28.01
N ALA E 186 46.68 87.44 28.77
CA ALA E 186 47.39 86.28 28.24
C ALA E 186 46.62 85.63 27.10
N ASN E 187 45.29 85.64 27.18
CA ASN E 187 44.44 85.00 26.19
C ASN E 187 43.40 85.97 25.62
N ARG E 188 43.77 86.82 24.67
CA ARG E 188 42.80 87.80 24.20
C ARG E 188 42.69 87.81 22.69
N ASN E 189 41.57 88.35 22.23
CA ASN E 189 41.26 88.47 20.82
C ASN E 189 41.92 89.73 20.26
N LEU E 190 42.12 89.73 18.94
CA LEU E 190 42.65 90.89 18.25
C LEU E 190 41.63 92.03 18.29
N CYS E 191 42.12 93.24 18.61
CA CYS E 191 41.35 94.50 18.70
C CYS E 191 40.29 94.56 19.80
N GLU E 192 40.60 93.99 20.96
CA GLU E 192 39.72 94.00 22.13
C GLU E 192 40.54 94.25 23.41
N ASP E 193 39.93 94.87 24.42
CA ASP E 193 40.64 95.15 25.68
C ASP E 193 39.74 95.16 26.92
N LEU E 194 40.37 94.97 28.08
CA LEU E 194 39.71 94.93 29.38
C LEU E 194 39.95 96.20 30.18
N ILE E 195 38.87 96.83 30.59
CA ILE E 195 38.95 98.07 31.35
C ILE E 195 38.85 97.83 32.84
N LYS E 196 37.83 97.11 33.29
CA LYS E 196 37.64 96.97 34.73
C LYS E 196 37.13 95.60 35.16
N VAL E 197 37.63 95.15 36.32
CA VAL E 197 37.20 93.94 36.99
C VAL E 197 36.65 94.35 38.35
N GLU E 198 35.40 93.96 38.65
CA GLU E 198 34.76 94.37 39.88
C GLU E 198 33.76 93.33 40.41
N LYS E 199 33.43 93.47 41.68
CA LYS E 199 32.47 92.57 42.32
C LYS E 199 31.04 92.94 41.94
N VAL E 200 30.22 91.91 41.65
CA VAL E 200 28.82 92.11 41.25
C VAL E 200 27.94 92.76 42.34
N ALA E 201 27.11 93.73 41.94
CA ALA E 201 26.16 94.42 42.81
C ALA E 201 24.94 93.56 43.10
N THR E 202 24.25 93.82 44.22
CA THR E 202 23.07 93.03 44.55
C THR E 202 21.80 93.82 44.88
N GLU E 203 20.67 93.10 44.89
CA GLU E 203 19.34 93.62 45.26
C GLU E 203 18.68 92.70 46.30
N PRO E 204 18.35 93.16 47.52
CA PRO E 204 17.75 92.36 48.60
C PRO E 204 16.25 92.12 48.45
N ILE E 205 15.82 90.87 48.66
CA ILE E 205 14.42 90.46 48.59
C ILE E 205 13.95 89.76 49.88
N SER E 206 12.79 90.14 50.37
CA SER E 206 12.19 89.51 51.54
C SER E 206 11.17 88.45 51.18
N VAL E 207 11.16 87.37 51.98
CA VAL E 207 10.15 86.33 51.84
C VAL E 207 9.62 86.04 53.25
N CYS E 208 8.30 86.08 53.42
CA CYS E 208 7.68 85.79 54.71
C CYS E 208 6.55 84.78 54.54
N ALA E 209 6.47 83.78 55.44
CA ALA E 209 5.40 82.77 55.29
C ALA E 209 5.00 82.01 56.57
N ASN E 210 3.78 81.43 56.52
CA ASN E 210 3.23 80.52 57.51
C ASN E 210 3.04 79.15 56.86
N VAL E 211 3.78 78.15 57.34
CA VAL E 211 3.80 76.84 56.71
C VAL E 211 3.43 75.71 57.67
N GLU E 212 2.41 74.93 57.30
CA GLU E 212 2.00 73.79 58.09
C GLU E 212 2.69 72.54 57.58
N VAL E 213 3.20 71.75 58.52
CA VAL E 213 3.92 70.54 58.20
C VAL E 213 3.27 69.33 58.85
N ALA E 214 3.66 68.16 58.38
CA ALA E 214 3.16 66.91 58.91
C ALA E 214 3.47 66.78 60.40
N PRO E 215 2.58 66.13 61.18
CA PRO E 215 2.72 65.93 62.63
C PRO E 215 3.96 65.11 63.00
N GLU E 216 4.49 64.38 62.05
CA GLU E 216 5.68 63.55 62.22
C GLU E 216 6.71 63.99 61.20
N ALA E 217 7.35 65.11 61.49
CA ALA E 217 8.30 65.70 60.59
C ALA E 217 9.39 66.40 61.38
N ASP E 218 10.59 66.41 60.80
CA ASP E 218 11.76 67.08 61.36
C ASP E 218 11.79 68.50 60.81
N GLU E 219 11.32 69.44 61.63
CA GLU E 219 11.25 70.85 61.24
C GLU E 219 12.59 71.52 61.01
N GLU E 220 13.61 71.20 61.80
CA GLU E 220 14.88 71.87 61.58
C GLU E 220 15.42 71.50 60.21
N LEU E 221 15.23 70.23 59.82
CA LEU E 221 15.67 69.81 58.50
C LEU E 221 14.85 70.44 57.41
N ILE E 222 13.52 70.53 57.59
CA ILE E 222 12.69 71.17 56.58
C ILE E 222 13.12 72.59 56.38
N HIS E 223 13.37 73.31 57.46
CA HIS E 223 13.79 74.69 57.31
C HIS E 223 15.09 74.79 56.54
N ALA E 224 16.09 73.96 56.88
CA ALA E 224 17.35 74.02 56.16
C ALA E 224 17.17 73.75 54.67
N GLN E 225 16.31 72.81 54.33
CA GLN E 225 16.07 72.47 52.93
C GLN E 225 15.33 73.56 52.16
N ILE E 226 14.30 74.18 52.76
CA ILE E 226 13.58 75.24 52.06
C ILE E 226 14.52 76.38 51.79
N LEU E 227 15.25 76.75 52.83
CA LEU E 227 16.15 77.86 52.77
C LEU E 227 17.19 77.69 51.68
N ILE E 228 17.81 76.51 51.57
CA ILE E 228 18.78 76.32 50.50
C ILE E 228 18.13 76.40 49.14
N ALA E 229 16.98 75.74 48.96
CA ALA E 229 16.33 75.75 47.65
C ALA E 229 15.99 77.15 47.16
N ILE E 230 15.52 78.04 48.04
CA ILE E 230 15.22 79.39 47.59
C ILE E 230 16.49 80.11 47.18
N GLU E 231 17.55 79.97 47.96
CA GLU E 231 18.79 80.64 47.60
C GLU E 231 19.28 80.16 46.24
N ASP E 232 19.19 78.85 45.94
CA ASP E 232 19.64 78.35 44.65
C ASP E 232 18.80 78.89 43.50
N TYR E 233 17.48 79.04 43.70
CA TYR E 233 16.62 79.65 42.68
C TYR E 233 17.10 81.04 42.31
N LEU E 234 17.33 81.87 43.32
CA LEU E 234 17.72 83.23 43.07
C LEU E 234 19.07 83.37 42.37
N ALA E 235 20.05 82.54 42.73
CA ALA E 235 21.39 82.68 42.14
C ALA E 235 22.13 81.36 41.93
N PRO E 236 21.75 80.57 40.92
CA PRO E 236 22.34 79.25 40.59
C PRO E 236 23.80 79.37 40.20
N SER E 237 24.56 78.28 40.35
CA SER E 237 25.96 78.23 39.94
C SER E 237 26.26 76.84 39.37
N PRO E 238 27.20 76.71 38.42
CA PRO E 238 27.61 75.45 37.79
C PRO E 238 28.51 74.58 38.67
N ARG E 239 28.59 73.29 38.35
CA ARG E 239 29.49 72.39 39.06
C ARG E 239 30.44 71.65 38.12
N HIS E 240 31.56 71.19 38.66
CA HIS E 240 32.54 70.47 37.86
C HIS E 240 32.25 69.00 37.79
N TYR E 241 32.57 68.40 36.64
CA TYR E 241 32.36 66.98 36.42
C TYR E 241 33.61 66.22 36.00
N SER E 242 33.62 64.95 36.33
CA SER E 242 34.69 64.04 35.89
C SER E 242 34.46 63.68 34.44
N LEU E 243 35.47 63.13 33.77
CA LEU E 243 35.25 62.71 32.39
C LEU E 243 34.22 61.61 32.33
N LYS E 244 34.30 60.63 33.24
CA LYS E 244 33.34 59.56 33.26
C LYS E 244 31.92 60.11 33.36
N GLN E 245 31.69 61.13 34.19
CA GLN E 245 30.36 61.73 34.29
C GLN E 245 29.92 62.41 32.99
N MET E 246 30.81 63.13 32.31
CA MET E 246 30.42 63.76 31.05
C MET E 246 29.98 62.71 30.04
N VAL E 247 30.67 61.57 30.05
CA VAL E 247 30.32 60.47 29.18
C VAL E 247 28.95 59.90 29.56
N ASP E 248 28.69 59.69 30.86
CA ASP E 248 27.38 59.16 31.29
C ASP E 248 26.23 60.07 30.87
N LYS E 249 26.48 61.38 30.87
CA LYS E 249 25.47 62.36 30.46
C LYS E 249 25.11 62.25 28.98
N GLY E 250 25.90 61.54 28.19
CA GLY E 250 25.62 61.38 26.77
C GLY E 250 26.41 62.28 25.85
N TYR E 251 27.48 62.91 26.32
CA TYR E 251 28.26 63.76 25.45
C TYR E 251 29.33 62.94 24.75
N THR E 252 29.74 63.37 23.56
CA THR E 252 30.84 62.70 22.89
C THR E 252 32.13 63.49 22.96
N MET E 253 33.20 62.91 22.42
CA MET E 253 34.52 63.51 22.50
C MET E 253 34.62 64.88 21.86
N ASP E 254 34.00 65.04 20.71
CA ASP E 254 34.06 66.32 20.01
C ASP E 254 33.47 67.44 20.86
N GLU E 255 32.49 67.09 21.69
CA GLU E 255 31.76 68.08 22.46
C GLU E 255 32.43 68.31 23.80
N ILE E 256 32.92 67.25 24.41
CA ILE E 256 33.52 67.37 25.73
C ILE E 256 34.73 68.26 25.69
N PHE E 257 35.51 68.14 24.62
CA PHE E 257 36.72 68.93 24.42
C PHE E 257 36.53 70.13 23.48
N GLU E 258 35.30 70.58 23.26
CA GLU E 258 35.02 71.72 22.35
C GLU E 258 35.68 73.06 22.72
N GLY E 259 35.72 73.41 24.00
CA GLY E 259 36.24 74.71 24.40
C GLY E 259 37.67 74.62 24.93
N PRO E 260 38.08 75.58 25.77
CA PRO E 260 39.39 75.61 26.42
C PRO E 260 39.51 74.40 27.30
N PHE E 261 40.71 73.87 27.46
CA PHE E 261 40.85 72.76 28.38
C PHE E 261 40.85 73.32 29.80
N LEU E 262 40.13 72.68 30.70
CA LEU E 262 40.07 73.17 32.08
C LEU E 262 40.66 72.17 33.07
N GLU E 263 41.65 72.63 33.84
CA GLU E 263 42.36 71.81 34.81
C GLU E 263 41.53 71.28 35.97
N ASN E 264 40.41 71.90 36.26
CA ASN E 264 39.62 71.53 37.42
C ASN E 264 38.44 70.63 37.14
N GLY E 265 38.29 70.10 35.95
CA GLY E 265 37.12 69.29 35.68
C GLY E 265 36.33 69.94 34.56
N PHE E 266 35.33 69.25 34.10
CA PHE E 266 34.59 69.75 32.96
C PHE E 266 33.41 70.59 33.42
N ILE E 267 33.08 71.62 32.66
CA ILE E 267 31.90 72.46 32.95
C ILE E 267 30.89 72.29 31.84
N ASP E 268 29.65 72.01 32.22
CA ASP E 268 28.56 71.78 31.28
C ASP E 268 28.01 73.12 30.81
N THR E 269 27.99 73.28 29.48
CA THR E 269 27.56 74.51 28.84
C THR E 269 26.11 74.84 29.19
N VAL E 270 25.24 73.84 29.31
CA VAL E 270 23.85 74.14 29.66
C VAL E 270 23.74 74.81 31.00
N GLU E 271 24.43 74.28 32.00
CA GLU E 271 24.38 74.89 33.31
C GLU E 271 24.94 76.29 33.26
N LEU E 272 25.99 76.49 32.49
CA LEU E 272 26.63 77.78 32.41
C LEU E 272 25.68 78.81 31.82
N LYS E 273 24.96 78.43 30.76
CA LYS E 273 24.00 79.35 30.14
C LYS E 273 22.85 79.66 31.10
N ALA E 274 22.39 78.65 31.83
CA ALA E 274 21.30 78.85 32.76
C ALA E 274 21.64 79.84 33.88
N SER E 275 22.86 79.79 34.40
CA SER E 275 23.28 80.66 35.51
C SER E 275 23.63 82.10 35.14
N GLU E 276 22.65 82.77 34.53
CA GLU E 276 22.73 84.16 34.09
C GLU E 276 22.07 85.02 35.16
N LEU E 277 22.41 86.30 35.23
CA LEU E 277 21.75 87.13 36.23
C LEU E 277 20.25 87.18 35.97
N ARG E 278 19.48 86.89 37.01
CA ARG E 278 18.02 86.86 36.98
C ARG E 278 17.40 88.24 36.88
N LYS E 279 16.36 88.37 36.05
CA LYS E 279 15.66 89.64 35.92
C LYS E 279 14.36 89.71 36.71
N GLU E 280 13.72 88.57 36.95
CA GLU E 280 12.43 88.56 37.65
C GLU E 280 12.29 87.42 38.65
N VAL E 281 11.69 87.75 39.80
CA VAL E 281 11.36 86.84 40.90
C VAL E 281 9.86 86.80 41.15
N ARG E 282 9.28 85.60 41.26
CA ARG E 282 7.83 85.56 41.46
C ARG E 282 7.31 84.52 42.45
N LEU E 283 6.13 84.82 43.05
CA LEU E 283 5.52 83.88 43.99
C LEU E 283 5.18 82.54 43.39
N SER E 284 4.76 82.49 42.14
CA SER E 284 4.41 81.18 41.60
C SER E 284 5.58 80.20 41.57
N ASP E 285 6.82 80.68 41.65
CA ASP E 285 7.92 79.75 41.70
C ASP E 285 8.29 79.45 43.14
N ILE E 286 8.25 80.49 44.00
CA ILE E 286 8.64 80.31 45.40
C ILE E 286 7.70 79.35 46.09
N ILE E 287 6.40 79.44 45.80
CA ILE E 287 5.43 78.55 46.40
C ILE E 287 5.71 77.12 46.02
N ASN E 288 6.01 76.88 44.75
CA ASN E 288 6.29 75.55 44.29
C ASN E 288 7.53 74.98 45.00
N ILE E 289 8.52 75.82 45.29
CA ILE E 289 9.71 75.37 45.98
C ILE E 289 9.35 74.87 47.37
N ILE E 290 8.53 75.63 48.09
CA ILE E 290 8.12 75.24 49.43
C ILE E 290 7.21 74.01 49.42
N MET E 291 6.20 73.98 48.54
CA MET E 291 5.26 72.87 48.51
C MET E 291 5.90 71.53 48.18
N SER E 292 6.99 71.54 47.43
CA SER E 292 7.71 70.33 47.08
C SER E 292 8.62 69.76 48.15
N ILE E 293 8.79 70.43 49.28
CA ILE E 293 9.66 69.90 50.31
C ILE E 293 8.90 68.86 51.12
N ASP E 294 9.49 67.69 51.25
CA ASP E 294 8.84 66.59 51.95
C ASP E 294 8.50 66.96 53.40
N GLY E 295 7.22 66.80 53.74
CA GLY E 295 6.68 67.14 55.03
C GLY E 295 5.81 68.39 55.01
N VAL E 296 5.92 69.20 53.96
CA VAL E 296 5.09 70.39 53.88
C VAL E 296 3.69 70.04 53.39
N LYS E 297 2.68 70.52 54.11
CA LYS E 297 1.32 70.25 53.70
C LYS E 297 0.61 71.48 53.16
N ILE E 298 0.69 72.61 53.87
CA ILE E 298 -0.06 73.79 53.45
C ILE E 298 0.75 75.08 53.65
N VAL E 299 0.79 75.92 52.63
CA VAL E 299 1.35 77.24 52.87
C VAL E 299 0.15 78.11 53.10
N LYS E 300 0.00 78.59 54.33
CA LYS E 300 -1.20 79.31 54.70
C LYS E 300 -1.06 80.78 54.41
N GLU E 301 0.18 81.26 54.45
CA GLU E 301 0.43 82.66 54.18
C GLU E 301 1.77 82.78 53.50
N ILE E 302 1.86 83.61 52.49
CA ILE E 302 3.13 83.87 51.87
C ILE E 302 3.11 85.20 51.16
N THR E 303 4.25 85.90 51.24
CA THR E 303 4.36 87.15 50.52
C THR E 303 5.82 87.48 50.20
N LEU E 304 6.00 88.22 49.10
CA LEU E 304 7.29 88.74 48.66
C LEU E 304 7.31 90.23 48.80
N GLY E 305 8.51 90.76 48.92
CA GLY E 305 8.59 92.18 48.78
C GLY E 305 9.99 92.70 48.73
N ASN E 306 10.14 93.85 48.09
CA ASN E 306 11.45 94.46 48.05
C ASN E 306 11.84 94.71 49.48
N CYS E 307 13.03 94.29 49.88
CA CYS E 307 13.34 94.55 51.26
C CYS E 307 13.54 96.03 51.44
N ASP E 308 12.80 96.63 52.36
CA ASP E 308 12.96 98.06 52.54
C ASP E 308 12.56 98.41 53.98
N GLU E 309 12.74 99.68 54.33
CA GLU E 309 12.40 100.20 55.66
C GLU E 309 10.97 100.73 55.61
N ASN E 310 10.32 100.83 56.77
CA ASN E 310 8.94 101.31 56.82
C ASN E 310 8.07 100.40 55.98
N ASP E 311 8.33 99.10 56.12
CA ASP E 311 7.62 98.08 55.34
C ASP E 311 6.25 97.88 55.98
N GLY E 312 5.36 98.83 55.68
CA GLY E 312 4.00 98.87 56.18
C GLY E 312 3.05 98.22 55.19
N ILE E 313 1.87 98.79 55.01
CA ILE E 313 0.91 98.19 54.11
C ILE E 313 1.33 98.48 52.67
N GLU E 314 1.43 97.43 51.88
CA GLU E 314 1.90 97.48 50.49
C GLU E 314 1.33 96.32 49.68
N ASN E 315 1.32 96.51 48.36
CA ASN E 315 0.93 95.55 47.34
C ASN E 315 1.63 94.22 47.45
N ASN E 316 0.94 93.17 46.96
CA ASN E 316 1.44 91.81 46.94
C ASN E 316 2.72 91.60 46.17
N GLN E 317 3.02 92.43 45.15
CA GLN E 317 4.26 92.26 44.42
C GLN E 317 4.44 90.83 43.91
N TRP E 318 3.45 90.36 43.16
CA TRP E 318 3.45 89.00 42.64
C TRP E 318 4.66 88.71 41.78
N VAL E 319 5.22 89.74 41.16
CA VAL E 319 6.47 89.66 40.42
C VAL E 319 7.34 90.87 40.73
N ILE E 320 8.59 90.63 41.10
CA ILE E 320 9.54 91.69 41.39
C ILE E 320 10.62 91.74 40.31
N CYS E 321 10.80 92.93 39.73
CA CYS E 321 11.82 93.11 38.69
C CYS E 321 13.14 93.60 39.29
N ILE E 322 14.24 93.16 38.69
CA ILE E 322 15.59 93.45 39.15
C ILE E 322 16.35 94.33 38.14
N PRO E 323 17.02 95.40 38.57
CA PRO E 323 17.88 96.26 37.73
C PRO E 323 18.93 95.44 36.98
N GLU E 324 19.22 95.85 35.75
CA GLU E 324 20.06 95.17 34.75
C GLU E 324 21.45 94.65 35.11
N ASN E 325 22.09 95.09 36.19
CA ASN E 325 23.42 94.56 36.50
C ASN E 325 23.49 94.10 37.93
N LYS E 326 22.37 93.68 38.47
CA LYS E 326 22.36 93.21 39.84
C LYS E 326 21.98 91.75 39.98
N LYS E 327 22.47 91.16 41.04
CA LYS E 327 22.12 89.82 41.43
C LYS E 327 21.17 89.89 42.62
N PRO E 328 20.04 89.19 42.63
CA PRO E 328 19.14 89.19 43.78
C PRO E 328 19.71 88.37 44.93
N LYS E 329 19.40 88.75 46.18
CA LYS E 329 19.88 88.00 47.36
C LYS E 329 18.87 88.11 48.49
N LEU E 330 18.65 87.05 49.29
CA LEU E 330 17.73 87.19 50.41
C LEU E 330 18.28 88.23 51.38
N CYS E 331 17.38 89.04 51.90
CA CYS E 331 17.69 90.16 52.77
C CYS E 331 18.03 89.85 54.23
N LYS E 332 17.90 88.61 54.65
CA LYS E 332 18.17 88.13 56.01
C LYS E 332 17.23 88.71 57.08
N LYS E 333 16.12 89.30 56.66
CA LYS E 333 15.05 89.77 57.54
C LYS E 333 13.83 88.92 57.28
N THR E 334 14.06 87.79 56.61
CA THR E 334 13.05 86.83 56.18
C THR E 334 12.61 85.95 57.34
N THR E 335 11.47 85.25 57.16
CA THR E 335 11.06 84.32 58.22
C THR E 335 9.96 83.35 57.81
N ILE E 336 10.01 82.15 58.42
CA ILE E 336 8.94 81.18 58.25
C ILE E 336 8.46 80.67 59.58
N ASN E 337 7.16 80.77 59.78
CA ASN E 337 6.52 80.27 60.97
C ASN E 337 6.00 78.88 60.71
N TYR E 338 6.46 77.90 61.48
CA TYR E 338 6.04 76.54 61.25
C TYR E 338 4.97 76.11 62.23
N PHE E 339 3.99 75.37 61.71
CA PHE E 339 2.87 74.88 62.49
C PHE E 339 2.55 73.41 62.30
N LYS E 340 2.00 72.80 63.33
CA LYS E 340 1.43 71.46 63.24
C LYS E 340 -0.02 71.55 63.68
N GLY E 341 -0.94 71.30 62.76
CA GLY E 341 -2.32 71.52 63.10
C GLY E 341 -2.49 73.00 63.36
N ILE E 342 -2.85 73.37 64.58
CA ILE E 342 -3.03 74.78 64.90
C ILE E 342 -1.99 75.30 65.88
N LEU E 343 -1.02 74.47 66.20
CA LEU E 343 -0.05 74.85 67.18
C LEU E 343 1.27 75.19 66.56
N PRO E 344 1.81 76.33 66.97
CA PRO E 344 3.11 76.85 66.58
C PRO E 344 4.19 76.05 67.31
N ILE E 345 5.32 75.83 66.66
CA ILE E 345 6.44 75.10 67.24
C ILE E 345 7.69 75.97 67.14
N ASN E 346 8.69 75.69 67.96
CA ASN E 346 9.94 76.46 67.95
C ASN E 346 11.17 75.70 67.45
N LEU E 347 12.00 76.38 66.67
CA LEU E 347 13.21 75.79 66.10
C LEU E 347 14.49 76.27 66.76
N ASN E 348 15.52 75.41 66.77
CA ASN E 348 16.80 75.74 67.38
C ASN E 348 17.84 76.02 66.30
N PRO E 349 18.54 77.16 66.41
CA PRO E 349 19.54 77.58 65.43
C PRO E 349 20.70 76.61 65.22
N VAL E 350 21.21 75.98 66.26
CA VAL E 350 22.33 75.06 66.08
C VAL E 350 22.01 73.84 65.21
N ARG E 351 20.83 73.28 65.38
CA ARG E 351 20.39 72.14 64.58
C ARG E 351 20.21 72.48 63.11
N VAL E 352 19.72 73.68 62.82
CA VAL E 352 19.50 74.08 61.45
C VAL E 352 20.82 74.29 60.78
N ASP E 353 21.74 74.96 61.49
CA ASP E 353 23.06 75.22 60.94
C ASP E 353 23.76 73.92 60.58
N ASN E 354 23.60 72.90 61.42
CA ASN E 354 24.25 71.63 61.14
C ASN E 354 23.69 70.99 59.89
N HIS E 355 22.36 71.04 59.70
CA HIS E 355 21.81 70.42 58.51
C HIS E 355 22.26 71.18 57.26
N LYS E 356 22.22 72.51 57.31
CA LYS E 356 22.61 73.30 56.16
C LYS E 356 24.05 73.03 55.76
N SER E 357 24.94 72.99 56.75
CA SER E 357 26.35 72.73 56.52
C SER E 357 26.59 71.41 55.83
N LYS E 358 25.98 70.34 56.33
CA LYS E 358 26.16 69.03 55.71
C LYS E 358 25.70 68.97 54.27
N ILE E 359 24.56 69.59 53.99
CA ILE E 359 23.98 69.56 52.65
C ILE E 359 24.91 70.21 51.66
N LEU E 360 25.47 71.35 52.03
CA LEU E 360 26.34 72.06 51.12
C LEU E 360 27.76 71.51 51.10
N ALA E 361 28.29 71.03 52.22
CA ALA E 361 29.66 70.53 52.23
C ALA E 361 29.85 69.36 51.27
N SER E 362 28.84 68.51 51.14
CA SER E 362 28.90 67.37 50.24
C SER E 362 29.03 67.77 48.78
N ARG E 363 28.77 69.02 48.44
CA ARG E 363 28.91 69.48 47.08
C ARG E 363 30.39 69.72 46.78
N LEU E 364 31.14 70.15 47.79
CA LEU E 364 32.56 70.44 47.61
C LEU E 364 33.31 69.18 47.31
N GLU E 365 32.88 68.10 47.92
CA GLU E 365 33.56 66.82 47.73
C GLU E 365 33.53 66.40 46.28
N ASN E 366 32.42 66.65 45.58
CA ASN E 366 32.36 66.23 44.19
C ASN E 366 33.18 67.12 43.31
N ASP E 367 33.20 68.43 43.58
CA ASP E 367 34.01 69.30 42.76
C ASP E 367 35.46 68.88 42.84
N LEU E 368 35.91 68.44 44.01
CA LEU E 368 37.28 67.98 44.17
C LEU E 368 37.56 66.68 43.43
N LYS E 369 36.64 65.71 43.49
CA LYS E 369 36.85 64.43 42.79
C LYS E 369 36.99 64.63 41.28
N ALA E 370 36.28 65.62 40.75
CA ALA E 370 36.29 65.96 39.33
C ALA E 370 37.68 66.37 38.82
N LYS E 371 38.60 66.71 39.71
CA LYS E 371 39.91 67.16 39.27
C LYS E 371 40.85 66.03 38.82
N ASP E 372 40.52 64.75 39.06
CA ASP E 372 41.48 63.71 38.67
C ASP E 372 41.19 63.05 37.32
N ASP E 373 39.94 62.76 37.01
CA ASP E 373 39.59 62.02 35.81
C ASP E 373 39.47 62.92 34.59
N LEU E 374 40.59 63.36 34.05
CA LEU E 374 40.51 64.29 32.94
C LEU E 374 40.91 63.75 31.57
N GLU E 375 41.14 62.45 31.39
CA GLU E 375 41.55 62.01 30.05
C GLU E 375 41.19 60.54 29.73
N PRO E 376 40.95 60.23 28.44
CA PRO E 376 40.68 58.87 27.94
C PRO E 376 41.92 58.01 27.82
N ALA E 377 41.71 56.70 27.80
CA ALA E 377 42.79 55.75 27.57
C ALA E 377 43.14 55.59 26.09
N ILE E 378 44.40 55.27 25.84
CA ILE E 378 44.94 54.94 24.53
C ILE E 378 45.50 53.53 24.55
N PRO E 379 45.10 52.63 23.64
CA PRO E 379 45.61 51.25 23.54
C PRO E 379 47.12 51.23 23.38
N GLN E 380 47.81 50.30 24.07
CA GLN E 380 49.28 50.24 24.03
C GLN E 380 49.76 48.89 23.49
N GLY E 381 50.79 48.92 22.62
CA GLY E 381 51.34 47.72 22.04
C GLY E 381 52.71 47.37 22.58
N THR E 382 53.40 46.47 21.86
CA THR E 382 54.71 45.98 22.24
C THR E 382 55.70 46.36 21.16
N PHE E 383 56.91 45.85 21.25
CA PHE E 383 57.92 46.20 20.28
C PHE E 383 58.78 44.99 19.97
N ALA E 384 58.92 44.61 18.70
CA ALA E 384 59.68 43.40 18.46
C ALA E 384 60.41 43.21 17.14
N ASP E 385 61.11 44.21 16.62
CA ASP E 385 61.89 44.02 15.39
C ASP E 385 61.13 43.27 14.27
N TRP E 386 60.05 43.88 13.81
CA TRP E 386 59.15 43.25 12.86
C TRP E 386 59.81 42.81 11.56
N GLY E 387 60.99 43.35 11.23
CA GLY E 387 61.73 43.04 10.01
C GLY E 387 62.71 41.87 10.09
N GLU E 388 62.75 41.13 11.18
CA GLU E 388 63.66 39.97 11.26
C GLU E 388 63.44 38.97 10.15
N TYR E 389 64.51 38.55 9.46
CA TYR E 389 64.37 37.63 8.34
C TYR E 389 65.39 36.50 8.37
N SER E 390 64.94 35.28 8.09
CA SER E 390 65.82 34.12 7.98
C SER E 390 65.84 33.59 6.55
N SER E 391 67.02 33.21 6.08
CA SER E 391 67.23 32.70 4.74
C SER E 391 66.45 31.45 4.40
N ILE E 392 65.95 31.37 3.16
CA ILE E 392 65.18 30.22 2.71
C ILE E 392 66.06 29.01 2.47
N GLN E 393 67.36 29.21 2.51
CA GLN E 393 68.30 28.13 2.28
C GLN E 393 68.26 27.13 3.44
N HIS E 394 67.73 27.53 4.58
CA HIS E 394 67.66 26.66 5.73
C HIS E 394 66.47 25.73 5.67
N GLU E 395 65.65 25.86 4.63
CA GLU E 395 64.48 25.02 4.46
C GLU E 395 64.75 23.81 3.59
N PHE E 396 65.97 23.66 3.06
CA PHE E 396 66.24 22.54 2.17
C PHE E 396 66.86 21.36 2.92
N PRO E 397 66.79 20.13 2.39
CA PRO E 397 67.53 19.03 3.03
C PRO E 397 69.08 19.02 2.94
N GLU E 398 69.63 18.21 3.84
CA GLU E 398 71.07 18.11 3.96
C GLU E 398 71.65 17.65 2.64
N THR E 399 70.92 16.79 1.93
CA THR E 399 71.41 16.26 0.66
C THR E 399 71.83 17.39 -0.28
N TYR E 400 71.06 18.49 -0.31
CA TYR E 400 71.40 19.62 -1.18
C TYR E 400 72.76 20.23 -0.85
N GLY E 401 73.20 20.21 0.41
CA GLY E 401 74.52 20.70 0.81
C GLY E 401 74.62 22.17 1.11
N ILE E 402 73.50 22.88 1.21
CA ILE E 402 73.49 24.33 1.45
C ILE E 402 73.12 24.67 2.89
N SER E 403 73.28 23.75 3.83
CA SER E 403 72.93 23.97 5.23
C SER E 403 74.18 24.15 6.08
N ASP E 404 74.00 24.52 7.34
CA ASP E 404 75.10 24.75 8.29
C ASP E 404 76.07 23.62 8.51
N ILE E 405 75.64 22.37 8.41
CA ILE E 405 76.57 21.29 8.70
C ILE E 405 77.42 20.93 7.50
N GLY E 406 77.21 21.57 6.37
CA GLY E 406 78.00 21.31 5.20
C GLY E 406 77.65 20.01 4.51
N LEU E 407 78.65 19.45 3.85
CA LEU E 407 78.55 18.28 3.00
C LEU E 407 79.78 17.40 3.29
N PRO E 408 79.64 16.10 3.56
CA PRO E 408 80.77 15.19 3.85
C PRO E 408 81.86 15.18 2.78
N PRO E 409 83.14 15.32 3.17
CA PRO E 409 84.32 15.29 2.28
C PRO E 409 84.40 14.16 1.28
N LYS E 410 83.91 12.99 1.64
CA LYS E 410 84.01 11.84 0.77
C LYS E 410 83.26 12.02 -0.54
N LEU E 411 82.36 12.99 -0.63
CA LEU E 411 81.57 13.17 -1.83
C LEU E 411 82.31 13.95 -2.91
N GLY E 412 83.51 14.43 -2.60
CA GLY E 412 84.33 15.10 -3.59
C GLY E 412 84.09 16.59 -3.75
N VAL E 413 85.08 17.21 -4.40
CA VAL E 413 85.08 18.63 -4.68
C VAL E 413 83.99 19.04 -5.61
N LYS E 414 83.78 18.30 -6.70
CA LYS E 414 82.78 18.77 -7.64
C LYS E 414 81.43 18.98 -6.98
N ARG E 415 81.03 18.08 -6.09
CA ARG E 415 79.72 18.29 -5.49
C ARG E 415 79.74 19.52 -4.58
N ALA E 416 80.85 19.75 -3.87
CA ALA E 416 80.94 20.96 -3.04
C ALA E 416 80.83 22.23 -3.88
N VAL E 417 81.43 22.21 -5.08
CA VAL E 417 81.36 23.37 -5.97
C VAL E 417 79.96 23.63 -6.41
N LEU E 418 79.24 22.58 -6.78
CA LEU E 418 77.88 22.73 -7.23
C LEU E 418 77.00 23.30 -6.13
N ALA E 419 77.28 22.95 -4.88
CA ALA E 419 76.52 23.53 -3.78
C ALA E 419 76.70 25.04 -3.74
N ARG E 420 77.93 25.51 -4.01
CA ARG E 420 78.23 26.94 -4.04
C ARG E 420 77.42 27.61 -5.13
N GLN E 421 77.26 26.95 -6.29
CA GLN E 421 76.51 27.53 -7.40
C GLN E 421 75.06 27.70 -7.03
N LEU E 422 74.49 26.73 -6.32
CA LEU E 422 73.11 26.83 -5.89
C LEU E 422 72.91 27.97 -4.92
N LYS E 423 73.83 28.16 -3.96
CA LYS E 423 73.67 29.25 -3.00
C LYS E 423 73.58 30.58 -3.74
N GLY E 424 74.40 30.74 -4.76
CA GLY E 424 74.39 31.94 -5.56
C GLY E 424 73.03 32.19 -6.17
N TYR E 425 72.48 31.16 -6.82
CA TYR E 425 71.18 31.26 -7.44
C TYR E 425 70.09 31.64 -6.45
N LEU E 426 70.06 30.96 -5.31
CA LEU E 426 68.99 31.22 -4.36
C LEU E 426 69.03 32.65 -3.79
N LEU E 427 70.20 33.31 -3.73
CA LEU E 427 70.24 34.69 -3.22
C LEU E 427 69.36 35.66 -4.02
N PHE E 428 69.00 35.33 -5.25
CA PHE E 428 68.14 36.22 -6.02
C PHE E 428 66.75 36.27 -5.42
N PHE E 429 66.35 35.22 -4.72
CA PHE E 429 65.04 35.13 -4.11
C PHE E 429 65.08 35.69 -2.70
N ASP E 430 66.21 35.52 -2.02
CA ASP E 430 66.28 36.00 -0.66
C ASP E 430 66.45 37.49 -0.60
N GLN E 431 67.19 38.08 -1.52
CA GLN E 431 67.38 39.51 -1.39
C GLN E 431 66.05 40.26 -1.52
N ILE E 432 65.15 39.75 -2.37
CA ILE E 432 63.85 40.37 -2.55
C ILE E 432 62.99 40.21 -1.31
N LEU E 433 62.92 39.01 -0.75
CA LEU E 433 62.11 38.83 0.44
C LEU E 433 62.64 39.68 1.58
N ALA E 434 63.95 39.76 1.74
CA ALA E 434 64.52 40.55 2.81
C ALA E 434 64.11 42.01 2.70
N SER E 435 64.03 42.53 1.47
CA SER E 435 63.56 43.90 1.26
C SER E 435 62.17 44.14 1.79
N TYR E 436 61.23 43.25 1.52
CA TYR E 436 59.88 43.44 2.02
C TYR E 436 59.80 43.45 3.53
N PHE E 437 60.58 42.62 4.20
CA PHE E 437 60.55 42.63 5.67
C PHE E 437 61.13 43.92 6.21
N GLU E 438 62.17 44.38 5.54
CA GLU E 438 62.84 45.61 5.88
C GLU E 438 61.93 46.80 5.74
N HIS E 439 61.10 46.79 4.71
CA HIS E 439 60.15 47.85 4.47
C HIS E 439 59.14 47.96 5.60
N LEU E 440 58.69 46.86 6.21
CA LEU E 440 57.79 46.97 7.39
C LEU E 440 58.44 47.71 8.54
N SER E 441 59.72 47.48 8.77
CA SER E 441 60.43 48.12 9.87
C SER E 441 60.51 49.64 9.74
N LYS E 442 60.24 50.19 8.57
CA LYS E 442 60.34 51.61 8.33
C LYS E 442 59.01 52.33 8.29
N ILE E 443 57.89 51.67 8.55
CA ILE E 443 56.61 52.37 8.42
C ILE E 443 56.55 53.56 9.36
N LYS E 444 57.08 53.39 10.57
CA LYS E 444 57.10 54.47 11.53
C LYS E 444 57.81 55.70 11.04
N SER E 445 58.87 55.52 10.27
CA SER E 445 59.63 56.66 9.79
C SER E 445 58.92 57.31 8.65
N LEU E 446 58.37 56.50 7.75
CA LEU E 446 57.76 57.03 6.56
C LEU E 446 56.61 57.97 6.87
N LEU E 447 55.86 57.67 7.92
CA LEU E 447 54.73 58.50 8.31
C LEU E 447 54.98 59.38 9.53
N SER E 448 56.24 59.59 9.93
CA SER E 448 56.58 60.39 11.12
C SER E 448 56.24 61.87 11.03
N LEU E 449 55.75 62.40 12.16
CA LEU E 449 55.46 63.82 12.27
C LEU E 449 56.69 64.62 12.66
N ASP E 450 57.74 63.94 13.09
CA ASP E 450 58.94 64.66 13.50
C ASP E 450 59.93 64.82 12.40
N GLN E 451 60.11 63.76 11.64
CA GLN E 451 61.08 63.72 10.57
C GLN E 451 61.03 62.43 9.78
N GLY E 452 60.77 62.53 8.48
CA GLY E 452 60.77 61.34 7.64
C GLY E 452 62.19 60.99 7.15
N PRO E 453 62.33 59.82 6.53
CA PRO E 453 63.57 59.29 5.98
C PRO E 453 63.89 59.92 4.64
N SER E 454 65.14 59.76 4.18
CA SER E 454 65.56 60.25 2.89
C SER E 454 65.26 59.25 1.75
N PHE E 455 65.07 57.97 2.05
CA PHE E 455 64.80 56.94 1.07
C PHE E 455 63.37 56.46 1.20
N THR E 456 62.83 55.87 0.14
CA THR E 456 61.50 55.32 0.27
C THR E 456 61.52 53.80 0.05
N TYR E 457 62.61 53.26 -0.48
CA TYR E 457 62.77 51.82 -0.64
C TYR E 457 63.97 51.36 0.17
N PHE E 458 63.94 50.15 0.70
CA PHE E 458 65.00 49.69 1.61
C PHE E 458 65.45 48.26 1.36
N THR E 459 66.67 47.91 1.79
CA THR E 459 67.15 46.52 1.73
C THR E 459 67.93 46.12 3.00
N GLN E 460 68.38 44.86 3.05
CA GLN E 460 69.14 44.33 4.19
C GLN E 460 70.31 43.45 3.79
N ALA E 461 71.38 43.47 4.58
CA ALA E 461 72.41 42.46 4.39
C ALA E 461 71.86 41.14 4.88
N ILE E 462 72.22 40.05 4.21
CA ILE E 462 71.81 38.73 4.69
C ILE E 462 73.04 38.06 5.28
N LYS E 463 72.99 37.73 6.57
CA LYS E 463 74.17 37.18 7.25
C LYS E 463 74.00 35.80 7.88
N ASP E 464 72.92 35.09 7.62
CA ASP E 464 72.73 33.77 8.19
C ASP E 464 73.09 32.69 7.18
N ILE E 465 73.88 33.07 6.21
CA ILE E 465 74.43 32.21 5.18
C ILE E 465 75.93 32.18 5.39
N LYS E 466 76.48 30.99 5.57
CA LYS E 466 77.88 30.84 5.95
C LYS E 466 78.92 31.42 4.99
N ASP E 467 78.71 31.46 3.69
CA ASP E 467 79.84 32.07 2.97
C ASP E 467 79.60 33.41 2.34
N VAL E 468 78.57 34.15 2.72
CA VAL E 468 78.36 35.44 2.05
C VAL E 468 79.60 36.30 1.83
N GLU E 469 80.62 36.16 2.67
CA GLU E 469 81.84 36.91 2.44
C GLU E 469 82.57 36.50 1.16
N GLU E 470 82.27 35.32 0.63
CA GLU E 470 82.89 34.89 -0.61
C GLU E 470 81.97 35.04 -1.80
N LEU E 471 80.67 34.92 -1.57
CA LEU E 471 79.68 35.02 -2.63
C LEU E 471 79.61 36.44 -3.22
N PHE E 472 79.82 37.46 -2.38
CA PHE E 472 79.75 38.85 -2.83
C PHE E 472 81.11 39.38 -3.28
N LYS E 473 81.12 40.12 -4.40
CA LYS E 473 82.37 40.70 -4.92
C LYS E 473 83.00 41.70 -3.96
N ASP E 474 82.19 42.45 -3.22
CA ASP E 474 82.71 43.40 -2.26
C ASP E 474 81.93 43.31 -0.95
N PRO E 475 82.45 42.57 0.03
CA PRO E 475 81.85 42.33 1.34
C PRO E 475 81.61 43.60 2.13
N THR E 476 82.27 44.70 1.77
CA THR E 476 82.10 45.97 2.45
C THR E 476 80.65 46.33 2.62
N LEU E 477 79.84 46.10 1.59
CA LEU E 477 78.45 46.52 1.61
C LEU E 477 77.63 45.79 2.66
N LEU E 478 78.08 44.63 3.08
CA LEU E 478 77.31 43.86 4.03
C LEU E 478 77.48 44.41 5.43
N GLU E 479 78.34 45.40 5.60
CA GLU E 479 78.54 46.02 6.89
C GLU E 479 77.70 47.27 7.07
N ASN E 480 76.92 47.67 6.06
CA ASN E 480 76.14 48.89 6.18
C ASN E 480 74.96 48.89 5.20
N ASP E 481 73.76 48.66 5.74
CA ASP E 481 72.55 48.56 4.93
C ASP E 481 72.25 49.83 4.12
N GLU E 482 72.77 50.98 4.53
CA GLU E 482 72.50 52.22 3.78
C GLU E 482 73.30 52.22 2.49
N GLU E 483 74.51 51.64 2.51
CA GLU E 483 75.36 51.62 1.33
C GLU E 483 74.84 50.55 0.41
N LEU E 484 74.36 49.48 1.01
CA LEU E 484 73.82 48.38 0.26
C LEU E 484 72.59 48.85 -0.50
N THR E 485 71.75 49.68 0.15
CA THR E 485 70.57 50.24 -0.49
C THR E 485 70.93 51.09 -1.70
N LYS E 486 71.88 51.99 -1.52
CA LYS E 486 72.30 52.84 -2.62
C LYS E 486 72.85 52.04 -3.80
N SER E 487 73.59 50.97 -3.50
CA SER E 487 74.15 50.11 -4.54
C SER E 487 73.14 49.21 -5.24
N LEU E 488 72.20 48.61 -4.51
CA LEU E 488 71.27 47.66 -5.13
C LEU E 488 70.00 48.28 -5.69
N ILE E 489 69.43 49.28 -5.04
CA ILE E 489 68.21 49.89 -5.54
C ILE E 489 68.56 51.13 -6.32
N GLY E 490 69.37 51.97 -5.70
CA GLY E 490 69.88 53.15 -6.33
C GLY E 490 68.82 54.05 -6.92
N LYS E 491 69.00 54.38 -8.19
CA LYS E 491 68.14 55.36 -8.83
C LYS E 491 66.70 54.93 -8.89
N LEU E 492 66.43 53.62 -8.90
CA LEU E 492 65.05 53.19 -9.01
C LEU E 492 64.16 53.89 -7.99
N ASP E 493 64.74 54.41 -6.90
CA ASP E 493 64.00 55.08 -5.84
C ASP E 493 63.87 56.57 -6.17
N ASP E 494 62.73 56.97 -6.75
CA ASP E 494 62.54 58.37 -7.12
C ASP E 494 62.07 59.11 -5.87
N THR E 495 63.04 59.46 -5.03
CA THR E 495 62.75 60.00 -3.71
C THR E 495 62.04 61.33 -3.74
N ILE E 496 62.34 62.24 -4.65
CA ILE E 496 61.68 63.53 -4.55
C ILE E 496 60.20 63.42 -4.78
N GLU E 497 59.77 62.69 -5.79
CA GLU E 497 58.35 62.60 -6.03
C GLU E 497 57.67 61.80 -4.93
N ARG E 498 58.27 60.69 -4.51
CA ARG E 498 57.62 59.89 -3.50
C ARG E 498 57.54 60.60 -2.14
N ARG E 499 58.59 61.31 -1.75
CA ARG E 499 58.56 62.03 -0.49
C ARG E 499 57.48 63.10 -0.50
N ASN E 500 57.30 63.78 -1.63
CA ASN E 500 56.24 64.78 -1.67
C ASN E 500 54.87 64.14 -1.52
N GLN E 501 54.65 62.99 -2.14
CA GLN E 501 53.32 62.39 -2.00
C GLN E 501 53.01 62.04 -0.55
N LEU E 502 54.00 61.52 0.19
CA LEU E 502 53.76 61.20 1.59
C LEU E 502 53.47 62.44 2.42
N MET E 503 54.23 63.50 2.18
CA MET E 503 54.04 64.71 2.95
C MET E 503 52.68 65.33 2.67
N ASP E 504 52.26 65.31 1.41
CA ASP E 504 50.99 65.93 1.07
C ASP E 504 49.86 65.20 1.73
N HIS E 505 49.95 63.88 1.80
CA HIS E 505 48.91 63.12 2.49
C HIS E 505 48.82 63.52 3.95
N LEU E 506 49.96 63.55 4.64
CA LEU E 506 49.90 63.89 6.05
C LEU E 506 49.35 65.30 6.27
N ILE E 507 49.72 66.24 5.42
CA ILE E 507 49.23 67.61 5.54
C ILE E 507 47.72 67.66 5.33
N ALA E 508 47.25 66.93 4.33
CA ALA E 508 45.83 66.87 4.02
C ALA E 508 45.01 66.37 5.20
N ARG E 509 45.57 65.51 6.04
CA ARG E 509 44.83 65.00 7.19
C ARG E 509 44.40 66.10 8.15
N PHE E 510 45.03 67.27 8.10
CA PHE E 510 44.68 68.39 8.95
C PHE E 510 43.92 69.43 8.17
N ALA E 511 43.52 69.08 6.95
CA ALA E 511 42.82 69.94 6.00
C ALA E 511 43.62 71.17 5.59
N GLU E 512 44.94 71.04 5.45
CA GLU E 512 45.78 72.14 5.04
C GLU E 512 46.21 71.94 3.58
N ASN E 513 46.93 72.90 2.98
CA ASN E 513 47.33 72.76 1.56
C ASN E 513 48.52 73.65 1.16
N PHE E 514 49.62 73.02 0.72
CA PHE E 514 50.86 73.69 0.32
C PHE E 514 51.11 73.79 -1.19
N SER E 515 50.08 73.66 -2.00
CA SER E 515 50.24 73.68 -3.46
C SER E 515 51.00 74.89 -4.01
N SER E 516 50.80 76.07 -3.43
CA SER E 516 51.38 77.29 -3.98
C SER E 516 52.92 77.32 -3.90
N TYR E 517 53.54 76.49 -3.07
CA TYR E 517 54.99 76.49 -2.97
C TYR E 517 55.62 76.02 -4.24
N ALA E 518 54.85 75.24 -4.99
CA ALA E 518 55.30 74.68 -6.24
C ALA E 518 55.75 75.74 -7.22
N PHE E 519 55.18 76.94 -7.17
CA PHE E 519 55.65 77.93 -8.10
C PHE E 519 56.14 79.18 -7.41
N LEU E 520 55.68 79.48 -6.21
CA LEU E 520 56.12 80.71 -5.60
C LEU E 520 57.60 80.66 -5.27
N MET E 521 58.09 79.49 -4.96
CA MET E 521 59.48 79.35 -4.60
C MET E 521 60.40 79.50 -5.79
N LYS E 522 59.85 79.49 -7.01
CA LYS E 522 60.70 79.56 -8.19
C LYS E 522 61.09 80.99 -8.48
N PHE E 523 60.56 81.92 -7.71
CA PHE E 523 60.95 83.30 -7.90
C PHE E 523 62.06 83.62 -6.94
N LEU E 524 62.43 82.65 -6.12
CA LEU E 524 63.47 82.83 -5.13
C LEU E 524 64.64 81.92 -5.39
N TYR E 525 64.36 80.70 -5.80
CA TYR E 525 65.39 79.69 -5.99
C TYR E 525 65.18 78.98 -7.31
N GLY E 526 66.23 78.37 -7.80
CA GLY E 526 66.15 77.56 -9.01
C GLY E 526 65.91 76.10 -8.65
N GLU E 527 66.78 75.23 -9.13
CA GLU E 527 66.62 73.79 -8.94
C GLU E 527 66.59 73.38 -7.47
N SER E 528 67.22 74.19 -6.62
CA SER E 528 67.34 73.92 -5.19
C SER E 528 65.98 73.98 -4.45
N THR E 529 64.89 74.42 -5.11
CA THR E 529 63.61 74.46 -4.42
C THR E 529 63.14 73.08 -3.98
N ASP E 530 63.50 71.99 -4.67
CA ASP E 530 62.90 70.71 -4.23
C ASP E 530 63.31 70.35 -2.80
N GLU E 531 64.55 70.61 -2.45
CA GLU E 531 65.01 70.31 -1.10
C GLU E 531 64.40 71.26 -0.11
N ILE E 532 64.33 72.54 -0.48
CA ILE E 532 63.82 73.55 0.44
C ILE E 532 62.37 73.28 0.78
N VAL E 533 61.57 72.99 -0.24
CA VAL E 533 60.16 72.77 -0.02
C VAL E 533 59.91 71.57 0.87
N LEU E 534 60.61 70.45 0.67
CA LEU E 534 60.37 69.33 1.57
C LEU E 534 60.74 69.67 3.01
N GLN E 535 61.81 70.44 3.22
CA GLN E 535 62.14 70.81 4.59
C GLN E 535 61.04 71.65 5.22
N ASP E 536 60.47 72.59 4.46
CA ASP E 536 59.42 73.43 5.00
C ASP E 536 58.17 72.64 5.34
N LYS E 537 57.80 71.68 4.50
CA LYS E 537 56.61 70.88 4.80
C LYS E 537 56.78 70.10 6.10
N GLN E 538 57.97 69.53 6.34
CA GLN E 538 58.15 68.80 7.59
C GLN E 538 58.04 69.72 8.79
N SER E 539 58.60 70.93 8.69
CA SER E 539 58.54 71.87 9.79
C SER E 539 57.11 72.25 10.11
N PHE E 540 56.30 72.44 9.07
CA PHE E 540 54.91 72.77 9.25
C PHE E 540 54.20 71.72 10.08
N LEU E 541 54.38 70.43 9.77
CA LEU E 541 53.69 69.43 10.57
C LEU E 541 54.15 69.46 12.02
N ARG E 542 55.45 69.61 12.28
CA ARG E 542 55.93 69.62 13.66
C ARG E 542 55.32 70.73 14.50
N GLU E 543 55.18 71.90 13.91
CA GLU E 543 54.68 73.09 14.58
C GLU E 543 53.16 73.24 14.57
N TYR E 544 52.46 72.27 14.00
CA TYR E 544 51.03 72.40 13.79
C TYR E 544 50.18 72.62 15.03
N LYS E 545 50.50 71.98 16.15
CA LYS E 545 49.62 72.11 17.32
C LYS E 545 49.34 73.56 17.69
N GLU E 546 50.38 74.39 17.75
CA GLU E 546 50.21 75.80 18.05
C GLU E 546 49.65 76.58 16.87
N ILE E 547 50.09 76.27 15.65
CA ILE E 547 49.68 77.04 14.48
C ILE E 547 48.17 77.07 14.32
N SER E 548 47.51 75.93 14.45
CA SER E 548 46.07 75.89 14.27
C SER E 548 45.26 76.38 15.45
N ARG E 549 45.89 76.60 16.58
CA ARG E 549 45.14 76.95 17.77
C ARG E 549 45.21 78.43 18.07
N GLU E 550 46.41 78.97 18.15
CA GLU E 550 46.59 80.33 18.60
C GLU E 550 46.47 81.30 17.44
N ARG E 551 45.27 81.35 16.88
CA ARG E 551 45.00 82.19 15.72
C ARG E 551 44.66 83.60 16.15
N THR F 3 48.34 27.41 -27.64
CA THR F 3 49.49 26.86 -28.35
C THR F 3 50.23 25.88 -27.47
N LEU F 4 49.48 25.24 -26.60
CA LEU F 4 50.00 24.26 -25.67
C LEU F 4 49.71 22.87 -26.20
N ASN F 5 50.39 21.88 -25.67
CA ASN F 5 50.11 20.53 -26.10
C ASN F 5 48.85 20.01 -25.45
N LYS F 6 48.07 19.27 -26.22
CA LYS F 6 46.85 18.65 -25.73
C LYS F 6 47.03 17.15 -25.54
N HIS F 7 46.18 16.57 -24.73
CA HIS F 7 46.21 15.13 -24.54
C HIS F 7 45.63 14.47 -25.79
N ILE F 8 46.22 13.35 -26.20
CA ILE F 8 45.84 12.63 -27.42
C ILE F 8 45.16 11.30 -27.14
N SER F 9 44.02 11.07 -27.79
CA SER F 9 43.28 9.82 -27.66
C SER F 9 42.67 9.40 -28.99
N ILE F 10 42.12 8.19 -29.00
CA ILE F 10 41.51 7.61 -30.20
C ILE F 10 40.03 7.28 -29.95
N PRO F 11 39.16 7.67 -30.89
CA PRO F 11 37.72 7.43 -30.85
C PRO F 11 37.42 5.97 -30.76
N LYS F 12 36.28 5.63 -30.13
CA LYS F 12 35.87 4.23 -29.96
C LYS F 12 34.72 3.77 -30.88
N ASP F 13 34.09 4.67 -31.63
CA ASP F 13 33.00 4.27 -32.53
C ASP F 13 33.52 4.05 -33.95
N MET F 14 34.17 2.92 -34.15
CA MET F 14 34.76 2.59 -35.44
C MET F 14 33.72 2.07 -36.42
N SER F 15 32.89 2.97 -36.91
CA SER F 15 31.82 2.63 -37.85
C SER F 15 31.52 3.81 -38.76
N SER F 16 31.65 3.61 -40.06
CA SER F 16 31.40 4.71 -40.98
C SER F 16 30.55 4.32 -42.17
N LYS F 17 30.46 3.02 -42.46
CA LYS F 17 29.73 2.53 -43.61
C LYS F 17 30.26 3.09 -44.93
N ASP F 18 31.58 3.18 -45.06
CA ASP F 18 32.23 3.66 -46.26
C ASP F 18 33.50 2.85 -46.54
N ASP F 19 34.38 3.36 -47.40
CA ASP F 19 35.56 2.62 -47.80
C ASP F 19 36.63 2.47 -46.73
N LEU F 20 36.50 3.13 -45.59
CA LEU F 20 37.48 2.98 -44.53
C LEU F 20 37.02 1.97 -43.48
N ASP F 21 35.83 1.41 -43.66
CA ASP F 21 35.21 0.48 -42.72
C ASP F 21 35.35 -0.97 -43.22
N PHE F 22 36.31 -1.70 -42.64
CA PHE F 22 36.61 -3.06 -43.10
C PHE F 22 35.40 -3.98 -43.05
N HIS F 23 34.69 -3.98 -41.93
CA HIS F 23 33.60 -4.92 -41.77
C HIS F 23 32.49 -4.62 -42.73
N PHE F 24 32.22 -3.34 -42.95
CA PHE F 24 31.22 -2.96 -43.93
C PHE F 24 31.56 -3.49 -45.30
N LEU F 25 32.81 -3.30 -45.74
CA LEU F 25 33.21 -3.76 -47.06
C LEU F 25 33.08 -5.27 -47.18
N ARG F 26 33.46 -5.99 -46.14
CA ARG F 26 33.39 -7.44 -46.19
C ARG F 26 31.96 -7.92 -46.39
N GLU F 27 31.00 -7.33 -45.67
CA GLU F 27 29.60 -7.74 -45.83
C GLU F 27 29.07 -7.47 -47.22
N GLU F 28 29.42 -6.31 -47.79
CA GLU F 28 28.96 -5.98 -49.13
C GLU F 28 29.55 -6.96 -50.13
N GLY F 29 30.80 -7.34 -49.93
CA GLY F 29 31.45 -8.30 -50.80
C GLY F 29 30.66 -9.58 -50.88
N ILE F 30 30.31 -10.13 -49.72
CA ILE F 30 29.55 -11.38 -49.69
C ILE F 30 28.18 -11.23 -50.31
N ARG F 31 27.49 -10.12 -50.04
CA ARG F 31 26.19 -9.90 -50.66
C ARG F 31 26.28 -9.95 -52.18
N TYR F 32 27.30 -9.30 -52.76
CA TYR F 32 27.45 -9.32 -54.20
C TYR F 32 27.72 -10.72 -54.72
N ILE F 33 28.53 -11.50 -54.00
CA ILE F 33 28.84 -12.86 -54.41
C ILE F 33 27.60 -13.71 -54.49
N LYS F 34 26.73 -13.64 -53.49
CA LYS F 34 25.52 -14.46 -53.55
C LYS F 34 24.64 -14.09 -54.70
N GLU F 35 24.48 -12.80 -54.95
CA GLU F 35 23.61 -12.35 -56.02
C GLU F 35 24.08 -12.81 -57.38
N LEU F 36 25.38 -12.82 -57.60
CA LEU F 36 25.94 -13.20 -58.88
C LEU F 36 26.25 -14.69 -59.07
N GLY F 37 26.79 -15.36 -58.06
CA GLY F 37 27.25 -16.73 -58.27
C GLY F 37 26.80 -17.85 -57.33
N SER F 38 25.71 -17.67 -56.58
CA SER F 38 25.27 -18.70 -55.62
C SER F 38 24.92 -20.04 -56.23
N ASN F 39 24.74 -20.12 -57.53
CA ASN F 39 24.44 -21.39 -58.16
C ASN F 39 25.62 -22.33 -58.07
N PHE F 40 26.82 -21.78 -58.04
CA PHE F 40 28.02 -22.60 -58.07
C PHE F 40 28.87 -22.46 -56.82
N TRP F 41 28.90 -21.29 -56.22
CA TRP F 41 29.73 -21.05 -55.05
C TRP F 41 28.85 -20.78 -53.86
N THR F 42 28.72 -21.78 -52.98
CA THR F 42 27.86 -21.69 -51.80
C THR F 42 28.58 -21.79 -50.45
N ASP F 43 29.80 -22.28 -50.43
CA ASP F 43 30.55 -22.47 -49.20
C ASP F 43 31.26 -21.17 -48.86
N TYR F 44 30.81 -20.46 -47.82
CA TYR F 44 31.43 -19.19 -47.50
C TYR F 44 32.18 -19.23 -46.17
N ASN F 45 32.65 -20.43 -45.82
CA ASN F 45 33.42 -20.62 -44.60
C ASN F 45 34.82 -20.04 -44.71
N THR F 46 35.44 -19.82 -43.57
CA THR F 46 36.73 -19.14 -43.52
C THR F 46 37.92 -19.93 -44.09
N HIS F 47 37.80 -21.23 -44.32
CA HIS F 47 38.92 -21.94 -44.92
C HIS F 47 38.96 -21.79 -46.43
N ASP F 48 37.92 -21.19 -47.01
CA ASP F 48 37.76 -21.06 -48.45
C ASP F 48 38.71 -20.02 -49.06
N PRO F 49 39.56 -20.40 -50.03
CA PRO F 49 40.45 -19.49 -50.76
C PRO F 49 39.72 -18.29 -51.34
N GLY F 50 38.48 -18.46 -51.76
CA GLY F 50 37.68 -17.38 -52.30
C GLY F 50 37.50 -16.27 -51.30
N ILE F 51 37.01 -16.64 -50.13
CA ILE F 51 36.78 -15.70 -49.04
C ILE F 51 38.09 -15.09 -48.59
N THR F 52 39.17 -15.88 -48.55
CA THR F 52 40.47 -15.35 -48.16
C THR F 52 40.88 -14.19 -49.08
N MET F 53 40.72 -14.38 -50.39
CA MET F 53 41.06 -13.33 -51.35
C MET F 53 40.23 -12.08 -51.13
N LEU F 54 38.95 -12.23 -50.85
CA LEU F 54 38.08 -11.09 -50.60
C LEU F 54 38.58 -10.25 -49.45
N GLU F 55 38.93 -10.89 -48.34
CA GLU F 55 39.39 -10.15 -47.18
C GLU F 55 40.68 -9.39 -47.46
N VAL F 56 41.59 -9.97 -48.25
CA VAL F 56 42.82 -9.27 -48.60
C VAL F 56 42.53 -8.03 -49.41
N LEU F 57 41.62 -8.13 -50.37
CA LEU F 57 41.27 -6.99 -51.18
C LEU F 57 40.61 -5.90 -50.36
N CYS F 58 39.75 -6.26 -49.40
CA CYS F 58 39.09 -5.25 -48.57
C CYS F 58 40.12 -4.44 -47.80
N TYR F 59 41.14 -5.12 -47.29
CA TYR F 59 42.22 -4.49 -46.56
C TYR F 59 42.94 -3.48 -47.45
N ALA F 60 43.27 -3.89 -48.69
CA ALA F 60 43.93 -3.01 -49.66
C ALA F 60 43.09 -1.76 -49.98
N ILE F 61 41.77 -1.91 -50.05
CA ILE F 61 40.92 -0.76 -50.32
C ILE F 61 41.01 0.27 -49.22
N SER F 62 40.98 -0.18 -47.96
CA SER F 62 41.08 0.76 -46.85
C SER F 62 42.36 1.59 -46.93
N ASP F 63 43.47 0.95 -47.32
CA ASP F 63 44.74 1.66 -47.48
C ASP F 63 44.64 2.76 -48.52
N LEU F 64 44.01 2.47 -49.65
CA LEU F 64 43.86 3.49 -50.66
C LEU F 64 43.03 4.65 -50.15
N GLY F 65 41.91 4.36 -49.51
CA GLY F 65 41.05 5.43 -49.02
C GLY F 65 41.78 6.33 -48.04
N ASN F 66 42.59 5.73 -47.18
CA ASN F 66 43.34 6.48 -46.20
C ASN F 66 44.31 7.47 -46.82
N ARG F 67 44.91 7.15 -47.98
CA ARG F 67 45.82 8.13 -48.57
C ARG F 67 45.09 9.22 -49.28
N ILE F 68 43.93 8.92 -49.83
CA ILE F 68 43.16 9.94 -50.51
C ILE F 68 42.84 11.06 -49.54
N ASN F 69 42.60 10.74 -48.27
CA ASN F 69 42.30 11.74 -47.24
C ASN F 69 43.49 12.56 -46.72
N ILE F 70 44.71 12.36 -47.22
CA ILE F 70 45.84 13.18 -46.81
C ILE F 70 45.57 14.61 -47.23
N PRO F 71 45.80 15.60 -46.37
CA PRO F 71 45.52 17.01 -46.67
C PRO F 71 46.31 17.53 -47.86
N ILE F 72 45.69 18.50 -48.55
CA ILE F 72 46.21 19.11 -49.76
C ILE F 72 47.59 19.68 -49.57
N GLU F 73 47.86 20.21 -48.38
CA GLU F 73 49.14 20.86 -48.16
C GLU F 73 50.28 19.90 -48.44
N ASP F 74 50.05 18.60 -48.23
CA ASP F 74 51.08 17.63 -48.45
C ASP F 74 50.98 17.01 -49.82
N LEU F 75 49.76 16.76 -50.29
CA LEU F 75 49.62 16.08 -51.57
C LEU F 75 50.19 16.86 -52.74
N ILE F 76 50.15 18.18 -52.68
CA ILE F 76 50.70 18.93 -53.80
C ILE F 76 51.98 19.67 -53.45
N ALA F 77 52.66 19.24 -52.41
CA ALA F 77 53.91 19.86 -52.01
C ALA F 77 55.03 19.62 -53.02
N ASN F 78 55.94 20.58 -53.11
CA ASN F 78 57.15 20.42 -53.91
C ASN F 78 58.27 19.88 -53.05
N GLU F 79 59.22 19.24 -53.70
CA GLU F 79 60.39 18.68 -53.03
C GLU F 79 61.18 19.71 -52.25
N GLU F 80 61.25 20.91 -52.81
CA GLU F 80 61.97 22.03 -52.24
C GLU F 80 61.09 22.98 -51.44
N GLY F 81 59.82 22.63 -51.24
CA GLY F 81 58.89 23.51 -50.56
C GLY F 81 58.31 24.56 -51.52
N GLY F 82 57.37 25.36 -51.04
CA GLY F 82 56.77 26.38 -51.87
C GLY F 82 55.64 25.87 -52.73
N VAL F 83 54.99 26.80 -53.44
CA VAL F 83 53.85 26.53 -54.30
C VAL F 83 54.00 27.18 -55.65
N LYS F 84 55.24 27.33 -56.11
CA LYS F 84 55.51 28.08 -57.33
C LYS F 84 54.65 27.72 -58.55
N GLY F 85 54.50 26.44 -58.87
CA GLY F 85 53.73 26.07 -60.05
C GLY F 85 52.27 25.79 -59.79
N GLN F 86 51.82 26.00 -58.56
CA GLN F 86 50.45 25.66 -58.22
C GLN F 86 49.59 26.88 -58.01
N PHE F 87 50.09 27.87 -57.30
CA PHE F 87 49.25 29.00 -56.98
C PHE F 87 49.96 30.31 -57.17
N TYR F 88 49.18 31.36 -57.41
CA TYR F 88 49.73 32.69 -57.39
C TYR F 88 49.43 33.22 -56.00
N LYS F 89 50.38 33.90 -55.38
CA LYS F 89 50.22 34.41 -54.01
C LYS F 89 49.54 35.78 -53.95
N VAL F 90 49.05 36.17 -52.76
CA VAL F 90 48.32 37.45 -52.69
C VAL F 90 49.15 38.66 -53.07
N GLN F 91 50.44 38.61 -52.78
CA GLN F 91 51.37 39.69 -53.10
C GLN F 91 51.49 39.88 -54.60
N GLU F 92 51.13 38.87 -55.35
CA GLU F 92 51.26 38.84 -56.79
C GLU F 92 49.96 38.97 -57.53
N ILE F 93 48.88 38.37 -57.01
CA ILE F 93 47.62 38.36 -57.74
C ILE F 93 46.57 39.36 -57.28
N LEU F 94 46.66 39.90 -56.08
CA LEU F 94 45.66 40.91 -55.66
C LEU F 94 45.93 42.40 -55.97
N PRO F 95 47.17 42.91 -55.89
CA PRO F 95 47.49 44.33 -56.14
C PRO F 95 47.15 44.78 -57.54
N SER F 96 46.89 46.08 -57.69
CA SER F 96 46.52 46.65 -58.98
C SER F 96 47.40 47.83 -59.38
N ALA F 97 47.61 48.01 -60.69
CA ALA F 97 48.44 49.09 -61.18
C ALA F 97 47.76 50.37 -60.72
N PRO F 98 48.48 51.48 -60.52
CA PRO F 98 47.73 52.65 -60.03
C PRO F 98 47.09 53.49 -61.14
N THR F 99 45.76 53.57 -61.17
CA THR F 99 45.04 54.36 -62.18
C THR F 99 44.15 55.49 -61.64
N SER F 100 43.94 55.54 -60.33
CA SER F 100 43.09 56.55 -59.70
C SER F 100 43.93 57.63 -59.02
N GLU F 101 43.24 58.69 -58.58
CA GLU F 101 43.90 59.83 -57.92
C GLU F 101 44.54 59.38 -56.59
N LEU F 102 43.83 58.54 -55.82
CA LEU F 102 44.34 58.08 -54.54
C LEU F 102 45.51 57.17 -54.75
N ASP F 103 45.47 56.35 -55.80
CA ASP F 103 46.60 55.48 -56.09
C ASP F 103 47.84 56.30 -56.38
N LEU F 104 47.68 57.39 -57.16
CA LEU F 104 48.83 58.24 -57.46
C LEU F 104 49.37 58.89 -56.21
N ARG F 105 48.50 59.31 -55.32
CA ARG F 105 49.02 59.91 -54.10
C ARG F 105 49.82 58.87 -53.33
N LYS F 106 49.32 57.63 -53.24
CA LYS F 106 50.06 56.57 -52.55
C LYS F 106 51.37 56.24 -53.26
N LEU F 107 51.35 56.28 -54.58
CA LEU F 107 52.54 55.99 -55.38
C LEU F 107 53.68 56.95 -55.06
N PHE F 108 53.39 58.25 -55.08
CA PHE F 108 54.45 59.24 -54.90
C PHE F 108 54.81 59.51 -53.44
N ILE F 109 53.87 59.32 -52.52
CA ILE F 109 54.12 59.60 -51.11
C ILE F 109 55.17 58.68 -50.50
N ASP F 110 55.54 57.61 -51.20
CA ASP F 110 56.58 56.72 -50.75
C ASP F 110 57.98 57.06 -51.24
N ILE F 111 58.14 58.18 -51.91
CA ILE F 111 59.47 58.61 -52.27
C ILE F 111 60.04 59.24 -51.03
N GLU F 112 61.22 58.79 -50.60
CA GLU F 112 61.77 59.31 -49.35
C GLU F 112 61.96 60.82 -49.47
N GLY F 113 61.59 61.54 -48.41
CA GLY F 113 61.66 62.99 -48.36
C GLY F 113 60.33 63.67 -48.67
N ILE F 114 59.35 62.93 -49.17
CA ILE F 114 58.05 63.50 -49.47
C ILE F 114 57.04 63.11 -48.39
N LYS F 115 56.35 64.10 -47.85
CA LYS F 115 55.37 63.87 -46.79
C LYS F 115 53.96 63.76 -47.33
N ASN F 116 53.68 64.52 -48.37
CA ASN F 116 52.35 64.50 -48.96
C ASN F 116 52.40 65.00 -50.39
N CYS F 117 51.37 64.65 -51.16
CA CYS F 117 51.23 65.08 -52.54
C CYS F 117 49.80 65.32 -52.91
N TRP F 118 49.58 66.27 -53.79
CA TRP F 118 48.25 66.49 -54.30
C TRP F 118 48.31 66.51 -55.82
N ILE F 119 47.31 65.96 -56.46
CA ILE F 119 47.28 65.87 -57.91
C ILE F 119 46.24 66.82 -58.47
N LYS F 120 46.66 67.72 -59.33
CA LYS F 120 45.77 68.69 -59.93
C LYS F 120 45.85 68.55 -61.43
N ARG F 121 44.85 69.11 -62.12
CA ARG F 121 44.66 69.03 -63.58
C ARG F 121 45.00 70.35 -64.26
N GLU F 122 45.79 70.29 -65.34
CA GLU F 122 46.08 71.47 -66.13
C GLU F 122 44.98 71.80 -67.10
N ARG F 123 44.77 73.09 -67.32
CA ARG F 123 43.79 73.57 -68.31
C ARG F 123 44.54 74.39 -69.35
N VAL F 124 45.01 73.72 -70.41
CA VAL F 124 45.70 74.38 -71.49
C VAL F 124 44.63 74.84 -72.44
N THR F 125 44.68 76.09 -72.86
CA THR F 125 43.64 76.60 -73.74
C THR F 125 44.12 76.81 -75.15
N VAL F 126 43.26 76.41 -76.07
CA VAL F 126 43.46 76.57 -77.49
C VAL F 126 42.34 77.40 -78.06
N PHE F 127 42.70 78.40 -78.84
CA PHE F 127 41.74 79.31 -79.41
C PHE F 127 41.58 79.03 -80.88
N ALA F 128 40.41 79.31 -81.42
CA ALA F 128 40.26 79.06 -82.84
C ALA F 128 39.42 80.07 -83.59
N ASP F 129 39.81 80.16 -84.87
CA ASP F 129 39.23 80.95 -85.95
C ASP F 129 38.21 80.05 -86.67
N LEU F 130 36.93 80.41 -86.61
CA LEU F 130 35.91 79.59 -87.24
C LEU F 130 35.59 80.07 -88.64
N LYS F 131 36.26 81.13 -89.09
CA LYS F 131 36.05 81.69 -90.40
C LYS F 131 36.97 80.91 -91.32
N ASN F 132 38.20 80.80 -90.86
CA ASN F 132 39.27 80.07 -91.50
C ASN F 132 39.65 79.05 -90.47
N GLN F 133 39.38 77.80 -90.70
CA GLN F 133 39.65 76.88 -89.62
C GLN F 133 41.13 76.98 -89.40
N LYS F 134 41.46 77.51 -88.23
CA LYS F 134 42.83 77.58 -87.75
C LYS F 134 42.85 77.68 -86.23
N LEU F 135 43.83 77.04 -85.60
CA LEU F 135 43.93 77.08 -84.14
C LEU F 135 45.33 77.40 -83.61
N SER F 136 45.37 78.11 -82.48
CA SER F 136 46.61 78.54 -81.83
C SER F 136 46.44 78.78 -80.33
N TYR F 137 47.55 78.86 -79.59
CA TYR F 137 47.49 79.06 -78.14
C TYR F 137 47.37 80.54 -77.83
N GLU F 138 47.42 81.35 -78.88
CA GLU F 138 47.34 82.79 -78.78
C GLU F 138 45.95 83.29 -79.17
N LYS F 139 45.51 84.40 -78.57
CA LYS F 139 44.23 84.99 -78.96
C LYS F 139 44.36 85.86 -80.20
N THR F 140 45.57 85.87 -80.74
CA THR F 140 45.91 86.60 -81.95
C THR F 140 45.24 85.87 -83.13
N ILE F 141 44.86 84.61 -82.89
CA ILE F 141 44.15 83.80 -83.85
C ILE F 141 42.82 84.42 -84.19
N TRP F 142 42.31 85.31 -83.33
CA TRP F 142 41.04 85.97 -83.51
C TRP F 142 41.10 87.35 -84.15
N GLU F 143 42.28 87.84 -84.52
CA GLU F 143 42.32 89.16 -85.11
C GLU F 143 41.48 89.24 -86.36
N ASP F 144 40.71 90.33 -86.45
CA ASP F 144 39.82 90.67 -87.56
C ASP F 144 38.59 89.77 -87.71
N LEU F 145 38.23 89.00 -86.68
CA LEU F 145 37.03 88.17 -86.77
C LEU F 145 35.83 88.79 -86.08
N LYS F 146 34.65 88.32 -86.47
CA LYS F 146 33.41 88.76 -85.87
C LYS F 146 33.20 87.99 -84.57
N GLU F 147 32.32 88.49 -83.71
CA GLU F 147 32.06 87.84 -82.43
C GLU F 147 31.54 86.41 -82.51
N ASN F 148 30.91 86.01 -83.60
CA ASN F 148 30.37 84.66 -83.73
C ASN F 148 31.29 83.74 -84.50
N GLN F 149 32.53 84.14 -84.72
CA GLN F 149 33.51 83.33 -85.42
C GLN F 149 34.63 82.88 -84.48
N LYS F 150 34.37 82.96 -83.18
CA LYS F 150 35.39 82.64 -82.20
C LYS F 150 35.06 81.38 -81.38
N ALA F 151 36.09 80.59 -81.07
CA ALA F 151 35.93 79.40 -80.22
C ALA F 151 37.16 79.15 -79.34
N GLN F 152 36.93 78.38 -78.27
CA GLN F 152 37.97 77.96 -77.33
C GLN F 152 37.76 76.53 -76.88
N PHE F 153 38.82 75.73 -76.84
CA PHE F 153 38.63 74.42 -76.22
C PHE F 153 39.77 74.22 -75.23
N ASP F 154 39.48 73.44 -74.18
CA ASP F 154 40.44 73.19 -73.12
C ASP F 154 40.94 71.77 -73.25
N LEU F 155 42.18 71.51 -72.86
CA LEU F 155 42.67 70.14 -72.97
C LEU F 155 42.21 69.26 -71.80
N LYS F 156 42.00 67.96 -72.08
CA LYS F 156 41.36 67.03 -71.12
C LYS F 156 42.25 66.04 -70.33
N GLY F 157 43.52 65.78 -70.65
CA GLY F 157 44.26 64.78 -69.84
C GLY F 157 45.63 65.16 -69.27
N LEU F 158 45.84 66.40 -68.84
CA LEU F 158 47.17 66.78 -68.39
C LEU F 158 47.27 67.05 -66.88
N TYR F 159 48.42 66.66 -66.27
CA TYR F 159 48.66 66.80 -64.83
C TYR F 159 49.75 67.78 -64.34
N ARG F 160 49.52 68.24 -63.11
CA ARG F 160 50.45 69.01 -62.28
C ARG F 160 50.55 68.38 -60.89
N ILE F 161 51.77 68.17 -60.41
CA ILE F 161 51.94 67.53 -59.10
C ILE F 161 52.49 68.49 -58.05
N LEU F 162 51.74 68.63 -56.96
CA LEU F 162 52.11 69.50 -55.85
C LEU F 162 52.75 68.69 -54.74
N VAL F 163 53.98 69.02 -54.39
CA VAL F 163 54.74 68.23 -53.43
C VAL F 163 55.08 68.93 -52.11
N GLU F 164 54.80 68.25 -51.00
CA GLU F 164 55.20 68.73 -49.68
C GLU F 164 56.36 67.89 -49.18
N THR F 165 57.50 68.51 -48.93
CA THR F 165 58.69 67.79 -48.48
C THR F 165 59.11 68.07 -47.05
N GLU F 166 59.95 67.17 -46.54
CA GLU F 166 60.52 67.23 -45.18
C GLU F 166 61.55 68.34 -44.99
N ASP F 167 62.28 68.66 -46.05
CA ASP F 167 63.40 69.59 -46.10
C ASP F 167 63.12 71.02 -45.64
N ALA F 168 61.91 71.53 -45.92
CA ALA F 168 61.52 72.92 -45.62
C ALA F 168 62.42 73.93 -46.33
N ASP F 169 62.80 73.60 -47.57
CA ASP F 169 63.63 74.46 -48.42
C ASP F 169 62.66 75.28 -49.28
N LYS F 170 63.19 76.11 -50.17
CA LYS F 170 62.35 76.92 -51.05
C LYS F 170 61.91 76.18 -52.31
N VAL F 171 62.71 75.21 -52.78
CA VAL F 171 62.45 74.49 -54.02
C VAL F 171 62.58 72.98 -53.80
N LEU F 172 62.14 72.20 -54.79
CA LEU F 172 62.36 70.75 -54.69
C LEU F 172 63.75 70.43 -55.17
N SER F 173 64.38 69.45 -54.55
CA SER F 173 65.64 68.94 -55.05
C SER F 173 65.42 68.37 -56.43
N GLU F 174 66.39 68.53 -57.33
CA GLU F 174 66.19 67.95 -58.65
C GLU F 174 66.07 66.43 -58.59
N SER F 175 66.57 65.80 -57.51
CA SER F 175 66.45 64.36 -57.39
C SER F 175 65.02 63.94 -57.12
N LEU F 176 64.20 64.84 -56.60
CA LEU F 176 62.81 64.52 -56.35
C LEU F 176 62.07 64.70 -57.65
N GLU F 177 62.39 65.76 -58.38
CA GLU F 177 61.72 65.91 -59.65
C GLU F 177 61.97 64.73 -60.56
N LYS F 178 63.19 64.22 -60.55
CA LYS F 178 63.46 63.06 -61.36
C LYS F 178 62.66 61.86 -60.87
N ALA F 179 62.59 61.65 -59.55
CA ALA F 179 61.84 60.52 -59.01
C ALA F 179 60.36 60.57 -59.36
N VAL F 180 59.75 61.76 -59.29
CA VAL F 180 58.33 61.88 -59.59
C VAL F 180 58.08 61.67 -61.07
N PHE F 181 58.86 62.30 -61.93
CA PHE F 181 58.65 62.12 -63.35
C PHE F 181 58.89 60.68 -63.75
N THR F 182 59.91 60.04 -63.20
CA THR F 182 60.21 58.66 -63.51
C THR F 182 59.06 57.74 -63.17
N LYS F 183 58.52 57.86 -61.95
CA LYS F 183 57.43 56.97 -61.58
C LYS F 183 56.17 57.26 -62.38
N PHE F 184 55.90 58.53 -62.65
CA PHE F 184 54.70 58.84 -63.42
C PHE F 184 54.76 58.15 -64.77
N HIS F 185 55.84 58.35 -65.49
CA HIS F 185 55.89 57.83 -66.85
C HIS F 185 55.93 56.33 -66.86
N ALA F 186 56.62 55.73 -65.90
CA ALA F 186 56.69 54.27 -65.81
C ALA F 186 55.31 53.67 -65.59
N ASN F 187 54.45 54.36 -64.87
CA ASN F 187 53.12 53.86 -64.55
C ASN F 187 52.03 54.85 -64.95
N ARG F 188 51.64 54.89 -66.22
CA ARG F 188 50.66 55.90 -66.62
C ARG F 188 49.50 55.30 -67.39
N ASN F 189 48.41 56.06 -67.40
CA ASN F 189 47.20 55.69 -68.10
C ASN F 189 47.30 56.06 -69.57
N LEU F 190 46.50 55.39 -70.39
CA LEU F 190 46.42 55.71 -71.81
C LEU F 190 45.79 57.08 -72.01
N CYS F 191 46.41 57.90 -72.87
CA CYS F 191 45.97 59.27 -73.24
C CYS F 191 46.03 60.31 -72.13
N GLU F 192 47.06 60.24 -71.29
CA GLU F 192 47.28 61.19 -70.20
C GLU F 192 48.77 61.53 -70.09
N ASP F 193 49.09 62.74 -69.62
CA ASP F 193 50.49 63.14 -69.48
C ASP F 193 50.75 64.14 -68.34
N LEU F 194 52.02 64.19 -67.92
CA LEU F 194 52.49 65.05 -66.84
C LEU F 194 53.28 66.25 -67.34
N ILE F 195 52.84 67.43 -66.98
CA ILE F 195 53.48 68.66 -67.41
C ILE F 195 54.47 69.18 -66.39
N LYS F 196 54.05 69.33 -65.14
CA LYS F 196 54.94 69.94 -64.16
C LYS F 196 54.83 69.34 -62.76
N VAL F 197 55.99 69.27 -62.10
CA VAL F 197 56.13 68.86 -60.71
C VAL F 197 56.73 70.04 -59.96
N GLU F 198 56.06 70.47 -58.89
CA GLU F 198 56.51 71.65 -58.14
C GLU F 198 56.15 71.58 -56.65
N LYS F 199 56.83 72.40 -55.87
CA LYS F 199 56.58 72.47 -54.43
C LYS F 199 55.32 73.28 -54.13
N VAL F 200 54.50 72.79 -53.19
CA VAL F 200 53.24 73.45 -52.82
C VAL F 200 53.44 74.84 -52.19
N ALA F 201 52.61 75.80 -52.61
CA ALA F 201 52.59 77.18 -52.09
C ALA F 201 51.91 77.25 -50.73
N THR F 202 52.24 78.26 -49.93
CA THR F 202 51.63 78.40 -48.61
C THR F 202 51.00 79.76 -48.29
N GLU F 203 50.19 79.77 -47.22
CA GLU F 203 49.55 80.97 -46.66
C GLU F 203 49.80 81.05 -45.15
N PRO F 204 50.45 82.10 -44.62
CA PRO F 204 50.77 82.25 -43.19
C PRO F 204 49.61 82.75 -42.32
N ILE F 205 49.41 82.10 -41.17
CA ILE F 205 48.36 82.45 -40.20
C ILE F 205 48.93 82.72 -38.81
N SER F 206 48.48 83.79 -38.17
CA SER F 206 48.88 84.12 -36.81
C SER F 206 47.87 83.66 -35.78
N VAL F 207 48.38 83.20 -34.63
CA VAL F 207 47.54 82.85 -33.50
C VAL F 207 48.16 83.50 -32.26
N CYS F 208 47.37 84.26 -31.51
CA CYS F 208 47.85 84.90 -30.28
C CYS F 208 46.89 84.62 -29.13
N ALA F 209 47.43 84.30 -27.94
CA ALA F 209 46.54 84.00 -26.80
C ALA F 209 47.15 84.17 -25.40
N ASN F 210 46.23 84.31 -24.41
CA ASN F 210 46.53 84.32 -22.97
C ASN F 210 45.88 83.09 -22.35
N VAL F 211 46.69 82.19 -21.82
CA VAL F 211 46.20 80.92 -21.31
C VAL F 211 46.59 80.67 -19.84
N GLU F 212 45.58 80.42 -19.01
CA GLU F 212 45.81 80.10 -17.61
C GLU F 212 45.88 78.60 -17.43
N VAL F 213 46.88 78.17 -16.67
CA VAL F 213 47.11 76.75 -16.43
C VAL F 213 47.07 76.45 -14.95
N ALA F 214 46.97 75.17 -14.63
CA ALA F 214 46.94 74.69 -13.27
C ALA F 214 48.22 75.10 -12.53
N PRO F 215 48.12 75.39 -11.23
CA PRO F 215 49.25 75.79 -10.37
C PRO F 215 50.34 74.75 -10.27
N GLU F 216 50.02 73.51 -10.59
CA GLU F 216 50.92 72.38 -10.58
C GLU F 216 50.93 71.76 -11.95
N ALA F 217 51.64 72.41 -12.86
CA ALA F 217 51.69 72.00 -14.25
C ALA F 217 53.03 72.35 -14.84
N ASP F 218 53.46 71.51 -15.78
CA ASP F 218 54.71 71.69 -16.53
C ASP F 218 54.40 72.51 -17.78
N GLU F 219 54.68 73.81 -17.70
CA GLU F 219 54.42 74.73 -18.80
C GLU F 219 55.21 74.48 -20.07
N GLU F 220 56.47 74.08 -19.95
CA GLU F 220 57.23 73.87 -21.17
C GLU F 220 56.61 72.73 -21.97
N LEU F 221 56.15 71.69 -21.25
CA LEU F 221 55.50 70.58 -21.91
C LEU F 221 54.17 70.99 -22.50
N ILE F 222 53.38 71.79 -21.76
CA ILE F 222 52.10 72.23 -22.30
C ILE F 222 52.32 73.00 -23.57
N HIS F 223 53.29 73.90 -23.59
CA HIS F 223 53.53 74.67 -24.79
C HIS F 223 53.89 73.77 -25.95
N ALA F 224 54.81 72.81 -25.74
CA ALA F 224 55.17 71.91 -26.84
C ALA F 224 53.97 71.15 -27.38
N GLN F 225 53.09 70.71 -26.49
CA GLN F 225 51.90 69.96 -26.91
C GLN F 225 50.89 70.82 -27.66
N ILE F 226 50.62 72.05 -27.20
CA ILE F 226 49.65 72.90 -27.90
C ILE F 226 50.16 73.18 -29.29
N LEU F 227 51.43 73.55 -29.35
CA LEU F 227 52.06 73.93 -30.58
C LEU F 227 51.99 72.81 -31.61
N ILE F 228 52.31 71.57 -31.22
CA ILE F 228 52.21 70.47 -32.18
C ILE F 228 50.79 70.27 -32.64
N ALA F 229 49.84 70.25 -31.71
CA ALA F 229 48.46 70.00 -32.09
C ALA F 229 47.91 71.01 -33.10
N ILE F 230 48.25 72.29 -32.95
CA ILE F 230 47.77 73.27 -33.93
C ILE F 230 48.39 73.01 -35.28
N GLU F 231 49.68 72.73 -35.31
CA GLU F 231 50.31 72.47 -36.59
C GLU F 231 49.67 71.27 -37.29
N ASP F 232 49.34 70.21 -36.54
CA ASP F 232 48.71 69.03 -37.15
C ASP F 232 47.32 69.35 -37.70
N TYR F 233 46.56 70.20 -37.00
CA TYR F 233 45.25 70.64 -37.50
C TYR F 233 45.38 71.30 -38.87
N LEU F 234 46.29 72.24 -38.98
CA LEU F 234 46.43 72.97 -40.22
C LEU F 234 46.88 72.11 -41.39
N ALA F 235 47.79 71.16 -41.16
CA ALA F 235 48.32 70.35 -42.27
C ALA F 235 48.64 68.90 -41.91
N PRO F 236 47.61 68.05 -41.75
CA PRO F 236 47.74 66.62 -41.38
C PRO F 236 48.48 65.82 -42.43
N SER F 237 49.08 64.70 -42.02
CA SER F 237 49.75 63.79 -42.96
C SER F 237 49.50 62.35 -42.50
N PRO F 238 49.48 61.37 -43.43
CA PRO F 238 49.26 59.94 -43.16
C PRO F 238 50.49 59.25 -42.59
N ARG F 239 50.27 58.08 -41.97
CA ARG F 239 51.37 57.28 -41.45
C ARG F 239 51.32 55.85 -41.98
N HIS F 240 52.47 55.19 -41.97
CA HIS F 240 52.57 53.82 -42.44
C HIS F 240 52.26 52.80 -41.36
N TYR F 241 51.63 51.71 -41.77
CA TYR F 241 51.27 50.64 -40.84
C TYR F 241 51.82 49.27 -41.24
N SER F 242 52.01 48.43 -40.23
CA SER F 242 52.40 47.05 -40.42
C SER F 242 51.19 46.26 -40.87
N LEU F 243 51.39 45.05 -41.40
CA LEU F 243 50.24 44.24 -41.76
C LEU F 243 49.43 43.89 -40.53
N LYS F 244 50.10 43.51 -39.45
CA LYS F 244 49.40 43.18 -38.22
C LYS F 244 48.49 44.33 -37.79
N GLN F 245 48.98 45.57 -37.88
CA GLN F 245 48.15 46.72 -37.53
C GLN F 245 46.93 46.89 -38.44
N MET F 246 47.10 46.69 -39.76
CA MET F 246 45.95 46.81 -40.66
C MET F 246 44.88 45.79 -40.30
N VAL F 247 45.32 44.60 -39.90
CA VAL F 247 44.42 43.57 -39.47
C VAL F 247 43.71 43.97 -38.19
N ASP F 248 44.44 44.50 -37.20
CA ASP F 248 43.82 44.93 -35.94
C ASP F 248 42.76 45.99 -36.15
N LYS F 249 42.98 46.87 -37.13
CA LYS F 249 42.01 47.91 -37.48
C LYS F 249 40.71 47.37 -38.03
N GLY F 250 40.66 46.10 -38.41
CA GLY F 250 39.45 45.50 -38.94
C GLY F 250 39.38 45.38 -40.45
N TYR F 251 40.49 45.55 -41.15
CA TYR F 251 40.44 45.43 -42.60
C TYR F 251 40.66 43.98 -43.00
N THR F 252 40.11 43.58 -44.15
CA THR F 252 40.38 42.23 -44.64
C THR F 252 41.35 42.23 -45.81
N MET F 253 41.69 41.04 -46.27
CA MET F 253 42.69 40.88 -47.31
C MET F 253 42.36 41.58 -48.61
N ASP F 254 41.12 41.51 -49.03
CA ASP F 254 40.71 42.15 -50.27
C ASP F 254 40.95 43.64 -50.22
N GLU F 255 40.84 44.23 -49.05
CA GLU F 255 40.92 45.66 -48.89
C GLU F 255 42.35 46.10 -48.66
N ILE F 256 43.09 45.32 -47.88
CA ILE F 256 44.46 45.69 -47.54
C ILE F 256 45.30 45.75 -48.79
N PHE F 257 45.09 44.81 -49.70
CA PHE F 257 45.82 44.73 -50.96
C PHE F 257 45.06 45.32 -52.16
N GLU F 258 44.06 46.17 -51.93
CA GLU F 258 43.27 46.76 -53.03
C GLU F 258 44.04 47.61 -54.04
N GLY F 259 45.00 48.42 -53.60
CA GLY F 259 45.71 49.31 -54.50
C GLY F 259 47.08 48.79 -54.90
N PRO F 260 47.99 49.68 -55.29
CA PRO F 260 49.37 49.35 -55.63
C PRO F 260 50.04 48.75 -54.41
N PHE F 261 50.97 47.84 -54.61
CA PHE F 261 51.69 47.33 -53.46
C PHE F 261 52.72 48.37 -53.05
N LEU F 262 52.84 48.64 -51.76
CA LEU F 262 53.79 49.64 -51.30
C LEU F 262 54.89 49.02 -50.42
N GLU F 263 56.14 49.22 -50.81
CA GLU F 263 57.31 48.68 -50.11
C GLU F 263 57.53 49.20 -48.69
N ASN F 264 56.97 50.34 -48.36
CA ASN F 264 57.24 50.95 -47.07
C ASN F 264 56.18 50.73 -46.00
N GLY F 265 55.20 49.89 -46.24
CA GLY F 265 54.15 49.72 -45.26
C GLY F 265 52.84 50.11 -45.88
N PHE F 266 51.78 49.88 -45.15
CA PHE F 266 50.46 50.13 -45.72
C PHE F 266 50.01 51.53 -45.39
N ILE F 267 49.27 52.15 -46.32
CA ILE F 267 48.69 53.48 -46.10
C ILE F 267 47.18 53.35 -46.06
N ASP F 268 46.58 53.92 -45.02
CA ASP F 268 45.14 53.87 -44.81
C ASP F 268 44.46 54.95 -45.66
N THR F 269 43.51 54.49 -46.48
CA THR F 269 42.79 55.35 -47.41
C THR F 269 42.05 56.48 -46.68
N VAL F 270 41.50 56.20 -45.51
CA VAL F 270 40.77 57.25 -44.79
C VAL F 270 41.68 58.40 -44.44
N GLU F 271 42.86 58.10 -43.90
CA GLU F 271 43.79 59.15 -43.55
C GLU F 271 44.20 59.92 -44.80
N LEU F 272 44.39 59.20 -45.89
CA LEU F 272 44.82 59.84 -47.12
C LEU F 272 43.78 60.82 -47.62
N LYS F 273 42.50 60.43 -47.58
CA LYS F 273 41.43 61.33 -48.02
C LYS F 273 41.33 62.54 -47.10
N ALA F 274 41.49 62.33 -45.80
CA ALA F 274 41.39 63.41 -44.84
C ALA F 274 42.47 64.47 -45.06
N SER F 275 43.70 64.08 -45.38
CA SER F 275 44.82 65.01 -45.56
C SER F 275 44.85 65.76 -46.90
N GLU F 276 43.76 66.48 -47.16
CA GLU F 276 43.56 67.30 -48.34
C GLU F 276 43.90 68.74 -47.98
N LEU F 277 44.24 69.57 -48.96
CA LEU F 277 44.53 70.95 -48.61
C LEU F 277 43.28 71.61 -48.00
N ARG F 278 43.48 72.22 -46.83
CA ARG F 278 42.44 72.90 -46.07
C ARG F 278 42.00 74.21 -46.71
N LYS F 279 40.68 74.45 -46.71
CA LYS F 279 40.15 75.69 -47.25
C LYS F 279 39.81 76.73 -46.18
N GLU F 280 39.47 76.29 -44.96
CA GLU F 280 39.09 77.21 -43.91
C GLU F 280 39.66 76.86 -42.53
N VAL F 281 40.06 77.90 -41.81
CA VAL F 281 40.59 77.87 -40.44
C VAL F 281 39.71 78.68 -39.51
N ARG F 282 39.35 78.10 -38.36
CA ARG F 282 38.48 78.87 -37.46
C ARG F 282 38.77 78.78 -35.96
N LEU F 283 38.39 79.83 -35.22
CA LEU F 283 38.59 79.83 -33.77
C LEU F 283 37.87 78.72 -33.04
N SER F 284 36.68 78.35 -33.47
CA SER F 284 36.01 77.30 -32.73
C SER F 284 36.77 75.97 -32.71
N ASP F 285 37.71 75.76 -33.63
CA ASP F 285 38.48 74.54 -33.57
C ASP F 285 39.76 74.77 -32.78
N ILE F 286 40.38 75.94 -32.96
CA ILE F 286 41.64 76.23 -32.29
C ILE F 286 41.44 76.27 -30.79
N ILE F 287 40.33 76.84 -30.33
CA ILE F 287 40.05 76.90 -28.92
C ILE F 287 39.91 75.52 -28.34
N ASN F 288 39.20 74.65 -29.02
CA ASN F 288 39.02 73.30 -28.55
C ASN F 288 40.37 72.58 -28.44
N ILE F 289 41.30 72.85 -29.35
CA ILE F 289 42.62 72.23 -29.30
C ILE F 289 43.33 72.64 -28.02
N ILE F 290 43.31 73.93 -27.70
CA ILE F 290 43.96 74.42 -26.49
C ILE F 290 43.26 73.93 -25.22
N MET F 291 41.93 74.02 -25.16
CA MET F 291 41.21 73.63 -23.94
C MET F 291 41.37 72.16 -23.59
N SER F 292 41.60 71.31 -24.57
CA SER F 292 41.80 69.89 -24.35
C SER F 292 43.18 69.47 -23.86
N ILE F 293 44.13 70.40 -23.78
CA ILE F 293 45.46 70.02 -23.32
C ILE F 293 45.47 69.97 -21.80
N ASP F 294 45.92 68.84 -21.26
CA ASP F 294 45.92 68.64 -19.82
C ASP F 294 46.73 69.72 -19.10
N GLY F 295 46.07 70.38 -18.15
CA GLY F 295 46.62 71.45 -17.37
C GLY F 295 46.06 72.81 -17.76
N VAL F 296 45.41 72.92 -18.91
CA VAL F 296 44.83 74.20 -19.31
C VAL F 296 43.50 74.40 -18.61
N LYS F 297 43.31 75.56 -18.00
CA LYS F 297 42.06 75.85 -17.35
C LYS F 297 41.23 76.88 -18.08
N ILE F 298 41.84 78.01 -18.46
CA ILE F 298 41.05 79.08 -19.08
C ILE F 298 41.81 79.75 -20.24
N VAL F 299 41.16 79.92 -21.37
CA VAL F 299 41.77 80.74 -22.39
C VAL F 299 41.13 82.09 -22.20
N LYS F 300 41.92 83.07 -21.78
CA LYS F 300 41.38 84.36 -21.41
C LYS F 300 41.32 85.27 -22.61
N GLU F 301 42.23 85.04 -23.55
CA GLU F 301 42.27 85.86 -24.74
C GLU F 301 42.74 85.00 -25.89
N ILE F 302 42.10 85.15 -27.04
CA ILE F 302 42.56 84.44 -28.21
C ILE F 302 42.09 85.14 -29.46
N THR F 303 42.97 85.15 -30.46
CA THR F 303 42.58 85.72 -31.74
C THR F 303 43.39 85.12 -32.89
N LEU F 304 42.76 85.10 -34.07
CA LEU F 304 43.36 84.68 -35.32
C LEU F 304 43.54 85.85 -36.24
N GLY F 305 44.48 85.71 -37.14
CA GLY F 305 44.50 86.70 -38.19
C GLY F 305 45.45 86.37 -39.28
N ASN F 306 45.15 86.88 -40.46
CA ASN F 306 46.07 86.69 -41.57
C ASN F 306 47.36 87.31 -41.16
N CYS F 307 48.46 86.59 -41.28
CA CYS F 307 49.68 87.24 -40.86
C CYS F 307 50.01 88.33 -41.84
N ASP F 308 50.18 89.55 -41.34
CA ASP F 308 50.48 90.62 -42.26
C ASP F 308 51.23 91.72 -41.50
N GLU F 309 51.66 92.75 -42.23
CA GLU F 309 52.39 93.88 -41.67
C GLU F 309 51.37 94.97 -41.30
N ASN F 310 51.76 95.86 -40.39
CA ASN F 310 50.84 96.92 -39.96
C ASN F 310 49.60 96.29 -39.36
N ASP F 311 49.83 95.25 -38.57
CA ASP F 311 48.74 94.48 -37.96
C ASP F 311 48.23 95.28 -36.76
N GLY F 312 47.44 96.30 -37.08
CA GLY F 312 46.84 97.22 -36.14
C GLY F 312 45.44 96.76 -35.74
N ILE F 313 44.51 97.69 -35.61
CA ILE F 313 43.17 97.31 -35.20
C ILE F 313 42.46 96.70 -36.40
N GLU F 314 41.91 95.50 -36.20
CA GLU F 314 41.26 94.71 -37.22
C GLU F 314 40.23 93.76 -36.62
N ASN F 315 39.29 93.33 -37.46
CA ASN F 315 38.25 92.35 -37.18
C ASN F 315 38.77 91.04 -36.61
N ASN F 316 37.89 90.39 -35.84
CA ASN F 316 38.16 89.10 -35.22
C ASN F 316 38.51 87.98 -36.18
N GLN F 317 38.02 88.02 -37.42
CA GLN F 317 38.37 86.97 -38.37
C GLN F 317 38.07 85.58 -37.80
N TRP F 318 36.82 85.37 -37.39
CA TRP F 318 36.39 84.12 -36.77
C TRP F 318 36.61 82.93 -37.70
N VAL F 319 36.61 83.17 -39.00
CA VAL F 319 36.94 82.18 -40.01
C VAL F 319 37.82 82.80 -41.08
N ILE F 320 38.95 82.17 -41.37
CA ILE F 320 39.87 82.63 -42.41
C ILE F 320 39.85 81.67 -43.59
N CYS F 321 39.60 82.22 -44.79
CA CYS F 321 39.58 81.41 -46.00
C CYS F 321 40.95 81.39 -46.68
N ILE F 322 41.26 80.26 -47.29
CA ILE F 322 42.56 80.00 -47.94
C ILE F 322 42.39 79.87 -49.46
N PRO F 323 43.23 80.53 -50.28
CA PRO F 323 43.24 80.39 -51.75
C PRO F 323 43.42 78.93 -52.17
N GLU F 324 42.75 78.56 -53.26
CA GLU F 324 42.60 77.21 -53.80
C GLU F 324 43.81 76.28 -53.99
N ASN F 325 45.04 76.77 -54.02
CA ASN F 325 46.17 75.86 -54.20
C ASN F 325 47.24 76.10 -53.16
N LYS F 326 46.82 76.57 -51.99
CA LYS F 326 47.77 76.82 -50.94
C LYS F 326 47.54 75.97 -49.71
N LYS F 327 48.62 75.75 -49.00
CA LYS F 327 48.60 75.07 -47.72
C LYS F 327 48.79 76.11 -46.62
N PRO F 328 47.98 76.14 -45.56
CA PRO F 328 48.17 77.08 -44.46
C PRO F 328 49.37 76.69 -43.61
N LYS F 329 50.05 77.68 -43.00
CA LYS F 329 51.19 77.38 -42.12
C LYS F 329 51.31 78.46 -41.05
N LEU F 330 51.68 78.11 -39.80
CA LEU F 330 51.85 79.16 -38.79
C LEU F 330 52.96 80.09 -39.23
N CYS F 331 52.74 81.38 -39.02
CA CYS F 331 53.63 82.46 -39.44
C CYS F 331 54.89 82.69 -38.62
N LYS F 332 55.05 82.00 -37.51
CA LYS F 332 56.19 82.10 -36.59
C LYS F 332 56.32 83.46 -35.88
N LYS F 333 55.27 84.27 -35.93
CA LYS F 333 55.17 85.53 -35.19
C LYS F 333 54.09 85.37 -34.14
N THR F 334 53.74 84.12 -33.88
CA THR F 334 52.69 83.71 -32.97
C THR F 334 53.17 83.75 -31.53
N THR F 335 52.22 83.70 -30.57
CA THR F 335 52.65 83.68 -29.17
C THR F 335 51.55 83.30 -28.18
N ILE F 336 51.98 82.64 -27.10
CA ILE F 336 51.07 82.35 -26.00
C ILE F 336 51.67 82.78 -24.67
N ASN F 337 50.90 83.57 -23.96
CA ASN F 337 51.28 84.04 -22.64
C ASN F 337 50.68 83.12 -21.60
N TYR F 338 51.52 82.51 -20.79
CA TYR F 338 51.00 81.58 -19.80
C TYR F 338 50.94 82.21 -18.42
N PHE F 339 49.85 81.89 -17.71
CA PHE F 339 49.61 82.42 -16.38
C PHE F 339 49.19 81.37 -15.36
N LYS F 340 49.52 81.65 -14.10
CA LYS F 340 49.00 80.88 -12.98
C LYS F 340 48.31 81.84 -12.04
N GLY F 341 46.99 81.71 -11.90
CA GLY F 341 46.28 82.70 -11.14
C GLY F 341 46.41 84.01 -11.88
N ILE F 342 47.04 84.99 -11.27
CA ILE F 342 47.20 86.28 -11.92
C ILE F 342 48.65 86.60 -12.26
N LEU F 343 49.52 85.64 -12.05
CA LEU F 343 50.91 85.88 -12.27
C LEU F 343 51.41 85.21 -13.52
N PRO F 344 52.12 86.00 -14.33
CA PRO F 344 52.77 85.57 -15.56
C PRO F 344 54.01 84.77 -15.20
N ILE F 345 54.34 83.76 -15.99
CA ILE F 345 55.51 82.91 -15.79
C ILE F 345 56.34 82.92 -17.06
N ASN F 346 57.62 82.57 -16.95
CA ASN F 346 58.51 82.53 -18.12
C ASN F 346 58.99 81.14 -18.53
N LEU F 347 59.03 80.91 -19.85
CA LEU F 347 59.44 79.63 -20.40
C LEU F 347 60.83 79.65 -21.03
N ASN F 348 61.52 78.51 -20.98
CA ASN F 348 62.87 78.39 -21.55
C ASN F 348 62.83 77.61 -22.86
N PRO F 349 63.45 78.19 -23.90
CA PRO F 349 63.46 77.59 -25.23
C PRO F 349 64.08 76.19 -25.32
N VAL F 350 65.16 75.92 -24.61
CA VAL F 350 65.78 74.60 -24.70
C VAL F 350 64.88 73.46 -24.20
N ARG F 351 64.15 73.68 -23.12
CA ARG F 351 63.23 72.69 -22.58
C ARG F 351 62.07 72.39 -23.52
N VAL F 352 61.57 73.41 -24.21
CA VAL F 352 60.45 73.22 -25.10
C VAL F 352 60.91 72.44 -26.30
N ASP F 353 62.08 72.80 -26.83
CA ASP F 353 62.61 72.11 -27.99
C ASP F 353 62.81 70.64 -27.71
N ASN F 354 63.25 70.31 -26.48
CA ASN F 354 63.44 68.92 -26.15
C ASN F 354 62.14 68.16 -26.11
N HIS F 355 61.08 68.75 -25.56
CA HIS F 355 59.82 68.04 -25.53
C HIS F 355 59.26 67.85 -26.93
N LYS F 356 59.33 68.90 -27.76
CA LYS F 356 58.81 68.80 -29.10
C LYS F 356 59.52 67.72 -29.90
N SER F 357 60.85 67.69 -29.79
CA SER F 357 61.66 66.70 -30.50
C SER F 357 61.29 65.28 -30.13
N LYS F 358 61.17 64.99 -28.83
CA LYS F 358 60.81 63.65 -28.41
C LYS F 358 59.45 63.20 -28.92
N ILE F 359 58.47 64.10 -28.88
CA ILE F 359 57.12 63.78 -29.29
C ILE F 359 57.09 63.38 -30.75
N LEU F 360 57.79 64.12 -31.58
CA LEU F 360 57.77 63.84 -33.00
C LEU F 360 58.73 62.72 -33.40
N ALA F 361 59.88 62.59 -32.74
CA ALA F 361 60.82 61.54 -33.13
C ALA F 361 60.22 60.15 -32.98
N SER F 362 59.39 59.95 -31.97
CA SER F 362 58.74 58.66 -31.75
C SER F 362 57.79 58.26 -32.86
N ARG F 363 57.42 59.18 -33.73
CA ARG F 363 56.58 58.86 -34.86
C ARG F 363 57.40 58.19 -35.95
N LEU F 364 58.67 58.59 -36.07
CA LEU F 364 59.54 58.05 -37.10
C LEU F 364 59.79 56.59 -36.83
N GLU F 365 59.90 56.25 -35.56
CA GLU F 365 60.18 54.87 -35.18
C GLU F 365 59.10 53.93 -35.68
N ASN F 366 57.85 54.36 -35.66
CA ASN F 366 56.80 53.47 -36.11
C ASN F 366 56.77 53.35 -37.61
N ASP F 367 57.03 54.45 -38.31
CA ASP F 367 57.04 54.35 -39.76
C ASP F 367 58.11 53.35 -40.20
N LEU F 368 59.23 53.33 -39.50
CA LEU F 368 60.28 52.37 -39.84
C LEU F 368 59.90 50.92 -39.53
N LYS F 369 59.25 50.67 -38.38
CA LYS F 369 58.85 49.30 -38.04
C LYS F 369 57.89 48.72 -39.08
N ALA F 370 57.05 49.57 -39.64
CA ALA F 370 56.06 49.21 -40.64
C ALA F 370 56.67 48.61 -41.90
N LYS F 371 57.97 48.82 -42.13
CA LYS F 371 58.59 48.31 -43.35
C LYS F 371 58.87 46.81 -43.34
N ASP F 372 58.77 46.12 -42.21
CA ASP F 372 59.12 44.69 -42.24
C ASP F 372 57.93 43.73 -42.39
N ASP F 373 56.83 44.00 -41.72
CA ASP F 373 55.69 43.08 -41.71
C ASP F 373 54.77 43.30 -42.90
N LEU F 374 55.19 42.84 -44.06
CA LEU F 374 54.37 43.09 -45.24
C LEU F 374 53.65 41.90 -45.85
N GLU F 375 53.63 40.71 -45.21
CA GLU F 375 52.94 39.60 -45.88
C GLU F 375 52.40 38.53 -44.90
N PRO F 376 51.30 37.85 -45.27
CA PRO F 376 50.70 36.74 -44.52
C PRO F 376 51.44 35.43 -44.66
N ALA F 377 51.24 34.53 -43.71
CA ALA F 377 51.79 33.18 -43.76
C ALA F 377 50.97 32.26 -44.66
N ILE F 378 51.66 31.28 -45.25
CA ILE F 378 51.08 30.20 -46.04
C ILE F 378 51.44 28.86 -45.39
N PRO F 379 50.47 27.99 -45.08
CA PRO F 379 50.71 26.66 -44.51
C PRO F 379 51.65 25.83 -45.36
N GLN F 380 52.57 25.09 -44.74
CA GLN F 380 53.58 24.31 -45.48
C GLN F 380 53.47 22.82 -45.15
N GLY F 381 53.57 21.96 -46.17
CA GLY F 381 53.49 20.53 -46.01
C GLY F 381 54.83 19.83 -46.19
N THR F 382 54.75 18.51 -46.35
CA THR F 382 55.92 17.65 -46.51
C THR F 382 55.85 16.98 -47.87
N PHE F 383 56.74 16.05 -48.12
CA PHE F 383 56.76 15.39 -49.41
C PHE F 383 57.10 13.92 -49.23
N ALA F 384 56.28 13.01 -49.75
CA ALA F 384 56.60 11.62 -49.48
C ALA F 384 56.15 10.55 -50.46
N ASP F 385 56.31 10.73 -51.77
CA ASP F 385 55.96 9.66 -52.71
C ASP F 385 54.60 8.98 -52.44
N TRP F 386 53.55 9.77 -52.53
CA TRP F 386 52.22 9.32 -52.16
C TRP F 386 51.73 8.10 -52.93
N GLY F 387 52.34 7.78 -54.08
CA GLY F 387 51.98 6.66 -54.94
C GLY F 387 52.66 5.33 -54.64
N GLU F 388 53.44 5.22 -53.57
CA GLU F 388 54.09 3.94 -53.24
C GLU F 388 53.10 2.81 -53.08
N TYR F 389 53.34 1.67 -53.74
CA TYR F 389 52.40 0.54 -53.69
C TYR F 389 53.10 -0.80 -53.46
N SER F 390 52.53 -1.62 -52.58
CA SER F 390 53.02 -2.97 -52.32
C SER F 390 52.00 -4.00 -52.78
N SER F 391 52.47 -5.07 -53.40
CA SER F 391 51.63 -6.14 -53.92
C SER F 391 50.80 -6.86 -52.87
N ILE F 392 49.55 -7.20 -53.24
CA ILE F 392 48.65 -7.90 -52.32
C ILE F 392 49.05 -9.34 -52.12
N GLN F 393 50.01 -9.82 -52.91
CA GLN F 393 50.46 -11.19 -52.83
C GLN F 393 51.21 -11.42 -51.53
N HIS F 394 51.67 -10.36 -50.89
CA HIS F 394 52.41 -10.48 -49.64
C HIS F 394 51.48 -10.63 -48.44
N GLU F 395 50.18 -10.58 -48.67
CA GLU F 395 49.22 -10.72 -47.60
C GLU F 395 48.73 -12.15 -47.42
N PHE F 396 49.20 -13.08 -48.25
CA PHE F 396 48.71 -14.45 -48.15
C PHE F 396 49.63 -15.31 -47.29
N PRO F 397 49.16 -16.44 -46.74
CA PRO F 397 50.09 -17.36 -46.05
C PRO F 397 51.10 -18.16 -46.91
N GLU F 398 52.10 -18.65 -46.18
CA GLU F 398 53.18 -19.38 -46.80
C GLU F 398 52.63 -20.59 -47.52
N THR F 399 51.57 -21.18 -46.96
CA THR F 399 50.99 -22.39 -47.56
C THR F 399 50.66 -22.15 -49.03
N TYR F 400 50.15 -20.95 -49.38
CA TYR F 400 49.79 -20.64 -50.77
C TYR F 400 51.01 -20.70 -51.70
N GLY F 401 52.21 -20.38 -51.22
CA GLY F 401 53.45 -20.50 -52.01
C GLY F 401 53.79 -19.30 -52.86
N ILE F 402 53.10 -18.16 -52.67
CA ILE F 402 53.32 -16.96 -53.50
C ILE F 402 54.10 -15.89 -52.74
N SER F 403 54.86 -16.26 -51.70
CA SER F 403 55.62 -15.30 -50.90
C SER F 403 57.11 -15.42 -51.21
N ASP F 404 57.89 -14.49 -50.67
CA ASP F 404 59.35 -14.44 -50.88
C ASP F 404 60.15 -15.68 -50.52
N ILE F 405 59.72 -16.45 -49.53
CA ILE F 405 60.53 -17.59 -49.15
C ILE F 405 60.27 -18.81 -50.02
N GLY F 406 59.32 -18.71 -50.94
CA GLY F 406 59.04 -19.81 -51.82
C GLY F 406 58.25 -20.93 -51.16
N LEU F 407 58.45 -22.13 -51.69
CA LEU F 407 57.73 -23.32 -51.33
C LEU F 407 58.75 -24.46 -51.24
N PRO F 408 58.80 -25.26 -50.17
CA PRO F 408 59.77 -26.37 -50.00
C PRO F 408 59.77 -27.38 -51.15
N PRO F 409 60.94 -27.74 -51.69
CA PRO F 409 61.14 -28.72 -52.78
C PRO F 409 60.42 -30.06 -52.62
N LYS F 410 60.30 -30.54 -51.41
CA LYS F 410 59.70 -31.83 -51.19
C LYS F 410 58.24 -31.90 -51.62
N LEU F 411 57.59 -30.77 -51.84
CA LEU F 411 56.19 -30.77 -52.20
C LEU F 411 55.97 -31.02 -53.68
N GLY F 412 57.03 -31.10 -54.46
CA GLY F 412 56.93 -31.44 -55.86
C GLY F 412 56.71 -30.26 -56.81
N VAL F 413 56.96 -30.56 -58.07
CA VAL F 413 56.82 -29.61 -59.16
C VAL F 413 55.40 -29.18 -59.37
N LYS F 414 54.46 -30.11 -59.38
CA LYS F 414 53.11 -29.68 -59.67
C LYS F 414 52.64 -28.57 -58.74
N ARG F 415 52.95 -28.66 -57.46
CA ARG F 415 52.49 -27.60 -56.58
C ARG F 415 53.19 -26.29 -56.90
N ALA F 416 54.48 -26.35 -57.24
CA ALA F 416 55.19 -25.12 -57.63
C ALA F 416 54.56 -24.47 -58.87
N VAL F 417 54.12 -25.29 -59.83
CA VAL F 417 53.49 -24.78 -61.04
C VAL F 417 52.19 -24.08 -60.72
N LEU F 418 51.39 -24.70 -59.85
CA LEU F 418 50.12 -24.11 -59.48
C LEU F 418 50.33 -22.76 -58.80
N ALA F 419 51.40 -22.62 -58.03
CA ALA F 419 51.68 -21.33 -57.41
C ALA F 419 51.89 -20.27 -58.47
N ARG F 420 52.57 -20.63 -59.56
CA ARG F 420 52.82 -19.72 -60.68
C ARG F 420 51.50 -19.27 -61.29
N GLN F 421 50.54 -20.21 -61.42
CA GLN F 421 49.24 -19.90 -62.01
C GLN F 421 48.49 -18.89 -61.15
N LEU F 422 48.57 -19.04 -59.83
CA LEU F 422 47.91 -18.09 -58.96
C LEU F 422 48.52 -16.71 -59.05
N LYS F 423 49.85 -16.60 -59.13
CA LYS F 423 50.47 -15.28 -59.25
C LYS F 423 49.92 -14.55 -60.47
N GLY F 424 49.78 -15.28 -61.57
CA GLY F 424 49.25 -14.72 -62.78
C GLY F 424 47.87 -14.13 -62.56
N TYR F 425 46.99 -14.92 -61.97
CA TYR F 425 45.63 -14.48 -61.69
C TYR F 425 45.61 -13.23 -60.83
N LEU F 426 46.37 -13.23 -59.74
CA LEU F 426 46.31 -12.10 -58.85
C LEU F 426 46.80 -10.79 -59.48
N LEU F 427 47.69 -10.83 -60.49
CA LEU F 427 48.13 -9.59 -61.15
C LEU F 427 46.99 -8.78 -61.75
N PHE F 428 45.84 -9.39 -62.02
CA PHE F 428 44.73 -8.63 -62.57
C PHE F 428 44.18 -7.66 -61.55
N PHE F 429 44.36 -7.94 -60.27
CA PHE F 429 43.88 -7.10 -59.20
C PHE F 429 44.94 -6.08 -58.81
N ASP F 430 46.20 -6.46 -58.94
CA ASP F 430 47.24 -5.54 -58.53
C ASP F 430 47.47 -4.48 -59.56
N GLN F 431 47.35 -4.79 -60.83
CA GLN F 431 47.63 -3.75 -61.80
C GLN F 431 46.64 -2.60 -61.67
N ILE F 432 45.39 -2.91 -61.33
CA ILE F 432 44.37 -1.88 -61.15
C ILE F 432 44.65 -1.03 -59.93
N LEU F 433 44.95 -1.67 -58.81
CA LEU F 433 45.23 -0.89 -57.61
C LEU F 433 46.45 0.00 -57.82
N ALA F 434 47.48 -0.52 -58.47
CA ALA F 434 48.68 0.26 -58.70
C ALA F 434 48.37 1.52 -59.49
N SER F 435 47.45 1.42 -60.47
CA SER F 435 47.03 2.59 -61.24
C SER F 435 46.44 3.69 -60.38
N TYR F 436 45.56 3.36 -59.45
CA TYR F 436 44.98 4.37 -58.59
C TYR F 436 46.01 5.07 -57.74
N PHE F 437 47.00 4.37 -57.23
CA PHE F 437 48.03 5.02 -56.42
C PHE F 437 48.87 5.95 -57.27
N GLU F 438 49.14 5.50 -58.48
CA GLU F 438 49.90 6.25 -59.46
C GLU F 438 49.20 7.54 -59.84
N HIS F 439 47.89 7.49 -59.96
CA HIS F 439 47.10 8.64 -60.28
C HIS F 439 47.21 9.71 -59.22
N LEU F 440 47.29 9.37 -57.93
CA LEU F 440 47.50 10.40 -56.88
C LEU F 440 48.81 11.15 -57.07
N SER F 441 49.86 10.44 -57.47
CA SER F 441 51.16 11.06 -57.66
C SER F 441 51.18 12.11 -58.77
N LYS F 442 50.18 12.14 -59.63
CA LYS F 442 50.14 13.07 -60.74
C LYS F 442 49.21 14.24 -60.54
N ILE F 443 48.59 14.41 -59.37
CA ILE F 443 47.63 15.51 -59.24
C ILE F 443 48.31 16.84 -59.48
N LYS F 444 49.53 16.99 -58.98
CA LYS F 444 50.28 18.21 -59.17
C LYS F 444 50.48 18.58 -60.61
N SER F 445 50.65 17.59 -61.48
CA SER F 445 50.89 17.87 -62.87
C SER F 445 49.60 18.21 -63.55
N LEU F 446 48.55 17.47 -63.22
CA LEU F 446 47.28 17.64 -63.91
C LEU F 446 46.74 19.05 -63.75
N LEU F 447 46.96 19.66 -62.59
CA LEU F 447 46.48 21.00 -62.33
C LEU F 447 47.56 22.08 -62.37
N SER F 448 48.73 21.80 -62.95
CA SER F 448 49.85 22.75 -63.01
C SER F 448 49.62 24.01 -63.84
N LEU F 449 50.10 25.13 -63.32
CA LEU F 449 50.03 26.39 -64.04
C LEU F 449 51.19 26.56 -64.98
N ASP F 450 52.22 25.73 -64.86
CA ASP F 450 53.37 25.86 -65.71
C ASP F 450 53.28 25.02 -66.95
N GLN F 451 52.82 23.79 -66.76
CA GLN F 451 52.74 22.83 -67.84
C GLN F 451 52.08 21.54 -67.40
N GLY F 452 50.98 21.17 -68.03
CA GLY F 452 50.34 19.90 -67.72
C GLY F 452 50.95 18.74 -68.50
N PRO F 453 50.57 17.51 -68.13
CA PRO F 453 51.02 16.26 -68.74
C PRO F 453 50.31 16.00 -70.05
N SER F 454 50.85 15.06 -70.84
CA SER F 454 50.24 14.66 -72.09
C SER F 454 49.17 13.55 -71.91
N PHE F 455 49.22 12.82 -70.80
CA PHE F 455 48.27 11.74 -70.52
C PHE F 455 47.35 12.13 -69.39
N THR F 456 46.20 11.49 -69.31
CA THR F 456 45.33 11.77 -68.18
C THR F 456 45.14 10.54 -67.31
N TYR F 457 45.49 9.34 -67.82
CA TYR F 457 45.44 8.12 -67.04
C TYR F 457 46.84 7.54 -66.94
N PHE F 458 47.14 6.87 -65.82
CA PHE F 458 48.51 6.42 -65.58
C PHE F 458 48.59 4.99 -65.02
N THR F 459 49.74 4.32 -65.20
CA THR F 459 49.99 3.01 -64.57
C THR F 459 51.41 2.89 -64.03
N GLN F 460 51.72 1.73 -63.41
CA GLN F 460 53.04 1.45 -62.83
C GLN F 460 53.54 0.05 -63.09
N ALA F 461 54.85 -0.11 -63.22
CA ALA F 461 55.38 -1.46 -63.20
C ALA F 461 55.31 -1.98 -61.79
N ILE F 462 55.03 -3.26 -61.62
CA ILE F 462 55.04 -3.86 -60.28
C ILE F 462 56.29 -4.71 -60.15
N LYS F 463 57.17 -4.37 -59.21
CA LYS F 463 58.45 -5.06 -59.10
C LYS F 463 58.73 -5.75 -57.76
N ASP F 464 57.76 -5.86 -56.88
CA ASP F 464 57.99 -6.53 -55.60
C ASP F 464 57.47 -7.96 -55.63
N ILE F 465 57.35 -8.48 -56.83
CA ILE F 465 56.97 -9.85 -57.11
C ILE F 465 58.16 -10.52 -57.76
N LYS F 466 58.62 -11.60 -57.17
CA LYS F 466 59.87 -12.22 -57.60
C LYS F 466 59.92 -12.73 -59.03
N ASP F 467 58.85 -13.16 -59.68
CA ASP F 467 59.15 -13.57 -61.04
C ASP F 467 58.60 -12.71 -62.15
N VAL F 468 58.17 -11.48 -61.88
CA VAL F 468 57.60 -10.70 -62.99
C VAL F 468 58.35 -10.75 -64.32
N GLU F 469 59.65 -10.99 -64.29
CA GLU F 469 60.37 -11.12 -65.55
C GLU F 469 59.94 -12.34 -66.36
N GLU F 470 59.31 -13.32 -65.73
CA GLU F 470 58.85 -14.50 -66.44
C GLU F 470 57.35 -14.45 -66.71
N LEU F 471 56.61 -13.80 -65.83
CA LEU F 471 55.16 -13.70 -65.96
C LEU F 471 54.76 -12.86 -67.17
N PHE F 472 55.53 -11.82 -67.49
CA PHE F 472 55.23 -10.94 -68.62
C PHE F 472 55.87 -11.40 -69.93
N LYS F 473 55.10 -11.34 -71.03
CA LYS F 473 55.63 -11.73 -72.34
C LYS F 473 56.79 -10.87 -72.79
N ASP F 474 56.78 -9.58 -72.45
CA ASP F 474 57.88 -8.70 -72.82
C ASP F 474 58.25 -7.81 -71.64
N PRO F 475 59.30 -8.20 -70.90
CA PRO F 475 59.80 -7.51 -69.71
C PRO F 475 60.26 -6.09 -69.98
N THR F 476 60.51 -5.76 -71.25
CA THR F 476 60.91 -4.40 -71.61
C THR F 476 60.03 -3.35 -71.00
N LEU F 477 58.73 -3.58 -71.00
CA LEU F 477 57.78 -2.57 -70.53
C LEU F 477 57.93 -2.27 -69.05
N LEU F 478 58.50 -3.18 -68.29
CA LEU F 478 58.61 -2.96 -66.87
C LEU F 478 59.76 -2.02 -66.56
N GLU F 479 60.52 -1.62 -67.56
CA GLU F 479 61.61 -0.69 -67.36
C GLU F 479 61.19 0.75 -67.65
N ASN F 480 59.94 0.98 -68.05
CA ASN F 480 59.53 2.35 -68.38
C ASN F 480 58.02 2.49 -68.30
N ASP F 481 57.55 3.14 -67.23
CA ASP F 481 56.12 3.31 -66.98
C ASP F 481 55.38 4.05 -68.09
N GLU F 482 56.08 4.85 -68.89
CA GLU F 482 55.41 5.58 -69.97
C GLU F 482 55.05 4.63 -71.09
N GLU F 483 55.88 3.62 -71.33
CA GLU F 483 55.63 2.67 -72.41
C GLU F 483 54.56 1.72 -71.94
N LEU F 484 54.62 1.40 -70.66
CA LEU F 484 53.66 0.51 -70.07
C LEU F 484 52.27 1.13 -70.16
N THR F 485 52.19 2.45 -69.91
CA THR F 485 50.92 3.17 -69.99
C THR F 485 50.35 3.11 -71.40
N LYS F 486 51.18 3.41 -72.40
CA LYS F 486 50.71 3.36 -73.77
C LYS F 486 50.23 1.98 -74.17
N SER F 487 50.91 0.93 -73.71
CA SER F 487 50.53 -0.45 -74.01
C SER F 487 49.28 -0.94 -73.27
N LEU F 488 49.13 -0.61 -71.98
CA LEU F 488 48.00 -1.14 -71.22
C LEU F 488 46.73 -0.30 -71.26
N ILE F 489 46.84 1.02 -71.27
CA ILE F 489 45.66 1.86 -71.30
C ILE F 489 45.40 2.28 -72.72
N GLY F 490 46.43 2.79 -73.35
CA GLY F 490 46.38 3.15 -74.75
C GLY F 490 45.27 4.11 -75.10
N LYS F 491 44.49 3.71 -76.11
CA LYS F 491 43.47 4.57 -76.65
C LYS F 491 42.41 4.94 -75.64
N LEU F 492 42.17 4.08 -74.66
CA LEU F 492 41.10 4.38 -73.71
C LEU F 492 41.23 5.80 -73.14
N ASP F 493 42.44 6.38 -73.20
CA ASP F 493 42.71 7.70 -72.67
C ASP F 493 42.43 8.76 -73.75
N ASP F 494 41.24 9.36 -73.74
CA ASP F 494 40.91 10.35 -74.76
C ASP F 494 41.50 11.68 -74.31
N THR F 495 42.79 11.84 -74.60
CA THR F 495 43.55 12.96 -74.08
C THR F 495 43.09 14.31 -74.59
N ILE F 496 42.68 14.44 -75.83
CA ILE F 496 42.35 15.79 -76.29
C ILE F 496 41.14 16.33 -75.56
N GLU F 497 40.09 15.55 -75.43
CA GLU F 497 38.92 16.07 -74.75
C GLU F 497 39.20 16.28 -73.27
N ARG F 498 39.88 15.33 -72.62
CA ARG F 498 40.11 15.48 -71.21
C ARG F 498 41.05 16.64 -70.89
N ARG F 499 42.10 16.84 -71.69
CA ARG F 499 43.00 17.95 -71.45
C ARG F 499 42.28 19.27 -71.60
N ASN F 500 41.38 19.39 -72.57
CA ASN F 500 40.65 20.64 -72.69
C ASN F 500 39.78 20.90 -71.48
N GLN F 501 39.12 19.87 -70.94
CA GLN F 501 38.29 20.12 -69.78
C GLN F 501 39.09 20.66 -68.59
N LEU F 502 40.29 20.10 -68.37
CA LEU F 502 41.11 20.58 -67.26
C LEU F 502 41.55 22.02 -67.48
N MET F 503 41.95 22.34 -68.71
CA MET F 503 42.41 23.69 -68.97
C MET F 503 41.29 24.70 -68.82
N ASP F 504 40.10 24.35 -69.28
CA ASP F 504 38.99 25.28 -69.21
C ASP F 504 38.64 25.57 -67.78
N HIS F 505 38.70 24.56 -66.91
CA HIS F 505 38.43 24.80 -65.51
C HIS F 505 39.43 25.78 -64.92
N LEU F 506 40.72 25.56 -65.16
CA LEU F 506 41.71 26.46 -64.58
C LEU F 506 41.53 27.88 -65.09
N ILE F 507 41.22 28.03 -66.37
CA ILE F 507 41.02 29.37 -66.94
C ILE F 507 39.82 30.05 -66.31
N ALA F 508 38.73 29.29 -66.13
CA ALA F 508 37.53 29.81 -65.52
C ALA F 508 37.78 30.34 -64.12
N ARG F 509 38.74 29.79 -63.39
CA ARG F 509 39.02 30.27 -62.03
C ARG F 509 39.45 31.73 -62.00
N PHE F 510 39.90 32.28 -63.13
CA PHE F 510 40.31 33.67 -63.21
C PHE F 510 39.25 34.49 -63.92
N ALA F 511 38.10 33.89 -64.16
CA ALA F 511 36.96 34.46 -64.87
C ALA F 511 37.28 34.82 -66.32
N GLU F 512 38.10 34.02 -67.00
CA GLU F 512 38.43 34.26 -68.39
C GLU F 512 37.68 33.25 -69.27
N ASN F 513 37.79 33.37 -70.61
CA ASN F 513 37.05 32.44 -71.50
C ASN F 513 37.64 32.36 -72.92
N PHE F 514 38.06 31.16 -73.32
CA PHE F 514 38.67 30.88 -74.64
C PHE F 514 37.77 30.17 -75.64
N SER F 515 36.46 30.22 -75.47
CA SER F 515 35.54 29.52 -76.36
C SER F 515 35.72 29.83 -77.85
N SER F 516 36.04 31.07 -78.20
CA SER F 516 36.10 31.46 -79.61
C SER F 516 37.24 30.75 -80.39
N TYR F 517 38.23 30.20 -79.72
CA TYR F 517 39.31 29.54 -80.41
C TYR F 517 38.82 28.31 -81.13
N ALA F 518 37.72 27.77 -80.63
CA ALA F 518 37.12 26.59 -81.18
C ALA F 518 36.79 26.74 -82.64
N PHE F 519 36.46 27.94 -83.10
CA PHE F 519 36.16 28.06 -84.50
C PHE F 519 37.05 29.05 -85.20
N LEU F 520 37.60 30.03 -84.50
CA LEU F 520 38.39 31.02 -85.21
C LEU F 520 39.66 30.40 -85.76
N MET F 521 40.18 29.41 -85.08
CA MET F 521 41.40 28.77 -85.52
C MET F 521 41.19 27.93 -86.75
N LYS F 522 39.94 27.65 -87.14
CA LYS F 522 39.70 26.77 -88.26
C LYS F 522 39.82 27.53 -89.55
N PHE F 523 40.03 28.83 -89.47
CA PHE F 523 40.22 29.60 -90.67
C PHE F 523 41.70 29.71 -90.95
N LEU F 524 42.50 29.16 -90.07
CA LEU F 524 43.95 29.23 -90.18
C LEU F 524 44.54 27.85 -90.34
N TYR F 525 44.01 26.87 -89.62
CA TYR F 525 44.55 25.54 -89.60
C TYR F 525 43.43 24.53 -89.74
N GLY F 526 43.79 23.34 -90.16
CA GLY F 526 42.85 22.23 -90.24
C GLY F 526 42.88 21.42 -88.97
N GLU F 527 43.09 20.12 -89.11
CA GLU F 527 43.06 19.20 -87.98
C GLU F 527 44.07 19.54 -86.89
N SER F 528 45.17 20.21 -87.28
CA SER F 528 46.25 20.58 -86.39
C SER F 528 45.82 21.60 -85.32
N THR F 529 44.62 22.19 -85.40
CA THR F 529 44.21 23.15 -84.38
C THR F 529 44.16 22.52 -82.99
N ASP F 530 43.86 21.22 -82.84
CA ASP F 530 43.72 20.75 -81.45
C ASP F 530 45.00 20.90 -80.64
N GLU F 531 46.14 20.64 -81.27
CA GLU F 531 47.41 20.77 -80.58
C GLU F 531 47.73 22.23 -80.34
N ILE F 532 47.46 23.06 -81.34
CA ILE F 532 47.80 24.48 -81.24
C ILE F 532 47.02 25.13 -80.12
N VAL F 533 45.72 24.86 -80.07
CA VAL F 533 44.89 25.48 -79.07
C VAL F 533 45.30 25.08 -77.66
N LEU F 534 45.60 23.81 -77.40
CA LEU F 534 46.03 23.47 -76.05
C LEU F 534 47.33 24.18 -75.68
N GLN F 535 48.26 24.33 -76.62
CA GLN F 535 49.48 25.05 -76.30
C GLN F 535 49.19 26.49 -75.93
N ASP F 536 48.30 27.15 -76.67
CA ASP F 536 47.99 28.54 -76.37
C ASP F 536 47.32 28.70 -75.01
N LYS F 537 46.42 27.78 -74.64
CA LYS F 537 45.77 27.90 -73.34
C LYS F 537 46.79 27.80 -72.21
N GLN F 538 47.77 26.89 -72.32
CA GLN F 538 48.76 26.79 -71.25
C GLN F 538 49.58 28.06 -71.14
N SER F 539 49.94 28.65 -72.29
CA SER F 539 50.73 29.88 -72.27
C SER F 539 49.97 31.00 -71.59
N PHE F 540 48.67 31.08 -71.87
CA PHE F 540 47.84 32.10 -71.25
C PHE F 540 47.90 32.01 -69.74
N LEU F 541 47.74 30.82 -69.16
CA LEU F 541 47.79 30.74 -67.72
C LEU F 541 49.15 31.18 -67.18
N ARG F 542 50.26 30.77 -67.82
CA ARG F 542 51.58 31.15 -67.31
C ARG F 542 51.80 32.65 -67.27
N GLU F 543 51.31 33.34 -68.28
CA GLU F 543 51.50 34.77 -68.44
C GLU F 543 50.44 35.63 -67.74
N TYR F 544 49.50 35.00 -67.06
CA TYR F 544 48.35 35.70 -66.52
C TYR F 544 48.67 36.83 -65.54
N LYS F 545 49.67 36.68 -64.67
CA LYS F 545 49.88 37.72 -63.66
C LYS F 545 50.01 39.11 -64.26
N GLU F 546 50.82 39.26 -65.30
CA GLU F 546 50.97 40.53 -65.99
C GLU F 546 49.76 40.88 -66.84
N ILE F 547 49.19 39.90 -67.53
CA ILE F 547 48.09 40.17 -68.47
C ILE F 547 46.92 40.86 -67.79
N SER F 548 46.51 40.37 -66.62
CA SER F 548 45.37 40.97 -65.94
C SER F 548 45.67 42.26 -65.19
N ARG F 549 46.93 42.60 -65.05
CA ARG F 549 47.27 43.76 -64.24
C ARG F 549 47.59 44.97 -65.08
N GLU F 550 48.51 44.82 -66.02
CA GLU F 550 49.00 45.96 -66.75
C GLU F 550 48.13 46.24 -67.97
N ARG F 551 46.90 46.63 -67.67
CA ARG F 551 45.92 46.88 -68.72
C ARG F 551 46.05 48.30 -69.23
N ARG G 14 -37.27 -10.68 -85.41
CA ARG G 14 -36.54 -11.20 -84.26
C ARG G 14 -36.19 -10.05 -83.34
N ASP G 15 -36.00 -10.35 -82.05
CA ASP G 15 -35.75 -9.31 -81.04
C ASP G 15 -34.28 -9.15 -80.63
N GLY G 16 -33.36 -9.71 -81.39
CA GLY G 16 -31.94 -9.60 -81.09
C GLY G 16 -31.59 -10.32 -79.80
N THR G 17 -30.96 -9.60 -78.90
CA THR G 17 -30.54 -10.12 -77.61
C THR G 17 -30.48 -9.05 -76.55
N GLY G 18 -30.05 -9.47 -75.36
CA GLY G 18 -29.99 -8.55 -74.25
C GLY G 18 -29.38 -9.18 -73.03
N ARG G 19 -29.32 -8.40 -71.96
CA ARG G 19 -28.58 -8.78 -70.75
C ARG G 19 -29.08 -10.06 -70.08
N ARG G 20 -30.39 -10.29 -70.04
CA ARG G 20 -30.90 -11.48 -69.37
C ARG G 20 -30.71 -12.77 -70.16
N ASP G 21 -30.26 -12.66 -71.40
CA ASP G 21 -30.19 -13.81 -72.28
C ASP G 21 -28.73 -14.26 -72.43
N LEU G 22 -27.83 -13.71 -71.62
CA LEU G 22 -26.39 -13.94 -71.81
C LEU G 22 -25.81 -15.06 -70.96
N LEU G 23 -26.62 -15.87 -70.30
CA LEU G 23 -26.09 -16.95 -69.46
C LEU G 23 -26.03 -18.26 -70.23
N ASP G 24 -24.83 -18.83 -70.32
CA ASP G 24 -24.62 -20.11 -70.99
C ASP G 24 -24.77 -21.22 -69.92
N PRO G 25 -25.82 -22.03 -70.00
CA PRO G 25 -26.11 -23.06 -68.99
C PRO G 25 -25.09 -24.18 -68.92
N LYS G 26 -24.26 -24.33 -69.93
CA LYS G 26 -23.31 -25.43 -69.93
C LYS G 26 -21.87 -24.96 -70.06
N LEU G 27 -21.56 -23.81 -69.48
CA LEU G 27 -20.17 -23.37 -69.45
C LEU G 27 -19.58 -23.56 -68.06
N ALA G 28 -20.39 -23.35 -67.03
CA ALA G 28 -19.93 -23.50 -65.67
C ALA G 28 -19.44 -24.92 -65.43
N PRO G 29 -18.21 -25.10 -64.92
CA PRO G 29 -17.62 -26.41 -64.65
C PRO G 29 -18.50 -27.39 -63.92
N GLU G 30 -19.35 -26.89 -63.02
CA GLU G 30 -20.18 -27.77 -62.22
C GLU G 30 -21.05 -28.70 -63.05
N SER G 31 -21.46 -28.27 -64.25
CA SER G 31 -22.35 -29.09 -65.05
C SER G 31 -21.82 -30.49 -65.27
N VAL G 32 -20.53 -30.72 -65.01
CA VAL G 32 -19.91 -32.01 -65.21
C VAL G 32 -19.48 -32.60 -63.88
N GLN G 33 -20.00 -33.76 -63.57
CA GLN G 33 -19.64 -34.48 -62.37
C GLN G 33 -18.88 -35.70 -62.81
N LEU G 34 -17.55 -35.66 -62.69
CA LEU G 34 -16.71 -36.73 -63.21
C LEU G 34 -17.01 -38.06 -62.54
N GLN G 35 -17.36 -38.02 -61.26
CA GLN G 35 -17.71 -39.22 -60.51
C GLN G 35 -19.09 -39.03 -59.91
N ASP G 36 -20.06 -39.89 -60.19
CA ASP G 36 -21.40 -39.72 -59.61
C ASP G 36 -21.95 -40.92 -58.80
N PHE G 37 -21.14 -41.88 -58.36
CA PHE G 37 -21.75 -43.01 -57.65
C PHE G 37 -22.20 -42.62 -56.25
N GLU G 38 -23.30 -43.22 -55.81
CA GLU G 38 -23.82 -43.11 -54.45
C GLU G 38 -23.55 -44.40 -53.69
N LEU G 39 -23.92 -44.42 -52.40
CA LEU G 39 -23.70 -45.62 -51.60
C LEU G 39 -24.39 -46.81 -52.23
N SER G 40 -25.56 -46.57 -52.82
CA SER G 40 -26.38 -47.61 -53.35
C SER G 40 -25.76 -48.19 -54.63
N ASP G 41 -24.87 -47.45 -55.30
CA ASP G 41 -24.26 -47.97 -56.52
C ASP G 41 -23.08 -48.83 -56.18
N TRP G 42 -22.38 -48.48 -55.11
CA TRP G 42 -21.29 -49.33 -54.70
C TRP G 42 -21.82 -50.62 -54.10
N LEU G 43 -23.01 -50.57 -53.49
CA LEU G 43 -23.60 -51.80 -53.01
C LEU G 43 -24.02 -52.72 -54.16
N ILE G 44 -24.53 -52.16 -55.27
CA ILE G 44 -24.85 -52.99 -56.43
C ILE G 44 -23.60 -53.62 -56.98
N PHE G 45 -22.52 -52.85 -57.04
CA PHE G 45 -21.23 -53.35 -57.47
C PHE G 45 -20.82 -54.58 -56.66
N ALA G 46 -20.95 -54.48 -55.33
CA ALA G 46 -20.62 -55.59 -54.43
C ALA G 46 -21.50 -56.83 -54.67
N LEU G 47 -22.80 -56.63 -54.94
CA LEU G 47 -23.69 -57.77 -55.17
C LEU G 47 -23.25 -58.59 -56.36
N ASN G 48 -22.73 -57.93 -57.39
CA ASN G 48 -22.27 -58.63 -58.59
C ASN G 48 -20.92 -59.27 -58.34
N PHE G 49 -20.01 -58.51 -57.73
CA PHE G 49 -18.64 -58.93 -57.48
C PHE G 49 -18.60 -60.20 -56.65
N ALA G 50 -19.50 -60.31 -55.68
CA ALA G 50 -19.57 -61.47 -54.79
C ALA G 50 -19.75 -62.79 -55.53
N ARG G 51 -20.29 -62.77 -56.74
CA ARG G 51 -20.51 -63.96 -57.54
C ARG G 51 -19.35 -64.31 -58.46
N LYS G 52 -18.31 -63.49 -58.49
CA LYS G 52 -17.15 -63.76 -59.31
C LYS G 52 -15.94 -64.23 -58.52
N ILE G 53 -16.10 -64.41 -57.20
CA ILE G 53 -15.03 -64.75 -56.28
C ILE G 53 -15.37 -66.08 -55.61
N HIS G 54 -14.42 -67.02 -55.57
CA HIS G 54 -14.58 -68.31 -54.93
C HIS G 54 -14.68 -68.14 -53.42
N PHE G 55 -15.25 -69.12 -52.71
CA PHE G 55 -15.28 -69.10 -51.25
C PHE G 55 -14.68 -70.40 -50.79
N PHE G 56 -13.82 -70.35 -49.79
CA PHE G 56 -13.13 -71.54 -49.30
C PHE G 56 -13.54 -71.95 -47.89
N PRO G 57 -14.31 -73.04 -47.75
CA PRO G 57 -14.74 -73.56 -46.45
C PRO G 57 -13.58 -73.96 -45.56
N SER G 58 -13.77 -73.81 -44.24
CA SER G 58 -12.68 -74.05 -43.31
C SER G 58 -12.38 -75.55 -43.14
N ASP G 59 -13.24 -76.44 -43.63
CA ASP G 59 -13.00 -77.87 -43.48
C ASP G 59 -12.43 -78.53 -44.74
N LEU G 60 -12.05 -77.76 -45.75
CA LEU G 60 -11.47 -78.34 -46.94
C LEU G 60 -10.03 -77.86 -47.08
N ALA G 61 -9.18 -78.68 -47.70
CA ALA G 61 -7.78 -78.31 -47.87
C ALA G 61 -7.61 -77.34 -49.02
N ASN G 62 -8.08 -76.12 -48.80
CA ASN G 62 -8.00 -75.10 -49.81
C ASN G 62 -8.74 -75.49 -51.08
N GLU G 63 -9.91 -76.11 -50.96
CA GLU G 63 -10.68 -76.41 -52.14
C GLU G 63 -11.83 -75.43 -52.15
N PRO G 64 -12.21 -74.89 -53.29
CA PRO G 64 -13.32 -73.93 -53.38
C PRO G 64 -14.66 -74.65 -53.29
N LEU G 65 -15.66 -73.95 -52.75
CA LEU G 65 -17.03 -74.49 -52.74
C LEU G 65 -18.05 -73.35 -52.70
N GLY G 66 -18.42 -72.83 -53.86
CA GLY G 66 -19.38 -71.73 -53.88
C GLY G 66 -18.70 -70.36 -53.90
N ASP G 67 -19.45 -69.35 -53.49
CA ASP G 67 -19.02 -67.95 -53.61
C ASP G 67 -19.39 -67.17 -52.34
N TRP G 68 -19.44 -65.85 -52.46
CA TRP G 68 -19.70 -64.94 -51.35
C TRP G 68 -21.11 -64.37 -51.38
N ARG G 69 -21.99 -64.98 -52.16
CA ARG G 69 -23.35 -64.51 -52.38
C ARG G 69 -24.13 -64.26 -51.09
N ASN G 70 -23.95 -65.12 -50.10
CA ASN G 70 -24.75 -65.06 -48.89
C ASN G 70 -24.33 -63.97 -47.93
N PHE G 71 -23.28 -63.23 -48.25
CA PHE G 71 -22.84 -62.20 -47.33
C PHE G 71 -23.48 -60.85 -47.61
N PHE G 72 -24.18 -60.69 -48.74
CA PHE G 72 -24.83 -59.44 -49.08
C PHE G 72 -26.32 -59.61 -49.29
N SER G 73 -26.85 -60.76 -48.90
CA SER G 73 -28.23 -61.14 -49.18
C SER G 73 -29.19 -60.38 -48.27
N THR G 74 -28.70 -59.78 -47.20
CA THR G 74 -29.52 -59.04 -46.26
C THR G 74 -29.76 -57.60 -46.63
N ILE G 75 -29.20 -57.15 -47.74
CA ILE G 75 -29.41 -55.79 -48.19
C ILE G 75 -30.73 -55.67 -48.94
N VAL G 76 -30.97 -56.62 -49.83
CA VAL G 76 -32.14 -56.60 -50.70
C VAL G 76 -33.31 -57.33 -50.06
N SER G 77 -34.42 -56.59 -49.85
CA SER G 77 -35.60 -57.05 -49.16
C SER G 77 -36.50 -57.90 -50.06
N ASP G 78 -36.28 -57.86 -51.37
CA ASP G 78 -37.05 -58.66 -52.31
C ASP G 78 -36.07 -59.34 -53.25
N LYS G 79 -35.91 -60.64 -52.98
CA LYS G 79 -34.91 -61.47 -53.61
C LYS G 79 -35.17 -61.65 -55.09
N THR G 80 -36.39 -61.35 -55.53
CA THR G 80 -36.73 -61.44 -56.95
C THR G 80 -35.76 -60.64 -57.80
N LEU G 81 -35.41 -59.46 -57.31
CA LEU G 81 -34.66 -58.50 -58.08
C LEU G 81 -33.21 -58.85 -58.26
N ILE G 82 -32.70 -59.87 -57.57
CA ILE G 82 -31.30 -60.20 -57.72
C ILE G 82 -31.10 -61.65 -58.13
N SER G 83 -32.17 -62.33 -58.57
CA SER G 83 -32.06 -63.74 -58.94
C SER G 83 -31.08 -63.97 -60.08
N ASP G 84 -30.89 -62.97 -60.91
CA ASP G 84 -30.00 -63.00 -62.04
C ASP G 84 -29.26 -61.67 -62.18
N ILE G 85 -28.86 -61.08 -61.04
CA ILE G 85 -28.34 -59.70 -61.00
C ILE G 85 -27.24 -59.43 -62.03
N GLU G 86 -26.43 -60.45 -62.38
CA GLU G 86 -25.29 -60.19 -63.26
C GLU G 86 -25.75 -59.92 -64.68
N ASN G 87 -27.04 -60.13 -65.00
CA ASN G 87 -27.58 -59.90 -66.32
C ASN G 87 -28.53 -58.70 -66.41
N LEU G 88 -28.56 -57.83 -65.41
CA LEU G 88 -29.49 -56.70 -65.46
C LEU G 88 -28.96 -55.53 -66.26
N ASP G 89 -29.90 -54.78 -66.84
CA ASP G 89 -29.65 -53.55 -67.55
C ASP G 89 -30.52 -52.41 -67.03
N ASP G 90 -31.22 -52.67 -65.94
CA ASP G 90 -32.15 -51.72 -65.32
C ASP G 90 -32.06 -51.93 -63.83
N PHE G 91 -31.53 -50.93 -63.15
CA PHE G 91 -31.30 -51.02 -61.73
C PHE G 91 -32.22 -50.13 -60.92
N GLU G 92 -33.33 -49.65 -61.47
CA GLU G 92 -34.16 -48.69 -60.75
C GLU G 92 -34.87 -49.35 -59.58
N LYS G 93 -35.36 -50.58 -59.78
CA LYS G 93 -36.07 -51.26 -58.71
C LYS G 93 -35.11 -51.68 -57.62
N LEU G 94 -33.94 -52.15 -58.04
CA LEU G 94 -32.93 -52.62 -57.12
C LEU G 94 -32.41 -51.47 -56.28
N ARG G 95 -32.10 -50.35 -56.94
CA ARG G 95 -31.60 -49.18 -56.23
C ARG G 95 -32.59 -48.70 -55.20
N GLY G 96 -33.89 -48.76 -55.55
CA GLY G 96 -34.94 -48.39 -54.61
C GLY G 96 -34.92 -49.19 -53.32
N ASN G 97 -34.86 -50.51 -53.43
CA ASN G 97 -34.83 -51.33 -52.21
C ASN G 97 -33.57 -51.10 -51.40
N ILE G 98 -32.44 -50.85 -52.07
CA ILE G 98 -31.21 -50.61 -51.34
C ILE G 98 -31.31 -49.34 -50.54
N GLU G 99 -31.95 -48.32 -51.10
CA GLU G 99 -32.07 -47.06 -50.37
C GLU G 99 -32.94 -47.24 -49.12
N GLU G 100 -34.02 -48.04 -49.21
CA GLU G 100 -34.79 -48.36 -48.01
C GLU G 100 -33.99 -49.02 -46.92
N PHE G 101 -33.14 -49.98 -47.30
CA PHE G 101 -32.26 -50.64 -46.36
C PHE G 101 -31.39 -49.65 -45.64
N LEU G 102 -30.73 -48.78 -46.41
CA LEU G 102 -29.81 -47.83 -45.81
C LEU G 102 -30.52 -46.91 -44.85
N ALA G 103 -31.73 -46.48 -45.18
CA ALA G 103 -32.47 -45.63 -44.25
C ALA G 103 -32.82 -46.38 -42.98
N ALA G 104 -33.28 -47.63 -43.12
CA ALA G 104 -33.78 -48.42 -41.99
C ALA G 104 -32.70 -48.66 -40.94
N TYR G 105 -31.47 -48.84 -41.36
CA TYR G 105 -30.41 -49.15 -40.42
C TYR G 105 -29.58 -47.94 -40.06
N ASP G 106 -29.95 -46.76 -40.53
CA ASP G 106 -29.12 -45.61 -40.21
C ASP G 106 -29.32 -45.26 -38.76
N GLN G 107 -28.23 -45.38 -38.00
CA GLN G 107 -28.19 -45.14 -36.58
C GLN G 107 -29.08 -46.09 -35.79
N SER G 108 -29.24 -47.33 -36.26
CA SER G 108 -30.02 -48.30 -35.51
C SER G 108 -29.18 -49.10 -34.53
N GLY G 109 -27.90 -49.27 -34.82
CA GLY G 109 -27.04 -50.11 -34.04
C GLY G 109 -27.20 -51.59 -34.31
N LYS G 110 -27.85 -51.97 -35.40
CA LYS G 110 -28.21 -53.36 -35.65
C LYS G 110 -27.52 -54.10 -36.82
N LEU G 111 -26.47 -53.58 -37.46
CA LEU G 111 -25.87 -54.36 -38.54
C LEU G 111 -24.79 -55.34 -38.08
N THR G 112 -24.69 -56.45 -38.82
CA THR G 112 -23.62 -57.39 -38.62
C THR G 112 -22.32 -56.70 -38.95
N PRO G 113 -21.26 -56.97 -38.17
CA PRO G 113 -19.94 -56.32 -38.33
C PRO G 113 -19.29 -56.33 -39.70
N HIS G 114 -19.49 -57.34 -40.55
CA HIS G 114 -18.81 -57.23 -41.84
C HIS G 114 -19.45 -56.16 -42.72
N LEU G 115 -20.73 -55.88 -42.54
CA LEU G 115 -21.36 -54.83 -43.31
C LEU G 115 -21.09 -53.51 -42.68
N THR G 116 -20.96 -53.49 -41.36
CA THR G 116 -20.66 -52.25 -40.68
C THR G 116 -19.38 -51.64 -41.21
N LEU G 117 -18.32 -52.44 -41.39
CA LEU G 117 -17.10 -51.88 -41.96
C LEU G 117 -17.28 -51.44 -43.39
N PHE G 118 -17.92 -52.26 -44.22
CA PHE G 118 -18.04 -51.93 -45.62
C PHE G 118 -18.77 -50.61 -45.82
N VAL G 119 -19.87 -50.42 -45.10
CA VAL G 119 -20.63 -49.19 -45.26
C VAL G 119 -19.88 -47.99 -44.71
N SER G 120 -19.21 -48.12 -43.55
CA SER G 120 -18.45 -46.99 -43.01
C SER G 120 -17.37 -46.54 -43.97
N PHE G 121 -16.72 -47.50 -44.62
CA PHE G 121 -15.74 -47.21 -45.64
C PHE G 121 -16.34 -46.40 -46.76
N LEU G 122 -17.50 -46.84 -47.27
CA LEU G 122 -18.12 -46.12 -48.37
C LEU G 122 -18.48 -44.70 -47.96
N LYS G 123 -18.90 -44.50 -46.71
CA LYS G 123 -19.19 -43.14 -46.28
C LYS G 123 -17.92 -42.28 -46.21
N LEU G 124 -16.81 -42.84 -45.76
CA LEU G 124 -15.57 -42.05 -45.71
C LEU G 124 -15.14 -41.56 -47.09
N LEU G 125 -15.38 -42.37 -48.12
CA LEU G 125 -15.02 -42.03 -49.50
C LEU G 125 -15.75 -40.82 -50.05
N GLU G 126 -16.82 -40.35 -49.41
CA GLU G 126 -17.51 -39.19 -49.94
C GLU G 126 -16.63 -37.95 -50.00
N THR G 127 -15.61 -37.86 -49.13
CA THR G 127 -14.73 -36.72 -49.18
C THR G 127 -13.79 -36.77 -50.37
N SER G 128 -13.60 -37.95 -50.93
CA SER G 128 -12.75 -38.08 -52.09
C SER G 128 -13.50 -37.65 -53.32
N LYS G 129 -14.78 -37.94 -53.34
CA LYS G 129 -15.62 -37.53 -54.44
C LYS G 129 -15.65 -36.01 -54.52
N LYS G 130 -15.72 -35.35 -53.38
CA LYS G 130 -15.76 -33.90 -53.35
C LYS G 130 -14.51 -33.28 -53.96
N ARG G 131 -13.34 -33.81 -53.61
CA ARG G 131 -12.08 -33.30 -54.16
C ARG G 131 -11.91 -33.64 -55.63
N PHE G 132 -12.23 -34.87 -56.00
CA PHE G 132 -12.06 -35.36 -57.35
C PHE G 132 -12.90 -34.59 -58.35
N ASN G 133 -14.12 -34.25 -58.01
CA ASN G 133 -14.97 -33.54 -58.95
C ASN G 133 -14.63 -32.06 -59.12
N GLN G 134 -13.59 -31.55 -58.47
CA GLN G 134 -13.19 -30.17 -58.70
C GLN G 134 -12.16 -30.05 -59.80
N LEU G 135 -11.78 -31.17 -60.40
CA LEU G 135 -10.78 -31.18 -61.46
C LEU G 135 -11.23 -30.44 -62.70
N THR G 136 -12.53 -30.46 -63.02
CA THR G 136 -12.99 -29.78 -64.22
C THR G 136 -12.81 -28.28 -64.12
N LYS G 137 -12.95 -27.73 -62.93
CA LYS G 137 -12.75 -26.29 -62.77
C LYS G 137 -11.29 -25.96 -62.84
N ARG G 138 -10.45 -26.76 -62.19
CA ARG G 138 -9.01 -26.51 -62.20
C ARG G 138 -8.47 -26.55 -63.62
N HIS G 139 -8.97 -27.47 -64.42
CA HIS G 139 -8.57 -27.61 -65.81
C HIS G 139 -8.93 -26.37 -66.60
N LEU G 140 -10.17 -25.89 -66.47
CA LEU G 140 -10.59 -24.70 -67.20
C LEU G 140 -9.79 -23.48 -66.82
N ASP G 141 -9.56 -23.28 -65.54
CA ASP G 141 -8.83 -22.14 -65.04
C ASP G 141 -7.42 -22.13 -65.54
N PHE G 142 -6.80 -23.28 -65.57
CA PHE G 142 -5.45 -23.41 -66.08
C PHE G 142 -5.36 -22.96 -67.51
N TYR G 143 -6.25 -23.46 -68.36
CA TYR G 143 -6.20 -23.09 -69.75
C TYR G 143 -6.39 -21.59 -69.97
N TYR G 144 -7.39 -20.98 -69.36
CA TYR G 144 -7.59 -19.55 -69.62
C TYR G 144 -6.49 -18.68 -68.98
N GLN G 145 -6.01 -19.03 -67.79
CA GLN G 145 -5.06 -18.15 -67.12
C GLN G 145 -3.60 -18.45 -67.35
N GLU G 146 -3.20 -19.70 -67.52
CA GLU G 146 -1.77 -19.99 -67.66
C GLU G 146 -1.38 -20.28 -69.09
N ILE G 147 -2.29 -20.82 -69.90
CA ILE G 147 -1.96 -21.06 -71.29
C ILE G 147 -2.26 -19.83 -72.13
N LEU G 148 -3.43 -19.25 -71.98
CA LEU G 148 -3.78 -18.09 -72.77
C LEU G 148 -3.37 -16.77 -72.14
N HIS G 149 -2.95 -16.79 -70.87
CA HIS G 149 -2.51 -15.60 -70.14
C HIS G 149 -3.55 -14.51 -70.03
N LEU G 150 -4.81 -14.84 -69.77
CA LEU G 150 -5.84 -13.83 -69.69
C LEU G 150 -6.26 -13.57 -68.24
N GLU G 151 -6.32 -12.31 -67.84
CA GLU G 151 -6.67 -11.96 -66.47
C GLU G 151 -8.03 -11.30 -66.38
N LYS G 152 -8.47 -11.03 -65.15
CA LYS G 152 -9.75 -10.37 -64.85
C LYS G 152 -9.60 -8.86 -64.84
N GLN G 153 -10.70 -8.17 -65.09
CA GLN G 153 -10.69 -6.71 -65.08
C GLN G 153 -10.99 -6.14 -63.69
N ALA G 154 -10.38 -4.99 -63.42
CA ALA G 154 -10.45 -4.25 -62.17
C ALA G 154 -11.65 -3.29 -62.11
N LEU G 155 -11.85 -2.77 -60.89
CA LEU G 155 -12.90 -1.84 -60.46
C LEU G 155 -12.74 -0.40 -60.97
N SER G 156 -13.87 0.26 -61.26
CA SER G 156 -13.95 1.69 -61.57
C SER G 156 -14.81 2.44 -60.55
N PRO G 157 -14.33 3.56 -60.00
CA PRO G 157 -15.06 4.36 -59.00
C PRO G 157 -16.19 5.17 -59.62
N ASP G 158 -17.23 5.47 -58.83
CA ASP G 158 -18.36 6.28 -59.29
C ASP G 158 -18.23 7.78 -58.97
N HIS G 159 -19.05 8.59 -59.67
CA HIS G 159 -19.09 10.05 -59.56
C HIS G 159 -20.44 10.58 -59.08
N VAL G 160 -20.41 11.63 -58.23
CA VAL G 160 -21.61 12.32 -57.75
C VAL G 160 -21.48 13.83 -57.79
N PHE G 161 -22.63 14.52 -57.76
CA PHE G 161 -22.68 15.96 -57.54
C PHE G 161 -23.39 16.27 -56.24
N LEU G 162 -22.83 17.23 -55.51
CA LEU G 162 -23.38 17.67 -54.24
C LEU G 162 -23.72 19.14 -54.30
N ILE G 163 -24.78 19.55 -53.60
CA ILE G 163 -25.14 20.95 -53.53
C ILE G 163 -24.87 21.47 -52.13
N PHE G 164 -24.13 22.58 -52.02
CA PHE G 164 -23.73 23.10 -50.71
C PHE G 164 -24.44 24.40 -50.31
N GLU G 165 -24.82 24.48 -49.03
CA GLU G 165 -25.39 25.68 -48.42
C GLU G 165 -24.51 26.16 -47.27
N LEU G 166 -24.07 27.44 -47.33
CA LEU G 166 -23.16 27.99 -46.32
C LEU G 166 -23.87 28.45 -45.06
N ALA G 167 -23.06 28.56 -44.00
CA ALA G 167 -23.53 29.01 -42.70
C ALA G 167 -24.04 30.44 -42.76
N LYS G 168 -25.05 30.71 -41.92
CA LYS G 168 -25.69 32.02 -41.85
C LYS G 168 -24.71 33.18 -41.65
N ASN G 169 -23.67 32.97 -40.87
CA ASN G 169 -22.78 34.05 -40.47
C ASN G 169 -21.51 34.19 -41.32
N VAL G 170 -21.42 33.55 -42.48
CA VAL G 170 -20.25 33.72 -43.33
C VAL G 170 -20.72 34.23 -44.68
N SER G 171 -19.81 34.78 -45.46
CA SER G 171 -20.22 35.24 -46.80
C SER G 171 -19.61 34.48 -47.94
N GLN G 172 -18.41 33.95 -47.71
CA GLN G 172 -17.67 33.21 -48.72
C GLN G 172 -16.73 32.23 -48.04
N GLU G 173 -16.35 31.18 -48.76
CA GLU G 173 -15.44 30.17 -48.26
C GLU G 173 -14.76 29.45 -49.40
N LYS G 174 -13.63 28.79 -49.10
CA LYS G 174 -12.90 28.09 -50.14
C LYS G 174 -12.88 26.60 -49.78
N LEU G 175 -13.28 25.76 -50.73
CA LEU G 175 -13.32 24.32 -50.51
C LEU G 175 -12.20 23.64 -51.30
N ASP G 176 -11.20 23.16 -50.56
CA ASP G 176 -10.02 22.51 -51.09
C ASP G 176 -10.21 21.11 -51.64
N GLU G 177 -9.34 20.75 -52.59
CA GLU G 177 -9.35 19.43 -53.18
C GLU G 177 -8.99 18.37 -52.17
N GLY G 178 -9.64 17.23 -52.30
CA GLY G 178 -9.40 16.12 -51.43
C GLY G 178 -10.23 16.04 -50.18
N THR G 179 -11.14 16.98 -49.98
CA THR G 179 -11.94 16.95 -48.78
C THR G 179 -12.76 15.69 -48.76
N GLU G 180 -12.82 15.02 -47.63
CA GLU G 180 -13.57 13.79 -47.47
C GLU G 180 -15.04 13.97 -47.21
N VAL G 181 -15.86 13.08 -47.76
CA VAL G 181 -17.30 13.14 -47.62
C VAL G 181 -17.75 11.80 -47.02
N ASP G 182 -18.87 11.74 -46.34
CA ASP G 182 -19.23 10.44 -45.77
C ASP G 182 -20.60 9.90 -46.14
N GLY G 183 -20.66 8.64 -46.60
CA GLY G 183 -21.97 8.07 -46.88
C GLY G 183 -22.30 6.59 -46.93
N GLY G 184 -22.87 5.90 -45.91
CA GLY G 184 -23.20 4.55 -46.29
C GLY G 184 -22.09 3.61 -45.84
N LYS G 185 -22.47 2.38 -45.57
CA LYS G 185 -21.54 1.33 -45.20
C LYS G 185 -21.77 0.06 -45.99
N ASP G 186 -20.71 -0.75 -46.14
CA ASP G 186 -20.86 -1.98 -46.90
C ASP G 186 -21.31 -3.06 -45.89
N ASP G 187 -21.28 -4.33 -46.30
CA ASP G 187 -21.72 -5.44 -45.46
C ASP G 187 -20.72 -5.81 -44.37
N THR G 188 -19.52 -5.25 -44.40
CA THR G 188 -18.50 -5.39 -43.38
C THR G 188 -18.60 -4.30 -42.33
N GLY G 189 -19.45 -3.32 -42.59
CA GLY G 189 -19.57 -2.18 -41.73
C GLY G 189 -18.54 -1.11 -42.01
N LYS G 190 -17.83 -1.18 -43.13
CA LYS G 190 -16.85 -0.17 -43.42
C LYS G 190 -17.54 0.98 -44.13
N LYS G 191 -17.05 2.19 -43.91
CA LYS G 191 -17.69 3.36 -44.47
C LYS G 191 -17.17 3.70 -45.87
N ASN G 192 -18.05 4.23 -46.70
CA ASN G 192 -17.65 4.69 -48.02
C ASN G 192 -17.10 6.09 -47.89
N THR G 193 -16.09 6.43 -48.68
CA THR G 193 -15.51 7.75 -48.64
C THR G 193 -15.42 8.31 -50.03
N TYR G 194 -15.73 9.59 -50.23
CA TYR G 194 -15.64 10.22 -51.54
C TYR G 194 -14.74 11.44 -51.45
N LEU G 195 -14.06 11.83 -52.51
CA LEU G 195 -13.18 12.99 -52.43
C LEU G 195 -13.56 14.07 -53.40
N THR G 196 -13.51 15.31 -52.94
CA THR G 196 -13.74 16.47 -53.79
C THR G 196 -12.67 16.54 -54.88
N SER G 197 -13.12 16.72 -56.12
CA SER G 197 -12.20 16.69 -57.26
C SER G 197 -11.50 18.02 -57.56
N PHE G 198 -12.13 19.16 -57.31
CA PHE G 198 -11.54 20.43 -57.68
C PHE G 198 -11.70 21.45 -56.57
N GLU G 199 -10.72 22.34 -56.44
CA GLU G 199 -10.88 23.49 -55.55
C GLU G 199 -12.04 24.35 -56.03
N THR G 200 -12.93 24.76 -55.13
CA THR G 200 -13.96 25.64 -55.62
C THR G 200 -14.28 26.72 -54.59
N VAL G 201 -15.17 27.62 -54.96
CA VAL G 201 -15.53 28.74 -54.10
C VAL G 201 -17.04 28.72 -53.88
N LEU G 202 -17.44 28.73 -52.64
CA LEU G 202 -18.84 28.71 -52.29
C LEU G 202 -19.24 30.08 -51.76
N ASN G 203 -20.46 30.50 -52.08
CA ASN G 203 -21.01 31.76 -51.59
C ASN G 203 -22.52 31.62 -51.48
N LYS G 204 -23.20 32.71 -51.14
CA LYS G 204 -24.66 32.61 -50.96
C LYS G 204 -25.44 33.06 -52.19
N THR G 205 -25.23 32.43 -53.34
CA THR G 205 -25.98 32.81 -54.53
C THR G 205 -26.96 31.71 -54.86
N LYS G 206 -28.23 32.07 -55.08
CA LYS G 206 -29.27 31.08 -55.30
C LYS G 206 -30.08 31.38 -56.56
N VAL G 207 -30.56 30.33 -57.24
CA VAL G 207 -31.44 30.55 -58.38
C VAL G 207 -32.84 30.85 -57.87
N GLY G 208 -33.37 32.01 -58.25
CA GLY G 208 -34.67 32.43 -57.79
C GLY G 208 -35.82 32.23 -58.76
N GLN G 209 -35.65 32.61 -60.03
CA GLN G 209 -36.76 32.54 -60.97
C GLN G 209 -36.37 32.08 -62.37
N LEU G 210 -37.29 31.37 -63.03
CA LEU G 210 -37.10 30.86 -64.39
C LEU G 210 -38.28 31.22 -65.28
N LYS G 211 -38.02 31.97 -66.37
CA LYS G 211 -39.08 32.42 -67.29
C LYS G 211 -38.70 32.17 -68.75
N SER G 212 -39.69 32.01 -69.64
CA SER G 212 -39.31 31.81 -71.05
C SER G 212 -40.32 32.33 -72.08
N LEU G 213 -39.77 32.62 -73.29
CA LEU G 213 -40.50 33.10 -74.46
C LEU G 213 -40.17 32.33 -75.73
N TYR G 214 -41.11 32.27 -76.69
CA TYR G 214 -40.76 31.81 -78.03
C TYR G 214 -41.65 32.44 -79.09
N ASN G 215 -41.02 33.02 -80.12
CA ASN G 215 -41.72 33.62 -81.26
C ASN G 215 -41.43 32.82 -82.53
N GLU G 216 -42.45 32.13 -83.02
CA GLU G 216 -42.33 31.24 -84.17
C GLU G 216 -42.98 31.88 -85.40
N ILE G 217 -42.25 32.02 -86.49
CA ILE G 217 -42.82 32.69 -87.68
C ILE G 217 -42.90 31.75 -88.86
N SER G 218 -44.09 31.66 -89.46
CA SER G 218 -44.33 30.83 -90.63
C SER G 218 -44.35 31.62 -91.92
N VAL G 219 -44.87 32.85 -91.89
CA VAL G 219 -45.09 33.62 -93.09
C VAL G 219 -44.28 34.92 -93.07
N GLU G 220 -43.51 35.12 -94.13
CA GLU G 220 -42.72 36.34 -94.33
C GLU G 220 -43.62 37.56 -94.35
N LYS G 221 -43.22 38.60 -93.58
CA LYS G 221 -44.00 39.82 -93.40
C LYS G 221 -44.46 40.48 -94.69
N GLU G 222 -43.67 40.32 -95.76
CA GLU G 222 -44.00 40.97 -97.01
C GLU G 222 -45.29 40.41 -97.63
N GLU G 223 -45.73 39.23 -97.20
CA GLU G 223 -46.96 38.65 -97.71
C GLU G 223 -48.20 39.05 -96.93
N ILE G 224 -48.07 39.89 -95.90
CA ILE G 224 -49.26 40.33 -95.19
C ILE G 224 -49.86 41.50 -95.96
N LYS G 225 -51.01 41.26 -96.57
CA LYS G 225 -51.65 42.28 -97.37
C LYS G 225 -52.84 42.90 -96.65
N GLU G 226 -53.43 42.15 -95.75
CA GLU G 226 -54.58 42.57 -94.97
C GLU G 226 -54.44 41.94 -93.60
N LEU G 227 -55.12 42.46 -92.59
CA LEU G 227 -54.99 41.84 -91.27
C LEU G 227 -55.57 40.44 -91.22
N ASN G 228 -56.71 40.22 -91.86
CA ASN G 228 -57.35 38.92 -91.80
C ASN G 228 -56.81 37.99 -92.87
N THR G 229 -55.57 37.57 -92.68
CA THR G 229 -54.94 36.66 -93.62
C THR G 229 -55.63 35.29 -93.53
N PRO G 230 -55.68 34.55 -94.65
CA PRO G 230 -56.28 33.19 -94.69
C PRO G 230 -55.49 32.15 -93.92
N ILE G 231 -54.24 32.45 -93.62
CA ILE G 231 -53.31 31.53 -92.98
C ILE G 231 -52.73 32.22 -91.77
N SER G 232 -52.41 31.43 -90.75
CA SER G 232 -51.75 31.99 -89.58
C SER G 232 -50.36 32.40 -90.04
N THR G 233 -49.84 33.49 -89.52
CA THR G 233 -48.52 33.93 -89.90
C THR G 233 -47.43 33.62 -88.88
N GLY G 234 -47.82 33.32 -87.66
CA GLY G 234 -46.89 33.01 -86.60
C GLY G 234 -47.62 32.90 -85.27
N THR G 235 -46.86 32.45 -84.25
CA THR G 235 -47.32 32.24 -82.88
C THR G 235 -46.30 32.78 -81.86
N PHE G 236 -46.77 33.46 -80.81
CA PHE G 236 -45.83 33.98 -79.81
C PHE G 236 -46.36 33.70 -78.41
N VAL G 237 -45.64 32.84 -77.67
CA VAL G 237 -46.07 32.34 -76.37
C VAL G 237 -45.08 32.62 -75.25
N MET G 238 -45.59 32.51 -74.02
CA MET G 238 -44.75 32.73 -72.85
C MET G 238 -45.09 31.81 -71.68
N ALA G 239 -44.07 31.56 -70.86
CA ALA G 239 -44.22 30.85 -69.60
C ALA G 239 -43.68 31.68 -68.43
N PRO G 240 -44.57 32.26 -67.62
CA PRO G 240 -44.18 33.01 -66.42
C PRO G 240 -43.47 32.17 -65.37
N MET G 241 -43.68 30.87 -65.38
CA MET G 241 -42.98 29.93 -64.50
C MET G 241 -42.60 28.77 -65.42
N ALA G 242 -41.39 28.85 -65.99
CA ALA G 242 -40.92 27.91 -67.00
C ALA G 242 -40.86 26.48 -66.50
N ASN G 243 -40.59 26.28 -65.22
CA ASN G 243 -40.41 24.94 -64.69
C ASN G 243 -41.66 24.39 -64.01
N SER G 244 -42.82 24.94 -64.27
CA SER G 244 -44.05 24.34 -63.79
C SER G 244 -44.73 23.54 -64.89
N PHE G 245 -45.76 22.76 -64.53
CA PHE G 245 -46.38 21.86 -65.49
C PHE G 245 -47.09 22.60 -66.64
N ASP G 246 -47.92 23.59 -66.31
CA ASP G 246 -48.68 24.36 -67.30
C ASP G 246 -48.05 25.72 -67.61
N GLY G 247 -46.85 25.97 -67.08
CA GLY G 247 -46.19 27.25 -67.23
C GLY G 247 -46.65 28.31 -66.25
N LEU G 248 -47.62 28.00 -65.38
CA LEU G 248 -48.21 28.96 -64.46
C LEU G 248 -48.17 28.52 -62.99
N GLY G 249 -47.52 27.40 -62.68
CA GLY G 249 -47.46 26.94 -61.30
C GLY G 249 -48.08 25.60 -61.00
N GLU G 250 -48.67 24.87 -61.96
CA GLU G 250 -49.30 23.61 -61.58
C GLU G 250 -48.18 22.58 -61.35
N ASP G 251 -48.37 21.75 -60.32
CA ASP G 251 -47.38 20.74 -59.95
C ASP G 251 -47.30 19.68 -61.03
N PHE G 252 -46.11 19.13 -61.21
CA PHE G 252 -45.98 18.03 -62.14
C PHE G 252 -46.63 16.80 -61.51
N PRO G 253 -47.32 15.98 -62.29
CA PRO G 253 -47.88 14.74 -61.77
C PRO G 253 -46.74 13.86 -61.33
N LYS G 254 -46.96 13.14 -60.23
CA LYS G 254 -45.98 12.24 -59.58
C LYS G 254 -44.98 11.53 -60.47
N GLY G 255 -45.48 10.94 -61.55
CA GLY G 255 -44.66 10.12 -62.42
C GLY G 255 -43.47 10.79 -63.10
N SER G 256 -43.55 12.10 -63.40
CA SER G 256 -42.41 12.70 -64.10
C SER G 256 -42.35 14.22 -64.02
N GLU G 257 -41.12 14.73 -63.93
CA GLU G 257 -40.90 16.16 -63.96
C GLU G 257 -39.97 16.49 -65.11
N LYS G 258 -40.50 17.12 -66.14
CA LYS G 258 -39.74 17.41 -67.33
C LYS G 258 -40.24 18.72 -67.92
N TRP G 259 -39.34 19.59 -68.35
CA TRP G 259 -39.85 20.79 -68.98
C TRP G 259 -38.95 21.31 -70.09
N TRP G 260 -39.56 22.03 -71.02
CA TRP G 260 -38.81 22.55 -72.16
C TRP G 260 -38.18 23.88 -71.82
N PRO G 261 -36.86 24.01 -72.01
CA PRO G 261 -36.15 25.25 -71.67
C PRO G 261 -36.60 26.47 -72.42
N PHE G 262 -37.20 26.31 -73.60
CA PHE G 262 -37.65 27.47 -74.34
C PHE G 262 -39.12 27.34 -74.70
N GLY G 263 -39.93 26.74 -73.83
CA GLY G 263 -41.36 26.61 -74.08
C GLY G 263 -41.69 25.62 -75.18
N TYR G 264 -42.93 25.73 -75.68
CA TYR G 264 -43.45 24.88 -76.75
C TYR G 264 -44.65 25.56 -77.39
N THR G 265 -44.92 25.23 -78.66
CA THR G 265 -46.08 25.80 -79.36
C THR G 265 -47.12 24.80 -79.79
N LYS G 266 -46.89 23.50 -79.60
CA LYS G 266 -47.93 22.58 -80.00
C LYS G 266 -48.27 21.79 -78.75
N ILE G 267 -49.48 21.27 -78.73
CA ILE G 267 -50.05 20.57 -77.59
C ILE G 267 -49.78 19.10 -77.63
N CYS G 268 -50.00 18.47 -78.77
CA CYS G 268 -49.71 17.06 -78.87
C CYS G 268 -48.30 16.92 -79.43
N ASN G 269 -47.50 16.13 -78.74
CA ASN G 269 -46.12 16.02 -79.16
C ASN G 269 -45.86 14.52 -79.42
N ALA G 270 -44.59 14.11 -79.41
CA ALA G 270 -44.24 12.73 -79.75
C ALA G 270 -44.93 11.67 -78.89
N SER G 271 -45.18 11.94 -77.62
CA SER G 271 -45.78 10.91 -76.78
C SER G 271 -46.93 11.36 -75.90
N THR G 272 -47.07 12.65 -75.62
CA THR G 272 -48.08 13.11 -74.68
C THR G 272 -48.78 14.37 -75.14
N VAL G 273 -49.63 14.87 -74.24
CA VAL G 273 -50.44 16.05 -74.49
C VAL G 273 -50.28 17.04 -73.34
N LEU G 274 -49.85 18.26 -73.66
CA LEU G 274 -49.64 19.27 -72.64
C LEU G 274 -50.70 20.38 -72.70
N PRO G 275 -51.01 21.02 -71.56
CA PRO G 275 -51.82 22.23 -71.56
C PRO G 275 -51.15 23.31 -72.38
N ALA G 276 -51.95 24.15 -73.04
CA ALA G 276 -51.39 25.22 -73.84
C ALA G 276 -50.78 26.31 -72.97
N LEU G 277 -49.71 26.94 -73.46
CA LEU G 277 -49.13 28.09 -72.79
C LEU G 277 -49.93 29.33 -73.18
N PRO G 278 -50.03 30.30 -72.27
CA PRO G 278 -50.67 31.58 -72.58
C PRO G 278 -49.86 32.33 -73.62
N LYS G 279 -50.54 33.14 -74.42
CA LYS G 279 -49.85 33.88 -75.45
C LYS G 279 -49.27 35.18 -74.91
N ALA G 280 -48.21 35.64 -75.57
CA ALA G 280 -47.45 36.80 -75.15
C ALA G 280 -48.29 38.07 -75.10
N ARG G 281 -48.04 38.87 -74.06
CA ARG G 281 -48.69 40.16 -73.84
C ARG G 281 -47.81 41.26 -74.41
N LEU G 282 -48.33 41.98 -75.38
CA LEU G 282 -47.59 43.02 -76.08
C LEU G 282 -48.47 44.27 -76.21
N GLY G 283 -47.88 45.45 -76.07
CA GLY G 283 -48.62 46.68 -76.29
C GLY G 283 -47.86 47.92 -75.81
N CYS G 284 -48.61 48.99 -75.50
CA CYS G 284 -48.01 50.25 -75.06
C CYS G 284 -49.03 51.15 -74.37
N SER G 285 -48.54 52.25 -73.80
CA SER G 285 -49.43 53.21 -73.20
C SER G 285 -48.98 54.65 -73.41
N ILE G 286 -49.97 55.54 -73.34
CA ILE G 286 -49.83 56.97 -73.56
C ILE G 286 -50.30 57.73 -72.32
N SER G 287 -49.53 58.73 -71.91
CA SER G 287 -50.00 59.52 -70.78
C SER G 287 -49.82 61.02 -70.99
N SER G 288 -50.92 61.76 -70.79
CA SER G 288 -50.98 63.21 -70.95
C SER G 288 -52.15 63.84 -70.23
N LYS G 289 -51.98 65.13 -69.89
CA LYS G 289 -52.95 65.99 -69.21
C LYS G 289 -54.31 66.17 -69.87
N LEU G 290 -54.44 65.93 -71.18
CA LEU G 290 -55.74 66.12 -71.79
C LEU G 290 -56.74 65.06 -71.40
N LEU G 291 -56.29 64.00 -70.75
CA LEU G 291 -57.18 62.94 -70.36
C LEU G 291 -57.84 63.20 -69.01
N LYS G 292 -57.54 64.31 -68.34
CA LYS G 292 -58.18 64.58 -67.05
C LYS G 292 -59.61 65.02 -67.27
N LEU G 293 -60.53 64.07 -67.39
CA LEU G 293 -61.93 64.31 -67.73
C LEU G 293 -62.90 63.82 -66.64
N SER G 294 -63.69 64.74 -66.04
CA SER G 294 -64.47 64.30 -64.90
C SER G 294 -65.99 64.15 -65.15
N GLU G 295 -66.58 64.81 -66.16
CA GLU G 295 -68.04 64.70 -66.32
C GLU G 295 -68.49 65.06 -67.74
N GLY G 296 -69.77 64.77 -68.01
CA GLY G 296 -70.38 65.10 -69.27
C GLY G 296 -70.11 64.04 -70.32
N THR G 297 -70.32 64.39 -71.58
CA THR G 297 -70.05 63.48 -72.68
C THR G 297 -68.62 63.68 -73.12
N ARG G 298 -67.86 62.60 -73.15
CA ARG G 298 -66.48 62.75 -73.52
C ARG G 298 -66.13 62.00 -74.78
N ASP G 299 -65.51 62.73 -75.70
CA ASP G 299 -65.07 62.16 -76.97
C ASP G 299 -63.55 62.33 -77.15
N ILE G 300 -62.83 61.22 -77.29
CA ILE G 300 -61.35 61.21 -77.38
C ILE G 300 -60.87 60.71 -78.74
N ILE G 301 -60.09 61.53 -79.46
CA ILE G 301 -59.58 61.16 -80.77
C ILE G 301 -58.05 61.10 -80.80
N LEU G 302 -57.50 59.99 -81.30
CA LEU G 302 -56.04 59.82 -81.41
C LEU G 302 -55.58 59.58 -82.84
N GLU G 303 -54.61 60.35 -83.30
CA GLU G 303 -53.99 60.13 -84.60
C GLU G 303 -52.51 59.82 -84.57
N PHE G 304 -52.13 58.73 -85.26
CA PHE G 304 -50.76 58.23 -85.29
C PHE G 304 -50.18 58.27 -86.69
N THR G 305 -49.12 59.06 -86.90
CA THR G 305 -48.50 59.14 -88.22
C THR G 305 -47.09 58.56 -88.22
N PHE G 306 -46.81 57.71 -89.22
CA PHE G 306 -45.60 56.92 -89.39
C PHE G 306 -44.82 57.34 -90.64
N ASN G 307 -43.57 56.85 -90.76
CA ASN G 307 -42.73 57.17 -91.93
C ASN G 307 -43.18 56.43 -93.19
N LYS G 308 -43.70 55.21 -93.08
CA LYS G 308 -44.06 54.40 -94.22
C LYS G 308 -45.58 54.15 -94.28
N PRO G 309 -46.04 53.64 -95.42
CA PRO G 309 -47.44 53.29 -95.66
C PRO G 309 -47.70 51.97 -95.00
N ILE G 310 -48.64 51.91 -94.08
CA ILE G 310 -48.92 50.68 -93.40
C ILE G 310 -49.48 49.49 -94.20
N LEU G 311 -50.46 49.71 -95.05
CA LEU G 311 -51.06 48.59 -95.79
C LEU G 311 -51.68 48.87 -97.15
N PRO G 312 -51.58 47.91 -98.07
CA PRO G 312 -52.26 48.10 -99.36
C PRO G 312 -53.76 48.12 -99.14
N ASN G 313 -54.25 47.22 -98.29
CA ASN G 313 -55.67 47.10 -98.02
C ASN G 313 -55.97 47.84 -96.73
N GLY G 314 -56.79 48.86 -96.83
CA GLY G 314 -57.13 49.62 -95.65
C GLY G 314 -58.02 48.82 -94.73
N GLU G 315 -58.30 49.35 -93.54
CA GLU G 315 -59.03 48.55 -92.55
C GLU G 315 -60.19 49.30 -91.93
N ASP G 316 -61.28 48.55 -91.78
CA ASP G 316 -62.51 48.96 -91.15
C ASP G 316 -62.37 49.03 -89.64
N TYR G 317 -63.22 49.84 -88.99
CA TYR G 317 -63.21 49.89 -87.54
C TYR G 317 -63.50 48.54 -86.91
N THR G 318 -64.27 47.67 -87.57
CA THR G 318 -64.55 46.36 -87.00
C THR G 318 -63.35 45.43 -87.10
N ALA G 319 -62.37 45.77 -87.92
CA ALA G 319 -61.16 44.99 -87.96
C ALA G 319 -60.28 45.37 -86.79
N LEU G 320 -60.21 46.67 -86.52
CA LEU G 320 -59.37 47.13 -85.42
C LEU G 320 -59.88 46.61 -84.09
N ASN G 321 -61.21 46.51 -83.92
CA ASN G 321 -61.76 46.01 -82.65
C ASN G 321 -61.46 44.52 -82.41
N LYS G 322 -60.95 43.79 -83.40
CA LYS G 322 -60.55 42.41 -83.24
C LYS G 322 -59.07 42.28 -83.00
N ALA G 323 -58.34 43.37 -83.16
CA ALA G 323 -56.90 43.37 -83.05
C ALA G 323 -56.41 44.01 -81.76
N MET G 324 -57.18 44.94 -81.18
CA MET G 324 -56.74 45.70 -80.01
C MET G 324 -57.78 45.81 -78.90
N SER G 325 -57.29 46.14 -77.70
CA SER G 325 -58.12 46.39 -76.52
C SER G 325 -57.60 47.60 -75.73
N ILE G 326 -58.48 48.54 -75.38
CA ILE G 326 -58.05 49.80 -74.75
C ILE G 326 -58.68 50.01 -73.37
N GLU G 327 -57.86 50.42 -72.37
CA GLU G 327 -58.33 50.72 -71.02
C GLU G 327 -57.84 52.07 -70.48
N LEU G 328 -58.63 52.69 -69.58
CA LEU G 328 -58.29 53.97 -68.93
C LEU G 328 -58.22 53.88 -67.41
N THR G 329 -57.43 54.76 -66.81
CA THR G 329 -57.39 54.83 -65.34
C THR G 329 -58.51 55.71 -64.84
N GLY G 330 -59.42 55.14 -64.06
CA GLY G 330 -60.54 55.89 -63.51
C GLY G 330 -60.65 55.81 -62.00
N GLU G 331 -61.75 56.37 -61.48
CA GLU G 331 -61.98 56.52 -60.04
C GLU G 331 -61.94 55.22 -59.26
N LYS G 332 -62.44 54.13 -59.83
CA LYS G 332 -62.52 52.88 -59.08
C LYS G 332 -61.58 51.81 -59.64
N GLY G 333 -60.61 52.20 -60.44
CA GLY G 333 -59.74 51.22 -61.05
C GLY G 333 -59.75 51.42 -62.54
N TRP G 334 -59.50 50.37 -63.30
CA TRP G 334 -59.44 50.53 -64.73
C TRP G 334 -60.84 50.51 -65.34
N ILE G 335 -61.06 51.42 -66.30
CA ILE G 335 -62.28 51.47 -67.08
C ILE G 335 -62.09 50.58 -68.28
N ALA G 336 -62.91 49.55 -68.41
CA ALA G 336 -62.67 48.55 -69.43
C ALA G 336 -63.97 47.89 -69.83
N GLY G 337 -63.93 47.19 -70.95
CA GLY G 337 -65.11 46.47 -71.42
C GLY G 337 -65.81 47.25 -72.49
N LEU G 338 -67.13 47.02 -72.64
CA LEU G 338 -67.92 47.68 -73.68
C LEU G 338 -67.77 49.20 -73.84
N PRO G 339 -67.65 50.02 -72.77
CA PRO G 339 -67.45 51.47 -72.92
C PRO G 339 -66.21 51.88 -73.68
N MET G 340 -65.29 50.97 -73.94
CA MET G 340 -64.05 51.29 -74.63
C MET G 340 -63.95 50.63 -75.99
N THR G 341 -65.06 50.52 -76.70
CA THR G 341 -65.12 49.98 -78.05
C THR G 341 -64.78 51.08 -79.04
N LEU G 342 -63.97 50.78 -80.06
CA LEU G 342 -63.68 51.80 -81.05
C LEU G 342 -64.93 52.13 -81.86
N LYS G 343 -65.09 53.41 -82.17
CA LYS G 343 -66.22 53.92 -82.92
C LYS G 343 -65.95 53.86 -84.41
N SER G 344 -67.04 54.08 -85.16
CA SER G 344 -67.09 53.93 -86.60
C SER G 344 -66.23 54.91 -87.40
N ASP G 345 -65.76 56.01 -86.83
CA ASP G 345 -64.91 56.86 -87.64
C ASP G 345 -63.44 56.48 -87.53
N SER G 346 -63.12 55.39 -86.83
CA SER G 346 -61.74 54.98 -86.68
C SER G 346 -61.38 54.15 -87.92
N GLY G 347 -60.08 53.88 -88.10
CA GLY G 347 -59.67 53.05 -89.23
C GLY G 347 -58.35 53.44 -89.87
N ILE G 348 -57.97 52.70 -90.92
CA ILE G 348 -56.70 52.90 -91.64
C ILE G 348 -56.96 52.96 -93.15
N ASN G 349 -56.51 54.03 -93.81
CA ASN G 349 -56.59 54.05 -95.26
C ASN G 349 -55.34 53.39 -95.80
N SER G 350 -55.47 52.62 -96.88
CA SER G 350 -54.41 51.73 -97.35
C SER G 350 -53.08 52.48 -97.55
N GLY G 351 -53.10 53.43 -98.46
CA GLY G 351 -51.91 54.16 -98.84
C GLY G 351 -51.52 55.23 -97.86
N SER G 352 -52.21 55.30 -96.72
CA SER G 352 -51.95 56.38 -95.81
C SER G 352 -50.90 55.92 -94.81
N LYS G 353 -50.26 56.91 -94.21
CA LYS G 353 -49.29 56.72 -93.15
C LYS G 353 -49.92 57.02 -91.81
N LYS G 354 -51.24 57.17 -91.78
CA LYS G 354 -51.93 57.60 -90.56
C LYS G 354 -53.03 56.63 -90.10
N MET G 355 -52.97 56.26 -88.82
CA MET G 355 -53.99 55.45 -88.18
C MET G 355 -54.83 56.31 -87.24
N LYS G 356 -56.15 56.11 -87.26
CA LYS G 356 -57.04 56.88 -86.39
C LYS G 356 -57.83 56.01 -85.44
N LEU G 357 -57.80 56.36 -84.16
CA LEU G 357 -58.61 55.71 -83.15
C LEU G 357 -59.64 56.67 -82.61
N SER G 358 -60.78 56.14 -82.15
CA SER G 358 -61.88 56.99 -81.69
C SER G 358 -62.69 56.31 -80.59
N LEU G 359 -62.77 56.94 -79.41
CA LEU G 359 -63.42 56.38 -78.22
C LEU G 359 -64.35 57.38 -77.57
N THR G 360 -65.46 56.91 -76.96
CA THR G 360 -66.30 57.87 -76.27
C THR G 360 -66.80 57.31 -74.94
N LEU G 361 -67.01 58.19 -73.97
CA LEU G 361 -67.58 57.80 -72.68
C LEU G 361 -68.91 58.51 -72.39
N ASP G 362 -69.91 57.71 -72.04
CA ASP G 362 -71.16 58.18 -71.52
C ASP G 362 -71.04 59.03 -70.27
N SER G 363 -72.06 59.87 -70.07
CA SER G 363 -72.14 60.72 -68.88
C SER G 363 -72.29 59.93 -67.60
N GLU G 364 -72.66 58.65 -67.72
CA GLU G 364 -72.82 57.75 -66.61
C GLU G 364 -71.54 57.01 -66.21
N GLN G 365 -70.45 57.25 -66.88
CA GLN G 365 -69.20 56.57 -66.60
C GLN G 365 -68.42 57.27 -65.49
N PRO G 366 -67.58 56.50 -64.76
CA PRO G 366 -66.65 57.07 -63.75
C PRO G 366 -65.67 58.05 -64.36
N ALA G 367 -65.17 58.96 -63.52
CA ALA G 367 -64.21 59.96 -64.00
C ALA G 367 -62.88 59.31 -64.32
N VAL G 368 -62.14 59.96 -65.23
CA VAL G 368 -60.80 59.57 -65.59
C VAL G 368 -59.85 60.33 -64.68
N VAL G 369 -58.94 59.62 -64.03
CA VAL G 369 -58.14 60.20 -62.96
C VAL G 369 -56.67 59.88 -63.18
N PRO G 370 -55.76 60.64 -62.53
CA PRO G 370 -54.33 60.33 -62.53
C PRO G 370 -54.04 58.96 -61.95
N TYR G 371 -52.98 58.35 -62.46
CA TYR G 371 -52.58 57.03 -62.04
C TYR G 371 -52.16 56.97 -60.57
N GLN G 372 -52.62 55.91 -59.88
CA GLN G 372 -52.28 55.67 -58.47
C GLN G 372 -51.87 54.22 -58.31
N THR G 373 -50.67 53.97 -57.80
CA THR G 373 -50.23 52.58 -57.60
C THR G 373 -51.10 51.78 -56.67
N GLU G 374 -51.72 52.43 -55.70
CA GLU G 374 -52.60 51.77 -54.75
C GLU G 374 -54.00 51.50 -55.29
N LEU G 375 -54.34 52.03 -56.46
CA LEU G 375 -55.67 51.86 -57.03
C LEU G 375 -55.66 51.11 -58.34
N HIS G 376 -54.67 51.38 -59.19
CA HIS G 376 -54.60 50.80 -60.51
C HIS G 376 -53.61 49.65 -60.57
N GLU G 377 -53.09 49.26 -59.41
CA GLU G 377 -52.24 48.09 -59.17
C GLU G 377 -51.00 47.97 -60.05
N GLY G 378 -50.15 48.98 -60.06
CA GLY G 378 -48.93 48.83 -60.86
C GLY G 378 -47.71 49.49 -60.24
N SER G 379 -46.72 49.85 -61.10
CA SER G 379 -45.49 50.44 -60.59
C SER G 379 -44.93 51.50 -61.57
N TYR G 380 -45.78 52.24 -62.28
CA TYR G 380 -45.30 53.21 -63.25
C TYR G 380 -44.97 54.55 -62.60
N GLU G 381 -43.92 55.21 -63.07
CA GLU G 381 -43.60 56.54 -62.56
C GLU G 381 -44.29 57.61 -63.39
N VAL G 382 -45.61 57.63 -63.27
CA VAL G 382 -46.52 58.52 -64.02
C VAL G 382 -47.43 59.30 -63.09
N ASP G 383 -47.46 60.63 -63.26
CA ASP G 383 -48.30 61.51 -62.45
C ASP G 383 -49.53 62.03 -63.20
N GLU G 384 -49.84 61.44 -64.33
CA GLU G 384 -50.96 61.78 -65.19
C GLU G 384 -51.89 60.57 -65.32
N PRO G 385 -53.04 60.68 -66.02
CA PRO G 385 -53.86 59.51 -66.35
C PRO G 385 -53.16 58.64 -67.38
N LEU G 386 -53.51 57.35 -67.43
CA LEU G 386 -52.97 56.45 -68.44
C LEU G 386 -54.04 55.97 -69.41
N LEU G 387 -53.63 55.82 -70.65
CA LEU G 387 -54.40 55.12 -71.67
C LEU G 387 -53.57 53.93 -72.12
N ARG G 388 -54.08 52.72 -71.91
CA ARG G 388 -53.34 51.51 -72.19
C ARG G 388 -53.94 50.74 -73.37
N VAL G 389 -53.11 50.34 -74.32
CA VAL G 389 -53.61 49.55 -75.44
C VAL G 389 -52.79 48.27 -75.61
N LEU G 390 -53.48 47.14 -75.62
CA LEU G 390 -52.82 45.86 -75.81
C LEU G 390 -53.31 45.20 -77.09
N PHE G 391 -52.44 44.39 -77.67
CA PHE G 391 -52.80 43.66 -78.86
C PHE G 391 -53.38 42.30 -78.54
N LYS G 392 -54.43 41.95 -79.26
CA LYS G 392 -55.08 40.66 -79.07
C LYS G 392 -54.28 39.62 -79.86
N THR G 393 -53.13 39.24 -79.31
CA THR G 393 -52.20 38.27 -79.91
C THR G 393 -52.76 36.88 -80.11
N ASN G 394 -53.92 36.62 -79.53
CA ASN G 394 -54.63 35.36 -79.68
C ASN G 394 -55.18 35.26 -81.09
N GLU G 395 -55.43 36.40 -81.72
CA GLU G 395 -56.08 36.49 -83.02
C GLU G 395 -55.08 36.81 -84.10
N LYS G 396 -55.41 36.45 -85.33
CA LYS G 396 -54.54 36.74 -86.45
C LYS G 396 -54.35 38.24 -86.67
N GLU G 397 -55.41 39.02 -86.47
CA GLU G 397 -55.32 40.46 -86.71
C GLU G 397 -54.42 41.14 -85.70
N GLY G 398 -54.52 40.73 -84.43
CA GLY G 398 -53.69 41.30 -83.39
C GLY G 398 -52.23 41.01 -83.63
N TYR G 399 -51.91 39.75 -83.90
CA TYR G 399 -50.55 39.35 -84.18
C TYR G 399 -50.00 40.09 -85.39
N ASN G 400 -50.81 40.22 -86.44
CA ASN G 400 -50.32 40.91 -87.63
C ASN G 400 -50.12 42.41 -87.41
N LEU G 401 -50.97 43.11 -86.65
CA LEU G 401 -50.65 44.53 -86.42
C LEU G 401 -49.36 44.69 -85.69
N TYR G 402 -49.11 43.82 -84.69
CA TYR G 402 -47.86 43.87 -83.97
C TYR G 402 -46.68 43.80 -84.93
N ARG G 403 -46.70 42.84 -85.86
CA ARG G 403 -45.58 42.73 -86.79
C ARG G 403 -45.46 43.94 -87.69
N LEU G 404 -46.58 44.48 -88.16
CA LEU G 404 -46.56 45.61 -89.06
C LEU G 404 -45.94 46.85 -88.41
N PHE G 405 -46.13 47.04 -87.11
CA PHE G 405 -45.59 48.22 -86.45
C PHE G 405 -44.17 48.03 -85.89
N ASN G 406 -43.54 46.87 -86.10
CA ASN G 406 -42.21 46.65 -85.52
C ASN G 406 -41.13 47.51 -86.14
N GLU G 407 -41.24 47.80 -87.43
CA GLU G 407 -40.24 48.58 -88.13
C GLU G 407 -40.72 49.90 -88.66
N ASN G 408 -42.02 50.11 -88.70
CA ASN G 408 -42.50 51.37 -89.26
C ASN G 408 -42.43 52.42 -88.16
N VAL G 409 -41.43 53.30 -88.25
CA VAL G 409 -41.18 54.34 -87.26
C VAL G 409 -42.32 55.35 -87.16
N LEU G 410 -42.71 55.65 -85.91
CA LEU G 410 -43.71 56.67 -85.55
C LEU G 410 -43.08 58.05 -85.51
N THR G 411 -43.72 59.03 -86.14
CA THR G 411 -43.15 60.38 -86.12
C THR G 411 -44.02 61.42 -85.42
N ASP G 412 -45.34 61.26 -85.43
CA ASP G 412 -46.23 62.29 -84.92
C ASP G 412 -47.47 61.72 -84.21
N LEU G 413 -47.85 62.36 -83.11
CA LEU G 413 -49.07 62.03 -82.38
C LEU G 413 -49.94 63.26 -82.13
N LYS G 414 -51.21 63.18 -82.51
CA LYS G 414 -52.14 64.27 -82.28
C LYS G 414 -53.29 63.81 -81.39
N ILE G 415 -53.65 64.62 -80.39
CA ILE G 415 -54.69 64.26 -79.44
C ILE G 415 -55.77 65.34 -79.36
N THR G 416 -57.02 64.98 -79.64
CA THR G 416 -58.12 65.94 -79.58
C THR G 416 -59.19 65.50 -78.60
N VAL G 417 -59.58 66.38 -77.69
CA VAL G 417 -60.60 66.02 -76.71
C VAL G 417 -61.76 67.02 -76.72
N GLU G 418 -62.97 66.48 -76.89
CA GLU G 418 -64.21 67.25 -76.91
C GLU G 418 -65.15 66.86 -75.79
N VAL G 419 -65.62 67.84 -75.03
CA VAL G 419 -66.49 67.59 -73.88
C VAL G 419 -67.74 68.45 -73.90
N SER G 420 -68.90 67.85 -73.63
CA SER G 420 -70.12 68.63 -73.57
C SER G 420 -71.01 68.26 -72.39
N ASP G 421 -71.97 69.15 -72.13
CA ASP G 421 -72.98 69.04 -71.07
C ASP G 421 -72.39 69.01 -69.67
N ILE G 422 -71.52 69.98 -69.39
CA ILE G 422 -70.87 70.19 -68.10
C ILE G 422 -71.73 71.09 -67.23
N THR G 423 -72.01 70.66 -66.01
CA THR G 423 -72.81 71.49 -65.11
C THR G 423 -72.10 71.86 -63.82
N SER G 424 -71.05 71.15 -63.43
CA SER G 424 -70.30 71.49 -62.21
C SER G 424 -69.35 72.66 -62.37
N VAL G 425 -69.92 73.85 -62.44
CA VAL G 425 -69.13 75.05 -62.70
C VAL G 425 -69.21 75.99 -61.51
N GLN G 426 -68.29 76.95 -61.46
CA GLN G 426 -68.26 77.93 -60.37
C GLN G 426 -68.76 79.28 -60.85
N LEU G 427 -69.69 79.87 -60.11
CA LEU G 427 -70.29 81.13 -60.54
C LEU G 427 -70.09 82.25 -59.55
N GLU G 428 -69.82 83.44 -60.07
CA GLU G 428 -69.59 84.60 -59.21
C GLU G 428 -70.23 85.88 -59.73
N ASN G 429 -70.51 86.72 -58.74
CA ASN G 429 -71.11 88.03 -58.77
C ASN G 429 -70.14 89.04 -58.24
N ASP G 430 -70.52 90.30 -58.36
CA ASP G 430 -69.74 91.32 -57.68
C ASP G 430 -69.94 91.26 -56.18
N LEU G 431 -70.95 90.54 -55.74
CA LEU G 431 -71.22 90.37 -54.33
C LEU G 431 -70.72 89.05 -53.77
N GLY G 432 -70.23 88.14 -54.59
CA GLY G 432 -69.80 86.87 -54.04
C GLY G 432 -70.17 85.64 -54.87
N VAL G 433 -70.14 84.48 -54.20
CA VAL G 433 -70.30 83.16 -54.81
C VAL G 433 -71.77 82.75 -54.92
N LEU G 434 -72.16 82.24 -56.08
CA LEU G 434 -73.52 81.82 -56.35
C LEU G 434 -73.70 80.30 -56.32
N ASN G 435 -74.91 79.87 -55.98
CA ASN G 435 -75.26 78.46 -56.02
C ASN G 435 -75.96 78.11 -57.34
N PRO G 436 -75.27 77.39 -58.24
CA PRO G 436 -75.80 77.08 -59.59
C PRO G 436 -76.97 76.12 -59.61
N GLN G 437 -77.30 75.48 -58.50
CA GLN G 437 -78.39 74.52 -58.46
C GLN G 437 -79.74 75.17 -58.18
N LYS G 438 -79.74 76.46 -57.89
CA LYS G 438 -80.94 77.19 -57.57
C LYS G 438 -80.98 78.37 -58.53
N PRO G 439 -82.16 78.90 -58.85
CA PRO G 439 -82.24 80.13 -59.65
C PRO G 439 -81.41 81.21 -58.98
N PHE G 440 -80.61 81.89 -59.78
CA PHE G 440 -79.67 82.87 -59.25
C PHE G 440 -79.74 84.15 -60.07
N PHE G 441 -79.24 85.25 -59.49
CA PHE G 441 -79.20 86.51 -60.22
C PHE G 441 -77.84 86.78 -60.77
N PRO G 442 -77.59 86.55 -62.06
CA PRO G 442 -76.36 87.04 -62.65
C PRO G 442 -76.52 88.53 -62.61
N PHE G 443 -75.41 89.22 -62.39
CA PHE G 443 -75.39 90.68 -62.27
C PHE G 443 -76.15 91.25 -61.08
N GLY G 444 -76.50 90.45 -60.08
CA GLY G 444 -77.12 90.97 -58.87
C GLY G 444 -78.64 91.09 -58.91
N PRO G 445 -79.26 91.18 -57.72
CA PRO G 445 -80.72 91.35 -57.55
C PRO G 445 -81.23 92.72 -57.95
N ARG G 446 -80.32 93.67 -58.09
CA ARG G 446 -80.62 95.05 -58.45
C ARG G 446 -79.50 95.56 -59.34
N PRO G 447 -79.46 95.12 -60.60
CA PRO G 447 -78.34 95.39 -61.51
C PRO G 447 -78.09 96.86 -61.77
N ILE G 448 -76.81 97.20 -61.90
CA ILE G 448 -76.36 98.56 -62.15
C ILE G 448 -75.39 98.54 -63.33
N LYS G 449 -75.19 99.72 -63.91
CA LYS G 449 -74.21 99.87 -64.98
C LYS G 449 -72.84 99.40 -64.49
N GLY G 450 -72.21 98.53 -65.26
CA GLY G 450 -70.91 98.02 -64.89
C GLY G 450 -70.89 96.75 -64.06
N SER G 451 -72.05 96.21 -63.65
CA SER G 451 -71.98 95.03 -62.80
C SER G 451 -71.62 93.85 -63.71
N SER G 452 -71.25 92.71 -63.12
CA SER G 452 -70.75 91.65 -63.97
C SER G 452 -71.19 90.24 -63.50
N PHE G 453 -70.88 89.27 -64.36
CA PHE G 453 -71.13 87.85 -64.12
C PHE G 453 -69.98 86.99 -64.63
N ILE G 454 -69.44 86.13 -63.78
CA ILE G 454 -68.25 85.34 -64.11
C ILE G 454 -68.47 83.83 -64.00
N VAL G 455 -68.05 83.11 -65.04
CA VAL G 455 -68.09 81.64 -65.10
C VAL G 455 -66.67 81.05 -65.08
N LYS G 456 -66.42 80.12 -64.15
CA LYS G 456 -65.10 79.46 -64.05
C LYS G 456 -65.17 77.94 -64.06
N TYR G 457 -64.20 77.31 -64.74
CA TYR G 457 -64.10 75.85 -64.75
C TYR G 457 -62.64 75.42 -64.97
N PRO G 458 -61.89 75.21 -63.87
CA PRO G 458 -60.44 74.91 -63.87
C PRO G 458 -60.00 73.75 -64.76
N GLU G 459 -60.83 72.72 -64.85
CA GLU G 459 -60.49 71.57 -65.68
C GLU G 459 -60.27 71.94 -67.12
N ALA G 460 -61.03 72.91 -67.63
CA ALA G 460 -60.82 73.31 -69.01
C ALA G 460 -59.74 74.35 -69.10
N MET G 461 -59.67 75.24 -68.11
CA MET G 461 -58.76 76.36 -68.20
C MET G 461 -57.29 75.93 -68.13
N GLU G 462 -57.00 74.80 -67.51
CA GLU G 462 -55.65 74.21 -67.49
C GLU G 462 -55.20 73.50 -68.75
N LYS G 463 -56.05 73.37 -69.76
CA LYS G 463 -55.78 72.66 -70.99
C LYS G 463 -55.63 73.64 -72.16
N PRO G 464 -54.98 73.21 -73.27
CA PRO G 464 -54.89 74.04 -74.49
C PRO G 464 -56.19 74.11 -75.25
N VAL G 465 -57.13 74.84 -74.65
CA VAL G 465 -58.50 75.00 -75.12
C VAL G 465 -58.52 75.88 -76.36
N THR G 466 -59.21 75.40 -77.39
CA THR G 466 -59.38 76.12 -78.63
C THR G 466 -60.77 76.73 -78.71
N ALA G 467 -61.72 76.18 -77.99
CA ALA G 467 -63.05 76.75 -77.99
C ALA G 467 -63.77 76.43 -76.70
N ILE G 468 -64.69 77.31 -76.31
CA ILE G 468 -65.47 77.13 -75.08
C ILE G 468 -66.75 77.97 -75.16
N SER G 469 -67.85 77.44 -74.62
CA SER G 469 -69.10 78.20 -74.68
C SER G 469 -70.10 77.78 -73.60
N TYR G 470 -71.11 78.63 -73.39
CA TYR G 470 -72.19 78.26 -72.46
C TYR G 470 -73.55 78.83 -72.83
N GLN G 471 -74.60 78.23 -72.22
CA GLN G 471 -75.99 78.58 -72.41
C GLN G 471 -76.73 78.81 -71.08
N MET G 472 -77.73 79.71 -71.07
CA MET G 472 -78.57 79.96 -69.88
C MET G 472 -80.05 80.20 -70.22
N ASP G 473 -80.96 79.89 -69.28
CA ASP G 473 -82.39 80.22 -69.41
C ASP G 473 -82.81 81.34 -68.44
N TYR G 474 -83.80 82.15 -68.81
CA TYR G 474 -84.33 83.15 -67.87
C TYR G 474 -85.70 82.70 -67.33
N LEU G 475 -86.07 83.17 -66.13
CA LEU G 475 -87.27 82.63 -65.45
C LEU G 475 -88.58 83.41 -65.60
N ASN G 476 -88.63 84.67 -65.18
CA ASN G 476 -89.91 85.38 -65.09
C ASN G 476 -89.91 86.63 -65.96
N LEU G 477 -89.32 86.48 -67.11
CA LEU G 477 -89.17 87.55 -68.04
C LEU G 477 -90.56 87.97 -68.57
N PRO G 478 -90.83 89.29 -68.67
CA PRO G 478 -92.08 89.84 -69.22
C PRO G 478 -92.32 89.46 -70.65
N GLU G 479 -93.59 89.48 -71.06
CA GLU G 479 -93.95 89.11 -72.43
C GLU G 479 -93.23 89.95 -73.48
N ASN G 480 -92.94 91.22 -73.16
CA ASN G 480 -92.21 92.09 -74.07
C ASN G 480 -91.43 93.10 -73.22
N LEU G 481 -90.11 92.93 -73.22
CA LEU G 481 -89.23 93.77 -72.40
C LEU G 481 -89.23 95.22 -72.81
N VAL G 482 -89.55 95.52 -74.06
CA VAL G 482 -89.55 96.91 -74.49
C VAL G 482 -90.84 97.56 -74.05
N ASN G 483 -91.97 96.89 -74.26
CA ASN G 483 -93.25 97.44 -73.83
C ASN G 483 -93.31 97.61 -72.32
N HIS G 484 -92.60 96.74 -71.59
CA HIS G 484 -92.54 96.78 -70.13
C HIS G 484 -92.11 98.13 -69.59
N TYR G 485 -91.26 98.86 -70.31
CA TYR G 485 -90.73 100.14 -69.86
C TYR G 485 -91.33 101.33 -70.60
N SER G 486 -92.52 101.19 -71.16
CA SER G 486 -93.14 102.28 -71.92
C SER G 486 -93.44 103.52 -71.09
N ALA G 487 -93.52 103.38 -69.77
CA ALA G 487 -93.80 104.49 -68.87
C ALA G 487 -92.57 105.30 -68.51
N TYR G 488 -91.40 104.88 -68.97
CA TYR G 488 -90.13 105.50 -68.58
C TYR G 488 -89.60 106.31 -69.76
N THR G 489 -89.96 107.59 -69.82
CA THR G 489 -89.64 108.42 -70.97
C THR G 489 -88.94 109.71 -70.54
N ILE G 490 -88.26 110.34 -71.49
CA ILE G 490 -87.60 111.61 -71.25
C ILE G 490 -87.88 112.63 -72.35
N GLY G 491 -87.59 113.89 -72.06
CA GLY G 491 -87.77 114.94 -73.05
C GLY G 491 -89.22 115.02 -73.50
N ASP G 492 -89.46 115.01 -74.81
CA ASP G 492 -90.83 115.05 -75.31
C ASP G 492 -91.41 113.63 -75.42
N ASP G 493 -91.54 113.02 -74.24
CA ASP G 493 -92.09 111.69 -74.05
C ASP G 493 -91.40 110.62 -74.93
N GLU G 494 -90.07 110.65 -74.99
CA GLU G 494 -89.36 109.67 -75.80
C GLU G 494 -88.83 108.53 -74.94
N PRO G 495 -89.17 107.27 -75.24
CA PRO G 495 -88.78 106.11 -74.43
C PRO G 495 -87.28 105.94 -74.23
N LEU G 496 -86.89 105.64 -72.98
CA LEU G 496 -85.49 105.33 -72.70
C LEU G 496 -85.09 104.03 -73.39
N VAL G 497 -85.98 103.06 -73.39
CA VAL G 497 -85.75 101.77 -74.01
C VAL G 497 -86.49 101.78 -75.32
N SER G 498 -85.77 101.96 -76.43
CA SER G 498 -86.46 102.10 -77.69
C SER G 498 -86.56 100.73 -78.36
N ASP G 499 -85.59 99.83 -78.07
CA ASP G 499 -85.58 98.50 -78.66
C ASP G 499 -84.65 97.61 -77.82
N MET G 500 -84.53 96.34 -78.21
CA MET G 500 -83.75 95.32 -77.53
C MET G 500 -82.26 95.62 -77.44
N ASP G 501 -81.71 96.44 -78.35
CA ASP G 501 -80.30 96.84 -78.32
C ASP G 501 -79.93 97.55 -77.03
N TYR G 502 -80.94 98.09 -76.34
CA TYR G 502 -80.74 98.71 -75.05
C TYR G 502 -80.00 97.80 -74.10
N PHE G 503 -80.32 96.51 -74.11
CA PHE G 503 -79.78 95.53 -73.17
C PHE G 503 -78.59 94.81 -73.80
N SER G 504 -77.37 95.30 -73.58
CA SER G 504 -76.15 94.76 -74.20
C SER G 504 -75.01 94.52 -73.22
N VAL G 505 -74.02 93.71 -73.61
CA VAL G 505 -72.89 93.42 -72.74
C VAL G 505 -71.51 93.47 -73.42
N LYS G 506 -70.49 93.57 -72.56
CA LYS G 506 -69.09 93.44 -72.98
C LYS G 506 -68.54 92.09 -72.55
N SER G 507 -67.92 91.41 -73.49
CA SER G 507 -67.22 90.15 -73.25
C SER G 507 -65.73 90.35 -73.24
N PHE G 508 -65.15 90.17 -72.11
CA PHE G 508 -63.71 90.41 -71.99
C PHE G 508 -62.80 89.41 -72.67
N PRO G 509 -63.15 88.12 -72.74
CA PRO G 509 -62.41 87.18 -73.58
C PRO G 509 -62.72 87.29 -75.06
N LYS G 510 -63.44 88.33 -75.49
CA LYS G 510 -63.74 88.66 -76.88
C LYS G 510 -64.65 87.63 -77.55
N SER G 511 -65.91 87.62 -77.16
CA SER G 511 -66.92 86.71 -77.72
C SER G 511 -67.05 86.79 -79.23
N SER G 512 -67.37 85.64 -79.82
CA SER G 512 -67.47 85.46 -81.26
C SER G 512 -68.90 85.68 -81.74
N ASN G 513 -69.81 86.02 -80.83
CA ASN G 513 -71.19 86.24 -81.19
C ASN G 513 -71.30 87.45 -82.12
N ASP G 514 -72.36 87.46 -82.92
CA ASP G 514 -72.60 88.48 -83.95
C ASP G 514 -72.96 89.87 -83.43
N SER G 515 -73.37 89.99 -82.16
CA SER G 515 -73.72 91.28 -81.59
C SER G 515 -73.50 91.20 -80.10
N ASP G 516 -73.67 92.34 -79.43
CA ASP G 516 -73.46 92.37 -77.99
C ASP G 516 -74.78 92.21 -77.24
N GLN G 517 -75.87 91.94 -77.95
CA GLN G 517 -77.18 91.88 -77.31
C GLN G 517 -77.26 90.76 -76.28
N LEU G 518 -77.80 91.09 -75.10
CA LEU G 518 -77.85 90.17 -73.97
C LEU G 518 -78.86 89.03 -74.17
N PHE G 519 -80.03 89.30 -74.72
CA PHE G 519 -81.04 88.27 -74.86
C PHE G 519 -81.16 87.85 -76.31
N SER G 520 -81.30 86.56 -76.55
CA SER G 520 -81.50 86.05 -77.90
C SER G 520 -82.85 85.35 -77.90
N GLU G 521 -83.53 85.44 -79.03
CA GLU G 521 -84.89 84.95 -79.12
C GLU G 521 -84.85 83.44 -78.92
N LYS G 522 -85.78 82.92 -78.14
CA LYS G 522 -85.82 81.48 -77.93
C LYS G 522 -86.76 80.91 -78.97
N SER G 523 -86.37 79.81 -79.60
CA SER G 523 -87.22 79.23 -80.65
C SER G 523 -88.65 78.96 -80.17
N GLY G 524 -88.83 78.85 -78.86
CA GLY G 524 -90.08 78.77 -78.16
C GLY G 524 -90.39 80.13 -77.56
N GLY G 525 -91.05 80.17 -76.42
CA GLY G 525 -91.30 81.48 -75.83
C GLY G 525 -90.16 81.90 -74.93
N GLY G 526 -90.08 83.20 -74.66
CA GLY G 526 -89.08 83.71 -73.73
C GLY G 526 -87.70 83.86 -74.33
N TYR G 527 -86.73 84.02 -73.43
CA TYR G 527 -85.37 84.28 -73.84
C TYR G 527 -84.40 83.40 -73.08
N GLU G 528 -83.26 83.22 -73.73
CA GLU G 528 -82.10 82.51 -73.29
C GLU G 528 -80.91 83.40 -73.59
N SER G 529 -79.72 82.95 -73.21
CA SER G 529 -78.53 83.70 -73.60
C SER G 529 -77.54 82.68 -74.14
N ASP G 530 -76.57 83.17 -74.93
CA ASP G 530 -75.64 82.28 -75.63
C ASP G 530 -74.29 83.00 -75.74
N PHE G 531 -73.23 82.42 -75.20
CA PHE G 531 -71.92 83.05 -75.34
C PHE G 531 -70.86 82.08 -75.83
N GLU G 532 -70.37 82.33 -77.02
CA GLU G 532 -69.34 81.55 -77.70
C GLU G 532 -67.99 82.23 -77.76
N PHE G 533 -66.95 81.53 -77.33
CA PHE G 533 -65.61 82.07 -77.36
C PHE G 533 -64.68 81.18 -78.18
N GLN G 534 -63.71 81.80 -78.84
CA GLN G 534 -62.74 81.07 -79.66
C GLN G 534 -61.32 81.54 -79.37
N ILE G 535 -60.37 80.61 -79.36
CA ILE G 535 -58.97 80.93 -79.13
C ILE G 535 -58.20 80.44 -80.35
N GLU G 536 -57.68 81.38 -81.14
CA GLU G 536 -57.21 81.07 -82.49
C GLU G 536 -56.13 80.01 -82.61
N ASN G 537 -55.17 79.99 -81.69
CA ASN G 537 -54.13 78.98 -81.74
C ASN G 537 -54.05 78.18 -80.46
N GLY G 538 -55.14 78.14 -79.70
CA GLY G 538 -55.12 77.45 -78.43
C GLY G 538 -54.35 78.16 -77.34
N VAL G 539 -53.90 79.39 -77.58
CA VAL G 539 -53.09 80.12 -76.62
C VAL G 539 -53.92 81.23 -75.98
N TRP G 540 -54.06 81.13 -74.67
CA TRP G 540 -54.83 82.10 -73.91
C TRP G 540 -54.15 83.46 -73.95
N GLU G 541 -54.91 84.51 -74.27
CA GLU G 541 -54.36 85.85 -74.35
C GLU G 541 -53.78 86.34 -73.04
N SER G 542 -52.54 86.83 -73.10
CA SER G 542 -51.85 87.23 -71.89
C SER G 542 -52.59 88.42 -71.28
N GLY G 543 -52.74 88.38 -69.96
CA GLY G 543 -53.46 89.41 -69.24
C GLY G 543 -54.88 89.04 -68.87
N LEU G 544 -55.47 88.05 -69.53
CA LEU G 544 -56.80 87.62 -69.12
C LEU G 544 -56.64 86.60 -68.00
N LYS G 545 -57.65 86.48 -67.14
CA LYS G 545 -57.52 85.68 -65.92
C LYS G 545 -58.02 84.23 -65.98
N LYS G 546 -58.27 83.66 -67.16
CA LYS G 546 -58.76 82.28 -67.28
C LYS G 546 -60.11 82.11 -66.60
N GLU G 547 -61.02 83.01 -66.96
CA GLU G 547 -62.39 83.05 -66.51
C GLU G 547 -63.18 83.68 -67.64
N LEU G 548 -64.46 83.38 -67.73
CA LEU G 548 -65.28 84.02 -68.75
C LEU G 548 -66.13 85.13 -68.11
N LYS G 549 -65.87 86.38 -68.49
CA LYS G 549 -66.50 87.54 -67.85
C LYS G 549 -67.37 88.37 -68.79
N ILE G 550 -68.60 88.64 -68.34
CA ILE G 550 -69.61 89.46 -69.02
C ILE G 550 -69.99 90.67 -68.16
N SER G 551 -70.00 91.90 -68.74
CA SER G 551 -70.42 93.09 -67.99
C SER G 551 -71.54 93.89 -68.66
N LEU G 552 -72.41 94.55 -67.87
CA LEU G 552 -73.54 95.33 -68.41
C LEU G 552 -73.16 96.74 -68.86
N GLU G 553 -73.54 97.07 -70.10
CA GLU G 553 -73.40 98.43 -70.64
C GLU G 553 -74.38 99.45 -70.01
N ARG G 554 -75.63 99.06 -69.77
CA ARG G 554 -76.68 99.92 -69.26
C ARG G 554 -77.50 99.20 -68.20
N SER G 555 -77.99 99.95 -67.23
CA SER G 555 -78.78 99.40 -66.14
C SER G 555 -80.21 99.09 -66.56
N PHE G 556 -80.92 98.44 -65.65
CA PHE G 556 -82.32 98.10 -65.86
C PHE G 556 -83.27 99.11 -65.23
N LEU G 557 -82.76 100.30 -64.87
CA LEU G 557 -83.53 101.46 -64.40
C LEU G 557 -84.16 101.29 -63.03
N HIS G 558 -83.55 100.54 -62.11
CA HIS G 558 -84.11 100.37 -60.77
C HIS G 558 -84.13 101.70 -60.04
N GLU G 559 -83.11 102.51 -60.28
CA GLU G 559 -82.92 103.82 -59.69
C GLU G 559 -83.94 104.88 -60.14
N LYS G 560 -84.78 104.59 -61.13
CA LYS G 560 -85.75 105.58 -61.59
C LYS G 560 -87.19 105.27 -61.22
N TYR G 561 -87.48 104.09 -60.67
CA TYR G 561 -88.87 103.70 -60.47
C TYR G 561 -89.63 104.69 -59.60
N ALA G 562 -89.03 105.10 -58.49
CA ALA G 562 -89.70 106.00 -57.56
C ALA G 562 -90.05 107.34 -58.17
N HIS G 563 -89.14 107.86 -59.00
CA HIS G 563 -89.31 109.14 -59.68
C HIS G 563 -90.45 109.14 -60.68
N TYR G 564 -90.57 108.10 -61.48
CA TYR G 564 -91.63 108.07 -62.48
C TYR G 564 -92.96 107.76 -61.83
N PHE G 565 -92.96 106.89 -60.83
CA PHE G 565 -94.18 106.55 -60.14
C PHE G 565 -94.82 107.79 -59.54
N THR G 566 -93.99 108.59 -58.86
CA THR G 566 -94.44 109.81 -58.21
C THR G 566 -95.04 110.78 -59.21
N LEU G 567 -94.35 111.02 -60.33
CA LEU G 567 -94.80 112.02 -61.29
C LEU G 567 -96.15 111.67 -61.88
N VAL G 568 -96.40 110.40 -62.15
CA VAL G 568 -97.70 110.04 -62.69
C VAL G 568 -98.77 110.29 -61.64
N ALA G 569 -98.50 109.84 -60.42
CA ALA G 569 -99.46 109.91 -59.33
C ALA G 569 -99.87 111.33 -58.99
N ILE G 570 -98.98 112.31 -59.12
CA ILE G 570 -99.31 113.68 -58.73
C ILE G 570 -99.64 114.57 -59.92
N SER G 571 -99.85 114.00 -61.11
CA SER G 571 -100.16 114.82 -62.26
C SER G 571 -101.47 115.56 -62.08
N LYS G 572 -101.49 116.81 -62.51
CA LYS G 572 -102.70 117.61 -62.48
C LYS G 572 -103.31 117.70 -63.86
N ASP G 573 -102.67 117.10 -64.84
CA ASP G 573 -103.18 117.16 -66.21
C ASP G 573 -104.03 115.97 -66.55
N THR G 574 -103.71 114.81 -65.99
CA THR G 574 -104.40 113.58 -66.32
C THR G 574 -104.82 112.85 -65.06
N ASP G 575 -105.83 112.00 -65.21
CA ASP G 575 -106.24 111.11 -64.15
C ASP G 575 -105.42 109.84 -64.30
N PRO G 576 -104.64 109.44 -63.28
CA PRO G 576 -103.84 108.22 -63.34
C PRO G 576 -104.72 107.01 -63.54
N THR G 577 -104.26 106.09 -64.36
CA THR G 577 -104.89 104.81 -64.61
C THR G 577 -103.80 103.76 -64.45
N ILE G 578 -104.16 102.49 -64.38
CA ILE G 578 -103.12 101.47 -64.17
C ILE G 578 -102.14 101.43 -65.35
N GLU G 579 -102.61 101.74 -66.55
CA GLU G 579 -101.79 101.71 -67.75
C GLU G 579 -100.75 102.81 -67.79
N LEU G 580 -100.87 103.81 -66.94
CA LEU G 580 -99.92 104.92 -66.94
C LEU G 580 -98.87 104.78 -65.86
N LEU G 581 -99.00 103.82 -64.98
CA LEU G 581 -98.02 103.71 -63.93
C LEU G 581 -96.89 102.80 -64.41
N PRO G 582 -95.67 103.10 -63.98
CA PRO G 582 -94.54 102.26 -64.35
C PRO G 582 -94.61 100.90 -63.70
N ASN G 583 -94.12 99.91 -64.42
CA ASN G 583 -93.99 98.57 -63.91
C ASN G 583 -92.68 98.48 -63.16
N GLU G 584 -92.61 97.56 -62.21
CA GLU G 584 -91.37 97.34 -61.49
C GLU G 584 -90.29 96.90 -62.47
N PRO G 585 -89.11 97.49 -62.39
CA PRO G 585 -87.96 97.13 -63.20
C PRO G 585 -87.59 95.66 -63.05
N TYR G 586 -87.15 95.06 -64.15
CA TYR G 586 -86.80 93.64 -64.18
C TYR G 586 -85.40 93.36 -63.63
N ALA G 587 -85.30 92.28 -62.86
CA ALA G 587 -84.02 91.74 -62.44
C ALA G 587 -83.88 90.37 -63.08
N PRO G 588 -82.87 90.15 -63.91
CA PRO G 588 -82.73 88.95 -64.77
C PRO G 588 -82.33 87.66 -64.08
N LEU G 589 -83.26 87.10 -63.29
CA LEU G 589 -83.11 85.80 -62.62
C LEU G 589 -82.97 84.66 -63.63
N ALA G 590 -82.01 83.74 -63.39
CA ALA G 590 -81.70 82.70 -64.39
C ALA G 590 -81.39 81.32 -63.81
N GLU G 591 -81.39 80.30 -64.69
CA GLU G 591 -81.13 78.91 -64.31
C GLU G 591 -80.59 78.06 -65.48
N ASN G 592 -80.26 76.80 -65.16
CA ASN G 592 -79.81 75.77 -66.11
C ASN G 592 -78.55 76.12 -66.91
N LEU G 593 -77.54 76.66 -66.25
CA LEU G 593 -76.31 76.96 -66.98
C LEU G 593 -75.58 75.69 -67.39
N VAL G 594 -75.27 75.56 -68.68
CA VAL G 594 -74.55 74.43 -69.27
C VAL G 594 -73.32 74.86 -70.05
N LEU G 595 -72.16 74.24 -69.76
CA LEU G 595 -70.86 74.54 -70.36
C LEU G 595 -70.34 73.42 -71.29
N GLY G 596 -69.59 73.79 -72.34
CA GLY G 596 -68.87 72.81 -73.17
C GLY G 596 -67.54 73.34 -73.71
N TYR G 597 -66.59 72.44 -74.07
CA TYR G 597 -65.29 72.90 -74.58
C TYR G 597 -64.54 71.88 -75.46
N THR G 598 -63.51 72.38 -76.18
CA THR G 598 -62.58 71.58 -76.98
C THR G 598 -61.12 72.00 -76.76
N ALA G 599 -60.21 71.01 -76.59
CA ALA G 599 -58.77 71.27 -76.45
C ALA G 599 -57.94 70.33 -77.31
N ILE G 600 -56.80 70.83 -77.84
CA ILE G 600 -55.95 70.07 -78.78
C ILE G 600 -54.45 70.16 -78.48
N SER G 601 -53.78 69.00 -78.49
CA SER G 601 -52.33 68.89 -78.41
C SER G 601 -51.76 68.18 -79.63
N SER G 602 -50.56 68.60 -80.08
CA SER G 602 -49.93 67.98 -81.25
C SER G 602 -48.43 67.89 -81.10
N ILE G 603 -47.89 66.66 -81.18
CA ILE G 603 -46.48 66.41 -80.86
C ILE G 603 -45.69 65.78 -82.01
N ASP G 604 -44.64 66.51 -82.44
CA ASP G 604 -43.64 66.04 -83.39
C ASP G 604 -42.50 65.47 -82.57
N PHE G 605 -42.34 64.15 -82.62
CA PHE G 605 -41.37 63.52 -81.76
C PHE G 605 -39.93 63.85 -82.14
N SER G 606 -39.71 64.34 -83.35
CA SER G 606 -38.38 64.65 -83.83
C SER G 606 -38.04 66.12 -83.70
N SER G 607 -38.94 66.95 -83.19
CA SER G 607 -38.64 68.37 -83.26
C SER G 607 -38.17 68.88 -81.91
N SER G 608 -37.04 69.54 -81.95
CA SER G 608 -36.54 70.34 -80.87
C SER G 608 -37.38 71.58 -80.74
N SER G 609 -37.21 72.28 -79.63
CA SER G 609 -37.85 73.57 -79.40
C SER G 609 -39.38 73.44 -79.52
N SER G 610 -39.93 72.37 -78.95
CA SER G 610 -41.35 72.10 -79.02
C SER G 610 -41.79 71.44 -77.73
N GLU G 611 -43.00 71.79 -77.30
CA GLU G 611 -43.52 71.26 -76.04
C GLU G 611 -44.06 69.86 -76.23
N ASN G 612 -43.15 68.91 -76.35
CA ASN G 612 -43.53 67.52 -76.56
C ASN G 612 -43.94 66.90 -75.23
N GLN G 613 -45.10 67.34 -74.74
CA GLN G 613 -45.55 66.99 -73.39
C GLN G 613 -46.36 65.70 -73.37
N VAL G 614 -45.67 64.58 -73.60
CA VAL G 614 -46.33 63.26 -73.55
C VAL G 614 -45.33 62.23 -73.05
N SER G 615 -45.84 61.22 -72.34
CA SER G 615 -44.97 60.15 -71.90
C SER G 615 -45.36 58.85 -72.60
N LEU G 616 -44.36 58.12 -73.10
CA LEU G 616 -44.60 56.89 -73.82
C LEU G 616 -43.96 55.68 -73.10
N ILE G 617 -44.75 54.64 -72.90
CA ILE G 617 -44.30 53.42 -72.23
C ILE G 617 -44.60 52.16 -73.07
N HIS G 618 -43.64 51.24 -73.16
CA HIS G 618 -43.86 49.96 -73.83
C HIS G 618 -44.21 48.85 -72.84
N GLU G 619 -45.19 48.04 -73.21
CA GLU G 619 -45.62 46.90 -72.41
C GLU G 619 -44.99 45.62 -72.94
N MET G 620 -44.36 44.88 -72.04
CA MET G 620 -43.61 43.68 -72.38
C MET G 620 -44.15 42.49 -71.62
N PRO G 621 -43.93 41.26 -72.13
CA PRO G 621 -44.42 40.03 -71.48
C PRO G 621 -44.16 39.93 -69.99
N PHE G 622 -43.04 40.42 -69.50
CA PHE G 622 -42.80 40.31 -68.08
C PHE G 622 -42.40 41.65 -67.45
N GLY G 623 -42.95 42.76 -67.91
CA GLY G 623 -42.55 44.06 -67.36
C GLY G 623 -42.87 45.19 -68.33
N PHE G 624 -42.13 46.29 -68.19
CA PHE G 624 -42.38 47.46 -69.05
C PHE G 624 -41.12 48.29 -69.21
N GLN G 625 -41.17 49.25 -70.13
CA GLN G 625 -40.07 50.19 -70.28
C GLN G 625 -40.52 51.59 -70.64
N GLN G 626 -39.96 52.58 -69.95
CA GLN G 626 -40.20 53.97 -70.31
C GLN G 626 -39.40 54.29 -71.55
N VAL G 627 -40.05 54.83 -72.57
CA VAL G 627 -39.38 55.08 -73.83
C VAL G 627 -39.14 56.57 -74.06
N PHE G 628 -40.17 57.38 -73.89
CA PHE G 628 -40.10 58.81 -74.21
C PHE G 628 -40.63 59.61 -73.03
N THR G 629 -39.88 60.62 -72.57
CA THR G 629 -40.42 61.36 -71.43
C THR G 629 -40.77 62.76 -71.95
N PRO G 630 -41.63 63.52 -71.26
CA PRO G 630 -41.99 64.88 -71.69
C PRO G 630 -40.77 65.76 -71.85
N GLY G 631 -40.70 66.46 -72.98
CA GLY G 631 -39.59 67.32 -73.29
C GLY G 631 -38.54 66.69 -74.19
N ASP G 632 -38.58 65.37 -74.36
CA ASP G 632 -37.61 64.66 -75.19
C ASP G 632 -37.86 64.82 -76.67
N THR G 633 -36.83 64.52 -77.44
CA THR G 633 -36.83 64.34 -78.88
C THR G 633 -36.18 63.02 -79.24
N ASP G 634 -36.50 62.50 -80.42
CA ASP G 634 -35.89 61.25 -80.90
C ASP G 634 -35.97 61.21 -82.41
N ASN G 635 -35.42 60.17 -83.00
CA ASN G 635 -35.47 60.03 -84.43
C ASN G 635 -36.09 58.71 -84.79
N SER G 636 -36.19 57.80 -83.83
CA SER G 636 -36.73 56.47 -84.08
C SER G 636 -37.50 55.91 -82.90
N LEU G 637 -38.80 56.03 -82.97
CA LEU G 637 -39.69 55.50 -81.96
C LEU G 637 -40.64 54.53 -82.61
N TYR G 638 -41.04 53.55 -81.84
CA TYR G 638 -41.98 52.56 -82.31
C TYR G 638 -43.06 52.43 -81.26
N LEU G 639 -44.24 51.99 -81.67
CA LEU G 639 -45.29 51.76 -80.71
C LEU G 639 -45.11 50.48 -79.93
N VAL G 640 -44.29 49.55 -80.41
CA VAL G 640 -44.21 48.24 -79.79
C VAL G 640 -42.75 47.82 -79.61
N PRO G 641 -42.49 46.93 -78.62
CA PRO G 641 -41.19 46.24 -78.47
C PRO G 641 -40.89 45.37 -79.68
N ASP G 642 -39.62 45.18 -80.01
CA ASP G 642 -39.24 44.33 -81.15
C ASP G 642 -38.76 42.95 -80.72
N TYR G 643 -39.56 41.91 -80.96
CA TYR G 643 -39.14 40.55 -80.66
C TYR G 643 -38.88 39.77 -81.94
N CYS G 644 -37.64 39.28 -82.09
CA CYS G 644 -37.24 38.64 -83.32
C CYS G 644 -37.53 37.15 -83.18
N HIS G 645 -37.41 36.44 -84.29
CA HIS G 645 -37.64 35.00 -84.30
C HIS G 645 -36.68 34.25 -83.38
N GLY G 646 -37.23 33.30 -82.61
CA GLY G 646 -36.40 32.46 -81.75
C GLY G 646 -36.94 32.30 -80.34
N GLY G 647 -36.12 31.71 -79.48
CA GLY G 647 -36.49 31.41 -78.11
C GLY G 647 -35.54 31.97 -77.09
N GLU G 648 -36.07 32.27 -75.90
CA GLU G 648 -35.29 32.89 -74.84
C GLU G 648 -35.61 32.29 -73.47
N LEU G 649 -34.57 32.07 -72.67
CA LEU G 649 -34.70 31.59 -71.29
C LEU G 649 -34.03 32.55 -70.33
N TYR G 650 -34.77 33.00 -69.33
CA TYR G 650 -34.30 33.97 -68.36
C TYR G 650 -34.08 33.33 -67.00
N ILE G 651 -32.92 33.56 -66.43
CA ILE G 651 -32.57 33.03 -65.12
C ILE G 651 -32.30 34.18 -64.16
N GLY G 652 -33.09 34.28 -63.09
CA GLY G 652 -32.89 35.32 -62.09
C GLY G 652 -32.13 34.79 -60.88
N LEU G 653 -31.11 35.52 -60.45
CA LEU G 653 -30.30 35.08 -59.32
C LEU G 653 -30.45 35.97 -58.10
N GLU G 654 -30.56 35.34 -56.92
CA GLU G 654 -30.70 36.02 -55.65
C GLU G 654 -29.42 36.06 -54.84
N ASN G 655 -29.21 37.20 -54.18
CA ASN G 655 -28.19 37.43 -53.16
C ASN G 655 -26.74 37.35 -53.63
N GLY G 656 -26.45 37.64 -54.89
CA GLY G 656 -25.08 37.65 -55.34
C GLY G 656 -24.47 39.01 -55.12
N LYS G 657 -23.22 39.16 -55.57
CA LYS G 657 -22.49 40.42 -55.48
C LYS G 657 -21.81 40.63 -56.81
N ASN G 658 -21.48 41.87 -57.13
CA ASN G 658 -21.01 42.19 -58.49
C ASN G 658 -19.62 41.69 -58.86
N LEU G 659 -18.87 41.03 -57.97
CA LEU G 659 -17.60 40.46 -58.40
C LEU G 659 -17.44 39.00 -58.00
N GLN G 660 -18.51 38.30 -57.65
CA GLN G 660 -18.40 36.92 -57.21
C GLN G 660 -18.61 35.92 -58.33
N GLN G 661 -18.11 34.70 -58.10
CA GLN G 661 -18.31 33.61 -59.05
C GLN G 661 -19.55 32.80 -58.73
N VAL G 662 -20.19 32.33 -59.79
CA VAL G 662 -21.39 31.52 -59.69
C VAL G 662 -21.18 30.23 -60.45
N THR G 663 -21.45 29.11 -59.81
CA THR G 663 -21.36 27.81 -60.47
C THR G 663 -22.73 27.18 -60.55
N LEU G 664 -23.19 26.87 -61.75
CA LEU G 664 -24.52 26.31 -61.95
C LEU G 664 -24.49 24.92 -62.58
N LEU G 665 -25.30 24.03 -62.03
CA LEU G 665 -25.49 22.70 -62.56
C LEU G 665 -26.77 22.64 -63.36
N LEU G 666 -26.68 22.24 -64.61
CA LEU G 666 -27.84 22.05 -65.45
C LEU G 666 -28.07 20.56 -65.58
N GLN G 667 -29.16 20.06 -65.03
CA GLN G 667 -29.45 18.65 -65.10
C GLN G 667 -30.51 18.41 -66.15
N PHE G 668 -30.13 17.71 -67.20
CA PHE G 668 -31.00 17.40 -68.32
C PHE G 668 -31.44 15.96 -68.26
N LEU G 669 -32.54 15.70 -68.93
CA LEU G 669 -32.94 14.33 -69.17
C LEU G 669 -32.40 13.95 -70.53
N GLU G 670 -31.28 13.27 -70.53
CA GLU G 670 -30.55 13.01 -71.75
C GLU G 670 -31.29 12.05 -72.66
N GLY G 671 -31.32 12.40 -73.94
CA GLY G 671 -32.03 11.67 -74.98
C GLY G 671 -33.40 12.24 -75.28
N SER G 672 -33.97 13.03 -74.38
CA SER G 672 -35.29 13.63 -74.61
C SER G 672 -35.28 14.85 -75.50
N GLU G 673 -35.10 14.58 -76.79
CA GLU G 673 -35.04 15.57 -77.86
C GLU G 673 -35.76 14.97 -79.06
N ASN G 674 -36.11 15.80 -80.03
CA ASN G 674 -36.78 15.29 -81.24
C ASN G 674 -35.74 14.83 -82.26
N PRO G 675 -35.72 13.53 -82.59
CA PRO G 675 -34.74 12.95 -83.49
C PRO G 675 -34.97 13.25 -84.96
N ASP G 676 -36.07 13.89 -85.32
CA ASP G 676 -36.44 14.08 -86.71
C ASP G 676 -36.43 15.54 -87.12
N ILE G 677 -35.32 16.23 -86.84
CA ILE G 677 -35.11 17.61 -87.22
C ILE G 677 -33.80 17.70 -87.98
N THR G 678 -33.79 18.46 -89.07
CA THR G 678 -32.58 18.60 -89.86
C THR G 678 -31.68 19.77 -89.47
N ASP G 679 -32.24 20.80 -88.82
CA ASP G 679 -31.45 21.93 -88.33
C ASP G 679 -30.99 21.62 -86.93
N ILE G 680 -29.73 21.20 -86.77
CA ILE G 680 -29.29 20.69 -85.48
C ILE G 680 -28.00 21.25 -84.90
N PHE G 681 -27.66 22.53 -85.16
CA PHE G 681 -26.41 23.14 -84.67
C PHE G 681 -25.18 22.48 -85.28
N THR G 682 -25.07 22.56 -86.59
CA THR G 682 -23.91 22.02 -87.25
C THR G 682 -22.75 23.00 -87.14
N GLY G 683 -21.56 22.54 -87.54
CA GLY G 683 -20.38 23.39 -87.50
C GLY G 683 -20.04 23.82 -86.09
N ASN G 684 -19.86 25.12 -85.91
CA ASN G 684 -19.51 25.69 -84.61
C ASN G 684 -20.64 26.52 -84.00
N GLN G 685 -21.88 26.20 -84.32
CA GLN G 685 -23.00 26.91 -83.75
C GLN G 685 -23.23 26.48 -82.29
N LYS G 686 -23.78 27.39 -81.48
CA LYS G 686 -24.04 27.10 -80.07
C LYS G 686 -25.04 28.10 -79.49
N ILE G 687 -25.44 27.87 -78.23
CA ILE G 687 -26.38 28.73 -77.52
C ILE G 687 -25.65 29.96 -76.98
N LYS G 688 -26.24 31.14 -77.17
CA LYS G 688 -25.65 32.43 -76.78
C LYS G 688 -26.06 32.86 -75.37
N TRP G 689 -25.15 33.53 -74.64
CA TRP G 689 -25.44 34.05 -73.32
C TRP G 689 -25.19 35.57 -73.19
N GLN G 690 -26.09 36.26 -72.43
CA GLN G 690 -26.03 37.71 -72.16
C GLN G 690 -26.47 38.05 -70.73
N TYR G 691 -26.11 39.26 -70.25
CA TYR G 691 -26.58 39.71 -68.94
C TYR G 691 -27.30 41.05 -69.04
N LEU G 692 -28.09 41.39 -68.04
CA LEU G 692 -28.88 42.62 -68.02
C LEU G 692 -28.23 43.76 -67.24
N SER G 693 -28.21 44.95 -67.85
CA SER G 693 -27.69 46.16 -67.22
C SER G 693 -28.44 47.39 -67.70
N GLN G 694 -29.09 48.11 -66.78
CA GLN G 694 -29.85 49.33 -67.08
C GLN G 694 -30.89 49.12 -68.17
N ASN G 695 -31.64 48.03 -68.07
CA ASN G 695 -32.65 47.58 -69.03
C ASN G 695 -32.09 47.20 -70.41
N GLN G 696 -30.78 47.07 -70.58
CA GLN G 696 -30.19 46.63 -71.84
C GLN G 696 -29.55 45.25 -71.71
N TRP G 697 -29.57 44.48 -72.78
CA TRP G 697 -28.84 43.22 -72.74
C TRP G 697 -27.44 43.41 -73.28
N GLN G 698 -26.46 42.83 -72.58
CA GLN G 698 -25.07 43.01 -72.96
C GLN G 698 -24.35 41.68 -73.06
N ASP G 699 -23.39 41.62 -73.99
CA ASP G 699 -22.56 40.43 -74.13
C ASP G 699 -21.60 40.28 -72.97
N PHE G 700 -21.32 39.04 -72.62
CA PHE G 700 -20.29 38.75 -71.64
C PHE G 700 -18.94 38.96 -72.29
N GLN G 701 -17.97 39.32 -71.47
CA GLN G 701 -16.63 39.54 -71.98
C GLN G 701 -15.84 38.26 -71.86
N SER G 702 -14.70 38.19 -72.54
CA SER G 702 -13.92 36.96 -72.60
C SER G 702 -13.44 36.45 -71.24
N GLY G 703 -13.20 37.33 -70.28
CA GLY G 703 -12.75 36.87 -68.98
C GLY G 703 -13.85 36.56 -68.01
N GLU G 704 -15.11 36.66 -68.44
CA GLU G 704 -16.23 36.48 -67.54
C GLU G 704 -16.82 35.09 -67.56
N ILE G 705 -16.65 34.32 -68.63
CA ILE G 705 -17.13 32.94 -68.64
C ILE G 705 -15.92 32.06 -68.37
N ILE G 706 -16.04 31.23 -67.35
CA ILE G 706 -14.95 30.37 -66.95
C ILE G 706 -15.03 29.04 -67.65
N GLN G 707 -16.22 28.46 -67.72
CA GLN G 707 -16.39 27.22 -68.44
C GLN G 707 -17.83 27.00 -68.84
N ASN G 708 -18.00 26.20 -69.89
CA ASN G 708 -19.33 25.86 -70.38
C ASN G 708 -19.27 24.42 -70.88
N GLN G 709 -19.75 23.51 -70.07
CA GLN G 709 -19.76 22.11 -70.45
C GLN G 709 -21.01 21.73 -71.20
N THR G 710 -21.96 22.64 -71.40
CA THR G 710 -23.24 22.30 -72.03
C THR G 710 -23.59 23.24 -73.20
N PRO G 711 -22.69 23.43 -74.19
CA PRO G 711 -22.87 24.46 -75.23
C PRO G 711 -24.12 24.34 -76.09
N ARG G 712 -24.70 23.16 -76.21
CA ARG G 712 -25.90 23.02 -77.02
C ARG G 712 -27.01 22.31 -76.28
N PHE G 713 -27.04 22.43 -74.95
CA PHE G 713 -28.07 21.81 -74.11
C PHE G 713 -28.41 20.35 -74.44
N LEU G 714 -27.41 19.51 -74.73
CA LEU G 714 -27.69 18.10 -74.99
C LEU G 714 -27.28 17.17 -73.87
N LYS G 715 -26.40 17.60 -72.98
CA LYS G 715 -25.91 16.75 -71.91
C LYS G 715 -25.82 17.54 -70.63
N SER G 716 -25.92 16.84 -69.50
CA SER G 716 -25.80 17.47 -68.19
C SER G 716 -24.39 17.98 -67.94
N GLY G 717 -24.28 19.10 -67.22
CA GLY G 717 -22.96 19.63 -66.91
C GLY G 717 -22.96 20.97 -66.19
N ILE G 718 -21.76 21.55 -66.09
CA ILE G 718 -21.50 22.78 -65.32
C ILE G 718 -21.27 24.00 -66.21
N PHE G 719 -21.95 25.10 -65.86
CA PHE G 719 -21.74 26.42 -66.41
C PHE G 719 -21.18 27.30 -65.30
N GLN G 720 -20.09 28.02 -65.58
CA GLN G 720 -19.47 28.82 -64.54
C GLN G 720 -19.05 30.17 -65.06
N PHE G 721 -19.34 31.21 -64.29
CA PHE G 721 -19.10 32.57 -64.73
C PHE G 721 -18.98 33.49 -63.52
N SER G 722 -18.45 34.67 -63.75
CA SER G 722 -18.47 35.69 -62.72
C SER G 722 -19.58 36.69 -62.97
N ILE G 723 -20.10 37.29 -61.91
CA ILE G 723 -21.07 38.35 -62.11
C ILE G 723 -20.32 39.57 -62.61
N PRO G 724 -20.72 40.13 -63.74
CA PRO G 724 -19.99 41.23 -64.34
C PRO G 724 -20.19 42.50 -63.57
N LYS G 725 -19.19 43.36 -63.64
CA LYS G 725 -19.34 44.69 -63.12
C LYS G 725 -20.38 45.37 -63.97
N GLN G 726 -21.17 46.24 -63.33
CA GLN G 726 -22.27 46.99 -63.91
C GLN G 726 -23.50 46.12 -64.07
N ALA G 727 -23.52 44.91 -63.52
CA ALA G 727 -24.75 44.16 -63.44
C ALA G 727 -25.74 44.97 -62.60
N ASN G 728 -27.00 44.97 -62.97
CA ASN G 728 -27.94 45.85 -62.29
C ASN G 728 -29.14 45.13 -61.68
N LEU G 729 -29.41 45.43 -60.40
CA LEU G 729 -30.58 44.90 -59.71
C LEU G 729 -31.83 45.75 -59.90
N ASP G 730 -31.70 47.00 -60.36
CA ASP G 730 -32.88 47.87 -60.45
C ASP G 730 -33.25 48.06 -61.93
N ASN G 731 -34.24 47.29 -62.41
CA ASN G 731 -34.64 47.37 -63.81
C ASN G 731 -36.16 47.32 -63.88
N THR G 732 -36.75 47.46 -65.08
CA THR G 732 -38.20 47.39 -65.22
C THR G 732 -38.68 46.36 -66.22
N VAL G 733 -37.83 45.91 -67.15
CA VAL G 733 -38.24 44.95 -68.18
C VAL G 733 -38.39 43.55 -67.62
N LEU G 734 -37.77 43.30 -66.48
CA LEU G 734 -37.82 42.07 -65.69
C LEU G 734 -37.85 42.52 -64.25
N PRO G 735 -38.52 41.77 -63.37
CA PRO G 735 -38.67 42.14 -61.94
C PRO G 735 -37.37 42.52 -61.25
N PRO G 736 -37.40 43.57 -60.44
CA PRO G 736 -36.21 44.07 -59.72
C PRO G 736 -35.84 43.18 -58.56
N GLY G 737 -34.58 43.28 -58.12
CA GLY G 737 -34.11 42.54 -56.97
C GLY G 737 -33.26 41.35 -57.32
N TYR G 738 -33.22 40.99 -58.59
CA TYR G 738 -32.49 39.85 -59.09
C TYR G 738 -31.46 40.30 -60.10
N HIS G 739 -30.36 39.59 -60.18
CA HIS G 739 -29.51 39.77 -61.34
C HIS G 739 -30.11 38.91 -62.42
N TRP G 740 -30.12 39.37 -63.67
CA TRP G 740 -30.73 38.55 -64.70
C TRP G 740 -29.75 38.19 -65.81
N ILE G 741 -29.80 36.92 -66.20
CA ILE G 741 -28.99 36.33 -67.26
C ILE G 741 -29.87 35.66 -68.30
N LYS G 742 -29.55 35.87 -69.56
CA LYS G 742 -30.33 35.38 -70.67
C LYS G 742 -29.57 34.38 -71.54
N ALA G 743 -30.26 33.31 -71.93
CA ALA G 743 -29.76 32.35 -72.90
C ALA G 743 -30.66 32.36 -74.13
N SER G 744 -30.09 32.22 -75.34
CA SER G 744 -30.96 32.24 -76.51
C SER G 744 -30.57 31.30 -77.66
N MET G 745 -31.60 30.95 -78.44
CA MET G 745 -31.55 30.01 -79.56
C MET G 745 -32.51 30.45 -80.68
N VAL G 746 -32.16 30.18 -81.96
CA VAL G 746 -33.03 30.53 -83.09
C VAL G 746 -33.53 29.32 -83.86
N LYS G 747 -33.48 28.17 -83.25
CA LYS G 747 -33.78 26.89 -83.83
C LYS G 747 -35.11 26.39 -83.30
N PRO G 748 -35.70 25.35 -83.93
CA PRO G 748 -36.99 24.82 -83.49
C PRO G 748 -36.90 24.41 -82.03
N PHE G 749 -38.02 24.41 -81.33
CA PHE G 749 -37.89 24.24 -79.89
C PHE G 749 -37.36 22.86 -79.43
N ASP G 750 -37.40 21.80 -80.23
CA ASP G 750 -37.01 20.47 -79.73
C ASP G 750 -35.56 20.00 -79.99
N VAL G 751 -34.74 20.82 -80.64
CA VAL G 751 -33.35 20.50 -80.93
C VAL G 751 -32.50 20.39 -79.67
N VAL G 752 -33.06 20.72 -78.51
CA VAL G 752 -32.38 20.59 -77.23
C VAL G 752 -33.15 19.62 -76.35
N SER G 753 -32.49 19.12 -75.32
CA SER G 753 -33.09 18.18 -74.38
C SER G 753 -33.96 18.89 -73.34
N GLN G 754 -34.94 18.16 -72.82
CA GLN G 754 -35.74 18.68 -71.71
C GLN G 754 -34.92 18.71 -70.42
N LEU G 755 -35.25 19.66 -69.55
CA LEU G 755 -34.59 19.85 -68.26
C LEU G 755 -35.34 19.20 -67.12
N ILE G 756 -34.57 18.85 -66.11
CA ILE G 756 -35.09 18.46 -64.83
C ILE G 756 -34.98 19.62 -63.89
N ASN G 757 -33.78 20.18 -63.75
CA ASN G 757 -33.62 21.32 -62.84
C ASN G 757 -32.33 22.09 -63.08
N ILE G 758 -32.19 23.20 -62.33
CA ILE G 758 -30.99 24.05 -62.31
C ILE G 758 -30.61 24.33 -60.86
N HIS G 759 -29.34 24.09 -60.50
CA HIS G 759 -28.91 24.29 -59.12
C HIS G 759 -27.64 25.14 -59.00
N ALA G 760 -27.63 26.03 -58.04
CA ALA G 760 -26.42 26.79 -57.75
C ALA G 760 -25.59 26.06 -56.71
N GLN G 761 -24.27 26.33 -56.73
CA GLN G 761 -23.29 25.83 -55.74
C GLN G 761 -23.03 24.33 -55.85
N ALA G 762 -22.90 23.81 -57.07
CA ALA G 762 -22.63 22.39 -57.27
C ALA G 762 -21.15 22.05 -57.18
N VAL G 763 -20.86 20.89 -56.57
CA VAL G 763 -19.50 20.36 -56.37
C VAL G 763 -19.43 18.90 -56.81
N GLU G 764 -18.40 18.53 -57.60
CA GLU G 764 -18.22 17.13 -58.02
C GLU G 764 -17.26 16.35 -57.11
N ALA G 765 -17.60 15.08 -56.82
CA ALA G 765 -16.78 14.20 -55.99
C ALA G 765 -16.75 12.76 -56.51
N VAL G 766 -15.66 12.03 -56.17
CA VAL G 766 -15.40 10.68 -56.70
C VAL G 766 -15.04 9.66 -55.60
N PHE G 767 -15.62 8.46 -55.72
CA PHE G 767 -15.38 7.36 -54.78
C PHE G 767 -13.93 6.97 -54.63
N GLU G 768 -13.51 6.80 -53.39
CA GLU G 768 -12.15 6.39 -53.08
C GLU G 768 -12.08 4.89 -52.86
N ASP G 769 -11.26 4.23 -53.65
CA ASP G 769 -11.17 2.77 -53.58
C ASP G 769 -10.25 2.35 -52.45
N GLN G 770 -10.83 1.80 -51.39
CA GLN G 770 -10.08 1.31 -50.23
C GLN G 770 -10.42 -0.16 -50.03
N GLY G 771 -9.80 -0.80 -49.04
CA GLY G 771 -10.05 -2.22 -48.81
C GLY G 771 -11.43 -2.57 -48.25
N SER G 772 -12.47 -2.39 -49.08
CA SER G 772 -13.85 -2.66 -48.66
C SER G 772 -14.57 -3.25 -49.89
N SER G 773 -15.87 -3.54 -49.76
CA SER G 773 -16.63 -4.11 -50.87
C SER G 773 -17.53 -3.08 -51.56
N GLY G 774 -17.20 -2.76 -52.82
CA GLY G 774 -17.94 -1.77 -53.58
C GLY G 774 -19.25 -2.29 -54.12
N ASN G 775 -20.15 -2.68 -53.23
CA ASN G 775 -21.43 -3.24 -53.63
C ASN G 775 -22.27 -2.22 -54.38
N HIS G 776 -22.10 -0.94 -54.05
CA HIS G 776 -22.83 0.13 -54.69
C HIS G 776 -22.33 0.40 -56.10
N LEU G 777 -21.37 -0.33 -56.61
CA LEU G 777 -20.93 -0.09 -57.98
C LEU G 777 -21.72 -0.90 -58.98
N GLU G 778 -22.60 -1.77 -58.55
CA GLU G 778 -23.43 -2.56 -59.44
C GLU G 778 -24.57 -1.73 -60.03
N LYS G 779 -25.12 -0.87 -59.19
CA LYS G 779 -26.18 0.06 -59.53
C LYS G 779 -25.79 1.34 -58.86
N GLY G 780 -26.12 2.50 -59.43
CA GLY G 780 -25.67 3.75 -58.84
C GLY G 780 -26.14 3.94 -57.40
N LEU G 781 -25.30 4.65 -56.64
CA LEU G 781 -25.63 4.99 -55.26
C LEU G 781 -26.95 5.72 -55.30
N PRO G 782 -27.92 5.34 -54.47
CA PRO G 782 -29.22 6.01 -54.44
C PRO G 782 -29.07 7.49 -54.15
N ALA G 783 -30.06 8.26 -54.59
CA ALA G 783 -30.11 9.68 -54.31
C ALA G 783 -30.32 9.88 -52.83
N GLU G 784 -29.84 11.02 -52.34
CA GLU G 784 -30.00 11.44 -50.95
C GLU G 784 -29.42 10.50 -49.89
N THR G 785 -28.31 9.87 -50.19
CA THR G 785 -27.68 8.99 -49.23
C THR G 785 -26.59 9.71 -48.51
N ILE G 786 -26.19 10.86 -49.02
CA ILE G 786 -25.07 11.60 -48.49
C ILE G 786 -25.47 12.95 -47.92
N SER G 787 -25.20 13.15 -46.64
CA SER G 787 -25.51 14.39 -45.98
C SER G 787 -24.43 15.13 -45.20
N LYS G 788 -23.25 14.55 -45.00
CA LYS G 788 -22.24 15.27 -44.22
C LYS G 788 -20.77 14.95 -44.52
N LEU G 789 -19.90 15.90 -44.15
CA LEU G 789 -18.46 15.75 -44.31
C LEU G 789 -17.84 14.83 -43.26
N GLN G 790 -16.60 14.42 -43.44
CA GLN G 790 -15.98 13.55 -42.44
C GLN G 790 -15.89 14.34 -41.14
N GLU G 791 -15.56 15.60 -41.28
CA GLU G 791 -15.49 16.53 -40.16
C GLU G 791 -16.74 17.37 -40.25
N ARG G 792 -17.67 17.21 -39.29
CA ARG G 792 -19.02 17.74 -39.48
C ARG G 792 -19.11 19.27 -39.62
N LEU G 793 -18.29 20.06 -38.96
CA LEU G 793 -18.45 21.50 -39.15
C LEU G 793 -17.22 22.14 -39.75
N SER G 794 -17.44 22.78 -40.90
CA SER G 794 -16.46 23.57 -41.61
C SER G 794 -17.10 24.82 -42.09
N TRP G 795 -18.08 25.41 -41.38
CA TRP G 795 -18.83 26.62 -41.79
C TRP G 795 -19.84 26.39 -42.93
N ILE G 796 -20.39 25.19 -43.00
CA ILE G 796 -21.32 24.76 -44.03
C ILE G 796 -22.56 24.29 -43.28
N LYS G 797 -23.71 24.75 -43.71
CA LYS G 797 -24.96 24.40 -43.06
C LYS G 797 -25.49 23.06 -43.52
N SER G 798 -25.48 22.82 -44.84
CA SER G 798 -26.08 21.57 -45.30
C SER G 798 -25.53 21.14 -46.67
N ILE G 799 -25.54 19.82 -46.90
CA ILE G 799 -25.13 19.23 -48.16
C ILE G 799 -26.23 18.32 -48.70
N GLN G 800 -26.66 18.56 -49.92
CA GLN G 800 -27.66 17.73 -50.57
C GLN G 800 -27.15 16.92 -51.75
N GLN G 801 -27.53 15.64 -51.80
CA GLN G 801 -27.27 14.78 -52.97
C GLN G 801 -28.52 14.49 -53.80
N PRO G 802 -28.94 15.40 -54.69
CA PRO G 802 -30.23 15.25 -55.38
C PRO G 802 -30.34 14.10 -56.40
N TYR G 803 -29.25 13.57 -56.95
CA TYR G 803 -29.31 12.54 -57.98
C TYR G 803 -28.42 11.34 -57.67
N PRO G 804 -28.76 10.15 -58.20
CA PRO G 804 -27.95 8.92 -58.06
C PRO G 804 -26.56 9.03 -58.66
N SER G 805 -25.61 8.23 -58.15
CA SER G 805 -24.24 8.28 -58.69
C SER G 805 -24.12 7.56 -60.02
N THR G 806 -23.05 7.87 -60.77
CA THR G 806 -22.88 7.23 -62.08
C THR G 806 -21.42 7.02 -62.53
N LYS G 807 -21.26 6.10 -63.48
CA LYS G 807 -20.00 5.72 -64.13
C LYS G 807 -19.15 4.68 -63.41
N GLY G 808 -19.64 4.02 -62.36
CA GLY G 808 -18.83 3.03 -61.68
C GLY G 808 -18.94 1.63 -62.27
N LYS G 809 -18.06 0.72 -61.84
CA LYS G 809 -18.08 -0.67 -62.29
C LYS G 809 -17.40 -1.60 -61.31
N ALA G 810 -18.08 -2.69 -60.93
CA ALA G 810 -17.52 -3.69 -60.03
C ALA G 810 -16.56 -4.64 -60.74
N GLN G 811 -15.71 -5.31 -59.96
CA GLN G 811 -14.74 -6.31 -60.46
C GLN G 811 -15.48 -7.45 -61.15
N GLU G 812 -14.83 -8.07 -62.14
CA GLU G 812 -15.47 -9.17 -62.84
C GLU G 812 -15.68 -10.39 -61.94
N SER G 813 -16.86 -11.00 -62.09
CA SER G 813 -17.18 -12.27 -61.47
C SER G 813 -16.57 -13.38 -62.29
N ASP G 814 -16.55 -14.60 -61.73
CA ASP G 814 -16.05 -15.74 -62.51
C ASP G 814 -16.92 -15.98 -63.73
N GLU G 815 -18.22 -15.79 -63.57
CA GLU G 815 -19.18 -16.03 -64.63
C GLU G 815 -18.96 -15.08 -65.79
N ASP G 816 -18.58 -13.83 -65.49
CA ASP G 816 -18.35 -12.86 -66.55
C ASP G 816 -17.01 -13.09 -67.19
N TYR G 817 -16.03 -13.47 -66.38
CA TYR G 817 -14.72 -13.76 -66.93
C TYR G 817 -14.81 -14.86 -67.97
N TYR G 818 -15.49 -15.96 -67.62
CA TYR G 818 -15.62 -17.06 -68.55
C TYR G 818 -16.43 -16.65 -69.77
N ARG G 819 -17.49 -15.86 -69.57
CA ARG G 819 -18.31 -15.41 -70.68
C ARG G 819 -17.52 -14.57 -71.67
N ARG G 820 -16.73 -13.62 -71.17
CA ARG G 820 -15.94 -12.74 -72.02
C ARG G 820 -14.87 -13.49 -72.79
N VAL G 821 -14.14 -14.39 -72.11
CA VAL G 821 -13.06 -15.09 -72.78
C VAL G 821 -13.63 -16.00 -73.86
N SER G 822 -14.73 -16.67 -73.54
CA SER G 822 -15.28 -17.64 -74.44
C SER G 822 -15.76 -16.96 -75.74
N GLU G 823 -16.40 -15.79 -75.63
CA GLU G 823 -16.84 -15.13 -76.85
C GLU G 823 -15.69 -14.64 -77.71
N ARG G 824 -14.61 -14.09 -77.11
CA ARG G 824 -13.52 -13.61 -77.96
C ARG G 824 -12.93 -14.73 -78.79
N LEU G 825 -12.84 -15.92 -78.20
CA LEU G 825 -12.30 -17.07 -78.89
C LEU G 825 -13.13 -17.49 -80.09
N ARG G 826 -14.35 -16.99 -80.22
CA ARG G 826 -15.24 -17.29 -81.34
C ARG G 826 -15.33 -16.16 -82.35
N HIS G 827 -15.53 -14.91 -81.91
CA HIS G 827 -15.73 -13.85 -82.88
C HIS G 827 -14.46 -13.15 -83.34
N LYS G 828 -13.35 -13.37 -82.64
CA LYS G 828 -12.01 -12.88 -83.00
C LYS G 828 -11.93 -11.36 -83.07
N LYS G 829 -12.83 -10.68 -82.36
CA LYS G 829 -12.92 -9.22 -82.30
C LYS G 829 -13.23 -8.60 -83.67
N ARG G 830 -13.98 -9.30 -84.52
CA ARG G 830 -14.38 -8.75 -85.82
C ARG G 830 -15.89 -8.61 -85.83
N ALA G 831 -16.41 -7.57 -86.47
CA ALA G 831 -17.86 -7.39 -86.55
C ALA G 831 -18.39 -7.86 -87.90
N ILE G 832 -18.61 -9.16 -88.09
CA ILE G 832 -19.02 -9.65 -89.41
C ILE G 832 -20.50 -10.03 -89.47
N THR G 833 -20.94 -10.98 -88.66
CA THR G 833 -22.35 -11.39 -88.69
C THR G 833 -23.23 -10.71 -87.64
N LEU G 834 -24.42 -11.25 -87.39
CA LEU G 834 -25.36 -10.68 -86.43
C LEU G 834 -24.91 -10.84 -84.99
N TRP G 835 -24.56 -12.07 -84.63
CA TRP G 835 -24.14 -12.39 -83.29
C TRP G 835 -22.95 -11.56 -82.88
N ASP G 836 -22.03 -11.38 -83.83
CA ASP G 836 -20.81 -10.63 -83.59
C ASP G 836 -21.15 -9.22 -83.18
N TYR G 837 -21.98 -8.54 -83.95
CA TYR G 837 -22.33 -7.15 -83.65
C TYR G 837 -23.03 -7.03 -82.31
N GLU G 838 -23.99 -7.91 -82.05
CA GLU G 838 -24.81 -7.82 -80.85
C GLU G 838 -23.99 -8.11 -79.59
N HIS G 839 -23.08 -9.07 -79.66
CA HIS G 839 -22.28 -9.39 -78.48
C HIS G 839 -21.11 -8.43 -78.30
N LEU G 840 -20.54 -7.88 -79.38
CA LEU G 840 -19.49 -6.89 -79.22
C LEU G 840 -20.00 -5.66 -78.48
N ILE G 841 -21.24 -5.23 -78.78
CA ILE G 841 -21.78 -4.06 -78.08
C ILE G 841 -22.15 -4.36 -76.66
N LEU G 842 -22.83 -5.49 -76.39
CA LEU G 842 -23.19 -5.70 -74.99
C LEU G 842 -21.93 -5.86 -74.11
N GLN G 843 -20.86 -6.45 -74.64
CA GLN G 843 -19.65 -6.55 -73.83
C GLN G 843 -18.97 -5.19 -73.64
N LYS G 844 -18.96 -4.34 -74.69
CA LYS G 844 -18.26 -3.06 -74.66
C LYS G 844 -19.02 -1.97 -73.92
N PHE G 845 -20.34 -1.86 -74.11
CA PHE G 845 -21.11 -0.77 -73.54
C PHE G 845 -22.02 -1.27 -72.41
N PRO G 846 -21.63 -1.05 -71.16
CA PRO G 846 -22.30 -1.64 -69.97
C PRO G 846 -23.71 -1.13 -69.68
N LYS G 847 -24.13 -0.03 -70.29
CA LYS G 847 -25.45 0.50 -69.99
C LYS G 847 -26.32 0.48 -71.23
N VAL G 848 -26.35 -0.69 -71.84
CA VAL G 848 -27.25 -1.04 -72.92
C VAL G 848 -27.92 -2.31 -72.45
N TYR G 849 -29.24 -2.34 -72.52
CA TYR G 849 -30.02 -3.47 -72.03
C TYR G 849 -30.29 -4.46 -73.16
N LYS G 850 -30.71 -3.95 -74.31
CA LYS G 850 -30.96 -4.80 -75.45
C LYS G 850 -30.36 -4.19 -76.70
N VAL G 851 -30.05 -5.08 -77.65
CA VAL G 851 -29.51 -4.66 -78.92
C VAL G 851 -30.18 -5.46 -80.05
N LYS G 852 -30.29 -4.85 -81.22
CA LYS G 852 -30.79 -5.54 -82.40
C LYS G 852 -30.08 -5.09 -83.67
N CYS G 853 -29.54 -6.05 -84.43
CA CYS G 853 -28.89 -5.74 -85.69
C CYS G 853 -29.79 -6.05 -86.89
N LEU G 854 -29.89 -5.08 -87.81
CA LEU G 854 -30.77 -5.14 -88.98
C LEU G 854 -29.95 -5.18 -90.29
N ASN G 855 -29.94 -6.36 -90.92
CA ASN G 855 -29.01 -6.72 -92.01
C ASN G 855 -29.05 -5.85 -93.27
N HIS G 856 -30.22 -5.41 -93.72
CA HIS G 856 -30.27 -4.62 -94.94
C HIS G 856 -30.99 -3.32 -94.72
N THR G 857 -30.97 -2.82 -93.49
CA THR G 857 -31.80 -1.67 -93.17
C THR G 857 -31.06 -0.34 -93.24
N CYS G 858 -31.65 0.55 -94.01
CA CYS G 858 -31.42 1.97 -94.13
C CYS G 858 -32.70 2.68 -93.77
N SER G 859 -32.64 3.98 -93.49
CA SER G 859 -33.85 4.68 -93.06
C SER G 859 -35.00 4.60 -94.07
N SER G 860 -34.70 4.43 -95.36
CA SER G 860 -35.70 4.37 -96.41
C SER G 860 -35.80 3.00 -97.06
N SER G 861 -35.20 1.96 -96.48
CA SER G 861 -35.19 0.67 -97.15
C SER G 861 -34.92 -0.52 -96.23
N PHE G 862 -35.58 -1.63 -96.50
CA PHE G 862 -35.28 -2.86 -95.79
C PHE G 862 -34.65 -3.91 -96.70
N GLN G 863 -34.16 -3.49 -97.88
CA GLN G 863 -33.49 -4.34 -98.87
C GLN G 863 -32.28 -3.67 -99.54
N SER G 864 -31.55 -2.82 -98.82
CA SER G 864 -30.35 -2.21 -99.42
C SER G 864 -29.05 -2.87 -99.00
N PRO G 865 -28.30 -3.41 -99.97
CA PRO G 865 -27.05 -4.08 -99.68
C PRO G 865 -25.98 -3.07 -99.32
N GLY G 866 -25.00 -3.51 -98.54
CA GLY G 866 -23.87 -2.65 -98.22
C GLY G 866 -24.11 -1.70 -97.07
N ASN G 867 -25.01 -2.02 -96.16
CA ASN G 867 -25.31 -1.12 -95.06
C ASN G 867 -25.84 -1.94 -93.89
N ALA G 868 -26.12 -1.27 -92.77
CA ALA G 868 -26.71 -1.92 -91.61
C ALA G 868 -27.21 -0.90 -90.60
N THR G 869 -28.25 -1.26 -89.86
CA THR G 869 -28.73 -0.43 -88.76
C THR G 869 -28.75 -1.21 -87.46
N LEU G 870 -28.33 -0.55 -86.39
CA LEU G 870 -28.33 -1.12 -85.06
C LEU G 870 -29.28 -0.34 -84.16
N ILE G 871 -30.10 -1.05 -83.38
CA ILE G 871 -31.03 -0.40 -82.47
C ILE G 871 -30.61 -0.63 -81.03
N LEU G 872 -30.52 0.45 -80.26
CA LEU G 872 -30.09 0.37 -78.87
C LEU G 872 -31.20 0.71 -77.88
N VAL G 873 -31.36 -0.13 -76.87
CA VAL G 873 -32.31 0.06 -75.78
C VAL G 873 -31.56 0.15 -74.45
N PRO G 874 -31.71 1.25 -73.70
CA PRO G 874 -31.04 1.47 -72.41
C PRO G 874 -31.72 0.69 -71.30
N ASP G 875 -31.10 0.68 -70.11
CA ASP G 875 -31.71 -0.05 -69.01
C ASP G 875 -32.76 0.84 -68.35
N THR G 876 -32.39 2.11 -68.09
CA THR G 876 -33.13 3.10 -67.34
C THR G 876 -33.70 2.59 -66.02
N VAL G 877 -32.87 1.90 -65.22
CA VAL G 877 -33.38 1.42 -63.93
C VAL G 877 -33.74 2.58 -63.00
N GLN G 878 -32.93 3.63 -62.99
CA GLN G 878 -33.20 4.75 -62.07
C GLN G 878 -34.29 5.65 -62.63
N GLN G 879 -35.53 5.16 -62.48
CA GLN G 879 -36.75 5.82 -62.97
C GLN G 879 -37.01 7.18 -62.33
N SER G 880 -36.29 7.53 -61.25
CA SER G 880 -36.29 8.86 -60.66
C SER G 880 -35.90 9.96 -61.62
N VAL G 881 -35.17 9.58 -62.65
CA VAL G 881 -34.73 10.42 -63.75
C VAL G 881 -35.44 10.07 -65.04
N PHE G 882 -35.37 8.80 -65.43
CA PHE G 882 -35.77 8.37 -66.76
C PHE G 882 -37.26 8.26 -66.97
N ASP G 883 -37.67 8.49 -68.21
CA ASP G 883 -39.05 8.26 -68.60
C ASP G 883 -39.11 6.81 -69.05
N ILE G 884 -39.72 5.97 -68.21
CA ILE G 884 -39.65 4.54 -68.43
C ILE G 884 -40.61 4.05 -69.51
N TYR G 885 -41.44 4.92 -70.09
CA TYR G 885 -42.33 4.47 -71.16
C TYR G 885 -41.87 4.98 -72.51
N GLN G 886 -40.84 5.81 -72.49
CA GLN G 886 -40.11 6.33 -73.64
C GLN G 886 -38.60 6.35 -73.39
N PRO G 887 -38.00 5.19 -73.07
CA PRO G 887 -36.55 5.14 -72.82
C PRO G 887 -35.80 5.51 -74.09
N ARG G 888 -34.76 6.32 -73.95
CA ARG G 888 -33.96 6.73 -75.11
C ARG G 888 -32.48 6.76 -74.78
N VAL G 889 -31.68 6.56 -75.82
CA VAL G 889 -30.24 6.69 -75.82
C VAL G 889 -29.81 8.07 -76.27
N SER G 890 -28.97 8.72 -75.48
CA SER G 890 -28.38 10.02 -75.78
C SER G 890 -27.38 9.98 -76.93
N GLN G 891 -27.06 11.17 -77.45
CA GLN G 891 -26.15 11.25 -78.59
C GLN G 891 -24.77 10.69 -78.29
N GLY G 892 -24.28 10.86 -77.05
CA GLY G 892 -22.96 10.36 -76.72
C GLY G 892 -22.84 8.89 -77.04
N THR G 893 -23.74 8.09 -76.49
CA THR G 893 -23.72 6.66 -76.75
C THR G 893 -23.99 6.32 -78.21
N LEU G 894 -24.96 6.98 -78.86
CA LEU G 894 -25.25 6.62 -80.24
C LEU G 894 -24.03 6.78 -81.13
N ASN G 895 -23.26 7.83 -80.88
CA ASN G 895 -22.06 8.10 -81.67
C ASN G 895 -20.90 7.19 -81.28
N ASP G 896 -20.69 6.94 -79.99
CA ASP G 896 -19.59 6.07 -79.54
C ASP G 896 -19.75 4.67 -80.09
N VAL G 897 -20.99 4.17 -80.12
CA VAL G 897 -21.26 2.84 -80.62
C VAL G 897 -20.93 2.75 -82.09
N ALA G 898 -21.35 3.75 -82.86
CA ALA G 898 -21.08 3.76 -84.29
C ALA G 898 -19.59 3.75 -84.58
N ALA G 899 -18.83 4.57 -83.85
CA ALA G 899 -17.39 4.65 -84.07
C ALA G 899 -16.71 3.31 -83.79
N PHE G 900 -17.07 2.71 -82.66
CA PHE G 900 -16.48 1.45 -82.20
C PHE G 900 -16.64 0.35 -83.23
N VAL G 901 -17.86 0.16 -83.67
CA VAL G 901 -18.17 -0.81 -84.66
C VAL G 901 -17.64 -0.55 -86.06
N ASN G 902 -17.63 0.69 -86.52
CA ASN G 902 -17.21 0.95 -87.89
C ASN G 902 -15.73 0.62 -88.09
N GLU G 903 -14.90 0.82 -87.06
CA GLU G 903 -13.51 0.36 -87.07
C GLU G 903 -13.30 -1.13 -87.23
N LEU G 904 -14.27 -1.95 -86.88
CA LEU G 904 -14.15 -3.40 -86.92
C LEU G 904 -14.93 -4.05 -88.04
N ASN G 905 -15.58 -3.30 -88.91
CA ASN G 905 -16.47 -3.97 -89.87
C ASN G 905 -15.77 -4.45 -91.11
N SER G 906 -15.39 -3.50 -91.94
CA SER G 906 -14.80 -3.70 -93.24
C SER G 906 -14.52 -2.33 -93.77
N PHE G 907 -13.50 -2.24 -94.62
CA PHE G 907 -13.20 -0.99 -95.29
C PHE G 907 -14.42 -0.36 -95.95
N HIS G 908 -15.31 -1.19 -96.50
CA HIS G 908 -16.43 -0.73 -97.29
C HIS G 908 -17.74 -0.50 -96.53
N VAL G 909 -17.84 -0.70 -95.22
CA VAL G 909 -19.16 -0.63 -94.59
C VAL G 909 -19.23 0.26 -93.33
N GLN G 910 -20.19 1.16 -93.33
CA GLN G 910 -20.52 1.96 -92.16
C GLN G 910 -21.89 1.58 -91.64
N ALA G 911 -22.02 1.46 -90.32
CA ALA G 911 -23.30 1.16 -89.71
C ALA G 911 -23.90 2.41 -89.10
N LYS G 912 -25.23 2.41 -89.00
CA LYS G 912 -25.94 3.50 -88.33
C LYS G 912 -26.54 3.03 -87.01
N VAL G 913 -26.53 3.91 -86.03
CA VAL G 913 -27.00 3.60 -84.69
C VAL G 913 -28.16 4.50 -84.32
N ILE G 914 -29.32 3.91 -84.00
CA ILE G 914 -30.54 4.67 -83.75
C ILE G 914 -31.28 4.23 -82.47
N ASN G 915 -32.23 5.07 -82.06
CA ASN G 915 -33.21 4.71 -81.05
C ASN G 915 -34.37 3.94 -81.71
N PRO G 916 -35.00 3.02 -80.95
CA PRO G 916 -36.08 2.17 -81.47
C PRO G 916 -37.33 2.87 -81.89
N ASN G 917 -37.59 4.08 -81.40
CA ASN G 917 -38.81 4.84 -81.70
C ASN G 917 -40.05 4.00 -81.45
N TYR G 918 -40.19 3.60 -80.19
CA TYR G 918 -41.19 2.63 -79.75
C TYR G 918 -42.63 3.02 -80.04
N GLU G 919 -43.42 1.98 -80.34
CA GLU G 919 -44.86 2.03 -80.58
C GLU G 919 -45.46 0.68 -80.18
N GLU G 920 -46.65 0.69 -79.54
CA GLU G 920 -47.18 -0.57 -79.04
C GLU G 920 -48.69 -0.58 -78.70
N VAL G 921 -49.25 -1.79 -78.75
CA VAL G 921 -50.63 -2.18 -78.43
C VAL G 921 -50.82 -2.47 -76.95
N LYS G 922 -52.08 -2.48 -76.49
CA LYS G 922 -52.31 -2.75 -75.08
C LYS G 922 -53.58 -3.56 -74.81
N VAL G 923 -53.53 -4.28 -73.71
CA VAL G 923 -54.53 -5.25 -73.28
C VAL G 923 -55.73 -4.65 -72.58
N ASP G 924 -56.81 -5.42 -72.68
CA ASP G 924 -58.09 -5.28 -72.00
C ASP G 924 -58.57 -6.69 -71.74
N VAL G 925 -59.39 -6.89 -70.71
CA VAL G 925 -59.78 -8.27 -70.44
C VAL G 925 -61.04 -8.38 -69.62
N LYS G 926 -61.60 -9.59 -69.66
CA LYS G 926 -62.69 -9.99 -68.80
C LYS G 926 -62.26 -9.88 -67.36
N VAL G 927 -63.20 -9.51 -66.51
CA VAL G 927 -62.90 -9.33 -65.11
C VAL G 927 -62.44 -10.63 -64.49
N LYS G 928 -61.50 -10.51 -63.57
CA LYS G 928 -61.05 -11.68 -62.82
C LYS G 928 -62.22 -12.29 -62.04
N PHE G 929 -62.26 -13.61 -62.03
CA PHE G 929 -63.28 -14.36 -61.30
C PHE G 929 -63.03 -14.34 -59.80
N ARG G 930 -61.85 -13.90 -59.40
CA ARG G 930 -61.51 -13.83 -58.01
C ARG G 930 -60.46 -12.77 -57.83
N GLU G 931 -60.42 -12.27 -56.61
CA GLU G 931 -59.44 -11.28 -56.20
C GLU G 931 -59.34 -11.40 -54.70
N GLY G 932 -58.21 -10.98 -54.13
CA GLY G 932 -58.06 -11.01 -52.67
C GLY G 932 -59.12 -10.15 -52.00
N LEU G 933 -59.37 -8.99 -52.57
CA LEU G 933 -60.36 -8.04 -52.10
C LEU G 933 -60.53 -6.99 -53.17
N ASP G 934 -61.65 -6.28 -53.12
CA ASP G 934 -61.88 -5.20 -54.08
C ASP G 934 -60.77 -4.15 -54.05
N VAL G 935 -60.16 -3.91 -52.90
CA VAL G 935 -59.06 -2.96 -52.81
C VAL G 935 -57.69 -3.63 -52.92
N SER G 936 -57.48 -4.68 -52.11
CA SER G 936 -56.18 -5.37 -52.03
C SER G 936 -55.73 -5.93 -53.37
N PHE G 937 -56.68 -6.35 -54.18
CA PHE G 937 -56.39 -6.87 -55.49
C PHE G 937 -57.30 -6.20 -56.46
N TYR G 938 -57.38 -4.89 -56.32
CA TYR G 938 -58.20 -4.05 -57.19
C TYR G 938 -57.77 -4.24 -58.62
N LEU G 939 -58.71 -4.02 -59.54
CA LEU G 939 -58.37 -4.10 -60.95
C LEU G 939 -57.23 -3.17 -61.30
N THR G 940 -57.15 -2.04 -60.60
CA THR G 940 -56.03 -1.12 -60.76
C THR G 940 -54.70 -1.77 -60.39
N LYS G 941 -54.69 -2.62 -59.35
CA LYS G 941 -53.47 -3.29 -58.97
C LYS G 941 -53.04 -4.26 -60.04
N VAL G 942 -54.02 -4.96 -60.60
CA VAL G 942 -53.76 -5.88 -61.69
C VAL G 942 -53.22 -5.13 -62.89
N LYS G 943 -53.76 -3.94 -63.14
CA LYS G 943 -53.29 -3.12 -64.24
C LYS G 943 -51.85 -2.70 -64.04
N GLU G 944 -51.50 -2.35 -62.79
CA GLU G 944 -50.13 -1.97 -62.48
C GLU G 944 -49.18 -3.13 -62.70
N ASP G 945 -49.58 -4.33 -62.29
CA ASP G 945 -48.75 -5.51 -62.49
C ASP G 945 -48.55 -5.80 -63.96
N ILE G 946 -49.63 -5.65 -64.75
CA ILE G 946 -49.54 -5.86 -66.18
C ILE G 946 -48.58 -4.88 -66.81
N LYS G 947 -48.65 -3.62 -66.37
CA LYS G 947 -47.75 -2.60 -66.90
C LYS G 947 -46.32 -2.93 -66.56
N LYS G 948 -46.05 -3.41 -65.35
CA LYS G 948 -44.68 -3.75 -64.99
C LYS G 948 -44.15 -4.88 -65.85
N PHE G 949 -44.97 -5.90 -66.10
CA PHE G 949 -44.54 -7.04 -66.90
C PHE G 949 -44.15 -6.61 -68.30
N LEU G 950 -44.91 -5.67 -68.87
CA LEU G 950 -44.59 -5.18 -70.20
C LEU G 950 -43.42 -4.21 -70.16
N SER G 951 -43.37 -3.38 -69.10
CA SER G 951 -42.34 -2.35 -68.96
C SER G 951 -40.97 -2.98 -68.93
N PRO G 952 -40.85 -4.16 -68.33
CA PRO G 952 -39.59 -4.89 -68.26
C PRO G 952 -39.02 -5.24 -69.63
N TRP G 953 -39.84 -5.26 -70.66
CA TRP G 953 -39.30 -5.47 -71.98
C TRP G 953 -38.83 -4.15 -72.56
N ALA G 954 -39.62 -3.10 -72.35
CA ALA G 954 -39.34 -1.75 -72.83
C ALA G 954 -38.12 -1.16 -72.15
N TYR G 955 -37.96 -1.45 -70.88
CA TYR G 955 -36.92 -0.89 -70.04
C TYR G 955 -36.59 -1.94 -69.02
N ASP G 956 -35.45 -1.83 -68.38
CA ASP G 956 -35.14 -2.85 -67.40
C ASP G 956 -36.12 -2.83 -66.22
N GLN G 957 -36.58 -4.02 -65.85
CA GLN G 957 -37.42 -4.29 -64.69
C GLN G 957 -37.48 -5.81 -64.58
N GLU G 958 -37.98 -6.31 -63.47
CA GLU G 958 -38.13 -7.76 -63.39
C GLU G 958 -39.41 -8.22 -64.06
N SER G 959 -39.36 -9.40 -64.69
CA SER G 959 -40.53 -10.06 -65.25
C SER G 959 -40.24 -11.54 -65.49
N SER G 960 -41.13 -12.41 -65.01
CA SER G 960 -40.95 -13.84 -65.22
C SER G 960 -41.10 -14.25 -66.68
N VAL G 961 -42.02 -13.58 -67.39
CA VAL G 961 -42.29 -13.91 -68.79
C VAL G 961 -41.09 -13.64 -69.67
N GLU G 962 -40.86 -14.52 -70.65
CA GLU G 962 -39.75 -14.38 -71.59
C GLU G 962 -39.81 -13.08 -72.39
N PHE G 963 -41.02 -12.63 -72.76
CA PHE G 963 -41.15 -11.42 -73.56
C PHE G 963 -42.54 -10.83 -73.44
N GLY G 964 -42.63 -9.51 -73.60
CA GLY G 964 -43.90 -8.83 -73.75
C GLY G 964 -44.57 -9.21 -75.06
N VAL G 965 -43.76 -9.37 -76.11
CA VAL G 965 -44.24 -9.67 -77.46
C VAL G 965 -44.58 -11.14 -77.57
N THR G 966 -45.71 -11.50 -76.98
CA THR G 966 -46.08 -12.90 -76.88
C THR G 966 -47.57 -13.08 -76.99
N LEU G 967 -47.94 -14.34 -77.18
CA LEU G 967 -49.32 -14.77 -77.27
C LEU G 967 -50.01 -14.64 -75.93
N HIS G 968 -51.35 -14.60 -75.99
CA HIS G 968 -52.19 -14.49 -74.79
C HIS G 968 -51.93 -15.60 -73.80
N ARG G 969 -51.44 -16.75 -74.28
CA ARG G 969 -51.12 -17.86 -73.41
C ARG G 969 -50.07 -17.47 -72.37
N SER G 970 -49.11 -16.64 -72.77
CA SER G 970 -48.09 -16.21 -71.85
C SER G 970 -48.67 -15.26 -70.84
N GLN G 971 -49.53 -14.37 -71.32
CA GLN G 971 -50.18 -13.40 -70.45
C GLN G 971 -51.05 -14.11 -69.44
N MET G 972 -51.76 -15.15 -69.89
CA MET G 972 -52.63 -15.91 -69.01
C MET G 972 -51.85 -16.59 -67.92
N ILE G 973 -50.70 -17.17 -68.27
CA ILE G 973 -49.86 -17.81 -67.27
C ILE G 973 -49.35 -16.82 -66.25
N HIS G 974 -48.97 -15.63 -66.71
CA HIS G 974 -48.45 -14.60 -65.81
C HIS G 974 -49.48 -14.21 -64.77
N TYR G 975 -50.74 -14.12 -65.19
CA TYR G 975 -51.82 -13.76 -64.29
C TYR G 975 -52.23 -14.95 -63.42
N LEU G 976 -52.26 -16.15 -64.00
CA LEU G 976 -52.68 -17.35 -63.27
C LEU G 976 -51.78 -17.60 -62.07
N GLU G 977 -50.51 -17.25 -62.21
CA GLU G 977 -49.53 -17.38 -61.16
C GLU G 977 -49.79 -16.49 -59.96
N GLN G 978 -50.64 -15.47 -60.09
CA GLN G 978 -50.92 -14.55 -59.00
C GLN G 978 -51.63 -15.25 -57.84
N LEU G 979 -51.32 -14.82 -56.62
CA LEU G 979 -51.94 -15.35 -55.42
C LEU G 979 -53.33 -14.81 -55.16
N THR G 980 -53.80 -13.92 -56.02
CA THR G 980 -55.08 -13.25 -55.87
C THR G 980 -55.86 -13.29 -57.17
N TYR G 981 -56.01 -14.48 -57.76
CA TYR G 981 -56.72 -14.62 -59.02
C TYR G 981 -57.27 -16.04 -59.16
N VAL G 982 -58.30 -16.20 -60.00
CA VAL G 982 -58.79 -17.56 -60.29
C VAL G 982 -59.03 -17.85 -61.75
N ASP G 983 -59.54 -16.87 -62.51
CA ASP G 983 -59.92 -17.13 -63.90
C ASP G 983 -60.25 -15.81 -64.58
N TYR G 984 -60.35 -15.88 -65.91
CA TYR G 984 -60.87 -14.77 -66.70
C TYR G 984 -61.37 -15.34 -68.02
N ILE G 985 -62.62 -15.02 -68.39
CA ILE G 985 -63.29 -15.60 -69.55
C ILE G 985 -62.64 -15.26 -70.90
N THR G 986 -62.10 -14.04 -71.04
CA THR G 986 -61.60 -13.60 -72.34
C THR G 986 -60.62 -12.45 -72.19
N ASP G 987 -59.78 -12.25 -73.21
CA ASP G 987 -58.84 -11.14 -73.24
C ASP G 987 -58.48 -10.78 -74.68
N LEU G 988 -58.03 -9.54 -74.88
CA LEU G 988 -57.58 -9.05 -76.19
C LEU G 988 -56.58 -7.92 -76.00
N ARG G 989 -55.78 -7.64 -77.03
CA ARG G 989 -54.80 -6.56 -76.93
C ARG G 989 -54.52 -5.84 -78.25
N LEU G 990 -55.53 -5.32 -78.92
CA LEU G 990 -55.28 -4.65 -80.19
C LEU G 990 -54.60 -3.30 -79.97
N LEU G 991 -53.96 -2.81 -81.04
CA LEU G 991 -53.36 -1.49 -81.02
C LEU G 991 -54.43 -0.44 -80.87
N LYS G 992 -54.04 0.65 -80.23
CA LYS G 992 -54.98 1.70 -79.87
C LYS G 992 -55.34 2.56 -81.08
N ARG G 993 -56.27 2.05 -81.89
CA ARG G 993 -56.81 2.80 -83.04
C ARG G 993 -57.50 4.07 -82.60
N GLN G 994 -57.90 4.07 -81.34
CA GLN G 994 -58.65 5.13 -80.71
C GLN G 994 -57.77 6.05 -79.91
N ALA G 995 -56.47 6.02 -80.17
CA ALA G 995 -55.58 6.93 -79.48
C ALA G 995 -55.68 8.23 -80.24
N GLY G 996 -56.35 9.19 -79.62
CA GLY G 996 -56.55 10.52 -80.19
C GLY G 996 -55.28 11.35 -80.24
N SER G 997 -54.42 11.24 -79.22
CA SER G 997 -53.24 12.10 -79.10
C SER G 997 -52.25 11.94 -80.23
N SER G 998 -52.02 10.73 -80.64
CA SER G 998 -51.14 10.41 -81.71
C SER G 998 -52.22 10.31 -82.79
N PRO G 999 -52.01 10.93 -83.95
CA PRO G 999 -53.12 11.06 -84.92
C PRO G 999 -53.87 9.78 -85.37
N CYS G 1000 -55.16 9.97 -85.61
CA CYS G 1000 -56.14 8.92 -85.93
C CYS G 1000 -55.83 8.22 -87.26
N ASN G 1001 -56.43 7.05 -87.47
CA ASN G 1001 -56.04 6.20 -88.59
C ASN G 1001 -54.87 5.31 -88.21
N PRO G 1002 -54.53 5.31 -86.92
CA PRO G 1002 -53.46 4.48 -86.43
C PRO G 1002 -53.80 3.01 -86.61
N ILE G 1003 -52.78 2.25 -86.97
CA ILE G 1003 -52.91 0.82 -87.17
C ILE G 1003 -53.26 0.15 -85.86
N PHE G 1004 -54.06 -0.90 -85.99
CA PHE G 1004 -54.57 -1.68 -84.89
C PHE G 1004 -54.00 -3.08 -84.99
N ILE G 1005 -54.02 -3.80 -83.89
CA ILE G 1005 -53.44 -5.14 -83.92
C ILE G 1005 -54.51 -6.18 -83.60
N GLU G 1006 -55.52 -6.22 -84.47
CA GLU G 1006 -56.69 -7.06 -84.28
C GLU G 1006 -56.59 -8.42 -84.94
N THR G 1007 -55.79 -8.57 -85.99
CA THR G 1007 -55.82 -9.77 -86.83
C THR G 1007 -55.02 -10.95 -86.25
N THR G 1008 -55.42 -11.39 -85.05
CA THR G 1008 -54.89 -12.60 -84.39
C THR G 1008 -53.36 -12.67 -84.30
N GLU G 1009 -52.70 -11.55 -84.02
CA GLU G 1009 -51.25 -11.58 -83.88
C GLU G 1009 -50.85 -11.82 -82.44
N LYS G 1010 -49.75 -12.55 -82.24
CA LYS G 1010 -49.21 -12.72 -80.89
C LYS G 1010 -48.39 -11.50 -80.49
N GLU G 1011 -49.08 -10.35 -80.44
CA GLU G 1011 -48.49 -9.05 -80.12
C GLU G 1011 -47.28 -8.70 -80.97
N TYR G 1012 -47.32 -9.03 -82.26
CA TYR G 1012 -46.17 -8.76 -83.14
C TYR G 1012 -45.91 -7.27 -83.22
N ILE G 1013 -44.62 -6.91 -83.29
CA ILE G 1013 -44.27 -5.51 -83.47
C ILE G 1013 -44.81 -5.00 -84.79
N GLN G 1014 -45.25 -3.74 -84.78
CA GLN G 1014 -45.81 -3.09 -85.96
C GLN G 1014 -44.81 -2.99 -87.10
N PRO G 1015 -43.52 -3.01 -86.80
CA PRO G 1015 -42.49 -2.81 -87.81
C PRO G 1015 -41.16 -3.37 -87.33
N SER G 1016 -40.25 -3.55 -88.29
CA SER G 1016 -38.89 -3.99 -88.01
C SER G 1016 -38.15 -3.00 -87.10
N ASN G 1017 -38.47 -1.72 -87.23
CA ASN G 1017 -37.91 -0.64 -86.45
C ASN G 1017 -39.02 0.37 -86.32
N PRO G 1018 -38.94 1.28 -85.34
CA PRO G 1018 -40.02 2.24 -85.05
C PRO G 1018 -41.23 1.50 -84.53
N LYS G 1019 -40.94 0.51 -83.69
CA LYS G 1019 -41.95 -0.31 -83.04
C LYS G 1019 -41.29 -1.00 -81.85
N SER G 1020 -42.12 -1.33 -80.85
CA SER G 1020 -41.60 -2.08 -79.72
C SER G 1020 -42.51 -3.19 -79.21
N ILE G 1021 -43.83 -3.08 -79.38
CA ILE G 1021 -44.77 -4.04 -78.80
C ILE G 1021 -44.55 -4.19 -77.29
N LEU G 1022 -44.32 -3.08 -76.60
CA LEU G 1022 -44.09 -3.07 -75.15
C LEU G 1022 -44.79 -1.88 -74.50
N VAL G 1023 -46.11 -1.76 -74.72
CA VAL G 1023 -46.89 -0.68 -74.10
C VAL G 1023 -47.01 -0.94 -72.63
N SER G 1024 -47.08 0.11 -71.84
CA SER G 1024 -47.20 -0.09 -70.40
C SER G 1024 -47.70 1.19 -69.75
N ARG H 14 -87.48 -27.13 -20.24
CA ARG H 14 -86.18 -27.38 -19.64
C ARG H 14 -85.22 -26.27 -20.07
N ASP H 15 -84.18 -26.03 -19.28
CA ASP H 15 -83.24 -24.92 -19.54
C ASP H 15 -81.92 -25.34 -20.18
N GLY H 16 -81.84 -26.56 -20.72
CA GLY H 16 -80.63 -27.03 -21.36
C GLY H 16 -79.49 -27.17 -20.36
N THR H 17 -78.38 -26.55 -20.68
CA THR H 17 -77.18 -26.59 -19.83
C THR H 17 -76.34 -25.35 -20.00
N GLY H 18 -75.21 -25.35 -19.30
CA GLY H 18 -74.34 -24.20 -19.33
C GLY H 18 -73.06 -24.45 -18.57
N ARG H 19 -72.23 -23.42 -18.52
CA ARG H 19 -70.87 -23.54 -18.00
C ARG H 19 -70.79 -23.98 -16.53
N ARG H 20 -71.68 -23.49 -15.68
CA ARG H 20 -71.60 -23.83 -14.26
C ARG H 20 -72.08 -25.25 -13.96
N ASP H 21 -72.65 -25.94 -14.93
CA ASP H 21 -73.28 -27.23 -14.70
C ASP H 21 -72.38 -28.33 -15.25
N LEU H 22 -71.15 -28.01 -15.65
CA LEU H 22 -70.29 -28.96 -16.34
C LEU H 22 -69.33 -29.73 -15.45
N LEU H 23 -69.45 -29.66 -14.13
CA LEU H 23 -68.52 -30.36 -13.24
C LEU H 23 -69.08 -31.72 -12.83
N ASP H 24 -68.33 -32.78 -13.14
CA ASP H 24 -68.70 -34.13 -12.78
C ASP H 24 -68.10 -34.44 -11.40
N PRO H 25 -68.92 -34.56 -10.35
CA PRO H 25 -68.44 -34.75 -8.98
C PRO H 25 -67.73 -36.07 -8.74
N LYS H 26 -67.87 -37.04 -9.63
CA LYS H 26 -67.25 -38.33 -9.41
C LYS H 26 -66.32 -38.73 -10.53
N LEU H 27 -65.64 -37.77 -11.13
CA LEU H 27 -64.63 -38.10 -12.12
C LEU H 27 -63.24 -37.93 -11.55
N ALA H 28 -63.06 -36.92 -10.71
CA ALA H 28 -61.77 -36.67 -10.10
C ALA H 28 -61.32 -37.88 -9.30
N PRO H 29 -60.09 -38.38 -9.55
CA PRO H 29 -59.55 -39.55 -8.84
C PRO H 29 -59.67 -39.53 -7.33
N GLU H 30 -59.60 -38.35 -6.73
CA GLU H 30 -59.65 -38.26 -5.29
C GLU H 30 -60.89 -38.89 -4.68
N SER H 31 -62.00 -38.89 -5.40
CA SER H 31 -63.23 -39.43 -4.84
C SER H 31 -63.07 -40.85 -4.31
N VAL H 32 -62.00 -41.53 -4.70
CA VAL H 32 -61.76 -42.89 -4.29
C VAL H 32 -60.54 -42.97 -3.40
N GLN H 33 -60.73 -43.46 -2.20
CA GLN H 33 -59.64 -43.65 -1.27
C GLN H 33 -59.48 -45.14 -1.09
N LEU H 34 -58.47 -45.71 -1.76
CA LEU H 34 -58.28 -47.15 -1.78
C LEU H 34 -58.07 -47.71 -0.38
N GLN H 35 -57.40 -46.96 0.48
CA GLN H 35 -57.16 -47.36 1.86
C GLN H 35 -57.68 -46.28 2.78
N ASP H 36 -58.59 -46.58 3.70
CA ASP H 36 -59.11 -45.54 4.60
C ASP H 36 -58.96 -45.83 6.12
N PHE H 37 -58.12 -46.75 6.56
CA PHE H 37 -58.08 -47.00 8.01
C PHE H 37 -57.37 -45.87 8.74
N GLU H 38 -57.85 -45.60 9.96
CA GLU H 38 -57.25 -44.67 10.90
C GLU H 38 -56.56 -45.43 12.02
N LEU H 39 -55.90 -44.70 12.93
CA LEU H 39 -55.22 -45.38 14.04
C LEU H 39 -56.19 -46.21 14.84
N SER H 40 -57.43 -45.71 14.96
CA SER H 40 -58.43 -46.33 15.79
C SER H 40 -58.92 -47.64 15.14
N ASP H 41 -58.76 -47.80 13.83
CA ASP H 41 -59.22 -49.02 13.19
C ASP H 41 -58.19 -50.10 13.32
N TRP H 42 -56.91 -49.71 13.31
CA TRP H 42 -55.90 -50.72 13.52
C TRP H 42 -55.89 -51.16 14.97
N LEU H 43 -56.29 -50.28 15.89
CA LEU H 43 -56.41 -50.70 17.27
C LEU H 43 -57.55 -51.69 17.45
N ILE H 44 -58.68 -51.50 16.75
CA ILE H 44 -59.77 -52.48 16.83
C ILE H 44 -59.31 -53.82 16.29
N PHE H 45 -58.57 -53.78 15.18
CA PHE H 45 -57.98 -54.98 14.59
C PHE H 45 -57.18 -55.75 15.64
N ALA H 46 -56.31 -55.05 16.37
CA ALA H 46 -55.49 -55.65 17.42
C ALA H 46 -56.32 -56.25 18.56
N LEU H 47 -57.41 -55.59 18.96
CA LEU H 47 -58.23 -56.11 20.05
C LEU H 47 -58.83 -57.47 19.70
N ASN H 48 -59.16 -57.68 18.43
CA ASN H 48 -59.73 -58.94 17.99
C ASN H 48 -58.63 -59.98 17.85
N PHE H 49 -57.53 -59.58 17.19
CA PHE H 49 -56.42 -60.47 16.89
C PHE H 49 -55.83 -61.08 18.16
N ALA H 50 -55.78 -60.31 19.24
CA ALA H 50 -55.25 -60.75 20.53
C ALA H 50 -55.94 -61.98 21.07
N ARG H 51 -57.19 -62.23 20.67
CA ARG H 51 -57.95 -63.38 21.14
C ARG H 51 -57.82 -64.61 20.27
N LYS H 52 -57.08 -64.50 19.17
CA LYS H 52 -56.87 -65.63 18.28
C LYS H 52 -55.48 -66.23 18.40
N ILE H 53 -54.66 -65.72 19.30
CA ILE H 53 -53.27 -66.10 19.48
C ILE H 53 -53.08 -66.64 20.89
N HIS H 54 -52.42 -67.80 21.03
CA HIS H 54 -52.12 -68.42 22.31
C HIS H 54 -51.10 -67.59 23.08
N PHE H 55 -51.04 -67.73 24.41
CA PHE H 55 -50.02 -67.07 25.21
C PHE H 55 -49.31 -68.14 26.00
N PHE H 56 -48.00 -68.09 26.07
CA PHE H 56 -47.21 -69.12 26.75
C PHE H 56 -46.52 -68.60 28.00
N PRO H 57 -46.99 -68.98 29.19
CA PRO H 57 -46.38 -68.58 30.47
C PRO H 57 -44.95 -69.08 30.62
N SER H 58 -44.14 -68.30 31.34
CA SER H 58 -42.72 -68.60 31.44
C SER H 58 -42.45 -69.80 32.36
N ASP H 59 -43.44 -70.28 33.12
CA ASP H 59 -43.23 -71.40 34.01
C ASP H 59 -43.74 -72.73 33.46
N LEU H 60 -44.18 -72.77 32.21
CA LEU H 60 -44.63 -74.03 31.62
C LEU H 60 -43.71 -74.43 30.49
N ALA H 61 -43.59 -75.73 30.24
CA ALA H 61 -42.72 -76.20 29.18
C ALA H 61 -43.39 -76.06 27.82
N ASN H 62 -43.50 -74.82 27.38
CA ASN H 62 -44.14 -74.51 26.13
C ASN H 62 -45.58 -75.01 26.07
N GLU H 63 -46.34 -74.85 27.15
CA GLU H 63 -47.72 -75.22 27.12
C GLU H 63 -48.50 -73.92 27.06
N PRO H 64 -49.56 -73.83 26.28
CA PRO H 64 -50.35 -72.59 26.19
C PRO H 64 -51.26 -72.45 27.40
N LEU H 65 -51.55 -71.19 27.77
CA LEU H 65 -52.51 -70.93 28.84
C LEU H 65 -53.16 -69.55 28.65
N GLY H 66 -54.22 -69.48 27.86
CA GLY H 66 -54.86 -68.19 27.63
C GLY H 66 -54.34 -67.50 26.38
N ASP H 67 -54.54 -66.18 26.33
CA ASP H 67 -54.28 -65.39 25.12
C ASP H 67 -53.60 -64.07 25.50
N TRP H 68 -53.66 -63.10 24.59
CA TRP H 68 -53.01 -61.81 24.74
C TRP H 68 -53.99 -60.70 25.08
N ARG H 69 -55.19 -61.07 25.51
CA ARG H 69 -56.28 -60.15 25.80
C ARG H 69 -55.89 -59.02 26.74
N ASN H 70 -55.10 -59.31 27.76
CA ASN H 70 -54.78 -58.35 28.79
C ASN H 70 -53.77 -57.31 28.39
N PHE H 71 -53.22 -57.40 27.18
CA PHE H 71 -52.22 -56.44 26.78
C PHE H 71 -52.82 -55.24 26.08
N PHE H 72 -54.10 -55.27 25.72
CA PHE H 72 -54.76 -54.15 25.05
C PHE H 72 -55.96 -53.64 25.84
N SER H 73 -56.10 -54.09 27.08
CA SER H 73 -57.27 -53.82 27.88
C SER H 73 -57.26 -52.38 28.39
N THR H 74 -56.13 -51.69 28.33
CA THR H 74 -56.00 -50.32 28.79
C THR H 74 -56.38 -49.28 27.77
N ILE H 75 -56.76 -49.71 26.57
CA ILE H 75 -57.18 -48.76 25.55
C ILE H 75 -58.62 -48.37 25.74
N VAL H 76 -59.48 -49.34 26.01
CA VAL H 76 -60.91 -49.13 26.13
C VAL H 76 -61.30 -48.83 27.57
N SER H 77 -61.89 -47.64 27.77
CA SER H 77 -62.24 -47.11 29.08
C SER H 77 -63.54 -47.70 29.60
N ASP H 78 -64.33 -48.36 28.74
CA ASP H 78 -65.57 -49.00 29.16
C ASP H 78 -65.57 -50.40 28.59
N LYS H 79 -65.32 -51.34 29.49
CA LYS H 79 -65.11 -52.73 29.17
C LYS H 79 -66.36 -53.39 28.62
N THR H 80 -67.52 -52.75 28.82
CA THR H 80 -68.77 -53.28 28.28
C THR H 80 -68.67 -53.51 26.79
N LEU H 81 -68.03 -52.57 26.10
CA LEU H 81 -68.01 -52.56 24.65
C LEU H 81 -67.15 -53.62 24.03
N ILE H 82 -66.34 -54.33 24.80
CA ILE H 82 -65.48 -55.33 24.21
C ILE H 82 -65.69 -56.69 24.83
N SER H 83 -66.78 -56.88 25.59
CA SER H 83 -67.02 -58.17 26.26
C SER H 83 -67.16 -59.32 25.27
N ASP H 84 -67.58 -59.02 24.05
CA ASP H 84 -67.77 -59.97 23.00
C ASP H 84 -67.30 -59.38 21.67
N ILE H 85 -66.19 -58.64 21.70
CA ILE H 85 -65.73 -57.85 20.54
C ILE H 85 -65.69 -58.63 19.23
N GLU H 86 -65.43 -59.94 19.28
CA GLU H 86 -65.24 -60.68 18.04
C GLU H 86 -66.57 -60.88 17.32
N ASN H 87 -67.69 -60.55 17.96
CA ASN H 87 -69.02 -60.68 17.37
C ASN H 87 -69.69 -59.36 17.04
N LEU H 88 -68.97 -58.24 17.02
CA LEU H 88 -69.61 -56.96 16.74
C LEU H 88 -69.77 -56.68 15.26
N ASP H 89 -70.79 -55.91 14.95
CA ASP H 89 -71.08 -55.41 13.61
C ASP H 89 -71.28 -53.90 13.61
N ASP H 90 -71.00 -53.27 14.74
CA ASP H 90 -71.17 -51.85 14.94
C ASP H 90 -70.05 -51.38 15.86
N PHE H 91 -69.16 -50.60 15.29
CA PHE H 91 -67.98 -50.15 16.00
C PHE H 91 -68.01 -48.67 16.35
N GLU H 92 -69.17 -48.01 16.31
CA GLU H 92 -69.19 -46.56 16.50
C GLU H 92 -68.87 -46.21 17.95
N LYS H 93 -69.41 -46.98 18.91
CA LYS H 93 -69.16 -46.68 20.32
C LYS H 93 -67.73 -47.00 20.68
N LEU H 94 -67.23 -48.10 20.13
CA LEU H 94 -65.89 -48.54 20.43
C LEU H 94 -64.88 -47.58 19.86
N ARG H 95 -65.10 -47.16 18.60
CA ARG H 95 -64.19 -46.22 17.96
C ARG H 95 -64.13 -44.91 18.73
N GLY H 96 -65.28 -44.47 19.25
CA GLY H 96 -65.33 -43.27 20.07
C GLY H 96 -64.43 -43.33 21.28
N ASN H 97 -64.52 -44.40 22.07
CA ASN H 97 -63.65 -44.50 23.26
C ASN H 97 -62.19 -44.59 22.88
N ILE H 98 -61.88 -45.25 21.77
CA ILE H 98 -60.48 -45.35 21.37
C ILE H 98 -59.92 -43.98 21.04
N GLU H 99 -60.73 -43.14 20.40
CA GLU H 99 -60.25 -41.83 20.03
C GLU H 99 -59.96 -40.99 21.28
N GLU H 100 -60.82 -41.10 22.32
CA GLU H 100 -60.51 -40.44 23.59
C GLU H 100 -59.20 -40.87 24.20
N PHE H 101 -58.92 -42.16 24.18
CA PHE H 101 -57.66 -42.69 24.66
C PHE H 101 -56.48 -42.05 23.95
N LEU H 102 -56.54 -42.04 22.62
CA LEU H 102 -55.44 -41.52 21.84
C LEU H 102 -55.21 -40.06 22.14
N ALA H 103 -56.28 -39.29 22.30
CA ALA H 103 -56.10 -37.88 22.64
C ALA H 103 -55.47 -37.71 24.01
N ALA H 104 -55.94 -38.49 25.00
CA ALA H 104 -55.51 -38.36 26.38
C ALA H 104 -54.02 -38.61 26.56
N TYR H 105 -53.46 -39.53 25.80
CA TYR H 105 -52.06 -39.87 25.96
C TYR H 105 -51.17 -39.20 24.93
N ASP H 106 -51.72 -38.34 24.09
CA ASP H 106 -50.87 -37.73 23.09
C ASP H 106 -49.96 -36.74 23.77
N GLN H 107 -48.67 -37.04 23.68
CA GLN H 107 -47.61 -36.25 24.28
C GLN H 107 -47.71 -36.19 25.79
N SER H 108 -48.20 -37.25 26.43
CA SER H 108 -48.25 -37.27 27.90
C SER H 108 -47.00 -37.86 28.51
N GLY H 109 -46.31 -38.74 27.80
CA GLY H 109 -45.18 -39.45 28.33
C GLY H 109 -45.55 -40.61 29.23
N LYS H 110 -46.80 -41.06 29.21
CA LYS H 110 -47.28 -42.05 30.18
C LYS H 110 -47.66 -43.45 29.67
N LEU H 111 -47.37 -43.84 28.43
CA LEU H 111 -47.76 -45.21 28.04
C LEU H 111 -46.71 -46.27 28.35
N THR H 112 -47.20 -47.48 28.62
CA THR H 112 -46.34 -48.63 28.81
C THR H 112 -45.65 -48.89 27.48
N PRO H 113 -44.37 -49.27 27.53
CA PRO H 113 -43.54 -49.50 26.33
C PRO H 113 -44.07 -50.42 25.25
N HIS H 114 -44.85 -51.45 25.55
CA HIS H 114 -45.29 -52.27 24.43
C HIS H 114 -46.33 -51.53 23.58
N LEU H 115 -47.08 -50.61 24.17
CA LEU H 115 -48.03 -49.85 23.38
C LEU H 115 -47.34 -48.71 22.71
N THR H 116 -46.30 -48.18 23.36
CA THR H 116 -45.56 -47.09 22.77
C THR H 116 -45.02 -47.49 21.40
N LEU H 117 -44.43 -48.69 21.28
CA LEU H 117 -43.97 -49.12 19.96
C LEU H 117 -45.11 -49.32 18.98
N PHE H 118 -46.18 -49.98 19.41
CA PHE H 118 -47.25 -50.29 18.48
C PHE H 118 -47.85 -49.03 17.89
N VAL H 119 -48.09 -48.03 18.73
CA VAL H 119 -48.70 -46.80 18.24
C VAL H 119 -47.73 -46.02 17.37
N SER H 120 -46.44 -45.94 17.74
CA SER H 120 -45.47 -45.22 16.90
C SER H 120 -45.39 -45.83 15.51
N PHE H 121 -45.44 -47.16 15.45
CA PHE H 121 -45.46 -47.86 14.18
C PHE H 121 -46.66 -47.45 13.36
N LEU H 122 -47.84 -47.44 13.97
CA LEU H 122 -49.03 -47.06 13.22
C LEU H 122 -48.95 -45.64 12.71
N LYS H 123 -48.34 -44.74 13.47
CA LYS H 123 -48.17 -43.38 12.97
C LYS H 123 -47.21 -43.32 11.79
N LEU H 124 -46.13 -44.10 11.81
CA LEU H 124 -45.19 -44.08 10.67
C LEU H 124 -45.86 -44.52 9.38
N LEU H 125 -46.80 -45.47 9.47
CA LEU H 125 -47.51 -45.98 8.30
C LEU H 125 -48.37 -44.96 7.59
N GLU H 126 -48.64 -43.80 8.20
CA GLU H 126 -49.46 -42.82 7.51
C GLU H 126 -48.83 -42.34 6.21
N THR H 127 -47.51 -42.40 6.09
CA THR H 127 -46.88 -41.98 4.85
C THR H 127 -47.07 -43.00 3.75
N SER H 128 -47.40 -44.24 4.11
CA SER H 128 -47.63 -45.26 3.12
C SER H 128 -49.01 -45.10 2.56
N LYS H 129 -49.94 -44.70 3.40
CA LYS H 129 -51.29 -44.46 2.98
C LYS H 129 -51.30 -43.34 1.95
N LYS H 130 -50.52 -42.30 2.17
CA LYS H 130 -50.46 -41.17 1.26
C LYS H 130 -50.00 -41.59 -0.13
N ARG H 131 -48.96 -42.41 -0.21
CA ARG H 131 -48.45 -42.88 -1.49
C ARG H 131 -49.40 -43.86 -2.15
N PHE H 132 -49.93 -44.79 -1.39
CA PHE H 132 -50.80 -45.83 -1.90
C PHE H 132 -52.07 -45.28 -2.50
N ASN H 133 -52.66 -44.28 -1.91
CA ASN H 133 -53.90 -43.73 -2.44
C ASN H 133 -53.72 -42.86 -3.69
N GLN H 134 -52.52 -42.69 -4.20
CA GLN H 134 -52.34 -41.95 -5.44
C GLN H 134 -52.41 -42.85 -6.67
N LEU H 135 -52.61 -44.14 -6.45
CA LEU H 135 -52.67 -45.10 -7.54
C LEU H 135 -53.85 -44.87 -8.48
N THR H 136 -54.98 -44.39 -7.96
CA THR H 136 -56.14 -44.17 -8.82
C THR H 136 -55.88 -43.08 -9.84
N LYS H 137 -55.10 -42.07 -9.48
CA LYS H 137 -54.79 -41.03 -10.42
C LYS H 137 -53.81 -41.51 -11.46
N ARG H 138 -52.79 -42.25 -11.02
CA ARG H 138 -51.79 -42.77 -11.94
C ARG H 138 -52.42 -43.68 -12.97
N HIS H 139 -53.38 -44.48 -12.54
CA HIS H 139 -54.10 -45.38 -13.42
C HIS H 139 -54.87 -44.62 -14.48
N LEU H 140 -55.62 -43.60 -14.07
CA LEU H 140 -56.39 -42.81 -15.02
C LEU H 140 -55.51 -42.12 -16.04
N ASP H 141 -54.42 -41.51 -15.58
CA ASP H 141 -53.50 -40.79 -16.45
C ASP H 141 -52.88 -41.70 -17.47
N PHE H 142 -52.52 -42.88 -17.05
CA PHE H 142 -51.94 -43.86 -17.94
C PHE H 142 -52.89 -44.20 -19.07
N TYR H 143 -54.13 -44.49 -18.74
CA TYR H 143 -55.08 -44.86 -19.77
C TYR H 143 -55.30 -43.72 -20.77
N TYR H 144 -55.55 -42.51 -20.31
CA TYR H 144 -55.81 -41.45 -21.29
C TYR H 144 -54.56 -41.05 -22.08
N GLN H 145 -53.38 -41.03 -21.45
CA GLN H 145 -52.21 -40.53 -22.15
C GLN H 145 -51.36 -41.58 -22.85
N GLU H 146 -51.25 -42.79 -22.34
CA GLU H 146 -50.38 -43.77 -22.96
C GLU H 146 -51.13 -44.81 -23.77
N ILE H 147 -52.35 -45.13 -23.38
CA ILE H 147 -53.14 -46.07 -24.16
C ILE H 147 -53.89 -45.36 -25.26
N LEU H 148 -54.59 -44.28 -24.94
CA LEU H 148 -55.35 -43.59 -25.96
C LEU H 148 -54.56 -42.51 -26.68
N HIS H 149 -53.36 -42.19 -26.21
CA HIS H 149 -52.47 -41.19 -26.81
C HIS H 149 -53.09 -39.79 -26.93
N LEU H 150 -53.79 -39.33 -25.90
CA LEU H 150 -54.42 -38.01 -25.98
C LEU H 150 -53.66 -36.99 -25.14
N GLU H 151 -53.37 -35.83 -25.72
CA GLU H 151 -52.62 -34.79 -25.01
C GLU H 151 -53.49 -33.58 -24.69
N LYS H 152 -52.90 -32.63 -23.96
CA LYS H 152 -53.56 -31.39 -23.57
C LYS H 152 -53.38 -30.31 -24.63
N GLN H 153 -54.30 -29.36 -24.65
CA GLN H 153 -54.23 -28.25 -25.59
C GLN H 153 -53.43 -27.07 -25.05
N ALA H 154 -52.76 -26.39 -25.97
CA ALA H 154 -51.89 -25.24 -25.75
C ALA H 154 -52.65 -23.91 -25.71
N LEU H 155 -51.89 -22.89 -25.27
CA LEU H 155 -52.28 -21.48 -25.10
C LEU H 155 -52.48 -20.70 -26.41
N SER H 156 -53.45 -19.77 -26.41
CA SER H 156 -53.67 -18.78 -27.47
C SER H 156 -53.51 -17.35 -26.96
N PRO H 157 -52.74 -16.51 -27.64
CA PRO H 157 -52.51 -15.11 -27.23
C PRO H 157 -53.71 -14.21 -27.52
N ASP H 158 -53.86 -13.13 -26.74
CA ASP H 158 -54.95 -12.17 -26.93
C ASP H 158 -54.56 -10.96 -27.81
N HIS H 159 -55.60 -10.26 -28.29
CA HIS H 159 -55.49 -9.09 -29.17
C HIS H 159 -56.07 -7.82 -28.54
N VAL H 160 -55.40 -6.66 -28.79
CA VAL H 160 -55.88 -5.35 -28.35
C VAL H 160 -55.75 -4.29 -29.43
N PHE H 161 -56.51 -3.19 -29.26
CA PHE H 161 -56.33 -1.98 -30.05
C PHE H 161 -55.87 -0.84 -29.18
N LEU H 162 -54.94 -0.07 -29.70
CA LEU H 162 -54.39 1.09 -29.01
C LEU H 162 -54.60 2.34 -29.83
N ILE H 163 -54.84 3.47 -29.16
CA ILE H 163 -54.98 4.75 -29.85
C ILE H 163 -53.77 5.62 -29.56
N PHE H 164 -53.13 6.13 -30.61
CA PHE H 164 -51.90 6.90 -30.45
C PHE H 164 -52.06 8.40 -30.71
N GLU H 165 -51.40 9.22 -29.87
CA GLU H 165 -51.32 10.67 -30.02
C GLU H 165 -49.85 11.11 -30.17
N LEU H 166 -49.55 11.82 -31.26
CA LEU H 166 -48.17 12.23 -31.55
C LEU H 166 -47.75 13.47 -30.79
N ALA H 167 -46.42 13.63 -30.71
CA ALA H 167 -45.80 14.77 -30.05
C ALA H 167 -46.14 16.07 -30.75
N LYS H 168 -46.23 17.14 -29.94
CA LYS H 168 -46.58 18.47 -30.43
C LYS H 168 -45.71 18.95 -31.59
N ASN H 169 -44.43 18.62 -31.56
CA ASN H 169 -43.49 19.17 -32.52
C ASN H 169 -43.20 18.28 -33.74
N VAL H 170 -44.00 17.25 -34.01
CA VAL H 170 -43.77 16.43 -35.19
C VAL H 170 -45.05 16.47 -36.01
N SER H 171 -44.95 16.09 -37.27
CA SER H 171 -46.16 16.06 -38.10
C SER H 171 -46.59 14.69 -38.54
N GLN H 172 -45.61 13.80 -38.70
CA GLN H 172 -45.84 12.44 -39.14
C GLN H 172 -44.74 11.54 -38.62
N GLU H 173 -45.03 10.24 -38.53
CA GLU H 173 -44.08 9.26 -38.07
C GLU H 173 -44.45 7.88 -38.57
N LYS H 174 -43.47 6.96 -38.57
CA LYS H 174 -43.73 5.61 -39.06
C LYS H 174 -43.52 4.64 -37.90
N LEU H 175 -44.51 3.78 -37.66
CA LEU H 175 -44.43 2.82 -36.57
C LEU H 175 -44.24 1.41 -37.15
N ASP H 176 -43.03 0.88 -36.95
CA ASP H 176 -42.62 -0.42 -37.43
C ASP H 176 -43.20 -1.62 -36.72
N GLU H 177 -43.28 -2.74 -37.45
CA GLU H 177 -43.77 -3.99 -36.90
C GLU H 177 -42.84 -4.53 -35.85
N GLY H 178 -43.42 -5.12 -34.83
CA GLY H 178 -42.67 -5.70 -33.75
C GLY H 178 -42.37 -4.81 -32.60
N THR H 179 -42.82 -3.57 -32.62
CA THR H 179 -42.53 -2.67 -31.53
C THR H 179 -43.14 -3.21 -30.26
N GLU H 180 -42.39 -3.18 -29.17
CA GLU H 180 -42.86 -3.69 -27.89
C GLU H 180 -43.69 -2.71 -27.09
N VAL H 181 -44.68 -3.22 -26.39
CA VAL H 181 -45.59 -2.42 -25.60
C VAL H 181 -45.52 -2.94 -24.17
N ASP H 182 -45.82 -2.14 -23.16
CA ASP H 182 -45.72 -2.69 -21.81
C ASP H 182 -46.97 -2.60 -20.94
N GLY H 183 -47.38 -3.71 -20.35
CA GLY H 183 -48.52 -3.63 -19.44
C GLY H 183 -48.85 -4.61 -18.32
N GLY H 184 -48.56 -4.41 -17.02
CA GLY H 184 -49.10 -5.43 -16.16
C GLY H 184 -48.04 -6.48 -15.89
N LYS H 185 -48.17 -7.11 -14.74
CA LYS H 185 -47.30 -8.20 -14.33
C LYS H 185 -48.07 -9.39 -13.82
N ASP H 186 -47.46 -10.58 -13.92
CA ASP H 186 -48.16 -11.76 -13.45
C ASP H 186 -47.80 -11.92 -11.95
N ASP H 187 -48.11 -13.07 -11.37
CA ASP H 187 -47.86 -13.33 -9.94
C ASP H 187 -46.41 -13.62 -9.62
N THR H 188 -45.56 -13.80 -10.63
CA THR H 188 -44.13 -13.95 -10.52
C THR H 188 -43.41 -12.63 -10.60
N GLY H 189 -44.15 -11.59 -10.95
CA GLY H 189 -43.57 -10.30 -11.17
C GLY H 189 -43.01 -10.11 -12.55
N LYS H 190 -43.32 -11.01 -13.49
CA LYS H 190 -42.80 -10.85 -14.83
C LYS H 190 -43.74 -9.96 -15.62
N LYS H 191 -43.20 -9.18 -16.53
CA LYS H 191 -44.01 -8.23 -17.27
C LYS H 191 -44.62 -8.84 -18.53
N ASN H 192 -45.82 -8.38 -18.88
CA ASN H 192 -46.45 -8.80 -20.10
C ASN H 192 -45.92 -7.95 -21.24
N THR H 193 -45.77 -8.53 -22.42
CA THR H 193 -45.28 -7.80 -23.57
C THR H 193 -46.19 -8.03 -24.74
N TYR H 194 -46.50 -6.99 -25.51
CA TYR H 194 -47.35 -7.15 -26.70
C TYR H 194 -46.61 -6.62 -27.91
N LEU H 195 -46.88 -7.13 -29.11
CA LEU H 195 -46.16 -6.64 -30.28
C LEU H 195 -47.08 -6.07 -31.32
N THR H 196 -46.65 -4.95 -31.91
CA THR H 196 -47.38 -4.33 -33.01
C THR H 196 -47.41 -5.28 -34.20
N SER H 197 -48.60 -5.47 -34.77
CA SER H 197 -48.78 -6.44 -35.85
C SER H 197 -48.46 -5.91 -37.25
N PHE H 198 -48.66 -4.63 -37.53
CA PHE H 198 -48.46 -4.12 -38.88
C PHE H 198 -47.75 -2.79 -38.85
N GLU H 199 -46.93 -2.54 -39.88
CA GLU H 199 -46.36 -1.20 -40.06
C GLU H 199 -47.49 -0.20 -40.28
N THR H 200 -47.45 0.94 -39.58
CA THR H 200 -48.49 1.89 -39.90
C THR H 200 -47.92 3.31 -39.88
N VAL H 201 -48.77 4.27 -40.21
CA VAL H 201 -48.38 5.67 -40.27
C VAL H 201 -49.27 6.48 -39.36
N LEU H 202 -48.65 7.23 -38.47
CA LEU H 202 -49.39 8.06 -37.54
C LEU H 202 -49.24 9.52 -37.95
N ASN H 203 -50.30 10.29 -37.74
CA ASN H 203 -50.28 11.72 -38.02
C ASN H 203 -51.26 12.41 -37.08
N LYS H 204 -51.46 13.71 -37.25
CA LYS H 204 -52.35 14.43 -36.33
C LYS H 204 -53.76 14.61 -36.89
N THR H 205 -54.46 13.53 -37.21
CA THR H 205 -55.81 13.67 -37.73
C THR H 205 -56.78 13.17 -36.67
N LYS H 206 -57.80 13.95 -36.36
CA LYS H 206 -58.73 13.63 -35.30
C LYS H 206 -60.19 13.70 -35.75
N VAL H 207 -61.05 12.85 -35.19
CA VAL H 207 -62.47 12.93 -35.49
C VAL H 207 -63.07 14.08 -34.69
N GLY H 208 -63.67 15.05 -35.38
CA GLY H 208 -64.23 16.21 -34.71
C GLY H 208 -65.73 16.19 -34.52
N GLN H 209 -66.51 15.84 -35.55
CA GLN H 209 -67.96 15.93 -35.44
C GLN H 209 -68.71 14.78 -36.11
N LEU H 210 -69.85 14.40 -35.51
CA LEU H 210 -70.71 13.32 -36.03
C LEU H 210 -72.16 13.79 -36.14
N LYS H 211 -72.72 13.75 -37.35
CA LYS H 211 -74.10 14.20 -37.61
C LYS H 211 -74.88 13.19 -38.43
N SER H 212 -76.22 13.17 -38.30
CA SER H 212 -76.97 12.22 -39.13
C SER H 212 -78.38 12.65 -39.52
N LEU H 213 -78.86 12.08 -40.65
CA LEU H 213 -80.19 12.28 -41.23
C LEU H 213 -80.90 10.98 -41.59
N TYR H 214 -82.23 10.99 -41.58
CA TYR H 214 -82.97 9.88 -42.19
C TYR H 214 -84.33 10.33 -42.72
N ASN H 215 -84.61 10.00 -43.99
CA ASN H 215 -85.88 10.31 -44.65
C ASN H 215 -86.62 9.01 -44.96
N GLU H 216 -87.71 8.76 -44.25
CA GLU H 216 -88.48 7.54 -44.36
C GLU H 216 -89.79 7.80 -45.10
N ILE H 217 -90.06 7.07 -46.18
CA ILE H 217 -91.26 7.34 -46.97
C ILE H 217 -92.21 6.14 -46.96
N SER H 218 -93.47 6.40 -46.60
CA SER H 218 -94.51 5.38 -46.58
C SER H 218 -95.41 5.43 -47.79
N VAL H 219 -95.70 6.62 -48.30
CA VAL H 219 -96.68 6.79 -49.36
C VAL H 219 -96.05 7.38 -50.62
N GLU H 220 -96.26 6.69 -51.73
CA GLU H 220 -95.82 7.14 -53.04
C GLU H 220 -96.40 8.49 -53.39
N LYS H 221 -95.53 9.41 -53.85
CA LYS H 221 -95.90 10.81 -54.15
C LYS H 221 -97.12 10.96 -55.04
N GLU H 222 -97.34 9.99 -55.93
CA GLU H 222 -98.43 10.09 -56.88
C GLU H 222 -99.80 10.03 -56.18
N GLU H 223 -99.84 9.54 -54.93
CA GLU H 223 -101.09 9.48 -54.20
C GLU H 223 -101.38 10.73 -53.39
N ILE H 224 -100.53 11.75 -53.43
CA ILE H 224 -100.83 12.98 -52.72
C ILE H 224 -101.75 13.81 -53.58
N LYS H 225 -103.00 13.94 -53.16
CA LYS H 225 -103.99 14.67 -53.93
C LYS H 225 -104.28 16.03 -53.33
N GLU H 226 -104.07 16.15 -52.04
CA GLU H 226 -104.30 17.37 -51.29
C GLU H 226 -103.25 17.41 -50.20
N LEU H 227 -102.98 18.59 -49.63
CA LEU H 227 -101.97 18.63 -48.57
C LEU H 227 -102.40 17.87 -47.32
N ASN H 228 -103.66 17.99 -46.94
CA ASN H 228 -104.12 17.36 -45.72
C ASN H 228 -104.55 15.91 -45.97
N THR H 229 -103.55 15.07 -46.24
CA THR H 229 -103.82 13.67 -46.49
C THR H 229 -104.29 13.01 -45.19
N PRO H 230 -105.16 11.98 -45.29
CA PRO H 230 -105.65 11.24 -44.11
C PRO H 230 -104.59 10.40 -43.42
N ILE H 231 -103.50 10.15 -44.09
CA ILE H 231 -102.43 9.28 -43.64
C ILE H 231 -101.13 10.04 -43.73
N SER H 232 -100.21 9.75 -42.81
CA SER H 232 -98.89 10.35 -42.89
C SER H 232 -98.23 9.77 -44.14
N THR H 233 -97.46 10.57 -44.83
CA THR H 233 -96.77 10.09 -46.03
C THR H 233 -95.31 9.77 -45.83
N GLY H 234 -94.72 10.27 -44.77
CA GLY H 234 -93.33 10.05 -44.46
C GLY H 234 -92.89 10.89 -43.28
N THR H 235 -91.65 10.63 -42.83
CA THR H 235 -91.00 11.30 -41.70
C THR H 235 -89.55 11.65 -42.03
N PHE H 236 -89.09 12.85 -41.65
CA PHE H 236 -87.70 13.22 -41.95
C PHE H 236 -87.07 13.88 -40.72
N VAL H 237 -86.08 13.20 -40.13
CA VAL H 237 -85.47 13.60 -38.86
C VAL H 237 -83.98 13.82 -38.95
N MET H 238 -83.45 14.52 -37.94
CA MET H 238 -82.02 14.79 -37.88
C MET H 238 -81.46 14.77 -36.47
N ALA H 239 -80.17 14.44 -36.39
CA ALA H 239 -79.40 14.53 -35.15
C ALA H 239 -78.16 15.40 -35.34
N PRO H 240 -78.17 16.64 -34.81
CA PRO H 240 -77.01 17.53 -34.85
C PRO H 240 -75.80 17.01 -34.09
N MET H 241 -76.01 16.13 -33.14
CA MET H 241 -74.93 15.45 -32.42
C MET H 241 -75.36 14.00 -32.35
N ALA H 242 -74.92 13.22 -33.34
CA ALA H 242 -75.36 11.83 -33.53
C ALA H 242 -75.01 10.94 -32.35
N ASN H 243 -73.92 11.22 -31.66
CA ASN H 243 -73.47 10.36 -30.59
C ASN H 243 -73.88 10.84 -29.20
N SER H 244 -74.85 11.71 -29.10
CA SER H 244 -75.40 12.07 -27.80
C SER H 244 -76.68 11.32 -27.52
N PHE H 245 -77.16 11.39 -26.29
CA PHE H 245 -78.33 10.59 -25.90
C PHE H 245 -79.62 11.00 -26.63
N ASP H 246 -79.93 12.29 -26.68
CA ASP H 246 -81.13 12.82 -27.32
C ASP H 246 -80.85 13.40 -28.70
N GLY H 247 -79.64 13.23 -29.20
CA GLY H 247 -79.23 13.81 -30.46
C GLY H 247 -78.81 15.26 -30.39
N LEU H 248 -78.88 15.88 -29.20
CA LEU H 248 -78.58 17.30 -29.02
C LEU H 248 -77.53 17.59 -27.95
N GLY H 249 -76.90 16.57 -27.39
CA GLY H 249 -75.88 16.79 -26.38
C GLY H 249 -76.17 16.20 -25.00
N GLU H 250 -77.29 15.54 -24.74
CA GLU H 250 -77.51 15.05 -23.38
C GLU H 250 -76.60 13.84 -23.16
N ASP H 251 -76.03 13.74 -21.96
CA ASP H 251 -75.11 12.66 -21.61
C ASP H 251 -75.87 11.35 -21.54
N PHE H 252 -75.19 10.27 -21.91
CA PHE H 252 -75.81 8.96 -21.75
C PHE H 252 -75.85 8.64 -20.28
N PRO H 253 -76.93 8.02 -19.81
CA PRO H 253 -77.00 7.58 -18.42
C PRO H 253 -75.93 6.55 -18.19
N LYS H 254 -75.32 6.59 -17.00
CA LYS H 254 -74.20 5.73 -16.58
C LYS H 254 -74.17 4.31 -17.11
N GLY H 255 -75.32 3.64 -17.07
CA GLY H 255 -75.40 2.23 -17.43
C GLY H 255 -75.02 1.87 -18.86
N SER H 256 -75.24 2.75 -19.84
CA SER H 256 -74.93 2.35 -21.21
C SER H 256 -74.77 3.50 -22.19
N GLU H 257 -73.83 3.32 -23.11
CA GLU H 257 -73.63 4.28 -24.19
C GLU H 257 -73.79 3.57 -25.52
N LYS H 258 -74.87 3.86 -26.22
CA LYS H 258 -75.18 3.18 -27.46
C LYS H 258 -75.89 4.16 -28.36
N TRP H 259 -75.55 4.19 -29.64
CA TRP H 259 -76.30 5.07 -30.51
C TRP H 259 -76.45 4.53 -31.93
N TRP H 260 -77.50 4.97 -32.59
CA TRP H 260 -77.78 4.50 -33.94
C TRP H 260 -77.05 5.34 -34.96
N PRO H 261 -76.25 4.71 -35.84
CA PRO H 261 -75.46 5.44 -36.83
C PRO H 261 -76.27 6.26 -37.81
N PHE H 262 -77.53 5.92 -38.04
CA PHE H 262 -78.33 6.70 -38.96
C PHE H 262 -79.62 7.15 -38.31
N GLY H 263 -79.59 7.48 -37.02
CA GLY H 263 -80.76 7.98 -36.32
C GLY H 263 -81.83 6.91 -36.09
N TYR H 264 -83.05 7.38 -35.79
CA TYR H 264 -84.21 6.52 -35.56
C TYR H 264 -85.48 7.35 -35.73
N THR H 265 -86.59 6.68 -36.06
CA THR H 265 -87.86 7.36 -36.21
C THR H 265 -88.94 6.93 -35.24
N LYS H 266 -88.70 5.92 -34.41
CA LYS H 266 -89.75 5.56 -33.48
C LYS H 266 -89.13 5.67 -32.11
N ILE H 267 -89.98 5.88 -31.13
CA ILE H 267 -89.59 6.13 -29.74
C ILE H 267 -89.49 4.87 -28.94
N CYS H 268 -90.48 4.01 -29.05
CA CYS H 268 -90.40 2.76 -28.33
C CYS H 268 -89.82 1.72 -29.26
N ASN H 269 -88.80 1.03 -28.80
CA ASN H 269 -88.15 0.08 -29.68
C ASN H 269 -88.21 -1.28 -28.97
N ALA H 270 -87.33 -2.21 -29.35
CA ALA H 270 -87.39 -3.57 -28.83
C ALA H 270 -87.29 -3.65 -27.31
N SER H 271 -86.54 -2.78 -26.65
CA SER H 271 -86.40 -2.89 -25.21
C SER H 271 -86.56 -1.61 -24.43
N THR H 272 -86.40 -0.45 -25.04
CA THR H 272 -86.43 0.81 -24.30
C THR H 272 -87.20 1.90 -25.01
N VAL H 273 -87.13 3.09 -24.40
CA VAL H 273 -87.83 4.27 -24.88
C VAL H 273 -86.86 5.44 -24.99
N LEU H 274 -86.74 6.01 -26.19
CA LEU H 274 -85.82 7.12 -26.39
C LEU H 274 -86.56 8.44 -26.61
N PRO H 275 -85.93 9.56 -26.24
CA PRO H 275 -86.45 10.89 -26.61
C PRO H 275 -86.53 11.01 -28.12
N ALA H 276 -87.52 11.76 -28.61
CA ALA H 276 -87.66 11.94 -30.04
C ALA H 276 -86.56 12.84 -30.59
N LEU H 277 -86.16 12.57 -31.84
CA LEU H 277 -85.22 13.45 -32.52
C LEU H 277 -85.99 14.61 -33.14
N PRO H 278 -85.39 15.80 -33.22
CA PRO H 278 -86.01 16.94 -33.90
C PRO H 278 -86.15 16.65 -35.37
N LYS H 279 -87.16 17.25 -35.99
CA LYS H 279 -87.39 17.02 -37.39
C LYS H 279 -86.55 17.95 -38.25
N ALA H 280 -86.27 17.49 -39.46
CA ALA H 280 -85.38 18.18 -40.39
C ALA H 280 -85.89 19.57 -40.76
N ARG H 281 -84.94 20.51 -40.84
CA ARG H 281 -85.18 21.89 -41.24
C ARG H 281 -84.94 22.05 -42.72
N LEU H 282 -85.97 22.42 -43.46
CA LEU H 282 -85.91 22.54 -44.90
C LEU H 282 -86.57 23.85 -45.34
N GLY H 283 -86.01 24.51 -46.35
CA GLY H 283 -86.62 25.71 -46.88
C GLY H 283 -85.70 26.49 -47.82
N CYS H 284 -85.97 27.79 -47.96
CA CYS H 284 -85.19 28.64 -48.86
C CYS H 284 -85.37 30.12 -48.53
N SER H 285 -84.58 30.95 -49.21
CA SER H 285 -84.73 32.38 -49.04
C SER H 285 -84.51 33.16 -50.33
N ILE H 286 -85.12 34.35 -50.37
CA ILE H 286 -85.11 35.27 -51.50
C ILE H 286 -84.53 36.60 -51.06
N SER H 287 -83.66 37.17 -51.89
CA SER H 287 -83.15 38.49 -51.56
C SER H 287 -83.12 39.44 -52.73
N SER H 288 -83.72 40.62 -52.55
CA SER H 288 -83.82 41.67 -53.55
C SER H 288 -84.09 43.04 -52.95
N LYS H 289 -83.67 44.07 -53.71
CA LYS H 289 -83.83 45.50 -53.38
C LYS H 289 -85.25 46.01 -53.16
N LEU H 290 -86.29 45.32 -53.65
CA LEU H 290 -87.62 45.83 -53.43
C LEU H 290 -88.08 45.69 -52.00
N LEU H 291 -87.35 44.96 -51.18
CA LEU H 291 -87.73 44.76 -49.82
C LEU H 291 -87.21 45.87 -48.90
N LYS H 292 -86.49 46.86 -49.41
CA LYS H 292 -86.00 47.93 -48.55
C LYS H 292 -87.14 48.87 -48.22
N LEU H 293 -87.91 48.55 -47.17
CA LEU H 293 -89.12 49.27 -46.78
C LEU H 293 -89.03 49.85 -45.37
N SER H 294 -89.12 51.19 -45.23
CA SER H 294 -88.87 51.74 -43.90
C SER H 294 -90.12 52.26 -43.16
N GLU H 295 -91.22 52.61 -43.84
CA GLU H 295 -92.36 53.17 -43.10
C GLU H 295 -93.67 53.04 -43.86
N GLY H 296 -94.77 53.33 -43.15
CA GLY H 296 -96.10 53.32 -43.74
C GLY H 296 -96.69 51.94 -43.75
N THR H 297 -97.72 51.75 -44.58
CA THR H 297 -98.36 50.45 -44.72
C THR H 297 -97.66 49.72 -45.83
N ARG H 298 -97.19 48.52 -45.54
CA ARG H 298 -96.49 47.78 -46.57
C ARG H 298 -97.18 46.50 -46.94
N ASP H 299 -97.37 46.35 -48.25
CA ASP H 299 -97.99 45.16 -48.80
C ASP H 299 -97.06 44.45 -49.80
N ILE H 300 -96.70 43.20 -49.53
CA ILE H 300 -95.73 42.43 -50.34
C ILE H 300 -96.39 41.23 -51.01
N ILE H 301 -96.32 41.15 -52.34
CA ILE H 301 -96.92 40.04 -53.08
C ILE H 301 -95.86 39.24 -53.86
N LEU H 302 -95.88 37.91 -53.69
CA LEU H 302 -94.96 37.02 -54.40
C LEU H 302 -95.67 35.99 -55.27
N GLU H 303 -95.29 35.90 -56.53
CA GLU H 303 -95.79 34.86 -57.41
C GLU H 303 -94.75 33.91 -57.97
N PHE H 304 -95.02 32.61 -57.84
CA PHE H 304 -94.10 31.54 -58.24
C PHE H 304 -94.69 30.68 -59.34
N THR H 305 -94.08 30.67 -60.52
CA THR H 305 -94.58 29.84 -61.62
C THR H 305 -93.61 28.72 -61.98
N PHE H 306 -94.16 27.51 -62.10
CA PHE H 306 -93.48 26.24 -62.32
C PHE H 306 -93.81 25.63 -63.68
N ASN H 307 -93.04 24.60 -64.08
CA ASN H 307 -93.27 23.91 -65.37
C ASN H 307 -94.52 23.02 -65.35
N LYS H 308 -94.86 22.41 -64.20
CA LYS H 308 -95.95 21.47 -64.11
C LYS H 308 -97.06 22.00 -63.20
N PRO H 309 -98.22 21.34 -63.23
CA PRO H 309 -99.38 21.66 -62.41
C PRO H 309 -99.15 21.08 -61.05
N ILE H 310 -99.16 21.89 -60.02
CA ILE H 310 -98.91 21.41 -58.68
C ILE H 310 -99.91 20.43 -58.06
N LEU H 311 -101.20 20.70 -58.15
CA LEU H 311 -102.19 19.82 -57.50
C LEU H 311 -103.58 19.74 -58.12
N PRO H 312 -104.21 18.57 -58.04
CA PRO H 312 -105.60 18.49 -58.52
C PRO H 312 -106.49 19.33 -57.62
N ASN H 313 -106.27 19.26 -56.31
CA ASN H 313 -107.06 19.98 -55.35
C ASN H 313 -106.32 21.25 -54.96
N GLY H 314 -106.93 22.39 -55.26
CA GLY H 314 -106.28 23.63 -54.93
C GLY H 314 -106.29 23.87 -53.44
N GLU H 315 -105.61 24.92 -53.00
CA GLU H 315 -105.44 25.11 -51.56
C GLU H 315 -105.78 26.53 -51.10
N ASP H 316 -106.46 26.55 -49.96
CA ASP H 316 -106.86 27.74 -49.24
C ASP H 316 -105.67 28.39 -48.53
N TYR H 317 -105.78 29.68 -48.26
CA TYR H 317 -104.73 30.35 -47.51
C TYR H 317 -104.53 29.75 -46.13
N THR H 318 -105.58 29.18 -45.52
CA THR H 318 -105.42 28.59 -44.21
C THR H 318 -104.69 27.25 -44.27
N ALA H 319 -104.58 26.67 -45.46
CA ALA H 319 -103.80 25.48 -45.60
C ALA H 319 -102.33 25.84 -45.68
N LEU H 320 -102.03 26.91 -46.41
CA LEU H 320 -100.64 27.32 -46.55
C LEU H 320 -100.06 27.76 -45.21
N ASN H 321 -100.88 28.41 -44.37
CA ASN H 321 -100.38 28.85 -43.05
C ASN H 321 -100.06 27.69 -42.10
N LYS H 322 -100.44 26.46 -42.44
CA LYS H 322 -100.10 25.29 -41.65
C LYS H 322 -98.90 24.57 -42.21
N ALA H 323 -98.46 24.96 -43.38
CA ALA H 323 -97.37 24.32 -44.08
C ALA H 323 -96.08 25.12 -44.05
N MET H 324 -96.17 26.45 -43.94
CA MET H 324 -95.00 27.32 -44.03
C MET H 324 -94.93 28.39 -42.95
N SER H 325 -93.72 28.93 -42.76
CA SER H 325 -93.44 30.04 -41.85
C SER H 325 -92.46 31.04 -42.48
N ILE H 326 -92.78 32.34 -42.45
CA ILE H 326 -91.99 33.35 -43.16
C ILE H 326 -91.44 34.42 -42.20
N GLU H 327 -90.15 34.76 -42.36
CA GLU H 327 -89.48 35.81 -41.57
C GLU H 327 -88.71 36.83 -42.41
N LEU H 328 -88.59 38.07 -41.92
CA LEU H 328 -87.84 39.16 -42.58
C LEU H 328 -86.71 39.72 -41.73
N THR H 329 -85.69 40.26 -42.38
CA THR H 329 -84.61 40.93 -41.65
C THR H 329 -84.99 42.37 -41.36
N GLY H 330 -85.10 42.72 -40.09
CA GLY H 330 -85.46 44.06 -39.70
C GLY H 330 -84.47 44.73 -38.77
N GLU H 331 -84.83 45.92 -38.28
CA GLU H 331 -83.96 46.77 -37.47
C GLU H 331 -83.43 46.11 -36.21
N LYS H 332 -84.23 45.28 -35.54
CA LYS H 332 -83.80 44.70 -34.28
C LYS H 332 -83.59 43.20 -34.37
N GLY H 333 -83.46 42.67 -35.57
CA GLY H 333 -83.33 41.24 -35.71
C GLY H 333 -84.39 40.74 -36.66
N TRP H 334 -84.80 39.49 -36.51
CA TRP H 334 -85.78 38.96 -37.43
C TRP H 334 -87.19 39.36 -37.03
N ILE H 335 -88.00 39.73 -38.03
CA ILE H 335 -89.40 40.04 -37.85
C ILE H 335 -90.16 38.74 -38.02
N ALA H 336 -90.87 38.31 -36.99
CA ALA H 336 -91.47 36.99 -37.02
C ALA H 336 -92.69 36.95 -36.12
N GLY H 337 -93.49 35.92 -36.30
CA GLY H 337 -94.66 35.74 -35.47
C GLY H 337 -95.90 36.22 -36.19
N LEU H 338 -96.93 36.62 -35.45
CA LEU H 338 -98.21 37.05 -36.03
C LEU H 338 -98.16 38.05 -37.20
N PRO H 339 -97.28 39.08 -37.20
CA PRO H 339 -97.19 40.02 -38.34
C PRO H 339 -96.85 39.38 -39.67
N MET H 340 -96.43 38.13 -39.70
CA MET H 340 -96.04 37.47 -40.93
C MET H 340 -96.97 36.33 -41.30
N THR H 341 -98.25 36.48 -41.02
CA THR H 341 -99.28 35.51 -41.39
C THR H 341 -99.72 35.74 -42.83
N LEU H 342 -99.88 34.67 -43.61
CA LEU H 342 -100.35 34.87 -44.97
C LEU H 342 -101.79 35.37 -44.97
N LYS H 343 -102.06 36.29 -45.90
CA LYS H 343 -103.37 36.89 -46.06
C LYS H 343 -104.26 36.07 -46.96
N SER H 344 -105.54 36.44 -46.95
CA SER H 344 -106.61 35.72 -47.62
C SER H 344 -106.55 35.68 -49.14
N ASP H 345 -105.77 36.54 -49.80
CA ASP H 345 -105.72 36.41 -51.25
C ASP H 345 -104.63 35.45 -51.70
N SER H 346 -103.94 34.78 -50.77
CA SER H 346 -102.88 33.86 -51.14
C SER H 346 -103.56 32.51 -51.46
N GLY H 347 -102.80 31.59 -52.06
CA GLY H 347 -103.35 30.28 -52.36
C GLY H 347 -102.86 29.64 -53.64
N ILE H 348 -103.37 28.44 -53.94
CA ILE H 348 -103.00 27.65 -55.12
C ILE H 348 -104.26 27.17 -55.85
N ASN H 349 -104.37 27.47 -57.14
CA ASN H 349 -105.47 26.89 -57.92
C ASN H 349 -104.99 25.54 -58.41
N SER H 350 -105.89 24.55 -58.44
CA SER H 350 -105.51 23.16 -58.68
C SER H 350 -104.71 22.98 -59.97
N GLY H 351 -105.34 23.31 -61.08
CA GLY H 351 -104.73 23.12 -62.37
C GLY H 351 -103.72 24.16 -62.74
N SER H 352 -103.39 25.05 -61.81
CA SER H 352 -102.51 26.14 -62.15
C SER H 352 -101.09 25.72 -61.86
N LYS H 353 -100.18 26.41 -62.51
CA LYS H 353 -98.75 26.25 -62.31
C LYS H 353 -98.22 27.37 -61.45
N LYS H 354 -99.11 28.15 -60.84
CA LYS H 354 -98.71 29.34 -60.09
C LYS H 354 -99.19 29.34 -58.64
N MET H 355 -98.25 29.60 -57.73
CA MET H 355 -98.52 29.77 -56.31
C MET H 355 -98.41 31.23 -55.93
N LYS H 356 -99.36 31.72 -55.12
CA LYS H 356 -99.33 33.11 -54.69
C LYS H 356 -99.24 33.27 -53.18
N LEU H 357 -98.28 34.07 -52.73
CA LEU H 357 -98.15 34.42 -51.32
C LEU H 357 -98.45 35.89 -51.12
N SER H 358 -98.95 36.24 -49.92
CA SER H 358 -99.35 37.62 -49.66
C SER H 358 -99.15 37.98 -48.18
N LEU H 359 -98.33 39.00 -47.91
CA LEU H 359 -97.96 39.43 -46.56
C LEU H 359 -98.11 40.92 -46.37
N THR H 360 -98.47 41.38 -45.15
CA THR H 360 -98.53 42.82 -44.96
C THR H 360 -97.94 43.22 -43.61
N LEU H 361 -97.35 44.41 -43.54
CA LEU H 361 -96.86 44.96 -42.29
C LEU H 361 -97.55 46.27 -41.91
N ASP H 362 -98.02 46.31 -40.67
CA ASP H 362 -98.51 47.51 -40.03
C ASP H 362 -97.51 48.64 -39.96
N SER H 363 -98.03 49.86 -39.88
CA SER H 363 -97.21 51.05 -39.74
C SER H 363 -96.44 51.09 -38.44
N GLU H 364 -96.83 50.25 -37.48
CA GLU H 364 -96.18 50.14 -36.20
C GLU H 364 -95.03 49.12 -36.16
N GLN H 365 -94.74 48.48 -37.27
CA GLN H 365 -93.70 47.47 -37.31
C GLN H 365 -92.33 48.10 -37.58
N PRO H 366 -91.25 47.44 -37.11
CA PRO H 366 -89.86 47.85 -37.40
C PRO H 366 -89.56 47.85 -38.90
N ALA H 367 -88.59 48.65 -39.30
CA ALA H 367 -88.21 48.73 -40.72
C ALA H 367 -87.54 47.45 -41.17
N VAL H 368 -87.65 47.17 -42.46
CA VAL H 368 -86.98 46.06 -43.11
C VAL H 368 -85.64 46.58 -43.60
N VAL H 369 -84.57 45.88 -43.25
CA VAL H 369 -83.22 46.39 -43.47
C VAL H 369 -82.37 45.33 -44.15
N PRO H 370 -81.25 45.75 -44.77
CA PRO H 370 -80.26 44.81 -45.32
C PRO H 370 -79.69 43.89 -44.26
N TYR H 371 -79.35 42.69 -44.68
CA TYR H 371 -78.81 41.68 -43.79
C TYR H 371 -77.46 42.08 -43.17
N GLN H 372 -77.33 41.80 -41.87
CA GLN H 372 -76.11 42.07 -41.11
C GLN H 372 -75.76 40.84 -40.28
N THR H 373 -74.56 40.29 -40.48
CA THR H 373 -74.17 39.11 -39.69
C THR H 373 -74.14 39.34 -38.20
N GLU H 374 -73.86 40.56 -37.77
CA GLU H 374 -73.82 40.91 -36.36
C GLU H 374 -75.19 41.15 -35.75
N LEU H 375 -76.25 41.21 -36.55
CA LEU H 375 -77.59 41.48 -36.06
C LEU H 375 -78.55 40.34 -36.30
N HIS H 376 -78.45 39.69 -37.44
CA HIS H 376 -79.37 38.64 -37.83
C HIS H 376 -78.76 37.26 -37.62
N GLU H 377 -77.59 37.22 -37.00
CA GLU H 377 -76.87 36.03 -36.55
C GLU H 377 -76.64 34.94 -37.60
N GLY H 378 -76.01 35.28 -38.72
CA GLY H 378 -75.73 34.23 -39.69
C GLY H 378 -74.42 34.39 -40.42
N SER H 379 -74.33 33.81 -41.64
CA SER H 379 -73.08 33.87 -42.40
C SER H 379 -73.34 33.97 -43.92
N TYR H 380 -74.41 34.64 -44.34
CA TYR H 380 -74.74 34.71 -45.76
C TYR H 380 -73.99 35.84 -46.45
N GLU H 381 -73.56 35.61 -47.68
CA GLU H 381 -72.92 36.69 -48.46
C GLU H 381 -73.96 37.48 -49.25
N VAL H 382 -74.79 38.19 -48.51
CA VAL H 382 -75.93 38.98 -49.02
C VAL H 382 -75.87 40.42 -48.55
N ASP H 383 -75.97 41.36 -49.49
CA ASP H 383 -75.93 42.79 -49.19
C ASP H 383 -77.31 43.46 -49.30
N GLU H 384 -78.36 42.67 -49.37
CA GLU H 384 -79.74 43.10 -49.48
C GLU H 384 -80.53 42.58 -48.27
N PRO H 385 -81.82 42.92 -48.12
CA PRO H 385 -82.68 42.29 -47.11
C PRO H 385 -82.97 40.85 -47.46
N LEU H 386 -83.29 40.03 -46.46
CA LEU H 386 -83.68 38.64 -46.71
C LEU H 386 -85.12 38.38 -46.37
N LEU H 387 -85.75 37.52 -47.16
CA LEU H 387 -87.04 36.93 -46.86
C LEU H 387 -86.83 35.42 -46.76
N ARG H 388 -87.08 34.85 -45.59
CA ARG H 388 -86.82 33.45 -45.33
C ARG H 388 -88.10 32.65 -45.17
N VAL H 389 -88.21 31.53 -45.86
CA VAL H 389 -89.39 30.69 -45.68
C VAL H 389 -89.00 29.25 -45.37
N LEU H 390 -89.52 28.72 -44.28
CA LEU H 390 -89.26 27.36 -43.88
C LEU H 390 -90.53 26.54 -43.89
N PHE H 391 -90.37 25.25 -44.14
CA PHE H 391 -91.51 24.35 -44.12
C PHE H 391 -91.74 23.75 -42.76
N LYS H 392 -93.00 23.68 -42.37
CA LYS H 392 -93.36 23.11 -41.09
C LYS H 392 -93.41 21.60 -41.25
N THR H 393 -92.23 20.98 -41.29
CA THR H 393 -92.06 19.53 -41.48
C THR H 393 -92.64 18.67 -40.39
N ASN H 394 -93.04 19.30 -39.29
CA ASN H 394 -93.69 18.63 -38.19
C ASN H 394 -95.09 18.20 -38.60
N GLU H 395 -95.67 18.91 -39.56
CA GLU H 395 -97.05 18.73 -39.99
C GLU H 395 -97.11 18.01 -41.32
N LYS H 396 -98.24 17.37 -41.57
CA LYS H 396 -98.42 16.67 -42.83
C LYS H 396 -98.38 17.60 -44.03
N GLU H 397 -98.95 18.80 -43.89
CA GLU H 397 -99.00 19.75 -45.00
C GLU H 397 -97.62 20.26 -45.37
N GLY H 398 -96.81 20.55 -44.35
CA GLY H 398 -95.46 21.03 -44.58
C GLY H 398 -94.62 20.00 -45.29
N TYR H 399 -94.65 18.76 -44.78
CA TYR H 399 -93.90 17.68 -45.38
C TYR H 399 -94.36 17.43 -46.82
N ASN H 400 -95.67 17.47 -47.05
CA ASN H 400 -96.14 17.23 -48.41
C ASN H 400 -95.80 18.36 -49.38
N LEU H 401 -95.81 19.65 -48.97
CA LEU H 401 -95.37 20.66 -49.94
C LEU H 401 -93.94 20.46 -50.32
N TYR H 402 -93.09 20.12 -49.34
CA TYR H 402 -91.70 19.86 -49.64
C TYR H 402 -91.56 18.81 -50.73
N ARG H 403 -92.28 17.69 -50.59
CA ARG H 403 -92.17 16.66 -51.61
C ARG H 403 -92.67 17.12 -52.96
N LEU H 404 -93.78 17.86 -52.98
CA LEU H 404 -94.36 18.32 -54.24
C LEU H 404 -93.42 19.23 -55.01
N PHE H 405 -92.60 20.04 -54.33
CA PHE H 405 -91.71 20.95 -55.03
C PHE H 405 -90.33 20.36 -55.33
N ASN H 406 -90.08 19.08 -55.02
CA ASN H 406 -88.74 18.53 -55.25
C ASN H 406 -88.40 18.37 -56.72
N GLU H 407 -89.39 18.08 -57.55
CA GLU H 407 -89.16 17.86 -58.96
C GLU H 407 -89.83 18.87 -59.87
N ASN H 408 -90.75 19.65 -59.36
CA ASN H 408 -91.43 20.59 -60.23
C ASN H 408 -90.56 21.83 -60.35
N VAL H 409 -89.89 21.97 -61.50
CA VAL H 409 -88.96 23.06 -61.77
C VAL H 409 -89.65 24.43 -61.78
N LEU H 410 -89.02 25.39 -61.10
CA LEU H 410 -89.42 26.80 -61.03
C LEU H 410 -88.90 27.55 -62.26
N THR H 411 -89.75 28.34 -62.91
CA THR H 411 -89.30 29.08 -64.07
C THR H 411 -89.36 30.59 -63.92
N ASP H 412 -90.29 31.11 -63.13
CA ASP H 412 -90.51 32.55 -63.05
C ASP H 412 -90.89 33.04 -61.66
N LEU H 413 -90.34 34.19 -61.27
CA LEU H 413 -90.69 34.86 -60.02
C LEU H 413 -91.07 36.32 -60.23
N LYS H 414 -92.24 36.71 -59.73
CA LYS H 414 -92.68 38.10 -59.82
C LYS H 414 -92.86 38.69 -58.43
N ILE H 415 -92.36 39.91 -58.23
CA ILE H 415 -92.43 40.58 -56.93
C ILE H 415 -93.08 41.96 -57.05
N THR H 416 -94.17 42.17 -56.30
CA THR H 416 -94.85 43.46 -56.33
C THR H 416 -94.92 44.07 -54.94
N VAL H 417 -94.51 45.34 -54.82
CA VAL H 417 -94.54 45.99 -53.52
C VAL H 417 -95.32 47.30 -53.57
N GLU H 418 -96.30 47.41 -52.68
CA GLU H 418 -97.15 48.60 -52.55
C GLU H 418 -97.02 49.25 -51.18
N VAL H 419 -96.77 50.56 -51.17
CA VAL H 419 -96.56 51.29 -49.92
C VAL H 419 -97.43 52.53 -49.85
N SER H 420 -98.05 52.77 -48.69
CA SER H 420 -98.84 53.98 -48.54
C SER H 420 -98.64 54.66 -47.19
N ASP H 421 -99.09 55.92 -47.13
CA ASP H 421 -99.04 56.79 -45.94
C ASP H 421 -97.62 57.09 -45.47
N ILE H 422 -96.78 57.52 -46.41
CA ILE H 422 -95.40 57.91 -46.18
C ILE H 422 -95.34 59.39 -45.84
N THR H 423 -94.68 59.75 -44.74
CA THR H 423 -94.56 61.15 -44.39
C THR H 423 -93.13 61.66 -44.29
N SER H 424 -92.14 60.78 -44.16
CA SER H 424 -90.73 61.20 -44.11
C SER H 424 -90.13 61.55 -45.46
N VAL H 425 -90.54 62.69 -45.98
CA VAL H 425 -90.13 63.10 -47.31
C VAL H 425 -89.30 64.37 -47.24
N GLN H 426 -88.58 64.66 -48.32
CA GLN H 426 -87.74 65.85 -48.38
C GLN H 426 -88.38 66.91 -49.27
N LEU H 427 -88.47 68.14 -48.77
CA LEU H 427 -89.16 69.19 -49.51
C LEU H 427 -88.26 70.38 -49.80
N GLU H 428 -88.40 70.92 -51.01
CA GLU H 428 -87.58 72.05 -51.42
C GLU H 428 -88.35 73.11 -52.20
N ASN H 429 -87.81 74.31 -52.07
CA ASN H 429 -88.19 75.58 -52.63
C ASN H 429 -87.09 76.10 -53.51
N ASP H 430 -87.39 77.19 -54.20
CA ASP H 430 -86.33 77.87 -54.91
C ASP H 430 -85.40 78.57 -53.95
N LEU H 431 -85.82 78.71 -52.71
CA LEU H 431 -85.00 79.34 -51.69
C LEU H 431 -84.30 78.35 -50.78
N GLY H 432 -84.58 77.05 -50.89
CA GLY H 432 -83.93 76.13 -49.97
C GLY H 432 -84.84 75.01 -49.42
N VAL H 433 -84.38 74.42 -48.31
CA VAL H 433 -84.98 73.23 -47.70
C VAL H 433 -86.10 73.60 -46.72
N LEU H 434 -87.23 72.89 -46.83
CA LEU H 434 -88.39 73.13 -45.98
C LEU H 434 -88.55 72.08 -44.88
N ASN H 435 -89.17 72.50 -43.78
CA ASN H 435 -89.50 71.59 -42.70
C ASN H 435 -90.95 71.09 -42.82
N PRO H 436 -91.14 69.82 -43.21
CA PRO H 436 -92.48 69.26 -43.46
C PRO H 436 -93.36 69.08 -42.24
N GLN H 437 -92.81 69.25 -41.04
CA GLN H 437 -93.59 69.08 -39.82
C GLN H 437 -94.31 70.35 -39.40
N LYS H 438 -94.05 71.45 -40.06
CA LYS H 438 -94.63 72.73 -39.75
C LYS H 438 -95.29 73.22 -41.02
N PRO H 439 -96.33 74.06 -40.93
CA PRO H 439 -96.90 74.68 -42.13
C PRO H 439 -95.81 75.38 -42.90
N PHE H 440 -95.79 75.16 -44.21
CA PHE H 440 -94.72 75.66 -45.05
C PHE H 440 -95.30 76.31 -46.29
N PHE H 441 -94.50 77.14 -46.96
CA PHE H 441 -94.95 77.75 -48.20
C PHE H 441 -94.37 77.05 -49.40
N PRO H 442 -95.12 76.19 -50.08
CA PRO H 442 -94.67 75.70 -51.37
C PRO H 442 -94.69 76.92 -52.24
N PHE H 443 -93.74 77.01 -53.15
CA PHE H 443 -93.58 78.14 -54.05
C PHE H 443 -93.23 79.47 -53.37
N GLY H 444 -92.79 79.48 -52.12
CA GLY H 444 -92.35 80.69 -51.47
C GLY H 444 -93.44 81.51 -50.78
N PRO H 445 -93.01 82.40 -49.87
CA PRO H 445 -93.90 83.32 -49.12
C PRO H 445 -94.49 84.43 -49.97
N ARG H 446 -93.92 84.65 -51.14
CA ARG H 446 -94.32 85.68 -52.08
C ARG H 446 -94.16 85.12 -53.50
N PRO H 447 -95.05 84.22 -53.91
CA PRO H 447 -94.91 83.47 -55.17
C PRO H 447 -94.86 84.35 -56.41
N ILE H 448 -94.04 83.93 -57.37
CA ILE H 448 -93.86 84.62 -58.64
C ILE H 448 -94.02 83.62 -59.77
N LYS H 449 -94.26 84.15 -60.97
CA LYS H 449 -94.32 83.32 -62.16
C LYS H 449 -93.04 82.51 -62.30
N GLY H 450 -93.18 81.20 -62.48
CA GLY H 450 -92.03 80.35 -62.62
C GLY H 450 -91.47 79.75 -61.35
N SER H 451 -92.02 80.09 -60.16
CA SER H 451 -91.40 79.53 -58.96
C SER H 451 -91.85 78.07 -58.87
N SER H 452 -91.21 77.29 -57.99
CA SER H 452 -91.52 75.86 -58.03
C SER H 452 -91.54 75.22 -56.63
N PHE H 453 -91.98 73.96 -56.61
CA PHE H 453 -92.04 73.12 -55.42
C PHE H 453 -91.63 71.68 -55.75
N ILE H 454 -90.67 71.14 -54.99
CA ILE H 454 -90.11 69.82 -55.28
C ILE H 454 -90.25 68.83 -54.12
N VAL H 455 -90.73 67.62 -54.43
CA VAL H 455 -90.86 66.51 -53.49
C VAL H 455 -89.88 65.39 -53.84
N LYS H 456 -89.07 64.96 -52.85
CA LYS H 456 -88.10 63.87 -53.05
C LYS H 456 -88.22 62.74 -52.01
N TYR H 457 -88.06 61.50 -52.48
CA TYR H 457 -88.05 60.34 -51.60
C TYR H 457 -87.20 59.21 -52.18
N PRO H 458 -85.90 59.17 -51.84
CA PRO H 458 -84.90 58.22 -52.40
C PRO H 458 -85.28 56.76 -52.36
N GLU H 459 -85.96 56.34 -51.30
CA GLU H 459 -86.36 54.94 -51.17
C GLU H 459 -87.23 54.48 -52.33
N ALA H 460 -88.08 55.36 -52.84
CA ALA H 460 -88.90 54.97 -53.96
C ALA H 460 -88.16 55.19 -55.26
N MET H 461 -87.38 56.25 -55.33
CA MET H 461 -86.76 56.61 -56.60
C MET H 461 -85.69 55.59 -57.04
N GLU H 462 -85.10 54.86 -56.11
CA GLU H 462 -84.16 53.78 -56.44
C GLU H 462 -84.78 52.47 -56.88
N LYS H 463 -86.09 52.34 -56.89
CA LYS H 463 -86.82 51.14 -57.25
C LYS H 463 -87.51 51.29 -58.62
N PRO H 464 -87.87 50.17 -59.27
CA PRO H 464 -88.64 50.22 -60.53
C PRO H 464 -90.10 50.57 -60.31
N VAL H 465 -90.29 51.85 -59.97
CA VAL H 465 -91.58 52.43 -59.62
C VAL H 465 -92.44 52.57 -60.87
N THR H 466 -93.68 52.09 -60.76
CA THR H 466 -94.66 52.17 -61.81
C THR H 466 -95.66 53.27 -61.54
N ALA H 467 -95.83 53.64 -60.28
CA ALA H 467 -96.74 54.73 -59.96
C ALA H 467 -96.33 55.40 -58.67
N ILE H 468 -96.66 56.69 -58.56
CA ILE H 468 -96.33 57.47 -57.36
C ILE H 468 -97.25 58.69 -57.29
N SER H 469 -97.66 59.07 -56.07
CA SER H 469 -98.54 60.23 -55.93
C SER H 469 -98.49 60.87 -54.56
N TYR H 470 -99.01 62.10 -54.47
CA TYR H 470 -99.12 62.75 -53.16
C TYR H 470 -100.31 63.69 -53.02
N GLN H 471 -100.62 64.01 -51.75
CA GLN H 471 -101.72 64.88 -51.35
C GLN H 471 -101.28 65.99 -50.39
N MET H 472 -101.94 67.16 -50.44
CA MET H 472 -101.66 68.29 -49.53
C MET H 472 -102.92 69.04 -49.09
N ASP H 473 -102.90 69.67 -47.90
CA ASP H 473 -103.98 70.55 -47.44
C ASP H 473 -103.54 72.03 -47.43
N TYR H 474 -104.46 72.97 -47.65
CA TYR H 474 -104.12 74.39 -47.51
C TYR H 474 -104.70 74.95 -46.21
N LEU H 475 -104.09 76.02 -45.66
CA LEU H 475 -104.46 76.49 -44.32
C LEU H 475 -105.45 77.66 -44.22
N ASN H 476 -105.14 78.82 -44.79
CA ASN H 476 -105.94 80.02 -44.54
C ASN H 476 -106.51 80.58 -45.82
N LEU H 477 -106.93 79.67 -46.67
CA LEU H 477 -107.46 80.01 -47.96
C LEU H 477 -108.78 80.77 -47.80
N PRO H 478 -108.99 81.85 -48.57
CA PRO H 478 -110.23 82.65 -48.58
C PRO H 478 -111.45 81.85 -48.98
N GLU H 479 -112.63 82.31 -48.56
CA GLU H 479 -113.86 81.60 -48.89
C GLU H 479 -114.07 81.43 -50.39
N ASN H 480 -113.60 82.38 -51.19
CA ASN H 480 -113.70 82.28 -52.63
C ASN H 480 -112.52 83.04 -53.23
N LEU H 481 -111.59 82.27 -53.82
CA LEU H 481 -110.36 82.81 -54.38
C LEU H 481 -110.60 83.74 -55.56
N VAL H 482 -111.70 83.57 -56.27
CA VAL H 482 -111.96 84.44 -57.41
C VAL H 482 -112.52 85.75 -56.93
N ASN H 483 -113.48 85.71 -56.00
CA ASN H 483 -114.04 86.94 -55.47
C ASN H 483 -113.00 87.75 -54.73
N HIS H 484 -112.02 87.07 -54.12
CA HIS H 484 -110.93 87.70 -53.38
C HIS H 484 -110.20 88.76 -54.19
N TYR H 485 -110.08 88.58 -55.51
CA TYR H 485 -109.34 89.48 -56.38
C TYR H 485 -110.24 90.35 -57.25
N SER H 486 -111.49 90.58 -56.84
CA SER H 486 -112.42 91.38 -57.65
C SER H 486 -111.97 92.82 -57.85
N ALA H 487 -111.10 93.33 -56.99
CA ALA H 487 -110.61 94.69 -57.09
C ALA H 487 -109.45 94.86 -58.06
N TYR H 488 -108.98 93.77 -58.65
CA TYR H 488 -107.80 93.79 -59.51
C TYR H 488 -108.24 93.62 -60.96
N THR H 489 -108.48 94.74 -61.64
CA THR H 489 -109.05 94.71 -62.97
C THR H 489 -108.21 95.52 -63.94
N ILE H 490 -108.38 95.25 -65.25
CA ILE H 490 -107.69 96.00 -66.29
C ILE H 490 -108.64 96.42 -67.40
N GLY H 491 -108.18 97.36 -68.23
CA GLY H 491 -108.98 97.81 -69.37
C GLY H 491 -110.30 98.38 -68.89
N ASP H 492 -111.41 97.92 -69.49
CA ASP H 492 -112.72 98.40 -69.06
C ASP H 492 -113.25 97.57 -67.90
N ASP H 493 -112.53 97.68 -66.79
CA ASP H 493 -112.84 97.03 -65.51
C ASP H 493 -113.02 95.50 -65.66
N GLU H 494 -112.13 94.85 -66.40
CA GLU H 494 -112.25 93.41 -66.59
C GLU H 494 -111.31 92.66 -65.65
N PRO H 495 -111.82 91.74 -64.82
CA PRO H 495 -111.01 91.03 -63.81
C PRO H 495 -109.83 90.26 -64.36
N LEU H 496 -108.67 90.39 -63.69
CA LEU H 496 -107.51 89.59 -64.06
C LEU H 496 -107.76 88.12 -63.80
N VAL H 497 -108.43 87.82 -62.70
CA VAL H 497 -108.77 86.45 -62.32
C VAL H 497 -110.23 86.26 -62.65
N SER H 498 -110.50 85.56 -63.75
CA SER H 498 -111.88 85.44 -64.18
C SER H 498 -112.48 84.17 -63.59
N ASP H 499 -111.63 83.15 -63.35
CA ASP H 499 -112.10 81.87 -62.81
C ASP H 499 -110.88 81.11 -62.25
N MET H 500 -111.13 79.93 -61.68
CA MET H 500 -110.14 79.07 -61.06
C MET H 500 -109.01 78.62 -61.99
N ASP H 501 -109.25 78.57 -63.30
CA ASP H 501 -108.24 78.19 -64.29
C ASP H 501 -107.03 79.10 -64.24
N TYR H 502 -107.21 80.31 -63.69
CA TYR H 502 -106.13 81.24 -63.50
C TYR H 502 -104.97 80.60 -62.77
N PHE H 503 -105.25 79.79 -61.76
CA PHE H 503 -104.24 79.20 -60.89
C PHE H 503 -103.89 77.79 -61.39
N SER H 504 -102.86 77.66 -62.22
CA SER H 504 -102.47 76.39 -62.84
C SER H 504 -100.99 76.08 -62.74
N VAL H 505 -100.61 74.81 -62.94
CA VAL H 505 -99.20 74.42 -62.88
C VAL H 505 -98.71 73.49 -63.99
N LYS H 506 -97.39 73.43 -64.13
CA LYS H 506 -96.72 72.47 -64.99
C LYS H 506 -96.08 71.36 -64.17
N SER H 507 -96.35 70.13 -64.56
CA SER H 507 -95.73 68.96 -63.97
C SER H 507 -94.68 68.38 -64.87
N PHE H 508 -93.47 68.45 -64.44
CA PHE H 508 -92.37 67.98 -65.28
C PHE H 508 -92.27 66.48 -65.47
N PRO H 509 -92.61 65.66 -64.48
CA PRO H 509 -92.73 64.21 -64.72
C PRO H 509 -94.00 63.80 -65.43
N LYS H 510 -94.77 64.75 -65.97
CA LYS H 510 -95.95 64.54 -66.80
C LYS H 510 -97.11 63.91 -66.01
N SER H 511 -97.72 64.70 -65.12
CA SER H 511 -98.85 64.26 -64.31
C SER H 511 -100.02 63.73 -65.13
N SER H 512 -100.71 62.76 -64.53
CA SER H 512 -101.82 62.03 -65.14
C SER H 512 -103.15 62.70 -64.80
N ASN H 513 -103.12 63.79 -64.06
CA ASN H 513 -104.34 64.47 -63.67
C ASN H 513 -105.03 65.04 -64.91
N ASP H 514 -106.34 65.21 -64.81
CA ASP H 514 -107.21 65.65 -65.91
C ASP H 514 -107.03 67.10 -66.34
N SER H 515 -106.41 67.94 -65.52
CA SER H 515 -106.20 69.34 -65.87
C SER H 515 -104.98 69.83 -65.12
N ASP H 516 -104.57 71.06 -65.41
CA ASP H 516 -103.39 71.61 -64.75
C ASP H 516 -103.79 72.46 -63.55
N GLN H 517 -105.07 72.48 -63.19
CA GLN H 517 -105.53 73.36 -62.12
C GLN H 517 -104.88 73.01 -60.78
N LEU H 518 -104.41 74.03 -60.07
CA LEU H 518 -103.68 73.86 -58.81
C LEU H 518 -104.56 73.40 -57.66
N PHE H 519 -105.76 73.94 -57.53
CA PHE H 519 -106.62 73.60 -56.40
C PHE H 519 -107.75 72.70 -56.85
N SER H 520 -108.07 71.69 -56.06
CA SER H 520 -109.19 70.82 -56.37
C SER H 520 -110.16 70.94 -55.22
N GLU H 521 -111.45 70.85 -55.53
CA GLU H 521 -112.47 71.12 -54.54
C GLU H 521 -112.37 70.04 -53.47
N LYS H 522 -112.49 70.44 -52.22
CA LYS H 522 -112.42 69.47 -51.13
C LYS H 522 -113.83 69.04 -50.84
N SER H 523 -114.06 67.74 -50.66
CA SER H 523 -115.43 67.26 -50.42
C SER H 523 -116.09 67.97 -49.24
N GLY H 524 -115.28 68.55 -48.35
CA GLY H 524 -115.66 69.41 -47.26
C GLY H 524 -115.39 70.84 -47.66
N GLY H 525 -115.05 71.69 -46.73
CA GLY H 525 -114.75 73.06 -47.12
C GLY H 525 -113.29 73.22 -47.50
N GLY H 526 -112.98 74.28 -48.25
CA GLY H 526 -111.60 74.58 -48.60
C GLY H 526 -111.06 73.76 -49.74
N TYR H 527 -109.73 73.79 -49.87
CA TYR H 527 -109.06 73.15 -50.97
C TYR H 527 -107.88 72.34 -50.49
N GLU H 528 -107.56 71.36 -51.32
CA GLU H 528 -106.46 70.45 -51.22
C GLU H 528 -105.81 70.41 -52.58
N SER H 529 -104.72 69.65 -52.71
CA SER H 529 -104.14 69.47 -54.03
C SER H 529 -103.87 67.98 -54.18
N ASP H 530 -103.74 67.53 -55.43
CA ASP H 530 -103.63 66.09 -55.72
C ASP H 530 -102.74 65.93 -56.95
N PHE H 531 -101.63 65.21 -56.84
CA PHE H 531 -100.79 64.98 -58.01
C PHE H 531 -100.44 63.52 -58.19
N GLU H 532 -100.94 62.94 -59.27
CA GLU H 532 -100.73 61.55 -59.66
C GLU H 532 -99.81 61.38 -60.84
N PHE H 533 -98.81 60.53 -60.69
CA PHE H 533 -97.86 60.27 -61.76
C PHE H 533 -97.84 58.78 -62.12
N GLN H 534 -97.61 58.49 -63.39
CA GLN H 534 -97.54 57.10 -63.86
C GLN H 534 -96.32 56.89 -64.75
N ILE H 535 -95.70 55.73 -64.63
CA ILE H 535 -94.54 55.39 -65.44
C ILE H 535 -94.89 54.11 -66.20
N GLU H 536 -95.06 54.23 -67.52
CA GLU H 536 -95.71 53.17 -68.30
C GLU H 536 -95.07 51.78 -68.22
N ASN H 537 -93.76 51.70 -68.22
CA ASN H 537 -93.09 50.41 -68.12
C ASN H 537 -92.16 50.32 -66.94
N GLY H 538 -92.38 51.15 -65.93
CA GLY H 538 -91.49 51.18 -64.80
C GLY H 538 -90.14 51.82 -65.08
N VAL H 539 -89.95 52.41 -66.24
CA VAL H 539 -88.67 52.99 -66.62
C VAL H 539 -88.75 54.50 -66.56
N TRP H 540 -87.92 55.08 -65.71
CA TRP H 540 -87.87 56.51 -65.53
C TRP H 540 -87.37 57.20 -66.79
N GLU H 541 -88.09 58.22 -67.25
CA GLU H 541 -87.71 58.93 -68.47
C GLU H 541 -86.34 59.59 -68.38
N SER H 542 -85.51 59.32 -69.38
CA SER H 542 -84.14 59.82 -69.33
C SER H 542 -84.17 61.35 -69.40
N GLY H 543 -83.34 61.97 -68.58
CA GLY H 543 -83.28 63.41 -68.48
C GLY H 543 -84.03 63.99 -67.29
N LEU H 544 -84.95 63.23 -66.69
CA LEU H 544 -85.61 63.74 -65.50
C LEU H 544 -84.73 63.39 -64.29
N LYS H 545 -84.83 64.16 -63.22
CA LYS H 545 -83.91 64.03 -62.10
C LYS H 545 -84.35 63.16 -60.93
N LYS H 546 -85.38 62.34 -61.06
CA LYS H 546 -85.87 61.48 -59.96
C LYS H 546 -86.33 62.31 -58.78
N GLU H 547 -87.20 63.27 -59.09
CA GLU H 547 -87.82 64.16 -58.16
C GLU H 547 -89.16 64.54 -58.78
N LEU H 548 -90.13 64.91 -57.96
CA LEU H 548 -91.41 65.34 -58.49
C LEU H 548 -91.49 66.87 -58.44
N LYS H 549 -91.54 67.52 -59.60
CA LYS H 549 -91.48 68.98 -59.68
C LYS H 549 -92.73 69.63 -60.29
N ILE H 550 -93.25 70.63 -59.57
CA ILE H 550 -94.42 71.44 -59.95
C ILE H 550 -94.02 72.93 -60.08
N SER H 551 -94.38 73.60 -61.19
CA SER H 551 -94.10 75.04 -61.35
C SER H 551 -95.33 75.89 -61.65
N LEU H 552 -95.35 77.16 -61.20
CA LEU H 552 -96.49 78.07 -61.42
C LEU H 552 -96.49 78.76 -62.78
N GLU H 553 -97.63 78.64 -63.47
CA GLU H 553 -97.86 79.37 -64.73
C GLU H 553 -98.05 80.89 -64.55
N ARG H 554 -98.77 81.31 -63.51
CA ARG H 554 -99.11 82.70 -63.25
C ARG H 554 -98.95 83.02 -61.77
N SER H 555 -98.57 84.25 -61.47
CA SER H 555 -98.36 84.69 -60.09
C SER H 555 -99.68 84.97 -59.39
N PHE H 556 -99.55 85.23 -58.09
CA PHE H 556 -100.69 85.57 -57.24
C PHE H 556 -100.86 87.07 -57.07
N LEU H 557 -100.20 87.88 -57.92
CA LEU H 557 -100.35 89.34 -58.02
C LEU H 557 -99.83 90.13 -56.82
N HIS H 558 -98.77 89.65 -56.15
CA HIS H 558 -98.21 90.38 -55.03
C HIS H 558 -97.66 91.72 -55.48
N GLU H 559 -97.07 91.72 -56.67
CA GLU H 559 -96.47 92.88 -57.31
C GLU H 559 -97.46 93.97 -57.71
N LYS H 560 -98.78 93.73 -57.63
CA LYS H 560 -99.74 94.76 -58.02
C LYS H 560 -100.49 95.39 -56.87
N TYR H 561 -100.36 94.88 -55.65
CA TYR H 561 -101.19 95.35 -54.55
C TYR H 561 -101.06 96.85 -54.32
N ALA H 562 -99.83 97.36 -54.30
CA ALA H 562 -99.60 98.78 -54.02
C ALA H 562 -100.23 99.68 -55.06
N HIS H 563 -100.16 99.27 -56.33
CA HIS H 563 -100.72 100.03 -57.44
C HIS H 563 -102.23 100.14 -57.40
N TYR H 564 -102.93 99.06 -57.10
CA TYR H 564 -104.39 99.12 -57.07
C TYR H 564 -104.86 99.83 -55.81
N PHE H 565 -104.17 99.61 -54.70
CA PHE H 565 -104.55 100.25 -53.46
C PHE H 565 -104.52 101.76 -53.62
N THR H 566 -103.42 102.26 -54.20
CA THR H 566 -103.23 103.68 -54.41
C THR H 566 -104.32 104.27 -55.27
N LEU H 567 -104.63 103.63 -56.40
CA LEU H 567 -105.59 104.18 -57.34
C LEU H 567 -106.96 104.32 -56.74
N VAL H 568 -107.39 103.36 -55.92
CA VAL H 568 -108.70 103.50 -55.30
C VAL H 568 -108.68 104.66 -54.34
N ALA H 569 -107.64 104.73 -53.52
CA ALA H 569 -107.53 105.72 -52.46
C ALA H 569 -107.51 107.15 -52.99
N ILE H 570 -106.95 107.39 -54.18
CA ILE H 570 -106.85 108.75 -54.68
C ILE H 570 -107.90 109.07 -55.74
N SER H 571 -108.91 108.23 -55.91
CA SER H 571 -109.91 108.49 -56.92
C SER H 571 -110.68 109.77 -56.62
N LYS H 572 -110.94 110.53 -57.66
CA LYS H 572 -111.74 111.74 -57.54
C LYS H 572 -113.14 111.51 -58.03
N ASP H 573 -113.44 110.31 -58.51
CA ASP H 573 -114.75 110.01 -59.04
C ASP H 573 -115.64 109.37 -58.00
N THR H 574 -115.07 108.59 -57.09
CA THR H 574 -115.83 107.86 -56.10
C THR H 574 -115.25 108.05 -54.72
N ASP H 575 -116.09 107.85 -53.72
CA ASP H 575 -115.66 107.84 -52.34
C ASP H 575 -115.25 106.42 -52.02
N PRO H 576 -114.00 106.18 -51.61
CA PRO H 576 -113.54 104.84 -51.26
C PRO H 576 -114.33 104.27 -50.12
N THR H 577 -114.63 102.98 -50.21
CA THR H 577 -115.30 102.22 -49.16
C THR H 577 -114.47 100.98 -48.97
N ILE H 578 -114.73 100.21 -47.91
CA ILE H 578 -113.88 99.03 -47.67
C ILE H 578 -114.03 98.01 -48.79
N GLU H 579 -115.22 97.95 -49.42
CA GLU H 579 -115.50 97.00 -50.48
C GLU H 579 -114.75 97.30 -51.76
N LEU H 580 -114.19 98.49 -51.90
CA LEU H 580 -113.49 98.86 -53.11
C LEU H 580 -111.98 98.72 -52.98
N LEU H 581 -111.48 98.44 -51.80
CA LEU H 581 -110.05 98.33 -51.67
C LEU H 581 -109.65 96.89 -51.92
N PRO H 582 -108.48 96.69 -52.52
CA PRO H 582 -107.98 95.35 -52.78
C PRO H 582 -107.61 94.64 -51.49
N ASN H 583 -107.83 93.34 -51.49
CA ASN H 583 -107.42 92.48 -50.40
C ASN H 583 -105.98 92.10 -50.61
N GLU H 584 -105.29 91.80 -49.54
CA GLU H 584 -103.92 91.34 -49.64
C GLU H 584 -103.88 90.04 -50.45
N PRO H 585 -102.97 89.95 -51.40
CA PRO H 585 -102.77 88.74 -52.21
C PRO H 585 -102.45 87.53 -51.37
N TYR H 586 -102.95 86.39 -51.80
CA TYR H 586 -102.80 85.13 -51.08
C TYR H 586 -101.43 84.48 -51.32
N ALA H 587 -100.86 83.94 -50.25
CA ALA H 587 -99.68 83.10 -50.33
C ALA H 587 -100.11 81.71 -49.85
N PRO H 588 -99.99 80.69 -50.69
CA PRO H 588 -100.56 79.35 -50.44
C PRO H 588 -99.84 78.47 -49.43
N LEU H 589 -99.94 78.85 -48.16
CA LEU H 589 -99.41 78.10 -47.03
C LEU H 589 -100.07 76.72 -46.89
N ALA H 590 -99.28 75.66 -46.66
CA ALA H 590 -99.81 74.29 -46.69
C ALA H 590 -99.24 73.35 -45.62
N GLU H 591 -99.90 72.19 -45.44
CA GLU H 591 -99.51 71.18 -44.46
C GLU H 591 -99.99 69.77 -44.83
N ASN H 592 -99.58 68.79 -44.00
CA ASN H 592 -100.00 67.37 -44.07
C ASN H 592 -99.67 66.68 -45.39
N LEU H 593 -98.48 66.88 -45.92
CA LEU H 593 -98.12 66.18 -47.15
C LEU H 593 -97.96 64.68 -46.93
N VAL H 594 -98.67 63.87 -47.71
CA VAL H 594 -98.63 62.41 -47.68
C VAL H 594 -98.32 61.79 -49.03
N LEU H 595 -97.32 60.89 -49.07
CA LEU H 595 -96.82 60.21 -50.26
C LEU H 595 -97.17 58.71 -50.31
N GLY H 596 -97.38 58.16 -51.52
CA GLY H 596 -97.52 56.70 -51.70
C GLY H 596 -96.95 56.22 -53.05
N TYR H 597 -96.58 54.92 -53.14
CA TYR H 597 -96.02 54.40 -54.41
C TYR H 597 -96.15 52.89 -54.61
N THR H 598 -95.94 52.45 -55.87
CA THR H 598 -95.90 51.04 -56.27
C THR H 598 -94.70 50.74 -57.18
N ALA H 599 -93.99 49.62 -56.92
CA ALA H 599 -92.87 49.17 -57.75
C ALA H 599 -92.94 47.68 -58.05
N ILE H 600 -92.50 47.27 -59.26
CA ILE H 600 -92.61 45.87 -59.72
C ILE H 600 -91.34 45.34 -60.40
N SER H 601 -90.93 44.12 -60.00
CA SER H 601 -89.86 43.36 -60.64
C SER H 601 -90.36 42.01 -61.15
N SER H 602 -89.83 41.55 -62.28
CA SER H 602 -90.25 40.27 -62.84
C SER H 602 -89.10 39.52 -63.49
N ILE H 603 -88.82 38.30 -63.02
CA ILE H 603 -87.62 37.56 -63.40
C ILE H 603 -87.92 36.20 -64.04
N ASP H 604 -87.47 36.05 -65.29
CA ASP H 604 -87.46 34.79 -66.03
C ASP H 604 -86.10 34.16 -65.80
N PHE H 605 -86.08 33.06 -65.06
CA PHE H 605 -84.80 32.47 -64.68
C PHE H 605 -84.06 31.86 -65.85
N SER H 606 -84.76 31.60 -66.95
CA SER H 606 -84.15 30.98 -68.11
C SER H 606 -83.76 31.97 -69.18
N SER H 607 -84.00 33.26 -68.97
CA SER H 607 -83.78 34.15 -70.10
C SER H 607 -82.47 34.90 -69.94
N SER H 608 -81.68 34.83 -70.98
CA SER H 608 -80.52 35.65 -71.18
C SER H 608 -80.98 37.06 -71.47
N SER H 609 -80.03 38.00 -71.42
CA SER H 609 -80.26 39.38 -71.80
C SER H 609 -81.43 39.98 -70.99
N SER H 610 -81.44 39.68 -69.69
CA SER H 610 -82.50 40.15 -68.81
C SER H 610 -81.92 40.44 -67.43
N GLU H 611 -82.43 41.47 -66.80
CA GLU H 611 -81.91 41.88 -65.51
C GLU H 611 -82.48 41.01 -64.40
N ASN H 612 -81.97 39.79 -64.32
CA ASN H 612 -82.44 38.82 -63.34
C ASN H 612 -81.81 39.15 -61.98
N GLN H 613 -82.25 40.26 -61.40
CA GLN H 613 -81.61 40.80 -60.20
C GLN H 613 -82.22 40.23 -58.91
N VAL H 614 -81.94 38.95 -58.66
CA VAL H 614 -82.42 38.30 -57.44
C VAL H 614 -81.41 37.25 -57.00
N SER H 615 -81.29 37.05 -55.69
CA SER H 615 -80.41 36.01 -55.20
C SER H 615 -81.24 34.91 -54.53
N LEU H 616 -80.92 33.65 -54.85
CA LEU H 616 -81.65 32.53 -54.30
C LEU H 616 -80.74 31.63 -53.46
N ILE H 617 -81.20 31.30 -52.25
CA ILE H 617 -80.45 30.45 -51.32
C ILE H 617 -81.31 29.29 -50.81
N HIS H 618 -80.73 28.08 -50.75
CA HIS H 618 -81.41 26.93 -50.16
C HIS H 618 -81.00 26.70 -48.71
N GLU H 619 -81.98 26.40 -47.87
CA GLU H 619 -81.76 26.10 -46.47
C GLU H 619 -81.74 24.60 -46.24
N MET H 620 -80.69 24.11 -45.60
CA MET H 620 -80.45 22.70 -45.40
C MET H 620 -80.34 22.40 -43.92
N PRO H 621 -80.60 21.14 -43.50
CA PRO H 621 -80.52 20.74 -42.10
C PRO H 621 -79.28 21.19 -41.35
N PHE H 622 -78.12 21.22 -41.99
CA PHE H 622 -76.95 21.65 -41.25
C PHE H 622 -76.16 22.72 -42.00
N GLY H 623 -76.83 23.64 -42.69
CA GLY H 623 -76.12 24.66 -43.45
C GLY H 623 -76.98 25.24 -44.56
N PHE H 624 -76.32 25.78 -45.59
CA PHE H 624 -77.06 26.40 -46.68
C PHE H 624 -76.26 26.35 -47.97
N GLN H 625 -76.93 26.69 -49.09
CA GLN H 625 -76.21 26.79 -50.35
C GLN H 625 -76.74 27.92 -51.24
N GLN H 626 -75.82 28.69 -51.80
CA GLN H 626 -76.18 29.70 -52.78
C GLN H 626 -76.50 29.02 -54.09
N VAL H 627 -77.66 29.29 -54.66
CA VAL H 627 -78.09 28.60 -55.86
C VAL H 627 -78.02 29.50 -57.08
N PHE H 628 -78.59 30.70 -56.99
CA PHE H 628 -78.72 31.60 -58.13
C PHE H 628 -78.22 32.98 -57.73
N THR H 629 -77.32 33.58 -58.53
CA THR H 629 -76.86 34.90 -58.11
C THR H 629 -77.41 35.90 -59.13
N PRO H 630 -77.49 37.19 -58.79
CA PRO H 630 -78.00 38.21 -59.73
C PRO H 630 -77.22 38.21 -61.04
N GLY H 631 -77.96 38.21 -62.15
CA GLY H 631 -77.37 38.18 -63.46
C GLY H 631 -77.30 36.80 -64.09
N ASP H 632 -77.50 35.74 -63.29
CA ASP H 632 -77.43 34.37 -63.78
C ASP H 632 -78.67 33.97 -64.59
N THR H 633 -78.51 32.90 -65.33
CA THR H 633 -79.55 32.13 -66.01
C THR H 633 -79.40 30.66 -65.68
N ASP H 634 -80.50 29.91 -65.82
CA ASP H 634 -80.45 28.47 -65.58
C ASP H 634 -81.59 27.82 -66.34
N ASN H 635 -81.66 26.50 -66.27
CA ASN H 635 -82.73 25.80 -66.94
C ASN H 635 -83.48 24.94 -65.94
N SER H 636 -82.91 24.72 -64.77
CA SER H 636 -83.51 23.88 -63.75
C SER H 636 -83.22 24.35 -62.34
N LEU H 637 -84.18 25.05 -61.78
CA LEU H 637 -84.09 25.52 -60.42
C LEU H 637 -85.26 24.97 -59.64
N TYR H 638 -85.03 24.76 -58.36
CA TYR H 638 -86.06 24.27 -57.49
C TYR H 638 -86.07 25.16 -56.27
N LEU H 639 -87.21 25.21 -55.59
CA LEU H 639 -87.27 25.98 -54.35
C LEU H 639 -86.62 25.27 -53.19
N VAL H 640 -86.44 23.96 -53.27
CA VAL H 640 -85.99 23.20 -52.11
C VAL H 640 -84.86 22.25 -52.50
N PRO H 641 -84.01 21.88 -51.52
CA PRO H 641 -83.02 20.79 -51.66
C PRO H 641 -83.71 19.46 -51.90
N ASP H 642 -83.06 18.55 -52.62
CA ASP H 642 -83.64 17.23 -52.89
C ASP H 642 -83.05 16.13 -52.01
N TYR H 643 -83.83 15.63 -51.04
CA TYR H 643 -83.37 14.54 -50.19
C TYR H 643 -84.13 13.26 -50.52
N CYS H 644 -83.39 12.23 -50.93
CA CYS H 644 -84.02 11.01 -51.40
C CYS H 644 -84.19 10.08 -50.19
N HIS H 645 -84.93 9.00 -50.39
CA HIS H 645 -85.15 8.02 -49.33
C HIS H 645 -83.85 7.39 -48.84
N GLY H 646 -83.71 7.28 -47.52
CA GLY H 646 -82.56 6.61 -46.94
C GLY H 646 -81.93 7.38 -45.76
N GLY H 647 -80.76 6.90 -45.35
CA GLY H 647 -80.06 7.45 -44.20
C GLY H 647 -78.64 7.86 -44.52
N GLU H 648 -78.15 8.86 -43.78
CA GLU H 648 -76.83 9.41 -44.00
C GLU H 648 -76.09 9.71 -42.71
N LEU H 649 -74.79 9.39 -42.67
CA LEU H 649 -73.94 9.69 -41.53
C LEU H 649 -72.73 10.51 -41.98
N TYR H 650 -72.53 11.65 -41.33
CA TYR H 650 -71.46 12.57 -41.70
C TYR H 650 -70.36 12.57 -40.66
N ILE H 651 -69.13 12.43 -41.10
CA ILE H 651 -67.97 12.44 -40.21
C ILE H 651 -67.06 13.59 -40.58
N GLY H 652 -66.84 14.52 -39.65
CA GLY H 652 -65.94 15.64 -39.89
C GLY H 652 -64.57 15.40 -39.27
N LEU H 653 -63.52 15.63 -40.05
CA LEU H 653 -62.16 15.40 -39.57
C LEU H 653 -61.36 16.68 -39.40
N GLU H 654 -60.63 16.77 -38.30
CA GLU H 654 -59.79 17.91 -37.98
C GLU H 654 -58.32 17.66 -38.22
N ASN H 655 -57.65 18.71 -38.72
CA ASN H 655 -56.19 18.83 -38.85
C ASN H 655 -55.53 17.85 -39.80
N GLY H 656 -56.21 17.38 -40.84
CA GLY H 656 -55.58 16.52 -41.80
C GLY H 656 -54.93 17.35 -42.90
N LYS H 657 -54.38 16.65 -43.88
CA LYS H 657 -53.76 17.28 -45.04
C LYS H 657 -54.23 16.53 -46.27
N ASN H 658 -54.17 17.17 -47.43
CA ASN H 658 -54.80 16.58 -48.63
C ASN H 658 -54.12 15.35 -49.21
N LEU H 659 -52.99 14.89 -48.70
CA LEU H 659 -52.43 13.65 -49.22
C LEU H 659 -52.07 12.64 -48.14
N GLN H 660 -52.61 12.79 -46.92
CA GLN H 660 -52.26 11.89 -45.83
C GLN H 660 -53.25 10.74 -45.67
N GLN H 661 -52.80 9.68 -45.02
CA GLN H 661 -53.66 8.55 -44.72
C GLN H 661 -54.33 8.67 -43.36
N VAL H 662 -55.55 8.17 -43.30
CA VAL H 662 -56.35 8.19 -42.09
C VAL H 662 -56.80 6.78 -41.78
N THR H 663 -56.57 6.35 -40.54
CA THR H 663 -57.03 5.04 -40.11
C THR H 663 -58.06 5.20 -39.02
N LEU H 664 -59.26 4.66 -39.24
CA LEU H 664 -60.35 4.80 -38.29
C LEU H 664 -60.83 3.46 -37.74
N LEU H 665 -61.04 3.43 -36.43
CA LEU H 665 -61.60 2.28 -35.75
C LEU H 665 -63.08 2.52 -35.47
N LEU H 666 -63.91 1.62 -35.95
CA LEU H 666 -65.34 1.68 -35.68
C LEU H 666 -65.65 0.61 -34.65
N GLN H 667 -66.05 1.01 -33.46
CA GLN H 667 -66.35 0.06 -32.42
C GLN H 667 -67.85 -0.06 -32.27
N PHE H 668 -68.37 -1.24 -32.58
CA PHE H 668 -69.78 -1.53 -32.56
C PHE H 668 -70.11 -2.38 -31.35
N LEU H 669 -71.37 -2.34 -30.98
CA LEU H 669 -71.87 -3.27 -29.99
C LEU H 669 -72.48 -4.42 -30.77
N GLU H 670 -71.72 -5.48 -30.91
CA GLU H 670 -72.09 -6.56 -31.79
C GLU H 670 -73.30 -7.33 -31.27
N GLY H 671 -74.23 -7.61 -32.19
CA GLY H 671 -75.48 -8.26 -31.89
C GLY H 671 -76.64 -7.30 -31.72
N SER H 672 -76.36 -6.03 -31.45
CA SER H 672 -77.43 -5.03 -31.27
C SER H 672 -78.01 -4.50 -32.56
N GLU H 673 -78.81 -5.35 -33.19
CA GLU H 673 -79.49 -5.10 -34.45
C GLU H 673 -80.87 -5.73 -34.34
N ASN H 674 -81.78 -5.36 -35.23
CA ASN H 674 -83.13 -5.95 -35.21
C ASN H 674 -83.16 -7.24 -36.01
N PRO H 675 -83.43 -8.37 -35.34
CA PRO H 675 -83.41 -9.70 -35.98
C PRO H 675 -84.60 -10.00 -36.85
N ASP H 676 -85.61 -9.12 -36.90
CA ASP H 676 -86.86 -9.41 -37.58
C ASP H 676 -87.07 -8.49 -38.77
N ILE H 677 -86.09 -8.40 -39.65
CA ILE H 677 -86.15 -7.61 -40.87
C ILE H 677 -85.77 -8.53 -42.04
N THR H 678 -86.52 -8.43 -43.13
CA THR H 678 -86.24 -9.26 -44.28
C THR H 678 -85.28 -8.65 -45.30
N ASP H 679 -85.16 -7.32 -45.33
CA ASP H 679 -84.22 -6.64 -46.23
C ASP H 679 -82.91 -6.47 -45.48
N ILE H 680 -81.93 -7.34 -45.79
CA ILE H 680 -80.72 -7.38 -44.97
C ILE H 680 -79.39 -7.34 -45.70
N PHE H 681 -79.29 -6.65 -46.85
CA PHE H 681 -78.04 -6.59 -47.64
C PHE H 681 -77.63 -7.95 -48.18
N THR H 682 -78.49 -8.52 -49.00
CA THR H 682 -78.18 -9.79 -49.62
C THR H 682 -77.23 -9.57 -50.81
N GLY H 683 -76.71 -10.67 -51.34
CA GLY H 683 -75.84 -10.59 -52.49
C GLY H 683 -74.57 -9.82 -52.18
N ASN H 684 -74.26 -8.84 -53.03
CA ASN H 684 -73.07 -8.01 -52.88
C ASN H 684 -73.38 -6.56 -52.51
N GLN H 685 -74.50 -6.34 -51.82
CA GLN H 685 -74.84 -5.01 -51.38
C GLN H 685 -73.98 -4.58 -50.19
N LYS H 686 -73.75 -3.27 -50.05
CA LYS H 686 -72.93 -2.76 -48.95
C LYS H 686 -73.18 -1.25 -48.77
N ILE H 687 -72.57 -0.69 -47.72
CA ILE H 687 -72.68 0.75 -47.41
C ILE H 687 -71.73 1.54 -48.30
N LYS H 688 -72.23 2.64 -48.87
CA LYS H 688 -71.50 3.50 -49.81
C LYS H 688 -70.76 4.64 -49.11
N TRP H 689 -69.58 5.01 -49.62
CA TRP H 689 -68.80 6.13 -49.09
C TRP H 689 -68.50 7.21 -50.13
N GLN H 690 -68.54 8.50 -49.70
CA GLN H 690 -68.26 9.68 -50.54
C GLN H 690 -67.52 10.78 -49.76
N TYR H 691 -66.89 11.73 -50.46
CA TYR H 691 -66.25 12.86 -49.80
C TYR H 691 -66.78 14.18 -50.37
N LEU H 692 -66.60 15.28 -49.62
CA LEU H 692 -67.10 16.60 -50.01
C LEU H 692 -66.04 17.48 -50.66
N SER H 693 -66.42 18.10 -51.79
CA SER H 693 -65.55 19.04 -52.50
C SER H 693 -66.36 20.13 -53.18
N GLN H 694 -66.13 21.38 -52.81
CA GLN H 694 -66.83 22.55 -53.38
C GLN H 694 -68.35 22.42 -53.30
N ASN H 695 -68.84 22.01 -52.13
CA ASN H 695 -70.25 21.74 -51.83
C ASN H 695 -70.86 20.58 -52.63
N GLN H 696 -70.07 19.76 -53.32
CA GLN H 696 -70.58 18.59 -54.03
C GLN H 696 -70.09 17.31 -53.40
N TRP H 697 -70.90 16.26 -53.47
CA TRP H 697 -70.41 14.97 -52.99
C TRP H 697 -69.82 14.19 -54.15
N GLN H 698 -68.66 13.58 -53.90
CA GLN H 698 -67.95 12.87 -54.96
C GLN H 698 -67.55 11.47 -54.51
N ASP H 699 -67.57 10.55 -55.47
CA ASP H 699 -67.14 9.18 -55.21
C ASP H 699 -65.63 9.11 -54.98
N PHE H 700 -65.23 8.18 -54.12
CA PHE H 700 -63.83 7.89 -53.94
C PHE H 700 -63.35 7.11 -55.14
N GLN H 701 -62.07 7.26 -55.43
CA GLN H 701 -61.48 6.55 -56.55
C GLN H 701 -60.89 5.24 -56.05
N SER H 702 -60.59 4.34 -56.98
CA SER H 702 -60.15 3.00 -56.61
C SER H 702 -58.86 2.98 -55.79
N GLY H 703 -57.96 3.94 -55.96
CA GLY H 703 -56.75 3.93 -55.19
C GLY H 703 -56.83 4.67 -53.87
N GLU H 704 -58.01 5.17 -53.52
CA GLU H 704 -58.16 5.98 -52.33
C GLU H 704 -58.64 5.21 -51.11
N ILE H 705 -59.31 4.08 -51.29
CA ILE H 705 -59.70 3.27 -50.14
C ILE H 705 -58.70 2.14 -50.04
N ILE H 706 -58.10 2.01 -48.89
CA ILE H 706 -57.08 1.01 -48.67
C ILE H 706 -57.69 -0.27 -48.14
N GLN H 707 -58.60 -0.16 -47.18
CA GLN H 707 -59.27 -1.34 -46.67
C GLN H 707 -60.58 -0.96 -45.99
N ASN H 708 -61.47 -1.93 -45.96
CA ASN H 708 -62.77 -1.76 -45.31
C ASN H 708 -63.14 -3.09 -44.67
N GLN H 709 -62.94 -3.19 -43.38
CA GLN H 709 -63.26 -4.41 -42.67
C GLN H 709 -64.69 -4.42 -42.17
N THR H 710 -65.46 -3.34 -42.39
CA THR H 710 -66.82 -3.25 -41.84
C THR H 710 -67.86 -2.88 -42.91
N PRO H 711 -67.93 -3.61 -44.04
CA PRO H 711 -68.76 -3.20 -45.20
C PRO H 711 -70.25 -3.06 -44.94
N ARG H 712 -70.80 -3.72 -43.92
CA ARG H 712 -72.22 -3.60 -43.64
C ARG H 712 -72.49 -3.26 -42.20
N PHE H 713 -71.56 -2.57 -41.53
CA PHE H 713 -71.69 -2.16 -40.13
C PHE H 713 -72.22 -3.24 -39.18
N LEU H 714 -71.77 -4.49 -39.30
CA LEU H 714 -72.21 -5.54 -38.38
C LEU H 714 -71.16 -5.95 -37.37
N LYS H 715 -69.89 -5.66 -37.64
CA LYS H 715 -68.82 -6.09 -36.75
C LYS H 715 -67.80 -4.96 -36.61
N SER H 716 -67.09 -4.96 -35.48
CA SER H 716 -66.05 -3.97 -35.23
C SER H 716 -64.87 -4.16 -36.17
N GLY H 717 -64.23 -3.06 -36.56
CA GLY H 717 -63.07 -3.17 -37.43
C GLY H 717 -62.50 -1.84 -37.92
N ILE H 718 -61.57 -1.95 -38.88
CA ILE H 718 -60.79 -0.81 -39.39
C ILE H 718 -61.22 -0.39 -40.80
N PHE H 719 -61.40 0.92 -40.97
CA PHE H 719 -61.59 1.56 -42.25
C PHE H 719 -60.37 2.45 -42.51
N GLN H 720 -59.79 2.33 -43.70
CA GLN H 720 -58.58 3.09 -43.97
C GLN H 720 -58.60 3.68 -45.38
N PHE H 721 -58.22 4.94 -45.48
CA PHE H 721 -58.31 5.66 -46.73
C PHE H 721 -57.33 6.82 -46.74
N SER H 722 -57.07 7.36 -47.91
CA SER H 722 -56.30 8.59 -48.01
C SER H 722 -57.22 9.77 -48.21
N ILE H 723 -56.80 10.94 -47.76
CA ILE H 723 -57.58 12.13 -48.05
C ILE H 723 -57.37 12.47 -49.51
N PRO H 724 -58.43 12.59 -50.29
CA PRO H 724 -58.31 12.81 -51.72
C PRO H 724 -57.85 14.21 -52.02
N LYS H 725 -57.17 14.32 -53.15
CA LYS H 725 -56.84 15.64 -53.67
C LYS H 725 -58.15 16.29 -54.03
N GLN H 726 -58.21 17.60 -53.84
CA GLN H 726 -59.37 18.45 -54.07
C GLN H 726 -60.38 18.33 -52.93
N ALA H 727 -60.04 17.67 -51.84
CA ALA H 727 -60.88 17.74 -50.66
C ALA H 727 -60.93 19.20 -50.22
N ASN H 728 -62.08 19.65 -49.77
CA ASN H 728 -62.22 21.07 -49.48
C ASN H 728 -62.64 21.39 -48.05
N LEU H 729 -61.91 22.31 -47.40
CA LEU H 729 -62.25 22.79 -46.07
C LEU H 729 -63.24 23.94 -46.08
N ASP H 730 -63.42 24.63 -47.21
CA ASP H 730 -64.27 25.82 -47.22
C ASP H 730 -65.59 25.50 -47.95
N ASN H 731 -66.64 25.20 -47.21
CA ASN H 731 -67.93 24.83 -47.81
C ASN H 731 -69.03 25.52 -47.02
N THR H 732 -70.28 25.38 -47.46
CA THR H 732 -71.41 25.98 -46.73
C THR H 732 -72.51 25.00 -46.36
N VAL H 733 -72.59 23.84 -47.01
CA VAL H 733 -73.65 22.87 -46.73
C VAL H 733 -73.41 22.13 -45.43
N LEU H 734 -72.17 22.13 -44.96
CA LEU H 734 -71.70 21.58 -43.71
C LEU H 734 -70.67 22.56 -43.19
N PRO H 735 -70.53 22.72 -41.87
CA PRO H 735 -69.60 23.69 -41.25
C PRO H 735 -68.19 23.63 -41.80
N PRO H 736 -67.59 24.80 -42.03
CA PRO H 736 -66.23 24.91 -42.58
C PRO H 736 -65.17 24.56 -41.56
N GLY H 737 -63.98 24.20 -42.05
CA GLY H 737 -62.85 23.92 -41.18
C GLY H 737 -62.56 22.45 -41.03
N TYR H 738 -63.45 21.62 -41.51
CA TYR H 738 -63.33 20.17 -41.42
C TYR H 738 -63.33 19.57 -42.81
N HIS H 739 -62.64 18.45 -42.96
CA HIS H 739 -62.87 17.67 -44.16
C HIS H 739 -64.10 16.84 -43.87
N TRP H 740 -64.97 16.66 -44.84
CA TRP H 740 -66.17 15.88 -44.56
C TRP H 740 -66.29 14.65 -45.44
N ILE H 741 -66.66 13.53 -44.80
CA ILE H 741 -66.87 12.23 -45.42
C ILE H 741 -68.26 11.71 -45.08
N LYS H 742 -68.93 11.16 -46.07
CA LYS H 742 -70.28 10.68 -45.96
C LYS H 742 -70.41 9.18 -46.17
N ALA H 743 -71.21 8.54 -45.32
CA ALA H 743 -71.60 7.14 -45.50
C ALA H 743 -73.10 7.06 -45.70
N SER H 744 -73.58 6.15 -46.56
CA SER H 744 -75.02 6.07 -46.77
C SER H 744 -75.61 4.68 -46.98
N MET H 745 -76.90 4.57 -46.64
CA MET H 745 -77.70 3.35 -46.66
C MET H 745 -79.15 3.66 -47.06
N VAL H 746 -79.83 2.73 -47.76
CA VAL H 746 -81.23 2.92 -48.16
C VAL H 746 -82.19 1.92 -47.52
N LYS H 747 -81.75 1.29 -46.47
CA LYS H 747 -82.43 0.22 -45.79
C LYS H 747 -83.01 0.72 -44.47
N PRO H 748 -83.90 -0.07 -43.83
CA PRO H 748 -84.51 0.37 -42.58
C PRO H 748 -83.42 0.66 -41.55
N PHE H 749 -83.70 1.51 -40.58
CA PHE H 749 -82.59 1.96 -39.75
C PHE H 749 -81.94 0.86 -38.88
N ASP H 750 -82.59 -0.28 -38.59
CA ASP H 750 -82.01 -1.27 -37.64
C ASP H 750 -81.20 -2.43 -38.24
N VAL H 751 -81.05 -2.51 -39.57
CA VAL H 751 -80.31 -3.55 -40.24
C VAL H 751 -78.83 -3.50 -39.93
N VAL H 752 -78.37 -2.48 -39.21
CA VAL H 752 -76.98 -2.35 -38.79
C VAL H 752 -76.93 -2.31 -37.27
N SER H 753 -75.75 -2.57 -36.72
CA SER H 753 -75.54 -2.57 -35.29
C SER H 753 -75.39 -1.16 -34.73
N GLN H 754 -75.72 -1.00 -33.45
CA GLN H 754 -75.46 0.27 -32.77
C GLN H 754 -73.97 0.46 -32.51
N LEU H 755 -73.54 1.72 -32.48
CA LEU H 755 -72.15 2.09 -32.25
C LEU H 755 -71.88 2.47 -30.80
N ILE H 756 -70.64 2.27 -30.43
CA ILE H 756 -70.11 2.79 -29.19
C ILE H 756 -69.31 4.03 -29.50
N ASN H 757 -68.34 3.93 -30.43
CA ASN H 757 -67.54 5.10 -30.75
C ASN H 757 -66.78 4.95 -32.07
N ILE H 758 -66.11 6.04 -32.45
CA ILE H 758 -65.23 6.11 -33.62
C ILE H 758 -63.91 6.76 -33.21
N HIS H 759 -62.78 6.11 -33.52
CA HIS H 759 -61.48 6.66 -33.13
C HIS H 759 -60.47 6.72 -34.27
N ALA H 760 -59.74 7.82 -34.35
CA ALA H 760 -58.66 7.93 -35.32
C ALA H 760 -57.36 7.43 -34.70
N GLN H 761 -56.44 6.98 -35.56
CA GLN H 761 -55.08 6.55 -35.22
C GLN H 761 -55.02 5.24 -34.43
N ALA H 762 -55.84 4.26 -34.83
CA ALA H 762 -55.85 2.96 -34.15
C ALA H 762 -54.76 2.02 -34.65
N VAL H 763 -54.16 1.27 -33.71
CA VAL H 763 -53.09 0.30 -33.96
C VAL H 763 -53.42 -1.05 -33.28
N GLU H 764 -53.27 -2.16 -34.00
CA GLU H 764 -53.51 -3.49 -33.42
C GLU H 764 -52.22 -4.15 -32.90
N ALA H 765 -52.30 -4.82 -31.73
CA ALA H 765 -51.17 -5.52 -31.14
C ALA H 765 -51.57 -6.85 -30.49
N VAL H 766 -50.60 -7.79 -30.40
CA VAL H 766 -50.84 -9.17 -29.95
C VAL H 766 -49.86 -9.63 -28.86
N PHE H 767 -50.39 -10.31 -27.83
CA PHE H 767 -49.60 -10.84 -26.72
C PHE H 767 -48.49 -11.78 -27.15
N GLU H 768 -47.32 -11.58 -26.58
CA GLU H 768 -46.16 -12.41 -26.85
C GLU H 768 -46.02 -13.48 -25.78
N ASP H 769 -46.03 -14.73 -26.20
CA ASP H 769 -45.98 -15.84 -25.26
C ASP H 769 -44.53 -16.11 -24.85
N GLN H 770 -44.20 -15.78 -23.61
CA GLN H 770 -42.88 -16.01 -23.04
C GLN H 770 -43.03 -16.87 -21.79
N GLY H 771 -41.92 -17.22 -21.16
CA GLY H 771 -41.98 -18.08 -19.97
C GLY H 771 -42.55 -17.42 -18.73
N SER H 772 -43.88 -17.14 -18.74
CA SER H 772 -44.54 -16.49 -17.63
C SER H 772 -45.95 -17.11 -17.53
N SER H 773 -46.78 -16.64 -16.60
CA SER H 773 -48.13 -17.18 -16.43
C SER H 773 -49.21 -16.27 -17.01
N GLY H 774 -49.86 -16.73 -18.08
CA GLY H 774 -50.88 -15.96 -18.76
C GLY H 774 -52.21 -15.95 -18.03
N ASN H 775 -52.22 -15.41 -16.81
CA ASN H 775 -53.42 -15.38 -15.99
C ASN H 775 -54.51 -14.52 -16.64
N HIS H 776 -54.09 -13.50 -17.39
CA HIS H 776 -55.02 -12.61 -18.05
C HIS H 776 -55.66 -13.26 -19.26
N LEU H 777 -55.39 -14.51 -19.56
CA LEU H 777 -56.05 -15.14 -20.70
C LEU H 777 -57.36 -15.81 -20.31
N GLU H 778 -57.69 -15.84 -19.04
CA GLU H 778 -58.94 -16.42 -18.58
C GLU H 778 -60.12 -15.50 -18.86
N LYS H 779 -59.88 -14.21 -18.67
CA LYS H 779 -60.82 -13.14 -18.91
C LYS H 779 -60.01 -12.08 -19.59
N GLY H 780 -60.60 -11.28 -20.49
CA GLY H 780 -59.83 -10.31 -21.22
C GLY H 780 -59.12 -9.32 -20.31
N LEU H 781 -57.96 -8.85 -20.79
CA LEU H 781 -57.20 -7.83 -20.09
C LEU H 781 -58.11 -6.65 -19.89
N PRO H 782 -58.21 -6.09 -18.69
CA PRO H 782 -59.07 -4.94 -18.43
C PRO H 782 -58.70 -3.77 -19.32
N ALA H 783 -59.69 -2.90 -19.55
CA ALA H 783 -59.46 -1.68 -20.31
C ALA H 783 -58.53 -0.78 -19.52
N GLU H 784 -57.80 0.06 -20.24
CA GLU H 784 -56.90 1.07 -19.67
C GLU H 784 -55.79 0.53 -18.78
N THR H 785 -55.24 -0.61 -19.11
CA THR H 785 -54.15 -1.16 -18.35
C THR H 785 -52.84 -0.84 -18.99
N ILE H 786 -52.89 -0.39 -20.23
CA ILE H 786 -51.70 -0.15 -21.02
C ILE H 786 -51.52 1.31 -21.38
N SER H 787 -50.41 1.89 -20.95
CA SER H 787 -50.10 3.27 -21.23
C SER H 787 -48.76 3.64 -21.86
N LYS H 788 -47.81 2.71 -21.98
CA LYS H 788 -46.52 3.09 -22.55
C LYS H 788 -45.73 2.01 -23.29
N LEU H 789 -44.81 2.46 -24.15
CA LEU H 789 -43.93 1.57 -24.89
C LEU H 789 -42.78 1.03 -24.04
N GLN H 790 -42.07 0.03 -24.52
CA GLN H 790 -40.95 -0.48 -23.73
C GLN H 790 -39.93 0.64 -23.58
N GLU H 791 -39.75 1.37 -24.66
CA GLU H 791 -38.86 2.52 -24.69
C GLU H 791 -39.77 3.73 -24.62
N ARG H 792 -39.73 4.48 -23.52
CA ARG H 792 -40.80 5.45 -23.26
C ARG H 792 -40.90 6.58 -24.29
N LEU H 793 -39.81 7.08 -24.88
CA LEU H 793 -40.01 8.16 -25.84
C LEU H 793 -39.56 7.78 -27.24
N SER H 794 -40.50 7.86 -28.16
CA SER H 794 -40.30 7.67 -29.58
C SER H 794 -41.04 8.72 -30.33
N TRP H 795 -41.19 9.96 -29.82
CA TRP H 795 -41.97 11.06 -30.45
C TRP H 795 -43.50 10.87 -30.38
N ILE H 796 -43.97 10.21 -29.35
CA ILE H 796 -45.37 9.90 -29.14
C ILE H 796 -45.72 10.47 -27.78
N LYS H 797 -46.82 11.19 -27.71
CA LYS H 797 -47.24 11.83 -26.47
C LYS H 797 -47.99 10.88 -25.57
N SER H 798 -48.94 10.11 -26.15
CA SER H 798 -49.74 9.26 -25.27
C SER H 798 -50.34 8.07 -26.01
N ILE H 799 -50.57 6.98 -25.27
CA ILE H 799 -51.21 5.77 -25.79
C ILE H 799 -52.39 5.40 -24.92
N GLN H 800 -53.56 5.25 -25.52
CA GLN H 800 -54.76 4.83 -24.81
C GLN H 800 -55.27 3.46 -25.18
N GLN H 801 -55.63 2.65 -24.18
CA GLN H 801 -56.31 1.37 -24.39
C GLN H 801 -57.79 1.41 -24.00
N PRO H 802 -58.68 1.91 -24.86
CA PRO H 802 -60.08 2.12 -24.47
C PRO H 802 -60.93 0.87 -24.21
N TYR H 803 -60.58 -0.31 -24.74
CA TYR H 803 -61.41 -1.51 -24.60
C TYR H 803 -60.60 -2.72 -24.11
N PRO H 804 -61.28 -3.69 -23.43
CA PRO H 804 -60.65 -4.94 -22.98
C PRO H 804 -60.11 -5.80 -24.11
N SER H 805 -59.11 -6.66 -23.80
CA SER H 805 -58.54 -7.52 -24.84
C SER H 805 -59.44 -8.69 -25.15
N THR H 806 -59.21 -9.32 -26.33
CA THR H 806 -60.05 -10.45 -26.72
C THR H 806 -59.36 -11.52 -27.60
N LYS H 807 -59.97 -12.72 -27.60
CA LYS H 807 -59.57 -13.91 -28.35
C LYS H 807 -58.49 -14.80 -27.72
N GLY H 808 -58.12 -14.60 -26.46
CA GLY H 808 -57.10 -15.44 -25.87
C GLY H 808 -57.66 -16.69 -25.22
N LYS H 809 -56.77 -17.62 -24.84
CA LYS H 809 -57.17 -18.86 -24.17
C LYS H 809 -56.01 -19.48 -23.38
N ALA H 810 -56.27 -19.80 -22.11
CA ALA H 810 -55.28 -20.43 -21.24
C ALA H 810 -55.15 -21.93 -21.51
N GLN H 811 -54.02 -22.50 -21.10
CA GLN H 811 -53.74 -23.95 -21.22
C GLN H 811 -54.79 -24.76 -20.47
N GLU H 812 -55.07 -25.97 -20.94
CA GLU H 812 -56.07 -26.80 -20.26
C GLU H 812 -55.63 -27.22 -18.87
N SER H 813 -56.57 -27.18 -17.94
CA SER H 813 -56.41 -27.69 -16.59
C SER H 813 -56.61 -29.20 -16.63
N ASP H 814 -56.24 -29.88 -15.54
CA ASP H 814 -56.50 -31.32 -15.48
C ASP H 814 -57.98 -31.62 -15.53
N GLU H 815 -58.77 -30.76 -14.89
CA GLU H 815 -60.20 -30.94 -14.82
C GLU H 815 -60.84 -30.83 -16.18
N ASP H 816 -60.33 -29.96 -17.04
CA ASP H 816 -60.87 -29.80 -18.38
C ASP H 816 -60.41 -30.90 -19.26
N TYR H 817 -59.16 -31.32 -19.09
CA TYR H 817 -58.65 -32.42 -19.89
C TYR H 817 -59.50 -33.66 -19.68
N TYR H 818 -59.76 -33.99 -18.43
CA TYR H 818 -60.57 -35.17 -18.14
C TYR H 818 -61.99 -35.00 -18.65
N ARG H 819 -62.55 -33.80 -18.51
CA ARG H 819 -63.90 -33.53 -18.98
C ARG H 819 -64.02 -33.73 -20.48
N ARG H 820 -63.08 -33.18 -21.24
CA ARG H 820 -63.10 -33.27 -22.70
C ARG H 820 -62.92 -34.70 -23.19
N VAL H 821 -61.97 -35.43 -22.61
CA VAL H 821 -61.72 -36.79 -23.09
C VAL H 821 -62.92 -37.66 -22.79
N SER H 822 -63.48 -37.50 -21.59
CA SER H 822 -64.56 -38.35 -21.16
C SER H 822 -65.78 -38.16 -22.06
N GLU H 823 -66.11 -36.93 -22.44
CA GLU H 823 -67.28 -36.74 -23.31
C GLU H 823 -67.06 -37.31 -24.69
N ARG H 824 -65.86 -37.17 -25.29
CA ARG H 824 -65.69 -37.71 -26.64
C ARG H 824 -65.90 -39.20 -26.67
N LEU H 825 -65.47 -39.88 -25.62
CA LEU H 825 -65.64 -41.33 -25.52
C LEU H 825 -67.09 -41.76 -25.46
N ARG H 826 -68.02 -40.84 -25.22
CA ARG H 826 -69.45 -41.12 -25.19
C ARG H 826 -70.18 -40.66 -26.43
N HIS H 827 -69.97 -39.43 -26.90
CA HIS H 827 -70.76 -38.95 -28.03
C HIS H 827 -70.17 -39.25 -29.38
N LYS H 828 -68.90 -39.65 -29.45
CA LYS H 828 -68.21 -40.10 -30.66
C LYS H 828 -68.13 -39.02 -31.74
N LYS H 829 -68.23 -37.75 -31.33
CA LYS H 829 -68.19 -36.57 -32.19
C LYS H 829 -69.37 -36.57 -33.19
N ARG H 830 -70.52 -37.09 -32.82
CA ARG H 830 -71.71 -37.05 -33.66
C ARG H 830 -72.77 -36.20 -32.98
N ALA H 831 -73.55 -35.45 -33.74
CA ALA H 831 -74.61 -34.64 -33.14
C ALA H 831 -75.96 -35.32 -33.30
N ILE H 832 -76.30 -36.28 -32.44
CA ILE H 832 -77.55 -37.02 -32.62
C ILE H 832 -78.64 -36.61 -31.63
N THR H 833 -78.41 -36.77 -30.33
CA THR H 833 -79.44 -36.40 -29.35
C THR H 833 -79.26 -34.99 -28.77
N LEU H 834 -79.95 -34.71 -27.65
CA LEU H 834 -79.89 -33.39 -27.01
C LEU H 834 -78.56 -33.11 -26.35
N TRP H 835 -78.10 -34.05 -25.53
CA TRP H 835 -76.86 -33.91 -24.81
C TRP H 835 -75.71 -33.69 -25.75
N ASP H 836 -75.74 -34.42 -26.86
CA ASP H 836 -74.69 -34.35 -27.86
C ASP H 836 -74.56 -32.94 -28.38
N TYR H 837 -75.68 -32.35 -28.81
CA TYR H 837 -75.65 -31.00 -29.38
C TYR H 837 -75.18 -29.98 -28.36
N GLU H 838 -75.69 -30.07 -27.14
CA GLU H 838 -75.40 -29.07 -26.12
C GLU H 838 -73.94 -29.14 -25.67
N HIS H 839 -73.39 -30.34 -25.55
CA HIS H 839 -72.02 -30.47 -25.12
C HIS H 839 -71.03 -30.24 -26.25
N LEU H 840 -71.38 -30.56 -27.50
CA LEU H 840 -70.49 -30.26 -28.60
C LEU H 840 -70.28 -28.76 -28.74
N ILE H 841 -71.33 -27.95 -28.54
CA ILE H 841 -71.16 -26.51 -28.65
C ILE H 841 -70.41 -25.93 -27.47
N LEU H 842 -70.74 -26.34 -26.24
CA LEU H 842 -70.00 -25.71 -25.16
C LEU H 842 -68.51 -26.05 -25.21
N GLN H 843 -68.15 -27.26 -25.68
CA GLN H 843 -66.73 -27.57 -25.81
C GLN H 843 -66.08 -26.80 -26.95
N LYS H 844 -66.78 -26.62 -28.08
CA LYS H 844 -66.22 -25.98 -29.27
C LYS H 844 -66.18 -24.46 -29.18
N PHE H 845 -67.24 -23.82 -28.68
CA PHE H 845 -67.32 -22.37 -28.66
C PHE H 845 -67.17 -21.81 -27.26
N PRO H 846 -65.99 -21.28 -26.91
CA PRO H 846 -65.63 -20.89 -25.53
C PRO H 846 -66.39 -19.68 -24.97
N LYS H 847 -67.08 -18.91 -25.80
CA LYS H 847 -67.77 -17.73 -25.29
C LYS H 847 -69.27 -17.87 -25.51
N VAL H 848 -69.77 -19.00 -25.05
CA VAL H 848 -71.18 -19.30 -24.94
C VAL H 848 -71.37 -19.72 -23.50
N TYR H 849 -72.33 -19.13 -22.84
CA TYR H 849 -72.58 -19.39 -21.43
C TYR H 849 -73.61 -20.48 -21.25
N LYS H 850 -74.70 -20.41 -22.00
CA LYS H 850 -75.73 -21.43 -21.93
C LYS H 850 -76.18 -21.80 -23.32
N VAL H 851 -76.67 -23.04 -23.43
CA VAL H 851 -77.19 -23.54 -24.68
C VAL H 851 -78.49 -24.31 -24.42
N LYS H 852 -79.38 -24.31 -25.41
CA LYS H 852 -80.60 -25.10 -25.33
C LYS H 852 -81.00 -25.67 -26.69
N CYS H 853 -81.21 -26.98 -26.76
CA CYS H 853 -81.63 -27.62 -28.00
C CYS H 853 -83.13 -27.93 -27.98
N LEU H 854 -83.82 -27.56 -29.06
CA LEU H 854 -85.28 -27.68 -29.19
C LEU H 854 -85.64 -28.68 -30.32
N ASN H 855 -86.13 -29.85 -29.90
CA ASN H 855 -86.27 -31.05 -30.74
C ASN H 855 -87.17 -30.94 -31.98
N HIS H 856 -88.28 -30.22 -31.91
CA HIS H 856 -89.16 -30.15 -33.06
C HIS H 856 -89.45 -28.70 -33.42
N THR H 857 -88.55 -27.80 -33.07
CA THR H 857 -88.85 -26.39 -33.22
C THR H 857 -88.33 -25.78 -34.52
N CYS H 858 -89.26 -25.16 -35.21
CA CYS H 858 -89.13 -24.25 -36.33
C CYS H 858 -89.74 -22.93 -35.93
N SER H 859 -89.44 -21.85 -36.67
CA SER H 859 -89.96 -20.54 -36.25
C SER H 859 -91.48 -20.47 -36.16
N SER H 860 -92.19 -21.31 -36.91
CA SER H 860 -93.65 -21.34 -36.91
C SER H 860 -94.25 -22.61 -36.33
N SER H 861 -93.45 -23.43 -35.63
CA SER H 861 -93.97 -24.70 -35.16
C SER H 861 -93.17 -25.33 -34.03
N PHE H 862 -93.86 -25.97 -33.10
CA PHE H 862 -93.21 -26.73 -32.06
C PHE H 862 -93.45 -28.23 -32.20
N GLN H 863 -93.94 -28.67 -33.38
CA GLN H 863 -94.21 -30.07 -33.71
C GLN H 863 -93.81 -30.44 -35.14
N SER H 864 -92.76 -29.86 -35.70
CA SER H 864 -92.32 -30.24 -37.04
C SER H 864 -91.15 -31.19 -37.07
N PRO H 865 -91.34 -32.38 -37.63
CA PRO H 865 -90.26 -33.38 -37.69
C PRO H 865 -89.24 -32.98 -38.71
N GLY H 866 -88.01 -33.45 -38.52
CA GLY H 866 -86.96 -33.21 -39.48
C GLY H 866 -86.26 -31.88 -39.36
N ASN H 867 -86.26 -31.28 -38.18
CA ASN H 867 -85.65 -29.97 -38.01
C ASN H 867 -85.21 -29.82 -36.56
N ALA H 868 -84.58 -28.69 -36.24
CA ALA H 868 -84.18 -28.38 -34.86
C ALA H 868 -83.77 -26.93 -34.73
N THR H 869 -83.99 -26.37 -33.54
CA THR H 869 -83.50 -25.03 -33.23
C THR H 869 -82.61 -25.04 -32.00
N LEU H 870 -81.54 -24.28 -32.07
CA LEU H 870 -80.60 -24.12 -30.97
C LEU H 870 -80.60 -22.68 -30.49
N ILE H 871 -80.64 -22.48 -29.17
CA ILE H 871 -80.62 -21.14 -28.61
C ILE H 871 -79.30 -20.89 -27.90
N LEU H 872 -78.64 -19.78 -28.22
CA LEU H 872 -77.36 -19.44 -27.64
C LEU H 872 -77.41 -18.21 -26.74
N VAL H 873 -76.83 -18.32 -25.55
CA VAL H 873 -76.71 -17.24 -24.58
C VAL H 873 -75.24 -16.96 -24.31
N PRO H 874 -74.77 -15.73 -24.54
CA PRO H 874 -73.36 -15.32 -24.34
C PRO H 874 -73.07 -15.09 -22.86
N ASP H 875 -71.79 -14.89 -22.53
CA ASP H 875 -71.45 -14.66 -21.12
C ASP H 875 -71.69 -13.18 -20.80
N THR H 876 -71.20 -12.29 -21.68
CA THR H 876 -71.12 -10.85 -21.54
C THR H 876 -70.61 -10.39 -20.19
N VAL H 877 -69.49 -10.96 -19.72
CA VAL H 877 -68.94 -10.51 -18.44
C VAL H 877 -68.48 -9.06 -18.50
N GLN H 878 -67.86 -8.65 -19.62
CA GLN H 878 -67.36 -7.27 -19.70
C GLN H 878 -68.48 -6.30 -20.03
N GLN H 879 -69.26 -6.00 -18.98
CA GLN H 879 -70.42 -5.12 -19.04
C GLN H 879 -70.10 -3.69 -19.44
N SER H 880 -68.82 -3.31 -19.46
CA SER H 880 -68.34 -2.04 -20.01
C SER H 880 -68.71 -1.83 -21.47
N VAL H 881 -68.96 -2.91 -22.15
CA VAL H 881 -69.40 -2.98 -23.53
C VAL H 881 -70.83 -3.47 -23.64
N PHE H 882 -71.10 -4.62 -23.06
CA PHE H 882 -72.35 -5.33 -23.29
C PHE H 882 -73.55 -4.77 -22.56
N ASP H 883 -74.71 -4.94 -23.18
CA ASP H 883 -75.97 -4.62 -22.51
C ASP H 883 -76.39 -5.88 -21.77
N ILE H 884 -76.25 -5.84 -20.44
CA ILE H 884 -76.40 -7.06 -19.67
C ILE H 884 -77.87 -7.42 -19.44
N TYR H 885 -78.84 -6.62 -19.89
CA TYR H 885 -80.24 -6.99 -19.71
C TYR H 885 -80.86 -7.42 -21.02
N GLN H 886 -80.09 -7.28 -22.10
CA GLN H 886 -80.38 -7.75 -23.46
C GLN H 886 -79.16 -8.37 -24.11
N PRO H 887 -78.55 -9.40 -23.49
CA PRO H 887 -77.36 -10.04 -24.09
C PRO H 887 -77.73 -10.68 -25.41
N ARG H 888 -76.87 -10.51 -26.42
CA ARG H 888 -77.12 -11.10 -27.73
C ARG H 888 -75.85 -11.66 -28.34
N VAL H 889 -76.05 -12.66 -29.19
CA VAL H 889 -75.03 -13.27 -30.04
C VAL H 889 -75.00 -12.62 -31.41
N SER H 890 -73.82 -12.21 -31.84
CA SER H 890 -73.58 -11.64 -33.16
C SER H 890 -73.70 -12.67 -34.28
N GLN H 891 -73.80 -12.15 -35.52
CA GLN H 891 -73.97 -13.03 -36.67
C GLN H 891 -72.82 -14.00 -36.86
N GLY H 892 -71.59 -13.58 -36.56
CA GLY H 892 -70.44 -14.46 -36.72
C GLY H 892 -70.64 -15.77 -36.00
N THR H 893 -70.91 -15.68 -34.71
CA THR H 893 -71.15 -16.88 -33.92
C THR H 893 -72.38 -17.64 -34.35
N LEU H 894 -73.50 -16.96 -34.64
CA LEU H 894 -74.72 -17.69 -35.00
C LEU H 894 -74.49 -18.55 -36.24
N ASN H 895 -73.73 -18.04 -37.19
CA ASN H 895 -73.44 -18.76 -38.42
C ASN H 895 -72.39 -19.84 -38.22
N ASP H 896 -71.32 -19.57 -37.45
CA ASP H 896 -70.28 -20.57 -37.22
C ASP H 896 -70.84 -21.80 -36.52
N VAL H 897 -71.73 -21.57 -35.57
CA VAL H 897 -72.34 -22.67 -34.82
C VAL H 897 -73.16 -23.53 -35.75
N ALA H 898 -73.98 -22.91 -36.60
CA ALA H 898 -74.80 -23.66 -37.52
C ALA H 898 -73.96 -24.52 -38.46
N ALA H 899 -72.88 -23.95 -38.99
CA ALA H 899 -72.03 -24.71 -39.91
C ALA H 899 -71.40 -25.91 -39.24
N PHE H 900 -70.87 -25.71 -38.04
CA PHE H 900 -70.19 -26.74 -37.27
C PHE H 900 -71.08 -27.94 -37.03
N VAL H 901 -72.25 -27.68 -36.52
CA VAL H 901 -73.22 -28.70 -36.25
C VAL H 901 -73.83 -29.38 -37.47
N ASN H 902 -74.11 -28.64 -38.54
CA ASN H 902 -74.79 -29.25 -39.67
C ASN H 902 -73.90 -30.31 -40.34
N GLU H 903 -72.59 -30.11 -40.34
CA GLU H 903 -71.64 -31.14 -40.77
C GLU H 903 -71.66 -32.44 -40.00
N LEU H 904 -72.12 -32.43 -38.75
CA LEU H 904 -72.12 -33.60 -37.89
C LEU H 904 -73.49 -34.20 -37.67
N ASN H 905 -74.54 -33.70 -38.30
CA ASN H 905 -75.87 -34.18 -37.92
C ASN H 905 -76.29 -35.44 -38.65
N SER H 906 -76.58 -35.27 -39.92
CA SER H 906 -77.11 -36.27 -40.81
C SER H 906 -77.23 -35.60 -42.15
N PHE H 907 -77.13 -36.41 -43.20
CA PHE H 907 -77.33 -35.90 -44.54
C PHE H 907 -78.65 -35.12 -44.68
N HIS H 908 -79.69 -35.56 -43.98
CA HIS H 908 -81.02 -35.00 -44.13
C HIS H 908 -81.38 -33.85 -43.18
N VAL H 909 -80.52 -33.39 -42.27
CA VAL H 909 -81.00 -32.41 -41.28
C VAL H 909 -80.11 -31.17 -41.14
N GLN H 910 -80.74 -30.00 -41.23
CA GLN H 910 -80.11 -28.73 -40.94
C GLN H 910 -80.71 -28.12 -39.69
N ALA H 911 -79.86 -27.57 -38.82
CA ALA H 911 -80.33 -26.91 -37.63
C ALA H 911 -80.26 -25.39 -37.79
N LYS H 912 -81.12 -24.70 -37.05
CA LYS H 912 -81.10 -23.24 -37.03
C LYS H 912 -80.59 -22.72 -35.68
N VAL H 913 -79.84 -21.63 -35.73
CA VAL H 913 -79.23 -21.06 -34.54
C VAL H 913 -79.75 -19.65 -34.33
N ILE H 914 -80.34 -19.39 -33.16
CA ILE H 914 -80.99 -18.10 -32.88
C ILE H 914 -80.61 -17.53 -31.51
N ASN H 915 -80.95 -16.25 -31.34
CA ASN H 915 -80.92 -15.59 -30.05
C ASN H 915 -82.23 -15.89 -29.30
N PRO H 916 -82.17 -15.95 -27.96
CA PRO H 916 -83.33 -16.28 -27.10
C PRO H 916 -84.48 -15.33 -27.15
N ASN H 917 -84.26 -14.07 -27.54
CA ASN H 917 -85.29 -13.03 -27.57
C ASN H 917 -86.02 -12.95 -26.22
N TYR H 918 -85.23 -12.63 -25.21
CA TYR H 918 -85.65 -12.69 -23.81
C TYR H 918 -86.86 -11.82 -23.47
N GLU H 919 -87.66 -12.34 -22.54
CA GLU H 919 -88.83 -11.71 -21.95
C GLU H 919 -89.02 -12.26 -20.54
N GLU H 920 -89.38 -11.39 -19.58
CA GLU H 920 -89.45 -11.86 -18.19
C GLU H 920 -90.26 -10.98 -17.22
N VAL H 921 -90.75 -11.65 -16.15
CA VAL H 921 -91.49 -11.12 -15.01
C VAL H 921 -90.58 -10.60 -13.90
N LYS H 922 -91.14 -9.79 -12.99
CA LYS H 922 -90.29 -9.27 -11.92
C LYS H 922 -91.02 -9.14 -10.60
N VAL H 923 -90.23 -9.23 -9.54
CA VAL H 923 -90.66 -9.28 -8.15
C VAL H 923 -90.98 -7.94 -7.53
N ASP H 924 -91.83 -8.04 -6.51
CA ASP H 924 -92.23 -7.00 -5.57
C ASP H 924 -92.43 -7.71 -4.25
N VAL H 925 -92.28 -7.02 -3.13
CA VAL H 925 -92.40 -7.75 -1.88
C VAL H 925 -92.71 -6.86 -0.70
N LYS H 926 -93.18 -7.52 0.37
CA LYS H 926 -93.35 -6.92 1.67
C LYS H 926 -92.01 -6.41 2.16
N VAL H 927 -92.05 -5.29 2.87
CA VAL H 927 -90.82 -4.70 3.36
C VAL H 927 -90.11 -5.62 4.31
N LYS H 928 -88.78 -5.60 4.25
CA LYS H 928 -87.99 -6.37 5.19
C LYS H 928 -88.27 -5.92 6.61
N PHE H 929 -88.35 -6.90 7.52
CA PHE H 929 -88.57 -6.65 8.93
C PHE H 929 -87.32 -6.10 9.61
N ARG H 930 -86.20 -6.17 8.93
CA ARG H 930 -84.96 -5.68 9.46
C ARG H 930 -84.06 -5.31 8.33
N GLU H 931 -83.14 -4.42 8.63
CA GLU H 931 -82.12 -3.97 7.70
C GLU H 931 -80.98 -3.45 8.55
N GLY H 932 -79.77 -3.44 8.00
CA GLY H 932 -78.63 -2.90 8.74
C GLY H 932 -78.84 -1.44 9.09
N LEU H 933 -79.39 -0.69 8.15
CA LEU H 933 -79.71 0.72 8.30
C LEU H 933 -80.56 1.12 7.12
N ASP H 934 -81.27 2.24 7.27
CA ASP H 934 -82.06 2.74 6.16
C ASP H 934 -81.23 3.01 4.91
N VAL H 935 -79.97 3.39 5.06
CA VAL H 935 -79.10 3.60 3.90
C VAL H 935 -78.25 2.38 3.58
N SER H 936 -77.57 1.83 4.59
CA SER H 936 -76.63 0.72 4.40
C SER H 936 -77.29 -0.51 3.81
N PHE H 937 -78.55 -0.71 4.13
CA PHE H 937 -79.30 -1.82 3.62
C PHE H 937 -80.61 -1.30 3.11
N TYR H 938 -80.52 -0.20 2.38
CA TYR H 938 -81.67 0.45 1.78
C TYR H 938 -82.40 -0.52 0.90
N LEU H 939 -83.72 -0.30 0.75
CA LEU H 939 -84.49 -1.15 -0.15
C LEU H 939 -83.90 -1.15 -1.56
N THR H 940 -83.29 -0.03 -1.95
CA THR H 940 -82.60 0.04 -3.22
C THR H 940 -81.43 -0.93 -3.29
N LYS H 941 -80.71 -1.13 -2.17
CA LYS H 941 -79.59 -2.07 -2.16
C LYS H 941 -80.12 -3.48 -2.33
N VAL H 942 -81.23 -3.77 -1.67
CA VAL H 942 -81.86 -5.07 -1.79
C VAL H 942 -82.31 -5.29 -3.23
N LYS H 943 -82.83 -4.24 -3.87
CA LYS H 943 -83.25 -4.33 -5.25
C LYS H 943 -82.07 -4.64 -6.16
N GLU H 944 -80.93 -4.00 -5.90
CA GLU H 944 -79.74 -4.24 -6.69
C GLU H 944 -79.28 -5.69 -6.55
N ASP H 945 -79.31 -6.21 -5.32
CA ASP H 945 -78.92 -7.59 -5.09
C ASP H 945 -79.85 -8.55 -5.81
N ILE H 946 -81.15 -8.25 -5.77
CA ILE H 946 -82.12 -9.08 -6.46
C ILE H 946 -81.87 -9.09 -7.95
N LYS H 947 -81.55 -7.91 -8.50
CA LYS H 947 -81.26 -7.81 -9.92
C LYS H 947 -80.03 -8.62 -10.28
N LYS H 948 -79.00 -8.58 -9.45
CA LYS H 948 -77.79 -9.35 -9.74
C LYS H 948 -78.07 -10.84 -9.75
N PHE H 949 -78.87 -11.31 -8.79
CA PHE H 949 -79.19 -12.74 -8.71
C PHE H 949 -79.90 -13.21 -9.96
N LEU H 950 -80.80 -12.39 -10.48
CA LEU H 950 -81.51 -12.74 -11.70
C LEU H 950 -80.63 -12.57 -12.92
N SER H 951 -79.80 -11.51 -12.92
CA SER H 951 -78.93 -11.17 -14.04
C SER H 951 -77.98 -12.30 -14.34
N PRO H 952 -77.52 -12.99 -13.30
CA PRO H 952 -76.62 -14.13 -13.43
C PRO H 952 -77.21 -15.26 -14.26
N TRP H 953 -78.52 -15.33 -14.38
CA TRP H 953 -79.10 -16.34 -15.24
C TRP H 953 -79.14 -15.83 -16.67
N ALA H 954 -79.50 -14.54 -16.82
CA ALA H 954 -79.59 -13.88 -18.12
C ALA H 954 -78.22 -13.73 -18.77
N TYR H 955 -77.21 -13.48 -17.97
CA TYR H 955 -75.87 -13.19 -18.43
C TYR H 955 -74.94 -13.69 -17.35
N ASP H 956 -73.69 -13.90 -17.67
CA ASP H 956 -72.82 -14.40 -16.62
C ASP H 956 -72.66 -13.38 -15.48
N GLN H 957 -72.76 -13.90 -14.26
CA GLN H 957 -72.53 -13.18 -13.01
C GLN H 957 -72.55 -14.25 -11.93
N GLU H 958 -72.13 -13.89 -10.73
CA GLU H 958 -72.23 -14.89 -9.66
C GLU H 958 -73.63 -14.90 -9.06
N SER H 959 -74.08 -16.09 -8.66
CA SER H 959 -75.33 -16.26 -7.91
C SER H 959 -75.35 -17.62 -7.24
N SER H 960 -75.67 -17.64 -5.94
CA SER H 960 -75.74 -18.90 -5.20
C SER H 960 -76.92 -19.76 -5.66
N VAL H 961 -78.04 -19.13 -6.00
CA VAL H 961 -79.24 -19.85 -6.41
C VAL H 961 -79.02 -20.61 -7.71
N GLU H 962 -79.60 -21.82 -7.78
CA GLU H 962 -79.49 -22.67 -8.96
C GLU H 962 -80.05 -22.00 -10.22
N PHE H 963 -81.12 -21.24 -10.08
CA PHE H 963 -81.75 -20.61 -11.24
C PHE H 963 -82.63 -19.44 -10.83
N GLY H 964 -82.74 -18.47 -11.75
CA GLY H 964 -83.71 -17.39 -11.61
C GLY H 964 -85.13 -17.92 -11.73
N VAL H 965 -85.32 -18.91 -12.62
CA VAL H 965 -86.63 -19.48 -12.91
C VAL H 965 -86.99 -20.48 -11.82
N THR H 966 -87.39 -19.93 -10.68
CA THR H 966 -87.62 -20.76 -9.51
C THR H 966 -88.77 -20.22 -8.68
N LEU H 967 -89.20 -21.07 -7.77
CA LEU H 967 -90.24 -20.76 -6.80
C LEU H 967 -89.77 -19.74 -5.80
N HIS H 968 -90.74 -19.08 -5.16
CA HIS H 968 -90.47 -18.06 -4.15
C HIS H 968 -89.62 -18.60 -3.01
N ARG H 969 -89.66 -19.91 -2.79
CA ARG H 969 -88.86 -20.53 -1.75
C ARG H 969 -87.38 -20.29 -1.97
N SER H 970 -86.96 -20.32 -3.24
CA SER H 970 -85.56 -20.08 -3.56
C SER H 970 -85.22 -18.64 -3.32
N GLN H 971 -86.12 -17.76 -3.72
CA GLN H 971 -85.91 -16.33 -3.53
C GLN H 971 -85.84 -15.99 -2.06
N MET H 972 -86.69 -16.63 -1.26
CA MET H 972 -86.71 -16.40 0.17
C MET H 972 -85.39 -16.82 0.80
N ILE H 973 -84.87 -17.97 0.40
CA ILE H 973 -83.60 -18.43 0.92
C ILE H 973 -82.47 -17.48 0.57
N HIS H 974 -82.48 -16.97 -0.67
CA HIS H 974 -81.44 -16.05 -1.11
C HIS H 974 -81.40 -14.80 -0.26
N TYR H 975 -82.58 -14.29 0.10
CA TYR H 975 -82.67 -13.11 0.94
C TYR H 975 -82.40 -13.43 2.40
N LEU H 976 -82.87 -14.57 2.88
CA LEU H 976 -82.69 -14.96 4.28
C LEU H 976 -81.22 -15.05 4.63
N GLU H 977 -80.42 -15.48 3.66
CA GLU H 977 -78.98 -15.60 3.81
C GLU H 977 -78.27 -14.27 4.02
N GLN H 978 -78.92 -13.14 3.72
CA GLN H 978 -78.30 -11.83 3.87
C GLN H 978 -78.00 -11.51 5.33
N LEU H 979 -76.89 -10.80 5.54
CA LEU H 979 -76.49 -10.38 6.88
C LEU H 979 -77.25 -9.17 7.39
N THR H 980 -78.16 -8.65 6.58
CA THR H 980 -78.92 -7.45 6.89
C THR H 980 -80.39 -7.66 6.62
N TYR H 981 -80.97 -8.74 7.15
CA TYR H 981 -82.37 -9.06 6.92
C TYR H 981 -82.90 -9.92 8.07
N VAL H 982 -84.24 -9.91 8.24
CA VAL H 982 -84.83 -10.81 9.23
C VAL H 982 -86.06 -11.56 8.75
N ASP H 983 -86.91 -10.91 7.97
CA ASP H 983 -88.18 -11.51 7.57
C ASP H 983 -88.86 -10.65 6.52
N TYR H 984 -89.87 -11.23 5.88
CA TYR H 984 -90.76 -10.49 5.00
C TYR H 984 -92.08 -11.26 4.90
N ILE H 985 -93.19 -10.56 5.15
CA ILE H 985 -94.52 -11.18 5.24
C ILE H 985 -95.01 -11.82 3.94
N THR H 986 -94.69 -11.23 2.79
CA THR H 986 -95.26 -11.71 1.52
C THR H 986 -94.41 -11.27 0.35
N ASP H 987 -94.55 -11.97 -0.78
CA ASP H 987 -93.87 -11.60 -2.02
C ASP H 987 -94.64 -12.13 -3.23
N LEU H 988 -94.41 -11.51 -4.39
CA LEU H 988 -95.02 -11.92 -5.65
C LEU H 988 -94.15 -11.48 -6.81
N ARG H 989 -94.31 -12.11 -7.98
CA ARG H 989 -93.50 -11.73 -9.15
C ARG H 989 -94.21 -11.91 -10.49
N LEU H 990 -95.39 -11.31 -10.66
CA LEU H 990 -96.09 -11.47 -11.92
C LEU H 990 -95.41 -10.70 -13.04
N LEU H 991 -95.70 -11.12 -14.28
CA LEU H 991 -95.21 -10.40 -15.45
C LEU H 991 -95.82 -9.01 -15.49
N LYS H 992 -95.05 -8.10 -16.06
CA LYS H 992 -95.40 -6.68 -16.07
C LYS H 992 -96.48 -6.39 -17.10
N ARG H 993 -97.73 -6.68 -16.73
CA ARG H 993 -98.91 -6.36 -17.56
C ARG H 993 -99.02 -4.86 -17.79
N GLN H 994 -98.41 -4.12 -16.89
CA GLN H 994 -98.43 -2.67 -16.86
C GLN H 994 -97.20 -2.06 -17.48
N ALA H 995 -96.49 -2.84 -18.28
CA ALA H 995 -95.34 -2.28 -18.96
C ALA H 995 -95.90 -1.58 -20.16
N GLY H 996 -95.88 -0.26 -20.11
CA GLY H 996 -96.38 0.60 -21.19
C GLY H 996 -95.49 0.58 -22.43
N SER H 997 -94.18 0.52 -22.25
CA SER H 997 -93.23 0.64 -23.35
C SER H 997 -93.35 -0.46 -24.39
N SER H 998 -93.53 -1.66 -23.94
CA SER H 998 -93.69 -2.81 -24.78
C SER H 998 -95.23 -2.82 -24.74
N PRO H 999 -95.88 -2.97 -25.88
CA PRO H 999 -97.35 -2.75 -25.93
C PRO H 999 -98.24 -3.54 -24.94
N CYS H 1000 -99.31 -2.86 -24.52
CA CYS H 1000 -100.26 -3.33 -23.50
C CYS H 1000 -101.02 -4.58 -23.92
N ASN H 1001 -101.63 -5.27 -22.95
CA ASN H 1001 -102.20 -6.59 -23.23
C ASN H 1001 -101.14 -7.66 -23.04
N PRO H 1002 -99.99 -7.26 -22.51
CA PRO H 1002 -98.92 -8.20 -22.26
C PRO H 1002 -99.35 -9.23 -21.22
N ILE H 1003 -98.92 -10.46 -21.46
CA ILE H 1003 -99.22 -11.56 -20.56
C ILE H 1003 -98.55 -11.32 -19.21
N PHE H 1004 -99.24 -11.78 -18.19
CA PHE H 1004 -98.84 -11.64 -16.80
C PHE H 1004 -98.57 -13.02 -16.24
N ILE H 1005 -97.82 -13.08 -15.16
CA ILE H 1005 -97.49 -14.37 -14.60
C ILE H 1005 -98.05 -14.49 -13.19
N GLU H 1006 -99.38 -14.41 -13.11
CA GLU H 1006 -100.09 -14.39 -11.85
C GLU H 1006 -100.55 -15.76 -11.37
N THR H 1007 -100.75 -16.72 -12.27
CA THR H 1007 -101.40 -17.98 -11.91
C THR H 1007 -100.49 -19.00 -11.24
N THR H 1008 -99.93 -18.62 -10.10
CA THR H 1008 -99.13 -19.50 -9.22
C THR H 1008 -98.00 -20.27 -9.93
N GLU H 1009 -97.30 -19.62 -10.85
CA GLU H 1009 -96.19 -20.30 -11.52
C GLU H 1009 -94.89 -20.05 -10.77
N LYS H 1010 -94.01 -21.05 -10.76
CA LYS H 1010 -92.67 -20.85 -10.19
C LYS H 1010 -91.76 -20.15 -11.20
N GLU H 1011 -92.17 -18.93 -11.57
CA GLU H 1011 -91.48 -18.09 -12.54
C GLU H 1011 -91.21 -18.80 -13.87
N TYR H 1012 -92.18 -19.58 -14.34
CA TYR H 1012 -92.00 -20.32 -15.60
C TYR H 1012 -91.81 -19.37 -16.76
N ILE H 1013 -90.95 -19.75 -17.71
CA ILE H 1013 -90.77 -18.94 -18.90
C ILE H 1013 -92.08 -18.87 -19.67
N GLN H 1014 -92.33 -17.71 -20.26
CA GLN H 1014 -93.53 -17.45 -21.05
C GLN H 1014 -93.66 -18.37 -22.25
N PRO H 1015 -92.53 -18.88 -22.75
CA PRO H 1015 -92.52 -19.67 -23.97
C PRO H 1015 -91.28 -20.54 -24.04
N SER H 1016 -91.35 -21.55 -24.92
CA SER H 1016 -90.20 -22.42 -25.19
C SER H 1016 -89.00 -21.64 -25.72
N ASN H 1017 -89.27 -20.57 -26.46
CA ASN H 1017 -88.27 -19.69 -27.04
C ASN H 1017 -88.92 -18.33 -27.05
N PRO H 1018 -88.13 -17.25 -27.15
CA PRO H 1018 -88.64 -15.87 -27.06
C PRO H 1018 -89.13 -15.61 -25.66
N LYS H 1019 -88.36 -16.13 -24.70
CA LYS H 1019 -88.64 -15.98 -23.29
C LYS H 1019 -87.37 -16.29 -22.52
N SER H 1020 -87.24 -15.70 -21.34
CA SER H 1020 -86.10 -16.03 -20.49
C SER H 1020 -86.42 -16.19 -19.02
N ILE H 1021 -87.46 -15.55 -18.48
CA ILE H 1021 -87.73 -15.55 -17.05
C ILE H 1021 -86.51 -15.12 -16.23
N LEU H 1022 -85.81 -14.09 -16.70
CA LEU H 1022 -84.62 -13.57 -16.05
C LEU H 1022 -84.60 -12.04 -16.09
N VAL H 1023 -85.67 -11.39 -15.62
CA VAL H 1023 -85.73 -9.93 -15.57
C VAL H 1023 -84.77 -9.43 -14.54
N SER H 1024 -84.21 -8.25 -14.76
CA SER H 1024 -83.28 -7.71 -13.78
C SER H 1024 -83.11 -6.23 -13.99
N ARG I 14 -76.64 13.50 52.38
CA ARG I 14 -75.31 12.93 52.18
C ARG I 14 -74.91 13.11 50.71
N ASP I 15 -73.60 13.13 50.45
CA ASP I 15 -73.09 13.39 49.09
C ASP I 15 -72.65 12.14 48.33
N GLY I 16 -73.02 10.96 48.79
CA GLY I 16 -72.66 9.73 48.12
C GLY I 16 -71.16 9.49 48.16
N THR I 17 -70.58 9.28 47.00
CA THR I 17 -69.14 9.03 46.87
C THR I 17 -68.62 9.49 45.52
N GLY I 18 -67.33 9.24 45.32
CA GLY I 18 -66.70 9.66 44.08
C GLY I 18 -65.27 9.19 44.00
N ARG I 19 -64.61 9.57 42.91
CA ARG I 19 -63.29 9.05 42.57
C ARG I 19 -62.21 9.32 43.61
N ARG I 20 -62.20 10.50 44.23
CA ARG I 20 -61.14 10.82 45.18
C ARG I 20 -61.32 10.12 46.53
N ASP I 21 -62.45 9.45 46.74
CA ASP I 21 -62.78 8.89 48.04
C ASP I 21 -62.57 7.37 48.00
N LEU I 22 -61.99 6.84 46.93
CA LEU I 22 -61.92 5.40 46.72
C LEU I 22 -60.64 4.74 47.22
N LEU I 23 -59.78 5.42 47.95
CA LEU I 23 -58.53 4.83 48.41
C LEU I 23 -58.67 4.26 49.82
N ASP I 24 -58.42 2.95 49.95
CA ASP I 24 -58.48 2.28 51.24
C ASP I 24 -57.08 2.35 51.87
N PRO I 25 -56.91 3.12 52.95
CA PRO I 25 -55.60 3.34 53.57
C PRO I 25 -54.99 2.10 54.20
N LYS I 26 -55.76 1.05 54.42
CA LYS I 26 -55.21 -0.13 55.06
C LYS I 26 -55.40 -1.38 54.23
N LEU I 27 -55.30 -1.25 52.91
CA LEU I 27 -55.31 -2.43 52.06
C LEU I 27 -53.93 -2.73 51.53
N ALA I 28 -53.16 -1.69 51.24
CA ALA I 28 -51.81 -1.87 50.73
C ALA I 28 -50.98 -2.65 51.72
N PRO I 29 -50.31 -3.74 51.29
CA PRO I 29 -49.48 -4.58 52.15
C PRO I 29 -48.49 -3.85 53.02
N GLU I 30 -47.97 -2.72 52.55
CA GLU I 30 -46.96 -2.00 53.30
C GLU I 30 -47.41 -1.61 54.70
N SER I 31 -48.71 -1.37 54.88
CA SER I 31 -49.19 -0.93 56.18
C SER I 31 -48.76 -1.85 57.31
N VAL I 32 -48.31 -3.06 56.99
CA VAL I 32 -47.91 -4.03 57.98
C VAL I 32 -46.42 -4.30 57.89
N GLN I 33 -45.71 -4.05 58.95
CA GLN I 33 -44.29 -4.31 59.02
C GLN I 33 -44.12 -5.45 60.01
N LEU I 34 -43.91 -6.66 59.49
CA LEU I 34 -43.85 -7.85 60.33
C LEU I 34 -42.73 -7.77 61.34
N GLN I 35 -41.61 -7.15 60.97
CA GLN I 35 -40.48 -6.98 61.87
C GLN I 35 -40.14 -5.50 61.93
N ASP I 36 -40.13 -4.88 63.11
CA ASP I 36 -39.80 -3.45 63.19
C ASP I 36 -38.63 -3.07 64.14
N PHE I 37 -37.77 -3.98 64.54
CA PHE I 37 -36.71 -3.56 65.46
C PHE I 37 -35.64 -2.73 64.76
N GLU I 38 -35.10 -1.75 65.51
CA GLU I 38 -33.97 -0.94 65.10
C GLU I 38 -32.72 -1.37 65.84
N LEU I 39 -31.58 -0.75 65.52
CA LEU I 39 -30.33 -1.09 66.22
C LEU I 39 -30.48 -0.90 67.70
N SER I 40 -31.23 0.13 68.08
CA SER I 40 -31.37 0.51 69.47
C SER I 40 -32.23 -0.50 70.22
N ASP I 41 -33.05 -1.29 69.53
CA ASP I 41 -33.89 -2.27 70.22
C ASP I 41 -33.11 -3.52 70.46
N TRP I 42 -32.22 -3.86 69.53
CA TRP I 42 -31.40 -5.02 69.78
C TRP I 42 -30.37 -4.73 70.85
N LEU I 43 -29.96 -3.47 70.99
CA LEU I 43 -29.07 -3.13 72.08
C LEU I 43 -29.77 -3.23 73.43
N ILE I 44 -31.06 -2.85 73.51
CA ILE I 44 -31.80 -3.02 74.76
C ILE I 44 -31.92 -4.48 75.10
N PHE I 45 -32.19 -5.31 74.09
CA PHE I 45 -32.26 -6.75 74.25
C PHE I 45 -30.98 -7.28 74.90
N ALA I 46 -29.82 -6.84 74.38
CA ALA I 46 -28.52 -7.24 74.93
C ALA I 46 -28.31 -6.80 76.37
N LEU I 47 -28.76 -5.59 76.72
CA LEU I 47 -28.58 -5.10 78.09
C LEU I 47 -29.29 -5.99 79.10
N ASN I 48 -30.45 -6.53 78.73
CA ASN I 48 -31.20 -7.40 79.61
C ASN I 48 -30.58 -8.79 79.64
N PHE I 49 -30.26 -9.31 78.44
CA PHE I 49 -29.73 -10.66 78.28
C PHE I 49 -28.44 -10.85 79.07
N ALA I 50 -27.60 -9.82 79.12
CA ALA I 50 -26.33 -9.86 79.83
C ALA I 50 -26.48 -10.21 81.31
N ARG I 51 -27.64 -9.96 81.91
CA ARG I 51 -27.89 -10.24 83.31
C ARG I 51 -28.46 -11.62 83.56
N LYS I 52 -28.73 -12.39 82.51
CA LYS I 52 -29.26 -13.73 82.65
C LYS I 52 -28.23 -14.81 82.39
N ILE I 53 -26.99 -14.43 82.12
CA ILE I 53 -25.90 -15.32 81.73
C ILE I 53 -24.79 -15.21 82.77
N HIS I 54 -24.27 -16.34 83.26
CA HIS I 54 -23.17 -16.39 84.21
C HIS I 54 -21.87 -15.93 83.55
N PHE I 55 -20.89 -15.49 84.33
CA PHE I 55 -19.58 -15.15 83.80
C PHE I 55 -18.57 -15.95 84.57
N PHE I 56 -17.60 -16.52 83.89
CA PHE I 56 -16.60 -17.38 84.52
C PHE I 56 -15.20 -16.79 84.51
N PRO I 57 -14.70 -16.33 85.66
CA PRO I 57 -13.34 -15.77 85.78
C PRO I 57 -12.26 -16.77 85.44
N SER I 58 -11.14 -16.27 84.89
CA SER I 58 -10.10 -17.15 84.40
C SER I 58 -9.30 -17.79 85.55
N ASP I 59 -9.46 -17.32 86.79
CA ASP I 59 -8.72 -17.90 87.91
C ASP I 59 -9.53 -18.88 88.74
N LEU I 60 -10.72 -19.25 88.31
CA LEU I 60 -11.52 -20.22 89.06
C LEU I 60 -11.70 -21.48 88.21
N ALA I 61 -11.84 -22.62 88.87
CA ALA I 61 -12.01 -23.88 88.15
C ALA I 61 -13.45 -24.04 87.65
N ASN I 62 -13.79 -23.22 86.67
CA ASN I 62 -15.11 -23.24 86.11
C ASN I 62 -16.18 -22.93 87.17
N GLU I 63 -15.92 -21.97 88.04
CA GLU I 63 -16.94 -21.59 88.99
C GLU I 63 -17.47 -20.25 88.51
N PRO I 64 -18.77 -20.01 88.57
CA PRO I 64 -19.34 -18.72 88.14
C PRO I 64 -19.10 -17.63 89.17
N LEU I 65 -18.98 -16.39 88.71
CA LEU I 65 -18.89 -15.24 89.62
C LEU I 65 -19.41 -13.98 88.94
N GLY I 66 -20.71 -13.74 89.03
CA GLY I 66 -21.28 -12.56 88.39
C GLY I 66 -21.79 -12.84 86.98
N ASP I 67 -21.90 -11.78 86.20
CA ASP I 67 -22.55 -11.83 84.88
C ASP I 67 -21.76 -11.00 83.87
N TRP I 68 -22.41 -10.63 82.77
CA TRP I 68 -21.80 -9.91 81.67
C TRP I 68 -22.19 -8.44 81.64
N ARG I 69 -22.74 -7.95 82.75
CA ARG I 69 -23.26 -6.59 82.87
C ARG I 69 -22.27 -5.51 82.44
N ASN I 70 -21.00 -5.69 82.78
CA ASN I 70 -20.00 -4.65 82.55
C ASN I 70 -19.55 -4.56 81.10
N PHE I 71 -20.03 -5.41 80.24
CA PHE I 71 -19.58 -5.36 78.86
C PHE I 71 -20.45 -4.46 78.00
N PHE I 72 -21.61 -4.01 78.50
CA PHE I 72 -22.49 -3.14 77.73
C PHE I 72 -22.75 -1.82 78.46
N SER I 73 -21.98 -1.55 79.50
CA SER I 73 -22.21 -0.42 80.37
C SER I 73 -21.78 0.88 79.70
N THR I 74 -21.01 0.82 78.63
CA THR I 74 -20.54 1.99 77.92
C THR I 74 -21.50 2.51 76.88
N ILE I 75 -22.63 1.87 76.70
CA ILE I 75 -23.62 2.32 75.74
C ILE I 75 -24.48 3.42 76.34
N VAL I 76 -24.91 3.22 77.57
CA VAL I 76 -25.83 4.12 78.25
C VAL I 76 -25.05 5.17 79.04
N SER I 77 -25.28 6.44 78.69
CA SER I 77 -24.57 7.59 79.23
C SER I 77 -25.13 8.01 80.59
N ASP I 78 -26.31 7.53 80.96
CA ASP I 78 -26.91 7.83 82.25
C ASP I 78 -27.37 6.53 82.85
N LYS I 79 -26.58 6.10 83.84
CA LYS I 79 -26.73 4.80 84.47
C LYS I 79 -28.02 4.67 85.24
N THR I 80 -28.67 5.80 85.54
CA THR I 80 -29.94 5.79 86.24
C THR I 80 -30.94 4.91 85.53
N LEU I 81 -30.95 5.00 84.20
CA LEU I 81 -31.98 4.37 83.39
C LEU I 81 -31.86 2.88 83.30
N ILE I 82 -30.77 2.29 83.77
CA ILE I 82 -30.63 0.85 83.65
C ILE I 82 -30.39 0.19 84.99
N SER I 83 -30.61 0.92 86.10
CA SER I 83 -30.35 0.37 87.42
C SER I 83 -31.20 -0.87 87.72
N ASP I 84 -32.35 -0.97 87.07
CA ASP I 84 -33.28 -2.06 87.22
C ASP I 84 -33.88 -2.43 85.86
N ILE I 85 -33.04 -2.40 84.81
CA ILE I 85 -33.53 -2.52 83.41
C ILE I 85 -34.47 -3.70 83.19
N GLU I 86 -34.30 -4.81 83.94
CA GLU I 86 -35.08 -6.00 83.65
C GLU I 86 -36.53 -5.81 84.09
N ASN I 87 -36.85 -4.73 84.80
CA ASN I 87 -38.20 -4.44 85.26
C ASN I 87 -38.86 -3.25 84.56
N LEU I 88 -38.32 -2.78 83.44
CA LEU I 88 -38.91 -1.62 82.79
C LEU I 88 -40.07 -1.98 81.87
N ASP I 89 -40.99 -1.03 81.73
CA ASP I 89 -42.13 -1.10 80.83
C ASP I 89 -42.19 0.14 79.95
N ASP I 90 -41.16 0.98 80.01
CA ASP I 90 -41.08 2.23 79.26
C ASP I 90 -39.63 2.42 78.88
N PHE I 91 -39.38 2.33 77.59
CA PHE I 91 -38.04 2.40 77.08
C PHE I 91 -37.75 3.69 76.32
N GLU I 92 -38.56 4.73 76.46
CA GLU I 92 -38.38 5.91 75.63
C GLU I 92 -37.11 6.66 76.03
N LYS I 93 -36.83 6.76 77.33
CA LYS I 93 -35.64 7.48 77.77
C LYS I 93 -34.40 6.70 77.43
N LEU I 94 -34.48 5.39 77.60
CA LEU I 94 -33.35 4.52 77.34
C LEU I 94 -33.01 4.51 75.87
N ARG I 95 -34.04 4.38 75.03
CA ARG I 95 -33.84 4.36 73.59
C ARG I 95 -33.19 5.66 73.13
N GLY I 96 -33.61 6.78 73.73
CA GLY I 96 -33.01 8.07 73.42
C GLY I 96 -31.51 8.12 73.64
N ASN I 97 -31.05 7.70 74.81
CA ASN I 97 -29.61 7.71 75.08
C ASN I 97 -28.85 6.77 74.17
N ILE I 98 -29.46 5.63 73.83
CA ILE I 98 -28.77 4.69 72.96
C ILE I 98 -28.57 5.31 71.58
N GLU I 99 -29.55 6.06 71.10
CA GLU I 99 -29.43 6.65 69.78
C GLU I 99 -28.30 7.70 69.77
N GLU I 100 -28.17 8.48 70.86
CA GLU I 100 -27.02 9.39 70.97
C GLU I 100 -25.67 8.69 70.89
N PHE I 101 -25.55 7.57 71.58
CA PHE I 101 -24.34 6.76 71.53
C PHE I 101 -24.01 6.36 70.11
N LEU I 102 -25.00 5.81 69.41
CA LEU I 102 -24.77 5.33 68.07
C LEU I 102 -24.33 6.44 67.15
N ALA I 103 -24.93 7.63 67.29
CA ALA I 103 -24.51 8.75 66.46
C ALA I 103 -23.08 9.16 66.78
N ALA I 104 -22.74 9.23 68.07
CA ALA I 104 -21.44 9.73 68.51
C ALA I 104 -20.28 8.89 67.99
N TYR I 105 -20.48 7.59 67.90
CA TYR I 105 -19.40 6.72 67.47
C TYR I 105 -19.48 6.34 66.01
N ASP I 106 -20.44 6.89 65.27
CA ASP I 106 -20.53 6.49 63.88
C ASP I 106 -19.37 7.09 63.13
N GLN I 107 -18.55 6.20 62.60
CA GLN I 107 -17.34 6.54 61.87
C GLN I 107 -16.33 7.29 62.71
N SER I 108 -16.26 7.01 64.01
CA SER I 108 -15.25 7.65 64.84
C SER I 108 -13.95 6.87 64.90
N GLY I 109 -14.03 5.55 64.73
CA GLY I 109 -12.87 4.70 64.90
C GLY I 109 -12.54 4.40 66.34
N LYS I 110 -13.44 4.67 67.29
CA LYS I 110 -13.13 4.58 68.71
C LYS I 110 -13.81 3.48 69.54
N LEU I 111 -14.52 2.49 68.98
CA LEU I 111 -15.12 1.49 69.86
C LEU I 111 -14.20 0.31 70.19
N THR I 112 -14.40 -0.24 71.38
CA THR I 112 -13.73 -1.45 71.78
C THR I 112 -14.19 -2.57 70.87
N PRO I 113 -13.27 -3.46 70.47
CA PRO I 113 -13.55 -4.56 69.53
C PRO I 113 -14.74 -5.47 69.81
N HIS I 114 -15.11 -5.74 71.06
CA HIS I 114 -16.26 -6.63 71.22
C HIS I 114 -17.56 -5.93 70.81
N LEU I 115 -17.62 -4.61 70.92
CA LEU I 115 -18.82 -3.92 70.50
C LEU I 115 -18.77 -3.69 69.02
N THR I 116 -17.56 -3.51 68.49
CA THR I 116 -17.42 -3.32 67.06
C THR I 116 -18.03 -4.47 66.30
N LEU I 117 -17.76 -5.72 66.71
CA LEU I 117 -18.40 -6.84 66.03
C LEU I 117 -19.90 -6.87 66.22
N PHE I 118 -20.37 -6.66 67.44
CA PHE I 118 -21.80 -6.77 67.70
C PHE I 118 -22.58 -5.78 66.86
N VAL I 119 -22.11 -4.54 66.79
CA VAL I 119 -22.84 -3.53 66.03
C VAL I 119 -22.75 -3.80 64.54
N SER I 120 -21.58 -4.21 64.02
CA SER I 120 -21.48 -4.51 62.59
C SER I 120 -22.44 -5.61 62.19
N PHE I 121 -22.57 -6.62 63.04
CA PHE I 121 -23.52 -7.69 62.82
C PHE I 121 -24.93 -7.16 62.72
N LEU I 122 -25.32 -6.30 63.67
CA LEU I 122 -26.66 -5.76 63.64
C LEU I 122 -26.92 -4.95 62.39
N LYS I 123 -25.91 -4.23 61.89
CA LYS I 123 -26.10 -3.51 60.64
C LYS I 123 -26.26 -4.45 59.45
N LEU I 124 -25.53 -5.56 59.41
CA LEU I 124 -25.68 -6.50 58.29
C LEU I 124 -27.10 -7.08 58.22
N LEU I 125 -27.73 -7.29 59.38
CA LEU I 125 -29.08 -7.83 59.46
C LEU I 125 -30.15 -6.95 58.84
N GLU I 126 -29.85 -5.68 58.55
CA GLU I 126 -30.88 -4.84 57.96
C GLU I 126 -31.35 -5.35 56.61
N THR I 127 -30.51 -6.09 55.89
CA THR I 127 -30.94 -6.63 54.61
C THR I 127 -31.90 -7.79 54.77
N SER I 128 -31.92 -8.41 55.95
CA SER I 128 -32.83 -9.49 56.21
C SER I 128 -34.20 -8.95 56.51
N LYS I 129 -34.22 -7.82 57.20
CA LYS I 129 -35.46 -7.17 57.50
C LYS I 129 -36.16 -6.75 56.23
N LYS I 130 -35.41 -6.27 55.26
CA LYS I 130 -35.98 -5.84 53.99
C LYS I 130 -36.67 -6.98 53.27
N ARG I 131 -36.02 -8.14 53.21
CA ARG I 131 -36.61 -9.31 52.56
C ARG I 131 -37.79 -9.88 53.33
N PHE I 132 -37.65 -9.99 54.63
CA PHE I 132 -38.66 -10.57 55.49
C PHE I 132 -39.95 -9.80 55.46
N ASN I 133 -39.90 -8.49 55.44
CA ASN I 133 -41.13 -7.71 55.44
C ASN I 133 -41.86 -7.68 54.10
N GLN I 134 -41.37 -8.36 53.07
CA GLN I 134 -42.12 -8.43 51.82
C GLN I 134 -43.07 -9.61 51.78
N LEU I 135 -43.11 -10.40 52.85
CA LEU I 135 -43.97 -11.57 52.90
C LEU I 135 -45.45 -11.22 52.85
N THR I 136 -45.85 -10.08 53.42
CA THR I 136 -47.26 -9.72 53.41
C THR I 136 -47.77 -9.48 52.01
N LYS I 137 -46.93 -8.94 51.14
CA LYS I 137 -47.34 -8.71 49.77
C LYS I 137 -47.42 -10.01 49.01
N ARG I 138 -46.42 -10.87 49.20
CA ARG I 138 -46.40 -12.15 48.51
C ARG I 138 -47.61 -12.98 48.88
N HIS I 139 -48.00 -12.93 50.14
CA HIS I 139 -49.18 -13.65 50.62
C HIS I 139 -50.43 -13.16 49.95
N LEU I 140 -50.63 -11.84 49.90
CA LEU I 140 -51.82 -11.28 49.26
C LEU I 140 -51.90 -11.64 47.79
N ASP I 141 -50.79 -11.52 47.08
CA ASP I 141 -50.75 -11.80 45.65
C ASP I 141 -51.07 -13.23 45.36
N PHE I 142 -50.57 -14.12 46.18
CA PHE I 142 -50.84 -15.53 46.02
C PHE I 142 -52.32 -15.81 46.13
N TYR I 143 -52.96 -15.28 47.16
CA TYR I 143 -54.37 -15.55 47.32
C TYR I 143 -55.21 -15.01 46.15
N TYR I 144 -55.00 -13.78 45.73
CA TYR I 144 -55.84 -13.28 44.64
C TYR I 144 -55.52 -13.93 43.30
N GLN I 145 -54.24 -14.22 43.01
CA GLN I 145 -53.90 -14.72 41.68
C GLN I 145 -53.85 -16.24 41.55
N GLU I 146 -53.46 -16.98 42.57
CA GLU I 146 -53.33 -18.42 42.41
C GLU I 146 -54.47 -19.18 43.04
N ILE I 147 -55.06 -18.65 44.10
CA ILE I 147 -56.20 -19.33 44.70
C ILE I 147 -57.49 -18.91 44.03
N LEU I 148 -57.70 -17.61 43.86
CA LEU I 148 -58.94 -17.15 43.25
C LEU I 148 -58.86 -17.04 41.74
N HIS I 149 -57.67 -17.18 41.16
CA HIS I 149 -57.44 -17.12 39.71
C HIS I 149 -57.90 -15.81 39.06
N LEU I 150 -57.64 -14.68 39.68
CA LEU I 150 -58.08 -13.41 39.10
C LEU I 150 -56.92 -12.64 38.49
N GLU I 151 -57.08 -12.16 37.27
CA GLU I 151 -56.01 -11.44 36.58
C GLU I 151 -56.33 -9.96 36.42
N LYS I 152 -55.36 -9.21 35.89
CA LYS I 152 -55.49 -7.78 35.63
C LYS I 152 -56.09 -7.51 34.26
N GLN I 153 -56.71 -6.35 34.10
CA GLN I 153 -57.28 -5.96 32.82
C GLN I 153 -56.29 -5.23 31.92
N ALA I 154 -56.45 -5.44 30.62
CA ALA I 154 -55.64 -4.91 29.54
C ALA I 154 -56.10 -3.52 29.07
N LEU I 155 -55.21 -2.92 28.26
CA LEU I 155 -55.32 -1.60 27.64
C LEU I 155 -56.35 -1.48 26.51
N SER I 156 -56.99 -0.30 26.42
CA SER I 156 -57.87 0.08 25.29
C SER I 156 -57.33 1.31 24.56
N PRO I 157 -57.24 1.27 23.23
CA PRO I 157 -56.74 2.39 22.42
C PRO I 157 -57.74 3.53 22.30
N ASP I 158 -57.25 4.76 22.10
CA ASP I 158 -58.11 5.93 21.93
C ASP I 158 -58.42 6.28 20.46
N HIS I 159 -59.46 7.10 20.28
CA HIS I 159 -59.97 7.56 18.98
C HIS I 159 -59.88 9.08 18.77
N VAL I 160 -59.54 9.51 17.56
CA VAL I 160 -59.50 10.92 17.18
C VAL I 160 -60.14 11.19 15.82
N PHE I 161 -60.51 12.46 15.59
CA PHE I 161 -60.90 12.94 14.27
C PHE I 161 -59.91 13.96 13.77
N LEU I 162 -59.60 13.86 12.49
CA LEU I 162 -58.68 14.77 11.83
C LEU I 162 -59.36 15.46 10.67
N ILE I 163 -59.01 16.72 10.42
CA ILE I 163 -59.55 17.45 9.29
C ILE I 163 -58.47 17.63 8.23
N PHE I 164 -58.75 17.26 6.99
CA PHE I 164 -57.74 17.31 5.94
C PHE I 164 -57.97 18.40 4.89
N GLU I 165 -56.88 19.05 4.48
CA GLU I 165 -56.88 20.05 3.40
C GLU I 165 -55.95 19.60 2.26
N LEU I 166 -56.48 19.51 1.05
CA LEU I 166 -55.71 19.02 -0.11
C LEU I 166 -54.82 20.08 -0.73
N ALA I 167 -53.83 19.59 -1.47
CA ALA I 167 -52.88 20.43 -2.18
C ALA I 167 -53.57 21.28 -3.24
N LYS I 168 -53.02 22.48 -3.45
CA LYS I 168 -53.55 23.44 -4.41
C LYS I 168 -53.76 22.87 -5.81
N ASN I 169 -52.85 22.01 -6.26
CA ASN I 169 -52.85 21.53 -7.63
C ASN I 169 -53.56 20.20 -7.86
N VAL I 170 -54.35 19.70 -6.92
CA VAL I 170 -55.07 18.45 -7.14
C VAL I 170 -56.54 18.73 -6.95
N SER I 171 -57.40 17.86 -7.44
CA SER I 171 -58.83 18.08 -7.24
C SER I 171 -59.50 17.05 -6.36
N GLN I 172 -58.97 15.83 -6.38
CA GLN I 172 -59.50 14.73 -5.60
C GLN I 172 -58.39 13.74 -5.31
N GLU I 173 -58.57 12.92 -4.26
CA GLU I 173 -57.62 11.92 -3.85
C GLU I 173 -58.29 10.84 -3.04
N LYS I 174 -57.65 9.68 -2.94
CA LYS I 174 -58.23 8.57 -2.20
C LYS I 174 -57.30 8.25 -1.03
N LEU I 175 -57.84 8.18 0.17
CA LEU I 175 -57.06 7.89 1.36
C LEU I 175 -57.39 6.49 1.87
N ASP I 176 -56.43 5.59 1.70
CA ASP I 176 -56.53 4.19 2.06
C ASP I 176 -56.48 3.87 3.55
N GLU I 177 -57.11 2.75 3.91
CA GLU I 177 -57.10 2.28 5.28
C GLU I 177 -55.71 1.88 5.73
N GLY I 178 -55.42 2.17 6.99
CA GLY I 178 -54.15 1.84 7.56
C GLY I 178 -53.07 2.87 7.44
N THR I 179 -53.36 4.01 6.87
CA THR I 179 -52.35 5.02 6.72
C THR I 179 -51.88 5.47 8.09
N GLU I 180 -50.58 5.59 8.27
CA GLU I 180 -50.01 6.00 9.54
C GLU I 180 -49.99 7.50 9.78
N VAL I 181 -50.20 7.91 11.01
CA VAL I 181 -50.23 9.30 11.39
C VAL I 181 -49.19 9.49 12.48
N ASP I 182 -48.64 10.69 12.67
CA ASP I 182 -47.63 10.81 13.70
C ASP I 182 -47.88 11.88 14.78
N GLY I 183 -47.77 11.49 16.05
CA GLY I 183 -47.93 12.51 17.08
C GLY I 183 -47.40 12.42 18.51
N GLY I 184 -46.25 13.00 18.93
CA GLY I 184 -46.06 12.87 20.35
C GLY I 184 -45.17 11.68 20.64
N LYS I 185 -44.46 11.77 21.74
CA LYS I 185 -43.60 10.70 22.22
C LYS I 185 -43.82 10.40 23.69
N ASP I 186 -43.51 9.15 24.10
CA ASP I 186 -43.72 8.80 25.50
C ASP I 186 -42.40 9.17 26.22
N ASP I 187 -42.25 8.71 27.47
CA ASP I 187 -41.08 9.01 28.28
C ASP I 187 -39.83 8.22 27.89
N THR I 188 -39.98 7.23 27.01
CA THR I 188 -38.90 6.46 26.42
C THR I 188 -38.40 7.08 25.14
N GLY I 189 -39.12 8.07 24.65
CA GLY I 189 -38.82 8.66 23.38
C GLY I 189 -39.41 7.92 22.22
N LYS I 190 -40.32 6.99 22.45
CA LYS I 190 -40.93 6.28 21.33
C LYS I 190 -42.11 7.07 20.82
N LYS I 191 -42.34 6.99 19.52
CA LYS I 191 -43.41 7.77 18.92
C LYS I 191 -44.76 7.07 18.95
N ASN I 192 -45.82 7.86 19.08
CA ASN I 192 -47.16 7.31 19.02
C ASN I 192 -47.57 7.20 17.57
N THR I 193 -48.33 6.17 17.23
CA THR I 193 -48.78 5.97 15.86
C THR I 193 -50.26 5.73 15.84
N TYR I 194 -50.99 6.33 14.90
CA TYR I 194 -52.43 6.11 14.80
C TYR I 194 -52.77 5.62 13.41
N LEU I 195 -53.83 4.84 13.22
CA LEU I 195 -54.14 4.35 11.90
C LEU I 195 -55.51 4.78 11.43
N THR I 196 -55.58 5.16 10.16
CA THR I 196 -56.85 5.49 9.53
C THR I 196 -57.77 4.27 9.51
N SER I 197 -59.01 4.47 9.95
CA SER I 197 -59.95 3.35 10.08
C SER I 197 -60.70 2.98 8.80
N PHE I 198 -60.99 3.92 7.92
CA PHE I 198 -61.80 3.62 6.75
C PHE I 198 -61.23 4.28 5.52
N GLU I 199 -61.38 3.63 4.36
CA GLU I 199 -61.06 4.29 3.10
C GLU I 199 -61.95 5.48 2.91
N THR I 200 -61.39 6.63 2.52
CA THR I 200 -62.31 7.73 2.26
C THR I 200 -61.83 8.54 1.05
N VAL I 201 -62.63 9.53 0.69
CA VAL I 201 -62.35 10.36 -0.46
C VAL I 201 -62.28 11.81 -0.04
N LEU I 202 -61.19 12.45 -0.36
CA LEU I 202 -61.01 13.85 -0.02
C LEU I 202 -61.13 14.71 -1.27
N ASN I 203 -61.70 15.90 -1.11
CA ASN I 203 -61.82 16.85 -2.20
C ASN I 203 -61.82 18.26 -1.63
N LYS I 204 -62.02 19.26 -2.47
CA LYS I 204 -61.96 20.63 -1.98
C LYS I 204 -63.32 21.21 -1.67
N THR I 205 -64.09 20.61 -0.77
CA THR I 205 -65.41 21.15 -0.44
C THR I 205 -65.34 21.71 0.97
N LYS I 206 -65.80 22.94 1.16
CA LYS I 206 -65.71 23.61 2.44
C LYS I 206 -67.05 24.18 2.91
N VAL I 207 -67.28 24.20 4.22
CA VAL I 207 -68.49 24.83 4.74
C VAL I 207 -68.29 26.34 4.74
N GLY I 208 -69.16 27.06 4.04
CA GLY I 208 -69.02 28.50 3.94
C GLY I 208 -69.94 29.31 4.85
N GLN I 209 -71.23 28.98 4.91
CA GLN I 209 -72.17 29.80 5.68
C GLN I 209 -73.21 29.01 6.46
N LEU I 210 -73.59 29.53 7.63
CA LEU I 210 -74.60 28.92 8.49
C LEU I 210 -75.69 29.93 8.89
N LYS I 211 -76.95 29.65 8.54
CA LYS I 211 -78.07 30.56 8.83
C LYS I 211 -79.26 29.82 9.45
N SER I 212 -80.09 30.51 10.23
CA SER I 212 -81.24 29.80 10.79
C SER I 212 -82.50 30.64 11.04
N LEU I 213 -83.66 29.95 11.04
CA LEU I 213 -84.98 30.51 11.28
C LEU I 213 -85.79 29.71 12.30
N TYR I 214 -86.72 30.37 13.00
CA TYR I 214 -87.71 29.63 13.79
C TYR I 214 -89.03 30.40 13.91
N ASN I 215 -90.13 29.74 13.57
CA ASN I 215 -91.49 30.31 13.68
C ASN I 215 -92.27 29.54 14.74
N GLU I 216 -92.54 30.21 15.86
CA GLU I 216 -93.20 29.61 17.00
C GLU I 216 -94.63 30.13 17.11
N ILE I 217 -95.62 29.24 17.14
CA ILE I 217 -97.02 29.69 17.16
C ILE I 217 -97.72 29.25 18.44
N SER I 218 -98.33 30.22 19.13
CA SER I 218 -99.08 29.97 20.36
C SER I 218 -100.58 29.91 20.13
N VAL I 219 -101.10 30.73 19.22
CA VAL I 219 -102.53 30.88 19.05
C VAL I 219 -102.96 30.47 17.64
N GLU I 220 -103.94 29.56 17.59
CA GLU I 220 -104.55 29.11 16.35
C GLU I 220 -105.15 30.27 15.58
N LYS I 221 -104.84 30.33 14.27
CA LYS I 221 -105.25 31.44 13.38
C LYS I 221 -106.73 31.76 13.44
N GLU I 222 -107.56 30.75 13.70
CA GLU I 222 -109.01 30.94 13.69
C GLU I 222 -109.45 31.87 14.83
N GLU I 223 -108.61 32.07 15.85
CA GLU I 223 -108.97 32.95 16.95
C GLU I 223 -108.54 34.40 16.72
N ILE I 224 -107.94 34.72 15.58
CA ILE I 224 -107.58 36.12 15.33
C ILE I 224 -108.82 36.81 14.79
N LYS I 225 -109.38 37.71 15.58
CA LYS I 225 -110.60 38.40 15.20
C LYS I 225 -110.32 39.83 14.79
N GLU I 226 -109.24 40.39 15.32
CA GLU I 226 -108.82 41.76 15.04
C GLU I 226 -107.29 41.75 15.06
N LEU I 227 -106.66 42.75 14.46
CA LEU I 227 -105.20 42.75 14.48
C LEU I 227 -104.64 42.93 15.89
N ASN I 228 -105.24 43.81 16.68
CA ASN I 228 -104.70 44.09 18.01
C ASN I 228 -105.24 43.10 19.03
N THR I 229 -104.77 41.86 18.92
CA THR I 229 -105.20 40.82 19.84
C THR I 229 -104.63 41.12 21.23
N PRO I 230 -105.34 40.72 22.29
CA PRO I 230 -104.87 40.92 23.69
C PRO I 230 -103.67 40.07 24.07
N ILE I 231 -103.40 39.05 23.28
CA ILE I 231 -102.36 38.08 23.55
C ILE I 231 -101.49 37.97 22.32
N SER I 232 -100.21 37.70 22.53
CA SER I 232 -99.31 37.47 21.41
C SER I 232 -99.77 36.16 20.76
N THR I 233 -99.70 36.09 19.45
CA THR I 233 -100.08 34.87 18.76
C THR I 233 -98.93 34.00 18.31
N GLY I 234 -97.74 34.56 18.25
CA GLY I 234 -96.56 33.84 17.84
C GLY I 234 -95.38 34.78 17.70
N THR I 235 -94.20 34.17 17.48
CA THR I 235 -92.91 34.85 17.32
C THR I 235 -92.12 34.26 16.15
N PHE I 236 -91.49 35.10 15.33
CA PHE I 236 -90.71 34.57 14.20
C PHE I 236 -89.37 35.30 14.11
N VAL I 237 -88.28 34.56 14.36
CA VAL I 237 -86.94 35.12 14.48
C VAL I 237 -85.95 34.51 13.50
N MET I 238 -84.83 35.22 13.31
CA MET I 238 -83.78 34.76 12.44
C MET I 238 -82.37 35.08 12.91
N ALA I 239 -81.42 34.24 12.50
CA ALA I 239 -80.01 34.47 12.72
C ALA I 239 -79.24 34.43 11.40
N PRO I 240 -78.83 35.61 10.90
CA PRO I 240 -78.00 35.71 9.67
C PRO I 240 -76.64 35.04 9.80
N MET I 241 -76.13 34.90 11.00
CA MET I 241 -74.89 34.17 11.27
C MET I 241 -75.21 33.31 12.49
N ALA I 242 -75.64 32.08 12.24
CA ALA I 242 -76.13 31.16 13.27
C ALA I 242 -75.08 30.83 14.31
N ASN I 243 -73.81 30.82 13.93
CA ASN I 243 -72.77 30.41 14.86
C ASN I 243 -72.04 31.58 15.50
N SER I 244 -72.61 32.76 15.50
CA SER I 244 -72.05 33.86 16.26
C SER I 244 -72.79 34.04 17.57
N PHE I 245 -72.23 34.88 18.45
CA PHE I 245 -72.80 35.02 19.80
C PHE I 245 -74.21 35.64 19.80
N ASP I 246 -74.41 36.74 19.09
CA ASP I 246 -75.69 37.44 19.02
C ASP I 246 -76.46 37.14 17.74
N GLY I 247 -75.97 36.21 16.95
CA GLY I 247 -76.57 35.89 15.66
C GLY I 247 -76.16 36.81 14.54
N LEU I 248 -75.33 37.83 14.81
CA LEU I 248 -74.94 38.84 13.83
C LEU I 248 -73.44 39.00 13.67
N GLY I 249 -72.63 38.17 14.32
CA GLY I 249 -71.18 38.29 14.21
C GLY I 249 -70.42 38.58 15.48
N GLU I 250 -71.05 38.74 16.65
CA GLU I 250 -70.25 39.08 17.82
C GLU I 250 -69.50 37.81 18.27
N ASP I 251 -68.25 37.98 18.69
CA ASP I 251 -67.41 36.87 19.10
C ASP I 251 -67.94 36.28 20.40
N PHE I 252 -67.77 34.98 20.56
CA PHE I 252 -68.14 34.36 21.81
C PHE I 252 -67.13 34.78 22.86
N PRO I 253 -67.57 35.05 24.08
CA PRO I 253 -66.65 35.36 25.17
C PRO I 253 -65.77 34.15 25.40
N LYS I 254 -64.50 34.41 25.71
CA LYS I 254 -63.45 33.40 25.93
C LYS I 254 -63.87 32.07 26.54
N GLY I 255 -64.66 32.15 27.61
CA GLY I 255 -65.03 30.97 28.37
C GLY I 255 -65.81 29.88 27.63
N SER I 256 -66.62 30.24 26.63
CA SER I 256 -67.40 29.18 25.98
C SER I 256 -67.95 29.53 24.61
N GLU I 257 -67.95 28.54 23.73
CA GLU I 257 -68.55 28.70 22.42
C GLU I 257 -69.64 27.66 22.23
N LYS I 258 -70.88 28.10 22.24
CA LYS I 258 -72.01 27.20 22.16
C LYS I 258 -73.11 27.90 21.39
N TRP I 259 -73.79 27.18 20.48
CA TRP I 259 -74.90 27.85 19.84
C TRP I 259 -76.04 26.88 19.49
N TRP I 260 -77.23 27.44 19.39
CA TRP I 260 -78.41 26.63 19.11
C TRP I 260 -78.59 26.46 17.61
N PRO I 261 -78.68 25.22 17.13
CA PRO I 261 -78.81 24.94 15.70
C PRO I 261 -80.05 25.54 15.05
N PHE I 262 -81.11 25.79 15.81
CA PHE I 262 -82.29 26.37 15.21
C PHE I 262 -82.71 27.63 15.94
N GLY I 263 -81.75 28.43 16.41
CA GLY I 263 -82.05 29.68 17.09
C GLY I 263 -82.67 29.50 18.47
N TYR I 264 -83.30 30.57 18.96
CA TYR I 264 -83.97 30.60 20.25
C TYR I 264 -84.95 31.77 20.28
N THR I 265 -85.98 31.66 21.11
CA THR I 265 -86.96 32.74 21.26
C THR I 265 -87.03 33.36 22.63
N LYS I 266 -86.31 32.85 23.62
CA LYS I 266 -86.40 33.49 24.91
C LYS I 266 -84.97 33.87 25.28
N ILE I 267 -84.87 34.88 26.10
CA ILE I 267 -83.59 35.48 26.49
C ILE I 267 -83.00 34.83 27.70
N CYS I 268 -83.79 34.62 28.73
CA CYS I 268 -83.28 33.95 29.90
C CYS I 268 -83.59 32.48 29.78
N ASN I 269 -82.57 31.65 29.93
CA ASN I 269 -82.78 30.24 29.74
C ASN I 269 -82.37 29.55 31.05
N ALA I 270 -82.06 28.25 30.99
CA ALA I 270 -81.79 27.48 32.20
C ALA I 270 -80.64 28.03 33.04
N SER I 271 -79.61 28.61 32.43
CA SER I 271 -78.49 29.08 33.22
C SER I 271 -77.99 30.48 32.89
N THR I 272 -78.26 31.01 31.72
CA THR I 272 -77.70 32.29 31.31
C THR I 272 -78.70 33.18 30.61
N VAL I 273 -78.18 34.31 30.13
CA VAL I 273 -78.97 35.33 29.46
C VAL I 273 -78.31 35.70 28.12
N LEU I 274 -79.07 35.55 27.03
CA LEU I 274 -78.52 35.84 25.72
C LEU I 274 -79.14 37.11 25.11
N PRO I 275 -78.41 37.81 24.25
CA PRO I 275 -78.97 38.91 23.46
C PRO I 275 -80.10 38.38 22.59
N ALA I 276 -81.11 39.21 22.36
CA ALA I 276 -82.23 38.79 21.52
C ALA I 276 -81.82 38.69 20.06
N LEU I 277 -82.43 37.75 19.34
CA LEU I 277 -82.24 37.66 17.90
C LEU I 277 -83.17 38.64 17.22
N PRO I 278 -82.76 39.20 16.07
CA PRO I 278 -83.63 40.07 15.28
C PRO I 278 -84.79 39.28 14.73
N LYS I 279 -85.91 39.96 14.54
CA LYS I 279 -87.09 39.28 14.03
C LYS I 279 -87.09 39.20 12.52
N ALA I 280 -87.77 38.18 12.01
CA ALA I 280 -87.79 37.86 10.59
C ALA I 280 -88.34 39.00 9.74
N ARG I 281 -87.71 39.21 8.60
CA ARG I 281 -88.10 40.20 7.60
C ARG I 281 -88.98 39.55 6.55
N LEU I 282 -90.22 40.01 6.45
CA LEU I 282 -91.20 39.45 5.55
C LEU I 282 -91.92 40.56 4.79
N GLY I 283 -92.22 40.35 3.51
CA GLY I 283 -92.99 41.33 2.76
C GLY I 283 -92.99 41.05 1.26
N CYS I 284 -93.22 42.10 0.47
CA CYS I 284 -93.28 41.97 -0.99
C CYS I 284 -93.12 43.31 -1.68
N SER I 285 -93.01 43.26 -3.01
CA SER I 285 -92.94 44.49 -3.78
C SER I 285 -93.68 44.41 -5.11
N ILE I 286 -94.09 45.58 -5.59
CA ILE I 286 -94.85 45.79 -6.80
C ILE I 286 -94.08 46.69 -7.76
N SER I 287 -94.04 46.33 -9.04
CA SER I 287 -93.40 47.23 -9.97
C SER I 287 -94.19 47.41 -11.27
N SER I 288 -94.41 48.67 -11.62
CA SER I 288 -95.17 49.08 -12.80
C SER I 288 -94.88 50.51 -13.24
N LYS I 289 -95.08 50.76 -14.53
CA LYS I 289 -94.91 52.05 -15.20
C LYS I 289 -95.71 53.22 -14.67
N LEU I 290 -96.81 53.00 -13.95
CA LEU I 290 -97.58 54.13 -13.47
C LEU I 290 -96.87 54.88 -12.36
N LEU I 291 -95.81 54.31 -11.81
CA LEU I 291 -95.10 54.97 -10.73
C LEU I 291 -94.05 55.95 -11.23
N LYS I 292 -93.87 56.11 -12.54
CA LYS I 292 -92.87 57.06 -13.03
C LYS I 292 -93.39 58.48 -12.87
N LEU I 293 -93.19 59.05 -11.68
CA LEU I 293 -93.72 60.36 -11.30
C LEU I 293 -92.64 61.38 -10.96
N SER I 294 -92.55 62.50 -11.73
CA SER I 294 -91.41 63.37 -11.48
C SER I 294 -91.72 64.69 -10.77
N GLU I 295 -92.96 65.21 -10.79
CA GLU I 295 -93.21 66.51 -10.15
C GLU I 295 -94.68 66.72 -9.80
N GLY I 296 -94.92 67.78 -9.03
CA GLY I 296 -96.27 68.17 -8.66
C GLY I 296 -96.76 67.41 -7.45
N THR I 297 -98.06 67.42 -7.23
CA THR I 297 -98.67 66.69 -6.13
C THR I 297 -99.00 65.30 -6.62
N ARG I 298 -98.52 64.29 -5.92
CA ARG I 298 -98.79 62.95 -6.37
C ARG I 298 -99.58 62.16 -5.37
N ASP I 299 -100.65 61.57 -5.89
CA ASP I 299 -101.53 60.72 -5.07
C ASP I 299 -101.63 59.31 -5.66
N ILE I 300 -101.23 58.30 -4.87
CA ILE I 300 -101.16 56.89 -5.32
C ILE I 300 -102.14 56.01 -4.56
N ILE I 301 -103.05 55.34 -5.27
CA ILE I 301 -104.05 54.47 -4.64
C ILE I 301 -103.90 53.01 -5.09
N LEU I 302 -103.84 52.08 -4.12
CA LEU I 302 -103.74 50.65 -4.41
C LEU I 302 -104.89 49.85 -3.84
N GLU I 303 -105.54 49.04 -4.67
CA GLU I 303 -106.56 48.11 -4.20
C GLU I 303 -106.27 46.65 -4.43
N PHE I 304 -106.41 45.85 -3.36
CA PHE I 304 -106.10 44.42 -3.36
C PHE I 304 -107.33 43.58 -3.09
N THR I 305 -107.75 42.75 -4.05
CA THR I 305 -108.91 41.90 -3.84
C THR I 305 -108.54 40.42 -3.80
N PHE I 306 -109.06 39.72 -2.80
CA PHE I 306 -108.79 38.33 -2.45
C PHE I 306 -110.02 37.44 -2.62
N ASN I 307 -109.81 36.11 -2.56
CA ASN I 307 -110.91 35.14 -2.69
C ASN I 307 -111.81 35.09 -1.44
N LYS I 308 -111.25 35.30 -0.25
CA LYS I 308 -111.98 35.16 0.99
C LYS I 308 -112.08 36.51 1.72
N PRO I 309 -112.95 36.56 2.73
CA PRO I 309 -113.16 37.73 3.58
C PRO I 309 -112.05 37.77 4.59
N ILE I 310 -111.28 38.84 4.62
CA ILE I 310 -110.17 38.93 5.54
C ILE I 310 -110.47 38.96 7.04
N LEU I 311 -111.42 39.76 7.50
CA LEU I 311 -111.69 39.86 8.93
C LEU I 311 -113.10 40.21 9.38
N PRO I 312 -113.52 39.68 10.52
CA PRO I 312 -114.84 40.07 11.03
C PRO I 312 -114.79 41.54 11.44
N ASN I 313 -113.71 41.95 12.09
CA ASN I 313 -113.53 43.31 12.56
C ASN I 313 -112.70 44.06 11.55
N GLY I 314 -113.29 45.09 10.95
CA GLY I 314 -112.56 45.86 9.97
C GLY I 314 -111.49 46.69 10.65
N GLU I 315 -110.66 47.35 9.85
CA GLU I 315 -109.50 48.04 10.42
C GLU I 315 -109.36 49.47 9.93
N ASP I 316 -109.01 50.32 10.88
CA ASP I 316 -108.73 51.73 10.71
C ASP I 316 -107.37 51.95 10.05
N TYR I 317 -107.20 53.10 9.41
CA TYR I 317 -105.90 53.41 8.83
C TYR I 317 -104.80 53.47 9.87
N THR I 318 -105.12 53.82 11.12
CA THR I 318 -104.10 53.86 12.15
C THR I 318 -103.68 52.47 12.60
N ALA I 319 -104.48 51.46 12.28
CA ALA I 319 -104.08 50.11 12.57
C ALA I 319 -103.10 49.63 11.54
N LEU I 320 -103.37 49.98 10.27
CA LEU I 320 -102.48 49.55 9.20
C LEU I 320 -101.11 50.19 9.34
N ASN I 321 -101.04 51.44 9.81
CA ASN I 321 -99.74 52.09 9.98
C ASN I 321 -98.88 51.48 11.09
N LYS I 322 -99.43 50.59 11.91
CA LYS I 322 -98.68 49.88 12.93
C LYS I 322 -98.27 48.50 12.47
N ALA I 323 -98.79 48.08 11.33
CA ALA I 323 -98.55 46.75 10.81
C ALA I 323 -97.60 46.74 9.63
N MET I 324 -97.52 47.83 8.86
CA MET I 324 -96.74 47.87 7.64
C MET I 324 -95.88 49.13 7.49
N SER I 325 -94.88 49.02 6.61
CA SER I 325 -93.99 50.12 6.23
C SER I 325 -93.72 50.12 4.73
N ILE I 326 -93.87 51.27 4.06
CA ILE I 326 -93.77 51.35 2.60
C ILE I 326 -92.67 52.30 2.13
N GLU I 327 -91.86 51.86 1.14
CA GLU I 327 -90.79 52.67 0.54
C GLU I 327 -90.82 52.68 -0.99
N LEU I 328 -90.33 53.79 -1.60
CA LEU I 328 -90.24 53.94 -3.05
C LEU I 328 -88.82 54.19 -3.55
N THR I 329 -88.55 53.81 -4.80
CA THR I 329 -87.24 54.10 -5.40
C THR I 329 -87.25 55.51 -5.99
N GLY I 330 -86.40 56.38 -5.47
CA GLY I 330 -86.32 57.74 -5.94
C GLY I 330 -84.93 58.17 -6.38
N GLU I 331 -84.80 59.46 -6.70
CA GLU I 331 -83.57 60.02 -7.27
C GLU I 331 -82.32 59.82 -6.43
N LYS I 332 -82.44 59.86 -5.10
CA LYS I 332 -81.26 59.78 -4.25
C LYS I 332 -81.23 58.51 -3.44
N GLY I 333 -82.03 57.52 -3.81
CA GLY I 333 -82.10 56.31 -3.02
C GLY I 333 -83.53 56.03 -2.66
N TRP I 334 -83.76 55.36 -1.54
CA TRP I 334 -85.13 55.04 -1.19
C TRP I 334 -85.80 56.21 -0.49
N ILE I 335 -87.07 56.44 -0.87
CA ILE I 335 -87.91 57.44 -0.23
C ILE I 335 -88.62 56.75 0.92
N ALA I 336 -88.39 57.24 2.13
CA ALA I 336 -88.88 56.52 3.29
C ALA I 336 -89.10 57.48 4.45
N GLY I 337 -89.82 57.01 5.45
CA GLY I 337 -90.06 57.81 6.63
C GLY I 337 -91.42 58.46 6.57
N LEU I 338 -91.59 59.60 7.26
CA LEU I 338 -92.88 60.29 7.32
C LEU I 338 -93.64 60.51 5.99
N PRO I 339 -92.99 60.85 4.86
CA PRO I 339 -93.70 61.02 3.58
C PRO I 339 -94.44 59.79 3.08
N MET I 340 -94.22 58.63 3.68
CA MET I 340 -94.85 57.41 3.23
C MET I 340 -95.81 56.84 4.27
N THR I 341 -96.51 57.70 4.98
CA THR I 341 -97.52 57.31 5.96
C THR I 341 -98.84 57.07 5.24
N LEU I 342 -99.56 56.01 5.61
CA LEU I 342 -100.85 55.78 4.97
C LEU I 342 -101.84 56.87 5.40
N LYS I 343 -102.66 57.29 4.43
CA LYS I 343 -103.66 58.32 4.64
C LYS I 343 -104.96 57.74 5.14
N SER I 344 -105.83 58.65 5.58
CA SER I 344 -107.08 58.33 6.25
C SER I 344 -108.12 57.62 5.40
N ASP I 345 -108.02 57.59 4.07
CA ASP I 345 -109.02 56.84 3.34
C ASP I 345 -108.63 55.37 3.15
N SER I 346 -107.50 54.95 3.74
CA SER I 346 -107.07 53.57 3.60
C SER I 346 -107.82 52.74 4.64
N GLY I 347 -107.76 51.41 4.52
CA GLY I 347 -108.40 50.57 5.50
C GLY I 347 -109.01 49.28 4.97
N ILE I 348 -109.63 48.50 5.86
CA ILE I 348 -110.24 47.21 5.54
C ILE I 348 -111.66 47.14 6.10
N ASN I 349 -112.65 46.85 5.27
CA ASN I 349 -113.98 46.61 5.79
C ASN I 349 -114.07 45.14 6.16
N SER I 350 -114.75 44.83 7.26
CA SER I 350 -114.71 43.49 7.85
C SER I 350 -115.09 42.39 6.84
N GLY I 351 -116.30 42.47 6.35
CA GLY I 351 -116.81 41.46 5.44
C GLY I 351 -116.33 41.59 4.03
N SER I 352 -115.39 42.50 3.79
CA SER I 352 -114.98 42.75 2.43
C SER I 352 -113.79 41.87 2.12
N LYS I 353 -113.60 41.65 0.83
CA LYS I 353 -112.47 40.93 0.30
C LYS I 353 -111.44 41.89 -0.24
N LYS I 354 -111.59 43.18 0.05
CA LYS I 354 -110.74 44.20 -0.52
C LYS I 354 -110.03 45.08 0.51
N MET I 355 -108.71 45.20 0.35
CA MET I 355 -107.88 46.08 1.16
C MET I 355 -107.47 47.31 0.36
N LYS I 356 -107.53 48.50 0.97
CA LYS I 356 -107.15 49.72 0.28
C LYS I 356 -105.99 50.45 0.96
N LEU I 357 -104.98 50.79 0.18
CA LEU I 357 -103.87 51.60 0.65
C LEU I 357 -103.88 52.94 -0.04
N SER I 358 -103.35 53.98 0.64
CA SER I 358 -103.39 55.33 0.08
C SER I 358 -102.18 56.15 0.55
N LEU I 359 -101.38 56.64 -0.39
CA LEU I 359 -100.14 57.35 -0.13
C LEU I 359 -100.05 58.65 -0.92
N THR I 360 -99.41 59.70 -0.37
CA THR I 360 -99.26 60.90 -1.18
C THR I 360 -97.87 61.51 -1.00
N LEU I 361 -97.36 62.15 -2.06
CA LEU I 361 -96.10 62.87 -1.98
C LEU I 361 -96.25 64.36 -2.27
N ASP I 362 -95.69 65.16 -1.38
CA ASP I 362 -95.54 66.59 -1.56
C ASP I 362 -94.74 66.97 -2.79
N SER I 363 -95.00 68.20 -3.27
CA SER I 363 -94.29 68.74 -4.41
C SER I 363 -92.80 68.96 -4.12
N GLU I 364 -92.43 68.95 -2.85
CA GLU I 364 -91.06 69.10 -2.40
C GLU I 364 -90.28 67.79 -2.32
N GLN I 365 -90.89 66.68 -2.65
CA GLN I 365 -90.23 65.40 -2.57
C GLN I 365 -89.43 65.07 -3.85
N PRO I 366 -88.38 64.25 -3.71
CA PRO I 366 -87.61 63.75 -4.86
C PRO I 366 -88.46 62.96 -5.84
N ALA I 367 -88.04 62.91 -7.10
CA ALA I 367 -88.78 62.16 -8.11
C ALA I 367 -88.68 60.67 -7.86
N VAL I 368 -89.70 59.96 -8.34
CA VAL I 368 -89.74 58.51 -8.32
C VAL I 368 -89.15 58.02 -9.62
N VAL I 369 -88.16 57.12 -9.53
CA VAL I 369 -87.36 56.76 -10.69
C VAL I 369 -87.29 55.24 -10.82
N PRO I 370 -86.92 54.73 -12.01
CA PRO I 370 -86.67 53.30 -12.22
C PRO I 370 -85.55 52.80 -11.33
N TYR I 371 -85.66 51.54 -10.96
CA TYR I 371 -84.69 50.89 -10.09
C TYR I 371 -83.29 50.81 -10.70
N GLN I 372 -82.28 51.11 -9.89
CA GLN I 372 -80.88 51.03 -10.28
C GLN I 372 -80.08 50.30 -9.21
N THR I 373 -79.41 49.21 -9.58
CA THR I 373 -78.62 48.47 -8.58
C THR I 373 -77.52 49.29 -7.93
N GLU I 374 -76.97 50.25 -8.65
CA GLU I 374 -75.92 51.13 -8.13
C GLU I 374 -76.44 52.25 -7.23
N LEU I 375 -77.75 52.46 -7.16
CA LEU I 375 -78.32 53.53 -6.37
C LEU I 375 -79.21 53.03 -5.25
N HIS I 376 -79.99 51.99 -5.50
CA HIS I 376 -80.95 51.48 -4.54
C HIS I 376 -80.43 50.24 -3.83
N GLU I 377 -79.17 49.89 -4.09
CA GLU I 377 -78.38 48.84 -3.43
C GLU I 377 -79.02 47.46 -3.42
N GLY I 378 -79.36 46.91 -4.59
CA GLY I 378 -79.91 45.56 -4.57
C GLY I 378 -79.51 44.72 -5.76
N SER I 379 -80.34 43.70 -6.10
CA SER I 379 -80.01 42.81 -7.20
C SER I 379 -81.27 42.35 -7.96
N TYR I 380 -82.29 43.19 -8.06
CA TYR I 380 -83.53 42.79 -8.73
C TYR I 380 -83.45 42.97 -10.23
N GLU I 381 -84.05 42.05 -10.98
CA GLU I 381 -84.11 42.22 -12.44
C GLU I 381 -85.37 42.97 -12.85
N VAL I 382 -85.40 44.24 -12.48
CA VAL I 382 -86.52 45.16 -12.69
C VAL I 382 -86.09 46.43 -13.39
N ASP I 383 -86.78 46.77 -14.48
CA ASP I 383 -86.50 47.97 -15.27
C ASP I 383 -87.51 49.10 -15.04
N GLU I 384 -88.32 49.00 -14.02
CA GLU I 384 -89.34 49.94 -13.64
C GLU I 384 -89.06 50.46 -12.22
N PRO I 385 -89.84 51.43 -11.70
CA PRO I 385 -89.75 51.81 -10.28
C PRO I 385 -90.26 50.70 -9.38
N LEU I 386 -89.80 50.68 -8.13
CA LEU I 386 -90.30 49.71 -7.16
C LEU I 386 -91.08 50.37 -6.04
N LEU I 387 -92.11 49.67 -5.58
CA LEU I 387 -92.82 50.00 -4.36
C LEU I 387 -92.66 48.80 -3.42
N ARG I 388 -92.02 49.01 -2.28
CA ARG I 388 -91.71 47.93 -1.36
C ARG I 388 -92.52 48.04 -0.08
N VAL I 389 -93.14 46.94 0.34
CA VAL I 389 -93.87 46.96 1.59
C VAL I 389 -93.43 45.82 2.51
N LEU I 390 -93.03 46.16 3.73
CA LEU I 390 -92.62 45.16 4.69
C LEU I 390 -93.55 45.16 5.89
N PHE I 391 -93.67 44.00 6.53
CA PHE I 391 -94.49 43.88 7.71
C PHE I 391 -93.69 44.15 8.97
N LYS I 392 -94.30 44.88 9.88
CA LYS I 392 -93.67 45.18 11.15
C LYS I 392 -93.87 44.00 12.07
N THR I 393 -93.10 42.93 11.85
CA THR I 393 -93.17 41.68 12.60
C THR I 393 -92.83 41.79 14.06
N ASN I 394 -92.31 42.94 14.46
CA ASN I 394 -92.00 43.23 15.84
C ASN I 394 -93.28 43.41 16.63
N GLU I 395 -94.35 43.81 15.94
CA GLU I 395 -95.62 44.16 16.54
C GLU I 395 -96.64 43.07 16.32
N LYS I 396 -97.64 43.03 17.19
CA LYS I 396 -98.69 42.04 17.05
C LYS I 396 -99.48 42.21 15.77
N GLU I 397 -99.73 43.45 15.35
CA GLU I 397 -100.54 43.70 14.15
C GLU I 397 -99.80 43.25 12.90
N GLY I 398 -98.50 43.51 12.84
CA GLY I 398 -97.71 43.11 11.69
C GLY I 398 -97.66 41.62 11.54
N TYR I 399 -97.36 40.92 12.65
CA TYR I 399 -97.32 39.47 12.63
C TYR I 399 -98.68 38.88 12.26
N ASN I 400 -99.76 39.46 12.78
CA ASN I 400 -101.07 38.91 12.45
C ASN I 400 -101.47 39.17 11.00
N LEU I 401 -101.14 40.33 10.38
CA LEU I 401 -101.49 40.45 8.95
C LEU I 401 -100.76 39.44 8.13
N TYR I 402 -99.49 39.19 8.46
CA TYR I 402 -98.74 38.19 7.73
C TYR I 402 -99.46 36.86 7.75
N ARG I 403 -99.90 36.42 8.93
CA ARG I 403 -100.60 35.13 9.01
C ARG I 403 -101.90 35.14 8.23
N LEU I 404 -102.66 36.24 8.30
CA LEU I 404 -103.95 36.31 7.62
C LEU I 404 -103.80 36.21 6.10
N PHE I 405 -102.71 36.71 5.53
CA PHE I 405 -102.54 36.66 4.09
C PHE I 405 -101.83 35.41 3.59
N ASN I 406 -101.47 34.45 4.46
CA ASN I 406 -100.73 33.29 4.00
C ASN I 406 -101.55 32.35 3.13
N GLU I 407 -102.85 32.26 3.37
CA GLU I 407 -103.71 31.36 2.62
C GLU I 407 -104.78 32.05 1.81
N ASN I 408 -105.02 33.32 2.06
CA ASN I 408 -106.09 33.98 1.34
C ASN I 408 -105.51 34.44 0.00
N VAL I 409 -105.87 33.71 -1.07
CA VAL I 409 -105.37 33.97 -2.42
C VAL I 409 -105.80 35.33 -2.96
N LEU I 410 -104.83 36.04 -3.55
CA LEU I 410 -105.02 37.33 -4.23
C LEU I 410 -105.49 37.11 -5.65
N THR I 411 -106.52 37.84 -6.09
CA THR I 411 -107.01 37.67 -7.45
C THR I 411 -106.88 38.90 -8.32
N ASP I 412 -106.95 40.10 -7.74
CA ASP I 412 -106.99 41.33 -8.53
C ASP I 412 -106.24 42.49 -7.88
N LEU I 413 -105.53 43.26 -8.72
CA LEU I 413 -104.85 44.48 -8.28
C LEU I 413 -105.22 45.67 -9.16
N LYS I 414 -105.65 46.76 -8.54
CA LYS I 414 -105.98 47.98 -9.27
C LYS I 414 -105.08 49.13 -8.80
N ILE I 415 -104.55 49.89 -9.75
CA ILE I 415 -103.64 51.00 -9.43
C ILE I 415 -104.12 52.30 -10.06
N THR I 416 -104.34 53.32 -9.23
CA THR I 416 -104.79 54.63 -9.72
C THR I 416 -103.81 55.73 -9.33
N VAL I 417 -103.40 56.53 -10.31
CA VAL I 417 -102.47 57.60 -10.02
C VAL I 417 -102.98 58.95 -10.49
N GLU I 418 -103.03 59.91 -9.57
CA GLU I 418 -103.49 61.27 -9.83
C GLU I 418 -102.40 62.30 -9.57
N VAL I 419 -102.16 63.17 -10.56
CA VAL I 419 -101.09 64.17 -10.46
C VAL I 419 -101.59 65.56 -10.78
N SER I 420 -101.20 66.55 -9.98
CA SER I 420 -101.59 67.92 -10.28
C SER I 420 -100.45 68.91 -10.09
N ASP I 421 -100.68 70.11 -10.64
CA ASP I 421 -99.77 71.26 -10.59
C ASP I 421 -98.42 71.01 -11.27
N ILE I 422 -98.49 70.50 -12.51
CA ILE I 422 -97.34 70.23 -13.37
C ILE I 422 -97.00 71.46 -14.17
N THR I 423 -95.75 71.89 -14.15
CA THR I 423 -95.35 73.05 -14.94
C THR I 423 -94.27 72.77 -15.97
N SER I 424 -93.51 71.67 -15.83
CA SER I 424 -92.48 71.34 -16.82
C SER I 424 -93.01 70.71 -18.09
N VAL I 425 -93.62 71.55 -18.92
CA VAL I 425 -94.27 71.06 -20.13
C VAL I 425 -93.58 71.66 -21.35
N GLN I 426 -93.84 71.05 -22.51
CA GLN I 426 -93.26 71.51 -23.75
C GLN I 426 -94.29 72.23 -24.60
N LEU I 427 -93.96 73.42 -25.09
CA LEU I 427 -94.91 74.23 -25.82
C LEU I 427 -94.46 74.55 -27.22
N GLU I 428 -95.39 74.51 -28.18
CA GLU I 428 -95.07 74.79 -29.56
C GLU I 428 -96.13 75.62 -30.28
N ASN I 429 -95.60 76.32 -31.27
CA ASN I 429 -96.22 77.22 -32.22
C ASN I 429 -96.06 76.69 -33.61
N ASP I 430 -96.72 77.35 -34.55
CA ASP I 430 -96.45 77.05 -35.94
C ASP I 430 -95.09 77.53 -36.35
N LEU I 431 -94.50 78.39 -35.55
CA LEU I 431 -93.17 78.91 -35.83
C LEU I 431 -92.07 78.21 -35.05
N GLY I 432 -92.40 77.33 -34.11
CA GLY I 432 -91.33 76.71 -33.34
C GLY I 432 -91.61 76.56 -31.84
N VAL I 433 -90.52 76.37 -31.09
CA VAL I 433 -90.55 76.03 -29.66
C VAL I 433 -90.62 77.28 -28.78
N LEU I 434 -91.51 77.26 -27.79
CA LEU I 434 -91.71 78.37 -26.88
C LEU I 434 -91.08 78.14 -25.50
N ASN I 435 -90.71 79.24 -24.85
CA ASN I 435 -90.19 79.19 -23.49
C ASN I 435 -91.31 79.46 -22.48
N PRO I 436 -91.77 78.44 -21.75
CA PRO I 436 -92.91 78.54 -20.82
C PRO I 436 -92.65 79.38 -19.59
N GLN I 437 -91.42 79.77 -19.33
CA GLN I 437 -91.10 80.55 -18.14
C GLN I 437 -91.25 82.04 -18.36
N LYS I 438 -91.50 82.45 -19.58
CA LYS I 438 -91.62 83.84 -19.95
C LYS I 438 -92.98 83.98 -20.63
N PRO I 439 -93.60 85.16 -20.58
CA PRO I 439 -94.83 85.39 -21.33
C PRO I 439 -94.60 85.05 -22.79
N PHE I 440 -95.52 84.29 -23.37
CA PHE I 440 -95.36 83.79 -24.72
C PHE I 440 -96.63 84.02 -25.52
N PHE I 441 -96.51 83.97 -26.85
CA PHE I 441 -97.69 84.10 -27.70
C PHE I 441 -98.16 82.76 -28.18
N PRO I 442 -99.21 82.19 -27.61
CA PRO I 442 -99.84 81.04 -28.22
C PRO I 442 -100.43 81.59 -29.49
N PHE I 443 -100.40 80.79 -30.54
CA PHE I 443 -100.90 81.17 -31.86
C PHE I 443 -100.12 82.30 -32.54
N GLY I 444 -98.91 82.63 -32.08
CA GLY I 444 -98.09 83.61 -32.76
C GLY I 444 -98.33 85.07 -32.36
N PRO I 445 -97.34 85.93 -32.66
CA PRO I 445 -97.40 87.39 -32.39
C PRO I 445 -98.38 88.14 -33.27
N ARG I 446 -98.80 87.51 -34.35
CA ARG I 446 -99.72 88.08 -35.32
C ARG I 446 -100.64 86.96 -35.82
N PRO I 447 -101.59 86.54 -35.00
CA PRO I 447 -102.42 85.35 -35.26
C PRO I 447 -103.23 85.45 -36.54
N ILE I 448 -103.36 84.31 -37.22
CA ILE I 448 -104.12 84.19 -38.46
C ILE I 448 -105.07 83.02 -38.34
N LYS I 449 -106.07 83.01 -39.21
CA LYS I 449 -107.01 81.90 -39.29
C LYS I 449 -106.25 80.60 -39.50
N GLY I 450 -106.51 79.60 -38.68
CA GLY I 450 -105.85 78.34 -38.80
C GLY I 450 -104.58 78.17 -37.99
N SER I 451 -104.10 79.21 -37.29
CA SER I 451 -102.84 79.01 -36.58
C SER I 451 -103.14 78.16 -35.34
N SER I 452 -102.09 77.63 -34.69
CA SER I 452 -102.39 76.70 -33.62
C SER I 452 -101.43 76.84 -32.42
N PHE I 453 -101.77 76.11 -31.36
CA PHE I 453 -101.00 76.03 -30.12
C PHE I 453 -101.01 74.60 -29.58
N ILE I 454 -99.82 74.05 -29.30
CA ILE I 454 -99.69 72.65 -28.89
C ILE I 454 -98.98 72.48 -27.54
N VAL I 455 -99.59 71.67 -26.67
CA VAL I 455 -99.05 71.31 -25.36
C VAL I 455 -98.66 69.82 -25.32
N LYS I 456 -97.41 69.53 -24.92
CA LYS I 456 -96.91 68.16 -24.82
C LYS I 456 -96.31 67.81 -23.46
N TYR I 457 -96.57 66.60 -22.99
CA TYR I 457 -95.99 66.10 -21.75
C TYR I 457 -95.86 64.58 -21.77
N PRO I 458 -94.70 64.06 -22.24
CA PRO I 458 -94.44 62.60 -22.44
C PRO I 458 -94.73 61.70 -21.27
N GLU I 459 -94.47 62.18 -20.06
CA GLU I 459 -94.71 61.38 -18.86
C GLU I 459 -96.17 60.95 -18.74
N ALA I 460 -97.09 61.81 -19.15
CA ALA I 460 -98.48 61.42 -19.07
C ALA I 460 -98.89 60.67 -20.31
N MET I 461 -98.35 61.06 -21.46
CA MET I 461 -98.80 60.46 -22.71
C MET I 461 -98.42 58.99 -22.84
N GLU I 462 -97.37 58.54 -22.17
CA GLU I 462 -96.98 57.13 -22.12
C GLU I 462 -97.78 56.24 -21.18
N LYS I 463 -98.72 56.79 -20.42
CA LYS I 463 -99.53 56.08 -19.45
C LYS I 463 -100.98 55.94 -19.94
N PRO I 464 -101.75 54.98 -19.38
CA PRO I 464 -103.19 54.84 -19.70
C PRO I 464 -104.04 55.92 -19.04
N VAL I 465 -103.86 57.13 -19.60
CA VAL I 465 -104.51 58.35 -19.11
C VAL I 465 -105.98 58.33 -19.43
N THR I 466 -106.78 58.63 -18.42
CA THR I 466 -108.23 58.70 -18.53
C THR I 466 -108.68 60.14 -18.58
N ALA I 467 -107.89 61.06 -18.05
CA ALA I 467 -108.26 62.46 -18.10
C ALA I 467 -107.02 63.33 -18.05
N ILE I 468 -107.12 64.52 -18.66
CA ILE I 468 -106.01 65.47 -18.69
C ILE I 468 -106.55 66.87 -18.98
N SER I 469 -105.94 67.89 -18.35
CA SER I 469 -106.42 69.25 -18.57
C SER I 469 -105.37 70.32 -18.26
N TYR I 470 -105.63 71.54 -18.74
CA TYR I 470 -104.74 72.65 -18.40
C TYR I 470 -105.43 74.01 -18.32
N GLN I 471 -104.73 74.96 -17.68
CA GLN I 471 -105.18 76.33 -17.45
C GLN I 471 -104.14 77.36 -17.89
N MET I 472 -104.59 78.55 -18.34
CA MET I 472 -103.69 79.67 -18.71
C MET I 472 -104.24 81.04 -18.31
N ASP I 473 -103.35 82.02 -18.08
CA ASP I 473 -103.74 83.42 -17.85
C ASP I 473 -103.36 84.32 -19.02
N TYR I 474 -104.13 85.39 -19.29
CA TYR I 474 -103.74 86.36 -20.32
C TYR I 474 -103.19 87.64 -19.68
N LEU I 475 -102.33 88.38 -20.40
CA LEU I 475 -101.61 89.51 -19.77
C LEU I 475 -102.19 90.90 -19.97
N ASN I 476 -102.33 91.38 -21.20
CA ASN I 476 -102.67 92.79 -21.43
C ASN I 476 -103.96 92.94 -22.20
N LEU I 477 -104.88 92.09 -21.86
CA LEU I 477 -106.16 92.02 -22.51
C LEU I 477 -106.94 93.32 -22.22
N PRO I 478 -107.59 93.90 -23.25
CA PRO I 478 -108.44 95.11 -23.13
C PRO I 478 -109.61 94.93 -22.19
N GLU I 479 -110.11 96.04 -21.65
CA GLU I 479 -111.24 95.96 -20.71
C GLU I 479 -112.47 95.28 -21.31
N ASN I 480 -112.66 95.41 -22.62
CA ASN I 480 -113.78 94.76 -23.29
C ASN I 480 -113.34 94.48 -24.73
N LEU I 481 -113.14 93.20 -25.04
CA LEU I 481 -112.67 92.76 -26.35
C LEU I 481 -113.64 93.07 -27.46
N VAL I 482 -114.93 93.17 -27.16
CA VAL I 482 -115.88 93.45 -28.22
C VAL I 482 -115.88 94.93 -28.53
N ASN I 483 -115.89 95.76 -27.48
CA ASN I 483 -115.86 97.20 -27.72
C ASN I 483 -114.56 97.64 -28.38
N HIS I 484 -113.48 96.91 -28.12
CA HIS I 484 -112.16 97.17 -28.70
C HIS I 484 -112.18 97.25 -30.21
N TYR I 485 -113.06 96.49 -30.87
CA TYR I 485 -113.12 96.43 -32.32
C TYR I 485 -114.34 97.14 -32.90
N SER I 486 -114.91 98.11 -32.18
CA SER I 486 -116.10 98.80 -32.65
C SER I 486 -115.88 99.59 -33.94
N ALA I 487 -114.64 99.93 -34.26
CA ALA I 487 -114.31 100.68 -35.47
C ALA I 487 -114.19 99.81 -36.70
N TYR I 488 -114.32 98.49 -36.57
CA TYR I 488 -114.11 97.55 -37.66
C TYR I 488 -115.45 97.02 -38.12
N THR I 489 -116.07 97.69 -39.09
CA THR I 489 -117.42 97.35 -39.51
C THR I 489 -117.50 97.13 -41.01
N ILE I 490 -118.55 96.43 -41.45
CA ILE I 490 -118.80 96.21 -42.87
C ILE I 490 -120.23 96.50 -43.26
N GLY I 491 -120.46 96.64 -44.57
CA GLY I 491 -121.82 96.86 -45.06
C GLY I 491 -122.39 98.15 -44.50
N ASP I 492 -123.59 98.08 -43.94
CA ASP I 492 -124.20 99.27 -43.34
C ASP I 492 -123.78 99.41 -41.88
N ASP I 493 -122.46 99.63 -41.72
CA ASP I 493 -121.79 99.84 -40.44
C ASP I 493 -122.08 98.72 -39.42
N GLU I 494 -122.01 97.46 -39.86
CA GLU I 494 -122.29 96.36 -38.95
C GLU I 494 -121.00 95.74 -38.44
N PRO I 495 -120.79 95.67 -37.12
CA PRO I 495 -119.52 95.17 -36.53
C PRO I 495 -119.14 93.77 -36.94
N LEU I 496 -117.85 93.59 -37.26
CA LEU I 496 -117.33 92.26 -37.55
C LEU I 496 -117.38 91.38 -36.32
N VAL I 497 -117.07 91.96 -35.17
CA VAL I 497 -117.08 91.27 -33.89
C VAL I 497 -118.35 91.69 -33.18
N SER I 498 -119.36 90.81 -33.18
CA SER I 498 -120.63 91.22 -32.62
C SER I 498 -120.68 90.81 -31.15
N ASP I 499 -119.95 89.73 -30.80
CA ASP I 499 -119.93 89.22 -29.42
C ASP I 499 -118.73 88.30 -29.26
N MET I 500 -118.55 87.78 -28.03
CA MET I 500 -117.43 86.91 -27.65
C MET I 500 -117.33 85.62 -28.45
N ASP I 501 -118.45 85.12 -29.01
CA ASP I 501 -118.45 83.91 -29.84
C ASP I 501 -117.53 84.02 -31.04
N TYR I 502 -117.22 85.26 -31.42
CA TYR I 502 -116.30 85.53 -32.50
C TYR I 502 -114.99 84.80 -32.29
N PHE I 503 -114.50 84.76 -31.05
CA PHE I 503 -113.19 84.19 -30.73
C PHE I 503 -113.36 82.75 -30.26
N SER I 504 -113.23 81.78 -31.17
CA SER I 504 -113.47 80.36 -30.88
C SER I 504 -112.36 79.44 -31.39
N VAL I 505 -112.29 78.21 -30.86
CA VAL I 505 -111.27 77.25 -31.31
C VAL I 505 -111.76 75.83 -31.56
N LYS I 506 -110.95 75.08 -32.29
CA LYS I 506 -111.13 73.65 -32.49
C LYS I 506 -110.15 72.86 -31.64
N SER I 507 -110.66 71.90 -30.91
CA SER I 507 -109.86 70.96 -30.14
C SER I 507 -109.78 69.61 -30.80
N PHE I 508 -108.63 69.27 -31.25
CA PHE I 508 -108.49 68.01 -31.97
C PHE I 508 -108.60 66.73 -31.14
N PRO I 509 -108.17 66.71 -29.89
CA PRO I 509 -108.48 65.59 -29.01
C PRO I 509 -109.89 65.58 -28.46
N LYS I 510 -110.78 66.43 -28.99
CA LYS I 510 -112.20 66.50 -28.67
C LYS I 510 -112.47 66.94 -27.23
N SER I 511 -112.23 68.21 -26.94
CA SER I 511 -112.46 68.80 -25.63
C SER I 511 -113.88 68.61 -25.11
N SER I 512 -113.98 68.47 -23.78
CA SER I 512 -115.22 68.20 -23.07
C SER I 512 -115.88 69.50 -22.63
N ASN I 513 -115.27 70.64 -22.95
CA ASN I 513 -115.83 71.92 -22.55
C ASN I 513 -117.17 72.14 -23.24
N ASP I 514 -118.02 72.96 -22.61
CA ASP I 514 -119.39 73.23 -23.04
C ASP I 514 -119.51 74.06 -24.33
N SER I 515 -118.46 74.75 -24.76
CA SER I 515 -118.50 75.55 -25.97
C SER I 515 -117.09 75.63 -26.51
N ASP I 516 -116.97 76.25 -27.69
CA ASP I 516 -115.66 76.37 -28.31
C ASP I 516 -115.05 77.73 -28.00
N GLN I 517 -115.68 78.53 -27.15
CA GLN I 517 -115.20 79.89 -26.90
C GLN I 517 -113.81 79.88 -26.27
N LEU I 518 -112.93 80.74 -26.81
CA LEU I 518 -111.53 80.80 -26.38
C LEU I 518 -111.33 81.38 -24.99
N PHE I 519 -112.05 82.44 -24.64
CA PHE I 519 -111.86 83.10 -23.36
C PHE I 519 -113.01 82.78 -22.42
N SER I 520 -112.71 82.50 -21.17
CA SER I 520 -113.75 82.27 -20.18
C SER I 520 -113.59 83.34 -19.12
N GLU I 521 -114.72 83.76 -18.56
CA GLU I 521 -114.73 84.90 -17.66
C GLU I 521 -113.93 84.51 -16.42
N LYS I 522 -113.10 85.41 -15.93
CA LYS I 522 -112.32 85.12 -14.75
C LYS I 522 -113.11 85.62 -13.57
N SER I 523 -113.20 84.82 -12.50
CA SER I 523 -113.99 85.23 -11.34
C SER I 523 -113.58 86.61 -10.81
N GLY I 524 -112.36 87.04 -11.12
CA GLY I 524 -111.82 88.35 -10.91
C GLY I 524 -111.86 89.12 -12.19
N GLY I 525 -110.92 90.00 -12.43
CA GLY I 525 -110.94 90.72 -13.69
C GLY I 525 -110.18 89.96 -14.77
N GLY I 526 -110.46 90.29 -16.03
CA GLY I 526 -109.73 89.69 -17.13
C GLY I 526 -110.20 88.30 -17.50
N TYR I 527 -109.36 87.62 -18.28
CA TYR I 527 -109.71 86.32 -18.82
C TYR I 527 -108.57 85.34 -18.64
N GLU I 528 -108.99 84.09 -18.63
CA GLU I 528 -108.18 82.90 -18.54
C GLU I 528 -108.70 81.96 -19.61
N SER I 529 -108.06 80.79 -19.75
CA SER I 529 -108.60 79.80 -20.66
C SER I 529 -108.58 78.48 -19.90
N ASP I 530 -109.41 77.53 -20.36
CA ASP I 530 -109.58 76.26 -19.64
C ASP I 530 -109.86 75.16 -20.67
N PHE I 531 -109.02 74.13 -20.71
CA PHE I 531 -109.29 73.03 -21.64
C PHE I 531 -109.23 71.68 -20.96
N GLU I 532 -110.37 71.02 -20.91
CA GLU I 532 -110.56 69.70 -20.33
C GLU I 532 -110.77 68.60 -21.34
N PHE I 533 -109.99 67.53 -21.22
CA PHE I 533 -110.11 66.41 -22.14
C PHE I 533 -110.40 65.12 -21.37
N GLN I 534 -111.17 64.23 -21.99
CA GLN I 534 -111.51 62.94 -21.37
C GLN I 534 -111.30 61.81 -22.36
N ILE I 535 -110.83 60.67 -21.86
CA ILE I 535 -110.61 59.49 -22.68
C ILE I 535 -111.45 58.36 -22.08
N GLU I 536 -112.50 57.95 -22.78
CA GLU I 536 -113.55 57.13 -22.19
C GLU I 536 -113.11 55.81 -21.56
N ASN I 537 -112.19 55.10 -22.19
CA ASN I 537 -111.72 53.85 -21.64
C ASN I 537 -110.21 53.85 -21.43
N GLY I 538 -109.61 55.02 -21.31
CA GLY I 538 -108.18 55.10 -21.17
C GLY I 538 -107.41 54.80 -22.44
N VAL I 539 -108.10 54.65 -23.57
CA VAL I 539 -107.44 54.30 -24.82
C VAL I 539 -107.40 55.50 -25.74
N TRP I 540 -106.18 55.90 -26.09
CA TRP I 540 -105.96 57.05 -26.95
C TRP I 540 -106.50 56.76 -28.35
N GLU I 541 -107.28 57.68 -28.90
CA GLU I 541 -107.86 57.49 -30.22
C GLU I 541 -106.81 57.37 -31.31
N SER I 542 -106.96 56.32 -32.12
CA SER I 542 -105.96 56.04 -33.14
C SER I 542 -105.96 57.19 -34.16
N GLY I 543 -104.76 57.61 -34.55
CA GLY I 543 -104.60 58.71 -35.47
C GLY I 543 -104.25 60.03 -34.81
N LEU I 544 -104.49 60.18 -33.51
CA LEU I 544 -104.07 61.40 -32.85
C LEU I 544 -102.62 61.23 -32.41
N LYS I 545 -101.90 62.33 -32.28
CA LYS I 545 -100.44 62.26 -32.07
C LYS I 545 -99.95 62.33 -30.62
N LYS I 546 -100.81 62.17 -29.62
CA LYS I 546 -100.39 62.24 -28.21
C LYS I 546 -99.84 63.60 -27.86
N GLU I 547 -100.63 64.62 -28.21
CA GLU I 547 -100.37 66.01 -27.96
C GLU I 547 -101.72 66.67 -27.85
N LEU I 548 -101.80 67.78 -27.14
CA LEU I 548 -103.07 68.50 -27.04
C LEU I 548 -103.02 69.72 -27.96
N LYS I 549 -103.86 69.74 -29.00
CA LYS I 549 -103.81 70.77 -30.03
C LYS I 549 -105.09 71.61 -30.14
N ILE I 550 -104.91 72.93 -30.13
CA ILE I 550 -105.97 73.95 -30.26
C ILE I 550 -105.72 74.81 -31.50
N SER I 551 -106.73 75.02 -32.37
CA SER I 551 -106.59 75.90 -33.55
C SER I 551 -107.65 77.01 -33.62
N LEU I 552 -107.27 78.17 -34.19
CA LEU I 552 -108.20 79.32 -34.31
C LEU I 552 -109.15 79.24 -35.51
N GLU I 553 -110.44 79.42 -35.23
CA GLU I 553 -111.47 79.52 -36.27
C GLU I 553 -111.42 80.85 -37.06
N ARG I 554 -111.16 81.97 -36.39
CA ARG I 554 -111.15 83.31 -36.99
C ARG I 554 -109.97 84.10 -36.46
N SER I 555 -109.44 84.98 -37.30
CA SER I 555 -108.30 85.81 -36.95
C SER I 555 -108.70 86.98 -36.06
N PHE I 556 -107.68 87.68 -35.59
CA PHE I 556 -107.84 88.86 -34.75
C PHE I 556 -107.79 90.16 -35.55
N LEU I 557 -107.90 90.07 -36.89
CA LEU I 557 -108.02 91.20 -37.82
C LEU I 557 -106.77 92.05 -37.96
N HIS I 558 -105.57 91.47 -37.82
CA HIS I 558 -104.35 92.25 -37.98
C HIS I 558 -104.22 92.79 -39.40
N GLU I 559 -104.68 91.99 -40.35
CA GLU I 559 -104.67 92.29 -41.78
C GLU I 559 -105.60 93.42 -42.20
N LYS I 560 -106.47 93.92 -41.31
CA LYS I 560 -107.38 94.99 -41.69
C LYS I 560 -107.06 96.34 -41.08
N TYR I 561 -106.10 96.42 -40.15
CA TYR I 561 -105.89 97.66 -39.43
C TYR I 561 -105.59 98.84 -40.35
N ALA I 562 -104.69 98.63 -41.31
CA ALA I 562 -104.27 99.70 -42.21
C ALA I 562 -105.42 100.24 -43.05
N HIS I 563 -106.29 99.34 -43.50
CA HIS I 563 -107.44 99.70 -44.31
C HIS I 563 -108.46 100.54 -43.57
N TYR I 564 -108.77 100.20 -42.33
CA TYR I 564 -109.77 100.97 -41.60
C TYR I 564 -109.19 102.29 -41.13
N PHE I 565 -107.91 102.28 -40.74
CA PHE I 565 -107.27 103.49 -40.29
C PHE I 565 -107.29 104.54 -41.37
N THR I 566 -106.92 104.13 -42.58
CA THR I 566 -106.89 105.02 -43.74
C THR I 566 -108.25 105.62 -44.03
N LEU I 567 -109.28 104.79 -44.06
CA LEU I 567 -110.61 105.26 -44.43
C LEU I 567 -111.14 106.31 -43.49
N VAL I 568 -110.89 106.15 -42.18
CA VAL I 568 -111.35 107.16 -41.26
C VAL I 568 -110.60 108.46 -41.50
N ALA I 569 -109.29 108.36 -41.62
CA ALA I 569 -108.42 109.51 -41.77
C ALA I 569 -108.73 110.35 -43.00
N ILE I 570 -109.17 109.73 -44.10
CA ILE I 570 -109.41 110.50 -45.32
C ILE I 570 -110.88 110.79 -45.55
N SER I 571 -111.74 110.57 -44.56
CA SER I 571 -113.16 110.82 -44.77
C SER I 571 -113.43 112.29 -45.04
N LYS I 572 -114.32 112.54 -45.98
CA LYS I 572 -114.74 113.90 -46.28
C LYS I 572 -116.09 114.20 -45.67
N ASP I 573 -116.68 113.22 -44.99
CA ASP I 573 -117.99 113.42 -44.40
C ASP I 573 -117.90 113.82 -42.95
N THR I 574 -116.87 113.35 -42.25
CA THR I 574 -116.73 113.59 -40.83
C THR I 574 -115.33 114.06 -40.50
N ASP I 575 -115.22 114.76 -39.38
CA ASP I 575 -113.93 115.13 -38.84
C ASP I 575 -113.47 114.00 -37.95
N PRO I 576 -112.31 113.39 -38.23
CA PRO I 576 -111.79 112.30 -37.40
C PRO I 576 -111.55 112.77 -35.98
N THR I 577 -111.87 111.89 -35.04
CA THR I 577 -111.63 112.12 -33.62
C THR I 577 -110.96 110.84 -33.13
N ILE I 578 -110.40 110.86 -31.91
CA ILE I 578 -109.70 109.66 -31.44
C ILE I 578 -110.65 108.47 -31.31
N GLU I 579 -111.91 108.73 -30.99
CA GLU I 579 -112.91 107.69 -30.80
C GLU I 579 -113.29 106.98 -32.10
N LEU I 580 -112.95 107.56 -33.25
CA LEU I 580 -113.31 106.96 -34.52
C LEU I 580 -112.17 106.18 -35.14
N LEU I 581 -111.01 106.23 -34.57
CA LEU I 581 -109.91 105.51 -35.17
C LEU I 581 -109.86 104.11 -34.58
N PRO I 582 -109.48 103.13 -35.39
CA PRO I 582 -109.37 101.76 -34.90
C PRO I 582 -108.22 101.61 -33.93
N ASN I 583 -108.42 100.74 -32.96
CA ASN I 583 -107.39 100.37 -32.02
C ASN I 583 -106.55 99.28 -32.65
N GLU I 584 -105.31 99.18 -32.22
CA GLU I 584 -104.45 98.12 -32.69
C GLU I 584 -105.04 96.76 -32.30
N PRO I 585 -105.11 95.83 -33.24
CA PRO I 585 -105.59 94.47 -33.00
C PRO I 585 -104.81 93.78 -31.91
N TYR I 586 -105.52 92.96 -31.13
CA TYR I 586 -104.94 92.26 -29.99
C TYR I 586 -104.19 90.99 -30.40
N ALA I 587 -103.03 90.78 -29.79
CA ALA I 587 -102.32 89.52 -29.88
C ALA I 587 -102.32 88.89 -28.50
N PRO I 588 -102.88 87.70 -28.33
CA PRO I 588 -103.15 87.07 -27.03
C PRO I 588 -101.96 86.50 -26.28
N LEU I 589 -101.10 87.39 -25.78
CA LEU I 589 -99.95 87.06 -24.93
C LEU I 589 -100.38 86.40 -23.62
N ALA I 590 -99.69 85.31 -23.21
CA ALA I 590 -100.15 84.53 -22.05
C ALA I 590 -99.02 83.99 -21.16
N GLU I 591 -99.40 83.54 -19.95
CA GLU I 591 -98.46 83.01 -18.96
C GLU I 591 -99.12 82.02 -17.99
N ASN I 592 -98.28 81.44 -17.10
CA ASN I 592 -98.67 80.53 -16.00
C ASN I 592 -99.42 79.27 -16.43
N LEU I 593 -98.95 78.61 -17.48
CA LEU I 593 -99.62 77.38 -17.89
C LEU I 593 -99.40 76.26 -16.87
N VAL I 594 -100.49 75.67 -16.39
CA VAL I 594 -100.48 74.55 -15.43
C VAL I 594 -101.27 73.34 -15.93
N LEU I 595 -100.63 72.16 -15.88
CA LEU I 595 -101.17 70.87 -16.35
C LEU I 595 -101.51 69.89 -15.21
N GLY I 596 -102.54 69.05 -15.40
CA GLY I 596 -102.82 67.94 -14.48
C GLY I 596 -103.40 66.71 -15.20
N TYR I 597 -103.27 65.51 -14.59
CA TYR I 597 -103.80 64.29 -15.24
C TYR I 597 -104.10 63.13 -14.28
N THR I 598 -104.86 62.14 -14.80
CA THR I 598 -105.17 60.88 -14.11
C THR I 598 -105.01 59.67 -15.04
N ALA I 599 -104.36 58.59 -14.54
CA ALA I 599 -104.20 57.33 -15.28
C ALA I 599 -104.52 56.11 -14.43
N ILE I 600 -105.09 55.06 -15.05
CA ILE I 600 -105.55 53.86 -14.33
C ILE I 600 -105.17 52.54 -15.01
N SER I 601 -104.64 51.60 -14.22
CA SER I 601 -104.38 50.22 -14.63
C SER I 601 -105.15 49.23 -13.76
N SER I 602 -105.61 48.12 -14.35
CA SER I 602 -106.36 47.11 -13.60
C SER I 602 -106.04 45.71 -14.08
N ILE I 603 -105.56 44.86 -13.15
CA ILE I 603 -105.03 43.54 -13.51
C ILE I 603 -105.74 42.38 -12.82
N ASP I 604 -106.33 41.49 -13.63
CA ASP I 604 -106.89 40.21 -13.20
C ASP I 604 -105.81 39.18 -13.39
N PHE I 605 -105.31 38.66 -12.27
CA PHE I 605 -104.17 37.76 -12.34
C PHE I 605 -104.52 36.43 -12.97
N SER I 606 -105.80 36.08 -13.03
CA SER I 606 -106.22 34.82 -13.58
C SER I 606 -106.68 34.90 -15.02
N SER I 607 -106.64 36.09 -15.63
CA SER I 607 -107.26 36.16 -16.94
C SER I 607 -106.20 36.15 -18.03
N SER I 608 -106.40 35.26 -18.95
CA SER I 608 -105.70 35.23 -20.22
C SER I 608 -106.17 36.39 -21.06
N SER I 609 -105.44 36.66 -22.13
CA SER I 609 -105.81 37.65 -23.13
C SER I 609 -106.03 39.02 -22.47
N SER I 610 -105.11 39.37 -21.56
CA SER I 610 -105.20 40.62 -20.84
C SER I 610 -103.81 41.16 -20.57
N GLU I 611 -103.66 42.46 -20.62
CA GLU I 611 -102.37 43.09 -20.47
C GLU I 611 -102.01 43.19 -18.99
N ASN I 612 -101.64 42.05 -18.41
CA ASN I 612 -101.30 42.00 -17.00
C ASN I 612 -99.88 42.52 -16.81
N GLN I 613 -99.74 43.82 -16.98
CA GLN I 613 -98.41 44.45 -17.01
C GLN I 613 -97.93 44.87 -15.63
N VAL I 614 -97.61 43.89 -14.79
CA VAL I 614 -97.10 44.16 -13.45
C VAL I 614 -96.12 43.06 -13.05
N SER I 615 -95.10 43.43 -12.26
CA SER I 615 -94.19 42.41 -11.77
C SER I 615 -94.33 42.29 -10.25
N LEU I 616 -94.39 41.05 -9.77
CA LEU I 616 -94.55 40.79 -8.35
C LEU I 616 -93.35 40.03 -7.78
N ILE I 617 -92.81 40.54 -6.68
CA ILE I 617 -91.66 39.94 -6.00
C ILE I 617 -91.94 39.71 -4.50
N HIS I 618 -91.55 38.54 -3.99
CA HIS I 618 -91.64 38.26 -2.55
C HIS I 618 -90.34 38.51 -1.82
N GLU I 619 -90.43 39.14 -0.66
CA GLU I 619 -89.27 39.42 0.19
C GLU I 619 -89.17 38.37 1.29
N MET I 620 -87.99 37.77 1.41
CA MET I 620 -87.74 36.68 2.32
C MET I 620 -86.61 37.04 3.27
N PRO I 621 -86.55 36.40 4.46
CA PRO I 621 -85.50 36.67 5.44
C PRO I 621 -84.08 36.73 4.92
N PHE I 622 -83.73 35.91 3.93
CA PHE I 622 -82.37 35.97 3.45
C PHE I 622 -82.31 36.08 1.93
N GLY I 623 -83.24 36.80 1.30
CA GLY I 623 -83.24 36.89 -0.16
C GLY I 623 -84.61 37.27 -0.69
N PHE I 624 -84.87 36.89 -1.96
CA PHE I 624 -86.14 37.24 -2.58
C PHE I 624 -86.51 36.26 -3.67
N GLN I 625 -87.75 36.35 -4.15
CA GLN I 625 -88.16 35.53 -5.28
C GLN I 625 -89.12 36.25 -6.22
N GLN I 626 -88.84 36.14 -7.51
CA GLN I 626 -89.76 36.65 -8.53
C GLN I 626 -90.94 35.71 -8.63
N VAL I 627 -92.14 36.24 -8.51
CA VAL I 627 -93.33 35.41 -8.50
C VAL I 627 -94.12 35.52 -9.79
N PHE I 628 -94.40 36.74 -10.23
CA PHE I 628 -95.26 36.99 -11.37
C PHE I 628 -94.58 37.96 -12.32
N THR I 629 -94.50 37.62 -13.62
CA THR I 629 -93.83 38.57 -14.49
C THR I 629 -94.91 39.16 -15.41
N PRO I 630 -94.67 40.32 -16.04
CA PRO I 630 -95.65 40.92 -16.96
C PRO I 630 -96.05 39.97 -18.07
N GLY I 631 -97.35 39.85 -18.29
CA GLY I 631 -97.87 38.95 -19.30
C GLY I 631 -98.33 37.61 -18.77
N ASP I 632 -97.95 37.26 -17.53
CA ASP I 632 -98.31 35.98 -16.95
C ASP I 632 -99.76 35.94 -16.47
N THR I 633 -100.23 34.72 -16.27
CA THR I 633 -101.46 34.35 -15.59
C THR I 633 -101.18 33.31 -14.53
N ASP I 634 -102.08 33.22 -13.54
CA ASP I 634 -101.93 32.22 -12.48
C ASP I 634 -103.29 31.95 -11.88
N ASN I 635 -103.34 31.02 -10.94
CA ASN I 635 -104.60 30.72 -10.28
C ASN I 635 -104.45 30.88 -8.79
N SER I 636 -103.22 30.94 -8.31
CA SER I 636 -102.94 31.05 -6.89
C SER I 636 -101.71 31.87 -6.58
N LEU I 637 -101.94 33.12 -6.22
CA LEU I 637 -100.90 34.03 -5.84
C LEU I 637 -101.18 34.51 -4.43
N TYR I 638 -100.12 34.81 -3.72
CA TYR I 638 -100.23 35.32 -2.38
C TYR I 638 -99.33 36.53 -2.30
N LEU I 639 -99.64 37.43 -1.36
CA LEU I 639 -98.77 38.58 -1.17
C LEU I 639 -97.52 38.24 -0.40
N VAL I 640 -97.49 37.12 0.31
CA VAL I 640 -96.38 36.83 1.22
C VAL I 640 -95.91 35.39 1.04
N PRO I 641 -94.63 35.12 1.37
CA PRO I 641 -94.08 33.75 1.49
C PRO I 641 -94.78 32.99 2.58
N ASP I 642 -94.88 31.67 2.45
CA ASP I 642 -95.54 30.83 3.47
C ASP I 642 -94.53 30.10 4.37
N TYR I 643 -94.40 30.53 5.63
CA TYR I 643 -93.53 29.85 6.58
C TYR I 643 -94.34 29.11 7.63
N CYS I 644 -94.16 27.79 7.69
CA CYS I 644 -94.98 26.98 8.56
C CYS I 644 -94.27 26.88 9.91
N HIS I 645 -94.98 26.34 10.89
CA HIS I 645 -94.41 26.17 12.23
C HIS I 645 -93.18 25.28 12.24
N GLY I 646 -92.14 25.70 12.97
CA GLY I 646 -90.95 24.89 13.11
C GLY I 646 -89.65 25.67 12.94
N GLY I 647 -88.54 24.92 12.86
CA GLY I 647 -87.22 25.50 12.76
C GLY I 647 -86.43 24.97 11.57
N GLU I 648 -85.52 25.81 11.07
CA GLU I 648 -84.74 25.48 9.88
C GLU I 648 -83.28 25.91 10.01
N LEU I 649 -82.36 25.05 9.58
CA LEU I 649 -80.94 25.35 9.55
C LEU I 649 -80.39 25.19 8.14
N TYR I 650 -79.74 26.23 7.64
CA TYR I 650 -79.22 26.24 6.28
C TYR I 650 -77.70 26.17 6.28
N ILE I 651 -77.16 25.27 5.48
CA ILE I 651 -75.72 25.09 5.37
C ILE I 651 -75.29 25.34 3.93
N GLY I 652 -74.45 26.34 3.71
CA GLY I 652 -73.95 26.65 2.37
C GLY I 652 -72.57 26.07 2.16
N LEU I 653 -72.37 25.39 1.03
CA LEU I 653 -71.09 24.76 0.74
C LEU I 653 -70.36 25.40 -0.43
N GLU I 654 -69.05 25.60 -0.26
CA GLU I 654 -68.19 26.20 -1.27
C GLU I 654 -67.34 25.17 -2.01
N ASN I 655 -67.19 25.42 -3.32
CA ASN I 655 -66.27 24.74 -4.23
C ASN I 655 -66.52 23.26 -4.46
N GLY I 656 -67.75 22.79 -4.36
CA GLY I 656 -68.04 21.40 -4.65
C GLY I 656 -68.34 21.24 -6.12
N LYS I 657 -68.69 20.01 -6.51
CA LYS I 657 -69.05 19.68 -7.87
C LYS I 657 -70.28 18.80 -7.80
N ASN I 658 -71.05 18.74 -8.89
CA ASN I 658 -72.37 18.10 -8.83
C ASN I 658 -72.36 16.57 -8.70
N LEU I 659 -71.22 15.89 -8.71
CA LEU I 659 -71.26 14.45 -8.47
C LEU I 659 -70.26 14.00 -7.39
N GLN I 660 -69.77 14.90 -6.56
CA GLN I 660 -68.79 14.54 -5.55
C GLN I 660 -69.41 14.22 -4.19
N GLN I 661 -68.66 13.48 -3.38
CA GLN I 661 -69.10 13.18 -2.03
C GLN I 661 -68.59 14.20 -1.02
N VAL I 662 -69.42 14.43 -0.02
CA VAL I 662 -69.11 15.37 1.04
C VAL I 662 -69.26 14.67 2.38
N THR I 663 -68.24 14.76 3.22
CA THR I 663 -68.30 14.19 4.55
C THR I 663 -68.23 15.29 5.58
N LEU I 664 -69.25 15.38 6.44
CA LEU I 664 -69.32 16.43 7.44
C LEU I 664 -69.32 15.90 8.87
N LEU I 665 -68.53 16.55 9.71
CA LEU I 665 -68.48 16.25 11.12
C LEU I 665 -69.30 17.27 11.89
N LEU I 666 -70.27 16.80 12.65
CA LEU I 666 -71.07 17.66 13.51
C LEU I 666 -70.59 17.46 14.93
N GLN I 667 -70.00 18.47 15.53
CA GLN I 667 -69.51 18.35 16.89
C GLN I 667 -70.45 19.07 17.82
N PHE I 668 -71.09 18.29 18.69
CA PHE I 668 -72.06 18.77 19.63
C PHE I 668 -71.47 18.81 21.02
N LEU I 669 -72.07 19.63 21.85
CA LEU I 669 -71.76 19.60 23.26
C LEU I 669 -72.79 18.70 23.91
N GLU I 670 -72.40 17.46 24.14
CA GLU I 670 -73.33 16.44 24.56
C GLU I 670 -73.84 16.68 25.97
N GLY I 671 -75.15 16.52 26.14
CA GLY I 671 -75.84 16.77 27.37
C GLY I 671 -76.48 18.14 27.45
N SER I 672 -76.04 19.08 26.62
CA SER I 672 -76.63 20.44 26.62
C SER I 672 -77.94 20.55 25.86
N GLU I 673 -78.98 20.03 26.50
CA GLU I 673 -80.34 20.00 26.01
C GLU I 673 -81.26 20.25 27.20
N ASN I 674 -82.51 20.59 26.95
CA ASN I 674 -83.47 20.82 28.04
C ASN I 674 -84.11 19.50 28.47
N PRO I 675 -83.86 19.07 29.72
CA PRO I 675 -84.35 17.79 30.22
C PRO I 675 -85.82 17.76 30.57
N ASP I 676 -86.53 18.89 30.50
CA ASP I 676 -87.90 18.98 30.96
C ASP I 676 -88.87 19.27 29.82
N ILE I 677 -88.79 18.48 28.77
CA ILE I 677 -89.68 18.56 27.62
C ILE I 677 -90.29 17.18 27.39
N THR I 678 -91.59 17.13 27.11
CA THR I 678 -92.25 15.86 26.88
C THR I 678 -92.28 15.42 25.42
N ASP I 679 -92.16 16.35 24.47
CA ASP I 679 -92.12 16.02 23.05
C ASP I 679 -90.67 15.82 22.66
N ILE I 680 -90.24 14.56 22.56
CA ILE I 680 -88.81 14.29 22.39
C ILE I 680 -88.40 13.35 21.27
N PHE I 681 -89.12 13.32 20.14
CA PHE I 681 -88.81 12.41 19.01
C PHE I 681 -88.97 10.95 19.40
N THR I 682 -90.18 10.57 19.76
CA THR I 682 -90.45 9.19 20.10
C THR I 682 -90.63 8.38 18.81
N GLY I 683 -90.69 7.06 18.97
CA GLY I 683 -90.90 6.19 17.83
C GLY I 683 -89.76 6.30 16.84
N ASN I 684 -90.12 6.50 15.57
CA ASN I 684 -89.14 6.61 14.49
C ASN I 684 -89.04 8.01 13.92
N GLN I 685 -89.32 9.03 14.72
CA GLN I 685 -89.19 10.41 14.27
C GLN I 685 -87.72 10.82 14.19
N LYS I 686 -87.41 11.76 13.28
CA LYS I 686 -86.04 12.24 13.12
C LYS I 686 -86.01 13.56 12.36
N ILE I 687 -84.81 14.15 12.25
CA ILE I 687 -84.62 15.42 11.54
C ILE I 687 -84.55 15.17 10.03
N LYS I 688 -85.28 16.00 9.26
CA LYS I 688 -85.39 15.87 7.81
C LYS I 688 -84.33 16.69 7.06
N TRP I 689 -83.86 16.16 5.92
CA TRP I 689 -82.89 16.85 5.07
C TRP I 689 -83.38 17.07 3.63
N GLN I 690 -83.07 18.24 3.04
CA GLN I 690 -83.41 18.64 1.66
C GLN I 690 -82.30 19.44 0.99
N TYR I 691 -82.32 19.54 -0.35
CA TYR I 691 -81.35 20.38 -1.06
C TYR I 691 -82.08 21.39 -1.96
N LEU I 692 -81.36 22.45 -2.36
CA LEU I 692 -81.95 23.52 -3.17
C LEU I 692 -81.64 23.39 -4.66
N SER I 693 -82.68 23.54 -5.49
CA SER I 693 -82.54 23.51 -6.94
C SER I 693 -83.56 24.44 -7.61
N GLN I 694 -83.08 25.43 -8.34
CA GLN I 694 -83.92 26.40 -9.05
C GLN I 694 -84.93 27.08 -8.13
N ASN I 695 -84.46 27.53 -6.97
CA ASN I 695 -85.25 28.16 -5.89
C ASN I 695 -86.29 27.23 -5.25
N GLN I 696 -86.27 25.92 -5.50
CA GLN I 696 -87.18 24.97 -4.86
C GLN I 696 -86.43 24.04 -3.93
N TRP I 697 -87.08 23.61 -2.86
CA TRP I 697 -86.46 22.61 -2.01
C TRP I 697 -86.90 21.23 -2.44
N GLN I 698 -85.94 20.30 -2.51
CA GLN I 698 -86.22 18.97 -3.00
C GLN I 698 -85.69 17.90 -2.03
N ASP I 699 -86.42 16.80 -1.96
CA ASP I 699 -85.98 15.67 -1.15
C ASP I 699 -84.77 14.98 -1.76
N PHE I 700 -83.91 14.46 -0.88
CA PHE I 700 -82.81 13.63 -1.32
C PHE I 700 -83.36 12.29 -1.72
N GLN I 701 -82.68 11.64 -2.65
CA GLN I 701 -83.09 10.34 -3.10
C GLN I 701 -82.38 9.27 -2.28
N SER I 702 -82.87 8.04 -2.36
CA SER I 702 -82.34 6.97 -1.51
C SER I 702 -80.86 6.68 -1.72
N GLY I 703 -80.33 6.90 -2.91
CA GLY I 703 -78.92 6.63 -3.13
C GLY I 703 -78.01 7.80 -2.84
N GLU I 704 -78.56 8.92 -2.36
CA GLU I 704 -77.78 10.12 -2.16
C GLU I 704 -77.27 10.30 -0.74
N ILE I 705 -77.91 9.71 0.26
CA ILE I 705 -77.40 9.78 1.61
C ILE I 705 -76.68 8.48 1.89
N ILE I 706 -75.43 8.59 2.29
CA ILE I 706 -74.61 7.43 2.53
C ILE I 706 -74.71 7.00 3.98
N GLN I 707 -74.64 7.96 4.90
CA GLN I 707 -74.81 7.61 6.30
C GLN I 707 -75.21 8.83 7.11
N ASN I 708 -75.85 8.55 8.24
CA ASN I 708 -76.29 9.59 9.15
C ASN I 708 -76.14 9.05 10.56
N GLN I 709 -75.09 9.44 11.23
CA GLN I 709 -74.85 9.00 12.59
C GLN I 709 -75.49 9.90 13.62
N THR I 710 -76.14 11.00 13.19
CA THR I 710 -76.70 11.97 14.14
C THR I 710 -78.18 12.29 13.86
N PRO I 711 -79.06 11.28 13.76
CA PRO I 711 -80.45 11.49 13.29
C PRO I 711 -81.30 12.44 14.11
N ARG I 712 -80.98 12.66 15.38
CA ARG I 712 -81.77 13.57 16.20
C ARG I 712 -80.91 14.59 16.91
N PHE I 713 -79.76 14.94 16.34
CA PHE I 713 -78.84 15.92 16.91
C PHE I 713 -78.57 15.78 18.42
N LEU I 714 -78.39 14.56 18.93
CA LEU I 714 -78.08 14.39 20.35
C LEU I 714 -76.64 14.00 20.62
N LYS I 715 -75.93 13.49 19.63
CA LYS I 715 -74.57 13.03 19.82
C LYS I 715 -73.72 13.44 18.64
N SER I 716 -72.42 13.60 18.88
CA SER I 716 -71.47 13.94 17.83
C SER I 716 -71.32 12.81 16.82
N GLY I 717 -71.12 13.15 15.55
CA GLY I 717 -70.93 12.13 14.53
C GLY I 717 -70.82 12.64 13.11
N ILE I 718 -70.87 11.68 12.17
CA ILE I 718 -70.65 11.93 10.73
C ILE I 718 -71.93 11.84 9.91
N PHE I 719 -72.13 12.85 9.06
CA PHE I 719 -73.15 12.87 8.03
C PHE I 719 -72.45 12.82 6.68
N GLN I 720 -72.90 11.94 5.80
CA GLN I 720 -72.22 11.79 4.52
C GLN I 720 -73.21 11.63 3.38
N PHE I 721 -72.97 12.35 2.30
CA PHE I 721 -73.89 12.39 1.19
C PHE I 721 -73.17 12.79 -0.08
N SER I 722 -73.81 12.56 -1.21
CA SER I 722 -73.29 13.07 -2.47
C SER I 722 -74.04 14.32 -2.88
N ILE I 723 -73.37 15.19 -3.61
CA ILE I 723 -74.08 16.35 -4.15
C ILE I 723 -74.96 15.85 -5.28
N PRO I 724 -76.25 16.13 -5.23
CA PRO I 724 -77.18 15.61 -6.21
C PRO I 724 -77.02 16.31 -7.54
N LYS I 725 -77.34 15.57 -8.59
CA LYS I 725 -77.44 16.17 -9.89
C LYS I 725 -78.58 17.15 -9.83
N GLN I 726 -78.43 18.25 -10.56
CA GLN I 726 -79.38 19.36 -10.65
C GLN I 726 -79.28 20.26 -9.41
N ALA I 727 -78.28 20.07 -8.56
CA ALA I 727 -78.02 21.06 -7.53
C ALA I 727 -77.69 22.38 -8.21
N ASN I 728 -78.15 23.48 -7.67
CA ASN I 728 -77.98 24.74 -8.36
C ASN I 728 -77.24 25.82 -7.57
N LEU I 729 -76.22 26.42 -8.21
CA LEU I 729 -75.50 27.54 -7.60
C LEU I 729 -76.14 28.90 -7.85
N ASP I 730 -77.06 29.01 -8.82
CA ASP I 730 -77.60 30.31 -9.16
C ASP I 730 -79.06 30.40 -8.67
N ASN I 731 -79.28 31.02 -7.51
CA ASN I 731 -80.63 31.10 -6.93
C ASN I 731 -80.82 32.50 -6.38
N THR I 732 -82.00 32.82 -5.87
CA THR I 732 -82.25 34.14 -5.28
C THR I 732 -82.79 34.11 -3.85
N VAL I 733 -83.36 32.99 -3.41
CA VAL I 733 -83.93 32.88 -2.07
C VAL I 733 -82.87 32.78 -0.99
N LEU I 734 -81.67 32.39 -1.39
CA LEU I 734 -80.46 32.28 -0.59
C LEU I 734 -79.33 32.75 -1.50
N PRO I 735 -78.29 33.36 -0.94
CA PRO I 735 -77.17 33.92 -1.72
C PRO I 735 -76.56 32.95 -2.72
N PRO I 736 -76.26 33.43 -3.93
CA PRO I 736 -75.71 32.60 -5.01
C PRO I 736 -74.26 32.27 -4.78
N GLY I 737 -73.78 31.21 -5.43
CA GLY I 737 -72.38 30.83 -5.36
C GLY I 737 -72.13 29.64 -4.47
N TYR I 738 -73.13 29.23 -3.73
CA TYR I 738 -73.04 28.12 -2.79
C TYR I 738 -74.05 27.07 -3.14
N HIS I 739 -73.72 25.82 -2.87
CA HIS I 739 -74.77 24.82 -2.88
C HIS I 739 -75.46 24.91 -1.55
N TRP I 740 -76.77 24.78 -1.50
CA TRP I 740 -77.44 24.90 -0.21
C TRP I 740 -78.20 23.65 0.18
N ILE I 741 -78.04 23.27 1.45
CA ILE I 741 -78.68 22.12 2.07
C ILE I 741 -79.43 22.55 3.32
N LYS I 742 -80.63 22.02 3.49
CA LYS I 742 -81.51 22.39 4.58
C LYS I 742 -81.81 21.22 5.51
N ALA I 743 -81.79 21.50 6.81
CA ALA I 743 -82.24 20.56 7.84
C ALA I 743 -83.45 21.13 8.56
N SER I 744 -84.42 20.31 8.93
CA SER I 744 -85.58 20.87 9.63
C SER I 744 -86.19 20.00 10.73
N MET I 745 -86.86 20.71 11.66
CA MET I 745 -87.48 20.17 12.87
C MET I 745 -88.77 20.94 13.20
N VAL I 746 -89.78 20.27 13.78
CA VAL I 746 -91.04 20.92 14.17
C VAL I 746 -91.29 20.91 15.67
N LYS I 747 -90.26 20.68 16.43
CA LYS I 747 -90.29 20.50 17.86
C LYS I 747 -89.73 21.73 18.55
N PRO I 748 -89.94 21.87 19.88
CA PRO I 748 -89.44 23.04 20.60
C PRO I 748 -87.94 23.17 20.41
N PHE I 749 -87.41 24.38 20.52
CA PHE I 749 -86.02 24.53 20.11
C PHE I 749 -84.98 23.76 20.97
N ASP I 750 -85.28 23.35 22.21
CA ASP I 750 -84.24 22.73 23.07
C ASP I 750 -84.14 21.20 23.08
N VAL I 751 -84.99 20.50 22.32
CA VAL I 751 -84.99 19.04 22.25
C VAL I 751 -83.73 18.50 21.62
N VAL I 752 -82.86 19.36 21.10
CA VAL I 752 -81.58 18.97 20.52
C VAL I 752 -80.46 19.63 21.30
N SER I 753 -79.25 19.09 21.16
CA SER I 753 -78.08 19.62 21.83
C SER I 753 -77.51 20.85 21.13
N GLN I 754 -76.83 21.69 21.89
CA GLN I 754 -76.12 22.82 21.30
C GLN I 754 -74.88 22.35 20.55
N LEU I 755 -74.52 23.10 19.51
CA LEU I 755 -73.36 22.80 18.67
C LEU I 755 -72.13 23.59 19.07
N ILE I 756 -70.99 23.00 18.76
CA ILE I 756 -69.73 23.67 18.82
C ILE I 756 -69.33 24.07 17.41
N ASN I 757 -69.33 23.12 16.48
CA ASN I 757 -68.95 23.47 15.12
C ASN I 757 -69.36 22.42 14.10
N ILE I 758 -69.13 22.73 12.82
CA ILE I 758 -69.34 21.85 11.68
C ILE I 758 -68.11 21.87 10.78
N HIS I 759 -67.56 20.69 10.45
CA HIS I 759 -66.36 20.63 9.62
C HIS I 759 -66.46 19.70 8.43
N ALA I 760 -65.96 20.14 7.29
CA ALA I 760 -65.90 19.26 6.13
C ALA I 760 -64.57 18.53 6.11
N GLN I 761 -64.56 17.36 5.46
CA GLN I 761 -63.38 16.51 5.20
C GLN I 761 -62.83 15.84 6.47
N ALA I 762 -63.72 15.32 7.32
CA ALA I 762 -63.30 14.65 8.54
C ALA I 762 -62.94 13.18 8.33
N VAL I 763 -61.87 12.74 9.02
CA VAL I 763 -61.34 11.38 8.97
C VAL I 763 -61.14 10.81 10.38
N GLU I 764 -61.60 9.59 10.65
CA GLU I 764 -61.39 8.96 11.96
C GLU I 764 -60.15 8.04 11.99
N ALA I 765 -59.41 8.09 13.11
CA ALA I 765 -58.21 7.27 13.31
C ALA I 765 -58.08 6.74 14.73
N VAL I 766 -57.38 5.61 14.90
CA VAL I 766 -57.27 4.88 16.18
C VAL I 766 -55.83 4.53 16.55
N PHE I 767 -55.49 4.71 17.84
CA PHE I 767 -54.17 4.42 18.38
C PHE I 767 -53.74 2.98 18.18
N GLU I 768 -52.50 2.81 17.75
CA GLU I 768 -51.92 1.50 17.54
C GLU I 768 -51.10 1.08 18.76
N ASP I 769 -51.46 -0.05 19.35
CA ASP I 769 -50.80 -0.50 20.57
C ASP I 769 -49.51 -1.23 20.22
N GLN I 770 -48.38 -0.60 20.50
CA GLN I 770 -47.05 -1.17 20.27
C GLN I 770 -46.30 -1.19 21.60
N GLY I 771 -45.08 -1.73 21.60
CA GLY I 771 -44.31 -1.83 22.83
C GLY I 771 -43.80 -0.51 23.38
N SER I 772 -44.72 0.35 23.88
CA SER I 772 -44.37 1.65 24.42
C SER I 772 -45.31 1.92 25.61
N SER I 773 -45.19 3.09 26.24
CA SER I 773 -46.04 3.40 27.40
C SER I 773 -47.18 4.37 27.04
N GLY I 774 -48.41 3.88 27.11
CA GLY I 774 -49.58 4.66 26.76
C GLY I 774 -49.99 5.63 27.85
N ASN I 775 -49.09 6.57 28.16
CA ASN I 775 -49.35 7.55 29.21
C ASN I 775 -50.54 8.44 28.87
N HIS I 776 -50.74 8.69 27.58
CA HIS I 776 -51.84 9.51 27.11
C HIS I 776 -53.17 8.81 27.21
N LEU I 777 -53.25 7.60 27.72
CA LEU I 777 -54.54 6.96 27.87
C LEU I 777 -55.20 7.26 29.19
N GLU I 778 -54.52 7.96 30.08
CA GLU I 778 -55.10 8.33 31.37
C GLU I 778 -56.07 9.48 31.23
N LYS I 779 -55.73 10.42 30.36
CA LYS I 779 -56.51 11.58 30.02
C LYS I 779 -56.39 11.70 28.53
N GLY I 780 -57.43 12.18 27.83
CA GLY I 780 -57.36 12.23 26.38
C GLY I 780 -56.18 13.03 25.86
N LEU I 781 -55.69 12.61 24.69
CA LEU I 781 -54.62 13.30 24.00
C LEU I 781 -55.07 14.73 23.81
N PRO I 782 -54.26 15.72 24.16
CA PRO I 782 -54.63 17.13 23.99
C PRO I 782 -54.96 17.44 22.55
N ALA I 783 -55.78 18.47 22.37
CA ALA I 783 -56.11 18.96 21.04
C ALA I 783 -54.87 19.53 20.40
N GLU I 784 -54.83 19.49 19.07
CA GLU I 784 -53.77 20.06 18.25
C GLU I 784 -52.37 19.49 18.51
N THR I 785 -52.27 18.22 18.80
CA THR I 785 -50.99 17.61 19.01
C THR I 785 -50.52 16.93 17.76
N ILE I 786 -51.42 16.75 16.81
CA ILE I 786 -51.14 16.00 15.60
C ILE I 786 -51.22 16.86 14.35
N SER I 787 -50.11 16.94 13.63
CA SER I 787 -50.04 17.71 12.41
C SER I 787 -49.53 17.06 11.13
N LYS I 788 -49.00 15.84 11.17
CA LYS I 788 -48.49 15.25 9.93
C LYS I 788 -48.50 13.72 9.82
N LEU I 789 -48.46 13.24 8.59
CA LEU I 789 -48.42 11.81 8.29
C LEU I 789 -47.03 11.21 8.52
N GLN I 790 -46.90 9.90 8.54
CA GLN I 790 -45.58 9.31 8.72
C GLN I 790 -44.72 9.72 7.54
N GLU I 791 -45.33 9.71 6.38
CA GLU I 791 -44.69 10.13 5.14
C GLU I 791 -45.23 11.51 4.85
N ARG I 792 -44.38 12.54 4.95
CA ARG I 792 -44.90 13.92 5.02
C ARG I 792 -45.67 14.37 3.77
N LEU I 793 -45.31 13.96 2.56
CA LEU I 793 -46.10 14.44 1.42
C LEU I 793 -46.78 13.34 0.67
N SER I 794 -48.11 13.46 0.61
CA SER I 794 -48.98 12.59 -0.15
C SER I 794 -49.99 13.41 -0.86
N TRP I 795 -49.68 14.64 -1.31
CA TRP I 795 -50.63 15.58 -1.97
C TRP I 795 -51.66 16.21 -1.02
N ILE I 796 -51.28 16.41 0.23
CA ILE I 796 -52.12 16.94 1.28
C ILE I 796 -51.37 18.13 1.83
N LYS I 797 -52.06 19.25 1.97
CA LYS I 797 -51.44 20.49 2.44
C LYS I 797 -51.37 20.53 3.95
N SER I 798 -52.46 20.15 4.64
CA SER I 798 -52.43 20.29 6.09
C SER I 798 -53.43 19.37 6.78
N ILE I 799 -53.11 18.98 8.01
CA ILE I 799 -53.98 18.15 8.86
C ILE I 799 -54.19 18.83 10.20
N GLN I 800 -55.44 19.02 10.57
CA GLN I 800 -55.78 19.61 11.86
C GLN I 800 -56.47 18.65 12.82
N GLN I 801 -56.04 18.66 14.09
CA GLN I 801 -56.70 17.93 15.17
C GLN I 801 -57.47 18.85 16.13
N PRO I 802 -58.68 19.29 15.79
CA PRO I 802 -59.37 20.31 16.60
C PRO I 802 -59.84 19.89 18.01
N TYR I 803 -60.01 18.60 18.30
CA TYR I 803 -60.53 18.16 19.60
C TYR I 803 -59.67 17.07 20.25
N PRO I 804 -59.70 16.97 21.59
CA PRO I 804 -58.98 15.91 22.34
C PRO I 804 -59.45 14.51 22.00
N SER I 805 -58.57 13.50 22.20
CA SER I 805 -58.94 12.12 21.90
C SER I 805 -59.83 11.53 22.97
N THR I 806 -60.54 10.44 22.62
CA THR I 806 -61.46 9.82 23.59
C THR I 806 -61.64 8.30 23.46
N LYS I 807 -62.11 7.70 24.55
CA LYS I 807 -62.43 6.27 24.71
C LYS I 807 -61.25 5.34 25.08
N GLY I 808 -60.09 5.87 25.43
CA GLY I 808 -58.98 4.99 25.77
C GLY I 808 -58.96 4.60 27.25
N LYS I 809 -58.10 3.63 27.60
CA LYS I 809 -57.95 3.17 28.98
C LYS I 809 -56.60 2.49 29.22
N ALA I 810 -55.89 2.94 30.25
CA ALA I 810 -54.60 2.35 30.62
C ALA I 810 -54.77 1.04 31.39
N GLN I 811 -53.70 0.23 31.40
CA GLN I 811 -53.65 -1.04 32.14
C GLN I 811 -53.88 -0.81 33.63
N GLU I 812 -54.46 -1.80 34.30
CA GLU I 812 -54.70 -1.64 35.74
C GLU I 812 -53.41 -1.57 36.55
N SER I 813 -53.41 -0.66 37.52
CA SER I 813 -52.36 -0.55 38.51
C SER I 813 -52.58 -1.60 39.59
N ASP I 814 -51.57 -1.83 40.44
CA ASP I 814 -51.76 -2.76 41.54
C ASP I 814 -52.85 -2.28 42.48
N GLU I 815 -52.91 -0.97 42.68
CA GLU I 815 -53.86 -0.36 43.59
C GLU I 815 -55.28 -0.57 43.10
N ASP I 816 -55.49 -0.53 41.79
CA ASP I 816 -56.82 -0.73 41.25
C ASP I 816 -57.19 -2.19 41.23
N TYR I 817 -56.21 -3.03 40.96
CA TYR I 817 -56.46 -4.46 40.97
C TYR I 817 -56.96 -4.89 42.34
N TYR I 818 -56.26 -4.46 43.39
CA TYR I 818 -56.67 -4.83 44.73
C TYR I 818 -58.01 -4.24 45.08
N ARG I 819 -58.25 -2.99 44.67
CA ARG I 819 -59.52 -2.33 44.95
C ARG I 819 -60.69 -3.08 44.31
N ARG I 820 -60.55 -3.46 43.04
CA ARG I 820 -61.61 -4.16 42.31
C ARG I 820 -61.89 -5.53 42.88
N VAL I 821 -60.85 -6.30 43.19
CA VAL I 821 -61.07 -7.65 43.70
C VAL I 821 -61.72 -7.59 45.05
N SER I 822 -61.26 -6.67 45.90
CA SER I 822 -61.73 -6.59 47.25
C SER I 822 -63.22 -6.26 47.27
N GLU I 823 -63.68 -5.31 46.42
CA GLU I 823 -65.10 -5.00 46.43
C GLU I 823 -65.97 -6.13 45.93
N ARG I 824 -65.54 -6.87 44.90
CA ARG I 824 -66.41 -7.95 44.42
C ARG I 824 -66.64 -8.99 45.49
N LEU I 825 -65.61 -9.25 46.28
CA LEU I 825 -65.71 -10.22 47.37
C LEU I 825 -66.71 -9.81 48.45
N ARG I 826 -67.15 -8.56 48.46
CA ARG I 826 -68.13 -8.05 49.41
C ARG I 826 -69.53 -7.89 48.82
N HIS I 827 -69.65 -7.27 47.64
CA HIS I 827 -70.99 -7.00 47.13
C HIS I 827 -71.56 -8.12 46.27
N LYS I 828 -70.74 -9.08 45.84
CA LYS I 828 -71.14 -10.28 45.10
C LYS I 828 -71.81 -9.97 43.77
N LYS I 829 -71.54 -8.79 43.22
CA LYS I 829 -72.09 -8.30 41.95
C LYS I 829 -73.61 -8.15 42.01
N ARG I 830 -74.18 -7.82 43.16
CA ARG I 830 -75.61 -7.58 43.29
C ARG I 830 -75.83 -6.12 43.66
N ALA I 831 -76.88 -5.50 43.16
CA ALA I 831 -77.17 -4.11 43.52
C ALA I 831 -78.25 -4.03 44.59
N ILE I 832 -77.91 -4.21 45.86
CA ILE I 832 -78.94 -4.24 46.89
C ILE I 832 -78.98 -2.96 47.74
N THR I 833 -77.90 -2.62 48.42
CA THR I 833 -77.90 -1.43 49.26
C THR I 833 -77.30 -0.19 48.57
N LEU I 834 -76.97 0.85 49.36
CA LEU I 834 -76.42 2.09 48.81
C LEU I 834 -75.01 1.93 48.28
N TRP I 835 -74.14 1.36 49.11
CA TRP I 835 -72.75 1.18 48.76
C TRP I 835 -72.62 0.38 47.50
N ASP I 836 -73.46 -0.65 47.39
CA ASP I 836 -73.44 -1.55 46.25
C ASP I 836 -73.67 -0.77 44.97
N TYR I 837 -74.74 0.03 44.94
CA TYR I 837 -75.06 0.78 43.73
C TYR I 837 -73.97 1.77 43.37
N GLU I 838 -73.45 2.49 44.37
CA GLU I 838 -72.49 3.55 44.12
C GLU I 838 -71.14 2.98 43.66
N HIS I 839 -70.73 1.85 44.22
CA HIS I 839 -69.46 1.27 43.81
C HIS I 839 -69.57 0.47 42.52
N LEU I 840 -70.73 -0.15 42.25
CA LEU I 840 -70.88 -0.83 40.97
C LEU I 840 -70.76 0.13 39.80
N ILE I 841 -71.33 1.34 39.94
CA ILE I 841 -71.24 2.30 38.85
C ILE I 841 -69.85 2.88 38.72
N LEU I 842 -69.21 3.27 39.83
CA LEU I 842 -67.89 3.86 39.62
C LEU I 842 -66.90 2.84 39.04
N GLN I 843 -67.03 1.56 39.39
CA GLN I 843 -66.15 0.57 38.79
C GLN I 843 -66.47 0.34 37.30
N LYS I 844 -67.76 0.32 36.94
CA LYS I 844 -68.20 0.01 35.58
C LYS I 844 -68.04 1.17 34.61
N PHE I 845 -68.40 2.40 35.02
CA PHE I 845 -68.39 3.54 34.12
C PHE I 845 -67.25 4.51 34.45
N PRO I 846 -66.17 4.47 33.67
CA PRO I 846 -64.92 5.21 33.98
C PRO I 846 -65.00 6.72 33.90
N LYS I 847 -66.04 7.29 33.30
CA LYS I 847 -66.11 8.73 33.16
C LYS I 847 -67.32 9.26 33.92
N VAL I 848 -67.39 8.86 35.17
CA VAL I 848 -68.30 9.37 36.16
C VAL I 848 -67.43 9.77 37.32
N TYR I 849 -67.60 10.99 37.81
CA TYR I 849 -66.78 11.52 38.87
C TYR I 849 -67.41 11.28 40.22
N LYS I 850 -68.71 11.54 40.33
CA LYS I 850 -69.41 11.30 41.57
C LYS I 850 -70.74 10.63 41.30
N VAL I 851 -71.21 9.90 42.31
CA VAL I 851 -72.49 9.22 42.22
C VAL I 851 -73.23 9.38 43.55
N LYS I 852 -74.56 9.40 43.47
CA LYS I 852 -75.40 9.43 44.67
C LYS I 852 -76.67 8.61 44.50
N CYS I 853 -76.91 7.69 45.44
CA CYS I 853 -78.12 6.87 45.40
C CYS I 853 -79.17 7.38 46.39
N LEU I 854 -80.40 7.53 45.92
CA LEU I 854 -81.52 8.08 46.69
C LEU I 854 -82.62 7.02 46.91
N ASN I 855 -82.71 6.55 48.17
CA ASN I 855 -83.45 5.35 48.57
C ASN I 855 -84.96 5.34 48.28
N HIS I 856 -85.66 6.46 48.44
CA HIS I 856 -87.11 6.44 48.21
C HIS I 856 -87.50 7.51 47.22
N THR I 857 -86.58 7.90 46.35
CA THR I 857 -86.84 9.05 45.50
C THR I 857 -87.38 8.69 44.13
N CYS I 858 -88.50 9.32 43.83
CA CYS I 858 -89.18 9.45 42.55
C CYS I 858 -89.26 10.91 42.22
N SER I 859 -89.54 11.26 40.96
CA SER I 859 -89.55 12.68 40.60
C SER I 859 -90.55 13.52 41.41
N SER I 860 -91.62 12.91 41.92
CA SER I 860 -92.63 13.60 42.68
C SER I 860 -92.68 13.19 44.15
N SER I 861 -91.66 12.48 44.65
CA SER I 861 -91.74 11.98 46.01
C SER I 861 -90.39 11.61 46.62
N PHE I 862 -90.25 11.87 47.91
CA PHE I 862 -89.07 11.43 48.63
C PHE I 862 -89.40 10.36 49.67
N GLN I 863 -90.60 9.75 49.56
CA GLN I 863 -91.08 8.68 50.44
C GLN I 863 -91.84 7.58 49.70
N SER I 864 -91.48 7.27 48.46
CA SER I 864 -92.15 6.18 47.74
C SER I 864 -91.39 4.87 47.75
N PRO I 865 -91.97 3.82 48.31
CA PRO I 865 -91.31 2.53 48.38
C PRO I 865 -91.29 1.87 47.01
N GLY I 866 -90.32 1.00 46.80
CA GLY I 866 -90.26 0.24 45.56
C GLY I 866 -89.64 0.96 44.39
N ASN I 867 -88.77 1.92 44.64
CA ASN I 867 -88.17 2.68 43.56
C ASN I 867 -86.83 3.22 44.02
N ALA I 868 -86.11 3.90 43.13
CA ALA I 868 -84.84 4.54 43.48
C ALA I 868 -84.40 5.49 42.38
N THR I 869 -83.68 6.54 42.78
CA THR I 869 -83.07 7.45 41.81
C THR I 869 -81.57 7.55 42.03
N LEU I 870 -80.83 7.57 40.93
CA LEU I 870 -79.38 7.71 40.95
C LEU I 870 -78.99 9.01 40.27
N ILE I 871 -78.07 9.75 40.87
CA ILE I 871 -77.59 11.00 40.29
C ILE I 871 -76.16 10.86 39.83
N LEU I 872 -75.89 11.23 38.57
CA LEU I 872 -74.55 11.11 38.01
C LEU I 872 -73.90 12.46 37.72
N VAL I 873 -72.65 12.61 38.14
CA VAL I 873 -71.84 13.78 37.90
C VAL I 873 -70.60 13.40 37.09
N PRO I 874 -70.38 14.00 35.91
CA PRO I 874 -69.24 13.70 35.03
C PRO I 874 -67.98 14.37 35.53
N ASP I 875 -66.83 14.05 34.91
CA ASP I 875 -65.59 14.67 35.36
C ASP I 875 -65.47 16.04 34.68
N THR I 876 -65.71 16.09 33.36
CA THR I 876 -65.50 17.20 32.47
C THR I 876 -64.16 17.89 32.63
N VAL I 877 -63.07 17.12 32.67
CA VAL I 877 -61.76 17.74 32.79
C VAL I 877 -61.41 18.58 31.56
N GLN I 878 -61.76 18.11 30.37
CA GLN I 878 -61.42 18.87 29.16
C GLN I 878 -62.40 20.00 28.93
N GLN I 879 -62.18 21.08 29.71
CA GLN I 879 -63.00 22.27 29.71
C GLN I 879 -63.01 23.02 28.38
N SER I 880 -62.11 22.68 27.45
CA SER I 880 -62.11 23.17 26.08
C SER I 880 -63.40 22.87 25.33
N VAL I 881 -64.11 21.87 25.80
CA VAL I 881 -65.41 21.44 25.32
C VAL I 881 -66.51 21.72 26.33
N PHE I 882 -66.33 21.23 27.54
CA PHE I 882 -67.39 21.21 28.52
C PHE I 882 -67.68 22.54 29.19
N ASP I 883 -68.95 22.71 29.57
CA ASP I 883 -69.34 23.85 30.37
C ASP I 883 -69.15 23.43 31.82
N ILE I 884 -68.10 23.97 32.45
CA ILE I 884 -67.70 23.47 33.76
C ILE I 884 -68.58 24.02 34.89
N TYR I 885 -69.54 24.89 34.61
CA TYR I 885 -70.41 25.37 35.68
C TYR I 885 -71.81 24.79 35.58
N GLN I 886 -72.03 24.04 34.50
CA GLN I 886 -73.22 23.24 34.22
C GLN I 886 -72.85 21.89 33.62
N PRO I 887 -72.03 21.08 34.32
CA PRO I 887 -71.65 19.77 33.80
C PRO I 887 -72.87 18.87 33.68
N ARG I 888 -72.99 18.14 32.58
CA ARG I 888 -74.12 17.25 32.38
C ARG I 888 -73.70 15.94 31.74
N VAL I 889 -74.48 14.91 32.03
CA VAL I 889 -74.39 13.58 31.44
C VAL I 889 -75.33 13.45 30.25
N SER I 890 -74.81 13.00 29.12
CA SER I 890 -75.55 12.73 27.90
C SER I 890 -76.48 11.54 28.03
N GLN I 891 -77.41 11.43 27.07
CA GLN I 891 -78.39 10.35 27.11
C GLN I 891 -77.76 8.97 27.03
N GLY I 892 -76.66 8.82 26.28
CA GLY I 892 -76.01 7.52 26.16
C GLY I 892 -75.70 6.95 27.52
N THR I 893 -74.95 7.71 28.31
CA THR I 893 -74.60 7.26 29.66
C THR I 893 -75.81 7.10 30.56
N LEU I 894 -76.76 8.04 30.54
CA LEU I 894 -77.90 7.92 31.46
C LEU I 894 -78.65 6.61 31.23
N ASN I 895 -78.79 6.22 29.97
CA ASN I 895 -79.49 5.00 29.62
C ASN I 895 -78.66 3.75 29.89
N ASP I 896 -77.36 3.77 29.58
CA ASP I 896 -76.50 2.61 29.81
C ASP I 896 -76.44 2.26 31.29
N VAL I 897 -76.37 3.28 32.14
CA VAL I 897 -76.31 3.08 33.57
C VAL I 897 -77.58 2.43 34.07
N ALA I 898 -78.73 2.92 33.61
CA ALA I 898 -80.00 2.35 34.03
C ALA I 898 -80.12 0.89 33.65
N ALA I 899 -79.72 0.55 32.43
CA ALA I 899 -79.81 -0.84 31.96
C ALA I 899 -78.95 -1.76 32.80
N PHE I 900 -77.70 -1.34 33.04
CA PHE I 900 -76.72 -2.11 33.78
C PHE I 900 -77.22 -2.48 35.16
N VAL I 901 -77.66 -1.48 35.88
CA VAL I 901 -78.18 -1.67 37.20
C VAL I 901 -79.51 -2.42 37.30
N ASN I 902 -80.43 -2.19 36.38
CA ASN I 902 -81.74 -2.81 36.51
C ASN I 902 -81.65 -4.33 36.38
N GLU I 903 -80.71 -4.83 35.56
CA GLU I 903 -80.40 -6.26 35.50
C GLU I 903 -79.92 -6.89 36.79
N LEU I 904 -79.36 -6.12 37.70
CA LEU I 904 -78.78 -6.62 38.94
C LEU I 904 -79.61 -6.30 40.17
N ASN I 905 -80.77 -5.69 40.04
CA ASN I 905 -81.44 -5.23 41.26
C ASN I 905 -82.31 -6.29 41.91
N SER I 906 -83.41 -6.58 41.25
CA SER I 906 -84.45 -7.47 41.69
C SER I 906 -85.47 -7.49 40.59
N PHE I 907 -86.17 -8.60 40.49
CA PHE I 907 -87.27 -8.70 39.54
C PHE I 907 -88.25 -7.54 39.63
N HIS I 908 -88.49 -7.05 40.84
CA HIS I 908 -89.50 -6.04 41.10
C HIS I 908 -89.04 -4.59 41.05
N VAL I 909 -87.77 -4.26 40.79
CA VAL I 909 -87.36 -2.86 40.93
C VAL I 909 -86.59 -2.29 39.74
N GLN I 910 -87.05 -1.14 39.25
CA GLN I 910 -86.34 -0.37 38.25
C GLN I 910 -85.84 0.93 38.85
N ALA I 911 -84.61 1.31 38.52
CA ALA I 911 -84.05 2.57 38.99
C ALA I 911 -84.07 3.60 37.86
N LYS I 912 -84.11 4.87 38.27
CA LYS I 912 -84.02 5.97 37.31
C LYS I 912 -82.69 6.70 37.45
N VAL I 913 -82.16 7.14 36.32
CA VAL I 913 -80.86 7.78 36.27
C VAL I 913 -81.01 9.20 35.73
N ILE I 914 -80.59 10.20 36.51
CA ILE I 914 -80.78 11.60 36.16
C ILE I 914 -79.52 12.45 36.33
N ASN I 915 -79.58 13.67 35.76
CA ASN I 915 -78.61 14.71 36.02
C ASN I 915 -79.00 15.45 37.32
N PRO I 916 -78.00 15.96 38.05
CA PRO I 916 -78.21 16.65 39.35
C PRO I 916 -79.02 17.91 39.30
N ASN I 917 -79.09 18.58 38.15
CA ASN I 917 -79.79 19.86 37.99
C ASN I 917 -79.34 20.87 39.05
N TYR I 918 -78.05 21.17 38.99
CA TYR I 918 -77.34 21.94 40.00
C TYR I 918 -77.90 23.33 40.25
N GLU I 919 -77.82 23.74 41.52
CA GLU I 919 -78.19 25.05 42.04
C GLU I 919 -77.34 25.34 43.28
N GLU I 920 -76.87 26.60 43.43
CA GLU I 920 -75.96 26.88 44.53
C GLU I 920 -75.79 28.36 44.91
N VAL I 921 -75.39 28.56 46.17
CA VAL I 921 -75.07 29.82 46.84
C VAL I 921 -73.63 30.25 46.63
N LYS I 922 -73.33 31.53 46.88
CA LYS I 922 -71.96 31.99 46.69
C LYS I 922 -71.51 33.02 47.71
N VAL I 923 -70.20 33.02 47.93
CA VAL I 923 -69.51 33.80 48.95
C VAL I 923 -69.24 35.24 48.57
N ASP I 924 -69.12 36.03 49.64
CA ASP I 924 -68.69 37.42 49.68
C ASP I 924 -67.91 37.55 50.99
N VAL I 925 -66.97 38.50 51.05
CA VAL I 925 -66.20 38.55 52.29
C VAL I 925 -65.52 39.89 52.51
N LYS I 926 -65.12 40.08 53.76
CA LYS I 926 -64.29 41.19 54.17
C LYS I 926 -62.98 41.13 53.41
N VAL I 927 -62.46 42.30 53.09
CA VAL I 927 -61.23 42.36 52.32
C VAL I 927 -60.09 41.73 53.09
N LYS I 928 -59.20 41.08 52.35
CA LYS I 928 -58.01 40.51 52.94
C LYS I 928 -57.17 41.62 53.58
N PHE I 929 -56.62 41.31 54.75
CA PHE I 929 -55.75 42.22 55.48
C PHE I 929 -54.37 42.33 54.84
N ARG I 930 -54.08 41.42 53.92
CA ARG I 930 -52.81 41.43 53.24
C ARG I 930 -52.98 40.76 51.90
N GLU I 931 -52.07 41.11 51.01
CA GLU I 931 -52.02 40.56 49.68
C GLU I 931 -50.60 40.76 49.21
N GLY I 932 -50.15 39.93 48.27
CA GLY I 932 -48.80 40.10 47.72
C GLY I 932 -48.64 41.46 47.07
N LEU I 933 -49.66 41.89 46.35
CA LEU I 933 -49.71 43.18 45.68
C LEU I 933 -51.13 43.37 45.21
N ASP I 934 -51.49 44.63 44.93
CA ASP I 934 -52.82 44.91 44.42
C ASP I 934 -53.12 44.16 43.12
N VAL I 935 -52.12 43.90 42.29
CA VAL I 935 -52.32 43.14 41.07
C VAL I 935 -52.01 41.65 41.24
N SER I 936 -50.84 41.34 41.80
CA SER I 936 -50.36 39.96 41.95
C SER I 936 -51.29 39.10 42.77
N PHE I 937 -51.95 39.70 43.73
CA PHE I 937 -52.88 39.01 44.57
C PHE I 937 -54.14 39.82 44.63
N TYR I 938 -54.56 40.28 43.46
CA TYR I 938 -55.76 41.08 43.32
C TYR I 938 -56.94 40.32 43.85
N LEU I 939 -57.96 41.06 44.31
CA LEU I 939 -59.18 40.41 44.78
C LEU I 939 -59.76 39.50 43.70
N THR I 940 -59.58 39.88 42.44
CA THR I 940 -60.00 39.04 41.33
C THR I 940 -59.27 37.70 41.32
N LYS I 941 -57.98 37.69 41.69
CA LYS I 941 -57.23 36.44 41.73
C LYS I 941 -57.76 35.56 42.83
N VAL I 942 -58.08 36.18 43.96
CA VAL I 942 -58.67 35.45 45.07
C VAL I 942 -60.01 34.87 44.67
N LYS I 943 -60.79 35.64 43.91
CA LYS I 943 -62.07 35.17 43.42
C LYS I 943 -61.92 33.98 42.52
N GLU I 944 -60.91 34.01 41.65
CA GLU I 944 -60.64 32.90 40.74
C GLU I 944 -60.28 31.64 41.53
N ASP I 945 -59.45 31.80 42.56
CA ASP I 945 -59.07 30.67 43.39
C ASP I 945 -60.28 30.09 44.10
N ILE I 946 -61.15 30.96 44.60
CA ILE I 946 -62.34 30.51 45.29
C ILE I 946 -63.23 29.73 44.34
N LYS I 947 -63.36 30.22 43.11
CA LYS I 947 -64.16 29.53 42.11
C LYS I 947 -63.59 28.17 41.81
N LYS I 948 -62.27 28.05 41.69
CA LYS I 948 -61.67 26.76 41.41
C LYS I 948 -61.93 25.77 42.52
N PHE I 949 -61.83 26.22 43.78
CA PHE I 949 -62.04 25.33 44.92
C PHE I 949 -63.45 24.78 44.92
N LEU I 950 -64.42 25.61 44.57
CA LEU I 950 -65.80 25.16 44.51
C LEU I 950 -66.05 24.32 43.26
N SER I 951 -65.43 24.73 42.13
CA SER I 951 -65.61 24.06 40.85
C SER I 951 -65.21 22.62 40.93
N PRO I 952 -64.17 22.32 41.70
CA PRO I 952 -63.68 20.97 41.91
C PRO I 952 -64.72 20.03 42.51
N TRP I 953 -65.73 20.57 43.17
CA TRP I 953 -66.79 19.72 43.65
C TRP I 953 -67.82 19.49 42.56
N ALA I 954 -68.13 20.57 41.82
CA ALA I 954 -69.09 20.56 40.73
C ALA I 954 -68.61 19.72 39.57
N TYR I 955 -67.32 19.77 39.31
CA TYR I 955 -66.69 19.12 38.18
C TYR I 955 -65.29 18.76 38.61
N ASP I 956 -64.65 17.85 37.91
CA ASP I 956 -63.31 17.52 38.35
C ASP I 956 -62.34 18.69 38.22
N GLN I 957 -61.57 18.89 39.29
CA GLN I 957 -60.48 19.86 39.38
C GLN I 957 -59.77 19.53 40.68
N GLU I 958 -58.60 20.12 40.89
CA GLU I 958 -57.94 19.89 42.17
C GLU I 958 -58.49 20.83 43.24
N SER I 959 -58.57 20.33 44.48
CA SER I 959 -58.92 21.13 45.64
C SER I 959 -58.51 20.41 46.91
N SER I 960 -57.81 21.12 47.81
CA SER I 960 -57.38 20.54 49.07
C SER I 960 -58.56 20.25 50.00
N VAL I 961 -59.57 21.13 49.98
CA VAL I 961 -60.72 20.99 50.86
C VAL I 961 -61.51 19.74 50.54
N GLU I 962 -62.02 19.09 51.59
CA GLU I 962 -62.83 17.87 51.44
C GLU I 962 -64.09 18.10 50.62
N PHE I 963 -64.72 19.27 50.74
CA PHE I 963 -65.96 19.54 50.03
C PHE I 963 -66.23 21.03 49.93
N GLY I 964 -66.93 21.42 48.86
CA GLY I 964 -67.45 22.77 48.74
C GLY I 964 -68.56 23.00 49.77
N VAL I 965 -69.36 21.97 50.03
CA VAL I 965 -70.51 22.05 50.92
C VAL I 965 -70.03 21.95 52.36
N THR I 966 -69.46 23.05 52.83
CA THR I 966 -68.83 23.05 54.14
C THR I 966 -69.00 24.38 54.83
N LEU I 967 -68.69 24.36 56.11
CA LEU I 967 -68.73 25.52 56.98
C LEU I 967 -67.64 26.50 56.61
N HIS I 968 -67.83 27.75 57.04
CA HIS I 968 -66.87 28.82 56.79
C HIS I 968 -65.49 28.50 57.31
N ARG I 969 -65.41 27.63 58.32
CA ARG I 969 -64.13 27.23 58.87
C ARG I 969 -63.25 26.58 57.83
N SER I 970 -63.86 25.82 56.93
CA SER I 970 -63.10 25.16 55.88
C SER I 970 -62.63 26.18 54.88
N GLN I 971 -63.51 27.12 54.55
CA GLN I 971 -63.18 28.18 53.62
C GLN I 971 -62.06 29.03 54.15
N MET I 972 -62.11 29.32 55.46
CA MET I 972 -61.09 30.13 56.09
C MET I 972 -59.75 29.45 56.02
N ILE I 973 -59.72 28.14 56.28
CA ILE I 973 -58.46 27.40 56.21
C ILE I 973 -57.89 27.41 54.81
N HIS I 974 -58.76 27.27 53.80
CA HIS I 974 -58.32 27.25 52.42
C HIS I 974 -57.63 28.55 52.05
N TYR I 975 -58.17 29.66 52.52
CA TYR I 975 -57.61 30.97 52.26
C TYR I 975 -56.38 31.23 53.11
N LEU I 976 -56.41 30.81 54.38
CA LEU I 976 -55.29 31.04 55.30
C LEU I 976 -54.02 30.40 54.79
N GLU I 977 -54.17 29.27 54.11
CA GLU I 977 -53.07 28.54 53.52
C GLU I 977 -52.36 29.29 52.41
N GLN I 978 -52.99 30.32 51.83
CA GLN I 978 -52.40 31.08 50.73
C GLN I 978 -51.13 31.81 51.17
N LEU I 979 -50.18 31.89 50.24
CA LEU I 979 -48.93 32.60 50.48
C LEU I 979 -49.05 34.10 50.37
N THR I 980 -50.24 34.60 50.07
CA THR I 980 -50.50 36.00 49.84
C THR I 980 -51.73 36.45 50.61
N TYR I 981 -51.79 36.15 51.90
CA TYR I 981 -52.95 36.50 52.72
C TYR I 981 -52.54 36.60 54.18
N VAL I 982 -53.34 37.34 54.97
CA VAL I 982 -53.09 37.38 56.40
C VAL I 982 -54.32 37.22 57.28
N ASP I 983 -55.46 37.78 56.86
CA ASP I 983 -56.64 37.77 57.71
C ASP I 983 -57.84 38.29 56.93
N TYR I 984 -59.02 38.06 57.48
CA TYR I 984 -60.24 38.68 56.98
C TYR I 984 -61.26 38.70 58.12
N ILE I 985 -61.84 39.88 58.38
CA ILE I 985 -62.72 40.10 59.53
C ILE I 985 -64.02 39.29 59.49
N THR I 986 -64.60 39.07 58.31
CA THR I 986 -65.91 38.44 58.23
C THR I 986 -66.15 37.85 56.84
N ASP I 987 -67.08 36.89 56.77
CA ASP I 987 -67.47 36.30 55.50
C ASP I 987 -68.90 35.74 55.59
N LEU I 988 -69.54 35.60 54.42
CA LEU I 988 -70.89 35.04 54.32
C LEU I 988 -71.08 34.43 52.94
N ARG I 989 -72.06 33.52 52.80
CA ARG I 989 -72.32 32.91 51.49
C ARG I 989 -73.78 32.54 51.24
N LEU I 990 -74.70 33.49 51.37
CA LEU I 990 -76.10 33.16 51.17
C LEU I 990 -76.39 32.92 49.68
N LEU I 991 -77.50 32.21 49.43
CA LEU I 991 -77.96 32.00 48.07
C LEU I 991 -78.36 33.32 47.45
N LYS I 992 -78.20 33.39 46.14
CA LYS I 992 -78.39 34.62 45.40
C LYS I 992 -79.87 34.92 45.20
N ARG I 993 -80.49 35.48 46.25
CA ARG I 993 -81.88 35.93 46.19
C ARG I 993 -82.07 37.01 45.15
N GLN I 994 -80.96 37.68 44.84
CA GLN I 994 -80.91 38.79 43.92
C GLN I 994 -80.47 38.38 42.55
N ALA I 995 -80.57 37.10 42.24
CA ALA I 995 -80.23 36.65 40.90
C ALA I 995 -81.46 36.92 40.07
N GLY I 996 -81.35 37.95 39.23
CA GLY I 996 -82.44 38.36 38.34
C GLY I 996 -82.71 37.37 37.21
N SER I 997 -81.66 36.77 36.66
CA SER I 997 -81.78 35.91 35.48
C SER I 997 -82.65 34.69 35.70
N SER I 998 -82.50 34.06 36.83
CA SER I 998 -83.26 32.91 37.21
C SER I 998 -84.31 33.67 38.04
N PRO I 999 -85.59 33.38 37.85
CA PRO I 999 -86.63 34.24 38.45
C PRO I 999 -86.59 34.51 39.97
N CYS I 1000 -87.01 35.73 40.32
CA CYS I 1000 -86.96 36.29 41.68
C CYS I 1000 -87.84 35.54 42.66
N ASN I 1001 -87.60 35.74 43.95
CA ASN I 1001 -88.24 34.90 44.97
C ASN I 1001 -87.42 33.64 45.22
N PRO I 1002 -86.22 33.62 44.65
CA PRO I 1002 -85.34 32.49 44.84
C PRO I 1002 -84.93 32.38 46.31
N ILE I 1003 -84.84 31.14 46.77
CA ILE I 1003 -84.45 30.85 48.13
C ILE I 1003 -83.02 31.29 48.36
N PHE I 1004 -82.78 31.73 49.59
CA PHE I 1004 -81.51 32.24 50.03
C PHE I 1004 -80.97 31.32 51.10
N ILE I 1005 -79.68 31.38 51.34
CA ILE I 1005 -79.10 30.48 52.33
C ILE I 1005 -78.49 31.28 53.48
N GLU I 1006 -79.36 32.03 54.15
CA GLU I 1006 -78.95 32.95 55.20
C GLU I 1006 -78.98 32.35 56.59
N THR I 1007 -79.80 31.33 56.84
CA THR I 1007 -80.06 30.85 58.19
C THR I 1007 -78.97 29.92 58.76
N THR I 1008 -77.75 30.44 58.84
CA THR I 1008 -76.61 29.76 59.48
C THR I 1008 -76.35 28.33 59.01
N GLU I 1009 -76.49 28.07 57.71
CA GLU I 1009 -76.22 26.72 57.21
C GLU I 1009 -74.77 26.60 56.77
N LYS I 1010 -74.19 25.42 56.98
CA LYS I 1010 -72.84 25.16 56.45
C LYS I 1010 -72.90 24.80 54.98
N GLU I 1011 -73.39 25.76 54.18
CA GLU I 1011 -73.58 25.63 52.74
C GLU I 1011 -74.38 24.39 52.34
N TYR I 1012 -75.42 24.06 53.11
CA TYR I 1012 -76.21 22.87 52.81
C TYR I 1012 -76.87 22.99 51.45
N ILE I 1013 -76.96 21.87 50.74
CA ILE I 1013 -77.66 21.87 49.47
C ILE I 1013 -79.12 22.22 49.68
N GLN I 1014 -79.67 22.97 48.72
CA GLN I 1014 -81.06 23.41 48.75
C GLN I 1014 -82.05 22.25 48.76
N PRO I 1015 -81.64 21.09 48.24
CA PRO I 1015 -82.53 19.96 48.08
C PRO I 1015 -81.75 18.67 47.97
N SER I 1016 -82.46 17.56 48.17
CA SER I 1016 -81.90 16.22 48.00
C SER I 1016 -81.40 15.99 46.57
N ASN I 1017 -82.07 16.61 45.60
CA ASN I 1017 -81.76 16.52 44.19
C ASN I 1017 -82.17 17.86 43.64
N PRO I 1018 -81.64 18.25 42.46
CA PRO I 1018 -81.88 19.58 41.87
C PRO I 1018 -81.21 20.63 42.73
N LYS I 1019 -80.02 20.28 43.20
CA LYS I 1019 -79.19 21.15 44.00
C LYS I 1019 -77.76 20.62 43.96
N SER I 1020 -76.80 21.52 44.17
CA SER I 1020 -75.42 21.08 44.25
C SER I 1020 -74.58 21.76 45.32
N ILE I 1021 -74.91 22.99 45.73
CA ILE I 1021 -74.08 23.75 46.66
C ILE I 1021 -72.63 23.83 46.18
N LEU I 1022 -72.43 24.06 44.89
CA LEU I 1022 -71.12 24.16 44.29
C LEU I 1022 -71.07 25.28 43.25
N VAL I 1023 -71.45 26.50 43.64
CA VAL I 1023 -71.41 27.65 42.75
C VAL I 1023 -69.98 28.02 42.49
N SER I 1024 -69.70 28.53 41.30
CA SER I 1024 -68.32 28.91 40.99
C SER I 1024 -68.30 29.86 39.81
N ARG J 14 -15.58 70.56 59.80
CA ARG J 14 -14.82 69.40 59.38
C ARG J 14 -15.57 68.70 58.25
N ASP J 15 -14.85 67.96 57.41
CA ASP J 15 -15.45 67.32 56.23
C ASP J 15 -15.74 65.82 56.39
N GLY J 16 -15.71 65.32 57.62
CA GLY J 16 -15.99 63.91 57.87
C GLY J 16 -14.92 63.02 57.26
N THR J 17 -15.35 62.07 56.46
CA THR J 17 -14.46 61.13 55.79
C THR J 17 -15.04 60.62 54.50
N GLY J 18 -14.29 59.71 53.87
CA GLY J 18 -14.71 59.19 52.60
C GLY J 18 -13.79 58.10 52.11
N ARG J 19 -14.10 57.59 50.92
CA ARG J 19 -13.44 56.39 50.39
C ARG J 19 -11.93 56.52 50.21
N ARG J 20 -11.44 57.67 49.77
CA ARG J 20 -10.00 57.83 49.54
C ARG J 20 -9.19 57.97 50.83
N ASP J 21 -9.85 58.11 51.96
CA ASP J 21 -9.18 58.41 53.21
C ASP J 21 -9.12 57.15 54.08
N LEU J 22 -9.50 56.00 53.53
CA LEU J 22 -9.66 54.78 54.34
C LEU J 22 -8.44 53.87 54.37
N LEU J 23 -7.28 54.29 53.87
CA LEU J 23 -6.11 53.43 53.86
C LEU J 23 -5.23 53.68 55.08
N ASP J 24 -5.00 52.63 55.87
CA ASP J 24 -4.15 52.71 57.05
C ASP J 24 -2.72 52.36 56.60
N PRO J 25 -1.80 53.33 56.61
CA PRO J 25 -0.43 53.12 56.13
C PRO J 25 0.40 52.16 56.96
N LYS J 26 -0.02 51.84 58.17
CA LYS J 26 0.77 50.97 59.01
C LYS J 26 0.00 49.74 59.46
N LEU J 27 -0.87 49.23 58.61
CA LEU J 27 -1.53 47.98 58.92
C LEU J 27 -0.96 46.83 58.11
N ALA J 28 -0.59 47.12 56.86
CA ALA J 28 -0.02 46.10 56.00
C ALA J 28 1.24 45.53 56.62
N PRO J 29 1.35 44.20 56.75
CA PRO J 29 2.52 43.53 57.34
C PRO J 29 3.86 43.98 56.82
N GLU J 30 3.93 44.36 55.55
CA GLU J 30 5.20 44.75 54.96
C GLU J 30 5.90 45.87 55.70
N SER J 31 5.13 46.77 56.34
CA SER J 31 5.74 47.90 57.00
C SER J 31 6.82 47.50 57.99
N VAL J 32 6.85 46.22 58.38
CA VAL J 32 7.80 45.72 59.35
C VAL J 32 8.76 44.75 58.69
N GLN J 33 10.03 45.06 58.73
CA GLN J 33 11.06 44.20 58.21
C GLN J 33 11.84 43.69 59.41
N LEU J 34 11.57 42.44 59.80
CA LEU J 34 12.16 41.88 61.00
C LEU J 34 13.68 41.84 60.92
N GLN J 35 14.21 41.59 59.74
CA GLN J 35 15.65 41.55 59.51
C GLN J 35 15.99 42.54 58.41
N ASP J 36 16.86 43.52 58.64
CA ASP J 36 17.21 44.48 57.58
C ASP J 36 18.72 44.60 57.24
N PHE J 37 19.57 43.66 57.60
CA PHE J 37 20.98 43.86 57.28
C PHE J 37 21.27 43.66 55.79
N GLU J 38 22.21 44.46 55.28
CA GLU J 38 22.74 44.34 53.93
C GLU J 38 24.13 43.74 53.97
N LEU J 39 24.73 43.50 52.79
CA LEU J 39 26.07 42.93 52.75
C LEU J 39 27.04 43.81 53.51
N SER J 40 26.83 45.11 53.43
CA SER J 40 27.74 46.07 54.01
C SER J 40 27.64 46.06 55.54
N ASP J 41 26.53 45.56 56.11
CA ASP J 41 26.41 45.54 57.56
C ASP J 41 27.07 44.31 58.11
N TRP J 42 27.02 43.22 57.36
CA TRP J 42 27.72 42.05 57.81
C TRP J 42 29.22 42.23 57.68
N LEU J 43 29.66 43.04 56.71
CA LEU J 43 31.07 43.34 56.62
C LEU J 43 31.54 44.20 57.80
N ILE J 44 30.71 45.16 58.26
CA ILE J 44 31.08 45.94 59.45
C ILE J 44 31.18 45.03 60.66
N PHE J 45 30.24 44.11 60.78
CA PHE J 45 30.25 43.12 61.84
C PHE J 45 31.59 42.38 61.88
N ALA J 46 32.04 41.91 60.71
CA ALA J 46 33.32 41.21 60.59
C ALA J 46 34.52 42.07 60.98
N LEU J 47 34.50 43.36 60.61
CA LEU J 47 35.63 44.24 60.95
C LEU J 47 35.82 44.35 62.45
N ASN J 48 34.72 44.35 63.20
CA ASN J 48 34.79 44.45 64.66
C ASN J 48 35.19 43.11 65.25
N PHE J 49 34.54 42.04 64.77
CA PHE J 49 34.74 40.69 65.28
C PHE J 49 36.19 40.26 65.18
N ALA J 50 36.85 40.65 64.09
CA ALA J 50 38.26 40.31 63.84
C ALA J 50 39.20 40.76 64.96
N ARG J 51 38.81 41.77 65.72
CA ARG J 51 39.64 42.30 66.80
C ARG J 51 39.36 41.65 68.15
N LYS J 52 38.39 40.75 68.22
CA LYS J 52 38.07 40.05 69.45
C LYS J 52 38.56 38.61 69.48
N ILE J 53 39.25 38.18 68.42
CA ILE J 53 39.70 36.80 68.23
C ILE J 53 41.22 36.79 68.13
N HIS J 54 41.88 35.90 68.88
CA HIS J 54 43.33 35.74 68.86
C HIS J 54 43.79 35.16 67.52
N PHE J 55 45.04 35.36 67.15
CA PHE J 55 45.60 34.76 65.94
C PHE J 55 46.82 33.99 66.36
N PHE J 56 46.98 32.78 65.86
CA PHE J 56 48.11 31.91 66.25
C PHE J 56 49.10 31.67 65.12
N PRO J 57 50.29 32.27 65.19
CA PRO J 57 51.35 32.09 64.18
C PRO J 57 51.81 30.65 64.08
N SER J 58 52.22 30.24 62.87
CA SER J 58 52.58 28.86 62.63
C SER J 58 53.92 28.48 63.27
N ASP J 59 54.72 29.45 63.72
CA ASP J 59 56.01 29.15 64.32
C ASP J 59 56.00 29.17 65.85
N LEU J 60 54.84 29.28 66.49
CA LEU J 60 54.79 29.26 67.93
C LEU J 60 54.01 28.04 68.38
N ALA J 61 54.33 27.53 69.57
CA ALA J 61 53.64 26.35 70.09
C ALA J 61 52.29 26.71 70.67
N ASN J 62 51.37 27.06 69.78
CA ASN J 62 50.05 27.46 70.18
C ASN J 62 50.07 28.67 71.11
N GLU J 63 50.91 29.66 70.83
CA GLU J 63 50.90 30.85 71.62
C GLU J 63 50.23 31.92 70.76
N PRO J 64 49.39 32.77 71.31
CA PRO J 64 48.72 33.82 70.53
C PRO J 64 49.67 34.98 70.26
N LEU J 65 49.47 35.66 69.13
CA LEU J 65 50.23 36.88 68.83
C LEU J 65 49.43 37.79 67.91
N GLY J 66 48.60 38.64 68.48
CA GLY J 66 47.79 39.54 67.65
C GLY J 66 46.43 38.95 67.33
N ASP J 67 45.82 39.47 66.26
CA ASP J 67 44.42 39.17 65.92
C ASP J 67 44.29 38.97 64.41
N TRP J 68 43.06 39.09 63.91
CA TRP J 68 42.73 38.85 62.51
C TRP J 68 42.49 40.14 61.74
N ARG J 69 42.92 41.26 62.31
CA ARG J 69 42.70 42.59 61.76
C ARG J 69 43.12 42.74 60.30
N ASN J 70 44.25 42.13 59.93
CA ASN J 70 44.82 42.32 58.61
C ASN J 70 44.12 41.55 57.52
N PHE J 71 43.12 40.76 57.86
CA PHE J 71 42.45 39.98 56.84
C PHE J 71 41.26 40.70 56.23
N PHE J 72 40.83 41.82 56.81
CA PHE J 72 39.71 42.58 56.28
C PHE J 72 40.09 44.02 55.96
N SER J 73 41.39 44.30 55.94
CA SER J 73 41.89 45.65 55.81
C SER J 73 41.77 46.13 54.36
N THR J 74 41.53 45.24 53.42
CA THR J 74 41.40 45.59 52.01
C THR J 74 40.01 45.98 51.59
N ILE J 75 39.06 45.98 52.52
CA ILE J 75 37.71 46.39 52.21
C ILE J 75 37.58 47.90 52.26
N VAL J 76 38.15 48.50 53.31
CA VAL J 76 38.03 49.93 53.56
C VAL J 76 39.18 50.69 52.90
N SER J 77 38.82 51.60 51.98
CA SER J 77 39.75 52.35 51.16
C SER J 77 40.34 53.54 51.93
N ASP J 78 39.75 53.91 53.07
CA ASP J 78 40.28 55.00 53.88
C ASP J 78 40.34 54.51 55.32
N LYS J 79 41.57 54.23 55.72
CA LYS J 79 41.87 53.59 56.98
C LYS J 79 41.52 54.46 58.17
N THR J 80 41.32 55.76 57.92
CA THR J 80 40.93 56.68 58.99
C THR J 80 39.68 56.21 59.69
N LEU J 81 38.73 55.70 58.92
CA LEU J 81 37.42 55.37 59.41
C LEU J 81 37.37 54.14 60.28
N ILE J 82 38.44 53.36 60.36
CA ILE J 82 38.40 52.16 61.16
C ILE J 82 39.50 52.13 62.20
N SER J 83 40.16 53.27 62.44
CA SER J 83 41.27 53.31 63.40
C SER J 83 40.84 52.92 64.81
N ASP J 84 39.57 53.13 65.12
CA ASP J 84 38.99 52.82 66.40
C ASP J 84 37.59 52.24 66.21
N ILE J 85 37.41 51.39 65.18
CA ILE J 85 36.08 50.93 64.75
C ILE J 85 35.21 50.40 65.89
N GLU J 86 35.82 49.81 66.93
CA GLU J 86 35.02 49.16 67.97
C GLU J 86 34.32 50.21 68.85
N ASN J 87 34.65 51.50 68.69
CA ASN J 87 34.05 52.57 69.46
C ASN J 87 33.14 53.49 68.64
N LEU J 88 32.74 53.10 67.44
CA LEU J 88 31.90 53.97 66.63
C LEU J 88 30.43 53.87 66.97
N ASP J 89 29.73 54.98 66.75
CA ASP J 89 28.29 55.09 66.90
C ASP J 89 27.64 55.67 65.64
N ASP J 90 28.44 55.82 64.59
CA ASP J 90 28.02 56.40 63.32
C ASP J 90 28.76 55.67 62.23
N PHE J 91 28.01 54.91 61.45
CA PHE J 91 28.59 54.08 60.42
C PHE J 91 28.30 54.59 59.01
N GLU J 92 27.88 55.83 58.83
CA GLU J 92 27.45 56.27 57.51
C GLU J 92 28.66 56.39 56.57
N LYS J 93 29.78 56.90 57.08
CA LYS J 93 30.96 57.06 56.23
C LYS J 93 31.56 55.71 55.90
N LEU J 94 31.57 54.83 56.89
CA LEU J 94 32.14 53.51 56.73
C LEU J 94 31.33 52.70 55.76
N ARG J 95 30.00 52.73 55.92
CA ARG J 95 29.12 51.99 55.03
C ARG J 95 29.27 52.45 53.60
N GLY J 96 29.47 53.76 53.40
CA GLY J 96 29.71 54.31 52.08
C GLY J 96 30.92 53.71 51.39
N ASN J 97 32.07 53.68 52.07
CA ASN J 97 33.27 53.10 51.45
C ASN J 97 33.11 51.62 51.18
N ILE J 98 32.40 50.91 52.05
CA ILE J 98 32.21 49.48 51.82
C ILE J 98 31.39 49.25 50.57
N GLU J 99 30.39 50.08 50.33
CA GLU J 99 29.56 49.90 49.15
C GLU J 99 30.38 50.13 47.88
N GLU J 100 31.29 51.13 47.89
CA GLU J 100 32.20 51.30 46.75
C GLU J 100 33.05 50.08 46.47
N PHE J 101 33.59 49.47 47.52
CA PHE J 101 34.37 48.25 47.38
C PHE J 101 33.57 47.17 46.70
N LEU J 102 32.36 46.93 47.20
CA LEU J 102 31.54 45.87 46.65
C LEU J 102 31.24 46.10 45.19
N ALA J 103 30.97 47.35 44.81
CA ALA J 103 30.71 47.62 43.40
C ALA J 103 31.94 47.37 42.56
N ALA J 104 33.11 47.82 43.04
CA ALA J 104 34.36 47.76 42.28
C ALA J 104 34.76 46.33 41.94
N TYR J 105 34.51 45.40 42.84
CA TYR J 105 34.92 44.03 42.61
C TYR J 105 33.81 43.15 42.11
N ASP J 106 32.63 43.71 41.83
CA ASP J 106 31.56 42.85 41.39
C ASP J 106 31.85 42.40 39.98
N GLN J 107 32.02 41.09 39.84
CA GLN J 107 32.34 40.44 38.59
C GLN J 107 33.69 40.88 38.02
N SER J 108 34.65 41.20 38.88
CA SER J 108 35.98 41.56 38.39
C SER J 108 36.90 40.36 38.27
N GLY J 109 36.67 39.33 39.07
CA GLY J 109 37.56 38.20 39.13
C GLY J 109 38.81 38.43 39.93
N LYS J 110 38.87 39.49 40.74
CA LYS J 110 40.09 39.89 41.41
C LYS J 110 40.17 39.76 42.95
N LEU J 111 39.24 39.11 43.65
CA LEU J 111 39.41 39.02 45.10
C LEU J 111 40.24 37.83 45.57
N THR J 112 40.93 38.04 46.69
CA THR J 112 41.64 36.97 47.35
C THR J 112 40.62 35.96 47.82
N PRO J 113 40.94 34.66 47.71
CA PRO J 113 40.03 33.56 48.07
C PRO J 113 39.37 33.58 49.44
N HIS J 114 40.00 34.10 50.49
CA HIS J 114 39.27 34.06 51.76
C HIS J 114 38.09 35.04 51.76
N LEU J 115 38.18 36.12 50.99
CA LEU J 115 37.07 37.04 50.93
C LEU J 115 36.06 36.54 49.94
N THR J 116 36.53 35.85 48.91
CA THR J 116 35.61 35.31 47.92
C THR J 116 34.59 34.40 48.58
N LEU J 117 35.03 33.51 49.49
CA LEU J 117 34.05 32.67 50.18
C LEU J 117 33.14 33.47 51.08
N PHE J 118 33.69 34.39 51.86
CA PHE J 118 32.88 35.12 52.81
C PHE J 118 31.77 35.88 52.12
N VAL J 119 32.09 36.56 51.02
CA VAL J 119 31.09 37.35 50.33
C VAL J 119 30.07 36.45 49.64
N SER J 120 30.50 35.34 49.01
CA SER J 120 29.54 34.44 48.37
C SER J 120 28.53 33.90 49.38
N PHE J 121 29.02 33.58 50.57
CA PHE J 121 28.15 33.14 51.65
C PHE J 121 27.12 34.19 51.99
N LEU J 122 27.56 35.44 52.14
CA LEU J 122 26.62 36.50 52.49
C LEU J 122 25.58 36.68 51.39
N LYS J 123 25.95 36.51 50.13
CA LYS J 123 24.95 36.60 49.06
C LYS J 123 23.95 35.45 49.13
N LEU J 124 24.40 34.24 49.44
CA LEU J 124 23.45 33.12 49.53
C LEU J 124 22.39 33.35 50.60
N LEU J 125 22.77 34.00 51.70
CA LEU J 125 21.86 34.28 52.80
C LEU J 125 20.71 35.20 52.45
N GLU J 126 20.76 35.89 51.31
CA GLU J 126 19.65 36.77 50.97
C GLU J 126 18.33 36.03 50.82
N THR J 127 18.38 34.73 50.47
CA THR J 127 17.14 33.98 50.34
C THR J 127 16.54 33.65 51.70
N SER J 128 17.35 33.71 52.75
CA SER J 128 16.85 33.44 54.08
C SER J 128 16.14 34.66 54.60
N LYS J 129 16.65 35.82 54.25
CA LYS J 129 16.04 37.06 54.64
C LYS J 129 14.64 37.15 54.03
N LYS J 130 14.50 36.73 52.79
CA LYS J 130 13.21 36.78 52.11
C LYS J 130 12.17 35.94 52.82
N ARG J 131 12.54 34.72 53.22
CA ARG J 131 11.61 33.84 53.93
C ARG J 131 11.32 34.33 55.35
N PHE J 132 12.34 34.74 56.05
CA PHE J 132 12.22 35.17 57.43
C PHE J 132 11.33 36.37 57.59
N ASN J 133 11.40 37.33 56.70
CA ASN J 133 10.57 38.52 56.82
C ASN J 133 9.11 38.32 56.45
N GLN J 134 8.68 37.11 56.09
CA GLN J 134 7.27 36.88 55.84
C GLN J 134 6.53 36.43 57.07
N LEU J 135 7.23 36.32 58.19
CA LEU J 135 6.63 35.89 59.44
C LEU J 135 5.57 36.85 59.97
N THR J 136 5.74 38.16 59.73
CA THR J 136 4.75 39.11 60.23
C THR J 136 3.41 38.93 59.57
N LYS J 137 3.40 38.55 58.30
CA LYS J 137 2.13 38.33 57.62
C LYS J 137 1.50 37.05 58.10
N ARG J 138 2.30 36.00 58.24
CA ARG J 138 1.77 34.72 58.70
C ARG J 138 1.15 34.84 60.07
N HIS J 139 1.78 35.62 60.93
CA HIS J 139 1.28 35.87 62.28
C HIS J 139 -0.07 36.56 62.24
N LEU J 140 -0.18 37.63 61.45
CA LEU J 140 -1.46 38.36 61.36
C LEU J 140 -2.57 37.48 60.83
N ASP J 141 -2.30 36.73 59.79
CA ASP J 141 -3.29 35.87 59.17
C ASP J 141 -3.79 34.82 60.12
N PHE J 142 -2.88 34.26 60.88
CA PHE J 142 -3.24 33.26 61.87
C PHE J 142 -4.22 33.81 62.88
N TYR J 143 -3.91 34.97 63.43
CA TYR J 143 -4.79 35.54 64.43
C TYR J 143 -6.18 35.84 63.88
N TYR J 144 -6.29 36.48 62.73
CA TYR J 144 -7.63 36.80 62.25
C TYR J 144 -8.40 35.56 61.77
N GLN J 145 -7.72 34.59 61.14
CA GLN J 145 -8.46 33.47 60.57
C GLN J 145 -8.58 32.24 61.45
N GLU J 146 -7.60 31.94 62.29
CA GLU J 146 -7.69 30.71 63.08
C GLU J 146 -8.05 30.97 64.52
N ILE J 147 -7.69 32.13 65.06
CA ILE J 147 -8.09 32.43 66.43
C ILE J 147 -9.45 33.09 66.45
N LEU J 148 -9.67 34.10 65.63
CA LEU J 148 -10.95 34.78 65.64
C LEU J 148 -11.97 34.16 64.70
N HIS J 149 -11.55 33.22 63.85
CA HIS J 149 -12.44 32.53 62.90
C HIS J 149 -13.17 33.45 61.93
N LEU J 150 -12.51 34.46 61.39
CA LEU J 150 -13.17 35.37 60.48
C LEU J 150 -12.75 35.12 59.03
N GLU J 151 -13.73 35.03 58.13
CA GLU J 151 -13.44 34.75 56.72
C GLU J 151 -13.73 35.96 55.84
N LYS J 152 -13.40 35.82 54.54
CA LYS J 152 -13.61 36.84 53.53
C LYS J 152 -15.00 36.73 52.92
N GLN J 153 -15.50 37.85 52.40
CA GLN J 153 -16.80 37.86 51.75
C GLN J 153 -16.72 37.54 50.27
N ALA J 154 -17.78 36.89 49.78
CA ALA J 154 -17.95 36.43 48.41
C ALA J 154 -18.55 37.49 47.48
N LEU J 155 -18.50 37.15 46.19
CA LEU J 155 -18.95 37.93 45.03
C LEU J 155 -20.48 38.03 44.88
N SER J 156 -20.95 39.19 44.39
CA SER J 156 -22.34 39.43 43.98
C SER J 156 -22.45 39.77 42.49
N PRO J 157 -23.34 39.12 41.75
CA PRO J 157 -23.52 39.36 40.30
C PRO J 157 -24.26 40.66 40.02
N ASP J 158 -24.01 41.26 38.85
CA ASP J 158 -24.69 42.49 38.44
C ASP J 158 -25.94 42.26 37.57
N HIS J 159 -26.77 43.32 37.47
CA HIS J 159 -28.03 43.34 36.74
C HIS J 159 -28.05 44.36 35.58
N VAL J 160 -28.68 43.98 34.45
CA VAL J 160 -28.86 44.86 33.29
C VAL J 160 -30.26 44.79 32.72
N PHE J 161 -30.63 45.83 31.96
CA PHE J 161 -31.83 45.80 31.13
C PHE J 161 -31.46 45.87 29.66
N LEU J 162 -32.16 45.08 28.86
CA LEU J 162 -31.96 45.03 27.43
C LEU J 162 -33.23 45.38 26.70
N ILE J 163 -33.11 46.05 25.55
CA ILE J 163 -34.27 46.37 24.74
C ILE J 163 -34.26 45.52 23.48
N PHE J 164 -35.36 44.83 23.19
CA PHE J 164 -35.41 43.91 22.06
C PHE J 164 -36.28 44.40 20.89
N GLU J 165 -35.79 44.18 19.67
CA GLU J 165 -36.52 44.45 18.43
C GLU J 165 -36.69 43.17 17.62
N LEU J 166 -37.94 42.83 17.28
CA LEU J 166 -38.24 41.57 16.57
C LEU J 166 -38.02 41.67 15.07
N ALA J 167 -37.87 40.49 14.46
CA ALA J 167 -37.69 40.35 13.03
C ALA J 167 -38.89 40.87 12.26
N LYS J 168 -38.61 41.41 11.08
CA LYS J 168 -39.63 41.98 10.20
C LYS J 168 -40.80 41.03 9.91
N ASN J 169 -40.51 39.75 9.77
CA ASN J 169 -41.52 38.80 9.32
C ASN J 169 -42.23 38.03 10.44
N VAL J 170 -42.13 38.45 11.69
CA VAL J 170 -42.84 37.76 12.76
C VAL J 170 -43.72 38.79 13.45
N SER J 171 -44.71 38.32 14.20
CA SER J 171 -45.56 39.27 14.92
C SER J 171 -45.43 39.21 16.42
N GLN J 172 -45.12 38.02 16.93
CA GLN J 172 -44.99 37.78 18.36
C GLN J 172 -44.05 36.63 18.59
N GLU J 173 -43.45 36.57 19.78
CA GLU J 173 -42.54 35.52 20.16
C GLU J 173 -42.47 35.39 21.67
N LYS J 174 -42.00 34.23 22.15
CA LYS J 174 -41.91 34.01 23.59
C LYS J 174 -40.44 33.81 23.95
N LEU J 175 -39.96 34.56 24.93
CA LEU J 175 -38.57 34.48 25.36
C LEU J 175 -38.50 33.80 26.74
N ASP J 176 -37.99 32.57 26.73
CA ASP J 176 -37.85 31.73 27.89
C ASP J 176 -36.77 32.11 28.88
N GLU J 177 -36.99 31.74 30.14
CA GLU J 177 -36.02 31.97 31.20
C GLU J 177 -34.75 31.19 30.98
N GLY J 178 -33.64 31.81 31.32
CA GLY J 178 -32.36 31.19 31.20
C GLY J 178 -31.64 31.39 29.90
N THR J 179 -32.21 32.14 28.98
CA THR J 179 -31.56 32.34 27.70
C THR J 179 -30.25 33.04 27.92
N GLU J 180 -29.20 32.59 27.26
CA GLU J 180 -27.88 33.17 27.39
C GLU J 180 -27.64 34.39 26.53
N VAL J 181 -26.89 35.35 27.05
CA VAL J 181 -26.58 36.58 26.36
C VAL J 181 -25.07 36.69 26.29
N ASP J 182 -24.51 37.41 25.32
CA ASP J 182 -23.05 37.46 25.28
C ASP J 182 -22.42 38.84 25.30
N GLY J 183 -21.45 39.07 26.19
CA GLY J 183 -20.78 40.36 26.17
C GLY J 183 -19.40 40.65 26.73
N GLY J 184 -18.27 40.72 25.98
CA GLY J 184 -17.13 41.14 26.75
C GLY J 184 -16.34 39.93 27.22
N LYS J 185 -15.05 40.14 27.39
CA LYS J 185 -14.16 39.12 27.90
C LYS J 185 -13.27 39.64 29.01
N ASP J 186 -12.81 38.73 29.90
CA ASP J 186 -11.98 39.18 30.99
C ASP J 186 -10.52 39.12 30.46
N ASP J 187 -9.54 39.25 31.37
CA ASP J 187 -8.12 39.25 31.00
C ASP J 187 -7.58 37.88 30.66
N THR J 188 -8.34 36.82 30.90
CA THR J 188 -8.03 35.46 30.52
C THR J 188 -8.59 35.11 29.15
N GLY J 189 -9.40 36.00 28.62
CA GLY J 189 -10.07 35.76 27.37
C GLY J 189 -11.35 34.98 27.53
N LYS J 190 -11.86 34.82 28.74
CA LYS J 190 -13.10 34.08 28.91
C LYS J 190 -14.25 35.04 28.74
N LYS J 191 -15.36 34.53 28.20
CA LYS J 191 -16.50 35.37 27.91
C LYS J 191 -17.45 35.52 29.10
N ASN J 192 -18.07 36.69 29.21
CA ASN J 192 -19.06 36.90 30.23
C ASN J 192 -20.39 36.38 29.73
N THR J 193 -21.21 35.83 30.61
CA THR J 193 -22.50 35.31 30.22
C THR J 193 -23.56 35.84 31.15
N TYR J 194 -24.72 36.24 30.63
CA TYR J 194 -25.81 36.74 31.46
C TYR J 194 -27.06 35.92 31.20
N LEU J 195 -27.96 35.77 32.15
CA LEU J 195 -29.14 34.97 31.92
C LEU J 195 -30.42 35.77 32.09
N THR J 196 -31.37 35.53 31.19
CA THR J 196 -32.68 36.13 31.29
C THR J 196 -33.39 35.65 32.56
N SER J 197 -33.94 36.60 33.32
CA SER J 197 -34.54 36.26 34.62
C SER J 197 -35.99 35.80 34.55
N PHE J 198 -36.80 36.28 33.60
CA PHE J 198 -38.20 35.92 33.58
C PHE J 198 -38.66 35.60 32.17
N GLU J 199 -39.61 34.68 32.05
CA GLU J 199 -40.27 34.47 30.77
C GLU J 199 -40.99 35.74 30.34
N THR J 200 -40.83 36.15 29.08
CA THR J 200 -41.60 37.31 28.70
C THR J 200 -42.10 37.16 27.27
N VAL J 201 -42.88 38.14 26.83
CA VAL J 201 -43.47 38.12 25.50
C VAL J 201 -43.07 39.37 24.76
N LEU J 202 -42.51 39.19 23.59
CA LEU J 202 -42.08 40.31 22.77
C LEU J 202 -43.03 40.46 21.59
N ASN J 203 -43.26 41.71 21.20
CA ASN J 203 -44.10 42.01 20.04
C ASN J 203 -43.63 43.32 19.43
N LYS J 204 -44.33 43.81 18.42
CA LYS J 204 -43.87 45.04 17.75
C LYS J 204 -44.59 46.28 18.26
N THR J 205 -44.51 46.59 19.54
CA THR J 205 -45.16 47.78 20.06
C THR J 205 -44.10 48.79 20.43
N LYS J 206 -44.24 50.03 19.97
CA LYS J 206 -43.22 51.05 20.18
C LYS J 206 -43.80 52.33 20.76
N VAL J 207 -43.03 53.03 21.58
CA VAL J 207 -43.48 54.34 22.08
C VAL J 207 -43.27 55.38 21.00
N GLY J 208 -44.35 56.04 20.60
CA GLY J 208 -44.28 57.02 19.53
C GLY J 208 -44.23 58.47 19.97
N GLN J 209 -45.10 58.88 20.90
CA GLN J 209 -45.17 60.29 21.26
C GLN J 209 -45.38 60.54 22.76
N LEU J 210 -44.80 61.64 23.25
CA LEU J 210 -44.90 62.05 24.65
C LEU J 210 -45.33 63.51 24.77
N LYS J 211 -46.47 63.77 25.43
CA LYS J 211 -47.02 65.13 25.58
C LYS J 211 -47.44 65.42 27.02
N SER J 212 -47.43 66.69 27.43
CA SER J 212 -47.87 66.97 28.81
C SER J 212 -48.53 68.33 29.04
N LEU J 213 -49.36 68.37 30.10
CA LEU J 213 -50.09 69.55 30.56
C LEU J 213 -49.97 69.78 32.06
N TYR J 214 -50.08 71.04 32.49
CA TYR J 214 -50.26 71.31 33.93
C TYR J 214 -51.05 72.59 34.17
N ASN J 215 -52.09 72.48 35.00
CA ASN J 215 -52.94 73.63 35.39
C ASN J 215 -52.76 73.90 36.89
N GLU J 216 -52.12 75.01 37.20
CA GLU J 216 -51.78 75.39 38.57
C GLU J 216 -52.69 76.52 39.04
N ILE J 217 -53.40 76.35 40.15
CA ILE J 217 -54.34 77.38 40.59
C ILE J 217 -53.92 77.95 41.94
N SER J 218 -53.83 79.28 42.01
CA SER J 218 -53.49 79.99 43.23
C SER J 218 -54.69 80.59 43.93
N VAL J 219 -55.68 81.07 43.17
CA VAL J 219 -56.80 81.80 43.73
C VAL J 219 -58.11 81.09 43.45
N GLU J 220 -58.87 80.85 44.53
CA GLU J 220 -60.20 80.27 44.46
C GLU J 220 -61.12 81.10 43.59
N LYS J 221 -61.84 80.44 42.67
CA LYS J 221 -62.72 81.08 41.68
C LYS J 221 -63.71 82.07 42.28
N GLU J 222 -64.15 81.83 43.51
CA GLU J 222 -65.14 82.68 44.13
C GLU J 222 -64.60 84.09 44.38
N GLU J 223 -63.28 84.28 44.38
CA GLU J 223 -62.71 85.60 44.57
C GLU J 223 -62.51 86.38 43.29
N ILE J 224 -62.90 85.83 42.13
CA ILE J 224 -62.78 86.60 40.90
C ILE J 224 -64.00 87.50 40.79
N LYS J 225 -63.79 88.79 40.94
CA LYS J 225 -64.88 89.75 40.91
C LYS J 225 -64.92 90.51 39.60
N GLU J 226 -63.78 90.64 38.96
CA GLU J 226 -63.61 91.34 37.69
C GLU J 226 -62.55 90.61 36.92
N LEU J 227 -62.49 90.78 35.60
CA LEU J 227 -61.44 90.08 34.85
C LEU J 227 -60.05 90.55 35.20
N ASN J 228 -59.86 91.85 35.38
CA ASN J 228 -58.54 92.38 35.64
C ASN J 228 -58.22 92.34 37.13
N THR J 229 -58.03 91.13 37.64
CA THR J 229 -57.71 90.97 39.04
C THR J 229 -56.30 91.51 39.30
N PRO J 230 -56.05 92.03 40.52
CA PRO J 230 -54.71 92.56 40.91
C PRO J 230 -53.65 91.50 41.04
N ILE J 231 -54.05 90.25 41.14
CA ILE J 231 -53.18 89.12 41.40
C ILE J 231 -53.45 88.07 40.32
N SER J 232 -52.41 87.33 39.95
CA SER J 232 -52.60 86.24 39.02
C SER J 232 -53.44 85.19 39.75
N THR J 233 -54.32 84.52 39.05
CA THR J 233 -55.14 83.51 39.67
C THR J 233 -54.69 82.08 39.40
N GLY J 234 -53.87 81.89 38.38
CA GLY J 234 -53.37 80.58 38.01
C GLY J 234 -52.61 80.66 36.71
N THR J 235 -51.97 79.52 36.37
CA THR J 235 -51.16 79.33 35.16
C THR J 235 -51.47 77.99 34.49
N PHE J 236 -51.57 77.96 33.16
CA PHE J 236 -51.85 76.69 32.48
C PHE J 236 -50.95 76.55 31.26
N VAL J 237 -50.04 75.57 31.31
CA VAL J 237 -49.00 75.38 30.31
C VAL J 237 -49.03 74.01 29.65
N MET J 238 -48.35 73.92 28.50
CA MET J 238 -48.27 72.66 27.78
C MET J 238 -46.92 72.43 27.09
N ALA J 239 -46.59 71.16 26.93
CA ALA J 239 -45.43 70.73 26.16
C ALA J 239 -45.84 69.75 25.05
N PRO J 240 -45.87 70.21 23.79
CA PRO J 240 -46.16 69.35 22.64
C PRO J 240 -45.15 68.23 22.43
N MET J 241 -43.94 68.40 22.92
CA MET J 241 -42.91 67.37 22.89
C MET J 241 -42.30 67.40 24.29
N ALA J 242 -42.83 66.57 25.18
CA ALA J 242 -42.47 66.57 26.59
C ALA J 242 -41.00 66.27 26.83
N ASN J 243 -40.39 65.47 25.98
CA ASN J 243 -39.02 65.05 26.21
C ASN J 243 -38.00 65.86 25.41
N SER J 244 -38.35 67.03 24.93
CA SER J 244 -37.38 67.92 24.34
C SER J 244 -36.95 68.99 25.32
N PHE J 245 -35.89 69.74 24.96
CA PHE J 245 -35.32 70.71 25.91
C PHE J 245 -36.28 71.86 26.24
N ASP J 246 -36.88 72.48 25.22
CA ASP J 246 -37.80 73.61 25.39
C ASP J 246 -39.27 73.21 25.30
N GLY J 247 -39.53 71.91 25.23
CA GLY J 247 -40.87 71.41 25.05
C GLY J 247 -41.36 71.41 23.61
N LEU J 248 -40.54 71.89 22.66
CA LEU J 248 -40.94 72.04 21.26
C LEU J 248 -39.98 71.36 20.28
N GLY J 249 -38.99 70.62 20.76
CA GLY J 249 -38.06 69.94 19.86
C GLY J 249 -36.61 70.35 19.97
N GLU J 250 -36.20 71.29 20.84
CA GLU J 250 -34.79 71.66 20.83
C GLU J 250 -34.01 70.54 21.52
N ASP J 251 -32.83 70.24 20.98
CA ASP J 251 -31.98 69.17 21.49
C ASP J 251 -31.45 69.55 22.87
N PHE J 252 -31.27 68.54 23.72
CA PHE J 252 -30.66 68.81 25.00
C PHE J 252 -29.19 69.10 24.77
N PRO J 253 -28.61 70.04 25.50
CA PRO J 253 -27.18 70.30 25.40
C PRO J 253 -26.45 69.07 25.87
N LYS J 254 -25.33 68.76 25.20
CA LYS J 254 -24.48 67.58 25.43
C LYS J 254 -24.38 67.06 26.86
N GLY J 255 -24.17 67.97 27.80
CA GLY J 255 -23.93 67.60 29.19
C GLY J 255 -25.05 66.83 29.89
N SER J 256 -26.32 67.06 29.55
CA SER J 256 -27.36 66.36 30.29
C SER J 256 -28.71 66.29 29.59
N GLU J 257 -29.39 65.16 29.77
CA GLU J 257 -30.73 65.00 29.25
C GLU J 257 -31.67 64.66 30.40
N LYS J 258 -32.52 65.61 30.76
CA LYS J 258 -33.39 65.45 31.90
C LYS J 258 -34.70 66.17 31.60
N TRP J 259 -35.83 65.58 31.92
CA TRP J 259 -37.04 66.34 31.72
C TRP J 259 -38.13 66.01 32.74
N TRP J 260 -39.00 66.98 32.96
CA TRP J 260 -40.06 66.82 33.94
C TRP J 260 -41.27 66.13 33.33
N PRO J 261 -41.73 65.02 33.93
CA PRO J 261 -42.85 64.25 33.39
C PRO J 261 -44.15 65.02 33.30
N PHE J 262 -44.34 66.07 34.09
CA PHE J 262 -45.57 66.82 34.01
C PHE J 262 -45.29 68.29 33.80
N GLY J 263 -44.26 68.63 33.04
CA GLY J 263 -43.94 70.02 32.74
C GLY J 263 -43.40 70.79 33.95
N TYR J 264 -43.43 72.12 33.83
CA TYR J 264 -42.98 73.04 34.87
C TYR J 264 -43.59 74.41 34.64
N THR J 265 -43.72 75.20 35.71
CA THR J 265 -44.26 76.55 35.59
C THR J 265 -43.31 77.65 35.97
N LYS J 266 -42.12 77.35 36.47
CA LYS J 266 -41.24 78.44 36.80
C LYS J 266 -39.97 78.19 35.99
N ILE J 267 -39.25 79.26 35.74
CA ILE J 267 -38.06 79.26 34.90
C ILE J 267 -36.81 79.00 35.67
N CYS J 268 -36.64 79.69 36.79
CA CYS J 268 -35.47 79.44 37.60
C CYS J 268 -35.84 78.42 38.66
N ASN J 269 -35.04 77.38 38.75
CA ASN J 269 -35.38 76.32 39.67
C ASN J 269 -34.19 76.17 40.63
N ALA J 270 -34.07 75.02 41.29
CA ALA J 270 -33.05 74.83 42.31
C ALA J 270 -31.61 75.05 41.81
N SER J 271 -31.31 74.72 40.55
CA SER J 271 -29.94 74.87 40.09
C SER J 271 -29.77 75.53 38.74
N THR J 272 -30.79 75.56 37.90
CA THR J 272 -30.63 76.07 36.54
C THR J 272 -31.80 76.93 36.09
N VAL J 273 -31.73 77.32 34.82
CA VAL J 273 -32.72 78.17 34.19
C VAL J 273 -33.21 77.55 32.89
N LEU J 274 -34.52 77.33 32.78
CA LEU J 274 -35.07 76.71 31.59
C LEU J 274 -35.87 77.71 30.75
N PRO J 275 -35.95 77.50 29.43
CA PRO J 275 -36.87 78.26 28.58
C PRO J 275 -38.30 78.03 29.04
N ALA J 276 -39.14 79.06 28.90
CA ALA J 276 -40.53 78.92 29.30
C ALA J 276 -41.30 78.01 28.35
N LEU J 277 -42.27 77.28 28.89
CA LEU J 277 -43.17 76.49 28.07
C LEU J 277 -44.28 77.40 27.54
N PRO J 278 -44.78 77.11 26.33
CA PRO J 278 -45.92 77.84 25.78
C PRO J 278 -47.15 77.58 26.61
N LYS J 279 -48.05 78.56 26.65
CA LYS J 279 -49.26 78.40 27.43
C LYS J 279 -50.34 77.68 26.64
N ALA J 280 -51.22 77.01 27.39
CA ALA J 280 -52.26 76.17 26.83
C ALA J 280 -53.21 76.92 25.92
N ARG J 281 -53.58 76.27 24.82
CA ARG J 281 -54.52 76.78 23.83
C ARG J 281 -55.92 76.25 24.14
N LEU J 282 -56.83 77.17 24.43
CA LEU J 282 -58.20 76.84 24.82
C LEU J 282 -59.18 77.70 24.05
N GLY J 283 -60.32 77.12 23.65
CA GLY J 283 -61.35 77.91 23.00
C GLY J 283 -62.44 77.04 22.36
N CYS J 284 -63.12 77.60 21.36
CA CYS J 284 -64.21 76.90 20.69
C CYS J 284 -64.54 77.53 19.34
N SER J 285 -65.42 76.87 18.59
CA SER J 285 -65.87 77.43 17.33
C SER J 285 -67.34 77.14 17.04
N ILE J 286 -67.91 78.01 16.22
CA ILE J 286 -69.31 78.01 15.82
C ILE J 286 -69.41 77.90 14.31
N SER J 287 -70.32 77.05 13.83
CA SER J 287 -70.50 77.00 12.39
C SER J 287 -71.97 76.96 11.98
N SER J 288 -72.33 77.88 11.07
CA SER J 288 -73.68 78.03 10.55
C SER J 288 -73.73 78.78 9.23
N LYS J 289 -74.79 78.50 8.46
CA LYS J 289 -75.10 79.10 7.17
C LYS J 289 -75.24 80.61 7.10
N LEU J 290 -75.51 81.29 8.21
CA LEU J 290 -75.64 82.73 8.13
C LEU J 290 -74.33 83.44 7.89
N LEU J 291 -73.22 82.74 8.00
CA LEU J 291 -71.93 83.34 7.80
C LEU J 291 -71.51 83.36 6.33
N LYS J 292 -72.32 82.81 5.42
CA LYS J 292 -71.93 82.83 4.00
C LYS J 292 -72.13 84.23 3.44
N LEU J 293 -71.11 85.09 3.60
CA LEU J 293 -71.17 86.50 3.23
C LEU J 293 -70.12 86.88 2.18
N SER J 294 -70.56 87.35 1.00
CA SER J 294 -69.55 87.55 -0.04
C SER J 294 -69.21 89.03 -0.36
N GLU J 295 -70.07 90.00 -0.06
CA GLU J 295 -69.73 91.39 -0.43
C GLU J 295 -70.51 92.41 0.39
N GLY J 296 -70.08 93.68 0.24
CA GLY J 296 -70.74 94.79 0.90
C GLY J 296 -70.25 94.98 2.32
N THR J 297 -71.00 95.73 3.10
CA THR J 297 -70.67 95.95 4.50
C THR J 297 -71.31 94.85 5.32
N ARG J 298 -70.51 94.16 6.10
CA ARG J 298 -71.07 93.08 6.88
C ARG J 298 -70.95 93.30 8.36
N ASP J 299 -72.08 93.16 9.03
CA ASP J 299 -72.16 93.31 10.48
C ASP J 299 -72.69 92.03 11.14
N ILE J 300 -71.89 91.41 12.01
CA ILE J 300 -72.22 90.12 12.65
C ILE J 300 -72.40 90.28 14.17
N ILE J 301 -73.57 89.90 14.69
CA ILE J 301 -73.84 90.01 16.13
C ILE J 301 -74.12 88.64 16.76
N LEU J 302 -73.43 88.34 17.86
CA LEU J 302 -73.62 87.07 18.59
C LEU J 302 -74.05 87.28 20.03
N GLU J 303 -75.12 86.63 20.44
CA GLU J 303 -75.54 86.63 21.84
C GLU J 303 -75.55 85.28 22.52
N PHE J 304 -74.92 85.22 23.70
CA PHE J 304 -74.76 83.99 24.46
C PHE J 304 -75.46 84.07 25.81
N THR J 305 -76.47 83.23 26.05
CA THR J 305 -77.17 83.25 27.33
C THR J 305 -76.95 81.97 28.12
N PHE J 306 -76.61 82.14 29.41
CA PHE J 306 -76.23 81.10 30.36
C PHE J 306 -77.25 80.96 31.50
N ASN J 307 -77.11 79.88 32.29
CA ASN J 307 -78.02 79.63 33.42
C ASN J 307 -77.74 80.57 34.60
N LYS J 308 -76.50 80.97 34.84
CA LYS J 308 -76.13 81.77 35.98
C LYS J 308 -75.63 83.15 35.56
N PRO J 309 -75.50 84.06 36.53
CA PRO J 309 -75.00 85.42 36.33
C PRO J 309 -73.50 85.34 36.28
N ILE J 310 -72.90 85.79 35.19
CA ILE J 310 -71.47 85.72 35.06
C ILE J 310 -70.60 86.55 36.02
N LEU J 311 -70.92 87.81 36.23
CA LEU J 311 -70.06 88.64 37.10
C LEU J 311 -70.72 89.80 37.85
N PRO J 312 -70.23 90.10 39.05
CA PRO J 312 -70.75 91.27 39.75
C PRO J 312 -70.38 92.52 38.99
N ASN J 313 -69.14 92.58 38.51
CA ASN J 313 -68.63 93.73 37.79
C ASN J 313 -68.74 93.46 36.30
N GLY J 314 -69.53 94.26 35.62
CA GLY J 314 -69.69 94.06 34.20
C GLY J 314 -68.43 94.45 33.46
N GLU J 315 -68.39 94.19 32.16
CA GLU J 315 -67.15 94.40 31.41
C GLU J 315 -67.34 95.20 30.13
N ASP J 316 -66.39 96.09 29.92
CA ASP J 316 -66.26 96.94 28.75
C ASP J 316 -65.77 96.15 27.55
N TYR J 317 -66.07 96.64 26.35
CA TYR J 317 -65.57 96.00 25.14
C TYR J 317 -64.04 95.96 25.11
N THR J 318 -63.36 96.93 25.73
CA THR J 318 -61.90 96.91 25.73
C THR J 318 -61.35 95.85 26.67
N ALA J 319 -62.18 95.34 27.57
CA ALA J 319 -61.74 94.25 28.41
C ALA J 319 -61.81 92.96 27.63
N LEU J 320 -62.89 92.80 26.87
CA LEU J 320 -63.05 91.57 26.10
C LEU J 320 -61.97 91.44 25.04
N ASN J 321 -61.54 92.55 24.43
CA ASN J 321 -60.49 92.50 23.43
C ASN J 321 -59.12 92.09 23.98
N LYS J 322 -58.95 92.05 25.30
CA LYS J 322 -57.73 91.59 25.93
C LYS J 322 -57.82 90.15 26.36
N ALA J 323 -59.02 89.59 26.30
CA ALA J 323 -59.28 88.24 26.76
C ALA J 323 -59.45 87.25 25.62
N MET J 324 -59.90 87.72 24.44
CA MET J 324 -60.23 86.82 23.33
C MET J 324 -59.69 87.28 21.98
N SER J 325 -59.62 86.32 21.06
CA SER J 325 -59.22 86.55 19.66
C SER J 325 -60.11 85.76 18.69
N ILE J 326 -60.64 86.42 17.66
CA ILE J 326 -61.63 85.78 16.77
C ILE J 326 -61.15 85.75 15.31
N GLU J 327 -61.31 84.59 14.63
CA GLU J 327 -60.96 84.42 13.22
C GLU J 327 -62.07 83.78 12.38
N LEU J 328 -62.11 84.11 11.07
CA LEU J 328 -63.09 83.54 10.13
C LEU J 328 -62.44 82.82 8.96
N THR J 329 -63.15 81.86 8.38
CA THR J 329 -62.66 81.19 7.17
C THR J 329 -63.03 81.99 5.94
N GLY J 330 -62.03 82.46 5.21
CA GLY J 330 -62.26 83.24 4.01
C GLY J 330 -61.59 82.69 2.77
N GLU J 331 -61.67 83.45 1.68
CA GLU J 331 -61.20 83.04 0.36
C GLU J 331 -59.74 82.64 0.30
N LYS J 332 -58.87 83.32 1.05
CA LYS J 332 -57.45 83.03 0.96
C LYS J 332 -56.89 82.42 2.23
N GLY J 333 -57.75 81.90 3.09
CA GLY J 333 -57.28 81.36 4.34
C GLY J 333 -58.03 82.02 5.47
N TRP J 334 -57.43 82.11 6.64
CA TRP J 334 -58.14 82.68 7.76
C TRP J 334 -58.07 84.21 7.72
N ILE J 335 -59.21 84.84 8.02
CA ILE J 335 -59.31 86.29 8.16
C ILE J 335 -59.01 86.61 9.61
N ALA J 336 -57.96 87.39 9.84
CA ALA J 336 -57.50 87.60 11.20
C ALA J 336 -56.80 88.93 11.31
N GLY J 337 -56.60 89.37 12.55
CA GLY J 337 -55.89 90.62 12.79
C GLY J 337 -56.86 91.73 13.05
N LEU J 338 -56.44 92.98 12.77
CA LEU J 338 -57.27 94.16 13.02
C LEU J 338 -58.73 94.12 12.55
N PRO J 339 -59.08 93.56 11.36
CA PRO J 339 -60.49 93.48 10.93
C PRO J 339 -61.40 92.70 11.84
N MET J 340 -60.87 91.97 12.81
CA MET J 340 -61.68 91.16 13.70
C MET J 340 -61.63 91.66 15.15
N THR J 341 -61.58 92.96 15.33
CA THR J 341 -61.60 93.59 16.65
C THR J 341 -63.04 93.74 17.11
N LEU J 342 -63.33 93.45 18.38
CA LEU J 342 -64.69 93.64 18.85
C LEU J 342 -65.04 95.12 18.88
N LYS J 343 -66.28 95.42 18.51
CA LYS J 343 -66.79 96.77 18.47
C LYS J 343 -67.37 97.19 19.82
N SER J 344 -67.63 98.49 19.90
CA SER J 344 -68.03 99.17 21.13
C SER J 344 -69.40 98.76 21.68
N ASP J 345 -70.27 98.11 20.92
CA ASP J 345 -71.52 97.72 21.53
C ASP J 345 -71.44 96.34 22.17
N SER J 346 -70.25 95.72 22.20
CA SER J 346 -70.11 94.40 22.79
C SER J 346 -69.92 94.60 24.30
N GLY J 347 -70.01 93.51 25.07
CA GLY J 347 -69.79 93.62 26.50
C GLY J 347 -70.65 92.72 27.36
N ILE J 348 -70.48 92.82 28.69
CA ILE J 348 -71.18 92.00 29.68
C ILE J 348 -71.77 92.89 30.77
N ASN J 349 -73.08 92.79 31.02
CA ASN J 349 -73.64 93.50 32.16
C ASN J 349 -73.51 92.59 33.36
N SER J 350 -73.20 93.17 34.53
CA SER J 350 -72.80 92.40 35.71
C SER J 350 -73.83 91.30 36.06
N GLY J 351 -75.03 91.74 36.38
CA GLY J 351 -76.08 90.85 36.82
C GLY J 351 -76.74 90.09 35.71
N SER J 352 -76.23 90.21 34.49
CA SER J 352 -76.90 89.60 33.37
C SER J 352 -76.32 88.21 33.16
N LYS J 353 -77.11 87.40 32.49
CA LYS J 353 -76.74 86.07 32.09
C LYS J 353 -76.35 86.05 30.62
N LYS J 354 -76.21 87.23 30.02
CA LYS J 354 -75.98 87.33 28.58
C LYS J 354 -74.72 88.09 28.21
N MET J 355 -73.90 87.48 27.35
CA MET J 355 -72.71 88.09 26.79
C MET J 355 -72.95 88.46 25.33
N LYS J 356 -72.51 89.65 24.92
CA LYS J 356 -72.68 90.09 23.54
C LYS J 356 -71.37 90.37 22.84
N LEU J 357 -71.20 89.79 21.65
CA LEU J 357 -70.05 90.06 20.81
C LEU J 357 -70.50 90.78 19.55
N SER J 358 -69.61 91.60 18.97
CA SER J 358 -69.98 92.40 17.80
C SER J 358 -68.77 92.63 16.89
N LEU J 359 -68.87 92.20 15.63
CA LEU J 359 -67.77 92.26 14.65
C LEU J 359 -68.23 92.84 13.33
N THR J 360 -67.34 93.56 12.61
CA THR J 360 -67.77 94.03 11.31
C THR J 360 -66.65 93.88 10.28
N LEU J 361 -67.02 93.66 9.02
CA LEU J 361 -66.06 93.62 7.92
C LEU J 361 -66.32 94.69 6.86
N ASP J 362 -65.26 95.42 6.55
CA ASP J 362 -65.22 96.33 5.43
C ASP J 362 -65.53 95.70 4.09
N SER J 363 -66.00 96.54 3.17
CA SER J 363 -66.30 96.11 1.81
C SER J 363 -65.05 95.68 1.05
N GLU J 364 -63.88 96.04 1.56
CA GLU J 364 -62.60 95.68 0.99
C GLU J 364 -62.04 94.34 1.49
N GLN J 365 -62.75 93.65 2.34
CA GLN J 365 -62.28 92.40 2.90
C GLN J 365 -62.65 91.22 1.99
N PRO J 366 -61.85 90.14 2.04
CA PRO J 366 -62.16 88.87 1.34
C PRO J 366 -63.48 88.27 1.78
N ALA J 367 -64.08 87.47 0.89
CA ALA J 367 -65.36 86.83 1.22
C ALA J 367 -65.18 85.77 2.28
N VAL J 368 -66.25 85.51 3.02
CA VAL J 368 -66.32 84.45 4.00
C VAL J 368 -66.85 83.22 3.29
N VAL J 369 -66.14 82.11 3.42
CA VAL J 369 -66.42 80.93 2.60
C VAL J 369 -66.52 79.69 3.49
N PRO J 370 -67.13 78.61 2.98
CA PRO J 370 -67.16 77.32 3.67
C PRO J 370 -65.77 76.78 3.90
N TYR J 371 -65.63 76.04 4.99
CA TYR J 371 -64.36 75.46 5.37
C TYR J 371 -63.83 74.45 4.37
N GLN J 372 -62.52 74.53 4.09
CA GLN J 372 -61.83 73.62 3.19
C GLN J 372 -60.54 73.14 3.84
N THR J 373 -60.37 71.84 4.01
CA THR J 373 -59.14 71.32 4.61
C THR J 373 -57.87 71.69 3.86
N GLU J 374 -57.96 71.83 2.56
CA GLU J 374 -56.82 72.20 1.73
C GLU J 374 -56.50 73.69 1.75
N LEU J 375 -57.36 74.51 2.33
CA LEU J 375 -57.15 75.95 2.36
C LEU J 375 -56.98 76.50 3.76
N HIS J 376 -57.75 75.99 4.71
CA HIS J 376 -57.75 76.49 6.07
C HIS J 376 -56.94 75.60 7.00
N GLU J 377 -56.26 74.63 6.43
CA GLU J 377 -55.28 73.73 7.06
C GLU J 377 -55.77 73.00 8.32
N GLY J 378 -56.86 72.26 8.22
CA GLY J 378 -57.28 71.50 9.39
C GLY J 378 -57.89 70.15 9.08
N SER J 379 -58.75 69.64 10.00
CA SER J 379 -59.34 68.32 9.80
C SER J 379 -60.78 68.27 10.35
N TYR J 380 -61.55 69.35 10.27
CA TYR J 380 -62.89 69.37 10.83
C TYR J 380 -63.92 68.81 9.85
N GLU J 381 -64.90 68.08 10.34
CA GLU J 381 -65.97 67.60 9.47
C GLU J 381 -67.12 68.60 9.41
N VAL J 382 -66.82 69.74 8.80
CA VAL J 382 -67.71 70.90 8.67
C VAL J 382 -67.87 71.33 7.22
N ASP J 383 -69.12 71.46 6.77
CA ASP J 383 -69.43 71.88 5.41
C ASP J 383 -69.94 73.32 5.31
N GLU J 384 -69.78 74.09 6.37
CA GLU J 384 -70.19 75.47 6.50
C GLU J 384 -68.95 76.34 6.77
N PRO J 385 -69.08 77.68 6.85
CA PRO J 385 -67.99 78.55 7.31
C PRO J 385 -67.75 78.34 8.80
N LEU J 386 -66.53 78.66 9.26
CA LEU J 386 -66.22 78.59 10.68
C LEU J 386 -65.95 79.97 11.27
N LEU J 387 -66.37 80.14 12.51
CA LEU J 387 -65.98 81.26 13.34
C LEU J 387 -65.25 80.69 14.55
N ARG J 388 -63.98 81.03 14.71
CA ARG J 388 -63.14 80.47 15.75
C ARG J 388 -62.78 81.50 16.81
N VAL J 389 -62.96 81.16 18.08
CA VAL J 389 -62.58 82.08 19.14
C VAL J 389 -61.66 81.41 20.16
N LEU J 390 -60.51 82.00 20.38
CA LEU J 390 -59.57 81.46 21.35
C LEU J 390 -59.36 82.45 22.50
N PHE J 391 -59.03 81.90 23.66
CA PHE J 391 -58.76 82.74 24.82
C PHE J 391 -57.30 83.09 24.92
N LYS J 392 -57.05 84.35 25.25
CA LYS J 392 -55.67 84.82 25.41
C LYS J 392 -55.21 84.43 26.81
N THR J 393 -54.88 83.14 26.97
CA THR J 393 -54.44 82.55 28.24
C THR J 393 -53.15 83.11 28.80
N ASN J 394 -52.46 83.90 27.98
CA ASN J 394 -51.23 84.57 28.39
C ASN J 394 -51.57 85.68 29.37
N GLU J 395 -52.78 86.21 29.28
CA GLU J 395 -53.23 87.36 30.05
C GLU J 395 -54.15 86.93 31.18
N LYS J 396 -54.23 87.77 32.20
CA LYS J 396 -55.10 87.48 33.33
C LYS J 396 -56.57 87.43 32.92
N GLU J 397 -56.98 88.31 32.01
CA GLU J 397 -58.39 88.37 31.61
C GLU J 397 -58.79 87.12 30.84
N GLY J 398 -57.92 86.66 29.95
CA GLY J 398 -58.20 85.46 29.18
C GLY J 398 -58.33 84.25 30.05
N TYR J 399 -57.36 84.06 30.95
CA TYR J 399 -57.39 82.94 31.88
C TYR J 399 -58.64 82.99 32.76
N ASN J 400 -59.00 84.18 33.24
CA ASN J 400 -60.17 84.27 34.09
C ASN J 400 -61.47 84.03 33.34
N LEU J 401 -61.64 84.48 32.08
CA LEU J 401 -62.90 84.12 31.40
C LEU J 401 -63.02 82.63 31.24
N TYR J 402 -61.91 81.96 30.90
CA TYR J 402 -61.94 80.52 30.77
C TYR J 402 -62.48 79.88 32.04
N ARG J 403 -61.97 80.28 33.20
CA ARG J 403 -62.46 79.68 34.44
C ARG J 403 -63.92 79.98 34.69
N LEU J 404 -64.35 81.21 34.41
CA LEU J 404 -65.73 81.61 34.66
C LEU J 404 -66.72 80.79 33.82
N PHE J 405 -66.35 80.39 32.61
CA PHE J 405 -67.27 79.64 31.77
C PHE J 405 -67.17 78.12 31.94
N ASN J 406 -66.35 77.62 32.86
CA ASN J 406 -66.20 76.17 32.99
C ASN J 406 -67.43 75.48 33.54
N GLU J 407 -68.16 76.15 34.42
CA GLU J 407 -69.34 75.57 35.04
C GLU J 407 -70.63 76.26 34.70
N ASN J 408 -70.57 77.45 34.14
CA ASN J 408 -71.82 78.15 33.87
C ASN J 408 -72.35 77.63 32.54
N VAL J 409 -73.39 76.79 32.61
CA VAL J 409 -73.99 76.15 31.45
C VAL J 409 -74.63 77.15 30.49
N LEU J 410 -74.34 76.96 29.20
CA LEU J 410 -74.91 77.72 28.07
C LEU J 410 -76.27 77.17 27.69
N THR J 411 -77.26 78.03 27.51
CA THR J 411 -78.59 77.54 27.13
C THR J 411 -79.07 78.04 25.78
N ASP J 412 -78.66 79.22 25.35
CA ASP J 412 -79.20 79.83 24.14
C ASP J 412 -78.17 80.62 23.34
N LEU J 413 -78.25 80.50 22.01
CA LEU J 413 -77.41 81.27 21.10
C LEU J 413 -78.24 81.96 20.02
N LYS J 414 -78.06 83.27 19.88
CA LYS J 414 -78.76 84.03 18.85
C LYS J 414 -77.76 84.67 17.89
N ILE J 415 -78.03 84.58 16.59
CA ILE J 415 -77.13 85.09 15.57
C ILE J 415 -77.86 86.05 14.62
N THR J 416 -77.37 87.29 14.52
CA THR J 416 -77.99 88.27 13.63
C THR J 416 -76.99 88.79 12.61
N VAL J 417 -77.36 88.77 11.33
CA VAL J 417 -76.46 89.26 10.30
C VAL J 417 -77.11 90.32 9.43
N GLU J 418 -76.44 91.47 9.34
CA GLU J 418 -76.89 92.61 8.55
C GLU J 418 -75.91 92.97 7.43
N VAL J 419 -76.41 93.07 6.20
CA VAL J 419 -75.55 93.34 5.05
C VAL J 419 -76.09 94.49 4.22
N SER J 420 -75.20 95.41 3.81
CA SER J 420 -75.63 96.50 2.95
C SER J 420 -74.66 96.78 1.81
N ASP J 421 -75.16 97.54 0.84
CA ASP J 421 -74.44 97.99 -0.36
C ASP J 421 -74.00 96.85 -1.26
N ILE J 422 -74.95 95.96 -1.58
CA ILE J 422 -74.77 94.81 -2.46
C ILE J 422 -75.06 95.23 -3.90
N THR J 423 -74.15 94.94 -4.81
CA THR J 423 -74.39 95.28 -6.21
C THR J 423 -74.38 94.09 -7.16
N SER J 424 -73.80 92.96 -6.76
CA SER J 424 -73.79 91.76 -7.61
C SER J 424 -75.10 91.00 -7.62
N VAL J 425 -76.08 91.56 -8.30
CA VAL J 425 -77.42 90.99 -8.32
C VAL J 425 -77.80 90.56 -9.72
N GLN J 426 -78.83 89.73 -9.83
CA GLN J 426 -79.29 89.25 -11.11
C GLN J 426 -80.59 89.93 -11.52
N LEU J 427 -80.65 90.46 -12.73
CA LEU J 427 -81.82 91.21 -13.17
C LEU J 427 -82.49 90.62 -14.38
N GLU J 428 -83.82 90.62 -14.38
CA GLU J 428 -84.58 90.07 -15.49
C GLU J 428 -85.80 90.90 -15.88
N ASN J 429 -86.11 90.74 -17.15
CA ASN J 429 -87.18 91.31 -17.93
C ASN J 429 -88.09 90.22 -18.43
N ASP J 430 -89.19 90.64 -19.04
CA ASP J 430 -90.01 89.67 -19.72
C ASP J 430 -89.33 89.19 -20.99
N LEU J 431 -88.30 89.90 -21.42
CA LEU J 431 -87.56 89.52 -22.60
C LEU J 431 -86.26 88.80 -22.29
N GLY J 432 -85.86 88.70 -21.03
CA GLY J 432 -84.58 88.04 -20.76
C GLY J 432 -83.72 88.72 -19.70
N VAL J 433 -82.43 88.38 -19.73
CA VAL J 433 -81.44 88.76 -18.71
C VAL J 433 -80.81 90.12 -19.01
N LEU J 434 -80.72 90.97 -17.99
CA LEU J 434 -80.16 92.30 -18.12
C LEU J 434 -78.76 92.42 -17.54
N ASN J 435 -77.98 93.36 -18.10
CA ASN J 435 -76.66 93.66 -17.60
C ASN J 435 -76.70 94.85 -16.64
N PRO J 436 -76.55 94.62 -15.32
CA PRO J 436 -76.67 95.68 -14.30
C PRO J 436 -75.58 96.72 -14.31
N GLN J 437 -74.51 96.51 -15.07
CA GLN J 437 -73.41 97.46 -15.09
C GLN J 437 -73.61 98.57 -16.12
N LYS J 438 -74.65 98.47 -16.91
CA LYS J 438 -74.94 99.42 -17.96
C LYS J 438 -76.36 99.90 -17.71
N PRO J 439 -76.72 101.11 -18.14
CA PRO J 439 -78.12 101.55 -18.05
C PRO J 439 -79.01 100.54 -18.75
N PHE J 440 -80.09 100.18 -18.09
CA PHE J 440 -80.96 99.12 -18.58
C PHE J 440 -82.42 99.57 -18.51
N PHE J 441 -83.28 98.89 -19.26
CA PHE J 441 -84.70 99.20 -19.20
C PHE J 441 -85.44 98.21 -18.34
N PRO J 442 -85.78 98.54 -17.10
CA PRO J 442 -86.70 97.71 -16.36
C PRO J 442 -88.00 97.86 -17.10
N PHE J 443 -88.76 96.78 -17.16
CA PHE J 443 -90.03 96.74 -17.88
C PHE J 443 -89.93 96.91 -19.39
N GLY J 444 -88.75 96.77 -19.99
CA GLY J 444 -88.62 96.82 -21.44
C GLY J 444 -88.44 98.22 -22.04
N PRO J 445 -87.94 98.25 -23.29
CA PRO J 445 -87.72 99.49 -24.07
C PRO J 445 -89.00 100.15 -24.54
N ARG J 446 -90.10 99.41 -24.48
CA ARG J 446 -91.41 99.87 -24.91
C ARG J 446 -92.45 99.25 -23.98
N PRO J 447 -92.55 99.76 -22.75
CA PRO J 447 -93.37 99.15 -21.69
C PRO J 447 -94.84 99.07 -22.03
N ILE J 448 -95.47 97.98 -21.58
CA ILE J 448 -96.88 97.71 -21.79
C ILE J 448 -97.51 97.35 -20.46
N LYS J 449 -98.84 97.45 -20.41
CA LYS J 449 -99.58 97.03 -19.23
C LYS J 449 -99.26 95.58 -18.90
N GLY J 450 -98.90 95.33 -17.65
CA GLY J 450 -98.57 93.99 -17.23
C GLY J 450 -97.11 93.59 -17.35
N SER J 451 -96.23 94.45 -17.89
CA SER J 451 -94.85 93.99 -18.04
C SER J 451 -94.21 94.04 -16.65
N SER J 452 -93.04 93.42 -16.49
CA SER J 452 -92.51 93.33 -15.14
C SER J 452 -90.98 93.49 -15.08
N PHE J 453 -90.49 93.57 -13.84
CA PHE J 453 -89.06 93.66 -13.52
C PHE J 453 -88.74 92.83 -12.27
N ILE J 454 -87.74 91.95 -12.38
CA ILE J 454 -87.40 91.01 -11.31
C ILE J 454 -85.96 91.14 -10.84
N VAL J 455 -85.79 91.19 -9.51
CA VAL J 455 -84.49 91.23 -8.83
C VAL J 455 -84.25 89.93 -8.05
N LYS J 456 -83.10 89.28 -8.29
CA LYS J 456 -82.74 88.04 -7.58
C LYS J 456 -81.36 88.07 -6.94
N TYR J 457 -81.25 87.50 -5.74
CA TYR J 457 -79.97 87.38 -5.05
C TYR J 457 -79.97 86.15 -4.13
N PRO J 458 -79.51 84.99 -4.65
CA PRO J 458 -79.54 83.68 -3.95
C PRO J 458 -78.93 83.65 -2.57
N GLU J 459 -77.86 84.41 -2.35
CA GLU J 459 -77.21 84.45 -1.05
C GLU J 459 -78.15 84.89 0.05
N ALA J 460 -79.06 85.81 -0.25
CA ALA J 460 -80.00 86.23 0.77
C ALA J 460 -81.19 85.31 0.80
N MET J 461 -81.62 84.85 -0.35
CA MET J 461 -82.86 84.08 -0.42
C MET J 461 -82.74 82.72 0.28
N GLU J 462 -81.54 82.16 0.38
CA GLU J 462 -81.30 80.94 1.14
C GLU J 462 -81.22 81.07 2.65
N LYS J 463 -81.31 82.26 3.20
CA LYS J 463 -81.21 82.55 4.61
C LYS J 463 -82.57 82.94 5.20
N PRO J 464 -82.75 82.84 6.54
CA PRO J 464 -83.98 83.30 7.20
C PRO J 464 -84.08 84.81 7.29
N VAL J 465 -84.30 85.40 6.11
CA VAL J 465 -84.35 86.85 5.91
C VAL J 465 -85.61 87.42 6.52
N THR J 466 -85.44 88.47 7.30
CA THR J 466 -86.52 89.18 7.94
C THR J 466 -86.82 90.48 7.20
N ALA J 467 -85.84 91.01 6.48
CA ALA J 467 -86.09 92.22 5.73
C ALA J 467 -85.15 92.30 4.54
N ILE J 468 -85.61 92.97 3.48
CA ILE J 468 -84.82 93.13 2.26
C ILE J 468 -85.34 94.34 1.47
N SER J 469 -84.43 95.08 0.84
CA SER J 469 -84.87 96.25 0.07
C SER J 469 -83.87 96.67 -1.01
N TYR J 470 -84.35 97.51 -1.94
CA TYR J 470 -83.44 98.06 -2.94
C TYR J 470 -83.82 99.47 -3.42
N GLN J 471 -82.82 100.12 -4.06
CA GLN J 471 -82.93 101.48 -4.60
C GLN J 471 -82.47 101.56 -6.05
N MET J 472 -83.06 102.47 -6.85
CA MET J 472 -82.66 102.71 -8.25
C MET J 472 -82.70 104.19 -8.64
N ASP J 473 -81.88 104.60 -9.62
CA ASP J 473 -81.92 105.94 -10.21
C ASP J 473 -82.47 105.92 -11.65
N TYR J 474 -83.14 106.99 -12.08
CA TYR J 474 -83.57 107.09 -13.48
C TYR J 474 -82.67 108.06 -14.26
N LEU J 475 -82.57 107.89 -15.58
CA LEU J 475 -81.57 108.66 -16.36
C LEU J 475 -82.06 109.92 -17.08
N ASN J 476 -83.02 109.80 -17.99
CA ASN J 476 -83.36 110.93 -18.86
C ASN J 476 -84.81 111.33 -18.71
N LEU J 477 -85.25 111.30 -17.48
CA LEU J 477 -86.60 111.59 -17.13
C LEU J 477 -86.90 113.08 -17.41
N PRO J 478 -88.06 113.38 -18.01
CA PRO J 478 -88.51 114.77 -18.30
C PRO J 478 -88.67 115.61 -17.05
N GLU J 479 -88.59 116.93 -17.21
CA GLU J 479 -88.71 117.84 -16.08
C GLU J 479 -90.02 117.66 -15.32
N ASN J 480 -91.09 117.29 -16.01
CA ASN J 480 -92.37 117.04 -15.37
C ASN J 480 -93.12 116.00 -16.20
N LEU J 481 -93.25 114.80 -15.63
CA LEU J 481 -93.86 113.67 -16.31
C LEU J 481 -95.32 113.88 -16.61
N VAL J 482 -96.01 114.72 -15.85
CA VAL J 482 -97.42 114.93 -16.11
C VAL J 482 -97.58 115.91 -17.25
N ASN J 483 -96.82 117.00 -17.21
CA ASN J 483 -96.89 117.98 -18.30
C ASN J 483 -96.45 117.38 -19.62
N HIS J 484 -95.53 116.41 -19.57
CA HIS J 484 -95.01 115.71 -20.74
C HIS J 484 -96.11 115.13 -21.62
N TYR J 485 -97.22 114.69 -21.01
CA TYR J 485 -98.31 114.03 -21.74
C TYR J 485 -99.53 114.92 -21.88
N SER J 486 -99.39 116.24 -21.82
CA SER J 486 -100.53 117.15 -21.92
C SER J 486 -101.26 117.07 -23.25
N ALA J 487 -100.62 116.57 -24.30
CA ALA J 487 -101.21 116.45 -25.62
C ALA J 487 -102.05 115.20 -25.79
N TYR J 488 -102.09 114.34 -24.79
CA TYR J 488 -102.76 113.04 -24.88
C TYR J 488 -104.05 113.09 -24.07
N THR J 489 -105.15 113.47 -24.72
CA THR J 489 -106.40 113.70 -24.02
C THR J 489 -107.54 112.91 -24.66
N ILE J 490 -108.62 112.72 -23.91
CA ILE J 490 -109.81 112.04 -24.40
C ILE J 490 -111.09 112.80 -24.06
N GLY J 491 -112.17 112.44 -24.74
CA GLY J 491 -113.46 113.05 -24.45
C GLY J 491 -113.40 114.55 -24.68
N ASP J 492 -113.85 115.34 -23.71
CA ASP J 492 -113.79 116.79 -23.84
C ASP J 492 -112.45 117.33 -23.36
N ASP J 493 -111.42 116.92 -24.10
CA ASP J 493 -110.02 117.32 -23.88
C ASP J 493 -109.55 117.05 -22.44
N GLU J 494 -109.87 115.88 -21.89
CA GLU J 494 -109.45 115.57 -20.53
C GLU J 494 -108.20 114.70 -20.53
N PRO J 495 -107.12 115.11 -19.87
CA PRO J 495 -105.84 114.39 -19.87
C PRO J 495 -105.91 112.95 -19.38
N LEU J 496 -105.25 112.05 -20.12
CA LEU J 496 -105.14 110.66 -19.67
C LEU J 496 -104.33 110.57 -18.39
N VAL J 497 -103.27 111.36 -18.31
CA VAL J 497 -102.40 111.39 -17.15
C VAL J 497 -102.76 112.63 -16.38
N SER J 498 -103.50 112.47 -15.28
CA SER J 498 -103.96 113.65 -14.57
C SER J 498 -102.97 114.00 -13.47
N ASP J 499 -102.25 112.98 -12.95
CA ASP J 499 -101.28 113.21 -11.88
C ASP J 499 -100.35 111.98 -11.82
N MET J 500 -99.38 112.03 -10.90
CA MET J 500 -98.36 111.00 -10.71
C MET J 500 -98.90 109.63 -10.34
N ASP J 501 -100.11 109.55 -9.74
CA ASP J 501 -100.75 108.29 -9.41
C ASP J 501 -100.96 107.39 -10.61
N TYR J 502 -100.97 108.01 -11.80
CA TYR J 502 -101.08 107.28 -13.05
C TYR J 502 -100.04 106.18 -13.13
N PHE J 503 -98.82 106.45 -12.69
CA PHE J 503 -97.69 105.53 -12.82
C PHE J 503 -97.53 104.72 -11.54
N SER J 504 -98.13 103.54 -11.46
CA SER J 504 -98.14 102.71 -10.25
C SER J 504 -97.78 101.25 -10.50
N VAL J 505 -97.41 100.51 -9.45
CA VAL J 505 -97.05 99.10 -9.60
C VAL J 505 -97.63 98.16 -8.54
N LYS J 506 -97.60 96.87 -8.89
CA LYS J 506 -97.93 95.79 -7.95
C LYS J 506 -96.67 95.08 -7.50
N SER J 507 -96.55 94.92 -6.19
CA SER J 507 -95.47 94.18 -5.58
C SER J 507 -95.95 92.83 -5.10
N PHE J 508 -95.47 91.80 -5.72
CA PHE J 508 -95.94 90.46 -5.37
C PHE J 508 -95.48 89.93 -4.02
N PRO J 509 -94.28 90.24 -3.54
CA PRO J 509 -93.91 89.93 -2.16
C PRO J 509 -94.51 90.85 -1.12
N LYS J 510 -95.47 91.71 -1.50
CA LYS J 510 -96.24 92.59 -0.63
C LYS J 510 -95.38 93.68 0.01
N SER J 511 -94.96 94.64 -0.79
CA SER J 511 -94.15 95.78 -0.33
C SER J 511 -94.78 96.55 0.81
N SER J 512 -93.90 97.08 1.67
CA SER J 512 -94.27 97.79 2.89
C SER J 512 -94.36 99.29 2.63
N ASN J 513 -94.13 99.72 1.40
CA ASN J 513 -94.18 101.12 1.06
C ASN J 513 -95.61 101.65 1.24
N ASP J 514 -95.71 102.95 1.48
CA ASP J 514 -96.97 103.64 1.79
C ASP J 514 -97.93 103.77 0.61
N SER J 515 -97.48 103.58 -0.62
CA SER J 515 -98.35 103.68 -1.78
C SER J 515 -97.75 102.82 -2.88
N ASP J 516 -98.48 102.70 -3.99
CA ASP J 516 -98.00 101.89 -5.09
C ASP J 516 -97.29 102.75 -6.13
N GLN J 517 -97.10 104.03 -5.86
CA GLN J 517 -96.53 104.93 -6.86
C GLN J 517 -95.11 104.53 -7.24
N LEU J 518 -94.85 104.51 -8.55
CA LEU J 518 -93.57 104.04 -9.09
C LEU J 518 -92.41 105.01 -8.82
N PHE J 519 -92.63 106.31 -8.94
CA PHE J 519 -91.55 107.27 -8.77
C PHE J 519 -91.70 108.00 -7.45
N SER J 520 -90.60 108.20 -6.74
CA SER J 520 -90.62 108.96 -5.51
C SER J 520 -89.72 110.16 -5.71
N GLU J 521 -90.09 111.27 -5.10
CA GLU J 521 -89.40 112.52 -5.34
C GLU J 521 -87.98 112.37 -4.82
N LYS J 522 -87.02 112.86 -5.59
CA LYS J 522 -85.63 112.78 -5.15
C LYS J 522 -85.33 114.06 -4.42
N SER J 523 -84.66 113.97 -3.26
CA SER J 523 -84.36 115.17 -2.49
C SER J 523 -83.64 116.24 -3.31
N GLY J 524 -83.00 115.83 -4.40
CA GLY J 524 -82.41 116.65 -5.43
C GLY J 524 -83.33 116.69 -6.62
N GLY J 525 -82.80 116.80 -7.81
CA GLY J 525 -83.69 116.79 -8.96
C GLY J 525 -83.97 115.38 -9.44
N GLY J 526 -85.05 115.21 -10.20
CA GLY J 526 -85.35 113.91 -10.80
C GLY J 526 -86.00 112.94 -9.84
N TYR J 527 -86.00 111.68 -10.26
CA TYR J 527 -86.67 110.64 -9.52
C TYR J 527 -85.79 109.42 -9.38
N GLU J 528 -86.11 108.68 -8.34
CA GLU J 528 -85.54 107.42 -7.94
C GLU J 528 -86.70 106.50 -7.63
N SER J 529 -86.40 105.25 -7.28
CA SER J 529 -87.47 104.37 -6.83
C SER J 529 -86.96 103.69 -5.57
N ASP J 530 -87.90 103.18 -4.76
CA ASP J 530 -87.56 102.62 -3.45
C ASP J 530 -88.53 101.48 -3.15
N PHE J 531 -88.02 100.27 -2.93
CA PHE J 531 -88.91 99.17 -2.59
C PHE J 531 -88.44 98.41 -1.36
N GLU J 532 -89.23 98.49 -0.31
CA GLU J 532 -89.00 97.84 0.97
C GLU J 532 -89.91 96.67 1.25
N PHE J 533 -89.33 95.54 1.61
CA PHE J 533 -90.11 94.35 1.90
C PHE J 533 -89.82 93.86 3.32
N GLN J 534 -90.82 93.28 3.96
CA GLN J 534 -90.68 92.76 5.32
C GLN J 534 -91.28 91.36 5.42
N ILE J 535 -90.64 90.48 6.19
CA ILE J 535 -91.12 89.13 6.40
C ILE J 535 -91.32 88.95 7.90
N GLU J 536 -92.58 88.86 8.33
CA GLU J 536 -92.91 89.01 9.75
C GLU J 536 -92.22 88.07 10.73
N ASN J 537 -92.05 86.81 10.36
CA ASN J 537 -91.37 85.87 11.24
C ASN J 537 -90.17 85.23 10.58
N GLY J 538 -89.62 85.88 9.56
CA GLY J 538 -88.52 85.29 8.83
C GLY J 538 -88.90 84.14 7.93
N VAL J 539 -90.19 83.86 7.76
CA VAL J 539 -90.64 82.73 6.97
C VAL J 539 -91.22 83.22 5.65
N TRP J 540 -90.61 82.78 4.58
CA TRP J 540 -91.02 83.15 3.24
C TRP J 540 -92.40 82.58 2.94
N GLU J 541 -93.32 83.43 2.45
CA GLU J 541 -94.67 82.99 2.14
C GLU J 541 -94.72 81.90 1.09
N SER J 542 -95.44 80.83 1.40
CA SER J 542 -95.47 79.69 0.51
C SER J 542 -96.16 80.11 -0.79
N GLY J 543 -95.59 79.67 -1.91
CA GLY J 543 -96.09 80.02 -3.22
C GLY J 543 -95.33 81.14 -3.91
N LEU J 544 -94.55 81.93 -3.16
CA LEU J 544 -93.74 82.94 -3.82
C LEU J 544 -92.43 82.28 -4.23
N LYS J 545 -91.78 82.82 -5.26
CA LYS J 545 -90.62 82.16 -5.86
C LYS J 545 -89.24 82.61 -5.37
N LYS J 546 -89.12 83.32 -4.27
CA LYS J 546 -87.82 83.79 -3.75
C LYS J 546 -87.13 84.72 -4.75
N GLU J 547 -87.89 85.70 -5.19
CA GLU J 547 -87.47 86.74 -6.10
C GLU J 547 -88.32 87.96 -5.76
N LEU J 548 -87.82 89.14 -6.06
CA LEU J 548 -88.61 90.34 -5.82
C LEU J 548 -89.19 90.84 -7.15
N LYS J 549 -90.52 90.80 -7.28
CA LYS J 549 -91.18 91.11 -8.55
C LYS J 549 -92.11 92.32 -8.49
N ILE J 550 -91.93 93.23 -9.44
CA ILE J 550 -92.72 94.46 -9.63
C ILE J 550 -93.40 94.45 -11.01
N SER J 551 -94.73 94.73 -11.08
CA SER J 551 -95.43 94.81 -12.37
C SER J 551 -96.17 96.13 -12.60
N LEU J 552 -96.28 96.57 -13.86
CA LEU J 552 -96.96 97.84 -14.20
C LEU J 552 -98.48 97.73 -14.31
N GLU J 553 -99.17 98.61 -13.59
CA GLU J 553 -100.64 98.75 -13.69
C GLU J 553 -101.11 99.37 -15.02
N ARG J 554 -100.40 100.38 -15.53
CA ARG J 554 -100.77 101.13 -16.72
C ARG J 554 -99.54 101.39 -17.58
N SER J 555 -99.75 101.42 -18.89
CA SER J 555 -98.67 101.64 -19.84
C SER J 555 -98.26 103.11 -19.92
N PHE J 556 -97.18 103.34 -20.64
CA PHE J 556 -96.66 104.68 -20.87
C PHE J 556 -97.14 105.28 -22.18
N LEU J 557 -98.17 104.69 -22.80
CA LEU J 557 -98.88 105.20 -23.99
C LEU J 557 -98.07 105.16 -25.28
N HIS J 558 -97.16 104.20 -25.45
CA HIS J 558 -96.38 104.12 -26.68
C HIS J 558 -97.29 103.85 -27.87
N GLU J 559 -98.32 103.04 -27.63
CA GLU J 559 -99.32 102.64 -28.60
C GLU J 559 -100.22 103.78 -29.10
N LYS J 560 -100.18 104.96 -28.49
CA LYS J 560 -101.04 106.05 -28.92
C LYS J 560 -100.33 107.18 -29.63
N TYR J 561 -99.00 107.18 -29.68
CA TYR J 561 -98.27 108.34 -30.21
C TYR J 561 -98.68 108.66 -31.65
N ALA J 562 -98.75 107.65 -32.49
CA ALA J 562 -99.06 107.86 -33.91
C ALA J 562 -100.44 108.46 -34.12
N HIS J 563 -101.40 108.02 -33.33
CA HIS J 563 -102.78 108.49 -33.41
C HIS J 563 -102.93 109.95 -33.02
N TYR J 564 -102.27 110.39 -31.95
CA TYR J 564 -102.42 111.78 -31.54
C TYR J 564 -101.62 112.68 -32.44
N PHE J 565 -100.44 112.23 -32.88
CA PHE J 565 -99.61 113.03 -33.78
C PHE J 565 -100.37 113.36 -35.04
N THR J 566 -101.01 112.34 -35.63
CA THR J 566 -101.76 112.49 -36.86
C THR J 566 -102.90 113.47 -36.70
N LEU J 567 -103.69 113.35 -35.63
CA LEU J 567 -104.86 114.19 -35.46
C LEU J 567 -104.50 115.65 -35.34
N VAL J 568 -103.41 115.97 -34.66
CA VAL J 568 -103.02 117.37 -34.57
C VAL J 568 -102.62 117.88 -35.94
N ALA J 569 -101.80 117.10 -36.64
CA ALA J 569 -101.25 117.49 -37.92
C ALA J 569 -102.31 117.74 -38.98
N ILE J 570 -103.43 117.01 -38.95
CA ILE J 570 -104.44 117.16 -39.99
C ILE J 570 -105.63 118.00 -39.54
N SER J 571 -105.52 118.69 -38.40
CA SER J 571 -106.65 119.49 -37.94
C SER J 571 -106.97 120.61 -38.92
N LYS J 572 -108.26 120.83 -39.12
CA LYS J 572 -108.72 121.92 -39.96
C LYS J 572 -109.21 123.08 -39.12
N ASP J 573 -109.18 122.92 -37.81
CA ASP J 573 -109.66 123.97 -36.92
C ASP J 573 -108.54 124.86 -36.44
N THR J 574 -107.34 124.31 -36.28
CA THR J 574 -106.22 125.05 -35.74
C THR J 574 -104.99 124.86 -36.60
N ASP J 575 -104.08 125.82 -36.50
CA ASP J 575 -102.79 125.71 -37.13
C ASP J 575 -101.87 125.01 -36.14
N PRO J 576 -101.28 123.87 -36.50
CA PRO J 576 -100.37 123.15 -35.61
C PRO J 576 -99.17 124.00 -35.26
N THR J 577 -98.76 123.92 -34.01
CA THR J 577 -97.57 124.58 -33.49
C THR J 577 -96.80 123.51 -32.75
N ILE J 578 -95.55 123.78 -32.39
CA ILE J 578 -94.76 122.73 -31.72
C ILE J 578 -95.38 122.36 -30.36
N GLU J 579 -96.03 123.32 -29.70
CA GLU J 579 -96.64 123.10 -28.39
C GLU J 579 -97.85 122.19 -28.44
N LEU J 580 -98.40 121.96 -29.62
CA LEU J 580 -99.59 121.13 -29.73
C LEU J 580 -99.27 119.70 -30.16
N LEU J 581 -98.04 119.42 -30.49
CA LEU J 581 -97.74 118.08 -30.92
C LEU J 581 -97.34 117.25 -29.70
N PRO J 582 -97.69 115.98 -29.71
CA PRO J 582 -97.31 115.10 -28.61
C PRO J 582 -95.83 114.85 -28.58
N ASN J 583 -95.31 114.71 -27.37
CA ASN J 583 -93.93 114.34 -27.15
C ASN J 583 -93.83 112.83 -27.21
N GLU J 584 -92.66 112.34 -27.57
CA GLU J 584 -92.44 110.91 -27.57
C GLU J 584 -92.64 110.35 -26.16
N PRO J 585 -93.38 109.26 -26.03
CA PRO J 585 -93.60 108.57 -24.77
C PRO J 585 -92.31 108.15 -24.11
N TYR J 586 -92.28 108.22 -22.79
CA TYR J 586 -91.08 107.90 -22.01
C TYR J 586 -90.91 106.39 -21.80
N ALA J 587 -89.66 105.95 -21.91
CA ALA J 587 -89.28 104.60 -21.53
C ALA J 587 -88.32 104.73 -20.36
N PRO J 588 -88.64 104.17 -19.20
CA PRO J 588 -87.92 104.41 -17.93
C PRO J 588 -86.58 103.72 -17.76
N LEU J 589 -85.59 104.20 -18.53
CA LEU J 589 -84.20 103.74 -18.45
C LEU J 589 -83.58 104.03 -17.07
N ALA J 590 -82.86 103.05 -16.49
CA ALA J 590 -82.37 103.19 -15.11
C ALA J 590 -80.96 102.62 -14.86
N GLU J 591 -80.39 102.99 -13.70
CA GLU J 591 -79.05 102.56 -13.30
C GLU J 591 -78.84 102.57 -11.78
N ASN J 592 -77.65 102.11 -11.35
CA ASN J 592 -77.18 102.10 -9.96
C ASN J 592 -78.06 101.32 -8.98
N LEU J 593 -78.51 100.13 -9.36
CA LEU J 593 -79.31 99.35 -8.43
C LEU J 593 -78.47 98.85 -7.26
N VAL J 594 -78.92 99.14 -6.03
CA VAL J 594 -78.28 98.72 -4.78
C VAL J 594 -79.22 97.97 -3.85
N LEU J 595 -78.79 96.78 -3.38
CA LEU J 595 -79.55 95.87 -2.52
C LEU J 595 -79.01 95.79 -1.08
N GLY J 596 -79.90 95.58 -0.09
CA GLY J 596 -79.49 95.28 1.28
C GLY J 596 -80.45 94.33 2.00
N TYR J 597 -79.98 93.61 3.05
CA TYR J 597 -80.85 92.67 3.77
C TYR J 597 -80.43 92.36 5.21
N THR J 598 -81.38 91.77 5.98
CA THR J 598 -81.15 91.26 7.34
C THR J 598 -81.74 89.86 7.54
N ALA J 599 -80.97 88.95 8.18
CA ALA J 599 -81.45 87.60 8.50
C ALA J 599 -81.10 87.20 9.94
N ILE J 600 -81.99 86.41 10.59
CA ILE J 600 -81.84 86.05 12.01
C ILE J 600 -82.12 84.57 12.30
N SER J 601 -81.22 83.95 13.08
CA SER J 601 -81.39 82.60 13.62
C SER J 601 -81.34 82.61 15.14
N SER J 602 -82.13 81.74 15.78
CA SER J 602 -82.15 81.67 17.25
C SER J 602 -82.32 80.25 17.74
N ILE J 603 -81.36 79.77 18.55
CA ILE J 603 -81.30 78.36 18.94
C ILE J 603 -81.34 78.14 20.46
N ASP J 604 -82.38 77.40 20.89
CA ASP J 604 -82.52 76.90 22.25
C ASP J 604 -81.93 75.51 22.27
N PHE J 605 -80.80 75.36 22.95
CA PHE J 605 -80.09 74.09 22.91
C PHE J 605 -80.84 72.98 23.62
N SER J 606 -81.79 73.32 24.48
CA SER J 606 -82.53 72.33 25.24
C SER J 606 -83.87 72.00 24.63
N SER J 607 -84.24 72.60 23.51
CA SER J 607 -85.60 72.39 23.06
C SER J 607 -85.64 71.39 21.92
N SER J 608 -86.48 70.40 22.10
CA SER J 608 -86.89 69.49 21.06
C SER J 608 -87.77 70.22 20.09
N SER J 609 -88.02 69.60 18.95
CA SER J 609 -88.96 70.10 17.95
C SER J 609 -88.57 71.53 17.53
N SER J 610 -87.28 71.75 17.31
CA SER J 610 -86.77 73.05 16.94
C SER J 610 -85.58 72.88 16.00
N GLU J 611 -85.48 73.78 15.04
CA GLU J 611 -84.43 73.68 14.05
C GLU J 611 -83.12 74.23 14.60
N ASN J 612 -82.50 73.44 15.47
CA ASN J 612 -81.25 73.85 16.10
C ASN J 612 -80.10 73.64 15.13
N GLN J 613 -80.07 74.47 14.09
CA GLN J 613 -79.14 74.28 12.98
C GLN J 613 -77.80 74.97 13.21
N VAL J 614 -77.02 74.44 14.15
CA VAL J 614 -75.69 74.98 14.43
C VAL J 614 -74.77 73.84 14.86
N SER J 615 -73.48 73.97 14.52
CA SER J 615 -72.53 72.98 14.97
C SER J 615 -71.55 73.61 15.95
N LEU J 616 -71.30 72.91 17.07
CA LEU J 616 -70.41 73.42 18.09
C LEU J 616 -69.18 72.50 18.27
N ILE J 617 -68.00 73.11 18.27
CA ILE J 617 -66.74 72.39 18.43
C ILE J 617 -65.87 73.00 19.54
N HIS J 618 -65.27 72.15 20.39
CA HIS J 618 -64.33 72.62 21.40
C HIS J 618 -62.88 72.48 20.95
N GLU J 619 -62.09 73.51 21.23
CA GLU J 619 -60.67 73.53 20.91
C GLU J 619 -59.85 73.16 22.14
N MET J 620 -58.97 72.19 21.98
CA MET J 620 -58.18 71.64 23.06
C MET J 620 -56.71 71.77 22.76
N PRO J 621 -55.85 71.78 23.79
CA PRO J 621 -54.39 71.90 23.60
C PRO J 621 -53.77 71.02 22.54
N PHE J 622 -54.25 69.80 22.35
CA PHE J 622 -53.66 68.97 21.34
C PHE J 622 -54.70 68.36 20.40
N GLY J 623 -55.76 69.08 20.08
CA GLY J 623 -56.80 68.52 19.23
C GLY J 623 -58.13 69.24 19.40
N PHE J 624 -59.22 68.53 19.09
CA PHE J 624 -60.55 69.15 19.18
C PHE J 624 -61.62 68.10 19.43
N GLN J 625 -62.83 68.57 19.74
CA GLN J 625 -63.95 67.66 19.88
C GLN J 625 -65.26 68.26 19.39
N GLN J 626 -66.00 67.47 18.61
CA GLN J 626 -67.34 67.87 18.20
C GLN J 626 -68.27 67.70 19.38
N VAL J 627 -69.01 68.73 19.73
CA VAL J 627 -69.87 68.69 20.90
C VAL J 627 -71.34 68.60 20.53
N PHE J 628 -71.80 69.46 19.64
CA PHE J 628 -73.21 69.57 19.30
C PHE J 628 -73.37 69.55 17.79
N THR J 629 -74.25 68.70 17.26
CA THR J 629 -74.37 68.70 15.81
C THR J 629 -75.77 69.27 15.49
N PRO J 630 -76.00 69.76 14.26
CA PRO J 630 -77.31 70.30 13.87
C PRO J 630 -78.42 69.29 14.10
N GLY J 631 -79.50 69.73 14.73
CA GLY J 631 -80.62 68.88 15.04
C GLY J 631 -80.62 68.31 16.45
N ASP J 632 -79.49 68.40 17.15
CA ASP J 632 -79.37 67.87 18.51
C ASP J 632 -80.04 68.75 19.55
N THR J 633 -80.27 68.15 20.70
CA THR J 633 -80.66 68.78 21.95
C THR J 633 -79.75 68.32 23.07
N ASP J 634 -79.67 69.12 24.14
CA ASP J 634 -78.85 68.75 25.30
C ASP J 634 -79.38 69.48 26.51
N ASN J 635 -78.78 69.22 27.66
CA ASN J 635 -79.21 69.88 28.87
C ASN J 635 -78.02 70.58 29.50
N SER J 636 -76.81 70.23 29.08
CA SER J 636 -75.61 70.80 29.65
C SER J 636 -74.49 70.96 28.63
N LEU J 637 -74.36 72.17 28.14
CA LEU J 637 -73.31 72.51 27.21
C LEU J 637 -72.49 73.63 27.80
N TYR J 638 -71.22 73.65 27.44
CA TYR J 638 -70.32 74.68 27.90
C TYR J 638 -69.59 75.18 26.68
N LEU J 639 -69.10 76.41 26.77
CA LEU J 639 -68.31 76.94 25.67
C LEU J 639 -66.89 76.41 25.66
N VAL J 640 -66.41 75.87 26.77
CA VAL J 640 -65.00 75.50 26.87
C VAL J 640 -64.86 74.10 27.47
N PRO J 641 -63.74 73.42 27.15
CA PRO J 641 -63.33 72.17 27.83
C PRO J 641 -63.06 72.41 29.31
N ASP J 642 -63.28 71.41 30.15
CA ASP J 642 -63.04 71.54 31.58
C ASP J 642 -61.72 70.89 32.03
N TYR J 643 -60.72 71.70 32.37
CA TYR J 643 -59.46 71.17 32.88
C TYR J 643 -59.31 71.47 34.36
N CYS J 644 -59.19 70.41 35.16
CA CYS J 644 -59.17 70.58 36.61
C CYS J 644 -57.71 70.75 37.03
N HIS J 645 -57.52 71.12 38.29
CA HIS J 645 -56.19 71.30 38.84
C HIS J 645 -55.35 70.02 38.79
N GLY J 646 -54.09 70.16 38.37
CA GLY J 646 -53.17 69.03 38.35
C GLY J 646 -52.37 68.89 37.06
N GLY J 647 -51.68 67.76 36.94
CA GLY J 647 -50.80 67.50 35.81
C GLY J 647 -51.12 66.20 35.10
N GLU J 648 -50.81 66.17 33.80
CA GLU J 648 -51.12 65.02 32.96
C GLU J 648 -50.00 64.68 31.99
N LEU J 649 -49.71 63.40 31.83
CA LEU J 649 -48.71 62.92 30.88
C LEU J 649 -49.35 61.91 29.93
N TYR J 650 -49.21 62.15 28.64
CA TYR J 650 -49.81 61.33 27.61
C TYR J 650 -48.76 60.52 26.87
N ILE J 651 -48.99 59.23 26.74
CA ILE J 651 -48.07 58.33 26.04
C ILE J 651 -48.80 57.69 24.86
N GLY J 652 -48.31 57.94 23.65
CA GLY J 652 -48.91 57.34 22.46
C GLY J 652 -48.12 56.13 21.99
N LEU J 653 -48.81 55.03 21.72
CA LEU J 653 -48.15 53.80 21.31
C LEU J 653 -48.46 53.42 19.86
N GLU J 654 -47.41 53.00 19.14
CA GLU J 654 -47.51 52.59 17.75
C GLU J 654 -47.49 51.08 17.57
N ASN J 655 -48.31 50.62 16.63
CA ASN J 655 -48.34 49.26 16.08
C ASN J 655 -48.74 48.16 17.06
N GLY J 656 -49.54 48.46 18.07
CA GLY J 656 -50.01 47.42 18.96
C GLY J 656 -51.27 46.80 18.42
N LYS J 657 -51.84 45.88 19.20
CA LYS J 657 -53.08 45.21 18.86
C LYS J 657 -53.93 45.19 20.12
N ASN J 658 -55.24 45.05 19.96
CA ASN J 658 -56.14 45.22 21.10
C ASN J 658 -56.12 44.13 22.16
N LEU J 659 -55.34 43.05 22.01
CA LEU J 659 -55.26 42.08 23.10
C LEU J 659 -53.82 41.73 23.47
N GLN J 660 -52.83 42.53 23.08
CA GLN J 660 -51.44 42.21 23.37
C GLN J 660 -50.93 42.87 24.63
N GLN J 661 -49.85 42.30 25.17
CA GLN J 661 -49.20 42.87 26.34
C GLN J 661 -48.08 43.83 25.96
N VAL J 662 -47.94 44.86 26.78
CA VAL J 662 -46.93 45.88 26.59
C VAL J 662 -46.10 46.00 27.85
N THR J 663 -44.79 45.94 27.72
CA THR J 663 -43.90 46.12 28.85
C THR J 663 -43.07 47.38 28.66
N LEU J 664 -43.16 48.31 29.60
CA LEU J 664 -42.46 49.58 29.50
C LEU J 664 -41.47 49.81 30.63
N LEU J 665 -40.28 50.27 30.24
CA LEU J 665 -39.25 50.64 31.19
C LEU J 665 -39.24 52.15 31.37
N LEU J 666 -39.38 52.60 32.61
CA LEU J 666 -39.29 54.01 32.92
C LEU J 666 -37.95 54.24 33.59
N GLN J 667 -37.07 54.98 32.94
CA GLN J 667 -35.76 55.24 33.50
C GLN J 667 -35.73 56.65 34.05
N PHE J 668 -35.59 56.75 35.36
CA PHE J 668 -35.57 58.01 36.07
C PHE J 668 -34.16 58.36 36.48
N LEU J 669 -33.96 59.63 36.72
CA LEU J 669 -32.73 60.07 37.35
C LEU J 669 -33.03 60.18 38.83
N GLU J 670 -32.64 59.15 39.56
CA GLU J 670 -33.03 59.02 40.95
C GLU J 670 -32.36 60.07 41.82
N GLY J 671 -33.17 60.66 42.70
CA GLY J 671 -32.76 61.73 43.58
C GLY J 671 -33.10 63.11 43.06
N SER J 672 -33.35 63.24 41.76
CA SER J 672 -33.71 64.55 41.18
C SER J 672 -35.15 64.95 41.37
N GLU J 673 -35.44 65.35 42.61
CA GLU J 673 -36.75 65.77 43.07
C GLU J 673 -36.53 66.93 44.03
N ASN J 674 -37.57 67.69 44.33
CA ASN J 674 -37.46 68.80 45.28
C ASN J 674 -37.64 68.31 46.71
N PRO J 675 -36.60 68.41 47.54
CA PRO J 675 -36.62 67.91 48.91
C PRO J 675 -37.42 68.76 49.89
N ASP J 676 -37.91 69.92 49.48
CA ASP J 676 -38.53 70.86 50.39
C ASP J 676 -40.01 71.05 50.08
N ILE J 677 -40.75 69.95 49.98
CA ILE J 677 -42.18 69.95 49.77
C ILE J 677 -42.83 69.12 50.86
N THR J 678 -43.94 69.60 51.41
CA THR J 678 -44.61 68.86 52.48
C THR J 678 -45.69 67.90 51.98
N ASP J 679 -46.25 68.13 50.79
CA ASP J 679 -47.25 67.23 50.20
C ASP J 679 -46.52 66.20 49.37
N ILE J 680 -46.35 64.99 49.91
CA ILE J 680 -45.48 64.02 49.25
C ILE J 680 -46.02 62.62 49.03
N PHE J 681 -47.34 62.46 48.81
CA PHE J 681 -47.97 61.12 48.63
C PHE J 681 -47.86 60.27 49.89
N THR J 682 -48.45 60.74 50.96
CA THR J 682 -48.47 59.98 52.19
C THR J 682 -49.54 58.90 52.11
N GLY J 683 -49.53 58.00 53.09
CA GLY J 683 -50.52 56.94 53.14
C GLY J 683 -50.43 56.03 51.94
N ASN J 684 -51.57 55.81 51.30
CA ASN J 684 -51.66 54.94 50.13
C ASN J 684 -51.95 55.70 48.84
N GLN J 685 -51.52 56.95 48.76
CA GLN J 685 -51.70 57.73 47.55
C GLN J 685 -50.72 57.30 46.46
N LYS J 686 -51.11 57.46 45.19
CA LYS J 686 -50.25 57.07 44.08
C LYS J 686 -50.71 57.73 42.78
N ILE J 687 -49.93 57.54 41.72
CA ILE J 687 -50.25 58.09 40.39
C ILE J 687 -51.30 57.22 39.70
N LYS J 688 -52.31 57.86 39.11
CA LYS J 688 -53.44 57.18 38.45
C LYS J 688 -53.21 56.95 36.96
N TRP J 689 -53.71 55.82 36.43
CA TRP J 689 -53.62 55.51 35.00
C TRP J 689 -54.97 55.27 34.33
N GLN J 690 -55.12 55.75 33.08
CA GLN J 690 -56.34 55.61 32.25
C GLN J 690 -56.01 55.38 30.77
N TYR J 691 -56.98 54.88 29.99
CA TYR J 691 -56.79 54.74 28.54
C TYR J 691 -57.89 55.45 27.77
N LEU J 692 -57.64 55.74 26.49
CA LEU J 692 -58.58 56.47 25.65
C LEU J 692 -59.45 55.58 24.76
N SER J 693 -60.75 55.84 24.75
CA SER J 693 -61.70 55.12 23.91
C SER J 693 -62.83 56.03 23.47
N GLN J 694 -63.00 56.22 22.16
CA GLN J 694 -64.05 57.06 21.58
C GLN J 694 -64.07 58.46 22.16
N ASN J 695 -62.89 59.07 22.27
CA ASN J 695 -62.65 60.39 22.85
C ASN J 695 -62.96 60.49 24.36
N GLN J 696 -63.17 59.38 25.06
CA GLN J 696 -63.38 59.39 26.50
C GLN J 696 -62.23 58.73 27.24
N TRP J 697 -61.94 59.20 28.44
CA TRP J 697 -60.93 58.50 29.23
C TRP J 697 -61.60 57.48 30.13
N GLN J 698 -61.02 56.29 30.19
CA GLN J 698 -61.62 55.21 30.96
C GLN J 698 -60.61 54.56 31.89
N ASP J 699 -61.10 54.12 33.04
CA ASP J 699 -60.26 53.40 34.00
C ASP J 699 -59.88 52.03 33.49
N PHE J 700 -58.68 51.60 33.85
CA PHE J 700 -58.25 50.24 33.58
C PHE J 700 -58.97 49.32 34.54
N GLN J 701 -59.19 48.09 34.09
CA GLN J 701 -59.85 47.11 34.92
C GLN J 701 -58.81 46.32 35.68
N SER J 702 -59.25 45.59 36.71
CA SER J 702 -58.33 44.90 37.60
C SER J 702 -57.44 43.86 36.90
N GLY J 703 -57.92 43.24 35.83
CA GLY J 703 -57.09 42.26 35.14
C GLY J 703 -56.21 42.83 34.06
N GLU J 704 -56.21 44.14 33.89
CA GLU J 704 -55.47 44.76 32.80
C GLU J 704 -54.10 45.27 33.19
N ILE J 705 -53.85 45.57 34.46
CA ILE J 705 -52.53 45.97 34.89
C ILE J 705 -51.88 44.76 35.52
N ILE J 706 -50.72 44.40 35.01
CA ILE J 706 -50.01 43.23 35.47
C ILE J 706 -49.07 43.58 36.60
N GLN J 707 -48.33 44.67 36.44
CA GLN J 707 -47.45 45.11 37.51
C GLN J 707 -47.11 46.58 37.38
N ASN J 708 -46.76 47.17 38.51
CA ASN J 708 -46.37 48.57 38.54
C ASN J 708 -45.28 48.71 39.61
N GLN J 709 -44.05 48.78 39.15
CA GLN J 709 -42.94 48.92 40.07
C GLN J 709 -42.62 50.36 40.37
N THR J 710 -43.33 51.33 39.76
CA THR J 710 -43.00 52.75 39.93
C THR J 710 -44.22 53.59 40.34
N PRO J 711 -44.96 53.21 41.41
CA PRO J 711 -46.25 53.85 41.74
C PRO J 711 -46.21 55.35 42.01
N ARG J 712 -45.08 55.90 42.40
CA ARG J 712 -45.01 57.33 42.67
C ARG J 712 -43.86 57.99 41.94
N PHE J 713 -43.45 57.44 40.79
CA PHE J 713 -42.37 57.99 39.98
C PHE J 713 -41.11 58.41 40.75
N LEU J 714 -40.67 57.62 41.74
CA LEU J 714 -39.44 57.96 42.46
C LEU J 714 -38.26 57.08 42.11
N LYS J 715 -38.48 55.91 41.54
CA LYS J 715 -37.41 54.98 41.23
C LYS J 715 -37.64 54.36 39.88
N SER J 716 -36.56 53.95 39.22
CA SER J 716 -36.64 53.28 37.93
C SER J 716 -37.30 51.91 38.04
N GLY J 717 -38.05 51.52 37.02
CA GLY J 717 -38.69 50.21 37.04
C GLY J 717 -39.61 49.92 35.87
N ILE J 718 -40.35 48.81 35.99
CA ILE J 718 -41.20 48.27 34.94
C ILE J 718 -42.70 48.47 35.22
N PHE J 719 -43.41 48.95 34.20
CA PHE J 719 -44.85 49.03 34.15
C PHE J 719 -45.34 48.05 33.08
N GLN J 720 -46.31 47.22 33.42
CA GLN J 720 -46.75 46.22 32.45
C GLN J 720 -48.26 46.09 32.45
N PHE J 721 -48.84 46.04 31.26
CA PHE J 721 -50.29 46.04 31.11
C PHE J 721 -50.67 45.42 29.77
N SER J 722 -51.93 45.07 29.66
CA SER J 722 -52.44 44.65 28.36
C SER J 722 -53.21 45.78 27.70
N ILE J 723 -53.24 45.80 26.38
CA ILE J 723 -54.07 46.78 25.70
C ILE J 723 -55.51 46.35 25.87
N PRO J 724 -56.36 47.21 26.39
CA PRO J 724 -57.74 46.84 26.67
C PRO J 724 -58.54 46.71 25.41
N LYS J 725 -59.55 45.85 25.49
CA LYS J 725 -60.52 45.79 24.43
C LYS J 725 -61.24 47.11 24.42
N GLN J 726 -61.62 47.55 23.22
CA GLN J 726 -62.29 48.81 22.94
C GLN J 726 -61.31 49.97 22.97
N ALA J 727 -60.01 49.72 23.04
CA ALA J 727 -59.05 50.78 22.83
C ALA J 727 -59.25 51.32 21.42
N ASN J 728 -59.13 52.62 21.23
CA ASN J 728 -59.47 53.19 19.94
C ASN J 728 -58.34 53.98 19.29
N LEU J 729 -58.07 53.67 18.02
CA LEU J 729 -57.08 54.42 17.24
C LEU J 729 -57.66 55.65 16.55
N ASP J 730 -58.98 55.75 16.41
CA ASP J 730 -59.56 56.86 15.66
C ASP J 730 -60.23 57.85 16.64
N ASN J 731 -59.52 58.94 16.98
CA ASN J 731 -60.05 59.90 17.94
C ASN J 731 -59.72 61.30 17.42
N THR J 732 -60.18 62.34 18.12
CA THR J 732 -59.88 63.72 17.70
C THR J 732 -59.24 64.57 18.78
N VAL J 733 -59.36 64.21 20.06
CA VAL J 733 -58.81 65.00 21.16
C VAL J 733 -57.30 64.86 21.26
N LEU J 734 -56.76 63.80 20.67
CA LEU J 734 -55.35 63.49 20.55
C LEU J 734 -55.19 62.89 19.16
N PRO J 735 -54.04 63.10 18.51
CA PRO J 735 -53.79 62.62 17.14
C PRO J 735 -54.13 61.16 16.91
N PRO J 736 -54.76 60.84 15.78
CA PRO J 736 -55.18 59.47 15.44
C PRO J 736 -54.00 58.61 15.02
N GLY J 737 -54.19 57.30 15.11
CA GLY J 737 -53.17 56.35 14.67
C GLY J 737 -52.41 55.72 15.80
N TYR J 738 -52.59 56.23 17.01
CA TYR J 738 -51.91 55.77 18.19
C TYR J 738 -52.91 55.30 19.22
N HIS J 739 -52.53 54.32 20.02
CA HIS J 739 -53.31 54.07 21.21
C HIS J 739 -52.83 55.06 22.23
N TRP J 740 -53.73 55.63 23.04
CA TRP J 740 -53.26 56.60 24.00
C TRP J 740 -53.56 56.20 25.44
N ILE J 741 -52.56 56.39 26.30
CA ILE J 741 -52.60 56.11 27.73
C ILE J 741 -52.23 57.35 28.52
N LYS J 742 -52.96 57.61 29.58
CA LYS J 742 -52.79 58.78 30.40
C LYS J 742 -52.37 58.46 31.83
N ALA J 743 -51.42 59.23 32.35
CA ALA J 743 -51.04 59.18 33.75
C ALA J 743 -51.34 60.53 34.40
N SER J 744 -51.79 60.54 35.66
CA SER J 744 -52.08 61.84 36.28
C SER J 744 -51.76 61.97 37.77
N MET J 745 -51.52 63.23 38.16
CA MET J 745 -51.12 63.65 39.50
C MET J 745 -51.75 65.01 39.85
N VAL J 746 -52.07 65.25 41.14
CA VAL J 746 -52.64 66.53 41.58
C VAL J 746 -51.75 67.30 42.54
N LYS J 747 -50.49 66.96 42.56
CA LYS J 747 -49.50 67.46 43.47
C LYS J 747 -48.57 68.42 42.75
N PRO J 748 -47.76 69.20 43.50
CA PRO J 748 -46.84 70.16 42.87
C PRO J 748 -45.93 69.44 41.90
N PHE J 749 -45.43 70.14 40.89
CA PHE J 749 -44.75 69.39 39.84
C PHE J 749 -43.44 68.69 40.27
N ASP J 750 -42.78 69.05 41.37
CA ASP J 750 -41.48 68.46 41.70
C ASP J 750 -41.46 67.26 42.67
N VAL J 751 -42.61 66.82 43.16
CA VAL J 751 -42.72 65.68 44.07
C VAL J 751 -42.31 64.38 43.42
N VAL J 752 -42.05 64.37 42.11
CA VAL J 752 -41.58 63.21 41.39
C VAL J 752 -40.22 63.50 40.80
N SER J 753 -39.49 62.43 40.44
CA SER J 753 -38.16 62.55 39.85
C SER J 753 -38.22 62.89 38.37
N GLN J 754 -37.17 63.54 37.88
CA GLN J 754 -37.04 63.78 36.44
C GLN J 754 -36.74 62.49 35.69
N LEU J 755 -37.20 62.42 34.44
CA LEU J 755 -37.00 61.27 33.57
C LEU J 755 -35.83 61.43 32.64
N ILE J 756 -35.28 60.29 32.26
CA ILE J 756 -34.33 60.20 31.19
C ILE J 756 -35.04 59.71 29.96
N ASN J 757 -35.74 58.58 30.07
CA ASN J 757 -36.44 58.06 28.89
C ASN J 757 -37.50 57.02 29.25
N ILE J 758 -38.24 56.58 28.21
CA ILE J 758 -39.23 55.53 28.29
C ILE J 758 -39.01 54.55 27.13
N HIS J 759 -38.91 53.24 27.43
CA HIS J 759 -38.65 52.26 26.39
C HIS J 759 -39.63 51.08 26.41
N ALA J 760 -40.07 50.67 25.24
CA ALA J 760 -40.89 49.47 25.14
C ALA J 760 -40.00 48.26 24.92
N GLN J 761 -40.53 47.08 25.33
CA GLN J 761 -39.89 45.76 25.12
C GLN J 761 -38.65 45.53 25.98
N ALA J 762 -38.67 45.95 27.23
CA ALA J 762 -37.53 45.77 28.12
C ALA J 762 -37.49 44.38 28.77
N VAL J 763 -36.27 43.83 28.90
CA VAL J 763 -36.00 42.52 29.48
C VAL J 763 -34.87 42.62 30.50
N GLU J 764 -35.04 42.03 31.70
CA GLU J 764 -33.99 42.02 32.72
C GLU J 764 -33.13 40.75 32.70
N ALA J 765 -31.81 40.90 32.88
CA ALA J 765 -30.86 39.79 32.90
C ALA J 765 -29.78 39.95 33.97
N VAL J 766 -29.21 38.81 34.43
CA VAL J 766 -28.26 38.78 35.55
C VAL J 766 -27.00 37.97 35.23
N PHE J 767 -25.83 38.51 35.63
CA PHE J 767 -24.54 37.87 35.44
C PHE J 767 -24.43 36.48 36.04
N GLU J 768 -23.88 35.57 35.27
CA GLU J 768 -23.68 34.20 35.72
C GLU J 768 -22.25 34.01 36.22
N ASP J 769 -22.13 33.61 37.48
CA ASP J 769 -20.81 33.47 38.09
C ASP J 769 -20.18 32.13 37.70
N GLN J 770 -19.16 32.18 36.85
CA GLN J 770 -18.43 31.00 36.41
C GLN J 770 -16.96 31.19 36.76
N GLY J 771 -16.13 30.18 36.47
CA GLY J 771 -14.71 30.28 36.81
C GLY J 771 -13.90 31.27 35.98
N SER J 772 -14.17 32.57 36.18
CA SER J 772 -13.48 33.62 35.42
C SER J 772 -13.28 34.80 36.39
N SER J 773 -12.69 35.91 35.92
CA SER J 773 -12.45 37.06 36.78
C SER J 773 -13.46 38.19 36.55
N GLY J 774 -14.30 38.45 37.55
CA GLY J 774 -15.33 39.47 37.46
C GLY J 774 -14.80 40.87 37.63
N ASN J 775 -13.92 41.29 36.71
CA ASN J 775 -13.31 42.60 36.80
C ASN J 775 -14.34 43.71 36.64
N HIS J 776 -15.40 43.43 35.88
CA HIS J 776 -16.46 44.39 35.65
C HIS J 776 -17.35 44.56 36.87
N LEU J 777 -17.09 43.90 37.98
CA LEU J 777 -17.92 44.10 39.14
C LEU J 777 -17.42 45.24 40.02
N GLU J 778 -16.28 45.83 39.69
CA GLU J 778 -15.75 46.95 40.46
C GLU J 778 -16.49 48.24 40.14
N LYS J 779 -16.83 48.40 38.87
CA LYS J 779 -17.57 49.51 38.33
C LYS J 779 -18.55 48.88 37.37
N GLY J 780 -19.74 49.46 37.21
CA GLY J 780 -20.74 48.82 36.36
C GLY J 780 -20.25 48.62 34.93
N LEU J 781 -20.77 47.55 34.31
CA LEU J 781 -20.47 47.26 32.93
C LEU J 781 -20.87 48.47 32.12
N PRO J 782 -20.02 48.97 31.24
CA PRO J 782 -20.34 50.14 30.43
C PRO J 782 -21.59 49.92 29.60
N ALA J 783 -22.25 51.01 29.25
CA ALA J 783 -23.41 50.96 28.39
C ALA J 783 -22.98 50.50 27.01
N GLU J 784 -23.91 49.88 26.30
CA GLU J 784 -23.72 49.43 24.92
C GLU J 784 -22.59 48.43 24.69
N THR J 785 -22.36 47.55 25.63
CA THR J 785 -21.34 46.55 25.48
C THR J 785 -21.94 45.25 25.00
N ILE J 786 -23.24 45.15 25.06
CA ILE J 786 -23.95 43.93 24.74
C ILE J 786 -24.85 44.06 23.54
N SER J 787 -24.59 43.26 22.52
CA SER J 787 -25.39 43.28 21.32
C SER J 787 -25.98 41.98 20.77
N LYS J 788 -25.62 40.82 21.32
CA LYS J 788 -26.17 39.58 20.77
C LYS J 788 -26.31 38.38 21.70
N LEU J 789 -27.20 37.46 21.33
CA LEU J 789 -27.43 36.23 22.08
C LEU J 789 -26.31 35.20 21.86
N GLN J 790 -26.27 34.15 22.67
CA GLN J 790 -25.24 33.15 22.47
C GLN J 790 -25.46 32.52 21.10
N GLU J 791 -26.72 32.30 20.79
CA GLU J 791 -27.14 31.77 19.51
C GLU J 791 -27.67 32.94 18.72
N ARG J 792 -26.97 33.36 17.66
CA ARG J 792 -27.24 34.68 17.07
C ARG J 792 -28.64 34.84 16.48
N LEU J 793 -29.27 33.83 15.91
CA LEU J 793 -30.61 34.09 15.38
C LEU J 793 -31.67 33.26 16.06
N SER J 794 -32.64 33.96 16.63
CA SER J 794 -33.83 33.40 17.24
C SER J 794 -35.01 34.22 16.84
N TRP J 795 -35.07 34.80 15.63
CA TRP J 795 -36.16 35.68 15.15
C TRP J 795 -36.18 37.08 15.79
N ILE J 796 -35.01 37.58 16.15
CA ILE J 796 -34.83 38.86 16.82
C ILE J 796 -33.86 39.63 15.94
N LYS J 797 -34.20 40.88 15.64
CA LYS J 797 -33.38 41.71 14.78
C LYS J 797 -32.25 42.36 15.54
N SER J 798 -32.54 42.92 16.73
CA SER J 798 -31.47 43.63 17.41
C SER J 798 -31.72 43.72 18.93
N ILE J 799 -30.62 43.81 19.69
CA ILE J 799 -30.66 43.98 21.13
C ILE J 799 -29.83 45.18 21.53
N GLN J 800 -30.42 46.11 22.27
CA GLN J 800 -29.72 47.28 22.77
C GLN J 800 -29.55 47.31 24.28
N GLN J 801 -28.34 47.66 24.73
CA GLN J 801 -28.07 47.91 26.15
C GLN J 801 -27.87 49.40 26.47
N PRO J 802 -28.95 50.17 26.63
CA PRO J 802 -28.81 51.64 26.77
C PRO J 802 -28.14 52.16 28.06
N TYR J 803 -28.10 51.41 29.16
CA TYR J 803 -27.56 51.90 30.43
C TYR J 803 -26.54 50.93 31.04
N PRO J 804 -25.60 51.45 31.86
CA PRO J 804 -24.61 50.64 32.59
C PRO J 804 -25.23 49.65 33.56
N SER J 805 -24.51 48.55 33.87
CA SER J 805 -25.05 47.56 34.80
C SER J 805 -24.93 48.01 36.25
N THR J 806 -25.72 47.38 37.14
CA THR J 806 -25.69 47.79 38.54
C THR J 806 -25.97 46.67 39.57
N LYS J 807 -25.54 46.92 40.80
CA LYS J 807 -25.70 46.07 41.99
C LYS J 807 -24.67 44.96 42.18
N GLY J 808 -23.57 44.94 41.43
CA GLY J 808 -22.59 43.88 41.61
C GLY J 808 -21.53 44.23 42.66
N LYS J 809 -20.73 43.23 43.04
CA LYS J 809 -19.65 43.41 44.01
C LYS J 809 -18.57 42.35 43.88
N ALA J 810 -17.31 42.78 43.79
CA ALA J 810 -16.18 41.87 43.70
C ALA J 810 -15.79 41.30 45.06
N GLN J 811 -15.07 40.17 45.04
CA GLN J 811 -14.56 39.50 46.26
C GLN J 811 -13.65 40.44 47.04
N GLU J 812 -13.60 40.28 48.37
CA GLU J 812 -12.74 41.14 49.17
C GLU J 812 -11.26 40.92 48.89
N SER J 813 -10.53 42.02 48.83
CA SER J 813 -9.08 42.02 48.74
C SER J 813 -8.52 41.81 50.13
N ASP J 814 -7.21 41.52 50.22
CA ASP J 814 -6.59 41.39 51.54
C ASP J 814 -6.66 42.70 52.31
N GLU J 815 -6.51 43.80 51.59
CA GLU J 815 -6.50 45.12 52.19
C GLU J 815 -7.84 45.45 52.80
N ASP J 816 -8.93 45.00 52.16
CA ASP J 816 -10.25 45.28 52.69
C ASP J 816 -10.57 44.35 53.82
N TYR J 817 -10.12 43.10 53.71
CA TYR J 817 -10.34 42.16 54.79
C TYR J 817 -9.73 42.67 56.07
N TYR J 818 -8.48 43.11 56.01
CA TYR J 818 -7.82 43.61 57.20
C TYR J 818 -8.48 44.88 57.69
N ARG J 819 -8.90 45.76 56.79
CA ARG J 819 -9.56 46.99 57.17
C ARG J 819 -10.86 46.72 57.92
N ARG J 820 -11.69 45.81 57.39
CA ARG J 820 -12.97 45.49 58.01
C ARG J 820 -12.81 44.85 59.38
N VAL J 821 -11.89 43.88 59.50
CA VAL J 821 -11.74 43.19 60.77
C VAL J 821 -11.22 44.15 61.82
N SER J 822 -10.27 44.98 61.43
CA SER J 822 -9.63 45.87 62.37
C SER J 822 -10.65 46.86 62.94
N GLU J 823 -11.52 47.43 62.10
CA GLU J 823 -12.49 48.37 62.63
C GLU J 823 -13.51 47.71 63.56
N ARG J 824 -13.98 46.49 63.25
CA ARG J 824 -14.97 45.89 64.16
C ARG J 824 -14.40 45.70 65.55
N LEU J 825 -13.13 45.34 65.62
CA LEU J 825 -12.46 45.13 66.90
C LEU J 825 -12.38 46.39 67.74
N ARG J 826 -12.62 47.56 67.15
CA ARG J 826 -12.61 48.84 67.85
C ARG J 826 -13.99 49.38 68.14
N HIS J 827 -14.90 49.39 67.17
CA HIS J 827 -16.20 50.03 67.41
C HIS J 827 -17.25 49.09 67.97
N LYS J 828 -17.02 47.78 67.93
CA LYS J 828 -17.88 46.74 68.52
C LYS J 828 -19.29 46.72 67.94
N LYS J 829 -19.44 47.25 66.73
CA LYS J 829 -20.71 47.33 66.00
C LYS J 829 -21.73 48.21 66.73
N ARG J 830 -21.28 49.25 67.44
CA ARG J 830 -22.19 50.18 68.10
C ARG J 830 -22.02 51.55 67.46
N ALA J 831 -23.09 52.32 67.34
CA ALA J 831 -22.98 53.66 66.77
C ALA J 831 -22.97 54.71 67.86
N ILE J 832 -21.83 54.97 68.50
CA ILE J 832 -21.81 55.91 69.63
C ILE J 832 -21.18 57.26 69.27
N THR J 833 -19.92 57.29 68.86
CA THR J 833 -19.28 58.55 68.52
C THR J 833 -19.30 58.90 67.03
N LEU J 834 -18.48 59.85 66.60
CA LEU J 834 -18.43 60.29 65.21
C LEU J 834 -17.83 59.25 64.29
N TRP J 835 -16.65 58.76 64.66
CA TRP J 835 -15.93 57.79 63.86
C TRP J 835 -16.77 56.56 63.63
N ASP J 836 -17.49 56.15 64.69
CA ASP J 836 -18.32 54.97 64.64
C ASP J 836 -19.36 55.11 63.56
N TYR J 837 -20.09 56.21 63.56
CA TYR J 837 -21.16 56.42 62.58
C TYR J 837 -20.61 56.47 61.17
N GLU J 838 -19.51 57.20 60.97
CA GLU J 838 -18.97 57.42 59.64
C GLU J 838 -18.39 56.12 59.05
N HIS J 839 -17.74 55.32 59.88
CA HIS J 839 -17.17 54.08 59.38
C HIS J 839 -18.20 52.96 59.26
N LEU J 840 -19.23 52.94 60.11
CA LEU J 840 -20.28 51.95 59.95
C LEU J 840 -20.98 52.11 58.61
N ILE J 841 -21.24 53.35 58.19
CA ILE J 841 -21.91 53.56 56.91
C ILE J 841 -21.01 53.26 55.74
N LEU J 842 -19.76 53.73 55.75
CA LEU J 842 -18.95 53.44 54.57
C LEU J 842 -18.73 51.93 54.40
N GLN J 843 -18.62 51.19 55.51
CA GLN J 843 -18.48 49.73 55.35
C GLN J 843 -19.76 49.08 54.87
N LYS J 844 -20.93 49.53 55.36
CA LYS J 844 -22.22 48.92 55.05
C LYS J 844 -22.76 49.29 53.67
N PHE J 845 -22.66 50.57 53.28
CA PHE J 845 -23.26 51.04 52.04
C PHE J 845 -22.19 51.36 51.00
N PRO J 846 -21.99 50.46 50.02
CA PRO J 846 -20.86 50.54 49.06
C PRO J 846 -20.92 51.68 48.05
N LYS J 847 -22.05 52.36 47.91
CA LYS J 847 -22.14 53.42 46.92
C LYS J 847 -22.42 54.75 47.62
N VAL J 848 -21.60 55.02 48.60
CA VAL J 848 -21.51 56.28 49.29
C VAL J 848 -20.05 56.67 49.21
N TYR J 849 -19.78 57.88 48.77
CA TYR J 849 -18.42 58.35 48.56
C TYR J 849 -17.91 59.07 49.81
N LYS J 850 -18.72 59.95 50.36
CA LYS J 850 -18.34 60.65 51.57
C LYS J 850 -19.49 60.68 52.54
N VAL J 851 -19.12 60.80 53.83
CA VAL J 851 -20.10 60.87 54.88
C VAL J 851 -19.68 61.95 55.89
N LYS J 852 -20.66 62.57 56.54
CA LYS J 852 -20.39 63.52 57.60
C LYS J 852 -21.42 63.45 58.72
N CYS J 853 -20.97 63.27 59.96
CA CYS J 853 -21.86 63.24 61.10
C CYS J 853 -21.86 64.57 61.86
N LEU J 854 -23.06 65.08 62.15
CA LEU J 854 -23.28 66.38 62.79
C LEU J 854 -23.92 66.21 64.18
N ASN J 855 -23.10 66.45 65.22
CA ASN J 855 -23.39 66.09 66.62
C ASN J 855 -24.65 66.69 67.25
N HIS J 856 -24.98 67.94 66.97
CA HIS J 856 -26.15 68.54 67.61
C HIS J 856 -27.09 69.10 66.57
N THR J 857 -27.06 68.57 65.37
CA THR J 857 -27.80 69.19 64.28
C THR J 857 -29.18 68.59 64.05
N CYS J 858 -30.15 69.47 64.06
CA CYS J 858 -31.52 69.35 63.63
C CYS J 858 -31.76 70.35 62.54
N SER J 859 -32.84 70.21 61.77
CA SER J 859 -33.05 71.13 60.65
C SER J 859 -33.14 72.60 61.06
N SER J 860 -33.54 72.88 62.29
CA SER J 860 -33.68 74.23 62.79
C SER J 860 -32.68 74.59 63.88
N SER J 861 -31.64 73.77 64.09
CA SER J 861 -30.74 74.03 65.21
C SER J 861 -29.38 73.36 65.07
N PHE J 862 -28.34 74.05 65.53
CA PHE J 862 -27.02 73.45 65.60
C PHE J 862 -26.56 73.26 67.04
N GLN J 863 -27.49 73.34 68.01
CA GLN J 863 -27.24 73.15 69.44
C GLN J 863 -28.35 72.36 70.16
N SER J 864 -28.99 71.41 69.49
CA SER J 864 -30.02 70.61 70.16
C SER J 864 -29.53 69.25 70.61
N PRO J 865 -29.58 68.98 71.92
CA PRO J 865 -29.12 67.71 72.46
C PRO J 865 -30.11 66.62 72.14
N GLY J 866 -29.62 65.39 72.08
CA GLY J 866 -30.50 64.25 71.88
C GLY J 866 -30.86 63.98 70.44
N ASN J 867 -30.04 64.39 69.48
CA ASN J 867 -30.36 64.20 68.09
C ASN J 867 -29.07 64.15 67.29
N ALA J 868 -29.18 63.92 65.98
CA ALA J 868 -28.02 63.93 65.09
C ALA J 868 -28.46 63.96 63.64
N THR J 869 -27.63 64.57 62.78
CA THR J 869 -27.85 64.54 61.34
C THR J 869 -26.65 63.98 60.62
N LEU J 870 -26.92 63.14 59.62
CA LEU J 870 -25.89 62.55 58.78
C LEU J 870 -26.05 63.03 57.35
N ILE J 871 -24.95 63.41 56.71
CA ILE J 871 -24.98 63.87 55.33
C ILE J 871 -24.31 62.86 54.42
N LEU J 872 -25.00 62.46 53.36
CA LEU J 872 -24.49 61.47 52.43
C LEU J 872 -24.18 62.04 51.04
N VAL J 873 -23.00 61.73 50.53
CA VAL J 873 -22.56 62.11 49.19
C VAL J 873 -22.28 60.86 48.36
N PRO J 874 -22.96 60.69 47.22
CA PRO J 874 -22.80 59.52 46.33
C PRO J 874 -21.53 59.63 45.50
N ASP J 875 -21.19 58.56 44.78
CA ASP J 875 -19.98 58.62 43.96
C ASP J 875 -20.32 59.29 42.64
N THR J 876 -21.44 58.87 42.02
CA THR J 876 -21.88 59.22 40.68
C THR J 876 -20.80 59.15 39.62
N VAL J 877 -20.04 58.05 39.58
CA VAL J 877 -19.01 57.93 38.55
C VAL J 877 -19.61 57.88 37.15
N GLN J 878 -20.73 57.16 36.99
CA GLN J 878 -21.33 57.03 35.65
C GLN J 878 -22.13 58.27 35.29
N GLN J 879 -21.38 59.31 34.91
CA GLN J 879 -21.90 60.62 34.55
C GLN J 879 -22.82 60.61 33.33
N SER J 880 -22.88 59.50 32.59
CA SER J 880 -23.85 59.27 31.52
C SER J 880 -25.28 59.36 31.98
N VAL J 881 -25.49 59.15 33.26
CA VAL J 881 -26.75 59.24 33.96
C VAL J 881 -26.79 60.44 34.89
N PHE J 882 -25.82 60.51 35.78
CA PHE J 882 -25.86 61.45 36.90
C PHE J 882 -25.53 62.89 36.54
N ASP J 883 -26.14 63.80 37.29
CA ASP J 883 -25.79 65.20 37.18
C ASP J 883 -24.64 65.43 38.15
N ILE J 884 -23.44 65.59 37.61
CA ILE J 884 -22.25 65.60 38.44
C ILE J 884 -22.03 66.92 39.16
N TYR J 885 -22.86 67.94 38.93
CA TYR J 885 -22.69 69.19 39.65
C TYR J 885 -23.76 69.38 40.71
N GLN J 886 -24.72 68.46 40.72
CA GLN J 886 -25.77 68.32 41.72
C GLN J 886 -26.01 66.86 42.09
N PRO J 887 -24.97 66.15 42.56
CA PRO J 887 -25.12 64.73 42.94
C PRO J 887 -26.10 64.62 44.10
N ARG J 888 -26.99 63.64 44.03
CA ARG J 888 -27.97 63.43 45.11
C ARG J 888 -28.18 61.96 45.39
N VAL J 889 -28.55 61.69 46.63
CA VAL J 889 -28.97 60.39 47.13
C VAL J 889 -30.48 60.23 47.06
N SER J 890 -30.93 59.14 46.46
CA SER J 890 -32.33 58.77 46.36
C SER J 890 -32.94 58.37 47.71
N GLN J 891 -34.28 58.33 47.72
CA GLN J 891 -34.98 58.01 48.97
C GLN J 891 -34.65 56.63 49.50
N GLY J 892 -34.43 55.65 48.61
CA GLY J 892 -34.12 54.31 49.07
C GLY J 892 -32.94 54.31 50.01
N THR J 893 -31.82 54.87 49.57
CA THR J 893 -30.64 54.93 50.41
C THR J 893 -30.84 55.80 51.64
N LEU J 894 -31.49 56.97 51.51
CA LEU J 894 -31.62 57.84 52.68
C LEU J 894 -32.37 57.13 53.80
N ASN J 895 -33.38 56.34 53.44
CA ASN J 895 -34.17 55.61 54.42
C ASN J 895 -33.44 54.38 54.95
N ASP J 896 -32.77 53.62 54.09
CA ASP J 896 -32.04 52.42 54.52
C ASP J 896 -30.96 52.78 55.52
N VAL J 897 -30.27 53.89 55.28
CA VAL J 897 -29.20 54.33 56.17
C VAL J 897 -29.76 54.67 57.53
N ALA J 898 -30.87 55.41 57.56
CA ALA J 898 -31.47 55.78 58.83
C ALA J 898 -31.89 54.57 59.63
N ALA J 899 -32.50 53.58 58.98
CA ALA J 899 -32.95 52.39 59.68
C ALA J 899 -31.78 51.62 60.29
N PHE J 900 -30.73 51.45 59.50
CA PHE J 900 -29.54 50.70 59.91
C PHE J 900 -28.91 51.27 61.16
N VAL J 901 -28.67 52.55 61.13
CA VAL J 901 -28.11 53.24 62.24
C VAL J 901 -28.98 53.37 63.48
N ASN J 902 -30.28 53.60 63.31
CA ASN J 902 -31.13 53.82 64.47
C ASN J 902 -31.21 52.57 65.34
N GLU J 903 -31.16 51.38 64.73
CA GLU J 903 -31.05 50.12 65.47
C GLU J 903 -29.82 49.97 66.34
N LEU J 904 -28.74 50.68 66.04
CA LEU J 904 -27.48 50.55 66.74
C LEU J 904 -27.16 51.74 67.64
N ASN J 905 -28.03 52.72 67.78
CA ASN J 905 -27.62 53.92 68.50
C ASN J 905 -27.81 53.82 69.99
N SER J 906 -29.06 53.86 70.40
CA SER J 906 -29.51 53.90 71.77
C SER J 906 -31.00 53.90 71.71
N PHE J 907 -31.61 53.35 72.76
CA PHE J 907 -33.06 53.40 72.87
C PHE J 907 -33.63 54.81 72.67
N HIS J 908 -32.91 55.82 73.14
CA HIS J 908 -33.40 57.18 73.15
C HIS J 908 -33.06 58.03 71.93
N VAL J 909 -32.34 57.55 70.91
CA VAL J 909 -31.89 58.46 69.85
C VAL J 909 -32.19 58.00 68.42
N GLN J 910 -32.80 58.88 67.65
CA GLN J 910 -33.00 58.68 66.23
C GLN J 910 -32.17 59.68 65.44
N ALA J 911 -31.53 59.22 64.36
CA ALA J 911 -30.76 60.10 63.51
C ALA J 911 -31.53 60.40 62.24
N LYS J 912 -31.23 61.55 61.64
CA LYS J 912 -31.80 61.92 60.35
C LYS J 912 -30.75 61.88 59.25
N VAL J 913 -31.16 61.45 58.07
CA VAL J 913 -30.27 61.28 56.94
C VAL J 913 -30.70 62.20 55.81
N ILE J 914 -29.80 63.08 55.35
CA ILE J 914 -30.14 64.08 54.35
C ILE J 914 -29.10 64.18 53.21
N ASN J 915 -29.50 64.88 52.15
CA ASN J 915 -28.59 65.30 51.10
C ASN J 915 -27.91 66.62 51.53
N PRO J 916 -26.67 66.84 51.07
CA PRO J 916 -25.86 68.03 51.44
C PRO J 916 -26.41 69.35 51.01
N ASN J 917 -27.26 69.39 49.98
CA ASN J 917 -27.81 70.63 49.43
C ASN J 917 -26.70 71.63 49.11
N TYR J 918 -25.83 71.20 48.20
CA TYR J 918 -24.58 71.88 47.89
C TYR J 918 -24.74 73.31 47.40
N GLU J 919 -23.76 74.13 47.79
CA GLU J 919 -23.60 75.53 47.41
C GLU J 919 -22.10 75.87 47.44
N GLU J 920 -21.62 76.66 46.46
CA GLU J 920 -20.19 76.90 46.39
C GLU J 920 -19.74 78.11 45.55
N VAL J 921 -18.55 78.61 45.89
CA VAL J 921 -17.80 79.70 45.27
C VAL J 921 -16.93 79.23 44.12
N LYS J 922 -16.49 80.16 43.27
CA LYS J 922 -15.65 79.75 42.15
C LYS J 922 -14.56 80.76 41.80
N VAL J 923 -13.48 80.22 41.23
CA VAL J 923 -12.25 80.91 40.93
C VAL J 923 -12.27 81.70 39.63
N ASP J 924 -11.39 82.70 39.63
CA ASP J 924 -11.00 83.55 38.53
C ASP J 924 -9.53 83.85 38.74
N VAL J 925 -8.78 84.12 37.68
CA VAL J 925 -7.36 84.33 37.91
C VAL J 925 -6.68 85.11 36.80
N LYS J 926 -5.50 85.60 37.15
CA LYS J 926 -4.58 86.21 36.21
C LYS J 926 -4.22 85.20 35.15
N VAL J 927 -4.03 85.68 33.93
CA VAL J 927 -3.71 84.79 32.84
C VAL J 927 -2.40 84.08 33.07
N LYS J 928 -2.34 82.84 32.64
CA LYS J 928 -1.10 82.10 32.71
C LYS J 928 -0.01 82.79 31.89
N PHE J 929 1.19 82.80 32.44
CA PHE J 929 2.36 83.38 31.78
C PHE J 929 2.87 82.51 30.66
N ARG J 930 2.39 81.28 30.59
CA ARG J 930 2.78 80.37 29.55
C ARG J 930 1.69 79.36 29.35
N GLU J 931 1.69 78.80 28.15
CA GLU J 931 0.76 77.77 27.77
C GLU J 931 1.42 77.02 26.63
N GLY J 932 1.03 75.76 26.43
CA GLY J 932 1.59 74.99 25.31
C GLY J 932 1.29 75.66 23.97
N LEU J 933 0.08 76.16 23.84
CA LEU J 933 -0.39 76.87 22.66
C LEU J 933 -1.71 77.51 23.01
N ASP J 934 -2.10 78.51 22.23
CA ASP J 934 -3.39 79.14 22.45
C ASP J 934 -4.55 78.17 22.40
N VAL J 935 -4.45 77.11 21.59
CA VAL J 935 -5.50 76.11 21.53
C VAL J 935 -5.22 74.91 22.44
N SER J 936 -4.01 74.35 22.32
CA SER J 936 -3.63 73.13 23.05
C SER J 936 -3.72 73.29 24.55
N PHE J 937 -3.47 74.50 25.04
CA PHE J 937 -3.56 74.79 26.43
C PHE J 937 -4.35 76.05 26.60
N TYR J 938 -5.46 76.09 25.87
CA TYR J 938 -6.38 77.22 25.89
C TYR J 938 -6.85 77.45 27.30
N LEU J 939 -7.21 78.71 27.60
CA LEU J 939 -7.75 79.01 28.92
C LEU J 939 -8.95 78.16 29.23
N THR J 940 -9.72 77.80 28.20
CA THR J 940 -10.83 76.88 28.36
C THR J 940 -10.38 75.51 28.85
N LYS J 941 -9.23 75.03 28.38
CA LYS J 941 -8.73 73.75 28.83
C LYS J 941 -8.35 73.81 30.29
N VAL J 942 -7.74 74.93 30.68
CA VAL J 942 -7.38 75.15 32.06
C VAL J 942 -8.63 75.20 32.91
N LYS J 943 -9.69 75.83 32.40
CA LYS J 943 -10.94 75.89 33.12
C LYS J 943 -11.53 74.52 33.32
N GLU J 944 -11.45 73.67 32.29
CA GLU J 944 -11.95 72.30 32.40
C GLU J 944 -11.19 71.52 33.46
N ASP J 945 -9.87 71.69 33.48
CA ASP J 945 -9.05 71.00 34.48
C ASP J 945 -9.41 71.47 35.88
N ILE J 946 -9.61 72.77 36.04
CA ILE J 946 -9.99 73.31 37.33
C ILE J 946 -11.31 72.75 37.79
N LYS J 947 -12.27 72.64 36.86
CA LYS J 947 -13.57 72.08 37.18
C LYS J 947 -13.44 70.64 37.61
N LYS J 948 -12.60 69.86 36.93
CA LYS J 948 -12.43 68.46 37.32
C LYS J 948 -11.86 68.33 38.71
N PHE J 949 -10.87 69.17 39.05
CA PHE J 949 -10.24 69.10 40.36
C PHE J 949 -11.25 69.38 41.46
N LEU J 950 -12.15 70.32 41.23
CA LEU J 950 -13.17 70.63 42.21
C LEU J 950 -14.27 69.57 42.21
N SER J 951 -14.62 69.09 41.00
CA SER J 951 -15.70 68.12 40.83
C SER J 951 -15.42 66.86 41.61
N PRO J 952 -14.15 66.46 41.69
CA PRO J 952 -13.71 65.29 42.43
C PRO J 952 -14.05 65.36 43.92
N TRP J 953 -14.26 66.55 44.44
CA TRP J 953 -14.69 66.64 45.83
C TRP J 953 -16.19 66.49 45.90
N ALA J 954 -16.89 67.14 44.96
CA ALA J 954 -18.35 67.11 44.87
C ALA J 954 -18.88 65.73 44.53
N TYR J 955 -18.16 65.03 43.69
CA TYR J 955 -18.56 63.74 43.17
C TYR J 955 -17.28 62.97 42.92
N ASP J 956 -17.37 61.67 42.79
CA ASP J 956 -16.13 60.95 42.55
C ASP J 956 -15.50 61.31 41.21
N GLN J 957 -14.19 61.54 41.25
CA GLN J 957 -13.33 61.79 40.10
C GLN J 957 -11.91 61.76 40.65
N GLU J 958 -10.92 61.73 39.78
CA GLU J 958 -9.56 61.79 40.28
C GLU J 958 -9.15 63.23 40.54
N SER J 959 -8.33 63.43 41.58
CA SER J 959 -7.71 64.72 41.88
C SER J 959 -6.55 64.53 42.83
N SER J 960 -5.39 65.11 42.48
CA SER J 960 -4.21 65.01 43.34
C SER J 960 -4.38 65.78 44.65
N VAL J 961 -5.06 66.93 44.59
CA VAL J 961 -5.25 67.77 45.76
C VAL J 961 -6.08 67.08 46.82
N GLU J 962 -5.72 67.29 48.09
CA GLU J 962 -6.43 66.70 49.22
C GLU J 962 -7.90 67.13 49.28
N PHE J 963 -8.19 68.38 48.91
CA PHE J 963 -9.56 68.87 48.99
C PHE J 963 -9.75 70.09 48.11
N GLY J 964 -10.99 70.26 47.62
CA GLY J 964 -11.39 71.49 46.96
C GLY J 964 -11.42 72.65 47.94
N VAL J 965 -11.84 72.37 49.17
CA VAL J 965 -12.01 73.39 50.21
C VAL J 965 -10.64 73.70 50.81
N THR J 966 -9.86 74.47 50.05
CA THR J 966 -8.49 74.72 50.44
C THR J 966 -8.07 76.12 50.04
N LEU J 967 -6.93 76.50 50.59
CA LEU J 967 -6.29 77.78 50.33
C LEU J 967 -5.75 77.82 48.91
N HIS J 968 -5.53 79.05 48.43
CA HIS J 968 -5.00 79.28 47.08
C HIS J 968 -3.67 78.60 46.86
N ARG J 969 -2.93 78.34 47.94
CA ARG J 969 -1.66 77.65 47.83
C ARG J 969 -1.82 76.27 47.24
N SER J 970 -2.92 75.59 47.56
CA SER J 970 -3.17 74.28 47.02
C SER J 970 -3.51 74.38 45.55
N GLN J 971 -4.33 75.37 45.23
CA GLN J 971 -4.72 75.60 43.86
C GLN J 971 -3.51 75.94 43.00
N MET J 972 -2.61 76.74 43.55
CA MET J 972 -1.41 77.13 42.83
C MET J 972 -0.54 75.94 42.54
N ILE J 973 -0.39 75.05 43.52
CA ILE J 973 0.40 73.84 43.32
C ILE J 973 -0.20 72.96 42.24
N HIS J 974 -1.53 72.84 42.24
CA HIS J 974 -2.21 72.00 41.26
C HIS J 974 -1.95 72.48 39.85
N TYR J 975 -1.93 73.80 39.66
CA TYR J 975 -1.69 74.39 38.36
C TYR J 975 -0.20 74.36 38.02
N LEU J 976 0.66 74.61 39.00
CA LEU J 976 2.11 74.65 38.77
C LEU J 976 2.61 73.31 38.25
N GLU J 977 1.98 72.24 38.70
CA GLU J 977 2.30 70.88 38.28
C GLU J 977 2.02 70.62 36.81
N GLN J 978 1.22 71.46 36.15
CA GLN J 978 0.87 71.25 34.75
C GLN J 978 2.09 71.38 33.84
N LEU J 979 2.11 70.57 32.78
CA LEU J 979 3.18 70.59 31.80
C LEU J 979 3.07 71.75 30.81
N THR J 980 2.04 72.56 30.95
CA THR J 980 1.76 73.66 30.04
C THR J 980 1.45 74.93 30.81
N TYR J 981 2.33 75.30 31.75
CA TYR J 981 2.12 76.49 32.57
C TYR J 981 3.46 77.01 33.09
N VAL J 982 3.49 78.30 33.45
CA VAL J 982 4.70 78.84 34.08
C VAL J 982 4.45 79.69 35.31
N ASP J 983 3.38 80.50 35.31
CA ASP J 983 3.16 81.44 36.40
C ASP J 983 1.78 82.06 36.25
N TYR J 984 1.34 82.72 37.31
CA TYR J 984 0.16 83.57 37.28
C TYR J 984 0.26 84.57 38.42
N ILE J 985 0.08 85.86 38.09
CA ILE J 985 0.30 86.96 39.03
C ILE J 985 -0.66 86.97 40.22
N THR J 986 -1.92 86.58 40.02
CA THR J 986 -2.92 86.70 41.08
C THR J 986 -4.09 85.77 40.83
N ASP J 987 -4.84 85.47 41.90
CA ASP J 987 -6.05 84.66 41.80
C ASP J 987 -7.00 84.97 42.95
N LEU J 988 -8.28 84.67 42.75
CA LEU J 988 -9.32 84.86 43.76
C LEU J 988 -10.47 83.89 43.51
N ARG J 989 -11.28 83.63 44.54
CA ARG J 989 -12.42 82.72 44.36
C ARG J 989 -13.64 83.05 45.23
N LEU J 990 -14.16 84.27 45.15
CA LEU J 990 -15.30 84.62 45.99
C LEU J 990 -16.56 83.93 45.49
N LEU J 991 -17.55 83.83 46.40
CA LEU J 991 -18.85 83.30 46.03
C LEU J 991 -19.52 84.22 45.04
N LYS J 992 -20.33 83.62 44.19
CA LYS J 992 -20.95 84.32 43.08
C LYS J 992 -22.12 85.19 43.55
N ARG J 993 -21.77 86.37 44.08
CA ARG J 993 -22.78 87.37 44.47
C ARG J 993 -23.61 87.83 43.30
N GLN J 994 -23.04 87.64 42.12
CA GLN J 994 -23.60 88.06 40.86
C GLN J 994 -24.30 86.93 40.14
N ALA J 995 -24.64 85.88 40.87
CA ALA J 995 -25.37 84.80 40.25
C ALA J 995 -26.81 85.24 40.26
N GLY J 996 -27.31 85.60 39.08
CA GLY J 996 -28.68 86.05 38.89
C GLY J 996 -29.71 84.94 39.06
N SER J 997 -29.40 83.73 38.60
CA SER J 997 -30.36 82.63 38.59
C SER J 997 -30.86 82.22 39.96
N SER J 998 -29.97 82.17 40.91
CA SER J 998 -30.28 81.83 42.26
C SER J 998 -30.39 83.28 42.77
N PRO J 999 -31.42 83.61 43.52
CA PRO J 999 -31.70 85.03 43.82
C PRO J 999 -30.57 85.88 44.46
N CYS J 1000 -30.56 87.16 44.07
CA CYS J 1000 -29.53 88.15 44.42
C CYS J 1000 -29.48 88.44 45.92
N ASN J 1001 -28.37 89.05 46.36
CA ASN J 1001 -28.13 89.16 47.81
C ASN J 1001 -27.43 87.93 48.33
N PRO J 1002 -26.99 87.07 47.41
CA PRO J 1002 -26.28 85.87 47.79
C PRO J 1002 -24.96 86.23 48.45
N ILE J 1003 -24.63 85.45 49.47
CA ILE J 1003 -23.39 85.63 50.20
C ILE J 1003 -22.21 85.36 49.29
N PHE J 1004 -21.15 86.11 49.55
CA PHE J 1004 -19.92 86.08 48.79
C PHE J 1004 -18.83 85.58 49.71
N ILE J 1005 -17.74 85.10 49.12
CA ILE J 1005 -16.66 84.57 49.94
C ILE J 1005 -15.39 85.38 49.73
N GLU J 1006 -15.48 86.66 50.07
CA GLU J 1006 -14.42 87.61 49.82
C GLU J 1006 -13.46 87.79 51.00
N THR J 1007 -13.90 87.52 52.23
CA THR J 1007 -13.13 87.89 53.42
C THR J 1007 -12.01 86.90 53.77
N THR J 1008 -11.07 86.72 52.83
CA THR J 1008 -9.84 85.93 53.02
C THR J 1008 -10.05 84.52 53.58
N GLU J 1009 -11.09 83.82 53.11
CA GLU J 1009 -11.31 82.46 53.57
C GLU J 1009 -10.61 81.46 52.66
N LYS J 1010 -10.11 80.37 53.24
CA LYS J 1010 -9.56 79.30 52.42
C LYS J 1010 -10.66 78.41 51.87
N GLU J 1011 -11.54 79.03 51.07
CA GLU J 1011 -12.70 78.39 50.47
C GLU J 1011 -13.59 77.67 51.47
N TYR J 1012 -13.79 78.26 52.65
CA TYR J 1012 -14.61 77.62 53.69
C TYR J 1012 -16.04 77.44 53.21
N ILE J 1013 -16.65 76.33 53.60
CA ILE J 1013 -18.04 76.12 53.27
C ILE J 1013 -18.90 77.19 53.92
N GLN J 1014 -19.94 77.60 53.19
CA GLN J 1014 -20.87 78.63 53.64
C GLN J 1014 -21.60 78.23 54.92
N PRO J 1015 -21.74 76.94 55.18
CA PRO J 1015 -22.51 76.46 56.31
C PRO J 1015 -22.10 75.04 56.67
N SER J 1016 -22.49 74.64 57.89
CA SER J 1016 -22.27 73.28 58.37
C SER J 1016 -22.96 72.24 57.49
N ASN J 1017 -24.09 72.61 56.91
CA ASN J 1017 -24.88 71.78 56.02
C ASN J 1017 -25.52 72.75 55.05
N PRO J 1018 -25.97 72.27 53.89
CA PRO J 1018 -26.51 73.13 52.82
C PRO J 1018 -25.39 73.98 52.25
N LYS J 1019 -24.23 73.33 52.10
CA LYS J 1019 -23.04 73.94 51.55
C LYS J 1019 -22.10 72.81 51.14
N SER J 1020 -21.24 73.12 50.15
CA SER J 1020 -20.24 72.14 49.75
C SER J 1020 -18.87 72.73 49.47
N ILE J 1021 -18.75 73.99 49.06
CA ILE J 1021 -17.47 74.55 48.63
C ILE J 1021 -16.79 73.70 47.56
N LEU J 1022 -17.58 73.22 46.60
CA LEU J 1022 -17.08 72.38 45.52
C LEU J 1022 -17.74 72.75 44.19
N VAL J 1023 -17.68 74.03 43.81
CA VAL J 1023 -18.26 74.48 42.55
C VAL J 1023 -17.42 73.95 41.41
N SER J 1024 -18.05 73.68 40.28
CA SER J 1024 -17.29 73.16 39.15
C SER J 1024 -18.09 73.35 37.87
N ARG K 14 34.63 87.01 -5.37
CA ARG K 14 34.82 85.57 -5.24
C ARG K 14 33.45 84.92 -5.01
N ASP K 15 33.33 83.64 -5.36
CA ASP K 15 32.05 82.94 -5.27
C ASP K 15 31.90 82.01 -4.05
N GLY K 16 32.77 82.15 -3.06
CA GLY K 16 32.69 81.34 -1.87
C GLY K 16 32.98 79.88 -2.17
N THR K 17 32.07 79.02 -1.76
CA THR K 17 32.19 77.58 -1.96
C THR K 17 30.82 76.92 -2.06
N GLY K 18 30.87 75.60 -2.19
CA GLY K 18 29.63 74.84 -2.32
C GLY K 18 29.89 73.36 -2.35
N ARG K 19 28.81 72.61 -2.50
CA ARG K 19 28.84 71.15 -2.37
C ARG K 19 29.77 70.43 -3.33
N ARG K 20 29.85 70.88 -4.58
CA ARG K 20 30.69 70.17 -5.56
C ARG K 20 32.18 70.45 -5.37
N ASP K 21 32.55 71.37 -4.50
CA ASP K 21 33.92 71.81 -4.36
C ASP K 21 34.52 71.22 -3.09
N LEU K 22 33.83 70.30 -2.44
CA LEU K 22 34.24 69.81 -1.13
C LEU K 22 35.08 68.54 -1.14
N LEU K 23 35.55 68.07 -2.30
CA LEU K 23 36.33 66.84 -2.36
C LEU K 23 37.83 67.13 -2.31
N ASP K 24 38.50 66.57 -1.31
CA ASP K 24 39.95 66.74 -1.16
C ASP K 24 40.62 65.58 -1.92
N PRO K 25 41.30 65.85 -3.03
CA PRO K 25 41.90 64.82 -3.88
C PRO K 25 43.03 64.05 -3.23
N LYS K 26 43.59 64.55 -2.13
CA LYS K 26 44.71 63.87 -1.52
C LYS K 26 44.45 63.52 -0.06
N LEU K 27 43.21 63.18 0.27
CA LEU K 27 42.92 62.70 1.60
C LEU K 27 42.70 61.20 1.60
N ALA K 28 42.08 60.69 0.54
CA ALA K 28 41.82 59.27 0.44
C ALA K 28 43.12 58.49 0.48
N PRO K 29 43.23 57.49 1.38
CA PRO K 29 44.45 56.66 1.52
C PRO K 29 45.03 56.12 0.24
N GLU K 30 44.18 55.82 -0.74
CA GLU K 30 44.67 55.23 -1.97
C GLU K 30 45.73 56.07 -2.67
N SER K 31 45.68 57.39 -2.50
CA SER K 31 46.63 58.24 -3.21
C SER K 31 48.08 57.84 -2.95
N VAL K 32 48.32 57.03 -1.93
CA VAL K 32 49.65 56.61 -1.57
C VAL K 32 49.81 55.12 -1.79
N GLN K 33 50.76 54.76 -2.64
CA GLN K 33 51.06 53.37 -2.89
C GLN K 33 52.44 53.12 -2.31
N LEU K 34 52.49 52.49 -1.14
CA LEU K 34 53.74 52.30 -0.43
C LEU K 34 54.73 51.49 -1.23
N GLN K 35 54.25 50.53 -2.00
CA GLN K 35 55.10 49.71 -2.85
C GLN K 35 54.58 49.79 -4.28
N ASP K 36 55.39 50.20 -5.25
CA ASP K 36 54.92 50.30 -6.63
C ASP K 36 55.73 49.50 -7.68
N PHE K 37 56.56 48.52 -7.32
CA PHE K 37 57.32 47.85 -8.37
C PHE K 37 56.44 46.92 -9.19
N GLU K 38 56.77 46.83 -10.48
CA GLU K 38 56.17 45.89 -11.42
C GLU K 38 57.15 44.77 -11.74
N LEU K 39 56.71 43.79 -12.53
CA LEU K 39 57.60 42.69 -12.89
C LEU K 39 58.85 43.20 -13.56
N SER K 40 58.70 44.26 -14.34
CA SER K 40 59.79 44.79 -15.13
C SER K 40 60.82 45.49 -14.22
N ASP K 41 60.43 45.91 -13.02
CA ASP K 41 61.37 46.59 -12.14
C ASP K 41 62.19 45.57 -11.39
N TRP K 42 61.56 44.45 -11.06
CA TRP K 42 62.34 43.42 -10.40
C TRP K 42 63.29 42.77 -11.38
N LEU K 43 62.94 42.75 -12.66
CA LEU K 43 63.87 42.24 -13.65
C LEU K 43 65.07 43.17 -13.81
N ILE K 44 64.86 44.50 -13.76
CA ILE K 44 66.00 45.42 -13.81
C ILE K 44 66.90 45.22 -12.61
N PHE K 45 66.29 45.04 -11.44
CA PHE K 45 67.02 44.74 -10.21
C PHE K 45 67.95 43.56 -10.41
N ALA K 46 67.42 42.47 -10.99
CA ALA K 46 68.20 41.26 -11.25
C ALA K 46 69.34 41.50 -12.24
N LEU K 47 69.13 42.31 -13.28
CA LEU K 47 70.18 42.57 -14.26
C LEU K 47 71.40 43.23 -13.61
N ASN K 48 71.17 44.08 -12.62
CA ASN K 48 72.25 44.76 -11.92
C ASN K 48 72.90 43.82 -10.93
N PHE K 49 72.07 43.11 -10.15
CA PHE K 49 72.52 42.23 -9.09
C PHE K 49 73.45 41.14 -9.62
N ALA K 50 73.15 40.63 -10.83
CA ALA K 50 73.93 39.59 -11.47
C ALA K 50 75.39 39.95 -11.65
N ARG K 51 75.72 41.24 -11.69
CA ARG K 51 77.09 41.70 -11.87
C ARG K 51 77.83 41.94 -10.57
N LYS K 52 77.16 41.75 -9.44
CA LYS K 52 77.79 41.92 -8.14
C LYS K 52 78.10 40.62 -7.44
N ILE K 53 77.82 39.49 -8.09
CA ILE K 53 77.93 38.15 -7.53
C ILE K 53 78.93 37.35 -8.37
N HIS K 54 79.88 36.68 -7.72
CA HIS K 54 80.87 35.84 -8.38
C HIS K 54 80.21 34.60 -8.97
N PHE K 55 80.83 33.97 -9.97
CA PHE K 55 80.34 32.71 -10.52
C PHE K 55 81.46 31.71 -10.42
N PHE K 56 81.18 30.50 -9.99
CA PHE K 56 82.20 29.48 -9.80
C PHE K 56 82.07 28.32 -10.77
N PRO K 57 82.98 28.22 -11.76
CA PRO K 57 82.99 27.12 -12.74
C PRO K 57 83.19 25.76 -12.09
N SER K 58 82.60 24.73 -12.70
CA SER K 58 82.61 23.41 -12.10
C SER K 58 84.00 22.74 -12.23
N ASP K 59 84.91 23.28 -13.02
CA ASP K 59 86.23 22.68 -13.17
C ASP K 59 87.31 23.36 -12.34
N LEU K 60 86.97 24.30 -11.47
CA LEU K 60 87.96 24.94 -10.63
C LEU K 60 87.70 24.60 -9.17
N ALA K 61 88.74 24.57 -8.36
CA ALA K 61 88.59 24.25 -6.94
C ALA K 61 88.07 25.44 -6.16
N ASN K 62 86.81 25.75 -6.40
CA ASN K 62 86.19 26.88 -5.75
C ASN K 62 86.91 28.19 -6.05
N GLU K 63 87.34 28.40 -7.29
CA GLU K 63 87.94 29.66 -7.62
C GLU K 63 86.90 30.41 -8.45
N PRO K 64 86.74 31.71 -8.26
CA PRO K 64 85.76 32.48 -9.03
C PRO K 64 86.28 32.77 -10.43
N LEU K 65 85.35 32.89 -11.39
CA LEU K 65 85.73 33.30 -12.75
C LEU K 65 84.55 33.99 -13.44
N GLY K 66 84.40 35.30 -13.25
CA GLY K 66 83.28 35.99 -13.85
C GLY K 66 82.07 36.08 -12.95
N ASP K 67 80.90 36.31 -13.55
CA ASP K 67 79.68 36.62 -12.82
C ASP K 67 78.49 35.87 -13.43
N TRP K 68 77.28 36.34 -13.14
CA TRP K 68 76.04 35.72 -13.58
C TRP K 68 75.38 36.46 -14.72
N ARG K 69 76.13 37.35 -15.37
CA ARG K 69 75.64 38.22 -16.42
C ARG K 69 74.90 37.49 -17.53
N ASN K 70 75.40 36.33 -17.93
CA ASN K 70 74.86 35.60 -19.07
C ASN K 70 73.56 34.89 -18.79
N PHE K 71 73.06 34.92 -17.57
CA PHE K 71 71.84 34.22 -17.27
C PHE K 71 70.61 35.09 -17.46
N PHE K 72 70.76 36.40 -17.65
CA PHE K 72 69.63 37.30 -17.84
C PHE K 72 69.72 38.04 -19.16
N SER K 73 70.63 37.62 -20.03
CA SER K 73 70.94 38.33 -21.26
C SER K 73 69.84 38.12 -22.30
N THR K 74 68.97 37.15 -22.11
CA THR K 74 67.88 36.87 -23.03
C THR K 74 66.63 37.67 -22.79
N ILE K 75 66.63 38.52 -21.79
CA ILE K 75 65.47 39.36 -21.53
C ILE K 75 65.49 40.59 -22.41
N VAL K 76 66.65 41.22 -22.54
CA VAL K 76 66.80 42.46 -23.27
C VAL K 76 67.16 42.19 -24.72
N SER K 77 66.29 42.66 -25.63
CA SER K 77 66.39 42.41 -27.06
C SER K 77 67.40 43.35 -27.74
N ASP K 78 67.81 44.41 -27.05
CA ASP K 78 68.80 45.34 -27.59
C ASP K 78 69.85 45.56 -26.51
N LYS K 79 70.98 44.92 -26.75
CA LYS K 79 72.07 44.85 -25.80
C LYS K 79 72.71 46.19 -25.54
N THR K 80 72.46 47.17 -26.42
CA THR K 80 72.97 48.52 -26.24
C THR K 80 72.59 49.07 -24.89
N LEU K 81 71.35 48.82 -24.48
CA LEU K 81 70.78 49.43 -23.31
C LEU K 81 71.32 48.90 -22.01
N ILE K 82 72.08 47.82 -22.02
CA ILE K 82 72.58 47.29 -20.77
C ILE K 82 74.09 47.18 -20.75
N SER K 83 74.78 47.82 -21.71
CA SER K 83 76.24 47.73 -21.79
C SER K 83 76.92 48.26 -20.54
N ASP K 84 76.27 49.18 -19.84
CA ASP K 84 76.76 49.79 -18.64
C ASP K 84 75.62 49.95 -17.64
N ILE K 85 74.73 48.95 -17.56
CA ILE K 85 73.48 49.07 -16.79
C ILE K 85 73.67 49.58 -15.36
N GLU K 86 74.82 49.30 -14.73
CA GLU K 86 74.97 49.65 -13.32
C GLU K 86 75.14 51.16 -13.16
N ASN K 87 75.32 51.90 -14.26
CA ASN K 87 75.49 53.35 -14.24
C ASN K 87 74.31 54.13 -14.80
N LEU K 88 73.15 53.51 -15.00
CA LEU K 88 72.02 54.23 -15.58
C LEU K 88 71.23 55.02 -14.55
N ASP K 89 70.62 56.10 -15.03
CA ASP K 89 69.73 56.95 -14.27
C ASP K 89 68.41 57.15 -15.00
N ASP K 90 68.22 56.42 -16.09
CA ASP K 90 67.04 56.52 -16.94
C ASP K 90 66.75 55.12 -17.45
N PHE K 91 65.64 54.58 -16.99
CA PHE K 91 65.28 53.22 -17.31
C PHE K 91 64.09 53.12 -18.25
N GLU K 92 63.71 54.19 -18.95
CA GLU K 92 62.49 54.16 -19.74
C GLU K 92 62.66 53.25 -20.96
N LYS K 93 63.83 53.30 -21.61
CA LYS K 93 64.06 52.47 -22.78
C LYS K 93 64.19 51.01 -22.39
N LEU K 94 64.87 50.78 -21.28
CA LEU K 94 65.10 49.44 -20.80
C LEU K 94 63.80 48.80 -20.37
N ARG K 95 63.00 49.54 -19.62
CA ARG K 95 61.71 49.03 -19.16
C ARG K 95 60.82 48.66 -20.33
N GLY K 96 60.86 49.48 -21.40
CA GLY K 96 60.10 49.19 -22.60
C GLY K 96 60.44 47.85 -23.22
N ASN K 97 61.72 47.57 -23.42
CA ASN K 97 62.10 46.28 -24.00
C ASN K 97 61.73 45.11 -23.11
N ILE K 98 61.83 45.30 -21.79
CA ILE K 98 61.48 44.22 -20.89
C ILE K 98 60.00 43.90 -20.99
N GLU K 99 59.17 44.92 -21.14
CA GLU K 99 57.75 44.67 -21.24
C GLU K 99 57.42 43.88 -22.52
N GLU K 100 58.09 44.19 -23.64
CA GLU K 100 57.92 43.38 -24.85
C GLU K 100 58.27 41.92 -24.65
N PHE K 101 59.37 41.66 -23.96
CA PHE K 101 59.77 40.30 -23.63
C PHE K 101 58.68 39.58 -22.88
N LEU K 102 58.18 40.21 -21.83
CA LEU K 102 57.17 39.56 -21.00
C LEU K 102 55.92 39.25 -21.79
N ALA K 103 55.52 40.15 -22.67
CA ALA K 103 54.34 39.88 -23.49
C ALA K 103 54.59 38.71 -24.44
N ALA K 104 55.77 38.69 -25.08
CA ALA K 104 56.09 37.70 -26.10
C ALA K 104 56.08 36.28 -25.56
N TYR K 105 56.51 36.09 -24.33
CA TYR K 105 56.58 34.75 -23.77
C TYR K 105 55.40 34.41 -22.88
N ASP K 106 54.41 35.29 -22.79
CA ASP K 106 53.31 34.97 -21.91
C ASP K 106 52.49 33.88 -22.54
N GLN K 107 52.46 32.75 -21.85
CA GLN K 107 51.76 31.55 -22.27
C GLN K 107 52.32 30.98 -23.57
N SER K 108 53.61 31.12 -23.81
CA SER K 108 54.20 30.53 -25.01
C SER K 108 54.71 29.12 -24.77
N GLY K 109 55.09 28.80 -23.54
CA GLY K 109 55.70 27.54 -23.23
C GLY K 109 57.16 27.45 -23.60
N LYS K 110 57.82 28.58 -23.87
CA LYS K 110 59.17 28.57 -24.41
C LYS K 110 60.32 29.11 -23.53
N LEU K 111 60.14 29.38 -22.23
CA LEU K 111 61.30 29.87 -21.47
C LEU K 111 62.16 28.77 -20.87
N THR K 112 63.46 29.07 -20.76
CA THR K 112 64.38 28.21 -20.06
C THR K 112 63.96 28.14 -18.61
N PRO K 113 64.07 26.97 -17.99
CA PRO K 113 63.63 26.73 -16.60
C PRO K 113 64.15 27.67 -15.51
N HIS K 114 65.36 28.22 -15.61
CA HIS K 114 65.75 29.09 -14.51
C HIS K 114 64.97 30.40 -14.54
N LEU K 115 64.53 30.84 -15.72
CA LEU K 115 63.74 32.06 -15.77
C LEU K 115 62.32 31.75 -15.46
N THR K 116 61.87 30.55 -15.81
CA THR K 116 60.51 30.16 -15.51
C THR K 116 60.23 30.26 -14.02
N LEU K 117 61.15 29.76 -13.18
CA LEU K 117 60.93 29.91 -11.74
C LEU K 117 60.97 31.35 -11.30
N PHE K 118 61.95 32.12 -11.77
CA PHE K 118 62.09 33.48 -11.29
C PHE K 118 60.85 34.30 -11.60
N VAL K 119 60.32 34.17 -12.81
CA VAL K 119 59.15 34.96 -13.17
C VAL K 119 57.91 34.48 -12.43
N SER K 120 57.73 33.16 -12.27
CA SER K 120 56.55 32.67 -11.53
C SER K 120 56.55 33.19 -10.11
N PHE K 121 57.73 33.23 -9.49
CA PHE K 121 57.88 33.79 -8.16
C PHE K 121 57.44 35.25 -8.13
N LEU K 122 57.90 36.04 -9.09
CA LEU K 122 57.53 37.44 -9.10
C LEU K 122 56.04 37.62 -9.27
N LYS K 123 55.39 36.75 -10.05
CA LYS K 123 53.93 36.84 -10.17
C LYS K 123 53.24 36.50 -8.87
N LEU K 124 53.72 35.50 -8.13
CA LEU K 124 53.07 35.15 -6.86
C LEU K 124 53.11 36.31 -5.87
N LEU K 125 54.19 37.10 -5.88
CA LEU K 125 54.36 38.24 -4.99
C LEU K 125 53.33 39.34 -5.19
N GLU K 126 52.58 39.35 -6.28
CA GLU K 126 51.60 40.40 -6.48
C GLU K 126 50.53 40.41 -5.38
N THR K 127 50.27 39.27 -4.75
CA THR K 127 49.29 39.25 -3.68
C THR K 127 49.82 39.88 -2.42
N SER K 128 51.14 39.99 -2.30
CA SER K 128 51.73 40.62 -1.13
C SER K 128 51.65 42.11 -1.28
N LYS K 129 51.81 42.59 -2.50
CA LYS K 129 51.70 43.99 -2.76
C LYS K 129 50.31 44.46 -2.43
N LYS K 130 49.30 43.69 -2.76
CA LYS K 130 47.92 44.05 -2.49
C LYS K 130 47.66 44.24 -1.00
N ARG K 131 48.16 43.32 -0.18
CA ARG K 131 47.98 43.42 1.26
C ARG K 131 48.80 44.54 1.86
N PHE K 132 50.05 44.66 1.45
CA PHE K 132 50.97 45.65 1.99
C PHE K 132 50.50 47.07 1.75
N ASN K 133 49.94 47.36 0.59
CA ASN K 133 49.51 48.71 0.32
C ASN K 133 48.21 49.11 1.02
N GLN K 134 47.61 48.26 1.83
CA GLN K 134 46.43 48.66 2.58
C GLN K 134 46.78 49.23 3.94
N LEU K 135 48.07 49.30 4.26
CA LEU K 135 48.52 49.81 5.53
C LEU K 135 48.19 51.27 5.74
N THR K 136 48.19 52.08 4.67
CA THR K 136 47.91 53.50 4.83
C THR K 136 46.49 53.74 5.29
N LYS K 137 45.55 52.90 4.85
CA LYS K 137 44.18 53.05 5.29
C LYS K 137 44.02 52.61 6.72
N ARG K 138 44.64 51.48 7.07
CA ARG K 138 44.55 50.97 8.43
C ARG K 138 45.10 51.96 9.43
N HIS K 139 46.19 52.63 9.06
CA HIS K 139 46.80 53.64 9.89
C HIS K 139 45.87 54.81 10.12
N LEU K 140 45.26 55.33 9.05
CA LEU K 140 44.35 56.46 9.18
C LEU K 140 43.15 56.12 10.05
N ASP K 141 42.56 54.95 9.84
CA ASP K 141 41.38 54.52 10.58
C ASP K 141 41.68 54.39 12.04
N PHE K 142 42.83 53.86 12.36
CA PHE K 142 43.25 53.71 13.73
C PHE K 142 43.32 55.05 14.44
N TYR K 143 43.97 56.01 13.81
CA TYR K 143 44.09 57.31 14.45
C TYR K 143 42.73 57.97 14.68
N TYR K 144 41.87 58.01 13.68
CA TYR K 144 40.60 58.70 13.92
C TYR K 144 39.67 57.92 14.86
N GLN K 145 39.65 56.59 14.79
CA GLN K 145 38.69 55.85 15.60
C GLN K 145 39.19 55.36 16.95
N GLU K 146 40.46 55.03 17.11
CA GLU K 146 40.92 54.49 18.38
C GLU K 146 41.70 55.50 19.20
N ILE K 147 42.39 56.42 18.55
CA ILE K 147 43.09 57.45 19.30
C ILE K 147 42.19 58.62 19.59
N LEU K 148 41.48 59.13 18.59
CA LEU K 148 40.62 60.28 18.82
C LEU K 148 39.21 59.90 19.25
N HIS K 149 38.85 58.62 19.18
CA HIS K 149 37.54 58.10 19.58
C HIS K 149 36.37 58.74 18.83
N LEU K 150 36.49 58.93 17.52
CA LEU K 150 35.41 59.56 16.77
C LEU K 150 34.65 58.53 15.93
N GLU K 151 33.33 58.54 16.00
CA GLU K 151 32.51 57.58 15.27
C GLU K 151 31.73 58.24 14.14
N LYS K 152 31.03 57.41 13.36
CA LYS K 152 30.20 57.86 12.25
C LYS K 152 28.78 58.18 12.71
N GLN K 153 28.11 59.04 11.96
CA GLN K 153 26.74 59.41 12.27
C GLN K 153 25.72 58.47 11.62
N ALA K 154 24.61 58.28 12.33
CA ALA K 154 23.49 57.42 11.99
C ALA K 154 22.45 58.12 11.09
N LEU K 155 21.55 57.27 10.58
CA LEU K 155 20.43 57.57 9.68
C LEU K 155 19.26 58.33 10.32
N SER K 156 18.63 59.22 9.54
CA SER K 156 17.38 59.91 9.89
C SER K 156 16.25 59.57 8.91
N PRO K 157 15.07 59.18 9.39
CA PRO K 157 13.92 58.83 8.54
C PRO K 157 13.26 60.05 7.92
N ASP K 158 12.62 59.86 6.76
CA ASP K 158 11.91 60.94 6.09
C ASP K 158 10.40 61.00 6.40
N HIS K 159 9.79 62.16 6.10
CA HIS K 159 8.38 62.47 6.34
C HIS K 159 7.59 62.74 5.05
N VAL K 160 6.32 62.27 5.00
CA VAL K 160 5.41 62.53 3.89
C VAL K 160 4.01 62.91 4.36
N PHE K 161 3.24 63.54 3.45
CA PHE K 161 1.81 63.75 3.64
C PHE K 161 1.03 62.97 2.60
N LEU K 162 -0.06 62.38 3.05
CA LEU K 162 -0.94 61.61 2.19
C LEU K 162 -2.35 62.18 2.23
N ILE K 163 -3.05 62.12 1.11
CA ILE K 163 -4.43 62.58 1.05
C ILE K 163 -5.36 61.38 0.91
N PHE K 164 -6.36 61.27 1.78
CA PHE K 164 -7.24 60.10 1.79
C PHE K 164 -8.66 60.39 1.29
N GLU K 165 -9.20 59.45 0.51
CA GLU K 165 -10.59 59.47 0.03
C GLU K 165 -11.34 58.23 0.53
N LEU K 166 -12.46 58.44 1.21
CA LEU K 166 -13.23 57.33 1.80
C LEU K 166 -14.14 56.65 0.81
N ALA K 167 -14.53 55.41 1.17
CA ALA K 167 -15.42 54.60 0.38
C ALA K 167 -16.79 55.23 0.25
N LYS K 168 -17.42 54.98 -0.90
CA LYS K 168 -18.74 55.53 -1.22
C LYS K 168 -19.79 55.27 -0.15
N ASN K 169 -19.75 54.10 0.46
CA ASN K 169 -20.81 53.68 1.37
C ASN K 169 -20.54 53.93 2.85
N VAL K 170 -19.55 54.75 3.21
CA VAL K 170 -19.31 55.04 4.62
C VAL K 170 -19.40 56.55 4.78
N SER K 171 -19.57 57.01 6.01
CA SER K 171 -19.61 58.45 6.22
C SER K 171 -18.45 59.00 7.02
N GLN K 172 -17.92 58.17 7.92
CA GLN K 172 -16.81 58.55 8.78
C GLN K 172 -16.03 57.32 9.18
N GLU K 173 -14.77 57.51 9.56
CA GLU K 173 -13.90 56.44 9.97
C GLU K 173 -12.78 56.96 10.85
N LYS K 174 -12.15 56.07 11.62
CA LYS K 174 -11.08 56.48 12.51
C LYS K 174 -9.80 55.77 12.06
N LEU K 175 -8.74 56.54 11.86
CA LEU K 175 -7.46 55.98 11.42
C LEU K 175 -6.46 56.03 12.58
N ASP K 176 -6.15 54.84 13.11
CA ASP K 176 -5.26 54.66 14.23
C ASP K 176 -3.78 54.85 13.95
N GLU K 177 -3.04 55.22 15.01
CA GLU K 177 -1.60 55.39 14.92
C GLU K 177 -0.90 54.08 14.65
N GLY K 178 0.15 54.16 13.87
CA GLY K 178 0.93 53.00 13.52
C GLY K 178 0.50 52.24 12.31
N THR K 179 -0.53 52.68 11.61
CA THR K 179 -0.97 51.96 10.45
C THR K 179 0.13 51.94 9.42
N GLU K 180 0.37 50.80 8.80
CA GLU K 180 1.41 50.65 7.81
C GLU K 180 1.01 51.07 6.41
N VAL K 181 1.94 51.65 5.68
CA VAL K 181 1.71 52.13 4.34
C VAL K 181 2.72 51.44 3.43
N ASP K 182 2.45 51.29 2.14
CA ASP K 182 3.44 50.59 1.32
C ASP K 182 3.95 51.34 0.09
N GLY K 183 5.27 51.43 -0.07
CA GLY K 183 5.78 52.06 -1.27
C GLY K 183 7.15 51.85 -1.88
N GLY K 184 7.41 51.02 -2.92
CA GLY K 184 8.77 51.12 -3.38
C GLY K 184 9.61 50.03 -2.74
N LYS K 185 10.64 49.63 -3.45
CA LYS K 185 11.60 48.64 -2.97
C LYS K 185 13.03 49.09 -3.16
N ASP K 186 13.94 48.56 -2.33
CA ASP K 186 15.33 48.97 -2.46
C ASP K 186 15.97 47.99 -3.47
N ASP K 187 17.30 48.00 -3.57
CA ASP K 187 18.02 47.15 -4.51
C ASP K 187 18.11 45.70 -4.08
N THR K 188 17.70 45.37 -2.87
CA THR K 188 17.59 44.02 -2.33
C THR K 188 16.22 43.44 -2.57
N GLY K 189 15.30 44.27 -3.02
CA GLY K 189 13.93 43.88 -3.19
C GLY K 189 13.12 43.98 -1.93
N LYS K 190 13.63 44.64 -0.90
CA LYS K 190 12.86 44.77 0.33
C LYS K 190 11.96 45.98 0.21
N LYS K 191 10.79 45.90 0.82
CA LYS K 191 9.82 46.97 0.71
C LYS K 191 10.01 48.06 1.76
N ASN K 192 9.70 49.29 1.38
CA ASN K 192 9.75 50.39 2.32
C ASN K 192 8.43 50.42 3.08
N THR K 193 8.47 50.79 4.34
CA THR K 193 7.27 50.86 5.16
C THR K 193 7.21 52.19 5.86
N TYR K 194 6.05 52.82 5.91
CA TYR K 194 5.90 54.10 6.62
C TYR K 194 4.81 53.98 7.66
N LEU K 195 4.86 54.73 8.75
CA LEU K 195 3.83 54.60 9.77
C LEU K 195 3.10 55.89 10.01
N THR K 196 1.78 55.79 10.16
CA THR K 196 0.95 56.93 10.51
C THR K 196 1.35 57.47 11.89
N SER K 197 1.55 58.79 11.97
CA SER K 197 2.04 59.40 13.21
C SER K 197 0.96 59.72 14.24
N PHE K 198 -0.26 60.05 13.83
CA PHE K 198 -1.27 60.48 14.78
C PHE K 198 -2.61 59.85 14.45
N GLU K 199 -3.40 59.56 15.49
CA GLU K 199 -4.79 59.16 15.28
C GLU K 199 -5.53 60.28 14.59
N THR K 200 -6.31 59.97 13.53
CA THR K 200 -7.07 61.06 12.98
C THR K 200 -8.46 60.57 12.56
N VAL K 201 -9.27 61.50 12.09
CA VAL K 201 -10.64 61.20 11.68
C VAL K 201 -10.83 61.61 10.24
N LEU K 202 -11.30 60.69 9.42
CA LEU K 202 -11.53 60.97 8.03
C LEU K 202 -13.03 61.03 7.78
N ASN K 203 -13.43 61.91 6.86
CA ASN K 203 -14.82 62.04 6.47
C ASN K 203 -14.88 62.54 5.03
N LYS K 204 -16.07 62.81 4.52
CA LYS K 204 -16.18 63.22 3.12
C LYS K 204 -16.27 64.74 2.96
N THR K 205 -15.28 65.48 3.41
CA THR K 205 -15.33 66.93 3.26
C THR K 205 -14.28 67.33 2.24
N LYS K 206 -14.65 68.13 1.26
CA LYS K 206 -13.76 68.50 0.17
C LYS K 206 -13.69 70.01 -0.04
N VAL K 207 -12.54 70.52 -0.46
CA VAL K 207 -12.44 71.93 -0.80
C VAL K 207 -13.03 72.14 -2.19
N GLY K 208 -14.05 73.00 -2.28
CA GLY K 208 -14.72 73.24 -3.54
C GLY K 208 -14.32 74.50 -4.27
N GLN K 209 -14.25 75.65 -3.58
CA GLN K 209 -13.98 76.91 -4.26
C GLN K 209 -13.05 77.85 -3.51
N LEU K 210 -12.23 78.60 -4.26
CA LEU K 210 -11.30 79.58 -3.71
C LEU K 210 -11.45 80.95 -4.38
N LYS K 211 -11.78 81.98 -3.59
CA LYS K 211 -12.00 83.34 -4.11
C LYS K 211 -11.24 84.39 -3.30
N SER K 212 -10.90 85.53 -3.91
CA SER K 212 -10.21 86.56 -3.11
C SER K 212 -10.45 88.00 -3.52
N LEU K 213 -10.27 88.91 -2.54
CA LEU K 213 -10.41 90.36 -2.67
C LEU K 213 -9.24 91.13 -2.08
N TYR K 214 -8.95 92.33 -2.61
CA TYR K 214 -8.04 93.24 -1.91
C TYR K 214 -8.37 94.70 -2.20
N ASN K 215 -8.52 95.49 -1.13
CA ASN K 215 -8.78 96.93 -1.21
C ASN K 215 -7.57 97.71 -0.68
N GLU K 216 -6.86 98.38 -1.57
CA GLU K 216 -5.64 99.09 -1.24
C GLU K 216 -5.89 100.60 -1.26
N ILE K 217 -5.60 101.30 -0.16
CA ILE K 217 -5.89 102.73 -0.11
C ILE K 217 -4.61 103.56 0.04
N SER K 218 -4.45 104.54 -0.84
CA SER K 218 -3.31 105.44 -0.82
C SER K 218 -3.63 106.79 -0.19
N VAL K 219 -4.84 107.29 -0.41
CA VAL K 219 -5.20 108.64 0.00
C VAL K 219 -6.35 108.63 1.00
N GLU K 220 -6.11 109.29 2.14
CA GLU K 220 -7.12 109.47 3.17
C GLU K 220 -8.34 110.18 2.64
N LYS K 221 -9.52 109.62 2.95
CA LYS K 221 -10.82 110.10 2.44
C LYS K 221 -11.05 111.59 2.63
N GLU K 222 -10.47 112.16 3.70
CA GLU K 222 -10.70 113.56 4.00
C GLU K 222 -10.10 114.48 2.93
N GLU K 223 -9.17 113.97 2.11
CA GLU K 223 -8.57 114.76 1.06
C GLU K 223 -9.33 114.70 -0.25
N ILE K 224 -10.43 113.98 -0.33
CA ILE K 224 -11.21 113.96 -1.56
C ILE K 224 -12.10 115.19 -1.58
N LYS K 225 -11.80 116.13 -2.45
CA LYS K 225 -12.55 117.36 -2.53
C LYS K 225 -13.48 117.39 -3.72
N GLU K 226 -13.13 116.64 -4.76
CA GLU K 226 -13.90 116.54 -5.99
C GLU K 226 -13.73 115.12 -6.48
N LEU K 227 -14.62 114.66 -7.35
CA LEU K 227 -14.47 113.29 -7.84
C LEU K 227 -13.21 113.11 -8.70
N ASN K 228 -12.91 114.08 -9.54
CA ASN K 228 -11.78 113.95 -10.44
C ASN K 228 -10.49 114.42 -9.77
N THR K 229 -10.03 113.62 -8.80
CA THR K 229 -8.82 113.95 -8.09
C THR K 229 -7.63 113.79 -9.04
N PRO K 230 -6.56 114.59 -8.84
CA PRO K 230 -5.33 114.51 -9.67
C PRO K 230 -4.53 113.24 -9.45
N ILE K 231 -4.79 112.54 -8.38
CA ILE K 231 -4.05 111.37 -7.96
C ILE K 231 -5.04 110.25 -7.72
N SER K 232 -4.61 109.02 -7.98
CA SER K 232 -5.45 107.88 -7.67
C SER K 232 -5.55 107.81 -6.15
N THR K 233 -6.70 107.44 -5.64
CA THR K 233 -6.87 107.34 -4.19
C THR K 233 -6.81 105.93 -3.64
N GLY K 234 -6.97 104.94 -4.50
CA GLY K 234 -6.94 103.55 -4.12
C GLY K 234 -7.33 102.65 -5.28
N THR K 235 -7.18 101.34 -5.06
CA THR K 235 -7.47 100.28 -6.01
C THR K 235 -8.22 99.12 -5.34
N PHE K 236 -9.25 98.57 -5.99
CA PHE K 236 -9.98 97.45 -5.38
C PHE K 236 -10.23 96.36 -6.42
N VAL K 237 -9.60 95.20 -6.23
CA VAL K 237 -9.60 94.12 -7.20
C VAL K 237 -10.14 92.81 -6.65
N MET K 238 -10.49 91.91 -7.58
CA MET K 238 -11.00 90.60 -7.19
C MET K 238 -10.56 89.47 -8.11
N ALA K 239 -10.50 88.27 -7.54
CA ALA K 239 -10.26 87.04 -8.29
C ALA K 239 -11.36 86.03 -8.04
N PRO K 240 -12.27 85.84 -9.00
CA PRO K 240 -13.33 84.83 -8.93
C PRO K 240 -12.82 83.40 -8.84
N MET K 241 -11.61 83.14 -9.32
CA MET K 241 -10.96 81.85 -9.19
C MET K 241 -9.53 82.18 -8.78
N ALA K 242 -9.29 82.20 -7.46
CA ALA K 242 -8.04 82.64 -6.88
C ALA K 242 -6.85 81.81 -7.32
N ASN K 243 -7.06 80.53 -7.58
CA ASN K 243 -5.97 79.64 -7.90
C ASN K 243 -5.78 79.42 -9.39
N SER K 244 -6.32 80.26 -10.23
CA SER K 244 -6.04 80.20 -11.65
C SER K 244 -4.99 81.22 -12.04
N PHE K 245 -4.48 81.11 -13.27
CA PHE K 245 -3.37 81.97 -13.69
C PHE K 245 -3.76 83.46 -13.77
N ASP K 246 -4.87 83.79 -14.41
CA ASP K 246 -5.35 85.16 -14.58
C ASP K 246 -6.46 85.53 -13.61
N GLY K 247 -6.74 84.65 -12.65
CA GLY K 247 -7.84 84.84 -11.72
C GLY K 247 -9.20 84.46 -12.26
N LEU K 248 -9.29 84.01 -13.52
CA LEU K 248 -10.55 83.69 -14.17
C LEU K 248 -10.62 82.29 -14.75
N GLY K 249 -9.62 81.45 -14.53
CA GLY K 249 -9.64 80.10 -15.06
C GLY K 249 -8.52 79.75 -16.03
N GLU K 250 -7.59 80.63 -16.39
CA GLU K 250 -6.59 80.22 -17.36
C GLU K 250 -5.59 79.28 -16.67
N ASP K 251 -5.16 78.25 -17.38
CA ASP K 251 -4.25 77.24 -16.84
C ASP K 251 -2.88 77.87 -16.61
N PHE K 252 -2.19 77.41 -15.59
CA PHE K 252 -0.83 77.86 -15.38
C PHE K 252 0.04 77.25 -16.46
N PRO K 253 1.00 78.01 -16.98
CA PRO K 253 1.94 77.46 -17.95
C PRO K 253 2.74 76.38 -17.27
N LYS K 254 3.03 75.31 -18.02
CA LYS K 254 3.74 74.11 -17.56
C LYS K 254 4.81 74.28 -16.50
N GLY K 255 5.66 75.28 -16.68
CA GLY K 255 6.80 75.48 -15.80
C GLY K 255 6.51 75.76 -14.34
N SER K 256 5.38 76.40 -14.01
CA SER K 256 5.15 76.71 -12.60
C SER K 256 3.70 77.01 -12.24
N GLU K 257 3.32 76.57 -11.05
CA GLU K 257 2.00 76.88 -10.52
C GLU K 257 2.16 77.58 -9.19
N LYS K 258 1.86 78.87 -9.16
CA LYS K 258 2.05 79.68 -7.98
C LYS K 258 0.96 80.73 -7.94
N TRP K 259 0.37 80.98 -6.77
CA TRP K 259 -0.59 82.06 -6.75
C TRP K 259 -0.63 82.79 -5.42
N TRP K 260 -1.06 84.04 -5.47
CA TRP K 260 -1.09 84.87 -4.28
C TRP K 260 -2.40 84.67 -3.53
N PRO K 261 -2.33 84.32 -2.24
CA PRO K 261 -3.53 84.06 -1.44
C PRO K 261 -4.48 85.24 -1.31
N PHE K 262 -4.01 86.46 -1.46
CA PHE K 262 -4.90 87.59 -1.36
C PHE K 262 -4.79 88.48 -2.59
N GLY K 263 -4.60 87.90 -3.77
CA GLY K 263 -4.53 88.65 -5.01
C GLY K 263 -3.26 89.49 -5.14
N TYR K 264 -3.32 90.47 -6.05
CA TYR K 264 -2.22 91.40 -6.31
C TYR K 264 -2.76 92.63 -7.03
N THR K 265 -2.06 93.76 -6.89
CA THR K 265 -2.47 94.99 -7.56
C THR K 265 -1.48 95.52 -8.58
N LYS K 266 -0.31 94.93 -8.72
CA LYS K 266 0.59 95.46 -9.71
C LYS K 266 0.89 94.30 -10.65
N ILE K 267 1.25 94.65 -11.86
CA ILE K 267 1.48 93.70 -12.95
C ILE K 267 2.90 93.23 -13.01
N CYS K 268 3.84 94.15 -12.93
CA CYS K 268 5.22 93.74 -12.94
C CYS K 268 5.68 93.62 -11.50
N ASN K 269 6.26 92.47 -11.18
CA ASN K 269 6.65 92.25 -9.81
C ASN K 269 8.16 91.97 -9.81
N ALA K 270 8.66 91.33 -8.76
CA ALA K 270 10.10 91.12 -8.61
C ALA K 270 10.75 90.38 -9.78
N SER K 271 10.06 89.43 -10.40
CA SER K 271 10.69 88.68 -11.47
C SER K 271 9.87 88.50 -12.74
N THR K 272 8.56 88.65 -12.68
CA THR K 272 7.72 88.38 -13.83
C THR K 272 6.62 89.40 -14.04
N VAL K 273 5.77 89.10 -15.01
CA VAL K 273 4.67 89.96 -15.41
C VAL K 273 3.37 89.15 -15.46
N LEU K 274 2.37 89.58 -14.69
CA LEU K 274 1.11 88.86 -14.65
C LEU K 274 -0.01 89.65 -15.34
N PRO K 275 -1.02 88.95 -15.88
CA PRO K 275 -2.24 89.60 -16.37
C PRO K 275 -2.92 90.33 -15.23
N ALA K 276 -3.57 91.44 -15.53
CA ALA K 276 -4.26 92.20 -14.50
C ALA K 276 -5.51 91.47 -14.02
N LEU K 277 -5.83 91.64 -12.73
CA LEU K 277 -7.08 91.12 -12.20
C LEU K 277 -8.20 92.12 -12.50
N PRO K 278 -9.42 91.62 -12.72
CA PRO K 278 -10.58 92.49 -12.90
C PRO K 278 -10.86 93.26 -11.63
N LYS K 279 -11.42 94.45 -11.78
CA LYS K 279 -11.71 95.27 -10.63
C LYS K 279 -13.06 94.90 -10.01
N ALA K 280 -13.16 95.17 -8.71
CA ALA K 280 -14.32 94.79 -7.92
C ALA K 280 -15.61 95.43 -8.42
N ARG K 281 -16.68 94.64 -8.39
CA ARG K 281 -18.03 95.05 -8.77
C ARG K 281 -18.79 95.48 -7.54
N LEU K 282 -19.20 96.73 -7.50
CA LEU K 282 -19.87 97.31 -6.36
C LEU K 282 -21.09 98.11 -6.82
N GLY K 283 -22.19 98.07 -6.08
CA GLY K 283 -23.35 98.88 -6.40
C GLY K 283 -24.59 98.48 -5.62
N CYS K 284 -25.76 98.80 -6.18
CA CYS K 284 -27.03 98.51 -5.52
C CYS K 284 -28.20 98.56 -6.49
N SER K 285 -29.37 98.15 -6.00
CA SER K 285 -30.57 98.25 -6.83
C SER K 285 -31.81 98.63 -6.03
N ILE K 286 -32.76 99.21 -6.75
CA ILE K 286 -34.03 99.72 -6.23
C ILE K 286 -35.18 99.02 -6.95
N SER K 287 -36.19 98.61 -6.18
CA SER K 287 -37.35 98.04 -6.83
C SER K 287 -38.67 98.55 -6.27
N SER K 288 -39.53 99.02 -7.17
CA SER K 288 -40.84 99.57 -6.85
C SER K 288 -41.80 99.58 -8.04
N LYS K 289 -43.10 99.55 -7.72
CA LYS K 289 -44.22 99.59 -8.66
C LYS K 289 -44.30 100.77 -9.61
N LEU K 290 -43.66 101.89 -9.31
CA LEU K 290 -43.76 103.02 -10.23
C LEU K 290 -42.99 102.81 -11.51
N LEU K 291 -42.16 101.78 -11.56
CA LEU K 291 -41.38 101.52 -12.74
C LEU K 291 -42.13 100.69 -13.77
N LYS K 292 -43.37 100.27 -13.50
CA LYS K 292 -44.11 99.48 -14.49
C LYS K 292 -44.59 100.38 -15.62
N LEU K 293 -43.74 100.60 -16.61
CA LEU K 293 -43.99 101.54 -17.71
C LEU K 293 -43.98 100.86 -19.08
N SER K 294 -45.12 100.90 -19.80
CA SER K 294 -45.15 100.11 -21.04
C SER K 294 -45.08 100.91 -22.35
N GLU K 295 -45.43 102.21 -22.37
CA GLU K 295 -45.41 102.92 -23.66
C GLU K 295 -45.32 104.43 -23.49
N GLY K 296 -45.08 105.12 -24.61
CA GLY K 296 -45.03 106.57 -24.64
C GLY K 296 -43.66 107.09 -24.25
N THR K 297 -43.60 108.36 -23.90
CA THR K 297 -42.36 108.98 -23.46
C THR K 297 -42.27 108.81 -21.97
N ARG K 298 -41.17 108.24 -21.50
CA ARG K 298 -41.05 108.05 -20.07
C ARG K 298 -39.89 108.81 -19.47
N ASP K 299 -40.22 109.54 -18.42
CA ASP K 299 -39.22 110.32 -17.69
C ASP K 299 -39.18 109.91 -16.22
N ILE K 300 -38.02 109.44 -15.75
CA ILE K 300 -37.85 108.90 -14.38
C ILE K 300 -36.88 109.77 -13.57
N ILE K 301 -37.34 110.28 -12.42
CA ILE K 301 -36.50 111.12 -11.57
C ILE K 301 -36.30 110.50 -10.17
N LEU K 302 -35.04 110.41 -9.74
CA LEU K 302 -34.70 109.88 -8.42
C LEU K 302 -33.96 110.87 -7.54
N GLU K 303 -34.45 111.08 -6.32
CA GLU K 303 -33.73 111.90 -5.34
C GLU K 303 -33.32 111.18 -4.08
N PHE K 304 -32.04 111.34 -3.72
CA PHE K 304 -31.42 110.67 -2.58
C PHE K 304 -30.94 111.66 -1.53
N THR K 305 -31.52 111.63 -0.33
CA THR K 305 -31.09 112.54 0.73
C THR K 305 -30.42 111.81 1.89
N PHE K 306 -29.26 112.34 2.30
CA PHE K 306 -28.35 111.79 3.29
C PHE K 306 -28.26 112.67 4.54
N ASN K 307 -27.64 112.13 5.61
CA ASN K 307 -27.46 112.88 6.87
C ASN K 307 -26.40 113.98 6.76
N LYS K 308 -25.35 113.77 5.97
CA LYS K 308 -24.23 114.70 5.87
C LYS K 308 -24.14 115.31 4.48
N PRO K 309 -23.32 116.35 4.35
CA PRO K 309 -23.05 117.05 3.09
C PRO K 309 -22.05 116.24 2.33
N ILE K 310 -22.38 115.81 1.13
CA ILE K 310 -21.48 114.99 0.35
C ILE K 310 -20.16 115.61 -0.12
N LEU K 311 -20.17 116.81 -0.66
CA LEU K 311 -18.93 117.40 -1.18
C LEU K 311 -18.81 118.92 -1.18
N PRO K 312 -17.59 119.43 -0.98
CA PRO K 312 -17.41 120.88 -1.09
C PRO K 312 -17.64 121.32 -2.52
N ASN K 313 -17.13 120.54 -3.47
CA ASN K 313 -17.23 120.85 -4.88
C ASN K 313 -18.38 120.04 -5.45
N GLY K 314 -19.40 120.74 -5.94
CA GLY K 314 -20.53 120.04 -6.50
C GLY K 314 -20.16 119.41 -7.82
N GLU K 315 -21.07 118.61 -8.38
CA GLU K 315 -20.73 117.84 -9.58
C GLU K 315 -21.75 117.97 -10.69
N ASP K 316 -21.20 118.08 -11.89
CA ASP K 316 -21.91 118.15 -13.16
C ASP K 316 -22.47 116.80 -13.55
N TYR K 317 -23.50 116.80 -14.38
CA TYR K 317 -24.04 115.53 -14.87
C TYR K 317 -23.00 114.74 -15.67
N THR K 318 -22.05 115.41 -16.31
CA THR K 318 -21.03 114.69 -17.05
C THR K 318 -20.01 114.03 -16.15
N ALA K 319 -19.96 114.44 -14.89
CA ALA K 319 -19.10 113.76 -13.94
C ALA K 319 -19.76 112.49 -13.48
N LEU K 320 -21.07 112.56 -13.23
CA LEU K 320 -21.78 111.38 -12.77
C LEU K 320 -21.78 110.29 -13.83
N ASN K 321 -21.87 110.66 -15.11
CA ASN K 321 -21.86 109.65 -16.18
C ASN K 321 -20.52 108.92 -16.32
N LYS K 322 -19.46 109.39 -15.66
CA LYS K 322 -18.18 108.71 -15.66
C LYS K 322 -17.99 107.87 -14.42
N ALA K 323 -18.89 108.00 -13.47
CA ALA K 323 -18.80 107.30 -12.21
C ALA K 323 -19.77 106.14 -12.09
N MET K 324 -20.91 106.20 -12.78
CA MET K 324 -21.97 105.20 -12.64
C MET K 324 -22.53 104.69 -13.97
N SER K 325 -23.19 103.53 -13.88
CA SER K 325 -23.90 102.90 -15.00
C SER K 325 -25.24 102.31 -14.55
N ILE K 326 -26.33 102.63 -15.26
CA ILE K 326 -27.68 102.23 -14.83
C ILE K 326 -28.39 101.34 -15.86
N GLU K 327 -29.02 100.25 -15.38
CA GLU K 327 -29.80 99.33 -16.23
C GLU K 327 -31.20 99.01 -15.68
N LEU K 328 -32.15 98.73 -16.59
CA LEU K 328 -33.53 98.36 -16.23
C LEU K 328 -33.94 96.98 -16.73
N THR K 329 -34.89 96.36 -16.04
CA THR K 329 -35.44 95.08 -16.52
C THR K 329 -36.54 95.33 -17.52
N GLY K 330 -36.35 94.88 -18.76
CA GLY K 330 -37.33 95.06 -19.80
C GLY K 330 -37.78 93.77 -20.47
N GLU K 331 -38.58 93.91 -21.52
CA GLU K 331 -39.21 92.79 -22.22
C GLU K 331 -38.25 91.75 -22.75
N LYS K 332 -37.08 92.16 -23.24
CA LYS K 332 -36.16 91.21 -23.85
C LYS K 332 -34.89 91.03 -23.04
N GLY K 333 -34.90 91.43 -21.78
CA GLY K 333 -33.69 91.35 -20.99
C GLY K 333 -33.38 92.70 -20.40
N TRP K 334 -32.12 92.98 -20.15
CA TRP K 334 -31.80 94.26 -19.54
C TRP K 334 -31.72 95.35 -20.58
N ILE K 335 -32.27 96.52 -20.25
CA ILE K 335 -32.19 97.72 -21.06
C ILE K 335 -30.93 98.45 -20.65
N ALA K 336 -30.00 98.63 -21.58
CA ALA K 336 -28.70 99.16 -21.21
C ALA K 336 -28.07 99.86 -22.39
N GLY K 337 -27.04 100.64 -22.11
CA GLY K 337 -26.32 101.33 -23.15
C GLY K 337 -26.77 102.77 -23.24
N LEU K 338 -26.63 103.38 -24.43
CA LEU K 338 -26.98 104.79 -24.63
C LEU K 338 -28.35 105.27 -24.10
N PRO K 339 -29.45 104.50 -24.20
CA PRO K 339 -30.75 104.94 -23.65
C PRO K 339 -30.76 105.20 -22.16
N MET K 340 -29.73 104.81 -21.43
CA MET K 340 -29.69 104.98 -20.00
C MET K 340 -28.61 105.96 -19.55
N THR K 341 -28.38 107.00 -20.33
CA THR K 341 -27.43 108.06 -20.01
C THR K 341 -28.11 109.09 -19.11
N LEU K 342 -27.41 109.55 -18.07
CA LEU K 342 -28.01 110.58 -17.23
C LEU K 342 -28.18 111.88 -17.99
N LYS K 343 -29.30 112.55 -17.75
CA LYS K 343 -29.64 113.80 -18.39
C LYS K 343 -29.06 114.99 -17.63
N SER K 344 -29.13 116.14 -18.29
CA SER K 344 -28.51 117.38 -17.86
C SER K 344 -29.08 117.98 -16.58
N ASP K 345 -30.26 117.58 -16.11
CA ASP K 345 -30.72 118.17 -14.86
C ASP K 345 -30.25 117.36 -13.65
N SER K 346 -29.43 116.33 -13.86
CA SER K 346 -28.96 115.53 -12.74
C SER K 346 -27.73 116.24 -12.16
N GLY K 347 -27.30 115.80 -10.98
CA GLY K 347 -26.11 116.39 -10.37
C GLY K 347 -26.13 116.52 -8.86
N ILE K 348 -25.07 117.09 -8.29
CA ILE K 348 -24.89 117.24 -6.85
C ILE K 348 -24.48 118.68 -6.53
N ASN K 349 -25.22 119.35 -5.64
CA ASN K 349 -24.77 120.66 -5.19
C ASN K 349 -23.85 120.43 -4.00
N SER K 350 -22.78 121.23 -3.90
CA SER K 350 -21.69 120.97 -2.96
C SER K 350 -22.20 120.81 -1.52
N GLY K 351 -22.79 121.86 -1.00
CA GLY K 351 -23.24 121.88 0.37
C GLY K 351 -24.53 121.15 0.61
N SER K 352 -25.04 120.45 -0.41
CA SER K 352 -26.33 119.85 -0.27
C SER K 352 -26.13 118.42 0.22
N LYS K 353 -27.20 117.90 0.80
CA LYS K 353 -27.27 116.53 1.25
C LYS K 353 -28.05 115.69 0.27
N LYS K 354 -28.34 116.23 -0.91
CA LYS K 354 -29.20 115.59 -1.89
C LYS K 354 -28.55 115.38 -3.25
N MET K 355 -28.62 114.14 -3.74
CA MET K 355 -28.17 113.77 -5.07
C MET K 355 -29.36 113.54 -5.99
N LYS K 356 -29.30 114.05 -7.22
CA LYS K 356 -30.39 113.85 -8.17
C LYS K 356 -29.97 113.12 -9.43
N LEU K 357 -30.72 112.08 -9.78
CA LEU K 357 -30.51 111.35 -11.02
C LEU K 357 -31.70 111.56 -11.94
N SER K 358 -31.45 111.49 -13.26
CA SER K 358 -32.51 111.77 -14.23
C SER K 358 -32.30 110.95 -15.52
N LEU K 359 -33.28 110.12 -15.87
CA LEU K 359 -33.22 109.20 -17.00
C LEU K 359 -34.47 109.28 -17.86
N THR K 360 -34.33 109.08 -19.19
CA THR K 360 -35.55 109.09 -20.00
C THR K 360 -35.50 107.98 -21.05
N LEU K 361 -36.67 107.44 -21.40
CA LEU K 361 -36.79 106.46 -22.46
C LEU K 361 -37.68 106.94 -23.61
N ASP K 362 -37.14 106.82 -24.82
CA ASP K 362 -37.87 107.01 -26.06
C ASP K 362 -39.06 106.10 -26.20
N SER K 363 -40.03 106.56 -27.01
CA SER K 363 -41.22 105.78 -27.33
C SER K 363 -40.90 104.52 -28.11
N GLU K 364 -39.71 104.44 -28.67
CA GLU K 364 -39.24 103.29 -29.42
C GLU K 364 -38.55 102.23 -28.56
N GLN K 365 -38.46 102.43 -27.27
CA GLN K 365 -37.78 101.49 -26.40
C GLN K 365 -38.74 100.39 -25.92
N PRO K 366 -38.18 99.20 -25.60
CA PRO K 366 -38.94 98.10 -25.00
C PRO K 366 -39.59 98.48 -23.67
N ALA K 367 -40.66 97.78 -23.33
CA ALA K 367 -41.35 98.07 -22.06
C ALA K 367 -40.51 97.64 -20.87
N VAL K 368 -40.74 98.29 -19.75
CA VAL K 368 -40.13 97.95 -18.48
C VAL K 368 -41.06 96.98 -17.78
N VAL K 369 -40.52 95.84 -17.36
CA VAL K 369 -41.34 94.73 -16.88
C VAL K 369 -40.82 94.24 -15.54
N PRO K 370 -41.67 93.50 -14.79
CA PRO K 370 -41.23 92.84 -13.55
C PRO K 370 -40.12 91.85 -13.80
N TYR K 371 -39.27 91.70 -12.79
CA TYR K 371 -38.13 90.81 -12.87
C TYR K 371 -38.53 89.34 -13.03
N GLN K 372 -37.81 88.64 -13.92
CA GLN K 372 -38.00 87.22 -14.18
C GLN K 372 -36.66 86.52 -14.19
N THR K 373 -36.48 85.52 -13.32
CA THR K 373 -35.20 84.79 -13.30
C THR K 373 -34.83 84.13 -14.61
N GLU K 374 -35.82 83.71 -15.38
CA GLU K 374 -35.61 83.06 -16.66
C GLU K 374 -35.30 84.04 -17.79
N LEU K 375 -35.45 85.34 -17.57
CA LEU K 375 -35.23 86.34 -18.61
C LEU K 375 -34.09 87.28 -18.28
N HIS K 376 -33.97 87.69 -17.02
CA HIS K 376 -32.98 88.66 -16.60
C HIS K 376 -31.78 88.00 -15.94
N GLU K 377 -31.75 86.66 -15.98
CA GLU K 377 -30.66 85.79 -15.55
C GLU K 377 -30.13 86.03 -14.13
N GLY K 378 -31.00 85.95 -13.13
CA GLY K 378 -30.48 86.11 -11.77
C GLY K 378 -31.17 85.25 -10.74
N SER K 379 -31.14 85.69 -9.46
CA SER K 379 -31.75 84.90 -8.39
C SER K 379 -32.37 85.80 -7.30
N TYR K 380 -32.91 86.95 -7.66
CA TYR K 380 -33.45 87.87 -6.67
C TYR K 380 -34.90 87.52 -6.31
N GLU K 381 -35.25 87.67 -5.03
CA GLU K 381 -36.65 87.44 -4.64
C GLU K 381 -37.45 88.74 -4.73
N VAL K 382 -37.63 89.19 -5.96
CA VAL K 382 -38.31 90.44 -6.32
C VAL K 382 -39.43 90.21 -7.32
N ASP K 383 -40.61 90.72 -7.00
CA ASP K 383 -41.80 90.60 -7.85
C ASP K 383 -42.16 91.90 -8.59
N GLU K 384 -41.27 92.85 -8.59
CA GLU K 384 -41.40 94.15 -9.22
C GLU K 384 -40.31 94.33 -10.28
N PRO K 385 -40.30 95.43 -11.04
CA PRO K 385 -39.16 95.75 -11.92
C PRO K 385 -37.94 96.14 -11.12
N LEU K 386 -36.75 95.97 -11.70
CA LEU K 386 -35.52 96.40 -11.04
C LEU K 386 -34.85 97.55 -11.76
N LEU K 387 -34.25 98.44 -10.98
CA LEU K 387 -33.34 99.46 -11.47
C LEU K 387 -31.99 99.19 -10.81
N ARG K 388 -30.98 98.90 -11.62
CA ARG K 388 -29.67 98.52 -11.11
C ARG K 388 -28.63 99.59 -11.39
N VAL K 389 -27.85 99.98 -10.38
CA VAL K 389 -26.79 100.94 -10.61
C VAL K 389 -25.45 100.42 -10.08
N LEU K 390 -24.45 100.41 -10.95
CA LEU K 390 -23.13 99.96 -10.57
C LEU K 390 -22.13 101.10 -10.69
N PHE K 391 -21.10 101.04 -9.88
CA PHE K 391 -20.04 102.05 -9.92
C PHE K 391 -18.94 101.64 -10.87
N LYS K 392 -18.47 102.61 -11.64
CA LYS K 392 -17.38 102.37 -12.57
C LYS K 392 -16.08 102.45 -11.80
N THR K 393 -15.78 101.40 -11.04
CA THR K 393 -14.58 101.29 -10.19
C THR K 393 -13.27 101.32 -10.93
N ASN K 394 -13.33 101.23 -12.24
CA ASN K 394 -12.17 101.31 -13.11
C ASN K 394 -11.65 102.74 -13.12
N GLU K 395 -12.54 103.70 -12.88
CA GLU K 395 -12.27 105.12 -12.97
C GLU K 395 -12.12 105.74 -11.60
N LYS K 396 -11.40 106.85 -11.55
CA LYS K 396 -11.21 107.55 -10.29
C LYS K 396 -12.53 108.06 -9.71
N GLU K 397 -13.44 108.53 -10.57
CA GLU K 397 -14.71 109.08 -10.10
C GLU K 397 -15.59 108.00 -9.48
N GLY K 398 -15.63 106.84 -10.13
CA GLY K 398 -16.42 105.74 -9.63
C GLY K 398 -15.94 105.27 -8.28
N TYR K 399 -14.63 105.05 -8.17
CA TYR K 399 -14.04 104.62 -6.92
C TYR K 399 -14.28 105.65 -5.82
N ASN K 400 -14.13 106.94 -6.15
CA ASN K 400 -14.34 107.94 -5.12
C ASN K 400 -15.80 108.08 -4.70
N LEU K 401 -16.80 107.94 -5.59
CA LEU K 401 -18.18 107.98 -5.08
C LEU K 401 -18.44 106.85 -4.13
N TYR K 402 -17.92 105.66 -4.44
CA TYR K 402 -18.10 104.53 -3.56
C TYR K 402 -17.60 104.86 -2.16
N ARG K 403 -16.39 105.43 -2.06
CA ARG K 403 -15.87 105.75 -0.74
C ARG K 403 -16.70 106.81 -0.03
N LEU K 404 -17.16 107.82 -0.77
CA LEU K 404 -17.93 108.91 -0.16
C LEU K 404 -19.24 108.41 0.42
N PHE K 405 -19.87 107.40 -0.17
CA PHE K 405 -21.14 106.91 0.35
C PHE K 405 -21.01 105.79 1.38
N ASN K 406 -19.79 105.40 1.78
CA ASN K 406 -19.66 104.29 2.72
C ASN K 406 -20.15 104.63 4.12
N GLU K 407 -20.00 105.86 4.55
CA GLU K 407 -20.41 106.28 5.88
C GLU K 407 -21.53 107.29 5.91
N ASN K 408 -21.84 107.91 4.80
CA ASN K 408 -22.88 108.93 4.84
C ASN K 408 -24.23 108.21 4.73
N VAL K 409 -24.93 108.12 5.87
CA VAL K 409 -26.21 107.42 5.97
C VAL K 409 -27.29 108.08 5.12
N LEU K 410 -28.03 107.23 4.38
CA LEU K 410 -29.19 107.59 3.57
C LEU K 410 -30.44 107.67 4.43
N THR K 411 -31.23 108.73 4.29
CA THR K 411 -32.44 108.85 5.08
C THR K 411 -33.73 108.86 4.28
N ASP K 412 -33.70 109.37 3.05
CA ASP K 412 -34.92 109.56 2.28
C ASP K 412 -34.74 109.30 0.78
N LEU K 413 -35.74 108.66 0.18
CA LEU K 413 -35.79 108.44 -1.27
C LEU K 413 -37.11 108.90 -1.87
N LYS K 414 -37.03 109.74 -2.90
CA LYS K 414 -38.22 110.21 -3.60
C LYS K 414 -38.18 109.78 -5.06
N ILE K 415 -39.31 109.27 -5.57
CA ILE K 415 -39.39 108.77 -6.94
C ILE K 415 -40.53 109.43 -7.69
N THR K 416 -40.23 110.09 -8.81
CA THR K 416 -41.25 110.75 -9.63
C THR K 416 -41.25 110.21 -11.04
N VAL K 417 -42.43 109.82 -11.53
CA VAL K 417 -42.51 109.29 -12.88
C VAL K 417 -43.55 110.03 -13.72
N GLU K 418 -43.11 110.53 -14.87
CA GLU K 418 -43.95 111.26 -15.82
C GLU K 418 -44.04 110.57 -17.16
N VAL K 419 -45.26 110.36 -17.65
CA VAL K 419 -45.48 109.64 -18.90
C VAL K 419 -46.39 110.41 -19.83
N SER K 420 -46.04 110.47 -21.12
CA SER K 420 -46.90 111.14 -22.08
C SER K 420 -47.03 110.38 -23.40
N ASP K 421 -48.05 110.78 -24.17
CA ASP K 421 -48.38 110.24 -25.49
C ASP K 421 -48.77 108.77 -25.46
N ILE K 422 -49.69 108.43 -24.56
CA ILE K 422 -50.24 107.09 -24.39
C ILE K 422 -51.45 106.92 -25.29
N THR K 423 -51.48 105.85 -26.08
CA THR K 423 -52.64 105.62 -26.93
C THR K 423 -53.35 104.30 -26.68
N SER K 424 -52.71 103.34 -26.03
CA SER K 424 -53.36 102.05 -25.72
C SER K 424 -54.31 102.12 -24.53
N VAL K 425 -55.46 102.73 -24.76
CA VAL K 425 -56.42 102.95 -23.70
C VAL K 425 -57.71 102.19 -23.99
N GLN K 426 -58.54 102.02 -22.97
CA GLN K 426 -59.81 101.32 -23.11
C GLN K 426 -60.97 102.30 -23.10
N LEU K 427 -61.86 102.19 -24.07
CA LEU K 427 -62.95 103.15 -24.19
C LEU K 427 -64.32 102.49 -24.13
N GLU K 428 -65.24 103.15 -23.43
CA GLU K 428 -66.58 102.62 -23.28
C GLU K 428 -67.68 103.67 -23.40
N ASN K 429 -68.82 103.15 -23.82
CA ASN K 429 -70.10 103.76 -24.07
C ASN K 429 -71.13 103.17 -23.16
N ASP K 430 -72.32 103.76 -23.19
CA ASP K 430 -73.42 103.12 -22.50
C ASP K 430 -73.87 101.88 -23.23
N LEU K 431 -73.44 101.72 -24.46
CA LEU K 431 -73.78 100.56 -25.24
C LEU K 431 -72.67 99.51 -25.28
N GLY K 432 -71.50 99.79 -24.74
CA GLY K 432 -70.45 98.79 -24.83
C GLY K 432 -69.05 99.34 -25.14
N VAL K 433 -68.18 98.43 -25.62
CA VAL K 433 -66.76 98.69 -25.82
C VAL K 433 -66.48 99.27 -27.20
N LEU K 434 -65.65 100.32 -27.25
CA LEU K 434 -65.29 101.00 -28.48
C LEU K 434 -63.90 100.64 -28.99
N ASN K 435 -63.72 100.73 -30.31
CA ASN K 435 -62.41 100.54 -30.92
C ASN K 435 -61.72 101.88 -31.15
N PRO K 436 -60.68 102.20 -30.36
CA PRO K 436 -60.00 103.50 -30.42
C PRO K 436 -59.19 103.75 -31.68
N GLN K 437 -58.99 102.75 -32.52
CA GLN K 437 -58.21 102.91 -33.74
C GLN K 437 -59.04 103.39 -34.91
N LYS K 438 -60.34 103.48 -34.74
CA LYS K 438 -61.25 103.88 -35.78
C LYS K 438 -62.05 105.04 -35.22
N PRO K 439 -62.55 105.95 -36.05
CA PRO K 439 -63.45 107.00 -35.57
C PRO K 439 -64.61 106.37 -34.82
N PHE K 440 -64.92 106.92 -33.66
CA PHE K 440 -65.91 106.34 -32.78
C PHE K 440 -66.86 107.41 -32.28
N PHE K 441 -68.03 106.99 -31.79
CA PHE K 441 -68.96 107.95 -31.22
C PHE K 441 -68.91 107.94 -29.72
N PRO K 442 -68.24 108.90 -29.08
CA PRO K 442 -68.39 109.05 -27.64
C PRO K 442 -69.82 109.47 -27.47
N PHE K 443 -70.44 109.01 -26.41
CA PHE K 443 -71.84 109.28 -26.10
C PHE K 443 -72.84 108.69 -27.10
N GLY K 444 -72.46 107.76 -27.95
CA GLY K 444 -73.40 107.10 -28.84
C GLY K 444 -73.65 107.79 -30.18
N PRO K 445 -74.19 107.03 -31.15
CA PRO K 445 -74.54 107.53 -32.49
C PRO K 445 -75.74 108.44 -32.51
N ARG K 446 -76.51 108.44 -31.43
CA ARG K 446 -77.71 109.24 -31.27
C ARG K 446 -77.79 109.69 -29.82
N PRO K 447 -76.96 110.67 -29.43
CA PRO K 447 -76.79 111.07 -28.03
C PRO K 447 -78.07 111.58 -27.38
N ILE K 448 -78.23 111.26 -26.10
CA ILE K 448 -79.38 111.65 -25.30
C ILE K 448 -78.88 112.28 -24.01
N LYS K 449 -79.77 113.02 -23.36
CA LYS K 449 -79.47 113.58 -22.04
C LYS K 449 -79.06 112.48 -21.08
N GLY K 450 -77.92 112.65 -20.43
CA GLY K 450 -77.45 111.66 -19.50
C GLY K 450 -76.53 110.59 -20.06
N SER K 451 -76.27 110.58 -21.38
CA SER K 451 -75.43 109.49 -21.88
C SER K 451 -73.99 109.83 -21.49
N SER K 452 -73.08 108.85 -21.61
CA SER K 452 -71.75 109.11 -21.08
C SER K 452 -70.63 108.51 -21.95
N PHE K 453 -69.40 108.87 -21.58
CA PHE K 453 -68.17 108.39 -22.21
C PHE K 453 -67.08 108.14 -21.16
N ILE K 454 -66.50 106.94 -21.18
CA ILE K 454 -65.54 106.54 -20.14
C ILE K 454 -64.18 106.13 -20.71
N VAL K 455 -63.11 106.67 -20.11
CA VAL K 455 -61.72 106.36 -20.44
C VAL K 455 -61.05 105.60 -19.29
N LYS K 456 -60.44 104.45 -19.59
CA LYS K 456 -59.74 103.63 -18.59
C LYS K 456 -58.31 103.27 -18.98
N TYR K 457 -57.41 103.30 -18.00
CA TYR K 457 -56.02 102.89 -18.21
C TYR K 457 -55.40 102.36 -16.92
N PRO K 458 -55.50 101.03 -16.68
CA PRO K 458 -55.07 100.37 -15.42
C PRO K 458 -53.66 100.65 -14.95
N GLU K 459 -52.73 100.80 -15.90
CA GLU K 459 -51.35 101.08 -15.55
C GLU K 459 -51.20 102.35 -14.75
N ALA K 460 -52.01 103.36 -15.04
CA ALA K 460 -51.92 104.58 -14.27
C ALA K 460 -52.77 104.49 -13.03
N MET K 461 -53.91 103.84 -13.13
CA MET K 461 -54.86 103.83 -12.02
C MET K 461 -54.32 103.06 -10.81
N GLU K 462 -53.44 102.10 -11.01
CA GLU K 462 -52.78 101.38 -9.92
C GLU K 462 -51.64 102.10 -9.23
N LYS K 463 -51.26 103.28 -9.65
CA LYS K 463 -50.17 104.07 -9.12
C LYS K 463 -50.69 105.29 -8.34
N PRO K 464 -49.86 105.88 -7.47
CA PRO K 464 -50.23 107.12 -6.75
C PRO K 464 -50.16 108.34 -7.65
N VAL K 465 -51.15 108.39 -8.56
CA VAL K 465 -51.27 109.41 -9.59
C VAL K 465 -51.69 110.74 -8.97
N THR K 466 -50.97 111.78 -9.32
CA THR K 466 -51.24 113.13 -8.88
C THR K 466 -51.93 113.94 -9.97
N ALA K 467 -51.73 113.55 -11.22
CA ALA K 467 -52.40 114.25 -12.30
C ALA K 467 -52.59 113.33 -13.49
N ILE K 468 -53.64 113.59 -14.27
CA ILE K 468 -53.95 112.80 -15.46
C ILE K 468 -54.84 113.62 -16.40
N SER K 469 -54.62 113.46 -17.71
CA SER K 469 -55.42 114.22 -18.67
C SER K 469 -55.48 113.59 -20.05
N TYR K 470 -56.46 114.03 -20.86
CA TYR K 470 -56.51 113.57 -22.25
C TYR K 470 -57.06 114.60 -23.23
N GLN K 471 -56.79 114.34 -24.52
CA GLN K 471 -57.19 115.17 -25.65
C GLN K 471 -57.92 114.37 -26.75
N MET K 472 -58.86 115.01 -27.47
CA MET K 472 -59.58 114.38 -28.60
C MET K 472 -59.82 115.35 -29.76
N ASP K 473 -59.93 114.83 -30.99
CA ASP K 473 -60.33 115.61 -32.17
C ASP K 473 -61.74 115.23 -32.66
N TYR K 474 -62.49 116.18 -33.24
CA TYR K 474 -63.78 115.84 -33.85
C TYR K 474 -63.67 115.81 -35.38
N LEU K 475 -64.55 115.04 -36.05
CA LEU K 475 -64.38 114.79 -37.49
C LEU K 475 -65.18 115.67 -38.46
N ASN K 476 -66.50 115.66 -38.38
CA ASN K 476 -67.32 116.30 -39.42
C ASN K 476 -68.21 117.38 -38.83
N LEU K 477 -67.64 118.11 -37.92
CA LEU K 477 -68.32 119.14 -37.21
C LEU K 477 -68.67 120.29 -38.19
N PRO K 478 -69.90 120.83 -38.11
CA PRO K 478 -70.36 121.96 -38.93
C PRO K 478 -69.55 123.22 -38.72
N GLU K 479 -69.56 124.10 -39.72
CA GLU K 479 -68.80 125.35 -39.61
C GLU K 479 -69.18 126.19 -38.40
N ASN K 480 -70.44 126.12 -37.98
CA ASN K 480 -70.88 126.84 -36.81
C ASN K 480 -72.03 126.06 -36.18
N LEU K 481 -71.76 125.47 -35.02
CA LEU K 481 -72.72 124.61 -34.33
C LEU K 481 -73.95 125.36 -33.87
N VAL K 482 -73.85 126.65 -33.64
CA VAL K 482 -75.02 127.40 -33.19
C VAL K 482 -75.90 127.72 -34.37
N ASN K 483 -75.30 128.19 -35.47
CA ASN K 483 -76.09 128.48 -36.66
C ASN K 483 -76.75 127.24 -37.22
N HIS K 484 -76.10 126.08 -37.03
CA HIS K 484 -76.62 124.79 -37.49
C HIS K 484 -78.03 124.49 -37.01
N TYR K 485 -78.39 124.98 -35.82
CA TYR K 485 -79.70 124.70 -35.22
C TYR K 485 -80.62 125.91 -35.23
N SER K 486 -80.42 126.85 -36.15
CA SER K 486 -81.26 128.06 -36.19
C SER K 486 -82.72 127.77 -36.49
N ALA K 487 -83.04 126.62 -37.08
CA ALA K 487 -84.40 126.25 -37.40
C ALA K 487 -85.16 125.65 -36.24
N TYR K 488 -84.51 125.44 -35.11
CA TYR K 488 -85.09 124.76 -33.95
C TYR K 488 -85.41 125.78 -32.88
N THR K 489 -86.63 126.32 -32.90
CA THR K 489 -87.00 127.41 -32.02
C THR K 489 -88.28 127.09 -31.26
N ILE K 490 -88.50 127.80 -30.15
CA ILE K 490 -89.72 127.66 -29.36
C ILE K 490 -90.32 129.01 -29.00
N GLY K 491 -91.58 128.97 -28.57
CA GLY K 491 -92.26 130.19 -28.14
C GLY K 491 -92.32 131.19 -29.29
N ASP K 492 -91.91 132.43 -29.03
CA ASP K 492 -91.90 133.44 -30.08
C ASP K 492 -90.60 133.40 -30.87
N ASP K 493 -90.42 132.26 -31.55
CA ASP K 493 -89.28 131.97 -32.42
C ASP K 493 -87.93 132.17 -31.71
N GLU K 494 -87.81 131.68 -30.48
CA GLU K 494 -86.55 131.84 -29.75
C GLU K 494 -85.72 130.57 -29.82
N PRO K 495 -84.47 130.64 -30.29
CA PRO K 495 -83.61 129.47 -30.49
C PRO K 495 -83.37 128.63 -29.25
N LEU K 496 -83.46 127.30 -29.40
CA LEU K 496 -83.13 126.41 -28.30
C LEU K 496 -81.65 126.49 -27.98
N VAL K 497 -80.82 126.60 -29.00
CA VAL K 497 -79.38 126.71 -28.85
C VAL K 497 -79.03 128.17 -29.04
N SER K 498 -78.76 128.88 -27.95
CA SER K 498 -78.54 130.31 -28.10
C SER K 498 -77.05 130.56 -28.24
N ASP K 499 -76.21 129.67 -27.67
CA ASP K 499 -74.76 129.83 -27.73
C ASP K 499 -74.11 128.48 -27.39
N MET K 500 -72.77 128.44 -27.43
CA MET K 500 -71.97 127.25 -27.18
C MET K 500 -72.15 126.63 -25.80
N ASP K 501 -72.56 127.43 -24.79
CA ASP K 501 -72.81 126.93 -23.43
C ASP K 501 -73.86 125.84 -23.40
N TYR K 502 -74.70 125.79 -24.45
CA TYR K 502 -75.68 124.76 -24.59
C TYR K 502 -75.07 123.38 -24.47
N PHE K 503 -73.89 123.17 -25.04
CA PHE K 503 -73.23 121.88 -25.09
C PHE K 503 -72.23 121.75 -23.95
N SER K 504 -72.64 121.18 -22.82
CA SER K 504 -71.82 121.08 -21.61
C SER K 504 -71.80 119.70 -20.98
N VAL K 505 -70.82 119.42 -20.12
CA VAL K 505 -70.73 118.11 -19.46
C VAL K 505 -70.42 118.14 -17.96
N LYS K 506 -70.70 117.01 -17.32
CA LYS K 506 -70.31 116.76 -15.94
C LYS K 506 -69.13 115.81 -15.88
N SER K 507 -68.11 116.20 -15.13
CA SER K 507 -66.95 115.36 -14.86
C SER K 507 -67.00 114.80 -13.47
N PHE K 508 -67.15 113.52 -13.39
CA PHE K 508 -67.27 112.89 -12.07
C PHE K 508 -66.02 112.86 -11.22
N PRO K 509 -64.82 112.71 -11.79
CA PRO K 509 -63.59 112.89 -11.03
C PRO K 509 -63.22 114.35 -10.75
N LYS K 510 -64.14 115.29 -11.01
CA LYS K 510 -64.02 116.71 -10.72
C LYS K 510 -62.91 117.40 -11.53
N SER K 511 -63.15 117.57 -12.83
CA SER K 511 -62.22 118.23 -13.74
C SER K 511 -61.81 119.62 -13.29
N SER K 512 -60.56 119.96 -13.62
CA SER K 512 -59.92 121.22 -13.23
C SER K 512 -60.12 122.28 -14.31
N ASN K 513 -60.81 121.95 -15.38
CA ASN K 513 -61.03 122.89 -16.45
C ASN K 513 -61.88 124.06 -15.96
N ASP K 514 -61.73 125.20 -16.63
CA ASP K 514 -62.35 126.48 -16.25
C ASP K 514 -63.87 126.52 -16.47
N SER K 515 -64.44 125.63 -17.26
CA SER K 515 -65.88 125.61 -17.51
C SER K 515 -66.28 124.20 -17.86
N ASP K 516 -67.58 123.98 -18.01
CA ASP K 516 -68.06 122.65 -18.33
C ASP K 516 -68.29 122.50 -19.83
N GLN K 517 -67.90 123.49 -20.62
CA GLN K 517 -68.18 123.46 -22.05
C GLN K 517 -67.48 122.29 -22.73
N LEU K 518 -68.24 121.57 -23.58
CA LEU K 518 -67.74 120.36 -24.24
C LEU K 518 -66.71 120.64 -25.33
N PHE K 519 -66.89 121.67 -26.13
CA PHE K 519 -65.97 121.94 -27.23
C PHE K 519 -65.10 123.15 -26.90
N SER K 520 -63.82 123.06 -27.23
CA SER K 520 -62.93 124.19 -27.04
C SER K 520 -62.40 124.57 -28.40
N GLU K 521 -62.18 125.86 -28.60
CA GLU K 521 -61.82 126.36 -29.90
C GLU K 521 -60.46 125.77 -30.27
N LYS K 522 -60.31 125.34 -31.51
CA LYS K 522 -59.04 124.79 -31.94
C LYS K 522 -58.25 125.93 -32.54
N SER K 523 -56.97 126.03 -32.20
CA SER K 523 -56.16 127.14 -32.72
C SER K 523 -56.20 127.24 -34.25
N GLY K 524 -56.55 126.14 -34.91
CA GLY K 524 -56.83 126.02 -36.32
C GLY K 524 -58.32 125.98 -36.51
N GLY K 525 -58.80 125.28 -37.51
CA GLY K 525 -60.24 125.21 -37.67
C GLY K 525 -60.84 124.06 -36.87
N GLY K 526 -62.15 124.13 -36.61
CA GLY K 526 -62.83 123.04 -35.92
C GLY K 526 -62.64 123.04 -34.42
N TYR K 527 -63.00 121.91 -33.82
CA TYR K 527 -62.98 121.77 -32.39
C TYR K 527 -62.31 120.48 -31.97
N GLU K 528 -61.82 120.54 -30.75
CA GLU K 528 -61.18 119.49 -30.00
C GLU K 528 -61.80 119.49 -28.63
N SER K 529 -61.39 118.56 -27.78
CA SER K 529 -61.86 118.60 -26.41
C SER K 529 -60.63 118.40 -25.53
N ASP K 530 -60.73 118.83 -24.25
CA ASP K 530 -59.58 118.81 -23.36
C ASP K 530 -60.09 118.55 -21.93
N PHE K 531 -59.62 117.49 -21.29
CA PHE K 531 -60.04 117.24 -19.92
C PHE K 531 -58.86 116.98 -19.00
N GLU K 532 -58.66 117.88 -18.06
CA GLU K 532 -57.60 117.84 -17.06
C GLU K 532 -58.09 117.52 -15.66
N PHE K 533 -57.47 116.54 -15.04
CA PHE K 533 -57.85 116.15 -13.69
C PHE K 533 -56.65 116.26 -12.74
N GLN K 534 -56.92 116.59 -11.48
CA GLN K 534 -55.87 116.71 -10.47
C GLN K 534 -56.28 116.00 -9.19
N ILE K 535 -55.31 115.37 -8.54
CA ILE K 535 -55.55 114.67 -7.28
C ILE K 535 -54.63 115.29 -6.25
N GLU K 536 -55.20 116.02 -5.28
CA GLU K 536 -54.41 116.92 -4.43
C GLU K 536 -53.27 116.29 -3.65
N ASN K 537 -53.47 115.10 -3.12
CA ASN K 537 -52.41 114.44 -2.37
C ASN K 537 -52.06 113.08 -2.94
N GLY K 538 -52.38 112.86 -4.21
CA GLY K 538 -52.15 111.55 -4.80
C GLY K 538 -53.11 110.48 -4.34
N VAL K 539 -54.13 110.83 -3.58
CA VAL K 539 -55.06 109.86 -3.03
C VAL K 539 -56.38 109.93 -3.77
N TRP K 540 -56.75 108.82 -4.38
CA TRP K 540 -57.98 108.73 -5.14
C TRP K 540 -59.19 108.84 -4.22
N GLU K 541 -60.13 109.71 -4.56
CA GLU K 541 -61.32 109.91 -3.73
C GLU K 541 -62.15 108.65 -3.58
N SER K 542 -62.47 108.33 -2.33
CA SER K 542 -63.18 107.10 -2.05
C SER K 542 -64.58 107.18 -2.67
N GLY K 543 -64.99 106.09 -3.29
CA GLY K 543 -66.25 106.02 -3.99
C GLY K 543 -66.17 106.18 -5.49
N LEU K 544 -65.07 106.73 -6.01
CA LEU K 544 -64.93 106.81 -7.45
C LEU K 544 -64.33 105.50 -7.93
N LYS K 545 -64.60 105.13 -9.18
CA LYS K 545 -64.24 103.81 -9.68
C LYS K 545 -62.91 103.68 -10.43
N LYS K 546 -62.01 104.65 -10.36
CA LYS K 546 -60.71 104.59 -11.06
C LYS K 546 -60.91 104.51 -12.57
N GLU K 547 -61.71 105.45 -13.06
CA GLU K 547 -62.03 105.62 -14.45
C GLU K 547 -62.34 107.10 -14.63
N LEU K 548 -62.15 107.62 -15.81
CA LEU K 548 -62.48 109.02 -16.07
C LEU K 548 -63.82 109.10 -16.81
N LYS K 549 -64.84 109.66 -16.17
CA LYS K 549 -66.20 109.67 -16.73
C LYS K 549 -66.76 111.06 -16.99
N ILE K 550 -67.28 111.25 -18.21
CA ILE K 550 -67.91 112.48 -18.70
C ILE K 550 -69.39 112.20 -19.09
N SER K 551 -70.34 113.03 -18.63
CA SER K 551 -71.75 112.87 -19.01
C SER K 551 -72.38 114.13 -19.61
N LEU K 552 -73.35 113.97 -20.54
CA LEU K 552 -74.01 115.11 -21.20
C LEU K 552 -75.15 115.72 -20.40
N GLU K 553 -75.09 117.04 -20.21
CA GLU K 553 -76.18 117.81 -19.60
C GLU K 553 -77.44 117.94 -20.48
N ARG K 554 -77.26 118.13 -21.79
CA ARG K 554 -78.34 118.36 -22.74
C ARG K 554 -78.09 117.57 -24.01
N SER K 555 -79.16 117.12 -24.65
CA SER K 555 -79.08 116.34 -25.89
C SER K 555 -78.79 117.22 -27.09
N PHE K 556 -78.54 116.56 -28.21
CA PHE K 556 -78.29 117.22 -29.48
C PHE K 556 -79.54 117.32 -30.35
N LEU K 557 -80.73 117.11 -29.75
CA LEU K 557 -82.05 117.33 -30.37
C LEU K 557 -82.41 116.34 -31.48
N HIS K 558 -81.93 115.09 -31.41
CA HIS K 558 -82.27 114.11 -32.44
C HIS K 558 -83.77 113.83 -32.43
N GLU K 559 -84.35 113.83 -31.24
CA GLU K 559 -85.76 113.59 -30.99
C GLU K 559 -86.70 114.68 -31.52
N LYS K 560 -86.18 115.82 -31.99
CA LYS K 560 -87.05 116.88 -32.48
C LYS K 560 -87.01 117.07 -33.99
N TYR K 561 -86.12 116.40 -34.71
CA TYR K 561 -85.96 116.68 -36.13
C TYR K 561 -87.24 116.50 -36.91
N ALA K 562 -87.94 115.39 -36.69
CA ALA K 562 -89.16 115.09 -37.43
C ALA K 562 -90.24 116.13 -37.22
N HIS K 563 -90.38 116.60 -36.00
CA HIS K 563 -91.37 117.61 -35.63
C HIS K 563 -91.14 118.95 -36.30
N TYR K 564 -89.91 119.43 -36.34
CA TYR K 564 -89.66 120.72 -36.96
C TYR K 564 -89.71 120.62 -38.46
N PHE K 565 -89.23 119.51 -39.01
CA PHE K 565 -89.25 119.32 -40.45
C PHE K 565 -90.67 119.39 -40.96
N THR K 566 -91.57 118.67 -40.29
CA THR K 566 -92.98 118.62 -40.66
C THR K 566 -93.61 119.99 -40.63
N LEU K 567 -93.41 120.74 -39.55
CA LEU K 567 -94.07 122.03 -39.40
C LEU K 567 -93.67 123.01 -40.48
N VAL K 568 -92.41 123.01 -40.89
CA VAL K 568 -92.03 123.92 -41.96
C VAL K 568 -92.70 123.51 -43.24
N ALA K 569 -92.66 122.22 -43.54
CA ALA K 569 -93.18 121.67 -44.79
C ALA K 569 -94.67 121.92 -44.98
N ILE K 570 -95.46 121.93 -43.90
CA ILE K 570 -96.90 122.09 -44.04
C ILE K 570 -97.37 123.50 -43.73
N SER K 571 -96.47 124.47 -43.61
CA SER K 571 -96.89 125.82 -43.29
C SER K 571 -97.77 126.40 -44.38
N LYS K 572 -98.80 127.10 -43.97
CA LYS K 572 -99.68 127.79 -44.91
C LYS K 572 -99.38 129.27 -44.95
N ASP K 573 -98.41 129.71 -44.14
CA ASP K 573 -98.08 131.12 -44.09
C ASP K 573 -96.92 131.46 -45.00
N THR K 574 -95.99 130.53 -45.17
CA THR K 574 -94.79 130.77 -45.95
C THR K 574 -94.55 129.65 -46.94
N ASP K 575 -93.81 129.97 -47.99
CA ASP K 575 -93.36 128.99 -48.93
C ASP K 575 -92.04 128.43 -48.42
N PRO K 576 -91.93 127.13 -48.17
CA PRO K 576 -90.68 126.53 -47.69
C PRO K 576 -89.57 126.74 -48.68
N THR K 577 -88.38 127.03 -48.16
CA THR K 577 -87.16 127.16 -48.93
C THR K 577 -86.13 126.31 -48.23
N ILE K 578 -84.99 126.06 -48.86
CA ILE K 578 -84.00 125.17 -48.21
C ILE K 578 -83.48 125.78 -46.91
N GLU K 579 -83.42 127.11 -46.84
CA GLU K 579 -82.91 127.82 -45.66
C GLU K 579 -83.84 127.70 -44.46
N LEU K 580 -85.08 127.28 -44.66
CA LEU K 580 -86.02 127.19 -43.56
C LEU K 580 -86.16 125.77 -43.03
N LEU K 581 -85.55 124.81 -43.66
CA LEU K 581 -85.70 123.46 -43.18
C LEU K 581 -84.58 123.17 -42.19
N PRO K 582 -84.88 122.38 -41.17
CA PRO K 582 -83.86 122.02 -40.19
C PRO K 582 -82.81 121.11 -40.78
N ASN K 583 -81.60 121.28 -40.30
CA ASN K 583 -80.49 120.42 -40.66
C ASN K 583 -80.52 119.21 -39.76
N GLU K 584 -79.98 118.11 -40.24
CA GLU K 584 -79.89 116.91 -39.43
C GLU K 584 -79.04 117.21 -38.19
N PRO K 585 -79.51 116.81 -37.02
CA PRO K 585 -78.79 116.96 -35.76
C PRO K 585 -77.43 116.27 -35.80
N TYR K 586 -76.47 116.90 -35.13
CA TYR K 586 -75.09 116.41 -35.12
C TYR K 586 -74.87 115.28 -34.12
N ALA K 587 -74.10 114.28 -34.53
CA ALA K 587 -73.61 113.25 -33.64
C ALA K 587 -72.10 113.39 -33.58
N PRO K 588 -71.52 113.63 -32.41
CA PRO K 588 -70.10 114.02 -32.24
C PRO K 588 -69.07 112.91 -32.41
N LEU K 589 -68.90 112.45 -33.65
CA LEU K 589 -67.89 111.47 -34.05
C LEU K 589 -66.47 111.97 -33.81
N ALA K 590 -65.59 111.13 -33.23
CA ALA K 590 -64.26 111.61 -32.80
C ALA K 590 -63.11 110.60 -33.04
N GLU K 591 -61.88 111.10 -32.95
CA GLU K 591 -60.67 110.30 -33.15
C GLU K 591 -59.44 110.87 -32.42
N ASN K 592 -58.33 110.12 -32.51
CA ASN K 592 -56.99 110.50 -31.99
C ASN K 592 -56.94 110.76 -30.50
N LEU K 593 -57.57 109.92 -29.69
CA LEU K 593 -57.49 110.13 -28.25
C LEU K 593 -56.08 109.85 -27.72
N VAL K 594 -55.52 110.82 -27.01
CA VAL K 594 -54.19 110.74 -26.38
C VAL K 594 -54.22 111.04 -24.88
N LEU K 595 -53.63 110.14 -24.08
CA LEU K 595 -53.58 110.20 -22.61
C LEU K 595 -52.18 110.51 -22.05
N GLY K 596 -52.10 111.22 -20.91
CA GLY K 596 -50.84 111.39 -20.17
C GLY K 596 -51.04 111.45 -18.66
N TYR K 597 -49.98 111.14 -17.88
CA TYR K 597 -50.12 111.17 -16.40
C TYR K 597 -48.81 111.36 -15.62
N THR K 598 -48.94 111.70 -14.33
CA THR K 598 -47.83 111.81 -13.37
C THR K 598 -48.15 111.13 -12.04
N ALA K 599 -47.20 110.34 -11.49
CA ALA K 599 -47.35 109.69 -10.18
C ALA K 599 -46.10 109.86 -9.31
N ILE K 600 -46.30 109.97 -7.98
CA ILE K 600 -45.19 110.25 -7.04
C ILE K 600 -45.23 109.40 -5.78
N SER K 601 -44.07 108.83 -5.41
CA SER K 601 -43.85 108.13 -4.14
C SER K 601 -42.73 108.78 -3.34
N SER K 602 -42.85 108.79 -2.01
CA SER K 602 -41.83 109.39 -1.15
C SER K 602 -41.66 108.61 0.14
N ILE K 603 -40.43 108.14 0.39
CA ILE K 603 -40.15 107.21 1.50
C ILE K 603 -39.12 107.73 2.50
N ASP K 604 -39.55 107.87 3.75
CA ASP K 604 -38.70 108.15 4.90
C ASP K 604 -38.34 106.82 5.51
N PHE K 605 -37.06 106.45 5.39
CA PHE K 605 -36.65 105.13 5.83
C PHE K 605 -36.70 104.96 7.34
N SER K 606 -36.74 106.05 8.08
CA SER K 606 -36.76 106.01 9.53
C SER K 606 -38.14 106.14 10.11
N SER K 607 -39.18 106.29 9.30
CA SER K 607 -40.46 106.61 9.90
C SER K 607 -41.33 105.37 9.95
N SER K 608 -41.83 105.12 11.14
CA SER K 608 -42.89 104.17 11.38
C SER K 608 -44.18 104.74 10.82
N SER K 609 -45.19 103.89 10.74
CA SER K 609 -46.54 104.29 10.36
C SER K 609 -46.52 104.99 8.99
N SER K 610 -45.76 104.43 8.06
CA SER K 610 -45.62 105.00 6.73
C SER K 610 -45.47 103.89 5.72
N GLU K 611 -46.05 104.10 4.55
CA GLU K 611 -46.03 103.08 3.52
C GLU K 611 -44.70 103.09 2.78
N ASN K 612 -43.67 102.56 3.44
CA ASN K 612 -42.33 102.54 2.88
C ASN K 612 -42.23 101.39 1.88
N GLN K 613 -42.92 101.55 0.75
CA GLN K 613 -43.07 100.47 -0.22
C GLN K 613 -41.94 100.44 -1.25
N VAL K 614 -40.75 100.06 -0.79
CA VAL K 614 -39.60 99.94 -1.68
C VAL K 614 -38.69 98.82 -1.19
N SER K 615 -38.03 98.14 -2.13
CA SER K 615 -37.09 97.12 -1.73
C SER K 615 -35.67 97.55 -2.11
N LEU K 616 -34.73 97.38 -1.19
CA LEU K 616 -33.36 97.77 -1.42
C LEU K 616 -32.41 96.57 -1.35
N ILE K 617 -31.56 96.44 -2.38
CA ILE K 617 -30.59 95.35 -2.48
C ILE K 617 -29.17 95.88 -2.72
N HIS K 618 -28.18 95.31 -2.02
CA HIS K 618 -26.77 95.64 -2.26
C HIS K 618 -26.09 94.64 -3.18
N GLU K 619 -25.30 95.15 -4.12
CA GLU K 619 -24.53 94.32 -5.04
C GLU K 619 -23.10 94.18 -4.56
N MET K 620 -22.64 92.95 -4.46
CA MET K 620 -21.34 92.62 -3.92
C MET K 620 -20.52 91.87 -4.95
N PRO K 621 -19.17 91.90 -4.84
CA PRO K 621 -18.28 91.20 -5.78
C PRO K 621 -18.65 89.77 -6.11
N PHE K 622 -19.17 89.01 -5.15
CA PHE K 622 -19.51 87.64 -5.49
C PHE K 622 -20.92 87.28 -5.05
N GLY K 623 -21.88 88.20 -5.14
CA GLY K 623 -23.23 87.91 -4.69
C GLY K 623 -24.01 89.18 -4.38
N PHE K 624 -25.03 89.05 -3.52
CA PHE K 624 -25.85 90.20 -3.18
C PHE K 624 -26.47 90.04 -1.81
N GLN K 625 -27.07 91.13 -1.30
CA GLN K 625 -27.79 91.05 -0.04
C GLN K 625 -29.04 91.93 -0.02
N GLN K 626 -30.14 91.36 0.46
CA GLN K 626 -31.35 92.13 0.67
C GLN K 626 -31.17 92.98 1.91
N VAL K 627 -31.40 94.27 1.81
CA VAL K 627 -31.16 95.17 2.93
C VAL K 627 -32.45 95.66 3.56
N PHE K 628 -33.37 96.15 2.74
CA PHE K 628 -34.60 96.78 3.23
C PHE K 628 -35.79 96.18 2.50
N THR K 629 -36.82 95.74 3.22
CA THR K 629 -37.94 95.17 2.49
C THR K 629 -39.12 96.13 2.67
N PRO K 630 -40.14 96.08 1.80
CA PRO K 630 -41.31 96.96 1.92
C PRO K 630 -41.97 96.83 3.29
N GLY K 631 -42.25 97.98 3.90
CA GLY K 631 -42.85 98.02 5.22
C GLY K 631 -41.86 98.20 6.35
N ASP K 632 -40.56 98.02 6.09
CA ASP K 632 -39.53 98.15 7.11
C ASP K 632 -39.22 99.60 7.46
N THR K 633 -38.58 99.76 8.60
CA THR K 633 -37.93 100.97 9.08
C THR K 633 -36.52 100.67 9.52
N ASP K 634 -35.67 101.70 9.53
CA ASP K 634 -34.29 101.53 9.98
C ASP K 634 -33.76 102.87 10.44
N ASN K 635 -32.54 102.88 10.93
CA ASN K 635 -31.94 104.12 11.38
C ASN K 635 -30.63 104.35 10.64
N SER K 636 -30.11 103.31 10.02
CA SER K 636 -28.83 103.40 9.32
C SER K 636 -28.77 102.53 8.08
N LEU K 637 -28.98 103.16 6.95
CA LEU K 637 -28.90 102.49 5.67
C LEU K 637 -27.86 103.20 4.83
N TYR K 638 -27.23 102.43 3.97
CA TYR K 638 -26.24 102.97 3.07
C TYR K 638 -26.57 102.46 1.69
N LEU K 639 -26.12 103.19 0.67
CA LEU K 639 -26.33 102.72 -0.68
C LEU K 639 -25.37 101.62 -1.08
N VAL K 640 -24.26 101.46 -0.37
CA VAL K 640 -23.22 100.54 -0.81
C VAL K 640 -22.75 99.67 0.36
N PRO K 641 -22.22 98.47 0.05
CA PRO K 641 -21.49 97.63 1.03
C PRO K 641 -20.25 98.32 1.53
N ASP K 642 -19.83 98.03 2.76
CA ASP K 642 -18.64 98.65 3.34
C ASP K 642 -17.43 97.71 3.32
N TYR K 643 -16.45 97.98 2.45
CA TYR K 643 -15.23 97.18 2.43
C TYR K 643 -14.05 97.98 2.95
N CYS K 644 -13.44 97.47 4.02
CA CYS K 644 -12.39 98.22 4.69
C CYS K 644 -11.06 97.82 4.05
N HIS K 645 -10.00 98.56 4.39
CA HIS K 645 -8.68 98.28 3.89
C HIS K 645 -8.18 96.89 4.25
N GLY K 646 -7.60 96.18 3.28
CA GLY K 646 -7.01 94.88 3.53
C GLY K 646 -7.38 93.82 2.49
N GLY K 647 -7.03 92.57 2.81
CA GLY K 647 -7.24 91.45 1.90
C GLY K 647 -8.01 90.32 2.53
N GLU K 648 -8.73 89.58 1.69
CA GLU K 648 -9.60 88.49 2.14
C GLU K 648 -9.51 87.27 1.23
N LEU K 649 -9.47 86.08 1.84
CA LEU K 649 -9.48 84.82 1.12
C LEU K 649 -10.64 83.94 1.59
N TYR K 650 -11.45 83.51 0.65
CA TYR K 650 -12.65 82.72 0.95
C TYR K 650 -12.47 81.28 0.52
N ILE K 651 -12.77 80.36 1.42
CA ILE K 651 -12.67 78.93 1.14
C ILE K 651 -14.04 78.29 1.29
N GLY K 652 -14.56 77.70 0.21
CA GLY K 652 -15.85 77.02 0.26
C GLY K 652 -15.68 75.52 0.39
N LEU K 653 -16.40 74.92 1.33
CA LEU K 653 -16.28 73.48 1.56
C LEU K 653 -17.55 72.71 1.19
N GLU K 654 -17.34 71.57 0.52
CA GLU K 654 -18.42 70.70 0.08
C GLU K 654 -18.60 69.47 0.95
N ASN K 655 -19.86 69.12 1.16
CA ASN K 655 -20.33 67.86 1.77
C ASN K 655 -19.95 67.66 3.23
N GLY K 656 -19.78 68.72 4.02
CA GLY K 656 -19.51 68.55 5.42
C GLY K 656 -20.81 68.47 6.20
N LYS K 657 -20.67 68.39 7.51
CA LYS K 657 -21.82 68.34 8.42
C LYS K 657 -21.51 69.28 9.57
N ASN K 658 -22.55 69.76 10.26
CA ASN K 658 -22.35 70.83 11.24
C ASN K 658 -21.61 70.44 12.52
N LEU K 659 -21.23 69.20 12.74
CA LEU K 659 -20.43 68.89 13.93
C LEU K 659 -19.18 68.08 13.61
N GLN K 660 -18.73 68.04 12.35
CA GLN K 660 -17.58 67.24 11.99
C GLN K 660 -16.28 68.03 11.99
N GLN K 661 -15.16 67.32 12.09
CA GLN K 661 -13.85 67.94 12.01
C GLN K 661 -13.31 67.96 10.59
N VAL K 662 -12.58 69.02 10.30
CA VAL K 662 -11.97 69.21 8.99
C VAL K 662 -10.48 69.45 9.17
N THR K 663 -9.67 68.70 8.45
CA THR K 663 -8.23 68.90 8.49
C THR K 663 -7.74 69.35 7.13
N LEU K 664 -7.09 70.51 7.09
CA LEU K 664 -6.63 71.09 5.84
C LEU K 664 -5.11 71.25 5.78
N LEU K 665 -4.55 70.87 4.66
CA LEU K 665 -3.13 71.05 4.39
C LEU K 665 -2.92 72.26 3.49
N LEU K 666 -2.14 73.21 3.95
CA LEU K 666 -1.79 74.38 3.15
C LEU K 666 -0.37 74.19 2.66
N GLN K 667 -0.19 74.03 1.36
CA GLN K 667 1.13 73.83 0.82
C GLN K 667 1.60 75.12 0.17
N PHE K 668 2.65 75.70 0.74
CA PHE K 668 3.22 76.95 0.30
C PHE K 668 4.51 76.70 -0.43
N LEU K 669 4.88 77.67 -1.24
CA LEU K 669 6.20 77.67 -1.83
C LEU K 669 7.05 78.55 -0.93
N GLU K 670 7.80 77.90 -0.06
CA GLU K 670 8.51 78.60 0.99
C GLU K 670 9.65 79.44 0.42
N GLY K 671 9.74 80.67 0.94
CA GLY K 671 10.70 81.66 0.50
C GLY K 671 10.14 82.64 -0.51
N SER K 672 9.04 82.30 -1.17
CA SER K 672 8.43 83.20 -2.16
C SER K 672 7.57 84.30 -1.56
N GLU K 673 8.27 85.28 -0.99
CA GLU K 673 7.70 86.45 -0.34
C GLU K 673 8.59 87.63 -0.68
N ASN K 674 8.10 88.85 -0.47
CA ASN K 674 8.91 90.03 -0.75
C ASN K 674 9.78 90.38 0.45
N PRO K 675 11.11 90.31 0.30
CA PRO K 675 12.05 90.54 1.40
C PRO K 675 12.23 92.00 1.79
N ASP K 676 11.63 92.93 1.05
CA ASP K 676 11.88 94.36 1.27
C ASP K 676 10.65 95.09 1.74
N ILE K 677 10.01 94.58 2.80
CA ILE K 677 8.86 95.19 3.43
C ILE K 677 9.15 95.34 4.91
N THR K 678 8.80 96.49 5.47
CA THR K 678 9.05 96.72 6.89
C THR K 678 7.90 96.31 7.81
N ASP K 679 6.67 96.24 7.31
CA ASP K 679 5.52 95.80 8.09
C ASP K 679 5.39 94.30 7.92
N ILE K 680 5.85 93.54 8.92
CA ILE K 680 5.95 92.09 8.74
C ILE K 680 5.36 91.21 9.83
N PHE K 681 4.27 91.63 10.51
CA PHE K 681 3.66 90.86 11.60
C PHE K 681 4.59 90.71 12.80
N THR K 682 4.97 91.82 13.38
CA THR K 682 5.81 91.78 14.57
C THR K 682 4.96 91.46 15.79
N GLY K 683 5.63 91.20 16.90
CA GLY K 683 4.93 90.92 18.15
C GLY K 683 4.10 89.66 18.04
N ASN K 684 2.84 89.76 18.43
CA ASN K 684 1.91 88.63 18.40
C ASN K 684 0.82 88.79 17.35
N GLN K 685 1.10 89.50 16.26
CA GLN K 685 0.14 89.65 15.19
C GLN K 685 0.04 88.36 14.37
N LYS K 686 -1.14 88.11 13.77
CA LYS K 686 -1.34 86.91 12.96
C LYS K 686 -2.57 87.08 12.07
N ILE K 687 -2.80 86.09 11.20
CA ILE K 687 -3.95 86.08 10.29
C ILE K 687 -5.21 85.62 11.02
N LYS K 688 -6.31 86.36 10.82
CA LYS K 688 -7.59 86.11 11.48
C LYS K 688 -8.51 85.17 10.70
N TRP K 689 -9.28 84.34 11.40
CA TRP K 689 -10.24 83.42 10.79
C TRP K 689 -11.68 83.63 11.29
N GLN K 690 -12.66 83.51 10.36
CA GLN K 690 -14.11 83.64 10.63
C GLN K 690 -14.95 82.65 9.80
N TYR K 691 -16.20 82.41 10.21
CA TYR K 691 -17.10 81.57 9.42
C TYR K 691 -18.40 82.32 9.09
N LEU K 692 -19.14 81.85 8.08
CA LEU K 692 -20.36 82.49 7.63
C LEU K 692 -21.63 81.85 8.18
N SER K 693 -22.54 82.69 8.69
CA SER K 693 -23.84 82.24 9.19
C SER K 693 -24.91 83.29 8.96
N GLN K 694 -25.94 82.94 8.20
CA GLN K 694 -27.07 83.84 7.88
C GLN K 694 -26.61 85.17 7.29
N ASN K 695 -25.69 85.09 6.33
CA ASN K 695 -25.04 86.23 5.66
C ASN K 695 -24.18 87.10 6.58
N GLN K 696 -23.87 86.69 7.80
CA GLN K 696 -22.99 87.42 8.69
C GLN K 696 -21.69 86.68 8.92
N TRP K 697 -20.59 87.41 9.13
CA TRP K 697 -19.36 86.75 9.49
C TRP K 697 -19.23 86.70 11.00
N GLN K 698 -18.83 85.54 11.52
CA GLN K 698 -18.74 85.35 12.95
C GLN K 698 -17.39 84.77 13.36
N ASP K 699 -16.93 85.18 14.53
CA ASP K 699 -15.69 84.65 15.08
C ASP K 699 -15.84 83.20 15.50
N PHE K 700 -14.76 82.44 15.36
CA PHE K 700 -14.71 81.10 15.88
C PHE K 700 -14.57 81.17 17.38
N GLN K 701 -15.08 80.15 18.05
CA GLN K 701 -15.00 80.10 19.49
C GLN K 701 -13.75 79.32 19.89
N SER K 702 -13.36 79.44 21.15
CA SER K 702 -12.11 78.85 21.61
C SER K 702 -12.03 77.34 21.44
N GLY K 703 -13.15 76.63 21.51
CA GLY K 703 -13.10 75.19 21.35
C GLY K 703 -13.24 74.71 19.92
N GLU K 704 -13.31 75.62 18.97
CA GLU K 704 -13.55 75.26 17.59
C GLU K 704 -12.28 75.14 16.75
N ILE K 705 -11.20 75.81 17.12
CA ILE K 705 -9.95 75.64 16.39
C ILE K 705 -9.09 74.69 17.19
N ILE K 706 -8.66 73.62 16.54
CA ILE K 706 -7.88 72.59 17.19
C ILE K 706 -6.41 72.89 17.09
N GLN K 707 -5.95 73.29 15.90
CA GLN K 707 -4.56 73.65 15.75
C GLN K 707 -4.37 74.54 14.53
N ASN K 708 -3.29 75.31 14.58
CA ASN K 708 -2.93 76.19 13.47
C ASN K 708 -1.42 76.22 13.40
N GLN K 709 -0.87 75.48 12.46
CA GLN K 709 0.57 75.44 12.29
C GLN K 709 1.07 76.50 11.34
N THR K 710 0.17 77.31 10.75
CA THR K 710 0.58 78.30 9.75
C THR K 710 0.05 79.71 10.05
N PRO K 711 0.28 80.25 11.26
CA PRO K 711 -0.35 81.51 11.71
C PRO K 711 -0.08 82.75 10.86
N ARG K 712 1.02 82.77 10.11
CA ARG K 712 1.31 83.94 9.29
C ARG K 712 1.61 83.56 7.86
N PHE K 713 1.06 82.44 7.38
CA PHE K 713 1.26 81.96 6.01
C PHE K 713 2.71 82.00 5.50
N LEU K 714 3.70 81.63 6.32
CA LEU K 714 5.08 81.60 5.86
C LEU K 714 5.63 80.20 5.62
N LYS K 715 5.00 79.18 6.19
CA LYS K 715 5.51 77.82 6.07
C LYS K 715 4.34 76.87 5.86
N SER K 716 4.62 75.74 5.21
CA SER K 716 3.61 74.72 4.98
C SER K 716 3.18 74.05 6.28
N GLY K 717 1.90 73.68 6.37
CA GLY K 717 1.43 73.01 7.57
C GLY K 717 -0.07 72.73 7.60
N ILE K 718 -0.54 72.31 8.79
CA ILE K 718 -1.92 71.86 9.01
C ILE K 718 -2.75 72.86 9.80
N PHE K 719 -3.95 73.12 9.30
CA PHE K 719 -4.99 73.87 9.99
C PHE K 719 -6.13 72.91 10.29
N GLN K 720 -6.61 72.90 11.53
CA GLN K 720 -7.65 71.94 11.88
C GLN K 720 -8.71 72.58 12.76
N PHE K 721 -9.96 72.31 12.44
CA PHE K 721 -11.07 72.94 13.11
C PHE K 721 -12.33 72.09 12.99
N SER K 722 -13.31 72.38 13.81
CA SER K 722 -14.61 71.75 13.65
C SER K 722 -15.56 72.70 12.95
N ILE K 723 -16.52 72.14 12.23
CA ILE K 723 -17.55 73.00 11.65
C ILE K 723 -18.45 73.45 12.78
N PRO K 724 -18.65 74.75 12.94
CA PRO K 724 -19.42 75.26 14.06
C PRO K 724 -20.89 75.01 13.88
N LYS K 725 -21.57 74.89 15.00
CA LYS K 725 -23.02 74.85 14.98
C LYS K 725 -23.46 76.19 14.48
N GLN K 726 -24.57 76.19 13.73
CA GLN K 726 -25.19 77.35 13.10
C GLN K 726 -24.43 77.76 11.85
N ALA K 727 -23.49 76.97 11.37
CA ALA K 727 -22.93 77.20 10.06
C ALA K 727 -24.06 77.09 9.04
N ASN K 728 -24.06 77.94 8.03
CA ASN K 728 -25.19 77.96 7.13
C ASN K 728 -24.84 77.73 5.66
N LEU K 729 -25.57 76.80 5.02
CA LEU K 729 -25.41 76.54 3.60
C LEU K 729 -26.25 77.45 2.72
N ASP K 730 -27.27 78.12 3.27
CA ASP K 730 -28.16 78.92 2.43
C ASP K 730 -27.90 80.41 2.66
N ASN K 731 -27.12 81.03 1.78
CA ASN K 731 -26.75 82.45 1.94
C ASN K 731 -26.84 83.11 0.57
N THR K 732 -26.63 84.42 0.50
CA THR K 732 -26.66 85.14 -0.78
C THR K 732 -25.40 85.94 -1.08
N VAL K 733 -24.60 86.27 -0.08
CA VAL K 733 -23.40 87.09 -0.29
C VAL K 733 -22.28 86.29 -0.93
N LEU K 734 -22.36 84.97 -0.84
CA LEU K 734 -21.47 83.98 -1.44
C LEU K 734 -22.37 82.85 -1.89
N PRO K 735 -22.03 82.16 -2.98
CA PRO K 735 -22.86 81.07 -3.54
C PRO K 735 -23.31 80.04 -2.54
N PRO K 736 -24.57 79.62 -2.63
CA PRO K 736 -25.16 78.64 -1.69
C PRO K 736 -24.67 77.24 -1.96
N GLY K 737 -24.78 76.36 -0.96
CA GLY K 737 -24.43 74.97 -1.11
C GLY K 737 -23.12 74.61 -0.48
N TYR K 738 -22.36 75.61 -0.06
CA TYR K 738 -21.05 75.44 0.54
C TYR K 738 -21.04 76.03 1.92
N HIS K 739 -20.24 75.45 2.80
CA HIS K 739 -19.95 76.16 4.03
C HIS K 739 -18.84 77.13 3.69
N TRP K 740 -18.87 78.34 4.23
CA TRP K 740 -17.81 79.27 3.87
C TRP K 740 -17.02 79.75 5.07
N ILE K 741 -15.70 79.77 4.89
CA ILE K 741 -14.72 80.21 5.89
C ILE K 741 -13.83 81.30 5.30
N LYS K 742 -13.59 82.32 6.10
CA LYS K 742 -12.83 83.49 5.69
C LYS K 742 -11.53 83.66 6.46
N ALA K 743 -10.46 84.00 5.75
CA ALA K 743 -9.19 84.39 6.35
C ALA K 743 -8.88 85.84 5.98
N SER K 744 -8.30 86.62 6.89
CA SER K 744 -8.02 88.01 6.54
C SER K 744 -6.72 88.60 7.09
N MET K 745 -6.23 89.61 6.36
CA MET K 745 -4.97 90.32 6.60
C MET K 745 -5.10 91.81 6.24
N VAL K 746 -4.40 92.71 6.95
CA VAL K 746 -4.44 94.14 6.65
C VAL K 746 -3.09 94.71 6.21
N LYS K 747 -2.22 93.84 5.79
CA LYS K 747 -0.85 94.13 5.44
C LYS K 747 -0.67 94.09 3.93
N PRO K 748 0.46 94.60 3.40
CA PRO K 748 0.68 94.61 1.96
C PRO K 748 0.59 93.20 1.43
N PHE K 749 0.25 93.04 0.15
CA PHE K 749 -0.06 91.68 -0.29
C PHE K 749 1.14 90.70 -0.27
N ASP K 750 2.41 91.13 -0.26
CA ASP K 750 3.54 90.18 -0.37
C ASP K 750 4.19 89.69 0.93
N VAL K 751 3.71 90.13 2.09
CA VAL K 751 4.25 89.74 3.38
C VAL K 751 4.01 88.27 3.67
N VAL K 752 3.27 87.56 2.83
CA VAL K 752 3.03 86.13 2.96
C VAL K 752 3.57 85.42 1.72
N SER K 753 3.78 84.11 1.85
CA SER K 753 4.29 83.30 0.76
C SER K 753 3.21 82.94 -0.25
N GLN K 754 3.61 82.69 -1.49
CA GLN K 754 2.68 82.19 -2.50
C GLN K 754 2.31 80.74 -2.22
N LEU K 755 1.09 80.37 -2.62
CA LEU K 755 0.56 79.02 -2.44
C LEU K 755 0.72 78.16 -3.68
N ILE K 756 0.79 76.87 -3.42
CA ILE K 756 0.68 75.86 -4.44
C ILE K 756 -0.71 75.30 -4.43
N ASN K 757 -1.17 74.83 -3.26
CA ASN K 757 -2.51 74.26 -3.20
C ASN K 757 -3.04 74.16 -1.77
N ILE K 758 -4.31 73.75 -1.67
CA ILE K 758 -5.00 73.46 -0.41
C ILE K 758 -5.71 72.11 -0.52
N HIS K 759 -5.48 71.22 0.45
CA HIS K 759 -6.08 69.89 0.39
C HIS K 759 -6.79 69.48 1.68
N ALA K 760 -7.96 68.88 1.55
CA ALA K 760 -8.65 68.33 2.70
C ALA K 760 -8.23 66.89 2.92
N GLN K 761 -8.34 66.43 4.17
CA GLN K 761 -8.11 65.04 4.60
C GLN K 761 -6.64 64.63 4.56
N ALA K 762 -5.74 65.51 4.99
CA ALA K 762 -4.31 65.20 5.00
C ALA K 762 -3.88 64.42 6.24
N VAL K 763 -2.96 63.45 6.03
CA VAL K 763 -2.41 62.58 7.07
C VAL K 763 -0.87 62.55 6.97
N GLU K 764 -0.17 62.71 8.10
CA GLU K 764 1.30 62.64 8.12
C GLU K 764 1.82 61.25 8.49
N ALA K 765 2.89 60.80 7.79
CA ALA K 765 3.52 59.50 8.05
C ALA K 765 5.05 59.56 7.95
N VAL K 766 5.72 58.63 8.66
CA VAL K 766 7.19 58.63 8.79
C VAL K 766 7.82 57.26 8.49
N PHE K 767 8.94 57.27 7.75
CA PHE K 767 9.68 56.07 7.38
C PHE K 767 10.13 55.24 8.57
N GLU K 768 9.93 53.94 8.46
CA GLU K 768 10.33 53.00 9.49
C GLU K 768 11.68 52.38 9.14
N ASP K 769 12.64 52.56 10.03
CA ASP K 769 14.00 52.07 9.76
C ASP K 769 14.10 50.59 10.11
N GLN K 770 14.21 49.76 9.08
CA GLN K 770 14.37 48.32 9.22
C GLN K 770 15.65 47.89 8.53
N GLY K 771 15.99 46.61 8.59
CA GLY K 771 17.22 46.13 7.98
C GLY K 771 17.22 46.11 6.46
N SER K 772 17.24 47.32 5.84
CA SER K 772 17.23 47.45 4.39
C SER K 772 18.11 48.66 4.04
N SER K 773 18.21 49.00 2.76
CA SER K 773 19.04 50.13 2.34
C SER K 773 18.22 51.38 2.00
N GLY K 774 18.36 52.42 2.82
CA GLY K 774 17.61 53.65 2.64
C GLY K 774 18.16 54.53 1.53
N ASN K 775 18.15 54.01 0.31
CA ASN K 775 18.68 54.74 -0.84
C ASN K 775 17.89 56.01 -1.11
N HIS K 776 16.59 55.99 -0.78
CA HIS K 776 15.73 57.13 -0.98
C HIS K 776 15.98 58.22 0.03
N LEU K 777 16.94 58.09 0.93
CA LEU K 777 17.20 59.16 1.87
C LEU K 777 18.22 60.16 1.35
N GLU K 778 18.80 59.90 0.20
CA GLU K 778 19.76 60.82 -0.40
C GLU K 778 19.07 62.01 -1.03
N LYS K 779 17.94 61.74 -1.66
CA LYS K 779 17.07 62.71 -2.29
C LYS K 779 15.68 62.30 -1.89
N GLY K 780 14.75 63.24 -1.74
CA GLY K 780 13.42 62.88 -1.26
C GLY K 780 12.74 61.87 -2.16
N LEU K 781 11.89 61.04 -1.54
CA LEU K 781 11.09 60.07 -2.25
C LEU K 781 10.28 60.83 -3.27
N PRO K 782 10.27 60.41 -4.54
CA PRO K 782 9.51 61.09 -5.59
C PRO K 782 8.04 61.17 -5.23
N ALA K 783 7.38 62.17 -5.79
CA ALA K 783 5.94 62.32 -5.63
C ALA K 783 5.24 61.16 -6.31
N GLU K 784 4.06 60.83 -5.81
CA GLU K 784 3.18 59.80 -6.35
C GLU K 784 3.78 58.39 -6.42
N THR K 785 4.57 58.03 -5.44
CA THR K 785 5.13 56.70 -5.41
C THR K 785 4.33 55.81 -4.51
N ILE K 786 3.46 56.40 -3.72
CA ILE K 786 2.69 55.68 -2.74
C ILE K 786 1.21 55.71 -3.00
N SER K 787 0.62 54.52 -3.18
CA SER K 787 -0.79 54.40 -3.43
C SER K 787 -1.64 53.47 -2.57
N LYS K 788 -1.06 52.66 -1.69
CA LYS K 788 -1.88 51.75 -0.90
C LYS K 788 -1.35 51.33 0.47
N LEU K 789 -2.28 50.90 1.33
CA LEU K 789 -1.95 50.41 2.66
C LEU K 789 -1.37 49.00 2.64
N GLN K 790 -0.80 48.54 3.74
CA GLN K 790 -0.27 47.18 3.75
C GLN K 790 -1.42 46.22 3.54
N GLU K 791 -2.54 46.54 4.17
CA GLU K 791 -3.77 45.78 4.03
C GLU K 791 -4.64 46.59 3.10
N ARG K 792 -4.90 46.09 1.89
CA ARG K 792 -5.46 46.96 0.85
C ARG K 792 -6.85 47.52 1.15
N LEU K 793 -7.75 46.81 1.84
CA LEU K 793 -9.04 47.43 2.07
C LEU K 793 -9.34 47.62 3.55
N SER K 794 -9.58 48.87 3.90
CA SER K 794 -9.99 49.30 5.21
C SER K 794 -11.07 50.32 5.08
N TRP K 795 -11.95 50.25 4.07
CA TRP K 795 -13.02 51.25 3.80
C TRP K 795 -12.52 52.59 3.24
N ILE K 796 -11.43 52.55 2.50
CA ILE K 796 -10.78 53.72 1.93
C ILE K 796 -10.70 53.45 0.44
N LYS K 797 -11.10 54.43 -0.35
CA LYS K 797 -11.11 54.28 -1.80
C LYS K 797 -9.75 54.54 -2.41
N SER K 798 -9.08 55.63 -1.97
CA SER K 798 -7.82 55.95 -2.62
C SER K 798 -6.91 56.79 -1.73
N ILE K 799 -5.59 56.66 -1.94
CA ILE K 799 -4.58 57.43 -1.24
C ILE K 799 -3.66 58.11 -2.24
N GLN K 800 -3.52 59.41 -2.14
CA GLN K 800 -2.62 60.18 -2.99
C GLN K 800 -1.42 60.78 -2.28
N GLN K 801 -0.23 60.65 -2.89
CA GLN K 801 0.98 61.31 -2.42
C GLN K 801 1.39 62.49 -3.32
N PRO K 802 0.79 63.67 -3.18
CA PRO K 802 1.04 64.77 -4.13
C PRO K 802 2.45 65.40 -4.13
N TYR K 803 3.23 65.29 -3.05
CA TYR K 803 4.54 65.95 -2.95
C TYR K 803 5.65 64.99 -2.52
N PRO K 804 6.91 65.28 -2.91
CA PRO K 804 8.09 64.49 -2.49
C PRO K 804 8.32 64.48 -0.99
N SER K 805 9.00 63.44 -0.48
CA SER K 805 9.25 63.36 0.96
C SER K 805 10.38 64.28 1.39
N THR K 806 10.44 64.57 2.70
CA THR K 806 11.49 65.48 3.19
C THR K 806 11.97 65.22 4.64
N LYS K 807 13.17 65.75 4.92
CA LYS K 807 13.87 65.69 6.21
C LYS K 807 14.69 64.43 6.49
N GLY K 808 14.92 63.54 5.53
CA GLY K 808 15.69 62.35 5.80
C GLY K 808 17.19 62.55 5.60
N LYS K 809 17.98 61.57 6.05
CA LYS K 809 19.44 61.61 5.89
C LYS K 809 20.06 60.21 5.96
N ALA K 810 20.89 59.89 4.96
CA ALA K 810 21.58 58.60 4.92
C ALA K 810 22.80 58.58 5.84
N GLN K 811 23.25 57.37 6.19
CA GLN K 811 24.45 57.14 7.02
C GLN K 811 25.68 57.74 6.36
N GLU K 812 26.64 58.18 7.17
CA GLU K 812 27.85 58.76 6.59
C GLU K 812 28.69 57.75 5.81
N SER K 813 29.20 58.19 4.68
CA SER K 813 30.15 57.45 3.87
C SER K 813 31.52 57.62 4.48
N ASP K 814 32.48 56.80 4.03
CA ASP K 814 33.86 56.98 4.51
C ASP K 814 34.41 58.33 4.11
N GLU K 815 34.04 58.77 2.91
CA GLU K 815 34.52 60.03 2.38
C GLU K 815 34.04 61.20 3.20
N ASP K 816 32.81 61.12 3.71
CA ASP K 816 32.28 62.20 4.52
C ASP K 816 32.82 62.15 5.91
N TYR K 817 33.02 60.94 6.43
CA TYR K 817 33.59 60.82 7.75
C TYR K 817 34.96 61.46 7.79
N TYR K 818 35.80 61.15 6.81
CA TYR K 818 37.13 61.72 6.79
C TYR K 818 37.07 63.22 6.59
N ARG K 819 36.17 63.69 5.73
CA ARG K 819 36.03 65.12 5.48
C ARG K 819 35.64 65.88 6.73
N ARG K 820 34.65 65.37 7.48
CA ARG K 820 34.18 66.02 8.70
C ARG K 820 35.25 66.05 9.78
N VAL K 821 35.93 64.93 10.00
CA VAL K 821 36.93 64.89 11.07
C VAL K 821 38.07 65.81 10.75
N SER K 822 38.50 65.81 9.48
CA SER K 822 39.65 66.57 9.09
C SER K 822 39.39 68.06 9.27
N GLU K 823 38.20 68.55 8.91
CA GLU K 823 37.94 69.98 9.09
C GLU K 823 37.87 70.37 10.56
N ARG K 824 37.27 69.56 11.43
CA ARG K 824 37.20 69.99 12.84
C ARG K 824 38.57 70.17 13.43
N LEU K 825 39.50 69.31 13.04
CA LEU K 825 40.87 69.38 13.53
C LEU K 825 41.58 70.65 13.11
N ARG K 826 41.04 71.41 12.15
CA ARG K 826 41.61 72.66 11.70
C ARG K 826 40.86 73.89 12.23
N HIS K 827 39.53 73.91 12.15
CA HIS K 827 38.83 75.13 12.55
C HIS K 827 38.45 75.19 14.02
N LYS K 828 38.53 74.06 14.73
CA LYS K 828 38.32 73.96 16.18
C LYS K 828 36.92 74.39 16.62
N LYS K 829 35.96 74.32 15.69
CA LYS K 829 34.57 74.68 15.91
C LYS K 829 34.41 76.17 16.25
N ARG K 830 35.26 77.04 15.73
CA ARG K 830 35.14 78.48 15.94
C ARG K 830 34.86 79.15 14.61
N ALA K 831 34.06 80.20 14.61
CA ALA K 831 33.77 80.92 13.36
C ALA K 831 34.61 82.18 13.26
N ILE K 832 35.86 82.09 12.84
CA ILE K 832 36.72 83.28 12.84
C ILE K 832 36.96 83.84 11.43
N THR K 833 37.55 83.06 10.54
CA THR K 833 37.81 83.56 9.19
C THR K 833 36.73 83.18 8.16
N LEU K 834 37.06 83.31 6.87
CA LEU K 834 36.10 83.01 5.78
C LEU K 834 35.83 81.53 5.65
N TRP K 835 36.89 80.74 5.57
CA TRP K 835 36.78 79.31 5.39
C TRP K 835 35.99 78.69 6.50
N ASP K 836 36.22 79.19 7.72
CA ASP K 836 35.56 78.68 8.90
C ASP K 836 34.07 78.82 8.77
N TYR K 837 33.60 80.03 8.43
CA TYR K 837 32.17 80.27 8.31
C TYR K 837 31.54 79.42 7.22
N GLU K 838 32.19 79.36 6.07
CA GLU K 838 31.62 78.67 4.91
C GLU K 838 31.56 77.16 5.14
N HIS K 839 32.58 76.59 5.77
CA HIS K 839 32.57 75.16 6.01
C HIS K 839 31.73 74.77 7.21
N LEU K 840 31.61 75.62 8.23
CA LEU K 840 30.73 75.32 9.34
C LEU K 840 29.28 75.20 8.87
N ILE K 841 28.85 76.08 7.96
CA ILE K 841 27.47 76.01 7.49
C ILE K 841 27.25 74.83 6.56
N LEU K 842 28.16 74.58 5.61
CA LEU K 842 27.86 73.45 4.74
C LEU K 842 27.84 72.13 5.51
N GLN K 843 28.67 71.99 6.55
CA GLN K 843 28.62 70.76 7.34
C GLN K 843 27.34 70.68 8.18
N LYS K 844 26.90 71.81 8.76
CA LYS K 844 25.74 71.84 9.66
C LYS K 844 24.40 71.79 8.94
N PHE K 845 24.25 72.53 7.85
CA PHE K 845 22.95 72.64 7.16
C PHE K 845 22.96 71.90 5.84
N PRO K 846 22.37 70.69 5.78
CA PRO K 846 22.48 69.77 4.63
C PRO K 846 21.77 70.24 3.35
N LYS K 847 20.90 71.24 3.42
CA LYS K 847 20.17 71.66 2.23
C LYS K 847 20.52 73.10 1.89
N VAL K 848 21.82 73.33 1.82
CA VAL K 848 22.42 74.54 1.32
C VAL K 848 23.39 74.08 0.26
N TYR K 849 23.32 74.67 -0.92
CA TYR K 849 24.13 74.27 -2.04
C TYR K 849 25.41 75.10 -2.11
N LYS K 850 25.27 76.40 -1.95
CA LYS K 850 26.43 77.28 -1.95
C LYS K 850 26.32 78.28 -0.84
N VAL K 851 27.51 78.76 -0.40
CA VAL K 851 27.57 79.75 0.64
C VAL K 851 28.64 80.79 0.27
N LYS K 852 28.44 82.02 0.73
CA LYS K 852 29.43 83.08 0.54
C LYS K 852 29.50 84.02 1.73
N CYS K 853 30.70 84.21 2.29
CA CYS K 853 30.88 85.12 3.41
C CYS K 853 31.48 86.46 2.95
N LEU K 854 30.86 87.55 3.41
CA LEU K 854 31.24 88.92 3.01
C LEU K 854 31.77 89.71 4.22
N ASN K 855 33.09 89.96 4.21
CA ASN K 855 33.87 90.42 5.36
C ASN K 855 33.48 91.77 5.97
N HIS K 856 33.09 92.75 5.17
CA HIS K 856 32.76 94.06 5.73
C HIS K 856 31.38 94.50 5.29
N THR K 857 30.52 93.55 4.96
CA THR K 857 29.24 93.91 4.35
C THR K 857 28.09 94.03 5.34
N CYS K 858 27.46 95.17 5.26
CA CYS K 858 26.19 95.57 5.84
C CYS K 858 25.28 95.97 4.70
N SER K 859 23.97 96.05 4.95
CA SER K 859 23.06 96.35 3.83
C SER K 859 23.34 97.68 3.15
N SER K 860 23.95 98.63 3.84
CA SER K 860 24.27 99.94 3.30
C SER K 860 25.77 100.20 3.15
N SER K 861 26.61 99.16 3.25
CA SER K 861 28.05 99.40 3.22
C SER K 861 28.87 98.17 2.88
N PHE K 862 29.95 98.38 2.13
CA PHE K 862 30.90 97.31 1.88
C PHE K 862 32.25 97.58 2.54
N GLN K 863 32.29 98.52 3.51
CA GLN K 863 33.48 98.88 4.29
C GLN K 863 33.18 99.14 5.77
N SER K 864 32.22 98.45 6.37
CA SER K 864 31.95 98.62 7.80
C SER K 864 32.56 97.57 8.68
N PRO K 865 33.45 97.95 9.59
CA PRO K 865 34.11 97.00 10.49
C PRO K 865 33.14 96.53 11.53
N GLY K 866 33.39 95.33 12.06
CA GLY K 866 32.59 94.81 13.14
C GLY K 866 31.30 94.16 12.73
N ASN K 867 31.21 93.65 11.51
CA ASN K 867 29.97 93.05 11.04
C ASN K 867 30.31 92.03 9.96
N ALA K 868 29.28 91.34 9.45
CA ALA K 868 29.46 90.40 8.35
C ALA K 868 28.11 90.00 7.77
N THR K 869 28.11 89.68 6.47
CA THR K 869 26.92 89.14 5.82
C THR K 869 27.23 87.79 5.16
N LEU K 870 26.30 86.87 5.30
CA LEU K 870 26.38 85.56 4.70
C LEU K 870 25.27 85.38 3.68
N ILE K 871 25.60 84.85 2.51
CA ILE K 871 24.60 84.60 1.47
C ILE K 871 24.39 83.10 1.29
N LEU K 872 23.13 82.68 1.33
CA LEU K 872 22.78 81.27 1.19
C LEU K 872 22.03 80.96 -0.09
N VAL K 873 22.47 79.92 -0.79
CA VAL K 873 21.85 79.41 -1.99
C VAL K 873 21.39 77.97 -1.78
N PRO K 874 20.10 77.66 -1.95
CA PRO K 874 19.53 76.32 -1.74
C PRO K 874 19.83 75.42 -2.93
N ASP K 875 19.50 74.13 -2.80
CA ASP K 875 19.77 73.22 -3.92
C ASP K 875 18.61 73.32 -4.91
N THR K 876 17.37 73.27 -4.39
CA THR K 876 16.12 73.18 -5.11
C THR K 876 16.12 72.13 -6.21
N VAL K 877 16.57 70.91 -5.91
CA VAL K 877 16.56 69.87 -6.94
C VAL K 877 15.14 69.51 -7.34
N GLN K 878 14.20 69.44 -6.38
CA GLN K 878 12.83 69.05 -6.72
C GLN K 878 12.06 70.23 -7.31
N GLN K 879 12.35 70.48 -8.60
CA GLN K 879 11.78 71.56 -9.37
C GLN K 879 10.27 71.48 -9.55
N SER K 880 9.66 70.35 -9.21
CA SER K 880 8.21 70.17 -9.13
C SER K 880 7.53 71.15 -8.18
N VAL K 881 8.29 71.65 -7.24
CA VAL K 881 7.92 72.64 -6.27
C VAL K 881 8.60 73.97 -6.51
N PHE K 882 9.92 73.94 -6.59
CA PHE K 882 10.73 75.15 -6.56
C PHE K 882 10.75 75.92 -7.87
N ASP K 883 10.90 77.23 -7.74
CA ASP K 883 11.13 78.08 -8.90
C ASP K 883 12.63 78.11 -9.12
N ILE K 884 13.09 77.41 -10.15
CA ILE K 884 14.52 77.18 -10.32
C ILE K 884 15.22 78.40 -10.91
N TYR K 885 14.53 79.48 -11.27
CA TYR K 885 15.22 80.65 -11.78
C TYR K 885 15.23 81.78 -10.78
N GLN K 886 14.54 81.56 -9.66
CA GLN K 886 14.50 82.40 -8.46
C GLN K 886 14.55 81.57 -7.20
N PRO K 887 15.58 80.73 -7.00
CA PRO K 887 15.69 79.91 -5.80
C PRO K 887 15.84 80.80 -4.58
N ARG K 888 15.12 80.48 -3.50
CA ARG K 888 15.20 81.26 -2.28
C ARG K 888 15.20 80.38 -1.05
N VAL K 889 15.81 80.90 0.00
CA VAL K 889 15.82 80.34 1.35
C VAL K 889 14.71 80.93 2.20
N SER K 890 13.93 80.06 2.83
CA SER K 890 12.86 80.43 3.74
C SER K 890 13.38 81.02 5.05
N GLN K 891 12.46 81.65 5.80
CA GLN K 891 12.84 82.30 7.06
C GLN K 891 13.40 81.32 8.07
N GLY K 892 12.89 80.09 8.11
CA GLY K 892 13.38 79.11 9.07
C GLY K 892 14.88 78.96 8.99
N THR K 893 15.35 78.63 7.79
CA THR K 893 16.78 78.47 7.58
C THR K 893 17.56 79.77 7.79
N LEU K 894 17.06 80.91 7.29
CA LEU K 894 17.83 82.14 7.44
C LEU K 894 18.10 82.46 8.91
N ASN K 895 17.10 82.20 9.75
CA ASN K 895 17.21 82.47 11.17
C ASN K 895 18.05 81.41 11.89
N ASP K 896 17.88 80.13 11.56
CA ASP K 896 18.65 79.06 12.21
C ASP K 896 20.14 79.24 11.96
N VAL K 897 20.49 79.63 10.74
CA VAL K 897 21.89 79.84 10.38
C VAL K 897 22.48 80.96 11.20
N ALA K 898 21.75 82.07 11.30
CA ALA K 898 22.25 83.20 12.06
C ALA K 898 22.49 82.84 13.52
N ALA K 899 21.55 82.11 14.13
CA ALA K 899 21.70 81.73 15.53
C ALA K 899 22.91 80.85 15.75
N PHE K 900 23.09 79.85 14.88
CA PHE K 900 24.17 78.88 14.98
C PHE K 900 25.53 79.56 14.95
N VAL K 901 25.73 80.39 13.97
CA VAL K 901 26.94 81.13 13.83
C VAL K 901 27.22 82.20 14.88
N ASN K 902 26.20 82.93 15.32
CA ASN K 902 26.45 84.02 16.25
C ASN K 902 26.96 83.50 17.60
N GLU K 903 26.51 82.31 18.01
CA GLU K 903 27.08 81.63 19.18
C GLU K 903 28.55 81.28 19.11
N LEU K 904 29.11 81.16 17.92
CA LEU K 904 30.49 80.76 17.73
C LEU K 904 31.40 81.89 17.27
N ASN K 905 30.93 83.11 17.17
CA ASN K 905 31.78 84.14 16.56
C ASN K 905 32.72 84.80 17.54
N SER K 906 32.13 85.62 18.39
CA SER K 906 32.80 86.47 19.34
C SER K 906 31.71 87.18 20.10
N PHE K 907 32.00 87.52 21.35
CA PHE K 907 31.08 88.30 22.13
C PHE K 907 30.60 89.56 21.40
N HIS K 908 31.47 90.18 20.61
CA HIS K 908 31.19 91.46 19.98
C HIS K 908 30.60 91.39 18.57
N VAL K 909 30.35 90.23 17.96
CA VAL K 909 29.94 90.24 16.55
C VAL K 909 28.70 89.40 16.23
N GLN K 910 27.75 90.04 15.56
CA GLN K 910 26.58 89.37 15.01
C GLN K 910 26.64 89.37 13.50
N ALA K 911 26.31 88.24 12.88
CA ALA K 911 26.27 88.16 11.43
C ALA K 911 24.83 88.19 10.93
N LYS K 912 24.66 88.66 9.70
CA LYS K 912 23.36 88.66 9.05
C LYS K 912 23.30 87.63 7.93
N VAL K 913 22.15 86.99 7.78
CA VAL K 913 21.96 85.94 6.80
C VAL K 913 20.88 86.34 5.81
N ILE K 914 21.22 86.37 4.51
CA ILE K 914 20.31 86.86 3.48
C ILE K 914 20.23 85.93 2.27
N ASN K 915 19.23 86.18 1.43
CA ASN K 915 19.12 85.61 0.11
C ASN K 915 19.95 86.45 -0.88
N PRO K 916 20.50 85.81 -1.92
CA PRO K 916 21.37 86.47 -2.91
C PRO K 916 20.74 87.55 -3.74
N ASN K 917 19.41 87.54 -3.88
CA ASN K 917 18.68 88.51 -4.71
C ASN K 917 19.27 88.58 -6.12
N TYR K 918 19.21 87.43 -6.78
CA TYR K 918 19.88 87.20 -8.06
C TYR K 918 19.49 88.15 -9.17
N GLU K 919 20.48 88.46 -10.01
CA GLU K 919 20.38 89.27 -11.22
C GLU K 919 21.46 88.81 -12.20
N GLU K 920 21.12 88.74 -13.50
CA GLU K 920 22.08 88.19 -14.45
C GLU K 920 21.83 88.51 -15.94
N VAL K 921 22.95 88.46 -16.70
CA VAL K 921 23.06 88.65 -18.14
C VAL K 921 22.83 87.36 -18.92
N LYS K 922 22.57 87.48 -20.23
CA LYS K 922 22.33 86.25 -21.00
C LYS K 922 22.88 86.34 -22.42
N VAL K 923 23.22 85.15 -22.93
CA VAL K 923 23.88 84.94 -24.20
C VAL K 923 22.97 84.98 -25.42
N ASP K 924 23.63 85.31 -26.53
CA ASP K 924 23.14 85.28 -27.90
C ASP K 924 24.34 84.88 -28.74
N VAL K 925 24.11 84.25 -29.90
CA VAL K 925 25.28 83.81 -30.64
C VAL K 925 24.99 83.59 -32.12
N LYS K 926 26.08 83.53 -32.87
CA LYS K 926 26.08 83.13 -34.27
C LYS K 926 25.54 81.72 -34.37
N VAL K 927 24.82 81.47 -35.45
CA VAL K 927 24.22 80.16 -35.62
C VAL K 927 25.27 79.09 -35.72
N LYS K 928 24.95 77.92 -35.17
CA LYS K 928 25.84 76.79 -35.30
C LYS K 928 26.04 76.43 -36.76
N PHE K 929 27.29 76.09 -37.10
CA PHE K 929 27.65 75.67 -38.45
C PHE K 929 27.16 74.27 -38.75
N ARG K 930 26.73 73.55 -37.74
CA ARG K 930 26.24 72.21 -37.92
C ARG K 930 25.28 71.90 -36.80
N GLU K 931 24.41 70.95 -37.09
CA GLU K 931 23.44 70.46 -36.14
C GLU K 931 23.07 69.08 -36.61
N GLY K 932 22.60 68.23 -35.69
CA GLY K 932 22.16 66.88 -36.09
C GLY K 932 21.02 66.95 -37.11
N LEU K 933 20.09 67.87 -36.87
CA LEU K 933 18.95 68.11 -37.74
C LEU K 933 18.31 69.40 -37.28
N ASP K 934 17.52 70.00 -38.15
CA ASP K 934 16.80 71.21 -37.78
C ASP K 934 15.91 71.01 -36.56
N VAL K 935 15.36 69.81 -36.37
CA VAL K 935 14.55 69.55 -35.19
C VAL K 935 15.34 68.90 -34.06
N SER K 936 16.08 67.83 -34.38
CA SER K 936 16.83 67.05 -33.38
C SER K 936 17.84 67.88 -32.61
N PHE K 937 18.40 68.86 -33.27
CA PHE K 937 19.35 69.74 -32.66
C PHE K 937 18.97 71.15 -32.98
N TYR K 938 17.67 71.41 -32.82
CA TYR K 938 17.09 72.72 -33.07
C TYR K 938 17.78 73.74 -32.21
N LEU K 939 17.79 74.99 -32.69
CA LEU K 939 18.37 76.07 -31.88
C LEU K 939 17.71 76.14 -30.51
N THR K 940 16.43 75.79 -30.45
CA THR K 940 15.73 75.72 -29.18
C THR K 940 16.34 74.68 -28.25
N LYS K 941 16.80 73.55 -28.80
CA LYS K 941 17.42 72.52 -27.97
C LYS K 941 18.73 73.03 -27.42
N VAL K 942 19.47 73.75 -28.25
CA VAL K 942 20.72 74.35 -27.83
C VAL K 942 20.46 75.37 -26.74
N LYS K 943 19.38 76.13 -26.88
CA LYS K 943 19.02 77.11 -25.87
C LYS K 943 18.70 76.44 -24.55
N GLU K 944 17.99 75.31 -24.60
CA GLU K 944 17.66 74.58 -23.39
C GLU K 944 18.91 74.08 -22.70
N ASP K 945 19.86 73.56 -23.48
CA ASP K 945 21.12 73.09 -22.92
C ASP K 945 21.90 74.22 -22.27
N ILE K 946 21.91 75.38 -22.92
CA ILE K 946 22.59 76.54 -22.37
C ILE K 946 21.97 76.95 -21.07
N LYS K 947 20.63 76.93 -21.01
CA LYS K 947 19.94 77.29 -19.79
C LYS K 947 20.27 76.33 -18.67
N LYS K 948 20.34 75.03 -18.96
CA LYS K 948 20.68 74.06 -17.94
C LYS K 948 22.07 74.29 -17.39
N PHE K 949 23.04 74.58 -18.26
CA PHE K 949 24.41 74.80 -17.83
C PHE K 949 24.50 75.98 -16.88
N LEU K 950 23.75 77.03 -17.16
CA LEU K 950 23.74 78.19 -16.29
C LEU K 950 22.94 77.93 -15.03
N SER K 951 21.81 77.21 -15.18
CA SER K 951 20.90 76.93 -14.08
C SER K 951 21.60 76.18 -12.98
N PRO K 952 22.53 75.30 -13.35
CA PRO K 952 23.32 74.52 -12.40
C PRO K 952 24.14 75.39 -11.46
N TRP K 953 24.42 76.62 -11.84
CA TRP K 953 25.12 77.50 -10.92
C TRP K 953 24.12 78.16 -9.99
N ALA K 954 22.98 78.58 -10.56
CA ALA K 954 21.90 79.24 -9.83
C ALA K 954 21.23 78.31 -8.84
N TYR K 955 21.11 77.04 -9.21
CA TYR K 955 20.40 76.04 -8.45
C TYR K 955 21.07 74.73 -8.75
N ASP K 956 20.88 73.74 -7.93
CA ASP K 956 21.55 72.49 -8.22
C ASP K 956 21.03 71.86 -9.53
N GLN K 957 21.99 71.42 -10.34
CA GLN K 957 21.79 70.68 -11.58
C GLN K 957 23.16 70.20 -11.99
N GLU K 958 23.22 69.31 -12.96
CA GLU K 958 24.55 68.91 -13.45
C GLU K 958 25.08 69.91 -14.47
N SER K 959 26.40 70.12 -14.45
CA SER K 959 27.10 70.92 -15.45
C SER K 959 28.58 70.61 -15.43
N SER K 960 29.16 70.34 -16.60
CA SER K 960 30.59 70.05 -16.68
C SER K 960 31.44 71.30 -16.37
N VAL K 961 30.97 72.47 -16.80
CA VAL K 961 31.71 73.71 -16.62
C VAL K 961 31.85 74.06 -15.15
N GLU K 962 33.02 74.59 -14.79
CA GLU K 962 33.31 74.99 -13.41
C GLU K 962 32.34 76.06 -12.89
N PHE K 963 31.92 76.98 -13.76
CA PHE K 963 31.05 78.06 -13.32
C PHE K 963 30.33 78.69 -14.51
N GLY K 964 29.13 79.21 -14.23
CA GLY K 964 28.41 80.04 -15.19
C GLY K 964 29.14 81.36 -15.40
N VAL K 965 29.72 81.90 -14.32
CA VAL K 965 30.40 83.19 -14.34
C VAL K 965 31.78 83.03 -14.93
N THR K 966 31.81 82.90 -16.25
CA THR K 966 33.06 82.59 -16.92
C THR K 966 33.13 83.26 -18.28
N LEU K 967 34.33 83.24 -18.82
CA LEU K 967 34.64 83.76 -20.13
C LEU K 967 34.00 82.91 -21.21
N HIS K 968 33.86 83.53 -22.40
CA HIS K 968 33.28 82.86 -23.56
C HIS K 968 34.02 81.59 -23.92
N ARG K 969 35.30 81.50 -23.56
CA ARG K 969 36.09 80.32 -23.82
C ARG K 969 35.49 79.09 -23.17
N SER K 970 34.93 79.26 -21.97
CA SER K 970 34.31 78.15 -21.28
C SER K 970 33.03 77.76 -21.97
N GLN K 971 32.27 78.76 -22.37
CA GLN K 971 31.02 78.52 -23.07
C GLN K 971 31.27 77.82 -24.38
N MET K 972 32.32 78.22 -25.09
CA MET K 972 32.67 77.62 -26.35
C MET K 972 33.01 76.16 -26.18
N ILE K 973 33.79 75.84 -25.14
CA ILE K 973 34.15 74.46 -24.88
C ILE K 973 32.92 73.62 -24.58
N HIS K 974 31.99 74.18 -23.80
CA HIS K 974 30.78 73.45 -23.43
C HIS K 974 29.97 73.07 -24.66
N TYR K 975 29.90 73.97 -25.63
CA TYR K 975 29.18 73.73 -26.85
C TYR K 975 29.96 72.83 -27.80
N LEU K 976 31.28 73.03 -27.88
CA LEU K 976 32.13 72.24 -28.78
C LEU K 976 32.05 70.77 -28.45
N GLU K 977 31.89 70.46 -27.17
CA GLU K 977 31.75 69.11 -26.68
C GLU K 977 30.50 68.39 -27.17
N GLN K 978 29.50 69.14 -27.66
CA GLN K 978 28.25 68.54 -28.12
C GLN K 978 28.46 67.63 -29.33
N LEU K 979 27.68 66.56 -29.39
CA LEU K 979 27.73 65.62 -30.50
C LEU K 979 27.00 66.11 -31.73
N THR K 980 26.41 67.29 -31.66
CA THR K 980 25.60 67.86 -32.73
C THR K 980 25.99 69.30 -32.97
N TYR K 981 27.29 69.57 -33.16
CA TYR K 981 27.77 70.92 -33.38
C TYR K 981 29.09 70.88 -34.14
N VAL K 982 29.43 72.00 -34.80
CA VAL K 982 30.75 72.09 -35.44
C VAL K 982 31.48 73.39 -35.20
N ASP K 983 30.77 74.53 -35.17
CA ASP K 983 31.42 75.82 -35.08
C ASP K 983 30.39 76.90 -34.85
N TYR K 984 30.87 78.08 -34.46
CA TYR K 984 30.05 79.29 -34.41
C TYR K 984 30.97 80.49 -34.51
N ILE K 985 30.67 81.41 -35.44
CA ILE K 985 31.54 82.54 -35.76
C ILE K 985 31.71 83.54 -34.61
N THR K 986 30.68 83.77 -33.80
CA THR K 986 30.73 84.82 -32.79
C THR K 986 29.71 84.58 -31.69
N ASP K 987 29.94 85.18 -30.52
CA ASP K 987 28.98 85.12 -29.42
C ASP K 987 29.16 86.33 -28.49
N LEU K 988 28.10 86.64 -27.74
CA LEU K 988 28.11 87.72 -26.77
C LEU K 988 27.08 87.45 -25.67
N ARG K 989 27.24 88.10 -24.52
CA ARG K 989 26.28 87.89 -23.42
C ARG K 989 26.07 89.11 -22.53
N LEU K 990 25.71 90.25 -23.10
CA LEU K 990 25.52 91.44 -22.27
C LEU K 990 24.25 91.33 -21.44
N LEU K 991 24.21 92.12 -20.36
CA LEU K 991 23.02 92.20 -19.53
C LEU K 991 21.87 92.80 -20.34
N LYS K 992 20.67 92.37 -19.98
CA LYS K 992 19.47 92.72 -20.72
C LYS K 992 19.03 94.15 -20.42
N ARG K 993 19.70 95.10 -21.09
CA ARG K 993 19.32 96.52 -21.00
C ARG K 993 17.92 96.76 -21.51
N GLN K 994 17.46 95.83 -22.33
CA GLN K 994 16.19 95.87 -23.00
C GLN K 994 15.14 95.05 -22.28
N ALA K 995 15.38 94.73 -21.02
CA ALA K 995 14.38 94.00 -20.26
C ALA K 995 13.41 95.05 -19.80
N GLY K 996 12.23 95.04 -20.42
CA GLY K 996 11.15 95.97 -20.11
C GLY K 996 10.50 95.71 -18.74
N SER K 997 10.36 94.44 -18.37
CA SER K 997 9.62 94.08 -17.16
C SER K 997 10.24 94.62 -15.88
N SER K 998 11.54 94.56 -15.79
CA SER K 998 12.28 95.04 -14.67
C SER K 998 12.62 96.41 -15.29
N PRO K 999 12.45 97.50 -14.55
CA PRO K 999 12.53 98.84 -15.17
C PRO K 999 13.81 99.19 -15.96
N CYS K 1000 13.59 99.99 -17.01
CA CYS K 1000 14.59 100.39 -18.01
C CYS K 1000 15.71 101.23 -17.41
N ASN K 1001 16.83 101.35 -18.13
CA ASN K 1001 18.03 101.95 -17.56
C ASN K 1001 18.85 100.90 -16.83
N PRO K 1002 18.45 99.64 -17.00
CA PRO K 1002 19.18 98.55 -16.38
C PRO K 1002 20.59 98.47 -16.94
N ILE K 1003 21.52 98.16 -16.05
CA ILE K 1003 22.91 98.01 -16.41
C ILE K 1003 23.08 96.83 -17.36
N PHE K 1004 24.03 96.99 -18.25
CA PHE K 1004 24.34 96.03 -19.29
C PHE K 1004 25.75 95.51 -19.04
N ILE K 1005 26.07 94.37 -19.61
CA ILE K 1005 27.38 93.80 -19.37
C ILE K 1005 28.15 93.69 -20.68
N GLU K 1006 28.38 94.86 -21.29
CA GLU K 1006 28.99 94.95 -22.60
C GLU K 1006 30.50 95.12 -22.57
N THR K 1007 31.06 95.67 -21.50
CA THR K 1007 32.47 96.09 -21.48
C THR K 1007 33.46 94.95 -21.23
N THR K 1008 33.44 93.95 -22.12
CA THR K 1008 34.41 92.84 -22.14
C THR K 1008 34.59 92.11 -20.80
N GLU K 1009 33.51 91.90 -20.06
CA GLU K 1009 33.63 91.17 -18.79
C GLU K 1009 33.43 89.68 -19.01
N LYS K 1010 34.15 88.87 -18.24
CA LYS K 1010 33.92 87.42 -18.27
C LYS K 1010 32.71 87.05 -17.42
N GLU K 1011 31.55 87.61 -17.80
CA GLU K 1011 30.28 87.43 -17.11
C GLU K 1011 30.35 87.76 -15.61
N TYR K 1012 31.08 88.82 -15.26
CA TYR K 1012 31.22 89.18 -13.85
C TYR K 1012 29.87 89.54 -13.25
N ILE K 1013 29.68 89.17 -11.98
CA ILE K 1013 28.46 89.55 -11.29
C ILE K 1013 28.36 91.06 -11.20
N GLN K 1014 27.14 91.57 -11.33
CA GLN K 1014 26.86 93.00 -11.26
C GLN K 1014 27.25 93.62 -9.93
N PRO K 1015 27.28 92.81 -8.87
CA PRO K 1015 27.52 93.32 -7.53
C PRO K 1015 28.03 92.21 -6.61
N SER K 1016 28.60 92.64 -5.48
CA SER K 1016 29.04 91.71 -4.44
C SER K 1016 27.89 90.88 -3.88
N ASN K 1017 26.70 91.46 -3.86
CA ASN K 1017 25.48 90.83 -3.38
C ASN K 1017 24.39 91.44 -4.22
N PRO K 1018 23.21 90.79 -4.30
CA PRO K 1018 22.11 91.24 -5.18
C PRO K 1018 22.52 91.08 -6.62
N LYS K 1019 23.20 89.97 -6.87
CA LYS K 1019 23.66 89.60 -8.19
C LYS K 1019 23.98 88.11 -8.19
N SER K 1020 23.88 87.49 -9.37
CA SER K 1020 24.26 86.09 -9.47
C SER K 1020 25.04 85.73 -10.72
N ILE K 1021 24.88 86.45 -11.84
CA ILE K 1021 25.49 86.07 -13.11
C ILE K 1021 25.16 84.62 -13.49
N LEU K 1022 23.91 84.22 -13.29
CA LEU K 1022 23.45 82.87 -13.59
C LEU K 1022 22.05 82.90 -14.21
N VAL K 1023 21.87 83.67 -15.29
CA VAL K 1023 20.59 83.74 -15.98
C VAL K 1023 20.34 82.43 -16.68
N SER K 1024 19.08 82.05 -16.79
CA SER K 1024 18.78 80.79 -17.47
C SER K 1024 17.32 80.76 -17.88
N ARG L 14 23.79 46.39 -77.98
CA ARG L 14 23.95 45.27 -77.07
C ARG L 14 23.14 45.54 -75.80
N ASP L 15 22.75 44.48 -75.09
CA ASP L 15 21.89 44.62 -73.90
C ASP L 15 22.63 44.53 -72.56
N GLY L 16 23.94 44.64 -72.57
CA GLY L 16 24.72 44.58 -71.35
C GLY L 16 24.64 43.21 -70.70
N THR L 17 24.27 43.19 -69.44
CA THR L 17 24.13 41.96 -68.67
C THR L 17 23.11 42.08 -67.57
N GLY L 18 22.98 41.00 -66.80
CA GLY L 18 22.00 40.98 -65.74
C GLY L 18 22.10 39.72 -64.92
N ARG L 19 21.20 39.61 -63.94
CA ARG L 19 21.26 38.56 -62.93
C ARG L 19 21.20 37.14 -63.48
N ARG L 20 20.38 36.89 -64.49
CA ARG L 20 20.24 35.53 -65.00
C ARG L 20 21.42 35.08 -65.86
N ASP L 21 22.34 36.00 -66.17
CA ASP L 21 23.41 35.71 -67.11
C ASP L 21 24.72 35.52 -66.34
N LEU L 22 24.66 35.45 -65.01
CA LEU L 22 25.87 35.45 -64.19
C LEU L 22 26.39 34.07 -63.81
N LEU L 23 25.87 32.99 -64.38
CA LEU L 23 26.33 31.65 -64.01
C LEU L 23 27.42 31.15 -64.96
N ASP L 24 28.59 30.84 -64.40
CA ASP L 24 29.71 30.33 -65.17
C ASP L 24 29.59 28.79 -65.19
N PRO L 25 29.29 28.18 -66.33
CA PRO L 25 29.06 26.73 -66.43
C PRO L 25 30.29 25.89 -66.17
N LYS L 26 31.48 26.46 -66.19
CA LYS L 26 32.67 25.67 -65.98
C LYS L 26 33.52 26.17 -64.83
N LEU L 27 32.87 26.66 -63.78
CA LEU L 27 33.60 27.02 -62.58
C LEU L 27 33.39 26.00 -61.48
N ALA L 28 32.18 25.46 -61.40
CA ALA L 28 31.87 24.46 -60.40
C ALA L 28 32.78 23.27 -60.54
N PRO L 29 33.45 22.84 -59.46
CA PRO L 29 34.38 21.70 -59.47
C PRO L 29 33.85 20.44 -60.11
N GLU L 30 32.55 20.20 -60.02
CA GLU L 30 31.98 18.97 -60.56
C GLU L 30 32.25 18.78 -62.04
N SER L 31 32.38 19.87 -62.80
CA SER L 31 32.58 19.74 -64.23
C SER L 31 33.75 18.85 -64.58
N VAL L 32 34.63 18.56 -63.62
CA VAL L 32 35.80 17.75 -63.85
C VAL L 32 35.70 16.44 -63.08
N GLN L 33 35.73 15.35 -63.78
CA GLN L 33 35.71 14.03 -63.18
C GLN L 33 37.08 13.43 -63.42
N LEU L 34 37.92 13.44 -62.39
CA LEU L 34 39.30 13.00 -62.53
C LEU L 34 39.39 11.55 -62.96
N GLN L 35 38.46 10.72 -62.50
CA GLN L 35 38.42 9.32 -62.86
C GLN L 35 37.04 9.01 -63.43
N ASP L 36 36.93 8.50 -64.66
CA ASP L 36 35.61 8.20 -65.22
C ASP L 36 35.39 6.74 -65.70
N PHE L 37 36.20 5.76 -65.31
CA PHE L 37 35.96 4.42 -65.83
C PHE L 37 34.71 3.78 -65.21
N GLU L 38 34.01 2.99 -66.03
CA GLU L 38 32.89 2.17 -65.62
C GLU L 38 33.30 0.71 -65.55
N LEU L 39 32.39 -0.17 -65.13
CA LEU L 39 32.71 -1.60 -65.07
C LEU L 39 33.13 -2.11 -66.42
N SER L 40 32.51 -1.58 -67.47
CA SER L 40 32.73 -2.05 -68.81
C SER L 40 34.11 -1.63 -69.31
N ASP L 41 34.72 -0.60 -68.72
CA ASP L 41 36.03 -0.17 -69.18
C ASP L 41 37.10 -1.00 -68.53
N TRP L 42 36.86 -1.40 -67.28
CA TRP L 42 37.83 -2.27 -66.66
C TRP L 42 37.77 -3.65 -67.27
N LEU L 43 36.61 -4.06 -67.77
CA LEU L 43 36.53 -5.33 -68.46
C LEU L 43 37.29 -5.28 -69.78
N ILE L 44 37.24 -4.15 -70.51
CA ILE L 44 38.03 -4.04 -71.74
C ILE L 44 39.50 -4.10 -71.42
N PHE L 45 39.91 -3.44 -70.35
CA PHE L 45 41.28 -3.48 -69.87
C PHE L 45 41.74 -4.92 -69.68
N ALA L 46 40.92 -5.73 -69.01
CA ALA L 46 41.22 -7.14 -68.77
C ALA L 46 41.34 -7.95 -70.06
N LEU L 47 40.47 -7.68 -71.04
CA LEU L 47 40.52 -8.43 -72.30
C LEU L 47 41.86 -8.25 -73.01
N ASN L 48 42.44 -7.05 -72.92
CA ASN L 48 43.72 -6.78 -73.54
C ASN L 48 44.85 -7.38 -72.73
N PHE L 49 44.80 -7.15 -71.41
CA PHE L 49 45.83 -7.58 -70.48
C PHE L 49 46.05 -9.08 -70.54
N ALA L 50 44.96 -9.85 -70.71
CA ALA L 50 45.01 -11.31 -70.78
C ALA L 50 45.93 -11.82 -71.88
N ARG L 51 46.17 -11.03 -72.92
CA ARG L 51 47.01 -11.43 -74.04
C ARG L 51 48.47 -11.05 -73.87
N LYS L 52 48.81 -10.37 -72.79
CA LYS L 52 50.18 -9.97 -72.51
C LYS L 52 50.84 -10.81 -71.43
N ILE L 53 50.14 -11.80 -70.90
CA ILE L 53 50.56 -12.63 -69.78
C ILE L 53 50.64 -14.08 -70.24
N HIS L 54 51.73 -14.78 -69.94
CA HIS L 54 51.92 -16.18 -70.28
C HIS L 54 50.99 -17.06 -69.44
N PHE L 55 50.69 -18.27 -69.89
CA PHE L 55 49.90 -19.21 -69.10
C PHE L 55 50.71 -20.47 -69.00
N PHE L 56 50.77 -21.06 -67.82
CA PHE L 56 51.59 -22.25 -67.57
C PHE L 56 50.75 -23.49 -67.28
N PRO L 57 50.68 -24.44 -68.22
CA PRO L 57 49.94 -25.70 -68.04
C PRO L 57 50.49 -26.54 -66.91
N SER L 58 49.60 -27.30 -66.26
CA SER L 58 49.98 -28.05 -65.07
C SER L 58 50.84 -29.27 -65.42
N ASP L 59 50.93 -29.66 -66.69
CA ASP L 59 51.73 -30.83 -67.07
C ASP L 59 53.10 -30.48 -67.63
N LEU L 60 53.51 -29.23 -67.58
CA LEU L 60 54.84 -28.86 -68.07
C LEU L 60 55.68 -28.35 -66.90
N ALA L 61 56.99 -28.53 -67.00
CA ALA L 61 57.88 -28.08 -65.92
C ALA L 61 58.13 -26.58 -66.00
N ASN L 62 57.08 -25.83 -65.68
CA ASN L 62 57.16 -24.40 -65.74
C ASN L 62 57.51 -23.89 -67.14
N GLU L 63 56.92 -24.48 -68.17
CA GLU L 63 57.16 -23.97 -69.50
C GLU L 63 55.87 -23.26 -69.90
N PRO L 64 55.94 -22.12 -70.56
CA PRO L 64 54.74 -21.39 -70.98
C PRO L 64 54.11 -22.04 -72.20
N LEU L 65 52.79 -21.91 -72.33
CA LEU L 65 52.09 -22.37 -73.54
C LEU L 65 50.80 -21.58 -73.74
N GLY L 66 50.89 -20.44 -74.41
CA GLY L 66 49.69 -19.63 -74.63
C GLY L 66 49.51 -18.57 -73.55
N ASP L 67 48.27 -18.10 -73.42
CA ASP L 67 47.95 -16.94 -72.58
C ASP L 67 46.65 -17.20 -71.81
N TRP L 68 46.03 -16.13 -71.33
CA TRP L 68 44.83 -16.18 -70.51
C TRP L 68 43.58 -15.79 -71.27
N ARG L 69 43.67 -15.77 -72.60
CA ARG L 69 42.61 -15.33 -73.49
C ARG L 69 41.27 -16.01 -73.23
N ASN L 70 41.29 -17.31 -72.94
CA ASN L 70 40.07 -18.08 -72.82
C ASN L 70 39.34 -17.86 -71.51
N PHE L 71 39.87 -17.07 -70.62
CA PHE L 71 39.19 -16.86 -69.35
C PHE L 71 38.24 -15.69 -69.38
N PHE L 72 38.26 -14.86 -70.43
CA PHE L 72 37.36 -13.71 -70.52
C PHE L 72 36.52 -13.77 -71.79
N SER L 73 36.51 -14.91 -72.45
CA SER L 73 35.88 -15.06 -73.75
C SER L 73 34.36 -15.13 -73.61
N THR L 74 33.85 -15.36 -72.42
CA THR L 74 32.42 -15.45 -72.16
C THR L 74 31.75 -14.13 -71.91
N ILE L 75 32.50 -13.04 -71.93
CA ILE L 75 31.91 -11.72 -71.72
C ILE L 75 31.33 -11.19 -73.02
N VAL L 76 32.08 -11.35 -74.10
CA VAL L 76 31.72 -10.80 -75.40
C VAL L 76 30.92 -11.82 -76.20
N SER L 77 29.67 -11.44 -76.55
CA SER L 77 28.72 -12.29 -77.22
C SER L 77 28.97 -12.37 -78.72
N ASP L 78 29.79 -11.48 -79.27
CA ASP L 78 30.14 -11.49 -80.69
C ASP L 78 31.64 -11.36 -80.79
N LYS L 79 32.25 -12.51 -81.09
CA LYS L 79 33.69 -12.68 -81.09
C LYS L 79 34.37 -11.86 -82.16
N THR L 80 33.60 -11.38 -83.15
CA THR L 80 34.14 -10.55 -84.21
C THR L 80 34.86 -9.35 -83.63
N LEU L 81 34.27 -8.76 -82.59
CA LEU L 81 34.74 -7.50 -82.05
C LEU L 81 36.03 -7.59 -81.28
N ILE L 82 36.51 -8.79 -80.99
CA ILE L 82 37.73 -8.89 -80.21
C ILE L 82 38.79 -9.70 -80.92
N SER L 83 38.61 -9.97 -82.22
CA SER L 83 39.56 -10.79 -82.97
C SER L 83 40.96 -10.18 -82.99
N ASP L 84 41.04 -8.87 -82.86
CA ASP L 84 42.27 -8.12 -82.86
C ASP L 84 42.19 -7.00 -81.84
N ILE L 85 41.60 -7.28 -80.66
CA ILE L 85 41.27 -6.25 -79.66
C ILE L 85 42.44 -5.33 -79.33
N GLU L 86 43.69 -5.83 -79.39
CA GLU L 86 44.81 -5.02 -78.94
C GLU L 86 45.11 -3.90 -79.93
N ASN L 87 44.47 -3.90 -81.11
CA ASN L 87 44.67 -2.88 -82.13
C ASN L 87 43.47 -1.96 -82.33
N LEU L 88 42.50 -1.95 -81.42
CA LEU L 88 41.32 -1.12 -81.62
C LEU L 88 41.54 0.32 -81.16
N ASP L 89 40.81 1.22 -81.82
CA ASP L 89 40.76 2.64 -81.48
C ASP L 89 39.32 3.12 -81.34
N ASP L 90 38.38 2.18 -81.35
CA ASP L 90 36.95 2.45 -81.26
C ASP L 90 36.34 1.32 -80.48
N PHE L 91 35.87 1.65 -79.29
CA PHE L 91 35.33 0.67 -78.38
C PHE L 91 33.82 0.77 -78.21
N GLU L 92 33.11 1.45 -79.10
CA GLU L 92 31.68 1.68 -78.87
C GLU L 92 30.90 0.37 -79.04
N LYS L 93 31.25 -0.44 -80.03
CA LYS L 93 30.54 -1.70 -80.24
C LYS L 93 30.85 -2.68 -79.15
N LEU L 94 32.11 -2.70 -78.74
CA LEU L 94 32.56 -3.62 -77.73
C LEU L 94 31.94 -3.28 -76.40
N ARG L 95 31.94 -2.00 -76.04
CA ARG L 95 31.35 -1.56 -74.80
C ARG L 95 29.88 -1.90 -74.74
N GLY L 96 29.19 -1.77 -75.87
CA GLY L 96 27.78 -2.15 -75.94
C GLY L 96 27.52 -3.59 -75.57
N ASN L 97 28.26 -4.53 -76.17
CA ASN L 97 28.05 -5.94 -75.83
C ASN L 97 28.39 -6.25 -74.40
N ILE L 98 29.41 -5.58 -73.85
CA ILE L 98 29.76 -5.83 -72.46
C ILE L 98 28.65 -5.40 -71.54
N GLU L 99 27.99 -4.29 -71.86
CA GLU L 99 26.93 -3.81 -71.00
C GLU L 99 25.75 -4.80 -71.01
N GLU L 100 25.43 -5.39 -72.18
CA GLU L 100 24.42 -6.45 -72.22
C GLU L 100 24.75 -7.63 -71.34
N PHE L 101 26.00 -8.07 -71.36
CA PHE L 101 26.45 -9.15 -70.50
C PHE L 101 26.20 -8.84 -69.05
N LEU L 102 26.63 -7.65 -68.62
CA LEU L 102 26.50 -7.29 -67.23
C LEU L 102 25.05 -7.25 -66.81
N ALA L 103 24.17 -6.76 -67.66
CA ALA L 103 22.75 -6.75 -67.32
C ALA L 103 22.21 -8.17 -67.21
N ALA L 104 22.57 -9.03 -68.15
CA ALA L 104 22.03 -10.39 -68.23
C ALA L 104 22.35 -11.22 -67.00
N TYR L 105 23.52 -11.03 -66.43
CA TYR L 105 23.91 -11.84 -65.29
C TYR L 105 23.72 -11.12 -63.97
N ASP L 106 23.12 -9.94 -63.97
CA ASP L 106 22.97 -9.25 -62.70
C ASP L 106 21.90 -9.95 -61.90
N GLN L 107 22.33 -10.49 -60.77
CA GLN L 107 21.49 -11.24 -59.85
C GLN L 107 20.93 -12.51 -60.48
N SER L 108 21.67 -13.14 -61.38
CA SER L 108 21.20 -14.40 -61.95
C SER L 108 21.67 -15.61 -61.16
N GLY L 109 22.80 -15.49 -60.48
CA GLY L 109 23.41 -16.62 -59.81
C GLY L 109 24.15 -17.55 -60.71
N LYS L 110 24.46 -17.15 -61.95
CA LYS L 110 25.02 -18.05 -62.95
C LYS L 110 26.47 -17.82 -63.40
N LEU L 111 27.29 -16.96 -62.79
CA LEU L 111 28.66 -16.83 -63.30
C LEU L 111 29.65 -17.82 -62.70
N THR L 112 30.65 -18.17 -63.51
CA THR L 112 31.75 -18.97 -63.05
C THR L 112 32.49 -18.18 -62.00
N PRO L 113 32.96 -18.85 -60.93
CA PRO L 113 33.65 -18.21 -59.79
C PRO L 113 34.82 -17.28 -60.08
N HIS L 114 35.62 -17.50 -61.14
CA HIS L 114 36.71 -16.55 -61.31
C HIS L 114 36.20 -15.19 -61.77
N LEU L 115 35.07 -15.16 -62.47
CA LEU L 115 34.52 -13.88 -62.89
C LEU L 115 33.74 -13.28 -61.77
N THR L 116 33.13 -14.12 -60.94
CA THR L 116 32.37 -13.62 -59.81
C THR L 116 33.25 -12.76 -58.92
N LEU L 117 34.48 -13.21 -58.61
CA LEU L 117 35.35 -12.37 -57.81
C LEU L 117 35.75 -11.10 -58.53
N PHE L 118 36.14 -11.20 -59.80
CA PHE L 118 36.63 -10.04 -60.50
C PHE L 118 35.57 -8.95 -60.56
N VAL L 119 34.34 -9.31 -60.86
CA VAL L 119 33.29 -8.31 -60.97
C VAL L 119 32.93 -7.74 -59.60
N SER L 120 32.87 -8.57 -58.56
CA SER L 120 32.56 -8.05 -57.22
C SER L 120 33.59 -7.03 -56.78
N PHE L 121 34.86 -7.30 -57.08
CA PHE L 121 35.94 -6.37 -56.80
C PHE L 121 35.71 -5.05 -57.50
N LEU L 122 35.38 -5.10 -58.79
CA LEU L 122 35.16 -3.87 -59.52
C LEU L 122 34.00 -3.08 -58.95
N LYS L 123 32.96 -3.75 -58.47
CA LYS L 123 31.86 -3.02 -57.84
C LYS L 123 32.29 -2.37 -56.53
N LEU L 124 33.12 -3.04 -55.73
CA LEU L 124 33.56 -2.43 -54.47
C LEU L 124 34.35 -1.14 -54.71
N LEU L 125 35.11 -1.08 -55.80
CA LEU L 125 35.91 0.09 -56.15
C LEU L 125 35.10 1.34 -56.44
N GLU L 126 33.79 1.22 -56.64
CA GLU L 126 33.01 2.42 -56.92
C GLU L 126 33.05 3.42 -55.78
N THR L 127 33.27 2.96 -54.55
CA THR L 127 33.35 3.90 -53.44
C THR L 127 34.66 4.67 -53.45
N SER L 128 35.66 4.16 -54.14
CA SER L 128 36.93 4.85 -54.22
C SER L 128 36.83 5.96 -55.23
N LYS L 129 36.09 5.70 -56.29
CA LYS L 129 35.88 6.69 -57.30
C LYS L 129 35.15 7.89 -56.71
N LYS L 130 34.19 7.65 -55.85
CA LYS L 130 33.43 8.72 -55.22
C LYS L 130 34.33 9.63 -54.40
N ARG L 131 35.22 9.05 -53.60
CA ARG L 131 36.13 9.85 -52.79
C ARG L 131 37.19 10.56 -53.62
N PHE L 132 37.76 9.86 -54.57
CA PHE L 132 38.82 10.38 -55.41
C PHE L 132 38.39 11.58 -56.23
N ASN L 133 37.18 11.57 -56.76
CA ASN L 133 36.73 12.68 -57.57
C ASN L 133 36.35 13.93 -56.77
N GLN L 134 36.46 13.93 -55.45
CA GLN L 134 36.20 15.14 -54.69
C GLN L 134 37.43 15.99 -54.50
N LEU L 135 38.56 15.54 -55.05
CA LEU L 135 39.82 16.28 -54.91
C LEU L 135 39.79 17.63 -55.59
N THR L 136 39.06 17.77 -56.70
CA THR L 136 39.02 19.05 -57.40
C THR L 136 38.37 20.13 -56.56
N LYS L 137 37.38 19.76 -55.76
CA LYS L 137 36.73 20.73 -54.91
C LYS L 137 37.63 21.11 -53.75
N ARG L 138 38.27 20.10 -53.15
CA ARG L 138 39.15 20.36 -52.02
C ARG L 138 40.28 21.27 -52.42
N HIS L 139 40.81 21.08 -53.63
CA HIS L 139 41.88 21.91 -54.15
C HIS L 139 41.44 23.35 -54.31
N LEU L 140 40.28 23.57 -54.91
CA LEU L 140 39.78 24.93 -55.10
C LEU L 140 39.54 25.64 -53.78
N ASP L 141 38.93 24.95 -52.82
CA ASP L 141 38.62 25.52 -51.53
C ASP L 141 39.87 25.92 -50.79
N PHE L 142 40.88 25.09 -50.87
CA PHE L 142 42.15 25.37 -50.24
C PHE L 142 42.75 26.66 -50.77
N TYR L 143 42.79 26.80 -52.08
CA TYR L 143 43.39 27.99 -52.64
C TYR L 143 42.63 29.26 -52.25
N TYR L 144 41.32 29.28 -52.36
CA TYR L 144 40.62 30.52 -52.01
C TYR L 144 40.62 30.80 -50.51
N GLN L 145 40.51 29.78 -49.66
CA GLN L 145 40.38 30.04 -48.23
C GLN L 145 41.67 30.02 -47.44
N GLU L 146 42.66 29.21 -47.80
CA GLU L 146 43.87 29.14 -46.99
C GLU L 146 45.04 29.87 -47.61
N ILE L 147 45.08 29.95 -48.94
CA ILE L 147 46.16 30.70 -49.57
C ILE L 147 45.79 32.17 -49.70
N LEU L 148 44.60 32.46 -50.21
CA LEU L 148 44.21 33.84 -50.38
C LEU L 148 43.51 34.43 -49.17
N HIS L 149 43.17 33.61 -48.18
CA HIS L 149 42.50 34.05 -46.94
C HIS L 149 41.18 34.76 -47.16
N LEU L 150 40.33 34.29 -48.05
CA LEU L 150 39.07 34.95 -48.31
C LEU L 150 37.90 34.19 -47.71
N GLU L 151 37.03 34.87 -46.98
CA GLU L 151 35.90 34.22 -46.32
C GLU L 151 34.57 34.61 -46.97
N LYS L 152 33.49 33.99 -46.48
CA LYS L 152 32.13 34.24 -46.95
C LYS L 152 31.49 35.39 -46.17
N GLN L 153 30.51 36.03 -46.80
CA GLN L 153 29.79 37.12 -46.14
C GLN L 153 28.58 36.63 -45.35
N ALA L 154 28.30 37.34 -44.26
CA ALA L 154 27.24 37.09 -43.31
C ALA L 154 25.90 37.73 -43.70
N LEU L 155 24.87 37.30 -42.96
CA LEU L 155 23.46 37.69 -43.07
C LEU L 155 23.13 39.12 -42.61
N SER L 156 22.17 39.75 -43.29
CA SER L 156 21.57 41.04 -42.88
C SER L 156 20.07 40.90 -42.61
N PRO L 157 19.58 41.40 -41.48
CA PRO L 157 18.15 41.32 -41.11
C PRO L 157 17.29 42.30 -41.90
N ASP L 158 16.00 41.97 -42.08
CA ASP L 158 15.06 42.84 -42.79
C ASP L 158 14.25 43.76 -41.86
N HIS L 159 13.65 44.80 -42.48
CA HIS L 159 12.85 45.83 -41.81
C HIS L 159 11.39 45.86 -42.28
N VAL L 160 10.45 46.10 -41.34
CA VAL L 160 9.03 46.26 -41.63
C VAL L 160 8.40 47.43 -40.89
N PHE L 161 7.24 47.89 -41.40
CA PHE L 161 6.38 48.83 -40.68
C PHE L 161 5.07 48.18 -40.34
N LEU L 162 4.60 48.45 -39.13
CA LEU L 162 3.35 47.93 -38.64
C LEU L 162 2.41 49.06 -38.27
N ILE L 163 1.12 48.88 -38.46
CA ILE L 163 0.13 49.87 -38.08
C ILE L 163 -0.66 49.36 -36.88
N PHE L 164 -0.75 50.14 -35.82
CA PHE L 164 -1.41 49.70 -34.59
C PHE L 164 -2.74 50.39 -34.31
N GLU L 165 -3.71 49.59 -33.83
CA GLU L 165 -5.02 50.09 -33.39
C GLU L 165 -5.24 49.74 -31.91
N LEU L 166 -5.52 50.74 -31.09
CA LEU L 166 -5.69 50.54 -29.65
C LEU L 166 -7.06 50.03 -29.25
N ALA L 167 -7.12 49.45 -28.06
CA ALA L 167 -8.34 48.93 -27.48
C ALA L 167 -9.37 50.02 -27.25
N LYS L 168 -10.64 49.64 -27.39
CA LYS L 168 -11.76 50.56 -27.24
C LYS L 168 -11.75 51.34 -25.93
N ASN L 169 -11.32 50.71 -24.85
CA ASN L 169 -11.43 51.30 -23.52
C ASN L 169 -10.17 52.00 -23.02
N VAL L 170 -9.20 52.30 -23.87
CA VAL L 170 -8.02 53.02 -23.42
C VAL L 170 -7.89 54.27 -24.27
N SER L 171 -7.12 55.24 -23.82
CA SER L 171 -6.93 56.43 -24.63
C SER L 171 -5.54 56.64 -25.15
N GLN L 172 -4.55 56.15 -24.40
CA GLN L 172 -3.16 56.26 -24.76
C GLN L 172 -2.39 55.12 -24.14
N GLU L 173 -1.21 54.81 -24.71
CA GLU L 173 -0.35 53.76 -24.24
C GLU L 173 1.07 53.98 -24.68
N LYS L 174 2.03 53.35 -24.01
CA LYS L 174 3.43 53.52 -24.36
C LYS L 174 3.98 52.16 -24.80
N LEU L 175 4.61 52.13 -25.96
CA LEU L 175 5.17 50.90 -26.50
C LEU L 175 6.69 50.95 -26.43
N ASP L 176 7.24 50.14 -25.53
CA ASP L 176 8.66 50.05 -25.26
C ASP L 176 9.50 49.35 -26.31
N GLU L 177 10.78 49.73 -26.36
CA GLU L 177 11.73 49.12 -27.26
C GLU L 177 11.98 47.66 -26.92
N GLY L 178 12.15 46.86 -27.96
CA GLY L 178 12.40 45.46 -27.79
C GLY L 178 11.21 44.56 -27.73
N THR L 179 10.01 45.10 -27.87
CA THR L 179 8.84 44.26 -27.79
C THR L 179 8.87 43.26 -28.93
N GLU L 180 8.57 42.01 -28.63
CA GLU L 180 8.57 40.96 -29.62
C GLU L 180 7.31 40.86 -30.46
N VAL L 181 7.46 40.52 -31.72
CA VAL L 181 6.35 40.41 -32.65
C VAL L 181 6.39 38.99 -33.22
N ASP L 182 5.27 38.45 -33.68
CA ASP L 182 5.35 37.09 -34.19
C ASP L 182 4.86 36.87 -35.63
N GLY L 183 5.67 36.21 -36.45
CA GLY L 183 5.18 35.92 -37.79
C GLY L 183 5.70 34.82 -38.71
N GLY L 184 5.11 33.62 -38.86
CA GLY L 184 5.73 32.82 -39.89
C GLY L 184 6.73 31.87 -39.26
N LYS L 185 6.93 30.75 -39.92
CA LYS L 185 7.90 29.75 -39.52
C LYS L 185 8.78 29.30 -40.67
N ASP L 186 10.00 28.83 -40.34
CA ASP L 186 10.89 28.39 -41.40
C ASP L 186 10.57 26.90 -41.65
N ASP L 187 11.43 26.21 -42.40
CA ASP L 187 11.23 24.80 -42.73
C ASP L 187 11.55 23.85 -41.59
N THR L 188 12.12 24.33 -40.51
CA THR L 188 12.36 23.61 -39.28
C THR L 188 11.21 23.73 -38.31
N GLY L 189 10.28 24.61 -38.62
CA GLY L 189 9.20 24.91 -37.73
C GLY L 189 9.54 25.93 -36.69
N LYS L 190 10.65 26.64 -36.83
CA LYS L 190 10.99 27.65 -35.84
C LYS L 190 10.32 28.95 -36.22
N LYS L 191 9.95 29.72 -35.23
CA LYS L 191 9.23 30.96 -35.48
C LYS L 191 10.15 32.15 -35.72
N ASN L 192 9.71 33.06 -36.58
CA ASN L 192 10.45 34.28 -36.81
C ASN L 192 10.08 35.28 -35.73
N THR L 193 11.03 36.09 -35.30
CA THR L 193 10.77 37.09 -34.28
C THR L 193 11.28 38.43 -34.73
N TYR L 194 10.53 39.50 -34.50
CA TYR L 194 10.99 40.85 -34.88
C TYR L 194 10.97 41.74 -33.66
N LEU L 195 11.81 42.76 -33.58
CA LEU L 195 11.81 43.60 -32.40
C LEU L 195 11.53 45.05 -32.74
N THR L 196 10.71 45.68 -31.90
CA THR L 196 10.42 47.10 -32.03
C THR L 196 11.71 47.91 -31.83
N SER L 197 11.96 48.85 -32.75
CA SER L 197 13.21 49.61 -32.73
C SER L 197 13.20 50.83 -31.82
N PHE L 198 12.07 51.50 -31.62
CA PHE L 198 12.06 52.74 -30.85
C PHE L 198 10.87 52.77 -29.92
N GLU L 199 11.05 53.39 -28.75
CA GLU L 199 9.90 53.67 -27.88
C GLU L 199 8.94 54.58 -28.60
N THR L 200 7.64 54.26 -28.56
CA THR L 200 6.74 55.22 -29.19
C THR L 200 5.45 55.34 -28.37
N VAL L 201 4.58 56.24 -28.81
CA VAL L 201 3.33 56.50 -28.13
C VAL L 201 2.18 56.29 -29.08
N LEU L 202 1.25 55.45 -28.68
CA LEU L 202 0.09 55.17 -29.50
C LEU L 202 -1.14 55.84 -28.90
N ASN L 203 -2.03 56.31 -29.77
CA ASN L 203 -3.28 56.91 -29.34
C ASN L 203 -4.33 56.69 -30.42
N LYS L 204 -5.51 57.26 -30.25
CA LYS L 204 -6.57 57.01 -31.23
C LYS L 204 -6.69 58.11 -32.26
N THR L 205 -5.65 58.40 -33.03
CA THR L 205 -5.73 59.45 -34.03
C THR L 205 -5.71 58.79 -35.40
N LYS L 206 -6.64 59.15 -36.26
CA LYS L 206 -6.78 58.52 -37.56
C LYS L 206 -6.83 59.53 -38.71
N VAL L 207 -6.30 59.17 -39.87
CA VAL L 207 -6.42 60.04 -41.03
C VAL L 207 -7.82 59.89 -41.62
N GLY L 208 -8.56 60.99 -41.70
CA GLY L 208 -9.92 60.95 -42.19
C GLY L 208 -10.11 61.38 -43.64
N GLN L 209 -9.52 62.52 -44.04
CA GLN L 209 -9.77 63.03 -45.38
C GLN L 209 -8.54 63.62 -46.07
N LEU L 210 -8.50 63.47 -47.40
CA LEU L 210 -7.39 63.99 -48.23
C LEU L 210 -7.93 64.80 -49.41
N LYS L 211 -7.55 66.08 -49.49
CA LYS L 211 -8.03 66.99 -50.55
C LYS L 211 -6.88 67.77 -51.19
N SER L 212 -7.03 68.19 -52.44
CA SER L 212 -5.94 68.98 -53.03
C SER L 212 -6.34 70.02 -54.09
N LEU L 213 -5.48 71.04 -54.23
CA LEU L 213 -5.61 72.14 -55.18
C LEU L 213 -4.34 72.40 -55.98
N TYR L 214 -4.48 72.94 -57.20
CA TYR L 214 -3.30 73.49 -57.88
C TYR L 214 -3.68 74.63 -58.83
N ASN L 215 -2.99 75.76 -58.69
CA ASN L 215 -3.18 76.94 -59.54
C ASN L 215 -1.92 77.17 -60.38
N GLU L 216 -2.03 76.93 -61.68
CA GLU L 216 -0.91 77.02 -62.61
C GLU L 216 -1.04 78.27 -63.47
N ILE L 217 -0.03 79.13 -63.48
CA ILE L 217 -0.13 80.38 -64.24
C ILE L 217 0.90 80.45 -65.36
N SER L 218 0.41 80.72 -66.57
CA SER L 218 1.27 80.86 -67.75
C SER L 218 1.54 82.30 -68.12
N VAL L 219 0.56 83.18 -67.94
CA VAL L 219 0.65 84.55 -68.41
C VAL L 219 0.57 85.54 -67.26
N GLU L 220 1.57 86.42 -67.19
CA GLU L 220 1.62 87.50 -66.22
C GLU L 220 0.41 88.40 -66.33
N LYS L 221 -0.22 88.70 -65.18
CA LYS L 221 -1.47 89.47 -65.09
C LYS L 221 -1.43 90.80 -65.84
N GLU L 222 -0.25 91.41 -65.93
CA GLU L 222 -0.13 92.71 -66.57
C GLU L 222 -0.44 92.63 -68.08
N GLU L 223 -0.40 91.44 -68.67
CA GLU L 223 -0.70 91.30 -70.08
C GLU L 223 -2.17 91.04 -70.36
N ILE L 224 -3.03 91.00 -69.35
CA ILE L 224 -4.45 90.82 -69.61
C ILE L 224 -5.04 92.18 -69.95
N LYS L 225 -5.41 92.35 -71.21
CA LYS L 225 -5.94 93.63 -71.67
C LYS L 225 -7.44 93.58 -71.85
N GLU L 226 -7.96 92.39 -72.11
CA GLU L 226 -9.38 92.16 -72.32
C GLU L 226 -9.68 90.78 -71.74
N LEU L 227 -10.94 90.49 -71.45
CA LEU L 227 -11.24 89.17 -70.90
C LEU L 227 -10.98 88.05 -71.90
N ASN L 228 -11.33 88.26 -73.17
CA ASN L 228 -11.19 87.21 -74.16
C ASN L 228 -9.79 87.24 -74.76
N THR L 229 -8.81 86.84 -73.95
CA THR L 229 -7.44 86.80 -74.42
C THR L 229 -7.29 85.68 -75.46
N PRO L 230 -6.38 85.85 -76.42
CA PRO L 230 -6.12 84.83 -77.47
C PRO L 230 -5.46 83.57 -76.95
N ILE L 231 -4.90 83.64 -75.75
CA ILE L 231 -4.13 82.58 -75.15
C ILE L 231 -4.68 82.33 -73.77
N SER L 232 -4.62 81.07 -73.33
CA SER L 232 -5.03 80.75 -71.97
C SER L 232 -4.01 81.42 -71.04
N THR L 233 -4.47 81.92 -69.92
CA THR L 233 -3.56 82.55 -68.97
C THR L 233 -3.18 81.70 -67.78
N GLY L 234 -3.95 80.65 -67.52
CA GLY L 234 -3.71 79.76 -66.42
C GLY L 234 -4.85 78.78 -66.26
N THR L 235 -4.62 77.80 -65.36
CA THR L 235 -5.57 76.72 -65.03
C THR L 235 -5.65 76.51 -63.52
N PHE L 236 -6.85 76.31 -62.98
CA PHE L 236 -6.97 76.10 -61.53
C PHE L 236 -7.94 74.94 -61.26
N VAL L 237 -7.40 73.84 -60.72
CA VAL L 237 -8.13 72.59 -60.54
C VAL L 237 -8.17 72.11 -59.11
N MET L 238 -9.11 71.21 -58.83
CA MET L 238 -9.25 70.63 -57.50
C MET L 238 -9.64 69.16 -57.50
N ALA L 239 -9.24 68.48 -56.43
CA ALA L 239 -9.65 67.11 -56.16
C ALA L 239 -10.29 66.99 -54.79
N PRO L 240 -11.62 66.87 -54.72
CA PRO L 240 -12.34 66.66 -53.45
C PRO L 240 -11.98 65.36 -52.73
N MET L 241 -11.48 64.37 -53.46
CA MET L 241 -10.99 63.13 -52.89
C MET L 241 -9.68 62.87 -53.62
N ALA L 242 -8.57 63.34 -53.05
CA ALA L 242 -7.26 63.32 -53.68
C ALA L 242 -6.78 61.92 -53.98
N ASN L 243 -7.18 60.93 -53.17
CA ASN L 243 -6.66 59.59 -53.35
C ASN L 243 -7.62 58.67 -54.10
N SER L 244 -8.55 59.20 -54.83
CA SER L 244 -9.37 58.40 -55.72
C SER L 244 -8.89 58.49 -57.14
N PHE L 245 -9.42 57.62 -58.02
CA PHE L 245 -8.90 57.55 -59.39
C PHE L 245 -9.17 58.83 -60.20
N ASP L 246 -10.39 59.34 -60.18
CA ASP L 246 -10.79 60.53 -60.92
C ASP L 246 -10.86 61.78 -60.06
N GLY L 247 -10.41 61.67 -58.81
CA GLY L 247 -10.50 62.76 -57.85
C GLY L 247 -11.85 62.91 -57.18
N LEU L 248 -12.84 62.06 -57.53
CA LEU L 248 -14.19 62.15 -57.02
C LEU L 248 -14.72 60.87 -56.39
N GLY L 249 -13.89 59.85 -56.24
CA GLY L 249 -14.34 58.60 -55.64
C GLY L 249 -14.26 57.37 -56.52
N GLU L 250 -13.82 57.42 -57.78
CA GLU L 250 -13.85 56.20 -58.57
C GLU L 250 -12.69 55.31 -58.09
N ASP L 251 -12.93 54.00 -58.03
CA ASP L 251 -11.95 53.04 -57.56
C ASP L 251 -10.81 52.94 -58.55
N PHE L 252 -9.61 52.69 -58.05
CA PHE L 252 -8.50 52.46 -58.94
C PHE L 252 -8.68 51.11 -59.59
N PRO L 253 -8.35 50.98 -60.87
CA PRO L 253 -8.41 49.68 -61.54
C PRO L 253 -7.41 48.76 -60.86
N LYS L 254 -7.79 47.49 -60.74
CA LYS L 254 -7.01 46.43 -60.07
C LYS L 254 -5.50 46.51 -60.15
N GLY L 255 -4.99 46.76 -61.36
CA GLY L 255 -3.56 46.75 -61.60
C GLY L 255 -2.70 47.75 -60.83
N SER L 256 -3.25 48.92 -60.48
CA SER L 256 -2.37 49.88 -59.80
C SER L 256 -3.12 50.98 -59.04
N GLU L 257 -2.56 51.35 -57.90
CA GLU L 257 -3.08 52.46 -57.12
C GLU L 257 -1.99 53.50 -56.94
N LYS L 258 -2.14 54.63 -57.61
CA LYS L 258 -1.12 55.66 -57.59
C LYS L 258 -1.82 57.01 -57.69
N TRP L 259 -1.39 57.99 -56.91
CA TRP L 259 -2.00 59.28 -57.10
C TRP L 259 -1.04 60.44 -56.83
N TRP L 260 -1.33 61.57 -57.46
CA TRP L 260 -0.47 62.73 -57.33
C TRP L 260 -0.85 63.55 -56.11
N PRO L 261 0.10 63.82 -55.21
CA PRO L 261 -0.18 64.55 -53.97
C PRO L 261 -0.71 65.96 -54.18
N PHE L 262 -0.43 66.59 -55.32
CA PHE L 262 -0.93 67.92 -55.54
C PHE L 262 -1.70 68.00 -56.84
N GLY L 263 -2.43 66.95 -57.20
CA GLY L 263 -3.24 66.95 -58.42
C GLY L 263 -2.42 66.91 -59.69
N TYR L 264 -3.07 67.27 -60.80
CA TYR L 264 -2.45 67.32 -62.13
C TYR L 264 -3.29 68.21 -63.04
N THR L 265 -2.66 68.77 -64.07
CA THR L 265 -3.37 69.61 -65.03
C THR L 265 -3.39 69.09 -66.45
N LYS L 266 -2.70 68.00 -66.75
CA LYS L 266 -2.76 67.53 -68.11
C LYS L 266 -3.27 66.09 -68.03
N ILE L 267 -3.87 65.66 -69.10
CA ILE L 267 -4.52 64.35 -69.19
C ILE L 267 -3.59 63.28 -69.66
N CYS L 268 -2.85 63.54 -70.71
CA CYS L 268 -1.90 62.56 -71.17
C CYS L 268 -0.55 62.86 -70.55
N ASN L 269 0.03 61.85 -69.92
CA ASN L 269 1.28 62.10 -69.23
C ASN L 269 2.32 61.15 -69.84
N ALA L 270 3.40 60.87 -69.11
CA ALA L 270 4.50 60.08 -69.65
C ALA L 270 4.09 58.69 -70.13
N SER L 271 3.12 58.05 -69.49
CA SER L 271 2.77 56.69 -69.90
C SER L 271 1.29 56.42 -70.06
N THR L 272 0.42 57.19 -69.44
CA THR L 272 -1.01 56.89 -69.45
C THR L 272 -1.88 58.11 -69.66
N VAL L 273 -3.18 57.87 -69.55
CA VAL L 273 -4.20 58.89 -69.75
C VAL L 273 -5.18 58.90 -68.57
N LEU L 274 -5.31 60.04 -67.91
CA LEU L 274 -6.19 60.13 -66.76
C LEU L 274 -7.43 60.98 -67.06
N PRO L 275 -8.55 60.71 -66.39
CA PRO L 275 -9.72 61.58 -66.43
C PRO L 275 -9.35 62.97 -65.93
N ALA L 276 -9.98 63.99 -66.50
CA ALA L 276 -9.70 65.35 -66.06
C ALA L 276 -10.25 65.63 -64.67
N LEU L 277 -9.56 66.47 -63.91
CA LEU L 277 -10.06 66.92 -62.63
C LEU L 277 -11.02 68.08 -62.86
N PRO L 278 -12.04 68.22 -62.01
CA PRO L 278 -12.95 69.36 -62.08
C PRO L 278 -12.21 70.64 -61.74
N LYS L 279 -12.67 71.74 -62.31
CA LYS L 279 -12.01 73.01 -62.05
C LYS L 279 -12.52 73.66 -60.78
N ALA L 280 -11.66 74.47 -60.19
CA ALA L 280 -11.92 75.10 -58.90
C ALA L 280 -13.15 76.00 -58.92
N ARG L 281 -13.91 75.93 -57.84
CA ARG L 281 -15.10 76.74 -57.62
C ARG L 281 -14.75 77.97 -56.81
N LEU L 282 -14.95 79.14 -57.40
CA LEU L 282 -14.58 80.41 -56.80
C LEU L 282 -15.73 81.40 -56.95
N GLY L 283 -15.97 82.23 -55.93
CA GLY L 283 -16.97 83.27 -56.04
C GLY L 283 -17.30 83.91 -54.70
N CYS L 284 -18.51 84.49 -54.61
CA CYS L 284 -18.94 85.18 -53.39
C CYS L 284 -20.45 85.36 -53.35
N SER L 285 -20.94 85.84 -52.20
CA SER L 285 -22.36 86.14 -52.09
C SER L 285 -22.63 87.38 -51.25
N ILE L 286 -23.80 87.97 -51.53
CA ILE L 286 -24.29 89.20 -50.93
C ILE L 286 -25.63 88.94 -50.25
N SER L 287 -25.80 89.46 -49.04
CA SER L 287 -27.10 89.29 -48.42
C SER L 287 -27.60 90.57 -47.75
N SER L 288 -28.84 90.96 -48.10
CA SER L 288 -29.50 92.16 -47.61
C SER L 288 -31.01 92.12 -47.76
N LYS L 289 -31.69 92.87 -46.89
CA LYS L 289 -33.14 93.03 -46.85
C LYS L 289 -33.83 93.55 -48.10
N LEU L 290 -33.13 94.21 -49.00
CA LEU L 290 -33.81 94.72 -50.19
C LEU L 290 -34.19 93.61 -51.15
N LEU L 291 -33.69 92.41 -50.94
CA LEU L 291 -34.01 91.32 -51.83
C LEU L 291 -35.29 90.60 -51.44
N LYS L 292 -35.98 91.02 -50.38
CA LYS L 292 -37.24 90.35 -50.01
C LYS L 292 -38.35 90.77 -50.96
N LEU L 293 -38.45 90.08 -52.10
CA LEU L 293 -39.37 90.43 -53.19
C LEU L 293 -40.38 89.32 -53.50
N SER L 294 -41.69 89.60 -53.32
CA SER L 294 -42.61 88.47 -53.46
C SER L 294 -43.46 88.48 -54.74
N GLU L 295 -43.69 89.61 -55.42
CA GLU L 295 -44.56 89.58 -56.60
C GLU L 295 -44.32 90.75 -57.55
N GLY L 296 -44.92 90.66 -58.73
CA GLY L 296 -44.86 91.71 -59.72
C GLY L 296 -43.60 91.61 -60.56
N THR L 297 -43.26 92.69 -61.24
CA THR L 297 -42.05 92.75 -62.05
C THR L 297 -40.92 93.23 -61.18
N ARG L 298 -39.84 92.47 -61.12
CA ARG L 298 -38.76 92.88 -60.27
C ARG L 298 -37.49 93.15 -61.05
N ASP L 299 -36.94 94.32 -60.78
CA ASP L 299 -35.68 94.75 -61.41
C ASP L 299 -34.62 95.06 -60.36
N ILE L 300 -33.49 94.34 -60.40
CA ILE L 300 -32.42 94.44 -59.39
C ILE L 300 -31.13 94.98 -60.02
N ILE L 301 -30.61 96.09 -59.49
CA ILE L 301 -29.38 96.70 -60.01
C ILE L 301 -28.26 96.73 -58.95
N LEU L 302 -27.07 96.24 -59.31
CA LEU L 302 -25.91 96.25 -58.41
C LEU L 302 -24.73 97.02 -58.97
N GLU L 303 -24.19 97.94 -58.19
CA GLU L 303 -22.97 98.64 -58.56
C GLU L 303 -21.80 98.45 -57.62
N PHE L 304 -20.65 98.10 -58.21
CA PHE L 304 -19.42 97.79 -57.46
C PHE L 304 -18.30 98.76 -57.78
N THR L 305 -17.85 99.54 -56.81
CA THR L 305 -16.76 100.48 -57.05
C THR L 305 -15.49 100.11 -56.29
N PHE L 306 -14.37 100.12 -57.01
CA PHE L 306 -13.04 99.69 -56.58
C PHE L 306 -12.05 100.86 -56.52
N ASN L 307 -10.87 100.62 -55.92
CA ASN L 307 -9.82 101.65 -55.81
C ASN L 307 -9.12 101.90 -57.14
N LYS L 308 -8.95 100.89 -57.99
CA LYS L 308 -8.21 101.01 -59.22
C LYS L 308 -9.11 100.81 -60.45
N PRO L 309 -8.59 101.14 -61.62
CA PRO L 309 -9.28 100.98 -62.91
C PRO L 309 -9.15 99.55 -63.32
N ILE L 310 -10.26 98.86 -63.51
CA ILE L 310 -10.22 97.47 -63.87
C ILE L 310 -9.60 97.07 -65.22
N LEU L 311 -9.95 97.76 -66.31
CA LEU L 311 -9.43 97.37 -67.62
C LEU L 311 -9.29 98.46 -68.68
N PRO L 312 -8.28 98.33 -69.53
CA PRO L 312 -8.17 99.30 -70.63
C PRO L 312 -9.34 99.10 -71.59
N ASN L 313 -9.68 97.85 -71.88
CA ASN L 313 -10.76 97.52 -72.79
C ASN L 313 -12.00 97.23 -71.98
N GLY L 314 -13.04 98.03 -72.16
CA GLY L 314 -14.25 97.82 -71.42
C GLY L 314 -14.96 96.58 -71.93
N GLU L 315 -16.03 96.19 -71.24
CA GLU L 315 -16.67 94.92 -71.56
C GLU L 315 -18.18 95.03 -71.72
N ASP L 316 -18.65 94.32 -72.74
CA ASP L 316 -20.04 94.16 -73.11
C ASP L 316 -20.77 93.23 -72.14
N TYR L 317 -22.09 93.38 -72.05
CA TYR L 317 -22.86 92.47 -71.21
C TYR L 317 -22.74 91.02 -71.67
N THR L 318 -22.49 90.77 -72.96
CA THR L 318 -22.35 89.41 -73.43
C THR L 318 -21.02 88.81 -73.03
N ALA L 319 -20.07 89.65 -72.63
CA ALA L 319 -18.82 89.14 -72.12
C ALA L 319 -19.00 88.69 -70.70
N LEU L 320 -19.73 89.49 -69.92
CA LEU L 320 -19.94 89.16 -68.53
C LEU L 320 -20.74 87.87 -68.39
N ASN L 321 -21.71 87.63 -69.28
CA ASN L 321 -22.50 86.40 -69.21
C ASN L 321 -21.70 85.13 -69.51
N LYS L 322 -20.46 85.26 -70.01
CA LYS L 322 -19.59 84.12 -70.24
C LYS L 322 -18.61 83.93 -69.11
N ALA L 323 -18.55 84.87 -68.19
CA ALA L 323 -17.62 84.87 -67.10
C ALA L 323 -18.26 84.52 -65.77
N MET L 324 -19.55 84.81 -65.60
CA MET L 324 -20.22 84.64 -64.31
C MET L 324 -21.59 83.96 -64.40
N SER L 325 -22.04 83.43 -63.26
CA SER L 325 -23.35 82.82 -63.09
C SER L 325 -23.99 83.24 -61.76
N ILE L 326 -25.25 83.68 -61.78
CA ILE L 326 -25.90 84.24 -60.58
C ILE L 326 -27.16 83.46 -60.19
N GLU L 327 -27.31 83.16 -58.88
CA GLU L 327 -28.48 82.48 -58.34
C GLU L 327 -29.08 83.17 -57.10
N LEU L 328 -30.42 83.01 -56.92
CA LEU L 328 -31.13 83.57 -55.76
C LEU L 328 -31.84 82.51 -54.91
N THR L 329 -32.03 82.81 -53.62
CA THR L 329 -32.79 81.90 -52.76
C THR L 329 -34.29 82.19 -52.90
N GLY L 330 -35.05 81.22 -53.38
CA GLY L 330 -36.47 81.37 -53.56
C GLY L 330 -37.31 80.33 -52.85
N GLU L 331 -38.62 80.37 -53.10
CA GLU L 331 -39.60 79.52 -52.41
C GLU L 331 -39.35 78.03 -52.53
N LYS L 332 -38.86 77.56 -53.67
CA LYS L 332 -38.70 76.13 -53.87
C LYS L 332 -37.24 75.72 -53.97
N GLY L 333 -36.33 76.57 -53.54
CA GLY L 333 -34.93 76.28 -53.68
C GLY L 333 -34.24 77.40 -54.41
N TRP L 334 -33.16 77.11 -55.11
CA TRP L 334 -32.45 78.18 -55.78
C TRP L 334 -33.10 78.51 -57.12
N ILE L 335 -33.20 79.81 -57.41
CA ILE L 335 -33.68 80.31 -58.68
C ILE L 335 -32.47 80.43 -59.59
N ALA L 336 -32.48 79.71 -60.70
CA ALA L 336 -31.29 79.64 -61.52
C ALA L 336 -31.66 79.34 -62.96
N GLY L 337 -30.71 79.55 -63.85
CA GLY L 337 -30.93 79.26 -65.25
C GLY L 337 -31.25 80.52 -66.01
N LEU L 338 -31.98 80.40 -67.13
CA LEU L 338 -32.31 81.55 -67.98
C LEU L 338 -32.87 82.81 -67.29
N PRO L 339 -33.74 82.73 -66.26
CA PRO L 339 -34.24 83.93 -65.57
C PRO L 339 -33.18 84.78 -64.92
N MET L 340 -31.94 84.31 -64.81
CA MET L 340 -30.88 85.05 -64.16
C MET L 340 -29.78 85.44 -65.12
N THR L 341 -30.14 85.78 -66.34
CA THR L 341 -29.20 86.26 -67.36
C THR L 341 -28.98 87.76 -67.18
N LEU L 342 -27.74 88.22 -67.29
CA LEU L 342 -27.52 89.66 -67.17
C LEU L 342 -28.13 90.38 -68.37
N LYS L 343 -28.71 91.55 -68.09
CA LYS L 343 -29.35 92.37 -69.09
C LYS L 343 -28.36 93.31 -69.74
N SER L 344 -28.84 93.93 -70.82
CA SER L 344 -28.04 94.76 -71.72
C SER L 344 -27.50 96.05 -71.12
N ASP L 345 -28.01 96.53 -69.99
CA ASP L 345 -27.41 97.74 -69.45
C ASP L 345 -26.25 97.44 -68.50
N SER L 346 -25.86 96.16 -68.37
CA SER L 346 -24.78 95.81 -67.48
C SER L 346 -23.47 96.01 -68.26
N GLY L 347 -22.34 95.98 -67.55
CA GLY L 347 -21.06 96.11 -68.23
C GLY L 347 -19.99 96.87 -67.47
N ILE L 348 -18.81 97.02 -68.10
CA ILE L 348 -17.65 97.69 -67.51
C ILE L 348 -17.08 98.72 -68.48
N ASN L 349 -16.94 99.97 -68.06
CA ASN L 349 -16.25 100.94 -68.89
C ASN L 349 -14.76 100.83 -68.58
N SER L 350 -13.92 100.95 -69.61
CA SER L 350 -12.50 100.63 -69.49
C SER L 350 -11.83 101.39 -68.32
N GLY L 351 -11.83 102.70 -68.43
CA GLY L 351 -11.17 103.54 -67.46
C GLY L 351 -11.93 103.73 -66.18
N SER L 352 -13.02 103.00 -66.01
CA SER L 352 -13.86 103.23 -64.86
C SER L 352 -13.43 102.27 -63.76
N LYS L 353 -13.78 102.66 -62.55
CA LYS L 353 -13.56 101.85 -61.37
C LYS L 353 -14.84 101.18 -60.96
N LYS L 354 -15.86 101.22 -61.80
CA LYS L 354 -17.18 100.72 -61.46
C LYS L 354 -17.71 99.65 -62.41
N MET L 355 -18.16 98.53 -61.83
CA MET L 355 -18.81 97.46 -62.55
C MET L 355 -20.31 97.46 -62.27
N LYS L 356 -21.12 97.27 -63.31
CA LYS L 356 -22.57 97.25 -63.13
C LYS L 356 -23.21 95.93 -63.56
N LEU L 357 -24.02 95.36 -62.69
CA LEU L 357 -24.79 94.17 -62.99
C LEU L 357 -26.27 94.51 -63.01
N SER L 358 -27.04 93.76 -63.82
CA SER L 358 -28.47 94.06 -63.97
C SER L 358 -29.27 92.79 -64.25
N LEU L 359 -30.24 92.49 -63.38
CA LEU L 359 -31.04 91.27 -63.43
C LEU L 359 -32.53 91.56 -63.31
N THR L 360 -33.39 90.76 -63.98
CA THR L 360 -34.82 91.00 -63.79
C THR L 360 -35.58 89.68 -63.66
N LEU L 361 -36.67 89.70 -62.88
CA LEU L 361 -37.55 88.56 -62.77
C LEU L 361 -38.97 88.84 -63.24
N ASP L 362 -39.46 87.96 -64.10
CA ASP L 362 -40.85 87.93 -64.53
C ASP L 362 -41.83 87.76 -63.39
N SER L 363 -43.05 88.23 -63.63
CA SER L 363 -44.14 88.09 -62.66
C SER L 363 -44.53 86.63 -62.43
N GLU L 364 -44.10 85.74 -63.31
CA GLU L 364 -44.35 84.32 -63.21
C GLU L 364 -43.31 83.55 -62.41
N GLN L 365 -42.31 84.23 -61.88
CA GLN L 365 -41.25 83.57 -61.14
C GLN L 365 -41.62 83.41 -59.66
N PRO L 366 -41.05 82.39 -59.00
CA PRO L 366 -41.20 82.19 -57.55
C PRO L 366 -40.68 83.36 -56.74
N ALA L 367 -41.21 83.53 -55.53
CA ALA L 367 -40.77 84.62 -54.67
C ALA L 367 -39.36 84.41 -54.17
N VAL L 368 -38.69 85.51 -53.87
CA VAL L 368 -37.37 85.50 -53.27
C VAL L 368 -37.56 85.53 -51.77
N VAL L 369 -36.92 84.59 -51.07
CA VAL L 369 -37.20 84.37 -49.66
C VAL L 369 -35.90 84.32 -48.87
N PRO L 370 -35.97 84.51 -47.54
CA PRO L 370 -34.82 84.34 -46.65
C PRO L 370 -34.26 82.94 -46.72
N TYR L 371 -32.95 82.85 -46.51
CA TYR L 371 -32.24 81.59 -46.57
C TYR L 371 -32.69 80.59 -45.50
N GLN L 372 -32.86 79.33 -45.90
CA GLN L 372 -33.23 78.24 -45.00
C GLN L 372 -32.32 77.05 -45.25
N THR L 373 -31.62 76.58 -44.22
CA THR L 373 -30.73 75.42 -44.40
C THR L 373 -31.44 74.16 -44.87
N GLU L 374 -32.70 73.99 -44.50
CA GLU L 374 -33.50 72.85 -44.89
C GLU L 374 -34.05 72.95 -46.31
N LEU L 375 -33.95 74.09 -46.96
CA LEU L 375 -34.49 74.29 -48.29
C LEU L 375 -33.43 74.59 -49.33
N HIS L 376 -32.43 75.38 -48.97
CA HIS L 376 -31.40 75.81 -49.89
C HIS L 376 -30.12 75.01 -49.73
N GLU L 377 -30.17 73.99 -48.89
CA GLU L 377 -29.13 72.97 -48.66
C GLU L 377 -27.75 73.51 -48.32
N GLY L 378 -27.63 74.31 -47.26
CA GLY L 378 -26.30 74.78 -46.89
C GLY L 378 -26.08 74.92 -45.40
N SER L 379 -25.13 75.79 -45.00
CA SER L 379 -24.82 75.96 -43.59
C SER L 379 -24.44 77.41 -43.26
N TYR L 380 -25.03 78.40 -43.93
CA TYR L 380 -24.66 79.79 -43.69
C TYR L 380 -25.42 80.38 -42.52
N GLU L 381 -24.76 81.23 -41.74
CA GLU L 381 -25.46 81.92 -40.65
C GLU L 381 -26.04 83.25 -41.13
N VAL L 382 -27.03 83.13 -42.00
CA VAL L 382 -27.71 84.25 -42.66
C VAL L 382 -29.21 84.20 -42.47
N ASP L 383 -29.79 85.30 -42.01
CA ASP L 383 -31.23 85.41 -41.78
C ASP L 383 -31.96 86.25 -42.84
N GLU L 384 -31.30 86.53 -43.94
CA GLU L 384 -31.79 87.30 -45.05
C GLU L 384 -31.78 86.45 -46.33
N PRO L 385 -32.28 86.93 -47.47
CA PRO L 385 -32.09 86.23 -48.76
C PRO L 385 -30.65 86.28 -49.21
N LEU L 386 -30.24 85.32 -50.04
CA LEU L 386 -28.90 85.33 -50.60
C LEU L 386 -28.90 85.55 -52.10
N LEU L 387 -27.88 86.28 -52.56
CA LEU L 387 -27.56 86.38 -53.97
C LEU L 387 -26.15 85.81 -54.15
N ARG L 388 -26.04 84.75 -54.92
CA ARG L 388 -24.77 84.04 -55.08
C ARG L 388 -24.21 84.21 -56.48
N VAL L 389 -22.93 84.56 -56.58
CA VAL L 389 -22.31 84.68 -57.89
C VAL L 389 -21.03 83.86 -57.97
N LEU L 390 -20.95 82.98 -58.96
CA LEU L 390 -19.77 82.17 -59.14
C LEU L 390 -19.11 82.48 -60.48
N PHE L 391 -17.80 82.29 -60.54
CA PHE L 391 -17.06 82.51 -61.77
C PHE L 391 -16.99 81.24 -62.59
N LYS L 392 -17.17 81.41 -63.89
CA LYS L 392 -17.08 80.29 -64.81
C LYS L 392 -15.62 80.05 -65.13
N THR L 393 -14.91 79.43 -64.18
CA THR L 393 -13.47 79.15 -64.27
C THR L 393 -13.08 78.20 -65.38
N ASN L 394 -14.07 77.58 -66.01
CA ASN L 394 -13.86 76.71 -67.13
C ASN L 394 -13.46 77.53 -68.35
N GLU L 395 -13.87 78.79 -68.38
CA GLU L 395 -13.69 79.69 -69.50
C GLU L 395 -12.58 80.68 -69.24
N LYS L 396 -12.00 81.19 -70.32
CA LYS L 396 -10.95 82.18 -70.18
C LYS L 396 -11.43 83.46 -69.51
N GLU L 397 -12.65 83.89 -69.81
CA GLU L 397 -13.18 85.13 -69.25
C GLU L 397 -13.40 85.01 -67.75
N GLY L 398 -13.94 83.87 -67.31
CA GLY L 398 -14.18 83.65 -65.91
C GLY L 398 -12.90 83.64 -65.11
N TYR L 399 -11.91 82.88 -65.60
CA TYR L 399 -10.62 82.82 -64.93
C TYR L 399 -9.96 84.19 -64.90
N ASN L 400 -10.04 84.95 -65.99
CA ASN L 400 -9.42 86.26 -65.98
C ASN L 400 -10.12 87.27 -65.07
N LEU L 401 -11.47 87.26 -64.94
CA LEU L 401 -12.06 88.19 -63.97
C LEU L 401 -11.62 87.88 -62.59
N TYR L 402 -11.53 86.58 -62.25
CA TYR L 402 -11.06 86.21 -60.93
C TYR L 402 -9.70 86.82 -60.65
N ARG L 403 -8.77 86.70 -61.58
CA ARG L 403 -7.44 87.27 -61.36
C ARG L 403 -7.47 88.79 -61.22
N LEU L 404 -8.28 89.45 -62.06
CA LEU L 404 -8.34 90.91 -62.02
C LEU L 404 -8.86 91.44 -60.69
N PHE L 405 -9.76 90.72 -60.03
CA PHE L 405 -10.30 91.20 -58.76
C PHE L 405 -9.51 90.74 -57.54
N ASN L 406 -8.39 90.03 -57.70
CA ASN L 406 -7.68 89.53 -56.53
C ASN L 406 -7.00 90.64 -55.73
N GLU L 407 -6.56 91.69 -56.38
CA GLU L 407 -5.86 92.79 -55.71
C GLU L 407 -6.58 94.11 -55.77
N ASN L 408 -7.57 94.24 -56.62
CA ASN L 408 -8.22 95.53 -56.73
C ASN L 408 -9.27 95.60 -55.61
N VAL L 409 -8.95 96.38 -54.56
CA VAL L 409 -9.80 96.52 -53.38
C VAL L 409 -11.15 97.17 -53.71
N LEU L 410 -12.22 96.57 -53.16
CA LEU L 410 -13.60 97.06 -53.24
C LEU L 410 -13.85 98.10 -52.18
N THR L 411 -14.46 99.23 -52.54
CA THR L 411 -14.73 100.26 -51.54
C THR L 411 -16.20 100.55 -51.32
N ASP L 412 -17.04 100.38 -52.34
CA ASP L 412 -18.44 100.78 -52.25
C ASP L 412 -19.39 99.85 -52.99
N LEU L 413 -20.55 99.59 -52.38
CA LEU L 413 -21.63 98.81 -53.00
C LEU L 413 -22.96 99.55 -52.94
N LYS L 414 -23.61 99.69 -54.09
CA LYS L 414 -24.92 100.33 -54.16
C LYS L 414 -25.96 99.34 -54.69
N ILE L 415 -27.12 99.29 -54.05
CA ILE L 415 -28.18 98.36 -54.43
C ILE L 415 -29.50 99.09 -54.68
N THR L 416 -30.05 98.94 -55.88
CA THR L 416 -31.32 99.58 -56.23
C THR L 416 -32.36 98.56 -56.64
N VAL L 417 -33.54 98.62 -56.05
CA VAL L 417 -34.59 97.68 -56.39
C VAL L 417 -35.88 98.38 -56.79
N GLU L 418 -36.38 98.04 -57.98
CA GLU L 418 -37.60 98.59 -58.54
C GLU L 418 -38.66 97.52 -58.78
N VAL L 419 -39.87 97.75 -58.26
CA VAL L 419 -40.95 96.76 -58.37
C VAL L 419 -42.23 97.38 -58.90
N SER L 420 -42.89 96.70 -59.83
CA SER L 420 -44.15 97.21 -60.34
C SER L 420 -45.21 96.12 -60.49
N ASP L 421 -46.46 96.59 -60.65
CA ASP L 421 -47.66 95.76 -60.85
C ASP L 421 -47.97 94.85 -59.66
N ILE L 422 -47.97 95.44 -58.46
CA ILE L 422 -48.29 94.77 -57.20
C ILE L 422 -49.78 94.84 -56.95
N THR L 423 -50.42 93.71 -56.67
CA THR L 423 -51.84 93.72 -56.39
C THR L 423 -52.21 93.19 -55.01
N SER L 424 -51.33 92.43 -54.35
CA SER L 424 -51.62 91.92 -53.00
C SER L 424 -51.44 92.94 -51.90
N VAL L 425 -52.38 93.87 -51.83
CA VAL L 425 -52.28 94.97 -50.88
C VAL L 425 -53.43 94.90 -49.88
N GLN L 426 -53.27 95.62 -48.77
CA GLN L 426 -54.28 95.65 -47.73
C GLN L 426 -55.05 96.97 -47.76
N LEU L 427 -56.38 96.90 -47.76
CA LEU L 427 -57.19 98.09 -47.88
C LEU L 427 -58.11 98.30 -46.70
N GLU L 428 -58.24 99.56 -46.26
CA GLU L 428 -59.10 99.88 -45.14
C GLU L 428 -59.91 101.16 -45.32
N ASN L 429 -61.02 101.14 -44.62
CA ASN L 429 -62.07 102.12 -44.48
C ASN L 429 -62.16 102.57 -43.06
N ASP L 430 -62.98 103.58 -42.83
CA ASP L 430 -63.29 103.95 -41.47
C ASP L 430 -64.17 102.90 -40.82
N LEU L 431 -64.76 102.04 -41.62
CA LEU L 431 -65.60 100.98 -41.11
C LEU L 431 -64.90 99.64 -41.02
N GLY L 432 -63.68 99.50 -41.51
CA GLY L 432 -63.05 98.20 -41.46
C GLY L 432 -62.27 97.80 -42.73
N VAL L 433 -62.04 96.48 -42.84
CA VAL L 433 -61.18 95.88 -43.86
C VAL L 433 -61.95 95.59 -45.15
N LEU L 434 -61.37 95.95 -46.29
CA LEU L 434 -61.98 95.75 -47.59
C LEU L 434 -61.37 94.58 -48.37
N ASN L 435 -62.19 93.98 -49.24
CA ASN L 435 -61.72 92.93 -50.12
C ASN L 435 -61.34 93.50 -51.49
N PRO L 436 -60.05 93.58 -51.82
CA PRO L 436 -59.55 94.20 -53.06
C PRO L 436 -59.89 93.44 -54.33
N GLN L 437 -60.39 92.23 -54.23
CA GLN L 437 -60.70 91.44 -55.41
C GLN L 437 -62.10 91.69 -55.94
N LYS L 438 -62.88 92.46 -55.22
CA LYS L 438 -64.25 92.77 -55.58
C LYS L 438 -64.36 94.28 -55.61
N PRO L 439 -65.27 94.84 -56.40
CA PRO L 439 -65.51 96.28 -56.36
C PRO L 439 -65.82 96.70 -54.94
N PHE L 440 -65.17 97.77 -54.49
CA PHE L 440 -65.27 98.20 -53.11
C PHE L 440 -65.52 99.71 -53.05
N PHE L 441 -66.01 100.17 -51.90
CA PHE L 441 -66.22 101.60 -51.72
C PHE L 441 -65.10 102.21 -50.93
N PRO L 442 -64.15 102.90 -51.55
CA PRO L 442 -63.22 103.71 -50.79
C PRO L 442 -64.08 104.81 -50.23
N PHE L 443 -63.77 105.22 -49.01
CA PHE L 443 -64.52 106.25 -48.29
C PHE L 443 -65.96 105.86 -47.93
N GLY L 444 -66.33 104.59 -47.98
CA GLY L 444 -67.64 104.16 -47.55
C GLY L 444 -68.76 104.23 -48.60
N PRO L 445 -69.84 103.49 -48.35
CA PRO L 445 -71.04 103.45 -49.23
C PRO L 445 -71.86 104.73 -49.22
N ARG L 446 -71.61 105.57 -48.22
CA ARG L 446 -72.32 106.83 -48.04
C ARG L 446 -71.31 107.85 -47.49
N PRO L 447 -70.42 108.35 -48.35
CA PRO L 447 -69.28 109.18 -47.93
C PRO L 447 -69.69 110.47 -47.25
N ILE L 448 -68.90 110.86 -46.25
CA ILE L 448 -69.12 112.08 -45.48
C ILE L 448 -67.82 112.86 -45.44
N LYS L 449 -67.94 114.14 -45.10
CA LYS L 449 -66.78 114.99 -44.91
C LYS L 449 -65.85 114.38 -43.89
N GLY L 450 -64.58 114.24 -44.23
CA GLY L 450 -63.62 113.67 -43.31
C GLY L 450 -63.42 112.18 -43.41
N SER L 451 -64.19 111.45 -44.25
CA SER L 451 -64.00 110.01 -44.26
C SER L 451 -62.70 109.73 -45.01
N SER L 452 -62.18 108.49 -44.91
CA SER L 452 -60.87 108.26 -45.49
C SER L 452 -60.74 106.89 -46.16
N PHE L 453 -59.59 106.71 -46.83
CA PHE L 453 -59.21 105.48 -47.51
C PHE L 453 -57.71 105.22 -47.33
N ILE L 454 -57.35 104.03 -46.86
CA ILE L 454 -55.96 103.70 -46.53
C ILE L 454 -55.43 102.47 -47.28
N VAL L 455 -54.25 102.63 -47.87
CA VAL L 455 -53.52 101.56 -48.57
C VAL L 455 -52.26 101.16 -47.80
N LYS L 456 -52.10 99.85 -47.52
CA LYS L 456 -50.93 99.34 -46.82
C LYS L 456 -50.21 98.19 -47.53
N TYR L 457 -48.88 98.21 -47.50
CA TYR L 457 -48.08 97.12 -48.06
C TYR L 457 -46.75 96.99 -47.33
N PRO L 458 -46.70 96.13 -46.28
CA PRO L 458 -45.52 95.97 -45.38
C PRO L 458 -44.20 95.70 -46.05
N GLU L 459 -44.22 94.95 -47.14
CA GLU L 459 -42.99 94.63 -47.86
C GLU L 459 -42.26 95.88 -48.33
N ALA L 460 -43.00 96.91 -48.72
CA ALA L 460 -42.33 98.12 -49.15
C ALA L 460 -42.04 99.01 -47.97
N MET L 461 -42.94 99.03 -47.00
CA MET L 461 -42.80 99.97 -45.90
C MET L 461 -41.60 99.66 -45.01
N GLU L 462 -41.16 98.41 -44.95
CA GLU L 462 -39.95 98.02 -44.24
C GLU L 462 -38.62 98.31 -44.92
N LYS L 463 -38.63 98.83 -46.13
CA LYS L 463 -37.45 99.12 -46.93
C LYS L 463 -37.22 100.64 -47.02
N PRO L 464 -35.98 101.07 -47.36
CA PRO L 464 -35.68 102.49 -47.59
C PRO L 464 -36.23 102.99 -48.92
N VAL L 465 -37.57 103.11 -48.93
CA VAL L 465 -38.34 103.49 -50.10
C VAL L 465 -38.15 104.97 -50.41
N THR L 466 -37.86 105.24 -51.67
CA THR L 466 -37.67 106.60 -52.16
C THR L 466 -38.89 107.06 -52.92
N ALA L 467 -39.68 106.13 -53.45
CA ALA L 467 -40.88 106.51 -54.16
C ALA L 467 -41.90 105.39 -54.11
N ILE L 468 -43.18 105.76 -54.16
CA ILE L 468 -44.28 104.80 -54.13
C ILE L 468 -45.54 105.44 -54.71
N SER L 469 -46.33 104.64 -55.44
CA SER L 469 -47.55 105.19 -56.03
C SER L 469 -48.60 104.14 -56.35
N TYR L 470 -49.84 104.60 -56.58
CA TYR L 470 -50.89 103.67 -57.01
C TYR L 470 -51.93 104.29 -57.93
N GLN L 471 -52.69 103.39 -58.60
CA GLN L 471 -53.74 103.72 -59.56
C GLN L 471 -55.06 103.00 -59.25
N MET L 472 -56.20 103.63 -59.57
CA MET L 472 -57.54 103.01 -59.40
C MET L 472 -58.51 103.35 -60.55
N ASP L 473 -59.48 102.47 -60.82
CA ASP L 473 -60.57 102.74 -61.76
C ASP L 473 -61.91 102.93 -61.06
N TYR L 474 -62.82 103.76 -61.60
CA TYR L 474 -64.16 103.88 -61.04
C TYR L 474 -65.18 103.12 -61.90
N LEU L 475 -66.30 102.68 -61.31
CA LEU L 475 -67.22 101.78 -62.04
C LEU L 475 -68.44 102.41 -62.70
N ASN L 476 -69.32 103.09 -61.97
CA ASN L 476 -70.60 103.52 -62.53
C ASN L 476 -70.76 105.02 -62.46
N LEU L 477 -69.67 105.68 -62.72
CA LEU L 477 -69.61 107.12 -62.66
C LEU L 477 -70.50 107.72 -63.76
N PRO L 478 -71.29 108.76 -63.43
CA PRO L 478 -72.15 109.50 -64.38
C PRO L 478 -71.38 110.14 -65.51
N GLU L 479 -72.07 110.37 -66.63
CA GLU L 479 -71.41 110.98 -67.79
C GLU L 479 -70.78 112.34 -67.48
N ASN L 480 -71.36 113.08 -66.55
CA ASN L 480 -70.80 114.36 -66.14
C ASN L 480 -71.19 114.59 -64.69
N LEU L 481 -70.19 114.53 -63.81
CA LEU L 481 -70.41 114.66 -62.36
C LEU L 481 -70.92 116.02 -61.96
N VAL L 482 -70.62 117.05 -62.75
CA VAL L 482 -71.08 118.38 -62.37
C VAL L 482 -72.54 118.55 -62.77
N ASN L 483 -72.88 118.12 -63.98
CA ASN L 483 -74.28 118.21 -64.41
C ASN L 483 -75.19 117.35 -63.56
N HIS L 484 -74.65 116.24 -63.04
CA HIS L 484 -75.39 115.32 -62.18
C HIS L 484 -76.04 115.99 -60.99
N TYR L 485 -75.42 117.05 -60.45
CA TYR L 485 -75.92 117.74 -59.27
C TYR L 485 -76.52 119.10 -59.58
N SER L 486 -77.00 119.33 -60.81
CA SER L 486 -77.56 120.61 -61.19
C SER L 486 -78.82 120.99 -60.40
N ALA L 487 -79.49 120.02 -59.80
CA ALA L 487 -80.70 120.27 -59.02
C ALA L 487 -80.42 120.68 -57.59
N TYR L 488 -79.16 120.71 -57.18
CA TYR L 488 -78.78 120.98 -55.80
C TYR L 488 -78.19 122.38 -55.72
N THR L 489 -79.04 123.37 -55.45
CA THR L 489 -78.62 124.76 -55.49
C THR L 489 -78.98 125.49 -54.20
N ILE L 490 -78.31 126.61 -53.94
CA ILE L 490 -78.61 127.45 -52.77
C ILE L 490 -78.72 128.91 -53.14
N GLY L 491 -79.30 129.69 -52.22
CA GLY L 491 -79.41 131.14 -52.44
C GLY L 491 -80.24 131.42 -53.68
N ASP L 492 -79.72 132.26 -54.57
CA ASP L 492 -80.43 132.57 -55.81
C ASP L 492 -80.08 131.55 -56.90
N ASP L 493 -80.49 130.31 -56.61
CA ASP L 493 -80.32 129.15 -57.49
C ASP L 493 -78.86 128.95 -57.95
N GLU L 494 -77.91 129.05 -57.02
CA GLU L 494 -76.51 128.88 -57.38
C GLU L 494 -76.03 127.48 -57.02
N PRO L 495 -75.50 126.72 -57.99
CA PRO L 495 -75.08 125.32 -57.77
C PRO L 495 -74.06 125.12 -56.67
N LEU L 496 -74.29 124.10 -55.84
CA LEU L 496 -73.30 123.73 -54.83
C LEU L 496 -72.04 123.22 -55.46
N VAL L 497 -72.17 122.45 -56.53
CA VAL L 497 -71.06 121.89 -57.28
C VAL L 497 -70.90 122.73 -58.52
N SER L 498 -69.91 123.62 -58.53
CA SER L 498 -69.79 124.53 -59.65
C SER L 498 -68.84 123.92 -60.68
N ASP L 499 -67.88 123.08 -60.22
CA ASP L 499 -66.91 122.47 -61.11
C ASP L 499 -66.27 121.29 -60.38
N MET L 500 -65.36 120.59 -61.08
CA MET L 500 -64.67 119.40 -60.58
C MET L 500 -63.83 119.63 -59.33
N ASP L 501 -63.37 120.87 -59.09
CA ASP L 501 -62.60 121.21 -57.89
C ASP L 501 -63.35 120.91 -56.61
N TYR L 502 -64.67 120.82 -56.72
CA TYR L 502 -65.52 120.46 -55.60
C TYR L 502 -65.04 119.18 -54.95
N PHE L 503 -64.64 118.21 -55.74
CA PHE L 503 -64.27 116.88 -55.27
C PHE L 503 -62.77 116.78 -55.09
N SER L 504 -62.26 117.05 -53.87
CA SER L 504 -60.82 117.10 -53.57
C SER L 504 -60.43 116.33 -52.34
N VAL L 505 -59.13 116.01 -52.20
CA VAL L 505 -58.65 115.27 -51.03
C VAL L 505 -57.36 115.79 -50.39
N LYS L 506 -57.14 115.35 -49.16
CA LYS L 506 -55.89 115.58 -48.44
C LYS L 506 -55.06 114.31 -48.41
N SER L 507 -53.80 114.44 -48.78
CA SER L 507 -52.83 113.36 -48.69
C SER L 507 -51.89 113.55 -47.53
N PHE L 508 -51.99 112.70 -46.58
CA PHE L 508 -51.16 112.87 -45.38
C PHE L 508 -49.68 112.59 -45.55
N PRO L 509 -49.26 111.65 -46.39
CA PRO L 509 -47.85 111.52 -46.73
C PRO L 509 -47.33 112.56 -47.72
N LYS L 510 -48.13 113.60 -48.02
CA LYS L 510 -47.77 114.75 -48.84
C LYS L 510 -47.55 114.37 -50.31
N SER L 511 -48.64 114.05 -51.01
CA SER L 511 -48.61 113.69 -52.42
C SER L 511 -47.95 114.74 -53.31
N SER L 512 -47.30 114.25 -54.36
CA SER L 512 -46.52 115.05 -55.30
C SER L 512 -47.38 115.48 -56.48
N ASN L 513 -48.66 115.09 -56.48
CA ASN L 513 -49.54 115.44 -57.58
C ASN L 513 -49.73 116.96 -57.63
N ASP L 514 -50.05 117.46 -58.83
CA ASP L 514 -50.18 118.88 -59.12
C ASP L 514 -51.39 119.57 -58.48
N SER L 515 -52.39 118.82 -58.03
CA SER L 515 -53.57 119.41 -57.41
C SER L 515 -54.15 118.38 -56.46
N ASP L 516 -55.18 118.79 -55.72
CA ASP L 516 -55.80 117.89 -54.77
C ASP L 516 -57.03 117.23 -55.38
N GLN L 517 -57.30 117.44 -56.66
CA GLN L 517 -58.52 116.93 -57.27
C GLN L 517 -58.56 115.40 -57.25
N LEU L 518 -59.72 114.85 -56.85
CA LEU L 518 -59.89 113.42 -56.68
C LEU L 518 -59.93 112.64 -57.99
N PHE L 519 -60.59 113.16 -59.01
CA PHE L 519 -60.73 112.45 -60.27
C PHE L 519 -59.85 113.06 -61.33
N SER L 520 -59.18 112.24 -62.12
CA SER L 520 -58.38 112.74 -63.22
C SER L 520 -58.96 112.16 -64.49
N GLU L 521 -58.90 112.94 -65.56
CA GLU L 521 -59.56 112.57 -66.79
C GLU L 521 -58.90 111.31 -67.33
N LYS L 522 -59.70 110.36 -67.79
CA LYS L 522 -59.14 109.14 -68.33
C LYS L 522 -58.98 109.35 -69.81
N SER L 523 -57.83 108.95 -70.37
CA SER L 523 -57.59 109.16 -71.79
C SER L 523 -58.71 108.59 -72.67
N GLY L 524 -59.46 107.63 -72.13
CA GLY L 524 -60.67 107.08 -72.67
C GLY L 524 -61.85 107.69 -71.98
N GLY L 525 -62.93 106.97 -71.80
CA GLY L 525 -64.06 107.55 -71.11
C GLY L 525 -63.94 107.32 -69.60
N GLY L 526 -64.67 108.13 -68.82
CA GLY L 526 -64.70 107.94 -67.39
C GLY L 526 -63.50 108.50 -66.66
N TYR L 527 -63.36 108.07 -65.41
CA TYR L 527 -62.32 108.60 -64.54
C TYR L 527 -61.61 107.47 -63.82
N GLU L 528 -60.39 107.81 -63.44
CA GLU L 528 -59.46 107.03 -62.69
C GLU L 528 -58.92 107.94 -61.61
N SER L 529 -58.05 107.41 -60.74
CA SER L 529 -57.40 108.27 -59.78
C SER L 529 -55.92 107.89 -59.81
N ASP L 530 -55.07 108.82 -59.34
CA ASP L 530 -53.61 108.63 -59.43
C ASP L 530 -52.97 109.31 -58.23
N PHE L 531 -52.23 108.56 -57.43
CA PHE L 531 -51.54 109.19 -56.29
C PHE L 531 -50.07 108.81 -56.23
N GLU L 532 -49.23 109.80 -56.42
CA GLU L 532 -47.77 109.69 -56.40
C GLU L 532 -47.13 110.30 -55.17
N PHE L 533 -46.29 109.53 -54.51
CA PHE L 533 -45.61 110.01 -53.32
C PHE L 533 -44.09 109.91 -53.48
N GLN L 534 -43.37 110.85 -52.89
CA GLN L 534 -41.90 110.87 -52.96
C GLN L 534 -41.30 111.09 -51.59
N ILE L 535 -40.19 110.43 -51.31
CA ILE L 535 -39.48 110.57 -50.05
C ILE L 535 -38.07 111.03 -50.37
N GLU L 536 -37.76 112.28 -50.03
CA GLU L 536 -36.57 112.95 -50.55
C GLU L 536 -35.23 112.26 -50.32
N ASN L 537 -35.03 111.69 -49.14
CA ASN L 537 -33.78 111.00 -48.86
C ASN L 537 -34.01 109.55 -48.45
N GLY L 538 -35.14 108.98 -48.83
CA GLY L 538 -35.45 107.63 -48.42
C GLY L 538 -35.83 107.49 -46.97
N VAL L 539 -35.99 108.59 -46.25
CA VAL L 539 -36.29 108.54 -44.83
C VAL L 539 -37.73 108.93 -44.58
N TRP L 540 -38.48 108.00 -44.01
CA TRP L 540 -39.89 108.19 -43.72
C TRP L 540 -40.05 109.28 -42.65
N GLU L 541 -40.94 110.24 -42.92
CA GLU L 541 -41.16 111.34 -41.98
C GLU L 541 -41.68 110.86 -40.64
N SER L 542 -41.02 111.33 -39.58
CA SER L 542 -41.36 110.87 -38.24
C SER L 542 -42.79 111.34 -37.91
N GLY L 543 -43.57 110.44 -37.32
CA GLY L 543 -44.94 110.72 -36.99
C GLY L 543 -45.95 110.14 -37.96
N LEU L 544 -45.53 109.79 -39.18
CA LEU L 544 -46.46 109.15 -40.10
C LEU L 544 -46.44 107.66 -39.81
N LYS L 545 -47.53 106.96 -40.12
CA LYS L 545 -47.69 105.56 -39.70
C LYS L 545 -47.29 104.49 -40.72
N LYS L 546 -46.58 104.82 -41.80
CA LYS L 546 -46.19 103.83 -42.82
C LYS L 546 -47.39 103.21 -43.48
N GLU L 547 -48.28 104.10 -43.94
CA GLU L 547 -49.49 103.77 -44.66
C GLU L 547 -49.76 104.95 -45.55
N LEU L 548 -50.47 104.74 -46.64
CA LEU L 548 -50.82 105.85 -47.52
C LEU L 548 -52.28 106.23 -47.29
N LYS L 549 -52.52 107.44 -46.77
CA LYS L 549 -53.86 107.87 -46.37
C LYS L 549 -54.39 109.09 -47.13
N ILE L 550 -55.62 108.95 -47.65
CA ILE L 550 -56.37 109.97 -48.40
C ILE L 550 -57.67 110.30 -47.67
N SER L 551 -57.98 111.60 -47.44
CA SER L 551 -59.25 112.01 -46.81
C SER L 551 -60.07 113.00 -47.65
N LEU L 552 -61.41 112.95 -47.54
CA LEU L 552 -62.30 113.85 -48.30
C LEU L 552 -62.50 115.23 -47.66
N GLU L 553 -62.28 116.27 -48.46
CA GLU L 553 -62.56 117.65 -48.06
C GLU L 553 -64.07 117.98 -47.97
N ARG L 554 -64.87 117.47 -48.91
CA ARG L 554 -66.31 117.75 -49.00
C ARG L 554 -67.06 116.47 -49.32
N SER L 555 -68.28 116.38 -48.81
CA SER L 555 -69.13 115.22 -49.02
C SER L 555 -69.76 115.21 -50.41
N PHE L 556 -70.42 114.10 -50.71
CA PHE L 556 -71.12 113.91 -51.97
C PHE L 556 -72.61 114.24 -51.86
N LEU L 557 -73.02 114.91 -50.78
CA LEU L 557 -74.37 115.45 -50.56
C LEU L 557 -75.45 114.40 -50.34
N HIS L 558 -75.12 113.25 -49.74
CA HIS L 558 -76.14 112.23 -49.47
C HIS L 558 -77.19 112.75 -48.51
N GLU L 559 -76.75 113.56 -47.56
CA GLU L 559 -77.57 114.18 -46.52
C GLU L 559 -78.55 115.22 -47.03
N LYS L 560 -78.49 115.63 -48.31
CA LYS L 560 -79.40 116.63 -48.82
C LYS L 560 -80.45 116.10 -49.78
N TYR L 561 -80.37 114.84 -50.20
CA TYR L 561 -81.25 114.35 -51.25
C TYR L 561 -82.72 114.52 -50.89
N ALA L 562 -83.09 114.12 -49.67
CA ALA L 562 -84.49 114.16 -49.25
C ALA L 562 -85.05 115.56 -49.25
N HIS L 563 -84.24 116.52 -48.82
CA HIS L 563 -84.64 117.92 -48.76
C HIS L 563 -84.90 118.53 -50.12
N TYR L 564 -84.06 118.28 -51.09
CA TYR L 564 -84.26 118.86 -52.42
C TYR L 564 -85.38 118.16 -53.15
N PHE L 565 -85.49 116.84 -52.97
CA PHE L 565 -86.54 116.08 -53.62
C PHE L 565 -87.89 116.60 -53.21
N THR L 566 -88.07 116.80 -51.90
CA THR L 566 -89.32 117.28 -51.34
C THR L 566 -89.69 118.64 -51.88
N LEU L 567 -88.74 119.57 -51.89
CA LEU L 567 -89.04 120.93 -52.31
C LEU L 567 -89.51 121.02 -53.74
N VAL L 568 -88.92 120.22 -54.63
CA VAL L 568 -89.37 120.25 -56.00
C VAL L 568 -90.78 119.71 -56.08
N ALA L 569 -91.01 118.58 -55.43
CA ALA L 569 -92.28 117.89 -55.49
C ALA L 569 -93.45 118.72 -54.97
N ILE L 570 -93.23 119.58 -53.97
CA ILE L 570 -94.34 120.34 -53.40
C ILE L 570 -94.39 121.78 -53.91
N SER L 571 -93.63 122.11 -54.95
CA SER L 571 -93.65 123.48 -55.43
C SER L 571 -95.02 123.87 -55.96
N LYS L 572 -95.42 125.09 -55.65
CA LYS L 572 -96.67 125.62 -56.16
C LYS L 572 -96.43 126.58 -57.30
N ASP L 573 -95.17 126.80 -57.66
CA ASP L 573 -94.85 127.71 -58.73
C ASP L 573 -94.67 127.00 -60.04
N THR L 574 -94.18 125.77 -60.02
CA THR L 574 -93.88 125.03 -61.23
C THR L 574 -94.47 123.63 -61.16
N ASP L 575 -94.69 123.06 -62.33
CA ASP L 575 -95.08 121.67 -62.44
C ASP L 575 -93.83 120.84 -62.48
N PRO L 576 -93.61 119.92 -61.55
CA PRO L 576 -92.42 119.06 -61.55
C PRO L 576 -92.35 118.24 -62.82
N THR L 577 -91.13 118.10 -63.33
CA THR L 577 -90.83 117.27 -64.48
C THR L 577 -89.64 116.42 -64.07
N ILE L 578 -89.30 115.40 -64.85
CA ILE L 578 -88.19 114.54 -64.44
C ILE L 578 -86.87 115.32 -64.39
N GLU L 579 -86.72 116.31 -65.25
CA GLU L 579 -85.50 117.11 -65.34
C GLU L 579 -85.29 118.00 -64.12
N LEU L 580 -86.31 118.21 -63.32
CA LEU L 580 -86.20 119.08 -62.16
C LEU L 580 -85.97 118.31 -60.87
N LEU L 581 -86.04 117.01 -60.91
CA LEU L 581 -85.85 116.27 -59.68
C LEU L 581 -84.37 115.95 -59.53
N PRO L 582 -83.87 115.93 -58.30
CA PRO L 582 -82.48 115.60 -58.05
C PRO L 582 -82.20 114.14 -58.34
N ASN L 583 -81.00 113.88 -58.83
CA ASN L 583 -80.53 112.53 -59.03
C ASN L 583 -79.95 112.03 -57.72
N GLU L 584 -79.96 110.72 -57.55
CA GLU L 584 -79.36 110.13 -56.37
C GLU L 584 -77.87 110.47 -56.33
N PRO L 585 -77.38 110.92 -55.18
CA PRO L 585 -75.97 111.22 -54.97
C PRO L 585 -75.08 110.03 -55.26
N TYR L 586 -73.90 110.32 -55.80
CA TYR L 586 -72.95 109.28 -56.20
C TYR L 586 -72.12 108.76 -55.03
N ALA L 587 -71.93 107.45 -54.99
CA ALA L 587 -70.98 106.82 -54.09
C ALA L 587 -69.88 106.21 -54.94
N PRO L 588 -68.63 106.61 -54.76
CA PRO L 588 -67.51 106.29 -55.67
C PRO L 588 -66.95 104.87 -55.56
N LEU L 589 -67.74 103.90 -56.03
CA LEU L 589 -67.35 102.49 -56.13
C LEU L 589 -66.17 102.29 -57.08
N ALA L 590 -65.17 101.47 -56.67
CA ALA L 590 -63.93 101.36 -57.44
C ALA L 590 -63.33 99.94 -57.50
N GLU L 591 -62.38 99.76 -58.43
CA GLU L 591 -61.72 98.47 -58.65
C GLU L 591 -60.31 98.62 -59.26
N ASN L 592 -59.62 97.47 -59.41
CA ASN L 592 -58.30 97.32 -60.06
C ASN L 592 -57.18 98.15 -59.44
N LEU L 593 -57.09 98.18 -58.13
CA LEU L 593 -56.00 98.93 -57.52
C LEU L 593 -54.64 98.27 -57.77
N VAL L 594 -53.70 99.03 -58.32
CA VAL L 594 -52.33 98.59 -58.62
C VAL L 594 -51.28 99.48 -57.98
N LEU L 595 -50.32 98.87 -57.26
CA LEU L 595 -49.24 99.53 -56.53
C LEU L 595 -47.84 99.32 -57.16
N GLY L 596 -46.95 100.32 -57.03
CA GLY L 596 -45.54 100.15 -57.40
C GLY L 596 -44.59 100.96 -56.51
N TYR L 597 -43.30 100.55 -56.43
CA TYR L 597 -42.34 101.28 -55.57
C TYR L 597 -40.87 101.11 -55.96
N THR L 598 -40.02 102.00 -55.40
CA THR L 598 -38.55 101.97 -55.54
C THR L 598 -37.86 102.19 -54.19
N ALA L 599 -36.83 101.37 -53.87
CA ALA L 599 -36.02 101.53 -52.66
C ALA L 599 -34.52 101.42 -52.94
N ILE L 600 -33.69 102.18 -52.18
CA ILE L 600 -32.25 102.26 -52.44
C ILE L 600 -31.40 102.18 -51.16
N SER L 601 -30.35 101.36 -51.20
CA SER L 601 -29.33 101.27 -50.15
C SER L 601 -27.94 101.56 -50.73
N SER L 602 -27.08 102.21 -49.94
CA SER L 602 -25.73 102.54 -50.40
C SER L 602 -24.71 102.43 -49.28
N ILE L 603 -23.69 101.58 -49.48
CA ILE L 603 -22.75 101.23 -48.41
C ILE L 603 -21.29 101.55 -48.74
N ASP L 604 -20.69 102.42 -47.92
CA ASP L 604 -19.26 102.71 -47.92
C ASP L 604 -18.62 101.80 -46.91
N PHE L 605 -17.83 100.85 -47.40
CA PHE L 605 -17.28 99.84 -46.51
C PHE L 605 -16.25 100.39 -45.54
N SER L 606 -15.71 101.56 -45.83
CA SER L 606 -14.68 102.17 -45.01
C SER L 606 -15.23 103.20 -44.05
N SER L 607 -16.53 103.47 -44.05
CA SER L 607 -16.97 104.59 -43.26
C SER L 607 -17.61 104.12 -41.96
N SER L 608 -17.12 104.68 -40.89
CA SER L 608 -17.72 104.60 -39.58
C SER L 608 -18.99 105.41 -39.58
N SER L 609 -19.79 105.23 -38.55
CA SER L 609 -20.99 106.02 -38.31
C SER L 609 -21.93 105.95 -39.53
N SER L 610 -22.08 104.74 -40.07
CA SER L 610 -22.91 104.53 -41.24
C SER L 610 -23.58 103.17 -41.15
N GLU L 611 -24.81 103.10 -41.62
CA GLU L 611 -25.57 101.87 -41.52
C GLU L 611 -25.17 100.90 -42.63
N ASN L 612 -24.00 100.29 -42.46
CA ASN L 612 -23.47 99.37 -43.46
C ASN L 612 -24.16 98.02 -43.31
N GLN L 613 -25.43 97.99 -43.67
CA GLN L 613 -26.28 96.82 -43.40
C GLN L 613 -26.23 95.79 -44.53
N VAL L 614 -25.09 95.13 -44.66
CA VAL L 614 -24.92 94.09 -45.67
C VAL L 614 -23.98 93.01 -45.14
N SER L 615 -24.21 91.76 -45.56
CA SER L 615 -23.30 90.70 -45.16
C SER L 615 -22.58 90.16 -46.39
N LEU L 616 -21.27 89.98 -46.26
CA LEU L 616 -20.46 89.51 -47.37
C LEU L 616 -19.80 88.16 -47.04
N ILE L 617 -19.93 87.21 -47.96
CA ILE L 617 -19.37 85.86 -47.81
C ILE L 617 -18.53 85.46 -49.03
N HIS L 618 -17.36 84.86 -48.78
CA HIS L 618 -16.54 84.31 -49.87
C HIS L 618 -16.76 82.82 -50.07
N GLU L 619 -16.86 82.41 -51.33
CA GLU L 619 -17.01 81.01 -51.69
C GLU L 619 -15.67 80.41 -52.09
N MET L 620 -15.33 79.29 -51.47
CA MET L 620 -14.05 78.64 -51.64
C MET L 620 -14.24 77.22 -52.13
N PRO L 621 -13.22 76.64 -52.80
CA PRO L 621 -13.30 75.27 -53.32
C PRO L 621 -13.85 74.22 -52.37
N PHE L 622 -13.56 74.31 -51.08
CA PHE L 622 -14.09 73.31 -50.18
C PHE L 622 -14.78 73.92 -48.97
N GLY L 623 -15.47 75.04 -49.13
CA GLY L 623 -16.11 75.68 -47.99
C GLY L 623 -16.38 77.16 -48.24
N PHE L 624 -16.48 77.93 -47.15
CA PHE L 624 -16.77 79.35 -47.29
C PHE L 624 -16.22 80.14 -46.11
N GLN L 625 -16.24 81.46 -46.24
CA GLN L 625 -15.85 82.31 -45.12
C GLN L 625 -16.67 83.60 -45.04
N GLN L 626 -17.12 83.91 -43.83
CA GLN L 626 -17.78 85.19 -43.58
C GLN L 626 -16.73 86.28 -43.54
N VAL L 627 -16.92 87.32 -44.34
CA VAL L 627 -15.92 88.37 -44.44
C VAL L 627 -16.35 89.64 -43.74
N PHE L 628 -17.56 90.11 -44.02
CA PHE L 628 -18.04 91.38 -43.53
C PHE L 628 -19.42 91.20 -42.92
N THR L 629 -19.64 91.69 -41.69
CA THR L 629 -20.96 91.49 -41.13
C THR L 629 -21.62 92.88 -41.05
N PRO L 630 -22.96 92.95 -40.96
CA PRO L 630 -23.65 94.25 -40.85
C PRO L 630 -23.15 95.07 -39.69
N GLY L 631 -22.85 96.34 -39.95
CA GLY L 631 -22.32 97.24 -38.95
C GLY L 631 -20.82 97.39 -38.96
N ASP L 632 -20.11 96.50 -39.67
CA ASP L 632 -18.65 96.54 -39.72
C ASP L 632 -18.14 97.64 -40.65
N THR L 633 -16.86 97.94 -40.47
CA THR L 633 -16.02 98.75 -41.34
C THR L 633 -14.74 98.01 -41.63
N ASP L 634 -14.09 98.39 -42.75
CA ASP L 634 -12.81 97.78 -43.12
C ASP L 634 -12.06 98.74 -44.02
N ASN L 635 -10.85 98.35 -44.39
CA ASN L 635 -10.07 99.19 -45.27
C ASN L 635 -9.67 98.41 -46.50
N SER L 636 -9.79 97.09 -46.45
CA SER L 636 -9.40 96.23 -47.54
C SER L 636 -10.27 95.00 -47.69
N LEU L 637 -11.21 95.08 -48.61
CA LEU L 637 -12.09 93.99 -48.91
C LEU L 637 -11.93 93.64 -50.37
N TYR L 638 -12.14 92.38 -50.68
CA TYR L 638 -12.07 91.91 -52.03
C TYR L 638 -13.31 91.09 -52.28
N LEU L 639 -13.69 90.97 -53.55
CA LEU L 639 -14.83 90.12 -53.87
C LEU L 639 -14.48 88.65 -53.87
N VAL L 640 -13.21 88.30 -53.95
CA VAL L 640 -12.83 86.90 -54.14
C VAL L 640 -11.70 86.53 -53.18
N PRO L 641 -11.59 85.22 -52.83
CA PRO L 641 -10.42 84.66 -52.13
C PRO L 641 -9.17 84.80 -52.96
N ASP L 642 -8.02 84.91 -52.31
CA ASP L 642 -6.74 85.05 -53.03
C ASP L 642 -5.94 83.74 -53.05
N TYR L 643 -5.87 83.08 -54.21
CA TYR L 643 -5.07 81.87 -54.35
C TYR L 643 -3.83 82.12 -55.20
N CYS L 644 -2.66 81.91 -54.61
CA CYS L 644 -1.43 82.25 -55.27
C CYS L 644 -0.96 81.02 -56.05
N HIS L 645 0.04 81.22 -56.89
CA HIS L 645 0.59 80.13 -57.69
C HIS L 645 1.15 78.99 -56.83
N GLY L 646 0.83 77.75 -57.21
CA GLY L 646 1.37 76.60 -56.52
C GLY L 646 0.33 75.52 -56.21
N GLY L 647 0.75 74.54 -55.40
CA GLY L 647 -0.08 73.41 -55.05
C GLY L 647 -0.22 73.20 -53.56
N GLU L 648 -1.36 72.62 -53.16
CA GLU L 648 -1.68 72.42 -51.76
C GLU L 648 -2.32 71.07 -51.49
N LEU L 649 -1.90 70.42 -50.40
CA LEU L 649 -2.47 69.15 -49.97
C LEU L 649 -2.98 69.27 -48.54
N TYR L 650 -4.24 68.92 -48.34
CA TYR L 650 -4.89 69.04 -47.04
C TYR L 650 -5.13 67.68 -46.42
N ILE L 651 -4.74 67.53 -45.17
CA ILE L 651 -4.92 66.28 -44.44
C ILE L 651 -5.80 66.53 -43.22
N GLY L 652 -6.95 65.88 -43.15
CA GLY L 652 -7.84 66.02 -42.00
C GLY L 652 -7.69 64.85 -41.05
N LEU L 653 -7.55 65.16 -39.76
CA LEU L 653 -7.36 64.12 -38.75
C LEU L 653 -8.53 63.98 -37.79
N GLU L 654 -8.92 62.74 -37.52
CA GLU L 654 -10.02 62.41 -36.63
C GLU L 654 -9.57 61.96 -35.24
N ASN L 655 -10.31 62.39 -34.24
CA ASN L 655 -10.25 61.95 -32.85
C ASN L 655 -8.96 62.25 -32.11
N GLY L 656 -8.23 63.31 -32.46
CA GLY L 656 -7.04 63.67 -31.73
C GLY L 656 -7.40 64.57 -30.58
N LYS L 657 -6.37 65.03 -29.86
CA LYS L 657 -6.52 65.94 -28.75
C LYS L 657 -5.45 67.00 -28.89
N ASN L 658 -5.66 68.17 -28.28
CA ASN L 658 -4.78 69.31 -28.55
C ASN L 658 -3.36 69.22 -27.99
N LEU L 659 -2.99 68.19 -27.25
CA LEU L 659 -1.60 68.09 -26.83
C LEU L 659 -0.98 66.72 -27.13
N GLN L 660 -1.58 65.92 -28.00
CA GLN L 660 -1.05 64.59 -28.29
C GLN L 660 -0.12 64.56 -29.49
N GLN L 661 0.71 63.51 -29.55
CA GLN L 661 1.59 63.31 -30.68
C GLN L 661 0.96 62.44 -31.74
N VAL L 662 1.30 62.75 -32.99
CA VAL L 662 0.79 62.03 -34.14
C VAL L 662 1.98 61.56 -34.98
N THR L 663 2.00 60.28 -35.31
CA THR L 663 3.05 59.75 -36.16
C THR L 663 2.44 59.25 -37.46
N LEU L 664 2.90 59.79 -38.59
CA LEU L 664 2.35 59.45 -39.89
C LEU L 664 3.38 58.82 -40.82
N LEU L 665 2.95 57.75 -41.48
CA LEU L 665 3.76 57.09 -42.49
C LEU L 665 3.30 57.50 -43.87
N LEU L 666 4.22 58.03 -44.66
CA LEU L 666 3.94 58.40 -46.04
C LEU L 666 4.57 57.34 -46.92
N GLN L 667 3.76 56.57 -47.62
CA GLN L 667 4.30 55.54 -48.49
C GLN L 667 4.20 55.99 -49.92
N PHE L 668 5.37 56.17 -50.53
CA PHE L 668 5.50 56.64 -51.89
C PHE L 668 5.88 55.50 -52.81
N LEU L 669 5.58 55.70 -54.07
CA LEU L 669 6.09 54.80 -55.08
C LEU L 669 7.36 55.43 -55.62
N GLU L 670 8.48 54.95 -55.11
CA GLU L 670 9.76 55.60 -55.36
C GLU L 670 10.18 55.43 -56.82
N GLY L 671 10.66 56.54 -57.39
CA GLY L 671 11.06 56.63 -58.76
C GLY L 671 9.98 57.20 -59.67
N SER L 672 8.72 57.19 -59.23
CA SER L 672 7.63 57.74 -60.05
C SER L 672 7.50 59.25 -59.99
N GLU L 673 8.44 59.90 -60.69
CA GLU L 673 8.55 61.34 -60.79
C GLU L 673 8.97 61.64 -62.23
N ASN L 674 8.82 62.89 -62.65
CA ASN L 674 9.25 63.27 -64.00
C ASN L 674 10.72 63.64 -64.02
N PRO L 675 11.54 62.87 -64.75
CA PRO L 675 12.99 63.07 -64.80
C PRO L 675 13.45 64.24 -65.64
N ASP L 676 12.55 64.92 -66.34
CA ASP L 676 12.93 65.96 -67.29
C ASP L 676 12.43 67.33 -66.86
N ILE L 677 12.72 67.71 -65.62
CA ILE L 677 12.39 69.01 -65.07
C ILE L 677 13.66 69.63 -64.51
N THR L 678 13.87 70.92 -64.77
CA THR L 678 15.06 71.59 -64.29
C THR L 678 14.90 72.25 -62.91
N ASP L 679 13.67 72.57 -62.50
CA ASP L 679 13.41 73.14 -61.18
C ASP L 679 13.15 72.01 -60.22
N ILE L 680 14.16 71.64 -59.42
CA ILE L 680 14.05 70.42 -58.62
C ILE L 680 14.37 70.52 -57.14
N PHE L 681 14.11 71.67 -56.48
CA PHE L 681 14.43 71.86 -55.05
C PHE L 681 15.93 71.81 -54.79
N THR L 682 16.66 72.73 -55.39
CA THR L 682 18.08 72.81 -55.16
C THR L 682 18.36 73.51 -53.83
N GLY L 683 19.62 73.47 -53.41
CA GLY L 683 20.00 74.14 -52.18
C GLY L 683 19.29 73.54 -50.98
N ASN L 684 18.68 74.42 -50.17
CA ASN L 684 17.98 74.02 -48.97
C ASN L 684 16.46 74.20 -49.07
N GLN L 685 15.92 74.12 -50.28
CA GLN L 685 14.49 74.23 -50.46
C GLN L 685 13.78 72.95 -50.01
N LYS L 686 12.52 73.08 -49.57
CA LYS L 686 11.75 71.92 -49.11
C LYS L 686 10.26 72.26 -49.07
N ILE L 687 9.44 71.25 -48.78
CA ILE L 687 7.98 71.40 -48.67
C ILE L 687 7.61 71.99 -47.31
N LYS L 688 6.73 73.00 -47.32
CA LYS L 688 6.31 73.73 -46.13
C LYS L 688 5.07 73.12 -45.47
N TRP L 689 5.00 73.19 -44.13
CA TRP L 689 3.85 72.69 -43.37
C TRP L 689 3.20 73.77 -42.48
N GLN L 690 1.86 73.76 -42.39
CA GLN L 690 1.04 74.68 -41.57
C GLN L 690 -0.17 73.99 -40.95
N TYR L 691 -0.77 74.59 -39.91
CA TYR L 691 -2.00 74.05 -39.33
C TYR L 691 -3.10 75.12 -39.31
N LEU L 692 -4.36 74.67 -39.18
CA LEU L 692 -5.51 75.57 -39.21
C LEU L 692 -6.03 75.94 -37.82
N SER L 693 -6.28 77.25 -37.61
CA SER L 693 -6.83 77.75 -36.37
C SER L 693 -7.72 78.98 -36.62
N GLN L 694 -9.00 78.88 -36.26
CA GLN L 694 -9.97 79.97 -36.44
C GLN L 694 -10.01 80.49 -37.88
N ASN L 695 -10.06 79.58 -38.84
CA ASN L 695 -10.05 79.82 -40.28
C ASN L 695 -8.76 80.46 -40.81
N GLN L 696 -7.68 80.52 -40.02
CA GLN L 696 -6.39 81.04 -40.48
C GLN L 696 -5.35 79.94 -40.55
N TRP L 697 -4.41 80.05 -41.48
CA TRP L 697 -3.32 79.11 -41.49
C TRP L 697 -2.15 79.66 -40.71
N GLN L 698 -1.54 78.82 -39.88
CA GLN L 698 -0.47 79.25 -39.01
C GLN L 698 0.75 78.33 -39.12
N ASP L 699 1.92 78.93 -38.99
CA ASP L 699 3.15 78.16 -38.98
C ASP L 699 3.30 77.33 -37.72
N PHE L 700 3.92 76.16 -37.87
CA PHE L 700 4.27 75.35 -36.72
C PHE L 700 5.44 75.99 -36.03
N GLN L 701 5.53 75.77 -34.73
CA GLN L 701 6.61 76.32 -33.96
C GLN L 701 7.74 75.30 -33.88
N SER L 702 8.92 75.74 -33.47
CA SER L 702 10.10 74.88 -33.50
C SER L 702 9.97 73.63 -32.63
N GLY L 703 9.21 73.68 -31.54
CA GLY L 703 9.08 72.50 -30.72
C GLY L 703 7.94 71.58 -31.10
N GLU L 704 7.24 71.88 -32.20
CA GLU L 704 6.08 71.12 -32.58
C GLU L 704 6.36 70.05 -33.62
N ILE L 705 7.40 70.18 -34.42
CA ILE L 705 7.75 69.13 -35.36
C ILE L 705 8.88 68.34 -34.75
N ILE L 706 8.68 67.04 -34.63
CA ILE L 706 9.64 66.17 -34.01
C ILE L 706 10.61 65.62 -35.04
N GLN L 707 10.09 65.18 -36.18
CA GLN L 707 10.98 64.71 -37.23
C GLN L 707 10.27 64.74 -38.58
N ASN L 708 11.09 64.82 -39.62
CA ASN L 708 10.60 64.84 -40.99
C ASN L 708 11.60 64.08 -41.84
N GLN L 709 11.28 62.84 -42.15
CA GLN L 709 12.16 62.04 -42.96
C GLN L 709 11.87 62.18 -44.44
N THR L 710 10.85 62.98 -44.82
CA THR L 710 10.47 63.08 -46.24
C THR L 710 10.37 64.54 -46.72
N PRO L 711 11.42 65.36 -46.53
CA PRO L 711 11.34 66.81 -46.78
C PRO L 711 10.97 67.24 -48.19
N ARG L 712 11.20 66.40 -49.19
CA ARG L 712 10.86 66.77 -50.56
C ARG L 712 10.05 65.71 -51.25
N PHE L 713 9.27 64.94 -50.49
CA PHE L 713 8.41 63.88 -51.04
C PHE L 713 9.06 62.97 -52.10
N LEU L 714 10.32 62.57 -51.91
CA LEU L 714 10.95 61.66 -52.87
C LEU L 714 11.11 60.24 -52.37
N LYS L 715 11.05 60.03 -51.07
CA LYS L 715 11.26 58.70 -50.50
C LYS L 715 10.25 58.46 -49.39
N SER L 716 9.94 57.19 -49.16
CA SER L 716 9.03 56.81 -48.09
C SER L 716 9.63 57.08 -46.71
N GLY L 717 8.79 57.47 -45.75
CA GLY L 717 9.29 57.72 -44.41
C GLY L 717 8.26 58.24 -43.42
N ILE L 718 8.76 58.68 -42.26
CA ILE L 718 7.94 59.12 -41.12
C ILE L 718 7.97 60.63 -40.91
N PHE L 719 6.77 61.20 -40.72
CA PHE L 719 6.57 62.56 -40.29
C PHE L 719 5.95 62.53 -38.91
N GLN L 720 6.49 63.29 -37.97
CA GLN L 720 5.99 63.24 -36.61
C GLN L 720 5.91 64.63 -36.00
N PHE L 721 4.79 64.89 -35.33
CA PHE L 721 4.52 66.21 -34.80
C PHE L 721 3.52 66.12 -33.65
N SER L 722 3.42 67.18 -32.89
CA SER L 722 2.37 67.27 -31.89
C SER L 722 1.25 68.15 -32.39
N ILE L 723 0.05 67.88 -31.91
CA ILE L 723 -1.06 68.78 -32.26
C ILE L 723 -0.86 70.06 -31.46
N PRO L 724 -0.84 71.20 -32.12
CA PRO L 724 -0.55 72.46 -31.45
C PRO L 724 -1.72 72.90 -30.62
N LYS L 725 -1.39 73.64 -29.56
CA LYS L 725 -2.42 74.31 -28.80
C LYS L 725 -3.04 75.32 -29.71
N GLN L 726 -4.34 75.53 -29.54
CA GLN L 726 -5.18 76.44 -30.33
C GLN L 726 -5.54 75.82 -31.68
N ALA L 727 -5.24 74.55 -31.90
CA ALA L 727 -5.79 73.89 -33.07
C ALA L 727 -7.30 73.92 -32.97
N ASN L 728 -7.99 74.11 -34.07
CA ASN L 728 -9.43 74.29 -33.99
C ASN L 728 -10.24 73.30 -34.82
N LEU L 729 -11.23 72.67 -34.18
CA LEU L 729 -12.16 71.78 -34.87
C LEU L 729 -13.35 72.49 -35.51
N ASP L 730 -13.63 73.74 -35.12
CA ASP L 730 -14.83 74.41 -35.62
C ASP L 730 -14.42 75.51 -36.62
N ASN L 731 -14.47 75.22 -37.93
CA ASN L 731 -14.05 76.17 -38.95
C ASN L 731 -15.07 76.12 -40.08
N THR L 732 -14.90 76.98 -41.10
CA THR L 732 -15.82 76.97 -42.24
C THR L 732 -15.13 76.83 -43.59
N VAL L 733 -13.83 77.13 -43.69
CA VAL L 733 -13.10 77.06 -44.95
C VAL L 733 -12.82 75.63 -45.37
N LEU L 734 -12.87 74.71 -44.41
CA LEU L 734 -12.71 73.28 -44.56
C LEU L 734 -13.71 72.67 -43.58
N PRO L 735 -14.27 71.49 -43.91
CA PRO L 735 -15.30 70.84 -43.08
C PRO L 735 -14.94 70.71 -41.61
N PRO L 736 -15.90 70.98 -40.72
CA PRO L 736 -15.68 70.94 -39.27
C PRO L 736 -15.59 69.52 -38.75
N GLY L 737 -14.98 69.35 -37.58
CA GLY L 737 -14.90 68.06 -36.93
C GLY L 737 -13.54 67.43 -37.04
N TYR L 738 -12.68 67.99 -37.85
CA TYR L 738 -11.34 67.48 -38.10
C TYR L 738 -10.32 68.53 -37.74
N HIS L 739 -9.16 68.08 -37.29
CA HIS L 739 -8.05 69.01 -37.25
C HIS L 739 -7.48 69.05 -38.64
N TRP L 740 -7.07 70.21 -39.12
CA TRP L 740 -6.55 70.25 -40.49
C TRP L 740 -5.11 70.74 -40.55
N ILE L 741 -4.31 70.04 -41.36
CA ILE L 741 -2.90 70.32 -41.61
C ILE L 741 -2.66 70.46 -43.10
N LYS L 742 -1.87 71.46 -43.46
CA LYS L 742 -1.59 71.77 -44.85
C LYS L 742 -0.13 71.62 -45.22
N ALA L 743 0.12 71.04 -46.39
CA ALA L 743 1.44 70.97 -46.98
C ALA L 743 1.46 71.76 -48.29
N SER L 744 2.54 72.46 -48.61
CA SER L 744 2.55 73.21 -49.86
C SER L 744 3.88 73.26 -50.62
N MET L 745 3.73 73.47 -51.94
CA MET L 745 4.81 73.49 -52.93
C MET L 745 4.52 74.52 -54.03
N VAL L 746 5.55 75.16 -54.60
CA VAL L 746 5.37 76.14 -55.68
C VAL L 746 6.01 75.71 -57.00
N LYS L 747 6.29 74.45 -57.12
CA LYS L 747 7.01 73.85 -58.21
C LYS L 747 6.06 73.07 -59.10
N PRO L 748 6.49 72.68 -60.32
CA PRO L 748 5.61 71.94 -61.22
C PRO L 748 5.11 70.68 -60.55
N PHE L 749 3.96 70.17 -60.96
CA PHE L 749 3.37 69.10 -60.16
C PHE L 749 4.18 67.79 -60.12
N ASP L 750 5.10 67.51 -61.06
CA ASP L 750 5.76 66.19 -61.10
C ASP L 750 7.13 66.06 -60.40
N VAL L 751 7.64 67.14 -59.80
CA VAL L 751 8.93 67.14 -59.11
C VAL L 751 8.91 66.27 -57.87
N VAL L 752 7.76 65.73 -57.49
CA VAL L 752 7.63 64.82 -56.36
C VAL L 752 7.10 63.48 -56.84
N SER L 753 7.28 62.45 -56.03
CA SER L 753 6.82 61.11 -56.36
C SER L 753 5.33 60.93 -56.10
N GLN L 754 4.72 60.00 -56.83
CA GLN L 754 3.34 59.64 -56.57
C GLN L 754 3.22 58.85 -55.28
N LEU L 755 2.07 58.99 -54.62
CA LEU L 755 1.76 58.31 -53.36
C LEU L 755 0.97 57.04 -53.56
N ILE L 756 1.14 56.14 -52.60
CA ILE L 756 0.30 54.99 -52.46
C ILE L 756 -0.69 55.26 -51.34
N ASN L 757 -0.19 55.64 -50.16
CA ASN L 757 -1.10 55.89 -49.06
C ASN L 757 -0.46 56.69 -47.93
N ILE L 758 -1.29 57.05 -46.94
CA ILE L 758 -0.89 57.73 -45.71
C ILE L 758 -1.51 57.00 -44.52
N HIS L 759 -0.69 56.64 -43.52
CA HIS L 759 -1.20 55.91 -42.35
C HIS L 759 -0.81 56.51 -41.02
N ALA L 760 -1.74 56.56 -40.09
CA ALA L 760 -1.41 56.99 -38.74
C ALA L 760 -1.03 55.79 -37.90
N GLN L 761 -0.23 56.05 -36.85
CA GLN L 761 0.19 55.07 -35.83
C GLN L 761 1.17 54.02 -36.35
N ALA L 762 2.15 54.44 -37.16
CA ALA L 762 3.14 53.51 -37.70
C ALA L 762 4.29 53.25 -36.73
N VAL L 763 4.75 51.98 -36.70
CA VAL L 763 5.84 51.50 -35.86
C VAL L 763 6.85 50.69 -36.69
N GLU L 764 8.15 50.97 -36.54
CA GLU L 764 9.18 50.20 -37.26
C GLU L 764 9.76 49.05 -36.41
N ALA L 765 9.99 47.89 -37.05
CA ALA L 765 10.56 46.71 -36.40
C ALA L 765 11.56 45.97 -37.28
N VAL L 766 12.50 45.24 -36.64
CA VAL L 766 13.62 44.57 -37.34
C VAL L 766 13.79 43.10 -36.92
N PHE L 767 14.05 42.24 -37.92
CA PHE L 767 14.25 40.82 -37.73
C PHE L 767 15.38 40.48 -36.76
N GLU L 768 15.11 39.55 -35.87
CA GLU L 768 16.09 39.09 -34.90
C GLU L 768 16.77 37.82 -35.40
N ASP L 769 18.08 37.87 -35.53
CA ASP L 769 18.82 36.73 -36.06
C ASP L 769 19.08 35.71 -34.97
N GLN L 770 18.39 34.58 -35.04
CA GLN L 770 18.54 33.48 -34.09
C GLN L 770 18.92 32.22 -34.87
N GLY L 771 19.15 31.11 -34.16
CA GLY L 771 19.55 29.88 -34.83
C GLY L 771 18.47 29.21 -35.65
N SER L 772 18.08 29.83 -36.79
CA SER L 772 17.05 29.31 -37.66
C SER L 772 17.46 29.64 -39.10
N SER L 773 16.63 29.28 -40.09
CA SER L 773 16.97 29.54 -41.49
C SER L 773 16.19 30.74 -42.05
N GLY L 774 16.91 31.82 -42.37
CA GLY L 774 16.31 33.03 -42.88
C GLY L 774 15.94 32.95 -44.35
N ASN L 775 15.03 32.02 -44.66
CA ASN L 775 14.61 31.82 -46.04
C ASN L 775 13.92 33.05 -46.61
N HIS L 776 13.24 33.80 -45.75
CA HIS L 776 12.54 35.00 -46.15
C HIS L 776 13.49 36.15 -46.44
N LEU L 777 14.79 35.97 -46.36
CA LEU L 777 15.69 37.06 -46.68
C LEU L 777 16.06 37.09 -48.15
N GLU L 778 15.64 36.10 -48.92
CA GLU L 778 15.92 36.06 -50.36
C GLU L 778 15.02 37.03 -51.11
N LYS L 779 13.78 37.11 -50.69
CA LYS L 779 12.76 37.99 -51.22
C LYS L 779 12.06 38.53 -50.01
N GLY L 780 11.57 39.77 -50.06
CA GLY L 780 10.96 40.34 -48.86
C GLY L 780 9.79 39.53 -48.33
N LEU L 781 9.62 39.59 -47.01
CA LEU L 781 8.51 38.94 -46.34
C LEU L 781 7.25 39.46 -46.98
N PRO L 782 6.32 38.59 -47.39
CA PRO L 782 5.07 39.03 -48.01
C PRO L 782 4.30 39.96 -47.10
N ALA L 783 3.47 40.79 -47.72
CA ALA L 783 2.59 41.68 -46.97
C ALA L 783 1.57 40.85 -46.22
N GLU L 784 1.09 41.40 -45.12
CA GLU L 784 0.04 40.81 -44.28
C GLU L 784 0.36 39.43 -43.71
N THR L 785 1.59 39.19 -43.35
CA THR L 785 1.97 37.93 -42.77
C THR L 785 2.00 38.04 -41.27
N ILE L 786 1.98 39.26 -40.76
CA ILE L 786 2.13 39.52 -39.35
C ILE L 786 0.90 40.16 -38.73
N SER L 787 0.32 39.47 -37.75
CA SER L 787 -0.86 39.96 -37.08
C SER L 787 -0.87 40.04 -35.55
N LYS L 788 0.14 39.53 -34.85
CA LYS L 788 0.08 39.59 -33.38
C LYS L 788 1.42 39.62 -32.63
N LEU L 789 1.37 40.12 -31.41
CA LEU L 789 2.53 40.18 -30.53
C LEU L 789 2.87 38.82 -29.92
N GLN L 790 4.03 38.67 -29.31
CA GLN L 790 4.36 37.39 -28.69
C GLN L 790 3.36 37.14 -27.58
N GLU L 791 3.05 38.19 -26.86
CA GLU L 791 2.06 38.17 -25.79
C GLU L 791 0.82 38.80 -26.37
N ARG L 792 -0.24 38.01 -26.59
CA ARG L 792 -1.35 38.48 -27.43
C ARG L 792 -2.08 39.73 -26.90
N LEU L 793 -2.25 39.93 -25.60
CA LEU L 793 -2.96 41.14 -25.19
C LEU L 793 -2.11 42.07 -24.35
N SER L 794 -1.97 43.28 -24.87
CA SER L 794 -1.30 44.38 -24.21
C SER L 794 -2.11 45.61 -24.39
N TRP L 795 -3.45 45.55 -24.43
CA TRP L 795 -4.36 46.71 -24.67
C TRP L 795 -4.34 47.24 -26.12
N ILE L 796 -4.12 46.36 -27.07
CA ILE L 796 -4.02 46.67 -28.48
C ILE L 796 -5.03 45.78 -29.16
N LYS L 797 -5.84 46.36 -30.03
CA LYS L 797 -6.90 45.62 -30.71
C LYS L 797 -6.37 44.90 -31.94
N SER L 798 -5.55 45.57 -32.75
CA SER L 798 -5.12 44.91 -33.97
C SER L 798 -3.82 45.50 -34.52
N ILE L 799 -3.06 44.66 -35.23
CA ILE L 799 -1.81 45.06 -35.89
C ILE L 799 -1.86 44.68 -37.36
N GLN L 800 -1.63 45.64 -38.22
CA GLN L 800 -1.59 45.40 -39.67
C GLN L 800 -0.23 45.58 -40.29
N GLN L 801 0.17 44.64 -41.16
CA GLN L 801 1.38 44.75 -41.98
C GLN L 801 1.07 45.04 -43.45
N PRO L 802 0.80 46.29 -43.84
CA PRO L 802 0.33 46.58 -45.20
C PRO L 802 1.35 46.37 -46.35
N TYR L 803 2.66 46.38 -46.09
CA TYR L 803 3.66 46.28 -47.15
C TYR L 803 4.72 45.19 -46.88
N PRO L 804 5.33 44.63 -47.94
CA PRO L 804 6.42 43.64 -47.81
C PRO L 804 7.65 44.18 -47.10
N SER L 805 8.45 43.28 -46.49
CA SER L 805 9.66 43.72 -45.78
C SER L 805 10.78 44.05 -46.74
N THR L 806 11.77 44.82 -46.25
CA THR L 806 12.89 45.20 -47.12
C THR L 806 14.24 45.40 -46.41
N LYS L 807 15.31 45.34 -47.22
CA LYS L 807 16.72 45.52 -46.86
C LYS L 807 17.44 44.29 -46.30
N GLY L 808 16.88 43.09 -46.37
CA GLY L 808 17.58 41.93 -45.84
C GLY L 808 18.48 41.26 -46.86
N LYS L 809 19.31 40.32 -46.39
CA LYS L 809 20.22 39.57 -47.27
C LYS L 809 20.65 38.24 -46.64
N ALA L 810 20.50 37.15 -47.40
CA ALA L 810 20.90 35.82 -46.94
C ALA L 810 22.42 35.61 -47.06
N GLN L 811 22.93 34.63 -46.31
CA GLN L 811 24.35 34.24 -46.34
C GLN L 811 24.77 33.80 -47.73
N GLU L 812 26.03 34.01 -48.08
CA GLU L 812 26.49 33.61 -49.41
C GLU L 812 26.47 32.10 -49.60
N SER L 813 26.04 31.68 -50.78
CA SER L 813 26.10 30.31 -51.23
C SER L 813 27.49 30.02 -51.74
N ASP L 814 27.82 28.74 -51.95
CA ASP L 814 29.12 28.41 -52.52
C ASP L 814 29.27 28.99 -53.90
N GLU L 815 28.18 28.98 -54.65
CA GLU L 815 28.18 29.46 -56.03
C GLU L 815 28.48 30.94 -56.09
N ASP L 816 27.98 31.70 -55.12
CA ASP L 816 28.22 33.13 -55.10
C ASP L 816 29.61 33.44 -54.60
N TYR L 817 30.06 32.66 -53.63
CA TYR L 817 31.40 32.86 -53.11
C TYR L 817 32.41 32.70 -54.23
N TYR L 818 32.28 31.61 -54.99
CA TYR L 818 33.23 31.39 -56.09
C TYR L 818 33.10 32.46 -57.15
N ARG L 819 31.87 32.88 -57.45
CA ARG L 819 31.65 33.92 -58.45
C ARG L 819 32.32 35.23 -58.06
N ARG L 820 32.14 35.65 -56.80
CA ARG L 820 32.71 36.91 -56.32
C ARG L 820 34.23 36.89 -56.30
N VAL L 821 34.82 35.80 -55.81
CA VAL L 821 36.26 35.74 -55.71
C VAL L 821 36.87 35.75 -57.09
N SER L 822 36.26 34.99 -58.01
CA SER L 822 36.82 34.82 -59.32
C SER L 822 36.82 36.16 -60.06
N GLU L 823 35.75 36.95 -59.95
CA GLU L 823 35.76 38.23 -60.65
C GLU L 823 36.77 39.21 -60.08
N ARG L 824 36.95 39.26 -58.75
CA ARG L 824 37.91 40.24 -58.23
C ARG L 824 39.31 39.95 -58.74
N LEU L 825 39.64 38.68 -58.87
CA LEU L 825 40.95 38.28 -59.37
C LEU L 825 41.21 38.71 -60.80
N ARG L 826 40.17 39.12 -61.53
CA ARG L 826 40.29 39.61 -62.90
C ARG L 826 40.19 41.12 -63.03
N HIS L 827 39.21 41.75 -62.38
CA HIS L 827 39.05 43.20 -62.60
C HIS L 827 39.85 44.06 -61.64
N LYS L 828 40.37 43.49 -60.55
CA LYS L 828 41.25 44.14 -59.58
C LYS L 828 40.60 45.34 -58.89
N LYS L 829 39.26 45.36 -58.86
CA LYS L 829 38.45 46.41 -58.25
C LYS L 829 38.64 47.76 -58.95
N ARG L 830 38.92 47.77 -60.25
CA ARG L 830 39.04 49.01 -61.01
C ARG L 830 37.92 49.07 -62.03
N ALA L 831 37.39 50.25 -62.31
CA ALA L 831 36.33 50.38 -63.31
C ALA L 831 36.89 50.89 -64.63
N ILE L 832 37.47 50.03 -65.45
CA ILE L 832 38.12 50.50 -66.68
C ILE L 832 37.30 50.20 -67.94
N THR L 833 37.03 48.93 -68.22
CA THR L 833 36.28 48.59 -69.43
C THR L 833 34.77 48.37 -69.18
N LEU L 834 34.08 47.75 -70.14
CA LEU L 834 32.63 47.52 -70.03
C LEU L 834 32.28 46.48 -68.99
N TRP L 835 32.93 45.32 -69.08
CA TRP L 835 32.68 44.22 -68.18
C TRP L 835 32.88 44.64 -66.75
N ASP L 836 33.94 45.43 -66.54
CA ASP L 836 34.31 45.88 -65.21
C ASP L 836 33.17 46.66 -64.60
N TYR L 837 32.66 47.65 -65.33
CA TYR L 837 31.57 48.49 -64.81
C TYR L 837 30.33 47.68 -64.52
N GLU L 838 29.95 46.79 -65.45
CA GLU L 838 28.71 46.05 -65.33
C GLU L 838 28.76 45.04 -64.19
N HIS L 839 29.91 44.39 -64.00
CA HIS L 839 30.01 43.42 -62.92
C HIS L 839 30.26 44.07 -61.57
N LEU L 840 30.95 45.21 -61.52
CA LEU L 840 31.11 45.89 -60.24
C LEU L 840 29.77 46.32 -59.67
N ILE L 841 28.85 46.79 -60.52
CA ILE L 841 27.55 47.20 -60.02
C ILE L 841 26.68 46.02 -59.64
N LEU L 842 26.63 44.97 -60.46
CA LEU L 842 25.75 43.88 -60.04
C LEU L 842 26.24 43.23 -58.74
N GLN L 843 27.55 43.17 -58.52
CA GLN L 843 28.03 42.62 -57.26
C GLN L 843 27.73 43.55 -56.07
N LYS L 844 27.88 44.87 -56.27
CA LYS L 844 27.72 45.85 -55.19
C LYS L 844 26.27 46.16 -54.85
N PHE L 845 25.40 46.32 -55.86
CA PHE L 845 24.02 46.73 -55.62
C PHE L 845 23.05 45.58 -55.87
N PRO L 846 22.55 44.94 -54.81
CA PRO L 846 21.75 43.69 -54.89
C PRO L 846 20.38 43.84 -55.52
N LYS L 847 19.85 45.04 -55.68
CA LYS L 847 18.51 45.20 -56.22
C LYS L 847 18.57 45.96 -57.54
N VAL L 848 19.43 45.46 -58.40
CA VAL L 848 19.54 45.87 -59.79
C VAL L 848 19.45 44.59 -60.57
N TYR L 849 18.58 44.55 -61.56
CA TYR L 849 18.34 43.36 -62.34
C TYR L 849 19.22 43.34 -63.58
N LYS L 850 19.28 44.46 -64.28
CA LYS L 850 20.12 44.55 -65.46
C LYS L 850 20.88 45.84 -65.45
N VAL L 851 22.03 45.81 -66.14
CA VAL L 851 22.87 46.99 -66.26
C VAL L 851 23.38 47.09 -67.70
N LYS L 852 23.62 48.32 -68.15
CA LYS L 852 24.22 48.55 -69.47
C LYS L 852 25.16 49.75 -69.46
N CYS L 853 26.40 49.54 -69.91
CA CYS L 853 27.37 50.63 -69.99
C CYS L 853 27.51 51.15 -71.42
N LEU L 854 27.45 52.48 -71.57
CA LEU L 854 27.47 53.15 -72.88
C LEU L 854 28.75 54.02 -73.01
N ASN L 855 29.67 53.55 -73.86
CA ASN L 855 31.05 54.02 -73.96
C ASN L 855 31.26 55.50 -74.30
N HIS L 856 30.46 56.08 -75.18
CA HIS L 856 30.69 57.48 -75.55
C HIS L 856 29.43 58.28 -75.36
N THR L 857 28.55 57.85 -74.47
CA THR L 857 27.24 58.47 -74.38
C THR L 857 27.15 59.56 -73.31
N CYS L 858 26.70 60.71 -73.76
CA CYS L 858 26.23 61.87 -73.05
C CYS L 858 24.80 62.12 -73.45
N SER L 859 24.06 62.93 -72.69
CA SER L 859 22.65 63.12 -73.02
C SER L 859 22.41 63.68 -74.43
N SER L 860 23.37 64.41 -74.98
CA SER L 860 23.25 65.01 -76.30
C SER L 860 24.20 64.40 -77.33
N SER L 861 24.82 63.25 -77.04
CA SER L 861 25.81 62.72 -77.96
C SER L 861 26.10 61.23 -77.77
N PHE L 862 26.33 60.54 -78.88
CA PHE L 862 26.77 59.16 -78.82
C PHE L 862 28.19 58.99 -79.32
N GLN L 863 28.95 60.10 -79.43
CA GLN L 863 30.34 60.13 -79.87
C GLN L 863 31.21 61.11 -79.08
N SER L 864 30.94 61.32 -77.80
CA SER L 864 31.78 62.22 -76.99
C SER L 864 32.80 61.50 -76.14
N PRO L 865 34.09 61.76 -76.36
CA PRO L 865 35.14 61.11 -75.59
C PRO L 865 35.20 61.68 -74.19
N GLY L 866 35.70 60.89 -73.25
CA GLY L 866 35.90 61.36 -71.90
C GLY L 866 34.67 61.32 -71.02
N ASN L 867 33.72 60.45 -71.31
CA ASN L 867 32.50 60.40 -70.54
C ASN L 867 31.92 58.99 -70.63
N ALA L 868 30.80 58.75 -69.93
CA ALA L 868 30.11 57.47 -70.00
C ALA L 868 28.74 57.57 -69.35
N THR L 869 27.80 56.77 -69.85
CA THR L 869 26.48 56.65 -69.23
C THR L 869 26.17 55.21 -68.88
N LEU L 870 25.58 55.03 -67.70
CA LEU L 870 25.16 53.73 -67.21
C LEU L 870 23.65 53.69 -67.08
N ILE L 871 23.02 52.61 -67.54
CA ILE L 871 21.58 52.47 -67.43
C ILE L 871 21.24 51.37 -66.44
N LEU L 872 20.36 51.68 -65.48
CA LEU L 872 19.98 50.72 -64.46
C LEU L 872 18.52 50.29 -64.56
N VAL L 873 18.29 48.99 -64.48
CA VAL L 873 16.96 48.38 -64.48
C VAL L 873 16.75 47.61 -63.18
N PRO L 874 15.72 47.94 -62.40
CA PRO L 874 15.41 47.30 -61.11
C PRO L 874 14.73 45.95 -61.33
N ASP L 875 14.55 45.19 -60.25
CA ASP L 875 13.91 43.88 -60.40
C ASP L 875 12.39 44.09 -60.40
N THR L 876 11.89 44.89 -59.44
CA THR L 876 10.50 45.12 -59.12
C THR L 876 9.67 43.85 -59.04
N VAL L 877 10.15 42.83 -58.31
CA VAL L 877 9.37 41.61 -58.18
C VAL L 877 8.07 41.86 -57.42
N GLN L 878 8.10 42.68 -56.37
CA GLN L 878 6.89 42.91 -55.58
C GLN L 878 5.98 43.92 -56.27
N GLN L 879 5.27 43.40 -57.28
CA GLN L 879 4.36 44.16 -58.13
C GLN L 879 3.17 44.77 -57.37
N SER L 880 2.94 44.36 -56.12
CA SER L 880 1.98 44.97 -55.22
C SER L 880 2.22 46.45 -54.98
N VAL L 881 3.44 46.86 -55.19
CA VAL L 881 3.92 48.23 -55.11
C VAL L 881 4.28 48.79 -56.48
N PHE L 882 5.15 48.09 -57.19
CA PHE L 882 5.77 48.61 -58.38
C PHE L 882 4.89 48.61 -59.62
N ASP L 883 5.14 49.58 -60.49
CA ASP L 883 4.50 49.61 -61.79
C ASP L 883 5.40 48.80 -62.71
N ILE L 884 4.94 47.59 -63.05
CA ILE L 884 5.81 46.65 -63.75
C ILE L 884 5.93 46.96 -65.25
N TYR L 885 5.23 47.97 -65.77
CA TYR L 885 5.40 48.29 -67.19
C TYR L 885 6.17 49.57 -67.38
N GLN L 886 6.47 50.23 -66.27
CA GLN L 886 7.34 51.41 -66.15
C GLN L 886 8.24 51.31 -64.93
N PRO L 887 9.07 50.26 -64.82
CA PRO L 887 9.97 50.11 -63.68
C PRO L 887 10.98 51.25 -63.67
N ARG L 888 11.23 51.82 -62.49
CA ARG L 888 12.20 52.91 -62.39
C ARG L 888 13.04 52.78 -61.13
N VAL L 889 14.24 53.34 -61.22
CA VAL L 889 15.19 53.49 -60.12
C VAL L 889 15.04 54.85 -59.46
N SER L 890 14.91 54.85 -58.14
CA SER L 890 14.83 56.06 -57.32
C SER L 890 16.15 56.82 -57.26
N GLN L 891 16.07 58.07 -56.79
CA GLN L 891 17.26 58.91 -56.73
C GLN L 891 18.34 58.35 -55.83
N GLY L 892 17.96 57.69 -54.73
CA GLY L 892 18.95 57.14 -53.81
C GLY L 892 19.92 56.25 -54.55
N THR L 893 19.39 55.25 -55.23
CA THR L 893 20.24 54.34 -56.00
C THR L 893 20.98 55.03 -57.13
N LEU L 894 20.32 55.91 -57.89
CA LEU L 894 21.01 56.53 -59.02
C LEU L 894 22.25 57.29 -58.56
N ASN L 895 22.16 57.94 -57.41
CA ASN L 895 23.26 58.70 -56.87
C ASN L 895 24.32 57.81 -56.22
N ASP L 896 23.91 56.79 -55.48
CA ASP L 896 24.87 55.88 -54.83
C ASP L 896 25.74 55.19 -55.86
N VAL L 897 25.13 54.78 -56.97
CA VAL L 897 25.85 54.09 -58.01
C VAL L 897 26.90 55.00 -58.63
N ALA L 898 26.51 56.25 -58.91
CA ALA L 898 27.45 57.19 -59.49
C ALA L 898 28.64 57.43 -58.59
N ALA L 899 28.39 57.60 -57.30
CA ALA L 899 29.47 57.86 -56.36
C ALA L 899 30.46 56.70 -56.29
N PHE L 900 29.91 55.49 -56.20
CA PHE L 900 30.70 54.26 -56.07
C PHE L 900 31.66 54.10 -57.24
N VAL L 901 31.13 54.20 -58.43
CA VAL L 901 31.91 54.10 -59.62
C VAL L 901 32.89 55.24 -59.89
N ASN L 902 32.52 56.47 -59.59
CA ASN L 902 33.40 57.58 -59.93
C ASN L 902 34.70 57.52 -59.12
N GLU L 903 34.64 57.03 -57.88
CA GLU L 903 35.84 56.74 -57.10
C GLU L 903 36.81 55.73 -57.68
N LEU L 904 36.35 54.85 -58.54
CA LEU L 904 37.15 53.78 -59.11
C LEU L 904 37.52 53.99 -60.56
N ASN L 905 37.15 55.10 -61.18
CA ASN L 905 37.35 55.19 -62.63
C ASN L 905 38.73 55.66 -63.02
N SER L 906 38.96 56.94 -62.79
CA SER L 906 40.15 57.67 -63.16
C SER L 906 39.96 59.06 -62.64
N PHE L 907 41.06 59.72 -62.34
CA PHE L 907 41.01 61.12 -61.95
C PHE L 907 40.20 61.98 -62.92
N HIS L 908 40.28 61.68 -64.21
CA HIS L 908 39.68 62.50 -65.24
C HIS L 908 38.25 62.13 -65.66
N VAL L 909 37.59 61.11 -65.10
CA VAL L 909 36.30 60.70 -65.67
C VAL L 909 35.17 60.54 -64.65
N GLN L 910 34.05 61.19 -64.94
CA GLN L 910 32.82 61.01 -64.18
C GLN L 910 31.78 60.32 -65.04
N ALA L 911 31.06 59.37 -64.47
CA ALA L 911 29.99 58.68 -65.18
C ALA L 911 28.64 59.21 -64.72
N LYS L 912 27.66 59.09 -65.62
CA LYS L 912 26.28 59.45 -65.29
C LYS L 912 25.40 58.20 -65.20
N VAL L 913 24.46 58.23 -64.27
CA VAL L 913 23.60 57.10 -64.01
C VAL L 913 22.15 57.50 -64.25
N ILE L 914 21.46 56.79 -65.16
CA ILE L 914 20.10 57.15 -65.56
C ILE L 914 19.14 55.95 -65.58
N ASN L 915 17.85 56.28 -65.67
CA ASN L 915 16.81 55.31 -65.97
C ASN L 915 16.72 55.11 -67.49
N PRO L 916 16.34 53.90 -67.93
CA PRO L 916 16.26 53.54 -69.36
C PRO L 916 15.27 54.31 -70.18
N ASN L 917 14.24 54.89 -69.58
CA ASN L 917 13.17 55.62 -70.26
C ASN L 917 12.58 54.76 -71.39
N TYR L 918 12.03 53.64 -70.98
CA TYR L 918 11.57 52.57 -71.87
C TYR L 918 10.53 53.00 -72.89
N GLU L 919 10.64 52.38 -74.07
CA GLU L 919 9.74 52.51 -75.21
C GLU L 919 9.78 51.20 -76.02
N GLU L 920 8.61 50.75 -76.50
CA GLU L 920 8.58 49.45 -77.16
C GLU L 920 7.36 49.17 -78.06
N VAL L 921 7.59 48.26 -79.02
CA VAL L 921 6.64 47.70 -80.00
C VAL L 921 5.87 46.50 -79.45
N LYS L 922 4.76 46.15 -80.11
CA LYS L 922 4.00 45.01 -79.62
C LYS L 922 3.37 44.18 -80.73
N VAL L 923 3.18 42.91 -80.41
CA VAL L 923 2.74 41.86 -81.31
C VAL L 923 1.24 41.80 -81.52
N ASP L 924 0.91 41.24 -82.69
CA ASP L 924 -0.41 40.86 -83.16
C ASP L 924 -0.19 39.60 -83.99
N VAL L 925 -1.20 38.74 -84.08
CA VAL L 925 -0.93 37.51 -84.82
C VAL L 925 -2.19 36.84 -85.33
N LYS L 926 -1.97 35.93 -86.27
CA LYS L 926 -2.98 35.03 -86.76
C LYS L 926 -3.49 34.18 -85.62
N VAL L 927 -4.78 33.87 -85.66
CA VAL L 927 -5.37 33.10 -84.59
C VAL L 927 -4.75 31.73 -84.50
N LYS L 928 -4.62 31.25 -83.27
CA LYS L 928 -4.14 29.90 -83.06
C LYS L 928 -5.06 28.89 -83.73
N PHE L 929 -4.45 27.88 -84.34
CA PHE L 929 -5.17 26.80 -84.99
C PHE L 929 -5.79 25.84 -83.99
N ARG L 930 -5.39 25.95 -82.74
CA ARG L 930 -5.92 25.11 -81.70
C ARG L 930 -5.80 25.83 -80.38
N GLU L 931 -6.65 25.42 -79.46
CA GLU L 931 -6.66 25.94 -78.12
C GLU L 931 -7.32 24.86 -77.28
N GLY L 932 -7.02 24.85 -75.97
CA GLY L 932 -7.67 23.88 -75.09
C GLY L 932 -9.18 24.04 -75.09
N LEU L 933 -9.63 25.29 -75.07
CA LEU L 933 -11.04 25.65 -75.12
C LEU L 933 -11.10 27.14 -75.37
N ASP L 934 -12.27 27.60 -75.82
CA ASP L 934 -12.46 29.03 -76.03
C ASP L 934 -12.21 29.85 -74.78
N VAL L 935 -12.50 29.31 -73.60
CA VAL L 935 -12.24 30.01 -72.35
C VAL L 935 -10.89 29.63 -71.73
N SER L 936 -10.65 28.32 -71.59
CA SER L 936 -9.45 27.80 -70.93
C SER L 936 -8.17 28.26 -71.58
N PHE L 937 -8.20 28.45 -72.87
CA PHE L 937 -7.07 28.91 -73.61
C PHE L 937 -7.51 30.03 -74.51
N TYR L 938 -8.29 30.92 -73.91
CA TYR L 938 -8.81 32.08 -74.60
C TYR L 938 -7.68 32.90 -75.16
N LEU L 939 -7.97 33.62 -76.25
CA LEU L 939 -6.95 34.50 -76.82
C LEU L 939 -6.43 35.48 -75.77
N THR L 940 -7.28 35.88 -74.84
CA THR L 940 -6.87 36.72 -73.73
C THR L 940 -5.82 36.04 -72.86
N LYS L 941 -5.94 34.72 -72.66
CA LYS L 941 -4.95 34.01 -71.85
C LYS L 941 -3.62 33.99 -72.58
N VAL L 942 -3.68 33.80 -73.88
CA VAL L 942 -2.48 33.83 -74.70
C VAL L 942 -1.84 35.20 -74.64
N LYS L 943 -2.66 36.25 -74.65
CA LYS L 943 -2.16 37.60 -74.55
C LYS L 943 -1.46 37.83 -73.23
N GLU L 944 -2.04 37.30 -72.15
CA GLU L 944 -1.44 37.44 -70.82
C GLU L 944 -0.08 36.75 -70.78
N ASP L 945 0.01 35.55 -71.37
CA ASP L 945 1.26 34.83 -71.40
C ASP L 945 2.31 35.58 -72.19
N ILE L 946 1.90 36.16 -73.31
CA ILE L 946 2.81 36.94 -74.13
C ILE L 946 3.34 38.14 -73.37
N LYS L 947 2.44 38.80 -72.62
CA LYS L 947 2.84 39.94 -71.83
C LYS L 947 3.83 39.54 -70.76
N LYS L 948 3.62 38.40 -70.11
CA LYS L 948 4.56 37.95 -69.08
C LYS L 948 5.93 37.68 -69.66
N PHE L 949 5.99 37.05 -70.84
CA PHE L 949 7.26 36.73 -71.46
C PHE L 949 8.05 37.98 -71.77
N LEU L 950 7.37 39.04 -72.21
CA LEU L 950 8.03 40.29 -72.49
C LEU L 950 8.36 41.04 -71.21
N SER L 951 7.43 40.98 -70.24
CA SER L 951 7.59 41.70 -68.97
C SER L 951 8.83 41.27 -68.25
N PRO L 952 9.17 39.98 -68.35
CA PRO L 952 10.37 39.43 -67.74
C PRO L 952 11.66 40.09 -68.22
N TRP L 953 11.63 40.72 -69.38
CA TRP L 953 12.81 41.45 -69.81
C TRP L 953 12.79 42.84 -69.22
N ALA L 954 11.61 43.46 -69.21
CA ALA L 954 11.39 44.80 -68.68
C ALA L 954 11.61 44.86 -67.19
N TYR L 955 11.20 43.81 -66.50
CA TYR L 955 11.22 43.73 -65.05
C TYR L 955 11.42 42.28 -64.71
N ASP L 956 11.83 41.98 -63.51
CA ASP L 956 12.04 40.57 -63.20
C ASP L 956 10.73 39.79 -63.23
N GLN L 957 10.80 38.64 -63.89
CA GLN L 957 9.73 37.63 -63.97
C GLN L 957 10.38 36.42 -64.61
N GLU L 958 9.69 35.29 -64.59
CA GLU L 958 10.26 34.14 -65.28
C GLU L 958 9.94 34.19 -66.76
N SER L 959 10.88 33.70 -67.58
CA SER L 959 10.68 33.53 -69.02
C SER L 959 11.73 32.59 -69.58
N SER L 960 11.29 31.58 -70.34
CA SER L 960 12.21 30.63 -70.96
C SER L 960 13.08 31.28 -72.04
N VAL L 961 12.49 32.21 -72.80
CA VAL L 961 13.18 32.86 -73.89
C VAL L 961 14.35 33.70 -73.39
N GLU L 962 15.44 33.68 -74.15
CA GLU L 962 16.65 34.45 -73.82
C GLU L 962 16.38 35.95 -73.73
N PHE L 963 15.51 36.48 -74.58
CA PHE L 963 15.24 37.91 -74.59
C PHE L 963 13.93 38.22 -75.28
N GLY L 964 13.30 39.33 -74.84
CA GLY L 964 12.15 39.88 -75.54
C GLY L 964 12.56 40.43 -76.89
N VAL L 965 13.76 41.03 -76.96
CA VAL L 965 14.27 41.67 -78.17
C VAL L 965 14.81 40.61 -79.12
N THR L 966 13.89 39.91 -79.76
CA THR L 966 14.26 38.78 -80.58
C THR L 966 13.36 38.65 -81.79
N LEU L 967 13.82 37.81 -82.72
CA LEU L 967 13.12 37.49 -83.93
C LEU L 967 11.86 36.69 -83.63
N HIS L 968 10.94 36.70 -84.60
CA HIS L 968 9.68 35.97 -84.50
C HIS L 968 9.89 34.49 -84.25
N ARG L 969 11.04 33.96 -84.67
CA ARG L 969 11.35 32.56 -84.45
C ARG L 969 11.36 32.21 -82.97
N SER L 970 11.82 33.14 -82.14
CA SER L 970 11.85 32.90 -80.71
C SER L 970 10.45 32.94 -80.16
N GLN L 971 9.67 33.89 -80.65
CA GLN L 971 8.29 34.02 -80.22
C GLN L 971 7.49 32.79 -80.60
N MET L 972 7.75 32.28 -81.80
CA MET L 972 7.05 31.10 -82.27
C MET L 972 7.36 29.90 -81.41
N ILE L 973 8.63 29.74 -81.03
CA ILE L 973 9.01 28.63 -80.17
C ILE L 973 8.34 28.73 -78.82
N HIS L 974 8.27 29.94 -78.28
CA HIS L 974 7.66 30.15 -76.97
C HIS L 974 6.20 29.71 -76.96
N TYR L 975 5.50 30.02 -78.04
CA TYR L 975 4.10 29.65 -78.18
C TYR L 975 3.94 28.18 -78.52
N LEU L 976 4.82 27.65 -79.38
CA LEU L 976 4.73 26.24 -79.79
C LEU L 976 4.84 25.31 -78.61
N GLU L 977 5.64 25.71 -77.63
CA GLU L 977 5.84 24.97 -76.41
C GLU L 977 4.59 24.84 -75.55
N GLN L 978 3.57 25.67 -75.78
CA GLN L 978 2.35 25.62 -74.98
C GLN L 978 1.60 24.32 -75.16
N LEU L 979 0.96 23.86 -74.08
CA LEU L 979 0.16 22.64 -74.10
C LEU L 979 -1.21 22.83 -74.71
N THR L 980 -1.52 24.05 -75.13
CA THR L 980 -2.82 24.40 -75.68
C THR L 980 -2.67 25.19 -76.97
N TYR L 981 -1.89 24.68 -77.91
CA TYR L 981 -1.66 25.36 -79.18
C TYR L 981 -1.27 24.36 -80.25
N VAL L 982 -1.46 24.75 -81.52
CA VAL L 982 -1.00 23.89 -82.62
C VAL L 982 -0.26 24.62 -83.73
N ASP L 983 -0.70 25.84 -84.07
CA ASP L 983 -0.12 26.54 -85.21
C ASP L 983 -0.64 27.96 -85.26
N TYR L 984 0.02 28.78 -86.07
CA TYR L 984 -0.47 30.11 -86.40
C TYR L 984 0.15 30.53 -87.73
N ILE L 985 -0.69 30.96 -88.68
CA ILE L 985 -0.26 31.26 -90.05
C ILE L 985 0.73 32.43 -90.16
N THR L 986 0.58 33.46 -89.33
CA THR L 986 1.39 34.66 -89.49
C THR L 986 1.43 35.47 -88.20
N ASP L 987 2.46 36.32 -88.09
CA ASP L 987 2.59 37.22 -86.94
C ASP L 987 3.41 38.45 -87.32
N LEU L 988 3.22 39.53 -86.55
CA LEU L 988 3.97 40.78 -86.75
C LEU L 988 4.03 41.55 -85.43
N ARG L 989 4.99 42.46 -85.30
CA ARG L 989 5.09 43.26 -84.07
C ARG L 989 5.63 44.68 -84.27
N LEU L 990 5.01 45.46 -85.13
CA LEU L 990 5.52 46.81 -85.36
C LEU L 990 5.22 47.71 -84.16
N LEU L 991 5.99 48.80 -84.08
CA LEU L 991 5.75 49.81 -83.06
C LEU L 991 4.41 50.46 -83.28
N LYS L 992 3.82 50.89 -82.19
CA LYS L 992 2.46 51.41 -82.19
C LYS L 992 2.41 52.83 -82.73
N ARG L 993 2.45 52.94 -84.08
CA ARG L 993 2.30 54.23 -84.75
C ARG L 993 0.97 54.88 -84.45
N GLN L 994 0.02 54.04 -84.05
CA GLN L 994 -1.35 54.40 -83.78
C GLN L 994 -1.59 54.60 -82.31
N ALA L 995 -0.54 54.80 -81.54
CA ALA L 995 -0.72 55.07 -80.13
C ALA L 995 -1.03 56.54 -80.05
N GLY L 996 -2.30 56.83 -79.77
CA GLY L 996 -2.79 58.21 -79.64
C GLY L 996 -2.28 58.92 -78.39
N SER L 997 -2.16 58.20 -77.28
CA SER L 997 -1.82 58.81 -75.99
C SER L 997 -0.46 59.47 -75.98
N SER L 998 0.51 58.83 -76.55
CA SER L 998 1.84 59.34 -76.66
C SER L 998 1.70 59.93 -78.07
N PRO L 999 2.15 61.15 -78.28
CA PRO L 999 1.82 61.85 -79.54
C PRO L 999 2.16 61.15 -80.88
N CYS L 1000 1.28 61.40 -81.86
CA CYS L 1000 1.29 60.77 -83.19
C CYS L 1000 2.52 61.13 -83.99
N ASN L 1001 2.79 60.35 -85.05
CA ASN L 1001 4.07 60.47 -85.75
C ASN L 1001 5.12 59.59 -85.09
N PRO L 1002 4.68 58.76 -84.16
CA PRO L 1002 5.59 57.86 -83.48
C PRO L 1002 6.16 56.85 -84.47
N ILE L 1003 7.44 56.55 -84.27
CA ILE L 1003 8.15 55.61 -85.09
C ILE L 1003 7.55 54.22 -84.93
N PHE L 1004 7.57 53.49 -86.04
CA PHE L 1004 7.02 52.15 -86.13
C PHE L 1004 8.15 51.19 -86.39
N ILE L 1005 7.92 49.92 -86.11
CA ILE L 1005 8.99 48.95 -86.30
C ILE L 1005 8.59 47.92 -87.34
N GLU L 1006 8.36 48.41 -88.55
CA GLU L 1006 7.85 47.61 -89.65
C GLU L 1006 8.93 47.02 -90.54
N THR L 1007 10.11 47.63 -90.61
CA THR L 1007 11.12 47.27 -91.61
C THR L 1007 11.95 46.03 -91.23
N THR L 1008 11.26 44.89 -91.06
CA THR L 1008 11.88 43.57 -90.84
C THR L 1008 12.94 43.52 -89.74
N GLU L 1009 12.70 44.21 -88.62
CA GLU L 1009 13.66 44.16 -87.52
C GLU L 1009 13.31 43.05 -86.56
N LYS L 1010 14.32 42.40 -85.97
CA LYS L 1010 14.08 41.42 -84.93
C LYS L 1010 13.83 42.10 -83.59
N GLU L 1011 12.78 42.91 -83.55
CA GLU L 1011 12.37 43.71 -82.40
C GLU L 1011 13.51 44.58 -81.83
N TYR L 1012 14.31 45.17 -82.72
CA TYR L 1012 15.43 46.00 -82.26
C TYR L 1012 14.93 47.18 -81.46
N ILE L 1013 15.69 47.55 -80.43
CA ILE L 1013 15.34 48.74 -79.65
C ILE L 1013 15.41 49.97 -80.54
N GLN L 1014 14.48 50.89 -80.31
CA GLN L 1014 14.38 52.13 -81.06
C GLN L 1014 15.63 52.99 -80.94
N PRO L 1015 16.39 52.84 -79.85
CA PRO L 1015 17.53 53.68 -79.58
C PRO L 1015 18.49 53.01 -78.61
N SER L 1016 19.72 53.53 -78.58
CA SER L 1016 20.74 53.07 -77.63
C SER L 1016 20.29 53.25 -76.18
N ASN L 1017 19.50 54.28 -75.92
CA ASN L 1017 18.97 54.62 -74.61
C ASN L 1017 17.63 55.25 -74.91
N PRO L 1018 16.73 55.30 -73.92
CA PRO L 1018 15.35 55.79 -74.11
C PRO L 1018 14.60 54.84 -75.01
N LYS L 1019 14.84 53.56 -74.78
CA LYS L 1019 14.20 52.48 -75.49
C LYS L 1019 14.38 51.20 -74.68
N SER L 1020 13.44 50.27 -74.87
CA SER L 1020 13.58 48.98 -74.20
C SER L 1020 13.20 47.78 -75.06
N ILE L 1021 12.34 47.92 -76.06
CA ILE L 1021 11.84 46.77 -76.82
C ILE L 1021 11.28 45.68 -75.91
N LEU L 1022 10.53 46.07 -74.88
CA LEU L 1022 9.95 45.15 -73.93
C LEU L 1022 8.53 45.58 -73.55
N VAL L 1023 7.66 45.77 -74.55
CA VAL L 1023 6.27 46.15 -74.31
C VAL L 1023 5.54 44.98 -73.71
N SER L 1024 4.57 45.26 -72.85
CA SER L 1024 3.83 44.16 -72.24
C SER L 1024 2.51 44.67 -71.68
N SER M 2 2.65 -74.94 25.22
CA SER M 2 3.17 -74.16 24.10
C SER M 2 4.03 -72.99 24.60
N GLU M 3 4.48 -73.12 25.85
CA GLU M 3 5.45 -72.20 26.41
C GLU M 3 6.80 -72.36 25.72
N GLY M 4 7.14 -73.60 25.41
CA GLY M 4 8.42 -73.95 24.81
C GLY M 4 8.57 -73.59 23.37
N LYS M 5 7.52 -73.07 22.74
CA LYS M 5 7.57 -72.66 21.34
C LYS M 5 8.21 -71.29 21.20
N LEU M 6 9.19 -71.18 20.30
CA LEU M 6 9.77 -69.90 19.92
C LEU M 6 8.83 -69.20 18.95
N GLU M 7 8.18 -68.13 19.41
CA GLU M 7 7.26 -67.38 18.57
C GLU M 7 8.03 -66.45 17.63
N LYS M 8 7.50 -66.27 16.42
CA LYS M 8 8.09 -65.45 15.39
C LYS M 8 7.23 -64.23 15.11
N LEU M 9 7.87 -63.11 14.79
CA LEU M 9 7.17 -61.84 14.59
C LEU M 9 6.38 -61.85 13.28
N ARG M 10 5.17 -61.28 13.31
CA ARG M 10 4.27 -61.20 12.17
C ARG M 10 3.83 -59.79 11.87
N ILE M 11 3.59 -59.51 10.59
CA ILE M 11 3.03 -58.23 10.15
C ILE M 11 1.90 -58.52 9.15
N VAL M 12 0.73 -57.94 9.40
CA VAL M 12 -0.47 -58.13 8.58
C VAL M 12 -0.90 -56.77 8.03
N ALA M 13 -1.37 -56.75 6.79
CA ALA M 13 -1.88 -55.53 6.16
C ALA M 13 -3.41 -55.48 6.21
N TYR M 14 -3.95 -54.27 6.34
CA TYR M 14 -5.37 -54.03 6.50
C TYR M 14 -5.86 -52.94 5.54
N LYS M 15 -7.17 -52.99 5.25
CA LYS M 15 -7.79 -52.06 4.31
C LYS M 15 -8.47 -50.86 4.96
N ASP M 16 -9.03 -51.02 6.16
CA ASP M 16 -9.80 -49.95 6.77
C ASP M 16 -9.14 -49.46 8.06
N SER M 17 -9.60 -48.29 8.50
CA SER M 17 -9.05 -47.67 9.70
C SER M 17 -9.58 -48.27 11.00
N LYS M 18 -10.48 -49.25 10.92
CA LYS M 18 -10.91 -49.97 12.10
C LYS M 18 -10.24 -51.32 12.24
N PHE M 19 -9.41 -51.71 11.26
CA PHE M 19 -8.57 -52.90 11.27
C PHE M 19 -9.41 -54.18 11.37
N SER M 20 -10.37 -54.33 10.45
CA SER M 20 -11.24 -55.50 10.42
C SER M 20 -11.31 -56.18 9.05
N ASP M 21 -10.77 -55.57 8.00
CA ASP M 21 -10.87 -56.08 6.63
C ASP M 21 -9.47 -56.34 6.08
N GLU M 22 -9.06 -57.61 6.05
CA GLU M 22 -7.70 -57.95 5.70
C GLU M 22 -7.46 -57.87 4.19
N VAL M 23 -6.26 -57.40 3.83
CA VAL M 23 -5.76 -57.48 2.47
C VAL M 23 -5.49 -58.96 2.16
N GLU M 24 -5.90 -59.41 0.98
CA GLU M 24 -5.72 -60.80 0.62
C GLU M 24 -4.27 -61.08 0.23
N ASN M 25 -3.71 -62.15 0.78
CA ASN M 25 -2.29 -62.51 0.72
C ASN M 25 -1.39 -61.38 1.25
N GLY M 26 -1.77 -60.81 2.40
CA GLY M 26 -1.06 -59.66 2.93
C GLY M 26 -0.47 -59.89 4.30
N GLU M 27 0.08 -61.07 4.55
CA GLU M 27 0.65 -61.41 5.84
C GLU M 27 2.10 -61.84 5.67
N PHE M 28 3.00 -61.21 6.43
CA PHE M 28 4.41 -61.52 6.41
C PHE M 28 4.80 -62.15 7.75
N ILE M 29 5.58 -63.23 7.69
CA ILE M 29 6.14 -63.87 8.87
C ILE M 29 7.65 -63.94 8.69
N THR M 30 8.39 -63.47 9.69
CA THR M 30 9.84 -63.48 9.60
C THR M 30 10.40 -64.87 9.90
N LEU M 31 11.65 -65.09 9.49
CA LEU M 31 12.34 -66.33 9.80
C LEU M 31 13.35 -66.18 10.92
N LEU M 32 13.82 -64.95 11.18
CA LEU M 32 14.66 -64.65 12.32
C LEU M 32 14.14 -63.39 12.99
N ASN M 33 13.99 -63.46 14.29
CA ASN M 33 13.49 -62.38 15.12
C ASN M 33 14.53 -61.27 15.27
N PRO M 34 14.10 -60.02 15.43
CA PRO M 34 15.04 -58.96 15.81
C PRO M 34 15.61 -59.20 17.20
N GLU M 35 16.76 -58.59 17.45
CA GLU M 35 17.41 -58.61 18.76
C GLU M 35 16.70 -57.80 19.83
N LYS M 36 16.18 -56.63 19.45
CA LYS M 36 15.58 -55.67 20.36
C LYS M 36 14.67 -54.74 19.57
N TYR M 37 13.89 -53.94 20.30
CA TYR M 37 13.11 -52.86 19.68
C TYR M 37 13.03 -51.69 20.65
N LYS M 38 12.59 -50.56 20.13
CA LYS M 38 12.72 -49.29 20.84
C LYS M 38 11.50 -48.39 20.59
N PHE M 39 11.06 -47.70 21.64
CA PHE M 39 9.95 -46.77 21.59
C PHE M 39 10.42 -45.36 21.86
N GLN M 40 9.60 -44.38 21.49
CA GLN M 40 9.90 -42.96 21.72
C GLN M 40 8.63 -42.19 22.06
N TYR M 41 8.72 -41.34 23.09
CA TYR M 41 7.60 -40.59 23.64
C TYR M 41 7.98 -39.13 23.83
N ARG M 42 7.13 -38.21 23.37
CA ARG M 42 7.41 -36.78 23.43
C ARG M 42 6.17 -36.00 23.87
N VAL M 43 6.34 -35.10 24.83
CA VAL M 43 5.28 -34.20 25.29
C VAL M 43 5.78 -32.76 25.15
N GLU M 44 4.96 -31.90 24.57
CA GLU M 44 5.33 -30.51 24.30
C GLU M 44 4.61 -29.51 25.19
N GLN M 45 5.35 -28.52 25.67
CA GLN M 45 4.82 -27.49 26.55
C GLN M 45 5.08 -26.10 25.98
N ASN M 46 4.32 -25.14 26.48
CA ASN M 46 4.47 -23.73 26.12
C ASN M 46 5.22 -23.02 27.25
N GLU M 47 6.33 -22.35 26.92
CA GLU M 47 7.24 -21.84 27.93
C GLU M 47 7.55 -20.36 27.78
N ASP M 48 6.57 -19.54 27.40
CA ASP M 48 6.79 -18.10 27.32
C ASP M 48 6.76 -17.47 28.72
N GLN M 49 7.69 -16.56 28.97
CA GLN M 49 7.67 -15.82 30.22
C GLN M 49 8.13 -14.39 29.97
N ALA M 50 7.79 -13.52 30.92
CA ALA M 50 8.13 -12.11 30.83
C ALA M 50 9.50 -11.84 31.47
N SER M 51 10.10 -10.73 31.07
CA SER M 51 11.41 -10.38 31.58
C SER M 51 11.31 -9.83 33.00
N GLY M 52 12.31 -10.15 33.81
CA GLY M 52 12.32 -9.75 35.20
C GLY M 52 11.88 -10.81 36.16
N THR M 53 11.47 -11.96 35.68
CA THR M 53 10.88 -12.99 36.53
C THR M 53 11.85 -14.15 36.72
N SER M 54 11.59 -14.95 37.76
CA SER M 54 12.48 -16.03 38.12
C SER M 54 12.01 -17.41 37.67
N SER M 55 10.77 -17.54 37.20
CA SER M 55 10.26 -18.82 36.72
C SER M 55 9.07 -18.57 35.80
N ALA M 56 8.79 -19.54 34.97
CA ALA M 56 7.76 -19.48 33.95
C ALA M 56 6.55 -20.31 34.34
N PRO M 57 5.36 -19.89 33.93
CA PRO M 57 4.19 -20.78 34.02
C PRO M 57 4.17 -21.76 32.85
N ILE M 58 4.25 -23.04 33.19
CA ILE M 58 4.36 -24.12 32.21
C ILE M 58 2.97 -24.60 31.86
N ARG M 59 2.62 -24.53 30.58
CA ARG M 59 1.30 -24.94 30.10
C ARG M 59 1.44 -26.15 29.20
N PHE M 60 0.56 -27.14 29.40
CA PHE M 60 0.50 -28.29 28.51
C PHE M 60 -0.01 -27.88 27.14
N ASN M 61 0.63 -28.37 26.09
CA ASN M 61 0.21 -28.10 24.73
C ASN M 61 -0.28 -29.35 24.01
N LYS M 62 0.54 -30.40 23.89
CA LYS M 62 0.23 -31.50 22.99
C LYS M 62 1.00 -32.76 23.37
N ILE M 63 0.45 -33.90 22.98
CA ILE M 63 1.19 -35.16 22.97
C ILE M 63 1.43 -35.54 21.52
N LEU M 64 2.69 -35.69 21.15
CA LEU M 64 3.19 -35.98 19.81
C LEU M 64 3.09 -37.48 19.51
N PRO M 65 3.04 -37.86 18.22
CA PRO M 65 2.91 -39.30 17.89
C PRO M 65 4.14 -40.14 18.24
N GLN M 66 3.89 -41.45 18.42
CA GLN M 66 4.91 -42.39 18.85
C GLN M 66 5.68 -42.99 17.66
N THR M 67 6.73 -43.73 17.98
CA THR M 67 7.70 -44.23 17.01
C THR M 67 8.24 -45.58 17.47
N LEU M 68 8.36 -46.54 16.55
CA LEU M 68 8.95 -47.84 16.79
C LEU M 68 10.02 -48.11 15.75
N GLU M 69 11.13 -48.71 16.20
CA GLU M 69 12.26 -49.07 15.34
C GLU M 69 12.83 -50.45 15.63
N PHE M 70 13.21 -51.17 14.58
CA PHE M 70 13.86 -52.49 14.70
C PHE M 70 14.61 -52.85 13.41
N ASP M 71 15.40 -53.92 13.47
CA ASP M 71 16.22 -54.38 12.34
C ASP M 71 15.94 -55.85 11.98
N PHE M 72 16.08 -56.22 10.72
CA PHE M 72 15.83 -57.57 10.24
C PHE M 72 17.01 -58.16 9.51
N LEU M 73 17.09 -59.47 9.47
CA LEU M 73 18.12 -60.18 8.71
C LEU M 73 17.47 -61.29 7.89
N PHE M 74 17.81 -61.34 6.60
CA PHE M 74 17.34 -62.35 5.67
C PHE M 74 18.55 -63.19 5.25
N ASP M 75 18.45 -64.51 5.38
CA ASP M 75 19.57 -65.37 5.01
C ASP M 75 19.07 -66.75 4.62
N ARG M 76 19.51 -67.23 3.44
CA ARG M 76 19.19 -68.56 2.93
C ARG M 76 20.46 -69.25 2.45
N THR M 77 21.47 -69.30 3.31
CA THR M 77 22.73 -69.96 3.02
C THR M 77 22.72 -71.45 3.35
N GLY M 78 22.10 -71.85 4.45
CA GLY M 78 21.92 -73.25 4.74
C GLY M 78 22.50 -73.77 6.02
N VAL M 79 22.72 -72.91 7.02
CA VAL M 79 23.31 -73.32 8.28
C VAL M 79 22.34 -73.16 9.44
N ILE M 80 21.13 -72.69 9.19
CA ILE M 80 20.13 -72.45 10.23
C ILE M 80 19.16 -73.61 10.20
N ALA M 81 18.99 -74.27 11.36
CA ALA M 81 18.20 -75.49 11.43
C ALA M 81 16.71 -75.20 11.28
N GLY M 82 16.05 -76.00 10.46
CA GLY M 82 14.63 -75.88 10.23
C GLY M 82 14.23 -75.37 8.86
N TYR M 83 15.16 -74.81 8.09
CA TYR M 83 14.83 -74.19 6.81
C TYR M 83 15.62 -74.84 5.70
N GLU M 84 15.16 -74.62 4.47
CA GLU M 84 15.79 -75.21 3.29
C GLU M 84 16.41 -74.12 2.44
N VAL M 85 17.39 -74.53 1.63
CA VAL M 85 17.96 -73.65 0.62
C VAL M 85 17.03 -73.64 -0.60
N THR M 86 16.79 -72.44 -1.11
CA THR M 86 15.86 -72.22 -2.19
C THR M 86 16.65 -71.98 -3.46
N GLU M 87 16.04 -72.24 -4.61
CA GLU M 87 16.71 -72.04 -5.89
C GLU M 87 17.02 -70.56 -6.15
N ASP M 88 16.15 -69.67 -5.70
CA ASP M 88 16.35 -68.25 -5.96
C ASP M 88 16.73 -67.44 -4.72
N GLY M 89 17.11 -68.10 -3.63
CA GLY M 89 17.67 -67.38 -2.50
C GLY M 89 16.64 -66.59 -1.74
N ILE M 90 16.87 -65.29 -1.58
CA ILE M 90 16.03 -64.41 -0.80
C ILE M 90 15.18 -63.49 -1.67
N ILE M 91 15.04 -63.82 -2.97
CA ILE M 91 14.36 -62.93 -3.91
C ILE M 91 12.87 -62.85 -3.59
N ASN M 92 12.24 -63.98 -3.28
CA ASN M 92 10.82 -63.97 -3.01
C ASN M 92 10.49 -63.55 -1.58
N ASP M 93 11.46 -63.65 -0.66
CA ASP M 93 11.23 -63.18 0.70
C ASP M 93 11.17 -61.67 0.77
N ILE M 94 12.03 -60.98 0.02
CA ILE M 94 12.07 -59.53 0.07
C ILE M 94 10.92 -58.94 -0.76
N ASP M 95 10.56 -59.60 -1.85
CA ASP M 95 9.47 -59.11 -2.70
C ASP M 95 8.11 -59.24 -2.01
N HIS M 96 7.94 -60.24 -1.14
CA HIS M 96 6.70 -60.37 -0.41
C HIS M 96 6.67 -59.40 0.77
N PHE M 97 7.83 -59.11 1.35
CA PHE M 97 7.91 -58.16 2.45
C PHE M 97 7.61 -56.74 2.00
N LYS M 98 8.02 -56.38 0.77
CA LYS M 98 7.79 -55.04 0.25
C LYS M 98 6.35 -54.85 -0.20
N LYS M 99 5.71 -55.92 -0.66
CA LYS M 99 4.32 -55.85 -1.09
C LYS M 99 3.39 -55.58 0.08
N VAL M 100 3.77 -56.03 1.27
CA VAL M 100 2.96 -55.83 2.46
C VAL M 100 3.16 -54.43 3.03
N VAL M 101 4.40 -53.98 3.19
CA VAL M 101 4.64 -52.79 3.98
C VAL M 101 4.87 -51.51 3.16
N TYR M 102 5.20 -51.62 1.88
CA TYR M 102 5.63 -50.44 1.13
C TYR M 102 4.73 -50.07 -0.04
N ASP M 103 4.21 -51.04 -0.79
CA ASP M 103 3.66 -50.78 -2.11
C ASP M 103 2.31 -50.06 -2.06
N TYR M 104 2.09 -49.20 -3.06
CA TYR M 104 0.87 -48.42 -3.17
C TYR M 104 -0.29 -49.31 -3.60
N ASN M 105 -1.44 -49.12 -2.98
CA ASN M 105 -2.63 -49.92 -3.24
C ASN M 105 -3.65 -49.06 -3.97
N GLY M 106 -4.00 -49.47 -5.20
CA GLY M 106 -4.89 -48.70 -6.03
C GLY M 106 -6.35 -48.77 -5.61
N GLU M 107 -6.70 -49.70 -4.74
CA GLU M 107 -8.07 -49.77 -4.24
C GLU M 107 -8.34 -48.68 -3.21
N LYS M 108 -7.33 -48.30 -2.42
CA LYS M 108 -7.49 -47.29 -1.38
C LYS M 108 -6.70 -46.02 -1.64
N HIS M 109 -5.91 -45.96 -2.73
CA HIS M 109 -5.11 -44.80 -3.15
C HIS M 109 -4.04 -44.44 -2.13
N LYS M 110 -3.44 -45.44 -1.48
CA LYS M 110 -2.45 -45.25 -0.42
C LYS M 110 -1.70 -46.56 -0.13
N PRO M 111 -0.62 -46.54 0.65
CA PRO M 111 -0.11 -47.81 1.21
C PRO M 111 -0.98 -48.34 2.33
N ASN M 112 -0.64 -49.54 2.81
CA ASN M 112 -1.51 -50.32 3.68
C ASN M 112 -1.38 -49.91 5.16
N TYR M 113 -2.45 -50.18 5.91
CA TYR M 113 -2.42 -50.15 7.37
C TYR M 113 -1.73 -51.41 7.88
N LEU M 114 -0.93 -51.27 8.93
CA LEU M 114 -0.11 -52.36 9.42
C LEU M 114 -0.42 -52.66 10.87
N MET M 115 -0.48 -53.95 11.21
CA MET M 115 -0.52 -54.40 12.58
C MET M 115 0.68 -55.31 12.83
N ILE M 116 1.45 -55.00 13.87
CA ILE M 116 2.70 -55.68 14.18
C ILE M 116 2.52 -56.39 15.52
N THR M 117 2.66 -57.71 15.53
CA THR M 117 2.44 -58.50 16.73
C THR M 117 3.60 -59.47 16.97
N TRP M 118 4.13 -59.45 18.19
CA TRP M 118 5.11 -60.44 18.62
C TRP M 118 5.06 -60.52 20.14
N GLY M 119 4.50 -61.62 20.66
CA GLY M 119 4.42 -61.80 22.09
C GLY M 119 3.48 -60.81 22.75
N SER M 120 4.05 -59.95 23.59
CA SER M 120 3.32 -58.89 24.28
C SER M 120 3.11 -57.65 23.43
N LEU M 121 3.76 -57.54 22.27
CA LEU M 121 3.76 -56.32 21.49
C LEU M 121 2.59 -56.31 20.51
N LEU M 122 1.92 -55.16 20.40
CA LEU M 122 0.85 -54.97 19.42
C LEU M 122 0.81 -53.49 19.04
N PHE M 123 1.08 -53.19 17.77
CA PHE M 123 1.31 -51.83 17.32
C PHE M 123 0.64 -51.61 15.96
N LYS M 124 -0.07 -50.49 15.81
CA LYS M 124 -0.75 -50.14 14.56
C LYS M 124 -0.18 -48.85 13.99
N GLY M 125 0.09 -48.83 12.69
CA GLY M 125 0.53 -47.60 12.08
C GLY M 125 0.94 -47.68 10.64
N TYR M 126 1.96 -46.90 10.30
CA TYR M 126 2.43 -46.64 8.94
C TYR M 126 3.93 -46.77 8.86
N LEU M 127 4.43 -47.22 7.71
CA LEU M 127 5.86 -47.18 7.42
C LEU M 127 6.29 -45.75 7.09
N LYS M 128 7.43 -45.34 7.64
CA LYS M 128 8.05 -44.08 7.26
C LYS M 128 9.34 -44.23 6.49
N GLU M 129 10.20 -45.17 6.87
CA GLU M 129 11.56 -45.25 6.36
C GLU M 129 12.02 -46.69 6.25
N MET M 130 12.87 -46.96 5.27
CA MET M 130 13.41 -48.29 5.06
C MET M 130 14.74 -48.19 4.32
N ASP M 131 15.70 -49.03 4.70
CA ASP M 131 16.97 -49.19 4.01
C ASP M 131 17.26 -50.68 3.89
N ILE M 132 17.62 -51.15 2.70
CA ILE M 132 17.96 -52.55 2.48
C ILE M 132 19.34 -52.62 1.83
N GLU M 133 20.23 -53.41 2.44
CA GLU M 133 21.61 -53.58 1.98
C GLU M 133 21.89 -55.05 1.67
N TYR M 134 22.40 -55.32 0.47
CA TYR M 134 22.61 -56.69 -0.01
C TYR M 134 24.07 -57.08 0.16
N LYS M 135 24.31 -58.26 0.75
CA LYS M 135 25.63 -58.60 1.28
C LYS M 135 26.33 -59.74 0.56
N LEU M 136 25.72 -60.91 0.44
CA LEU M 136 26.32 -62.07 -0.24
C LEU M 136 25.55 -62.43 -1.50
N PHE M 137 26.28 -63.00 -2.46
CA PHE M 137 25.74 -63.36 -3.76
C PHE M 137 26.27 -64.71 -4.20
N ARG M 138 25.45 -65.42 -4.95
CA ARG M 138 25.90 -66.57 -5.74
C ARG M 138 26.69 -66.06 -6.95
N PRO M 139 27.53 -66.94 -7.57
CA PRO M 139 28.32 -66.50 -8.74
C PRO M 139 27.55 -65.92 -9.92
N ASP M 140 26.28 -66.29 -10.10
CA ASP M 140 25.46 -65.75 -11.17
C ASP M 140 24.69 -64.51 -10.74
N GLY M 141 24.96 -63.99 -9.56
CA GLY M 141 24.34 -62.77 -9.09
C GLY M 141 23.05 -62.92 -8.33
N THR M 142 22.79 -64.07 -7.75
CA THR M 142 21.61 -64.25 -6.93
C THR M 142 21.93 -63.93 -5.47
N PRO M 143 21.20 -63.03 -4.82
CA PRO M 143 21.54 -62.67 -3.44
C PRO M 143 21.05 -63.69 -2.43
N ILE M 144 21.83 -63.89 -1.37
CA ILE M 144 21.52 -64.87 -0.35
C ILE M 144 21.56 -64.28 1.06
N ARG M 145 21.89 -63.00 1.20
CA ARG M 145 21.88 -62.35 2.50
C ARG M 145 21.63 -60.84 2.41
N ALA M 146 20.78 -60.32 3.30
CA ALA M 146 20.43 -58.89 3.27
C ALA M 146 20.00 -58.45 4.66
N MET M 147 20.13 -57.14 4.91
CA MET M 147 19.84 -56.51 6.20
C MET M 147 18.93 -55.31 5.98
N ALA M 148 17.91 -55.16 6.84
CA ALA M 148 16.89 -54.13 6.67
C ALA M 148 16.65 -53.35 7.96
N THR M 149 16.55 -52.03 7.86
CA THR M 149 16.25 -51.16 9.00
C THR M 149 14.95 -50.44 8.73
N THR M 150 14.11 -50.29 9.75
CA THR M 150 12.71 -49.91 9.56
C THR M 150 12.30 -48.91 10.63
N LYS M 151 11.39 -47.99 10.29
CA LYS M 151 10.82 -47.03 11.21
C LYS M 151 9.32 -46.93 11.00
N ILE M 152 8.53 -47.10 12.07
CA ILE M 152 7.07 -47.17 12.00
C ILE M 152 6.47 -46.03 12.82
N GLY M 153 5.49 -45.33 12.25
CA GLY M 153 4.71 -44.35 12.98
C GLY M 153 3.44 -44.94 13.56
N GLU M 154 2.72 -44.14 14.34
CA GLU M 154 1.57 -44.64 15.09
C GLU M 154 0.27 -44.01 14.58
N PHE M 155 -0.77 -44.81 14.47
CA PHE M 155 -2.06 -44.38 13.94
C PHE M 155 -3.16 -44.56 14.97
N VAL M 156 -3.95 -43.52 15.20
CA VAL M 156 -5.18 -43.59 15.97
C VAL M 156 -6.29 -42.97 15.13
N GLU M 157 -7.41 -43.67 15.02
CA GLU M 157 -8.59 -43.13 14.36
C GLU M 157 -9.28 -42.12 15.29
N GLU M 158 -9.91 -41.10 14.69
CA GLU M 158 -10.36 -39.95 15.49
C GLU M 158 -11.57 -40.27 16.35
N GLU M 159 -12.35 -41.26 15.97
CA GLU M 159 -13.44 -41.66 16.83
C GLU M 159 -12.94 -42.37 18.07
N LEU M 160 -11.81 -43.04 17.98
CA LEU M 160 -11.26 -43.75 19.12
C LEU M 160 -10.45 -42.82 20.02
N ARG M 161 -9.99 -41.68 19.51
CA ARG M 161 -9.22 -40.75 20.33
C ARG M 161 -10.10 -40.09 21.38
N THR M 162 -11.30 -39.67 20.99
CA THR M 162 -12.24 -39.08 21.93
C THR M 162 -12.79 -40.08 22.93
N ALA M 163 -12.82 -41.38 22.60
CA ALA M 163 -13.26 -42.37 23.57
C ALA M 163 -12.17 -42.70 24.57
N GLN M 164 -10.90 -42.55 24.18
CA GLN M 164 -9.80 -42.78 25.11
C GLN M 164 -9.54 -41.56 25.98
N GLU M 165 -9.72 -40.37 25.42
CA GLU M 165 -9.73 -39.12 26.19
C GLU M 165 -11.16 -38.86 26.63
N ASN M 166 -11.56 -39.53 27.70
CA ASN M 166 -12.92 -39.40 28.23
C ASN M 166 -13.01 -38.04 28.93
N ASN M 167 -13.20 -36.99 28.12
CA ASN M 167 -13.11 -35.62 28.59
C ASN M 167 -14.37 -35.25 29.37
N GLN M 168 -14.20 -34.87 30.63
CA GLN M 168 -15.32 -34.52 31.46
C GLN M 168 -15.18 -33.11 32.03
N PRO M 170 -17.92 -29.28 35.41
CA PRO M 170 -18.57 -28.08 34.87
C PRO M 170 -19.21 -28.28 33.50
N ASP M 171 -19.05 -29.44 32.88
CA ASP M 171 -19.75 -29.75 31.64
C ASP M 171 -20.71 -30.92 31.74
N MET M 172 -20.48 -31.86 32.65
CA MET M 172 -21.31 -33.05 32.76
C MET M 172 -21.98 -33.09 34.13
N SER M 173 -22.79 -34.13 34.32
CA SER M 173 -23.49 -34.33 35.59
C SER M 173 -22.75 -35.31 36.48
N HIS M 174 -22.99 -35.19 37.79
CA HIS M 174 -22.25 -35.94 38.79
C HIS M 174 -23.16 -36.26 39.96
N TYR M 175 -22.89 -37.38 40.64
CA TYR M 175 -23.59 -37.72 41.88
C TYR M 175 -22.60 -38.24 42.92
N ARG M 176 -22.86 -37.92 44.19
CA ARG M 176 -22.09 -38.42 45.32
C ARG M 176 -23.03 -38.85 46.43
N THR M 177 -22.50 -39.62 47.38
CA THR M 177 -23.20 -39.98 48.59
C THR M 177 -22.51 -39.28 49.77
N VAL M 178 -23.30 -38.79 50.71
CA VAL M 178 -22.77 -38.00 51.82
C VAL M 178 -22.21 -38.94 52.88
N LYS M 179 -20.94 -38.74 53.22
CA LYS M 179 -20.28 -39.44 54.31
C LYS M 179 -20.11 -38.48 55.48
N GLU M 180 -19.90 -39.04 56.66
CA GLU M 180 -19.75 -38.21 57.85
C GLU M 180 -18.42 -37.49 57.84
N GLY M 181 -18.47 -36.17 57.98
CA GLY M 181 -17.32 -35.31 57.83
C GLY M 181 -17.40 -34.40 56.62
N ASP M 182 -18.41 -34.55 55.78
CA ASP M 182 -18.56 -33.73 54.59
C ASP M 182 -19.30 -32.44 54.90
N THR M 183 -18.90 -31.36 54.21
CA THR M 183 -19.63 -30.11 54.23
C THR M 183 -19.95 -29.73 52.79
N LEU M 184 -21.00 -28.93 52.63
CA LEU M 184 -21.40 -28.52 51.28
C LEU M 184 -20.42 -27.57 50.58
N PRO M 185 -19.81 -26.55 51.23
CA PRO M 185 -18.85 -25.73 50.47
C PRO M 185 -17.53 -26.42 50.15
N LEU M 186 -17.11 -27.42 50.91
CA LEU M 186 -15.89 -28.13 50.58
C LEU M 186 -16.08 -29.08 49.42
N MET M 187 -17.26 -29.70 49.32
CA MET M 187 -17.55 -30.60 48.20
C MET M 187 -17.74 -29.82 46.90
N THR M 188 -18.29 -28.63 46.98
CA THR M 188 -18.49 -27.79 45.80
C THR M 188 -17.15 -27.33 45.23
N TYR M 189 -16.16 -27.11 46.10
CA TYR M 189 -14.84 -26.69 45.66
C TYR M 189 -14.11 -27.79 44.90
N ARG M 190 -14.30 -29.04 45.31
CA ARG M 190 -13.60 -30.13 44.67
C ARG M 190 -14.23 -30.54 43.34
N ILE M 191 -15.47 -30.13 43.10
CA ILE M 191 -16.16 -30.52 41.88
C ILE M 191 -16.11 -29.41 40.84
N TYR M 192 -16.25 -28.16 41.27
CA TYR M 192 -16.29 -27.03 40.34
C TYR M 192 -15.01 -26.21 40.33
N GLY M 193 -14.20 -26.27 41.38
CA GLY M 193 -13.06 -25.38 41.50
C GLY M 193 -13.33 -24.10 42.24
N ASP M 194 -14.54 -23.92 42.78
CA ASP M 194 -14.89 -22.69 43.49
C ASP M 194 -15.96 -23.02 44.51
N SER M 195 -15.89 -22.41 45.68
CA SER M 195 -16.81 -22.70 46.76
C SER M 195 -18.11 -21.92 46.65
N LYS M 196 -18.25 -21.03 45.67
CA LYS M 196 -19.32 -20.06 45.67
C LYS M 196 -20.62 -20.59 45.11
N TYR M 197 -20.64 -21.81 44.57
CA TYR M 197 -21.85 -22.37 43.96
C TYR M 197 -22.69 -23.18 44.92
N TYR M 198 -22.45 -23.09 46.23
CA TYR M 198 -23.11 -23.97 47.20
C TYR M 198 -24.61 -23.69 47.33
N LEU M 199 -25.05 -22.46 47.07
CA LEU M 199 -26.48 -22.18 47.15
C LEU M 199 -27.24 -22.65 45.92
N GLU M 200 -26.55 -22.89 44.80
CA GLU M 200 -27.22 -23.44 43.63
C GLU M 200 -27.30 -24.96 43.72
N VAL M 201 -26.34 -25.59 44.40
CA VAL M 201 -26.39 -27.02 44.61
C VAL M 201 -27.49 -27.38 45.61
N ALA M 202 -27.70 -26.51 46.60
CA ALA M 202 -28.71 -26.78 47.61
C ALA M 202 -30.12 -26.57 47.07
N LYS M 203 -30.29 -25.63 46.14
CA LYS M 203 -31.60 -25.40 45.55
C LYS M 203 -31.97 -26.50 44.56
N ALA M 204 -30.99 -27.11 43.90
CA ALA M 204 -31.28 -28.16 42.94
C ALA M 204 -31.59 -29.48 43.62
N ASN M 205 -31.33 -29.59 44.92
CA ASN M 205 -31.57 -30.80 45.68
C ASN M 205 -32.69 -30.64 46.69
N GLY M 206 -33.28 -29.45 46.80
CA GLY M 206 -34.35 -29.22 47.75
C GLY M 206 -33.92 -29.16 49.20
N LEU M 207 -32.70 -28.72 49.48
CA LEU M 207 -32.20 -28.69 50.84
C LEU M 207 -32.49 -27.35 51.50
N THR M 208 -33.01 -27.40 52.73
CA THR M 208 -33.22 -26.18 53.50
C THR M 208 -32.18 -26.05 54.60
N ASN M 209 -31.94 -27.13 55.34
CA ASN M 209 -30.89 -27.16 56.35
C ASN M 209 -29.62 -27.78 55.76
N PHE M 210 -28.96 -27.01 54.90
CA PHE M 210 -27.76 -27.50 54.24
C PHE M 210 -26.52 -27.40 55.12
N ARG M 211 -26.60 -26.77 56.29
CA ARG M 211 -25.42 -26.63 57.12
C ARG M 211 -25.15 -27.85 57.97
N ARG M 212 -26.09 -28.79 57.95
CA ARG M 212 -25.96 -30.09 58.57
C ARG M 212 -26.45 -31.10 57.53
N LEU M 213 -25.56 -31.91 56.97
CA LEU M 213 -26.00 -32.94 56.04
C LEU M 213 -26.09 -34.29 56.73
N LYS M 214 -27.12 -35.05 56.40
CA LYS M 214 -27.32 -36.39 56.92
C LYS M 214 -26.56 -37.39 56.07
N THR M 215 -26.02 -38.42 56.73
CA THR M 215 -24.92 -39.20 56.15
C THR M 215 -25.38 -40.38 55.32
N GLY M 216 -26.56 -40.33 54.71
CA GLY M 216 -26.92 -41.29 53.69
C GLY M 216 -27.49 -40.68 52.42
N THR M 217 -27.42 -39.36 52.28
CA THR M 217 -28.12 -38.65 51.21
C THR M 217 -27.31 -38.72 49.92
N GLU M 218 -27.99 -38.95 48.81
CA GLU M 218 -27.36 -38.88 47.50
C GLU M 218 -27.77 -37.57 46.85
N LEU M 219 -26.77 -36.76 46.46
CA LEU M 219 -26.95 -35.45 45.86
C LEU M 219 -26.60 -35.50 44.38
N ILE M 220 -27.15 -34.56 43.61
CA ILE M 220 -26.79 -34.35 42.22
C ILE M 220 -25.99 -33.06 42.12
N PHE M 221 -25.11 -32.98 41.13
CA PHE M 221 -24.33 -31.79 40.86
C PHE M 221 -24.49 -31.41 39.39
N PRO M 222 -25.39 -30.49 39.06
CA PRO M 222 -25.64 -30.16 37.66
C PRO M 222 -24.48 -29.39 37.04
N PRO M 223 -24.30 -29.46 35.73
CA PRO M 223 -23.28 -28.64 35.07
C PRO M 223 -23.69 -27.18 34.98
N LEU M 224 -22.71 -26.34 34.71
CA LEU M 224 -22.93 -24.91 34.52
C LEU M 224 -23.48 -24.64 33.13
N GLN M 225 -24.31 -23.60 33.02
CA GLN M 225 -24.91 -23.29 31.73
C GLN M 225 -23.86 -22.59 30.85
N LYS M 226 -24.01 -22.73 29.52
CA LYS M 226 -22.94 -22.41 28.60
C LYS M 226 -23.11 -21.05 27.91
N GLN M 227 -24.31 -20.69 27.52
CA GLN M 227 -24.53 -19.38 26.90
C GLN M 227 -25.15 -18.39 27.88
N SER N 2 53.88 -16.80 55.43
CA SER N 2 52.61 -17.33 54.98
C SER N 2 52.66 -17.72 53.51
N GLU N 3 53.89 -17.90 53.02
CA GLU N 3 54.11 -18.45 51.69
C GLU N 3 53.67 -19.90 51.64
N GLY N 4 53.93 -20.63 52.72
CA GLY N 4 53.67 -22.05 52.81
C GLY N 4 52.21 -22.41 52.97
N LYS N 5 51.33 -21.42 53.10
CA LYS N 5 49.90 -21.67 53.23
C LYS N 5 49.28 -21.94 51.86
N LEU N 6 48.50 -23.02 51.77
CA LEU N 6 47.69 -23.32 50.60
C LEU N 6 46.43 -22.47 50.64
N GLU N 7 46.35 -21.47 49.76
CA GLU N 7 45.19 -20.60 49.71
C GLU N 7 44.04 -21.27 48.99
N LYS N 8 42.82 -20.99 49.45
CA LYS N 8 41.59 -21.56 48.90
C LYS N 8 40.77 -20.48 48.22
N LEU N 9 40.06 -20.85 47.16
CA LEU N 9 39.31 -19.91 46.35
C LEU N 9 38.04 -19.45 47.08
N ARG N 10 37.73 -18.16 46.98
CA ARG N 10 36.57 -17.55 47.62
C ARG N 10 35.67 -16.81 46.64
N ILE N 11 34.37 -16.80 46.94
CA ILE N 11 33.39 -16.03 46.17
C ILE N 11 32.49 -15.27 47.14
N VAL N 12 32.37 -13.95 46.93
CA VAL N 12 31.59 -13.06 47.79
C VAL N 12 30.49 -12.42 46.94
N ALA N 13 29.32 -12.24 47.52
CA ALA N 13 28.20 -11.58 46.86
C ALA N 13 28.09 -10.12 47.30
N TYR N 14 27.65 -9.26 46.37
CA TYR N 14 27.55 -7.83 46.58
C TYR N 14 26.21 -7.28 46.14
N LYS N 15 25.83 -6.14 46.71
CA LYS N 15 24.53 -5.51 46.44
C LYS N 15 24.57 -4.41 45.39
N ASP N 16 25.66 -3.67 45.27
CA ASP N 16 25.70 -2.53 44.38
C ASP N 16 26.74 -2.73 43.27
N SER N 17 26.62 -1.91 42.24
CA SER N 17 27.50 -1.99 41.09
C SER N 17 28.87 -1.37 41.33
N LYS N 18 29.12 -0.80 42.49
CA LYS N 18 30.44 -0.33 42.85
C LYS N 18 31.19 -1.29 43.76
N PHE N 19 30.53 -2.38 44.17
CA PHE N 19 31.13 -3.48 44.94
C PHE N 19 31.66 -3.00 46.28
N SER N 20 30.79 -2.35 47.07
CA SER N 20 31.16 -1.86 48.38
C SER N 20 30.19 -2.25 49.49
N ASP N 21 29.04 -2.85 49.18
CA ASP N 21 28.00 -3.18 50.14
C ASP N 21 27.74 -4.69 50.10
N GLU N 22 28.27 -5.41 51.09
CA GLU N 22 28.21 -6.86 51.06
C GLU N 22 26.84 -7.40 51.45
N VAL N 23 26.44 -8.47 50.78
CA VAL N 23 25.29 -9.26 51.18
C VAL N 23 25.63 -9.97 52.48
N GLU N 24 24.72 -9.96 53.44
CA GLU N 24 24.97 -10.58 54.73
C GLU N 24 24.86 -12.10 54.62
N ASN N 25 25.87 -12.80 55.18
CA ASN N 25 26.10 -14.23 55.05
C ASN N 25 26.19 -14.65 53.57
N GLY N 26 26.97 -13.91 52.79
CA GLY N 26 27.04 -14.16 51.36
C GLY N 26 28.44 -14.47 50.87
N GLU N 27 29.20 -15.24 51.63
CA GLU N 27 30.56 -15.57 51.27
C GLU N 27 30.72 -17.09 51.23
N PHE N 28 31.23 -17.60 50.12
CA PHE N 28 31.50 -19.02 49.93
C PHE N 28 32.99 -19.26 49.87
N ILE N 29 33.47 -20.29 50.57
CA ILE N 29 34.85 -20.73 50.51
C ILE N 29 34.86 -22.20 50.15
N THR N 30 35.64 -22.55 49.13
CA THR N 30 35.70 -23.94 48.69
C THR N 30 36.60 -24.76 49.62
N LEU N 31 36.43 -26.08 49.54
CA LEU N 31 37.29 -26.99 50.29
C LEU N 31 38.34 -27.66 49.41
N LEU N 32 38.11 -27.72 48.10
CA LEU N 32 39.11 -28.18 47.14
C LEU N 32 39.15 -27.20 45.98
N ASN N 33 40.34 -26.80 45.61
CA ASN N 33 40.61 -25.87 44.54
C ASN N 33 40.38 -26.53 43.18
N PRO N 34 39.98 -25.75 42.17
CA PRO N 34 39.98 -26.28 40.80
C PRO N 34 41.38 -26.56 40.32
N GLU N 35 41.47 -27.43 39.32
CA GLU N 35 42.74 -27.76 38.64
C GLU N 35 43.30 -26.64 37.78
N LYS N 36 42.42 -25.93 37.08
CA LYS N 36 42.80 -24.92 36.10
C LYS N 36 41.62 -23.98 35.89
N TYR N 37 41.87 -22.89 35.18
CA TYR N 37 40.80 -22.00 34.72
C TYR N 37 41.19 -21.40 33.37
N LYS N 38 40.22 -20.79 32.71
CA LYS N 38 40.34 -20.42 31.32
C LYS N 38 39.63 -19.10 31.02
N PHE N 39 40.25 -18.28 30.18
CA PHE N 39 39.73 -16.99 29.76
C PHE N 39 39.44 -17.01 28.26
N GLN N 40 38.62 -16.06 27.81
CA GLN N 40 38.27 -15.92 26.40
C GLN N 40 38.14 -14.44 26.02
N TYR N 41 38.75 -14.08 24.88
CA TYR N 41 38.81 -12.71 24.40
C TYR N 41 38.43 -12.64 22.93
N ARG N 42 37.56 -11.70 22.57
CA ARG N 42 37.05 -11.57 21.21
C ARG N 42 37.01 -10.10 20.79
N VAL N 43 37.52 -9.81 19.60
CA VAL N 43 37.47 -8.47 19.00
C VAL N 43 36.81 -8.59 17.63
N GLU N 44 35.84 -7.73 17.36
CA GLU N 44 35.07 -7.76 16.12
C GLU N 44 35.39 -6.62 15.15
N GLN N 45 35.50 -6.96 13.87
CA GLN N 45 35.82 -6.00 12.83
C GLN N 45 34.77 -6.00 11.74
N ASN N 46 34.73 -4.91 10.97
CA ASN N 46 33.85 -4.77 9.82
C ASN N 46 34.65 -5.02 8.56
N GLU N 47 34.19 -5.97 7.72
CA GLU N 47 34.98 -6.47 6.61
C GLU N 47 34.26 -6.41 5.27
N ASP N 48 33.49 -5.35 5.02
CA ASP N 48 32.85 -5.18 3.71
C ASP N 48 33.86 -4.69 2.68
N GLN N 49 33.80 -5.27 1.48
CA GLN N 49 34.63 -4.78 0.39
C GLN N 49 33.86 -4.87 -0.92
N ALA N 50 34.33 -4.13 -1.90
CA ALA N 50 33.70 -4.10 -3.22
C ALA N 50 34.29 -5.16 -4.13
N SER N 51 33.54 -5.53 -5.16
CA SER N 51 33.98 -6.56 -6.07
C SER N 51 35.03 -6.00 -7.04
N GLY N 52 36.00 -6.85 -7.39
CA GLY N 52 37.09 -6.46 -8.24
C GLY N 52 38.36 -6.10 -7.51
N THR N 53 38.36 -6.13 -6.18
CA THR N 53 39.49 -5.66 -5.41
C THR N 53 40.24 -6.83 -4.78
N SER N 54 41.47 -6.58 -4.39
CA SER N 54 42.34 -7.63 -3.86
C SER N 54 42.45 -7.65 -2.34
N SER N 55 41.96 -6.62 -1.64
CA SER N 55 41.99 -6.58 -0.18
C SER N 55 40.96 -5.60 0.32
N ALA N 56 40.57 -5.77 1.56
CA ALA N 56 39.52 -5.02 2.21
C ALA N 56 40.10 -4.02 3.21
N PRO N 57 39.45 -2.87 3.37
CA PRO N 57 39.77 -2.00 4.50
C PRO N 57 39.11 -2.48 5.77
N ILE N 58 39.95 -2.84 6.75
CA ILE N 58 39.52 -3.43 8.01
C ILE N 58 39.26 -2.33 9.01
N ARG N 59 38.04 -2.26 9.53
CA ARG N 59 37.65 -1.24 10.49
C ARG N 59 37.35 -1.88 11.84
N PHE N 60 37.85 -1.28 12.91
CA PHE N 60 37.51 -1.71 14.26
C PHE N 60 36.04 -1.42 14.55
N ASN N 61 35.36 -2.40 15.16
CA ASN N 61 33.98 -2.22 15.55
C ASN N 61 33.79 -2.25 17.06
N LYS N 62 34.19 -3.32 17.75
CA LYS N 62 33.80 -3.52 19.14
C LYS N 62 34.74 -4.49 19.83
N ILE N 63 34.80 -4.37 21.15
CA ILE N 63 35.37 -5.40 22.02
C ILE N 63 34.23 -6.03 22.79
N LEU N 64 34.08 -7.35 22.63
CA LEU N 64 33.03 -8.18 23.21
C LEU N 64 33.37 -8.56 24.66
N PRO N 65 32.35 -8.89 25.47
CA PRO N 65 32.63 -9.22 26.89
C PRO N 65 33.41 -10.51 27.10
N GLN N 66 34.08 -10.59 28.25
CA GLN N 66 34.95 -11.71 28.59
C GLN N 66 34.20 -12.84 29.28
N THR N 67 34.90 -13.96 29.47
CA THR N 67 34.31 -15.21 29.93
C THR N 67 35.34 -15.98 30.76
N LEU N 68 34.90 -16.54 31.90
CA LEU N 68 35.72 -17.39 32.76
C LEU N 68 34.99 -18.70 33.00
N GLU N 69 35.74 -19.80 33.00
CA GLU N 69 35.23 -21.14 33.25
C GLU N 69 36.10 -21.98 34.16
N PHE N 70 35.49 -22.76 35.04
CA PHE N 70 36.20 -23.68 35.94
C PHE N 70 35.25 -24.77 36.47
N ASP N 71 35.81 -25.79 37.13
CA ASP N 71 35.06 -26.92 37.68
C ASP N 71 35.31 -27.12 39.16
N PHE N 72 34.33 -27.64 39.89
CA PHE N 72 34.43 -27.86 41.33
C PHE N 72 34.13 -29.29 41.73
N LEU N 73 34.64 -29.71 42.85
CA LEU N 73 34.33 -31.04 43.40
C LEU N 73 33.98 -30.90 44.88
N PHE N 74 32.87 -31.51 45.27
CA PHE N 74 32.39 -31.55 46.66
C PHE N 74 32.47 -32.99 47.14
N ASP N 75 33.12 -33.21 48.28
CA ASP N 75 33.25 -34.58 48.78
C ASP N 75 33.40 -34.57 50.30
N ARG N 76 32.58 -35.36 50.99
CA ARG N 76 32.62 -35.53 52.44
C ARG N 76 32.60 -37.00 52.80
N THR N 77 33.50 -37.78 52.20
CA THR N 77 33.63 -39.20 52.45
C THR N 77 34.54 -39.51 53.65
N GLY N 78 35.65 -38.80 53.80
CA GLY N 78 36.45 -38.94 55.00
C GLY N 78 37.90 -39.32 54.78
N VAL N 79 38.46 -39.10 53.60
CA VAL N 79 39.83 -39.48 53.31
C VAL N 79 40.73 -38.27 53.07
N ILE N 80 40.18 -37.07 53.15
CA ILE N 80 40.94 -35.85 52.90
C ILE N 80 41.31 -35.24 54.25
N ALA N 81 42.60 -35.01 54.46
CA ALA N 81 43.10 -34.57 55.76
C ALA N 81 42.69 -33.13 56.04
N GLY N 82 42.22 -32.90 57.26
CA GLY N 82 41.82 -31.57 57.70
C GLY N 82 40.33 -31.38 57.89
N TYR N 83 39.49 -32.26 57.37
CA TYR N 83 38.06 -32.07 57.40
C TYR N 83 37.38 -33.23 58.11
N GLU N 84 36.13 -33.01 58.51
CA GLU N 84 35.36 -34.00 59.24
C GLU N 84 34.20 -34.50 58.39
N VAL N 85 33.73 -35.69 58.72
CA VAL N 85 32.50 -36.22 58.13
C VAL N 85 31.32 -35.62 58.85
N THR N 86 30.33 -35.18 58.08
CA THR N 86 29.17 -34.48 58.59
C THR N 86 27.99 -35.44 58.56
N GLU N 87 27.00 -35.19 59.41
CA GLU N 87 25.82 -36.04 59.47
C GLU N 87 25.01 -36.01 58.18
N ASP N 88 24.96 -34.85 57.52
CA ASP N 88 24.17 -34.72 56.32
C ASP N 88 25.00 -34.59 55.04
N GLY N 89 26.30 -34.89 55.10
CA GLY N 89 27.07 -34.97 53.87
C GLY N 89 27.35 -33.62 53.25
N ILE N 90 26.98 -33.47 51.98
CA ILE N 90 27.25 -32.27 51.20
C ILE N 90 25.99 -31.42 51.00
N ILE N 91 24.94 -31.66 51.81
CA ILE N 91 23.66 -30.99 51.58
C ILE N 91 23.76 -29.50 51.90
N ASN N 92 24.46 -29.16 52.98
CA ASN N 92 24.57 -27.75 53.35
C ASN N 92 25.65 -27.02 52.57
N ASP N 93 26.62 -27.74 52.01
CA ASP N 93 27.64 -27.11 51.19
C ASP N 93 27.08 -26.64 49.86
N ILE N 94 26.20 -27.43 49.24
CA ILE N 94 25.65 -27.06 47.94
C ILE N 94 24.55 -26.02 48.11
N ASP N 95 23.79 -26.08 49.20
CA ASP N 95 22.73 -25.12 49.44
C ASP N 95 23.27 -23.73 49.75
N HIS N 96 24.44 -23.65 50.36
CA HIS N 96 25.05 -22.36 50.62
C HIS N 96 25.72 -21.80 49.36
N PHE N 97 26.23 -22.69 48.51
CA PHE N 97 26.86 -22.28 47.26
C PHE N 97 25.83 -21.72 46.29
N LYS N 98 24.61 -22.29 46.28
CA LYS N 98 23.56 -21.82 45.37
C LYS N 98 22.94 -20.52 45.85
N LYS N 99 22.91 -20.30 47.15
CA LYS N 99 22.34 -19.08 47.71
C LYS N 99 23.20 -17.88 47.36
N VAL N 100 24.51 -18.10 47.20
CA VAL N 100 25.43 -17.02 46.86
C VAL N 100 25.39 -16.71 45.36
N VAL N 101 25.47 -17.72 44.51
CA VAL N 101 25.72 -17.45 43.10
C VAL N 101 24.48 -17.52 42.22
N TYR N 102 23.38 -18.13 42.66
CA TYR N 102 22.26 -18.39 41.76
C TYR N 102 20.97 -17.69 42.15
N ASP N 103 20.63 -17.64 43.44
CA ASP N 103 19.28 -17.32 43.88
C ASP N 103 18.90 -15.87 43.67
N TYR N 104 17.63 -15.65 43.34
CA TYR N 104 17.08 -14.33 43.11
C TYR N 104 16.95 -13.56 44.42
N ASN N 105 17.32 -12.29 44.41
CA ASN N 105 17.31 -11.45 45.60
C ASN N 105 16.19 -10.43 45.45
N GLY N 106 15.22 -10.48 46.36
CA GLY N 106 14.05 -9.61 46.28
C GLY N 106 14.31 -8.17 46.67
N GLU N 107 15.46 -7.90 47.30
CA GLU N 107 15.82 -6.52 47.62
C GLU N 107 16.27 -5.75 46.39
N LYS N 108 16.93 -6.43 45.44
CA LYS N 108 17.44 -5.79 44.24
C LYS N 108 16.76 -6.24 42.96
N HIS N 109 15.82 -7.20 43.05
CA HIS N 109 15.05 -7.74 41.92
C HIS N 109 15.92 -8.43 40.87
N LYS N 110 16.99 -9.12 41.32
CA LYS N 110 17.96 -9.76 40.44
C LYS N 110 18.82 -10.75 41.24
N PRO N 111 19.64 -11.59 40.60
CA PRO N 111 20.71 -12.28 41.32
C PRO N 111 21.86 -11.35 41.67
N ASN N 112 22.82 -11.89 42.42
CA ASN N 112 23.86 -11.10 43.08
C ASN N 112 25.03 -10.77 42.15
N TYR N 113 25.72 -9.67 42.47
CA TYR N 113 27.04 -9.39 41.90
C TYR N 113 28.09 -10.25 42.60
N LEU N 114 29.05 -10.74 41.83
CA LEU N 114 30.02 -11.69 42.34
C LEU N 114 31.44 -11.16 42.18
N MET N 115 32.26 -11.37 43.20
CA MET N 115 33.69 -11.15 43.11
C MET N 115 34.40 -12.47 43.42
N ILE N 116 35.29 -12.88 42.53
CA ILE N 116 35.97 -14.16 42.59
C ILE N 116 37.46 -13.90 42.79
N THR N 117 38.02 -14.38 43.89
CA THR N 117 39.43 -14.11 44.22
C THR N 117 40.14 -15.40 44.60
N TRP N 118 41.29 -15.63 43.96
CA TRP N 118 42.19 -16.73 44.34
C TRP N 118 43.59 -16.37 43.89
N GLY N 119 44.46 -16.01 44.84
CA GLY N 119 45.83 -15.67 44.51
C GLY N 119 45.92 -14.38 43.72
N SER N 120 46.38 -14.50 42.48
CA SER N 120 46.51 -13.40 41.54
C SER N 120 45.20 -13.05 40.84
N LEU N 121 44.18 -13.90 40.95
CA LEU N 121 42.97 -13.73 40.17
C LEU N 121 41.95 -12.84 40.90
N LEU N 122 41.32 -11.94 40.15
CA LEU N 122 40.26 -11.10 40.69
C LEU N 122 39.30 -10.76 39.55
N PHE N 123 38.05 -11.20 39.66
CA PHE N 123 37.10 -11.15 38.56
C PHE N 123 35.72 -10.77 39.08
N LYS N 124 35.05 -9.84 38.39
CA LYS N 124 33.72 -9.37 38.75
C LYS N 124 32.72 -9.70 37.65
N GLY N 125 31.56 -10.23 38.01
CA GLY N 125 30.55 -10.45 37.01
C GLY N 125 29.31 -11.18 37.47
N TYR N 126 28.77 -12.00 36.56
CA TYR N 126 27.48 -12.67 36.68
C TYR N 126 27.60 -14.13 36.32
N LEU N 127 26.80 -14.96 36.97
CA LEU N 127 26.66 -16.36 36.57
C LEU N 127 25.81 -16.47 35.31
N LYS N 128 26.25 -17.30 34.37
CA LYS N 128 25.45 -17.62 33.20
C LYS N 128 24.93 -19.06 33.18
N GLU N 129 25.74 -20.03 33.58
CA GLU N 129 25.44 -21.44 33.38
C GLU N 129 25.98 -22.27 34.53
N MET N 130 25.28 -23.36 34.84
CA MET N 130 25.69 -24.27 35.89
C MET N 130 25.10 -25.65 35.64
N ASP N 131 25.89 -26.69 35.92
CA ASP N 131 25.45 -28.07 35.88
C ASP N 131 25.98 -28.76 37.14
N ILE N 132 25.13 -29.48 37.86
CA ILE N 132 25.53 -30.23 39.04
C ILE N 132 25.11 -31.69 38.87
N GLU N 133 26.06 -32.60 39.05
CA GLU N 133 25.84 -34.05 38.91
C GLU N 133 26.21 -34.75 40.21
N TYR N 134 25.29 -35.57 40.72
CA TYR N 134 25.42 -36.23 42.02
C TYR N 134 25.88 -37.68 41.82
N LYS N 135 26.92 -38.08 42.55
CA LYS N 135 27.67 -39.30 42.22
C LYS N 135 27.55 -40.42 43.25
N LEU N 136 27.86 -40.18 44.53
CA LEU N 136 27.77 -41.19 45.57
C LEU N 136 26.70 -40.85 46.59
N PHE N 137 26.14 -41.88 47.20
CA PHE N 137 25.06 -41.75 48.16
C PHE N 137 25.26 -42.72 49.32
N ARG N 138 24.80 -42.30 50.48
CA ARG N 138 24.60 -43.19 51.62
C ARG N 138 23.37 -44.07 51.35
N PRO N 139 23.24 -45.22 52.06
CA PRO N 139 22.07 -46.11 51.83
C PRO N 139 20.69 -45.48 52.02
N ASP N 140 20.56 -44.43 52.82
CA ASP N 140 19.29 -43.76 53.01
C ASP N 140 19.09 -42.60 52.03
N GLY N 141 19.99 -42.45 51.06
CA GLY N 141 19.84 -41.45 50.02
C GLY N 141 20.47 -40.12 50.31
N THR N 142 21.45 -40.06 51.19
CA THR N 142 22.16 -38.81 51.45
C THR N 142 23.38 -38.71 50.53
N PRO N 143 23.53 -37.64 49.75
CA PRO N 143 24.66 -37.56 48.82
C PRO N 143 25.95 -37.15 49.51
N ILE N 144 27.07 -37.71 49.04
CA ILE N 144 28.37 -37.44 49.64
C ILE N 144 29.40 -37.03 48.60
N ARG N 145 29.03 -36.97 47.32
CA ARG N 145 29.95 -36.50 46.28
C ARG N 145 29.23 -35.88 45.09
N ALA N 146 29.73 -34.75 44.59
CA ALA N 146 29.11 -34.06 43.48
C ALA N 146 30.13 -33.23 42.72
N MET N 147 29.82 -32.95 41.45
CA MET N 147 30.71 -32.24 40.54
C MET N 147 29.94 -31.10 39.86
N ALA N 148 30.55 -29.92 39.77
CA ALA N 148 29.88 -28.73 39.26
C ALA N 148 30.71 -28.01 38.20
N THR N 149 30.06 -27.59 37.11
CA THR N 149 30.71 -26.83 36.04
C THR N 149 30.04 -25.48 35.94
N THR N 150 30.83 -24.42 35.72
CA THR N 150 30.37 -23.05 35.92
C THR N 150 30.89 -22.16 34.79
N LYS N 151 30.11 -21.15 34.42
CA LYS N 151 30.51 -20.15 33.44
C LYS N 151 30.12 -18.76 33.92
N ILE N 152 31.09 -17.83 33.94
CA ILE N 152 30.91 -16.50 34.51
C ILE N 152 31.13 -15.45 33.42
N GLY N 153 30.23 -14.47 33.34
CA GLY N 153 30.42 -13.32 32.47
C GLY N 153 31.07 -12.15 33.21
N GLU N 154 31.37 -11.09 32.46
CA GLU N 154 32.15 -9.99 33.00
C GLU N 154 31.31 -8.71 33.07
N PHE N 155 31.44 -7.96 34.15
CA PHE N 155 30.65 -6.76 34.39
C PHE N 155 31.57 -5.55 34.54
N VAL N 156 31.26 -4.48 33.80
CA VAL N 156 31.88 -3.17 33.99
C VAL N 156 30.76 -2.15 34.11
N GLU N 157 30.84 -1.30 35.15
CA GLU N 157 29.90 -0.20 35.29
C GLU N 157 30.26 0.91 34.32
N GLU N 158 29.25 1.65 33.84
CA GLU N 158 29.45 2.55 32.71
C GLU N 158 30.25 3.79 33.06
N GLU N 159 30.24 4.17 34.33
CA GLU N 159 31.08 5.29 34.72
C GLU N 159 32.54 4.90 34.74
N LEU N 160 32.84 3.64 34.98
CA LEU N 160 34.22 3.18 35.00
C LEU N 160 34.74 2.86 33.61
N ARG N 161 33.85 2.61 32.65
CA ARG N 161 34.28 2.32 31.28
C ARG N 161 34.87 3.55 30.61
N THR N 162 34.23 4.71 30.79
CA THR N 162 34.76 5.95 30.24
C THR N 162 36.02 6.42 30.94
N ALA N 163 36.25 6.04 32.20
CA ALA N 163 37.50 6.40 32.86
C ALA N 163 38.65 5.50 32.42
N GLN N 164 38.35 4.27 32.01
CA GLN N 164 39.39 3.38 31.52
C GLN N 164 39.70 3.64 30.05
N GLU N 165 38.69 4.01 29.27
CA GLU N 165 38.87 4.52 27.92
C GLU N 165 39.03 6.03 28.00
N ASN N 166 40.24 6.46 28.33
CA ASN N 166 40.53 7.88 28.47
C ASN N 166 40.60 8.48 27.06
N ASN N 167 39.43 8.76 26.51
CA ASN N 167 39.29 9.14 25.11
C ASN N 167 39.74 10.58 24.92
N GLN N 168 40.73 10.80 24.09
CA GLN N 168 41.23 12.14 23.84
C GLN N 168 41.18 12.50 22.36
N PRO N 170 42.42 16.83 18.70
CA PRO N 170 41.38 17.64 18.06
C PRO N 170 40.15 17.89 18.95
N ASP N 171 40.08 17.29 20.13
CA ASP N 171 39.01 17.60 21.08
C ASP N 171 39.49 18.20 22.38
N MET N 172 40.73 17.94 22.80
CA MET N 172 41.24 18.44 24.07
C MET N 172 42.43 19.35 23.84
N SER N 173 42.96 19.89 24.94
CA SER N 173 44.11 20.76 24.89
C SER N 173 45.40 20.01 25.18
N HIS N 174 46.51 20.55 24.68
CA HIS N 174 47.80 19.87 24.73
C HIS N 174 48.91 20.91 24.89
N TYR N 175 50.02 20.51 25.53
CA TYR N 175 51.21 21.34 25.60
C TYR N 175 52.46 20.50 25.36
N ARG N 176 53.45 21.10 24.71
CA ARG N 176 54.76 20.49 24.49
C ARG N 176 55.85 21.51 24.77
N THR N 177 57.07 21.01 24.92
CA THR N 177 58.26 21.84 25.03
C THR N 177 59.10 21.64 23.77
N VAL N 178 59.68 22.71 23.26
CA VAL N 178 60.42 22.67 22.00
C VAL N 178 61.82 22.12 22.25
N LYS N 179 62.16 21.06 21.55
CA LYS N 179 63.50 20.50 21.55
C LYS N 179 64.18 20.84 20.23
N GLU N 180 65.51 20.76 20.22
CA GLU N 180 66.26 21.10 19.02
C GLU N 180 66.08 20.03 17.95
N GLY N 181 65.66 20.46 16.76
CA GLY N 181 65.28 19.57 15.69
C GLY N 181 63.80 19.62 15.36
N ASP N 182 63.01 20.35 16.12
CA ASP N 182 61.57 20.45 15.88
C ASP N 182 61.25 21.55 14.89
N THR N 183 60.23 21.32 14.08
CA THR N 183 59.66 22.33 13.21
C THR N 183 58.17 22.42 13.50
N LEU N 184 57.59 23.58 13.22
CA LEU N 184 56.17 23.78 13.47
C LEU N 184 55.24 22.95 12.57
N PRO N 185 55.46 22.79 11.25
CA PRO N 185 54.52 21.94 10.49
C PRO N 185 54.65 20.45 10.76
N LEU N 186 55.79 19.96 11.23
CA LEU N 186 55.89 18.54 11.56
C LEU N 186 55.21 18.22 12.88
N MET N 187 55.26 19.15 13.85
CA MET N 187 54.59 18.92 15.12
C MET N 187 53.08 19.03 14.98
N THR N 188 52.61 19.88 14.08
CA THR N 188 51.17 20.03 13.85
C THR N 188 50.60 18.77 13.21
N TYR N 189 51.38 18.09 12.38
CA TYR N 189 50.94 16.87 11.72
C TYR N 189 50.77 15.72 12.72
N ARG N 190 51.64 15.66 13.73
CA ARG N 190 51.57 14.56 14.69
C ARG N 190 50.48 14.76 15.73
N ILE N 191 49.97 15.99 15.87
CA ILE N 191 48.96 16.26 16.87
C ILE N 191 47.57 16.28 16.26
N TYR N 192 47.43 16.84 15.07
CA TYR N 192 46.13 16.97 14.42
C TYR N 192 45.89 15.99 13.29
N GLY N 193 46.94 15.43 12.71
CA GLY N 193 46.80 14.63 11.51
C GLY N 193 46.91 15.39 10.21
N ASP N 194 47.21 16.68 10.26
CA ASP N 194 47.32 17.50 9.05
C ASP N 194 48.28 18.64 9.33
N SER N 195 49.10 18.98 8.33
CA SER N 195 50.11 20.02 8.50
C SER N 195 49.58 21.42 8.30
N LYS N 196 48.30 21.56 7.92
CA LYS N 196 47.81 22.83 7.43
C LYS N 196 47.38 23.80 8.53
N TYR N 197 47.40 23.37 9.78
CA TYR N 197 46.95 24.21 10.89
C TYR N 197 48.07 25.01 11.53
N TYR N 198 49.26 25.09 10.90
CA TYR N 198 50.43 25.70 11.54
C TYR N 198 50.29 27.20 11.74
N LEU N 199 49.51 27.88 10.91
CA LEU N 199 49.33 29.32 11.11
C LEU N 199 48.33 29.63 12.22
N GLU N 200 47.48 28.68 12.59
CA GLU N 200 46.59 28.91 13.71
C GLU N 200 47.28 28.60 15.04
N VAL N 201 48.24 27.68 15.02
CA VAL N 201 49.02 27.40 16.22
C VAL N 201 49.97 28.55 16.53
N ALA N 202 50.48 29.20 15.48
CA ALA N 202 51.43 30.30 15.69
C ALA N 202 50.72 31.55 16.16
N LYS N 203 49.46 31.76 15.74
CA LYS N 203 48.71 32.92 16.18
C LYS N 203 48.23 32.76 17.62
N ALA N 204 47.98 31.54 18.06
CA ALA N 204 47.50 31.32 19.42
C ALA N 204 48.64 31.40 20.43
N ASN N 205 49.89 31.42 19.97
CA ASN N 205 51.05 31.50 20.83
C ASN N 205 51.79 32.81 20.70
N GLY N 206 51.35 33.71 19.82
CA GLY N 206 52.01 34.97 19.62
C GLY N 206 53.34 34.91 18.91
N LEU N 207 53.53 33.94 18.02
CA LEU N 207 54.81 33.78 17.33
C LEU N 207 54.82 34.55 16.02
N THR N 208 55.91 35.28 15.80
CA THR N 208 56.09 35.98 14.53
C THR N 208 57.13 35.28 13.68
N ASN N 209 58.26 34.92 14.27
CA ASN N 209 59.30 34.15 13.59
C ASN N 209 59.14 32.67 13.93
N PHE N 210 58.10 32.07 13.35
CA PHE N 210 57.82 30.66 13.61
C PHE N 210 58.70 29.71 12.80
N ARG N 211 59.50 30.21 11.86
CA ARG N 211 60.30 29.32 11.03
C ARG N 211 61.60 28.94 11.72
N ARG N 212 61.87 29.56 12.85
CA ARG N 212 62.97 29.23 13.72
C ARG N 212 62.42 29.21 15.14
N LEU N 213 62.31 28.03 15.76
CA LEU N 213 61.85 27.96 17.13
C LEU N 213 63.03 27.84 18.09
N LYS N 214 62.94 28.54 19.21
CA LYS N 214 63.94 28.48 20.27
C LYS N 214 63.65 27.31 21.19
N THR N 215 64.72 26.68 21.67
CA THR N 215 64.64 25.32 22.19
C THR N 215 64.32 25.25 23.68
N GLY N 216 63.63 26.24 24.24
CA GLY N 216 63.06 26.11 25.57
C GLY N 216 61.62 26.52 25.68
N THR N 217 60.95 26.78 24.56
CA THR N 217 59.62 27.38 24.56
C THR N 217 58.55 26.33 24.81
N GLU N 218 57.58 26.67 25.64
CA GLU N 218 56.42 25.80 25.85
C GLU N 218 55.26 26.38 25.07
N LEU N 219 54.66 25.58 24.16
CA LEU N 219 53.56 25.96 23.30
C LEU N 219 52.27 25.30 23.77
N ILE N 220 51.14 25.90 23.40
CA ILE N 220 49.82 25.30 23.59
C ILE N 220 49.28 24.87 22.24
N PHE N 221 48.44 23.86 22.25
CA PHE N 221 47.78 23.37 21.04
C PHE N 221 46.28 23.31 21.30
N PRO N 222 45.51 24.33 20.92
CA PRO N 222 44.08 24.34 21.21
C PRO N 222 43.32 23.32 20.37
N PRO N 223 42.17 22.85 20.85
CA PRO N 223 41.33 21.96 20.03
C PRO N 223 40.61 22.71 18.93
N LEU N 224 40.12 21.95 17.96
CA LEU N 224 39.33 22.50 16.86
C LEU N 224 37.91 22.78 17.32
N GLN N 225 37.30 23.81 16.72
CA GLN N 225 35.95 24.17 17.11
C GLN N 225 34.96 23.18 16.48
N LYS N 226 33.81 23.00 17.13
CA LYS N 226 32.93 21.87 16.82
C LYS N 226 31.74 22.24 15.94
N GLN N 227 31.12 23.38 16.17
CA GLN N 227 30.00 23.79 15.31
C GLN N 227 30.42 24.86 14.31
N SER O 2 16.90 -46.85 61.46
CA SER O 2 16.51 -47.01 60.07
C SER O 2 17.50 -46.33 59.14
N GLU O 3 18.70 -46.09 59.67
CA GLU O 3 19.82 -45.64 58.86
C GLU O 3 20.25 -46.71 57.88
N GLY O 4 20.24 -47.96 58.34
CA GLY O 4 20.68 -49.10 57.59
C GLY O 4 19.77 -49.53 56.47
N LYS O 5 18.60 -48.91 56.34
CA LYS O 5 17.66 -49.24 55.29
C LYS O 5 18.07 -48.57 53.98
N LEU O 6 18.11 -49.36 52.91
CA LEU O 6 18.30 -48.84 51.55
C LEU O 6 16.98 -48.28 51.05
N GLU O 7 16.89 -46.96 50.95
CA GLU O 7 15.69 -46.30 50.47
C GLU O 7 15.58 -46.39 48.96
N LYS O 8 14.36 -46.52 48.46
CA LYS O 8 14.07 -46.64 47.03
C LYS O 8 13.31 -45.41 46.54
N LEU O 9 13.56 -45.03 45.29
CA LEU O 9 12.99 -43.82 44.71
C LEU O 9 11.51 -44.01 44.42
N ARG O 10 10.71 -42.97 44.69
CA ARG O 10 9.27 -42.97 44.49
C ARG O 10 8.79 -41.82 43.63
N ILE O 11 7.72 -42.04 42.88
CA ILE O 11 7.06 -41.01 42.08
C ILE O 11 5.56 -41.10 42.32
N VAL O 12 4.94 -39.99 42.69
CA VAL O 12 3.51 -39.90 42.98
C VAL O 12 2.87 -38.90 42.02
N ALA O 13 1.65 -39.20 41.57
CA ALA O 13 0.90 -38.31 40.70
C ALA O 13 -0.13 -37.49 41.49
N TYR O 14 -0.36 -36.26 41.05
CA TYR O 14 -1.24 -35.31 41.73
C TYR O 14 -2.22 -34.67 40.75
N LYS O 15 -3.34 -34.20 41.29
CA LYS O 15 -4.41 -33.60 40.50
C LYS O 15 -4.38 -32.08 40.42
N ASP O 16 -3.92 -31.39 41.46
CA ASP O 16 -3.98 -29.95 41.51
C ASP O 16 -2.58 -29.33 41.56
N SER O 17 -2.53 -28.04 41.26
CA SER O 17 -1.26 -27.32 41.22
C SER O 17 -0.74 -26.95 42.61
N LYS O 18 -1.46 -27.27 43.67
CA LYS O 18 -0.95 -27.09 45.02
C LYS O 18 -0.43 -28.38 45.63
N PHE O 19 -0.57 -29.50 44.91
CA PHE O 19 -0.02 -30.82 45.26
C PHE O 19 -0.59 -31.32 46.59
N SER O 20 -1.92 -31.36 46.68
CA SER O 20 -2.59 -31.85 47.89
C SER O 20 -3.65 -32.91 47.62
N ASP O 21 -4.00 -33.19 46.37
CA ASP O 21 -5.06 -34.12 46.01
C ASP O 21 -4.50 -35.24 45.15
N GLU O 22 -4.28 -36.41 45.75
CA GLU O 22 -3.60 -37.49 45.06
C GLU O 22 -4.50 -38.19 44.06
N VAL O 23 -3.90 -38.59 42.94
CA VAL O 23 -4.53 -39.50 41.99
C VAL O 23 -4.61 -40.86 42.63
N GLU O 24 -5.77 -41.52 42.50
CA GLU O 24 -5.95 -42.83 43.12
C GLU O 24 -5.23 -43.91 42.32
N ASN O 25 -4.49 -44.75 43.05
CA ASN O 25 -3.54 -45.75 42.50
C ASN O 25 -2.51 -45.10 41.59
N GLY O 26 -1.91 -43.99 42.04
CA GLY O 26 -1.00 -43.24 41.21
C GLY O 26 0.39 -43.10 41.80
N GLU O 27 0.89 -44.15 42.42
CA GLU O 27 2.20 -44.11 43.05
C GLU O 27 3.07 -45.22 42.48
N PHE O 28 4.27 -44.86 42.02
CA PHE O 28 5.24 -45.80 41.48
C PHE O 28 6.44 -45.88 42.41
N ILE O 29 6.90 -47.10 42.68
CA ILE O 29 8.11 -47.34 43.45
C ILE O 29 9.03 -48.21 42.62
N THR O 30 10.28 -47.78 42.46
CA THR O 30 11.23 -48.54 41.67
C THR O 30 11.78 -49.73 42.45
N LEU O 31 12.34 -50.69 41.72
CA LEU O 31 12.99 -51.82 42.34
C LEU O 31 14.52 -51.71 42.33
N LEU O 32 15.08 -50.91 41.42
CA LEU O 32 16.49 -50.59 41.41
C LEU O 32 16.66 -49.09 41.23
N ASN O 33 17.48 -48.50 42.06
CA ASN O 33 17.77 -47.08 42.06
C ASN O 33 18.64 -46.70 40.88
N PRO O 34 18.51 -45.46 40.38
CA PRO O 34 19.48 -44.97 39.39
C PRO O 34 20.85 -44.81 40.02
N GLU O 35 21.86 -44.81 39.14
CA GLU O 35 23.25 -44.56 39.55
C GLU O 35 23.56 -43.13 39.97
N LYS O 36 22.96 -42.17 39.26
CA LYS O 36 23.24 -40.75 39.44
C LYS O 36 22.07 -39.95 38.88
N TYR O 37 22.08 -38.65 39.15
CA TYR O 37 21.14 -37.73 38.53
C TYR O 37 21.82 -36.38 38.33
N LYS O 38 21.19 -35.52 37.54
CA LYS O 38 21.83 -34.32 37.03
C LYS O 38 20.84 -33.17 36.94
N PHE O 39 21.31 -31.97 37.27
CA PHE O 39 20.53 -30.74 37.24
C PHE O 39 21.11 -29.78 36.21
N GLN O 40 20.32 -28.80 35.79
CA GLN O 40 20.74 -27.78 34.84
C GLN O 40 20.13 -26.43 35.17
N TYR O 41 20.96 -25.39 35.14
CA TYR O 41 20.60 -24.03 35.53
C TYR O 41 21.06 -23.03 34.48
N ARG O 42 20.18 -22.12 34.07
CA ARG O 42 20.47 -21.15 33.02
C ARG O 42 19.95 -19.78 33.41
N VAL O 43 20.79 -18.74 33.24
CA VAL O 43 20.41 -17.35 33.46
C VAL O 43 20.73 -16.57 32.19
N GLU O 44 19.77 -15.77 31.73
CA GLU O 44 19.89 -15.02 30.48
C GLU O 44 20.06 -13.52 30.68
N GLN O 45 20.97 -12.94 29.91
CA GLN O 45 21.27 -11.51 29.99
C GLN O 45 21.10 -10.84 28.64
N ASN O 46 20.95 -9.52 28.67
CA ASN O 46 20.86 -8.69 27.48
C ASN O 46 22.21 -8.03 27.24
N GLU O 47 22.78 -8.21 26.06
CA GLU O 47 24.17 -7.83 25.79
C GLU O 47 24.33 -6.93 24.57
N ASP O 48 23.41 -5.99 24.34
CA ASP O 48 23.57 -5.05 23.25
C ASP O 48 24.56 -3.96 23.61
N GLN O 49 25.43 -3.61 22.66
CA GLN O 49 26.34 -2.50 22.87
C GLN O 49 26.53 -1.74 21.56
N ALA O 50 27.01 -0.52 21.69
CA ALA O 50 27.24 0.35 20.54
C ALA O 50 28.66 0.16 20.01
N SER O 51 28.84 0.52 18.74
CA SER O 51 30.14 0.38 18.11
C SER O 51 31.11 1.46 18.58
N GLY O 52 32.37 1.09 18.70
CA GLY O 52 33.39 1.98 19.19
C GLY O 52 33.73 1.83 20.65
N THR O 53 33.04 0.94 21.37
CA THR O 53 33.20 0.83 22.81
C THR O 53 33.97 -0.44 23.16
N SER O 54 34.50 -0.46 24.38
CA SER O 54 35.34 -1.56 24.83
C SER O 54 34.62 -2.57 25.72
N SER O 55 33.42 -2.26 26.20
CA SER O 55 32.67 -3.19 27.05
C SER O 55 31.19 -2.82 27.00
N ALA O 56 30.37 -3.78 27.33
CA ALA O 56 28.92 -3.67 27.27
C ALA O 56 28.32 -3.54 28.66
N PRO O 57 27.21 -2.81 28.78
CA PRO O 57 26.43 -2.88 30.02
C PRO O 57 25.53 -4.11 30.03
N ILE O 58 25.78 -4.97 31.01
CA ILE O 58 25.12 -6.27 31.12
C ILE O 58 23.87 -6.10 31.97
N ARG O 59 22.72 -6.44 31.41
CA ARG O 59 21.44 -6.32 32.10
C ARG O 59 20.85 -7.69 32.33
N PHE O 60 20.34 -7.92 33.55
CA PHE O 60 19.61 -9.15 33.84
C PHE O 60 18.29 -9.18 33.09
N ASN O 61 17.98 -10.33 32.51
CA ASN O 61 16.71 -10.50 31.81
C ASN O 61 15.81 -11.53 32.49
N LYS O 62 16.26 -12.77 32.68
CA LYS O 62 15.35 -13.85 33.07
C LYS O 62 16.11 -15.00 33.70
N ILE O 63 15.41 -15.77 34.52
CA ILE O 63 15.85 -17.09 34.96
C ILE O 63 14.98 -18.12 34.28
N LEU O 64 15.60 -19.02 33.52
CA LEU O 64 14.97 -20.06 32.72
C LEU O 64 14.63 -21.28 33.58
N PRO O 65 13.67 -22.11 33.16
CA PRO O 65 13.27 -23.27 33.98
C PRO O 65 14.34 -24.36 34.09
N GLN O 66 14.25 -25.14 35.17
CA GLN O 66 15.23 -26.17 35.49
C GLN O 66 14.89 -27.51 34.84
N THR O 67 15.83 -28.45 34.95
CA THR O 67 15.79 -29.72 34.23
C THR O 67 16.45 -30.81 35.09
N LEU O 68 15.83 -31.99 35.14
CA LEU O 68 16.37 -33.15 35.83
C LEU O 68 16.36 -34.34 34.88
N GLU O 69 17.43 -35.14 34.93
CA GLU O 69 17.59 -36.34 34.11
C GLU O 69 18.14 -37.53 34.88
N PHE O 70 17.64 -38.72 34.57
CA PHE O 70 18.12 -39.97 35.17
C PHE O 70 17.71 -41.18 34.31
N ASP O 71 18.25 -42.36 34.62
CA ASP O 71 17.99 -43.60 33.89
C ASP O 71 17.50 -44.72 34.79
N PHE O 72 16.68 -45.62 34.26
CA PHE O 72 16.10 -46.73 35.03
C PHE O 72 16.38 -48.07 34.39
N LEU O 73 16.36 -49.12 35.19
CA LEU O 73 16.51 -50.49 34.71
C LEU O 73 15.42 -51.36 35.32
N PHE O 74 14.75 -52.13 34.47
CA PHE O 74 13.70 -53.08 34.86
C PHE O 74 14.21 -54.48 34.56
N ASP O 75 14.18 -55.37 35.55
CA ASP O 75 14.68 -56.73 35.32
C ASP O 75 13.99 -57.70 36.27
N ARG O 76 13.44 -58.79 35.71
CA ARG O 76 12.78 -59.86 36.46
C ARG O 76 13.31 -61.22 36.00
N THR O 77 14.63 -61.36 35.98
CA THR O 77 15.28 -62.61 35.58
C THR O 77 15.45 -63.59 36.75
N GLY O 78 15.79 -63.10 37.93
CA GLY O 78 15.80 -63.95 39.11
C GLY O 78 17.11 -64.06 39.85
N VAL O 79 18.01 -63.09 39.70
CA VAL O 79 19.32 -63.13 40.36
C VAL O 79 19.47 -62.03 41.40
N ILE O 80 18.46 -61.19 41.58
CA ILE O 80 18.51 -60.07 42.51
C ILE O 80 17.77 -60.48 43.78
N ALA O 81 18.45 -60.39 44.91
CA ALA O 81 17.90 -60.90 46.17
C ALA O 81 16.76 -60.02 46.67
N GLY O 82 15.68 -60.65 47.10
CA GLY O 82 14.52 -59.96 47.64
C GLY O 82 13.29 -59.99 46.77
N TYR O 83 13.42 -60.36 45.48
CA TYR O 83 12.30 -60.28 44.56
C TYR O 83 12.02 -61.65 43.95
N GLU O 84 10.84 -61.79 43.38
CA GLU O 84 10.41 -63.04 42.79
C GLU O 84 10.28 -62.92 41.28
N VAL O 85 10.37 -64.06 40.60
CA VAL O 85 10.08 -64.12 39.18
C VAL O 85 8.57 -64.18 38.99
N THR O 86 8.08 -63.39 38.05
CA THR O 86 6.65 -63.22 37.81
C THR O 86 6.32 -63.99 36.53
N GLU O 87 5.05 -64.39 36.39
CA GLU O 87 4.63 -65.13 35.21
C GLU O 87 4.71 -64.28 33.94
N ASP O 88 4.45 -62.98 34.05
CA ASP O 88 4.47 -62.12 32.88
C ASP O 88 5.65 -61.16 32.84
N GLY O 89 6.68 -61.36 33.66
CA GLY O 89 7.90 -60.60 33.51
C GLY O 89 7.76 -59.16 33.97
N ILE O 90 8.08 -58.23 33.07
CA ILE O 90 8.09 -56.81 33.36
C ILE O 90 6.91 -56.09 32.72
N ILE O 91 5.87 -56.83 32.31
CA ILE O 91 4.76 -56.24 31.56
C ILE O 91 3.94 -55.30 32.45
N ASN O 92 3.69 -55.72 33.70
CA ASN O 92 2.89 -54.90 34.58
C ASN O 92 3.69 -53.80 35.26
N ASP O 93 5.02 -53.94 35.33
CA ASP O 93 5.86 -52.88 35.88
C ASP O 93 5.92 -51.68 34.96
N ILE O 94 6.02 -51.91 33.65
CA ILE O 94 6.13 -50.81 32.71
C ILE O 94 4.77 -50.16 32.47
N ASP O 95 3.70 -50.96 32.49
CA ASP O 95 2.36 -50.42 32.28
C ASP O 95 1.90 -49.56 33.44
N HIS O 96 2.36 -49.86 34.66
CA HIS O 96 2.01 -49.02 35.80
C HIS O 96 2.86 -47.75 35.82
N PHE O 97 4.10 -47.85 35.35
CA PHE O 97 4.99 -46.70 35.28
C PHE O 97 4.50 -45.67 34.25
N LYS O 98 3.93 -46.15 33.14
CA LYS O 98 3.46 -45.25 32.10
C LYS O 98 2.14 -44.59 32.48
N LYS O 99 1.32 -45.29 33.26
CA LYS O 99 0.04 -44.75 33.70
C LYS O 99 0.24 -43.58 34.65
N VAL O 100 1.33 -43.58 35.40
CA VAL O 100 1.62 -42.51 36.35
C VAL O 100 2.23 -41.30 35.64
N VAL O 101 3.22 -41.51 34.77
CA VAL O 101 4.01 -40.37 34.30
C VAL O 101 3.64 -39.88 32.91
N TYR O 102 2.94 -40.68 32.10
CA TYR O 102 2.75 -40.34 30.69
C TYR O 102 1.30 -40.12 30.28
N ASP O 103 0.37 -40.94 30.77
CA ASP O 103 -0.95 -41.04 30.17
C ASP O 103 -1.83 -39.81 30.44
N TYR O 104 -2.66 -39.50 29.44
CA TYR O 104 -3.56 -38.35 29.50
C TYR O 104 -4.71 -38.65 30.45
N ASN O 105 -5.07 -37.67 31.28
CA ASN O 105 -6.11 -37.80 32.28
C ASN O 105 -7.31 -36.98 31.83
N GLY O 106 -8.44 -37.65 31.62
CA GLY O 106 -9.64 -36.99 31.12
C GLY O 106 -10.36 -36.15 32.16
N GLU O 107 -10.03 -36.31 33.44
CA GLU O 107 -10.62 -35.47 34.47
C GLU O 107 -10.03 -34.06 34.46
N LYS O 108 -8.75 -33.93 34.11
CA LYS O 108 -8.08 -32.64 34.10
C LYS O 108 -7.66 -32.17 32.71
N HIS O 109 -7.89 -32.98 31.68
CA HIS O 109 -7.58 -32.68 30.27
C HIS O 109 -6.08 -32.49 30.02
N LYS O 110 -5.24 -33.26 30.72
CA LYS O 110 -3.79 -33.14 30.66
C LYS O 110 -3.11 -34.36 31.28
N PRO O 111 -1.80 -34.54 31.14
CA PRO O 111 -1.09 -35.50 32.01
C PRO O 111 -0.92 -34.98 33.43
N ASN O 112 -0.38 -35.85 34.29
CA ASN O 112 -0.39 -35.63 35.74
C ASN O 112 0.76 -34.74 36.21
N TYR O 113 0.53 -34.09 37.36
CA TYR O 113 1.61 -33.45 38.12
C TYR O 113 2.39 -34.51 38.87
N LEU O 114 3.72 -34.34 38.92
CA LEU O 114 4.59 -35.36 39.48
C LEU O 114 5.40 -34.80 40.64
N MET O 115 5.54 -35.59 41.69
CA MET O 115 6.48 -35.31 42.77
C MET O 115 7.45 -36.47 42.86
N ILE O 116 8.75 -36.17 42.84
CA ILE O 116 9.82 -37.15 42.80
C ILE O 116 10.62 -37.02 44.08
N THR O 117 10.68 -38.08 44.88
CA THR O 117 11.35 -38.05 46.17
C THR O 117 12.29 -39.24 46.34
N TRP O 118 13.53 -38.95 46.70
CA TRP O 118 14.49 -39.99 47.07
C TRP O 118 15.54 -39.36 47.99
N GLY O 119 15.47 -39.68 49.28
CA GLY O 119 16.43 -39.16 50.23
C GLY O 119 16.28 -37.67 50.44
N SER O 120 17.32 -36.93 50.03
CA SER O 120 17.34 -35.48 50.09
C SER O 120 16.63 -34.80 48.92
N LEU O 121 16.27 -35.55 47.89
CA LEU O 121 15.75 -34.96 46.66
C LEU O 121 14.24 -34.82 46.73
N LEU O 122 13.73 -33.66 46.26
CA LEU O 122 12.30 -33.42 46.16
C LEU O 122 12.06 -32.46 45.00
N PHE O 123 11.36 -32.91 43.98
CA PHE O 123 11.25 -32.19 42.71
C PHE O 123 9.81 -32.30 42.17
N LYS O 124 9.26 -31.18 41.72
CA LYS O 124 7.91 -31.12 41.18
C LYS O 124 7.94 -30.68 39.72
N GLY O 125 7.20 -31.36 38.86
CA GLY O 125 7.13 -30.91 37.48
C GLY O 125 6.38 -31.81 36.54
N TYR O 126 6.88 -31.86 35.30
CA TYR O 126 6.25 -32.49 34.15
C TYR O 126 7.24 -33.36 33.40
N LEU O 127 6.74 -34.44 32.81
CA LEU O 127 7.55 -35.23 31.89
C LEU O 127 7.66 -34.52 30.54
N LYS O 128 8.86 -34.52 29.98
CA LYS O 128 9.07 -34.03 28.62
C LYS O 128 9.42 -35.12 27.62
N GLU O 129 10.27 -36.08 28.00
CA GLU O 129 10.85 -37.03 27.06
C GLU O 129 11.03 -38.39 27.71
N MET O 130 10.91 -39.44 26.90
CA MET O 130 11.09 -40.80 27.37
C MET O 130 11.48 -41.71 26.21
N ASP O 131 12.39 -42.64 26.47
CA ASP O 131 12.79 -43.68 25.54
C ASP O 131 12.84 -44.99 26.30
N ILE O 132 12.23 -46.04 25.76
CA ILE O 132 12.26 -47.37 26.38
C ILE O 132 12.76 -48.38 25.36
N GLU O 133 13.78 -49.15 25.73
CA GLU O 133 14.40 -50.15 24.87
C GLU O 133 14.32 -51.53 25.52
N TYR O 134 13.82 -52.51 24.78
CA TYR O 134 13.56 -53.85 25.30
C TYR O 134 14.68 -54.80 24.89
N LYS O 135 15.23 -55.54 25.86
CA LYS O 135 16.52 -56.21 25.69
C LYS O 135 16.45 -57.73 25.67
N LEU O 136 15.88 -58.38 26.70
CA LEU O 136 15.77 -59.83 26.76
C LEU O 136 14.32 -60.28 26.71
N PHE O 137 14.12 -61.48 26.19
CA PHE O 137 12.80 -62.05 25.99
C PHE O 137 12.81 -63.53 26.35
N ARG O 138 11.67 -64.00 26.84
CA ARG O 138 11.37 -65.42 26.93
C ARG O 138 11.08 -65.97 25.52
N PRO O 139 11.19 -67.30 25.31
CA PRO O 139 10.92 -67.87 23.96
C PRO O 139 9.56 -67.57 23.35
N ASP O 140 8.54 -67.30 24.15
CA ASP O 140 7.22 -66.97 23.63
C ASP O 140 7.03 -65.47 23.47
N GLY O 141 8.08 -64.69 23.64
CA GLY O 141 8.04 -63.26 23.40
C GLY O 141 7.67 -62.41 24.60
N THR O 142 7.86 -62.90 25.81
CA THR O 142 7.62 -62.09 27.00
C THR O 142 8.90 -61.37 27.41
N PRO O 143 8.89 -60.06 27.55
CA PRO O 143 10.13 -59.34 27.90
C PRO O 143 10.46 -59.43 29.38
N ILE O 144 11.76 -59.50 29.67
CA ILE O 144 12.23 -59.64 31.04
C ILE O 144 13.28 -58.61 31.40
N ARG O 145 13.67 -57.74 30.46
CA ARG O 145 14.62 -56.67 30.76
C ARG O 145 14.44 -55.45 29.86
N ALA O 146 14.50 -54.25 30.44
CA ALA O 146 14.30 -53.03 29.68
C ALA O 146 15.01 -51.86 30.37
N MET O 147 15.32 -50.83 29.58
CA MET O 147 16.07 -49.66 30.03
C MET O 147 15.33 -48.39 29.60
N ALA O 148 15.23 -47.41 30.50
CA ALA O 148 14.43 -46.21 30.26
C ALA O 148 15.22 -44.94 30.59
N THR O 149 15.13 -43.93 29.71
CA THR O 149 15.77 -42.63 29.93
C THR O 149 14.69 -41.57 29.99
N THR O 150 14.84 -40.60 30.89
CA THR O 150 13.75 -39.72 31.26
C THR O 150 14.27 -38.28 31.41
N LYS O 151 13.42 -37.30 31.09
CA LYS O 151 13.72 -35.89 31.28
C LYS O 151 12.52 -35.18 31.87
N ILE O 152 12.73 -34.46 32.98
CA ILE O 152 11.66 -33.82 33.74
C ILE O 152 11.87 -32.31 33.76
N GLY O 153 10.80 -31.55 33.50
CA GLY O 153 10.81 -30.11 33.68
C GLY O 153 10.32 -29.68 35.03
N GLU O 154 10.40 -28.39 35.31
CA GLU O 154 10.11 -27.88 36.65
C GLU O 154 8.87 -26.99 36.63
N PHE O 155 8.03 -27.13 37.65
CA PHE O 155 6.77 -26.40 37.74
C PHE O 155 6.73 -25.55 39.00
N VAL O 156 6.38 -24.27 38.85
CA VAL O 156 6.08 -23.39 39.97
C VAL O 156 4.73 -22.74 39.69
N GLU O 157 3.83 -22.76 40.66
CA GLU O 157 2.56 -22.07 40.55
C GLU O 157 2.78 -20.58 40.77
N GLU O 158 1.96 -19.75 40.11
CA GLU O 158 2.25 -18.32 40.01
C GLU O 158 2.01 -17.60 41.33
N GLU O 159 1.17 -18.12 42.19
CA GLU O 159 1.00 -17.52 43.49
C GLU O 159 2.19 -17.76 44.36
N LEU O 160 2.90 -18.86 44.16
CA LEU O 160 4.07 -19.16 44.96
C LEU O 160 5.32 -18.47 44.44
N ARG O 161 5.32 -18.06 43.16
CA ARG O 161 6.48 -17.37 42.60
C ARG O 161 6.64 -15.98 43.19
N THR O 162 5.54 -15.25 43.35
CA THR O 162 5.58 -13.93 43.96
C THR O 162 5.86 -13.98 45.45
N ALA O 163 5.56 -15.08 46.13
CA ALA O 163 5.90 -15.19 47.54
C ALA O 163 7.37 -15.55 47.73
N GLN O 164 7.98 -16.23 46.76
CA GLN O 164 9.41 -16.53 46.84
C GLN O 164 10.26 -15.35 46.38
N GLU O 165 9.78 -14.61 45.39
CA GLU O 165 10.38 -13.33 45.00
C GLU O 165 9.70 -12.23 45.81
N ASN O 166 10.16 -12.08 47.06
CA ASN O 166 9.59 -11.08 47.96
C ASN O 166 10.08 -9.71 47.50
N ASN O 167 9.42 -9.18 46.48
CA ASN O 167 9.87 -7.98 45.79
C ASN O 167 9.57 -6.75 46.63
N GLN O 168 10.59 -6.00 46.98
CA GLN O 168 10.41 -4.81 47.79
C GLN O 168 10.98 -3.57 47.11
N PRO O 170 11.64 2.14 47.88
CA PRO O 170 10.84 3.12 47.14
C PRO O 170 9.41 2.69 46.85
N ASP O 171 9.02 1.46 47.20
CA ASP O 171 7.63 1.04 47.07
C ASP O 171 6.99 0.66 48.40
N MET O 172 7.77 0.23 49.39
CA MET O 172 7.21 -0.21 50.67
C MET O 172 7.71 0.68 51.80
N SER O 173 7.25 0.38 53.00
CA SER O 173 7.65 1.13 54.19
C SER O 173 8.78 0.41 54.94
N HIS O 174 9.54 1.20 55.69
CA HIS O 174 10.75 0.71 56.35
C HIS O 174 10.94 1.42 57.68
N TYR O 175 11.57 0.74 58.64
CA TYR O 175 11.95 1.36 59.90
C TYR O 175 13.37 0.94 60.29
N ARG O 176 14.10 1.86 60.91
CA ARG O 176 15.43 1.61 61.46
C ARG O 176 15.55 2.23 62.84
N THR O 177 16.57 1.80 63.58
CA THR O 177 16.93 2.39 64.85
C THR O 177 18.27 3.10 64.67
N VAL O 178 18.42 4.28 65.28
CA VAL O 178 19.61 5.10 65.10
C VAL O 178 20.72 4.57 65.99
N LYS O 179 21.86 4.24 65.39
CA LYS O 179 23.07 3.88 66.11
C LYS O 179 24.06 5.02 66.03
N GLU O 180 25.03 5.01 66.93
CA GLU O 180 26.01 6.10 66.96
C GLU O 180 26.97 5.98 65.78
N GLY O 181 27.09 7.06 65.03
CA GLY O 181 27.82 7.08 63.78
C GLY O 181 26.94 7.28 62.56
N ASP O 182 25.63 7.29 62.72
CA ASP O 182 24.70 7.47 61.61
C ASP O 182 24.46 8.94 61.32
N THR O 183 24.29 9.25 60.04
CA THR O 183 23.84 10.56 59.61
C THR O 183 22.61 10.38 58.74
N LEU O 184 21.78 11.42 58.67
CA LEU O 184 20.56 11.34 57.88
C LEU O 184 20.78 11.28 56.36
N PRO O 185 21.71 12.03 55.74
CA PRO O 185 21.87 11.85 54.27
C PRO O 185 22.54 10.55 53.86
N LEU O 186 23.34 9.92 54.72
CA LEU O 186 23.93 8.64 54.36
C LEU O 186 22.92 7.50 54.45
N MET O 187 22.00 7.57 55.42
CA MET O 187 20.97 6.54 55.54
C MET O 187 19.94 6.65 54.42
N THR O 188 19.66 7.87 53.97
CA THR O 188 18.71 8.07 52.88
C THR O 188 19.26 7.52 51.57
N TYR O 189 20.57 7.58 51.39
CA TYR O 189 21.20 7.07 50.17
C TYR O 189 21.13 5.54 50.10
N ARG O 190 21.24 4.87 51.24
CA ARG O 190 21.22 3.41 51.24
C ARG O 190 19.83 2.84 51.12
N ILE O 191 18.80 3.65 51.36
CA ILE O 191 17.43 3.16 51.31
C ILE O 191 16.76 3.52 49.99
N TYR O 192 17.03 4.72 49.48
CA TYR O 192 16.39 5.19 48.25
C TYR O 192 17.29 5.18 47.05
N GLY O 193 18.61 5.19 47.23
CA GLY O 193 19.52 5.36 46.13
C GLY O 193 19.92 6.78 45.83
N ASP O 194 19.47 7.75 46.63
CA ASP O 194 19.77 9.15 46.40
C ASP O 194 19.74 9.87 47.74
N SER O 195 20.66 10.81 47.93
CA SER O 195 20.78 11.52 49.20
C SER O 195 19.81 12.69 49.32
N LYS O 196 19.06 13.00 48.26
CA LYS O 196 18.35 14.26 48.18
C LYS O 196 17.01 14.25 48.92
N TYR O 197 16.57 13.11 49.42
CA TYR O 197 15.26 13.01 50.08
C TYR O 197 15.32 13.23 51.57
N TYR O 198 16.44 13.75 52.11
CA TYR O 198 16.63 13.84 53.56
C TYR O 198 15.68 14.83 54.23
N LEU O 199 15.24 15.87 53.51
CA LEU O 199 14.31 16.80 54.12
C LEU O 199 12.88 16.29 54.15
N GLU O 200 12.56 15.29 53.33
CA GLU O 200 11.23 14.68 53.41
C GLU O 200 11.18 13.61 54.49
N VAL O 201 12.30 12.98 54.78
CA VAL O 201 12.36 12.00 55.86
C VAL O 201 12.30 12.71 57.20
N ALA O 202 12.89 13.90 57.29
CA ALA O 202 12.91 14.63 58.55
C ALA O 202 11.55 15.24 58.85
N LYS O 203 10.80 15.62 57.81
CA LYS O 203 9.46 16.17 58.03
C LYS O 203 8.45 15.11 58.40
N ALA O 204 8.64 13.88 57.92
CA ALA O 204 7.72 12.80 58.24
C ALA O 204 7.93 12.24 59.63
N ASN O 205 9.04 12.61 60.27
CA ASN O 205 9.36 12.15 61.61
C ASN O 205 9.31 13.27 62.65
N GLY O 206 9.02 14.50 62.23
CA GLY O 206 8.96 15.61 63.15
C GLY O 206 10.31 16.08 63.69
N LEU O 207 11.36 15.94 62.92
CA LEU O 207 12.69 16.31 63.38
C LEU O 207 13.01 17.76 63.02
N THR O 208 13.53 18.50 63.98
CA THR O 208 13.99 19.86 63.73
C THR O 208 15.50 19.93 63.70
N ASN O 209 16.14 19.31 64.68
CA ASN O 209 17.61 19.22 64.72
C ASN O 209 18.04 17.88 64.13
N PHE O 210 17.91 17.77 62.82
CA PHE O 210 18.28 16.52 62.15
C PHE O 210 19.78 16.36 61.91
N ARG O 211 20.58 17.40 62.19
CA ARG O 211 22.00 17.28 61.92
C ARG O 211 22.75 16.61 63.06
N ARG O 212 22.03 16.35 64.15
CA ARG O 212 22.52 15.57 65.26
C ARG O 212 21.40 14.61 65.63
N LEU O 213 21.58 13.30 65.38
CA LEU O 213 20.57 12.34 65.77
C LEU O 213 20.95 11.67 67.09
N LYS O 214 19.95 11.45 67.94
CA LYS O 214 20.14 10.77 69.20
C LYS O 214 20.02 9.26 69.00
N THR O 215 20.83 8.50 69.75
CA THR O 215 21.16 7.13 69.38
C THR O 215 20.20 6.09 69.94
N GLY O 216 18.93 6.45 70.17
CA GLY O 216 17.91 5.46 70.43
C GLY O 216 16.64 5.64 69.64
N THR O 217 16.64 6.54 68.67
CA THR O 217 15.42 6.95 67.98
C THR O 217 15.05 5.94 66.89
N GLU O 218 13.77 5.62 66.80
CA GLU O 218 13.28 4.78 65.70
C GLU O 218 12.60 5.69 64.70
N LEU O 219 13.04 5.65 63.44
CA LEU O 219 12.53 6.46 62.34
C LEU O 219 11.71 5.60 61.38
N ILE O 220 10.83 6.25 60.64
CA ILE O 220 10.09 5.63 59.54
C ILE O 220 10.64 6.16 58.23
N PHE O 221 10.54 5.35 57.18
CA PHE O 221 10.95 5.77 55.84
C PHE O 221 9.80 5.48 54.88
N PRO O 222 8.97 6.47 54.57
CA PRO O 222 7.81 6.23 53.71
C PRO O 222 8.21 5.98 52.27
N PRO O 223 7.38 5.27 51.50
CA PRO O 223 7.67 5.10 50.08
C PRO O 223 7.37 6.37 49.27
N LEU O 224 7.90 6.39 48.07
CA LEU O 224 7.66 7.49 47.14
C LEU O 224 6.29 7.36 46.48
N GLN O 225 5.68 8.50 46.19
CA GLN O 225 4.35 8.47 45.58
C GLN O 225 4.49 8.09 44.10
N LYS O 226 3.42 7.49 43.55
CA LYS O 226 3.53 6.80 42.27
C LYS O 226 2.98 7.61 41.10
N GLN O 227 1.86 8.31 41.26
CA GLN O 227 1.32 9.12 40.19
C GLN O 227 1.63 10.60 40.40
N SER P 2 76.59 -14.83 13.18
CA SER P 2 75.34 -14.80 13.94
C SER P 2 74.32 -15.76 13.35
N GLU P 3 74.81 -16.71 12.57
CA GLU P 3 74.00 -17.82 12.09
C GLU P 3 73.60 -18.73 13.24
N GLY P 4 74.53 -18.93 14.17
CA GLY P 4 74.35 -19.82 15.29
C GLY P 4 73.44 -19.33 16.37
N LYS P 5 72.95 -18.10 16.26
CA LYS P 5 72.03 -17.52 17.23
C LYS P 5 70.61 -18.02 16.99
N LEU P 6 69.97 -18.49 18.06
CA LEU P 6 68.54 -18.83 18.03
C LEU P 6 67.74 -17.55 18.15
N GLU P 7 67.09 -17.15 17.06
CA GLU P 7 66.28 -15.94 17.07
C GLU P 7 64.92 -16.20 17.72
N LYS P 8 64.41 -15.19 18.42
CA LYS P 8 63.14 -15.27 19.12
C LYS P 8 62.12 -14.33 18.48
N LEU P 9 60.85 -14.75 18.52
CA LEU P 9 59.78 -14.01 17.85
C LEU P 9 59.45 -12.73 18.61
N ARG P 10 59.20 -11.64 17.88
CA ARG P 10 58.87 -10.34 18.42
C ARG P 10 57.58 -9.78 17.88
N ILE P 11 56.88 -9.00 18.71
CA ILE P 11 55.68 -8.27 18.30
C ILE P 11 55.78 -6.84 18.80
N VAL P 12 55.60 -5.88 17.89
CA VAL P 12 55.70 -4.44 18.19
C VAL P 12 54.35 -3.79 17.87
N ALA P 13 53.95 -2.83 18.70
CA ALA P 13 52.73 -2.07 18.47
C ALA P 13 53.01 -0.73 17.82
N TYR P 14 52.08 -0.27 16.98
CA TYR P 14 52.22 0.95 16.20
C TYR P 14 50.97 1.83 16.32
N LYS P 15 51.17 3.13 16.06
CA LYS P 15 50.10 4.12 16.19
C LYS P 15 49.42 4.47 14.88
N ASP P 16 50.13 4.45 13.76
CA ASP P 16 49.56 4.90 12.50
C ASP P 16 49.49 3.76 11.50
N SER P 17 48.70 3.99 10.45
CA SER P 17 48.49 2.99 9.41
C SER P 17 49.63 2.89 8.41
N LYS P 18 50.67 3.71 8.55
CA LYS P 18 51.86 3.58 7.74
C LYS P 18 53.00 2.89 8.48
N PHE P 19 52.79 2.56 9.76
CA PHE P 19 53.70 1.77 10.60
C PHE P 19 55.07 2.46 10.75
N SER P 20 55.04 3.72 11.19
CA SER P 20 56.26 4.49 11.40
C SER P 20 56.36 5.15 12.77
N ASP P 21 55.30 5.12 13.58
CA ASP P 21 55.25 5.80 14.87
C ASP P 21 54.98 4.78 15.97
N GLU P 22 56.02 4.40 16.71
CA GLU P 22 55.92 3.32 17.68
C GLU P 22 55.21 3.76 18.95
N VAL P 23 54.41 2.85 19.50
CA VAL P 23 53.85 2.99 20.84
C VAL P 23 55.01 2.85 21.84
N GLU P 24 55.04 3.73 22.83
CA GLU P 24 56.13 3.69 23.81
C GLU P 24 55.92 2.56 24.80
N ASN P 25 56.98 1.79 25.04
CA ASN P 25 56.99 0.53 25.78
C ASN P 25 55.99 -0.48 25.21
N GLY P 26 56.00 -0.63 23.88
CA GLY P 26 55.03 -1.48 23.22
C GLY P 26 55.63 -2.62 22.43
N GLU P 27 56.69 -3.24 22.96
CA GLU P 27 57.36 -4.32 22.27
C GLU P 27 57.39 -5.55 23.16
N PHE P 28 56.93 -6.68 22.61
CA PHE P 28 56.92 -7.96 23.30
C PHE P 28 57.91 -8.90 22.64
N ILE P 29 58.70 -9.60 23.45
CA ILE P 29 59.62 -10.64 23.00
C ILE P 29 59.30 -11.91 23.75
N THR P 30 59.11 -13.01 23.02
CA THR P 30 58.78 -14.27 23.65
C THR P 30 60.03 -14.93 24.23
N LEU P 31 59.82 -15.88 25.14
CA LEU P 31 60.91 -16.66 25.69
C LEU P 31 61.00 -18.06 25.10
N LEU P 32 59.90 -18.56 24.54
CA LEU P 32 59.89 -19.81 23.80
C LEU P 32 59.13 -19.61 22.51
N ASN P 33 59.71 -20.05 21.43
CA ASN P 33 59.17 -19.94 20.08
C ASN P 33 58.01 -20.92 19.89
N PRO P 34 57.04 -20.58 19.04
CA PRO P 34 56.04 -21.57 18.64
C PRO P 34 56.67 -22.69 17.82
N GLU P 35 55.98 -23.83 17.80
CA GLU P 35 56.37 -24.98 16.99
C GLU P 35 56.20 -24.80 15.49
N LYS P 36 55.11 -24.13 15.09
CA LYS P 36 54.72 -23.98 13.70
C LYS P 36 53.76 -22.79 13.59
N TYR P 37 53.49 -22.39 12.35
CA TYR P 37 52.45 -21.41 12.08
C TYR P 37 51.78 -21.73 10.75
N LYS P 38 50.64 -21.08 10.51
CA LYS P 38 49.75 -21.48 9.42
C LYS P 38 49.10 -20.27 8.78
N PHE P 39 48.97 -20.31 7.45
CA PHE P 39 48.34 -19.27 6.65
C PHE P 39 47.08 -19.79 6.00
N GLN P 40 46.22 -18.87 5.55
CA GLN P 40 44.98 -19.21 4.87
C GLN P 40 44.66 -18.21 3.77
N TYR P 41 44.29 -18.71 2.59
CA TYR P 41 44.05 -17.93 1.39
C TYR P 41 42.73 -18.33 0.75
N ARG P 42 41.91 -17.35 0.39
CA ARG P 42 40.59 -17.59 -0.18
C ARG P 42 40.31 -16.66 -1.35
N VAL P 43 39.83 -17.21 -2.46
CA VAL P 43 39.42 -16.43 -3.63
C VAL P 43 37.97 -16.80 -3.96
N GLU P 44 37.14 -15.79 -4.17
CA GLU P 44 35.71 -15.98 -4.41
C GLU P 44 35.30 -15.70 -5.85
N GLN P 45 34.44 -16.56 -6.39
CA GLN P 45 33.96 -16.45 -7.76
C GLN P 45 32.44 -16.42 -7.80
N ASN P 46 31.92 -15.92 -8.92
CA ASN P 46 30.48 -15.87 -9.18
C ASN P 46 30.12 -17.02 -10.12
N GLU P 47 29.17 -17.86 -9.72
CA GLU P 47 28.90 -19.12 -10.41
C GLU P 47 27.44 -19.30 -10.81
N ASP P 48 26.78 -18.24 -11.24
CA ASP P 48 25.40 -18.37 -11.72
C ASP P 48 25.38 -18.94 -13.14
N GLN P 49 24.46 -19.87 -13.39
CA GLN P 49 24.28 -20.38 -14.73
C GLN P 49 22.80 -20.66 -14.98
N ALA P 50 22.46 -20.75 -16.26
CA ALA P 50 21.08 -20.99 -16.67
C ALA P 50 20.80 -22.49 -16.78
N SER P 51 19.53 -22.84 -16.71
CA SER P 51 19.14 -24.24 -16.77
C SER P 51 19.22 -24.75 -18.20
N GLY P 52 19.60 -26.01 -18.34
CA GLY P 52 19.78 -26.62 -19.64
C GLY P 52 21.20 -26.66 -20.14
N THR P 53 22.14 -26.10 -19.40
CA THR P 53 23.50 -25.97 -19.87
C THR P 53 24.43 -26.94 -19.15
N SER P 54 25.59 -27.18 -19.75
CA SER P 54 26.53 -28.16 -19.22
C SER P 54 27.68 -27.56 -18.43
N SER P 55 27.88 -26.25 -18.47
CA SER P 55 28.95 -25.60 -17.72
C SER P 55 28.62 -24.13 -17.54
N ALA P 56 29.23 -23.54 -16.55
CA ALA P 56 28.99 -22.16 -16.14
C ALA P 56 30.14 -21.26 -16.56
N PRO P 57 29.85 -20.00 -16.87
CA PRO P 57 30.92 -19.01 -17.00
C PRO P 57 31.36 -18.50 -15.64
N ILE P 58 32.62 -18.74 -15.32
CA ILE P 58 33.19 -18.44 -14.00
C ILE P 58 33.78 -17.04 -14.05
N ARG P 59 33.30 -16.16 -13.17
CA ARG P 59 33.75 -14.78 -13.11
C ARG P 59 34.47 -14.53 -11.80
N PHE P 60 35.62 -13.84 -11.87
CA PHE P 60 36.33 -13.43 -10.66
C PHE P 60 35.53 -12.36 -9.93
N ASN P 61 35.44 -12.50 -8.61
CA ASN P 61 34.76 -11.51 -7.79
C ASN P 61 35.71 -10.79 -6.84
N LYS P 62 36.44 -11.49 -5.98
CA LYS P 62 37.14 -10.84 -4.88
C LYS P 62 38.26 -11.72 -4.35
N ILE P 63 39.25 -11.08 -3.74
CA ILE P 63 40.23 -11.76 -2.90
C ILE P 63 39.96 -11.36 -1.46
N LEU P 64 39.70 -12.33 -0.61
CA LEU P 64 39.33 -12.20 0.80
C LEU P 64 40.59 -12.02 1.66
N PRO P 65 40.45 -11.42 2.85
CA PRO P 65 41.64 -11.18 3.70
C PRO P 65 42.28 -12.45 4.26
N GLN P 66 43.58 -12.33 4.58
CA GLN P 66 44.38 -13.46 5.04
C GLN P 66 44.31 -13.64 6.56
N THR P 67 44.88 -14.74 7.03
CA THR P 67 44.76 -15.20 8.40
C THR P 67 46.04 -15.92 8.83
N LEU P 68 46.52 -15.64 10.04
CA LEU P 68 47.67 -16.30 10.64
C LEU P 68 47.29 -16.82 12.01
N GLU P 69 47.77 -18.02 12.34
CA GLU P 69 47.53 -18.67 13.63
C GLU P 69 48.76 -19.34 14.21
N PHE P 70 48.93 -19.24 15.53
CA PHE P 70 50.03 -19.90 16.26
C PHE P 70 49.70 -20.02 17.75
N ASP P 71 50.53 -20.78 18.48
CA ASP P 71 50.34 -21.02 19.91
C ASP P 71 51.58 -20.65 20.74
N PHE P 72 51.39 -20.23 21.98
CA PHE P 72 52.48 -19.82 22.86
C PHE P 72 52.48 -20.58 24.17
N LEU P 73 53.64 -20.66 24.80
CA LEU P 73 53.77 -21.27 26.12
C LEU P 73 54.58 -20.35 27.02
N PHE P 74 54.06 -20.10 28.22
CA PHE P 74 54.71 -19.28 29.25
C PHE P 74 55.06 -20.20 30.41
N ASP P 75 56.32 -20.19 30.85
CA ASP P 75 56.72 -21.06 31.95
C ASP P 75 57.91 -20.47 32.69
N ARG P 76 57.80 -20.36 34.01
CA ARG P 76 58.85 -19.87 34.89
C ARG P 76 59.04 -20.82 36.08
N THR P 77 59.21 -22.10 35.78
CA THR P 77 59.43 -23.13 36.79
C THR P 77 60.90 -23.29 37.17
N GLY P 78 61.81 -23.22 36.21
CA GLY P 78 63.22 -23.20 36.52
C GLY P 78 64.06 -24.30 35.92
N VAL P 79 63.62 -24.92 34.82
CA VAL P 79 64.36 -26.01 34.20
C VAL P 79 64.85 -25.64 32.81
N ILE P 80 64.59 -24.42 32.35
CA ILE P 80 64.98 -23.98 31.01
C ILE P 80 66.22 -23.11 31.16
N ALA P 81 67.29 -23.48 30.45
CA ALA P 81 68.57 -22.82 30.61
C ALA P 81 68.56 -21.41 30.04
N GLY P 82 69.10 -20.47 30.80
CA GLY P 82 69.20 -19.09 30.39
C GLY P 82 68.29 -18.13 31.13
N TYR P 83 67.31 -18.62 31.87
CA TYR P 83 66.32 -17.76 32.51
C TYR P 83 66.32 -17.99 34.01
N GLU P 84 65.74 -17.04 34.73
CA GLU P 84 65.68 -17.10 36.18
C GLU P 84 64.25 -17.27 36.65
N VAL P 85 64.11 -17.80 37.86
CA VAL P 85 62.81 -17.86 38.52
C VAL P 85 62.52 -16.50 39.14
N THR P 86 61.30 -16.03 38.95
CA THR P 86 60.87 -14.71 39.37
C THR P 86 60.00 -14.87 40.61
N GLU P 87 59.92 -13.82 41.42
CA GLU P 87 59.11 -13.87 42.63
C GLU P 87 57.62 -14.00 42.32
N ASP P 88 57.16 -13.40 41.23
CA ASP P 88 55.75 -13.43 40.90
C ASP P 88 55.42 -14.30 39.68
N GLY P 89 56.36 -15.14 39.23
CA GLY P 89 56.02 -16.12 38.21
C GLY P 89 55.82 -15.50 36.85
N ILE P 90 54.66 -15.76 36.25
CA ILE P 90 54.35 -15.33 34.90
C ILE P 90 53.36 -14.15 34.89
N ILE P 91 53.18 -13.47 36.03
CA ILE P 91 52.16 -12.44 36.14
C ILE P 91 52.52 -11.23 35.28
N ASN P 92 53.78 -10.83 35.27
CA ASN P 92 54.18 -9.66 34.51
C ASN P 92 54.41 -9.99 33.03
N ASP P 93 54.66 -11.26 32.70
CA ASP P 93 54.81 -11.64 31.30
C ASP P 93 53.48 -11.58 30.56
N ILE P 94 52.40 -12.01 31.20
CA ILE P 94 51.10 -12.04 30.54
C ILE P 94 50.49 -10.64 30.52
N ASP P 95 50.74 -9.84 31.55
CA ASP P 95 50.20 -8.49 31.61
C ASP P 95 50.86 -7.57 30.59
N HIS P 96 52.12 -7.82 30.25
CA HIS P 96 52.78 -7.02 29.23
C HIS P 96 52.37 -7.49 27.83
N PHE P 97 52.09 -8.77 27.69
CA PHE P 97 51.65 -9.31 26.40
C PHE P 97 50.25 -8.82 26.04
N LYS P 98 49.38 -8.64 27.04
CA LYS P 98 48.02 -8.19 26.79
C LYS P 98 47.97 -6.69 26.52
N LYS P 99 48.89 -5.93 27.12
CA LYS P 99 48.94 -4.50 26.90
C LYS P 99 49.34 -4.17 25.47
N VAL P 100 50.12 -5.03 24.85
CA VAL P 100 50.57 -4.82 23.48
C VAL P 100 49.49 -5.22 22.48
N VAL P 101 48.88 -6.40 22.64
CA VAL P 101 48.07 -6.93 21.56
C VAL P 101 46.56 -6.76 21.76
N TYR P 102 46.10 -6.50 22.97
CA TYR P 102 44.66 -6.53 23.24
C TYR P 102 44.06 -5.21 23.68
N ASP P 103 44.75 -4.43 24.52
CA ASP P 103 44.12 -3.35 25.27
C ASP P 103 43.78 -2.16 24.39
N TYR P 104 42.66 -1.51 24.74
CA TYR P 104 42.16 -0.34 24.02
C TYR P 104 43.04 0.87 24.31
N ASN P 105 43.35 1.64 23.28
CA ASN P 105 44.21 2.81 23.39
C ASN P 105 43.36 4.06 23.22
N GLY P 106 43.33 4.90 24.26
CA GLY P 106 42.50 6.08 24.25
C GLY P 106 43.02 7.21 23.39
N GLU P 107 44.27 7.13 22.95
CA GLU P 107 44.81 8.14 22.04
C GLU P 107 44.28 7.96 20.63
N LYS P 108 44.03 6.71 20.21
CA LYS P 108 43.56 6.42 18.86
C LYS P 108 42.15 5.85 18.82
N HIS P 109 41.52 5.62 19.98
CA HIS P 109 40.16 5.11 20.12
C HIS P 109 40.00 3.70 19.55
N LYS P 110 41.02 2.86 19.69
CA LYS P 110 41.05 1.51 19.13
C LYS P 110 42.19 0.69 19.75
N PRO P 111 42.26 -0.62 19.52
CA PRO P 111 43.50 -1.36 19.82
C PRO P 111 44.59 -1.07 18.80
N ASN P 112 45.78 -1.61 19.06
CA ASN P 112 47.00 -1.23 18.36
C ASN P 112 47.17 -1.97 17.03
N TYR P 113 47.93 -1.34 16.12
CA TYR P 113 48.46 -2.01 14.94
C TYR P 113 49.65 -2.88 15.34
N LEU P 114 49.75 -4.05 14.73
CA LEU P 114 50.76 -5.02 15.13
C LEU P 114 51.65 -5.38 13.96
N MET P 115 52.95 -5.50 14.22
CA MET P 115 53.90 -6.07 13.28
C MET P 115 54.56 -7.28 13.94
N ILE P 116 54.53 -8.41 13.26
CA ILE P 116 55.00 -9.69 13.78
C ILE P 116 56.19 -10.13 12.93
N THR P 117 57.35 -10.29 13.55
CA THR P 117 58.58 -10.62 12.83
C THR P 117 59.30 -11.79 13.50
N TRP P 118 59.64 -12.80 12.71
CA TRP P 118 60.50 -13.89 13.17
C TRP P 118 61.16 -14.51 11.95
N GLY P 119 62.46 -14.25 11.79
CA GLY P 119 63.20 -14.81 10.67
C GLY P 119 62.75 -14.23 9.34
N SER P 120 62.19 -15.09 8.50
CA SER P 120 61.65 -14.72 7.21
C SER P 120 60.25 -14.13 7.28
N LEU P 121 59.57 -14.21 8.42
CA LEU P 121 58.17 -13.84 8.52
C LEU P 121 58.02 -12.36 8.86
N LEU P 122 57.08 -11.69 8.20
CA LEU P 122 56.76 -10.30 8.50
C LEU P 122 55.30 -10.07 8.15
N PHE P 123 54.48 -9.75 9.15
CA PHE P 123 53.03 -9.73 9.01
C PHE P 123 52.45 -8.53 9.77
N LYS P 124 51.53 -7.81 9.13
CA LYS P 124 50.87 -6.65 9.73
C LYS P 124 49.37 -6.88 9.85
N GLY P 125 48.80 -6.56 11.00
CA GLY P 125 47.36 -6.67 11.13
C GLY P 125 46.80 -6.41 12.50
N TYR P 126 45.76 -7.16 12.82
CA TYR P 126 44.91 -6.99 14.00
C TYR P 126 44.68 -8.31 14.70
N LEU P 127 44.54 -8.26 16.02
CA LEU P 127 44.10 -9.42 16.78
C LEU P 127 42.60 -9.64 16.60
N LYS P 128 42.21 -10.89 16.41
CA LYS P 128 40.79 -11.26 16.41
C LYS P 128 40.37 -12.09 17.59
N GLU P 129 41.19 -13.05 18.03
CA GLU P 129 40.78 -14.05 19.00
C GLU P 129 41.94 -14.44 19.89
N MET P 130 41.63 -14.78 21.14
CA MET P 130 42.63 -15.21 22.10
C MET P 130 41.99 -16.08 23.17
N ASP P 131 42.69 -17.13 23.59
CA ASP P 131 42.31 -17.97 24.71
C ASP P 131 43.54 -18.21 25.57
N ILE P 132 43.44 -18.01 26.89
CA ILE P 132 44.54 -18.26 27.81
C ILE P 132 44.07 -19.22 28.89
N GLU P 133 44.83 -20.30 29.09
CA GLU P 133 44.52 -21.35 30.07
C GLU P 133 45.67 -21.49 31.06
N TYR P 134 45.34 -21.43 32.35
CA TYR P 134 46.34 -21.44 33.43
C TYR P 134 46.47 -22.84 34.02
N LYS P 135 47.70 -23.33 34.14
CA LYS P 135 47.95 -24.76 34.37
C LYS P 135 48.54 -25.10 35.72
N LEU P 136 49.68 -24.51 36.09
CA LEU P 136 50.33 -24.78 37.38
C LEU P 136 50.34 -23.54 38.27
N PHE P 137 50.33 -23.79 39.58
CA PHE P 137 50.26 -22.75 40.59
C PHE P 137 51.20 -23.06 41.74
N ARG P 138 51.72 -22.01 42.35
CA ARG P 138 52.36 -22.09 43.66
C ARG P 138 51.28 -22.27 44.72
N PRO P 139 51.64 -22.76 45.94
CA PRO P 139 50.64 -22.97 46.99
C PRO P 139 49.82 -21.74 47.41
N ASP P 140 50.35 -20.53 47.23
CA ASP P 140 49.62 -19.31 47.55
C ASP P 140 48.83 -18.78 46.36
N GLY P 141 48.77 -19.52 45.27
CA GLY P 141 47.96 -19.15 44.13
C GLY P 141 48.66 -18.33 43.08
N THR P 142 49.98 -18.37 43.01
CA THR P 142 50.70 -17.67 41.96
C THR P 142 50.90 -18.59 40.76
N PRO P 143 50.49 -18.19 39.56
CA PRO P 143 50.63 -19.10 38.41
C PRO P 143 52.04 -19.12 37.84
N ILE P 144 52.46 -20.29 37.37
CA ILE P 144 53.81 -20.46 36.84
C ILE P 144 53.81 -21.11 35.46
N ARG P 145 52.63 -21.44 34.92
CA ARG P 145 52.55 -21.99 33.56
C ARG P 145 51.22 -21.69 32.89
N ALA P 146 51.26 -21.30 31.61
CA ALA P 146 50.04 -20.96 30.88
C ALA P 146 50.26 -21.16 29.38
N MET P 147 49.15 -21.36 28.66
CA MET P 147 49.15 -21.65 27.23
C MET P 147 48.17 -20.72 26.53
N ALA P 148 48.57 -20.17 25.38
CA ALA P 148 47.79 -19.16 24.67
C ALA P 148 47.64 -19.48 23.19
N THR P 149 46.43 -19.33 22.66
CA THR P 149 46.15 -19.54 21.24
C THR P 149 45.66 -18.23 20.64
N THR P 150 46.10 -17.92 19.42
CA THR P 150 45.97 -16.57 18.87
C THR P 150 45.56 -16.65 17.41
N LYS P 151 44.79 -15.67 16.95
CA LYS P 151 44.41 -15.54 15.55
C LYS P 151 44.54 -14.09 15.10
N ILE P 152 45.26 -13.85 14.00
CA ILE P 152 45.60 -12.51 13.53
C ILE P 152 45.02 -12.30 12.12
N GLY P 153 44.37 -11.16 11.91
CA GLY P 153 43.93 -10.75 10.59
C GLY P 153 44.95 -9.88 9.89
N GLU P 154 44.67 -9.55 8.63
CA GLU P 154 45.64 -8.86 7.80
C GLU P 154 45.15 -7.45 7.43
N PHE P 155 46.05 -6.48 7.47
CA PHE P 155 45.71 -5.09 7.22
C PHE P 155 46.51 -4.55 6.03
N VAL P 156 45.82 -3.92 5.09
CA VAL P 156 46.43 -3.15 4.02
C VAL P 156 45.78 -1.77 4.00
N GLU P 157 46.60 -0.73 3.97
CA GLU P 157 46.10 0.63 3.82
C GLU P 157 45.69 0.87 2.36
N GLU P 158 44.68 1.72 2.15
CA GLU P 158 44.04 1.79 0.83
C GLU P 158 44.90 2.50 -0.19
N GLU P 159 45.81 3.35 0.24
CA GLU P 159 46.73 3.95 -0.70
C GLU P 159 47.74 2.95 -1.21
N LEU P 160 48.07 1.96 -0.41
CA LEU P 160 49.03 0.95 -0.81
C LEU P 160 48.39 -0.16 -1.64
N ARG P 161 47.07 -0.33 -1.54
CA ARG P 161 46.39 -1.36 -2.32
C ARG P 161 46.37 -1.01 -3.80
N THR P 162 46.10 0.25 -4.12
CA THR P 162 46.11 0.69 -5.51
C THR P 162 47.52 0.74 -6.10
N ALA P 163 48.57 0.88 -5.28
CA ALA P 163 49.92 0.84 -5.81
C ALA P 163 50.38 -0.59 -6.05
N GLN P 164 49.83 -1.56 -5.31
CA GLN P 164 50.17 -2.96 -5.54
C GLN P 164 49.35 -3.55 -6.68
N GLU P 165 48.10 -3.12 -6.82
CA GLU P 165 47.27 -3.42 -7.99
C GLU P 165 47.51 -2.32 -9.01
N ASN P 166 48.61 -2.44 -9.75
CA ASN P 166 48.97 -1.45 -10.76
C ASN P 166 48.03 -1.65 -11.95
N ASN P 167 46.82 -1.10 -11.83
CA ASN P 167 45.75 -1.36 -12.77
C ASN P 167 45.98 -0.56 -14.05
N GLN P 168 46.08 -1.26 -15.17
CA GLN P 168 46.31 -0.60 -16.44
C GLN P 168 45.24 -0.95 -17.46
N PRO P 170 43.65 0.11 -22.95
CA PRO P 170 42.50 0.96 -23.27
C PRO P 170 42.29 2.13 -22.31
N ASP P 171 43.06 2.24 -21.24
CA ASP P 171 43.00 3.41 -20.37
C ASP P 171 44.29 4.20 -20.31
N MET P 172 45.45 3.57 -20.55
CA MET P 172 46.73 4.25 -20.44
C MET P 172 47.43 4.26 -21.79
N SER P 173 48.61 4.88 -21.82
CA SER P 173 49.42 4.95 -23.02
C SER P 173 50.50 3.88 -23.04
N HIS P 174 50.93 3.53 -24.25
CA HIS P 174 51.84 2.41 -24.45
C HIS P 174 52.77 2.72 -25.61
N TYR P 175 53.98 2.15 -25.58
CA TYR P 175 54.91 2.23 -26.70
C TYR P 175 55.57 0.88 -26.94
N ARG P 176 55.83 0.57 -28.22
CA ARG P 176 56.56 -0.63 -28.62
C ARG P 176 57.56 -0.28 -29.70
N THR P 177 58.51 -1.18 -29.93
CA THR P 177 59.44 -1.09 -31.03
C THR P 177 59.12 -2.21 -32.02
N VAL P 178 59.21 -1.89 -33.31
CA VAL P 178 58.82 -2.84 -34.35
C VAL P 178 59.96 -3.83 -34.58
N LYS P 179 59.65 -5.11 -34.46
CA LYS P 179 60.56 -6.19 -34.78
C LYS P 179 60.11 -6.84 -36.09
N GLU P 180 61.03 -7.55 -36.73
CA GLU P 180 60.70 -8.19 -38.00
C GLU P 180 59.78 -9.37 -37.80
N GLY P 181 58.66 -9.36 -38.51
CA GLY P 181 57.59 -10.31 -38.32
C GLY P 181 56.32 -9.70 -37.77
N ASP P 182 56.34 -8.42 -37.40
CA ASP P 182 55.17 -7.76 -36.85
C ASP P 182 54.29 -7.20 -37.95
N THR P 183 52.97 -7.23 -37.70
CA THR P 183 52.00 -6.56 -38.54
C THR P 183 51.17 -5.64 -37.67
N LEU P 184 50.61 -4.61 -38.28
CA LEU P 184 49.80 -3.65 -37.52
C LEU P 184 48.48 -4.21 -36.99
N PRO P 185 47.68 -5.03 -37.72
CA PRO P 185 46.45 -5.54 -37.09
C PRO P 185 46.68 -6.60 -36.03
N LEU P 186 47.79 -7.34 -36.05
CA LEU P 186 48.04 -8.31 -35.01
C LEU P 186 48.49 -7.64 -33.71
N MET P 187 49.25 -6.54 -33.82
CA MET P 187 49.69 -5.82 -32.63
C MET P 187 48.53 -5.06 -31.97
N THR P 188 47.60 -4.58 -32.78
CA THR P 188 46.43 -3.87 -32.26
C THR P 188 45.52 -4.82 -31.48
N TYR P 189 45.46 -6.09 -31.90
CA TYR P 189 44.63 -7.07 -31.22
C TYR P 189 45.18 -7.41 -29.84
N ARG P 190 46.51 -7.44 -29.70
CA ARG P 190 47.10 -7.82 -28.43
C ARG P 190 47.09 -6.69 -27.42
N ILE P 191 46.88 -5.46 -27.87
CA ILE P 191 46.90 -4.31 -26.98
C ILE P 191 45.49 -3.88 -26.60
N TYR P 192 44.56 -3.92 -27.55
CA TYR P 192 43.20 -3.46 -27.30
C TYR P 192 42.19 -4.58 -27.16
N GLY P 193 42.48 -5.77 -27.67
CA GLY P 193 41.50 -6.83 -27.72
C GLY P 193 40.68 -6.89 -28.99
N ASP P 194 40.97 -6.03 -29.97
CA ASP P 194 40.22 -6.00 -31.21
C ASP P 194 41.14 -5.49 -32.32
N SER P 195 41.01 -6.06 -33.51
CA SER P 195 41.88 -5.70 -34.62
C SER P 195 41.40 -4.47 -35.36
N LYS P 196 40.25 -3.90 -35.01
CA LYS P 196 39.60 -2.92 -35.84
C LYS P 196 40.14 -1.51 -35.66
N TYR P 197 41.03 -1.28 -34.70
CA TYR P 197 41.53 0.06 -34.42
C TYR P 197 42.81 0.38 -35.17
N TYR P 198 43.19 -0.40 -36.19
CA TYR P 198 44.49 -0.25 -36.84
C TYR P 198 44.59 1.05 -37.65
N LEU P 199 43.48 1.58 -38.14
CA LEU P 199 43.55 2.84 -38.88
C LEU P 199 43.66 4.05 -37.96
N GLU P 200 43.30 3.91 -36.69
CA GLU P 200 43.49 5.02 -35.75
C GLU P 200 44.90 5.02 -35.19
N VAL P 201 45.53 3.85 -35.10
CA VAL P 201 46.91 3.78 -34.66
C VAL P 201 47.84 4.31 -35.74
N ALA P 202 47.48 4.10 -37.01
CA ALA P 202 48.32 4.55 -38.11
C ALA P 202 48.22 6.06 -38.30
N LYS P 203 47.05 6.64 -38.01
CA LYS P 203 46.89 8.08 -38.14
C LYS P 203 47.58 8.82 -37.00
N ALA P 204 47.66 8.21 -35.82
CA ALA P 204 48.30 8.88 -34.69
C ALA P 204 49.81 8.83 -34.78
N ASN P 205 50.36 8.03 -35.69
CA ASN P 205 51.79 7.90 -35.88
C ASN P 205 52.27 8.46 -37.21
N GLY P 206 51.36 8.97 -38.04
CA GLY P 206 51.73 9.52 -39.33
C GLY P 206 52.15 8.51 -40.36
N LEU P 207 51.61 7.29 -40.32
CA LEU P 207 52.00 6.25 -41.24
C LEU P 207 51.11 6.25 -42.47
N THR P 208 51.74 6.18 -43.65
CA THR P 208 50.98 6.06 -44.89
C THR P 208 51.07 4.64 -45.44
N ASN P 209 52.28 4.08 -45.48
CA ASN P 209 52.48 2.70 -45.88
C ASN P 209 52.55 1.81 -44.65
N PHE P 210 51.39 1.60 -44.03
CA PHE P 210 51.33 0.79 -42.82
C PHE P 210 51.33 -0.70 -43.10
N ARG P 211 51.23 -1.13 -44.36
CA ARG P 211 51.17 -2.55 -44.64
C ARG P 211 52.54 -3.18 -44.70
N ARG P 212 53.57 -2.34 -44.63
CA ARG P 212 54.94 -2.76 -44.51
C ARG P 212 55.57 -1.89 -43.43
N LEU P 213 55.89 -2.45 -42.27
CA LEU P 213 56.55 -1.67 -41.23
C LEU P 213 58.05 -1.93 -41.25
N LYS P 214 58.82 -0.87 -41.04
CA LYS P 214 60.27 -0.93 -40.95
C LYS P 214 60.69 -1.28 -39.53
N THR P 215 61.75 -2.07 -39.41
CA THR P 215 62.01 -2.82 -38.18
C THR P 215 62.85 -2.07 -37.17
N GLY P 216 62.80 -0.74 -37.15
CA GLY P 216 63.35 0.02 -36.04
C GLY P 216 62.43 1.09 -35.49
N THR P 217 61.17 1.12 -35.92
CA THR P 217 60.27 2.22 -35.63
C THR P 217 59.67 2.06 -34.24
N GLU P 218 59.59 3.15 -33.50
CA GLU P 218 58.89 3.15 -32.22
C GLU P 218 57.55 3.82 -32.42
N LEU P 219 56.46 3.12 -32.07
CA LEU P 219 55.09 3.57 -32.22
C LEU P 219 54.50 3.90 -30.86
N ILE P 220 53.46 4.74 -30.86
CA ILE P 220 52.66 5.03 -29.68
C ILE P 220 51.30 4.38 -29.85
N PHE P 221 50.67 4.02 -28.74
CA PHE P 221 49.33 3.46 -28.74
C PHE P 221 48.46 4.25 -27.77
N PRO P 222 47.69 5.23 -28.26
CA PRO P 222 46.90 6.06 -27.35
C PRO P 222 45.74 5.31 -26.74
N PRO P 223 45.25 5.72 -25.57
CA PRO P 223 44.06 5.10 -25.01
C PRO P 223 42.79 5.54 -25.72
N LEU P 224 41.73 4.79 -25.50
CA LEU P 224 40.41 5.10 -26.04
C LEU P 224 39.74 6.21 -25.25
N GLN P 225 38.95 7.02 -25.92
CA GLN P 225 38.29 8.13 -25.24
C GLN P 225 37.11 7.59 -24.42
N LYS P 226 36.76 8.29 -23.35
CA LYS P 226 35.88 7.74 -22.32
C LYS P 226 34.44 8.21 -22.42
N GLN P 227 34.20 9.47 -22.72
CA GLN P 227 32.84 9.97 -22.87
C GLN P 227 32.45 10.12 -24.34
N SER Q 2 62.32 -42.91 -23.08
CA SER Q 2 62.01 -41.95 -22.03
C SER Q 2 60.84 -42.43 -21.18
N GLU Q 3 60.58 -43.74 -21.25
CA GLU Q 3 59.62 -44.38 -20.36
C GLU Q 3 60.13 -44.36 -18.93
N GLY Q 4 61.43 -44.57 -18.77
CA GLY Q 4 62.08 -44.67 -17.49
C GLY Q 4 62.23 -43.37 -16.74
N LYS Q 5 61.86 -42.25 -17.36
CA LYS Q 5 61.93 -40.96 -16.71
C LYS Q 5 60.75 -40.73 -15.78
N LEU Q 6 61.04 -40.31 -14.56
CA LEU Q 6 60.02 -39.89 -13.60
C LEU Q 6 59.59 -38.47 -13.95
N GLU Q 7 58.38 -38.32 -14.48
CA GLU Q 7 57.85 -37.02 -14.84
C GLU Q 7 57.37 -36.26 -13.61
N LYS Q 8 57.55 -34.95 -13.62
CA LYS Q 8 57.17 -34.07 -12.51
C LYS Q 8 56.03 -33.15 -12.94
N LEU Q 9 55.15 -32.82 -12.00
CA LEU Q 9 53.95 -32.04 -12.28
C LEU Q 9 54.32 -30.57 -12.52
N ARG Q 10 53.66 -29.95 -13.50
CA ARG Q 10 53.88 -28.57 -13.89
C ARG Q 10 52.61 -27.75 -13.88
N ILE Q 11 52.74 -26.46 -13.58
CA ILE Q 11 51.63 -25.49 -13.64
C ILE Q 11 52.12 -24.25 -14.37
N VAL Q 12 51.39 -23.83 -15.39
CA VAL Q 12 51.72 -22.67 -16.22
C VAL Q 12 50.58 -21.66 -16.12
N ALA Q 13 50.92 -20.36 -16.10
CA ALA Q 13 49.94 -19.30 -16.06
C ALA Q 13 49.72 -18.70 -17.46
N TYR Q 14 48.49 -18.27 -17.73
CA TYR Q 14 48.08 -17.76 -19.03
C TYR Q 14 47.33 -16.44 -18.89
N LYS Q 15 47.34 -15.66 -19.96
CA LYS Q 15 46.72 -14.34 -19.99
C LYS Q 15 45.32 -14.31 -20.58
N ASP Q 16 45.01 -15.16 -21.55
CA ASP Q 16 43.74 -15.09 -22.24
C ASP Q 16 42.92 -16.36 -22.01
N SER Q 17 41.62 -16.26 -22.32
CA SER Q 17 40.70 -17.36 -22.11
C SER Q 17 40.80 -18.43 -23.20
N LYS Q 18 41.64 -18.25 -24.20
CA LYS Q 18 41.90 -19.30 -25.18
C LYS Q 18 43.19 -20.06 -24.92
N PHE Q 19 43.94 -19.63 -23.89
CA PHE Q 19 45.15 -20.32 -23.39
C PHE Q 19 46.23 -20.39 -24.48
N SER Q 20 46.57 -19.24 -25.05
CA SER Q 20 47.61 -19.16 -26.07
C SER Q 20 48.69 -18.11 -25.80
N ASP Q 21 48.53 -17.26 -24.79
CA ASP Q 21 49.44 -16.16 -24.51
C ASP Q 21 50.00 -16.33 -23.09
N GLU Q 22 51.24 -16.80 -22.99
CA GLU Q 22 51.81 -17.13 -21.70
C GLU Q 22 52.24 -15.90 -20.92
N VAL Q 23 52.05 -15.96 -19.61
CA VAL Q 23 52.62 -14.99 -18.68
C VAL Q 23 54.12 -15.23 -18.64
N GLU Q 24 54.90 -14.14 -18.69
CA GLU Q 24 56.36 -14.27 -18.70
C GLU Q 24 56.87 -14.60 -17.31
N ASN Q 25 57.75 -15.60 -17.23
CA ASN Q 25 58.24 -16.23 -15.99
C ASN Q 25 57.10 -16.74 -15.14
N GLY Q 26 56.15 -17.46 -15.76
CA GLY Q 26 54.97 -17.91 -15.06
C GLY Q 26 54.78 -19.40 -15.06
N GLU Q 27 55.86 -20.15 -14.92
CA GLU Q 27 55.80 -21.60 -14.95
C GLU Q 27 56.40 -22.16 -13.66
N PHE Q 28 55.65 -23.02 -12.98
CA PHE Q 28 56.09 -23.68 -11.76
C PHE Q 28 56.27 -25.18 -12.02
N ILE Q 29 57.38 -25.73 -11.54
CA ILE Q 29 57.64 -27.16 -11.59
C ILE Q 29 57.91 -27.63 -10.18
N THR Q 30 57.21 -28.69 -9.76
CA THR Q 30 57.39 -29.21 -8.42
C THR Q 30 58.65 -30.06 -8.32
N LEU Q 31 59.12 -30.28 -7.09
CA LEU Q 31 60.25 -31.16 -6.85
C LEU Q 31 59.83 -32.52 -6.30
N LEU Q 32 58.64 -32.61 -5.70
CA LEU Q 32 58.06 -33.87 -5.28
C LEU Q 32 56.60 -33.92 -5.72
N ASN Q 33 56.23 -35.00 -6.34
CA ASN Q 33 54.89 -35.24 -6.86
C ASN Q 33 53.90 -35.50 -5.72
N PRO Q 34 52.63 -35.14 -5.90
CA PRO Q 34 51.61 -35.57 -4.94
C PRO Q 34 51.43 -37.08 -4.99
N GLU Q 35 50.88 -37.61 -3.89
CA GLU Q 35 50.53 -39.03 -3.79
C GLU Q 35 49.34 -39.46 -4.64
N LYS Q 36 48.32 -38.59 -4.72
CA LYS Q 36 47.06 -38.90 -5.38
C LYS Q 36 46.37 -37.58 -5.72
N TYR Q 37 45.30 -37.69 -6.50
CA TYR Q 37 44.42 -36.55 -6.76
C TYR Q 37 42.99 -37.05 -6.93
N LYS Q 38 42.05 -36.12 -6.90
CA LYS Q 38 40.64 -36.45 -6.76
C LYS Q 38 39.77 -35.50 -7.57
N PHE Q 39 38.73 -36.05 -8.18
CA PHE Q 39 37.76 -35.31 -8.99
C PHE Q 39 36.39 -35.36 -8.34
N GLN Q 40 35.50 -34.44 -8.74
CA GLN Q 40 34.13 -34.39 -8.25
C GLN Q 40 33.17 -33.96 -9.35
N TYR Q 41 32.05 -34.67 -9.45
CA TYR Q 41 31.05 -34.49 -10.50
C TYR Q 41 29.65 -34.43 -9.90
N ARG Q 42 28.86 -33.44 -10.31
CA ARG Q 42 27.52 -33.23 -9.76
C ARG Q 42 26.54 -32.90 -10.88
N VAL Q 43 25.38 -33.56 -10.87
CA VAL Q 43 24.29 -33.28 -11.81
C VAL Q 43 23.03 -33.01 -10.99
N GLU Q 44 22.33 -31.92 -11.33
CA GLU Q 44 21.15 -31.47 -10.60
C GLU Q 44 19.84 -31.69 -11.35
N GLN Q 45 18.83 -32.16 -10.62
CA GLN Q 45 17.52 -32.44 -11.19
C GLN Q 45 16.43 -31.69 -10.46
N ASN Q 46 15.29 -31.53 -11.11
CA ASN Q 46 14.10 -30.92 -10.54
C ASN Q 46 13.13 -32.02 -10.11
N GLU Q 47 12.73 -32.01 -8.85
CA GLU Q 47 11.99 -33.14 -8.26
C GLU Q 47 10.68 -32.74 -7.60
N ASP Q 48 9.94 -31.79 -8.18
CA ASP Q 48 8.64 -31.43 -7.64
C ASP Q 48 7.59 -32.47 -8.03
N GLN Q 49 6.74 -32.83 -7.08
CA GLN Q 49 5.62 -33.72 -7.38
C GLN Q 49 4.40 -33.30 -6.58
N ALA Q 50 3.25 -33.77 -7.02
CA ALA Q 50 1.98 -33.46 -6.38
C ALA Q 50 1.65 -34.51 -5.32
N SER Q 51 0.80 -34.11 -4.37
CA SER Q 51 0.43 -35.00 -3.29
C SER Q 51 -0.57 -36.06 -3.78
N GLY Q 52 -0.45 -37.26 -3.23
CA GLY Q 52 -1.27 -38.37 -3.63
C GLY Q 52 -0.64 -39.31 -4.62
N THR Q 53 0.57 -39.03 -5.08
CA THR Q 53 1.20 -39.80 -6.14
C THR Q 53 2.32 -40.67 -5.58
N SER Q 54 2.70 -41.68 -6.36
CA SER Q 54 3.69 -42.65 -5.92
C SER Q 54 5.08 -42.41 -6.48
N SER Q 55 5.23 -41.54 -7.47
CA SER Q 55 6.55 -41.25 -8.04
C SER Q 55 6.50 -39.90 -8.74
N ALA Q 56 7.67 -39.32 -8.90
CA ALA Q 56 7.84 -37.98 -9.45
C ALA Q 56 8.39 -38.04 -10.87
N PRO Q 57 8.01 -37.08 -11.72
CA PRO Q 57 8.70 -36.92 -12.99
C PRO Q 57 10.00 -36.15 -12.81
N ILE Q 58 11.10 -36.81 -13.14
CA ILE Q 58 12.44 -36.29 -12.92
C ILE Q 58 12.89 -35.53 -14.17
N ARG Q 59 13.21 -34.25 -14.01
CA ARG Q 59 13.63 -33.41 -15.11
C ARG Q 59 15.07 -33.00 -14.93
N PHE Q 60 15.85 -33.08 -16.02
CA PHE Q 60 17.22 -32.58 -16.00
C PHE Q 60 17.23 -31.06 -15.88
N ASN Q 61 18.10 -30.54 -15.03
CA ASN Q 61 18.25 -29.11 -14.87
C ASN Q 61 19.62 -28.61 -15.32
N LYS Q 62 20.72 -29.12 -14.76
CA LYS Q 62 22.03 -28.49 -14.97
C LYS Q 62 23.15 -29.48 -14.68
N ILE Q 63 24.30 -29.22 -15.27
CA ILE Q 63 25.57 -29.84 -14.88
C ILE Q 63 26.41 -28.77 -14.22
N LEU Q 64 26.81 -29.01 -12.98
CA LEU Q 64 27.56 -28.12 -12.11
C LEU Q 64 29.06 -28.21 -12.41
N PRO Q 65 29.84 -27.18 -12.07
CA PRO Q 65 31.28 -27.21 -12.39
C PRO Q 65 32.08 -28.23 -11.59
N GLN Q 66 33.22 -28.64 -12.17
CA GLN Q 66 34.07 -29.68 -11.60
C GLN Q 66 35.09 -29.12 -10.62
N THR Q 67 35.79 -30.04 -9.94
CA THR Q 67 36.67 -29.72 -8.81
C THR Q 67 37.84 -30.70 -8.79
N LEU Q 68 39.05 -30.18 -8.55
CA LEU Q 68 40.25 -30.99 -8.40
C LEU Q 68 40.95 -30.59 -7.11
N GLU Q 69 41.47 -31.59 -6.39
CA GLU Q 69 42.20 -31.40 -5.14
C GLU Q 69 43.45 -32.25 -5.03
N PHE Q 70 44.52 -31.70 -4.45
CA PHE Q 70 45.77 -32.41 -4.21
C PHE Q 70 46.60 -31.69 -3.14
N ASP Q 71 47.67 -32.34 -2.67
CA ASP Q 71 48.56 -31.81 -1.63
C ASP Q 71 50.02 -31.78 -2.07
N PHE Q 72 50.80 -30.83 -1.57
CA PHE Q 72 52.21 -30.67 -1.93
C PHE Q 72 53.12 -30.67 -0.71
N LEU Q 73 54.37 -31.02 -0.91
CA LEU Q 73 55.38 -30.96 0.13
C LEU Q 73 56.63 -30.27 -0.40
N PHE Q 74 57.13 -29.31 0.36
CA PHE Q 74 58.35 -28.56 0.05
C PHE Q 74 59.39 -28.91 1.11
N ASP Q 75 60.58 -29.33 0.68
CA ASP Q 75 61.61 -29.70 1.64
C ASP Q 75 63.00 -29.52 1.03
N ARG Q 76 63.87 -28.80 1.75
CA ARG Q 76 65.26 -28.56 1.35
C ARG Q 76 66.19 -28.86 2.53
N THR Q 77 66.05 -30.04 3.11
CA THR Q 77 66.88 -30.48 4.23
C THR Q 77 68.17 -31.16 3.77
N GLY Q 78 68.12 -31.97 2.73
CA GLY Q 78 69.34 -32.50 2.15
C GLY Q 78 69.45 -34.01 2.09
N VAL Q 79 68.33 -34.74 2.14
CA VAL Q 79 68.35 -36.20 2.12
C VAL Q 79 67.73 -36.77 0.86
N ILE Q 80 67.26 -35.92 -0.05
CA ILE Q 80 66.60 -36.36 -1.27
C ILE Q 80 67.61 -36.24 -2.41
N ALA Q 81 67.82 -37.35 -3.11
CA ALA Q 81 68.88 -37.41 -4.12
C ALA Q 81 68.51 -36.59 -5.35
N GLY Q 82 69.47 -35.82 -5.84
CA GLY Q 82 69.29 -35.00 -7.02
C GLY Q 82 69.24 -33.51 -6.78
N TYR Q 83 69.05 -33.07 -5.52
CA TYR Q 83 68.85 -31.66 -5.23
C TYR Q 83 69.91 -31.18 -4.25
N GLU Q 84 70.06 -29.86 -4.18
CA GLU Q 84 71.05 -29.24 -3.32
C GLU Q 84 70.39 -28.46 -2.20
N VAL Q 85 71.13 -28.27 -1.12
CA VAL Q 85 70.69 -27.40 -0.04
C VAL Q 85 70.98 -25.95 -0.44
N THR Q 86 70.01 -25.09 -0.21
CA THR Q 86 70.06 -23.70 -0.63
C THR Q 86 70.33 -22.85 0.62
N GLU Q 87 70.90 -21.66 0.41
CA GLU Q 87 71.20 -20.78 1.53
C GLU Q 87 69.93 -20.28 2.22
N ASP Q 88 68.85 -20.07 1.47
CA ASP Q 88 67.62 -19.56 2.05
C ASP Q 88 66.50 -20.59 2.12
N GLY Q 89 66.79 -21.87 1.93
CA GLY Q 89 65.79 -22.89 2.20
C GLY Q 89 64.70 -22.94 1.14
N ILE Q 90 63.46 -22.82 1.60
CA ILE Q 90 62.29 -22.93 0.74
C ILE Q 90 61.63 -21.57 0.49
N ILE Q 91 62.36 -20.47 0.75
CA ILE Q 91 61.76 -19.13 0.67
C ILE Q 91 61.44 -18.76 -0.78
N ASN Q 92 62.34 -19.09 -1.70
CA ASN Q 92 62.11 -18.74 -3.09
C ASN Q 92 61.21 -19.74 -3.81
N ASP Q 93 61.10 -20.97 -3.29
CA ASP Q 93 60.18 -21.94 -3.88
C ASP Q 93 58.73 -21.57 -3.63
N ILE Q 94 58.41 -21.09 -2.43
CA ILE Q 94 57.04 -20.76 -2.10
C ILE Q 94 56.64 -19.42 -2.71
N ASP Q 95 57.59 -18.48 -2.79
CA ASP Q 95 57.30 -17.17 -3.37
C ASP Q 95 57.07 -17.25 -4.86
N HIS Q 96 57.71 -18.20 -5.55
CA HIS Q 96 57.47 -18.37 -6.98
C HIS Q 96 56.16 -19.12 -7.22
N PHE Q 97 55.81 -20.02 -6.32
CA PHE Q 97 54.56 -20.77 -6.42
C PHE Q 97 53.36 -19.87 -6.22
N LYS Q 98 53.47 -18.88 -5.33
CA LYS Q 98 52.35 -17.98 -5.06
C LYS Q 98 52.18 -16.95 -6.16
N LYS Q 99 53.28 -16.57 -6.81
CA LYS Q 99 53.22 -15.60 -7.90
C LYS Q 99 52.49 -16.17 -9.10
N VAL Q 100 52.56 -17.48 -9.28
CA VAL Q 100 51.90 -18.13 -10.41
C VAL Q 100 50.42 -18.34 -10.13
N VAL Q 101 50.06 -18.87 -8.95
CA VAL Q 101 48.70 -19.34 -8.76
C VAL Q 101 47.80 -18.39 -7.99
N TYR Q 102 48.35 -17.43 -7.25
CA TYR Q 102 47.53 -16.64 -6.32
C TYR Q 102 47.48 -15.15 -6.65
N ASP Q 103 48.60 -14.54 -7.05
CA ASP Q 103 48.73 -13.09 -7.02
C ASP Q 103 47.91 -12.40 -8.11
N TYR Q 104 47.41 -11.21 -7.76
CA TYR Q 104 46.59 -10.39 -8.64
C TYR Q 104 47.47 -9.79 -9.74
N ASN Q 105 46.96 -9.80 -10.97
CA ASN Q 105 47.69 -9.31 -12.13
C ASN Q 105 47.04 -8.01 -12.59
N GLY Q 106 47.78 -6.92 -12.55
CA GLY Q 106 47.24 -5.61 -12.90
C GLY Q 106 47.04 -5.40 -14.38
N GLU Q 107 47.60 -6.26 -15.23
CA GLU Q 107 47.36 -6.16 -16.67
C GLU Q 107 45.97 -6.66 -17.04
N LYS Q 108 45.46 -7.65 -16.33
CA LYS Q 108 44.15 -8.23 -16.62
C LYS Q 108 43.12 -7.99 -15.54
N HIS Q 109 43.49 -7.36 -14.43
CA HIS Q 109 42.62 -7.01 -13.30
C HIS Q 109 42.04 -8.25 -12.61
N LYS Q 110 42.83 -9.32 -12.51
CA LYS Q 110 42.39 -10.60 -11.95
C LYS Q 110 43.59 -11.51 -11.67
N PRO Q 111 43.43 -12.63 -10.97
CA PRO Q 111 44.48 -13.66 -10.98
C PRO Q 111 44.52 -14.43 -12.30
N ASN Q 112 45.53 -15.30 -12.41
CA ASN Q 112 45.89 -15.92 -13.69
C ASN Q 112 45.04 -17.14 -14.03
N TYR Q 113 44.93 -17.43 -15.32
CA TYR Q 113 44.43 -18.71 -15.81
C TYR Q 113 45.51 -19.77 -15.65
N LEU Q 114 45.11 -20.98 -15.26
CA LEU Q 114 46.06 -22.03 -14.94
C LEU Q 114 45.84 -23.25 -15.81
N MET Q 115 46.92 -23.86 -16.27
CA MET Q 115 46.89 -25.17 -16.91
C MET Q 115 47.78 -26.10 -16.10
N ILE Q 116 47.22 -27.25 -15.72
CA ILE Q 116 47.88 -28.22 -14.84
C ILE Q 116 48.09 -29.49 -15.63
N THR Q 117 49.34 -29.91 -15.80
CA THR Q 117 49.66 -31.08 -16.61
C THR Q 117 50.61 -32.02 -15.86
N TRP Q 118 50.23 -33.30 -15.80
CA TRP Q 118 51.11 -34.34 -15.29
C TRP Q 118 50.68 -35.66 -15.90
N GLY Q 119 51.49 -36.18 -16.83
CA GLY Q 119 51.18 -37.44 -17.47
C GLY Q 119 49.95 -37.37 -18.34
N SER Q 120 48.92 -38.11 -17.94
CA SER Q 120 47.63 -38.13 -18.61
C SER Q 120 46.72 -36.97 -18.22
N LEU Q 121 47.06 -36.20 -17.20
CA LEU Q 121 46.17 -35.19 -16.66
C LEU Q 121 46.38 -33.85 -17.36
N LEU Q 122 45.27 -33.18 -17.67
CA LEU Q 122 45.30 -31.84 -18.25
C LEU Q 122 44.04 -31.10 -17.82
N PHE Q 123 44.20 -30.03 -17.06
CA PHE Q 123 43.09 -29.36 -16.39
C PHE Q 123 43.27 -27.84 -16.45
N LYS Q 124 42.20 -27.12 -16.79
CA LYS Q 124 42.22 -25.67 -16.89
C LYS Q 124 41.25 -25.06 -15.88
N GLY Q 125 41.69 -24.03 -15.17
CA GLY Q 125 40.77 -23.35 -14.28
C GLY Q 125 41.36 -22.29 -13.40
N TYR Q 126 40.83 -22.20 -12.18
CA TYR Q 126 41.09 -21.14 -11.21
C TYR Q 126 41.37 -21.72 -9.84
N LEU Q 127 42.22 -21.04 -9.09
CA LEU Q 127 42.41 -21.38 -7.68
C LEU Q 127 41.24 -20.88 -6.84
N LYS Q 128 40.77 -21.71 -5.93
CA LYS Q 128 39.77 -21.30 -4.96
C LYS Q 128 40.30 -21.20 -3.53
N GLU Q 129 41.13 -22.15 -3.10
CA GLU Q 129 41.50 -22.28 -1.70
C GLU Q 129 42.94 -22.75 -1.56
N MET Q 130 43.59 -22.31 -0.49
CA MET Q 130 44.96 -22.70 -0.22
C MET Q 130 45.25 -22.57 1.28
N ASP Q 131 46.00 -23.52 1.82
CA ASP Q 131 46.50 -23.49 3.19
C ASP Q 131 47.96 -23.89 3.17
N ILE Q 132 48.83 -23.12 3.81
CA ILE Q 132 50.25 -23.45 3.91
C ILE Q 132 50.66 -23.47 5.37
N GLU Q 133 51.29 -24.57 5.80
CA GLU Q 133 51.72 -24.78 7.18
C GLU Q 133 53.24 -25.01 7.21
N TYR Q 134 53.94 -24.25 8.05
CA TYR Q 134 55.40 -24.27 8.11
C TYR Q 134 55.87 -25.13 9.29
N LYS Q 135 56.79 -26.05 9.03
CA LYS Q 135 57.06 -27.15 9.96
C LYS Q 135 58.44 -27.11 10.62
N LEU Q 136 59.53 -27.06 9.84
CA LEU Q 136 60.88 -27.02 10.38
C LEU Q 136 61.56 -25.70 10.06
N PHE Q 137 62.49 -25.32 10.93
CA PHE Q 137 63.20 -24.05 10.84
C PHE Q 137 64.66 -24.24 11.19
N ARG Q 138 65.51 -23.44 10.56
CA ARG Q 138 66.88 -23.24 10.99
C ARG Q 138 66.90 -22.38 12.27
N PRO Q 139 67.98 -22.41 13.06
CA PRO Q 139 68.04 -21.59 14.30
C PRO Q 139 67.81 -20.09 14.14
N ASP Q 140 68.09 -19.51 12.98
CA ASP Q 140 67.87 -18.10 12.75
C ASP Q 140 66.49 -17.82 12.15
N GLY Q 141 65.63 -18.83 12.08
CA GLY Q 141 64.27 -18.66 11.63
C GLY Q 141 64.04 -18.84 10.15
N THR Q 142 64.91 -19.55 9.45
CA THR Q 142 64.70 -19.82 8.04
C THR Q 142 63.94 -21.16 7.88
N PRO Q 143 62.81 -21.18 7.18
CA PRO Q 143 62.04 -22.43 7.07
C PRO Q 143 62.62 -23.38 6.04
N ILE Q 144 62.53 -24.67 6.33
CA ILE Q 144 63.09 -25.69 5.45
C ILE Q 144 62.08 -26.78 5.12
N ARG Q 145 60.86 -26.70 5.65
CA ARG Q 145 59.83 -27.67 5.31
C ARG Q 145 58.41 -27.09 5.44
N ALA Q 146 57.54 -27.37 4.47
CA ALA Q 146 56.19 -26.84 4.48
C ALA Q 146 55.26 -27.75 3.67
N MET Q 147 53.96 -27.66 3.99
CA MET Q 147 52.93 -28.51 3.40
C MET Q 147 51.78 -27.63 2.92
N ALA Q 148 51.26 -27.92 1.72
CA ALA Q 148 50.25 -27.07 1.08
C ALA Q 148 49.08 -27.91 0.57
N THR Q 149 47.85 -27.42 0.80
CA THR Q 149 46.63 -28.06 0.31
C THR Q 149 45.92 -27.10 -0.62
N THR Q 150 45.37 -27.61 -1.72
CA THR Q 150 44.94 -26.77 -2.83
C THR Q 150 43.59 -27.27 -3.37
N LYS Q 151 42.77 -26.35 -3.86
CA LYS Q 151 41.50 -26.68 -4.51
C LYS Q 151 41.34 -25.84 -5.78
N ILE Q 152 41.08 -26.50 -6.91
CA ILE Q 152 41.01 -25.85 -8.22
C ILE Q 152 39.62 -26.02 -8.81
N GLY Q 153 39.06 -24.94 -9.34
CA GLY Q 153 37.82 -24.99 -10.11
C GLY Q 153 38.06 -25.14 -11.59
N GLU Q 154 36.99 -25.31 -12.35
CA GLU Q 154 37.10 -25.62 -13.77
C GLU Q 154 36.55 -24.48 -14.62
N PHE Q 155 37.24 -24.17 -15.71
CA PHE Q 155 36.88 -23.05 -16.59
C PHE Q 155 36.62 -23.55 -18.00
N VAL Q 156 35.48 -23.16 -18.57
CA VAL Q 156 35.17 -23.35 -19.98
C VAL Q 156 34.76 -22.00 -20.55
N GLU Q 157 35.35 -21.63 -21.68
CA GLU Q 157 34.94 -20.41 -22.39
C GLU Q 157 33.63 -20.68 -23.13
N GLU Q 158 32.80 -19.63 -23.26
CA GLU Q 158 31.41 -19.83 -23.70
C GLU Q 158 31.32 -20.18 -25.18
N GLU Q 159 32.30 -19.79 -25.97
CA GLU Q 159 32.29 -20.20 -27.36
C GLU Q 159 32.60 -21.67 -27.51
N LEU Q 160 33.36 -22.23 -26.59
CA LEU Q 160 33.70 -23.63 -26.66
C LEU Q 160 32.62 -24.51 -26.05
N ARG Q 161 31.76 -23.95 -25.20
CA ARG Q 161 30.69 -24.74 -24.59
C ARG Q 161 29.63 -25.12 -25.62
N THR Q 162 29.26 -24.17 -26.49
CA THR Q 162 28.30 -24.45 -27.54
C THR Q 162 28.86 -25.36 -28.63
N ALA Q 163 30.18 -25.40 -28.81
CA ALA Q 163 30.75 -26.33 -29.78
C ALA Q 163 30.84 -27.75 -29.21
N GLN Q 164 30.95 -27.88 -27.90
CA GLN Q 164 30.96 -29.20 -27.28
C GLN Q 164 29.55 -29.75 -27.09
N GLU Q 165 28.60 -28.87 -26.79
CA GLU Q 165 27.17 -29.21 -26.81
C GLU Q 165 26.65 -28.93 -28.21
N ASN Q 166 26.89 -29.88 -29.10
CA ASN Q 166 26.45 -29.75 -30.50
C ASN Q 166 24.95 -29.97 -30.53
N ASN Q 167 24.21 -28.92 -30.19
CA ASN Q 167 22.77 -29.00 -29.97
C ASN Q 167 22.05 -29.07 -31.31
N GLN Q 168 21.30 -30.13 -31.52
CA GLN Q 168 20.57 -30.29 -32.77
C GLN Q 168 19.08 -30.49 -32.54
N PRO Q 170 14.10 -31.30 -35.41
CA PRO Q 170 13.10 -30.24 -35.54
C PRO Q 170 13.68 -28.83 -35.67
N ASP Q 171 14.99 -28.66 -35.55
CA ASP Q 171 15.61 -27.37 -35.81
C ASP Q 171 16.59 -27.38 -36.97
N MET Q 172 17.20 -28.52 -37.29
CA MET Q 172 18.20 -28.58 -38.35
C MET Q 172 17.73 -29.51 -39.47
N SER Q 173 18.56 -29.63 -40.49
CA SER Q 173 18.26 -30.49 -41.63
C SER Q 173 18.97 -31.84 -41.49
N HIS Q 174 18.39 -32.85 -42.15
CA HIS Q 174 18.84 -34.23 -42.01
C HIS Q 174 18.67 -34.96 -43.33
N TYR Q 175 19.51 -35.96 -43.58
CA TYR Q 175 19.36 -36.85 -44.73
C TYR Q 175 19.60 -38.30 -44.31
N ARG Q 176 18.86 -39.21 -44.94
CA ARG Q 176 19.04 -40.65 -44.76
C ARG Q 176 18.98 -41.34 -46.11
N THR Q 177 19.44 -42.59 -46.13
CA THR Q 177 19.31 -43.45 -47.29
C THR Q 177 18.33 -44.57 -46.94
N VAL Q 178 17.48 -44.95 -47.88
CA VAL Q 178 16.42 -45.93 -47.64
C VAL Q 178 17.01 -47.33 -47.71
N LYS Q 179 16.85 -48.09 -46.64
CA LYS Q 179 17.20 -49.50 -46.59
C LYS Q 179 15.94 -50.34 -46.64
N GLU Q 180 16.09 -51.61 -47.00
CA GLU Q 180 14.93 -52.48 -47.12
C GLU Q 180 14.38 -52.83 -45.74
N GLY Q 181 13.09 -52.59 -45.56
CA GLY Q 181 12.45 -52.70 -44.27
C GLY Q 181 11.98 -51.38 -43.70
N ASP Q 182 12.30 -50.26 -44.35
CA ASP Q 182 11.91 -48.95 -43.87
C ASP Q 182 10.52 -48.57 -44.37
N THR Q 183 9.78 -47.85 -43.53
CA THR Q 183 8.52 -47.23 -43.92
C THR Q 183 8.61 -45.75 -43.61
N LEU Q 184 7.82 -44.96 -44.33
CA LEU Q 184 7.84 -43.51 -44.12
C LEU Q 184 7.26 -43.05 -42.77
N PRO Q 185 6.16 -43.60 -42.23
CA PRO Q 185 5.72 -43.11 -40.90
C PRO Q 185 6.60 -43.56 -39.74
N LEU Q 186 7.33 -44.66 -39.86
CA LEU Q 186 8.22 -45.06 -38.78
C LEU Q 186 9.49 -44.21 -38.75
N MET Q 187 9.99 -43.81 -39.92
CA MET Q 187 11.17 -42.96 -39.97
C MET Q 187 10.86 -41.53 -39.50
N THR Q 188 9.64 -41.06 -39.77
CA THR Q 188 9.23 -39.73 -39.34
C THR Q 188 9.11 -39.67 -37.82
N TYR Q 189 8.72 -40.77 -37.19
CA TYR Q 189 8.59 -40.82 -35.74
C TYR Q 189 9.94 -40.74 -35.04
N ARG Q 190 10.97 -41.35 -35.64
CA ARG Q 190 12.28 -41.37 -35.01
C ARG Q 190 13.03 -40.07 -35.20
N ILE Q 191 12.61 -39.23 -36.14
CA ILE Q 191 13.31 -37.99 -36.42
C ILE Q 191 12.62 -36.81 -35.75
N TYR Q 192 11.28 -36.80 -35.76
CA TYR Q 192 10.53 -35.68 -35.22
C TYR Q 192 9.88 -35.97 -33.88
N GLY Q 193 9.68 -37.23 -33.52
CA GLY Q 193 8.91 -37.57 -32.35
C GLY Q 193 7.43 -37.77 -32.58
N ASP Q 194 6.97 -37.69 -33.82
CA ASP Q 194 5.56 -37.84 -34.13
C ASP Q 194 5.43 -38.38 -35.54
N SER Q 195 4.46 -39.27 -35.76
CA SER Q 195 4.29 -39.92 -37.05
C SER Q 195 3.48 -39.08 -38.03
N LYS Q 196 2.96 -37.94 -37.59
CA LYS Q 196 1.93 -37.24 -38.35
C LYS Q 196 2.50 -36.36 -39.46
N TYR Q 197 3.81 -36.20 -39.54
CA TYR Q 197 4.42 -35.32 -40.54
C TYR Q 197 4.79 -36.01 -41.83
N TYR Q 198 4.30 -37.24 -42.06
CA TYR Q 198 4.74 -38.04 -43.21
C TYR Q 198 4.29 -37.47 -44.54
N LEU Q 199 3.18 -36.74 -44.58
CA LEU Q 199 2.76 -36.14 -45.85
C LEU Q 199 3.53 -34.88 -46.19
N GLU Q 200 4.18 -34.25 -45.22
CA GLU Q 200 5.03 -33.10 -45.53
C GLU Q 200 6.42 -33.55 -45.96
N VAL Q 201 6.87 -34.70 -45.49
CA VAL Q 201 8.16 -35.24 -45.92
C VAL Q 201 8.04 -35.76 -47.34
N ALA Q 202 6.89 -36.30 -47.70
CA ALA Q 202 6.71 -36.85 -49.04
C ALA Q 202 6.56 -35.75 -50.08
N LYS Q 203 5.97 -34.62 -49.69
CA LYS Q 203 5.83 -33.50 -50.62
C LYS Q 203 7.14 -32.77 -50.85
N ALA Q 204 8.02 -32.76 -49.84
CA ALA Q 204 9.30 -32.08 -49.99
C ALA Q 204 10.30 -32.90 -50.80
N ASN Q 205 9.98 -34.16 -51.06
CA ASN Q 205 10.84 -35.05 -51.83
C ASN Q 205 10.25 -35.43 -53.17
N GLY Q 206 9.04 -34.97 -53.48
CA GLY Q 206 8.40 -35.30 -54.74
C GLY Q 206 7.92 -36.73 -54.86
N LEU Q 207 7.53 -37.35 -53.77
CA LEU Q 207 7.11 -38.74 -53.78
C LEU Q 207 5.59 -38.84 -54.00
N THR Q 208 5.19 -39.71 -54.91
CA THR Q 208 3.78 -39.98 -55.12
C THR Q 208 3.39 -41.32 -54.55
N ASN Q 209 4.19 -42.35 -54.83
CA ASN Q 209 3.98 -43.69 -54.25
C ASN Q 209 4.88 -43.84 -53.03
N PHE Q 210 4.50 -43.16 -51.96
CA PHE Q 210 5.29 -43.22 -50.73
C PHE Q 210 5.03 -44.47 -49.89
N ARG Q 211 4.04 -45.29 -50.26
CA ARG Q 211 3.75 -46.46 -49.44
C ARG Q 211 4.64 -47.64 -49.78
N ARG Q 212 5.44 -47.47 -50.84
CA ARG Q 212 6.47 -48.41 -51.22
C ARG Q 212 7.71 -47.58 -51.53
N LEU Q 213 8.75 -47.66 -50.69
CA LEU Q 213 9.97 -46.94 -50.97
C LEU Q 213 11.00 -47.87 -51.60
N LYS Q 214 11.73 -47.35 -52.58
CA LYS Q 214 12.80 -48.08 -53.24
C LYS Q 214 14.10 -47.92 -52.47
N THR Q 215 14.90 -48.99 -52.43
CA THR Q 215 15.93 -49.14 -51.41
C THR Q 215 17.27 -48.55 -51.78
N GLY Q 216 17.30 -47.50 -52.61
CA GLY Q 216 18.50 -46.72 -52.79
C GLY Q 216 18.30 -45.22 -52.72
N THR Q 217 17.12 -44.78 -52.31
CA THR Q 217 16.73 -43.38 -52.40
C THR Q 217 17.30 -42.58 -51.22
N GLU Q 218 17.81 -41.40 -51.49
CA GLU Q 218 18.24 -40.50 -50.44
C GLU Q 218 17.19 -39.43 -50.27
N LEU Q 219 16.64 -39.28 -49.05
CA LEU Q 219 15.60 -38.33 -48.71
C LEU Q 219 16.18 -37.20 -47.87
N ILE Q 220 15.48 -36.06 -47.89
CA ILE Q 220 15.77 -34.93 -47.01
C ILE Q 220 14.67 -34.84 -45.97
N PHE Q 221 15.02 -34.31 -44.80
CA PHE Q 221 14.05 -34.09 -43.72
C PHE Q 221 14.18 -32.64 -43.27
N PRO Q 222 13.33 -31.73 -43.76
CA PRO Q 222 13.46 -30.32 -43.41
C PRO Q 222 13.04 -30.06 -41.97
N PRO Q 223 13.56 -28.99 -41.36
CA PRO Q 223 13.10 -28.63 -40.01
C PRO Q 223 11.72 -27.99 -40.02
N LEU Q 224 11.12 -27.94 -38.85
CA LEU Q 224 9.82 -27.31 -38.67
C LEU Q 224 9.97 -25.79 -38.60
N GLN Q 225 8.96 -25.08 -39.10
CA GLN Q 225 9.02 -23.62 -39.10
C GLN Q 225 8.76 -23.11 -37.68
N LYS Q 226 9.31 -21.93 -37.38
CA LYS Q 226 9.42 -21.47 -36.00
C LYS Q 226 8.36 -20.45 -35.60
N GLN Q 227 8.03 -19.51 -36.47
CA GLN Q 227 6.98 -18.54 -36.16
C GLN Q 227 5.67 -18.87 -36.86
N SER R 2 25.36 -72.97 -17.04
CA SER R 2 25.92 -71.64 -16.93
C SER R 2 25.69 -71.05 -15.54
N GLU R 3 25.41 -71.95 -14.59
CA GLU R 3 25.36 -71.58 -13.19
C GLU R 3 26.73 -71.18 -12.68
N GLY R 4 27.75 -71.91 -13.14
CA GLY R 4 29.11 -71.74 -12.70
C GLY R 4 29.80 -70.50 -13.23
N LYS R 5 29.14 -69.75 -14.11
CA LYS R 5 29.71 -68.53 -14.65
C LYS R 5 29.55 -67.37 -13.66
N LEU R 6 30.65 -66.66 -13.42
CA LEU R 6 30.64 -65.42 -12.64
C LEU R 6 30.14 -64.29 -13.54
N GLU R 7 28.92 -63.82 -13.29
CA GLU R 7 28.35 -62.73 -14.08
C GLU R 7 28.92 -61.39 -13.63
N LYS R 8 29.10 -60.49 -14.60
CA LYS R 8 29.65 -59.16 -14.38
C LYS R 8 28.58 -58.09 -14.62
N LEU R 9 28.66 -57.01 -13.85
CA LEU R 9 27.66 -55.96 -13.90
C LEU R 9 27.79 -55.13 -15.18
N ARG R 10 26.65 -54.78 -15.78
CA ARG R 10 26.59 -54.00 -17.02
C ARG R 10 25.73 -52.76 -16.89
N ILE R 11 26.10 -51.71 -17.63
CA ILE R 11 25.31 -50.48 -17.72
C ILE R 11 25.19 -50.08 -19.19
N VAL R 12 23.95 -49.87 -19.65
CA VAL R 12 23.64 -49.51 -21.03
C VAL R 12 22.96 -48.14 -21.04
N ALA R 13 23.27 -47.33 -22.05
CA ALA R 13 22.64 -46.03 -22.22
C ALA R 13 21.52 -46.09 -23.26
N TYR R 14 20.49 -45.27 -23.05
CA TYR R 14 19.30 -45.25 -23.88
C TYR R 14 18.91 -43.84 -24.28
N LYS R 15 18.18 -43.72 -25.38
CA LYS R 15 17.78 -42.42 -25.94
C LYS R 15 16.38 -41.98 -25.55
N ASP R 16 15.44 -42.90 -25.37
CA ASP R 16 14.06 -42.52 -25.11
C ASP R 16 13.61 -42.98 -23.72
N SER R 17 12.49 -42.40 -23.29
CA SER R 17 11.93 -42.70 -21.98
C SER R 17 11.19 -44.02 -21.91
N LYS R 18 11.08 -44.74 -23.01
CA LYS R 18 10.51 -46.07 -23.00
C LYS R 18 11.58 -47.16 -23.04
N PHE R 19 12.85 -46.77 -23.14
CA PHE R 19 14.02 -47.67 -23.06
C PHE R 19 14.00 -48.72 -24.16
N SER R 20 13.89 -48.27 -25.42
CA SER R 20 13.88 -49.16 -26.56
C SER R 20 14.86 -48.78 -27.67
N ASP R 21 15.51 -47.62 -27.59
CA ASP R 21 16.39 -47.11 -28.63
C ASP R 21 17.79 -46.89 -28.04
N GLU R 22 18.70 -47.81 -28.33
CA GLU R 22 20.02 -47.77 -27.70
C GLU R 22 20.93 -46.72 -28.30
N VAL R 23 21.72 -46.09 -27.44
CA VAL R 23 22.82 -45.24 -27.87
C VAL R 23 23.89 -46.14 -28.48
N GLU R 24 24.43 -45.72 -29.62
CA GLU R 24 25.44 -46.54 -30.30
C GLU R 24 26.79 -46.42 -29.60
N ASN R 25 27.42 -47.58 -29.36
CA ASN R 25 28.62 -47.75 -28.53
C ASN R 25 28.41 -47.21 -27.12
N GLY R 26 27.28 -47.55 -26.50
CA GLY R 26 26.94 -47.00 -25.21
C GLY R 26 26.74 -48.04 -24.13
N GLU R 27 27.57 -49.08 -24.12
CA GLU R 27 27.45 -50.15 -23.16
C GLU R 27 28.77 -50.31 -22.41
N PHE R 28 28.70 -50.29 -21.08
CA PHE R 28 29.84 -50.47 -20.21
C PHE R 28 29.73 -51.79 -19.48
N ILE R 29 30.82 -52.55 -19.41
CA ILE R 29 30.92 -53.78 -18.65
C ILE R 29 32.09 -53.65 -17.70
N THR R 30 31.86 -53.93 -16.42
CA THR R 30 32.93 -53.81 -15.44
C THR R 30 33.84 -55.04 -15.48
N LEU R 31 35.03 -54.88 -14.92
CA LEU R 31 35.96 -56.00 -14.79
C LEU R 31 36.01 -56.57 -13.38
N LEU R 32 35.60 -55.80 -12.38
CA LEU R 32 35.44 -56.28 -11.02
C LEU R 32 34.11 -55.80 -10.48
N ASN R 33 33.36 -56.70 -9.90
CA ASN R 33 32.06 -56.46 -9.33
C ASN R 33 32.17 -55.68 -8.02
N PRO R 34 31.17 -54.86 -7.70
CA PRO R 34 31.11 -54.26 -6.36
C PRO R 34 30.89 -55.33 -5.29
N GLU R 35 31.27 -54.99 -4.07
CA GLU R 35 31.05 -55.83 -2.89
C GLU R 35 29.59 -55.94 -2.46
N LYS R 36 28.86 -54.84 -2.54
CA LYS R 36 27.50 -54.73 -2.03
C LYS R 36 26.82 -53.56 -2.73
N TYR R 37 25.51 -53.45 -2.53
CA TYR R 37 24.75 -52.27 -2.95
C TYR R 37 23.62 -52.02 -1.97
N LYS R 38 23.01 -50.84 -2.08
CA LYS R 38 22.11 -50.34 -1.05
C LYS R 38 20.97 -49.55 -1.66
N PHE R 39 19.78 -49.73 -1.09
CA PHE R 39 18.56 -49.05 -1.52
C PHE R 39 18.06 -48.14 -0.40
N GLN R 40 17.20 -47.18 -0.77
CA GLN R 40 16.60 -46.26 0.19
C GLN R 40 15.16 -45.94 -0.19
N TYR R 41 14.27 -45.98 0.80
CA TYR R 41 12.83 -45.80 0.62
C TYR R 41 12.29 -44.82 1.64
N ARG R 42 11.48 -43.86 1.19
CA ARG R 42 10.94 -42.81 2.04
C ARG R 42 9.47 -42.56 1.74
N VAL R 43 8.64 -42.50 2.77
CA VAL R 43 7.22 -42.16 2.66
C VAL R 43 6.94 -40.97 3.57
N GLU R 44 6.25 -39.97 3.04
CA GLU R 44 5.96 -38.74 3.77
C GLU R 44 4.50 -38.58 4.18
N GLN R 45 4.29 -38.12 5.41
CA GLN R 45 2.96 -37.94 5.96
C GLN R 45 2.76 -36.51 6.44
N ASN R 46 1.49 -36.13 6.59
CA ASN R 46 1.10 -34.83 7.11
C ASN R 46 0.68 -35.00 8.56
N GLU R 47 1.30 -34.25 9.47
CA GLU R 47 1.17 -34.48 10.91
C GLU R 47 0.74 -33.25 11.69
N ASP R 48 -0.15 -32.42 11.14
CA ASP R 48 -0.67 -31.27 11.88
C ASP R 48 -1.72 -31.72 12.89
N GLN R 49 -1.65 -31.16 14.10
CA GLN R 49 -2.68 -31.42 15.09
C GLN R 49 -2.94 -30.15 15.90
N ALA R 50 -4.08 -30.13 16.57
CA ALA R 50 -4.49 -29.00 17.37
C ALA R 50 -4.01 -29.16 18.80
N SER R 51 -3.92 -28.03 19.51
CA SER R 51 -3.43 -28.06 20.88
C SER R 51 -4.52 -28.57 21.83
N GLY R 52 -4.09 -29.30 22.85
CA GLY R 52 -5.00 -29.90 23.79
C GLY R 52 -5.30 -31.36 23.53
N THR R 53 -4.76 -31.94 22.47
CA THR R 53 -5.12 -33.28 22.07
C THR R 53 -3.97 -34.25 22.35
N SER R 54 -4.31 -35.53 22.40
CA SER R 54 -3.33 -36.56 22.76
C SER R 54 -2.76 -37.32 21.57
N SER R 55 -3.31 -37.16 20.37
CA SER R 55 -2.80 -37.83 19.18
C SER R 55 -3.27 -37.10 17.94
N ALA R 56 -2.56 -37.29 16.87
CA ALA R 56 -2.77 -36.62 15.60
C ALA R 56 -3.41 -37.55 14.57
N PRO R 57 -4.24 -37.02 13.69
CA PRO R 57 -4.67 -37.78 12.51
C PRO R 57 -3.60 -37.76 11.44
N ILE R 58 -3.07 -38.95 11.12
CA ILE R 58 -1.96 -39.10 10.19
C ILE R 58 -2.52 -39.30 8.79
N ARG R 59 -2.13 -38.42 7.87
CA ARG R 59 -2.60 -38.48 6.50
C ARG R 59 -1.44 -38.80 5.57
N PHE R 60 -1.67 -39.71 4.62
CA PHE R 60 -0.69 -39.99 3.59
C PHE R 60 -0.54 -38.80 2.65
N ASN R 61 0.71 -38.47 2.32
CA ASN R 61 0.99 -37.39 1.39
C ASN R 61 1.63 -37.88 0.10
N LYS R 62 2.78 -38.57 0.16
CA LYS R 62 3.57 -38.82 -1.03
C LYS R 62 4.52 -39.98 -0.81
N ILE R 63 4.90 -40.61 -1.91
CA ILE R 63 6.04 -41.53 -1.95
C ILE R 63 7.15 -40.85 -2.74
N LEU R 64 8.30 -40.68 -2.10
CA LEU R 64 9.49 -40.00 -2.60
C LEU R 64 10.32 -40.94 -3.49
N PRO R 65 11.14 -40.39 -4.40
CA PRO R 65 11.92 -41.26 -5.30
C PRO R 65 13.01 -42.08 -4.60
N GLN R 66 13.38 -43.19 -5.25
CA GLN R 66 14.34 -44.14 -4.70
C GLN R 66 15.78 -43.78 -5.07
N THR R 67 16.71 -44.52 -4.46
CA THR R 67 18.14 -44.22 -4.51
C THR R 67 18.94 -45.52 -4.46
N LEU R 68 19.97 -45.63 -5.31
CA LEU R 68 20.90 -46.75 -5.32
C LEU R 68 22.32 -46.23 -5.23
N GLU R 69 23.16 -46.93 -4.47
CA GLU R 69 24.57 -46.60 -4.28
C GLU R 69 25.49 -47.80 -4.31
N PHE R 70 26.66 -47.65 -4.93
CA PHE R 70 27.69 -48.70 -4.98
C PHE R 70 29.06 -48.10 -5.30
N ASP R 71 30.11 -48.90 -5.19
CA ASP R 71 31.50 -48.49 -5.42
C ASP R 71 32.20 -49.37 -6.44
N PHE R 72 33.15 -48.81 -7.19
CA PHE R 72 33.88 -49.54 -8.23
C PHE R 72 35.38 -49.46 -8.05
N LEU R 73 36.10 -50.42 -8.58
CA LEU R 73 37.56 -50.41 -8.57
C LEU R 73 38.08 -50.74 -9.97
N PHE R 74 39.01 -49.92 -10.45
CA PHE R 74 39.67 -50.09 -11.74
C PHE R 74 41.14 -50.40 -11.47
N ASP R 75 41.64 -51.49 -12.05
CA ASP R 75 43.04 -51.85 -11.82
C ASP R 75 43.58 -52.65 -13.00
N ARG R 76 44.73 -52.23 -13.53
CA ARG R 76 45.43 -52.91 -14.62
C ARG R 76 46.90 -53.07 -14.28
N THR R 77 47.18 -53.63 -13.12
CA THR R 77 48.54 -53.88 -12.64
C THR R 77 49.08 -55.23 -13.13
N GLY R 78 48.28 -56.28 -13.14
CA GLY R 78 48.69 -57.53 -13.74
C GLY R 78 48.66 -58.74 -12.84
N VAL R 79 47.89 -58.73 -11.76
CA VAL R 79 47.83 -59.85 -10.83
C VAL R 79 46.47 -60.53 -10.81
N ILE R 80 45.53 -60.04 -11.61
CA ILE R 80 44.18 -60.60 -11.66
C ILE R 80 44.08 -61.50 -12.87
N ALA R 81 43.69 -62.75 -12.65
CA ALA R 81 43.69 -63.76 -13.71
C ALA R 81 42.58 -63.49 -14.72
N GLY R 82 42.94 -63.58 -16.01
CA GLY R 82 42.00 -63.40 -17.08
C GLY R 82 42.21 -62.14 -17.90
N TYR R 83 42.97 -61.17 -17.41
CA TYR R 83 43.11 -59.89 -18.07
C TYR R 83 44.57 -59.61 -18.40
N GLU R 84 44.77 -58.65 -19.31
CA GLU R 84 46.11 -58.30 -19.76
C GLU R 84 46.48 -56.90 -19.30
N VAL R 85 47.76 -56.64 -19.23
CA VAL R 85 48.27 -55.29 -18.99
C VAL R 85 48.25 -54.52 -20.30
N THR R 86 47.76 -53.30 -20.24
CA THR R 86 47.56 -52.46 -21.41
C THR R 86 48.66 -51.40 -21.42
N GLU R 87 48.96 -50.87 -22.60
CA GLU R 87 50.00 -49.86 -22.73
C GLU R 87 49.64 -48.57 -22.01
N ASP R 88 48.36 -48.21 -22.00
CA ASP R 88 47.93 -46.98 -21.37
C ASP R 88 47.16 -47.16 -20.08
N GLY R 89 47.18 -48.36 -19.49
CA GLY R 89 46.62 -48.52 -18.16
C GLY R 89 45.11 -48.47 -18.14
N ILE R 90 44.56 -47.58 -17.32
CA ILE R 90 43.13 -47.46 -17.10
C ILE R 90 42.55 -46.23 -17.79
N ILE R 91 43.28 -45.64 -18.75
CA ILE R 91 42.86 -44.38 -19.35
C ILE R 91 41.62 -44.58 -20.22
N ASN R 92 41.58 -45.66 -20.98
CA ASN R 92 40.44 -45.91 -21.85
C ASN R 92 39.25 -46.52 -21.11
N ASP R 93 39.50 -47.17 -19.97
CA ASP R 93 38.40 -47.71 -19.19
C ASP R 93 37.58 -46.62 -18.53
N ILE R 94 38.24 -45.58 -18.02
CA ILE R 94 37.52 -44.50 -17.33
C ILE R 94 36.87 -43.57 -18.35
N ASP R 95 37.50 -43.36 -19.50
CA ASP R 95 36.94 -42.48 -20.53
C ASP R 95 35.70 -43.08 -21.17
N HIS R 96 35.63 -44.41 -21.25
CA HIS R 96 34.44 -45.04 -21.79
C HIS R 96 33.31 -45.09 -20.76
N PHE R 97 33.68 -45.19 -19.48
CA PHE R 97 32.71 -45.20 -18.40
C PHE R 97 32.04 -43.83 -18.24
N LYS R 98 32.80 -42.76 -18.47
CA LYS R 98 32.25 -41.41 -18.33
C LYS R 98 31.38 -41.03 -19.52
N LYS R 99 31.70 -41.56 -20.70
CA LYS R 99 30.92 -41.27 -21.90
C LYS R 99 29.53 -41.87 -21.80
N VAL R 100 29.40 -42.98 -21.08
CA VAL R 100 28.11 -43.64 -20.92
C VAL R 100 27.26 -42.94 -19.85
N VAL R 101 27.83 -42.66 -18.69
CA VAL R 101 26.99 -42.27 -17.56
C VAL R 101 26.96 -40.76 -17.28
N TYR R 102 27.91 -39.99 -17.80
CA TYR R 102 28.03 -38.59 -17.39
C TYR R 102 27.82 -37.59 -18.51
N ASP R 103 28.34 -37.84 -19.71
CA ASP R 103 28.50 -36.81 -20.73
C ASP R 103 27.19 -36.35 -21.33
N TYR R 104 27.13 -35.06 -21.65
CA TYR R 104 25.96 -34.44 -22.25
C TYR R 104 25.80 -34.88 -23.71
N ASN R 105 24.59 -35.19 -24.11
CA ASN R 105 24.28 -35.68 -25.45
C ASN R 105 23.54 -34.58 -26.20
N GLY R 106 24.13 -34.10 -27.29
CA GLY R 106 23.56 -33.01 -28.06
C GLY R 106 22.36 -33.38 -28.90
N GLU R 107 22.12 -34.69 -29.09
CA GLU R 107 20.93 -35.12 -29.81
C GLU R 107 19.68 -34.98 -28.97
N LYS R 108 19.79 -35.17 -27.65
CA LYS R 108 18.64 -35.09 -26.76
C LYS R 108 18.70 -33.93 -25.78
N HIS R 109 19.78 -33.14 -25.79
CA HIS R 109 19.99 -31.96 -24.94
C HIS R 109 20.03 -32.31 -23.45
N LYS R 110 20.61 -33.47 -23.10
CA LYS R 110 20.65 -33.98 -21.73
C LYS R 110 21.66 -35.12 -21.62
N PRO R 111 22.01 -35.59 -20.42
CA PRO R 111 22.69 -36.88 -20.29
C PRO R 111 21.75 -38.06 -20.53
N ASN R 112 22.33 -39.26 -20.54
CA ASN R 112 21.65 -40.47 -21.03
C ASN R 112 20.76 -41.10 -19.96
N TYR R 113 19.75 -41.85 -20.43
CA TYR R 113 19.00 -42.78 -19.59
C TYR R 113 19.83 -44.04 -19.38
N LEU R 114 19.78 -44.58 -18.17
CA LEU R 114 20.63 -45.70 -17.80
C LEU R 114 19.80 -46.89 -17.35
N MET R 115 20.22 -48.09 -17.77
CA MET R 115 19.69 -49.32 -17.25
C MET R 115 20.84 -50.12 -16.65
N ILE R 116 20.69 -50.54 -15.40
CA ILE R 116 21.73 -51.21 -14.63
C ILE R 116 21.26 -52.63 -14.34
N THR R 117 22.00 -53.62 -14.81
CA THR R 117 21.60 -55.03 -14.65
C THR R 117 22.75 -55.86 -14.12
N TRP R 118 22.48 -56.62 -13.06
CA TRP R 118 23.42 -57.62 -12.55
C TRP R 118 22.64 -58.67 -11.80
N GLY R 119 22.51 -59.86 -12.40
CA GLY R 119 21.79 -60.94 -11.74
C GLY R 119 20.31 -60.66 -11.63
N SER R 120 19.85 -60.53 -10.39
CA SER R 120 18.47 -60.21 -10.06
C SER R 120 18.15 -58.73 -10.14
N LEU R 121 19.17 -57.87 -10.26
CA LEU R 121 18.97 -56.44 -10.16
C LEU R 121 18.66 -55.83 -11.53
N LEU R 122 17.69 -54.91 -11.56
CA LEU R 122 17.36 -54.18 -12.78
C LEU R 122 16.81 -52.82 -12.36
N PHE R 123 17.51 -51.74 -12.74
CA PHE R 123 17.23 -50.41 -12.23
C PHE R 123 17.38 -49.39 -13.35
N LYS R 124 16.41 -48.46 -13.46
CA LYS R 124 16.41 -47.41 -14.47
C LYS R 124 16.48 -46.05 -13.81
N GLY R 125 17.33 -45.16 -14.32
CA GLY R 125 17.35 -43.82 -13.80
C GLY R 125 18.45 -42.92 -14.33
N TYR R 126 18.94 -42.06 -13.44
CA TYR R 126 19.86 -40.97 -13.74
C TYR R 126 21.01 -40.94 -12.76
N LEU R 127 22.17 -40.52 -13.24
CA LEU R 127 23.30 -40.25 -12.36
C LEU R 127 23.09 -38.93 -11.61
N LYS R 128 23.39 -38.93 -10.32
CA LYS R 128 23.39 -37.71 -9.53
C LYS R 128 24.78 -37.26 -9.09
N GLU R 129 25.64 -38.19 -8.68
CA GLU R 129 26.90 -37.86 -8.02
C GLU R 129 27.97 -38.86 -8.38
N MET R 130 29.22 -38.39 -8.43
CA MET R 130 30.36 -39.23 -8.73
C MET R 130 31.63 -38.62 -8.15
N ASP R 131 32.50 -39.47 -7.62
CA ASP R 131 33.83 -39.08 -7.16
C ASP R 131 34.82 -40.12 -7.68
N ILE R 132 35.92 -39.69 -8.27
CA ILE R 132 36.97 -40.58 -8.76
C ILE R 132 38.30 -40.15 -8.15
N GLU R 133 39.00 -41.11 -7.53
CA GLU R 133 40.29 -40.88 -6.87
C GLU R 133 41.35 -41.79 -7.48
N TYR R 134 42.46 -41.19 -7.89
CA TYR R 134 43.54 -41.89 -8.60
C TYR R 134 44.67 -42.24 -7.64
N LYS R 135 45.10 -43.51 -7.66
CA LYS R 135 45.91 -44.06 -6.57
C LYS R 135 47.33 -44.43 -6.96
N LEU R 136 47.55 -45.26 -7.99
CA LEU R 136 48.88 -45.65 -8.43
C LEU R 136 49.18 -45.13 -9.82
N PHE R 137 50.46 -44.91 -10.08
CA PHE R 137 50.94 -44.35 -11.33
C PHE R 137 52.21 -45.06 -11.78
N ARG R 138 52.38 -45.14 -13.08
CA ARG R 138 53.66 -45.47 -13.70
C ARG R 138 54.60 -44.27 -13.57
N PRO R 139 55.93 -44.48 -13.69
CA PRO R 139 56.89 -43.35 -13.57
C PRO R 139 56.68 -42.18 -14.53
N ASP R 140 56.06 -42.39 -15.68
CA ASP R 140 55.81 -41.31 -16.62
C ASP R 140 54.42 -40.69 -16.40
N GLY R 141 53.73 -41.07 -15.34
CA GLY R 141 52.46 -40.47 -14.98
C GLY R 141 51.24 -41.13 -15.56
N THR R 142 51.32 -42.40 -15.92
CA THR R 142 50.16 -43.12 -16.40
C THR R 142 49.47 -43.81 -15.22
N PRO R 143 48.17 -43.59 -15.00
CA PRO R 143 47.51 -44.20 -13.85
C PRO R 143 47.14 -45.65 -14.10
N ILE R 144 47.23 -46.46 -13.04
CA ILE R 144 46.95 -47.89 -13.14
C ILE R 144 45.96 -48.36 -12.08
N ARG R 145 45.49 -47.47 -11.21
CA ARG R 145 44.48 -47.84 -10.22
C ARG R 145 43.62 -46.65 -9.79
N ALA R 146 42.31 -46.87 -9.69
CA ALA R 146 41.38 -45.80 -9.32
C ALA R 146 40.13 -46.38 -8.67
N MET R 147 39.46 -45.54 -7.88
CA MET R 147 38.28 -45.93 -7.10
C MET R 147 37.16 -44.92 -7.35
N ALA R 148 35.94 -45.40 -7.55
CA ALA R 148 34.81 -44.55 -7.92
C ALA R 148 33.58 -44.83 -7.05
N THR R 149 32.92 -43.76 -6.59
CA THR R 149 31.69 -43.86 -5.80
C THR R 149 30.57 -43.19 -6.57
N THR R 150 29.38 -43.79 -6.55
CA THR R 150 28.31 -43.44 -7.48
C THR R 150 26.97 -43.39 -6.75
N LYS R 151 26.08 -42.51 -7.20
CA LYS R 151 24.72 -42.42 -6.67
C LYS R 151 23.73 -42.25 -7.82
N ILE R 152 22.70 -43.11 -7.87
CA ILE R 152 21.76 -43.18 -8.99
C ILE R 152 20.35 -42.88 -8.47
N GLY R 153 19.63 -42.02 -9.18
CA GLY R 153 18.22 -41.79 -8.91
C GLY R 153 17.31 -42.67 -9.76
N GLU R 154 16.02 -42.60 -9.50
CA GLU R 154 15.07 -43.51 -10.13
C GLU R 154 14.12 -42.75 -11.06
N PHE R 155 13.83 -43.33 -12.21
CA PHE R 155 13.01 -42.70 -13.23
C PHE R 155 11.79 -43.57 -13.53
N VAL R 156 10.61 -42.95 -13.51
CA VAL R 156 9.37 -43.57 -14.00
C VAL R 156 8.73 -42.59 -14.98
N GLU R 157 8.35 -43.09 -16.16
CA GLU R 157 7.61 -42.30 -17.12
C GLU R 157 6.15 -42.17 -16.67
N GLU R 158 5.52 -41.03 -16.99
CA GLU R 158 4.24 -40.70 -16.38
C GLU R 158 3.09 -41.56 -16.91
N GLU R 159 3.23 -42.09 -18.11
CA GLU R 159 2.21 -43.00 -18.59
C GLU R 159 2.26 -44.33 -17.88
N LEU R 160 3.42 -44.73 -17.41
CA LEU R 160 3.56 -45.99 -16.69
C LEU R 160 3.21 -45.85 -15.22
N ARG R 161 3.24 -44.64 -14.67
CA ARG R 161 2.89 -44.43 -13.27
C ARG R 161 1.40 -44.65 -13.04
N THR R 162 0.57 -44.14 -13.93
CA THR R 162 -0.87 -44.34 -13.82
C THR R 162 -1.29 -45.77 -14.12
N ALA R 163 -0.51 -46.54 -14.88
CA ALA R 163 -0.84 -47.94 -15.09
C ALA R 163 -0.43 -48.80 -13.90
N GLN R 164 0.59 -48.38 -13.15
CA GLN R 164 0.98 -49.12 -11.95
C GLN R 164 0.11 -48.75 -10.76
N GLU R 165 -0.31 -47.49 -10.68
CA GLU R 165 -1.32 -47.06 -9.72
C GLU R 165 -2.68 -47.21 -10.38
N ASN R 166 -3.20 -48.43 -10.38
CA ASN R 166 -4.48 -48.72 -11.00
C ASN R 166 -5.58 -48.17 -10.09
N ASN R 167 -5.80 -46.86 -10.21
CA ASN R 167 -6.65 -46.12 -9.29
C ASN R 167 -8.12 -46.40 -9.60
N GLN R 168 -8.83 -46.94 -8.63
CA GLN R 168 -10.24 -47.26 -8.82
C GLN R 168 -11.12 -46.56 -7.79
N PRO R 170 -16.68 -45.99 -6.23
CA PRO R 170 -17.44 -44.76 -6.46
C PRO R 170 -17.07 -44.04 -7.76
N ASP R 171 -16.06 -44.50 -8.49
CA ASP R 171 -15.75 -43.95 -9.81
C ASP R 171 -15.90 -44.93 -10.95
N MET R 172 -15.76 -46.23 -10.70
CA MET R 172 -15.82 -47.24 -11.75
C MET R 172 -16.97 -48.19 -11.51
N SER R 173 -17.14 -49.14 -12.43
CA SER R 173 -18.19 -50.14 -12.32
C SER R 173 -17.66 -51.44 -11.73
N HIS R 174 -18.57 -52.21 -11.14
CA HIS R 174 -18.20 -53.40 -10.39
C HIS R 174 -19.30 -54.45 -10.54
N TYR R 175 -18.92 -55.74 -10.46
CA TYR R 175 -19.89 -56.82 -10.42
C TYR R 175 -19.48 -57.85 -9.38
N ARG R 176 -20.48 -58.46 -8.73
CA ARG R 176 -20.28 -59.54 -7.78
C ARG R 176 -21.32 -60.64 -8.04
N THR R 177 -21.06 -61.80 -7.47
CA THR R 177 -22.01 -62.91 -7.47
C THR R 177 -22.48 -63.12 -6.03
N VAL R 178 -23.77 -63.40 -5.86
CA VAL R 178 -24.37 -63.51 -4.53
C VAL R 178 -24.07 -64.89 -3.96
N LYS R 179 -23.45 -64.91 -2.79
CA LYS R 179 -23.22 -66.13 -2.03
C LYS R 179 -24.18 -66.16 -0.85
N GLU R 180 -24.38 -67.35 -0.29
CA GLU R 180 -25.31 -67.50 0.83
C GLU R 180 -24.72 -66.89 2.09
N GLY R 181 -25.48 -65.98 2.71
CA GLY R 181 -25.01 -65.20 3.82
C GLY R 181 -24.88 -63.72 3.50
N ASP R 182 -25.08 -63.32 2.26
CA ASP R 182 -24.96 -61.93 1.86
C ASP R 182 -26.28 -61.18 2.06
N THR R 183 -26.16 -59.91 2.43
CA THR R 183 -27.29 -59.00 2.47
C THR R 183 -26.95 -57.79 1.63
N LEU R 184 -27.98 -57.12 1.13
CA LEU R 184 -27.77 -55.95 0.29
C LEU R 184 -27.19 -54.73 1.02
N PRO R 185 -27.59 -54.36 2.26
CA PRO R 185 -26.93 -53.20 2.88
C PRO R 185 -25.50 -53.46 3.36
N LEU R 186 -25.12 -54.70 3.63
CA LEU R 186 -23.75 -54.97 4.02
C LEU R 186 -22.80 -54.93 2.83
N MET R 187 -23.27 -55.39 1.65
CA MET R 187 -22.45 -55.34 0.45
C MET R 187 -22.29 -53.92 -0.06
N THR R 188 -23.31 -53.08 0.12
CA THR R 188 -23.22 -51.69 -0.31
C THR R 188 -22.22 -50.92 0.54
N TYR R 189 -22.09 -51.28 1.82
CA TYR R 189 -21.15 -50.61 2.71
C TYR R 189 -19.70 -50.92 2.33
N ARG R 190 -19.44 -52.14 1.87
CA ARG R 190 -18.07 -52.52 1.54
C ARG R 190 -17.62 -51.99 0.19
N ILE R 191 -18.56 -51.57 -0.64
CA ILE R 191 -18.21 -51.09 -1.98
C ILE R 191 -18.19 -49.58 -2.03
N TYR R 192 -19.13 -48.91 -1.35
CA TYR R 192 -19.22 -47.46 -1.38
C TYR R 192 -18.72 -46.77 -0.12
N GLY R 193 -18.66 -47.48 1.00
CA GLY R 193 -18.36 -46.84 2.27
C GLY R 193 -19.57 -46.37 3.04
N ASP R 194 -20.79 -46.63 2.55
CA ASP R 194 -22.00 -46.19 3.22
C ASP R 194 -23.12 -47.14 2.86
N SER R 195 -23.99 -47.45 3.84
CA SER R 195 -25.06 -48.41 3.64
C SER R 195 -26.28 -47.81 2.99
N LYS R 196 -26.30 -46.50 2.75
CA LYS R 196 -27.53 -45.81 2.40
C LYS R 196 -27.88 -45.89 0.93
N TYR R 197 -27.02 -46.46 0.09
CA TYR R 197 -27.26 -46.52 -1.35
C TYR R 197 -27.97 -47.79 -1.79
N TYR R 198 -28.52 -48.58 -0.85
CA TYR R 198 -29.06 -49.90 -1.18
C TYR R 198 -30.31 -49.83 -2.05
N LEU R 199 -31.08 -48.76 -1.98
CA LEU R 199 -32.26 -48.66 -2.84
C LEU R 199 -31.91 -48.24 -4.26
N GLU R 200 -30.74 -47.65 -4.48
CA GLU R 200 -30.33 -47.33 -5.83
C GLU R 200 -29.68 -48.53 -6.51
N VAL R 201 -29.06 -49.42 -5.73
CA VAL R 201 -28.50 -50.65 -6.27
C VAL R 201 -29.61 -51.61 -6.66
N ALA R 202 -30.71 -51.61 -5.90
CA ALA R 202 -31.81 -52.52 -6.17
C ALA R 202 -32.61 -52.06 -7.38
N LYS R 203 -32.70 -50.75 -7.62
CA LYS R 203 -33.41 -50.24 -8.77
C LYS R 203 -32.63 -50.45 -10.06
N ALA R 204 -31.30 -50.43 -9.98
CA ALA R 204 -30.49 -50.60 -11.18
C ALA R 204 -30.40 -52.06 -11.59
N ASN R 205 -30.85 -52.98 -10.75
CA ASN R 205 -30.83 -54.40 -11.04
C ASN R 205 -32.22 -54.99 -11.21
N GLY R 206 -33.27 -54.18 -11.06
CA GLY R 206 -34.62 -54.67 -11.20
C GLY R 206 -35.11 -55.56 -10.07
N LEU R 207 -34.63 -55.36 -8.86
CA LEU R 207 -35.00 -56.21 -7.73
C LEU R 207 -36.20 -55.64 -7.00
N THR R 208 -37.18 -56.51 -6.72
CA THR R 208 -38.32 -56.10 -5.93
C THR R 208 -38.23 -56.68 -4.52
N ASN R 209 -37.92 -57.97 -4.42
CA ASN R 209 -37.71 -58.62 -3.12
C ASN R 209 -36.21 -58.65 -2.82
N PHE R 210 -35.67 -57.47 -2.48
CA PHE R 210 -34.25 -57.36 -2.18
C PHE R 210 -33.89 -57.81 -0.78
N ARG R 211 -34.87 -58.12 0.08
CA ARG R 211 -34.55 -58.50 1.45
C ARG R 211 -34.21 -59.97 1.55
N ARG R 212 -34.39 -60.70 0.46
CA ARG R 212 -33.98 -62.07 0.33
C ARG R 212 -33.30 -62.19 -1.03
N LEU R 213 -31.99 -62.39 -1.06
CA LEU R 213 -31.29 -62.57 -2.33
C LEU R 213 -31.07 -64.06 -2.60
N LYS R 214 -31.24 -64.45 -3.85
CA LYS R 214 -30.99 -65.81 -4.30
C LYS R 214 -29.52 -65.98 -4.65
N THR R 215 -28.99 -67.16 -4.36
CA THR R 215 -27.54 -67.34 -4.22
C THR R 215 -26.85 -67.71 -5.53
N GLY R 216 -27.38 -67.31 -6.68
CA GLY R 216 -26.63 -67.38 -7.92
C GLY R 216 -26.67 -66.12 -8.74
N THR R 217 -27.19 -65.02 -8.19
CA THR R 217 -27.46 -63.81 -8.97
C THR R 217 -26.20 -62.99 -9.13
N GLU R 218 -25.98 -62.47 -10.32
CA GLU R 218 -24.89 -61.53 -10.56
C GLU R 218 -25.46 -60.13 -10.63
N LEU R 219 -24.97 -59.22 -9.78
CA LEU R 219 -25.41 -57.84 -9.66
C LEU R 219 -24.37 -56.90 -10.25
N ILE R 220 -24.82 -55.71 -10.65
CA ILE R 220 -23.95 -54.62 -11.05
C ILE R 220 -23.97 -53.55 -9.97
N PHE R 221 -22.88 -52.82 -9.86
CA PHE R 221 -22.77 -51.70 -8.92
C PHE R 221 -22.31 -50.47 -9.68
N PRO R 222 -23.21 -49.59 -10.11
CA PRO R 222 -22.81 -48.43 -10.90
C PRO R 222 -22.06 -47.41 -10.07
N PRO R 223 -21.21 -46.58 -10.70
CA PRO R 223 -20.56 -45.50 -9.96
C PRO R 223 -21.51 -44.35 -9.67
N LEU R 224 -21.10 -43.50 -8.74
CA LEU R 224 -21.85 -42.30 -8.39
C LEU R 224 -21.64 -41.22 -9.43
N GLN R 225 -22.67 -40.39 -9.63
CA GLN R 225 -22.57 -39.33 -10.62
C GLN R 225 -21.71 -38.19 -10.06
N LYS R 226 -21.06 -37.44 -10.95
CA LYS R 226 -19.99 -36.54 -10.55
C LYS R 226 -20.41 -35.08 -10.45
N GLN R 227 -21.23 -34.59 -11.37
CA GLN R 227 -21.69 -33.20 -11.28
C GLN R 227 -23.12 -33.13 -10.77
N LYS S 4 -25.34 -60.37 -17.73
CA LYS S 4 -25.13 -59.10 -18.43
C LYS S 4 -24.47 -58.07 -17.52
N SER S 5 -23.94 -58.60 -16.42
CA SER S 5 -23.12 -57.85 -15.46
C SER S 5 -21.72 -57.52 -16.01
N LYS S 6 -21.11 -58.53 -16.66
CA LYS S 6 -19.77 -58.44 -17.24
C LYS S 6 -19.84 -57.94 -18.68
N ASP S 7 -20.30 -56.70 -18.85
CA ASP S 7 -20.42 -56.06 -20.16
C ASP S 7 -19.29 -55.08 -20.43
N PHE S 8 -18.40 -54.82 -19.45
CA PHE S 8 -17.29 -53.92 -19.69
C PHE S 8 -16.04 -54.62 -20.17
N LEU S 9 -16.09 -55.92 -20.35
CA LEU S 9 -14.97 -56.59 -20.96
C LEU S 9 -15.11 -56.49 -22.46
N GLY S 10 -16.36 -56.37 -22.91
CA GLY S 10 -16.67 -56.11 -24.29
C GLY S 10 -16.73 -57.33 -25.20
N THR S 11 -17.06 -57.04 -26.47
CA THR S 11 -17.26 -57.95 -27.61
C THR S 11 -16.56 -57.50 -28.90
N GLY S 12 -15.91 -58.40 -29.66
CA GLY S 12 -15.21 -57.98 -30.87
C GLY S 12 -14.90 -59.11 -31.83
N TRP S 13 -14.13 -58.81 -32.87
CA TRP S 13 -13.79 -59.79 -33.91
C TRP S 13 -12.85 -60.86 -33.37
N GLY S 14 -13.00 -62.12 -33.81
CA GLY S 14 -12.03 -63.14 -33.43
C GLY S 14 -10.69 -62.86 -34.09
N PHE S 15 -9.54 -63.25 -33.50
CA PHE S 15 -8.30 -62.84 -34.16
C PHE S 15 -8.06 -63.47 -35.51
N PRO S 16 -8.00 -64.77 -35.65
CA PRO S 16 -7.90 -65.25 -36.96
C PRO S 16 -9.30 -65.26 -37.56
N PRO S 17 -9.80 -64.14 -38.09
CA PRO S 17 -11.23 -64.02 -38.37
C PRO S 17 -11.70 -65.09 -39.32
N GLU S 18 -12.78 -65.72 -38.94
CA GLU S 18 -13.37 -66.79 -39.69
C GLU S 18 -14.71 -66.34 -40.22
N PHE S 19 -14.97 -66.67 -41.47
CA PHE S 19 -16.21 -66.29 -42.09
C PHE S 19 -17.05 -67.53 -42.30
N GLU S 20 -18.30 -67.44 -41.91
CA GLU S 20 -19.23 -68.54 -42.08
C GLU S 20 -20.07 -68.34 -43.33
N THR S 21 -20.63 -69.45 -43.83
CA THR S 21 -21.48 -69.43 -45.02
C THR S 21 -22.91 -69.91 -44.68
N SER S 22 -23.12 -70.41 -43.46
CA SER S 22 -24.45 -70.88 -43.08
C SER S 22 -25.28 -69.66 -42.71
N ILE S 23 -24.57 -68.57 -42.46
CA ILE S 23 -25.12 -67.26 -42.21
C ILE S 23 -24.00 -66.32 -42.64
N GLY S 24 -24.34 -65.21 -43.26
CA GLY S 24 -23.29 -64.32 -43.76
C GLY S 24 -22.64 -63.48 -42.68
N GLN S 25 -21.89 -64.11 -41.77
CA GLN S 25 -21.31 -63.39 -40.64
C GLN S 25 -19.87 -63.82 -40.35
N VAL S 26 -19.15 -62.91 -39.69
CA VAL S 26 -17.80 -63.15 -39.20
C VAL S 26 -17.92 -63.44 -37.72
N LYS S 27 -17.20 -64.45 -37.25
CA LYS S 27 -17.28 -64.83 -35.85
C LYS S 27 -16.67 -63.79 -34.93
N THR S 28 -17.29 -63.65 -33.78
CA THR S 28 -16.89 -62.74 -32.72
C THR S 28 -16.61 -63.48 -31.42
N THR S 29 -15.92 -62.78 -30.52
CA THR S 29 -15.52 -63.24 -29.19
C THR S 29 -15.97 -62.25 -28.13
N SER S 30 -15.99 -62.70 -26.87
CA SER S 30 -16.43 -61.87 -25.76
C SER S 30 -15.80 -62.26 -24.44
N GLY S 31 -15.80 -61.32 -23.50
CA GLY S 31 -15.38 -61.60 -22.13
C GLY S 31 -13.97 -62.16 -22.02
N VAL S 32 -13.87 -63.32 -21.36
CA VAL S 32 -12.58 -63.96 -21.14
C VAL S 32 -11.98 -64.49 -22.43
N GLU S 33 -12.80 -65.07 -23.32
CA GLU S 33 -12.29 -65.49 -24.62
C GLU S 33 -11.63 -64.35 -25.37
N ASP S 34 -12.26 -63.17 -25.33
CA ASP S 34 -11.69 -62.00 -25.99
C ASP S 34 -10.34 -61.64 -25.40
N ILE S 35 -10.21 -61.72 -24.07
CA ILE S 35 -8.94 -61.39 -23.39
C ILE S 35 -7.84 -62.34 -23.84
N GLN S 36 -8.14 -63.63 -23.90
CA GLN S 36 -7.12 -64.59 -24.28
C GLN S 36 -6.62 -64.35 -25.70
N LYS S 37 -7.50 -63.93 -26.62
CA LYS S 37 -7.04 -63.66 -27.98
C LYS S 37 -6.24 -62.36 -28.05
N SER S 38 -6.59 -61.37 -27.22
CA SER S 38 -5.80 -60.14 -27.16
C SER S 38 -4.35 -60.43 -26.82
N LEU S 39 -4.11 -61.32 -25.85
CA LEU S 39 -2.76 -61.68 -25.47
C LEU S 39 -2.02 -62.37 -26.61
N GLU S 40 -2.70 -63.27 -27.34
CA GLU S 40 -2.08 -63.92 -28.49
C GLU S 40 -1.64 -62.89 -29.53
N ILE S 41 -2.47 -61.87 -29.78
CA ILE S 41 -2.10 -60.82 -30.75
C ILE S 41 -0.90 -60.04 -30.29
N LEU S 42 -0.92 -59.55 -29.04
CA LEU S 42 0.14 -58.67 -28.55
C LEU S 42 1.51 -59.33 -28.67
N PHE S 43 1.62 -60.58 -28.25
CA PHE S 43 2.92 -61.21 -28.25
C PHE S 43 3.28 -61.85 -29.57
N SER S 44 2.47 -61.67 -30.58
CA SER S 44 2.77 -62.07 -31.95
C SER S 44 3.21 -60.96 -32.86
N THR S 45 3.33 -59.74 -32.37
CA THR S 45 3.69 -58.64 -33.25
C THR S 45 4.88 -57.85 -32.71
N LYS S 46 5.64 -57.28 -33.64
CA LYS S 46 6.85 -56.53 -33.35
C LYS S 46 6.53 -55.05 -33.14
N ILE S 47 7.44 -54.34 -32.47
CA ILE S 47 7.19 -52.97 -32.01
C ILE S 47 6.84 -52.00 -33.14
N GLY S 48 7.57 -52.04 -34.26
CA GLY S 48 7.30 -51.09 -35.32
C GLY S 48 6.34 -51.53 -36.42
N GLU S 49 5.59 -52.62 -36.25
CA GLU S 49 4.75 -53.13 -37.34
C GLU S 49 3.42 -52.42 -37.55
N ARG S 50 2.88 -51.70 -36.57
CA ARG S 50 1.61 -51.02 -36.80
C ARG S 50 1.91 -49.62 -37.37
N ILE S 51 1.01 -49.09 -38.21
CA ILE S 51 1.34 -47.87 -38.97
C ILE S 51 1.32 -46.59 -38.11
N MET S 52 0.22 -46.27 -37.45
CA MET S 52 0.31 -45.04 -36.67
C MET S 52 0.44 -45.31 -35.19
N GLN S 53 0.76 -46.57 -34.86
CA GLN S 53 1.00 -47.07 -33.51
C GLN S 53 2.42 -47.64 -33.43
N PRO S 54 3.44 -46.77 -33.50
CA PRO S 54 4.85 -47.18 -33.60
C PRO S 54 5.41 -47.89 -32.39
N THR S 55 4.69 -47.93 -31.29
CA THR S 55 5.14 -48.60 -30.08
C THR S 55 4.08 -49.59 -29.62
N TYR S 56 3.92 -50.71 -30.32
CA TYR S 56 2.90 -51.70 -29.96
C TYR S 56 3.47 -53.08 -30.25
N GLY S 57 3.53 -53.95 -29.26
CA GLY S 57 4.05 -55.27 -29.51
C GLY S 57 5.11 -55.58 -28.49
N CYS S 58 6.04 -56.47 -28.82
CA CYS S 58 7.05 -56.83 -27.84
C CYS S 58 8.41 -57.12 -28.48
N ASN S 59 9.43 -57.23 -27.63
CA ASN S 59 10.81 -57.48 -28.04
C ASN S 59 11.36 -58.84 -27.65
N LEU S 60 10.51 -59.86 -27.50
CA LEU S 60 11.03 -61.15 -27.04
C LEU S 60 12.08 -61.76 -27.98
N ASP S 61 12.05 -61.42 -29.28
CA ASP S 61 13.02 -61.94 -30.26
C ASP S 61 14.47 -61.58 -29.96
N GLU S 62 14.72 -60.55 -29.13
CA GLU S 62 16.08 -60.12 -28.77
C GLU S 62 16.86 -61.22 -28.09
N LEU S 63 16.16 -62.18 -27.52
CA LEU S 63 16.78 -63.22 -26.73
C LEU S 63 17.01 -64.51 -27.51
N LEU S 64 16.76 -64.52 -28.81
CA LEU S 64 17.02 -65.73 -29.59
C LEU S 64 18.52 -65.91 -29.74
N PHE S 65 18.96 -67.17 -29.77
CA PHE S 65 20.38 -67.52 -29.92
C PHE S 65 21.24 -67.02 -28.77
N SER S 66 20.75 -67.17 -27.55
CA SER S 66 21.47 -66.75 -26.36
C SER S 66 21.38 -67.86 -25.33
N PRO S 67 22.36 -67.94 -24.42
CA PRO S 67 22.34 -68.90 -23.31
C PRO S 67 21.33 -68.51 -22.25
N ILE S 68 20.88 -69.48 -21.47
CA ILE S 68 19.86 -69.26 -20.45
C ILE S 68 20.49 -69.15 -19.06
N ASN S 69 20.24 -68.03 -18.37
CA ASN S 69 20.78 -67.80 -17.04
C ASN S 69 19.84 -66.85 -16.28
N ARG S 70 20.27 -66.49 -15.06
CA ARG S 70 19.50 -65.63 -14.16
C ARG S 70 19.28 -64.23 -14.70
N THR S 71 20.27 -63.67 -15.41
CA THR S 71 20.13 -62.32 -15.93
C THR S 71 19.07 -62.28 -17.01
N LEU S 72 19.14 -63.26 -17.92
CA LEU S 72 18.12 -63.41 -18.95
C LEU S 72 16.74 -63.53 -18.37
N LYS S 73 16.55 -64.42 -17.41
CA LYS S 73 15.21 -64.62 -16.86
C LYS S 73 14.64 -63.34 -16.27
N THR S 74 15.48 -62.55 -15.60
CA THR S 74 15.03 -61.28 -15.06
C THR S 74 14.58 -60.33 -16.16
N TYR S 75 15.35 -60.27 -17.25
CA TYR S 75 15.03 -59.42 -18.38
C TYR S 75 13.73 -59.85 -19.07
N VAL S 76 13.51 -61.16 -19.25
CA VAL S 76 12.29 -61.68 -19.87
C VAL S 76 11.07 -61.23 -19.09
N ILE S 77 11.13 -61.36 -17.78
CA ILE S 77 10.01 -61.00 -16.93
C ILE S 77 9.67 -59.52 -17.07
N GLU S 78 10.69 -58.66 -17.06
CA GLU S 78 10.47 -57.23 -17.28
C GLU S 78 9.80 -56.92 -18.60
N LEU S 79 10.22 -57.57 -19.68
CA LEU S 79 9.63 -57.32 -21.00
C LEU S 79 8.15 -57.65 -21.03
N ILE S 80 7.79 -58.80 -20.44
CA ILE S 80 6.40 -59.25 -20.44
C ILE S 80 5.54 -58.33 -19.61
N LYS S 81 6.00 -57.97 -18.41
CA LYS S 81 5.19 -57.12 -17.54
C LYS S 81 4.95 -55.75 -18.14
N ASN S 82 5.95 -55.16 -18.80
CA ASN S 82 5.71 -53.84 -19.34
C ASN S 82 4.75 -53.87 -20.51
N ALA S 83 4.84 -54.90 -21.37
CA ALA S 83 3.93 -55.00 -22.50
C ALA S 83 2.48 -55.10 -22.03
N ILE S 84 2.25 -55.82 -20.93
CA ILE S 84 0.89 -55.93 -20.40
C ILE S 84 0.43 -54.61 -19.80
N LEU S 85 1.27 -53.95 -19.00
CA LEU S 85 0.86 -52.67 -18.39
C LEU S 85 0.50 -51.63 -19.43
N TYR S 86 1.23 -51.59 -20.54
CA TYR S 86 0.90 -50.61 -21.57
C TYR S 86 -0.30 -51.03 -22.41
N HIS S 87 -0.44 -52.31 -22.75
CA HIS S 87 -1.41 -52.65 -23.77
C HIS S 87 -2.61 -53.53 -23.38
N GLU S 88 -2.69 -54.16 -22.20
CA GLU S 88 -3.89 -54.94 -21.84
C GLU S 88 -4.47 -54.57 -20.47
N PRO S 89 -5.38 -53.58 -20.44
CA PRO S 89 -5.99 -53.02 -19.21
C PRO S 89 -6.88 -53.95 -18.41
N ARG S 90 -7.31 -55.06 -18.96
CA ARG S 90 -8.26 -55.91 -18.27
C ARG S 90 -7.64 -56.93 -17.33
N ILE S 91 -6.31 -57.12 -17.29
CA ILE S 91 -5.74 -58.17 -16.43
C ILE S 91 -4.61 -57.70 -15.53
N ASP S 92 -4.37 -58.52 -14.49
CA ASP S 92 -3.23 -58.44 -13.57
C ASP S 92 -2.42 -59.73 -13.61
N PRO S 93 -1.16 -59.70 -14.04
CA PRO S 93 -0.29 -60.89 -14.03
C PRO S 93 -0.17 -61.45 -12.63
N GLU S 94 -0.12 -62.77 -12.53
CA GLU S 94 0.02 -63.43 -11.24
C GLU S 94 1.40 -64.04 -11.07
N LYS S 95 1.85 -64.77 -12.10
CA LYS S 95 3.11 -65.48 -12.00
C LYS S 95 3.71 -65.75 -13.38
N ILE S 96 5.02 -65.57 -13.49
CA ILE S 96 5.73 -65.92 -14.72
C ILE S 96 6.77 -66.98 -14.38
N ASP S 97 6.62 -68.15 -14.99
CA ASP S 97 7.46 -69.32 -14.73
C ASP S 97 8.32 -69.63 -15.98
N ILE S 98 9.64 -69.45 -15.88
CA ILE S 98 10.55 -69.63 -17.03
C ILE S 98 11.46 -70.84 -16.82
N THR S 99 11.34 -71.86 -17.68
CA THR S 99 12.12 -73.10 -17.56
C THR S 99 12.61 -73.68 -18.89
N GLN S 100 13.63 -74.56 -18.81
CA GLN S 100 14.24 -75.20 -19.97
C GLN S 100 13.94 -76.69 -19.95
N GLY S 101 13.13 -77.17 -20.91
CA GLY S 101 12.72 -78.55 -20.92
C GLY S 101 13.54 -79.48 -21.79
N ASN S 102 14.62 -78.97 -22.41
CA ASN S 102 15.41 -79.76 -23.37
C ASN S 102 16.89 -79.46 -23.20
N GLU S 103 17.65 -80.52 -22.94
CA GLU S 103 19.11 -80.47 -22.83
C GLU S 103 19.76 -80.09 -24.15
N ILE S 104 19.19 -80.55 -25.27
CA ILE S 104 19.78 -80.34 -26.58
C ILE S 104 18.95 -79.37 -27.43
N GLU S 105 17.65 -79.65 -27.62
CA GLU S 105 16.86 -78.77 -28.47
C GLU S 105 16.85 -77.35 -27.90
N GLY S 106 16.94 -76.36 -28.79
CA GLY S 106 16.99 -74.98 -28.35
C GLY S 106 15.66 -74.43 -27.90
N GLU S 107 15.12 -74.95 -26.81
CA GLU S 107 13.80 -74.54 -26.35
C GLU S 107 13.80 -73.87 -24.99
N LEU S 108 13.05 -72.78 -24.89
CA LEU S 108 12.80 -72.07 -23.66
C LEU S 108 11.29 -72.06 -23.45
N LEU S 109 10.84 -72.45 -22.27
CA LEU S 109 9.41 -72.58 -22.01
C LEU S 109 8.94 -71.52 -21.02
N ILE S 110 7.99 -70.68 -21.43
CA ILE S 110 7.51 -69.61 -20.56
C ILE S 110 6.02 -69.79 -20.29
N HIS S 111 5.65 -69.88 -19.02
CA HIS S 111 4.25 -70.04 -18.63
C HIS S 111 3.76 -68.80 -17.86
N LEU S 112 2.81 -68.07 -18.46
CA LEU S 112 2.20 -66.89 -17.85
C LEU S 112 0.85 -67.19 -17.25
N GLN S 113 0.69 -66.88 -15.98
CA GLN S 113 -0.58 -67.03 -15.28
C GLN S 113 -1.09 -65.64 -14.92
N TYR S 114 -2.40 -65.42 -15.03
CA TYR S 114 -2.96 -64.09 -14.77
C TYR S 114 -4.38 -64.16 -14.22
N ILE S 115 -4.81 -63.01 -13.69
CA ILE S 115 -6.14 -62.82 -13.07
C ILE S 115 -6.94 -61.74 -13.80
N VAL S 116 -8.19 -62.04 -14.11
CA VAL S 116 -9.08 -61.09 -14.77
C VAL S 116 -9.70 -60.14 -13.75
N ARG S 117 -9.63 -58.83 -14.03
CA ARG S 117 -10.11 -57.78 -13.12
C ARG S 117 -11.63 -57.71 -12.99
N ALA S 118 -12.11 -57.54 -11.75
CA ALA S 118 -13.53 -57.41 -11.45
C ALA S 118 -14.06 -55.98 -11.52
N THR S 119 -13.19 -54.99 -11.68
CA THR S 119 -13.54 -53.57 -11.73
C THR S 119 -13.01 -53.00 -13.03
N ASN S 120 -13.61 -51.94 -13.57
CA ASN S 120 -13.25 -51.41 -14.88
C ASN S 120 -12.10 -50.39 -14.85
N SER S 121 -11.05 -50.69 -15.63
CA SER S 121 -9.87 -49.85 -15.77
C SER S 121 -10.12 -48.57 -16.55
N ARG S 122 -9.36 -47.52 -16.22
CA ARG S 122 -9.46 -46.21 -16.86
C ARG S 122 -8.89 -46.17 -18.27
N LYS S 123 -8.27 -47.26 -18.71
CA LYS S 123 -7.69 -47.38 -20.03
C LYS S 123 -8.47 -48.32 -20.94
N ASN S 124 -9.64 -48.77 -20.52
CA ASN S 124 -10.39 -49.79 -21.26
C ASN S 124 -11.42 -49.20 -22.22
N MET S 125 -11.11 -49.13 -23.51
CA MET S 125 -12.04 -48.48 -24.43
C MET S 125 -13.22 -49.36 -24.92
N VAL S 126 -14.17 -49.59 -24.04
CA VAL S 126 -15.40 -50.33 -24.32
C VAL S 126 -16.56 -49.33 -24.35
N TYR S 127 -17.33 -49.36 -25.44
CA TYR S 127 -18.22 -48.26 -25.83
C TYR S 127 -19.13 -47.62 -24.78
N PRO S 128 -20.01 -48.30 -24.05
CA PRO S 128 -20.88 -47.56 -23.16
C PRO S 128 -20.23 -47.19 -21.84
N PHE S 129 -18.91 -47.36 -21.69
CA PHE S 129 -18.24 -47.10 -20.44
C PHE S 129 -17.20 -46.01 -20.53
N TYR S 130 -16.29 -46.07 -21.52
CA TYR S 130 -15.19 -45.11 -21.57
C TYR S 130 -15.69 -43.66 -21.66
N LEU S 131 -16.89 -43.46 -22.18
CA LEU S 131 -17.42 -42.12 -22.36
C LEU S 131 -17.48 -41.35 -21.05
N GLU S 132 -17.80 -42.01 -19.95
CA GLU S 132 -17.83 -41.28 -18.71
C GLU S 132 -16.73 -41.78 -17.76
N GLU S 133 -16.18 -42.98 -17.96
CA GLU S 133 -15.11 -43.51 -17.09
C GLU S 133 -13.66 -43.53 -17.64
N GLY S 134 -13.41 -43.29 -18.92
CA GLY S 134 -12.06 -43.36 -19.45
C GLY S 134 -11.18 -42.13 -19.35
N THR S 135 -10.78 -41.79 -18.13
CA THR S 135 -9.99 -40.58 -17.86
C THR S 135 -8.60 -40.56 -18.46
N ASN S 136 -7.89 -41.69 -18.45
CA ASN S 136 -6.55 -41.72 -19.00
C ASN S 136 -6.25 -43.10 -19.62
N LYS T 4 -32.75 -40.92 43.06
CA LYS T 4 -33.06 -40.37 41.74
C LYS T 4 -31.92 -39.52 41.21
N SER T 5 -30.77 -39.69 41.88
CA SER T 5 -29.49 -39.11 41.49
C SER T 5 -28.88 -39.78 40.25
N LYS T 6 -28.97 -41.12 40.22
CA LYS T 6 -28.43 -41.96 39.16
C LYS T 6 -29.49 -42.19 38.08
N ASP T 7 -29.90 -41.10 37.42
CA ASP T 7 -30.88 -41.14 36.34
C ASP T 7 -30.25 -41.05 34.96
N PHE T 8 -28.92 -40.87 34.87
CA PHE T 8 -28.27 -40.83 33.56
C PHE T 8 -27.77 -42.19 33.11
N LEU T 9 -27.99 -43.23 33.89
CA LEU T 9 -27.66 -44.55 33.41
C LEU T 9 -28.83 -45.06 32.60
N GLY T 10 -30.02 -44.55 32.93
CA GLY T 10 -31.22 -44.80 32.16
C GLY T 10 -31.96 -46.09 32.49
N THR T 11 -33.09 -46.27 31.78
CA THR T 11 -34.08 -47.35 31.86
C THR T 11 -34.49 -47.94 30.49
N GLY T 12 -34.62 -49.26 30.34
CA GLY T 12 -34.97 -49.81 29.02
C GLY T 12 -35.48 -51.23 29.08
N TRP T 13 -35.68 -51.84 27.92
CA TRP T 13 -36.22 -53.20 27.82
C TRP T 13 -35.22 -54.23 28.31
N GLY T 14 -35.70 -55.30 28.97
CA GLY T 14 -34.79 -56.38 29.35
C GLY T 14 -34.31 -57.11 28.10
N PHE T 15 -33.10 -57.71 28.08
CA PHE T 15 -32.69 -58.29 26.81
C PHE T 15 -33.51 -59.47 26.36
N PRO T 16 -33.61 -60.55 27.10
CA PRO T 16 -34.50 -61.53 26.64
C PRO T 16 -35.91 -61.13 27.05
N PRO T 17 -36.60 -60.26 26.28
CA PRO T 17 -37.78 -59.60 26.81
C PRO T 17 -38.83 -60.59 27.24
N GLU T 18 -39.35 -60.37 28.42
CA GLU T 18 -40.34 -61.23 29.01
C GLU T 18 -41.63 -60.45 29.14
N PHE T 19 -42.72 -61.11 28.80
CA PHE T 19 -44.02 -60.49 28.86
C PHE T 19 -44.81 -61.11 30.00
N GLU T 20 -45.39 -60.26 30.80
CA GLU T 20 -46.20 -60.71 31.92
C GLU T 20 -47.68 -60.69 31.54
N THR T 21 -48.47 -61.48 32.29
CA THR T 21 -49.91 -61.56 32.06
C THR T 21 -50.68 -61.08 33.31
N SER T 22 -49.98 -60.82 34.42
CA SER T 22 -50.66 -60.36 35.63
C SER T 22 -50.92 -58.87 35.47
N ILE T 23 -50.20 -58.28 34.51
CA ILE T 23 -50.36 -56.91 34.09
C ILE T 23 -49.85 -56.95 32.65
N GLY T 24 -50.48 -56.21 31.76
CA GLY T 24 -50.07 -56.27 30.37
C GLY T 24 -48.82 -55.49 30.05
N GLN T 25 -47.67 -55.94 30.57
CA GLN T 25 -46.43 -55.19 30.42
C GLN T 25 -45.22 -56.07 30.10
N VAL T 26 -44.21 -55.45 29.49
CA VAL T 26 -42.94 -56.09 29.21
C VAL T 26 -41.97 -55.60 30.27
N LYS T 27 -41.18 -56.52 30.82
CA LYS T 27 -40.24 -56.15 31.87
C LYS T 27 -39.12 -55.25 31.37
N THR T 28 -38.72 -54.33 32.24
CA THR T 28 -37.65 -53.39 32.01
C THR T 28 -36.55 -53.52 33.06
N THR T 29 -35.40 -52.92 32.73
CA THR T 29 -34.19 -52.90 33.55
C THR T 29 -33.71 -51.46 33.73
N SER T 30 -32.85 -51.24 34.71
CA SER T 30 -32.32 -49.91 35.01
C SER T 30 -30.95 -49.95 35.66
N GLY T 31 -30.25 -48.81 35.56
CA GLY T 31 -28.99 -48.64 36.26
C GLY T 31 -27.95 -49.70 35.96
N VAL T 32 -27.45 -50.34 37.02
CA VAL T 32 -26.42 -51.36 36.91
C VAL T 32 -26.94 -52.61 36.21
N GLU T 33 -28.16 -53.03 36.54
CA GLU T 33 -28.76 -54.17 35.84
C GLU T 33 -28.80 -53.96 34.34
N ASP T 34 -29.16 -52.75 33.92
CA ASP T 34 -29.18 -52.44 32.50
C ASP T 34 -27.80 -52.56 31.87
N ILE T 35 -26.76 -52.10 32.59
CA ILE T 35 -25.39 -52.18 32.09
C ILE T 35 -24.97 -53.62 31.88
N GLN T 36 -25.28 -54.48 32.86
CA GLN T 36 -24.87 -55.88 32.74
C GLN T 36 -25.53 -56.57 31.54
N LYS T 37 -26.78 -56.22 31.22
CA LYS T 37 -27.41 -56.82 30.06
C LYS T 37 -26.86 -56.26 28.76
N SER T 38 -26.47 -54.99 28.74
CA SER T 38 -25.83 -54.42 27.57
C SER T 38 -24.59 -55.20 27.17
N LEU T 39 -23.76 -55.56 28.16
CA LEU T 39 -22.56 -56.33 27.91
C LEU T 39 -22.88 -57.71 27.35
N GLU T 40 -23.92 -58.37 27.90
CA GLU T 40 -24.34 -59.68 27.37
C GLU T 40 -24.73 -59.57 25.90
N ILE T 41 -25.44 -58.50 25.52
CA ILE T 41 -25.84 -58.31 24.12
C ILE T 41 -24.63 -58.12 23.22
N LEU T 42 -23.75 -57.19 23.59
CA LEU T 42 -22.62 -56.83 22.73
C LEU T 42 -21.76 -58.05 22.39
N PHE T 43 -21.45 -58.86 23.38
CA PHE T 43 -20.55 -59.96 23.10
C PHE T 43 -21.27 -61.21 22.62
N SER T 44 -22.57 -61.12 22.37
CA SER T 44 -23.34 -62.17 21.74
C SER T 44 -23.65 -61.94 20.28
N THR T 45 -23.16 -60.87 19.69
CA THR T 45 -23.49 -60.60 18.30
C THR T 45 -22.25 -60.35 17.45
N LYS T 46 -22.35 -60.69 16.17
CA LYS T 46 -21.27 -60.59 15.21
C LYS T 46 -21.29 -59.23 14.52
N ILE T 47 -20.15 -58.84 13.95
CA ILE T 47 -19.94 -57.49 13.44
C ILE T 47 -20.95 -57.08 12.37
N GLY T 48 -21.24 -57.94 11.40
CA GLY T 48 -22.15 -57.57 10.33
C GLY T 48 -23.62 -57.90 10.52
N GLU T 49 -24.07 -58.29 11.72
CA GLU T 49 -25.46 -58.74 11.90
C GLU T 49 -26.51 -57.64 12.02
N ARG T 50 -26.16 -56.41 12.36
CA ARG T 50 -27.18 -55.38 12.45
C ARG T 50 -27.33 -54.72 11.07
N ILE T 51 -28.53 -54.24 10.73
CA ILE T 51 -28.79 -53.82 9.34
C ILE T 51 -28.14 -52.47 8.99
N MET T 52 -28.43 -51.40 9.72
CA MET T 52 -27.76 -50.18 9.28
C MET T 52 -26.62 -49.80 10.20
N GLN T 53 -26.21 -50.76 11.04
CA GLN T 53 -25.10 -50.67 11.98
C GLN T 53 -24.08 -51.75 11.65
N PRO T 54 -23.38 -51.63 10.51
CA PRO T 54 -22.48 -52.68 9.99
C PRO T 54 -21.25 -52.96 10.83
N THR T 55 -20.98 -52.15 11.83
CA THR T 55 -19.82 -52.34 12.70
C THR T 55 -20.28 -52.37 14.15
N TYR T 56 -20.93 -53.44 14.58
CA TYR T 56 -21.42 -53.53 15.95
C TYR T 56 -21.29 -54.98 16.41
N GLY T 57 -20.58 -55.23 17.48
CA GLY T 57 -20.43 -56.60 17.94
C GLY T 57 -18.98 -56.91 18.16
N CYS T 58 -18.60 -58.18 18.07
CA CYS T 58 -17.20 -58.52 18.32
C CYS T 58 -16.74 -59.67 17.45
N ASN T 59 -15.42 -59.88 17.45
CA ASN T 59 -14.76 -60.92 16.67
C ASN T 59 -14.15 -62.05 17.49
N LEU T 60 -14.67 -62.35 18.68
CA LEU T 60 -14.03 -63.37 19.51
C LEU T 60 -13.99 -64.76 18.84
N ASP T 61 -14.92 -65.06 17.91
CA ASP T 61 -14.97 -66.33 17.21
C ASP T 61 -13.73 -66.65 16.38
N GLU T 62 -12.92 -65.63 16.03
CA GLU T 62 -11.70 -65.82 15.25
C GLU T 62 -10.72 -66.74 15.94
N LEU T 63 -10.82 -66.87 17.24
CA LEU T 63 -9.88 -67.61 18.03
C LEU T 63 -10.33 -69.03 18.32
N LEU T 64 -11.43 -69.49 17.75
CA LEU T 64 -11.84 -70.86 17.98
C LEU T 64 -10.91 -71.80 17.23
N PHE T 65 -10.67 -72.99 17.81
CA PHE T 65 -9.81 -74.01 17.21
C PHE T 65 -8.36 -73.55 17.06
N SER T 66 -7.84 -72.89 18.09
CA SER T 66 -6.47 -72.40 18.08
C SER T 66 -5.84 -72.74 19.42
N PRO T 67 -4.50 -72.90 19.47
CA PRO T 67 -3.77 -73.13 20.72
C PRO T 67 -3.70 -71.86 21.56
N ILE T 68 -3.50 -72.03 22.86
CA ILE T 68 -3.47 -70.92 23.80
C ILE T 68 -2.04 -70.55 24.17
N ASN T 69 -1.67 -69.28 23.93
CA ASN T 69 -0.34 -68.78 24.24
C ASN T 69 -0.41 -67.28 24.52
N ARG T 70 0.77 -66.69 24.72
CA ARG T 70 0.92 -65.26 25.05
C ARG T 70 0.43 -64.33 23.96
N THR T 71 0.64 -64.71 22.68
CA THR T 71 0.22 -63.84 21.59
C THR T 71 -1.29 -63.78 21.52
N LEU T 72 -1.93 -64.94 21.64
CA LEU T 72 -3.39 -65.01 21.70
C LEU T 72 -3.94 -64.16 22.82
N LYS T 73 -3.42 -64.34 24.03
CA LYS T 73 -3.97 -63.58 25.15
C LYS T 73 -3.89 -62.08 24.93
N THR T 74 -2.81 -61.60 24.34
CA THR T 74 -2.67 -60.19 24.04
C THR T 74 -3.75 -59.73 23.06
N TYR T 75 -3.98 -60.53 22.02
CA TYR T 75 -4.99 -60.24 21.01
C TYR T 75 -6.41 -60.22 21.60
N VAL T 76 -6.72 -61.19 22.48
CA VAL T 76 -8.05 -61.25 23.11
C VAL T 76 -8.33 -59.98 23.88
N ILE T 77 -7.35 -59.52 24.65
CA ILE T 77 -7.52 -58.33 25.46
C ILE T 77 -7.80 -57.12 24.59
N GLU T 78 -7.04 -56.96 23.50
CA GLU T 78 -7.28 -55.87 22.57
C GLU T 78 -8.70 -55.89 21.99
N LEU T 79 -9.20 -57.06 21.59
CA LEU T 79 -10.54 -57.16 21.02
C LEU T 79 -11.61 -56.69 22.00
N ILE T 80 -11.49 -57.12 23.25
CA ILE T 80 -12.47 -56.78 24.28
C ILE T 80 -12.45 -55.30 24.57
N LYS T 81 -11.25 -54.73 24.76
CA LYS T 81 -11.18 -53.32 25.11
C LYS T 81 -11.70 -52.42 24.01
N ASN T 82 -11.45 -52.76 22.74
CA ASN T 82 -11.95 -51.88 21.70
C ASN T 82 -13.47 -51.95 21.58
N ALA T 83 -14.06 -53.15 21.74
CA ALA T 83 -15.50 -53.26 21.67
C ALA T 83 -16.18 -52.42 22.74
N ILE T 84 -15.59 -52.37 23.93
CA ILE T 84 -16.16 -51.56 24.99
C ILE T 84 -16.00 -50.08 24.71
N LEU T 85 -14.81 -49.64 24.26
CA LEU T 85 -14.62 -48.22 23.97
C LEU T 85 -15.57 -47.70 22.91
N TYR T 86 -15.85 -48.51 21.90
CA TYR T 86 -16.79 -48.07 20.88
C TYR T 86 -18.24 -48.17 21.32
N HIS T 87 -18.63 -49.22 22.04
CA HIS T 87 -20.06 -49.44 22.22
C HIS T 87 -20.64 -49.34 23.62
N GLU T 88 -19.88 -49.26 24.72
CA GLU T 88 -20.49 -49.11 26.06
C GLU T 88 -19.91 -47.95 26.88
N PRO T 89 -20.48 -46.74 26.71
CA PRO T 89 -20.01 -45.49 27.34
C PRO T 89 -20.09 -45.40 28.85
N ARG T 90 -20.83 -46.27 29.50
CA ARG T 90 -21.03 -46.14 30.93
C ARG T 90 -19.97 -46.81 31.79
N ILE T 91 -19.01 -47.58 31.23
CA ILE T 91 -18.05 -48.28 32.10
C ILE T 91 -16.59 -48.08 31.69
N ASP T 92 -15.72 -48.37 32.67
CA ASP T 92 -14.25 -48.46 32.52
C ASP T 92 -13.79 -49.84 32.93
N PRO T 93 -13.19 -50.62 32.02
CA PRO T 93 -12.64 -51.94 32.34
C PRO T 93 -11.57 -51.82 33.41
N GLU T 94 -11.52 -52.78 34.31
CA GLU T 94 -10.52 -52.80 35.37
C GLU T 94 -9.47 -53.86 35.14
N LYS T 95 -9.91 -55.08 34.84
CA LYS T 95 -8.99 -56.19 34.69
C LYS T 95 -9.57 -57.29 33.80
N ILE T 96 -8.72 -57.84 32.93
CA ILE T 96 -9.11 -59.00 32.12
C ILE T 96 -8.19 -60.15 32.46
N ASP T 97 -8.78 -61.23 32.97
CA ASP T 97 -8.05 -62.41 33.44
C ASP T 97 -8.35 -63.60 32.52
N ILE T 98 -7.36 -64.08 31.76
CA ILE T 98 -7.55 -65.16 30.78
C ILE T 98 -6.81 -66.42 31.21
N THR T 99 -7.55 -67.51 31.48
CA THR T 99 -6.96 -68.78 31.94
C THR T 99 -7.60 -70.04 31.33
N GLN T 100 -6.85 -71.15 31.42
CA GLN T 100 -7.29 -72.45 30.89
C GLN T 100 -7.55 -73.42 32.03
N GLY T 101 -8.80 -73.81 32.24
CA GLY T 101 -9.16 -74.65 33.36
C GLY T 101 -9.24 -76.13 33.06
N ASN T 102 -8.90 -76.55 31.83
CA ASN T 102 -9.08 -77.94 31.41
C ASN T 102 -7.91 -78.37 30.53
N GLU T 103 -7.24 -79.44 30.96
CA GLU T 103 -6.14 -80.06 30.24
C GLU T 103 -6.61 -80.66 28.92
N ILE T 104 -7.82 -81.23 28.92
CA ILE T 104 -8.35 -81.93 27.75
C ILE T 104 -9.49 -81.17 27.08
N GLU T 105 -10.54 -80.83 27.84
CA GLU T 105 -11.67 -80.14 27.22
C GLU T 105 -11.22 -78.82 26.60
N GLY T 106 -11.74 -78.51 25.42
CA GLY T 106 -11.34 -77.30 24.73
C GLY T 106 -11.93 -76.04 25.31
N GLU T 107 -11.55 -75.68 26.53
CA GLU T 107 -12.12 -74.52 27.20
C GLU T 107 -11.12 -73.43 27.51
N LEU T 108 -11.54 -72.20 27.25
CA LEU T 108 -10.81 -70.99 27.57
C LEU T 108 -11.71 -70.17 28.47
N LEU T 109 -11.19 -69.71 29.60
CA LEU T 109 -12.01 -68.99 30.58
C LEU T 109 -11.60 -67.54 30.67
N ILE T 110 -12.52 -66.62 30.39
CA ILE T 110 -12.20 -65.20 30.43
C ILE T 110 -13.05 -64.49 31.46
N HIS T 111 -12.39 -63.82 32.41
CA HIS T 111 -13.10 -63.08 33.45
C HIS T 111 -12.86 -61.58 33.32
N LEU T 112 -13.92 -60.82 33.02
CA LEU T 112 -13.85 -59.36 32.89
C LEU T 112 -14.38 -58.67 34.12
N GLN T 113 -13.57 -57.81 34.70
CA GLN T 113 -13.97 -56.99 35.83
C GLN T 113 -14.01 -55.53 35.39
N TYR T 114 -15.00 -54.77 35.87
CA TYR T 114 -15.15 -53.38 35.44
C TYR T 114 -15.75 -52.49 36.53
N ILE T 115 -15.63 -51.19 36.29
CA ILE T 115 -16.10 -50.12 37.19
C ILE T 115 -17.14 -49.23 36.50
N VAL T 116 -18.26 -48.99 37.19
CA VAL T 116 -19.32 -48.12 36.66
C VAL T 116 -18.98 -46.64 36.91
N ARG T 117 -19.08 -45.82 35.87
CA ARG T 117 -18.73 -44.40 35.93
C ARG T 117 -19.69 -43.54 36.76
N ALA T 118 -19.14 -42.64 37.57
CA ALA T 118 -19.90 -41.71 38.40
C ALA T 118 -20.27 -40.41 37.69
N THR T 119 -19.73 -40.15 36.50
CA THR T 119 -19.96 -38.94 35.73
C THR T 119 -20.49 -39.33 34.36
N ASN T 120 -21.25 -38.47 33.68
CA ASN T 120 -21.91 -38.82 32.43
C ASN T 120 -21.06 -38.60 31.19
N SER T 121 -20.89 -39.68 30.41
CA SER T 121 -20.14 -39.69 29.17
C SER T 121 -20.82 -38.95 28.03
N ARG T 122 -20.01 -38.37 27.14
CA ARG T 122 -20.48 -37.62 25.98
C ARG T 122 -21.09 -38.49 24.88
N LYS T 123 -21.02 -39.80 25.03
CA LYS T 123 -21.56 -40.74 24.08
C LYS T 123 -22.79 -41.48 24.60
N ASN T 124 -23.33 -41.07 25.75
CA ASN T 124 -24.41 -41.79 26.40
C ASN T 124 -25.80 -41.26 26.02
N MET T 125 -26.51 -41.92 25.12
CA MET T 125 -27.79 -41.38 24.68
C MET T 125 -28.98 -41.69 25.59
N VAL T 126 -29.03 -40.99 26.73
CA VAL T 126 -30.12 -41.08 27.70
C VAL T 126 -30.91 -39.78 27.62
N TYR T 127 -32.23 -39.89 27.45
CA TYR T 127 -33.10 -38.80 26.99
C TYR T 127 -32.96 -37.41 27.62
N PRO T 128 -33.07 -37.18 28.92
CA PRO T 128 -33.01 -35.79 29.38
C PRO T 128 -31.60 -35.26 29.52
N PHE T 129 -30.58 -35.97 29.03
CA PHE T 129 -29.20 -35.55 29.18
C PHE T 129 -28.50 -35.27 27.87
N TYR T 130 -28.58 -36.21 26.90
CA TYR T 130 -27.81 -36.04 25.67
C TYR T 130 -28.16 -34.75 24.94
N LEU T 131 -29.37 -34.24 25.14
CA LEU T 131 -29.81 -33.03 24.45
C LEU T 131 -28.89 -31.85 24.68
N GLU T 132 -28.36 -31.71 25.88
CA GLU T 132 -27.46 -30.61 26.10
C GLU T 132 -26.03 -31.11 26.37
N GLU T 133 -25.83 -32.37 26.76
CA GLU T 133 -24.50 -32.91 27.03
C GLU T 133 -23.87 -33.88 25.99
N GLY T 134 -24.60 -34.39 25.01
CA GLY T 134 -24.03 -35.33 24.05
C GLY T 134 -23.31 -34.79 22.84
N THR T 135 -22.14 -34.19 23.07
CA THR T 135 -21.35 -33.55 22.01
C THR T 135 -20.80 -34.47 20.95
N ASN T 136 -20.35 -35.67 21.32
CA ASN T 136 -19.80 -36.59 20.34
C ASN T 136 -20.09 -38.05 20.76
N LYS U 4 6.26 3.95 67.43
CA LYS U 4 5.12 3.94 66.50
C LYS U 4 5.58 3.79 65.07
N SER U 5 6.86 3.39 64.95
CA SER U 5 7.50 3.04 63.68
C SER U 5 7.00 1.68 63.13
N LYS U 6 6.88 0.70 64.03
CA LYS U 6 6.46 -0.66 63.74
C LYS U 6 4.94 -0.78 63.84
N ASP U 7 4.22 -0.06 62.98
CA ASP U 7 2.76 -0.07 62.92
C ASP U 7 2.22 -0.92 61.78
N PHE U 8 3.09 -1.46 60.92
CA PHE U 8 2.60 -2.33 59.84
C PHE U 8 2.58 -3.79 60.22
N LEU U 9 2.95 -4.12 61.45
CA LEU U 9 2.78 -5.49 61.87
C LEU U 9 1.36 -5.66 62.38
N GLY U 10 0.79 -4.55 62.84
CA GLY U 10 -0.61 -4.49 63.22
C GLY U 10 -0.94 -4.96 64.62
N THR U 11 -2.24 -4.86 64.94
CA THR U 11 -2.91 -5.16 66.21
C THR U 11 -4.21 -5.99 66.05
N GLY U 12 -4.46 -6.99 66.90
CA GLY U 12 -5.67 -7.80 66.73
C GLY U 12 -6.04 -8.60 67.97
N TRP U 13 -7.04 -9.48 67.82
CA TRP U 13 -7.53 -10.28 68.94
C TRP U 13 -6.52 -11.33 69.37
N GLY U 14 -6.42 -11.61 70.67
CA GLY U 14 -5.57 -12.71 71.11
C GLY U 14 -6.15 -14.04 70.66
N PHE U 15 -5.35 -15.09 70.41
CA PHE U 15 -6.00 -16.30 69.87
C PHE U 15 -6.94 -16.98 70.84
N PRO U 16 -6.52 -17.42 72.00
CA PRO U 16 -7.51 -17.93 72.86
C PRO U 16 -8.17 -16.75 73.55
N PRO U 17 -9.17 -16.09 72.92
CA PRO U 17 -9.61 -14.78 73.39
C PRO U 17 -10.08 -14.83 74.82
N GLU U 18 -9.58 -13.90 75.60
CA GLU U 18 -9.88 -13.80 76.99
C GLU U 18 -10.67 -12.53 77.23
N PHE U 19 -11.69 -12.65 78.05
CA PHE U 19 -12.53 -11.52 78.36
C PHE U 19 -12.29 -11.10 79.79
N GLU U 20 -12.09 -9.82 79.98
CA GLU U 20 -11.89 -9.27 81.31
C GLU U 20 -13.18 -8.70 81.85
N THR U 21 -13.23 -8.58 83.20
CA THR U 21 -14.40 -8.04 83.89
C THR U 21 -14.03 -6.75 84.64
N SER U 22 -12.75 -6.41 84.72
CA SER U 22 -12.33 -5.21 85.43
C SER U 22 -12.58 -4.03 84.51
N ILE U 23 -12.74 -4.35 83.23
CA ILE U 23 -13.09 -3.43 82.19
C ILE U 23 -13.77 -4.33 81.14
N GLY U 24 -14.82 -3.85 80.51
CA GLY U 24 -15.53 -4.71 79.57
C GLY U 24 -14.83 -4.87 78.23
N GLN U 25 -13.68 -5.54 78.21
CA GLN U 25 -12.90 -5.65 76.99
C GLN U 25 -12.32 -7.05 76.77
N VAL U 26 -12.02 -7.33 75.50
CA VAL U 26 -11.35 -8.57 75.10
C VAL U 26 -9.90 -8.21 74.86
N LYS U 27 -9.00 -9.05 75.34
CA LYS U 27 -7.57 -8.76 75.19
C LYS U 27 -7.11 -8.86 73.75
N THR U 28 -6.18 -7.99 73.41
CA THR U 28 -5.55 -7.89 72.10
C THR U 28 -4.03 -8.07 72.20
N THR U 29 -3.44 -8.33 71.02
CA THR U 29 -2.01 -8.54 70.82
C THR U 29 -1.49 -7.61 69.72
N SER U 30 -0.18 -7.44 69.67
CA SER U 30 0.45 -6.56 68.69
C SER U 30 1.87 -6.98 68.36
N GLY U 31 2.34 -6.52 67.19
CA GLY U 31 3.73 -6.69 66.81
C GLY U 31 4.19 -8.14 66.79
N VAL U 32 5.27 -8.39 67.53
CA VAL U 32 5.87 -9.73 67.59
C VAL U 32 4.96 -10.71 68.31
N GLU U 33 4.32 -10.29 69.40
CA GLU U 33 3.36 -11.16 70.07
C GLU U 33 2.28 -11.65 69.14
N ASP U 34 1.77 -10.75 68.31
CA ASP U 34 0.75 -11.11 67.34
C ASP U 34 1.27 -12.15 66.35
N ILE U 35 2.52 -11.99 65.90
CA ILE U 35 3.12 -12.95 64.96
C ILE U 35 3.21 -14.33 65.58
N GLN U 36 3.65 -14.41 66.83
CA GLN U 36 3.80 -15.71 67.47
C GLN U 36 2.46 -16.43 67.61
N LYS U 37 1.38 -15.69 67.86
CA LYS U 37 0.08 -16.35 67.96
C LYS U 37 -0.45 -16.77 66.59
N SER U 38 -0.13 -16.00 65.53
CA SER U 38 -0.50 -16.40 64.19
C SER U 38 0.06 -17.77 63.83
N LEU U 39 1.32 -18.01 64.18
CA LEU U 39 1.95 -19.30 63.92
C LEU U 39 1.27 -20.42 64.69
N GLU U 40 0.91 -20.17 65.96
CA GLU U 40 0.19 -21.19 66.74
C GLU U 40 -1.13 -21.55 66.07
N ILE U 41 -1.86 -20.56 65.54
CA ILE U 41 -3.13 -20.84 64.86
C ILE U 41 -2.92 -21.67 63.61
N LEU U 42 -1.99 -21.24 62.74
CA LEU U 42 -1.80 -21.90 61.45
C LEU U 42 -1.51 -23.38 61.61
N PHE U 43 -0.61 -23.73 62.51
CA PHE U 43 -0.22 -25.12 62.63
C PHE U 43 -1.13 -25.91 63.55
N SER U 44 -2.20 -25.32 64.03
CA SER U 44 -3.24 -26.01 64.77
C SER U 44 -4.48 -26.33 63.99
N THR U 45 -4.52 -26.01 62.70
CA THR U 45 -5.73 -26.26 61.94
C THR U 45 -5.47 -27.04 60.66
N LYS U 46 -6.47 -27.80 60.25
CA LYS U 46 -6.38 -28.68 59.08
C LYS U 46 -6.84 -27.94 57.82
N ILE U 47 -6.44 -28.47 56.67
CA ILE U 47 -6.60 -27.76 55.39
C ILE U 47 -8.06 -27.43 55.07
N GLY U 48 -8.98 -28.36 55.26
CA GLY U 48 -10.37 -28.10 54.90
C GLY U 48 -11.27 -27.55 55.99
N GLU U 49 -10.74 -27.10 57.14
CA GLU U 49 -11.60 -26.69 58.25
C GLU U 49 -12.21 -25.29 58.14
N ARG U 50 -11.68 -24.38 57.35
CA ARG U 50 -12.29 -23.07 57.24
C ARG U 50 -13.34 -23.10 56.14
N ILE U 51 -14.41 -22.30 56.27
CA ILE U 51 -15.56 -22.45 55.37
C ILE U 51 -15.30 -21.91 53.95
N MET U 52 -14.94 -20.65 53.80
CA MET U 52 -14.74 -20.24 52.42
C MET U 52 -13.28 -20.11 52.08
N GLN U 53 -12.43 -20.67 52.95
CA GLN U 53 -10.98 -20.73 52.82
C GLN U 53 -10.53 -22.19 52.82
N PRO U 54 -10.86 -22.94 51.75
CA PRO U 54 -10.65 -24.40 51.68
C PRO U 54 -9.20 -24.84 51.69
N THR U 55 -8.26 -23.93 51.56
CA THR U 55 -6.84 -24.27 51.55
C THR U 55 -6.12 -23.43 52.60
N TYR U 56 -6.32 -23.73 53.88
CA TYR U 56 -5.68 -22.97 54.96
C TYR U 56 -5.33 -23.92 56.08
N GLY U 57 -4.06 -23.98 56.46
CA GLY U 57 -3.70 -24.88 57.53
C GLY U 57 -2.53 -25.74 57.09
N CYS U 58 -2.38 -26.92 57.68
CA CYS U 58 -1.24 -27.76 57.31
C CYS U 58 -1.58 -29.23 57.35
N ASN U 59 -0.67 -30.04 56.79
CA ASN U 59 -0.81 -31.49 56.70
C ASN U 59 0.17 -32.27 57.58
N LEU U 60 0.64 -31.73 58.69
CA LEU U 60 1.63 -32.46 59.48
C LEU U 60 1.13 -33.81 60.01
N ASP U 61 -0.19 -33.98 60.19
CA ASP U 61 -0.78 -35.24 60.66
C ASP U 61 -0.52 -36.44 59.76
N GLU U 62 -0.17 -36.22 58.49
CA GLU U 62 0.12 -37.30 57.54
C GLU U 62 1.27 -38.17 58.00
N LEU U 63 2.12 -37.65 58.86
CA LEU U 63 3.31 -38.32 59.28
C LEU U 63 3.15 -39.06 60.61
N LEU U 64 1.94 -39.11 61.18
CA LEU U 64 1.78 -39.84 62.41
C LEU U 64 1.84 -41.33 62.13
N PHE U 65 2.39 -42.08 63.10
CA PHE U 65 2.52 -43.55 63.00
C PHE U 65 3.44 -43.97 61.86
N SER U 66 4.57 -43.29 61.71
CA SER U 66 5.53 -43.59 60.68
C SER U 66 6.93 -43.56 61.30
N PRO U 67 7.89 -44.32 60.73
CA PRO U 67 9.29 -44.30 61.18
C PRO U 67 9.97 -43.01 60.78
N ILE U 68 11.04 -42.68 61.51
CA ILE U 68 11.78 -41.44 61.28
C ILE U 68 13.05 -41.70 60.47
N ASN U 69 13.19 -41.02 59.33
CA ASN U 69 14.36 -41.17 58.48
C ASN U 69 14.58 -39.88 57.68
N ARG U 70 15.58 -39.92 56.78
CA ARG U 70 15.96 -38.77 55.97
C ARG U 70 14.87 -38.31 55.01
N THR U 71 14.11 -39.25 54.45
CA THR U 71 13.06 -38.87 53.50
C THR U 71 11.96 -38.12 54.21
N LEU U 72 11.55 -38.63 55.37
CA LEU U 72 10.57 -37.93 56.20
C LEU U 72 11.01 -36.54 56.55
N LYS U 73 12.24 -36.39 57.05
CA LYS U 73 12.69 -35.07 57.46
C LYS U 73 12.64 -34.07 56.33
N THR U 74 13.00 -34.50 55.12
CA THR U 74 12.93 -33.62 53.95
C THR U 74 11.50 -33.18 53.68
N TYR U 75 10.57 -34.13 53.76
CA TYR U 75 9.16 -33.85 53.54
C TYR U 75 8.58 -32.90 54.59
N VAL U 76 8.94 -33.08 55.87
CA VAL U 76 8.47 -32.20 56.95
C VAL U 76 8.87 -30.77 56.68
N ILE U 77 10.13 -30.57 56.29
CA ILE U 77 10.63 -29.23 56.05
C ILE U 77 9.87 -28.57 54.92
N GLU U 78 9.63 -29.29 53.83
CA GLU U 78 8.83 -28.76 52.72
C GLU U 78 7.43 -28.33 53.15
N LEU U 79 6.76 -29.14 53.98
CA LEU U 79 5.40 -28.81 54.42
C LEU U 79 5.38 -27.51 55.21
N ILE U 80 6.33 -27.34 56.11
CA ILE U 80 6.39 -26.16 56.97
C ILE U 80 6.68 -24.92 56.15
N LYS U 81 7.67 -24.99 55.25
CA LYS U 81 8.02 -23.82 54.47
C LYS U 81 6.90 -23.36 53.56
N ASN U 82 6.17 -24.28 52.96
CA ASN U 82 5.10 -23.83 52.08
C ASN U 82 3.96 -23.20 52.85
N ALA U 83 3.62 -23.74 54.02
CA ALA U 83 2.55 -23.15 54.82
C ALA U 83 2.87 -21.72 55.21
N ILE U 84 4.14 -21.45 55.51
CA ILE U 84 4.53 -20.10 55.87
C ILE U 84 4.50 -19.18 54.65
N LEU U 85 5.03 -19.62 53.50
CA LEU U 85 5.02 -18.78 52.32
C LEU U 85 3.61 -18.38 51.89
N TYR U 86 2.66 -19.29 52.02
CA TYR U 86 1.30 -18.96 51.66
C TYR U 86 0.59 -18.12 52.71
N HIS U 87 0.80 -18.41 54.00
CA HIS U 87 -0.08 -17.80 54.99
C HIS U 87 0.51 -16.83 56.00
N GLU U 88 1.83 -16.66 56.15
CA GLU U 88 2.36 -15.66 57.10
C GLU U 88 3.40 -14.71 56.49
N PRO U 89 2.93 -13.60 55.90
CA PRO U 89 3.76 -12.60 55.17
C PRO U 89 4.79 -11.83 55.98
N ARG U 90 4.70 -11.85 57.30
CA ARG U 90 5.58 -11.02 58.10
C ARG U 90 6.91 -11.68 58.46
N ILE U 91 7.15 -12.97 58.16
CA ILE U 91 8.42 -13.59 58.58
C ILE U 91 9.16 -14.33 57.48
N ASP U 92 10.46 -14.55 57.74
CA ASP U 92 11.37 -15.40 56.95
C ASP U 92 11.93 -16.50 57.84
N PRO U 93 11.66 -17.77 57.54
CA PRO U 93 12.23 -18.89 58.29
C PRO U 93 13.74 -18.86 58.24
N GLU U 94 14.38 -19.22 59.34
CA GLU U 94 15.83 -19.25 59.41
C GLU U 94 16.37 -20.66 59.44
N LYS U 95 15.79 -21.51 60.29
CA LYS U 95 16.29 -22.87 60.45
C LYS U 95 15.20 -23.80 60.99
N ILE U 96 15.15 -25.01 60.44
CA ILE U 96 14.25 -26.04 60.95
C ILE U 96 15.09 -27.22 61.42
N ASP U 97 15.01 -27.52 62.70
CA ASP U 97 15.80 -28.56 63.36
C ASP U 97 14.88 -29.72 63.79
N ILE U 98 15.02 -30.90 63.17
CA ILE U 98 14.15 -32.05 63.44
C ILE U 98 14.91 -33.18 64.11
N THR U 99 14.55 -33.52 65.36
CA THR U 99 15.24 -34.57 66.13
C THR U 99 14.31 -35.47 66.96
N GLN U 100 14.85 -36.63 67.36
CA GLN U 100 14.11 -37.63 68.13
C GLN U 100 14.71 -37.74 69.53
N GLY U 101 13.96 -37.32 70.55
CA GLY U 101 14.47 -37.29 71.91
C GLY U 101 14.15 -38.51 72.76
N ASN U 102 13.49 -39.52 72.18
CA ASN U 102 13.01 -40.67 72.96
C ASN U 102 13.18 -41.96 72.14
N GLU U 103 13.92 -42.90 72.73
CA GLU U 103 14.15 -44.23 72.16
C GLU U 103 12.85 -45.02 72.09
N ILE U 104 11.99 -44.86 73.08
CA ILE U 104 10.75 -45.64 73.19
C ILE U 104 9.51 -44.79 72.92
N GLU U 105 9.32 -43.69 73.65
CA GLU U 105 8.11 -42.89 73.45
C GLU U 105 8.04 -42.39 72.02
N GLY U 106 6.85 -42.41 71.44
CA GLY U 106 6.68 -41.99 70.06
C GLY U 106 6.74 -40.49 69.86
N GLU U 107 7.90 -39.89 70.09
CA GLU U 107 8.01 -38.44 70.00
C GLU U 107 8.97 -37.98 68.93
N LEU U 108 8.54 -36.95 68.20
CA LEU U 108 9.34 -36.26 67.20
C LEU U 108 9.38 -34.80 67.63
N LEU U 109 10.57 -34.21 67.68
CA LEU U 109 10.72 -32.85 68.17
C LEU U 109 11.13 -31.91 67.05
N ILE U 110 10.33 -30.89 66.78
CA ILE U 110 10.64 -29.96 65.70
C ILE U 110 10.81 -28.55 66.24
N HIS U 111 11.96 -27.95 65.99
CA HIS U 111 12.26 -26.59 66.45
C HIS U 111 12.39 -25.63 65.26
N LEU U 112 11.46 -24.67 65.15
CA LEU U 112 11.47 -23.67 64.09
C LEU U 112 12.01 -22.35 64.58
N GLN U 113 13.02 -21.83 63.91
CA GLN U 113 13.59 -20.53 64.20
C GLN U 113 13.30 -19.60 63.03
N TYR U 114 12.98 -18.33 63.31
CA TYR U 114 12.62 -17.41 62.24
C TYR U 114 13.02 -15.97 62.56
N ILE U 115 12.99 -15.14 61.52
CA ILE U 115 13.34 -13.71 61.56
C ILE U 115 12.16 -12.83 61.15
N VAL U 116 11.88 -11.80 61.93
CA VAL U 116 10.79 -10.86 61.64
C VAL U 116 11.27 -9.80 60.64
N ARG U 117 10.49 -9.58 59.58
CA ARG U 117 10.84 -8.66 58.50
C ARG U 117 10.79 -7.18 58.89
N ALA U 118 11.79 -6.41 58.45
CA ALA U 118 11.88 -4.98 58.69
C ALA U 118 11.17 -4.12 57.65
N THR U 119 10.71 -4.72 56.55
CA THR U 119 10.05 -4.02 55.44
C THR U 119 8.69 -4.65 55.23
N ASN U 120 7.70 -3.92 54.70
CA ASN U 120 6.33 -4.42 54.60
C ASN U 120 6.05 -5.21 53.32
N SER U 121 5.58 -6.44 53.51
CA SER U 121 5.21 -7.37 52.44
C SER U 121 3.95 -6.97 51.69
N ARG U 122 3.90 -7.32 50.41
CA ARG U 122 2.77 -7.02 49.53
C ARG U 122 1.52 -7.86 49.81
N LYS U 123 1.63 -8.83 50.71
CA LYS U 123 0.54 -9.70 51.10
C LYS U 123 0.02 -9.41 52.51
N ASN U 124 0.48 -8.34 53.14
CA ASN U 124 0.16 -8.07 54.54
C ASN U 124 -1.06 -7.16 54.70
N MET U 125 -2.23 -7.70 55.01
CA MET U 125 -3.42 -6.86 55.09
C MET U 125 -3.61 -6.10 56.41
N VAL U 126 -2.81 -5.07 56.61
CA VAL U 126 -2.88 -4.17 57.76
C VAL U 126 -3.43 -2.83 57.28
N TYR U 127 -4.48 -2.34 57.95
CA TYR U 127 -5.37 -1.31 57.43
C TYR U 127 -4.77 -0.04 56.79
N PRO U 128 -3.91 0.75 57.41
CA PRO U 128 -3.49 1.96 56.73
C PRO U 128 -2.37 1.74 55.71
N PHE U 129 -2.05 0.49 55.39
CA PHE U 129 -0.95 0.20 54.47
C PHE U 129 -1.39 -0.51 53.22
N TYR U 130 -2.17 -1.59 53.33
CA TYR U 130 -2.51 -2.38 52.15
C TYR U 130 -3.23 -1.56 51.08
N LEU U 131 -3.90 -0.49 51.49
CA LEU U 131 -4.66 0.33 50.55
C LEU U 131 -3.80 0.87 49.43
N GLU U 132 -2.56 1.25 49.72
CA GLU U 132 -1.74 1.73 48.65
C GLU U 132 -0.57 0.77 48.38
N GLU U 133 -0.21 -0.11 49.31
CA GLU U 133 0.91 -1.06 49.11
C GLU U 133 0.56 -2.54 48.86
N GLY U 134 -0.67 -2.99 49.02
CA GLY U 134 -0.99 -4.40 48.82
C GLY U 134 -1.33 -4.88 47.42
N THR U 135 -0.32 -4.90 46.56
CA THR U 135 -0.50 -5.26 45.15
C THR U 135 -0.92 -6.69 44.88
N ASN U 136 -0.38 -7.66 45.64
CA ASN U 136 -0.74 -9.04 45.41
C ASN U 136 -0.70 -9.83 46.75
N LYS V 4 52.71 29.36 31.00
CA LYS V 4 51.26 29.50 31.09
C LYS V 4 50.54 28.53 30.16
N SER V 5 51.33 27.57 29.69
CA SER V 5 50.85 26.43 28.90
C SER V 5 50.07 25.41 29.74
N LYS V 6 50.59 25.12 30.95
CA LYS V 6 50.02 24.17 31.90
C LYS V 6 49.03 24.87 32.82
N ASP V 7 47.94 25.39 32.24
CA ASP V 7 46.89 26.07 32.99
C ASP V 7 45.67 25.19 33.21
N PHE V 8 45.63 23.98 32.65
CA PHE V 8 44.49 23.10 32.87
C PHE V 8 44.69 22.16 34.05
N LEU V 9 45.80 22.26 34.74
CA LEU V 9 45.94 21.51 35.96
C LEU V 9 45.30 22.29 37.09
N GLY V 10 45.27 23.61 36.92
CA GLY V 10 44.57 24.51 37.81
C GLY V 10 45.33 24.92 39.06
N THR V 11 44.64 25.79 39.84
CA THR V 11 45.07 26.45 41.09
C THR V 11 44.02 26.38 42.21
N GLY V 12 44.41 26.11 43.46
CA GLY V 12 43.42 26.02 44.54
C GLY V 12 44.00 26.15 45.93
N TRP V 13 43.17 25.90 46.95
CA TRP V 13 43.59 26.03 48.35
C TRP V 13 44.56 24.93 48.74
N GLY V 14 45.56 25.23 49.59
CA GLY V 14 46.43 24.17 50.10
C GLY V 14 45.64 23.26 51.02
N PHE V 15 45.98 21.97 51.16
CA PHE V 15 45.10 21.15 51.99
C PHE V 15 45.10 21.50 53.46
N PRO V 16 46.21 21.49 54.16
CA PRO V 16 46.11 21.96 55.48
C PRO V 16 46.18 23.48 55.43
N PRO V 17 45.06 24.18 55.18
CA PRO V 17 45.15 25.60 54.81
C PRO V 17 45.84 26.40 55.87
N GLU V 18 46.77 27.20 55.41
CA GLU V 18 47.58 28.04 56.27
C GLU V 18 47.24 29.48 55.98
N PHE V 19 47.11 30.25 57.04
CA PHE V 19 46.79 31.65 56.91
C PHE V 19 47.99 32.48 57.30
N GLU V 20 48.31 33.43 56.46
CA GLU V 20 49.43 34.32 56.72
C GLU V 20 48.95 35.62 57.32
N THR V 21 49.87 36.32 58.00
CA THR V 21 49.56 37.61 58.63
C THR V 21 50.42 38.73 58.01
N SER V 22 51.39 38.38 57.16
CA SER V 22 52.23 39.40 56.54
C SER V 22 51.44 40.01 55.39
N ILE V 23 50.40 39.29 54.99
CA ILE V 23 49.45 39.70 54.00
C ILE V 23 48.20 38.90 54.37
N GLY V 24 47.03 39.50 54.26
CA GLY V 24 45.83 38.79 54.68
C GLY V 24 45.35 37.75 53.69
N GLN V 25 46.12 36.67 53.51
CA GLN V 25 45.79 35.66 52.50
C GLN V 25 45.98 34.23 53.00
N VAL V 26 45.26 33.31 52.35
CA VAL V 26 45.40 31.89 52.57
C VAL V 26 46.25 31.34 51.45
N LYS V 27 47.20 30.47 51.79
CA LYS V 27 48.09 29.92 50.79
C LYS V 27 47.38 28.99 49.82
N THR V 28 47.83 29.05 48.57
CA THR V 28 47.34 28.24 47.47
C THR V 28 48.45 27.41 46.85
N THR V 29 48.02 26.40 46.07
CA THR V 29 48.87 25.46 45.35
C THR V 29 48.48 25.43 43.88
N SER V 30 49.37 24.89 43.04
CA SER V 30 49.14 24.82 41.61
C SER V 30 49.87 23.67 40.95
N GLY V 31 49.38 23.27 39.77
CA GLY V 31 50.07 22.29 38.95
C GLY V 31 50.33 20.97 39.64
N VAL V 32 51.60 20.57 39.65
CA VAL V 32 52.01 19.30 40.24
C VAL V 32 51.86 19.31 41.75
N GLU V 33 52.21 20.42 42.41
CA GLU V 33 51.98 20.52 43.85
C GLU V 33 50.53 20.28 44.22
N ASP V 34 49.62 20.85 43.43
CA ASP V 34 48.19 20.65 43.68
C ASP V 34 47.82 19.18 43.55
N ILE V 35 48.38 18.48 42.56
CA ILE V 35 48.08 17.06 42.36
C ILE V 35 48.53 16.24 43.56
N GLN V 36 49.73 16.51 44.05
CA GLN V 36 50.23 15.74 45.17
C GLN V 36 49.37 15.91 46.42
N LYS V 37 48.83 17.11 46.65
CA LYS V 37 47.96 17.29 47.81
C LYS V 37 46.60 16.63 47.60
N SER V 38 46.10 16.60 46.37
CA SER V 38 44.85 15.89 46.08
C SER V 38 44.95 14.43 46.49
N LEU V 39 46.06 13.79 46.18
CA LEU V 39 46.27 12.39 46.55
C LEU V 39 46.29 12.21 48.06
N GLU V 40 46.96 13.13 48.78
CA GLU V 40 46.98 13.06 50.25
C GLU V 40 45.56 13.13 50.81
N ILE V 41 44.72 14.01 50.25
CA ILE V 41 43.33 14.11 50.73
C ILE V 41 42.55 12.85 50.47
N LEU V 42 42.59 12.34 49.23
CA LEU V 42 41.78 11.18 48.86
C LEU V 42 42.04 9.99 49.77
N PHE V 43 43.30 9.69 50.02
CA PHE V 43 43.60 8.49 50.78
C PHE V 43 43.59 8.74 52.28
N SER V 44 43.21 9.92 52.71
CA SER V 44 42.99 10.24 54.12
C SER V 44 41.55 10.26 54.55
N THR V 45 40.61 9.96 53.66
CA THR V 45 39.21 10.04 54.04
C THR V 45 38.45 8.75 53.71
N LYS V 46 37.43 8.48 54.51
CA LYS V 46 36.62 7.28 54.41
C LYS V 46 35.43 7.51 53.47
N ILE V 47 34.87 6.41 52.97
CA ILE V 47 33.87 6.46 51.90
C ILE V 47 32.63 7.29 52.26
N GLY V 48 32.09 7.12 53.46
CA GLY V 48 30.87 7.83 53.81
C GLY V 48 31.04 9.17 54.53
N GLU V 49 32.25 9.75 54.58
CA GLU V 49 32.45 10.97 55.37
C GLU V 49 32.01 12.28 54.72
N ARG V 50 31.85 12.35 53.40
CA ARG V 50 31.41 13.60 52.80
C ARG V 50 29.87 13.61 52.77
N ILE V 51 29.25 14.80 52.87
CA ILE V 51 27.80 14.86 53.09
C ILE V 51 26.99 14.52 51.83
N MET V 52 27.18 15.23 50.72
CA MET V 52 26.35 14.84 49.59
C MET V 52 27.14 14.07 48.56
N GLN V 53 28.33 13.61 48.96
CA GLN V 53 29.25 12.80 48.17
C GLN V 53 29.50 11.47 48.91
N PRO V 54 28.48 10.60 48.98
CA PRO V 54 28.52 9.37 49.78
C PRO V 54 29.51 8.32 49.32
N THR V 55 30.12 8.49 48.16
CA THR V 55 31.10 7.55 47.64
C THR V 55 32.38 8.28 47.29
N TYR V 56 33.14 8.72 48.28
CA TYR V 56 34.38 9.44 48.03
C TYR V 56 35.40 9.04 49.09
N GLY V 57 36.55 8.54 48.69
CA GLY V 57 37.54 8.15 49.66
C GLY V 57 38.00 6.75 49.37
N CYS V 58 38.48 6.04 50.39
CA CYS V 58 38.97 4.69 50.14
C CYS V 58 38.71 3.75 51.31
N ASN V 59 38.92 2.45 51.06
CA ASN V 59 38.70 1.38 52.02
C ASN V 59 39.97 0.70 52.52
N LEU V 60 41.12 1.37 52.52
CA LEU V 60 42.34 0.68 52.91
C LEU V 60 42.31 0.13 54.34
N ASP V 61 41.51 0.73 55.24
CA ASP V 61 41.40 0.27 56.62
C ASP V 61 40.89 -1.16 56.78
N GLU V 62 40.23 -1.72 55.77
CA GLU V 62 39.71 -3.09 55.80
C GLU V 62 40.80 -4.11 56.03
N LEU V 63 42.03 -3.75 55.71
CA LEU V 63 43.14 -4.67 55.77
C LEU V 63 43.96 -4.56 57.06
N LEU V 64 43.51 -3.77 58.02
CA LEU V 64 44.25 -3.69 59.27
C LEU V 64 44.04 -4.97 60.05
N PHE V 65 45.08 -5.38 60.80
CA PHE V 65 45.04 -6.60 61.62
C PHE V 65 44.86 -7.86 60.80
N SER V 66 45.57 -7.96 59.69
CA SER V 66 45.49 -9.12 58.81
C SER V 66 46.91 -9.51 58.41
N PRO V 67 47.13 -10.79 58.09
CA PRO V 67 48.43 -11.28 57.60
C PRO V 67 48.68 -10.82 56.17
N ILE V 68 49.96 -10.77 55.79
CA ILE V 68 50.36 -10.29 54.47
C ILE V 68 50.66 -11.46 53.54
N ASN V 69 49.97 -11.52 52.40
CA ASN V 69 50.17 -12.58 51.42
C ASN V 69 49.80 -12.05 50.02
N ARG V 70 49.86 -12.96 49.04
CA ARG V 70 49.59 -12.65 47.64
C ARG V 70 48.16 -12.18 47.38
N THR V 71 47.18 -12.76 48.09
CA THR V 71 45.80 -12.38 47.87
C THR V 71 45.57 -10.96 48.33
N LEU V 72 46.08 -10.63 49.53
CA LEU V 72 46.03 -9.27 50.03
C LEU V 72 46.65 -8.28 49.08
N LYS V 73 47.86 -8.55 48.62
CA LYS V 73 48.52 -7.59 47.74
C LYS V 73 47.72 -7.31 46.49
N THR V 74 47.09 -8.34 45.92
CA THR V 74 46.24 -8.15 44.75
C THR V 74 45.06 -7.24 45.06
N TYR V 75 44.43 -7.46 46.22
CA TYR V 75 43.30 -6.66 46.65
C TYR V 75 43.68 -5.20 46.89
N VAL V 76 44.85 -4.95 47.52
CA VAL V 76 45.32 -3.59 47.79
C VAL V 76 45.46 -2.82 46.49
N ILE V 77 46.08 -3.45 45.50
CA ILE V 77 46.31 -2.80 44.22
C ILE V 77 45.00 -2.41 43.56
N GLU V 78 44.01 -3.32 43.56
CA GLU V 78 42.69 -3.00 43.04
C GLU V 78 42.04 -1.81 43.71
N LEU V 79 42.12 -1.73 45.05
CA LEU V 79 41.51 -0.62 45.78
C LEU V 79 42.10 0.72 45.38
N ILE V 80 43.43 0.76 45.26
CA ILE V 80 44.13 2.00 44.92
C ILE V 80 43.79 2.43 43.51
N LYS V 81 43.84 1.51 42.56
CA LYS V 81 43.58 1.88 41.17
C LYS V 81 42.16 2.37 40.97
N ASN V 82 41.18 1.77 41.63
CA ASN V 82 39.82 2.25 41.41
C ASN V 82 39.60 3.62 42.00
N ALA V 83 40.18 3.89 43.19
CA ALA V 83 40.02 5.21 43.79
C ALA V 83 40.59 6.30 42.90
N ILE V 84 41.70 6.02 42.22
CA ILE V 84 42.29 7.00 41.32
C ILE V 84 41.43 7.19 40.08
N LEU V 85 40.96 6.09 39.46
CA LEU V 85 40.14 6.22 38.26
C LEU V 85 38.87 7.02 38.51
N TYR V 86 38.26 6.85 39.68
CA TYR V 86 37.05 7.62 39.96
C TYR V 86 37.36 9.05 40.36
N HIS V 87 38.40 9.30 41.15
CA HIS V 87 38.52 10.61 41.75
C HIS V 87 39.70 11.51 41.35
N GLU V 88 40.74 11.05 40.64
CA GLU V 88 41.83 11.96 40.23
C GLU V 88 42.15 11.90 38.73
N PRO V 89 41.44 12.71 37.93
CA PRO V 89 41.55 12.74 36.44
C PRO V 89 42.88 13.17 35.85
N ARG V 90 43.75 13.78 36.62
CA ARG V 90 44.97 14.31 36.06
C ARG V 90 46.13 13.32 35.98
N ILE V 91 46.04 12.11 36.54
CA ILE V 91 47.20 11.20 36.52
C ILE V 91 46.89 9.80 36.02
N ASP V 92 47.97 9.11 35.62
CA ASP V 92 48.02 7.69 35.27
C ASP V 92 49.00 6.96 36.18
N PRO V 93 48.55 6.01 37.00
CA PRO V 93 49.44 5.20 37.85
C PRO V 93 50.46 4.47 37.00
N GLU V 94 51.68 4.36 37.51
CA GLU V 94 52.74 3.65 36.81
C GLU V 94 53.07 2.34 37.46
N LYS V 95 53.24 2.36 38.79
CA LYS V 95 53.65 1.16 39.51
C LYS V 95 53.25 1.22 40.97
N ILE V 96 52.76 0.09 41.50
CA ILE V 96 52.47 -0.02 42.92
C ILE V 96 53.34 -1.12 43.51
N ASP V 97 54.19 -0.74 44.45
CA ASP V 97 55.17 -1.63 45.08
C ASP V 97 54.79 -1.87 46.56
N ILE V 98 54.39 -3.10 46.91
CA ILE V 98 53.93 -3.42 48.27
C ILE V 98 54.90 -4.35 48.98
N THR V 99 55.52 -3.89 50.08
CA THR V 99 56.52 -4.67 50.81
C THR V 99 56.43 -4.54 52.34
N GLN V 100 57.04 -5.51 53.05
CA GLN V 100 57.04 -5.57 54.51
C GLN V 100 58.46 -5.33 55.03
N GLY V 101 58.68 -4.20 55.70
CA GLY V 101 60.01 -3.84 56.17
C GLY V 101 60.34 -4.22 57.60
N ASN V 102 59.42 -4.92 58.28
CA ASN V 102 59.60 -5.22 59.71
C ASN V 102 59.09 -6.63 60.01
N GLU V 103 59.98 -7.44 60.57
CA GLU V 103 59.68 -8.80 61.01
C GLU V 103 58.69 -8.81 62.16
N ILE V 104 58.80 -7.81 63.06
CA ILE V 104 57.99 -7.76 64.26
C ILE V 104 56.96 -6.63 64.21
N GLU V 105 57.40 -5.39 63.99
CA GLU V 105 56.44 -4.28 63.99
C GLU V 105 55.39 -4.50 62.91
N GLY V 106 54.14 -4.17 63.23
CA GLY V 106 53.06 -4.38 62.29
C GLY V 106 53.01 -3.36 61.18
N GLU V 107 54.01 -3.37 60.30
CA GLU V 107 54.08 -2.37 59.24
C GLU V 107 54.00 -2.96 57.84
N LEU V 108 53.22 -2.29 57.01
CA LEU V 108 53.11 -2.60 55.59
C LEU V 108 53.49 -1.33 54.84
N LEU V 109 54.38 -1.45 53.87
CA LEU V 109 54.89 -0.28 53.17
C LEU V 109 54.42 -0.26 51.73
N ILE V 110 53.70 0.78 51.32
CA ILE V 110 53.18 0.86 49.97
C ILE V 110 53.75 2.08 49.25
N HIS V 111 54.39 1.85 48.12
CA HIS V 111 54.97 2.94 47.33
C HIS V 111 54.26 3.08 45.98
N LEU V 112 53.57 4.20 45.78
CA LEU V 112 52.85 4.50 44.54
C LEU V 112 53.65 5.46 43.66
N GLN V 113 53.88 5.05 42.42
CA GLN V 113 54.55 5.88 41.43
C GLN V 113 53.54 6.21 40.34
N TYR V 114 53.57 7.45 39.83
CA TYR V 114 52.59 7.86 38.82
C TYR V 114 53.16 8.90 37.86
N ILE V 115 52.43 9.08 36.75
CA ILE V 115 52.76 10.00 35.66
C ILE V 115 51.67 11.06 35.47
N VAL V 116 52.08 12.32 35.37
CA VAL V 116 51.14 13.42 35.17
C VAL V 116 50.81 13.56 33.68
N ARG V 117 49.51 13.64 33.36
CA ARG V 117 49.01 13.69 31.98
C ARG V 117 49.32 15.01 31.25
N ALA V 118 49.75 14.90 29.99
CA ALA V 118 50.03 16.05 29.13
C ALA V 118 48.83 16.59 28.37
N THR V 119 47.70 15.89 28.40
CA THR V 119 46.47 16.26 27.68
C THR V 119 45.35 16.35 28.70
N ASN V 120 44.31 17.15 28.45
CA ASN V 120 43.26 17.41 29.42
C ASN V 120 42.11 16.39 29.39
N SER V 121 41.87 15.77 30.55
CA SER V 121 40.81 14.79 30.77
C SER V 121 39.42 15.38 30.75
N ARG V 122 38.44 14.58 30.31
CA ARG V 122 37.04 14.97 30.22
C ARG V 122 36.34 15.07 31.57
N LYS V 123 37.02 14.68 32.64
CA LYS V 123 36.50 14.74 33.99
C LYS V 123 37.15 15.81 34.84
N ASN V 124 37.98 16.67 34.25
CA ASN V 124 38.76 17.65 35.01
C ASN V 124 38.06 19.01 35.13
N MET V 125 37.45 19.30 36.27
CA MET V 125 36.70 20.55 36.38
C MET V 125 37.54 21.80 36.71
N VAL V 126 38.29 22.27 35.72
CA VAL V 126 39.10 23.48 35.80
C VAL V 126 38.43 24.56 34.95
N TYR V 127 38.19 25.72 35.55
CA TYR V 127 37.23 26.72 35.04
C TYR V 127 37.25 27.09 33.55
N PRO V 128 38.32 27.55 32.92
CA PRO V 128 38.18 27.96 31.54
C PRO V 128 38.22 26.81 30.55
N PHE V 129 38.16 25.55 31.02
CA PHE V 129 38.26 24.40 30.13
C PHE V 129 37.04 23.53 30.14
N TYR V 130 36.52 23.15 31.32
CA TYR V 130 35.41 22.20 31.37
C TYR V 130 34.18 22.71 30.62
N LEU V 131 34.05 24.03 30.50
CA LEU V 131 32.88 24.61 29.85
C LEU V 131 32.69 24.10 28.43
N GLU V 132 33.78 23.91 27.69
CA GLU V 132 33.62 23.40 26.36
C GLU V 132 34.20 21.99 26.23
N GLU V 133 35.09 21.55 27.13
CA GLU V 133 35.68 20.21 27.06
C GLU V 133 35.19 19.14 28.08
N GLY V 134 34.43 19.47 29.11
CA GLY V 134 34.01 18.49 30.09
C GLY V 134 32.76 17.68 29.80
N THR V 135 32.84 16.79 28.82
CA THR V 135 31.70 16.00 28.39
C THR V 135 31.16 15.00 29.39
N ASN V 136 32.04 14.33 30.16
CA ASN V 136 31.57 13.37 31.12
C ASN V 136 32.52 13.34 32.35
N LYS W 4 60.13 9.90 -29.80
CA LYS W 4 59.19 10.76 -29.08
C LYS W 4 57.98 9.98 -28.57
N SER W 5 58.16 8.66 -28.61
CA SER W 5 57.22 7.69 -28.05
C SER W 5 57.22 7.66 -26.51
N LYS W 6 58.44 7.73 -25.94
CA LYS W 6 58.68 7.69 -24.51
C LYS W 6 58.68 9.12 -23.93
N ASP W 7 57.54 9.79 -24.03
CA ASP W 7 57.35 11.15 -23.51
C ASP W 7 56.62 11.18 -22.18
N PHE W 8 56.15 10.03 -21.68
CA PHE W 8 55.47 10.02 -20.38
C PHE W 8 56.42 9.73 -19.23
N LEU W 9 57.70 9.57 -19.50
CA LEU W 9 58.63 9.46 -18.40
C LEU W 9 59.02 10.86 -17.97
N GLY W 10 58.94 11.79 -18.92
CA GLY W 10 59.12 13.20 -18.65
C GLY W 10 60.56 13.69 -18.64
N THR W 11 60.67 15.02 -18.41
CA THR W 11 61.88 15.85 -18.39
C THR W 11 61.96 16.80 -17.19
N GLY W 12 63.11 16.96 -16.52
CA GLY W 12 63.18 17.85 -15.35
C GLY W 12 64.59 18.25 -14.98
N TRP W 13 64.73 18.93 -13.84
CA TRP W 13 66.03 19.43 -13.37
C TRP W 13 66.94 18.29 -12.94
N GLY W 14 68.25 18.41 -13.20
CA GLY W 14 69.18 17.41 -12.68
C GLY W 14 69.26 17.51 -11.17
N PHE W 15 69.54 16.42 -10.43
CA PHE W 15 69.48 16.59 -8.97
C PHE W 15 70.55 17.50 -8.41
N PRO W 16 71.82 17.25 -8.58
CA PRO W 16 72.72 18.24 -8.12
C PRO W 16 72.80 19.33 -9.17
N PRO W 17 71.86 20.30 -9.20
CA PRO W 17 71.71 21.15 -10.37
C PRO W 17 72.99 21.89 -10.68
N GLU W 18 73.35 21.84 -11.94
CA GLU W 18 74.56 22.46 -12.43
C GLU W 18 74.16 23.59 -13.37
N PHE W 19 74.86 24.69 -13.23
CA PHE W 19 74.60 25.85 -14.04
C PHE W 19 75.75 26.05 -15.00
N GLU W 20 75.42 26.25 -16.25
CA GLU W 20 76.42 26.48 -17.28
C GLU W 20 76.55 27.97 -17.55
N THR W 21 77.72 28.33 -18.11
CA THR W 21 78.01 29.73 -18.45
C THR W 21 78.21 29.89 -19.97
N SER W 22 78.26 28.79 -20.71
CA SER W 22 78.45 28.88 -22.16
C SER W 22 77.10 29.21 -22.79
N ILE W 23 76.06 29.00 -21.98
CA ILE W 23 74.69 29.35 -22.30
C ILE W 23 74.07 29.52 -20.92
N GLY W 24 73.18 30.49 -20.76
CA GLY W 24 72.62 30.72 -19.44
C GLY W 24 71.53 29.75 -19.05
N GLN W 25 71.91 28.48 -18.82
CA GLN W 25 70.92 27.44 -18.55
C GLN W 25 71.34 26.48 -17.45
N VAL W 26 70.34 25.85 -16.83
CA VAL W 26 70.54 24.81 -15.83
C VAL W 26 70.32 23.49 -16.54
N LYS W 27 71.18 22.52 -16.28
CA LYS W 27 71.07 21.22 -16.93
C LYS W 27 69.84 20.45 -16.48
N THR W 28 69.26 19.73 -17.44
CA THR W 28 68.10 18.89 -17.25
C THR W 28 68.40 17.44 -17.63
N THR W 29 67.50 16.55 -17.18
CA THR W 29 67.54 15.11 -17.39
C THR W 29 66.22 14.63 -17.97
N SER W 30 66.22 13.43 -18.54
CA SER W 30 65.03 12.85 -19.16
C SER W 30 65.04 11.34 -19.14
N GLY W 31 63.82 10.77 -19.28
CA GLY W 31 63.69 9.33 -19.45
C GLY W 31 64.31 8.51 -18.34
N VAL W 32 65.19 7.58 -18.74
CA VAL W 32 65.84 6.69 -17.80
C VAL W 32 66.82 7.43 -16.89
N GLU W 33 67.57 8.38 -17.44
CA GLU W 33 68.45 9.20 -16.61
C GLU W 33 67.69 9.89 -15.49
N ASP W 34 66.52 10.43 -15.82
CA ASP W 34 65.69 11.08 -14.80
C ASP W 34 65.28 10.10 -13.71
N ILE W 35 64.93 8.86 -14.10
CA ILE W 35 64.52 7.84 -13.12
C ILE W 35 65.66 7.53 -12.16
N GLN W 36 66.86 7.36 -12.70
CA GLN W 36 67.99 7.03 -11.84
C GLN W 36 68.29 8.12 -10.82
N LYS W 37 68.11 9.39 -11.20
CA LYS W 37 68.34 10.46 -10.23
C LYS W 37 67.22 10.54 -9.20
N SER W 38 65.99 10.22 -9.59
CA SER W 38 64.89 10.17 -8.64
C SER W 38 65.18 9.21 -7.50
N LEU W 39 65.72 8.03 -7.83
CA LEU W 39 66.07 7.04 -6.82
C LEU W 39 67.16 7.55 -5.89
N GLU W 40 68.18 8.23 -6.44
CA GLU W 40 69.24 8.81 -5.61
C GLU W 40 68.66 9.81 -4.61
N ILE W 41 67.69 10.63 -5.04
CA ILE W 41 67.07 11.60 -4.14
C ILE W 41 66.29 10.92 -3.04
N LEU W 42 65.42 9.98 -3.40
CA LEU W 42 64.54 9.34 -2.42
C LEU W 42 65.32 8.70 -1.28
N PHE W 43 66.37 7.97 -1.61
CA PHE W 43 67.08 7.26 -0.56
C PHE W 43 68.16 8.10 0.10
N SER W 44 68.24 9.37 -0.23
CA SER W 44 69.11 10.32 0.43
C SER W 44 68.40 11.23 1.40
N THR W 45 67.10 11.07 1.61
CA THR W 45 66.40 11.98 2.50
C THR W 45 65.59 11.24 3.55
N LYS W 46 65.43 11.89 4.71
CA LYS W 46 64.75 11.34 5.85
C LYS W 46 63.26 11.68 5.82
N ILE W 47 62.46 10.91 6.55
CA ILE W 47 61.00 10.97 6.46
C ILE W 47 60.42 12.36 6.76
N GLY W 48 60.90 13.02 7.81
CA GLY W 48 60.33 14.31 8.17
C GLY W 48 61.01 15.55 7.59
N GLU W 49 61.91 15.42 6.61
CA GLU W 49 62.67 16.58 6.14
C GLU W 49 61.94 17.50 5.15
N ARG W 50 60.90 17.06 4.47
CA ARG W 50 60.21 17.96 3.56
C ARG W 50 59.12 18.70 4.33
N ILE W 51 58.80 19.94 3.94
CA ILE W 51 57.94 20.79 4.79
C ILE W 51 56.47 20.39 4.74
N MET W 52 55.84 20.34 3.56
CA MET W 52 54.43 19.96 3.64
C MET W 52 54.22 18.54 3.17
N GLN W 53 55.31 17.79 3.07
CA GLN W 53 55.36 16.38 2.69
C GLN W 53 56.00 15.58 3.82
N PRO W 54 55.31 15.46 4.96
CA PRO W 54 55.87 14.85 6.19
C PRO W 54 56.19 13.38 6.10
N THR W 55 55.79 12.70 5.03
CA THR W 55 56.06 11.29 4.86
C THR W 55 56.74 11.06 3.52
N TYR W 56 58.00 11.44 3.38
CA TYR W 56 58.71 11.28 2.12
C TYR W 56 60.16 10.94 2.43
N GLY W 57 60.66 9.82 1.94
CA GLY W 57 62.03 9.47 2.22
C GLY W 57 62.10 8.06 2.73
N CYS W 58 63.13 7.73 3.50
CA CYS W 58 63.24 6.35 3.99
C CYS W 58 63.85 6.30 5.38
N ASN W 59 63.77 5.10 5.98
CA ASN W 59 64.26 4.83 7.32
C ASN W 59 65.47 3.90 7.38
N LEU W 60 66.31 3.85 6.35
CA LEU W 60 67.41 2.89 6.36
C LEU W 60 68.40 3.12 7.53
N ASP W 61 68.50 4.35 8.05
CA ASP W 61 69.39 4.67 9.16
C ASP W 61 69.10 3.92 10.45
N GLU W 62 67.88 3.36 10.60
CA GLU W 62 67.49 2.60 11.79
C GLU W 62 68.38 1.41 12.01
N LEU W 63 69.03 0.92 10.96
CA LEU W 63 69.79 -0.28 11.01
C LEU W 63 71.29 -0.03 11.22
N LEU W 64 71.70 1.20 11.46
CA LEU W 64 73.12 1.44 11.71
C LEU W 64 73.47 0.91 13.08
N PHE W 65 74.71 0.42 13.21
CA PHE W 65 75.23 -0.12 14.49
C PHE W 65 74.46 -1.34 14.97
N SER W 66 74.16 -2.25 14.04
CA SER W 66 73.43 -3.46 14.36
C SER W 66 74.13 -4.62 13.66
N PRO W 67 74.00 -5.84 14.21
CA PRO W 67 74.55 -7.06 13.58
C PRO W 67 73.71 -7.47 12.37
N ILE W 68 74.33 -8.21 11.46
CA ILE W 68 73.68 -8.63 10.22
C ILE W 68 73.20 -10.07 10.31
N ASN W 69 71.89 -10.27 10.09
CA ASN W 69 71.28 -11.59 10.14
C ASN W 69 70.06 -11.63 9.23
N ARG W 70 69.35 -12.77 9.26
CA ARG W 70 68.17 -13.02 8.42
C ARG W 70 67.01 -12.08 8.72
N THR W 71 66.82 -11.72 10.00
CA THR W 71 65.71 -10.85 10.36
C THR W 71 65.93 -9.46 9.80
N LEU W 72 67.16 -8.95 9.97
CA LEU W 72 67.54 -7.68 9.38
C LEU W 72 67.32 -7.65 7.90
N LYS W 73 67.83 -8.64 7.17
CA LYS W 73 67.70 -8.63 5.73
C LYS W 73 66.26 -8.57 5.28
N THR W 74 65.37 -9.28 5.98
CA THR W 74 63.95 -9.25 5.65
C THR W 74 63.39 -7.84 5.84
N TYR W 75 63.76 -7.19 6.95
CA TYR W 75 63.32 -5.84 7.25
C TYR W 75 63.81 -4.82 6.23
N VAL W 76 65.08 -4.93 5.80
CA VAL W 76 65.66 -4.02 4.80
C VAL W 76 64.87 -4.08 3.52
N ILE W 77 64.55 -5.29 3.07
CA ILE W 77 63.83 -5.47 1.83
C ILE W 77 62.46 -4.81 1.90
N GLU W 78 61.74 -5.02 3.00
CA GLU W 78 60.45 -4.37 3.20
C GLU W 78 60.54 -2.84 3.13
N LEU W 79 61.55 -2.24 3.77
CA LEU W 79 61.68 -0.79 3.77
C LEU W 79 61.86 -0.25 2.35
N ILE W 80 62.71 -0.91 1.57
CA ILE W 80 63.00 -0.47 0.20
C ILE W 80 61.78 -0.59 -0.67
N LYS W 81 61.09 -1.73 -0.61
CA LYS W 81 59.93 -1.93 -1.47
C LYS W 81 58.81 -0.95 -1.18
N ASN W 82 58.58 -0.63 0.10
CA ASN W 82 57.49 0.29 0.37
C ASN W 82 57.82 1.70 -0.09
N ALA W 83 59.07 2.14 0.09
CA ALA W 83 59.45 3.47 -0.37
C ALA W 83 59.25 3.63 -1.87
N ILE W 84 59.54 2.58 -2.63
CA ILE W 84 59.34 2.64 -4.07
C ILE W 84 57.86 2.65 -4.42
N LEU W 85 57.05 1.79 -3.80
CA LEU W 85 55.62 1.77 -4.11
C LEU W 85 54.94 3.09 -3.83
N TYR W 86 55.35 3.78 -2.77
CA TYR W 86 54.74 5.07 -2.49
C TYR W 86 55.30 6.18 -3.36
N HIS W 87 56.60 6.20 -3.64
CA HIS W 87 57.16 7.40 -4.24
C HIS W 87 57.73 7.32 -5.65
N GLU W 88 57.93 6.15 -6.29
CA GLU W 88 58.43 6.13 -7.67
C GLU W 88 57.59 5.27 -8.63
N PRO W 89 56.55 5.88 -9.23
CA PRO W 89 55.56 5.20 -10.11
C PRO W 89 56.08 4.62 -11.41
N ARG W 90 57.27 4.99 -11.84
CA ARG W 90 57.74 4.55 -13.14
C ARG W 90 58.46 3.20 -13.14
N ILE W 91 58.74 2.57 -11.98
CA ILE W 91 59.50 1.31 -12.01
C ILE W 91 58.87 0.18 -11.20
N ASP W 92 59.32 -1.04 -11.53
CA ASP W 92 59.05 -2.29 -10.81
C ASP W 92 60.36 -2.92 -10.36
N PRO W 93 60.58 -3.07 -9.05
CA PRO W 93 61.78 -3.74 -8.53
C PRO W 93 61.86 -5.16 -9.05
N GLU W 94 63.07 -5.62 -9.34
CA GLU W 94 63.28 -6.98 -9.80
C GLU W 94 63.93 -7.84 -8.76
N LYS W 95 64.99 -7.34 -8.13
CA LYS W 95 65.75 -8.13 -7.18
C LYS W 95 66.52 -7.24 -6.20
N ILE W 96 66.51 -7.63 -4.93
CA ILE W 96 67.32 -6.95 -3.92
C ILE W 96 68.30 -7.94 -3.33
N ASP W 97 69.59 -7.67 -3.50
CA ASP W 97 70.67 -8.55 -3.09
C ASP W 97 71.46 -7.89 -1.94
N ILE W 98 71.39 -8.47 -0.73
CA ILE W 98 72.03 -7.89 0.46
C ILE W 98 73.18 -8.77 0.95
N THR W 99 74.41 -8.24 0.92
CA THR W 99 75.61 -9.00 1.32
C THR W 99 76.64 -8.18 2.12
N GLN W 100 77.52 -8.91 2.82
CA GLN W 100 78.57 -8.32 3.65
C GLN W 100 79.94 -8.60 3.05
N GLY W 101 80.63 -7.57 2.56
CA GLY W 101 81.89 -7.75 1.88
C GLY W 101 83.13 -7.57 2.74
N ASN W 102 82.96 -7.35 4.05
CA ASN W 102 84.08 -7.04 4.93
C ASN W 102 83.89 -7.71 6.29
N GLU W 103 84.88 -8.52 6.65
CA GLU W 103 84.93 -9.21 7.94
C GLU W 103 85.06 -8.23 9.09
N ILE W 104 85.82 -7.15 8.88
CA ILE W 104 86.11 -6.17 9.93
C ILE W 104 85.41 -4.84 9.71
N GLU W 105 85.61 -4.22 8.53
CA GLU W 105 84.99 -2.92 8.31
C GLU W 105 83.46 -3.03 8.40
N GLY W 106 82.84 -2.04 9.03
CA GLY W 106 81.40 -2.08 9.22
C GLY W 106 80.61 -1.77 7.96
N GLU W 107 80.68 -2.65 6.96
CA GLU W 107 80.02 -2.40 5.70
C GLU W 107 78.94 -3.41 5.36
N LEU W 108 77.82 -2.89 4.87
CA LEU W 108 76.71 -3.67 4.36
C LEU W 108 76.50 -3.24 2.93
N LEU W 109 76.42 -4.18 2.01
CA LEU W 109 76.32 -3.86 0.58
C LEU W 109 74.96 -4.24 0.03
N ILE W 110 74.22 -3.28 -0.50
CA ILE W 110 72.88 -3.55 -1.02
C ILE W 110 72.81 -3.23 -2.49
N HIS W 111 72.45 -4.22 -3.31
CA HIS W 111 72.32 -4.03 -4.76
C HIS W 111 70.87 -4.16 -5.22
N LEU W 112 70.29 -3.06 -5.71
CA LEU W 112 68.92 -3.03 -6.20
C LEU W 112 68.88 -3.07 -7.71
N GLN W 113 68.15 -4.03 -8.26
CA GLN W 113 67.94 -4.16 -9.68
C GLN W 113 66.46 -3.90 -9.97
N TYR W 114 66.17 -3.21 -11.08
CA TYR W 114 64.78 -2.86 -11.39
C TYR W 114 64.53 -2.77 -12.89
N ILE W 115 63.23 -2.75 -13.22
CA ILE W 115 62.72 -2.70 -14.60
C ILE W 115 61.87 -1.44 -14.82
N VAL W 116 62.14 -0.74 -15.92
CA VAL W 116 61.37 0.46 -16.27
C VAL W 116 60.08 0.08 -16.99
N ARG W 117 58.96 0.64 -16.54
CA ARG W 117 57.63 0.32 -17.08
C ARG W 117 57.38 0.85 -18.50
N ALA W 118 56.76 0.01 -19.33
CA ALA W 118 56.39 0.36 -20.71
C ALA W 118 55.03 1.02 -20.84
N THR W 119 54.23 1.06 -19.78
CA THR W 119 52.88 1.63 -19.78
C THR W 119 52.83 2.69 -18.69
N ASN W 120 51.94 3.69 -18.81
CA ASN W 120 51.92 4.82 -17.89
C ASN W 120 51.07 4.60 -16.65
N SER W 121 51.70 4.76 -15.48
CA SER W 121 51.08 4.63 -14.18
C SER W 121 50.11 5.76 -13.84
N ARG W 122 49.09 5.43 -13.05
CA ARG W 122 48.06 6.37 -12.61
C ARG W 122 48.54 7.38 -11.58
N LYS W 123 49.77 7.23 -11.10
CA LYS W 123 50.37 8.11 -10.12
C LYS W 123 51.47 8.97 -10.71
N ASN W 124 51.66 8.96 -12.02
CA ASN W 124 52.79 9.65 -12.65
C ASN W 124 52.45 11.07 -13.11
N MET W 125 52.84 12.09 -12.36
CA MET W 125 52.45 13.45 -12.73
C MET W 125 53.32 14.12 -13.81
N VAL W 126 53.14 13.68 -15.04
CA VAL W 126 53.82 14.23 -16.22
C VAL W 126 52.78 15.00 -17.03
N TYR W 127 53.09 16.26 -17.34
CA TYR W 127 52.11 17.27 -17.77
C TYR W 127 51.07 16.89 -18.84
N PRO W 128 51.39 16.43 -20.04
CA PRO W 128 50.31 16.20 -21.00
C PRO W 128 49.59 14.88 -20.80
N PHE W 129 49.83 14.17 -19.70
CA PHE W 129 49.23 12.86 -19.48
C PHE W 129 48.33 12.81 -18.26
N TYR W 130 48.81 13.29 -17.09
CA TYR W 130 48.03 13.13 -15.87
C TYR W 130 46.66 13.80 -15.97
N LEU W 131 46.52 14.80 -16.83
CA LEU W 131 45.26 15.52 -16.96
C LEU W 131 44.11 14.62 -17.31
N GLU W 132 44.33 13.61 -18.15
CA GLU W 132 43.24 12.73 -18.46
C GLU W 132 43.50 11.32 -17.91
N GLU W 133 44.74 10.95 -17.60
CA GLU W 133 45.05 9.62 -17.07
C GLU W 133 45.40 9.49 -15.56
N GLY W 134 45.63 10.57 -14.82
CA GLY W 134 45.98 10.45 -13.42
C GLY W 134 44.88 10.34 -12.38
N THR W 135 44.20 9.20 -12.38
CA THR W 135 43.06 8.96 -11.50
C THR W 135 43.36 8.91 -10.02
N ASN W 136 44.49 8.32 -9.62
CA ASN W 136 44.82 8.24 -8.21
C ASN W 136 46.36 8.29 -8.03
N LYS X 4 21.11 -34.95 -54.17
CA LYS X 4 21.00 -33.52 -53.85
C LYS X 4 20.48 -33.32 -52.44
N SER X 5 20.53 -34.42 -51.68
CA SER X 5 20.23 -34.45 -50.25
C SER X 5 21.34 -33.79 -49.40
N LYS X 6 22.59 -34.09 -49.75
CA LYS X 6 23.79 -33.61 -49.08
C LYS X 6 24.26 -32.29 -49.70
N ASP X 7 23.42 -31.26 -49.59
CA ASP X 7 23.71 -29.92 -50.10
C ASP X 7 24.15 -28.95 -49.01
N PHE X 8 24.13 -29.37 -47.73
CA PHE X 8 24.58 -28.48 -46.67
C PHE X 8 26.06 -28.65 -46.34
N LEU X 9 26.74 -29.52 -47.06
CA LEU X 9 28.19 -29.59 -46.87
C LEU X 9 28.82 -28.53 -47.75
N GLY X 10 28.12 -28.19 -48.84
CA GLY X 10 28.49 -27.10 -49.70
C GLY X 10 29.52 -27.43 -50.77
N THR X 11 29.82 -26.39 -51.57
CA THR X 11 30.72 -26.35 -52.74
C THR X 11 31.67 -25.13 -52.74
N GLY X 12 32.95 -25.28 -53.09
CA GLY X 12 33.86 -24.14 -53.06
C GLY X 12 35.13 -24.36 -53.87
N TRP X 13 36.08 -23.42 -53.75
CA TRP X 13 37.33 -23.48 -54.50
C TRP X 13 38.24 -24.59 -54.01
N GLY X 14 38.97 -25.25 -54.90
CA GLY X 14 39.95 -26.24 -54.45
C GLY X 14 41.09 -25.54 -53.73
N PHE X 15 41.77 -26.18 -52.76
CA PHE X 15 42.79 -25.38 -52.04
C PHE X 15 43.97 -24.97 -52.90
N PRO X 16 44.72 -25.86 -53.49
CA PRO X 16 45.72 -25.36 -54.35
C PRO X 16 45.05 -25.04 -55.68
N PRO X 17 44.43 -23.85 -55.84
CA PRO X 17 43.53 -23.64 -56.96
C PRO X 17 44.21 -23.84 -58.28
N GLU X 18 43.57 -24.61 -59.12
CA GLU X 18 44.07 -24.94 -60.42
C GLU X 18 43.19 -24.31 -61.47
N PHE X 19 43.82 -23.75 -62.48
CA PHE X 19 43.09 -23.11 -63.55
C PHE X 19 43.22 -23.94 -64.80
N GLU X 20 42.10 -24.18 -65.44
CA GLU X 20 42.08 -24.94 -66.68
C GLU X 20 42.04 -24.00 -67.87
N THR X 21 42.46 -24.53 -69.03
CA THR X 21 42.48 -23.76 -70.28
C THR X 21 41.54 -24.40 -71.32
N SER X 22 41.00 -25.60 -71.03
CA SER X 22 40.10 -26.25 -71.98
C SER X 22 38.73 -25.60 -71.83
N ILE X 23 38.56 -24.91 -70.71
CA ILE X 23 37.40 -24.12 -70.41
C ILE X 23 37.96 -23.07 -69.42
N GLY X 24 37.49 -21.84 -69.52
CA GLY X 24 38.05 -20.81 -68.65
C GLY X 24 37.54 -20.85 -67.23
N GLN X 25 37.90 -21.90 -66.48
CA GLN X 25 37.36 -22.07 -65.13
C GLN X 25 38.42 -22.53 -64.12
N VAL X 26 38.13 -22.24 -62.85
CA VAL X 26 38.94 -22.69 -61.73
C VAL X 26 38.23 -23.89 -61.13
N LYS X 27 38.98 -24.93 -60.81
CA LYS X 27 38.38 -26.14 -60.26
C LYS X 27 37.81 -25.93 -58.87
N THR X 28 36.71 -26.60 -58.62
CA THR X 28 35.99 -26.59 -57.35
C THR X 28 35.87 -28.00 -56.77
N THR X 29 35.54 -28.03 -55.47
CA THR X 29 35.35 -29.23 -54.67
C THR X 29 33.98 -29.21 -53.99
N SER X 30 33.54 -30.36 -53.51
CA SER X 30 32.24 -30.48 -52.85
C SER X 30 32.20 -31.62 -51.85
N GLY X 31 31.24 -31.52 -50.92
CA GLY X 31 30.95 -32.61 -50.00
C GLY X 31 32.16 -33.05 -49.17
N VAL X 32 32.45 -34.35 -49.25
CA VAL X 32 33.55 -34.94 -48.49
C VAL X 32 34.91 -34.46 -48.99
N GLU X 33 35.08 -34.35 -50.31
CA GLU X 33 36.31 -33.79 -50.85
C GLU X 33 36.62 -32.42 -50.29
N ASP X 34 35.58 -31.57 -50.21
CA ASP X 34 35.75 -30.25 -49.65
C ASP X 34 36.20 -30.30 -48.19
N ILE X 35 35.63 -31.23 -47.41
CA ILE X 35 36.00 -31.38 -46.00
C ILE X 35 37.48 -31.76 -45.87
N GLN X 36 37.93 -32.70 -46.68
CA GLN X 36 39.31 -33.14 -46.57
C GLN X 36 40.29 -32.01 -46.89
N LYS X 37 39.95 -31.13 -47.83
CA LYS X 37 40.85 -30.02 -48.13
C LYS X 37 40.80 -28.95 -47.03
N SER X 38 39.65 -28.76 -46.39
CA SER X 38 39.56 -27.85 -45.26
C SER X 38 40.54 -28.23 -44.16
N LEU X 39 40.63 -29.51 -43.85
CA LEU X 39 41.56 -29.99 -42.84
C LEU X 39 43.00 -29.74 -43.23
N GLU X 40 43.35 -29.96 -44.51
CA GLU X 40 44.70 -29.68 -44.98
C GLU X 40 45.06 -28.20 -44.79
N ILE X 41 44.10 -27.29 -45.07
CA ILE X 41 44.36 -25.86 -44.88
C ILE X 41 44.57 -25.53 -43.42
N LEU X 42 43.66 -25.97 -42.55
CA LEU X 42 43.73 -25.59 -41.14
C LEU X 42 45.05 -25.96 -40.51
N PHE X 43 45.53 -27.17 -40.75
CA PHE X 43 46.74 -27.59 -40.08
C PHE X 43 48.01 -27.20 -40.83
N SER X 44 47.88 -26.43 -41.90
CA SER X 44 48.99 -25.83 -42.60
C SER X 44 49.23 -24.38 -42.30
N THR X 45 48.46 -23.77 -41.41
CA THR X 45 48.64 -22.36 -41.15
C THR X 45 48.80 -22.05 -39.66
N LYS X 46 49.53 -20.99 -39.38
CA LYS X 46 49.86 -20.57 -38.02
C LYS X 46 48.81 -19.60 -37.49
N ILE X 47 48.75 -19.47 -36.17
CA ILE X 47 47.66 -18.76 -35.50
C ILE X 47 47.53 -17.29 -35.94
N GLY X 48 48.64 -16.56 -36.05
CA GLY X 48 48.54 -15.15 -36.41
C GLY X 48 48.66 -14.80 -37.88
N GLU X 49 48.58 -15.77 -38.80
CA GLU X 49 48.82 -15.48 -40.21
C GLU X 49 47.64 -14.85 -40.97
N ARG X 50 46.41 -14.97 -40.52
CA ARG X 50 45.31 -14.35 -41.24
C ARG X 50 45.13 -12.92 -40.73
N ILE X 51 44.68 -12.00 -41.60
CA ILE X 51 44.71 -10.58 -41.24
C ILE X 51 43.63 -10.17 -40.23
N MET X 52 42.36 -10.41 -40.51
CA MET X 52 41.41 -9.98 -39.49
C MET X 52 40.87 -11.15 -38.71
N GLN X 53 41.53 -12.30 -38.84
CA GLN X 53 41.24 -13.55 -38.15
C GLN X 53 42.46 -13.98 -37.35
N PRO X 54 42.79 -13.24 -36.28
CA PRO X 54 44.04 -13.42 -35.50
C PRO X 54 44.14 -14.74 -34.76
N THR X 55 43.07 -15.51 -34.69
CA THR X 55 43.09 -16.80 -33.99
C THR X 55 42.58 -17.88 -34.93
N TYR X 56 43.39 -18.27 -35.92
CA TYR X 56 42.98 -19.30 -36.88
C TYR X 56 44.20 -20.12 -37.25
N GLY X 57 44.14 -21.43 -37.04
CA GLY X 57 45.29 -22.24 -37.38
C GLY X 57 45.65 -23.11 -36.20
N CYS X 58 46.90 -23.53 -36.11
CA CYS X 58 47.28 -24.41 -35.00
C CYS X 58 48.70 -24.15 -34.52
N ASN X 59 49.02 -24.74 -33.37
CA ASN X 59 50.32 -24.60 -32.71
C ASN X 59 51.16 -25.88 -32.71
N LEU X 60 51.00 -26.78 -33.67
CA LEU X 60 51.76 -28.03 -33.61
C LEU X 60 53.28 -27.83 -33.64
N ASP X 61 53.77 -26.72 -34.22
CA ASP X 61 55.21 -26.42 -34.29
C ASP X 61 55.89 -26.29 -32.93
N GLU X 62 55.13 -26.05 -31.85
CA GLU X 62 55.67 -25.92 -30.50
C GLU X 62 56.41 -27.17 -30.06
N LEU X 63 56.09 -28.29 -30.65
CA LEU X 63 56.62 -29.57 -30.25
C LEU X 63 57.82 -30.01 -31.07
N LEU X 64 58.33 -29.18 -31.97
CA LEU X 64 59.50 -29.58 -32.72
C LEU X 64 60.72 -29.55 -31.82
N PHE X 65 61.65 -30.47 -32.07
CA PHE X 65 62.90 -30.58 -31.30
C PHE X 65 62.66 -30.92 -29.83
N SER X 66 61.75 -31.85 -29.58
CA SER X 66 61.42 -32.28 -28.23
C SER X 66 61.36 -33.81 -28.21
N PRO X 67 61.62 -34.43 -27.05
CA PRO X 67 61.50 -35.89 -26.89
C PRO X 67 60.04 -36.31 -26.86
N ILE X 68 59.80 -37.58 -27.18
CA ILE X 68 58.44 -38.11 -27.25
C ILE X 68 58.10 -38.92 -26.00
N ASN X 69 57.03 -38.53 -25.31
CA ASN X 69 56.58 -39.21 -24.10
C ASN X 69 55.08 -39.04 -23.93
N ARG X 70 54.56 -39.54 -22.80
CA ARG X 70 53.13 -39.52 -22.48
C ARG X 70 52.57 -38.10 -22.33
N THR X 71 53.37 -37.19 -21.76
CA THR X 71 52.88 -35.83 -21.55
C THR X 71 52.69 -35.13 -22.88
N LEU X 72 53.69 -35.28 -23.76
CA LEU X 72 53.58 -34.76 -25.12
C LEU X 72 52.37 -35.27 -25.84
N LYS X 73 52.18 -36.59 -25.84
CA LYS X 73 51.05 -37.15 -26.57
C LYS X 73 49.72 -36.59 -26.11
N THR X 74 49.57 -36.40 -24.80
CA THR X 74 48.35 -35.80 -24.26
C THR X 74 48.15 -34.40 -24.78
N TYR X 75 49.22 -33.61 -24.79
CA TYR X 75 49.17 -32.24 -25.28
C TYR X 75 48.84 -32.16 -26.76
N VAL X 76 49.43 -33.05 -27.59
CA VAL X 76 49.14 -33.07 -29.03
C VAL X 76 47.67 -33.29 -29.28
N ILE X 77 47.08 -34.25 -28.57
CA ILE X 77 45.68 -34.57 -28.76
C ILE X 77 44.80 -33.38 -28.43
N GLU X 78 45.08 -32.70 -27.32
CA GLU X 78 44.35 -31.49 -26.96
C GLU X 78 44.41 -30.41 -28.03
N LEU X 79 45.60 -30.18 -28.61
CA LEU X 79 45.75 -29.14 -29.64
C LEU X 79 44.89 -29.44 -30.85
N ILE X 80 44.89 -30.69 -31.29
CA ILE X 80 44.14 -31.09 -32.48
C ILE X 80 42.65 -30.97 -32.24
N LYS X 81 42.17 -31.48 -31.10
CA LYS X 81 40.75 -31.44 -30.84
C LYS X 81 40.21 -30.02 -30.74
N ASN X 82 40.97 -29.11 -30.12
CA ASN X 82 40.44 -27.75 -30.02
C ASN X 82 40.40 -27.05 -31.36
N ALA X 83 41.40 -27.27 -32.20
CA ALA X 83 41.40 -26.64 -33.52
C ALA X 83 40.20 -27.07 -34.34
N ILE X 84 39.81 -28.34 -34.22
CA ILE X 84 38.65 -28.82 -34.94
C ILE X 84 37.36 -28.25 -34.36
N LEU X 85 37.21 -28.23 -33.04
CA LEU X 85 35.99 -27.69 -32.44
C LEU X 85 35.76 -26.23 -32.81
N TYR X 86 36.82 -25.45 -32.89
CA TYR X 86 36.67 -24.05 -33.26
C TYR X 86 36.46 -23.86 -34.76
N HIS X 87 37.18 -24.62 -35.60
CA HIS X 87 37.19 -24.24 -37.00
C HIS X 87 36.58 -25.20 -38.03
N GLU X 88 36.22 -26.45 -37.71
CA GLU X 88 35.58 -27.32 -38.72
C GLU X 88 34.28 -27.98 -38.23
N PRO X 89 33.14 -27.27 -38.42
CA PRO X 89 31.80 -27.68 -37.95
C PRO X 89 31.20 -28.95 -38.54
N ARG X 90 31.74 -29.44 -39.65
CA ARG X 90 31.13 -30.57 -40.31
C ARG X 90 31.58 -31.93 -39.81
N ILE X 91 32.57 -32.04 -38.91
CA ILE X 91 33.03 -33.38 -38.49
C ILE X 91 33.13 -33.58 -36.99
N ASP X 92 33.15 -34.86 -36.60
CA ASP X 92 33.43 -35.35 -35.25
C ASP X 92 34.65 -36.27 -35.27
N PRO X 93 35.73 -35.92 -34.58
CA PRO X 93 36.92 -36.79 -34.48
C PRO X 93 36.55 -38.12 -33.87
N GLU X 94 37.18 -39.19 -34.36
CA GLU X 94 36.93 -40.52 -33.85
C GLU X 94 38.10 -41.04 -33.04
N LYS X 95 39.30 -40.91 -33.59
CA LYS X 95 40.48 -41.46 -32.95
C LYS X 95 41.75 -40.73 -33.39
N ILE X 96 42.64 -40.47 -32.44
CA ILE X 96 43.95 -39.90 -32.75
C ILE X 96 45.03 -40.89 -32.29
N ASP X 97 45.81 -41.37 -33.24
CA ASP X 97 46.82 -42.39 -33.01
C ASP X 97 48.23 -41.77 -33.21
N ILE X 98 49.02 -41.66 -32.14
CA ILE X 98 50.34 -41.00 -32.20
C ILE X 98 51.46 -42.01 -31.95
N THR X 99 52.31 -42.23 -32.96
CA THR X 99 53.41 -43.21 -32.87
C THR X 99 54.73 -42.76 -33.51
N GLN X 100 55.82 -43.43 -33.12
CA GLN X 100 57.18 -43.13 -33.59
C GLN X 100 57.68 -44.28 -34.45
N GLY X 101 57.85 -44.05 -35.76
CA GLY X 101 58.25 -45.10 -36.68
C GLY X 101 59.73 -45.20 -36.96
N ASN X 102 60.56 -44.37 -36.30
CA ASN X 102 61.99 -44.30 -36.61
C ASN X 102 62.80 -44.13 -35.33
N GLU X 103 63.72 -45.06 -35.11
CA GLU X 103 64.65 -45.05 -33.98
C GLU X 103 65.60 -43.87 -34.07
N ILE X 104 66.02 -43.51 -35.29
CA ILE X 104 67.01 -42.46 -35.51
C ILE X 104 66.41 -41.21 -36.13
N GLU X 105 65.73 -41.34 -37.28
CA GLU X 105 65.19 -40.16 -37.93
C GLU X 105 64.20 -39.46 -37.01
N GLY X 106 64.24 -38.13 -37.00
CA GLY X 106 63.37 -37.37 -36.12
C GLY X 106 61.93 -37.30 -36.59
N GLU X 107 61.23 -38.43 -36.59
CA GLU X 107 59.87 -38.47 -37.11
C GLU X 107 58.85 -38.86 -36.06
N LEU X 108 57.73 -38.13 -36.08
CA LEU X 108 56.56 -38.40 -35.27
C LEU X 108 55.40 -38.60 -36.24
N LEU X 109 54.65 -39.68 -36.08
CA LEU X 109 53.58 -40.01 -37.02
C LEU X 109 52.22 -39.87 -36.35
N ILE X 110 51.36 -39.01 -36.89
CA ILE X 110 50.05 -38.79 -36.29
C ILE X 110 48.95 -39.16 -37.28
N HIS X 111 48.08 -40.07 -36.89
CA HIS X 111 46.97 -40.51 -37.75
C HIS X 111 45.62 -40.10 -37.15
N LEU X 112 44.91 -39.20 -37.84
CA LEU X 112 43.59 -38.72 -37.40
C LEU X 112 42.49 -39.40 -38.19
N GLN X 113 41.56 -40.01 -37.46
CA GLN X 113 40.38 -40.62 -38.05
C GLN X 113 39.15 -39.83 -37.61
N TYR X 114 38.19 -39.64 -38.52
CA TYR X 114 37.01 -38.83 -38.19
C TYR X 114 35.76 -39.30 -38.93
N ILE X 115 34.62 -38.80 -38.45
CA ILE X 115 33.28 -39.11 -38.97
C ILE X 115 32.57 -37.85 -39.47
N VAL X 116 32.01 -37.92 -40.67
CA VAL X 116 31.27 -36.79 -41.26
C VAL X 116 29.83 -36.76 -40.72
N ARG X 117 29.39 -35.60 -40.25
CA ARG X 117 28.07 -35.43 -39.64
C ARG X 117 26.90 -35.52 -40.63
N ALA X 118 25.83 -36.21 -40.22
CA ALA X 118 24.62 -36.37 -41.01
C ALA X 118 23.59 -35.26 -40.80
N THR X 119 23.80 -34.38 -39.82
CA THR X 119 22.88 -33.30 -39.48
C THR X 119 23.66 -31.99 -39.57
N ASN X 120 22.99 -30.85 -39.82
CA ASN X 120 23.68 -29.58 -40.05
C ASN X 120 23.96 -28.79 -38.77
N SER X 121 25.24 -28.47 -38.58
CA SER X 121 25.74 -27.69 -37.45
C SER X 121 25.35 -26.22 -37.50
N ARG X 122 25.18 -25.62 -36.32
CA ARG X 122 24.81 -24.22 -36.16
C ARG X 122 25.93 -23.24 -36.51
N LYS X 123 27.12 -23.75 -36.78
CA LYS X 123 28.28 -22.95 -37.13
C LYS X 123 28.66 -23.10 -38.61
N ASN X 124 27.86 -23.76 -39.41
CA ASN X 124 28.22 -24.07 -40.79
C ASN X 124 27.70 -23.03 -41.79
N MET X 125 28.56 -22.13 -42.25
CA MET X 125 28.07 -21.07 -43.14
C MET X 125 27.94 -21.46 -44.62
N VAL X 126 26.92 -22.25 -44.93
CA VAL X 126 26.57 -22.68 -46.28
C VAL X 126 25.30 -21.94 -46.68
N TYR X 127 25.34 -21.28 -47.85
CA TYR X 127 24.38 -20.23 -48.22
C TYR X 127 22.88 -20.47 -48.01
N PRO X 128 22.23 -21.50 -48.54
CA PRO X 128 20.78 -21.56 -48.36
C PRO X 128 20.36 -22.12 -47.00
N PHE X 129 21.29 -22.30 -46.06
CA PHE X 129 20.98 -22.89 -44.76
C PHE X 129 21.22 -21.96 -43.61
N TYR X 130 22.40 -21.33 -43.53
CA TYR X 130 22.72 -20.53 -42.35
C TYR X 130 21.73 -19.39 -42.13
N LEU X 131 21.06 -18.95 -43.18
CA LEU X 131 20.11 -17.84 -43.06
C LEU X 131 19.02 -18.11 -42.06
N GLU X 132 18.54 -19.35 -41.97
CA GLU X 132 17.52 -19.61 -41.00
C GLU X 132 18.04 -20.57 -39.91
N GLU X 133 19.12 -21.31 -40.15
CA GLU X 133 19.66 -22.25 -39.14
C GLU X 133 20.97 -21.85 -38.43
N GLY X 134 21.70 -20.83 -38.83
CA GLY X 134 22.95 -20.48 -38.18
C GLY X 134 22.91 -19.57 -36.96
N THR X 135 22.40 -20.10 -35.86
CA THR X 135 22.21 -19.33 -34.63
C THR X 135 23.49 -18.88 -33.95
N ASN X 136 24.53 -19.70 -33.93
CA ASN X 136 25.76 -19.31 -33.28
C ASN X 136 26.98 -19.94 -34.01
N THR Y 3 46.88 -93.57 8.63
CA THR Y 3 46.72 -94.87 7.98
C THR Y 3 46.87 -95.93 9.05
N TYR Y 4 47.33 -97.15 8.79
CA TYR Y 4 47.58 -97.98 9.92
C TYR Y 4 48.82 -97.46 10.61
N TYR Y 5 49.85 -97.21 9.82
CA TYR Y 5 51.05 -96.46 10.21
C TYR Y 5 51.10 -95.21 9.35
N PRO Y 6 50.82 -94.04 9.92
CA PRO Y 6 50.85 -92.77 9.19
C PRO Y 6 52.25 -92.46 8.68
N PRO Y 7 52.36 -91.73 7.57
CA PRO Y 7 53.66 -91.36 6.94
C PRO Y 7 54.41 -90.26 7.69
N SER Y 8 55.72 -90.21 7.51
CA SER Y 8 56.49 -89.12 8.10
C SER Y 8 56.50 -87.91 7.16
N SER Y 9 57.07 -86.81 7.62
CA SER Y 9 57.03 -85.55 6.90
C SER Y 9 58.38 -85.05 6.35
N PHE Y 10 59.42 -85.87 6.34
CA PHE Y 10 60.73 -85.37 5.92
C PHE Y 10 61.14 -85.65 4.47
N HIS Y 11 60.24 -86.12 3.62
CA HIS Y 11 60.62 -86.43 2.24
C HIS Y 11 59.57 -85.84 1.28
N PHE Y 12 59.97 -84.78 0.56
CA PHE Y 12 59.08 -83.97 -0.28
C PHE Y 12 59.83 -83.21 -1.39
N LEU Y 13 59.06 -82.71 -2.37
CA LEU Y 13 59.59 -82.01 -3.56
C LEU Y 13 58.79 -80.75 -3.92
N VAL Y 14 59.44 -79.64 -4.29
CA VAL Y 14 58.73 -78.42 -4.71
C VAL Y 14 59.03 -78.13 -6.18
N GLU Y 15 58.00 -78.06 -7.03
CA GLU Y 15 58.21 -77.79 -8.46
C GLU Y 15 57.45 -76.55 -8.92
N PHE Y 16 58.05 -75.84 -9.85
CA PHE Y 16 57.53 -74.58 -10.34
C PHE Y 16 57.17 -74.71 -11.83
N THR Y 17 56.08 -74.07 -12.23
CA THR Y 17 55.67 -73.97 -13.63
C THR Y 17 55.69 -72.54 -14.15
N GLY Y 18 56.47 -72.31 -15.21
CA GLY Y 18 56.63 -70.99 -15.80
C GLY Y 18 58.02 -70.40 -15.63
N ILE Y 19 58.87 -71.10 -14.88
CA ILE Y 19 60.25 -70.72 -14.59
C ILE Y 19 61.13 -71.84 -15.12
N ASP Y 20 62.22 -71.50 -15.82
CA ASP Y 20 63.15 -72.51 -16.33
C ASP Y 20 63.60 -73.43 -15.21
N ALA Y 21 63.60 -74.74 -15.46
CA ALA Y 21 63.95 -75.66 -14.39
C ALA Y 21 65.45 -75.88 -14.26
N LYS Y 22 65.87 -76.01 -13.01
CA LYS Y 22 67.20 -76.39 -12.58
C LYS Y 22 67.00 -77.31 -11.38
N ASN Y 23 67.85 -78.34 -11.26
CA ASN Y 23 67.67 -79.24 -10.11
C ASN Y 23 67.89 -78.55 -8.77
N ASN Y 24 68.72 -77.53 -8.74
CA ASN Y 24 69.01 -76.86 -7.48
C ASN Y 24 67.87 -75.95 -7.01
N ASP Y 25 66.85 -75.72 -7.82
CA ASP Y 25 65.72 -74.94 -7.36
C ASP Y 25 64.56 -75.81 -6.91
N HIS Y 26 64.71 -77.13 -6.90
CA HIS Y 26 63.63 -77.98 -6.44
C HIS Y 26 63.89 -78.51 -5.06
N GLU Y 27 64.99 -78.14 -4.44
CA GLU Y 27 65.36 -78.70 -3.14
C GLU Y 27 65.24 -77.67 -2.02
N PHE Y 28 64.44 -78.00 -1.01
CA PHE Y 28 64.21 -77.07 0.09
C PHE Y 28 64.38 -77.74 1.44
N GLN Y 29 64.78 -76.91 2.40
CA GLN Y 29 64.92 -77.31 3.80
C GLN Y 29 63.55 -77.43 4.48
N SER Y 30 62.62 -76.51 4.16
CA SER Y 30 61.33 -76.52 4.85
C SER Y 30 60.25 -75.81 4.01
N VAL Y 31 59.01 -76.28 4.17
CA VAL Y 31 57.83 -75.73 3.49
C VAL Y 31 56.75 -75.48 4.52
N SER Y 32 56.08 -74.32 4.47
CA SER Y 32 54.96 -74.11 5.40
C SER Y 32 53.88 -73.22 4.80
N GLY Y 33 52.66 -73.31 5.36
CA GLY Y 33 51.56 -72.47 4.92
C GLY Y 33 50.43 -73.19 4.20
N LEU Y 34 50.46 -74.52 4.13
CA LEU Y 34 49.40 -75.25 3.43
C LEU Y 34 48.18 -75.47 4.32
N SER Y 35 47.41 -74.40 4.54
CA SER Y 35 46.21 -74.53 5.37
C SER Y 35 45.14 -73.54 4.87
N VAL Y 36 43.95 -73.57 5.51
CA VAL Y 36 42.83 -72.68 5.15
C VAL Y 36 41.84 -72.45 6.29
N ASP Y 37 41.06 -71.34 6.28
CA ASP Y 37 40.07 -71.01 7.27
C ASP Y 37 38.85 -70.25 6.71
N ILE Y 38 37.74 -70.22 7.45
CA ILE Y 38 36.55 -69.50 6.98
C ILE Y 38 36.16 -68.38 7.94
N ASP Y 39 36.13 -67.16 7.43
CA ASP Y 39 35.67 -66.02 8.21
C ASP Y 39 34.18 -66.13 8.42
N THR Y 40 33.73 -65.81 9.65
CA THR Y 40 32.32 -65.83 10.02
C THR Y 40 31.84 -64.54 10.68
N GLU Y 41 30.53 -64.38 10.75
CA GLU Y 41 29.82 -63.32 11.48
C GLU Y 41 28.80 -63.83 12.47
N GLU Y 42 28.56 -63.06 13.53
CA GLU Y 42 27.61 -63.47 14.56
C GLU Y 42 26.33 -62.65 14.56
N PHE Y 43 25.24 -63.27 15.02
CA PHE Y 43 23.94 -62.62 15.18
C PHE Y 43 23.13 -63.15 16.36
N ALA Y 44 22.55 -62.23 17.13
CA ALA Y 44 21.70 -62.62 18.25
C ALA Y 44 20.23 -62.47 17.87
N GLU Y 45 19.48 -63.56 17.98
CA GLU Y 45 18.06 -63.56 17.66
C GLU Y 45 17.26 -63.39 18.94
N GLY Y 46 16.37 -62.40 18.96
CA GLY Y 46 15.58 -62.20 20.16
C GLY Y 46 14.72 -63.41 20.49
N GLY Y 47 14.76 -63.85 21.74
CA GLY Y 47 14.02 -65.02 22.20
C GLY Y 47 14.84 -66.30 22.22
N GLU Y 48 15.96 -66.32 21.56
CA GLU Y 48 16.80 -67.50 21.54
C GLU Y 48 17.96 -67.22 22.49
N ASN Y 49 17.96 -67.82 23.68
CA ASN Y 49 18.98 -67.54 24.67
C ASN Y 49 19.97 -68.67 24.86
N ARG Y 50 19.95 -69.69 24.00
CA ARG Y 50 20.88 -70.78 24.17
C ARG Y 50 22.20 -70.60 23.43
N PHE Y 51 22.21 -69.81 22.36
CA PHE Y 51 23.42 -69.61 21.56
C PHE Y 51 23.21 -68.44 20.60
N LYS Y 52 24.31 -67.96 20.03
CA LYS Y 52 24.22 -66.99 18.95
C LYS Y 52 24.37 -67.72 17.64
N HIS Y 53 23.86 -67.14 16.57
CA HIS Y 53 23.99 -67.75 15.26
C HIS Y 53 25.31 -67.33 14.65
N LYS Y 54 25.88 -68.20 13.83
CA LYS Y 54 27.12 -67.89 13.14
C LYS Y 54 26.96 -68.16 11.65
N PHE Y 55 27.51 -67.29 10.83
CA PHE Y 55 27.38 -67.42 9.39
C PHE Y 55 28.73 -67.31 8.73
N PRO Y 56 29.00 -68.11 7.70
CA PRO Y 56 30.24 -68.00 6.92
C PRO Y 56 30.19 -66.80 5.99
N VAL Y 57 31.37 -66.24 5.70
CA VAL Y 57 31.51 -65.13 4.78
C VAL Y 57 32.54 -65.41 3.68
N LYS Y 58 33.78 -65.74 4.06
CA LYS Y 58 34.87 -65.93 3.08
C LYS Y 58 35.88 -67.03 3.44
N THR Y 59 36.45 -67.64 2.41
CA THR Y 59 37.53 -68.59 2.60
C THR Y 59 38.86 -67.85 2.53
N LYS Y 60 39.77 -68.18 3.46
CA LYS Y 60 41.03 -67.46 3.63
C LYS Y 60 42.25 -68.39 3.60
N TYR Y 61 43.32 -67.99 2.91
CA TYR Y 61 44.56 -68.76 2.86
C TYR Y 61 45.76 -67.91 3.29
N PRO Y 62 46.72 -68.49 4.01
CA PRO Y 62 47.99 -67.85 4.39
C PRO Y 62 49.02 -67.94 3.26
N ASN Y 63 50.07 -67.12 3.35
CA ASN Y 63 51.17 -67.18 2.38
C ASN Y 63 51.98 -68.46 2.51
N LEU Y 64 52.61 -68.85 1.41
CA LEU Y 64 53.44 -70.04 1.32
C LEU Y 64 54.90 -69.65 1.60
N VAL Y 65 55.56 -70.35 2.52
CA VAL Y 65 56.91 -69.99 2.92
C VAL Y 65 57.90 -71.13 2.64
N LEU Y 66 58.98 -70.80 1.93
CA LEU Y 66 60.04 -71.74 1.58
C LEU Y 66 61.40 -71.34 2.15
N LYS Y 67 62.15 -72.31 2.69
CA LYS Y 67 63.51 -72.05 3.18
C LYS Y 67 64.53 -73.03 2.61
N ARG Y 68 65.78 -72.53 2.46
CA ARG Y 68 66.92 -73.33 1.98
C ARG Y 68 68.24 -72.61 2.25
N GLY Y 69 69.36 -73.32 2.05
CA GLY Y 69 70.65 -72.66 2.09
C GLY Y 69 70.81 -71.74 0.89
N VAL Y 70 71.63 -70.69 1.03
CA VAL Y 70 71.80 -69.71 -0.05
C VAL Y 70 72.36 -70.31 -1.34
N LEU Y 71 71.67 -70.04 -2.45
CA LEU Y 71 72.04 -70.44 -3.80
C LEU Y 71 72.21 -69.17 -4.62
N VAL Y 72 73.36 -69.00 -5.27
CA VAL Y 72 73.69 -67.73 -5.92
C VAL Y 72 73.09 -67.60 -7.35
N ASP Y 73 72.84 -68.70 -8.10
CA ASP Y 73 72.43 -68.54 -9.50
C ASP Y 73 70.93 -68.92 -9.72
N SER Y 74 70.13 -68.91 -8.67
CA SER Y 74 68.74 -69.34 -8.70
C SER Y 74 67.86 -68.64 -9.76
N LYS Y 75 67.01 -69.42 -10.44
CA LYS Y 75 66.06 -68.85 -11.39
C LYS Y 75 64.88 -68.24 -10.68
N VAL Y 76 64.51 -68.86 -9.56
CA VAL Y 76 63.40 -68.37 -8.75
C VAL Y 76 63.72 -67.01 -8.21
N ILE Y 77 64.96 -66.81 -7.78
CA ILE Y 77 65.31 -65.49 -7.26
C ILE Y 77 65.31 -64.45 -8.38
N SER Y 78 65.81 -64.78 -9.59
CA SER Y 78 65.73 -63.80 -10.68
C SER Y 78 64.29 -63.36 -10.92
N TRP Y 79 63.36 -64.32 -10.87
CA TRP Y 79 61.93 -64.02 -11.00
C TRP Y 79 61.44 -63.12 -9.88
N CYS Y 80 61.88 -63.39 -8.64
CA CYS Y 80 61.51 -62.55 -7.52
C CYS Y 80 62.03 -61.13 -7.69
N ARG Y 81 63.27 -60.99 -8.17
CA ARG Y 81 63.84 -59.65 -8.35
C ARG Y 81 63.06 -58.82 -9.36
N ASP Y 82 62.61 -59.40 -10.47
CA ASP Y 82 61.85 -58.58 -11.45
C ASP Y 82 60.61 -57.96 -10.79
N ALA Y 83 59.91 -58.73 -9.95
CA ALA Y 83 58.76 -58.17 -9.25
C ALA Y 83 59.18 -57.13 -8.21
N ILE Y 84 60.21 -57.45 -7.42
CA ILE Y 84 60.64 -56.61 -6.31
C ILE Y 84 61.17 -55.27 -6.78
N GLU Y 85 62.04 -55.28 -7.79
CA GLU Y 85 62.71 -54.07 -8.25
C GLU Y 85 61.92 -53.28 -9.28
N ASP Y 86 61.22 -53.92 -10.22
CA ASP Y 86 60.55 -53.19 -11.28
C ASP Y 86 59.03 -53.25 -11.31
N PHE Y 87 58.36 -53.91 -10.36
CA PHE Y 87 56.90 -54.09 -10.41
C PHE Y 87 56.44 -54.84 -11.65
N GLU Y 88 57.27 -55.74 -12.14
CA GLU Y 88 56.87 -56.63 -13.21
C GLU Y 88 56.36 -57.90 -12.58
N PHE Y 89 55.06 -58.14 -12.67
CA PHE Y 89 54.49 -59.32 -12.03
C PHE Y 89 53.97 -60.33 -13.03
N LYS Y 90 54.40 -61.57 -12.89
CA LYS Y 90 53.96 -62.66 -13.76
C LYS Y 90 53.79 -63.91 -12.94
N PRO Y 91 52.57 -64.13 -12.43
CA PRO Y 91 52.21 -65.25 -11.55
C PRO Y 91 52.48 -66.62 -12.14
N ILE Y 92 52.79 -67.58 -11.27
CA ILE Y 92 53.16 -68.94 -11.65
C ILE Y 92 52.32 -69.97 -10.89
N ASP Y 93 52.37 -71.21 -11.34
CA ASP Y 93 51.74 -72.25 -10.55
C ASP Y 93 52.80 -73.14 -9.90
N LEU Y 94 52.40 -73.89 -8.90
CA LEU Y 94 53.40 -74.60 -8.14
C LEU Y 94 52.80 -75.92 -7.67
N THR Y 95 53.63 -76.92 -7.50
CA THR Y 95 53.21 -78.21 -6.96
C THR Y 95 54.03 -78.63 -5.76
N VAL Y 96 53.36 -79.00 -4.68
CA VAL Y 96 54.03 -79.52 -3.49
C VAL Y 96 53.76 -81.01 -3.43
N LYS Y 97 54.80 -81.83 -3.36
CA LYS Y 97 54.61 -83.27 -3.35
C LYS Y 97 55.13 -83.93 -2.09
N LEU Y 98 54.30 -84.72 -1.43
CA LEU Y 98 54.72 -85.53 -0.29
C LEU Y 98 54.99 -86.94 -0.83
N LEU Y 99 56.20 -87.46 -0.63
CA LEU Y 99 56.61 -88.70 -1.29
C LEU Y 99 56.64 -89.98 -0.45
N ASN Y 100 56.47 -91.12 -1.13
CA ASN Y 100 56.60 -92.45 -0.54
C ASN Y 100 57.99 -93.03 -0.75
N GLU Y 101 58.20 -94.28 -0.33
CA GLU Y 101 59.51 -94.96 -0.38
C GLU Y 101 60.00 -95.29 -1.79
N GLU Y 102 59.15 -95.19 -2.81
CA GLU Y 102 59.53 -95.42 -4.19
C GLU Y 102 59.76 -94.09 -4.88
N HIS Y 103 59.70 -93.04 -4.06
CA HIS Y 103 59.84 -91.64 -4.40
C HIS Y 103 58.73 -91.17 -5.32
N GLN Y 104 57.55 -91.74 -5.17
CA GLN Y 104 56.39 -91.32 -5.93
C GLN Y 104 55.47 -90.60 -4.97
N PRO Y 105 54.61 -89.71 -5.44
CA PRO Y 105 53.69 -88.97 -4.54
C PRO Y 105 52.68 -89.81 -3.78
N LEU Y 106 52.59 -89.55 -2.47
CA LEU Y 106 51.49 -90.02 -1.64
C LEU Y 106 50.30 -89.13 -1.86
N MET Y 107 50.60 -87.84 -1.88
CA MET Y 107 49.61 -86.78 -1.97
C MET Y 107 50.25 -85.49 -2.49
N THR Y 108 49.50 -84.71 -3.30
CA THR Y 108 50.06 -83.46 -3.75
C THR Y 108 49.08 -82.29 -3.53
N TRP Y 109 49.66 -81.08 -3.54
CA TRP Y 109 48.94 -79.83 -3.43
C TRP Y 109 49.20 -78.99 -4.67
N ASN Y 110 48.12 -78.50 -5.26
CA ASN Y 110 48.13 -77.67 -6.46
C ASN Y 110 47.93 -76.23 -6.04
N VAL Y 111 48.98 -75.42 -6.11
CA VAL Y 111 48.95 -74.04 -5.66
C VAL Y 111 48.78 -73.14 -6.89
N VAL Y 112 47.74 -72.31 -6.89
CA VAL Y 112 47.30 -71.59 -8.07
C VAL Y 112 47.59 -70.08 -8.03
N HIS Y 113 48.24 -69.57 -9.10
CA HIS Y 113 48.47 -68.15 -9.37
C HIS Y 113 49.31 -67.42 -8.30
N ALA Y 114 50.53 -67.89 -8.08
CA ALA Y 114 51.39 -67.36 -7.02
C ALA Y 114 52.37 -66.28 -7.48
N TYR Y 115 52.72 -65.34 -6.58
CA TYR Y 115 53.73 -64.34 -6.91
C TYR Y 115 54.50 -63.91 -5.64
N PRO Y 116 55.71 -63.34 -5.80
CA PRO Y 116 56.56 -63.04 -4.63
C PRO Y 116 56.19 -61.80 -3.84
N VAL Y 117 56.16 -61.93 -2.51
CA VAL Y 117 55.94 -60.77 -1.64
C VAL Y 117 57.08 -60.54 -0.68
N LYS Y 118 58.01 -61.48 -0.52
CA LYS Y 118 59.08 -61.28 0.43
C LYS Y 118 60.35 -62.07 0.09
N TRP Y 119 61.51 -61.52 0.42
CA TRP Y 119 62.79 -62.21 0.25
C TRP Y 119 63.79 -61.73 1.29
N SER Y 120 64.44 -62.67 1.98
CA SER Y 120 65.43 -62.27 2.98
C SER Y 120 66.52 -63.30 3.22
N VAL Y 121 67.61 -62.83 3.85
CA VAL Y 121 68.73 -63.70 4.22
C VAL Y 121 69.03 -63.39 5.69
N GLU Y 122 69.25 -64.44 6.49
CA GLU Y 122 69.51 -64.29 7.92
C GLU Y 122 70.85 -63.63 8.23
N ASP Y 123 70.91 -63.00 9.41
CA ASP Y 123 72.04 -62.21 9.91
C ASP Y 123 73.37 -62.97 9.93
N PHE Y 124 74.43 -62.23 9.67
CA PHE Y 124 75.79 -62.74 9.71
C PHE Y 124 76.35 -62.56 11.11
N ASN Y 125 77.16 -63.51 11.57
CA ASN Y 125 77.75 -63.41 12.90
C ASN Y 125 79.15 -64.02 12.87
N ALA Y 126 80.15 -63.15 13.09
CA ALA Y 126 81.55 -63.51 13.05
C ALA Y 126 81.96 -64.52 14.10
N GLN Y 127 81.19 -64.66 15.17
CA GLN Y 127 81.53 -65.54 16.27
C GLN Y 127 80.73 -66.83 16.30
N GLU Y 128 79.97 -67.15 15.25
CA GLU Y 128 79.18 -68.37 15.28
C GLU Y 128 79.44 -69.20 14.02
N SER Y 129 79.40 -70.51 14.16
CA SER Y 129 79.50 -71.42 13.03
C SER Y 129 78.15 -71.82 12.50
N LYS Y 130 77.73 -71.19 11.39
CA LYS Y 130 76.39 -71.39 10.85
C LYS Y 130 76.38 -71.27 9.33
N MET Y 131 75.37 -71.88 8.71
CA MET Y 131 75.14 -71.79 7.29
C MET Y 131 74.31 -70.56 6.96
N ALA Y 132 74.58 -69.91 5.83
CA ALA Y 132 73.74 -68.81 5.41
C ALA Y 132 72.42 -69.33 4.86
N ILE Y 133 71.31 -68.86 5.42
CA ILE Y 133 69.97 -69.34 5.08
C ILE Y 133 69.14 -68.26 4.39
N GLU Y 134 68.49 -68.67 3.31
CA GLU Y 134 67.65 -67.82 2.48
C GLU Y 134 66.16 -68.19 2.68
N SER Y 135 65.30 -67.18 2.64
CA SER Y 135 63.87 -67.36 2.81
C SER Y 135 63.00 -66.57 1.81
N VAL Y 136 62.04 -67.26 1.21
CA VAL Y 136 61.14 -66.70 0.18
C VAL Y 136 59.67 -66.95 0.53
N GLU Y 137 58.86 -65.89 0.46
CA GLU Y 137 57.44 -65.99 0.74
C GLU Y 137 56.59 -65.57 -0.46
N LEU Y 138 55.58 -66.41 -0.79
CA LEU Y 138 54.69 -66.20 -1.94
C LEU Y 138 53.20 -66.06 -1.59
N SER Y 139 52.52 -65.19 -2.33
CA SER Y 139 51.08 -65.02 -2.17
C SER Y 139 50.43 -65.84 -3.27
N TYR Y 140 49.25 -66.42 -3.02
CA TYR Y 140 48.56 -67.25 -4.04
C TYR Y 140 47.06 -67.13 -3.81
N ASN Y 141 46.25 -67.63 -4.76
CA ASN Y 141 44.80 -67.47 -4.61
C ASN Y 141 44.13 -68.59 -3.84
N TYR Y 142 44.45 -69.83 -4.16
CA TYR Y 142 43.86 -70.98 -3.51
C TYR Y 142 44.70 -72.21 -3.84
N PHE Y 143 44.33 -73.32 -3.23
CA PHE Y 143 44.92 -74.58 -3.60
C PHE Y 143 43.87 -75.69 -3.62
N LYS Y 144 44.20 -76.73 -4.37
CA LYS Y 144 43.42 -77.96 -4.49
C LYS Y 144 44.32 -79.14 -4.15
N THR Y 145 43.74 -80.25 -3.74
CA THR Y 145 44.57 -81.41 -3.49
C THR Y 145 44.21 -82.58 -4.37
N ILE Y 146 45.22 -83.40 -4.65
CA ILE Y 146 45.07 -84.60 -5.44
C ILE Y 146 45.61 -85.79 -4.66
N VAL Y 147 44.78 -86.80 -4.50
CA VAL Y 147 45.12 -87.99 -3.73
C VAL Y 147 44.02 -89.03 -3.89
N THR Z 3 35.22 -89.80 41.50
CA THR Z 3 34.59 -90.98 42.08
C THR Z 3 35.42 -91.39 43.28
N TYR Z 4 35.52 -92.64 43.70
CA TYR Z 4 36.45 -92.90 44.74
C TYR Z 4 37.84 -92.82 44.13
N TYR Z 5 38.00 -93.49 42.98
CA TYR Z 5 39.15 -93.33 42.09
C TYR Z 5 38.63 -92.79 40.76
N PRO Z 6 38.88 -91.52 40.46
CA PRO Z 6 38.43 -90.90 39.21
C PRO Z 6 39.05 -91.57 38.00
N PRO Z 7 38.37 -91.56 36.85
CA PRO Z 7 38.84 -92.18 35.59
C PRO Z 7 39.95 -91.39 34.90
N SER Z 8 40.73 -92.08 34.08
CA SER Z 8 41.73 -91.37 33.29
C SER Z 8 41.11 -90.88 31.98
N SER Z 9 41.89 -90.12 31.20
CA SER Z 9 41.39 -89.46 30.00
C SER Z 9 41.96 -89.99 28.68
N PHE Z 10 42.64 -91.13 28.66
CA PHE Z 10 43.28 -91.57 27.42
C PHE Z 10 42.52 -92.62 26.61
N HIS Z 11 41.26 -92.90 26.91
CA HIS Z 11 40.53 -93.92 26.16
C HIS Z 11 39.14 -93.39 25.79
N PHE Z 12 38.94 -93.10 24.50
CA PHE Z 12 37.76 -92.42 23.98
C PHE Z 12 37.52 -92.69 22.48
N LEU Z 13 36.30 -92.38 22.02
CA LEU Z 13 35.84 -92.62 20.64
C LEU Z 13 35.08 -91.43 20.04
N VAL Z 14 35.31 -91.08 18.76
CA VAL Z 14 34.56 -89.99 18.10
C VAL Z 14 33.73 -90.57 16.96
N GLU Z 15 32.41 -90.38 16.99
CA GLU Z 15 31.55 -90.89 15.92
C GLU Z 15 30.74 -89.80 15.25
N PHE Z 16 30.51 -89.96 13.96
CA PHE Z 16 29.85 -88.96 13.13
C PHE Z 16 28.54 -89.53 12.61
N THR Z 17 27.51 -88.69 12.53
CA THR Z 17 26.23 -89.03 11.91
C THR Z 17 25.93 -88.19 10.68
N GLY Z 18 25.72 -88.86 9.54
CA GLY Z 18 25.46 -88.20 8.27
C GLY Z 18 26.58 -88.36 7.26
N ILE Z 19 27.69 -88.97 7.68
CA ILE Z 19 28.87 -89.24 6.87
C ILE Z 19 29.06 -90.75 6.86
N ASP Z 20 29.33 -91.33 5.68
CA ASP Z 20 29.58 -92.77 5.57
C ASP Z 20 30.66 -93.20 6.57
N ALA Z 21 30.43 -94.29 7.28
CA ALA Z 21 31.39 -94.70 8.28
C ALA Z 21 32.53 -95.54 7.72
N LYS Z 22 33.71 -95.30 8.27
CA LYS Z 22 34.94 -96.05 8.07
C LYS Z 22 35.62 -96.12 9.41
N ASN Z 23 36.26 -97.25 9.72
CA ASN Z 23 36.91 -97.35 11.02
C ASN Z 23 38.05 -96.35 11.19
N ASN Z 24 38.71 -95.97 10.10
CA ASN Z 24 39.82 -95.06 10.20
C ASN Z 24 39.40 -93.61 10.45
N ASP Z 25 38.11 -93.29 10.39
CA ASP Z 25 37.69 -91.94 10.72
C ASP Z 25 37.17 -91.83 12.15
N HIS Z 26 37.23 -92.90 12.94
CA HIS Z 26 36.77 -92.81 14.32
C HIS Z 26 37.91 -92.74 15.29
N GLU Z 27 39.14 -92.72 14.81
CA GLU Z 27 40.31 -92.76 15.68
C GLU Z 27 41.06 -91.44 15.68
N PHE Z 28 41.22 -90.85 16.86
CA PHE Z 28 41.88 -89.56 16.98
C PHE Z 28 42.93 -89.56 18.07
N GLN Z 29 43.93 -88.72 17.84
CA GLN Z 29 45.01 -88.46 18.80
C GLN Z 29 44.54 -87.58 19.96
N SER Z 30 43.69 -86.58 19.68
CA SER Z 30 43.29 -85.65 20.73
C SER Z 30 41.96 -84.96 20.37
N VAL Z 31 41.19 -84.63 21.41
CA VAL Z 31 39.89 -83.95 21.30
C VAL Z 31 39.89 -82.77 22.26
N SER Z 32 39.44 -81.58 21.82
CA SER Z 32 39.33 -80.48 22.77
C SER Z 32 38.18 -79.53 22.43
N GLY Z 33 37.73 -78.77 23.42
CA GLY Z 33 36.67 -77.79 23.21
C GLY Z 33 35.34 -78.09 23.88
N LEU Z 34 35.27 -79.14 24.70
CA LEU Z 34 33.99 -79.48 25.35
C LEU Z 34 33.77 -78.66 26.62
N SER Z 35 33.42 -77.37 26.44
CA SER Z 35 33.18 -76.51 27.60
C SER Z 35 32.11 -75.47 27.25
N VAL Z 36 31.74 -74.64 28.22
CA VAL Z 36 30.74 -73.57 28.04
C VAL Z 36 30.87 -72.41 29.03
N ASP Z 37 30.36 -71.20 28.69
CA ASP Z 37 30.39 -70.02 29.55
C ASP Z 37 29.16 -69.11 29.37
N ILE Z 38 28.92 -68.22 30.34
CA ILE Z 38 27.78 -67.30 30.23
C ILE Z 38 28.24 -65.85 30.23
N ASP Z 39 27.91 -65.13 29.16
CA ASP Z 39 28.18 -63.70 29.08
C ASP Z 39 27.29 -62.96 30.06
N THR Z 40 27.86 -61.97 30.75
CA THR Z 40 27.14 -61.13 31.69
C THR Z 40 27.34 -59.63 31.46
N GLU Z 41 26.48 -58.83 32.08
CA GLU Z 41 26.55 -57.37 32.15
C GLU Z 41 26.51 -56.83 33.56
N GLU Z 42 27.13 -55.66 33.76
CA GLU Z 42 27.19 -55.05 35.09
C GLU Z 42 26.33 -53.81 35.22
N PHE Z 43 25.88 -53.54 36.45
CA PHE Z 43 25.10 -52.35 36.78
C PHE Z 43 25.36 -51.83 38.20
N ALA Z 44 25.53 -50.53 38.33
CA ALA Z 44 25.72 -49.91 39.64
C ALA Z 44 24.44 -49.24 40.10
N GLU Z 45 23.95 -49.66 41.26
CA GLU Z 45 22.73 -49.10 41.83
C GLU Z 45 23.09 -48.01 42.83
N GLY Z 46 22.54 -46.82 42.66
CA GLY Z 46 22.85 -45.77 43.60
C GLY Z 46 22.43 -46.12 45.02
N GLY Z 47 23.34 -45.92 45.97
CA GLY Z 47 23.10 -46.23 47.36
C GLY Z 47 23.63 -47.59 47.79
N GLU Z 48 23.94 -48.45 46.87
CA GLU Z 48 24.47 -49.75 47.19
C GLU Z 48 25.97 -49.70 46.92
N ASN Z 49 26.79 -49.62 47.96
CA ASN Z 49 28.23 -49.49 47.78
C ASN Z 49 29.01 -50.75 48.11
N ARG Z 50 28.35 -51.88 48.32
CA ARG Z 50 29.07 -53.09 48.64
C ARG Z 50 29.47 -53.91 47.43
N PHE Z 51 28.74 -53.78 46.32
CA PHE Z 51 29.02 -54.58 45.13
C PHE Z 51 28.24 -54.01 43.93
N LYS Z 52 28.62 -54.44 42.75
CA LYS Z 52 27.82 -54.14 41.57
C LYS Z 52 26.97 -55.34 41.24
N HIS Z 53 25.86 -55.11 40.55
CA HIS Z 53 24.99 -56.20 40.16
C HIS Z 53 25.50 -56.81 38.86
N LYS Z 54 25.27 -58.11 38.69
CA LYS Z 54 25.65 -58.78 37.46
C LYS Z 54 24.48 -59.55 36.91
N PHE Z 55 24.31 -59.51 35.61
CA PHE Z 55 23.19 -60.18 34.98
C PHE Z 55 23.65 -61.05 33.84
N PRO Z 56 23.08 -62.24 33.65
CA PRO Z 56 23.39 -63.10 32.51
C PRO Z 56 22.74 -62.57 31.25
N VAL Z 57 23.37 -62.87 30.11
CA VAL Z 57 22.86 -62.48 28.79
C VAL Z 57 22.78 -63.68 27.84
N LYS Z 58 23.91 -64.38 27.62
CA LYS Z 58 23.96 -65.49 26.63
C LYS Z 58 24.89 -66.64 27.03
N THR Z 59 24.51 -67.84 26.58
CA THR Z 59 25.37 -69.01 26.72
C THR Z 59 26.29 -69.12 25.51
N LYS Z 60 27.57 -69.41 25.76
CA LYS Z 60 28.59 -69.41 24.72
C LYS Z 60 29.39 -70.73 24.68
N TYR Z 61 29.67 -71.25 23.49
CA TYR Z 61 30.46 -72.47 23.30
C TYR Z 61 31.64 -72.22 22.36
N PRO Z 62 32.81 -72.82 22.65
CA PRO Z 62 33.99 -72.78 21.76
C PRO Z 62 33.90 -73.85 20.67
N ASN Z 63 34.72 -73.71 19.63
CA ASN Z 63 34.80 -74.71 18.56
C ASN Z 63 35.41 -76.02 19.06
N LEU Z 64 35.04 -77.10 18.38
CA LEU Z 64 35.52 -78.45 18.68
C LEU Z 64 36.74 -78.75 17.81
N VAL Z 65 37.83 -79.18 18.43
CA VAL Z 65 39.08 -79.41 17.70
C VAL Z 65 39.53 -80.87 17.77
N LEU Z 66 39.79 -81.46 16.61
CA LEU Z 66 40.23 -82.85 16.49
C LEU Z 66 41.60 -82.96 15.82
N LYS Z 67 42.48 -83.82 16.35
CA LYS Z 67 43.79 -84.07 15.75
C LYS Z 67 44.07 -85.57 15.55
N ARG Z 68 44.84 -85.87 14.49
CA ARG Z 68 45.26 -87.23 14.15
C ARG Z 68 46.40 -87.22 13.14
N GLY Z 69 47.01 -88.39 12.91
CA GLY Z 69 47.97 -88.51 11.82
C GLY Z 69 47.26 -88.42 10.49
N VAL Z 70 47.98 -87.97 9.44
CA VAL Z 70 47.36 -87.78 8.12
C VAL Z 70 46.81 -89.07 7.52
N LEU Z 71 45.54 -89.01 7.10
CA LEU Z 71 44.83 -90.08 6.42
C LEU Z 71 44.40 -89.57 5.06
N VAL Z 72 44.76 -90.29 3.99
CA VAL Z 72 44.57 -89.78 2.63
C VAL Z 72 43.14 -90.01 2.07
N ASP Z 73 42.38 -91.04 2.52
CA ASP Z 73 41.10 -91.33 1.86
C ASP Z 73 39.88 -90.99 2.78
N SER Z 74 40.08 -90.12 3.75
CA SER Z 74 39.05 -89.79 4.75
C SER Z 74 37.72 -89.29 4.18
N LYS Z 75 36.61 -89.76 4.76
CA LYS Z 75 35.28 -89.28 4.36
C LYS Z 75 35.00 -87.92 4.97
N VAL Z 76 35.51 -87.72 6.18
CA VAL Z 76 35.33 -86.46 6.88
C VAL Z 76 36.00 -85.35 6.11
N ILE Z 77 37.19 -85.61 5.57
CA ILE Z 77 37.85 -84.57 4.81
C ILE Z 77 37.09 -84.28 3.52
N SER Z 78 36.56 -85.29 2.81
CA SER Z 78 35.77 -84.99 1.62
C SER Z 78 34.60 -84.07 1.94
N TRP Z 79 33.95 -84.30 3.08
CA TRP Z 79 32.87 -83.44 3.57
C TRP Z 79 33.38 -82.02 3.83
N CYS Z 80 34.54 -81.91 4.48
CA CYS Z 80 35.14 -80.59 4.73
C CYS Z 80 35.42 -79.86 3.43
N ARG Z 81 35.95 -80.57 2.42
CA ARG Z 81 36.27 -79.92 1.16
C ARG Z 81 35.04 -79.35 0.47
N ASP Z 82 33.91 -80.05 0.47
CA ASP Z 82 32.71 -79.49 -0.19
C ASP Z 82 32.34 -78.13 0.40
N ALA Z 83 32.42 -78.00 1.73
CA ALA Z 83 32.14 -76.71 2.34
C ALA Z 83 33.22 -75.67 2.01
N ILE Z 84 34.49 -76.08 2.11
CA ILE Z 84 35.62 -75.16 1.96
C ILE Z 84 35.71 -74.62 0.53
N GLU Z 85 35.59 -75.49 -0.46
CA GLU Z 85 35.77 -75.11 -1.85
C GLU Z 85 34.52 -74.57 -2.52
N ASP Z 86 33.34 -75.12 -2.25
CA ASP Z 86 32.14 -74.71 -2.96
C ASP Z 86 31.05 -74.02 -2.14
N PHE Z 87 31.24 -73.78 -0.84
CA PHE Z 87 30.18 -73.23 0.01
C PHE Z 87 28.94 -74.11 0.06
N GLU Z 88 29.13 -75.40 -0.05
CA GLU Z 88 28.05 -76.35 0.16
C GLU Z 88 28.09 -76.78 1.60
N PHE Z 89 27.12 -76.36 2.39
CA PHE Z 89 27.13 -76.69 3.81
C PHE Z 89 26.01 -77.65 4.19
N LYS Z 90 26.36 -78.73 4.86
CA LYS Z 90 25.39 -79.71 5.33
C LYS Z 90 25.80 -80.22 6.69
N PRO Z 91 25.31 -79.56 7.74
CA PRO Z 91 25.64 -79.84 9.15
C PRO Z 91 25.35 -81.27 9.58
N ILE Z 92 26.16 -81.77 10.53
CA ILE Z 92 26.09 -83.14 11.02
C ILE Z 92 26.01 -83.17 12.54
N ASP Z 93 25.67 -84.33 13.09
CA ASP Z 93 25.75 -84.46 14.53
C ASP Z 93 26.92 -85.37 14.91
N LEU Z 94 27.33 -85.30 16.15
CA LEU Z 94 28.54 -86.00 16.52
C LEU Z 94 28.41 -86.50 17.94
N THR Z 95 29.06 -87.59 18.27
CA THR Z 95 29.11 -88.11 19.63
C THR Z 95 30.52 -88.30 20.13
N VAL Z 96 30.81 -87.78 21.31
CA VAL Z 96 32.11 -87.99 21.94
C VAL Z 96 31.91 -88.95 23.10
N LYS Z 97 32.65 -90.04 23.14
CA LYS Z 97 32.46 -91.04 24.18
C LYS Z 97 33.71 -91.24 25.03
N LEU Z 98 33.56 -91.14 26.35
CA LEU Z 98 34.64 -91.47 27.27
C LEU Z 98 34.39 -92.89 27.76
N LEU Z 99 35.35 -93.79 27.59
CA LEU Z 99 35.12 -95.22 27.82
C LEU Z 99 35.70 -95.83 29.10
N ASN Z 100 35.04 -96.91 29.56
CA ASN Z 100 35.50 -97.71 30.69
C ASN Z 100 36.31 -98.92 30.23
N GLU Z 101 36.70 -99.79 31.17
CA GLU Z 101 37.55 -100.96 30.89
C GLU Z 101 36.87 -102.07 30.08
N GLU Z 102 35.55 -102.02 29.91
CA GLU Z 102 34.82 -102.98 29.10
C GLU Z 102 34.54 -102.40 27.74
N HIS Z 103 35.13 -101.22 27.53
CA HIS Z 103 35.04 -100.38 26.36
C HIS Z 103 33.63 -99.87 26.13
N GLN Z 104 32.89 -99.66 27.20
CA GLN Z 104 31.55 -99.11 27.11
C GLN Z 104 31.63 -97.70 27.65
N PRO Z 105 30.72 -96.81 27.25
CA PRO Z 105 30.75 -95.41 27.73
C PRO Z 105 30.56 -95.22 29.23
N LEU Z 106 31.44 -94.40 29.82
CA LEU Z 106 31.24 -93.87 31.16
C LEU Z 106 30.29 -92.71 31.08
N MET Z 107 30.53 -91.88 30.06
CA MET Z 107 29.83 -90.64 29.84
C MET Z 107 29.95 -90.20 28.38
N THR Z 108 28.88 -89.61 27.82
CA THR Z 108 28.99 -89.12 26.45
C THR Z 108 28.52 -87.67 26.33
N TRP Z 109 28.96 -87.05 25.23
CA TRP Z 109 28.59 -85.70 24.84
C TRP Z 109 27.92 -85.74 23.48
N ASN Z 110 26.76 -85.10 23.40
CA ASN Z 110 25.94 -85.01 22.20
C ASN Z 110 26.16 -83.64 21.58
N VAL Z 111 26.87 -83.57 20.46
CA VAL Z 111 27.22 -82.31 19.81
C VAL Z 111 26.27 -82.08 18.66
N VAL Z 112 25.57 -80.95 18.66
CA VAL Z 112 24.44 -80.70 17.76
C VAL Z 112 24.75 -79.69 16.64
N HIS Z 113 24.45 -80.10 15.40
CA HIS Z 113 24.48 -79.25 14.18
C HIS Z 113 25.85 -78.65 13.86
N ALA Z 114 26.85 -79.50 13.64
CA ALA Z 114 28.22 -79.07 13.43
C ALA Z 114 28.63 -78.92 11.95
N TYR Z 115 29.55 -77.99 11.66
CA TYR Z 115 30.06 -77.87 10.30
C TYR Z 115 31.52 -77.37 10.30
N PRO Z 116 32.28 -77.61 9.21
CA PRO Z 116 33.72 -77.29 9.20
C PRO Z 116 34.07 -75.83 9.03
N VAL Z 117 34.99 -75.33 9.85
CA VAL Z 117 35.50 -73.97 9.68
C VAL Z 117 37.00 -73.93 9.45
N LYS Z 118 37.72 -75.02 9.68
CA LYS Z 118 39.16 -74.99 9.51
C LYS Z 118 39.77 -76.35 9.18
N TRP Z 119 40.84 -76.37 8.39
CA TRP Z 119 41.58 -77.58 8.08
C TRP Z 119 43.04 -77.26 7.81
N SER Z 120 43.96 -77.98 8.46
CA SER Z 120 45.37 -77.72 8.24
C SER Z 120 46.26 -78.94 8.47
N VAL Z 121 47.49 -78.83 7.94
CA VAL Z 121 48.51 -79.88 8.13
C VAL Z 121 49.78 -79.15 8.56
N GLU Z 122 50.47 -79.70 9.57
CA GLU Z 122 51.67 -79.09 10.13
C GLU Z 122 52.86 -79.11 9.15
N ASP Z 123 53.77 -78.14 9.36
CA ASP Z 123 54.95 -77.90 8.52
C ASP Z 123 55.87 -79.10 8.34
N PHE Z 124 56.45 -79.17 7.16
CA PHE Z 124 57.40 -80.21 6.80
C PHE Z 124 58.80 -79.73 7.17
N ASN Z 125 59.65 -80.65 7.61
CA ASN Z 125 61.03 -80.29 7.97
C ASN Z 125 61.96 -81.44 7.61
N ALA Z 126 62.84 -81.17 6.65
CA ALA Z 126 63.78 -82.15 6.12
C ALA Z 126 64.79 -82.66 7.15
N GLN Z 127 65.00 -81.92 8.23
CA GLN Z 127 65.99 -82.27 9.22
C GLN Z 127 65.41 -82.84 10.50
N GLU Z 128 64.11 -83.17 10.55
CA GLU Z 128 63.53 -83.69 11.77
C GLU Z 128 62.79 -85.00 11.49
N SER Z 129 62.80 -85.89 12.44
CA SER Z 129 62.02 -87.13 12.37
C SER Z 129 60.68 -87.00 13.05
N LYS Z 130 59.62 -86.80 12.26
CA LYS Z 130 58.29 -86.53 12.78
C LYS Z 130 57.20 -87.11 11.88
N MET Z 131 56.04 -87.34 12.47
CA MET Z 131 54.85 -87.78 11.75
C MET Z 131 54.09 -86.58 11.20
N ALA Z 132 53.50 -86.72 10.03
CA ALA Z 132 52.66 -85.66 9.51
C ALA Z 132 51.32 -85.66 10.24
N ILE Z 133 50.97 -84.51 10.81
CA ILE Z 133 49.77 -84.36 11.64
C ILE Z 133 48.74 -83.44 10.99
N GLU Z 134 47.49 -83.91 11.00
CA GLU Z 134 46.35 -83.21 10.44
C GLU Z 134 45.44 -82.68 11.56
N SER Z 135 44.84 -81.51 11.32
CA SER Z 135 43.96 -80.88 12.29
C SER Z 135 42.68 -80.29 11.68
N VAL Z 136 41.54 -80.61 12.30
CA VAL Z 136 40.20 -80.19 11.85
C VAL Z 136 39.42 -79.50 12.97
N GLU Z 137 38.85 -78.34 12.66
CA GLU Z 137 38.05 -77.60 13.61
C GLU Z 137 36.61 -77.39 13.14
N LEU Z 138 35.64 -77.67 14.02
CA LEU Z 138 34.20 -77.59 13.73
C LEU Z 138 33.42 -76.60 14.60
N SER Z 139 32.45 -75.92 13.99
CA SER Z 139 31.57 -75.02 14.71
C SER Z 139 30.29 -75.80 14.99
N TYR Z 140 29.62 -75.56 16.12
CA TYR Z 140 28.38 -76.28 16.46
C TYR Z 140 27.50 -75.36 17.29
N ASN Z 141 26.25 -75.75 17.53
CA ASN Z 141 25.34 -74.86 18.26
C ASN Z 141 25.38 -75.04 19.77
N TYR Z 142 25.33 -76.27 20.23
CA TYR Z 142 25.33 -76.57 21.66
C TYR Z 142 25.62 -78.05 21.84
N PHE Z 143 25.77 -78.44 23.10
CA PHE Z 143 25.85 -79.85 23.41
C PHE Z 143 25.07 -80.18 24.66
N LYS Z 144 24.74 -81.45 24.77
CA LYS Z 144 24.06 -82.05 25.92
C LYS Z 144 24.87 -83.23 26.41
N THR Z 145 24.72 -83.61 27.66
CA THR Z 145 25.43 -84.79 28.13
C THR Z 145 24.49 -85.87 28.60
N ILE Z 146 24.98 -87.10 28.46
CA ILE Z 146 24.26 -88.29 28.89
C ILE Z 146 25.15 -89.11 29.80
N VAL Z 147 24.64 -89.39 31.00
CA VAL Z 147 25.38 -90.12 32.01
C VAL Z 147 24.46 -90.44 33.19
N THR AA 3 50.70 -66.90 63.09
CA THR AA 3 50.62 -67.23 64.51
C THR AA 3 52.05 -67.42 65.00
N TYR AA 4 52.37 -68.22 66.00
CA TYR AA 4 53.76 -68.43 66.25
C TYR AA 4 54.28 -69.32 65.13
N TYR AA 5 53.56 -70.39 64.86
CA TYR AA 5 53.73 -71.23 63.67
C TYR AA 5 52.43 -71.14 62.87
N PRO AA 6 52.45 -70.44 61.74
CA PRO AA 6 51.26 -70.29 60.88
C PRO AA 6 50.81 -71.64 60.34
N PRO AA 7 49.50 -71.79 60.06
CA PRO AA 7 48.91 -73.04 59.53
C PRO AA 7 49.22 -73.30 58.06
N SER AA 8 49.16 -74.56 57.64
CA SER AA 8 49.32 -74.86 56.22
C SER AA 8 47.97 -74.76 55.51
N SER AA 9 47.99 -74.90 54.20
CA SER AA 9 46.81 -74.69 53.36
C SER AA 9 46.24 -75.94 52.69
N PHE AA 10 46.67 -77.14 53.06
CA PHE AA 10 46.21 -78.33 52.35
C PHE AA 10 45.05 -79.11 52.98
N HIS AA 11 44.37 -78.57 54.00
CA HIS AA 11 43.28 -79.31 54.63
C HIS AA 11 42.07 -78.39 54.81
N PHE AA 12 41.03 -78.63 54.01
CA PHE AA 12 39.86 -77.77 53.90
C PHE AA 12 38.61 -78.51 53.39
N LEU AA 13 37.44 -77.88 53.56
CA LEU AA 13 36.13 -78.44 53.21
C LEU AA 13 35.20 -77.44 52.50
N VAL AA 14 34.47 -77.84 51.45
CA VAL AA 14 33.53 -76.94 50.76
C VAL AA 14 32.10 -77.47 50.95
N GLU AA 15 31.20 -76.67 51.53
CA GLU AA 15 29.82 -77.11 51.74
C GLU AA 15 28.82 -76.17 51.08
N PHE AA 16 27.74 -76.74 50.59
CA PHE AA 16 26.72 -76.03 49.85
C PHE AA 16 25.40 -76.04 50.61
N THR AA 17 24.66 -74.95 50.56
CA THR AA 17 23.31 -74.83 51.11
C THR AA 17 22.25 -74.60 50.04
N GLY AA 18 21.28 -75.50 49.96
CA GLY AA 18 20.21 -75.42 48.97
C GLY AA 18 20.26 -76.54 47.93
N ILE AA 19 21.30 -77.36 47.99
CA ILE AA 19 21.54 -78.49 47.11
C ILE AA 19 21.61 -79.73 47.99
N ASP AA 20 20.93 -80.81 47.58
CA ASP AA 20 20.98 -82.07 48.34
C ASP AA 20 22.42 -82.49 48.59
N ALA AA 21 22.72 -82.89 49.82
CA ALA AA 21 24.11 -83.24 50.13
C ALA AA 21 24.46 -84.67 49.78
N LYS AA 22 25.69 -84.82 49.31
CA LYS AA 22 26.37 -86.08 49.04
C LYS AA 22 27.81 -85.88 49.47
N ASN AA 23 28.43 -86.91 50.05
CA ASN AA 23 29.81 -86.73 50.49
C ASN AA 23 30.76 -86.46 49.33
N ASN AA 24 30.46 -86.98 48.14
CA ASN AA 24 31.35 -86.79 47.02
C ASN AA 24 31.29 -85.38 46.43
N ASP AA 25 30.36 -84.54 46.85
CA ASP AA 25 30.36 -83.16 46.38
C ASP AA 25 31.02 -82.20 47.36
N HIS AA 26 31.57 -82.69 48.45
CA HIS AA 26 32.24 -81.81 49.39
C HIS AA 26 33.74 -81.88 49.28
N GLU AA 27 34.25 -82.68 48.37
CA GLU AA 27 35.69 -82.89 48.25
C GLU AA 27 36.27 -82.27 47.00
N PHE AA 28 37.25 -81.38 47.18
CA PHE AA 28 37.85 -80.69 46.05
C PHE AA 28 39.36 -80.71 46.10
N GLN AA 29 39.93 -80.67 44.89
CA GLN AA 29 41.37 -80.59 44.69
C GLN AA 29 41.91 -79.20 45.01
N SER AA 30 41.16 -78.14 44.63
CA SER AA 30 41.66 -76.79 44.81
C SER AA 30 40.51 -75.77 44.84
N VAL AA 31 40.71 -74.70 45.61
CA VAL AA 31 39.76 -73.59 45.77
C VAL AA 31 40.49 -72.27 45.53
N SER AA 32 39.91 -71.37 44.75
CA SER AA 32 40.56 -70.06 44.60
C SER AA 32 39.56 -68.92 44.40
N GLY AA 33 39.98 -67.69 44.68
CA GLY AA 33 39.13 -66.53 44.47
C GLY AA 33 38.66 -65.82 45.73
N LEU AA 34 39.15 -66.21 46.91
CA LEU AA 34 38.71 -65.57 48.14
C LEU AA 34 39.50 -64.28 48.42
N SER AA 35 39.18 -63.22 47.66
CA SER AA 35 39.87 -61.95 47.86
C SER AA 35 38.91 -60.79 47.54
N VAL AA 36 39.39 -59.54 47.73
CA VAL AA 36 38.59 -58.32 47.44
C VAL AA 36 39.44 -57.09 47.16
N ASP AA 37 38.89 -56.08 46.45
CA ASP AA 37 39.57 -54.82 46.13
C ASP AA 37 38.63 -53.61 46.08
N ILE AA 38 39.19 -52.39 46.15
CA ILE AA 38 38.35 -51.19 46.09
C ILE AA 38 38.72 -50.32 44.89
N ASP AA 39 37.75 -50.08 44.01
CA ASP AA 39 37.94 -49.17 42.89
C ASP AA 39 38.05 -47.75 43.41
N THR AA 40 38.98 -46.98 42.84
CA THR AA 40 39.19 -45.58 43.18
C THR AA 40 39.22 -44.65 41.96
N GLU AA 41 39.09 -43.36 42.23
CA GLU AA 41 39.24 -42.26 41.28
C GLU AA 41 40.25 -41.22 41.70
N GLU AA 42 40.87 -40.55 40.73
CA GLU AA 42 41.88 -39.55 41.03
C GLU AA 42 41.44 -38.12 40.74
N PHE AA 43 42.01 -37.16 41.48
CA PHE AA 43 41.75 -35.74 41.27
C PHE AA 43 42.96 -34.85 41.57
N ALA AA 44 43.23 -33.90 40.69
CA ALA AA 44 44.32 -32.96 40.92
C ALA AA 44 43.78 -31.62 41.40
N GLU AA 45 44.25 -31.19 42.55
CA GLU AA 45 43.82 -29.93 43.14
C GLU AA 45 44.84 -28.85 42.79
N GLY AA 46 44.37 -27.74 42.21
CA GLY AA 46 45.31 -26.69 41.86
C GLY AA 46 46.01 -26.13 43.09
N GLY AA 47 47.33 -26.00 43.01
CA GLY AA 47 48.15 -25.53 44.10
C GLY AA 47 48.77 -26.62 44.95
N GLU AA 48 48.30 -27.82 44.84
CA GLU AA 48 48.83 -28.92 45.59
C GLU AA 48 49.70 -29.74 44.62
N ASN AA 49 51.02 -29.63 44.72
CA ASN AA 49 51.90 -30.31 43.78
C ASN AA 49 52.63 -31.50 44.37
N ARG AA 50 52.28 -31.93 45.57
CA ARG AA 50 52.96 -33.06 46.17
C ARG AA 50 52.34 -34.41 45.84
N PHE AA 51 51.04 -34.44 45.52
CA PHE AA 51 50.36 -35.69 45.25
C PHE AA 51 48.99 -35.40 44.64
N LYS AA 52 48.38 -36.43 44.06
CA LYS AA 52 46.99 -36.33 43.64
C LYS AA 52 46.11 -36.96 44.70
N HIS AA 53 44.86 -36.55 44.75
CA HIS AA 53 43.93 -37.12 45.70
C HIS AA 53 43.34 -38.39 45.12
N LYS AA 54 43.00 -39.34 45.99
CA LYS AA 54 42.37 -40.57 45.56
C LYS AA 54 41.12 -40.81 46.39
N PHE AA 55 40.06 -41.27 45.73
CA PHE AA 55 38.80 -41.50 46.42
C PHE AA 55 38.29 -42.88 46.11
N PRO AA 56 37.71 -43.58 47.09
CA PRO AA 56 37.07 -44.87 46.87
C PRO AA 56 35.74 -44.72 46.17
N VAL AA 57 35.35 -45.75 45.41
CA VAL AA 57 34.07 -45.77 44.72
C VAL AA 57 33.29 -47.06 45.02
N LYS AA 58 33.89 -48.24 44.77
CA LYS AA 58 33.18 -49.53 44.92
C LYS AA 58 34.06 -50.68 45.42
N THR AA 59 33.43 -51.60 46.14
CA THR AA 59 34.09 -52.84 46.54
C THR AA 59 33.85 -53.91 45.47
N LYS AA 60 34.91 -54.63 45.12
CA LYS AA 60 34.89 -55.59 44.04
C LYS AA 60 35.36 -56.99 44.45
N TYR AA 61 34.69 -58.05 44.00
CA TYR AA 61 35.07 -59.43 44.28
C TYR AA 61 35.23 -60.23 42.98
N PRO AA 62 36.22 -61.12 42.92
CA PRO AA 62 36.41 -62.07 41.80
C PRO AA 62 35.53 -63.31 41.95
N ASN AA 63 35.37 -64.06 40.85
CA ASN AA 63 34.61 -65.31 40.89
C ASN AA 63 35.34 -66.38 41.70
N LEU AA 64 34.56 -67.32 42.22
CA LEU AA 64 35.05 -68.43 43.02
C LEU AA 64 35.28 -69.64 42.10
N VAL AA 65 36.46 -70.23 42.16
CA VAL AA 65 36.81 -71.34 41.26
C VAL AA 65 37.12 -72.63 42.03
N LEU AA 66 36.44 -73.71 41.64
CA LEU AA 66 36.61 -75.03 42.25
C LEU AA 66 37.09 -76.07 41.24
N LYS AA 67 38.05 -76.91 41.64
CA LYS AA 67 38.52 -78.02 40.79
C LYS AA 67 38.50 -79.36 41.51
N ARG AA 68 38.28 -80.43 40.73
CA ARG AA 68 38.28 -81.82 41.22
C ARG AA 68 38.36 -82.81 40.06
N GLY AA 69 38.57 -84.09 40.38
CA GLY AA 69 38.46 -85.13 39.36
C GLY AA 69 37.02 -85.30 38.94
N VAL AA 70 36.79 -85.76 37.71
CA VAL AA 70 35.42 -85.89 37.18
C VAL AA 70 34.55 -86.86 37.98
N LEU AA 71 33.37 -86.38 38.38
CA LEU AA 71 32.34 -87.14 39.08
C LEU AA 71 31.09 -87.14 38.22
N VAL AA 72 30.54 -88.32 37.93
CA VAL AA 72 29.47 -88.43 36.95
C VAL AA 72 28.06 -88.15 37.54
N ASP AA 73 27.81 -88.36 38.85
CA ASP AA 73 26.43 -88.24 39.36
C ASP AA 73 26.24 -86.99 40.27
N SER AA 74 27.12 -86.00 40.13
CA SER AA 74 27.12 -84.82 40.99
C SER AA 74 25.80 -84.03 41.04
N LYS AA 75 25.43 -83.59 42.26
CA LYS AA 75 24.23 -82.76 42.41
C LYS AA 75 24.53 -81.33 42.00
N VAL AA 76 25.76 -80.90 42.26
CA VAL AA 76 26.18 -79.55 41.92
C VAL AA 76 26.14 -79.37 40.43
N ILE AA 77 26.57 -80.39 39.69
CA ILE AA 77 26.52 -80.25 38.24
C ILE AA 77 25.09 -80.23 37.73
N SER AA 78 24.18 -81.05 38.28
CA SER AA 78 22.78 -80.95 37.85
C SER AA 78 22.23 -79.55 38.04
N TRP AA 79 22.58 -78.91 39.16
CA TRP AA 79 22.21 -77.52 39.42
C TRP AA 79 22.81 -76.58 38.37
N CYS AA 80 24.09 -76.78 38.04
CA CYS AA 80 24.73 -75.97 37.01
C CYS AA 80 24.03 -76.11 35.67
N ARG AA 81 23.66 -77.35 35.30
CA ARG AA 81 23.01 -77.57 34.01
C ARG AA 81 21.68 -76.85 33.90
N ASP AA 82 20.85 -76.81 34.95
CA ASP AA 82 19.57 -76.09 34.86
C ASP AA 82 19.79 -74.63 34.49
N ALA AA 83 20.80 -74.00 35.08
CA ALA AA 83 21.09 -72.61 34.72
C ALA AA 83 21.66 -72.50 33.30
N ILE AA 84 22.60 -73.38 32.95
CA ILE AA 84 23.30 -73.31 31.67
C ILE AA 84 22.37 -73.57 30.49
N GLU AA 85 21.55 -74.61 30.59
CA GLU AA 85 20.70 -75.02 29.48
C GLU AA 85 19.36 -74.29 29.42
N ASP AA 86 18.71 -74.01 30.55
CA ASP AA 86 17.38 -73.42 30.52
C ASP AA 86 17.24 -72.01 31.08
N PHE AA 87 18.30 -71.35 31.54
CA PHE AA 87 18.19 -70.04 32.19
C PHE AA 87 17.33 -70.08 33.45
N GLU AA 88 17.34 -71.19 34.13
CA GLU AA 88 16.70 -71.29 35.42
C GLU AA 88 17.74 -71.00 36.47
N PHE AA 89 17.64 -69.87 37.14
CA PHE AA 89 18.64 -69.51 38.13
C PHE AA 89 18.09 -69.50 39.55
N LYS AA 90 18.78 -70.21 40.44
CA LYS AA 90 18.39 -70.27 41.84
C LYS AA 90 19.63 -70.25 42.70
N PRO AA 91 20.07 -69.06 43.11
CA PRO AA 91 21.30 -68.82 43.88
C PRO AA 91 21.35 -69.57 45.21
N ILE AA 92 22.57 -69.92 45.62
CA ILE AA 92 22.81 -70.72 46.83
C ILE AA 92 23.84 -70.03 47.72
N ASP AA 93 23.95 -70.50 48.97
CA ASP AA 93 25.03 -70.01 49.79
C ASP AA 93 26.07 -71.10 49.98
N LEU AA 94 27.26 -70.71 50.41
CA LEU AA 94 28.34 -71.67 50.44
C LEU AA 94 29.24 -71.36 51.60
N THR AA 95 29.90 -72.36 52.14
CA THR AA 95 30.88 -72.19 53.22
C THR AA 95 32.20 -72.80 52.87
N VAL AA 96 33.28 -72.04 53.03
CA VAL AA 96 34.63 -72.55 52.83
C VAL AA 96 35.27 -72.66 54.20
N LYS AA 97 35.77 -73.84 54.54
CA LYS AA 97 36.35 -74.05 55.87
C LYS AA 97 37.82 -74.43 55.81
N LEU AA 98 38.66 -73.73 56.55
CA LEU AA 98 40.06 -74.09 56.70
C LEU AA 98 40.18 -74.82 58.03
N LEU AA 99 40.70 -76.05 58.03
CA LEU AA 99 40.64 -76.92 59.21
C LEU AA 99 41.94 -77.10 60.01
N ASN AA 100 41.76 -77.39 61.31
CA ASN AA 100 42.85 -77.73 62.21
C ASN AA 100 43.04 -79.25 62.33
N GLU AA 101 43.95 -79.68 63.21
CA GLU AA 101 44.30 -81.09 63.39
C GLU AA 101 43.20 -81.96 64.02
N GLU AA 102 42.17 -81.36 64.58
CA GLU AA 102 41.04 -82.07 65.14
C GLU AA 102 39.90 -82.10 64.16
N HIS AA 103 40.21 -81.57 62.98
CA HIS AA 103 39.34 -81.41 61.83
C HIS AA 103 38.21 -80.44 62.12
N GLN AA 104 38.46 -79.45 62.95
CA GLN AA 104 37.49 -78.42 63.24
C GLN AA 104 37.98 -77.16 62.57
N PRO AA 105 37.10 -76.21 62.24
CA PRO AA 105 37.52 -74.96 61.58
C PRO AA 105 38.46 -74.07 62.37
N LEU AA 106 39.54 -73.62 61.69
CA LEU AA 106 40.37 -72.54 62.18
C LEU AA 106 39.70 -71.23 61.87
N MET AA 107 39.17 -71.17 60.64
CA MET AA 107 38.57 -69.99 60.07
C MET AA 107 37.63 -70.35 58.93
N THR AA 108 36.50 -69.62 58.80
CA THR AA 108 35.63 -69.91 57.67
C THR AA 108 35.26 -68.65 56.90
N TRP AA 109 34.81 -68.87 55.66
CA TRP AA 109 34.33 -67.84 54.76
C TRP AA 109 32.88 -68.12 54.40
N ASN AA 110 32.05 -67.12 54.54
CA ASN AA 110 30.62 -67.17 54.25
C ASN AA 110 30.39 -66.51 52.89
N VAL AA 111 30.08 -67.30 51.87
CA VAL AA 111 29.92 -66.80 50.50
C VAL AA 111 28.42 -66.67 50.22
N VAL AA 112 27.99 -65.47 49.85
CA VAL AA 112 26.57 -65.13 49.78
C VAL AA 112 26.04 -65.00 48.35
N HIS AA 113 24.92 -65.71 48.08
CA HIS AA 113 24.10 -65.60 46.86
C HIS AA 113 24.86 -65.96 45.58
N ALA AA 114 25.36 -67.19 45.49
CA ALA AA 114 26.18 -67.62 44.36
C ALA AA 114 25.42 -68.36 43.26
N TYR AA 115 25.88 -68.24 42.01
CA TYR AA 115 25.28 -69.00 40.91
C TYR AA 115 26.32 -69.33 39.84
N PRO AA 116 26.06 -70.35 38.99
CA PRO AA 116 27.08 -70.82 38.02
C PRO AA 116 27.25 -69.97 36.78
N VAL AA 117 28.50 -69.69 36.42
CA VAL AA 117 28.80 -68.98 35.18
C VAL AA 117 29.68 -69.78 34.25
N LYS AA 118 30.30 -70.87 34.71
CA LYS AA 118 31.19 -71.62 33.84
C LYS AA 118 31.32 -73.09 34.24
N TRP AA 119 31.51 -73.96 33.25
CA TRP AA 119 31.74 -75.39 33.50
C TRP AA 119 32.59 -75.97 32.38
N SER AA 120 33.67 -76.67 32.72
CA SER AA 120 34.51 -77.27 31.69
C SER AA 120 35.25 -78.52 32.15
N VAL AA 121 35.73 -79.29 31.16
CA VAL AA 121 36.54 -80.48 31.41
C VAL AA 121 37.77 -80.37 30.51
N GLU AA 122 38.94 -80.68 31.06
CA GLU AA 122 40.21 -80.56 30.33
C GLU AA 122 40.34 -81.59 29.20
N ASP AA 123 41.17 -81.22 28.20
CA ASP AA 123 41.40 -81.97 26.97
C ASP AA 123 41.85 -83.41 27.18
N PHE AA 124 41.43 -84.26 26.28
CA PHE AA 124 41.79 -85.66 26.26
C PHE AA 124 43.05 -85.83 25.42
N ASN AA 125 43.92 -86.75 25.82
CA ASN AA 125 45.15 -86.99 25.06
C ASN AA 125 45.51 -88.48 25.13
N ALA AA 126 45.45 -89.12 23.97
CA ALA AA 126 45.68 -90.55 23.84
C ALA AA 126 47.10 -90.98 24.21
N GLN AA 127 48.05 -90.05 24.19
CA GLN AA 127 49.43 -90.37 24.45
C GLN AA 127 49.92 -89.95 25.83
N GLU AA 128 49.03 -89.55 26.75
CA GLU AA 128 49.48 -89.12 28.06
C GLU AA 128 48.70 -89.86 29.14
N SER AA 129 49.36 -90.14 30.25
CA SER AA 129 48.71 -90.73 31.42
C SER AA 129 48.27 -89.67 32.41
N LYS AA 130 46.97 -89.35 32.41
CA LYS AA 130 46.43 -88.27 33.21
C LYS AA 130 45.01 -88.56 33.65
N MET AA 131 44.60 -87.91 34.73
CA MET AA 131 43.24 -87.98 35.25
C MET AA 131 42.37 -86.94 34.56
N ALA AA 132 41.11 -87.28 34.32
CA ALA AA 132 40.19 -86.28 33.78
C ALA AA 132 39.79 -85.30 34.88
N ILE AA 133 39.99 -84.01 34.62
CA ILE AA 133 39.75 -82.96 35.61
C ILE AA 133 38.60 -82.04 35.19
N GLU AA 134 37.72 -81.78 36.16
CA GLU AA 134 36.55 -80.94 35.99
C GLU AA 134 36.73 -79.61 36.72
N SER AA 135 36.19 -78.53 36.14
CA SER AA 135 36.29 -77.20 36.72
C SER AA 135 34.99 -76.39 36.67
N VAL AA 136 34.62 -75.80 37.82
CA VAL AA 136 33.38 -75.03 37.98
C VAL AA 136 33.65 -73.64 38.56
N GLU AA 137 33.08 -72.62 37.93
CA GLU AA 137 33.24 -71.24 38.38
C GLU AA 137 31.90 -70.60 38.73
N LEU AA 138 31.85 -69.95 39.90
CA LEU AA 138 30.64 -69.31 40.44
C LEU AA 138 30.75 -67.80 40.68
N SER AA 139 29.66 -67.09 40.41
CA SER AA 139 29.60 -65.65 40.67
C SER AA 139 28.86 -65.50 42.01
N TYR AA 140 29.22 -64.50 42.82
CA TYR AA 140 28.57 -64.29 44.12
C TYR AA 140 28.59 -62.79 44.44
N ASN AA 141 27.86 -62.37 45.48
CA ASN AA 141 27.79 -60.93 45.76
C ASN AA 141 28.89 -60.43 46.68
N TYR AA 142 29.13 -61.14 47.77
CA TYR AA 142 30.14 -60.74 48.74
C TYR AA 142 30.42 -61.92 49.65
N PHE AA 143 31.40 -61.74 50.52
CA PHE AA 143 31.63 -62.71 51.56
C PHE AA 143 31.97 -62.02 52.88
N LYS AA 144 31.75 -62.77 53.96
CA LYS AA 144 32.08 -62.39 55.33
C LYS AA 144 32.95 -63.47 55.94
N THR AA 145 33.73 -63.13 56.96
CA THR AA 145 34.50 -64.17 57.61
C THR AA 145 34.15 -64.32 59.07
N ILE AA 146 34.33 -65.54 59.54
CA ILE AA 146 34.09 -65.90 60.93
C ILE AA 146 35.34 -66.56 61.50
N VAL AA 147 35.83 -66.00 62.60
CA VAL AA 147 37.04 -66.47 63.25
C VAL AA 147 37.22 -65.75 64.58
N THR BA 3 77.86 -47.75 51.81
CA THR BA 3 78.81 -47.35 52.84
C THR BA 3 80.14 -47.98 52.50
N TYR BA 4 81.05 -48.30 53.41
CA TYR BA 4 82.19 -49.03 52.95
C TYR BA 4 81.73 -50.44 52.65
N TYR BA 5 80.98 -51.02 53.58
CA TYR BA 5 80.22 -52.25 53.39
C TYR BA 5 78.75 -51.90 53.57
N PRO BA 6 77.97 -51.87 52.48
CA PRO BA 6 76.54 -51.56 52.54
C PRO BA 6 75.78 -52.58 53.36
N PRO BA 7 74.66 -52.19 53.99
CA PRO BA 7 73.82 -53.08 54.83
C PRO BA 7 72.97 -54.06 54.03
N SER BA 8 72.59 -55.16 54.66
CA SER BA 8 71.67 -56.08 54.00
C SER BA 8 70.23 -55.66 54.25
N SER BA 9 69.29 -56.35 53.61
CA SER BA 9 67.89 -55.98 53.63
C SER BA 9 66.95 -56.94 54.37
N PHE BA 10 67.47 -57.89 55.15
CA PHE BA 10 66.59 -58.88 55.77
C PHE BA 10 66.20 -58.62 57.23
N HIS BA 11 66.48 -57.44 57.79
CA HIS BA 11 66.14 -57.19 59.19
C HIS BA 11 65.46 -55.82 59.31
N PHE BA 12 64.15 -55.84 59.58
CA PHE BA 12 63.28 -54.66 59.57
C PHE BA 12 62.02 -54.84 60.43
N LEU BA 13 61.35 -53.71 60.72
CA LEU BA 13 60.15 -53.65 61.58
C LEU BA 13 59.04 -52.75 61.02
N VAL BA 14 57.76 -53.16 61.09
CA VAL BA 14 56.66 -52.31 60.62
C VAL BA 14 55.77 -51.93 61.81
N GLU BA 15 55.60 -50.63 62.08
CA GLU BA 15 54.75 -50.20 63.20
C GLU BA 15 53.62 -49.29 62.74
N PHE BA 16 52.49 -49.40 63.42
CA PHE BA 16 51.28 -48.69 63.07
C PHE BA 16 50.90 -47.73 64.19
N THR BA 17 50.39 -46.56 63.82
CA THR BA 17 49.85 -45.58 64.76
C THR BA 17 48.36 -45.35 64.57
N GLY BA 18 47.58 -45.58 65.63
CA GLY BA 18 46.13 -45.44 65.60
C GLY BA 18 45.39 -46.76 65.74
N ILE BA 19 46.12 -47.86 65.76
CA ILE BA 19 45.61 -49.22 65.89
C ILE BA 19 46.24 -49.80 67.14
N ASP BA 20 45.44 -50.47 67.99
CA ASP BA 20 45.96 -51.11 69.19
C ASP BA 20 47.13 -52.01 68.86
N ALA BA 21 48.20 -51.93 69.63
CA ALA BA 21 49.38 -52.73 69.31
C ALA BA 21 49.32 -54.14 69.87
N LYS BA 22 49.83 -55.07 69.07
CA LYS BA 22 50.06 -56.46 69.40
C LYS BA 22 51.39 -56.82 68.75
N ASN BA 23 52.18 -57.66 69.41
CA ASN BA 23 53.47 -58.01 68.81
C ASN BA 23 53.33 -58.78 67.51
N ASN BA 24 52.25 -59.54 67.35
CA ASN BA 24 52.07 -60.32 66.15
C ASN BA 24 51.67 -59.48 64.94
N ASP BA 25 51.35 -58.21 65.10
CA ASP BA 25 51.06 -57.38 63.94
C ASP BA 25 52.26 -56.55 63.51
N HIS BA 26 53.42 -56.71 64.14
CA HIS BA 26 54.59 -55.96 63.72
C HIS BA 26 55.54 -56.80 62.92
N GLU BA 27 55.22 -58.05 62.69
CA GLU BA 27 56.14 -58.97 62.02
C GLU BA 27 55.68 -59.32 60.61
N PHE BA 28 56.52 -59.05 59.62
CA PHE BA 28 56.16 -59.31 58.24
C PHE BA 28 57.25 -60.06 57.50
N GLN BA 29 56.79 -60.83 56.51
CA GLN BA 29 57.66 -61.56 55.60
C GLN BA 29 58.31 -60.63 54.57
N SER BA 30 57.56 -59.64 54.06
CA SER BA 30 58.09 -58.78 53.01
C SER BA 30 57.35 -57.43 52.97
N VAL BA 31 58.09 -56.39 52.57
CA VAL BA 31 57.58 -55.02 52.44
C VAL BA 31 57.97 -54.49 51.07
N SER BA 32 57.05 -53.85 50.34
CA SER BA 32 57.44 -53.25 49.06
C SER BA 32 56.64 -51.99 48.75
N GLY BA 33 57.18 -51.15 47.87
CA GLY BA 33 56.49 -49.94 47.43
C GLY BA 33 57.09 -48.62 47.90
N LEU BA 34 58.25 -48.65 48.55
CA LEU BA 34 58.86 -47.40 49.03
C LEU BA 34 59.65 -46.70 47.93
N SER BA 35 58.93 -46.07 46.99
CA SER BA 35 59.61 -45.36 45.90
C SER BA 35 58.75 -44.16 45.47
N VAL BA 36 59.27 -43.37 44.51
CA VAL BA 36 58.56 -42.19 43.98
C VAL BA 36 59.00 -41.80 42.57
N ASP BA 37 58.15 -41.08 41.80
CA ASP BA 37 58.44 -40.60 40.46
C ASP BA 37 57.79 -39.24 40.12
N ILE BA 38 58.29 -38.56 39.08
CA ILE BA 38 57.70 -37.29 38.69
C ILE BA 38 57.14 -37.32 37.27
N ASP BA 39 55.85 -37.05 37.14
CA ASP BA 39 55.22 -36.95 35.83
C ASP BA 39 55.71 -35.70 35.13
N THR BA 40 55.98 -35.83 33.82
CA THR BA 40 56.44 -34.72 32.99
C THR BA 40 55.62 -34.56 31.71
N GLU BA 41 55.78 -33.40 31.07
CA GLU BA 41 55.25 -33.07 29.74
C GLU BA 41 56.30 -32.59 28.76
N GLU BA 42 56.06 -32.81 27.47
CA GLU BA 42 57.02 -32.42 26.46
C GLU BA 42 56.55 -31.25 25.59
N PHE BA 43 57.52 -30.48 25.07
CA PHE BA 43 57.25 -29.37 24.16
C PHE BA 43 58.35 -29.17 23.12
N ALA BA 44 57.95 -28.97 21.87
CA ALA BA 44 58.90 -28.69 20.81
C ALA BA 44 58.92 -27.20 20.48
N GLU BA 45 60.10 -26.60 20.58
CA GLU BA 45 60.27 -25.18 20.30
C GLU BA 45 60.77 -25.01 18.87
N GLY BA 46 60.07 -24.21 18.07
CA GLY BA 46 60.52 -24.02 16.71
C GLY BA 46 61.91 -23.41 16.64
N GLY BA 47 62.78 -23.99 15.83
CA GLY BA 47 64.15 -23.56 15.69
C GLY BA 47 65.14 -24.32 16.54
N GLU BA 48 64.68 -25.04 17.51
CA GLU BA 48 65.56 -25.82 18.37
C GLU BA 48 65.44 -27.26 17.92
N ASN BA 49 66.43 -27.80 17.21
CA ASN BA 49 66.35 -29.15 16.68
C ASN BA 49 67.24 -30.14 17.40
N ARG BA 50 67.83 -29.77 18.54
CA ARG BA 50 68.69 -30.70 19.23
C ARG BA 50 67.96 -31.56 20.26
N PHE BA 51 66.84 -31.09 20.79
CA PHE BA 51 66.10 -31.82 21.82
C PHE BA 51 64.73 -31.20 22.01
N LYS BA 52 63.85 -31.93 22.68
CA LYS BA 52 62.58 -31.35 23.11
C LYS BA 52 62.70 -30.93 24.55
N HIS BA 53 61.87 -29.99 24.97
CA HIS BA 53 61.89 -29.55 26.36
C HIS BA 53 61.01 -30.47 27.18
N LYS BA 54 61.36 -30.64 28.45
CA LYS BA 54 60.56 -31.45 29.35
C LYS BA 54 60.26 -30.66 30.61
N PHE BA 55 59.04 -30.78 31.11
CA PHE BA 55 58.64 -30.03 32.29
C PHE BA 55 58.01 -30.96 33.30
N PRO BA 56 58.27 -30.78 34.59
CA PRO BA 56 57.62 -31.54 35.65
C PRO BA 56 56.19 -31.07 35.86
N VAL BA 57 55.34 -32.00 36.31
CA VAL BA 57 53.96 -31.70 36.63
C VAL BA 57 53.57 -32.15 38.05
N LYS BA 58 53.75 -33.44 38.37
CA LYS BA 58 53.33 -33.99 39.66
C LYS BA 58 54.25 -35.08 40.23
N THR BA 59 54.29 -35.15 41.54
CA THR BA 59 54.99 -36.23 42.23
C THR BA 59 54.02 -37.39 42.47
N LYS BA 60 54.49 -38.62 42.21
CA LYS BA 60 53.65 -39.80 42.25
C LYS BA 60 54.22 -40.91 43.15
N TYR BA 61 53.38 -41.57 43.95
CA TYR BA 61 53.79 -42.67 44.80
C TYR BA 61 52.95 -43.92 44.54
N PRO BA 62 53.56 -45.12 44.58
CA PRO BA 62 52.86 -46.41 44.48
C PRO BA 62 52.30 -46.85 45.83
N ASN BA 63 51.37 -47.81 45.81
CA ASN BA 63 50.83 -48.38 47.05
C ASN BA 63 51.87 -49.19 47.81
N LEU BA 64 51.66 -49.28 49.11
CA LEU BA 64 52.53 -50.03 50.03
C LEU BA 64 51.98 -51.45 50.20
N VAL BA 65 52.82 -52.44 49.99
CA VAL BA 65 52.38 -53.84 50.04
C VAL BA 65 53.09 -54.63 51.14
N LEU BA 66 52.31 -55.28 51.99
CA LEU BA 66 52.80 -56.10 53.10
C LEU BA 66 52.37 -57.56 52.99
N LYS BA 67 53.30 -58.49 53.25
CA LYS BA 67 52.98 -59.93 53.27
C LYS BA 67 53.43 -60.62 54.55
N ARG BA 68 52.67 -61.66 54.93
CA ARG BA 68 52.97 -62.49 56.11
C ARG BA 68 52.15 -63.79 56.09
N GLY BA 69 52.48 -64.72 56.99
CA GLY BA 69 51.64 -65.89 57.17
C GLY BA 69 50.32 -65.49 57.80
N VAL BA 70 49.26 -66.27 57.55
CA VAL BA 70 47.92 -65.93 58.06
C VAL BA 70 47.85 -65.88 59.58
N LEU BA 71 47.33 -64.77 60.10
CA LEU BA 71 47.08 -64.53 61.51
C LEU BA 71 45.59 -64.29 61.71
N VAL BA 72 44.96 -65.05 62.60
CA VAL BA 72 43.50 -65.04 62.70
C VAL BA 72 42.95 -63.87 63.57
N ASP BA 73 43.70 -63.34 64.57
CA ASP BA 73 43.11 -62.36 65.48
C ASP BA 73 43.67 -60.92 65.25
N SER BA 74 44.23 -60.66 64.08
CA SER BA 74 44.89 -59.40 63.76
C SER BA 74 44.04 -58.13 63.97
N LYS BA 75 44.65 -57.09 64.55
CA LYS BA 75 43.97 -55.81 64.70
C LYS BA 75 43.94 -55.04 63.40
N VAL BA 76 45.00 -55.21 62.62
CA VAL BA 76 45.10 -54.55 61.32
C VAL BA 76 44.02 -55.05 60.41
N ILE BA 77 43.74 -56.35 60.45
CA ILE BA 77 42.69 -56.86 59.59
C ILE BA 77 41.32 -56.36 60.05
N SER BA 78 41.05 -56.29 61.37
CA SER BA 78 39.76 -55.72 61.80
C SER BA 78 39.57 -54.31 61.25
N TRP BA 79 40.64 -53.52 61.27
CA TRP BA 79 40.62 -52.17 60.70
C TRP BA 79 40.34 -52.20 59.20
N CYS BA 80 40.97 -53.14 58.48
CA CYS BA 80 40.72 -53.28 57.06
C CYS BA 80 39.28 -53.64 56.78
N ARG BA 81 38.70 -54.55 57.58
CA ARG BA 81 37.31 -54.96 57.36
C ARG BA 81 36.34 -53.80 57.53
N ASP BA 82 36.52 -52.92 58.51
CA ASP BA 82 35.58 -51.79 58.65
C ASP BA 82 35.52 -50.96 57.37
N ALA BA 83 36.68 -50.71 56.76
CA ALA BA 83 36.68 -49.97 55.50
C ALA BA 83 36.06 -50.78 54.36
N ILE BA 84 36.44 -52.05 54.25
CA ILE BA 84 36.02 -52.91 53.15
C ILE BA 84 34.52 -53.16 53.14
N GLU BA 85 33.97 -53.49 54.31
CA GLU BA 85 32.57 -53.88 54.42
C GLU BA 85 31.61 -52.70 54.61
N ASP BA 86 31.99 -51.67 55.38
CA ASP BA 86 31.05 -50.59 55.67
C ASP BA 86 31.41 -49.21 55.14
N PHE BA 87 32.51 -49.04 54.39
CA PHE BA 87 32.95 -47.71 53.95
C PHE BA 87 33.24 -46.77 55.11
N GLU BA 88 33.69 -47.31 56.22
CA GLU BA 88 34.17 -46.50 57.32
C GLU BA 88 35.65 -46.34 57.16
N PHE BA 89 36.10 -45.15 56.84
CA PHE BA 89 37.52 -44.93 56.62
C PHE BA 89 38.15 -44.04 57.67
N LYS BA 90 39.24 -44.52 58.27
CA LYS BA 90 39.97 -43.76 59.28
C LYS BA 90 41.46 -43.99 59.09
N PRO BA 91 42.09 -43.12 58.30
CA PRO BA 91 43.51 -43.20 57.93
C PRO BA 91 44.46 -43.22 59.12
N ILE BA 92 45.60 -43.90 58.94
CA ILE BA 92 46.61 -44.09 59.99
C ILE BA 92 47.99 -43.68 59.50
N ASP BA 93 48.93 -43.55 60.42
CA ASP BA 93 50.31 -43.35 59.98
C ASP BA 93 51.13 -44.60 60.26
N LEU BA 94 52.27 -44.70 59.62
CA LEU BA 94 53.00 -45.94 59.69
C LEU BA 94 54.49 -45.64 59.66
N THR BA 95 55.29 -46.48 60.28
CA THR BA 95 56.74 -46.36 60.23
C THR BA 95 57.41 -47.63 59.75
N VAL BA 96 58.29 -47.50 58.78
CA VAL BA 96 59.08 -48.64 58.30
C VAL BA 96 60.50 -48.45 58.79
N LYS BA 97 61.05 -49.43 59.49
CA LYS BA 97 62.39 -49.29 60.04
C LYS BA 97 63.36 -50.32 59.50
N LEU BA 98 64.50 -49.88 58.99
CA LEU BA 98 65.58 -50.76 58.58
C LEU BA 98 66.58 -50.80 59.74
N LEU BA 99 66.89 -51.98 60.26
CA LEU BA 99 67.66 -52.09 61.51
C LEU BA 99 69.13 -52.51 61.39
N ASN BA 100 69.93 -52.08 62.37
CA ASN BA 100 71.32 -52.48 62.53
C ASN BA 100 71.48 -53.66 63.48
N GLU BA 101 72.72 -54.05 63.77
CA GLU BA 101 73.04 -55.22 64.61
C GLU BA 101 72.70 -55.05 66.09
N GLU BA 102 72.39 -53.84 66.55
CA GLU BA 102 71.98 -53.59 67.92
C GLU BA 102 70.48 -53.47 67.99
N HIS BA 103 69.86 -53.75 66.84
CA HIS BA 103 68.44 -53.70 66.56
C HIS BA 103 67.90 -52.29 66.67
N GLN BA 104 68.71 -51.30 66.35
CA GLN BA 104 68.28 -49.93 66.34
C GLN BA 104 68.19 -49.50 64.89
N PRO BA 105 67.39 -48.51 64.55
CA PRO BA 105 67.25 -48.06 63.14
C PRO BA 105 68.51 -47.50 62.50
N LEU BA 106 68.80 -47.98 61.29
CA LEU BA 106 69.76 -47.36 60.39
C LEU BA 106 69.12 -46.18 59.73
N MET BA 107 67.90 -46.41 59.30
CA MET BA 107 67.10 -45.46 58.53
C MET BA 107 65.62 -45.78 58.63
N THR BA 108 64.76 -44.74 58.67
CA THR BA 108 63.34 -45.02 58.69
C THR BA 108 62.58 -44.23 57.63
N TRP BA 109 61.38 -44.71 57.34
CA TRP BA 109 60.43 -44.09 56.43
C TRP BA 109 59.15 -43.76 57.17
N ASN BA 110 58.70 -42.52 57.02
CA ASN BA 110 57.50 -42.00 57.64
C ASN BA 110 56.40 -41.97 56.60
N VAL BA 111 55.42 -42.87 56.70
CA VAL BA 111 54.36 -43.01 55.72
C VAL BA 111 53.12 -42.30 56.26
N VAL BA 112 52.59 -41.35 55.50
CA VAL BA 112 51.57 -40.43 55.98
C VAL BA 112 50.17 -40.68 55.40
N HIS BA 113 49.17 -40.79 56.30
CA HIS BA 113 47.73 -40.85 55.98
C HIS BA 113 47.32 -42.05 55.12
N ALA BA 114 47.58 -43.26 55.61
CA ALA BA 114 47.33 -44.49 54.85
C ALA BA 114 45.97 -45.14 55.13
N TYR BA 115 45.41 -45.83 54.13
CA TYR BA 115 44.17 -46.58 54.34
C TYR BA 115 44.11 -47.81 53.42
N PRO BA 116 43.29 -48.82 53.77
CA PRO BA 116 43.29 -50.09 53.02
C PRO BA 116 42.56 -50.08 51.69
N VAL BA 117 43.19 -50.64 50.65
CA VAL BA 117 42.53 -50.79 49.35
C VAL BA 117 42.46 -52.24 48.91
N LYS BA 118 43.17 -53.16 49.55
CA LYS BA 118 43.14 -54.54 49.10
C LYS BA 118 43.46 -55.54 50.21
N TRP BA 119 42.86 -56.72 50.15
CA TRP BA 119 43.14 -57.81 51.08
C TRP BA 119 42.90 -59.16 50.41
N SER BA 120 43.88 -60.06 50.51
CA SER BA 120 43.70 -61.38 49.90
C SER BA 120 44.50 -62.48 50.58
N VAL BA 121 44.10 -63.72 50.28
CA VAL BA 121 44.79 -64.91 50.78
C VAL BA 121 45.01 -65.82 49.57
N GLU BA 122 46.22 -66.39 49.46
CA GLU BA 122 46.58 -67.24 48.33
C GLU BA 122 45.83 -68.57 48.31
N ASP BA 123 45.70 -69.13 47.10
CA ASP BA 123 44.95 -70.35 46.78
C ASP BA 123 45.37 -71.57 47.61
N PHE BA 124 44.39 -72.39 47.90
CA PHE BA 124 44.59 -73.64 48.62
C PHE BA 124 44.85 -74.75 47.61
N ASN BA 125 45.71 -75.70 47.97
CA ASN BA 125 46.01 -76.81 47.07
C ASN BA 125 46.26 -78.08 47.89
N ALA BA 126 45.35 -79.04 47.72
CA ALA BA 126 45.37 -80.30 48.46
C ALA BA 126 46.60 -81.14 48.20
N GLN BA 127 47.30 -80.92 47.09
CA GLN BA 127 48.44 -81.72 46.71
C GLN BA 127 49.78 -81.04 46.94
N GLU BA 128 49.83 -79.90 47.64
CA GLU BA 128 51.10 -79.23 47.85
C GLU BA 128 51.30 -78.93 49.33
N SER BA 129 52.54 -78.98 49.77
CA SER BA 129 52.91 -78.59 51.13
C SER BA 129 53.34 -77.16 51.22
N LYS BA 130 52.44 -76.28 51.68
CA LYS BA 130 52.68 -74.84 51.69
C LYS BA 130 51.99 -74.17 52.88
N MET BA 131 52.51 -73.01 53.25
CA MET BA 131 51.93 -72.17 54.28
C MET BA 131 50.87 -71.26 53.69
N ALA BA 132 49.80 -71.00 54.44
CA ALA BA 132 48.82 -70.04 53.97
C ALA BA 132 49.35 -68.63 54.14
N ILE BA 133 49.36 -67.86 53.05
CA ILE BA 133 49.93 -66.51 53.03
C ILE BA 133 48.87 -65.45 52.80
N GLU BA 134 48.96 -64.40 53.60
CA GLU BA 134 48.05 -63.26 53.58
C GLU BA 134 48.77 -62.02 53.01
N SER BA 135 48.01 -61.21 52.27
CA SER BA 135 48.54 -59.99 51.66
C SER BA 135 47.63 -58.77 51.79
N VAL BA 136 48.22 -57.65 52.21
CA VAL BA 136 47.50 -56.38 52.46
C VAL BA 136 48.15 -55.21 51.72
N GLU BA 137 47.35 -54.44 51.01
CA GLU BA 137 47.83 -53.28 50.27
C GLU BA 137 47.18 -51.98 50.74
N LEU BA 138 48.00 -50.96 50.98
CA LEU BA 138 47.56 -49.64 51.49
C LEU BA 138 47.88 -48.45 50.57
N SER BA 139 46.95 -47.50 50.53
CA SER BA 139 47.15 -46.27 49.76
C SER BA 139 47.60 -45.22 50.77
N TYR BA 140 48.46 -44.28 50.37
CA TYR BA 140 48.95 -43.23 51.29
C TYR BA 140 49.25 -41.98 50.48
N ASN BA 141 49.50 -40.85 51.15
CA ASN BA 141 49.71 -39.61 50.41
C ASN BA 141 51.15 -39.36 50.01
N TYR BA 142 52.08 -39.54 50.93
CA TYR BA 142 53.49 -39.31 50.68
C TYR BA 142 54.28 -39.93 51.80
N PHE BA 143 55.60 -39.90 51.65
CA PHE BA 143 56.47 -40.29 52.73
C PHE BA 143 57.67 -39.36 52.83
N LYS BA 144 58.26 -39.36 54.02
CA LYS BA 144 59.48 -38.63 54.35
C LYS BA 144 60.48 -39.61 54.93
N THR BA 145 61.76 -39.28 54.87
CA THR BA 145 62.73 -40.16 55.49
C THR BA 145 63.52 -39.47 56.57
N ILE BA 146 63.94 -40.27 57.54
CA ILE BA 146 64.75 -39.82 58.65
C ILE BA 146 66.00 -40.67 58.75
N VAL BA 147 67.15 -40.01 58.73
CA VAL BA 147 68.45 -40.68 58.76
C VAL BA 147 69.54 -39.64 58.91
N THR CA 3 89.51 -51.52 18.94
CA THR CA 3 90.93 -51.24 18.74
C THR CA 3 91.59 -52.51 18.26
N TYR CA 4 92.86 -52.81 18.50
CA TYR CA 4 93.30 -54.11 18.13
C TYR CA 4 92.70 -55.08 19.14
N TYR CA 5 92.83 -54.74 20.41
CA TYR CA 5 92.11 -55.39 21.51
C TYR CA 5 91.22 -54.33 22.16
N PRO CA 6 89.91 -54.40 21.94
CA PRO CA 6 88.96 -53.43 22.52
C PRO CA 6 88.98 -53.48 24.03
N PRO CA 7 88.66 -52.36 24.70
CA PRO CA 7 88.64 -52.24 26.17
C PRO CA 7 87.43 -52.93 26.83
N SER CA 8 87.58 -53.29 28.10
CA SER CA 8 86.43 -53.83 28.81
C SER CA 8 85.61 -52.69 29.43
N SER CA 9 84.48 -53.04 30.02
CA SER CA 9 83.52 -52.06 30.52
C SER CA 9 83.37 -52.00 32.04
N PHE CA 10 84.24 -52.63 32.83
CA PHE CA 10 84.03 -52.67 34.27
C PHE CA 10 84.82 -51.66 35.09
N HIS CA 11 85.45 -50.66 34.49
CA HIS CA 11 86.23 -49.69 35.26
C HIS CA 11 85.89 -48.27 34.79
N PHE CA 12 85.17 -47.52 35.64
CA PHE CA 12 84.61 -46.22 35.31
C PHE CA 12 84.33 -45.36 36.56
N LEU CA 13 84.11 -44.05 36.33
CA LEU CA 13 83.90 -43.04 37.38
C LEU CA 13 82.76 -42.07 37.06
N VAL CA 14 81.89 -41.72 38.03
CA VAL CA 14 80.82 -40.73 37.81
C VAL CA 14 81.07 -39.50 38.67
N GLU CA 15 81.18 -38.32 38.05
CA GLU CA 15 81.41 -37.09 38.82
C GLU CA 15 80.33 -36.04 38.57
N PHE CA 16 80.03 -35.28 39.61
CA PHE CA 16 78.95 -34.31 39.59
C PHE CA 16 79.54 -32.91 39.76
N THR CA 17 78.96 -31.94 39.06
CA THR CA 17 79.29 -30.51 39.22
C THR CA 17 78.13 -29.69 39.74
N GLY CA 18 78.33 -29.03 40.87
CA GLY CA 18 77.30 -28.23 41.53
C GLY CA 18 76.82 -28.80 42.85
N ILE CA 19 77.31 -29.99 43.20
CA ILE CA 19 77.00 -30.70 44.43
C ILE CA 19 78.31 -30.90 45.17
N ASP CA 20 78.33 -30.64 46.49
CA ASP CA 20 79.52 -30.85 47.30
C ASP CA 20 80.07 -32.26 47.09
N ALA CA 21 81.37 -32.38 46.90
CA ALA CA 21 81.93 -33.69 46.63
C ALA CA 21 82.24 -34.49 47.89
N LYS CA 22 81.99 -35.78 47.79
CA LYS CA 22 82.33 -36.82 48.76
C LYS CA 22 82.77 -38.02 47.95
N ASN CA 23 83.77 -38.75 48.44
CA ASN CA 23 84.23 -39.90 47.68
C ASN CA 23 83.17 -40.98 47.54
N ASN CA 24 82.27 -41.09 48.52
CA ASN CA 24 81.26 -42.12 48.46
C ASN CA 24 80.14 -41.83 47.46
N ASP CA 25 80.09 -40.63 46.89
CA ASP CA 25 79.09 -40.37 45.86
C ASP CA 25 79.65 -40.52 44.45
N HIS CA 26 80.91 -40.94 44.30
CA HIS CA 26 81.45 -41.13 42.96
C HIS CA 26 81.52 -42.57 42.58
N GLU CA 27 81.06 -43.47 43.44
CA GLU CA 27 81.20 -44.90 43.19
C GLU CA 27 79.85 -45.56 42.91
N PHE CA 28 79.75 -46.20 41.75
CA PHE CA 28 78.50 -46.82 41.35
C PHE CA 28 78.70 -48.25 40.87
N GLN CA 29 77.65 -49.03 41.06
CA GLN CA 29 77.57 -50.40 40.59
C GLN CA 29 77.32 -50.48 39.08
N SER CA 30 76.48 -49.57 38.55
CA SER CA 30 76.13 -49.64 37.14
C SER CA 30 75.63 -48.28 36.62
N VAL CA 31 75.91 -48.03 35.33
CA VAL CA 31 75.52 -46.80 34.62
C VAL CA 31 74.83 -47.20 33.33
N SER CA 32 73.68 -46.58 33.00
CA SER CA 32 73.08 -46.88 31.69
C SER CA 32 72.33 -45.68 31.12
N GLY CA 33 72.12 -45.68 29.81
CA GLY CA 33 71.37 -44.63 29.14
C GLY CA 33 72.18 -43.72 28.22
N LEU CA 34 73.45 -44.03 27.98
CA LEU CA 34 74.27 -43.18 27.11
C LEU CA 34 74.06 -43.51 25.63
N SER CA 35 72.91 -43.10 25.09
CA SER CA 35 72.64 -43.37 23.67
C SER CA 35 71.78 -42.23 23.09
N VAL CA 36 71.48 -42.31 21.79
CA VAL CA 36 70.65 -41.31 21.09
C VAL CA 36 69.97 -41.83 19.83
N ASP CA 37 68.85 -41.21 19.38
CA ASP CA 37 68.12 -41.58 18.19
C ASP CA 37 67.48 -40.38 17.45
N ILE CA 38 67.11 -40.57 16.19
CA ILE CA 38 66.47 -39.48 15.43
C ILE CA 38 65.06 -39.86 14.98
N ASP CA 39 64.07 -39.08 15.41
CA ASP CA 39 62.70 -39.27 14.95
C ASP CA 39 62.60 -38.88 13.50
N THR CA 40 61.85 -39.67 12.72
CA THR CA 40 61.61 -39.42 11.31
C THR CA 40 60.13 -39.47 10.93
N GLU CA 41 59.83 -38.95 9.74
CA GLU CA 41 58.53 -39.02 9.07
C GLU CA 41 58.59 -39.59 7.68
N GLU CA 42 57.49 -40.21 7.24
CA GLU CA 42 57.44 -40.83 5.92
C GLU CA 42 56.55 -40.09 4.94
N PHE CA 43 56.88 -40.21 3.64
CA PHE CA 43 56.09 -39.64 2.56
C PHE CA 43 56.11 -40.47 1.28
N ALA CA 44 54.95 -40.66 0.67
CA ALA CA 44 54.87 -41.40 -0.59
C ALA CA 44 54.71 -40.43 -1.75
N GLU CA 45 55.62 -40.50 -2.70
CA GLU CA 45 55.60 -39.64 -3.87
C GLU CA 45 54.93 -40.38 -5.03
N GLY CA 46 53.90 -39.78 -5.62
CA GLY CA 46 53.25 -40.45 -6.73
C GLY CA 46 54.19 -40.69 -7.89
N GLY CA 47 54.20 -41.93 -8.40
CA GLY CA 47 55.07 -42.33 -9.49
C GLY CA 47 56.35 -43.02 -9.04
N GLU CA 48 56.70 -42.91 -7.79
CA GLU CA 48 57.88 -43.55 -7.28
C GLU CA 48 57.43 -44.78 -6.51
N ASN CA 49 57.59 -45.98 -7.07
CA ASN CA 49 57.10 -47.19 -6.43
C ASN CA 49 58.20 -48.06 -5.85
N ARG CA 50 59.44 -47.57 -5.78
CA ARG CA 50 60.50 -48.39 -5.24
C ARG CA 50 60.69 -48.24 -3.75
N PHE CA 51 60.30 -47.10 -3.17
CA PHE CA 51 60.50 -46.84 -1.75
C PHE CA 51 59.69 -45.62 -1.33
N LYS CA 52 59.54 -45.45 -0.03
CA LYS CA 52 58.98 -44.20 0.49
C LYS CA 52 60.11 -43.31 0.94
N HIS CA 53 59.86 -42.02 0.98
CA HIS CA 53 60.88 -41.08 1.45
C HIS CA 53 60.82 -40.99 2.97
N LYS CA 54 61.97 -40.73 3.59
CA LYS CA 54 62.03 -40.56 5.02
C LYS CA 54 62.75 -39.27 5.35
N PHE CA 55 62.24 -38.55 6.33
CA PHE CA 55 62.83 -37.28 6.70
C PHE CA 55 63.08 -37.22 8.19
N PRO CA 56 64.20 -36.65 8.64
CA PRO CA 56 64.46 -36.43 10.06
C PRO CA 56 63.64 -35.30 10.62
N VAL CA 57 63.34 -35.38 11.91
CA VAL CA 57 62.59 -34.33 12.61
C VAL CA 57 63.32 -33.87 13.88
N LYS CA 58 63.64 -34.80 14.80
CA LYS CA 58 64.23 -34.45 16.10
C LYS CA 58 65.24 -35.47 16.64
N THR CA 59 66.22 -34.96 17.38
CA THR CA 59 67.15 -35.82 18.11
C THR CA 59 66.60 -36.12 19.50
N LYS CA 60 66.69 -37.38 19.92
CA LYS CA 60 66.08 -37.85 21.15
C LYS CA 60 67.09 -38.58 22.07
N TYR CA 61 67.04 -38.31 23.37
CA TYR CA 61 67.90 -38.97 24.36
C TYR CA 61 67.07 -39.62 25.47
N PRO CA 62 67.48 -40.80 25.95
CA PRO CA 62 66.86 -41.48 27.11
C PRO CA 62 67.42 -40.94 28.43
N ASN CA 63 66.72 -41.22 29.53
CA ASN CA 63 67.20 -40.85 30.86
C ASN CA 63 68.44 -41.64 31.26
N LEU CA 64 69.23 -41.03 32.15
CA LEU CA 64 70.46 -41.63 32.67
C LEU CA 64 70.15 -42.35 33.98
N VAL CA 65 70.54 -43.61 34.08
CA VAL CA 65 70.22 -44.41 35.25
C VAL CA 65 71.47 -44.88 36.01
N LEU CA 66 71.50 -44.62 37.31
CA LEU CA 66 72.61 -44.99 38.19
C LEU CA 66 72.17 -45.94 39.30
N LYS CA 67 72.96 -46.98 39.58
CA LYS CA 67 72.69 -47.90 40.69
C LYS CA 67 73.90 -48.09 41.62
N ARG CA 68 73.61 -48.32 42.90
CA ARG CA 68 74.62 -48.59 43.94
C ARG CA 68 73.98 -49.17 45.20
N GLY CA 69 74.82 -49.64 46.12
CA GLY CA 69 74.32 -50.03 47.43
C GLY CA 69 73.86 -48.81 48.21
N VAL CA 70 72.91 -48.99 49.13
CA VAL CA 70 72.36 -47.86 49.89
C VAL CA 70 73.39 -47.13 50.73
N LEU CA 71 73.44 -45.80 50.56
CA LEU CA 71 74.29 -44.88 51.30
C LEU CA 71 73.40 -43.90 52.02
N VAL CA 72 73.56 -43.76 53.34
CA VAL CA 72 72.61 -42.99 54.15
C VAL CA 72 72.90 -41.46 54.15
N ASP CA 73 74.16 -41.00 53.95
CA ASP CA 73 74.44 -39.56 54.12
C ASP CA 73 74.73 -38.86 52.76
N SER CA 74 74.29 -39.44 51.66
CA SER CA 74 74.58 -38.95 50.31
C SER CA 74 74.18 -37.50 50.04
N LYS CA 75 75.05 -36.76 49.35
CA LYS CA 75 74.75 -35.37 48.95
C LYS CA 75 73.82 -35.36 47.76
N VAL CA 76 73.99 -36.35 46.88
CA VAL CA 76 73.17 -36.47 45.69
C VAL CA 76 71.74 -36.71 46.08
N ILE CA 77 71.52 -37.54 47.10
CA ILE CA 77 70.15 -37.79 47.52
C ILE CA 77 69.55 -36.54 48.15
N SER CA 78 70.30 -35.78 48.97
CA SER CA 78 69.73 -34.54 49.51
C SER CA 78 69.27 -33.60 48.39
N TRP CA 79 70.05 -33.53 47.31
CA TRP CA 79 69.69 -32.74 46.13
C TRP CA 79 68.41 -33.29 45.49
N CYS CA 80 68.31 -34.62 45.36
CA CYS CA 80 67.11 -35.23 44.81
C CYS CA 80 65.88 -34.91 45.66
N ARG CA 81 66.03 -34.96 46.99
CA ARG CA 81 64.88 -34.69 47.86
C ARG CA 81 64.36 -33.27 47.70
N ASP CA 82 65.23 -32.27 47.57
CA ASP CA 82 64.72 -30.89 47.40
C ASP CA 82 63.80 -30.79 46.18
N ALA CA 83 64.17 -31.44 45.08
CA ALA CA 83 63.30 -31.43 43.91
C ALA CA 83 62.02 -32.24 44.14
N ILE CA 84 62.17 -33.43 44.72
CA ILE CA 84 61.05 -34.36 44.88
C ILE CA 84 59.99 -33.81 45.84
N GLU CA 85 60.42 -33.29 46.99
CA GLU CA 85 59.51 -32.84 48.02
C GLU CA 85 59.02 -31.40 47.85
N ASP CA 86 59.86 -30.47 47.41
CA ASP CA 86 59.46 -29.07 47.35
C ASP CA 86 59.39 -28.44 45.96
N PHE CA 87 59.63 -29.18 44.87
CA PHE CA 87 59.68 -28.57 43.53
C PHE CA 87 60.75 -27.50 43.39
N GLU CA 88 61.83 -27.65 44.12
CA GLU CA 88 62.98 -26.79 43.95
C GLU CA 88 63.91 -27.47 42.98
N PHE CA 89 64.04 -26.92 41.78
CA PHE CA 89 64.89 -27.56 40.78
C PHE CA 89 66.12 -26.74 40.45
N LYS CA 90 67.28 -27.36 40.52
CA LYS CA 90 68.55 -26.71 40.19
C LYS CA 90 69.44 -27.69 39.46
N PRO CA 91 69.36 -27.69 38.12
CA PRO CA 91 70.08 -28.61 37.23
C PRO CA 91 71.59 -28.56 37.40
N ILE CA 92 72.24 -29.71 37.15
CA ILE CA 92 73.67 -29.89 37.33
C ILE CA 92 74.30 -30.48 36.07
N ASP CA 93 75.62 -30.44 35.99
CA ASP CA 93 76.28 -31.15 34.91
C ASP CA 93 77.01 -32.37 35.45
N LEU CA 94 77.34 -33.28 34.57
CA LEU CA 94 77.86 -34.55 35.04
C LEU CA 94 78.88 -35.06 34.04
N THR CA 95 79.85 -35.81 34.51
CA THR CA 95 80.84 -36.46 33.65
C THR CA 95 80.91 -37.95 33.87
N VAL CA 96 80.84 -38.72 32.79
CA VAL CA 96 81.00 -40.16 32.87
C VAL CA 96 82.35 -40.51 32.26
N LYS CA 97 83.19 -41.21 33.00
CA LYS CA 97 84.53 -41.51 32.51
C LYS CA 97 84.78 -43.01 32.39
N LEU CA 98 85.23 -43.46 31.22
CA LEU CA 98 85.65 -44.83 31.02
C LEU CA 98 87.18 -44.84 31.15
N LEU CA 99 87.73 -45.66 32.05
CA LEU CA 99 89.15 -45.57 32.40
C LEU CA 99 90.07 -46.66 31.84
N ASN CA 100 91.35 -46.30 31.68
CA ASN CA 100 92.42 -47.22 31.29
C ASN CA 100 93.16 -47.77 32.52
N GLU CA 101 94.23 -48.54 32.27
CA GLU CA 101 95.00 -49.21 33.33
C GLU CA 101 95.82 -48.27 34.22
N GLU CA 102 95.99 -47.01 33.83
CA GLU CA 102 96.69 -46.02 34.63
C GLU CA 102 95.69 -45.16 35.38
N HIS CA 103 94.43 -45.57 35.25
CA HIS CA 103 93.25 -44.97 35.81
C HIS CA 103 92.99 -43.59 35.23
N GLN CA 104 93.37 -43.38 33.98
CA GLN CA 104 93.12 -42.13 33.30
C GLN CA 104 92.03 -42.41 32.27
N PRO CA 105 91.27 -41.40 31.86
CA PRO CA 105 90.19 -41.61 30.88
C PRO CA 105 90.63 -42.09 29.50
N LEU CA 106 89.94 -43.12 28.99
CA LEU CA 106 90.02 -43.51 27.59
C LEU CA 106 89.13 -42.60 26.79
N MET CA 107 87.95 -42.36 27.35
CA MET CA 107 86.89 -41.60 26.72
C MET CA 107 85.91 -41.07 27.76
N THR CA 108 85.38 -39.85 27.54
CA THR CA 108 84.40 -39.35 28.49
C THR CA 108 83.15 -38.84 27.79
N TRP CA 109 82.07 -38.75 28.57
CA TRP CA 109 80.78 -38.21 28.16
C TRP CA 109 80.43 -37.02 29.02
N ASN CA 110 80.07 -35.93 28.36
CA ASN CA 110 79.69 -34.67 28.98
C ASN CA 110 78.17 -34.57 28.98
N VAL CA 111 77.54 -34.72 30.12
CA VAL CA 111 76.08 -34.73 30.24
C VAL CA 111 75.63 -33.36 30.73
N VAL CA 112 74.75 -32.71 29.96
CA VAL CA 112 74.42 -31.30 30.14
C VAL CA 112 73.01 -31.07 30.73
N HIS CA 113 72.96 -30.27 31.80
CA HIS CA 113 71.72 -29.74 32.43
C HIS CA 113 70.78 -30.83 32.96
N ALA CA 114 71.26 -31.64 33.89
CA ALA CA 114 70.50 -32.78 34.41
C ALA CA 114 69.72 -32.50 35.70
N TYR CA 115 68.58 -33.18 35.89
CA TYR CA 115 67.84 -33.05 37.14
C TYR CA 115 67.09 -34.34 37.49
N PRO CA 116 66.73 -34.55 38.76
CA PRO CA 116 66.14 -35.85 39.18
C PRO CA 116 64.68 -36.06 38.82
N VAL CA 117 64.36 -37.24 38.29
CA VAL CA 117 62.97 -37.60 38.04
C VAL CA 117 62.54 -38.84 38.78
N LYS CA 118 63.45 -39.62 39.35
CA LYS CA 118 63.07 -40.83 40.03
C LYS CA 118 64.05 -41.26 41.12
N TRP CA 119 63.53 -41.88 42.18
CA TRP CA 119 64.35 -42.44 43.25
C TRP CA 119 63.66 -43.63 43.89
N SER CA 120 64.36 -44.75 44.03
CA SER CA 120 63.75 -45.93 44.65
C SER CA 120 64.76 -46.85 45.32
N VAL CA 121 64.21 -47.72 46.19
CA VAL CA 121 65.01 -48.74 46.88
C VAL CA 121 64.26 -50.06 46.70
N GLU CA 122 65.00 -51.13 46.38
CA GLU CA 122 64.42 -52.44 46.13
C GLU CA 122 63.82 -53.09 47.38
N ASP CA 123 62.84 -53.98 47.14
CA ASP CA 123 62.06 -54.67 48.17
C ASP CA 123 62.88 -55.44 49.20
N PHE CA 124 62.37 -55.45 50.42
CA PHE CA 124 62.97 -56.17 51.52
C PHE CA 124 62.40 -57.57 51.56
N ASN CA 125 63.22 -58.55 51.93
CA ASN CA 125 62.75 -59.94 52.01
C ASN CA 125 63.45 -60.65 53.15
N ALA CA 126 62.66 -61.02 54.16
CA ALA CA 126 63.15 -61.65 55.37
C ALA CA 126 63.79 -63.01 55.15
N GLN CA 127 63.49 -63.66 54.03
CA GLN CA 127 63.99 -64.99 53.76
C GLN CA 127 65.11 -65.03 52.74
N GLU CA 128 65.69 -63.89 52.35
CA GLU CA 128 66.75 -63.91 51.35
C GLU CA 128 67.96 -63.15 51.86
N SER CA 129 69.15 -63.59 51.49
CA SER CA 129 70.38 -62.89 51.79
C SER CA 129 70.80 -61.97 50.67
N LYS CA 130 70.54 -60.67 50.82
CA LYS CA 130 70.78 -59.70 49.76
C LYS CA 130 71.17 -58.34 50.33
N MET CA 131 71.84 -57.55 49.50
CA MET CA 131 72.21 -56.18 49.82
C MET CA 131 71.08 -55.24 49.45
N ALA CA 132 70.88 -54.19 50.24
CA ALA CA 132 69.89 -53.19 49.88
C ALA CA 132 70.45 -52.31 48.76
N ILE CA 133 69.71 -52.21 47.65
CA ILE CA 133 70.14 -51.49 46.46
C ILE CA 133 69.28 -50.26 46.19
N GLU CA 134 69.96 -49.15 45.91
CA GLU CA 134 69.34 -47.87 45.63
C GLU CA 134 69.49 -47.53 44.13
N SER CA 135 68.47 -46.87 43.58
CA SER CA 135 68.45 -46.48 42.18
C SER CA 135 67.95 -45.05 41.93
N VAL CA 136 68.72 -44.30 41.12
CA VAL CA 136 68.43 -42.90 40.79
C VAL CA 136 68.41 -42.66 39.28
N GLU CA 137 67.36 -41.99 38.81
CA GLU CA 137 67.23 -41.67 37.40
C GLU CA 137 67.15 -40.17 37.14
N LEU CA 138 67.94 -39.69 36.17
CA LEU CA 138 68.05 -38.26 35.82
C LEU CA 138 67.66 -37.92 34.38
N SER CA 139 67.02 -36.77 34.21
CA SER CA 139 66.66 -36.27 32.89
C SER CA 139 67.74 -35.26 32.51
N TYR CA 140 68.09 -35.14 31.23
CA TYR CA 140 69.13 -34.19 30.79
C TYR CA 140 68.80 -33.75 29.37
N ASN CA 141 69.50 -32.73 28.87
CA ASN CA 141 69.17 -32.22 27.53
C ASN CA 141 69.90 -32.91 26.39
N TYR CA 142 71.20 -33.09 26.54
CA TYR CA 142 72.02 -33.72 25.51
C TYR CA 142 73.35 -34.09 26.12
N PHE CA 143 74.16 -34.78 25.33
CA PHE CA 143 75.53 -35.02 25.72
C PHE CA 143 76.47 -34.87 24.54
N LYS CA 144 77.73 -34.64 24.88
CA LYS CA 144 78.85 -34.53 23.95
C LYS CA 144 79.93 -35.50 24.37
N THR CA 145 80.78 -35.92 23.46
CA THR CA 145 81.88 -36.79 23.87
C THR CA 145 83.23 -36.17 23.60
N ILE CA 146 84.18 -36.57 24.43
CA ILE CA 146 85.56 -36.13 24.32
C ILE CA 146 86.47 -37.35 24.28
N VAL CA 147 87.29 -37.42 23.23
CA VAL CA 147 88.18 -38.54 23.01
C VAL CA 147 89.11 -38.23 21.84
N THR DA 3 74.03 -74.42 -2.65
CA THR DA 3 74.88 -74.98 -3.68
C THR DA 3 74.95 -76.48 -3.46
N TYR DA 4 76.00 -77.21 -3.80
CA TYR DA 4 75.99 -78.58 -3.38
C TYR DA 4 76.26 -78.58 -1.88
N TYR DA 5 77.27 -77.83 -1.46
CA TYR DA 5 77.53 -77.49 -0.07
C TYR DA 5 77.40 -75.96 0.05
N PRO DA 6 76.34 -75.48 0.67
CA PRO DA 6 76.12 -74.03 0.85
C PRO DA 6 77.21 -73.41 1.70
N PRO DA 7 77.51 -72.11 1.49
CA PRO DA 7 78.56 -71.37 2.24
C PRO DA 7 78.16 -71.02 3.66
N SER DA 8 79.15 -70.81 4.53
CA SER DA 8 78.84 -70.33 5.87
C SER DA 8 78.75 -68.81 5.89
N SER DA 9 78.37 -68.26 7.03
CA SER DA 9 78.10 -66.83 7.17
C SER DA 9 79.08 -66.05 8.03
N PHE DA 10 80.22 -66.62 8.42
CA PHE DA 10 81.11 -65.91 9.35
C PHE DA 10 82.29 -65.17 8.72
N HIS DA 11 82.34 -64.99 7.40
CA HIS DA 11 83.47 -64.30 6.79
C HIS DA 11 82.96 -63.27 5.78
N PHE DA 12 83.09 -61.99 6.13
CA PHE DA 12 82.51 -60.87 5.39
C PHE DA 12 83.24 -59.54 5.65
N LEU DA 13 82.97 -58.54 4.78
CA LEU DA 13 83.62 -57.22 4.82
C LEU DA 13 82.63 -56.06 4.60
N VAL DA 14 82.74 -54.96 5.34
CA VAL DA 14 81.86 -53.79 5.14
C VAL DA 14 82.70 -52.60 4.68
N GLU DA 15 82.39 -52.03 3.51
CA GLU DA 15 83.15 -50.88 3.00
C GLU DA 15 82.26 -49.67 2.74
N PHE DA 16 82.81 -48.50 2.97
CA PHE DA 16 82.08 -47.25 2.88
C PHE DA 16 82.66 -46.39 1.75
N THR DA 17 81.81 -45.68 1.04
CA THR DA 17 82.19 -44.70 0.02
C THR DA 17 81.80 -43.28 0.38
N GLY DA 18 82.78 -42.39 0.46
CA GLY DA 18 82.55 -40.99 0.82
C GLY DA 18 83.14 -40.61 2.17
N ILE DA 19 83.69 -41.59 2.88
CA ILE DA 19 84.31 -41.44 4.19
C ILE DA 19 85.75 -41.91 4.03
N ASP DA 20 86.71 -41.14 4.58
CA ASP DA 20 88.13 -41.54 4.53
C ASP DA 20 88.30 -42.96 5.05
N ALA DA 21 89.07 -43.77 4.35
CA ALA DA 21 89.22 -45.16 4.78
C ALA DA 21 90.30 -45.36 5.83
N LYS DA 22 90.00 -46.26 6.76
CA LYS DA 22 90.89 -46.77 7.78
C LYS DA 22 90.58 -48.26 7.89
N ASN DA 23 91.60 -49.09 8.12
CA ASN DA 23 91.33 -50.51 8.21
C ASN DA 23 90.44 -50.86 9.40
N ASN DA 24 90.52 -50.08 10.48
CA ASN DA 24 89.72 -50.39 11.65
C ASN DA 24 88.25 -50.06 11.49
N ASP DA 25 87.84 -49.38 10.42
CA ASP DA 25 86.42 -49.14 10.21
C ASP DA 25 85.80 -50.15 9.24
N HIS DA 26 86.55 -51.13 8.78
CA HIS DA 26 85.97 -52.12 7.89
C HIS DA 26 85.69 -53.43 8.59
N GLU DA 27 85.96 -53.51 9.88
CA GLU DA 27 85.81 -54.76 10.62
C GLU DA 27 84.64 -54.72 11.59
N PHE DA 28 83.71 -55.67 11.43
CA PHE DA 28 82.53 -55.69 12.28
C PHE DA 28 82.26 -57.08 12.84
N GLN DA 29 81.64 -57.06 14.02
CA GLN DA 29 81.20 -58.27 14.70
C GLN DA 29 79.95 -58.87 14.04
N SER DA 30 79.01 -58.01 13.60
CA SER DA 30 77.76 -58.50 13.06
C SER DA 30 77.09 -57.46 12.14
N VAL DA 31 76.38 -57.97 11.13
CA VAL DA 31 75.64 -57.16 10.15
C VAL DA 31 74.21 -57.68 10.05
N SER DA 32 73.22 -56.80 10.06
CA SER DA 32 71.85 -57.30 9.87
C SER DA 32 70.96 -56.29 9.15
N GLY DA 33 69.87 -56.77 8.55
CA GLY DA 33 68.92 -55.89 7.88
C GLY DA 33 68.86 -56.00 6.36
N LEU DA 34 69.57 -56.96 5.77
CA LEU DA 34 69.54 -57.09 4.32
C LEU DA 34 68.34 -57.89 3.83
N SER DA 35 67.15 -57.26 3.87
CA SER DA 35 65.95 -57.94 3.41
C SER DA 35 64.98 -56.91 2.80
N VAL DA 36 63.83 -57.40 2.29
CA VAL DA 36 62.79 -56.54 1.68
C VAL DA 36 61.40 -57.16 1.70
N ASP DA 37 60.32 -56.33 1.63
CA ASP DA 37 58.93 -56.77 1.60
C ASP DA 37 58.01 -55.88 0.75
N ILE DA 38 56.83 -56.40 0.38
CA ILE DA 38 55.90 -55.59 -0.42
C ILE DA 38 54.58 -55.39 0.32
N ASP DA 39 54.22 -54.13 0.56
CA ASP DA 39 52.93 -53.80 1.15
C ASP DA 39 51.84 -54.08 0.14
N THR DA 40 50.73 -54.65 0.63
CA THR DA 40 49.56 -54.97 -0.17
C THR DA 40 48.25 -54.44 0.42
N GLU DA 41 47.22 -54.42 -0.41
CA GLU DA 41 45.83 -54.12 -0.05
C GLU DA 41 44.85 -55.20 -0.47
N GLU DA 42 43.74 -55.32 0.27
CA GLU DA 42 42.75 -56.34 -0.02
C GLU DA 42 41.44 -55.78 -0.58
N PHE DA 43 40.75 -56.60 -1.38
CA PHE DA 43 39.44 -56.25 -1.93
C PHE DA 43 38.51 -57.45 -2.09
N ALA DA 44 37.26 -57.29 -1.69
CA ALA DA 44 36.28 -58.36 -1.87
C ALA DA 44 35.37 -58.05 -3.04
N GLU DA 45 35.33 -58.97 -4.00
CA GLU DA 45 34.50 -58.82 -5.19
C GLU DA 45 33.19 -59.56 -4.98
N GLY DA 46 32.07 -58.86 -5.17
CA GLY DA 46 30.79 -59.53 -4.99
C GLY DA 46 30.62 -60.69 -5.96
N GLY DA 47 30.20 -61.84 -5.44
CA GLY DA 47 30.02 -63.05 -6.22
C GLY DA 47 31.21 -64.00 -6.19
N GLU DA 48 32.34 -63.54 -5.76
CA GLU DA 48 33.52 -64.38 -5.69
C GLU DA 48 33.70 -64.75 -4.21
N ASN DA 49 33.37 -65.98 -3.83
CA ASN DA 49 33.43 -66.37 -2.42
C ASN DA 49 34.58 -67.31 -2.11
N ARG DA 50 35.51 -67.52 -3.04
CA ARG DA 50 36.61 -68.42 -2.77
C ARG DA 50 37.83 -67.74 -2.15
N PHE DA 51 38.00 -66.44 -2.38
CA PHE DA 51 39.17 -65.73 -1.88
C PHE DA 51 38.94 -64.22 -2.03
N LYS DA 52 39.78 -63.45 -1.34
CA LYS DA 52 39.80 -62.01 -1.57
C LYS DA 52 40.96 -61.69 -2.50
N HIS DA 53 40.87 -60.58 -3.21
CA HIS DA 53 41.94 -60.17 -4.10
C HIS DA 53 42.98 -59.41 -3.30
N LYS DA 54 44.24 -59.50 -3.72
CA LYS DA 54 45.31 -58.77 -3.08
C LYS DA 54 46.11 -58.01 -4.12
N PHE DA 55 46.48 -56.79 -3.80
CA PHE DA 55 47.21 -55.96 -4.74
C PHE DA 55 48.45 -55.39 -4.09
N PRO DA 56 49.57 -55.30 -4.80
CA PRO DA 56 50.78 -54.65 -4.30
C PRO DA 56 50.64 -53.15 -4.32
N VAL DA 57 51.36 -52.49 -3.39
CA VAL DA 57 51.38 -51.04 -3.31
C VAL DA 57 52.81 -50.49 -3.29
N LYS DA 58 53.66 -50.94 -2.35
CA LYS DA 58 55.02 -50.40 -2.19
C LYS DA 58 56.07 -51.43 -1.74
N THR DA 59 57.30 -51.20 -2.18
CA THR DA 59 58.43 -51.99 -1.71
C THR DA 59 59.03 -51.33 -0.47
N LYS DA 60 59.33 -52.14 0.54
CA LYS DA 60 59.78 -51.67 1.84
C LYS DA 60 61.10 -52.30 2.30
N TYR DA 61 62.02 -51.52 2.86
CA TYR DA 61 63.29 -52.01 3.38
C TYR DA 61 63.48 -51.60 4.85
N PRO DA 62 64.06 -52.48 5.67
CA PRO DA 62 64.44 -52.19 7.07
C PRO DA 62 65.79 -51.48 7.15
N ASN DA 63 66.08 -50.87 8.31
CA ASN DA 63 67.38 -50.23 8.53
C ASN DA 63 68.50 -51.26 8.62
N LEU DA 64 69.71 -50.80 8.29
CA LEU DA 64 70.92 -51.62 8.33
C LEU DA 64 71.60 -51.45 9.68
N VAL DA 65 71.91 -52.55 10.35
CA VAL DA 65 72.49 -52.49 11.70
C VAL DA 65 73.88 -53.13 11.75
N LEU DA 66 74.84 -52.37 12.28
CA LEU DA 66 76.22 -52.81 12.43
C LEU DA 66 76.68 -52.82 13.89
N LYS DA 67 77.40 -53.88 14.30
CA LYS DA 67 77.96 -53.95 15.65
C LYS DA 67 79.45 -54.28 15.65
N ARG DA 68 80.16 -53.76 16.66
CA ARG DA 68 81.60 -54.00 16.87
C ARG DA 68 82.03 -53.58 18.28
N GLY DA 69 83.26 -53.94 18.65
CA GLY DA 69 83.83 -53.41 19.89
C GLY DA 69 84.12 -51.93 19.75
N VAL DA 70 84.10 -51.20 20.87
CA VAL DA 70 84.29 -49.74 20.83
C VAL DA 70 85.66 -49.33 20.27
N LEU DA 71 85.62 -48.43 19.28
CA LEU DA 71 86.78 -47.83 18.64
C LEU DA 71 86.71 -46.33 18.86
N VAL DA 72 87.77 -45.73 19.40
CA VAL DA 72 87.71 -44.33 19.83
C VAL DA 72 87.98 -43.32 18.69
N ASP DA 73 88.73 -43.68 17.62
CA ASP DA 73 89.09 -42.65 16.61
C ASP DA 73 88.36 -42.85 15.26
N SER DA 74 87.24 -43.56 15.28
CA SER DA 74 86.50 -43.91 14.07
C SER DA 74 86.09 -42.74 13.18
N LYS DA 75 86.24 -42.92 11.85
CA LYS DA 75 85.79 -41.90 10.91
C LYS DA 75 84.29 -41.96 10.72
N VAL DA 76 83.75 -43.17 10.80
CA VAL DA 76 82.32 -43.38 10.66
C VAL DA 76 81.59 -42.69 11.77
N ILE DA 77 82.13 -42.77 12.99
CA ILE DA 77 81.46 -42.09 14.09
C ILE DA 77 81.54 -40.58 13.94
N SER DA 78 82.68 -40.02 13.50
CA SER DA 78 82.71 -38.57 13.26
C SER DA 78 81.63 -38.13 12.29
N TRP DA 79 81.41 -38.92 11.23
CA TRP DA 79 80.34 -38.67 10.28
C TRP DA 79 78.97 -38.74 10.95
N CYS DA 80 78.76 -39.75 11.80
CA CYS DA 80 77.51 -39.86 12.53
C CYS DA 80 77.26 -38.65 13.41
N ARG DA 81 78.31 -38.18 14.11
CA ARG DA 81 78.15 -37.03 15.00
C ARG DA 81 77.72 -35.77 14.26
N ASP DA 82 78.27 -35.49 13.08
CA ASP DA 82 77.85 -34.28 12.34
C ASP DA 82 76.34 -34.28 12.09
N ALA DA 83 75.80 -35.44 11.72
CA ALA DA 83 74.35 -35.53 11.52
C ALA DA 83 73.59 -35.41 12.85
N ILE DA 84 74.05 -36.12 13.88
CA ILE DA 84 73.35 -36.19 15.16
C ILE DA 84 73.32 -34.85 15.88
N GLU DA 85 74.46 -34.17 15.93
CA GLU DA 85 74.58 -32.93 16.68
C GLU DA 85 74.18 -31.69 15.90
N ASP DA 86 74.49 -31.59 14.61
CA ASP DA 86 74.22 -30.36 13.87
C ASP DA 86 73.20 -30.46 12.74
N PHE DA 87 72.56 -31.60 12.50
CA PHE DA 87 71.66 -31.76 11.35
C PHE DA 87 72.35 -31.53 10.01
N GLU DA 88 73.62 -31.86 9.94
CA GLU DA 88 74.34 -31.85 8.69
C GLU DA 88 74.27 -33.24 8.11
N PHE DA 89 73.52 -33.41 7.03
CA PHE DA 89 73.37 -34.74 6.46
C PHE DA 89 74.02 -34.87 5.10
N LYS DA 90 74.86 -35.89 4.94
CA LYS DA 90 75.54 -36.15 3.68
C LYS DA 90 75.60 -37.64 3.44
N PRO DA 91 74.59 -38.19 2.76
CA PRO DA 91 74.42 -39.63 2.51
C PRO DA 91 75.60 -40.26 1.77
N ILE DA 92 75.83 -41.55 2.05
CA ILE DA 92 76.95 -42.31 1.51
C ILE DA 92 76.47 -43.61 0.88
N ASP DA 93 77.35 -44.26 0.11
CA ASP DA 93 77.00 -45.60 -0.36
C ASP DA 93 77.84 -46.63 0.37
N LEU DA 94 77.41 -47.87 0.31
CA LEU DA 94 78.05 -48.87 1.12
C LEU DA 94 78.04 -50.19 0.37
N THR DA 95 79.02 -51.04 0.63
CA THR DA 95 79.07 -52.38 0.06
C THR DA 95 79.22 -53.44 1.12
N VAL DA 96 78.38 -54.46 1.07
CA VAL DA 96 78.48 -55.60 1.98
C VAL DA 96 78.98 -56.78 1.16
N LYS DA 97 80.07 -57.40 1.59
CA LYS DA 97 80.65 -58.50 0.82
C LYS DA 97 80.66 -59.80 1.60
N LEU DA 98 80.14 -60.87 1.02
CA LEU DA 98 80.23 -62.20 1.59
C LEU DA 98 81.38 -62.90 0.87
N LEU DA 99 82.38 -63.40 1.61
CA LEU DA 99 83.63 -63.87 1.00
C LEU DA 99 83.83 -65.39 0.93
N ASN DA 100 84.62 -65.80 -0.07
CA ASN DA 100 85.06 -67.19 -0.24
C ASN DA 100 86.43 -67.44 0.41
N GLU DA 101 86.97 -68.65 0.22
CA GLU DA 101 88.23 -69.07 0.83
C GLU DA 101 89.48 -68.37 0.28
N GLU DA 102 89.36 -67.67 -0.85
CA GLU DA 102 90.46 -66.92 -1.42
C GLU DA 102 90.33 -65.47 -1.06
N HIS DA 103 89.35 -65.22 -0.20
CA HIS DA 103 88.95 -63.93 0.33
C HIS DA 103 88.41 -63.02 -0.76
N GLN DA 104 87.79 -63.59 -1.77
CA GLN DA 104 87.17 -62.82 -2.83
C GLN DA 104 85.68 -62.95 -2.65
N PRO DA 105 84.88 -61.99 -3.13
CA PRO DA 105 83.41 -62.05 -2.98
C PRO DA 105 82.73 -63.23 -3.64
N LEU DA 106 81.85 -63.90 -2.88
CA LEU DA 106 80.88 -64.84 -3.43
C LEU DA 106 79.73 -64.07 -3.99
N MET DA 107 79.31 -63.06 -3.23
CA MET DA 107 78.15 -62.25 -3.52
C MET DA 107 78.23 -60.92 -2.79
N THR DA 108 77.76 -59.83 -3.43
CA THR DA 108 77.76 -58.56 -2.73
C THR DA 108 76.39 -57.86 -2.79
N TRP DA 109 76.22 -56.93 -1.86
CA TRP DA 109 75.04 -56.08 -1.77
C TRP DA 109 75.46 -54.62 -1.90
N ASN DA 110 74.78 -53.91 -2.77
CA ASN DA 110 75.00 -52.51 -3.06
C ASN DA 110 73.94 -51.69 -2.34
N VAL DA 111 74.32 -50.99 -1.28
CA VAL DA 111 73.38 -50.23 -0.45
C VAL DA 111 73.46 -48.77 -0.86
N VAL DA 112 72.33 -48.19 -1.24
CA VAL DA 112 72.29 -46.88 -1.88
C VAL DA 112 71.73 -45.77 -0.98
N HIS DA 113 72.49 -44.66 -0.88
CA HIS DA 113 72.10 -43.39 -0.25
C HIS DA 113 71.77 -43.51 1.25
N ALA DA 114 72.74 -43.96 2.04
CA ALA DA 114 72.52 -44.21 3.47
C ALA DA 114 72.92 -43.06 4.39
N TYR DA 115 72.23 -42.93 5.53
CA TYR DA 115 72.63 -41.92 6.53
C TYR DA 115 72.29 -42.39 7.95
N PRO DA 116 72.94 -41.81 8.98
CA PRO DA 116 72.78 -42.31 10.36
C PRO DA 116 71.50 -41.91 11.07
N VAL DA 117 70.85 -42.88 11.72
CA VAL DA 117 69.67 -42.59 12.54
C VAL DA 117 69.86 -42.99 13.98
N LYS DA 118 70.88 -43.77 14.32
CA LYS DA 118 71.04 -44.20 15.69
C LYS DA 118 72.49 -44.52 16.07
N TRP DA 119 72.86 -44.28 17.32
CA TRP DA 119 74.19 -44.63 17.83
C TRP DA 119 74.11 -44.91 19.32
N SER DA 120 74.65 -46.05 19.76
CA SER DA 120 74.62 -46.37 21.19
C SER DA 120 75.77 -47.26 21.64
N VAL DA 121 75.97 -47.27 22.97
CA VAL DA 121 76.98 -48.13 23.60
C VAL DA 121 76.28 -48.84 24.75
N GLU DA 122 76.53 -50.14 24.89
CA GLU DA 122 75.88 -50.96 25.92
C GLU DA 122 76.34 -50.61 27.34
N ASP DA 123 75.45 -50.91 28.31
CA ASP DA 123 75.61 -50.59 29.73
C ASP DA 123 76.89 -51.13 30.36
N PHE DA 124 77.40 -50.36 31.30
CA PHE DA 124 78.58 -50.71 32.07
C PHE DA 124 78.15 -51.48 33.30
N ASN DA 125 78.95 -52.45 33.72
CA ASN DA 125 78.62 -53.24 34.92
C ASN DA 125 79.91 -53.61 35.64
N ALA DA 126 80.06 -53.07 36.84
CA ALA DA 126 81.24 -53.25 37.66
C ALA DA 126 81.48 -54.69 38.10
N GLN DA 127 80.44 -55.53 38.07
CA GLN DA 127 80.54 -56.89 38.53
C GLN DA 127 80.60 -57.92 37.41
N GLU DA 128 80.77 -57.51 36.15
CA GLU DA 128 80.80 -58.48 35.06
C GLU DA 128 82.04 -58.27 34.21
N SER DA 129 82.58 -59.35 33.68
CA SER DA 129 83.69 -59.29 32.74
C SER DA 129 83.22 -59.30 31.30
N LYS DA 130 83.19 -58.12 30.67
CA LYS DA 130 82.64 -57.97 29.33
C LYS DA 130 83.37 -56.88 28.55
N MET DA 131 83.28 -56.98 27.23
CA MET DA 131 83.82 -55.98 26.32
C MET DA 131 82.80 -54.88 26.09
N ALA DA 132 83.27 -53.64 25.95
CA ALA DA 132 82.36 -52.56 25.60
C ALA DA 132 81.99 -52.66 24.12
N ILE DA 133 80.68 -52.71 23.85
CA ILE DA 133 80.16 -52.89 22.49
C ILE DA 133 79.41 -51.66 22.00
N GLU DA 134 79.73 -51.29 20.75
CA GLU DA 134 79.15 -50.14 20.07
C GLU DA 134 78.20 -50.60 18.97
N SER DA 135 77.11 -49.84 18.76
CA SER DA 135 76.12 -50.16 17.75
C SER DA 135 75.64 -48.95 16.94
N VAL DA 136 75.63 -49.11 15.61
CA VAL DA 136 75.26 -48.05 14.66
C VAL DA 136 74.17 -48.52 13.68
N GLU DA 137 73.13 -47.71 13.53
CA GLU DA 137 72.02 -48.02 12.63
C GLU DA 137 71.86 -46.96 11.55
N LEU DA 138 71.74 -47.41 10.29
CA LEU DA 138 71.61 -46.54 9.11
C LEU DA 138 70.33 -46.72 8.30
N SER DA 139 69.81 -45.60 7.79
CA SER DA 139 68.63 -45.64 6.92
C SER DA 139 69.15 -45.55 5.49
N TYR DA 140 68.49 -46.21 4.53
CA TYR DA 140 68.94 -46.19 3.13
C TYR DA 140 67.71 -46.31 2.23
N ASN DA 141 67.88 -46.11 0.92
CA ASN DA 141 66.71 -46.13 0.03
C ASN DA 141 66.39 -47.51 -0.51
N TYR DA 142 67.40 -48.23 -1.00
CA TYR DA 142 67.20 -49.55 -1.57
C TYR DA 142 68.56 -50.21 -1.69
N PHE DA 143 68.53 -51.48 -2.10
CA PHE DA 143 69.75 -52.16 -2.45
C PHE DA 143 69.57 -53.02 -3.68
N LYS DA 144 70.71 -53.31 -4.31
CA LYS DA 144 70.82 -54.20 -5.46
C LYS DA 144 71.84 -55.27 -5.16
N THR DA 145 71.78 -56.40 -5.83
CA THR DA 145 72.80 -57.41 -5.62
C THR DA 145 73.57 -57.72 -6.87
N ILE DA 146 74.82 -58.11 -6.65
CA ILE DA 146 75.72 -58.52 -7.72
C ILE DA 146 76.28 -59.90 -7.42
N VAL DA 147 76.10 -60.81 -8.37
CA VAL DA 147 76.52 -62.19 -8.22
C VAL DA 147 76.35 -62.92 -9.55
N THR EA 3 61.94 -38.96 -47.32
CA THR EA 3 63.04 -38.08 -46.99
C THR EA 3 62.66 -36.65 -46.86
N TYR EA 4 62.96 -36.08 -45.70
CA TYR EA 4 62.68 -34.69 -45.45
C TYR EA 4 64.00 -34.05 -45.12
N LYS EA 5 64.15 -32.78 -45.46
CA LYS EA 5 65.39 -32.09 -45.17
C LYS EA 5 65.24 -30.91 -44.22
N THR EA 6 64.08 -30.28 -44.20
CA THR EA 6 63.85 -29.10 -43.39
C THR EA 6 62.86 -29.44 -42.27
N PRO EA 7 63.17 -29.14 -41.01
CA PRO EA 7 62.27 -29.38 -39.89
C PRO EA 7 60.93 -28.71 -40.15
N GLY EA 8 59.84 -29.39 -39.86
CA GLY EA 8 58.55 -28.81 -40.12
C GLY EA 8 57.44 -29.81 -40.01
N VAL EA 9 56.23 -29.36 -40.32
CA VAL EA 9 55.04 -30.18 -40.28
C VAL EA 9 54.62 -30.49 -41.71
N TYR EA 10 54.50 -31.75 -42.02
CA TYR EA 10 54.15 -32.17 -43.36
C TYR EA 10 52.85 -32.94 -43.36
N ILE EA 11 52.11 -32.81 -44.44
CA ILE EA 11 50.86 -33.52 -44.64
C ILE EA 11 51.02 -34.45 -45.81
N GLU EA 12 50.74 -35.73 -45.62
CA GLU EA 12 50.92 -36.70 -46.68
C GLU EA 12 49.66 -37.52 -46.90
N GLU EA 13 49.36 -37.81 -48.16
CA GLU EA 13 48.22 -38.65 -48.53
C GLU EA 13 48.51 -40.12 -48.28
N ILE EA 14 49.71 -40.57 -48.62
CA ILE EA 14 50.07 -41.97 -48.52
C ILE EA 14 51.25 -42.18 -47.62
N THR EA 15 51.05 -42.96 -46.56
CA THR EA 15 52.11 -43.24 -45.63
C THR EA 15 52.14 -44.73 -45.33
N LYS EA 16 53.25 -45.17 -44.74
CA LYS EA 16 53.41 -46.54 -44.28
C LYS EA 16 53.25 -46.55 -42.78
N PHE EA 17 52.64 -47.59 -42.26
CA PHE EA 17 52.43 -47.68 -40.84
C PHE EA 17 53.32 -48.77 -40.26
N PRO EA 18 53.73 -48.63 -38.99
CA PRO EA 18 54.52 -49.59 -38.18
C PRO EA 18 53.72 -50.62 -37.36
N PRO EA 19 53.17 -51.69 -37.93
CA PRO EA 19 52.48 -52.72 -37.15
C PRO EA 19 53.57 -53.44 -36.40
N SER EA 20 53.26 -54.06 -35.27
CA SER EA 20 54.32 -54.76 -34.55
C SER EA 20 53.94 -55.87 -33.58
N VAL EA 21 52.77 -55.79 -32.95
CA VAL EA 21 52.43 -56.76 -31.93
C VAL EA 21 51.31 -57.70 -32.34
N ALA EA 22 51.64 -58.99 -32.38
CA ALA EA 22 50.68 -60.02 -32.68
C ALA EA 22 50.09 -60.52 -31.37
N GLN EA 23 48.89 -61.06 -31.44
CA GLN EA 23 48.26 -61.63 -30.25
C GLN EA 23 47.42 -62.80 -30.72
N VAL EA 24 47.05 -63.68 -29.81
CA VAL EA 24 46.23 -64.81 -30.19
C VAL EA 24 44.78 -64.41 -30.36
N GLU EA 25 44.23 -64.75 -31.51
CA GLU EA 25 42.85 -64.50 -31.86
C GLU EA 25 42.29 -65.75 -32.49
N THR EA 26 40.97 -65.89 -32.48
CA THR EA 26 40.31 -67.07 -33.03
C THR EA 26 39.67 -66.89 -34.40
N ALA EA 27 39.43 -65.66 -34.85
CA ALA EA 27 38.78 -65.41 -36.14
C ALA EA 27 39.79 -64.91 -37.18
N ILE EA 28 40.68 -65.75 -37.70
CA ILE EA 28 41.68 -65.27 -38.64
C ILE EA 28 41.51 -65.94 -39.99
N PRO EA 29 40.96 -65.25 -40.97
CA PRO EA 29 40.76 -65.82 -42.28
C PRO EA 29 41.98 -65.74 -43.14
N ALA EA 30 42.04 -66.65 -44.10
CA ALA EA 30 42.94 -66.52 -45.20
C ALA EA 30 42.10 -66.31 -46.46
N PHE EA 31 42.55 -65.41 -47.32
CA PHE EA 31 41.86 -65.11 -48.56
C PHE EA 31 42.74 -65.47 -49.75
N ILE EA 32 42.30 -66.42 -50.55
CA ILE EA 32 43.09 -66.88 -51.70
C ILE EA 32 42.47 -66.41 -53.03
N GLY EA 33 43.21 -65.62 -53.82
CA GLY EA 33 42.66 -65.09 -55.09
C GLY EA 33 43.61 -64.18 -55.90
N TYR EA 34 43.08 -63.38 -56.83
CA TYR EA 34 43.95 -62.56 -57.69
C TYR EA 34 44.07 -61.10 -57.26
N THR EA 35 45.23 -60.48 -57.50
CA THR EA 35 45.44 -59.06 -57.17
C THR EA 35 46.05 -58.24 -58.34
N GLN EA 36 46.08 -56.92 -58.19
CA GLN EA 36 46.64 -56.07 -59.23
C GLN EA 36 48.13 -56.30 -59.42
N PHE EA 37 48.86 -56.44 -58.32
CA PHE EA 37 50.29 -56.65 -58.27
C PHE EA 37 50.63 -57.40 -56.99
N ALA EA 38 51.90 -57.72 -56.80
CA ALA EA 38 52.29 -58.48 -55.63
C ALA EA 38 53.74 -58.20 -55.26
N ARG EA 39 54.04 -57.01 -54.75
CA ARG EA 39 55.44 -56.69 -54.56
C ARG EA 39 55.84 -56.25 -53.15
N THR EA 40 56.94 -56.82 -52.69
CA THR EA 40 57.51 -56.54 -51.37
C THR EA 40 57.88 -55.09 -51.23
N LYS EA 41 58.52 -54.56 -52.25
CA LYS EA 41 58.94 -53.18 -52.22
C LYS EA 41 57.96 -52.31 -53.02
N PRO EA 42 57.33 -51.33 -52.37
CA PRO EA 42 56.35 -50.42 -52.98
C PRO EA 42 56.80 -49.81 -54.30
N SER EA 43 58.10 -49.59 -54.51
CA SER EA 43 58.53 -48.97 -55.75
C SER EA 43 59.52 -49.77 -56.59
N VAL EA 44 59.22 -51.05 -56.85
CA VAL EA 44 60.02 -51.84 -57.79
C VAL EA 44 59.06 -52.41 -58.83
N ASP EA 45 59.59 -52.89 -59.95
CA ASP EA 45 58.69 -53.45 -60.95
C ASP EA 45 58.34 -54.93 -60.71
N SER EA 46 59.20 -55.67 -60.00
CA SER EA 46 58.99 -57.09 -59.78
C SER EA 46 57.86 -57.44 -58.82
N ASP EA 47 57.15 -58.54 -59.14
CA ASP EA 47 56.16 -59.17 -58.27
C ASP EA 47 56.81 -60.37 -57.58
N ASP EA 48 56.83 -60.36 -56.25
CA ASP EA 48 57.50 -61.42 -55.51
C ASP EA 48 56.73 -61.92 -54.27
N LEU EA 49 55.51 -61.45 -54.07
CA LEU EA 49 54.68 -61.87 -52.95
C LEU EA 49 53.59 -62.84 -53.35
N ILE EA 50 53.56 -63.31 -54.58
CA ILE EA 50 52.37 -64.03 -55.02
C ILE EA 50 52.06 -65.26 -54.15
N LEU EA 51 53.02 -66.16 -54.00
CA LEU EA 51 52.73 -67.34 -53.20
C LEU EA 51 53.38 -67.27 -51.83
N LYS EA 52 53.50 -66.06 -51.30
CA LYS EA 52 54.09 -65.86 -49.98
C LYS EA 52 53.03 -65.27 -49.06
N PRO EA 53 52.33 -66.05 -48.24
CA PRO EA 53 51.25 -65.55 -47.40
C PRO EA 53 51.72 -64.38 -46.57
N LYS EA 54 50.93 -63.33 -46.54
CA LYS EA 54 51.32 -62.13 -45.80
C LYS EA 54 50.23 -61.66 -44.87
N ARG EA 55 50.64 -61.13 -43.73
CA ARG EA 55 49.75 -60.56 -42.73
C ARG EA 55 49.44 -59.10 -43.01
N ILE EA 56 48.14 -58.80 -43.09
CA ILE EA 56 47.56 -57.48 -43.38
C ILE EA 56 46.70 -57.00 -42.20
N SER EA 57 46.87 -55.75 -41.75
CA SER EA 57 46.07 -55.24 -40.64
C SER EA 57 44.88 -54.43 -41.11
N SER EA 58 44.98 -53.79 -42.28
CA SER EA 58 43.89 -52.96 -42.80
C SER EA 58 44.00 -52.85 -44.31
N LEU EA 59 43.06 -52.14 -44.94
CA LEU EA 59 43.07 -51.86 -46.38
C LEU EA 59 44.26 -51.01 -46.73
N LEU EA 60 44.72 -50.24 -45.75
CA LEU EA 60 45.90 -49.41 -45.91
C LEU EA 60 47.15 -50.23 -46.17
N ASP EA 61 47.18 -51.48 -45.74
CA ASP EA 61 48.36 -52.28 -46.03
C ASP EA 61 48.13 -52.98 -47.34
N PHE EA 62 46.91 -53.46 -47.56
CA PHE EA 62 46.62 -54.22 -48.78
C PHE EA 62 46.95 -53.40 -50.02
N THR EA 63 46.50 -52.15 -50.01
CA THR EA 63 46.69 -51.20 -51.09
C THR EA 63 48.15 -50.92 -51.45
N THR EA 64 49.11 -51.19 -50.57
CA THR EA 64 50.50 -50.89 -50.89
C THR EA 64 51.28 -52.10 -51.36
N TYR EA 65 50.70 -53.29 -51.32
CA TYR EA 65 51.42 -54.49 -51.74
C TYR EA 65 50.72 -55.21 -52.86
N TYR EA 66 49.40 -55.12 -52.86
CA TYR EA 66 48.56 -55.81 -53.81
C TYR EA 66 47.81 -54.84 -54.71
N GLY EA 67 47.38 -53.70 -54.17
CA GLY EA 67 46.69 -52.69 -54.97
C GLY EA 67 45.17 -52.67 -54.83
N GLY EA 68 44.51 -52.07 -55.84
CA GLY EA 68 43.06 -51.82 -55.85
C GLY EA 68 42.27 -52.75 -56.77
N ALA EA 69 41.15 -52.25 -57.30
CA ALA EA 69 40.27 -53.02 -58.19
C ALA EA 69 40.61 -52.76 -59.66
N GLN EA 70 40.10 -53.63 -60.54
CA GLN EA 70 40.25 -53.47 -61.98
C GLN EA 70 39.16 -52.56 -62.55
N ASN EA 71 39.49 -51.70 -63.52
CA ASN EA 71 38.49 -50.85 -64.16
C ASN EA 71 37.54 -51.67 -65.04
N GLU EA 72 36.24 -51.44 -64.87
CA GLU EA 72 35.24 -52.14 -65.67
C GLU EA 72 35.32 -51.69 -67.13
N GLN EA 73 35.13 -52.64 -68.05
CA GLN EA 73 35.15 -52.36 -69.49
C GLN EA 73 33.76 -52.40 -70.12
N GLY EA 74 32.73 -52.69 -69.34
CA GLY EA 74 31.37 -52.89 -69.83
C GLY EA 74 30.41 -51.71 -69.72
N ILE EA 75 30.88 -50.51 -69.40
CA ILE EA 75 29.97 -49.38 -69.23
C ILE EA 75 29.64 -48.74 -70.57
N THR EA 76 28.36 -48.64 -70.85
CA THR EA 76 27.80 -48.05 -72.06
C THR EA 76 27.02 -46.81 -71.73
N VAL EA 77 27.17 -45.78 -72.55
CA VAL EA 77 26.41 -44.55 -72.39
C VAL EA 77 25.73 -44.18 -73.70
N LYS EA 78 24.42 -43.95 -73.64
CA LYS EA 78 23.65 -43.60 -74.83
C LYS EA 78 22.84 -42.31 -74.66
N LEU EA 79 22.96 -41.42 -75.64
CA LEU EA 79 22.22 -40.17 -75.64
C LEU EA 79 21.28 -40.10 -76.85
N THR EA 80 20.07 -39.56 -76.67
CA THR EA 80 19.15 -39.34 -77.79
C THR EA 80 18.55 -37.92 -77.85
N ASP EA 81 18.67 -37.26 -79.01
CA ASP EA 81 18.12 -35.91 -79.23
C ASP EA 81 16.75 -35.93 -79.98
N THR EA 82 15.72 -35.34 -79.40
CA THR EA 82 14.39 -35.21 -80.06
C THR EA 82 13.78 -33.81 -79.97
N LEU EA 83 12.84 -33.51 -80.87
CA LEU EA 83 12.25 -32.17 -80.89
C LEU EA 83 10.85 -32.20 -80.25
N ILE EA 84 10.62 -31.26 -79.32
CA ILE EA 84 9.32 -31.06 -78.71
C ILE EA 84 8.83 -29.69 -79.09
N GLU EA 85 7.71 -29.63 -79.85
CA GLU EA 85 7.08 -28.39 -80.32
C GLU EA 85 8.05 -27.38 -80.96
N GLY EA 86 9.21 -27.89 -81.37
CA GLY EA 86 10.37 -27.14 -81.90
C GLY EA 86 11.59 -27.13 -80.99
N ALA EA 87 11.44 -27.47 -79.71
CA ALA EA 87 12.54 -27.36 -78.76
C ALA EA 87 13.30 -28.67 -78.68
N GLU EA 88 14.60 -28.61 -78.47
CA GLU EA 88 15.30 -29.88 -78.29
C GLU EA 88 15.16 -30.44 -76.89
N ASN EA 89 15.11 -31.76 -76.82
CA ASN EA 89 15.00 -32.50 -75.57
C ASN EA 89 15.93 -33.73 -75.57
N ARG EA 90 16.89 -33.78 -74.66
CA ARG EA 90 17.85 -34.88 -74.64
C ARG EA 90 17.59 -35.92 -73.53
N THR EA 91 17.60 -37.19 -73.92
CA THR EA 91 17.46 -38.31 -73.00
C THR EA 91 18.79 -39.02 -72.76
N ILE EA 92 19.11 -39.25 -71.49
CA ILE EA 92 20.35 -39.90 -71.09
C ILE EA 92 20.05 -41.30 -70.54
N ASN EA 93 20.69 -42.33 -71.12
CA ASN EA 93 20.49 -43.71 -70.73
C ASN EA 93 21.80 -44.46 -70.43
N VAL EA 94 22.00 -44.85 -69.18
CA VAL EA 94 23.17 -45.63 -68.78
C VAL EA 94 22.70 -46.93 -68.12
N PRO EA 95 22.66 -48.06 -68.86
CA PRO EA 95 22.16 -49.36 -68.39
C PRO EA 95 23.17 -50.07 -67.51
N GLU EA 96 22.70 -51.05 -66.74
CA GLU EA 96 23.60 -51.90 -65.97
C GLU EA 96 24.48 -52.73 -66.89
N PRO EA 97 25.81 -52.81 -66.65
CA PRO EA 97 26.72 -53.64 -67.43
C PRO EA 97 26.35 -55.09 -67.38
N THR EA 98 26.55 -55.80 -68.47
CA THR EA 98 26.32 -57.24 -68.52
C THR EA 98 27.61 -58.01 -68.46
N PHE EA 99 28.71 -57.36 -68.80
CA PHE EA 99 30.02 -57.96 -68.76
C PHE EA 99 30.80 -57.24 -67.69
N LYS EA 100 31.19 -57.98 -66.65
CA LYS EA 100 31.86 -57.40 -65.50
C LYS EA 100 33.17 -58.14 -65.25
N SER EA 101 34.15 -57.45 -64.66
CA SER EA 101 35.39 -58.11 -64.29
C SER EA 101 35.14 -59.23 -63.29
N PRO EA 102 35.83 -60.36 -63.41
CA PRO EA 102 35.69 -61.50 -62.50
C PRO EA 102 36.51 -61.38 -61.23
N TYR EA 103 37.23 -60.30 -61.00
CA TYR EA 103 38.12 -60.23 -59.85
C TYR EA 103 37.53 -59.45 -58.68
N LEU EA 104 37.16 -60.16 -57.60
CA LEU EA 104 36.45 -59.59 -56.45
C LEU EA 104 37.19 -59.43 -55.12
N MET EA 105 38.48 -59.77 -55.01
CA MET EA 105 39.11 -59.71 -53.68
C MET EA 105 39.08 -58.33 -53.04
N PHE EA 106 39.29 -57.28 -53.82
CA PHE EA 106 39.32 -55.95 -53.24
C PHE EA 106 37.98 -55.60 -52.59
N TYR EA 107 36.89 -55.83 -53.32
CA TYR EA 107 35.57 -55.52 -52.79
C TYR EA 107 35.25 -56.36 -51.56
N SER EA 108 35.66 -57.64 -51.58
CA SER EA 108 35.42 -58.52 -50.45
C SER EA 108 36.14 -58.04 -49.20
N LEU EA 109 37.38 -57.56 -49.34
CA LEU EA 109 38.07 -57.02 -48.17
C LEU EA 109 37.40 -55.79 -47.64
N GLN EA 110 36.90 -54.92 -48.50
CA GLN EA 110 36.22 -53.74 -47.97
C GLN EA 110 35.04 -54.16 -47.08
N MET EA 111 34.29 -55.18 -47.50
CA MET EA 111 33.17 -55.67 -46.70
C MET EA 111 33.63 -56.30 -45.39
N TYR EA 112 34.72 -57.07 -45.45
CA TYR EA 112 35.28 -57.73 -44.29
C TYR EA 112 35.64 -56.74 -43.19
N PHE EA 113 36.35 -55.68 -43.56
CA PHE EA 113 36.75 -54.70 -42.57
C PHE EA 113 35.54 -53.88 -42.09
N ALA EA 114 34.61 -53.55 -43.00
CA ALA EA 114 33.41 -52.79 -42.65
C ALA EA 114 32.57 -53.50 -41.61
N ASN EA 115 32.58 -54.82 -41.64
CA ASN EA 115 31.82 -55.64 -40.72
C ASN EA 115 32.57 -56.08 -39.49
N GLY EA 116 33.73 -55.49 -39.19
CA GLY EA 116 34.43 -55.79 -37.96
C GLY EA 116 35.60 -56.75 -38.00
N GLY EA 117 36.08 -57.11 -39.19
CA GLY EA 117 37.22 -58.02 -39.26
C GLY EA 117 38.51 -57.42 -38.74
N GLY EA 118 39.42 -58.29 -38.29
CA GLY EA 118 40.73 -57.90 -37.79
C GLY EA 118 41.81 -58.30 -38.79
N PRO EA 119 43.04 -58.55 -38.32
CA PRO EA 119 44.19 -58.95 -39.13
C PRO EA 119 43.90 -60.23 -39.88
N CYS EA 120 44.46 -60.35 -41.09
CA CYS EA 120 44.19 -61.52 -41.92
C CYS EA 120 45.34 -61.88 -42.85
N TYR EA 121 45.24 -63.05 -43.49
CA TYR EA 121 46.26 -63.47 -44.44
C TYR EA 121 45.84 -63.37 -45.90
N ILE EA 122 46.74 -62.85 -46.72
CA ILE EA 122 46.53 -62.74 -48.15
C ILE EA 122 47.49 -63.64 -48.91
N VAL EA 123 46.94 -64.44 -49.81
CA VAL EA 123 47.72 -65.27 -50.71
C VAL EA 123 47.25 -64.95 -52.11
N SER EA 124 48.16 -64.54 -52.98
CA SER EA 124 47.71 -64.26 -54.32
C SER EA 124 47.99 -65.46 -55.16
N THR EA 125 47.19 -65.68 -56.15
CA THR EA 125 47.44 -66.81 -57.01
C THR EA 125 47.99 -66.36 -58.34
N GLY EA 126 48.08 -65.06 -58.51
CA GLY EA 126 48.56 -64.44 -59.72
C GLY EA 126 48.05 -63.03 -59.74
N VAL EA 127 48.25 -62.36 -60.86
CA VAL EA 127 47.82 -60.99 -60.97
C VAL EA 127 46.86 -60.82 -62.13
N TYR EA 128 46.13 -59.71 -62.12
CA TYR EA 128 45.10 -59.39 -63.11
C TYR EA 128 45.62 -59.30 -64.52
N ASP EA 129 44.85 -59.83 -65.46
CA ASP EA 129 45.15 -59.73 -66.86
C ASP EA 129 44.10 -58.88 -67.60
N ASP EA 130 44.24 -58.80 -68.92
CA ASP EA 130 43.41 -57.95 -69.77
C ASP EA 130 42.21 -58.62 -70.41
N TRP EA 131 41.25 -57.79 -70.78
CA TRP EA 131 40.09 -58.20 -71.53
C TRP EA 131 40.51 -58.38 -72.97
N SER EA 132 39.84 -59.28 -73.69
CA SER EA 132 40.13 -59.43 -75.11
C SER EA 132 39.34 -58.47 -75.94
N ASP EA 133 38.14 -58.13 -75.45
CA ASP EA 133 37.26 -57.21 -76.15
C ASP EA 133 36.30 -56.63 -75.12
N SER EA 134 35.42 -55.72 -75.53
CA SER EA 134 34.50 -55.12 -74.56
C SER EA 134 33.47 -56.14 -74.06
N GLU EA 135 33.23 -57.18 -74.86
CA GLU EA 135 32.33 -58.26 -74.50
C GLU EA 135 33.07 -59.52 -74.08
N THR EA 136 34.39 -59.46 -73.92
CA THR EA 136 35.14 -60.65 -73.53
C THR EA 136 36.07 -60.43 -72.33
N PRO EA 137 35.58 -60.73 -71.11
CA PRO EA 137 36.31 -60.66 -69.85
C PRO EA 137 37.35 -61.76 -69.79
N PRO EA 138 38.38 -61.60 -68.95
CA PRO EA 138 39.40 -62.61 -68.67
C PRO EA 138 38.75 -63.73 -67.87
N THR EA 139 39.40 -64.90 -67.80
CA THR EA 139 38.83 -66.03 -67.07
C THR EA 139 39.75 -66.52 -65.94
N ILE EA 140 39.21 -67.35 -65.06
CA ILE EA 140 39.94 -67.88 -63.92
C ILE EA 140 40.30 -69.35 -64.07
N ASN EA 141 41.57 -69.63 -63.89
CA ASN EA 141 42.10 -70.98 -63.98
C ASN EA 141 42.05 -71.68 -62.64
N PHE EA 142 41.26 -72.73 -62.59
CA PHE EA 142 41.07 -73.50 -61.38
C PHE EA 142 42.35 -73.88 -60.66
N SER EA 143 43.39 -74.28 -61.41
CA SER EA 143 44.61 -74.80 -60.81
C SER EA 143 45.38 -73.71 -60.04
N ASP EA 144 45.05 -72.44 -60.27
CA ASP EA 144 45.70 -71.35 -59.56
C ASP EA 144 45.20 -71.32 -58.12
N LEU EA 145 43.94 -71.68 -57.91
CA LEU EA 145 43.38 -71.63 -56.59
C LEU EA 145 43.86 -72.83 -55.81
N GLU EA 146 44.03 -73.96 -56.49
CA GLU EA 146 44.52 -75.14 -55.81
C GLU EA 146 45.94 -74.92 -55.30
N SER EA 147 46.77 -74.24 -56.10
CA SER EA 147 48.10 -73.91 -55.66
C SER EA 147 48.08 -73.07 -54.41
N GLY EA 148 47.27 -72.02 -54.40
CA GLY EA 148 47.17 -71.18 -53.21
C GLY EA 148 46.74 -71.93 -51.97
N LEU EA 149 45.83 -72.90 -52.13
CA LEU EA 149 45.39 -73.69 -50.99
C LEU EA 149 46.53 -74.54 -50.46
N ALA EA 150 47.31 -75.15 -51.36
CA ALA EA 150 48.46 -75.96 -50.95
C ALA EA 150 49.47 -75.13 -50.17
N VAL EA 151 49.63 -73.87 -50.54
CA VAL EA 151 50.52 -72.95 -49.85
C VAL EA 151 50.05 -72.64 -48.44
N ILE EA 152 48.77 -72.23 -48.28
CA ILE EA 152 48.29 -71.83 -46.94
C ILE EA 152 48.32 -73.01 -45.99
N ARG EA 153 48.21 -74.24 -46.50
CA ARG EA 153 48.31 -75.45 -45.70
C ARG EA 153 49.51 -75.46 -44.76
N LYS EA 154 50.60 -74.79 -45.14
CA LYS EA 154 51.81 -74.79 -44.34
C LYS EA 154 51.88 -73.69 -43.26
N GLU EA 155 50.89 -72.81 -43.16
CA GLU EA 155 50.90 -71.76 -42.14
C GLU EA 155 50.13 -72.23 -40.92
N ASP EA 156 50.56 -71.80 -39.73
CA ASP EA 156 49.90 -72.23 -38.50
C ASP EA 156 48.81 -71.28 -37.98
N GLU EA 157 48.96 -70.00 -38.19
CA GLU EA 157 48.01 -69.05 -37.61
C GLU EA 157 46.55 -69.01 -38.10
N PRO EA 158 46.25 -69.12 -39.41
CA PRO EA 158 44.88 -68.98 -39.95
C PRO EA 158 43.90 -69.99 -39.35
N THR EA 159 42.65 -69.55 -39.16
CA THR EA 159 41.59 -70.40 -38.63
C THR EA 159 40.38 -70.56 -39.57
N LEU EA 160 40.19 -69.63 -40.53
CA LEU EA 160 39.06 -69.68 -41.46
C LEU EA 160 39.51 -69.70 -42.92
N LEU EA 161 38.83 -70.46 -43.77
CA LEU EA 161 39.18 -70.49 -45.20
C LEU EA 161 38.12 -69.89 -46.13
N LEU EA 162 38.54 -68.88 -46.93
CA LEU EA 162 37.69 -68.21 -47.91
C LEU EA 162 38.34 -68.08 -49.31
N PHE EA 163 37.51 -68.20 -50.36
CA PHE EA 163 37.94 -67.99 -51.75
C PHE EA 163 37.09 -66.92 -52.45
N PRO EA 164 37.52 -65.65 -52.46
CA PRO EA 164 36.76 -64.51 -53.02
C PRO EA 164 36.36 -64.64 -54.48
N ASP EA 165 37.06 -65.42 -55.30
CA ASP EA 165 36.70 -65.48 -56.71
C ASP EA 165 36.25 -66.89 -57.11
N ALA EA 166 35.79 -67.71 -56.17
CA ALA EA 166 35.39 -69.09 -56.49
C ALA EA 166 34.16 -69.15 -57.39
N THR EA 167 33.24 -68.22 -57.24
CA THR EA 167 31.99 -68.26 -57.98
C THR EA 167 32.18 -67.88 -59.43
N ASN EA 168 33.37 -67.41 -59.81
CA ASN EA 168 33.59 -67.07 -61.20
C ASN EA 168 34.30 -68.17 -61.97
N LEU EA 169 34.46 -69.35 -61.36
CA LEU EA 169 35.02 -70.48 -62.09
C LEU EA 169 34.03 -70.90 -63.18
N PRO EA 170 34.52 -71.28 -64.37
CA PRO EA 170 33.71 -71.72 -65.53
C PRO EA 170 32.64 -72.78 -65.27
N THR EA 171 32.85 -73.71 -64.33
CA THR EA 171 31.84 -74.73 -64.08
C THR EA 171 31.57 -74.87 -62.60
N ASP EA 172 30.44 -75.48 -62.29
CA ASP EA 172 30.09 -75.74 -60.91
C ASP EA 172 30.90 -76.91 -60.41
N ASP EA 173 31.26 -77.80 -61.33
CA ASP EA 173 32.05 -78.98 -60.97
C ASP EA 173 33.38 -78.54 -60.38
N GLU EA 174 34.00 -77.52 -60.97
CA GLU EA 174 35.26 -77.02 -60.41
C GLU EA 174 35.03 -76.37 -59.06
N PHE EA 175 33.95 -75.61 -58.93
CA PHE EA 175 33.60 -74.95 -57.69
C PHE EA 175 33.47 -75.94 -56.55
N TYR EA 176 32.70 -77.01 -56.77
CA TYR EA 176 32.49 -78.00 -55.73
C TYR EA 176 33.77 -78.74 -55.39
N SER EA 177 34.59 -79.04 -56.39
CA SER EA 177 35.86 -79.72 -56.14
C SER EA 177 36.73 -78.91 -55.20
N LEU EA 178 36.80 -77.60 -55.44
CA LEU EA 178 37.60 -76.71 -54.61
C LEU EA 178 37.15 -76.76 -53.15
N TYR EA 179 35.83 -76.75 -52.92
CA TYR EA 179 35.35 -76.78 -51.54
C TYR EA 179 35.51 -78.14 -50.88
N ASN EA 180 35.37 -79.24 -51.63
CA ASN EA 180 35.60 -80.53 -51.01
C ASN EA 180 37.04 -80.64 -50.53
N SER EA 181 37.97 -80.08 -51.32
CA SER EA 181 39.37 -80.05 -50.93
C SER EA 181 39.58 -79.31 -49.62
N ALA EA 182 38.96 -78.14 -49.50
CA ALA EA 182 39.07 -77.35 -48.27
C ALA EA 182 38.53 -78.08 -47.05
N LEU EA 183 37.39 -78.77 -47.19
CA LEU EA 183 36.84 -79.50 -46.06
C LEU EA 183 37.77 -80.64 -45.63
N MET EA 184 38.39 -81.31 -46.61
CA MET EA 184 39.32 -82.36 -46.27
C MET EA 184 40.54 -81.83 -45.55
N GLN EA 185 41.05 -80.66 -45.98
CA GLN EA 185 42.19 -80.07 -45.30
C GLN EA 185 41.87 -79.68 -43.87
N CYS EA 186 40.66 -79.20 -43.63
CA CYS EA 186 40.26 -78.83 -42.28
C CYS EA 186 40.31 -80.04 -41.36
N ASN EA 187 39.86 -81.19 -41.85
CA ASN EA 187 39.92 -82.40 -41.04
C ASN EA 187 41.36 -82.91 -40.88
N ASP EA 188 42.20 -82.79 -41.91
CA ASP EA 188 43.58 -83.23 -41.76
C ASP EA 188 44.33 -82.44 -40.68
N LEU EA 189 44.11 -81.13 -40.63
CA LEU EA 189 44.82 -80.28 -39.70
C LEU EA 189 44.18 -80.21 -38.31
N GLN EA 190 42.86 -80.34 -38.23
CA GLN EA 190 42.12 -80.38 -36.97
C GLN EA 190 41.91 -79.04 -36.28
N ASP EA 191 42.14 -77.96 -37.00
CA ASP EA 191 42.01 -76.63 -36.41
C ASP EA 191 41.34 -75.55 -37.29
N ARG EA 192 40.64 -75.90 -38.37
CA ARG EA 192 40.07 -74.89 -39.26
C ARG EA 192 38.61 -75.12 -39.60
N PHE EA 193 37.96 -74.05 -40.04
CA PHE EA 193 36.56 -74.08 -40.43
C PHE EA 193 36.37 -73.38 -41.79
N THR EA 194 35.53 -73.96 -42.64
CA THR EA 194 35.29 -73.42 -43.99
C THR EA 194 33.92 -72.73 -44.11
N ILE EA 195 33.92 -71.53 -44.71
CA ILE EA 195 32.67 -70.81 -44.94
C ILE EA 195 32.28 -70.96 -46.42
N LEU EA 196 31.07 -71.45 -46.70
CA LEU EA 196 30.67 -71.74 -48.07
C LEU EA 196 29.53 -70.86 -48.58
N ASP EA 197 29.60 -70.56 -49.88
CA ASP EA 197 28.59 -69.86 -50.68
C ASP EA 197 27.96 -70.81 -51.67
N THR EA 198 26.77 -70.48 -52.19
CA THR EA 198 26.23 -71.24 -53.31
C THR EA 198 26.92 -70.73 -54.56
N TYR EA 199 26.77 -71.46 -55.67
CA TYR EA 199 27.37 -71.06 -56.95
C TYR EA 199 26.71 -69.80 -57.52
N SER EA 200 25.40 -69.69 -57.37
CA SER EA 200 24.59 -68.60 -57.90
C SER EA 200 23.26 -68.51 -57.15
N ASP EA 201 22.68 -67.32 -57.16
CA ASP EA 201 21.39 -67.13 -56.54
C ASP EA 201 20.23 -67.31 -57.51
N GLN EA 202 20.52 -67.57 -58.79
CA GLN EA 202 19.54 -67.74 -59.83
C GLN EA 202 19.68 -69.11 -60.41
N THR EA 203 18.59 -69.61 -60.98
CA THR EA 203 18.65 -70.90 -61.62
C THR EA 203 19.73 -70.74 -62.63
N TYR EA 204 20.68 -71.64 -62.61
CA TYR EA 204 21.82 -71.56 -63.52
C TYR EA 204 21.81 -72.74 -64.46
N ASN EA 205 22.38 -72.56 -65.64
CA ASN EA 205 22.42 -73.63 -66.61
C ASN EA 205 23.79 -74.27 -66.63
N ASP EA 206 23.82 -75.59 -66.51
CA ASP EA 206 25.09 -76.32 -66.58
C ASP EA 206 25.45 -76.78 -67.99
N GLY EA 207 24.67 -76.35 -68.99
CA GLY EA 207 24.87 -76.76 -70.38
C GLY EA 207 23.99 -77.93 -70.77
N VAL EA 208 23.37 -78.57 -69.79
CA VAL EA 208 22.50 -79.72 -69.98
C VAL EA 208 21.12 -79.46 -69.40
N GLU EA 209 21.07 -79.03 -68.15
CA GLU EA 209 19.86 -78.84 -67.36
C GLU EA 209 19.88 -77.57 -66.50
N ASP EA 210 18.69 -77.07 -66.18
CA ASP EA 210 18.50 -75.90 -65.31
C ASP EA 210 18.44 -76.31 -63.83
N LEU EA 211 19.41 -75.87 -63.05
CA LEU EA 211 19.52 -76.32 -61.67
C LEU EA 211 19.21 -75.27 -60.58
N ASP EA 212 18.48 -75.72 -59.57
CA ASP EA 212 18.19 -74.93 -58.36
C ASP EA 212 19.41 -74.92 -57.44
N PRO EA 213 19.85 -73.71 -57.02
CA PRO EA 213 21.11 -73.58 -56.26
C PRO EA 213 21.19 -74.35 -54.96
N ILE EA 214 20.18 -74.37 -54.12
CA ILE EA 214 20.31 -75.16 -52.90
C ILE EA 214 20.38 -76.65 -53.16
N PRO EA 215 19.57 -77.19 -54.08
CA PRO EA 215 19.67 -78.61 -54.42
C PRO EA 215 21.01 -78.94 -55.06
N ALA EA 216 21.53 -78.03 -55.87
CA ALA EA 216 22.82 -78.21 -56.51
C ALA EA 216 24.01 -78.22 -55.53
N LEU EA 217 24.05 -77.33 -54.54
CA LEU EA 217 25.13 -77.35 -53.54
C LEU EA 217 25.09 -78.64 -52.75
N ARG EA 218 23.90 -79.11 -52.39
CA ARG EA 218 23.78 -80.33 -51.60
C ARG EA 218 24.31 -81.56 -52.34
N ASN EA 219 24.08 -81.65 -53.65
CA ASN EA 219 24.62 -82.77 -54.41
C ASN EA 219 26.11 -82.62 -54.66
N GLY EA 220 26.55 -81.36 -54.83
CA GLY EA 220 27.94 -81.05 -55.07
C GLY EA 220 28.86 -81.48 -53.95
N ILE EA 221 28.52 -81.10 -52.72
CA ILE EA 221 29.40 -81.44 -51.61
C ILE EA 221 29.02 -82.84 -51.11
N ASN EA 222 29.71 -83.86 -51.64
CA ASN EA 222 29.39 -85.27 -51.39
C ASN EA 222 30.24 -85.97 -50.34
N LEU EA 223 30.87 -85.22 -49.46
CA LEU EA 223 31.65 -85.79 -48.37
C LEU EA 223 30.74 -86.22 -47.22
N THR EA 224 31.31 -87.03 -46.31
CA THR EA 224 30.67 -87.57 -45.10
C THR EA 224 30.76 -86.65 -43.86
N LYS EA 225 29.99 -86.96 -42.81
CA LYS EA 225 29.97 -86.26 -41.54
C LYS EA 225 31.31 -85.80 -41.02
N ASP EA 226 32.34 -86.64 -41.17
CA ASP EA 226 33.68 -86.34 -40.70
C ASP EA 226 34.24 -85.07 -41.33
N TYR EA 227 33.67 -84.62 -42.43
CA TYR EA 227 34.10 -83.44 -43.11
C TYR EA 227 33.07 -82.34 -43.02
N LEU EA 228 31.80 -82.71 -43.09
CA LEU EA 228 30.71 -81.74 -43.10
C LEU EA 228 30.68 -80.93 -41.80
N LYS EA 229 31.08 -81.54 -40.70
CA LYS EA 229 31.13 -80.85 -39.41
C LYS EA 229 32.12 -79.68 -39.40
N TYR EA 230 32.99 -79.55 -40.41
CA TYR EA 230 33.97 -78.48 -40.46
C TYR EA 230 33.57 -77.29 -41.32
N GLY EA 231 32.30 -77.16 -41.66
CA GLY EA 231 31.91 -75.98 -42.40
C GLY EA 231 30.43 -75.71 -42.35
N ALA EA 232 30.07 -74.54 -42.88
CA ALA EA 232 28.69 -74.07 -42.93
C ALA EA 232 28.49 -73.23 -44.17
N ALA EA 233 27.25 -73.18 -44.66
CA ALA EA 233 26.92 -72.40 -45.85
C ALA EA 233 25.85 -71.37 -45.55
N TYR EA 234 25.92 -70.25 -46.29
CA TYR EA 234 24.96 -69.15 -46.16
C TYR EA 234 24.31 -68.80 -47.50
N TYR EA 235 23.07 -68.34 -47.46
CA TYR EA 235 22.30 -67.97 -48.65
C TYR EA 235 21.21 -66.94 -48.33
N PRO EA 236 20.89 -66.02 -49.25
CA PRO EA 236 21.42 -65.61 -50.56
C PRO EA 236 22.57 -64.60 -50.52
N PHE EA 237 22.96 -64.13 -51.72
CA PHE EA 237 23.96 -63.09 -51.94
C PHE EA 237 23.40 -61.76 -51.48
N VAL EA 238 24.28 -60.79 -51.23
CA VAL EA 238 23.82 -59.50 -50.74
C VAL EA 238 24.21 -58.33 -51.64
N GLN EA 239 23.33 -57.33 -51.67
CA GLN EA 239 23.52 -56.11 -52.43
C GLN EA 239 24.13 -55.09 -51.51
N THR EA 240 25.28 -54.58 -51.88
CA THR EA 240 26.02 -53.64 -51.04
C THR EA 240 25.94 -52.22 -51.57
N ILE EA 241 26.74 -51.33 -50.98
CA ILE EA 241 26.70 -49.91 -51.27
C ILE EA 241 28.00 -49.42 -51.88
N LEU EA 242 28.80 -50.35 -52.38
CA LEU EA 242 30.07 -50.05 -53.00
C LEU EA 242 29.86 -49.73 -54.47
N ASN EA 243 30.70 -48.84 -55.01
CA ASN EA 243 30.66 -48.46 -56.41
C ASN EA 243 31.63 -49.28 -57.25
N TYR EA 244 31.38 -49.32 -58.55
CA TYR EA 244 32.30 -49.99 -59.46
C TYR EA 244 33.45 -49.05 -59.77
N GLN EA 245 34.62 -49.61 -60.03
CA GLN EA 245 35.74 -48.79 -60.45
C GLN EA 245 35.76 -48.68 -61.96
N TYR EA 246 35.98 -47.48 -62.47
CA TYR EA 246 36.05 -47.26 -63.91
C TYR EA 246 36.91 -46.05 -64.23
N SER EA 247 37.21 -45.89 -65.51
CA SER EA 247 37.96 -44.77 -66.03
C SER EA 247 37.14 -44.07 -67.09
N ALA EA 248 36.86 -42.78 -66.87
CA ALA EA 248 35.99 -42.04 -67.80
C ALA EA 248 36.54 -42.02 -69.21
N ASP EA 249 37.86 -42.01 -69.34
CA ASP EA 249 38.47 -41.94 -70.65
C ASP EA 249 38.12 -43.16 -71.49
N GLU EA 250 37.84 -44.28 -70.86
CA GLU EA 250 37.61 -45.52 -71.59
C GLU EA 250 36.15 -45.72 -71.98
N ILE EA 251 35.28 -44.76 -71.70
CA ILE EA 251 33.85 -44.93 -71.98
C ILE EA 251 33.43 -44.16 -73.23
N VAL EA 252 32.92 -44.90 -74.21
CA VAL EA 252 32.50 -44.38 -75.51
C VAL EA 252 31.00 -44.07 -75.50
N ILE EA 253 30.63 -42.87 -75.98
CA ILE EA 253 29.24 -42.44 -75.98
C ILE EA 253 28.58 -42.57 -77.35
N GLN EA 254 27.43 -43.25 -77.37
CA GLN EA 254 26.61 -43.40 -78.57
C GLN EA 254 25.68 -42.20 -78.63
N HIS EA 255 25.54 -41.61 -79.81
CA HIS EA 255 24.64 -40.48 -79.96
C HIS EA 255 23.67 -40.67 -81.11
N LEU EA 256 22.37 -40.45 -80.86
CA LEU EA 256 21.33 -40.52 -81.89
C LEU EA 256 20.50 -39.24 -81.90
N SER EA 257 20.22 -38.67 -83.09
CA SER EA 257 19.47 -37.42 -83.16
C SER EA 257 18.51 -37.27 -84.33
N TYR EA 258 17.55 -36.35 -84.19
CA TYR EA 258 16.60 -36.11 -85.27
C TYR EA 258 17.30 -35.50 -86.50
N ASN EA 259 18.22 -34.55 -86.30
CA ASN EA 259 19.02 -34.04 -87.41
C ASN EA 259 20.46 -34.47 -87.25
N PRO EA 260 20.96 -35.26 -88.20
CA PRO EA 260 22.35 -35.73 -88.16
C PRO EA 260 23.34 -34.63 -88.46
N ASN EA 261 24.16 -34.28 -87.48
CA ASN EA 261 25.19 -33.26 -87.60
C ASN EA 261 26.60 -33.73 -87.26
N ALA EA 262 26.81 -35.05 -87.19
CA ALA EA 262 28.10 -35.60 -86.80
C ALA EA 262 29.12 -35.41 -87.91
N ILE EA 263 28.76 -35.84 -89.13
CA ILE EA 263 29.64 -35.70 -90.28
C ILE EA 263 29.89 -34.25 -90.52
N ALA EA 264 28.84 -33.46 -90.48
CA ALA EA 264 29.01 -32.05 -90.76
C ALA EA 264 30.03 -31.43 -89.82
N THR EA 265 30.02 -31.81 -88.54
CA THR EA 265 31.01 -31.26 -87.63
C THR EA 265 32.41 -31.70 -88.01
N ALA EA 266 32.60 -33.01 -88.24
CA ALA EA 266 33.92 -33.52 -88.57
C ALA EA 266 34.46 -32.90 -89.84
N LEU EA 267 33.59 -32.72 -90.82
CA LEU EA 267 34.00 -32.20 -92.10
C LEU EA 267 34.40 -30.74 -91.97
N ASP EA 268 33.65 -29.94 -91.20
CA ASP EA 268 34.02 -28.53 -91.03
C ASP EA 268 35.36 -28.43 -90.32
N ASN EA 269 35.61 -29.30 -89.32
CA ASN EA 269 36.89 -29.24 -88.62
C ASN EA 269 38.02 -29.60 -89.57
N LEU EA 270 37.80 -30.61 -90.43
CA LEU EA 270 38.83 -30.98 -91.38
C LEU EA 270 39.07 -29.89 -92.42
N ASN EA 271 38.03 -29.19 -92.84
CA ASN EA 271 38.30 -28.11 -93.77
C ASN EA 271 39.23 -27.08 -93.16
N ALA EA 272 39.08 -26.80 -91.86
CA ALA EA 272 39.99 -25.91 -91.16
C ALA EA 272 41.42 -26.48 -91.12
N VAL EA 273 41.52 -27.81 -90.96
CA VAL EA 273 42.77 -28.58 -90.96
C VAL EA 273 43.55 -28.48 -92.26
N ASN EA 274 42.87 -28.64 -93.37
CA ASN EA 274 43.59 -28.65 -94.63
C ASN EA 274 43.86 -27.24 -95.14
N GLY EA 275 44.81 -26.57 -94.51
CA GLY EA 275 45.15 -25.20 -94.85
C GLY EA 275 46.43 -24.64 -94.20
N PRO EA 276 46.79 -23.41 -94.59
CA PRO EA 276 48.00 -22.70 -94.14
C PRO EA 276 48.08 -22.37 -92.67
N THR EA 277 46.94 -22.26 -92.00
CA THR EA 277 46.94 -21.91 -90.59
C THR EA 277 47.03 -23.15 -89.74
N PHE EA 278 47.03 -24.31 -90.37
CA PHE EA 278 47.13 -25.55 -89.63
C PHE EA 278 48.47 -26.20 -89.92
N ILE EA 279 48.78 -26.49 -91.20
CA ILE EA 279 50.06 -27.12 -91.52
C ILE EA 279 50.97 -26.49 -92.57
N ASP EA 280 50.53 -25.54 -93.40
CA ASP EA 280 51.52 -25.11 -94.40
C ASP EA 280 52.58 -24.31 -93.70
N ALA EA 281 52.19 -23.45 -92.76
CA ALA EA 281 53.18 -22.65 -92.07
C ALA EA 281 54.21 -23.54 -91.36
N ILE EA 282 53.76 -24.67 -90.81
CA ILE EA 282 54.66 -25.58 -90.12
C ILE EA 282 55.65 -26.17 -91.09
N LEU EA 283 55.13 -26.71 -92.18
CA LEU EA 283 55.95 -27.39 -93.15
C LEU EA 283 56.93 -26.44 -93.84
N ASP EA 284 56.51 -25.21 -94.12
CA ASP EA 284 57.42 -24.27 -94.77
C ASP EA 284 58.57 -23.92 -93.85
N ASP EA 285 58.29 -23.73 -92.55
CA ASP EA 285 59.36 -23.40 -91.60
C ASP EA 285 60.22 -24.62 -91.26
N LEU EA 286 59.61 -25.80 -91.20
CA LEU EA 286 60.33 -27.01 -90.85
C LEU EA 286 61.33 -27.40 -91.95
N ARG EA 287 60.90 -27.31 -93.20
CA ARG EA 287 61.75 -27.67 -94.32
C ARG EA 287 62.78 -26.58 -94.62
N ASN EA 321 83.95 -22.86 -76.04
CA ASN EA 321 82.89 -23.38 -76.90
C ASN EA 321 81.53 -23.31 -76.25
N SER EA 322 81.47 -22.77 -75.03
CA SER EA 322 80.20 -22.70 -74.31
C SER EA 322 79.15 -21.87 -75.03
N VAL EA 323 79.60 -20.85 -75.76
CA VAL EA 323 78.70 -20.03 -76.53
C VAL EA 323 78.17 -20.78 -77.72
N LYS EA 324 79.01 -21.64 -78.30
CA LYS EA 324 78.63 -22.38 -79.47
C LYS EA 324 77.54 -23.36 -79.09
N VAL EA 325 77.68 -23.99 -77.91
CA VAL EA 325 76.65 -24.89 -77.41
C VAL EA 325 75.35 -24.16 -77.21
N ALA EA 326 75.40 -22.98 -76.59
CA ALA EA 326 74.19 -22.21 -76.36
C ALA EA 326 73.48 -21.84 -77.65
N ASN EA 327 74.24 -21.46 -78.68
CA ASN EA 327 73.64 -21.10 -79.96
C ASN EA 327 73.02 -22.32 -80.61
N PHE EA 328 73.76 -23.43 -80.60
CA PHE EA 328 73.29 -24.67 -81.17
C PHE EA 328 72.02 -25.13 -80.50
N ALA EA 329 72.03 -25.14 -79.17
CA ALA EA 329 70.90 -25.61 -78.40
C ALA EA 329 69.64 -24.83 -78.74
N SER EA 330 69.76 -23.50 -78.92
CA SER EA 330 68.61 -22.69 -79.33
C SER EA 330 68.06 -23.14 -80.68
N LEU EA 331 68.94 -23.38 -81.64
CA LEU EA 331 68.51 -23.79 -82.97
C LEU EA 331 67.80 -25.15 -82.92
N VAL EA 332 68.30 -26.07 -82.08
CA VAL EA 332 67.67 -27.39 -81.96
C VAL EA 332 66.28 -27.24 -81.39
N GLU EA 333 66.14 -26.44 -80.33
CA GLU EA 333 64.85 -26.24 -79.70
C GLU EA 333 63.82 -25.72 -80.67
N SER EA 334 64.23 -24.79 -81.54
CA SER EA 334 63.30 -24.24 -82.54
C SER EA 334 62.74 -25.35 -83.44
N VAL EA 335 63.62 -26.24 -83.92
CA VAL EA 335 63.16 -27.34 -84.78
C VAL EA 335 62.25 -28.27 -84.01
N LEU EA 336 62.66 -28.61 -82.79
CA LEU EA 336 61.90 -29.51 -81.93
C LEU EA 336 60.50 -29.01 -81.66
N SER EA 337 60.37 -27.71 -81.39
CA SER EA 337 59.07 -27.10 -81.12
C SER EA 337 58.18 -27.24 -82.35
N THR EA 338 58.74 -26.94 -83.54
CA THR EA 338 58.02 -27.09 -84.80
C THR EA 338 57.54 -28.51 -85.02
N LEU EA 339 58.41 -29.50 -84.77
CA LEU EA 339 58.02 -30.89 -84.94
C LEU EA 339 56.87 -31.25 -84.01
N ASN EA 340 56.91 -30.76 -82.76
CA ASN EA 340 55.86 -31.08 -81.82
C ASN EA 340 54.50 -30.57 -82.29
N GLU EA 341 54.46 -29.38 -82.91
CA GLU EA 341 53.18 -28.89 -83.43
C GLU EA 341 52.63 -29.79 -84.54
N LEU EA 342 53.51 -30.29 -85.41
CA LEU EA 342 53.08 -31.17 -86.49
C LEU EA 342 52.50 -32.46 -85.93
N ILE EA 343 53.13 -32.97 -84.86
CA ILE EA 343 52.66 -34.19 -84.21
C ILE EA 343 51.28 -33.99 -83.60
N ASP EA 344 51.08 -32.86 -82.90
CA ASP EA 344 49.76 -32.58 -82.32
C ASP EA 344 48.69 -32.50 -83.40
N ALA EA 345 49.05 -31.95 -84.55
CA ALA EA 345 48.12 -31.83 -85.66
C ALA EA 345 47.59 -33.20 -86.07
N LYS EA 346 48.48 -34.21 -86.13
CA LYS EA 346 48.08 -35.56 -86.49
C LYS EA 346 47.02 -36.08 -85.54
N GLU EA 347 47.22 -35.87 -84.24
CA GLU EA 347 46.29 -36.39 -83.26
C GLU EA 347 44.91 -35.76 -83.41
N GLU EA 348 44.83 -34.46 -83.69
CA GLU EA 348 43.53 -33.82 -83.87
C GLU EA 348 42.77 -34.40 -85.06
N ILE EA 349 43.50 -34.69 -86.14
CA ILE EA 349 42.92 -35.29 -87.33
C ILE EA 349 42.30 -36.62 -87.04
N ASN EA 350 43.04 -37.48 -86.35
CA ASN EA 350 42.48 -38.78 -86.05
C ASN EA 350 41.22 -38.70 -85.21
N LYS EA 351 41.18 -37.75 -84.28
CA LYS EA 351 40.01 -37.64 -83.40
C LYS EA 351 38.74 -37.28 -84.18
N ASP EA 352 38.82 -36.39 -85.19
CA ASP EA 352 37.59 -36.06 -85.92
C ASP EA 352 37.25 -37.09 -86.99
N VAL EA 353 38.26 -37.64 -87.67
CA VAL EA 353 37.98 -38.59 -88.74
C VAL EA 353 37.29 -39.81 -88.19
N ASN EA 354 37.71 -40.25 -87.01
CA ASN EA 354 37.11 -41.40 -86.37
C ASN EA 354 35.62 -41.20 -86.06
N SER EA 355 35.13 -39.95 -85.93
CA SER EA 355 33.72 -39.77 -85.62
C SER EA 355 32.96 -39.93 -86.93
N ALA EA 356 33.61 -39.58 -88.04
CA ALA EA 356 32.98 -39.74 -89.34
C ALA EA 356 32.82 -41.21 -89.65
N ILE EA 357 33.83 -41.98 -89.28
CA ILE EA 357 33.81 -43.41 -89.53
C ILE EA 357 32.73 -44.05 -88.70
N ALA EA 358 32.72 -43.74 -87.39
CA ALA EA 358 31.74 -44.27 -86.46
C ALA EA 358 30.31 -43.92 -86.83
N SER EA 359 30.10 -42.71 -87.34
CA SER EA 359 28.77 -42.24 -87.66
C SER EA 359 28.23 -42.74 -89.00
N SER EA 360 29.12 -43.11 -89.92
CA SER EA 360 28.70 -43.57 -91.24
C SER EA 360 28.26 -45.03 -91.16
N GLU EA 361 27.15 -45.27 -90.46
CA GLU EA 361 26.63 -46.63 -90.26
C GLU EA 361 26.26 -47.33 -91.54
N GLU EA 362 25.69 -46.59 -92.46
CA GLU EA 362 25.22 -47.10 -93.74
C GLU EA 362 26.32 -46.96 -94.77
N ASP EA 363 26.26 -47.76 -95.83
CA ASP EA 363 27.22 -47.68 -96.93
C ASP EA 363 28.66 -47.88 -96.45
N ASN EA 364 28.93 -49.11 -95.98
CA ASN EA 364 30.24 -49.47 -95.44
C ASN EA 364 31.40 -49.24 -96.39
N ALA EA 365 31.11 -49.09 -97.68
CA ALA EA 365 32.11 -48.77 -98.68
C ALA EA 365 32.77 -47.45 -98.37
N ILE EA 366 31.99 -46.51 -97.81
CA ILE EA 366 32.52 -45.22 -97.46
C ILE EA 366 33.26 -45.34 -96.18
N LYS EA 367 32.73 -46.09 -95.21
CA LYS EA 367 33.54 -46.28 -94.00
C LYS EA 367 34.93 -46.75 -94.33
N THR EA 368 35.03 -47.66 -95.30
CA THR EA 368 36.32 -48.16 -95.72
C THR EA 368 37.12 -47.03 -96.37
N ALA EA 369 36.51 -46.27 -97.29
CA ALA EA 369 37.26 -45.20 -97.95
C ALA EA 369 37.85 -44.20 -96.96
N ILE EA 370 37.08 -43.86 -95.93
CA ILE EA 370 37.54 -42.92 -94.92
C ILE EA 370 38.68 -43.50 -94.12
N SER EA 371 38.49 -44.75 -93.67
CA SER EA 371 39.48 -45.44 -92.86
C SER EA 371 40.79 -45.59 -93.60
N ASP EA 372 40.75 -46.00 -94.89
CA ASP EA 372 41.96 -46.16 -95.65
C ASP EA 372 42.73 -44.85 -95.80
N ALA EA 373 42.01 -43.74 -96.05
CA ALA EA 373 42.68 -42.46 -96.20
C ALA EA 373 43.40 -42.07 -94.92
N LEU EA 374 42.78 -42.33 -93.77
CA LEU EA 374 43.38 -41.99 -92.49
C LEU EA 374 44.58 -42.86 -92.20
N ASP EA 375 44.45 -44.16 -92.48
CA ASP EA 375 45.50 -45.13 -92.21
C ASP EA 375 46.77 -44.76 -92.96
N VAL EA 376 46.64 -44.32 -94.22
CA VAL EA 376 47.80 -43.91 -94.99
C VAL EA 376 48.41 -42.64 -94.41
N PHE EA 377 47.59 -41.64 -94.07
CA PHE EA 377 48.12 -40.39 -93.52
C PHE EA 377 49.05 -40.64 -92.35
N ASN EA 378 48.61 -41.50 -91.45
CA ASN EA 378 49.36 -41.80 -90.23
C ASN EA 378 50.75 -42.40 -90.45
N GLU EA 379 51.04 -42.98 -91.62
CA GLU EA 379 52.33 -43.63 -91.85
C GLU EA 379 53.54 -42.69 -91.74
N ASP EA 380 53.33 -41.38 -91.85
CA ASP EA 380 54.47 -40.47 -91.79
C ASP EA 380 54.85 -40.20 -90.33
N PHE EA 381 53.97 -40.55 -89.40
CA PHE EA 381 54.20 -40.25 -88.00
C PHE EA 381 54.51 -41.49 -87.17
N GLU EA 382 53.91 -42.61 -87.59
CA GLU EA 382 54.05 -43.92 -86.97
C GLU EA 382 55.35 -44.59 -87.35
N GLY EA 383 55.57 -45.81 -86.81
CA GLY EA 383 56.78 -46.59 -86.98
C GLY EA 383 57.26 -46.77 -88.42
N ALA EA 384 56.36 -46.66 -89.40
CA ALA EA 384 56.74 -46.80 -90.81
C ALA EA 384 57.82 -45.80 -91.20
N ASP EA 385 57.75 -44.58 -90.68
CA ASP EA 385 58.70 -43.50 -90.89
C ASP EA 385 58.48 -42.54 -89.73
N LYS EA 386 59.12 -42.77 -88.61
CA LYS EA 386 58.55 -42.17 -87.42
C LYS EA 386 59.01 -40.76 -87.06
N ILE EA 387 58.25 -39.75 -87.53
CA ILE EA 387 58.50 -38.34 -87.16
C ILE EA 387 58.50 -38.21 -85.65
N GLU EA 388 57.61 -38.95 -84.99
CA GLU EA 388 57.51 -38.85 -83.54
C GLU EA 388 58.81 -39.25 -82.80
N SER EA 389 59.60 -40.20 -83.32
CA SER EA 389 60.80 -40.57 -82.58
C SER EA 389 61.91 -39.62 -82.87
N VAL EA 390 61.86 -38.95 -84.02
CA VAL EA 390 62.87 -37.93 -84.26
C VAL EA 390 62.73 -36.85 -83.23
N ALA EA 391 61.50 -36.38 -83.02
CA ALA EA 391 61.27 -35.33 -82.05
C ALA EA 391 61.71 -35.78 -80.65
N LYS EA 392 61.39 -37.02 -80.28
CA LYS EA 392 61.78 -37.53 -78.96
C LYS EA 392 63.29 -37.54 -78.80
N ASN EA 393 63.99 -38.08 -79.80
CA ASN EA 393 65.44 -38.21 -79.72
C ASN EA 393 66.13 -36.87 -79.68
N LEU EA 394 65.63 -35.88 -80.43
CA LEU EA 394 66.27 -34.57 -80.40
C LEU EA 394 66.17 -33.97 -79.00
N SER EA 395 65.04 -34.17 -78.31
CA SER EA 395 64.90 -33.69 -76.94
C SER EA 395 65.96 -34.29 -76.00
N ASP EA 396 66.15 -35.61 -76.06
CA ASP EA 396 67.13 -36.25 -75.16
C ASP EA 396 68.55 -35.78 -75.47
N LEU EA 397 68.87 -35.64 -76.77
CA LEU EA 397 70.18 -35.20 -77.20
C LEU EA 397 70.45 -33.77 -76.76
N LEU EA 398 69.41 -32.93 -76.81
CA LEU EA 398 69.53 -31.54 -76.43
C LEU EA 398 69.88 -31.38 -74.96
N ILE EA 399 69.26 -32.18 -74.09
CA ILE EA 399 69.64 -32.13 -72.68
C ILE EA 399 71.10 -32.51 -72.52
N LYS EA 400 71.52 -33.60 -73.18
CA LYS EA 400 72.89 -34.07 -73.02
C LYS EA 400 73.91 -33.03 -73.51
N ILE EA 401 73.64 -32.33 -74.62
CA ILE EA 401 74.67 -31.38 -75.04
C ILE EA 401 74.74 -30.21 -74.09
N LYS EA 402 73.62 -29.73 -73.56
CA LYS EA 402 73.68 -28.65 -72.59
C LYS EA 402 74.43 -29.05 -71.33
N GLN EA 403 74.29 -30.31 -70.90
CA GLN EA 403 74.99 -30.76 -69.70
C GLN EA 403 76.43 -31.20 -70.00
N ALA EA 404 76.80 -31.41 -71.27
CA ALA EA 404 78.15 -31.84 -71.67
C ALA EA 404 79.24 -30.92 -71.14
N ASP EA 405 78.93 -29.63 -71.05
CA ASP EA 405 79.80 -28.57 -70.53
C ASP EA 405 80.24 -28.82 -69.10
N THR EA 406 79.53 -29.72 -68.38
CA THR EA 406 79.86 -30.06 -67.00
C THR EA 406 81.30 -30.50 -66.89
N ASN EA 407 81.78 -31.29 -67.84
CA ASN EA 407 83.15 -31.76 -67.69
C ASN EA 407 84.05 -31.93 -68.90
N THR EA 408 83.60 -31.79 -70.18
CA THR EA 408 84.61 -31.90 -71.24
C THR EA 408 84.18 -31.51 -72.66
N LYS EA 409 85.16 -30.95 -73.38
CA LYS EA 409 85.09 -30.61 -74.80
C LYS EA 409 84.80 -31.80 -75.67
N VAL EA 410 85.11 -32.97 -75.16
CA VAL EA 410 84.90 -34.22 -75.86
C VAL EA 410 83.41 -34.50 -75.96
N GLU EA 411 82.69 -34.26 -74.88
CA GLU EA 411 81.27 -34.54 -74.85
C GLU EA 411 80.57 -33.70 -75.91
N ASN EA 412 81.04 -32.48 -76.07
CA ASN EA 412 80.44 -31.54 -77.05
C ASN EA 412 80.75 -31.92 -78.49
N VAL EA 413 81.50 -32.98 -78.71
CA VAL EA 413 81.79 -33.53 -80.02
C VAL EA 413 81.04 -34.84 -80.18
N LEU EA 414 81.18 -35.69 -79.15
CA LEU EA 414 80.58 -37.00 -79.21
C LEU EA 414 79.07 -36.90 -79.38
N SER EA 415 78.42 -35.92 -78.73
CA SER EA 415 76.96 -35.79 -78.79
C SER EA 415 76.41 -35.60 -80.21
N ILE EA 416 77.26 -35.17 -81.14
CA ILE EA 416 76.86 -34.94 -82.50
C ILE EA 416 77.32 -36.03 -83.46
N ASN EA 417 78.57 -36.50 -83.34
CA ASN EA 417 79.12 -37.46 -84.30
C ASN EA 417 79.34 -38.90 -83.80
N ALA EA 418 79.28 -39.17 -82.50
CA ALA EA 418 79.42 -40.52 -81.99
C ALA EA 418 78.05 -40.97 -81.59
N LEU EA 419 77.31 -39.98 -81.15
CA LEU EA 419 75.92 -40.03 -80.73
C LEU EA 419 75.13 -39.52 -81.91
N ASN EA 420 73.84 -39.29 -81.73
CA ASN EA 420 72.98 -39.07 -82.88
C ASN EA 420 72.54 -37.65 -83.32
N PHE EA 421 73.08 -36.50 -82.88
CA PHE EA 421 72.45 -35.30 -83.51
C PHE EA 421 72.56 -35.27 -85.04
N SER EA 422 73.69 -35.66 -85.61
CA SER EA 422 73.76 -35.68 -87.06
C SER EA 422 72.75 -36.65 -87.65
N ALA EA 423 72.72 -37.84 -87.07
CA ALA EA 423 71.85 -38.94 -87.52
C ALA EA 423 70.37 -38.63 -87.44
N GLU EA 424 69.94 -37.87 -86.42
CA GLU EA 424 68.51 -37.58 -86.30
C GLU EA 424 68.09 -36.47 -87.24
N PHE EA 425 68.91 -35.43 -87.44
CA PHE EA 425 68.44 -34.39 -88.35
C PHE EA 425 68.37 -34.93 -89.78
N GLU EA 426 69.19 -35.92 -90.07
CA GLU EA 426 69.17 -36.52 -91.40
C GLU EA 426 67.81 -37.13 -91.70
N LYS EA 427 67.12 -37.63 -90.67
CA LYS EA 427 65.88 -38.34 -90.90
C LYS EA 427 64.78 -37.40 -91.34
N LEU EA 428 65.02 -36.09 -91.23
CA LEU EA 428 64.02 -35.14 -91.66
C LEU EA 428 64.35 -34.76 -93.09
N LEU EA 429 65.64 -34.47 -93.33
CA LEU EA 429 66.15 -34.16 -94.68
C LEU EA 429 67.47 -34.91 -94.84
N THR EA 430 67.53 -35.83 -95.80
CA THR EA 430 68.68 -36.73 -95.99
C THR EA 430 70.04 -36.05 -96.18
N TYR EA 431 70.10 -34.95 -96.91
CA TYR EA 431 71.37 -34.30 -97.16
C TYR EA 431 71.19 -32.81 -97.40
N ASP EA 432 70.44 -32.14 -96.54
CA ASP EA 432 70.15 -30.72 -96.76
C ASP EA 432 71.42 -29.89 -96.89
N VAL EA 433 72.47 -30.29 -96.15
CA VAL EA 433 73.79 -29.69 -96.05
C VAL EA 433 74.52 -29.59 -97.40
N ASN EA 434 74.02 -30.30 -98.40
CA ASN EA 434 74.57 -30.29 -99.76
C ASN EA 434 74.62 -28.88 -100.36
N THR EA 435 73.71 -28.00 -99.96
CA THR EA 435 73.68 -26.64 -100.52
C THR EA 435 73.13 -25.64 -99.51
N GLY EA 436 73.39 -24.35 -99.75
CA GLY EA 436 72.86 -23.31 -98.87
C GLY EA 436 71.33 -23.39 -98.77
N LEU EA 437 70.70 -23.69 -99.89
CA LEU EA 437 69.27 -23.94 -99.87
C LEU EA 437 69.17 -25.42 -99.65
N THR EA 438 68.28 -25.89 -98.79
CA THR EA 438 68.27 -27.33 -98.59
C THR EA 438 68.16 -28.06 -99.92
N ALA EA 439 69.07 -28.99 -100.12
CA ALA EA 439 69.16 -29.73 -101.38
C ALA EA 439 69.42 -31.20 -101.13
N SER EA 440 69.47 -31.96 -102.23
CA SER EA 440 69.79 -33.38 -102.17
C SER EA 440 68.88 -34.14 -101.21
N VAL EA 441 67.60 -33.79 -101.20
CA VAL EA 441 66.68 -34.46 -100.30
C VAL EA 441 66.28 -35.79 -100.92
N THR EA 442 67.23 -36.74 -100.85
CA THR EA 442 67.08 -38.10 -101.39
C THR EA 442 65.92 -38.79 -100.72
N LEU EA 443 65.63 -38.33 -99.52
CA LEU EA 443 64.55 -38.74 -98.68
C LEU EA 443 64.21 -37.55 -97.79
N ASP EA 444 62.94 -37.46 -97.44
CA ASP EA 444 62.49 -36.44 -96.52
C ASP EA 444 61.22 -36.87 -95.83
N LEU EA 445 61.09 -36.48 -94.57
CA LEU EA 445 59.90 -36.81 -93.77
C LEU EA 445 58.80 -35.78 -93.90
N PHE EA 446 59.01 -34.73 -94.67
CA PHE EA 446 58.07 -33.62 -94.69
C PHE EA 446 57.18 -33.50 -95.93
N ALA EA 447 56.03 -32.91 -95.66
CA ALA EA 447 55.02 -32.39 -96.57
C ALA EA 447 54.26 -33.38 -97.45
N ASN EA 448 54.29 -34.68 -97.14
CA ASN EA 448 53.49 -35.65 -97.90
C ASN EA 448 52.04 -35.57 -97.40
N ILE EA 449 51.93 -34.77 -96.35
CA ILE EA 449 50.77 -34.41 -95.59
C ILE EA 449 49.76 -33.72 -96.48
N GLY EA 450 50.21 -32.84 -97.37
CA GLY EA 450 49.25 -32.10 -98.18
C GLY EA 450 48.28 -33.00 -98.95
N THR EA 451 48.85 -33.90 -99.76
CA THR EA 451 48.05 -34.82 -100.55
C THR EA 451 47.20 -35.72 -99.67
N ARG EA 452 47.80 -36.24 -98.62
CA ARG EA 452 47.06 -37.16 -97.77
C ARG EA 452 45.88 -36.46 -97.07
N LEU EA 453 46.01 -35.19 -96.66
CA LEU EA 453 44.84 -34.52 -96.08
C LEU EA 453 43.73 -34.38 -97.09
N ASP EA 454 44.07 -34.07 -98.35
CA ASP EA 454 43.05 -33.95 -99.38
C ASP EA 454 42.28 -35.28 -99.51
N ASP EA 455 43.00 -36.41 -99.46
CA ASP EA 455 42.36 -37.73 -99.61
C ASP EA 455 41.39 -37.99 -98.45
N ILE EA 456 41.77 -37.58 -97.23
CA ILE EA 456 40.91 -37.78 -96.07
C ILE EA 456 39.64 -36.96 -96.22
N ILE EA 457 39.77 -35.69 -96.56
CA ILE EA 457 38.59 -34.86 -96.65
C ILE EA 457 37.66 -35.35 -97.72
N ALA EA 458 38.20 -35.69 -98.88
CA ALA EA 458 37.33 -36.16 -99.93
C ALA EA 458 36.56 -37.40 -99.47
N ALA EA 459 37.24 -38.34 -98.80
CA ALA EA 459 36.53 -39.53 -98.34
C ALA EA 459 35.45 -39.18 -97.31
N VAL EA 460 35.75 -38.26 -96.38
CA VAL EA 460 34.79 -37.93 -95.34
C VAL EA 460 33.57 -37.24 -95.93
N SER EA 461 33.77 -36.36 -96.90
CA SER EA 461 32.67 -35.63 -97.52
C SER EA 461 31.65 -36.55 -98.15
N ALA EA 462 32.06 -37.76 -98.52
CA ALA EA 462 31.18 -38.71 -99.15
C ALA EA 462 30.07 -39.15 -98.21
N ALA EA 463 30.30 -39.02 -96.91
CA ALA EA 463 29.35 -39.42 -95.88
C ALA EA 463 28.30 -38.37 -95.59
N GLU EA 464 28.45 -37.15 -96.09
CA GLU EA 464 27.46 -36.15 -95.72
C GLU EA 464 26.00 -36.53 -96.07
N PRO EA 465 25.69 -37.13 -97.22
CA PRO EA 465 24.32 -37.58 -97.54
C PRO EA 465 24.00 -39.00 -97.06
N ILE EA 466 24.89 -39.59 -96.26
CA ILE EA 466 24.71 -40.96 -95.81
C ILE EA 466 24.24 -41.00 -94.37
N ASP EA 467 24.79 -40.13 -93.54
CA ASP EA 467 24.50 -40.21 -92.13
C ASP EA 467 23.28 -39.41 -91.69
N VAL EA 468 22.20 -40.15 -91.47
CA VAL EA 468 20.91 -39.59 -91.06
C VAL EA 468 20.66 -39.58 -89.52
N ASN EA 469 21.24 -40.44 -88.75
CA ASN EA 469 20.96 -40.43 -87.31
C ASN EA 469 22.04 -40.14 -86.24
N ASN EA 470 23.23 -39.68 -86.56
CA ASN EA 470 24.21 -39.49 -85.48
C ASN EA 470 24.50 -38.03 -85.16
N GLY EA 471 24.60 -37.71 -83.87
CA GLY EA 471 24.86 -36.36 -83.42
C GLY EA 471 26.35 -36.06 -83.29
N LYS EA 472 26.59 -34.84 -82.86
CA LYS EA 472 27.92 -34.24 -82.74
C LYS EA 472 28.94 -35.03 -81.91
N LEU EA 473 28.52 -35.68 -80.83
CA LEU EA 473 29.46 -36.36 -79.95
C LEU EA 473 29.64 -37.84 -80.26
N ASN EA 474 28.95 -38.33 -81.29
CA ASN EA 474 28.98 -39.74 -81.60
C ASN EA 474 30.39 -40.21 -81.93
N GLY EA 475 30.84 -41.26 -81.27
CA GLY EA 475 32.14 -41.84 -81.52
C GLY EA 475 33.28 -41.21 -80.74
N ARG EA 476 32.95 -40.32 -79.81
CA ARG EA 476 33.93 -39.64 -78.96
C ARG EA 476 33.99 -40.18 -77.51
N LEU EA 477 35.12 -39.93 -76.84
CA LEU EA 477 35.34 -40.35 -75.45
C LEU EA 477 34.70 -39.43 -74.41
N LEU EA 478 34.33 -40.00 -73.26
CA LEU EA 478 33.64 -39.23 -72.22
C LEU EA 478 34.48 -38.04 -71.74
N SER EA 479 35.77 -38.26 -71.50
CA SER EA 479 36.63 -37.19 -71.05
C SER EA 479 36.70 -36.06 -72.09
N ASP EA 480 36.67 -36.42 -73.37
CA ASP EA 480 36.77 -35.44 -74.45
C ASP EA 480 35.63 -34.45 -74.44
N ILE EA 481 34.41 -34.90 -74.16
CA ILE EA 481 33.26 -34.01 -74.19
C ILE EA 481 33.22 -32.94 -73.10
N GLU EA 482 33.95 -33.15 -72.00
CA GLU EA 482 33.87 -32.25 -70.85
C GLU EA 482 34.05 -30.79 -71.23
N PRO EA 483 35.02 -30.43 -72.05
CA PRO EA 483 35.16 -29.04 -72.50
C PRO EA 483 34.00 -28.56 -73.34
N LEU EA 484 33.54 -29.40 -74.28
CA LEU EA 484 32.45 -29.04 -75.20
C LEU EA 484 31.10 -28.91 -74.52
N ASP EA 485 30.77 -29.84 -73.63
CA ASP EA 485 29.50 -29.83 -72.92
C ASP EA 485 29.74 -30.16 -71.45
N ASN EA 486 28.93 -29.60 -70.56
CA ASN EA 486 29.12 -29.91 -69.15
C ASN EA 486 27.87 -30.43 -68.47
N ALA EA 487 26.71 -29.94 -68.89
CA ALA EA 487 25.50 -30.42 -68.26
C ALA EA 487 25.31 -31.89 -68.53
N THR EA 488 25.57 -32.28 -69.78
CA THR EA 488 25.42 -33.66 -70.17
C THR EA 488 26.47 -34.52 -69.50
N TYR EA 489 27.70 -34.03 -69.45
CA TYR EA 489 28.79 -34.75 -68.83
C TYR EA 489 28.50 -35.07 -67.37
N ASN EA 490 28.08 -34.07 -66.60
CA ASN EA 490 27.79 -34.30 -65.20
C ASN EA 490 26.62 -35.26 -65.03
N THR EA 491 25.62 -35.15 -65.89
CA THR EA 491 24.46 -36.03 -65.81
C THR EA 491 24.88 -37.48 -66.01
N ILE EA 492 25.74 -37.73 -67.00
CA ILE EA 492 26.20 -39.07 -67.28
C ILE EA 492 26.94 -39.66 -66.10
N LEU EA 493 27.84 -38.88 -65.49
CA LEU EA 493 28.57 -39.41 -64.34
C LEU EA 493 27.65 -39.77 -63.19
N LEU EA 494 26.63 -38.95 -62.93
CA LEU EA 494 25.68 -39.29 -61.89
C LEU EA 494 24.96 -40.58 -62.17
N GLU EA 495 24.59 -40.81 -63.44
CA GLU EA 495 23.88 -42.03 -63.77
C GLU EA 495 24.80 -43.25 -63.64
N ILE EA 496 26.08 -43.13 -64.03
CA ILE EA 496 27.01 -44.25 -63.93
C ILE EA 496 27.16 -44.70 -62.49
N ASN EA 497 27.27 -43.73 -61.59
CA ASN EA 497 27.52 -44.03 -60.20
C ASN EA 497 26.28 -44.55 -59.47
N SER EA 498 25.14 -44.69 -60.14
CA SER EA 498 23.97 -45.26 -59.49
C SER EA 498 24.02 -46.78 -59.44
N HIS EA 499 24.95 -47.40 -60.16
CA HIS EA 499 25.02 -48.86 -60.21
C HIS EA 499 25.90 -49.42 -59.10
N LYS EA 500 25.36 -50.36 -58.32
CA LYS EA 500 26.09 -50.91 -57.17
C LYS EA 500 26.56 -52.35 -57.38
N VAL EA 501 27.57 -52.72 -56.58
CA VAL EA 501 28.23 -54.02 -56.53
C VAL EA 501 27.41 -55.06 -55.74
N THR EA 502 27.38 -56.33 -56.20
CA THR EA 502 26.70 -57.44 -55.53
C THR EA 502 27.71 -58.54 -55.21
N LEU EA 503 27.71 -59.03 -53.97
CA LEU EA 503 28.69 -60.03 -53.51
C LEU EA 503 28.11 -61.26 -52.80
N PRO EA 504 28.78 -62.41 -52.90
CA PRO EA 504 28.49 -63.60 -52.07
C PRO EA 504 28.67 -63.19 -50.62
N PRO EA 505 27.93 -63.80 -49.68
CA PRO EA 505 27.93 -63.43 -48.24
C PRO EA 505 29.14 -63.84 -47.38
N SER EA 506 29.94 -64.83 -47.77
CA SER EA 506 31.02 -65.35 -46.94
C SER EA 506 32.02 -64.34 -46.37
N SER EA 507 32.35 -63.27 -47.09
CA SER EA 507 33.34 -62.34 -46.54
C SER EA 507 32.77 -61.49 -45.41
N SER EA 508 31.46 -61.31 -45.39
CA SER EA 508 30.84 -60.49 -44.37
C SER EA 508 30.68 -61.34 -43.14
N MET EA 509 30.51 -62.63 -43.36
CA MET EA 509 30.38 -63.51 -42.23
C MET EA 509 31.69 -63.62 -41.48
N ALA EA 510 32.82 -63.66 -42.18
CA ALA EA 510 34.10 -63.70 -41.48
C ALA EA 510 34.26 -62.48 -40.59
N GLY EA 511 33.81 -61.32 -41.07
CA GLY EA 511 33.82 -60.10 -40.27
C GLY EA 511 32.94 -60.25 -39.02
N ALA EA 512 31.72 -60.72 -39.22
CA ALA EA 512 30.78 -60.93 -38.12
C ALA EA 512 31.31 -61.90 -37.08
N TYR EA 513 32.00 -62.96 -37.51
CA TYR EA 513 32.57 -63.91 -36.56
C TYR EA 513 33.55 -63.19 -35.64
N ALA EA 514 34.40 -62.32 -36.21
CA ALA EA 514 35.36 -61.60 -35.39
C ALA EA 514 34.69 -60.74 -34.32
N ARG EA 515 33.60 -60.06 -34.68
CA ARG EA 515 32.90 -59.25 -33.70
C ARG EA 515 32.39 -60.07 -32.53
N VAL EA 516 31.75 -61.18 -32.82
CA VAL EA 516 31.17 -62.00 -31.78
C VAL EA 516 32.26 -62.56 -30.86
N ASP EA 517 33.36 -63.03 -31.43
CA ASP EA 517 34.45 -63.58 -30.63
C ASP EA 517 35.00 -62.54 -29.66
N ASN EA 518 35.05 -61.27 -30.05
CA ASN EA 518 35.56 -60.24 -29.16
C ASN EA 518 34.53 -59.77 -28.12
N ASP EA 519 33.26 -59.65 -28.51
CA ASP EA 519 32.21 -59.21 -27.59
C ASP EA 519 31.77 -60.23 -26.56
N ARG EA 520 31.66 -61.50 -26.94
CA ARG EA 520 31.16 -62.51 -26.03
C ARG EA 520 32.05 -63.74 -25.88
N GLY EA 521 32.75 -64.15 -26.93
CA GLY EA 521 33.57 -65.35 -26.87
C GLY EA 521 33.19 -66.36 -27.94
N VAL EA 522 34.11 -67.27 -28.24
CA VAL EA 522 33.97 -68.30 -29.28
C VAL EA 522 32.78 -69.24 -29.07
N TRP EA 523 32.27 -69.33 -27.86
CA TRP EA 523 31.14 -70.20 -27.58
C TRP EA 523 29.79 -69.54 -27.82
N LYS EA 524 29.77 -68.29 -28.23
CA LYS EA 524 28.54 -67.57 -28.53
C LYS EA 524 28.13 -67.76 -30.00
N SER EA 525 26.88 -68.10 -30.23
CA SER EA 525 26.39 -68.22 -31.60
C SER EA 525 26.45 -66.92 -32.43
N PRO EA 526 26.93 -67.01 -33.69
CA PRO EA 526 26.95 -65.92 -34.70
C PRO EA 526 25.60 -65.40 -35.19
N ALA EA 527 24.50 -66.07 -34.90
CA ALA EA 527 23.20 -65.63 -35.40
C ALA EA 527 22.66 -64.40 -34.67
N ASN EA 528 21.67 -63.75 -35.31
CA ASN EA 528 20.96 -62.55 -34.86
C ASN EA 528 21.89 -61.34 -34.74
N ILE EA 529 22.81 -61.24 -35.70
CA ILE EA 529 23.78 -60.16 -35.80
C ILE EA 529 23.56 -59.43 -37.12
N GLY EA 530 23.50 -58.10 -37.07
CA GLY EA 530 23.29 -57.30 -38.26
C GLY EA 530 24.55 -57.13 -39.10
N LEU EA 531 24.36 -56.91 -40.39
CA LEU EA 531 25.46 -56.69 -41.33
C LEU EA 531 25.61 -55.22 -41.73
N ASN EA 532 26.85 -54.77 -41.88
CA ASN EA 532 27.11 -53.41 -42.33
C ASN EA 532 27.28 -53.38 -43.83
N TYR EA 533 26.95 -52.22 -44.41
CA TYR EA 533 27.05 -51.97 -45.85
C TYR EA 533 26.18 -52.89 -46.68
N VAL EA 534 25.01 -53.27 -46.18
CA VAL EA 534 24.12 -54.13 -46.94
C VAL EA 534 22.79 -53.42 -47.08
N SER EA 535 22.36 -53.25 -48.33
CA SER EA 535 21.08 -52.63 -48.59
C SER EA 535 19.98 -53.64 -48.46
N LYS EA 536 20.23 -54.83 -49.00
CA LYS EA 536 19.24 -55.89 -48.97
C LYS EA 536 19.85 -57.22 -49.46
N PRO EA 537 19.21 -58.36 -49.10
CA PRO EA 537 19.43 -59.66 -49.72
C PRO EA 537 19.04 -59.59 -51.18
N SER EA 538 19.72 -60.35 -52.04
CA SER EA 538 19.42 -60.36 -53.47
C SER EA 538 18.00 -60.88 -53.77
N VAL EA 539 17.55 -61.86 -53.00
CA VAL EA 539 16.21 -62.46 -53.16
C VAL EA 539 15.51 -62.54 -51.82
N THR EA 540 14.20 -62.66 -51.85
CA THR EA 540 13.42 -62.83 -50.62
C THR EA 540 13.04 -64.29 -50.47
N VAL EA 541 13.31 -64.85 -49.28
CA VAL EA 541 13.04 -66.25 -49.02
C VAL EA 541 11.84 -66.36 -48.09
N SER EA 542 10.78 -67.05 -48.52
CA SER EA 542 9.54 -67.21 -47.78
C SER EA 542 9.67 -68.22 -46.67
N HIS EA 543 8.69 -68.26 -45.75
CA HIS EA 543 8.74 -69.24 -44.66
C HIS EA 543 8.66 -70.66 -45.14
N GLU EA 544 7.88 -70.90 -46.20
CA GLU EA 544 7.75 -72.23 -46.74
C GLU EA 544 9.10 -72.76 -47.18
N GLU EA 545 9.89 -71.88 -47.77
CA GLU EA 545 11.22 -72.24 -48.22
C GLU EA 545 12.18 -72.39 -47.07
N GLN EA 546 12.12 -71.45 -46.13
CA GLN EA 546 13.05 -71.39 -45.03
C GLN EA 546 13.04 -72.65 -44.16
N GLU EA 547 11.91 -73.30 -43.99
CA GLU EA 547 11.91 -74.51 -43.19
C GLU EA 547 12.80 -75.60 -43.78
N SER EA 548 12.96 -75.65 -45.11
CA SER EA 548 13.76 -76.70 -45.74
C SER EA 548 15.26 -76.36 -45.70
N MET EA 549 15.59 -75.15 -45.30
CA MET EA 549 16.97 -74.74 -45.19
C MET EA 549 17.48 -75.12 -43.84
N ASN EA 550 16.60 -75.10 -42.84
CA ASN EA 550 16.98 -75.41 -41.47
C ASN EA 550 16.94 -76.88 -41.13
N VAL EA 551 15.92 -77.60 -41.58
CA VAL EA 551 15.80 -79.01 -41.30
C VAL EA 551 15.61 -79.74 -42.61
N HIS EA 552 16.42 -80.75 -42.85
CA HIS EA 552 16.38 -81.48 -44.10
C HIS EA 552 16.89 -82.90 -43.92
N GLY EA 553 16.36 -83.82 -44.73
CA GLY EA 553 16.76 -85.22 -44.68
C GLY EA 553 18.26 -85.48 -44.81
N THR EA 554 18.99 -84.62 -45.52
CA THR EA 554 20.42 -84.82 -45.66
C THR EA 554 21.28 -84.23 -44.54
N GLY EA 555 20.72 -83.35 -43.72
CA GLY EA 555 21.45 -82.65 -42.67
C GLY EA 555 22.25 -81.45 -43.17
N LYS EA 556 22.22 -81.22 -44.49
CA LYS EA 556 22.99 -80.16 -45.11
C LYS EA 556 22.23 -78.83 -45.06
N SER EA 557 22.17 -78.31 -43.86
CA SER EA 557 21.50 -77.06 -43.56
C SER EA 557 22.16 -75.87 -44.20
N VAL EA 558 21.37 -74.85 -44.50
CA VAL EA 558 21.88 -73.58 -45.04
C VAL EA 558 21.34 -72.44 -44.17
N ASN EA 559 22.22 -71.56 -43.71
CA ASN EA 559 21.77 -70.46 -42.87
C ASN EA 559 21.20 -69.35 -43.74
N ALA EA 560 20.19 -68.62 -43.26
CA ALA EA 560 19.53 -67.63 -44.11
C ALA EA 560 19.87 -66.19 -43.78
N ILE EA 561 19.93 -65.37 -44.81
CA ILE EA 561 20.08 -63.93 -44.62
C ILE EA 561 18.70 -63.30 -44.85
N ARG EA 562 18.19 -62.56 -43.86
CA ARG EA 562 16.83 -62.01 -43.93
C ARG EA 562 16.70 -60.54 -43.55
N SER EA 563 15.71 -59.89 -44.15
CA SER EA 563 15.37 -58.50 -43.85
C SER EA 563 14.18 -58.41 -42.90
N PHE EA 564 14.35 -57.67 -41.80
CA PHE EA 564 13.28 -57.50 -40.82
C PHE EA 564 12.85 -56.04 -40.71
N VAL EA 565 11.56 -55.83 -40.49
CA VAL EA 565 11.04 -54.48 -40.43
C VAL EA 565 11.58 -53.71 -39.24
N GLY EA 566 12.16 -52.55 -39.52
CA GLY EA 566 12.73 -51.68 -38.51
C GLY EA 566 14.13 -52.09 -38.09
N LYS EA 567 14.68 -53.17 -38.64
CA LYS EA 567 15.98 -53.64 -38.23
C LYS EA 567 17.00 -53.71 -39.35
N GLY EA 568 16.57 -54.08 -40.55
CA GLY EA 568 17.51 -54.27 -41.64
C GLY EA 568 17.89 -55.72 -41.78
N THR EA 569 19.06 -55.98 -42.35
CA THR EA 569 19.44 -57.35 -42.70
C THR EA 569 20.19 -58.05 -41.57
N LEU EA 570 19.65 -59.20 -41.15
CA LEU EA 570 20.19 -60.04 -40.07
C LEU EA 570 20.54 -61.45 -40.53
N VAL EA 571 21.48 -62.07 -39.82
CA VAL EA 571 21.81 -63.49 -40.02
C VAL EA 571 20.86 -64.35 -39.20
N TRP EA 572 20.11 -65.24 -39.84
CA TRP EA 572 19.11 -66.03 -39.15
C TRP EA 572 19.45 -67.54 -39.18
N GLY EA 573 19.91 -68.07 -38.06
CA GLY EA 573 20.35 -69.46 -37.97
C GLY EA 573 21.87 -69.60 -37.92
N ALA EA 574 22.35 -70.63 -37.22
CA ALA EA 574 23.78 -70.85 -37.07
C ALA EA 574 24.15 -72.33 -36.97
N ARG EA 575 23.74 -73.12 -37.95
CA ARG EA 575 24.03 -74.54 -37.94
C ARG EA 575 25.11 -74.92 -38.95
N THR EA 576 25.71 -76.08 -38.72
CA THR EA 576 26.75 -76.69 -39.54
C THR EA 576 26.14 -77.57 -40.63
N LEU EA 577 27.00 -78.08 -41.53
CA LEU EA 577 26.54 -78.98 -42.60
C LEU EA 577 26.24 -80.41 -42.11
N ALA EA 578 26.27 -80.63 -40.82
CA ALA EA 578 25.89 -81.87 -40.17
C ALA EA 578 24.85 -81.51 -39.13
N GLY EA 579 23.81 -80.81 -39.60
CA GLY EA 579 22.80 -80.14 -38.79
C GLY EA 579 21.86 -81.04 -38.02
N ASN EA 580 21.85 -82.33 -38.30
CA ASN EA 580 21.00 -83.24 -37.56
C ASN EA 580 21.80 -84.00 -36.54
N ASP EA 581 23.10 -83.75 -36.47
CA ASP EA 581 23.95 -84.50 -35.58
C ASP EA 581 23.67 -84.11 -34.13
N ASN EA 582 23.73 -85.10 -33.25
CA ASN EA 582 23.49 -84.84 -31.85
C ASN EA 582 24.61 -84.07 -31.16
N GLU EA 583 25.84 -84.12 -31.65
CA GLU EA 583 26.92 -83.40 -30.98
C GLU EA 583 27.40 -82.18 -31.74
N TRP EA 584 27.49 -82.26 -33.07
CA TRP EA 584 28.11 -81.22 -33.89
C TRP EA 584 27.19 -80.37 -34.79
N ARG EA 585 25.92 -80.21 -34.44
CA ARG EA 585 25.03 -79.40 -35.28
C ARG EA 585 25.23 -77.90 -35.17
N TYR EA 586 25.79 -77.39 -34.07
CA TYR EA 586 25.94 -75.95 -33.92
C TYR EA 586 27.35 -75.50 -34.24
N ILE EA 587 27.44 -74.32 -34.87
CA ILE EA 587 28.73 -73.77 -35.23
C ILE EA 587 29.56 -73.46 -34.00
N SER EA 588 28.95 -72.82 -33.00
CA SER EA 588 29.65 -72.42 -31.80
C SER EA 588 30.20 -73.59 -31.00
N VAL EA 589 29.55 -74.74 -31.06
CA VAL EA 589 30.06 -75.88 -30.34
C VAL EA 589 31.32 -76.38 -31.01
N ARG EA 590 31.31 -76.52 -32.33
CA ARG EA 590 32.48 -76.99 -33.06
C ARG EA 590 33.65 -76.02 -32.96
N ARG EA 591 33.40 -74.73 -33.02
CA ARG EA 591 34.49 -73.78 -32.92
C ARG EA 591 35.08 -73.74 -31.52
N PHE EA 592 34.26 -73.87 -30.47
CA PHE EA 592 34.77 -73.92 -29.12
C PHE EA 592 35.76 -75.06 -28.95
N PHE EA 593 35.39 -76.26 -29.41
CA PHE EA 593 36.29 -77.38 -29.28
C PHE EA 593 37.59 -77.14 -30.02
N ASN EA 594 37.56 -76.60 -31.24
CA ASN EA 594 38.83 -76.40 -31.93
C ASN EA 594 39.77 -75.52 -31.12
N MET EA 595 39.21 -74.46 -30.52
CA MET EA 595 39.99 -73.54 -29.69
C MET EA 595 40.55 -74.23 -28.46
N ALA EA 596 39.69 -74.91 -27.72
CA ALA EA 596 40.12 -75.51 -26.47
C ALA EA 596 41.19 -76.57 -26.70
N GLU EA 597 41.04 -77.35 -27.76
CA GLU EA 597 42.01 -78.39 -28.03
C GLU EA 597 43.37 -77.82 -28.38
N GLU EA 598 43.41 -76.76 -29.19
CA GLU EA 598 44.69 -76.14 -29.54
C GLU EA 598 45.42 -75.61 -28.32
N SER EA 599 44.69 -74.94 -27.41
CA SER EA 599 45.32 -74.38 -26.23
C SER EA 599 45.89 -75.45 -25.33
N ILE EA 600 45.17 -76.56 -25.13
CA ILE EA 600 45.70 -77.61 -24.29
C ILE EA 600 46.92 -78.23 -24.94
N LYS EA 601 46.84 -78.51 -26.25
CA LYS EA 601 47.96 -79.09 -26.95
C LYS EA 601 49.25 -78.29 -26.75
N LYS EA 602 49.18 -76.97 -26.85
CA LYS EA 602 50.36 -76.16 -26.63
C LYS EA 602 50.87 -76.25 -25.19
N ALA EA 603 49.96 -76.24 -24.23
CA ALA EA 603 50.32 -76.32 -22.82
C ALA EA 603 51.08 -77.61 -22.48
N THR EA 604 50.79 -78.71 -23.17
CA THR EA 604 51.43 -79.98 -22.85
C THR EA 604 52.78 -80.18 -23.55
N GLU EA 605 53.23 -79.25 -24.40
CA GLU EA 605 54.51 -79.46 -25.10
C GLU EA 605 55.70 -79.52 -24.13
N GLN EA 606 55.61 -78.81 -23.02
CA GLN EA 606 56.67 -78.77 -22.03
C GLN EA 606 56.97 -80.12 -21.37
N PHE EA 607 56.11 -81.11 -21.52
CA PHE EA 607 56.34 -82.41 -20.91
C PHE EA 607 56.79 -83.48 -21.89
N VAL EA 608 57.05 -83.14 -23.14
CA VAL EA 608 57.32 -84.16 -24.17
C VAL EA 608 58.50 -85.08 -23.87
N PHE EA 609 59.59 -84.55 -23.36
CA PHE EA 609 60.74 -85.42 -23.13
C PHE EA 609 60.95 -85.75 -21.66
N GLU EA 610 59.91 -85.61 -20.85
CA GLU EA 610 59.99 -85.92 -19.43
C GLU EA 610 59.85 -87.45 -19.23
N PRO EA 611 60.35 -87.98 -18.11
CA PRO EA 611 60.16 -89.40 -17.73
C PRO EA 611 58.69 -89.75 -17.68
N ASN EA 612 58.35 -90.98 -18.08
CA ASN EA 612 56.97 -91.42 -18.10
C ASN EA 612 56.69 -92.21 -16.83
N ASP EA 613 56.25 -91.47 -15.79
CA ASP EA 613 56.01 -92.02 -14.46
C ASP EA 613 55.04 -91.10 -13.72
N GLY EA 614 54.69 -91.50 -12.48
CA GLY EA 614 53.73 -90.79 -11.65
C GLY EA 614 54.03 -89.32 -11.38
N ASN EA 615 55.32 -88.95 -11.33
CA ASN EA 615 55.68 -87.58 -11.06
C ASN EA 615 55.43 -86.65 -12.24
N THR EA 616 55.14 -87.20 -13.40
CA THR EA 616 54.84 -86.42 -14.58
C THR EA 616 53.34 -86.45 -14.77
N TRP EA 617 52.74 -87.62 -14.60
CA TRP EA 617 51.32 -87.79 -14.84
C TRP EA 617 50.52 -86.80 -14.01
N VAL EA 618 50.92 -86.61 -12.76
CA VAL EA 618 50.27 -85.68 -11.85
C VAL EA 618 50.41 -84.22 -12.27
N ARG EA 619 51.56 -83.83 -12.82
CA ARG EA 619 51.78 -82.47 -13.28
C ARG EA 619 50.96 -82.15 -14.50
N VAL EA 620 50.81 -83.11 -15.42
CA VAL EA 620 50.00 -82.94 -16.62
C VAL EA 620 48.56 -82.73 -16.24
N ARG EA 621 48.05 -83.55 -15.30
CA ARG EA 621 46.69 -83.37 -14.86
C ARG EA 621 46.43 -82.01 -14.23
N ALA EA 622 47.30 -81.56 -13.34
CA ALA EA 622 47.05 -80.29 -12.67
C ALA EA 622 46.94 -79.15 -13.66
N MET EA 623 47.81 -79.15 -14.64
CA MET EA 623 47.80 -78.10 -15.64
C MET EA 623 46.53 -78.08 -16.48
N ILE EA 624 46.09 -79.24 -16.95
CA ILE EA 624 44.90 -79.29 -17.78
C ILE EA 624 43.70 -78.83 -17.00
N GLU EA 625 43.58 -79.27 -15.73
CA GLU EA 625 42.46 -78.86 -14.90
C GLU EA 625 42.44 -77.35 -14.69
N ASN EA 626 43.60 -76.71 -14.54
CA ASN EA 626 43.62 -75.27 -14.37
C ASN EA 626 43.09 -74.54 -15.61
N PHE EA 627 43.44 -75.03 -16.80
CA PHE EA 627 42.90 -74.43 -18.02
C PHE EA 627 41.38 -74.52 -18.04
N LEU EA 628 40.87 -75.71 -17.77
CA LEU EA 628 39.45 -75.96 -17.85
C LEU EA 628 38.65 -75.23 -16.78
N ILE EA 629 39.19 -75.06 -15.57
CA ILE EA 629 38.42 -74.38 -14.56
C ILE EA 629 38.20 -72.92 -14.97
N LEU EA 630 39.17 -72.30 -15.66
CA LEU EA 630 38.99 -70.94 -16.11
C LEU EA 630 37.89 -70.86 -17.16
N GLN EA 631 37.85 -71.83 -18.08
CA GLN EA 631 36.82 -71.84 -19.11
C GLN EA 631 35.43 -72.01 -18.51
N TRP EA 632 35.35 -72.80 -17.44
CA TRP EA 632 34.09 -72.99 -16.73
C TRP EA 632 33.62 -71.68 -16.09
N ARG EA 633 34.50 -70.97 -15.40
CA ARG EA 633 34.12 -69.70 -14.77
C ARG EA 633 33.68 -68.67 -15.81
N ALA EA 634 34.31 -68.71 -16.99
CA ALA EA 634 34.02 -67.82 -18.11
C ALA EA 634 32.66 -68.06 -18.75
N GLY EA 635 32.01 -69.19 -18.47
CA GLY EA 635 30.72 -69.49 -19.07
C GLY EA 635 30.74 -70.38 -20.32
N ALA EA 636 31.86 -71.05 -20.61
CA ALA EA 636 31.87 -71.91 -21.79
C ALA EA 636 31.33 -73.30 -21.49
N LEU EA 637 31.64 -73.79 -20.30
CA LEU EA 637 31.28 -75.14 -19.90
C LEU EA 637 30.07 -75.14 -18.99
N ALA EA 638 29.29 -76.19 -19.12
CA ALA EA 638 28.08 -76.42 -18.34
C ALA EA 638 28.40 -77.09 -17.01
N GLY EA 639 27.49 -77.00 -16.04
CA GLY EA 639 27.66 -77.70 -14.74
C GLY EA 639 27.73 -76.80 -13.52
N ALA EA 640 26.98 -77.17 -12.46
CA ALA EA 640 26.89 -76.43 -11.20
C ALA EA 640 28.21 -76.30 -10.45
N LYS EA 641 29.04 -77.33 -10.52
CA LYS EA 641 30.35 -77.36 -9.90
C LYS EA 641 31.22 -78.18 -10.84
N PRO EA 642 32.57 -78.07 -10.77
CA PRO EA 642 33.53 -78.74 -11.68
C PRO EA 642 33.29 -80.22 -11.89
N GLU EA 643 32.81 -80.92 -10.86
CA GLU EA 643 32.51 -82.35 -10.98
C GLU EA 643 31.48 -82.69 -12.05
N HIS EA 644 30.72 -81.70 -12.49
CA HIS EA 644 29.72 -81.90 -13.51
C HIS EA 644 30.07 -81.24 -14.82
N ALA EA 645 31.22 -80.58 -14.88
CA ALA EA 645 31.63 -79.84 -16.06
C ALA EA 645 32.70 -80.56 -16.84
N PHE EA 646 33.67 -81.13 -16.13
CA PHE EA 646 34.77 -81.78 -16.83
C PHE EA 646 35.51 -82.79 -16.00
N TYR EA 647 36.30 -83.62 -16.68
CA TYR EA 647 37.21 -84.51 -15.96
C TYR EA 647 38.44 -84.78 -16.79
N VAL EA 648 39.53 -85.18 -16.10
CA VAL EA 648 40.78 -85.60 -16.72
C VAL EA 648 41.27 -86.89 -16.05
N LYS EA 649 41.60 -87.92 -16.83
CA LYS EA 649 42.10 -89.19 -16.27
C LYS EA 649 43.44 -89.59 -16.87
N VAL EA 650 44.42 -89.86 -16.01
CA VAL EA 650 45.74 -90.28 -16.46
C VAL EA 650 46.27 -91.36 -15.54
N GLY EA 651 46.75 -92.49 -16.06
CA GLY EA 651 47.39 -93.42 -15.16
C GLY EA 651 47.51 -94.84 -15.68
N LEU EA 652 48.42 -95.58 -15.06
CA LEU EA 652 48.58 -96.96 -15.49
C LEU EA 652 47.49 -97.73 -14.81
N GLY EA 653 46.79 -98.54 -15.59
CA GLY EA 653 45.65 -99.26 -15.11
C GLY EA 653 44.37 -98.48 -15.36
N GLN EA 654 44.49 -97.21 -15.75
CA GLN EA 654 43.32 -96.38 -16.04
C GLN EA 654 43.25 -96.10 -17.52
N THR EA 655 44.33 -95.54 -18.06
CA THR EA 655 44.42 -95.17 -19.45
C THR EA 655 45.58 -95.84 -20.16
N MET EA 656 46.57 -96.33 -19.42
CA MET EA 656 47.80 -96.92 -19.95
C MET EA 656 48.08 -98.35 -19.48
N THR EA 657 48.83 -99.08 -20.30
CA THR EA 657 49.28 -100.39 -19.83
C THR EA 657 50.81 -100.51 -19.88
N ALA EA 658 51.32 -101.67 -19.46
CA ALA EA 658 52.76 -101.88 -19.39
C ALA EA 658 53.43 -101.69 -20.74
N GLN EA 659 52.73 -102.11 -21.80
CA GLN EA 659 53.26 -101.99 -23.14
C GLN EA 659 53.41 -100.54 -23.57
N ASP EA 660 52.57 -99.63 -23.06
CA ASP EA 660 52.67 -98.24 -23.48
C ASP EA 660 53.86 -97.63 -22.81
N ILE EA 661 54.15 -98.08 -21.61
CA ILE EA 661 55.30 -97.53 -20.94
C ILE EA 661 56.53 -97.93 -21.74
N LEU EA 662 56.56 -99.19 -22.21
CA LEU EA 662 57.69 -99.69 -22.98
C LEU EA 662 57.82 -98.97 -24.34
N GLU EA 663 56.69 -98.70 -25.00
CA GLU EA 663 56.69 -97.99 -26.28
C GLU EA 663 57.05 -96.53 -26.13
N GLY EA 664 56.65 -95.92 -25.02
CA GLY EA 664 56.88 -94.51 -24.76
C GLY EA 664 55.62 -93.68 -24.98
N ASN EA 665 54.45 -94.27 -24.83
CA ASN EA 665 53.20 -93.58 -25.02
C ASN EA 665 52.64 -93.07 -23.69
N MET EA 666 51.85 -92.01 -23.76
CA MET EA 666 51.13 -91.53 -22.59
C MET EA 666 49.71 -91.17 -23.00
N ASN EA 667 48.74 -91.77 -22.33
CA ASN EA 667 47.33 -91.61 -22.68
C ASN EA 667 46.55 -90.75 -21.70
N VAL EA 668 46.01 -89.64 -22.19
CA VAL EA 668 45.25 -88.73 -21.34
C VAL EA 668 43.81 -88.64 -21.83
N GLU EA 669 42.84 -88.91 -20.96
CA GLU EA 669 41.44 -88.86 -21.34
C GLU EA 669 40.73 -87.65 -20.74
N ILE EA 670 40.02 -86.90 -21.57
CA ILE EA 670 39.34 -85.67 -21.15
C ILE EA 670 37.89 -85.66 -21.60
N GLY EA 671 36.98 -85.26 -20.71
CA GLY EA 671 35.57 -85.11 -21.07
C GLY EA 671 35.12 -83.70 -20.77
N LEU EA 672 34.14 -83.19 -21.55
CA LEU EA 672 33.63 -81.81 -21.37
C LEU EA 672 32.13 -81.65 -21.59
N ALA EA 673 31.43 -80.96 -20.68
CA ALA EA 673 30.03 -80.61 -20.88
C ALA EA 673 29.92 -79.19 -21.39
N VAL EA 674 29.24 -78.97 -22.52
CA VAL EA 674 29.28 -77.61 -23.07
C VAL EA 674 27.89 -77.01 -23.14
N VAL EA 675 27.87 -75.68 -23.21
CA VAL EA 675 26.65 -74.89 -23.30
C VAL EA 675 26.13 -74.81 -24.75
N ARG EA 676 24.82 -75.02 -24.93
CA ARG EA 676 24.17 -74.96 -26.23
C ARG EA 676 23.12 -73.83 -26.22
N PRO EA 677 22.86 -73.18 -27.37
CA PRO EA 677 21.92 -72.04 -27.52
C PRO EA 677 20.44 -72.39 -27.52
N ALA EA 678 19.61 -71.39 -27.20
CA ALA EA 678 18.18 -71.55 -27.38
C ALA EA 678 17.76 -71.07 -28.77
N GLU EA 679 16.95 -71.87 -29.46
CA GLU EA 679 16.46 -71.48 -30.78
C GLU EA 679 14.96 -71.19 -30.81
N PHE EA 680 14.19 -71.75 -29.89
CA PHE EA 680 12.75 -71.62 -29.94
C PHE EA 680 12.20 -71.13 -28.62
N ILE EA 681 11.13 -70.34 -28.69
CA ILE EA 681 10.43 -69.86 -27.51
C ILE EA 681 8.98 -70.26 -27.58
N ILE EA 682 8.50 -70.94 -26.54
CA ILE EA 682 7.13 -71.40 -26.52
C ILE EA 682 6.39 -70.74 -25.37
N LEU EA 683 5.28 -70.09 -25.68
CA LEU EA 683 4.47 -69.42 -24.67
C LEU EA 683 3.18 -70.16 -24.40
N LYS EA 684 2.69 -70.02 -23.18
CA LYS EA 684 1.41 -70.58 -22.75
C LYS EA 684 0.74 -69.58 -21.81
N PHE EA 685 -0.59 -69.47 -21.89
CA PHE EA 685 -1.34 -68.58 -21.03
C PHE EA 685 -2.45 -69.33 -20.31
N SER EA 686 -2.73 -68.96 -19.05
CA SER EA 686 -3.86 -69.53 -18.32
C SER EA 686 -4.39 -68.44 -17.38
N HIS EA 687 -5.64 -68.58 -16.99
CA HIS EA 687 -6.29 -67.57 -16.17
C HIS EA 687 -7.12 -68.12 -15.02
N LYS EA 688 -7.39 -67.23 -14.08
CA LYS EA 688 -8.33 -67.47 -12.98
C LYS EA 688 -9.20 -66.23 -12.82
N MET EA 689 -10.40 -66.40 -12.26
CA MET EA 689 -11.27 -65.27 -11.98
C MET EA 689 -10.93 -64.70 -10.62
N GLN EA 690 -11.02 -63.39 -10.48
CA GLN EA 690 -10.76 -62.78 -9.20
C GLN EA 690 -11.69 -63.32 -8.13
N THR FA 3 7.92 -80.40 -32.68
CA THR FA 3 8.96 -80.14 -33.66
C THR FA 3 8.84 -78.80 -34.32
N TYR FA 4 9.90 -78.02 -34.21
CA TYR FA 4 9.94 -76.73 -34.85
C TYR FA 4 11.13 -76.74 -35.77
N LYS FA 5 11.03 -76.00 -36.86
CA LYS FA 5 12.13 -75.96 -37.81
C LYS FA 5 12.76 -74.59 -37.99
N THR FA 6 11.98 -73.54 -37.79
CA THR FA 6 12.45 -72.18 -37.99
C THR FA 6 12.55 -71.46 -36.64
N PRO FA 7 13.68 -70.83 -36.31
CA PRO FA 7 13.84 -70.08 -35.07
C PRO FA 7 12.75 -69.04 -34.95
N GLY FA 8 12.16 -68.90 -33.78
CA GLY FA 8 11.09 -67.93 -33.63
C GLY FA 8 10.35 -68.10 -32.32
N VAL FA 9 9.30 -67.30 -32.17
CA VAL FA 9 8.47 -67.33 -30.99
C VAL FA 9 7.15 -67.97 -31.34
N TYR FA 10 6.80 -69.01 -30.62
CA TYR FA 10 5.58 -69.74 -30.90
C TYR FA 10 4.64 -69.68 -29.72
N ILE FA 11 3.36 -69.68 -30.01
CA ILE FA 11 2.32 -69.69 -28.99
C ILE FA 11 1.54 -70.99 -29.12
N GLU FA 12 1.44 -71.73 -28.02
CA GLU FA 12 0.77 -73.02 -28.07
C GLU FA 12 -0.29 -73.11 -26.99
N GLU FA 13 -1.42 -73.73 -27.33
CA GLU FA 13 -2.51 -73.98 -26.39
C GLU FA 13 -2.19 -75.12 -25.44
N ILE FA 14 -1.62 -76.19 -25.95
CA ILE FA 14 -1.35 -77.39 -25.17
C ILE FA 14 0.11 -77.74 -25.16
N THR FA 15 0.69 -77.76 -23.96
CA THR FA 15 2.09 -78.08 -23.83
C THR FA 15 2.28 -79.08 -22.70
N LYS FA 16 3.44 -79.71 -22.67
CA LYS FA 16 3.83 -80.62 -21.61
C LYS FA 16 4.79 -79.90 -20.69
N PHE FA 17 4.69 -80.15 -19.41
CA PHE FA 17 5.55 -79.49 -18.47
C PHE FA 17 6.55 -80.50 -17.91
N PRO FA 18 7.76 -80.04 -17.52
CA PRO FA 18 8.85 -80.80 -16.86
C PRO FA 18 8.83 -80.83 -15.33
N PRO FA 19 7.99 -81.62 -14.64
CA PRO FA 19 8.03 -81.71 -13.18
C PRO FA 19 9.29 -82.47 -12.87
N SER FA 20 9.86 -82.28 -11.67
CA SER FA 20 11.10 -83.01 -11.38
C SER FA 20 11.47 -83.24 -9.93
N VAL FA 21 11.12 -82.34 -9.03
CA VAL FA 21 11.57 -82.46 -7.64
C VAL FA 21 10.45 -82.79 -6.68
N ALA FA 22 10.60 -83.93 -6.03
CA ALA FA 22 9.68 -84.38 -5.01
C ALA FA 22 10.19 -83.90 -3.67
N GLN FA 23 9.27 -83.76 -2.71
CA GLN FA 23 9.66 -83.36 -1.37
C GLN FA 23 8.69 -84.04 -0.42
N VAL FA 24 9.05 -84.11 0.85
CA VAL FA 24 8.16 -84.74 1.80
C VAL FA 24 7.04 -83.80 2.21
N GLU FA 25 5.82 -84.30 2.09
CA GLU FA 25 4.62 -83.57 2.46
C GLU FA 25 3.72 -84.54 3.22
N THR FA 26 2.81 -83.98 4.01
CA THR FA 26 1.91 -84.78 4.82
C THR FA 26 0.48 -84.94 4.30
N ALA FA 27 0.04 -84.08 3.37
CA ALA FA 27 -1.32 -84.15 2.83
C ALA FA 27 -1.34 -84.71 1.41
N ILE FA 28 -1.12 -86.01 1.22
CA ILE FA 28 -1.07 -86.55 -0.13
C ILE FA 28 -2.19 -87.56 -0.36
N PRO FA 29 -3.24 -87.20 -1.05
CA PRO FA 29 -4.35 -88.10 -1.29
C PRO FA 29 -4.11 -89.01 -2.45
N ALA FA 30 -4.77 -90.15 -2.39
CA ALA FA 30 -4.94 -90.98 -3.56
C ALA FA 30 -6.41 -90.95 -3.95
N PHE FA 31 -6.67 -90.87 -5.24
CA PHE FA 31 -8.03 -90.85 -5.76
C PHE FA 31 -8.27 -92.07 -6.64
N ILE FA 32 -9.20 -92.93 -6.22
CA ILE FA 32 -9.49 -94.16 -6.95
C ILE FA 32 -10.85 -94.08 -7.67
N GLY FA 33 -10.86 -94.19 -9.00
CA GLY FA 33 -12.13 -94.07 -9.76
C GLY FA 33 -12.01 -94.21 -11.28
N TYR FA 34 -13.02 -93.75 -12.04
CA TYR FA 34 -13.00 -93.94 -13.51
C TYR FA 34 -12.55 -92.70 -14.30
N THR FA 35 -11.88 -92.91 -15.44
CA THR FA 35 -11.44 -91.80 -16.30
C THR FA 35 -11.82 -91.99 -17.79
N GLN FA 36 -11.64 -90.94 -18.59
CA GLN FA 36 -11.95 -91.02 -20.01
C GLN FA 36 -11.06 -92.02 -20.74
N PHE FA 37 -9.78 -92.00 -20.42
CA PHE FA 37 -8.74 -92.83 -21.00
C PHE FA 37 -7.62 -93.01 -19.99
N ALA FA 38 -6.61 -93.79 -20.35
CA ALA FA 38 -5.53 -94.03 -19.41
C ALA FA 38 -4.25 -94.38 -20.14
N ARG FA 39 -3.62 -93.40 -20.80
CA ARG FA 39 -2.49 -93.77 -21.64
C ARG FA 39 -1.20 -93.01 -21.36
N THR FA 40 -0.12 -93.78 -21.31
CA THR FA 40 1.23 -93.27 -21.07
C THR FA 40 1.65 -92.29 -22.14
N LYS FA 41 1.39 -92.65 -23.39
CA LYS FA 41 1.76 -91.81 -24.49
C LYS FA 41 0.55 -91.03 -24.98
N PRO FA 42 0.60 -89.68 -24.95
CA PRO FA 42 -0.48 -88.80 -25.35
C PRO FA 42 -1.09 -89.12 -26.71
N SER FA 43 -0.32 -89.68 -27.64
CA SER FA 43 -0.89 -89.97 -28.96
C SER FA 43 -0.83 -91.43 -29.41
N VAL FA 44 -1.27 -92.35 -28.56
CA VAL FA 44 -1.42 -93.75 -28.97
C VAL FA 44 -2.84 -94.18 -28.66
N ASP FA 45 -3.30 -95.29 -29.24
CA ASP FA 45 -4.67 -95.70 -28.95
C ASP FA 45 -4.80 -96.54 -27.67
N SER FA 46 -3.73 -97.21 -27.25
CA SER FA 46 -3.76 -98.08 -26.08
C SER FA 46 -3.88 -97.37 -24.72
N ASP FA 47 -4.64 -98.00 -23.82
CA ASP FA 47 -4.75 -97.61 -22.42
C ASP FA 47 -3.85 -98.53 -21.60
N ASP FA 48 -2.88 -97.96 -20.89
CA ASP FA 48 -1.93 -98.75 -20.13
C ASP FA 48 -1.60 -98.22 -18.73
N LEU FA 49 -2.30 -97.17 -18.29
CA LEU FA 49 -2.08 -96.60 -16.96
C LEU FA 49 -3.17 -96.97 -15.98
N ILE FA 50 -4.09 -97.85 -16.34
CA ILE FA 50 -5.26 -98.00 -15.49
C ILE FA 50 -4.90 -98.40 -14.05
N LEU FA 51 -4.17 -99.48 -13.86
CA LEU FA 51 -3.85 -99.88 -12.51
C LEU FA 51 -2.42 -99.55 -12.14
N LYS FA 52 -1.90 -98.46 -12.71
CA LYS FA 52 -0.54 -98.02 -12.43
C LYS FA 52 -0.59 -96.66 -11.76
N PRO FA 53 -0.52 -96.55 -10.43
CA PRO FA 53 -0.66 -95.27 -9.73
C PRO FA 53 0.31 -94.26 -10.30
N LYS FA 54 -0.18 -93.05 -10.56
CA LYS FA 54 0.67 -92.03 -11.14
C LYS FA 54 0.59 -90.73 -10.36
N ARG FA 55 1.72 -90.03 -10.31
CA ARG FA 55 1.82 -88.73 -9.67
C ARG FA 55 1.46 -87.59 -10.61
N ILE FA 56 0.51 -86.76 -10.19
CA ILE FA 56 -0.05 -85.61 -10.90
C ILE FA 56 0.21 -84.32 -10.11
N SER FA 57 0.71 -83.26 -10.78
CA SER FA 57 0.96 -81.99 -10.10
C SER FA 57 -0.18 -81.00 -10.26
N SER FA 58 -0.91 -81.09 -11.36
CA SER FA 58 -2.01 -80.16 -11.63
C SER FA 58 -3.02 -80.79 -12.58
N LEU FA 59 -4.11 -80.06 -12.90
CA LEU FA 59 -5.10 -80.49 -13.88
C LEU FA 59 -4.48 -80.59 -15.25
N LEU FA 60 -3.43 -79.80 -15.45
CA LEU FA 60 -2.70 -79.81 -16.70
C LEU FA 60 -2.06 -81.16 -16.96
N ASP FA 61 -1.75 -81.94 -15.92
CA ASP FA 61 -1.17 -83.24 -16.16
C ASP FA 61 -2.30 -84.24 -16.30
N PHE FA 62 -3.33 -84.09 -15.48
CA PHE FA 62 -4.43 -85.06 -15.50
C PHE FA 62 -5.06 -85.14 -16.88
N THR FA 63 -5.31 -83.97 -17.46
CA THR FA 63 -5.92 -83.82 -18.76
C THR FA 63 -5.14 -84.48 -19.91
N THR FA 64 -3.85 -84.77 -19.75
CA THR FA 64 -3.10 -85.36 -20.85
C THR FA 64 -2.94 -86.87 -20.73
N TYR FA 65 -3.36 -87.47 -19.63
CA TYR FA 65 -3.21 -88.90 -19.45
C TYR FA 65 -4.52 -89.59 -19.22
N TYR FA 66 -5.44 -88.88 -18.58
CA TYR FA 66 -6.73 -89.40 -18.21
C TYR FA 66 -7.86 -88.69 -18.95
N GLY FA 67 -7.73 -87.39 -19.17
CA GLY FA 67 -8.75 -86.64 -19.91
C GLY FA 67 -9.71 -85.82 -19.07
N GLY FA 68 -10.87 -85.49 -19.65
CA GLY FA 68 -11.88 -84.60 -19.06
C GLY FA 68 -13.12 -85.31 -18.55
N ALA FA 69 -14.27 -84.61 -18.58
CA ALA FA 69 -15.54 -85.15 -18.10
C ALA FA 69 -16.35 -85.76 -19.25
N GLN FA 70 -17.36 -86.56 -18.91
CA GLN FA 70 -18.29 -87.15 -19.88
C GLN FA 70 -19.41 -86.16 -20.21
N ASN FA 71 -19.84 -86.11 -21.48
CA ASN FA 71 -20.97 -85.25 -21.87
C ASN FA 71 -22.28 -85.78 -21.32
N GLU FA 72 -23.07 -84.91 -20.69
CA GLU FA 72 -24.37 -85.30 -20.15
C GLU FA 72 -25.34 -85.63 -21.27
N GLN FA 73 -26.16 -86.66 -21.06
CA GLN FA 73 -27.17 -87.07 -22.04
C GLN FA 73 -28.59 -86.71 -21.65
N GLY FA 74 -28.76 -86.09 -20.48
CA GLY FA 74 -30.06 -85.79 -19.91
C GLY FA 74 -30.62 -84.38 -20.12
N ILE FA 75 -30.01 -83.56 -20.97
CA ILE FA 75 -30.48 -82.19 -21.14
C ILE FA 75 -31.64 -82.13 -22.13
N THR FA 76 -32.74 -81.54 -21.69
CA THR FA 76 -33.97 -81.35 -22.43
C THR FA 76 -34.23 -79.89 -22.66
N VAL FA 77 -34.67 -79.54 -23.87
CA VAL FA 77 -35.03 -78.17 -24.19
C VAL FA 77 -36.43 -78.14 -24.79
N LYS FA 78 -37.30 -77.31 -24.22
CA LYS FA 78 -38.67 -77.18 -24.70
C LYS FA 78 -39.07 -75.74 -25.03
N LEU FA 79 -39.63 -75.54 -26.21
CA LEU FA 79 -40.12 -74.25 -26.64
C LEU FA 79 -41.62 -74.25 -26.86
N THR FA 80 -42.32 -73.17 -26.48
CA THR FA 80 -43.77 -73.05 -26.75
C THR FA 80 -44.16 -71.71 -27.39
N ASP FA 81 -44.88 -71.78 -28.54
CA ASP FA 81 -45.38 -70.58 -29.25
C ASP FA 81 -46.86 -70.27 -28.93
N THR FA 82 -47.15 -69.05 -28.47
CA THR FA 82 -48.54 -68.60 -28.22
C THR FA 82 -48.85 -67.20 -28.76
N LEU FA 83 -50.14 -66.90 -28.96
CA LEU FA 83 -50.50 -65.61 -29.53
C LEU FA 83 -51.03 -64.66 -28.45
N ILE FA 84 -50.49 -63.45 -28.44
CA ILE FA 84 -50.96 -62.39 -27.55
C ILE FA 84 -51.52 -61.28 -28.40
N GLU FA 85 -52.83 -61.02 -28.27
CA GLU FA 85 -53.57 -59.97 -29.01
C GLU FA 85 -53.31 -59.97 -30.52
N GLY FA 86 -52.81 -61.11 -31.01
CA GLY FA 86 -52.35 -61.34 -32.41
C GLY FA 86 -50.84 -61.53 -32.56
N ALA FA 87 -50.05 -61.15 -31.55
CA ALA FA 87 -48.60 -61.19 -31.69
C ALA FA 87 -48.06 -62.51 -31.18
N GLU FA 88 -47.00 -63.02 -31.77
CA GLU FA 88 -46.43 -64.24 -31.22
C GLU FA 88 -45.55 -63.99 -30.02
N ASN FA 89 -45.58 -64.93 -29.09
CA ASN FA 89 -44.79 -64.89 -27.86
C ASN FA 89 -44.21 -66.26 -27.54
N ARG FA 90 -42.87 -66.38 -27.51
CA ARG FA 90 -42.23 -67.67 -27.27
C ARG FA 90 -41.68 -67.84 -25.86
N THR FA 91 -41.99 -68.98 -25.25
CA THR FA 91 -41.49 -69.35 -23.93
C THR FA 91 -40.41 -70.43 -24.02
N ILE FA 92 -39.29 -70.20 -23.35
CA ILE FA 92 -38.15 -71.13 -23.35
C ILE FA 92 -38.03 -71.81 -21.98
N ASN FA 93 -38.03 -73.14 -21.96
CA ASN FA 93 -37.96 -73.92 -20.73
C ASN FA 93 -36.86 -75.00 -20.77
N VAL FA 94 -35.83 -74.83 -19.93
CA VAL FA 94 -34.77 -75.83 -19.82
C VAL FA 94 -34.67 -76.29 -18.36
N PRO FA 95 -35.28 -77.44 -17.99
CA PRO FA 95 -35.34 -77.98 -16.63
C PRO FA 95 -34.03 -78.63 -16.21
N GLU FA 96 -33.85 -78.81 -14.90
CA GLU FA 96 -32.70 -79.55 -14.39
C GLU FA 96 -32.77 -81.00 -14.82
N PRO FA 97 -31.69 -81.61 -15.33
CA PRO FA 97 -31.64 -83.02 -15.69
C PRO FA 97 -31.91 -83.92 -14.50
N THR FA 98 -32.59 -85.03 -14.75
CA THR FA 98 -32.84 -86.02 -13.71
C THR FA 98 -31.92 -87.21 -13.85
N PHE FA 99 -31.37 -87.41 -15.03
CA PHE FA 99 -30.45 -88.48 -15.30
C PHE FA 99 -29.11 -87.86 -15.60
N LYS FA 100 -28.13 -88.14 -14.75
CA LYS FA 100 -26.81 -87.53 -14.85
C LYS FA 100 -25.75 -88.62 -14.90
N SER FA 101 -24.62 -88.32 -15.54
CA SER FA 101 -23.51 -89.27 -15.57
C SER FA 101 -23.01 -89.55 -14.15
N PRO FA 102 -22.67 -90.81 -13.84
CA PRO FA 102 -22.15 -91.20 -12.53
C PRO FA 102 -20.67 -90.95 -12.33
N TYR FA 103 -19.96 -90.38 -13.30
CA TYR FA 103 -18.51 -90.27 -13.17
C TYR FA 103 -18.06 -88.88 -12.74
N LEU FA 104 -17.58 -88.76 -11.50
CA LEU FA 104 -17.24 -87.48 -10.86
C LEU FA 104 -15.75 -87.14 -10.62
N MET FA 105 -14.79 -87.98 -11.02
CA MET FA 105 -13.40 -87.66 -10.66
C MET FA 105 -12.91 -86.33 -11.20
N PHE FA 106 -13.27 -85.98 -12.42
CA PHE FA 106 -12.79 -84.74 -12.98
C PHE FA 106 -13.24 -83.53 -12.17
N TYR FA 107 -14.53 -83.49 -11.83
CA TYR FA 107 -15.07 -82.37 -11.06
C TYR FA 107 -14.44 -82.33 -9.68
N SER FA 108 -14.23 -83.49 -9.06
CA SER FA 108 -13.61 -83.55 -7.75
C SER FA 108 -12.21 -82.98 -7.75
N LEU FA 109 -11.42 -83.29 -8.79
CA LEU FA 109 -10.08 -82.73 -8.86
C LEU FA 109 -10.11 -81.23 -9.02
N GLN FA 110 -11.04 -80.69 -9.81
CA GLN FA 110 -11.10 -79.25 -9.93
C GLN FA 110 -11.30 -78.59 -8.56
N MET FA 111 -12.17 -79.18 -7.73
CA MET FA 111 -12.41 -78.65 -6.39
C MET FA 111 -11.18 -78.78 -5.50
N TYR FA 112 -10.49 -79.92 -5.59
CA TYR FA 112 -9.28 -80.19 -4.81
C TYR FA 112 -8.21 -79.14 -5.06
N PHE FA 113 -7.93 -78.86 -6.32
CA PHE FA 113 -6.91 -77.88 -6.63
C PHE FA 113 -7.38 -76.46 -6.27
N ALA FA 114 -8.67 -76.16 -6.50
CA ALA FA 114 -9.23 -74.83 -6.19
C ALA FA 114 -9.10 -74.51 -4.71
N ASN FA 115 -9.16 -75.52 -3.86
CA ASN FA 115 -9.07 -75.36 -2.43
C ASN FA 115 -7.68 -75.51 -1.86
N GLY FA 116 -6.65 -75.51 -2.69
CA GLY FA 116 -5.28 -75.54 -2.20
C GLY FA 116 -4.53 -76.87 -2.19
N GLY FA 117 -5.05 -77.89 -2.86
CA GLY FA 117 -4.35 -79.16 -2.90
C GLY FA 117 -3.05 -79.11 -3.68
N GLY FA 118 -2.13 -80.01 -3.33
CA GLY FA 118 -0.85 -80.15 -4.00
C GLY FA 118 -0.81 -81.42 -4.85
N PRO FA 119 0.37 -81.99 -5.07
CA PRO FA 119 0.58 -83.22 -5.85
C PRO FA 119 -0.21 -84.37 -5.29
N CYS FA 120 -0.69 -85.27 -6.15
CA CYS FA 120 -1.52 -86.38 -5.69
C CYS FA 120 -1.39 -87.62 -6.57
N TYR FA 121 -1.97 -88.74 -6.10
CA TYR FA 121 -1.96 -89.96 -6.88
C TYR FA 121 -3.29 -90.32 -7.51
N ILE FA 122 -3.21 -90.73 -8.78
CA ILE FA 122 -4.38 -91.17 -9.53
C ILE FA 122 -4.29 -92.65 -9.85
N VAL FA 123 -5.35 -93.37 -9.52
CA VAL FA 123 -5.48 -94.78 -9.88
C VAL FA 123 -6.79 -94.92 -10.62
N SER FA 124 -6.77 -95.42 -11.83
CA SER FA 124 -8.03 -95.59 -12.52
C SER FA 124 -8.48 -97.00 -12.34
N THR FA 125 -9.77 -97.20 -12.31
CA THR FA 125 -10.25 -98.55 -12.17
C THR FA 125 -10.79 -99.07 -13.49
N GLY FA 126 -10.79 -98.21 -14.47
CA GLY FA 126 -11.30 -98.50 -15.79
C GLY FA 126 -11.61 -97.19 -16.46
N VAL FA 127 -12.25 -97.28 -17.62
CA VAL FA 127 -12.57 -96.07 -18.35
C VAL FA 127 -14.06 -95.99 -18.59
N TYR FA 128 -14.51 -94.78 -18.93
CA TYR FA 128 -15.93 -94.48 -19.14
C TYR FA 128 -16.57 -95.28 -20.26
N ASP FA 129 -17.81 -95.71 -20.01
CA ASP FA 129 -18.60 -96.40 -21.00
C ASP FA 129 -19.83 -95.56 -21.41
N ASP FA 130 -20.66 -96.14 -22.26
CA ASP FA 130 -21.82 -95.46 -22.84
C ASP FA 130 -23.14 -95.67 -22.14
N TRP FA 131 -24.04 -94.73 -22.38
CA TRP FA 131 -25.41 -94.80 -21.91
C TRP FA 131 -26.15 -95.77 -22.81
N SER FA 132 -27.17 -96.43 -22.27
CA SER FA 132 -27.99 -97.31 -23.10
C SER FA 132 -29.09 -96.55 -23.76
N ASP FA 133 -29.56 -95.51 -23.09
CA ASP FA 133 -30.64 -94.67 -23.61
C ASP FA 133 -30.56 -93.32 -22.92
N SER FA 134 -31.42 -92.38 -23.28
CA SER FA 134 -31.36 -91.05 -22.68
C SER FA 134 -31.75 -91.12 -21.19
N GLU FA 135 -32.53 -92.12 -20.82
CA GLU FA 135 -32.94 -92.34 -19.44
C GLU FA 135 -32.19 -93.48 -18.78
N THR FA 136 -31.15 -94.00 -19.42
CA THR FA 136 -30.39 -95.10 -18.82
C THR FA 136 -28.88 -94.85 -18.79
N PRO FA 137 -28.36 -94.32 -17.67
CA PRO FA 137 -26.94 -94.07 -17.41
C PRO FA 137 -26.21 -95.39 -17.20
N PRO FA 138 -24.89 -95.40 -17.40
CA PRO FA 138 -24.03 -96.54 -17.10
C PRO FA 138 -23.94 -96.72 -15.59
N THR FA 139 -23.49 -97.88 -15.12
CA THR FA 139 -23.40 -98.14 -13.69
C THR FA 139 -21.98 -98.47 -13.24
N ILE FA 140 -21.77 -98.45 -11.93
CA ILE FA 140 -20.46 -98.72 -11.34
C ILE FA 140 -20.38 -100.05 -10.64
N ASN FA 141 -19.37 -100.83 -11.03
CA ASN FA 141 -19.11 -102.14 -10.48
C ASN FA 141 -18.23 -102.05 -9.25
N PHE FA 142 -18.77 -102.43 -8.12
CA PHE FA 142 -18.08 -102.40 -6.85
C PHE FA 142 -16.68 -103.00 -6.88
N SER FA 143 -16.51 -104.14 -7.58
CA SER FA 143 -15.25 -104.86 -7.54
C SER FA 143 -14.11 -104.07 -8.23
N ASP FA 144 -14.45 -103.06 -9.03
CA ASP FA 144 -13.46 -102.24 -9.69
C ASP FA 144 -12.78 -101.35 -8.67
N LEU FA 145 -13.52 -100.92 -7.65
CA LEU FA 145 -12.96 -100.02 -6.66
C LEU FA 145 -12.11 -100.82 -5.71
N GLU FA 146 -12.53 -102.06 -5.43
CA GLU FA 146 -11.75 -102.89 -4.53
C GLU FA 146 -10.39 -103.20 -5.15
N SER FA 147 -10.36 -103.43 -6.46
CA SER FA 147 -9.09 -103.65 -7.14
C SER FA 147 -8.18 -102.46 -7.00
N GLY FA 148 -8.70 -101.25 -7.24
CA GLY FA 148 -7.88 -100.05 -7.11
C GLY FA 148 -7.33 -99.87 -5.70
N LEU FA 149 -8.12 -100.23 -4.68
CA LEU FA 149 -7.64 -100.11 -3.30
C LEU FA 149 -6.49 -101.08 -3.07
N ALA FA 150 -6.61 -102.31 -3.55
CA ALA FA 150 -5.56 -103.31 -3.40
C ALA FA 150 -4.26 -102.85 -4.05
N VAL FA 151 -4.38 -102.12 -5.15
CA VAL FA 151 -3.21 -101.57 -5.85
C VAL FA 151 -2.52 -100.48 -5.03
N ILE FA 152 -3.28 -99.49 -4.55
CA ILE FA 152 -2.65 -98.37 -3.83
C ILE FA 152 -1.99 -98.85 -2.54
N ARG FA 153 -2.48 -99.95 -1.97
CA ARG FA 153 -1.90 -100.56 -0.78
C ARG FA 153 -0.38 -100.73 -0.89
N LYS FA 154 0.13 -100.92 -2.11
CA LYS FA 154 1.55 -101.17 -2.31
C LYS FA 154 2.41 -99.92 -2.47
N GLU FA 155 1.82 -98.72 -2.48
CA GLU FA 155 2.61 -97.49 -2.60
C GLU FA 155 2.92 -96.93 -1.23
N ASP FA 156 4.10 -96.30 -1.09
CA ASP FA 156 4.49 -95.76 0.21
C ASP FA 156 4.14 -94.29 0.45
N GLU FA 157 4.14 -93.49 -0.60
CA GLU FA 157 3.93 -92.05 -0.40
C GLU FA 157 2.55 -91.53 0.06
N PRO FA 158 1.41 -92.02 -0.43
CA PRO FA 158 0.08 -91.50 -0.09
C PRO FA 158 -0.21 -91.51 1.40
N THR FA 159 -0.94 -90.49 1.88
CA THR FA 159 -1.33 -90.37 3.29
C THR FA 159 -2.86 -90.31 3.49
N LEU FA 160 -3.64 -89.94 2.46
CA LEU FA 160 -5.09 -89.83 2.58
C LEU FA 160 -5.83 -90.69 1.56
N LEU FA 161 -6.94 -91.31 1.95
CA LEU FA 161 -7.72 -92.13 1.01
C LEU FA 161 -9.10 -91.56 0.65
N LEU FA 162 -9.32 -91.36 -0.67
CA LEU FA 162 -10.60 -90.86 -1.20
C LEU FA 162 -11.14 -91.69 -2.38
N PHE FA 163 -12.47 -91.84 -2.45
CA PHE FA 163 -13.16 -92.49 -3.57
C PHE FA 163 -14.21 -91.58 -4.20
N PRO FA 164 -13.87 -90.82 -5.26
CA PRO FA 164 -14.76 -89.85 -5.92
C PRO FA 164 -16.08 -90.39 -6.43
N ASP FA 165 -16.22 -91.67 -6.73
CA ASP FA 165 -17.47 -92.17 -7.27
C ASP FA 165 -18.13 -93.19 -6.33
N ALA FA 166 -17.81 -93.17 -5.05
CA ALA FA 166 -18.38 -94.14 -4.12
C ALA FA 166 -19.87 -93.99 -3.92
N THR FA 167 -20.37 -92.77 -3.96
CA THR FA 167 -21.78 -92.51 -3.69
C THR FA 167 -22.67 -92.94 -4.83
N ASN FA 168 -22.09 -93.34 -5.97
CA ASN FA 168 -22.92 -93.80 -7.06
C ASN FA 168 -23.02 -95.31 -7.13
N LEU FA 169 -22.52 -96.02 -6.12
CA LEU FA 169 -22.69 -97.46 -6.07
C LEU FA 169 -24.17 -97.77 -5.86
N PRO FA 170 -24.70 -98.82 -6.53
CA PRO FA 170 -26.12 -99.26 -6.44
C PRO FA 170 -26.71 -99.42 -5.06
N THR FA 171 -25.94 -99.82 -4.05
CA THR FA 171 -26.49 -99.98 -2.72
C THR FA 171 -25.62 -99.31 -1.67
N ASP FA 172 -26.22 -99.07 -0.51
CA ASP FA 172 -25.50 -98.50 0.59
C ASP FA 172 -24.62 -99.56 1.21
N ASP FA 173 -25.06 -100.81 1.10
CA ASP FA 173 -24.30 -101.93 1.65
C ASP FA 173 -22.93 -102.00 1.00
N GLU FA 174 -22.87 -101.79 -0.32
CA GLU FA 174 -21.58 -101.79 -1.00
C GLU FA 174 -20.74 -100.59 -0.57
N PHE FA 175 -21.39 -99.43 -0.42
CA PHE FA 175 -20.72 -98.21 0.00
C PHE FA 175 -20.03 -98.41 1.35
N TYR FA 176 -20.76 -98.93 2.33
CA TYR FA 176 -20.21 -99.13 3.66
C TYR FA 176 -19.10 -100.15 3.65
N SER FA 177 -19.26 -101.23 2.87
CA SER FA 177 -18.23 -102.24 2.80
C SER FA 177 -16.91 -101.66 2.32
N LEU FA 178 -16.98 -100.80 1.30
CA LEU FA 178 -15.79 -100.16 0.75
C LEU FA 178 -15.06 -99.33 1.82
N TYR FA 179 -15.81 -98.59 2.63
CA TYR FA 179 -15.17 -97.77 3.66
C TYR FA 179 -14.64 -98.59 4.82
N ASN FA 180 -15.31 -99.68 5.20
CA ASN FA 180 -14.76 -100.49 6.26
C ASN FA 180 -13.42 -101.07 5.84
N SER FA 181 -13.32 -101.45 4.57
CA SER FA 181 -12.05 -101.95 4.04
C SER FA 181 -10.95 -100.91 4.15
N ALA FA 182 -11.24 -99.67 3.77
CA ALA FA 182 -10.26 -98.59 3.86
C ALA FA 182 -9.80 -98.34 5.30
N LEU FA 183 -10.72 -98.38 6.27
CA LEU FA 183 -10.32 -98.16 7.65
C LEU FA 183 -9.42 -99.28 8.14
N MET FA 184 -9.70 -100.52 7.73
CA MET FA 184 -8.85 -101.63 8.13
C MET FA 184 -7.46 -101.50 7.52
N GLN FA 185 -7.37 -101.06 6.26
CA GLN FA 185 -6.06 -100.89 5.65
C GLN FA 185 -5.25 -99.81 6.33
N CYS FA 186 -5.91 -98.74 6.80
CA CYS FA 186 -5.20 -97.68 7.50
C CYS FA 186 -4.55 -98.21 8.76
N ASN FA 187 -5.26 -99.07 9.49
CA ASN FA 187 -4.70 -99.66 10.69
C ASN FA 187 -3.59 -100.67 10.36
N ASP FA 188 -3.74 -101.45 9.28
CA ASP FA 188 -2.68 -102.41 8.92
C ASP FA 188 -1.36 -101.70 8.61
N LEU FA 189 -1.43 -100.57 7.90
CA LEU FA 189 -0.23 -99.87 7.48
C LEU FA 189 0.32 -98.90 8.52
N GLN FA 190 -0.55 -98.33 9.35
CA GLN FA 190 -0.17 -97.44 10.44
C GLN FA 190 0.22 -96.02 10.05
N ASP FA 191 -0.08 -95.63 8.82
CA ASP FA 191 0.29 -94.31 8.35
C ASP FA 191 -0.75 -93.55 7.51
N ARG FA 192 -2.03 -93.96 7.51
CA ARG FA 192 -3.02 -93.29 6.65
C ARG FA 192 -4.29 -92.90 7.39
N PHE FA 193 -5.01 -91.97 6.79
CA PHE FA 193 -6.28 -91.48 7.33
C PHE FA 193 -7.35 -91.46 6.23
N THR FA 194 -8.58 -91.85 6.58
CA THR FA 194 -9.69 -91.92 5.62
C THR FA 194 -10.69 -90.77 5.81
N ILE FA 195 -11.08 -90.13 4.71
CA ILE FA 195 -12.10 -89.08 4.75
C ILE FA 195 -13.42 -89.65 4.24
N LEU FA 196 -14.48 -89.54 5.04
CA LEU FA 196 -15.76 -90.16 4.70
C LEU FA 196 -16.89 -89.16 4.43
N ASP FA 197 -17.75 -89.54 3.49
CA ASP FA 197 -19.00 -88.86 3.12
C ASP FA 197 -20.19 -89.71 3.53
N THR FA 198 -21.37 -89.10 3.66
CA THR FA 198 -22.58 -89.90 3.81
C THR FA 198 -22.98 -90.41 2.44
N TYR FA 199 -23.90 -91.36 2.39
CA TYR FA 199 -24.39 -91.91 1.12
C TYR FA 199 -25.20 -90.89 0.32
N SER FA 200 -26.01 -90.09 1.02
CA SER FA 200 -26.91 -89.10 0.45
C SER FA 200 -27.30 -88.07 1.47
N ASP FA 201 -27.65 -86.89 1.01
CA ASP FA 201 -28.11 -85.85 1.90
C ASP FA 201 -29.62 -85.83 2.07
N GLN FA 202 -30.34 -86.73 1.39
CA GLN FA 202 -31.78 -86.82 1.45
C GLN FA 202 -32.15 -88.20 1.96
N THR FA 203 -33.34 -88.28 2.55
CA THR FA 203 -33.80 -89.57 3.01
C THR FA 203 -33.77 -90.41 1.78
N TYR FA 204 -33.11 -91.55 1.89
CA TYR FA 204 -32.97 -92.44 0.75
C TYR FA 204 -33.70 -93.73 1.02
N ASN FA 205 -34.14 -94.40 -0.05
CA ASN FA 205 -34.84 -95.64 0.09
C ASN FA 205 -33.93 -96.81 -0.20
N ASP FA 206 -33.87 -97.76 0.71
CA ASP FA 206 -33.05 -98.97 0.49
C ASP FA 206 -33.83 -100.11 -0.17
N GLY FA 207 -35.07 -99.84 -0.59
CA GLY FA 207 -35.95 -100.85 -1.19
C GLY FA 207 -36.89 -101.47 -0.18
N VAL FA 208 -36.64 -101.23 1.11
CA VAL FA 208 -37.43 -101.75 2.20
C VAL FA 208 -37.98 -100.63 3.06
N GLU FA 209 -37.10 -99.73 3.51
CA GLU FA 209 -37.37 -98.65 4.44
C GLU FA 209 -36.69 -97.33 4.06
N ASP FA 210 -37.28 -96.22 4.54
CA ASP FA 210 -36.74 -94.88 4.34
C ASP FA 210 -35.75 -94.51 5.45
N LEU FA 211 -34.48 -94.31 5.09
CA LEU FA 211 -33.44 -94.09 6.08
C LEU FA 211 -32.84 -92.68 6.15
N ASP FA 212 -32.65 -92.21 7.37
CA ASP FA 212 -31.96 -90.95 7.67
C ASP FA 212 -30.46 -91.14 7.52
N PRO FA 213 -29.78 -90.26 6.74
CA PRO FA 213 -28.36 -90.44 6.41
C PRO FA 213 -27.41 -90.50 7.57
N ILE FA 214 -27.51 -89.66 8.58
CA ILE FA 214 -26.58 -89.78 9.69
C ILE FA 214 -26.79 -91.06 10.49
N PRO FA 215 -28.03 -91.46 10.77
CA PRO FA 215 -28.25 -92.74 11.46
C PRO FA 215 -27.80 -93.92 10.63
N ALA FA 216 -27.97 -93.84 9.32
CA ALA FA 216 -27.53 -94.88 8.42
C ALA FA 216 -26.00 -95.05 8.34
N LEU FA 217 -25.22 -93.96 8.27
CA LEU FA 217 -23.76 -94.08 8.26
C LEU FA 217 -23.27 -94.68 9.56
N ARG FA 218 -23.87 -94.29 10.69
CA ARG FA 218 -23.44 -94.82 11.98
C ARG FA 218 -23.64 -96.32 12.10
N ASN FA 219 -24.75 -96.85 11.57
CA ASN FA 219 -24.96 -98.29 11.61
C ASN FA 219 -24.09 -99.01 10.58
N GLY FA 220 -23.86 -98.36 9.45
CA GLY FA 220 -23.04 -98.91 8.38
C GLY FA 220 -21.61 -99.19 8.80
N ILE FA 221 -20.95 -98.21 9.39
CA ILE FA 221 -19.56 -98.41 9.78
C ILE FA 221 -19.52 -99.06 11.16
N ASN FA 222 -19.45 -100.40 11.18
CA ASN FA 222 -19.57 -101.20 12.40
C ASN FA 222 -18.24 -101.68 13.00
N LEU FA 223 -17.15 -101.04 12.66
CA LEU FA 223 -15.85 -101.38 13.22
C LEU FA 223 -15.68 -100.76 14.60
N THR FA 224 -14.66 -101.24 15.33
CA THR FA 224 -14.27 -100.81 16.68
C THR FA 224 -13.28 -99.62 16.70
N LYS FA 225 -13.08 -99.02 17.89
CA LYS FA 225 -12.17 -97.93 18.14
C LYS FA 225 -10.83 -98.00 17.42
N ASP FA 226 -10.26 -99.21 17.35
CA ASP FA 226 -8.97 -99.43 16.71
C ASP FA 226 -8.98 -99.03 15.24
N TYR FA 227 -10.15 -98.88 14.66
CA TYR FA 227 -10.29 -98.51 13.27
C TYR FA 227 -10.89 -97.13 13.14
N LEU FA 228 -11.85 -96.82 14.01
CA LEU FA 228 -12.58 -95.56 13.94
C LEU FA 228 -11.64 -94.37 14.13
N LYS FA 229 -10.60 -94.54 14.93
CA LYS FA 229 -9.62 -93.49 15.15
C LYS FA 229 -8.86 -93.08 13.88
N TYR FA 230 -8.97 -93.84 12.78
CA TYR FA 230 -8.28 -93.54 11.54
C TYR FA 230 -9.13 -92.82 10.50
N GLY FA 231 -10.26 -92.25 10.89
CA GLY FA 231 -11.01 -91.49 9.92
C GLY FA 231 -12.01 -90.54 10.54
N ALA FA 232 -12.59 -89.72 9.66
CA ALA FA 232 -13.56 -88.72 10.05
C ALA FA 232 -14.56 -88.51 8.94
N ALA FA 233 -15.78 -88.10 9.28
CA ALA FA 233 -16.82 -87.85 8.30
C ALA FA 233 -17.32 -86.43 8.34
N TYR FA 234 -17.75 -85.93 7.18
CA TYR FA 234 -18.28 -84.59 7.02
C TYR FA 234 -19.68 -84.58 6.38
N TYR FA 235 -20.50 -83.60 6.76
CA TYR FA 235 -21.87 -83.47 6.28
C TYR FA 235 -22.36 -82.03 6.34
N PRO FA 236 -23.20 -81.58 5.40
CA PRO FA 236 -23.76 -82.09 4.15
C PRO FA 236 -22.89 -81.87 2.91
N PHE FA 237 -23.44 -82.23 1.74
CA PHE FA 237 -22.87 -82.04 0.41
C PHE FA 237 -22.88 -80.56 0.09
N VAL FA 238 -22.06 -80.15 -0.87
CA VAL FA 238 -21.97 -78.73 -1.22
C VAL FA 238 -22.29 -78.43 -2.67
N GLN FA 239 -22.90 -77.26 -2.88
CA GLN FA 239 -23.26 -76.77 -4.20
C GLN FA 239 -22.12 -75.90 -4.67
N THR FA 240 -21.57 -76.23 -5.82
CA THR FA 240 -20.41 -75.53 -6.35
C THR FA 240 -20.80 -74.64 -7.53
N ILE FA 241 -19.78 -74.11 -8.20
CA ILE FA 241 -19.95 -73.14 -9.28
C ILE FA 241 -19.47 -73.67 -10.61
N LEU FA 242 -19.30 -74.98 -10.69
CA LEU FA 242 -18.84 -75.66 -11.89
C LEU FA 242 -20.03 -75.94 -12.80
N ASN FA 243 -19.79 -75.92 -14.11
CA ASN FA 243 -20.81 -76.23 -15.12
C ASN FA 243 -20.75 -77.69 -15.54
N TYR FA 244 -21.86 -78.17 -16.09
CA TYR FA 244 -21.91 -79.51 -16.63
C TYR FA 244 -21.28 -79.50 -18.00
N GLN FA 245 -20.68 -80.61 -18.39
CA GLN FA 245 -20.15 -80.72 -19.75
C GLN FA 245 -21.22 -81.32 -20.66
N TYR FA 246 -21.38 -80.74 -21.85
CA TYR FA 246 -22.35 -81.24 -22.81
C TYR FA 246 -21.93 -80.88 -24.21
N SER FA 247 -22.63 -81.47 -25.18
CA SER FA 247 -22.43 -81.22 -26.59
C SER FA 247 -23.73 -80.75 -27.21
N ALA FA 248 -23.72 -79.55 -27.77
CA ALA FA 248 -24.95 -78.98 -28.32
C ALA FA 248 -25.59 -79.84 -29.39
N ASP FA 249 -24.76 -80.53 -30.16
CA ASP FA 249 -25.26 -81.36 -31.23
C ASP FA 249 -26.15 -82.47 -30.71
N GLU FA 250 -25.94 -82.91 -29.48
CA GLU FA 250 -26.67 -84.04 -28.96
C GLU FA 250 -27.98 -83.65 -28.27
N ILE FA 251 -28.36 -82.36 -28.30
CA ILE FA 251 -29.56 -81.92 -27.59
C ILE FA 251 -30.72 -81.69 -28.57
N VAL FA 252 -31.81 -82.42 -28.35
CA VAL FA 252 -33.01 -82.38 -29.19
C VAL FA 252 -34.03 -81.42 -28.60
N ILE FA 253 -34.59 -80.55 -29.44
CA ILE FA 253 -35.55 -79.53 -29.01
C ILE FA 253 -36.99 -79.92 -29.33
N GLN FA 254 -37.83 -79.87 -28.29
CA GLN FA 254 -39.26 -80.11 -28.42
C GLN FA 254 -39.91 -78.77 -28.76
N HIS FA 255 -40.83 -78.77 -29.70
CA HIS FA 255 -41.52 -77.54 -30.06
C HIS FA 255 -43.03 -77.72 -30.06
N LEU FA 256 -43.75 -76.81 -29.39
CA LEU FA 256 -45.21 -76.80 -29.37
C LEU FA 256 -45.76 -75.43 -29.77
N SER FA 257 -46.77 -75.39 -30.65
CA SER FA 257 -47.28 -74.10 -31.12
C SER FA 257 -48.79 -74.03 -31.35
N TYR FA 258 -49.33 -72.80 -31.38
CA TYR FA 258 -50.76 -72.64 -31.64
C TYR FA 258 -51.12 -73.05 -33.07
N ASN FA 259 -50.30 -72.70 -34.06
CA ASN FA 259 -50.52 -73.18 -35.41
C ASN FA 259 -49.41 -74.15 -35.80
N PRO FA 260 -49.76 -75.39 -36.07
CA PRO FA 260 -48.79 -76.42 -36.46
C PRO FA 260 -48.27 -76.21 -37.86
N ASN FA 261 -46.98 -75.92 -37.98
CA ASN FA 261 -46.30 -75.70 -39.25
C ASN FA 261 -45.10 -76.60 -39.49
N ALA FA 262 -44.96 -77.67 -38.70
CA ALA FA 262 -43.80 -78.54 -38.81
C ALA FA 262 -43.87 -79.39 -40.06
N ILE FA 263 -45.01 -80.06 -40.27
CA ILE FA 263 -45.21 -80.90 -41.45
C ILE FA 263 -45.15 -80.04 -42.65
N ALA FA 264 -45.83 -78.90 -42.60
CA ALA FA 264 -45.85 -78.04 -43.76
C ALA FA 264 -44.44 -77.66 -44.20
N THR FA 265 -43.55 -77.39 -43.24
CA THR FA 265 -42.19 -77.06 -43.62
C THR FA 265 -41.50 -78.24 -44.27
N ALA FA 266 -41.58 -79.41 -43.64
CA ALA FA 266 -40.91 -80.59 -44.18
C ALA FA 266 -41.41 -80.94 -45.55
N LEU FA 267 -42.72 -80.81 -45.75
CA LEU FA 267 -43.33 -81.18 -47.00
C LEU FA 267 -42.90 -80.23 -48.10
N ASP FA 268 -42.84 -78.91 -47.81
CA ASP FA 268 -42.41 -77.95 -48.82
C ASP FA 268 -40.95 -78.22 -49.21
N ASN FA 269 -40.11 -78.56 -48.22
CA ASN FA 269 -38.70 -78.84 -48.55
C ASN FA 269 -38.60 -80.08 -49.41
N LEU FA 270 -39.41 -81.11 -49.12
CA LEU FA 270 -39.40 -82.31 -49.93
C LEU FA 270 -39.92 -82.06 -51.34
N ASN FA 271 -40.93 -81.21 -51.49
CA ASN FA 271 -41.36 -80.93 -52.84
C ASN FA 271 -40.24 -80.33 -53.67
N ALA FA 272 -39.39 -79.48 -53.06
CA ALA FA 272 -38.21 -78.96 -53.74
C ALA FA 272 -37.22 -80.07 -54.09
N VAL FA 273 -37.09 -81.05 -53.18
CA VAL FA 273 -36.24 -82.24 -53.33
C VAL FA 273 -36.62 -83.11 -54.52
N ASN FA 274 -37.90 -83.39 -54.66
CA ASN FA 274 -38.29 -84.30 -55.72
C ASN FA 274 -38.42 -83.59 -57.06
N GLY FA 275 -37.27 -83.28 -57.65
CA GLY FA 275 -37.22 -82.57 -58.91
C GLY FA 275 -35.84 -82.47 -59.58
N PRO FA 276 -35.83 -81.89 -60.80
CA PRO FA 276 -34.63 -81.75 -61.65
C PRO FA 276 -33.51 -80.90 -61.11
N THR FA 277 -33.83 -79.97 -60.22
CA THR FA 277 -32.81 -79.09 -59.68
C THR FA 277 -32.18 -79.69 -58.44
N PHE FA 278 -32.68 -80.85 -58.02
CA PHE FA 278 -32.12 -81.50 -56.87
C PHE FA 278 -31.42 -82.78 -57.31
N ILE FA 279 -32.13 -83.71 -57.95
CA ILE FA 279 -31.49 -84.96 -58.39
C ILE FA 279 -31.58 -85.38 -59.86
N ASP FA 280 -32.44 -84.80 -60.71
CA ASP FA 280 -32.44 -85.42 -62.05
C ASP FA 280 -31.17 -85.02 -62.75
N ALA FA 281 -30.75 -83.76 -62.58
CA ALA FA 281 -29.52 -83.35 -63.25
C ALA FA 281 -28.34 -84.21 -62.82
N ILE FA 282 -28.30 -84.60 -61.54
CA ILE FA 282 -27.21 -85.44 -61.04
C ILE FA 282 -27.24 -86.78 -61.70
N LEU FA 283 -28.40 -87.42 -61.67
CA LEU FA 283 -28.55 -88.76 -62.18
C LEU FA 283 -28.32 -88.83 -63.69
N ASP FA 284 -28.76 -87.81 -64.43
CA ASP FA 284 -28.56 -87.83 -65.88
C ASP FA 284 -27.08 -87.72 -66.21
N ASP FA 285 -26.34 -86.88 -65.48
CA ASP FA 285 -24.91 -86.73 -65.73
C ASP FA 285 -24.12 -87.92 -65.20
N LEU FA 286 -24.53 -88.49 -64.08
CA LEU FA 286 -23.83 -89.60 -63.47
C LEU FA 286 -23.94 -90.86 -64.33
N ARG FA 287 -25.12 -91.14 -64.85
CA ARG FA 287 -25.36 -92.31 -65.68
C ARG FA 287 -24.80 -92.12 -67.07
N ASN FA 321 3.41 -91.57 -70.41
CA ASN FA 321 2.04 -91.81 -69.99
C ASN FA 321 1.55 -90.81 -68.97
N SER FA 322 2.40 -89.85 -68.63
CA SER FA 322 2.03 -88.86 -67.62
C SER FA 322 0.82 -88.04 -68.00
N VAL FA 323 0.65 -87.80 -69.30
CA VAL FA 323 -0.51 -87.07 -69.80
C VAL FA 323 -1.75 -87.91 -69.67
N LYS FA 324 -1.61 -89.22 -69.87
CA LYS FA 324 -2.74 -90.11 -69.83
C LYS FA 324 -3.27 -90.13 -68.41
N VAL FA 325 -2.34 -90.16 -67.43
CA VAL FA 325 -2.75 -90.13 -66.03
C VAL FA 325 -3.48 -88.85 -65.72
N ALA FA 326 -2.95 -87.71 -66.18
CA ALA FA 326 -3.61 -86.43 -65.93
C ALA FA 326 -5.02 -86.38 -66.49
N ASN FA 327 -5.20 -86.92 -67.70
CA ASN FA 327 -6.52 -86.90 -68.33
C ASN FA 327 -7.47 -87.81 -67.56
N PHE FA 328 -6.98 -88.99 -67.21
CA PHE FA 328 -7.77 -89.96 -66.46
C PHE FA 328 -8.20 -89.39 -65.14
N ALA FA 329 -7.24 -88.82 -64.41
CA ALA FA 329 -7.50 -88.29 -63.09
C ALA FA 329 -8.60 -87.23 -63.13
N SER FA 330 -8.59 -86.37 -64.16
CA SER FA 330 -9.65 -85.38 -64.32
C SER FA 330 -11.02 -86.02 -64.47
N LEU FA 331 -11.10 -87.05 -65.29
CA LEU FA 331 -12.36 -87.73 -65.53
C LEU FA 331 -12.87 -88.40 -64.24
N VAL FA 332 -11.96 -88.98 -63.45
CA VAL FA 332 -12.36 -89.60 -62.19
C VAL FA 332 -12.93 -88.57 -61.25
N GLU FA 333 -12.24 -87.43 -61.12
CA GLU FA 333 -12.68 -86.37 -60.22
C GLU FA 333 -14.08 -85.89 -60.58
N SER FA 334 -14.38 -85.77 -61.87
CA SER FA 334 -15.71 -85.34 -62.28
C SER FA 334 -16.79 -86.30 -61.76
N VAL FA 335 -16.55 -87.61 -61.89
CA VAL FA 335 -17.53 -88.59 -61.41
C VAL FA 335 -17.65 -88.51 -59.90
N LEU FA 336 -16.51 -88.43 -59.21
CA LEU FA 336 -16.46 -88.36 -57.77
C LEU FA 336 -17.22 -87.18 -57.22
N SER FA 337 -17.07 -86.02 -57.85
CA SER FA 337 -17.77 -84.82 -57.42
C SER FA 337 -19.28 -85.01 -57.55
N THR FA 338 -19.72 -85.59 -58.68
CA THR FA 338 -21.13 -85.89 -58.89
C THR FA 338 -21.68 -86.84 -57.84
N LEU FA 339 -20.93 -87.88 -57.49
CA LEU FA 339 -21.38 -88.82 -56.49
C LEU FA 339 -21.53 -88.13 -55.15
N ASN FA 340 -20.59 -87.24 -54.81
CA ASN FA 340 -20.67 -86.55 -53.52
C ASN FA 340 -21.93 -85.70 -53.41
N GLU FA 341 -22.36 -85.05 -54.50
CA GLU FA 341 -23.60 -84.28 -54.45
C GLU FA 341 -24.81 -85.18 -54.18
N LEU FA 342 -24.83 -86.36 -54.78
CA LEU FA 342 -25.95 -87.29 -54.58
C LEU FA 342 -26.00 -87.74 -53.11
N ILE FA 343 -24.83 -87.96 -52.53
CA ILE FA 343 -24.73 -88.39 -51.13
C ILE FA 343 -25.25 -87.28 -50.21
N ASP FA 344 -24.85 -86.02 -50.45
CA ASP FA 344 -25.34 -84.91 -49.64
C ASP FA 344 -26.86 -84.80 -49.72
N ALA FA 345 -27.41 -85.06 -50.90
CA ALA FA 345 -28.85 -85.00 -51.10
C ALA FA 345 -29.56 -85.96 -50.15
N LYS FA 346 -29.02 -87.18 -50.00
CA LYS FA 346 -29.61 -88.16 -49.08
C LYS FA 346 -29.70 -87.62 -47.67
N GLU FA 347 -28.62 -86.99 -47.20
CA GLU FA 347 -28.59 -86.49 -45.83
C GLU FA 347 -29.64 -85.41 -45.61
N GLU FA 348 -29.84 -84.52 -46.59
CA GLU FA 348 -30.85 -83.47 -46.41
C GLU FA 348 -32.26 -84.06 -46.30
N ILE FA 349 -32.52 -85.11 -47.08
CA ILE FA 349 -33.81 -85.79 -47.04
C ILE FA 349 -34.09 -86.37 -45.69
N ASN FA 350 -33.12 -87.08 -45.13
CA ASN FA 350 -33.33 -87.66 -43.82
C ASN FA 350 -33.62 -86.60 -42.75
N LYS FA 351 -32.94 -85.47 -42.84
CA LYS FA 351 -33.13 -84.43 -41.83
C LYS FA 351 -34.55 -83.87 -41.82
N ASP FA 352 -35.18 -83.69 -42.99
CA ASP FA 352 -36.56 -83.16 -42.97
C ASP FA 352 -37.60 -84.23 -42.70
N VAL FA 353 -37.40 -85.44 -43.24
CA VAL FA 353 -38.40 -86.48 -43.06
C VAL FA 353 -38.53 -86.82 -41.60
N ASN FA 354 -37.41 -86.85 -40.90
CA ASN FA 354 -37.43 -87.14 -39.48
C ASN FA 354 -38.24 -86.13 -38.66
N SER FA 355 -38.43 -84.88 -39.14
CA SER FA 355 -39.19 -83.93 -38.36
C SER FA 355 -40.66 -84.24 -38.57
N ALA FA 356 -40.99 -84.78 -39.75
CA ALA FA 356 -42.36 -85.17 -40.04
C ALA FA 356 -42.75 -86.33 -39.15
N ILE FA 357 -41.82 -87.25 -38.98
CA ILE FA 357 -42.07 -88.43 -38.16
C ILE FA 357 -42.25 -88.01 -36.72
N ALA FA 358 -41.31 -87.21 -36.21
CA ALA FA 358 -41.36 -86.73 -34.83
C ALA FA 358 -42.59 -85.91 -34.52
N SER FA 359 -43.07 -85.13 -35.49
CA SER FA 359 -44.20 -84.26 -35.27
C SER FA 359 -45.56 -84.95 -35.40
N SER FA 360 -45.61 -86.07 -36.11
CA SER FA 360 -46.87 -86.80 -36.33
C SER FA 360 -47.17 -87.64 -35.09
N GLU FA 361 -47.46 -86.97 -33.98
CA GLU FA 361 -47.73 -87.66 -32.70
C GLU FA 361 -48.94 -88.56 -32.74
N GLU FA 362 -49.97 -88.12 -33.44
CA GLU FA 362 -51.22 -88.85 -33.56
C GLU FA 362 -51.18 -89.72 -34.79
N ASP FA 363 -52.01 -90.76 -34.81
CA ASP FA 363 -52.14 -91.65 -35.98
C ASP FA 363 -50.79 -92.30 -36.32
N ASN FA 364 -50.31 -93.15 -35.41
CA ASN FA 364 -49.02 -93.83 -35.56
C ASN FA 364 -48.88 -94.65 -36.84
N ALA FA 365 -50.00 -94.95 -37.49
CA ALA FA 365 -50.01 -95.64 -38.76
C ALA FA 365 -49.27 -94.82 -39.81
N ILE FA 366 -49.38 -93.50 -39.71
CA ILE FA 366 -48.71 -92.62 -40.64
C ILE FA 366 -47.27 -92.53 -40.25
N LYS FA 367 -46.98 -92.40 -38.94
CA LYS FA 367 -45.56 -92.42 -38.58
C LYS FA 367 -44.85 -93.59 -39.20
N THR FA 368 -45.51 -94.75 -39.16
CA THR FA 368 -44.92 -95.94 -39.74
C THR FA 368 -44.79 -95.77 -41.25
N ALA FA 369 -45.83 -95.30 -41.94
CA ALA FA 369 -45.75 -95.15 -43.40
C ALA FA 369 -44.58 -94.24 -43.81
N ILE FA 370 -44.37 -93.16 -43.07
CA ILE FA 370 -43.29 -92.23 -43.38
C ILE FA 370 -41.95 -92.89 -43.15
N SER FA 371 -41.80 -93.53 -41.98
CA SER FA 371 -40.57 -94.19 -41.61
C SER FA 371 -40.18 -95.27 -42.61
N ASP FA 372 -41.15 -96.11 -43.01
CA ASP FA 372 -40.84 -97.17 -43.96
C ASP FA 372 -40.37 -96.61 -45.30
N ALA FA 373 -41.02 -95.54 -45.79
CA ALA FA 373 -40.60 -94.96 -47.06
C ALA FA 373 -39.16 -94.46 -47.00
N LEU FA 374 -38.79 -93.85 -45.87
CA LEU FA 374 -37.43 -93.34 -45.71
C LEU FA 374 -36.43 -94.45 -45.60
N ASP FA 375 -36.78 -95.49 -44.83
CA ASP FA 375 -35.88 -96.61 -44.61
C ASP FA 375 -35.52 -97.28 -45.92
N VAL FA 376 -36.50 -97.44 -46.82
CA VAL FA 376 -36.22 -98.03 -48.12
C VAL FA 376 -35.33 -97.13 -48.96
N PHE FA 377 -35.61 -95.82 -49.00
CA PHE FA 377 -34.80 -94.89 -49.79
C PHE FA 377 -33.32 -95.03 -49.47
N ASN FA 378 -33.02 -95.07 -48.18
CA ASN FA 378 -31.64 -95.12 -47.71
C ASN FA 378 -30.85 -96.35 -48.17
N GLU FA 379 -31.50 -97.44 -48.59
CA GLU FA 379 -30.80 -98.67 -48.96
C GLU FA 379 -29.84 -98.50 -50.13
N ASP FA 380 -30.00 -97.47 -50.94
CA ASP FA 380 -29.13 -97.30 -52.10
C ASP FA 380 -27.81 -96.66 -51.68
N PHE FA 381 -27.78 -96.07 -50.49
CA PHE FA 381 -26.60 -95.36 -50.03
C PHE FA 381 -25.85 -96.07 -48.93
N GLU FA 382 -26.60 -96.81 -48.12
CA GLU FA 382 -26.12 -97.60 -46.98
C GLU FA 382 -25.51 -98.91 -47.43
N GLY FA 383 -25.02 -99.69 -46.46
CA GLY FA 383 -24.33 -100.96 -46.68
C GLY FA 383 -25.02 -101.96 -47.60
N ALA FA 384 -26.35 -101.86 -47.72
CA ALA FA 384 -27.09 -102.77 -48.60
C ALA FA 384 -26.58 -102.72 -50.04
N ASP FA 385 -26.20 -101.53 -50.51
CA ASP FA 385 -25.66 -101.27 -51.84
C ASP FA 385 -24.94 -99.94 -51.72
N LYS FA 386 -23.71 -99.94 -51.28
CA LYS FA 386 -23.22 -98.69 -50.73
C LYS FA 386 -22.59 -97.68 -51.70
N ILE FA 387 -23.42 -96.74 -52.22
CA ILE FA 387 -22.92 -95.65 -53.06
C ILE FA 387 -21.84 -94.90 -52.33
N GLU FA 388 -22.02 -94.73 -51.02
CA GLU FA 388 -21.05 -93.96 -50.24
C GLU FA 388 -19.63 -94.57 -50.25
N SER FA 389 -19.49 -95.90 -50.33
CA SER FA 389 -18.14 -96.46 -50.31
C SER FA 389 -17.53 -96.40 -51.67
N VAL FA 390 -18.36 -96.37 -52.71
CA VAL FA 390 -17.77 -96.21 -54.02
C VAL FA 390 -17.10 -94.87 -54.11
N ALA FA 391 -17.80 -93.83 -53.65
CA ALA FA 391 -17.21 -92.51 -53.69
C ALA FA 391 -15.93 -92.45 -52.86
N LYS FA 392 -15.93 -93.07 -51.68
CA LYS FA 392 -14.75 -93.06 -50.84
C LYS FA 392 -13.57 -93.74 -51.53
N ASN FA 393 -13.82 -94.92 -52.08
CA ASN FA 393 -12.76 -95.71 -52.71
C ASN FA 393 -12.19 -95.01 -53.93
N LEU FA 394 -13.04 -94.34 -54.73
CA LEU FA 394 -12.51 -93.66 -55.90
C LEU FA 394 -11.56 -92.55 -55.48
N SER FA 395 -11.87 -91.83 -54.38
CA SER FA 395 -10.97 -90.81 -53.88
C SER FA 395 -9.59 -91.38 -53.52
N ASP FA 396 -9.54 -92.49 -52.79
CA ASP FA 396 -8.25 -93.06 -52.38
C ASP FA 396 -7.45 -93.52 -53.61
N LEU FA 397 -8.16 -94.14 -54.57
CA LEU FA 397 -7.52 -94.64 -55.78
C LEU FA 397 -6.97 -93.50 -56.62
N LEU FA 398 -7.69 -92.39 -56.65
CA LEU FA 398 -7.28 -91.22 -57.42
C LEU FA 398 -5.98 -90.64 -56.90
N ILE FA 399 -5.83 -90.56 -55.57
CA ILE FA 399 -4.56 -90.11 -55.04
C ILE FA 399 -3.44 -91.02 -55.47
N LYS FA 400 -3.65 -92.34 -55.32
CA LYS FA 400 -2.60 -93.30 -55.65
C LYS FA 400 -2.20 -93.23 -57.12
N ILE FA 401 -3.14 -93.04 -58.05
CA ILE FA 401 -2.69 -93.02 -59.44
C ILE FA 401 -1.91 -91.75 -59.73
N LYS FA 402 -2.32 -90.61 -59.17
CA LYS FA 402 -1.53 -89.40 -59.37
C LYS FA 402 -0.12 -89.53 -58.82
N GLN FA 403 0.03 -90.21 -57.68
CA GLN FA 403 1.37 -90.38 -57.09
C GLN FA 403 2.15 -91.54 -57.73
N ALA FA 404 1.50 -92.44 -58.48
CA ALA FA 404 2.13 -93.59 -59.11
C ALA FA 404 3.31 -93.20 -59.99
N ASP FA 405 3.20 -92.03 -60.64
CA ASP FA 405 4.23 -91.45 -61.50
C ASP FA 405 5.55 -91.22 -60.77
N THR FA 406 5.52 -91.24 -59.43
CA THR FA 406 6.73 -91.05 -58.62
C THR FA 406 7.80 -92.04 -59.02
N ASN FA 407 7.42 -93.29 -59.28
CA ASN FA 407 8.46 -94.25 -59.60
C ASN FA 407 8.22 -95.35 -60.63
N THR FA 408 7.00 -95.57 -61.18
CA THR FA 408 6.94 -96.61 -62.22
C THR FA 408 5.64 -96.74 -63.03
N LYS FA 409 5.84 -97.10 -64.30
CA LYS FA 409 4.78 -97.42 -65.26
C LYS FA 409 3.90 -98.57 -64.81
N VAL FA 410 4.45 -99.38 -63.91
CA VAL FA 410 3.75 -100.53 -63.37
C VAL FA 410 2.63 -100.06 -62.47
N GLU FA 411 2.90 -99.04 -61.66
CA GLU FA 411 1.91 -98.54 -60.71
C GLU FA 411 0.71 -98.04 -61.47
N ASN FA 412 0.98 -97.41 -62.61
CA ASN FA 412 -0.10 -96.84 -63.45
C ASN FA 412 -0.94 -97.91 -64.15
N VAL FA 413 -0.60 -99.18 -63.97
CA VAL FA 413 -1.37 -100.30 -64.48
C VAL FA 413 -2.04 -100.99 -63.31
N LEU FA 414 -1.26 -101.26 -62.27
CA LEU FA 414 -1.77 -101.97 -61.12
C LEU FA 414 -2.94 -101.24 -60.50
N SER FA 415 -2.89 -99.89 -60.44
CA SER FA 415 -3.94 -99.11 -59.80
C SER FA 415 -5.34 -99.31 -60.41
N ILE FA 416 -5.39 -99.82 -61.64
CA ILE FA 416 -6.65 -100.03 -62.33
C ILE FA 416 -7.04 -101.51 -62.39
N ASN FA 417 -6.10 -102.42 -62.66
CA ASN FA 417 -6.44 -103.83 -62.85
C ASN FA 417 -5.99 -104.80 -61.75
N ALA FA 418 -5.12 -104.41 -60.83
CA ALA FA 418 -4.70 -105.28 -59.74
C ALA FA 418 -5.39 -104.77 -58.50
N LEU FA 419 -5.56 -103.46 -58.52
CA LEU FA 419 -6.23 -102.65 -57.54
C LEU FA 419 -7.61 -102.38 -58.11
N ASN FA 420 -8.37 -101.49 -57.49
CA ASN FA 420 -9.78 -101.42 -57.81
C ASN FA 420 -10.35 -100.33 -58.75
N PHE FA 421 -9.62 -99.53 -59.55
CA PHE FA 421 -10.44 -98.59 -60.35
C PHE FA 421 -11.46 -99.28 -61.25
N SER FA 422 -11.10 -100.37 -61.91
CA SER FA 422 -12.09 -101.07 -62.73
C SER FA 422 -13.26 -101.56 -61.88
N ALA FA 423 -12.92 -102.19 -60.76
CA ALA FA 423 -13.88 -102.80 -59.85
C ALA FA 423 -14.84 -101.80 -59.23
N GLU FA 424 -14.39 -100.58 -58.94
CA GLU FA 424 -15.28 -99.59 -58.33
C GLU FA 424 -16.21 -98.97 -59.34
N PHE FA 425 -15.74 -98.68 -60.55
CA PHE FA 425 -16.67 -98.06 -61.50
C PHE FA 425 -17.77 -99.05 -61.89
N GLU FA 426 -17.45 -100.33 -61.83
CA GLU FA 426 -18.43 -101.35 -62.16
C GLU FA 426 -19.62 -101.28 -61.20
N LYS FA 427 -19.37 -100.88 -59.96
CA LYS FA 427 -20.45 -100.89 -58.97
C LYS FA 427 -21.48 -99.83 -59.26
N LEU FA 428 -21.19 -98.92 -60.16
CA LEU FA 428 -22.16 -97.90 -60.50
C LEU FA 428 -22.93 -98.40 -61.70
N LEU FA 429 -22.19 -98.92 -62.71
CA LEU FA 429 -22.78 -99.52 -63.91
C LEU FA 429 -22.00 -100.81 -64.20
N THR FA 430 -22.69 -101.95 -64.16
CA THR FA 430 -22.06 -103.28 -64.27
C THR FA 430 -21.22 -103.51 -65.52
N TYR FA 431 -21.66 -103.02 -66.68
CA TYR FA 431 -20.92 -103.26 -67.90
C TYR FA 431 -21.15 -102.16 -68.92
N ASP FA 432 -21.04 -100.90 -68.49
CA ASP FA 432 -21.34 -99.79 -69.40
C ASP FA 432 -20.52 -99.84 -70.67
N VAL FA 433 -19.27 -100.34 -70.54
CA VAL FA 433 -18.26 -100.49 -71.59
C VAL FA 433 -18.71 -101.35 -72.76
N ASN FA 434 -19.81 -102.10 -72.59
CA ASN FA 434 -20.38 -102.94 -73.61
C ASN FA 434 -20.73 -102.17 -74.89
N THR FA 435 -21.03 -100.87 -74.78
CA THR FA 435 -21.41 -100.09 -75.96
C THR FA 435 -21.04 -98.62 -75.78
N GLY FA 436 -20.97 -97.87 -76.89
CA GLY FA 436 -20.66 -96.44 -76.80
C GLY FA 436 -21.66 -95.72 -75.91
N LEU FA 437 -22.92 -96.12 -75.99
CA LEU FA 437 -23.91 -95.60 -75.07
C LEU FA 437 -23.88 -96.58 -73.94
N THR FA 438 -23.91 -96.12 -72.68
CA THR FA 438 -23.83 -97.12 -71.62
C THR FA 438 -24.89 -98.19 -71.82
N ALA FA 439 -24.43 -99.44 -71.80
CA ALA FA 439 -25.30 -100.57 -72.05
C ALA FA 439 -25.00 -101.70 -71.08
N SER FA 440 -25.77 -102.79 -71.21
CA SER FA 440 -25.57 -103.99 -70.41
C SER FA 440 -25.55 -103.70 -68.92
N VAL FA 441 -26.42 -102.79 -68.48
CA VAL FA 441 -26.44 -102.47 -67.07
C VAL FA 441 -27.21 -103.54 -66.32
N THR FA 442 -26.55 -104.69 -66.17
CA THR FA 442 -27.08 -105.88 -65.49
C THR FA 442 -27.45 -105.54 -64.05
N LEU FA 443 -26.78 -104.52 -63.56
CA LEU FA 443 -26.95 -103.94 -62.26
C LEU FA 443 -26.51 -102.50 -62.38
N ASP FA 444 -27.14 -101.64 -61.59
CA ASP FA 444 -26.75 -100.25 -61.53
C ASP FA 444 -27.16 -99.67 -60.19
N LEU FA 445 -26.34 -98.75 -59.69
CA LEU FA 445 -26.61 -98.06 -58.43
C LEU FA 445 -27.43 -96.80 -58.58
N PHE FA 446 -27.79 -96.44 -59.81
CA PHE FA 446 -28.42 -95.17 -60.05
C PHE FA 446 -29.92 -95.19 -60.34
N ALA FA 447 -30.51 -94.05 -59.98
CA ALA FA 447 -31.86 -93.56 -60.29
C ALA FA 447 -33.04 -94.33 -59.73
N ASN FA 448 -32.86 -95.19 -58.73
CA ASN FA 448 -34.00 -95.86 -58.09
C ASN FA 448 -34.65 -94.87 -57.11
N ILE FA 449 -33.94 -93.75 -57.00
CA ILE FA 449 -34.19 -92.58 -56.21
C ILE FA 449 -35.50 -91.96 -56.62
N GLY FA 450 -35.80 -91.90 -57.92
CA GLY FA 450 -37.02 -91.23 -58.36
C GLY FA 450 -38.27 -91.77 -57.68
N THR FA 451 -38.49 -93.08 -57.83
CA THR FA 451 -39.66 -93.72 -57.24
C THR FA 451 -39.65 -93.60 -55.73
N ARG FA 452 -38.50 -93.83 -55.12
CA ARG FA 452 -38.45 -93.80 -53.68
C ARG FA 452 -38.75 -92.39 -53.12
N LEU FA 453 -38.32 -91.31 -53.80
CA LEU FA 453 -38.68 -89.98 -53.32
C LEU FA 453 -40.18 -89.76 -53.39
N ASP FA 454 -40.83 -90.26 -54.46
CA ASP FA 454 -42.27 -90.12 -54.56
C ASP FA 454 -42.95 -90.79 -53.37
N ASP FA 455 -42.47 -91.98 -52.97
CA ASP FA 455 -43.07 -92.72 -51.86
C ASP FA 455 -42.93 -91.94 -50.55
N ILE FA 456 -41.77 -91.29 -50.34
CA ILE FA 456 -41.56 -90.50 -49.13
C ILE FA 456 -42.51 -89.34 -49.08
N ILE FA 457 -42.62 -88.59 -50.17
CA ILE FA 457 -43.47 -87.42 -50.15
C ILE FA 457 -44.90 -87.80 -49.92
N ALA FA 458 -45.38 -88.83 -50.61
CA ALA FA 458 -46.75 -89.22 -50.42
C ALA FA 458 -47.01 -89.58 -48.97
N ALA FA 459 -46.10 -90.33 -48.33
CA ALA FA 459 -46.30 -90.67 -46.93
C ALA FA 459 -46.31 -89.44 -46.04
N VAL FA 460 -45.40 -88.49 -46.29
CA VAL FA 460 -45.31 -87.30 -45.44
C VAL FA 460 -46.57 -86.45 -45.57
N SER FA 461 -47.07 -86.30 -46.78
CA SER FA 461 -48.26 -85.49 -47.03
C SER FA 461 -49.46 -85.96 -46.24
N ALA FA 462 -49.49 -87.23 -45.85
CA ALA FA 462 -50.60 -87.80 -45.11
C ALA FA 462 -50.72 -87.17 -43.74
N ALA FA 463 -49.61 -86.61 -43.23
CA ALA FA 463 -49.57 -86.01 -41.92
C ALA FA 463 -50.05 -84.58 -41.90
N GLU FA 464 -50.25 -83.94 -43.05
CA GLU FA 464 -50.65 -82.54 -42.98
C GLU FA 464 -51.92 -82.27 -42.17
N PRO FA 465 -52.99 -83.07 -42.23
CA PRO FA 465 -54.18 -82.88 -41.40
C PRO FA 465 -54.11 -83.58 -40.05
N ILE FA 466 -52.95 -84.11 -39.68
CA ILE FA 466 -52.81 -84.87 -38.45
C ILE FA 466 -52.11 -84.04 -37.39
N ASP FA 467 -51.10 -83.29 -37.80
CA ASP FA 467 -50.31 -82.58 -36.81
C ASP FA 467 -50.81 -81.20 -36.47
N VAL FA 468 -51.44 -81.13 -35.29
CA VAL FA 468 -52.02 -79.90 -34.76
C VAL FA 468 -51.09 -79.09 -33.80
N ASN FA 469 -50.17 -79.69 -33.12
CA ASN FA 469 -49.34 -78.90 -32.19
C ASN FA 469 -47.81 -78.76 -32.36
N ASN FA 470 -47.18 -79.13 -33.45
CA ASN FA 470 -45.73 -79.00 -33.50
C ASN FA 470 -45.24 -77.90 -34.44
N GLY FA 471 -44.24 -77.15 -34.00
CA GLY FA 471 -43.68 -76.06 -34.77
C GLY FA 471 -42.53 -76.50 -35.67
N LYS FA 472 -41.99 -75.50 -36.35
CA LYS FA 472 -40.98 -75.65 -37.38
C LYS FA 472 -39.70 -76.38 -36.95
N LEU FA 473 -39.24 -76.19 -35.71
CA LEU FA 473 -37.98 -76.79 -35.27
C LEU FA 473 -38.14 -78.12 -34.57
N ASN FA 474 -39.37 -78.61 -34.45
CA ASN FA 474 -39.63 -79.83 -33.70
C ASN FA 474 -38.90 -81.02 -34.32
N GLY FA 475 -38.16 -81.74 -33.50
CA GLY FA 475 -37.45 -82.92 -33.94
C GLY FA 475 -36.07 -82.66 -34.52
N ARG FA 476 -35.60 -81.43 -34.42
CA ARG FA 476 -34.28 -81.02 -34.91
C ARG FA 476 -33.23 -80.82 -33.80
N LEU FA 477 -31.95 -80.89 -34.18
CA LEU FA 477 -30.81 -80.71 -33.26
C LEU FA 477 -30.48 -79.26 -32.96
N LEU FA 478 -29.94 -79.00 -31.77
CA LEU FA 478 -29.66 -77.63 -31.35
C LEU FA 478 -28.68 -76.94 -32.30
N SER FA 479 -27.62 -77.63 -32.69
CA SER FA 479 -26.65 -77.04 -33.60
C SER FA 479 -27.29 -76.67 -34.94
N ASP FA 480 -28.24 -77.50 -35.39
CA ASP FA 480 -28.91 -77.28 -36.68
C ASP FA 480 -29.66 -75.96 -36.73
N ILE FA 481 -30.33 -75.58 -35.64
CA ILE FA 481 -31.12 -74.36 -35.64
C ILE FA 481 -30.31 -73.05 -35.73
N GLU FA 482 -29.04 -73.09 -35.37
CA GLU FA 482 -28.24 -71.87 -35.28
C GLU FA 482 -28.32 -71.02 -36.53
N PRO FA 483 -28.22 -71.60 -37.74
CA PRO FA 483 -28.39 -70.80 -38.96
C PRO FA 483 -29.78 -70.24 -39.12
N LEU FA 484 -30.80 -71.05 -38.86
CA LEU FA 484 -32.20 -70.66 -39.03
C LEU FA 484 -32.67 -69.60 -38.04
N ASP FA 485 -32.29 -69.75 -36.77
CA ASP FA 485 -32.67 -68.81 -35.73
C ASP FA 485 -31.47 -68.54 -34.83
N ASN FA 486 -31.38 -67.34 -34.29
CA ASN FA 486 -30.25 -67.05 -33.42
C ASN FA 486 -30.66 -66.52 -32.06
N ALA FA 487 -31.75 -65.77 -32.00
CA ALA FA 487 -32.15 -65.26 -30.70
C ALA FA 487 -32.54 -66.40 -29.78
N THR FA 488 -33.27 -67.37 -30.35
CA THR FA 488 -33.72 -68.51 -29.58
C THR FA 488 -32.53 -69.37 -29.19
N TYR FA 489 -31.61 -69.58 -30.14
CA TYR FA 489 -30.44 -70.39 -29.90
C TYR FA 489 -29.62 -69.85 -28.74
N ASN FA 490 -29.32 -68.55 -28.76
CA ASN FA 490 -28.53 -67.98 -27.69
C ASN FA 490 -29.25 -68.05 -26.35
N THR FA 491 -30.57 -67.86 -26.36
CA THR FA 491 -31.36 -67.92 -25.15
C THR FA 491 -31.27 -69.30 -24.53
N ILE FA 492 -31.39 -70.34 -25.35
CA ILE FA 492 -31.32 -71.71 -24.87
C ILE FA 492 -29.98 -72.00 -24.23
N LEU FA 493 -28.89 -71.57 -24.87
CA LEU FA 493 -27.58 -71.84 -24.28
C LEU FA 493 -27.42 -71.16 -22.93
N LEU FA 494 -27.90 -69.93 -22.80
CA LEU FA 494 -27.83 -69.26 -21.52
C LEU FA 494 -28.60 -70.00 -20.44
N GLU FA 495 -29.75 -70.55 -20.79
CA GLU FA 495 -30.55 -71.27 -19.80
C GLU FA 495 -29.85 -72.58 -19.41
N ILE FA 496 -29.23 -73.29 -20.37
CA ILE FA 496 -28.56 -74.55 -20.06
C ILE FA 496 -27.44 -74.33 -19.07
N ASN FA 497 -26.68 -73.27 -19.26
CA ASN FA 497 -25.53 -73.00 -18.44
C ASN FA 497 -25.90 -72.47 -17.05
N SER FA 498 -27.17 -72.31 -16.74
CA SER FA 498 -27.56 -71.89 -15.41
C SER FA 498 -27.54 -73.04 -14.40
N HIS FA 499 -27.43 -74.28 -14.87
CA HIS FA 499 -27.48 -75.42 -13.97
C HIS FA 499 -26.08 -75.80 -13.46
N LYS FA 500 -25.95 -75.91 -12.14
CA LYS FA 500 -24.64 -76.18 -11.54
C LYS FA 500 -24.52 -77.59 -10.95
N VAL FA 501 -23.26 -78.00 -10.80
CA VAL FA 501 -22.81 -79.29 -10.26
C VAL FA 501 -22.86 -79.32 -8.72
N THR FA 502 -23.26 -80.46 -8.13
CA THR FA 502 -23.30 -80.67 -6.68
C THR FA 502 -22.41 -81.86 -6.31
N LEU FA 503 -21.54 -81.70 -5.31
CA LEU FA 503 -20.57 -82.72 -4.92
C LEU FA 503 -20.52 -83.05 -3.42
N PRO FA 504 -20.16 -84.31 -3.06
CA PRO FA 504 -19.82 -84.70 -1.70
C PRO FA 504 -18.64 -83.85 -1.26
N PRO FA 505 -18.51 -83.53 0.04
CA PRO FA 505 -17.47 -82.62 0.58
C PRO FA 505 -16.02 -83.15 0.69
N SER FA 506 -15.79 -84.46 0.72
CA SER FA 506 -14.45 -85.01 0.94
C SER FA 506 -13.30 -84.49 0.07
N SER FA 507 -13.55 -84.16 -1.20
CA SER FA 507 -12.42 -83.70 -2.02
C SER FA 507 -11.99 -82.29 -1.67
N SER FA 508 -12.89 -81.50 -1.08
CA SER FA 508 -12.56 -80.14 -0.74
C SER FA 508 -11.82 -80.17 0.56
N MET FA 509 -12.15 -81.15 1.39
CA MET FA 509 -11.45 -81.26 2.65
C MET FA 509 -10.02 -81.64 2.45
N ALA FA 510 -9.74 -82.54 1.50
CA ALA FA 510 -8.34 -82.89 1.25
C ALA FA 510 -7.54 -81.65 0.85
N GLY FA 511 -8.16 -80.78 0.05
CA GLY FA 511 -7.53 -79.51 -0.31
C GLY FA 511 -7.26 -78.65 0.93
N ALA FA 512 -8.28 -78.49 1.77
CA ALA FA 512 -8.16 -77.71 2.99
C ALA FA 512 -7.08 -78.25 3.92
N TYR FA 513 -6.93 -79.58 4.02
CA TYR FA 513 -5.89 -80.15 4.87
C TYR FA 513 -4.53 -79.69 4.38
N ALA FA 514 -4.31 -79.70 3.07
CA ALA FA 514 -3.02 -79.26 2.53
C ALA FA 514 -2.69 -77.83 2.90
N ARG FA 515 -3.69 -76.93 2.83
CA ARG FA 515 -3.44 -75.54 3.21
C ARG FA 515 -3.00 -75.41 4.64
N VAL FA 516 -3.70 -76.06 5.55
CA VAL FA 516 -3.38 -75.94 6.96
C VAL FA 516 -1.99 -76.49 7.25
N ASP FA 517 -1.65 -77.64 6.68
CA ASP FA 517 -0.34 -78.24 6.91
C ASP FA 517 0.79 -77.30 6.47
N ASN FA 518 0.58 -76.53 5.40
CA ASN FA 518 1.62 -75.61 4.95
C ASN FA 518 1.66 -74.31 5.74
N ASP FA 519 0.50 -73.77 6.12
CA ASP FA 519 0.44 -72.52 6.88
C ASP FA 519 0.83 -72.61 8.34
N ARG FA 520 0.43 -73.69 9.02
CA ARG FA 520 0.69 -73.81 10.45
C ARG FA 520 1.37 -75.10 10.87
N GLY FA 521 1.09 -76.21 10.19
CA GLY FA 521 1.66 -77.49 10.59
C GLY FA 521 0.59 -78.55 10.85
N VAL FA 522 0.99 -79.82 10.81
CA VAL FA 522 0.10 -80.97 10.98
C VAL FA 522 -0.62 -81.01 12.34
N TRP FA 523 -0.10 -80.30 13.33
CA TRP FA 523 -0.73 -80.28 14.64
C TRP FA 523 -1.82 -79.23 14.78
N LYS FA 524 -2.08 -78.45 13.75
CA LYS FA 524 -3.13 -77.43 13.76
C LYS FA 524 -4.45 -78.02 13.29
N SER FA 525 -5.52 -77.76 14.03
CA SER FA 525 -6.85 -78.21 13.63
C SER FA 525 -7.35 -77.63 12.29
N PRO FA 526 -7.91 -78.48 11.40
CA PRO FA 526 -8.58 -78.11 10.13
C PRO FA 526 -9.85 -77.27 10.23
N ALA FA 527 -10.44 -77.11 11.40
CA ALA FA 527 -11.69 -76.36 11.52
C ALA FA 527 -11.48 -74.85 11.40
N ASN FA 528 -12.61 -74.15 11.13
CA ASN FA 528 -12.74 -72.70 10.96
C ASN FA 528 -11.95 -72.20 9.76
N ILE FA 529 -12.00 -72.99 8.69
CA ILE FA 529 -11.35 -72.68 7.42
C ILE FA 529 -12.42 -72.60 6.33
N GLY FA 530 -12.36 -71.56 5.52
CA GLY FA 530 -13.34 -71.37 4.45
C GLY FA 530 -13.04 -72.22 3.22
N LEU FA 531 -14.11 -72.52 2.47
CA LEU FA 531 -13.98 -73.31 1.24
C LEU FA 531 -14.12 -72.45 -0.01
N ASN FA 532 -13.35 -72.78 -1.04
CA ASN FA 532 -13.42 -72.08 -2.31
C ASN FA 532 -14.38 -72.79 -3.24
N TYR FA 533 -14.97 -72.01 -4.14
CA TYR FA 533 -15.92 -72.50 -5.15
C TYR FA 533 -17.16 -73.13 -4.54
N VAL FA 534 -17.62 -72.63 -3.42
CA VAL FA 534 -18.83 -73.16 -2.81
C VAL FA 534 -19.83 -72.05 -2.66
N SER FA 535 -21.02 -72.25 -3.22
CA SER FA 535 -22.07 -71.27 -3.10
C SER FA 535 -22.78 -71.44 -1.79
N LYS FA 536 -23.04 -72.69 -1.44
CA LYS FA 536 -23.77 -72.99 -0.21
C LYS FA 536 -23.73 -74.51 0.08
N PRO FA 537 -23.97 -74.90 1.34
CA PRO FA 537 -24.30 -76.27 1.75
C PRO FA 537 -25.62 -76.66 1.11
N SER FA 538 -25.79 -77.95 0.77
CA SER FA 538 -27.04 -78.42 0.17
C SER FA 538 -28.24 -78.26 1.08
N VAL FA 539 -28.06 -78.44 2.38
CA VAL FA 539 -29.13 -78.30 3.37
C VAL FA 539 -28.66 -77.44 4.53
N THR FA 540 -29.60 -76.89 5.28
CA THR FA 540 -29.28 -76.10 6.46
C THR FA 540 -29.49 -76.95 7.71
N VAL FA 541 -28.48 -76.99 8.57
CA VAL FA 541 -28.54 -77.80 9.78
C VAL FA 541 -28.71 -76.89 10.99
N SER FA 542 -29.80 -77.08 11.75
CA SER FA 542 -30.14 -76.27 12.91
C SER FA 542 -29.28 -76.62 14.11
N HIS FA 543 -29.32 -75.78 15.15
CA HIS FA 543 -28.55 -76.05 16.36
C HIS FA 543 -29.00 -77.30 17.07
N GLU FA 544 -30.30 -77.56 17.06
CA GLU FA 544 -30.84 -78.73 17.71
C GLU FA 544 -30.24 -79.99 17.10
N GLU FA 545 -30.07 -79.96 15.80
CA GLU FA 545 -29.48 -81.09 15.10
C GLU FA 545 -27.98 -81.16 15.31
N GLN FA 546 -27.32 -80.02 15.25
CA GLN FA 546 -25.88 -79.95 15.33
C GLN FA 546 -25.32 -80.52 16.62
N GLU FA 547 -26.02 -80.38 17.73
CA GLU FA 547 -25.49 -80.94 18.96
C GLU FA 547 -25.32 -82.45 18.90
N SER FA 548 -26.17 -83.15 18.12
CA SER FA 548 -26.11 -84.61 18.04
C SER FA 548 -25.01 -85.07 17.06
N MET FA 549 -24.45 -84.14 16.31
CA MET FA 549 -23.40 -84.46 15.38
C MET FA 549 -22.08 -84.40 16.11
N ASN FA 550 -21.98 -83.52 17.09
CA ASN FA 550 -20.75 -83.34 17.83
C ASN FA 550 -20.60 -84.29 19.01
N VAL FA 551 -21.66 -84.53 19.77
CA VAL FA 551 -21.60 -85.41 20.91
C VAL FA 551 -22.70 -86.44 20.78
N HIS FA 552 -22.35 -87.71 20.89
CA HIS FA 552 -23.30 -88.78 20.71
C HIS FA 552 -22.87 -90.02 21.45
N GLY FA 553 -23.85 -90.81 21.90
CA GLY FA 553 -23.59 -92.05 22.63
C GLY FA 553 -22.64 -93.03 21.96
N THR FA 554 -22.61 -93.05 20.63
CA THR FA 554 -21.72 -93.96 19.93
C THR FA 554 -20.30 -93.45 19.70
N GLY FA 555 -20.06 -92.15 19.87
CA GLY FA 555 -18.77 -91.52 19.60
C GLY FA 555 -18.54 -91.23 18.12
N LYS FA 556 -19.47 -91.62 17.27
CA LYS FA 556 -19.34 -91.46 15.83
C LYS FA 556 -19.78 -90.08 15.38
N SER FA 557 -18.95 -89.11 15.73
CA SER FA 557 -19.16 -87.72 15.43
C SER FA 557 -19.10 -87.43 13.96
N VAL FA 558 -19.83 -86.39 13.53
CA VAL FA 558 -19.80 -85.93 12.15
C VAL FA 558 -19.51 -84.43 12.15
N ASN FA 559 -18.55 -83.99 11.37
CA ASN FA 559 -18.20 -82.57 11.34
C ASN FA 559 -19.19 -81.83 10.42
N ALA FA 560 -19.52 -80.58 10.75
CA ALA FA 560 -20.54 -79.88 9.98
C ALA FA 560 -20.02 -78.81 9.04
N ILE FA 561 -20.68 -78.67 7.90
CA ILE FA 561 -20.38 -77.57 7.00
C ILE FA 561 -21.49 -76.52 7.17
N ARG FA 562 -21.11 -75.28 7.49
CA ARG FA 562 -22.08 -74.23 7.80
C ARG FA 562 -21.85 -72.89 7.11
N SER FA 563 -22.94 -72.18 6.88
CA SER FA 563 -22.91 -70.83 6.33
C SER FA 563 -23.04 -69.77 7.40
N PHE FA 564 -22.13 -68.81 7.43
CA PHE FA 564 -22.16 -67.74 8.41
C PHE FA 564 -22.33 -66.38 7.74
N VAL FA 565 -23.06 -65.48 8.39
CA VAL FA 565 -23.33 -64.18 7.81
C VAL FA 565 -22.06 -63.36 7.67
N GLY FA 566 -21.82 -62.89 6.46
CA GLY FA 566 -20.67 -62.08 6.14
C GLY FA 566 -19.41 -62.87 5.91
N LYS FA 567 -19.46 -64.20 6.04
CA LYS FA 567 -18.27 -65.00 5.88
C LYS FA 567 -18.37 -66.05 4.78
N GLY FA 568 -19.54 -66.65 4.59
CA GLY FA 568 -19.67 -67.72 3.63
C GLY FA 568 -19.56 -69.07 4.31
N THR FA 569 -19.16 -70.08 3.55
CA THR FA 569 -19.19 -71.45 4.05
C THR FA 569 -17.89 -71.87 4.74
N LEU FA 570 -18.01 -72.28 6.01
CA LEU FA 570 -16.90 -72.70 6.87
C LEU FA 570 -17.04 -74.14 7.36
N VAL FA 571 -15.90 -74.76 7.66
CA VAL FA 571 -15.88 -76.08 8.31
C VAL FA 571 -15.98 -75.91 9.82
N TRP FA 572 -17.00 -76.49 10.44
CA TRP FA 572 -17.23 -76.30 11.86
C TRP FA 572 -17.08 -77.61 12.66
N GLY FA 573 -15.98 -77.75 13.38
CA GLY FA 573 -15.67 -78.98 14.11
C GLY FA 573 -14.57 -79.81 13.43
N ALA FA 574 -13.77 -80.50 14.24
CA ALA FA 574 -12.67 -81.32 13.72
C ALA FA 574 -12.41 -82.57 14.55
N ARG FA 575 -13.43 -83.39 14.74
CA ARG FA 575 -13.27 -84.60 15.53
C ARG FA 575 -13.26 -85.85 14.66
N THR FA 576 -12.72 -86.92 15.23
CA THR FA 576 -12.61 -88.25 14.65
C THR FA 576 -13.84 -89.10 14.94
N LEU FA 577 -13.92 -90.29 14.34
CA LEU FA 577 -15.03 -91.22 14.58
C LEU FA 577 -14.94 -91.93 15.93
N ALA FA 578 -14.00 -91.54 16.77
CA ALA FA 578 -13.85 -92.01 18.14
C ALA FA 578 -13.83 -90.78 19.01
N GLY FA 579 -14.86 -89.95 18.84
CA GLY FA 579 -14.95 -88.59 19.37
C GLY FA 579 -15.10 -88.47 20.88
N ASN FA 580 -15.36 -89.57 21.56
CA ASN FA 580 -15.46 -89.52 23.01
C ASN FA 580 -14.20 -90.04 23.65
N ASP FA 581 -13.24 -90.46 22.84
CA ASP FA 581 -12.03 -91.04 23.39
C ASP FA 581 -11.18 -89.99 24.06
N ASN FA 582 -10.55 -90.37 25.15
CA ASN FA 582 -9.70 -89.45 25.89
C ASN FA 582 -8.39 -89.11 25.17
N GLU FA 583 -7.89 -89.97 24.29
CA GLU FA 583 -6.63 -89.67 23.62
C GLU FA 583 -6.79 -89.30 22.16
N TRP FA 584 -7.68 -89.99 21.44
CA TRP FA 584 -7.80 -89.87 19.99
C TRP FA 584 -9.03 -89.18 19.42
N ARG FA 585 -9.68 -88.28 20.17
CA ARG FA 585 -10.86 -87.59 19.64
C ARG FA 585 -10.58 -86.50 18.61
N TYR FA 586 -9.39 -85.92 18.60
CA TYR FA 586 -9.11 -84.85 17.65
C TYR FA 586 -8.35 -85.33 16.45
N ILE FA 587 -8.69 -84.77 15.29
CA ILE FA 587 -8.02 -85.13 14.05
C ILE FA 587 -6.56 -84.78 14.09
N SER FA 588 -6.24 -83.55 14.53
CA SER FA 588 -4.87 -83.07 14.56
C SER FA 588 -3.97 -83.87 15.47
N VAL FA 589 -4.51 -84.44 16.53
CA VAL FA 589 -3.68 -85.24 17.41
C VAL FA 589 -3.29 -86.53 16.72
N ARG FA 590 -4.26 -87.20 16.09
CA ARG FA 590 -3.98 -88.45 15.39
C ARG FA 590 -3.06 -88.25 14.20
N ARG FA 591 -3.22 -87.17 13.45
CA ARG FA 591 -2.36 -86.95 12.31
C ARG FA 591 -0.93 -86.61 12.75
N PHE FA 592 -0.77 -85.84 13.84
CA PHE FA 592 0.56 -85.54 14.34
C PHE FA 592 1.33 -86.80 14.66
N PHE FA 593 0.69 -87.72 15.40
CA PHE FA 593 1.37 -88.96 15.71
C PHE FA 593 1.76 -89.75 14.48
N ASN FA 594 0.88 -89.84 13.48
CA ASN FA 594 1.29 -90.62 12.30
C ASN FA 594 2.56 -90.05 11.69
N MET FA 595 2.64 -88.73 11.61
CA MET FA 595 3.80 -88.05 11.06
C MET FA 595 5.05 -88.31 11.89
N ALA FA 596 4.96 -88.08 13.18
CA ALA FA 596 6.12 -88.20 14.04
C ALA FA 596 6.67 -89.61 14.04
N GLU FA 597 5.78 -90.60 14.06
CA GLU FA 597 6.23 -91.98 14.09
C GLU FA 597 6.94 -92.37 12.80
N GLU FA 598 6.42 -91.94 11.65
CA GLU FA 598 7.10 -92.26 10.39
C GLU FA 598 8.50 -91.67 10.33
N SER FA 599 8.66 -90.42 10.76
CA SER FA 599 9.97 -89.79 10.71
C SER FA 599 10.98 -90.48 11.61
N ILE FA 600 10.57 -90.88 12.81
CA ILE FA 600 11.50 -91.56 13.69
C ILE FA 600 11.85 -92.91 13.10
N LYS FA 601 10.86 -93.65 12.61
CA LYS FA 601 11.13 -94.96 12.02
C LYS FA 601 12.19 -94.89 10.95
N LYS FA 602 12.12 -93.89 10.06
CA LYS FA 602 13.14 -93.77 9.03
C LYS FA 602 14.52 -93.46 9.62
N ALA FA 603 14.57 -92.58 10.61
CA ALA FA 603 15.83 -92.22 11.24
C ALA FA 603 16.55 -93.41 11.86
N THR FA 604 15.81 -94.40 12.37
CA THR FA 604 16.44 -95.53 13.04
C THR FA 604 16.88 -96.65 12.08
N GLU FA 605 16.62 -96.54 10.77
CA GLU FA 605 17.01 -97.62 9.86
C GLU FA 605 18.51 -97.83 9.81
N GLN FA 606 19.28 -96.76 10.00
CA GLN FA 606 20.74 -96.82 9.95
C GLN FA 606 21.36 -97.70 11.04
N PHE FA 607 20.60 -98.09 12.06
CA PHE FA 607 21.15 -98.91 13.13
C PHE FA 607 20.72 -100.38 13.06
N VAL FA 608 20.03 -100.79 12.01
CA VAL FA 608 19.44 -102.14 11.99
C VAL FA 608 20.44 -103.27 12.13
N PHE FA 609 21.59 -103.20 11.49
CA PHE FA 609 22.53 -104.31 11.59
C PHE FA 609 23.71 -104.01 12.50
N GLU FA 610 23.57 -103.05 13.40
CA GLU FA 610 24.62 -102.71 14.34
C GLU FA 610 24.62 -103.70 15.51
N PRO FA 611 25.74 -103.86 16.23
CA PRO FA 611 25.81 -104.68 17.44
C PRO FA 611 24.81 -104.20 18.48
N ASN FA 612 24.25 -105.14 19.23
CA ASN FA 612 23.24 -104.80 20.24
C ASN FA 612 23.93 -104.69 21.59
N ASP FA 613 24.39 -103.48 21.91
CA ASP FA 613 25.15 -103.20 23.12
C ASP FA 613 25.04 -101.69 23.43
N GLY FA 614 25.67 -101.29 24.54
CA GLY FA 614 25.62 -99.92 25.04
C GLY FA 614 26.08 -98.85 24.07
N ASN FA 615 27.02 -99.17 23.19
CA ASN FA 615 27.53 -98.19 22.23
C ASN FA 615 26.55 -97.88 21.12
N THR FA 616 25.49 -98.67 20.99
CA THR FA 616 24.47 -98.44 20.00
C THR FA 616 23.28 -97.82 20.69
N TRP FA 617 22.95 -98.33 21.86
CA TRP FA 617 21.78 -97.86 22.59
C TRP FA 617 21.84 -96.36 22.81
N VAL FA 618 23.03 -95.88 23.17
CA VAL FA 618 23.26 -94.46 23.39
C VAL FA 618 23.11 -93.59 22.13
N ARG FA 619 23.54 -94.12 20.98
CA ARG FA 619 23.41 -93.41 19.72
C ARG FA 619 21.98 -93.29 19.26
N VAL FA 620 21.18 -94.34 19.47
CA VAL FA 620 19.77 -94.34 19.12
C VAL FA 620 19.05 -93.31 19.96
N ARG FA 621 19.33 -93.27 21.26
CA ARG FA 621 18.70 -92.27 22.11
C ARG FA 621 19.02 -90.84 21.68
N ALA FA 622 20.29 -90.55 21.43
CA ALA FA 622 20.63 -89.17 21.09
C ALA FA 622 19.89 -88.68 19.87
N MET FA 623 19.80 -89.54 18.87
CA MET FA 623 19.13 -89.18 17.64
C MET FA 623 17.64 -88.91 17.82
N ILE FA 624 16.94 -89.78 18.57
CA ILE FA 624 15.53 -89.60 18.76
C ILE FA 624 15.26 -88.31 19.53
N GLU FA 625 16.06 -88.04 20.56
CA GLU FA 625 15.90 -86.83 21.34
C GLU FA 625 16.08 -85.58 20.47
N ASN FA 626 17.04 -85.60 19.53
CA ASN FA 626 17.22 -84.44 18.66
C ASN FA 626 16.00 -84.18 17.79
N PHE FA 627 15.37 -85.23 17.28
CA PHE FA 627 14.15 -85.05 16.50
C PHE FA 627 13.07 -84.38 17.34
N LEU FA 628 12.86 -84.92 18.53
CA LEU FA 628 11.80 -84.44 19.39
C LEU FA 628 12.03 -83.03 19.92
N ILE FA 629 13.28 -82.64 20.18
CA ILE FA 629 13.49 -81.30 20.69
C ILE FA 629 13.10 -80.27 19.63
N LEU FA 630 13.31 -80.58 18.35
CA LEU FA 630 12.92 -79.68 17.29
C LEU FA 630 11.41 -79.53 17.24
N GLN FA 631 10.68 -80.65 17.41
CA GLN FA 631 9.22 -80.59 17.39
C GLN FA 631 8.68 -79.78 18.54
N TRP FA 632 9.35 -79.87 19.69
CA TRP FA 632 8.97 -79.09 20.85
C TRP FA 632 9.15 -77.60 20.59
N ARG FA 633 10.29 -77.19 20.04
CA ARG FA 633 10.52 -75.77 19.76
C ARG FA 633 9.51 -75.23 18.74
N ALA FA 634 9.11 -76.08 17.80
CA ALA FA 634 8.15 -75.76 16.75
C ALA FA 634 6.72 -75.55 17.26
N GLY FA 635 6.42 -75.96 18.50
CA GLY FA 635 5.09 -75.82 19.05
C GLY FA 635 4.18 -77.05 18.94
N ALA FA 636 4.71 -78.23 18.62
CA ALA FA 636 3.85 -79.40 18.54
C ALA FA 636 3.63 -80.05 19.90
N LEU FA 637 4.67 -80.06 20.71
CA LEU FA 637 4.66 -80.72 22.00
C LEU FA 637 4.46 -79.73 23.12
N ALA FA 638 3.79 -80.19 24.15
CA ALA FA 638 3.49 -79.44 25.36
C ALA FA 638 4.64 -79.52 26.36
N GLY FA 639 4.70 -78.58 27.31
CA GLY FA 639 5.72 -78.63 28.38
C GLY FA 639 6.67 -77.45 28.43
N ALA FA 640 6.89 -76.90 29.64
CA ALA FA 640 7.77 -75.74 29.89
C ALA FA 640 9.22 -75.97 29.52
N LYS FA 641 9.70 -77.18 29.73
CA LYS FA 641 11.07 -77.57 29.41
C LYS FA 641 10.97 -79.03 28.97
N PRO FA 642 11.97 -79.57 28.23
CA PRO FA 642 11.96 -80.94 27.67
C PRO FA 642 11.59 -82.04 28.65
N GLU FA 643 11.96 -81.89 29.93
CA GLU FA 643 11.60 -82.87 30.95
C GLU FA 643 10.11 -83.09 31.13
N HIS FA 644 9.30 -82.17 30.64
CA HIS FA 644 7.86 -82.27 30.74
C HIS FA 644 7.20 -82.51 29.40
N ALA FA 645 7.98 -82.60 28.33
CA ALA FA 645 7.46 -82.76 26.99
C ALA FA 645 7.62 -84.17 26.48
N PHE FA 646 8.79 -84.77 26.73
CA PHE FA 646 9.02 -86.10 26.20
C PHE FA 646 10.10 -86.88 26.93
N TYR FA 647 10.13 -88.18 26.69
CA TYR FA 647 11.24 -88.97 27.19
C TYR FA 647 11.51 -90.15 26.26
N VAL FA 648 12.73 -90.68 26.34
CA VAL FA 648 13.16 -91.88 25.63
C VAL FA 648 13.92 -92.80 26.58
N LYS FA 649 13.54 -94.08 26.66
CA LYS FA 649 14.25 -95.03 27.53
C LYS FA 649 14.74 -96.25 26.77
N VAL FA 650 16.03 -96.56 26.91
CA VAL FA 650 16.62 -97.72 26.24
C VAL FA 650 17.61 -98.41 27.18
N GLY FA 651 17.51 -99.71 27.38
CA GLY FA 651 18.57 -100.34 28.15
C GLY FA 651 18.24 -101.69 28.73
N LEU FA 652 19.27 -102.43 29.09
CA LEU FA 652 19.03 -103.73 29.66
C LEU FA 652 18.72 -103.48 31.11
N GLY FA 653 17.65 -104.09 31.57
CA GLY FA 653 17.16 -103.87 32.91
C GLY FA 653 16.13 -102.75 32.92
N GLN FA 654 15.97 -102.03 31.83
CA GLN FA 654 14.98 -100.96 31.74
C GLN FA 654 13.90 -101.35 30.78
N THR FA 655 14.29 -101.70 29.55
CA THR FA 655 13.37 -102.08 28.50
C THR FA 655 13.64 -103.47 27.95
N MET FA 656 14.85 -103.99 28.16
CA MET FA 656 15.30 -105.27 27.61
C MET FA 656 15.77 -106.28 28.65
N THR FA 657 15.68 -107.56 28.30
CA THR FA 657 16.28 -108.56 29.17
C THR FA 657 17.31 -109.42 28.43
N ALA FA 658 17.91 -110.36 29.16
CA ALA FA 658 18.96 -111.20 28.58
C ALA FA 658 18.47 -111.97 27.36
N GLN FA 659 17.22 -112.40 27.41
CA GLN FA 659 16.63 -113.15 26.34
C GLN FA 659 16.48 -112.32 25.07
N ASP FA 660 16.30 -111.01 25.19
CA ASP FA 660 16.12 -110.19 24.00
C ASP FA 660 17.45 -110.02 23.35
N ILE FA 661 18.50 -109.97 24.16
CA ILE FA 661 19.80 -109.84 23.54
C ILE FA 661 20.09 -111.08 22.74
N LEU FA 662 19.73 -112.25 23.29
CA LEU FA 662 19.93 -113.53 22.60
C LEU FA 662 19.09 -113.64 21.33
N GLU FA 663 17.83 -113.16 21.38
CA GLU FA 663 16.95 -113.20 20.21
C GLU FA 663 17.36 -112.19 19.14
N GLY FA 664 17.91 -111.05 19.56
CA GLY FA 664 18.30 -109.99 18.66
C GLY FA 664 17.31 -108.84 18.65
N ASN FA 665 16.57 -108.66 19.74
CA ASN FA 665 15.58 -107.60 19.83
C ASN FA 665 16.16 -106.37 20.51
N MET FA 666 15.60 -105.20 20.20
CA MET FA 666 15.95 -103.97 20.90
C MET FA 666 14.68 -103.20 21.18
N ASN FA 667 14.45 -102.88 22.45
CA ASN FA 667 13.23 -102.23 22.89
C ASN FA 667 13.42 -100.76 23.26
N VAL FA 668 12.74 -99.87 22.55
CA VAL FA 668 12.85 -98.44 22.81
C VAL FA 668 11.49 -97.89 23.24
N GLU FA 669 11.43 -97.25 24.41
CA GLU FA 669 10.18 -96.68 24.89
C GLU FA 669 10.17 -95.16 24.79
N ILE FA 670 9.10 -94.60 24.22
CA ILE FA 670 8.98 -93.16 23.99
C ILE FA 670 7.65 -92.64 24.51
N GLY FA 671 7.65 -91.50 25.21
CA GLY FA 671 6.42 -90.86 25.65
C GLY FA 671 6.37 -89.44 25.12
N LEU FA 672 5.16 -88.91 24.87
CA LEU FA 672 4.98 -87.55 24.34
C LEU FA 672 3.79 -86.78 24.89
N ALA FA 673 3.99 -85.54 25.30
CA ALA FA 673 2.87 -84.67 25.70
C ALA FA 673 2.48 -83.77 24.54
N VAL FA 674 1.21 -83.76 24.14
CA VAL FA 674 0.89 -82.99 22.93
C VAL FA 674 -0.11 -81.88 23.22
N VAL FA 675 -0.11 -80.91 22.33
CA VAL FA 675 -1.00 -79.75 22.38
C VAL FA 675 -2.39 -80.07 21.82
N ARG FA 676 -3.44 -79.67 22.55
CA ARG FA 676 -4.82 -79.87 22.13
C ARG FA 676 -5.51 -78.49 21.95
N PRO FA 677 -6.49 -78.38 21.04
CA PRO FA 677 -7.21 -77.13 20.69
C PRO FA 677 -8.26 -76.67 21.68
N ALA FA 678 -8.56 -75.37 21.65
CA ALA FA 678 -9.69 -74.86 22.40
C ALA FA 678 -10.96 -74.91 21.55
N GLU FA 679 -12.05 -75.41 22.11
CA GLU FA 679 -13.33 -75.45 21.39
C GLU FA 679 -14.38 -74.53 21.97
N PHE FA 680 -14.28 -74.16 23.24
CA PHE FA 680 -15.32 -73.38 23.87
C PHE FA 680 -14.74 -72.16 24.56
N ILE FA 681 -15.51 -71.08 24.57
CA ILE FA 681 -15.13 -69.86 25.26
C ILE FA 681 -16.21 -69.48 26.25
N ILE FA 682 -15.84 -69.31 27.50
CA ILE FA 682 -16.79 -68.97 28.53
C ILE FA 682 -16.47 -67.61 29.12
N LEU FA 683 -17.44 -66.70 29.09
CA LEU FA 683 -17.25 -65.36 29.64
C LEU FA 683 -18.00 -65.17 30.94
N LYS FA 684 -17.45 -64.29 31.77
CA LYS FA 684 -18.06 -63.91 33.04
C LYS FA 684 -17.83 -62.42 33.26
N PHE FA 685 -18.80 -61.72 33.83
CA PHE FA 685 -18.68 -60.29 34.11
C PHE FA 685 -18.96 -60.00 35.58
N SER FA 686 -18.25 -59.04 36.17
CA SER FA 686 -18.54 -58.60 37.53
C SER FA 686 -18.19 -57.11 37.61
N HIS FA 687 -18.79 -56.43 38.57
CA HIS FA 687 -18.62 -55.00 38.69
C HIS FA 687 -18.40 -54.50 40.11
N LYS FA 688 -17.88 -53.28 40.20
CA LYS FA 688 -17.77 -52.52 41.43
C LYS FA 688 -18.21 -51.09 41.16
N MET FA 689 -18.65 -50.40 42.20
CA MET FA 689 -19.01 -48.99 42.08
C MET FA 689 -17.79 -48.12 42.27
N GLN FA 690 -17.71 -47.03 41.54
CA GLN FA 690 -16.58 -46.14 41.70
C GLN FA 690 -16.49 -45.63 43.13
N THR GA 3 -21.01 -78.85 30.65
CA THR GA 3 -20.97 -79.58 29.39
C THR GA 3 -21.47 -78.81 28.22
N TYR GA 4 -20.62 -78.68 27.21
CA TYR GA 4 -21.00 -78.00 25.99
C TYR GA 4 -20.83 -79.00 24.88
N LYS GA 5 -21.64 -78.87 23.84
CA LYS GA 5 -21.55 -79.80 22.73
C LYS GA 5 -21.18 -79.14 21.41
N THR GA 6 -21.54 -77.88 21.24
CA THR GA 6 -21.31 -77.17 19.99
C THR GA 6 -20.24 -76.10 20.21
N PRO GA 7 -19.19 -76.03 19.39
CA PRO GA 7 -18.17 -74.99 19.49
C PRO GA 7 -18.81 -73.62 19.43
N GLY GA 8 -18.38 -72.72 20.29
CA GLY GA 8 -18.97 -71.41 20.30
C GLY GA 8 -18.56 -70.60 21.51
N VAL GA 9 -19.16 -69.42 21.62
CA VAL GA 9 -18.89 -68.50 22.72
C VAL GA 9 -20.09 -68.50 23.63
N TYR GA 10 -19.86 -68.79 24.89
CA TYR GA 10 -20.95 -68.87 25.85
C TYR GA 10 -20.75 -67.85 26.95
N ILE GA 11 -21.86 -67.36 27.48
CA ILE GA 11 -21.87 -66.42 28.58
C ILE GA 11 -22.54 -67.07 29.75
N GLU GA 12 -21.86 -67.10 30.89
CA GLU GA 12 -22.41 -67.76 32.06
C GLU GA 12 -22.39 -66.84 33.27
N GLU GA 13 -23.44 -66.91 34.08
CA GLU GA 13 -23.55 -66.15 35.32
C GLU GA 13 -22.68 -66.75 36.42
N ILE GA 14 -22.69 -68.07 36.54
CA ILE GA 14 -21.99 -68.76 37.60
C ILE GA 14 -20.98 -69.72 37.09
N THR GA 15 -19.72 -69.51 37.45
CA THR GA 15 -18.66 -70.37 37.00
C THR GA 15 -17.76 -70.73 38.18
N LYS GA 16 -16.95 -71.77 37.99
CA LYS GA 16 -15.95 -72.18 38.96
C LYS GA 16 -14.60 -71.70 38.49
N PHE GA 17 -13.77 -71.29 39.42
CA PHE GA 17 -12.47 -70.80 39.05
C PHE GA 17 -11.40 -71.80 39.49
N PRO GA 18 -10.27 -71.87 38.76
CA PRO GA 18 -9.07 -72.69 39.06
C PRO GA 18 -7.98 -72.03 39.94
N PRO GA 19 -8.11 -71.92 41.26
CA PRO GA 19 -7.04 -71.37 42.10
C PRO GA 19 -5.96 -72.42 42.11
N SER GA 20 -4.71 -72.04 42.34
CA SER GA 20 -3.66 -73.07 42.33
C SER GA 20 -2.37 -72.79 43.07
N VAL GA 21 -1.95 -71.54 43.16
CA VAL GA 21 -0.64 -71.25 43.77
C VAL GA 21 -0.75 -70.53 45.10
N ALA GA 22 -0.23 -71.19 46.12
CA ALA GA 22 -0.15 -70.63 47.45
C ALA GA 22 1.17 -69.92 47.60
N GLN GA 23 1.23 -68.95 48.51
CA GLN GA 23 2.48 -68.26 48.77
C GLN GA 23 2.45 -67.88 50.24
N VAL GA 24 3.60 -67.56 50.80
CA VAL GA 24 3.64 -67.18 52.20
C VAL GA 24 3.18 -65.74 52.39
N GLU GA 25 2.21 -65.56 53.29
CA GLU GA 25 1.67 -64.28 53.65
C GLU GA 25 1.56 -64.22 55.15
N THR GA 26 1.51 -63.02 55.71
CA THR GA 26 1.43 -62.83 57.14
C THR GA 26 0.04 -62.48 57.70
N ALA GA 27 -0.89 -62.02 56.86
CA ALA GA 27 -2.22 -61.64 57.32
C ALA GA 27 -3.27 -62.67 56.93
N ILE GA 28 -3.31 -63.85 57.56
CA ILE GA 28 -4.27 -64.87 57.14
C ILE GA 28 -5.24 -65.18 58.27
N PRO GA 29 -6.47 -64.69 58.20
CA PRO GA 29 -7.44 -64.94 59.24
C PRO GA 29 -8.14 -66.25 59.08
N ALA GA 30 -8.61 -66.77 60.20
CA ALA GA 30 -9.59 -67.82 60.19
C ALA GA 30 -10.88 -67.24 60.73
N PHE GA 31 -11.99 -67.62 60.10
CA PHE GA 31 -13.31 -67.17 60.51
C PHE GA 31 -14.16 -68.35 60.97
N ILE GA 32 -14.54 -68.37 62.24
CA ILE GA 32 -15.31 -69.47 62.80
C ILE GA 32 -16.78 -69.06 63.07
N GLY GA 33 -17.74 -69.72 62.41
CA GLY GA 33 -19.17 -69.34 62.59
C GLY GA 33 -20.18 -70.17 61.78
N TYR GA 34 -21.41 -69.66 61.59
CA TYR GA 34 -22.44 -70.45 60.90
C TYR GA 34 -22.65 -70.07 59.44
N THR GA 35 -23.01 -71.07 58.59
CA THR GA 35 -23.27 -70.82 57.16
C THR GA 35 -24.60 -71.42 56.67
N GLN GA 36 -25.01 -71.07 55.46
CA GLN GA 36 -26.25 -71.61 54.90
C GLN GA 36 -26.19 -73.10 54.68
N PHE GA 37 -25.06 -73.58 54.17
CA PHE GA 37 -24.78 -74.97 53.86
C PHE GA 37 -23.28 -75.21 53.94
N ALA GA 38 -22.86 -76.45 53.73
CA ALA GA 38 -21.45 -76.76 53.84
C ALA GA 38 -21.09 -77.96 52.99
N ARG GA 39 -21.09 -77.81 51.68
CA ARG GA 39 -20.91 -79.01 50.86
C ARG GA 39 -19.78 -78.96 49.84
N THR GA 40 -19.02 -80.05 49.81
CA THR GA 40 -17.88 -80.22 48.90
C THR GA 40 -18.31 -80.15 47.47
N LYS GA 41 -19.40 -80.83 47.15
CA LYS GA 41 -19.91 -80.86 45.81
C LYS GA 41 -21.07 -79.88 45.66
N PRO GA 42 -20.94 -78.89 44.77
CA PRO GA 42 -21.97 -77.87 44.53
C PRO GA 42 -23.37 -78.41 44.32
N SER GA 43 -23.53 -79.62 43.77
CA SER GA 43 -24.86 -80.13 43.54
C SER GA 43 -25.21 -81.46 44.22
N VAL GA 44 -24.95 -81.57 45.52
CA VAL GA 44 -25.40 -82.73 46.29
C VAL GA 44 -26.20 -82.21 47.48
N ASP GA 45 -26.97 -83.08 48.12
CA ASP GA 45 -27.73 -82.60 49.28
C ASP GA 45 -26.94 -82.61 50.59
N SER GA 46 -25.91 -83.46 50.69
CA SER GA 46 -25.14 -83.59 51.94
C SER GA 46 -24.23 -82.41 52.26
N ASP GA 47 -24.14 -82.11 53.56
CA ASP GA 47 -23.19 -81.15 54.14
C ASP GA 47 -22.02 -81.93 54.71
N ASP GA 48 -20.81 -81.66 54.23
CA ASP GA 48 -19.63 -82.40 54.66
C ASP GA 48 -18.39 -81.54 54.90
N LEU GA 49 -18.51 -80.21 54.83
CA LEU GA 49 -17.39 -79.31 55.06
C LEU GA 49 -17.47 -78.63 56.40
N ILE GA 50 -18.40 -79.01 57.27
CA ILE GA 50 -18.62 -78.16 58.44
C ILE GA 50 -17.35 -78.02 59.31
N LEU GA 51 -16.75 -79.11 59.73
CA LEU GA 51 -15.57 -78.97 60.56
C LEU GA 51 -14.30 -79.27 59.79
N LYS GA 52 -14.29 -78.95 58.51
CA LYS GA 52 -13.14 -79.16 57.66
C LYS GA 52 -12.63 -77.81 57.16
N PRO GA 53 -11.64 -77.18 57.78
CA PRO GA 53 -11.18 -75.85 57.40
C PRO GA 53 -10.87 -75.80 55.92
N LYS GA 54 -11.35 -74.76 55.24
CA LYS GA 54 -11.13 -74.67 53.82
C LYS GA 54 -10.58 -73.31 53.43
N ARG GA 55 -9.73 -73.30 52.41
CA ARG GA 55 -9.15 -72.10 51.86
C ARG GA 55 -10.03 -71.48 50.77
N ILE GA 56 -10.35 -70.20 50.97
CA ILE GA 56 -11.20 -69.36 50.12
C ILE GA 56 -10.41 -68.17 49.56
N SER GA 57 -10.50 -67.91 48.25
CA SER GA 57 -9.78 -66.77 47.67
C SER GA 57 -10.66 -65.54 47.51
N SER GA 58 -11.96 -65.74 47.35
CA SER GA 58 -12.89 -64.61 47.18
C SER GA 58 -14.30 -65.01 47.59
N LEU GA 59 -15.25 -64.06 47.50
CA LEU GA 59 -16.67 -64.32 47.77
C LEU GA 59 -17.22 -65.30 46.76
N LEU GA 60 -16.59 -65.31 45.59
CA LEU GA 60 -16.98 -66.23 44.53
C LEU GA 60 -16.76 -67.67 44.94
N ASP GA 61 -15.85 -67.96 45.86
CA ASP GA 61 -15.67 -69.33 46.27
C ASP GA 61 -16.59 -69.59 47.44
N PHE GA 62 -16.71 -68.61 48.34
CA PHE GA 62 -17.53 -68.81 49.52
C PHE GA 62 -18.96 -69.17 49.15
N THR GA 63 -19.51 -68.42 48.21
CA THR GA 63 -20.86 -68.58 47.71
C THR GA 63 -21.17 -69.95 47.11
N THR GA 64 -20.16 -70.74 46.71
CA THR GA 64 -20.44 -72.03 46.11
C THR GA 64 -20.29 -73.19 47.08
N TYR GA 65 -19.83 -72.95 48.29
CA TYR GA 65 -19.65 -74.04 49.25
C TYR GA 65 -20.43 -73.81 50.52
N TYR GA 66 -20.60 -72.55 50.87
CA TYR GA 66 -21.25 -72.15 52.09
C TYR GA 66 -22.54 -71.38 51.82
N GLY GA 67 -22.56 -70.56 50.77
CA GLY GA 67 -23.77 -69.82 50.40
C GLY GA 67 -23.79 -68.36 50.84
N GLY GA 68 -25.02 -67.80 50.89
CA GLY GA 68 -25.26 -66.38 51.16
C GLY GA 68 -25.79 -66.08 52.56
N ALA GA 69 -26.59 -65.01 52.68
CA ALA GA 69 -27.17 -64.58 53.96
C ALA GA 69 -28.57 -65.15 54.15
N GLN GA 70 -29.05 -65.10 55.39
CA GLN GA 70 -30.42 -65.52 55.74
C GLN GA 70 -31.40 -64.37 55.50
N ASN GA 71 -32.61 -64.68 54.99
CA ASN GA 71 -33.64 -63.65 54.81
C ASN GA 71 -34.19 -63.16 56.15
N GLU GA 72 -34.25 -61.84 56.32
CA GLU GA 72 -34.79 -61.27 57.55
C GLU GA 72 -36.29 -61.53 57.67
N GLN GA 73 -36.75 -61.82 58.88
CA GLN GA 73 -38.17 -62.06 59.14
C GLN GA 73 -38.86 -60.92 59.86
N GLY GA 74 -38.13 -59.86 60.19
CA GLY GA 74 -38.61 -58.74 60.97
C GLY GA 74 -39.09 -57.49 60.23
N ILE GA 75 -39.25 -57.55 58.91
CA ILE GA 75 -39.65 -56.36 58.16
C ILE GA 75 -41.16 -56.18 58.20
N THR GA 76 -41.59 -55.00 58.63
CA THR GA 76 -42.98 -54.58 58.74
C THR GA 76 -43.26 -53.45 57.78
N VAL GA 77 -44.41 -53.50 57.13
CA VAL GA 77 -44.84 -52.43 56.26
C VAL GA 77 -46.24 -51.98 56.63
N LYS GA 78 -46.41 -50.68 56.84
CA LYS GA 78 -47.71 -50.13 57.21
C LYS GA 78 -48.16 -48.98 56.30
N LEU GA 79 -49.40 -49.08 55.82
CA LEU GA 79 -49.99 -48.05 54.99
C LEU GA 79 -51.21 -47.42 55.67
N THR GA 80 -51.38 -46.09 55.53
CA THR GA 80 -52.57 -45.41 56.04
C THR GA 80 -53.26 -44.49 55.03
N ASP GA 81 -54.57 -44.68 54.82
CA ASP GA 81 -55.39 -43.85 53.92
C ASP GA 81 -56.18 -42.75 54.65
N THR GA 82 -56.00 -41.48 54.26
CA THR GA 82 -56.79 -40.36 54.83
C THR GA 82 -57.33 -39.39 53.78
N LEU GA 83 -58.36 -38.61 54.14
CA LEU GA 83 -58.98 -37.72 53.18
C LEU GA 83 -58.53 -36.27 53.43
N ILE GA 84 -58.09 -35.61 52.37
CA ILE GA 84 -57.75 -34.20 52.39
C ILE GA 84 -58.71 -33.46 51.50
N GLU GA 85 -59.53 -32.55 52.08
CA GLU GA 85 -60.52 -31.73 51.38
C GLU GA 85 -61.42 -32.51 50.42
N GLY GA 86 -61.46 -33.83 50.63
CA GLY GA 86 -62.15 -34.84 49.79
C GLY GA 86 -61.21 -35.79 49.03
N ALA GA 87 -59.93 -35.45 48.92
CA ALA GA 87 -59.00 -36.25 48.12
C ALA GA 87 -58.33 -37.29 48.98
N GLU GA 88 -58.03 -38.45 48.43
CA GLU GA 88 -57.28 -39.41 49.24
C GLU GA 88 -55.79 -39.12 49.27
N ASN GA 89 -55.19 -39.42 50.41
CA ASN GA 89 -53.76 -39.23 50.64
C ASN GA 89 -53.18 -40.42 51.40
N ARG GA 90 -52.23 -41.14 50.81
CA ARG GA 90 -51.66 -42.32 51.45
C ARG GA 90 -50.28 -42.11 52.04
N THR GA 91 -50.10 -42.56 53.28
CA THR GA 91 -48.82 -42.50 53.98
C THR GA 91 -48.18 -43.89 54.08
N ILE GA 92 -46.91 -43.97 53.71
CA ILE GA 92 -46.15 -45.22 53.73
C ILE GA 92 -45.10 -45.19 54.85
N ASN GA 93 -45.15 -46.19 55.74
CA ASN GA 93 -44.25 -46.28 56.88
C ASN GA 93 -43.55 -47.64 56.99
N VAL GA 94 -42.23 -47.66 56.82
CA VAL GA 94 -41.45 -48.88 56.96
C VAL GA 94 -40.35 -48.64 58.02
N PRO GA 95 -40.56 -49.06 59.28
CA PRO GA 95 -39.65 -48.83 60.41
C PRO GA 95 -38.46 -49.78 60.39
N GLU GA 96 -37.41 -49.42 61.11
CA GLU GA 96 -36.28 -50.33 61.28
C GLU GA 96 -36.68 -51.58 62.04
N PRO GA 97 -36.31 -52.79 61.59
CA PRO GA 97 -36.59 -54.04 62.29
C PRO GA 97 -35.97 -54.06 63.68
N THR GA 98 -36.66 -54.68 64.62
CA THR GA 98 -36.13 -54.85 65.97
C THR GA 98 -35.64 -56.26 66.20
N PHE GA 99 -36.11 -57.19 65.39
CA PHE GA 99 -35.70 -58.58 65.46
C PHE GA 99 -34.95 -58.89 64.19
N LYS GA 100 -33.67 -59.21 64.33
CA LYS GA 100 -32.80 -59.44 63.19
C LYS GA 100 -32.14 -60.81 63.31
N SER GA 101 -31.79 -61.41 62.17
CA SER GA 101 -31.07 -62.68 62.21
C SER GA 101 -29.72 -62.52 62.91
N PRO GA 102 -29.31 -63.50 63.73
CA PRO GA 102 -28.02 -63.47 64.42
C PRO GA 102 -26.84 -63.93 63.59
N TYR GA 103 -27.01 -64.26 62.32
CA TYR GA 103 -25.91 -64.84 61.56
C TYR GA 103 -25.24 -63.81 60.64
N LEU GA 104 -24.00 -63.41 61.00
CA LEU GA 104 -23.26 -62.34 60.33
C LEU GA 104 -22.04 -62.72 59.47
N MET GA 105 -21.68 -63.98 59.29
CA MET GA 105 -20.44 -64.27 58.56
C MET GA 105 -20.43 -63.75 57.13
N PHE GA 106 -21.55 -63.84 56.42
CA PHE GA 106 -21.56 -63.38 55.05
C PHE GA 106 -21.25 -61.89 54.95
N TYR GA 107 -21.91 -61.08 55.77
CA TYR GA 107 -21.69 -59.64 55.75
C TYR GA 107 -20.26 -59.31 56.14
N SER GA 108 -19.72 -60.02 57.13
CA SER GA 108 -18.35 -59.79 57.57
C SER GA 108 -17.35 -60.05 56.47
N LEU GA 109 -17.55 -61.13 55.69
CA LEU GA 109 -16.65 -61.39 54.57
C LEU GA 109 -16.72 -60.31 53.53
N GLN GA 110 -17.92 -59.79 53.24
CA GLN GA 110 -17.98 -58.73 52.24
C GLN GA 110 -17.13 -57.54 52.68
N MET GA 111 -17.15 -57.20 53.97
CA MET GA 111 -16.34 -56.10 54.47
C MET GA 111 -14.85 -56.41 54.40
N TYR GA 112 -14.48 -57.65 54.74
CA TYR GA 112 -13.10 -58.09 54.70
C TYR GA 112 -12.48 -57.94 53.33
N PHE GA 113 -13.17 -58.41 52.30
CA PHE GA 113 -12.65 -58.30 50.96
C PHE GA 113 -12.67 -56.85 50.48
N ALA GA 114 -13.72 -56.08 50.82
CA ALA GA 114 -13.82 -54.68 50.43
C ALA GA 114 -12.66 -53.85 50.95
N ASN GA 115 -12.15 -54.22 52.12
CA ASN GA 115 -11.05 -53.51 52.74
C ASN GA 115 -9.69 -54.07 52.43
N GLY GA 116 -9.55 -54.93 51.43
CA GLY GA 116 -8.24 -55.40 51.01
C GLY GA 116 -7.78 -56.76 51.48
N GLY GA 117 -8.65 -57.58 52.06
CA GLY GA 117 -8.25 -58.89 52.51
C GLY GA 117 -7.89 -59.84 51.36
N GLY GA 118 -7.03 -60.82 51.67
CA GLY GA 118 -6.62 -61.83 50.73
C GLY GA 118 -7.25 -63.18 51.07
N PRO GA 119 -6.61 -64.30 50.71
CA PRO GA 119 -7.07 -65.66 50.97
C PRO GA 119 -7.26 -65.89 52.46
N CYS GA 120 -8.25 -66.71 52.82
CA CYS GA 120 -8.55 -66.95 54.23
C CYS GA 120 -9.13 -68.33 54.50
N TYR GA 121 -9.23 -68.69 55.79
CA TYR GA 121 -9.84 -69.96 56.16
C TYR GA 121 -11.24 -69.85 56.74
N ILE GA 122 -12.10 -70.76 56.28
CA ILE GA 122 -13.47 -70.84 56.77
C ILE GA 122 -13.70 -72.15 57.51
N VAL GA 123 -14.24 -72.03 58.72
CA VAL GA 123 -14.63 -73.18 59.51
C VAL GA 123 -16.09 -72.97 59.89
N SER GA 124 -16.96 -73.89 59.54
CA SER GA 124 -18.33 -73.70 59.94
C SER GA 124 -18.57 -74.46 61.19
N THR GA 125 -19.46 -73.98 62.01
CA THR GA 125 -19.75 -74.70 63.22
C THR GA 125 -21.09 -75.40 63.12
N GLY GA 126 -21.76 -75.17 62.02
CA GLY GA 126 -23.07 -75.73 61.76
C GLY GA 126 -23.71 -74.87 60.70
N VAL GA 127 -24.98 -75.13 60.46
CA VAL GA 127 -25.69 -74.38 59.43
C VAL GA 127 -26.90 -73.69 60.02
N TYR GA 128 -27.41 -72.72 59.28
CA TYR GA 128 -28.55 -71.88 59.71
C TYR GA 128 -29.82 -72.66 59.96
N ASP GA 129 -30.52 -72.28 61.02
CA ASP GA 129 -31.81 -72.84 61.34
C ASP GA 129 -32.92 -71.79 61.21
N ASP GA 130 -34.14 -72.19 61.57
CA ASP GA 130 -35.33 -71.36 61.40
C ASP GA 130 -35.76 -70.56 62.62
N TRP GA 131 -36.53 -69.52 62.34
CA TRP GA 131 -37.15 -68.70 63.35
C TRP GA 131 -38.35 -69.45 63.90
N SER GA 132 -38.69 -69.22 65.15
CA SER GA 132 -39.89 -69.85 65.70
C SER GA 132 -41.12 -69.02 65.42
N ASP GA 133 -40.92 -67.71 65.35
CA ASP GA 133 -42.01 -66.79 65.09
C ASP GA 133 -41.41 -65.50 64.52
N SER GA 134 -42.24 -64.53 64.16
CA SER GA 134 -41.70 -63.29 63.59
C SER GA 134 -40.92 -62.50 64.65
N GLU GA 135 -41.24 -62.71 65.91
CA GLU GA 135 -40.56 -62.08 67.03
C GLU GA 135 -39.60 -63.02 67.74
N THR GA 136 -39.34 -64.21 67.19
CA THR GA 136 -38.43 -65.13 67.85
C THR GA 136 -37.35 -65.67 66.91
N PRO GA 137 -36.16 -65.04 66.90
CA PRO GA 137 -34.98 -65.43 66.13
C PRO GA 137 -34.36 -66.69 66.72
N PRO GA 138 -33.58 -67.43 65.94
CA PRO GA 138 -32.81 -68.58 66.41
C PRO GA 138 -31.69 -68.10 67.30
N THR GA 139 -31.09 -69.00 68.08
CA THR GA 139 -30.01 -68.62 68.99
C THR GA 139 -28.71 -69.36 68.71
N ILE GA 140 -27.62 -68.87 69.30
CA ILE GA 140 -26.29 -69.46 69.10
C ILE GA 140 -25.79 -70.20 70.32
N ASN GA 141 -25.39 -71.44 70.10
CA ASN GA 141 -24.87 -72.33 71.12
C ASN GA 141 -23.37 -72.15 71.27
N PHE GA 142 -22.97 -71.69 72.42
CA PHE GA 142 -21.57 -71.44 72.73
C PHE GA 142 -20.63 -72.59 72.38
N SER GA 143 -21.06 -73.83 72.66
CA SER GA 143 -20.18 -74.99 72.49
C SER GA 143 -19.86 -75.25 71.01
N ASP GA 144 -20.62 -74.67 70.08
CA ASP GA 144 -20.36 -74.82 68.67
C ASP GA 144 -19.12 -74.04 68.29
N LEU GA 145 -18.90 -72.91 68.95
CA LEU GA 145 -17.77 -72.07 68.61
C LEU GA 145 -16.53 -72.68 69.21
N GLU GA 146 -16.67 -73.27 70.39
CA GLU GA 146 -15.51 -73.90 71.01
C GLU GA 146 -15.01 -75.07 70.17
N SER GA 147 -15.94 -75.83 69.60
CA SER GA 147 -15.55 -76.91 68.70
C SER GA 147 -14.75 -76.40 67.53
N GLY GA 148 -15.26 -75.34 66.88
CA GLY GA 148 -14.54 -74.77 65.74
C GLY GA 148 -13.14 -74.30 66.10
N LEU GA 149 -12.97 -73.73 67.30
CA LEU GA 149 -11.65 -73.28 67.73
C LEU GA 149 -10.71 -74.47 67.89
N ALA GA 150 -11.20 -75.55 68.49
CA ALA GA 150 -10.40 -76.75 68.67
C ALA GA 150 -9.94 -77.31 67.33
N VAL GA 151 -10.78 -77.20 66.32
CA VAL GA 151 -10.44 -77.66 64.98
C VAL GA 151 -9.33 -76.82 64.35
N ILE GA 152 -9.47 -75.48 64.37
CA ILE GA 152 -8.47 -74.64 63.69
C ILE GA 152 -7.12 -74.76 64.37
N ARG GA 153 -7.09 -75.10 65.66
CA ARG GA 153 -5.85 -75.33 66.40
C ARG GA 153 -4.89 -76.25 65.66
N LYS GA 154 -5.40 -77.17 64.85
CA LYS GA 154 -4.57 -78.15 64.16
C LYS GA 154 -4.03 -77.69 62.80
N GLU GA 155 -4.40 -76.50 62.32
CA GLU GA 155 -3.90 -76.01 61.04
C GLU GA 155 -2.67 -75.15 61.26
N ASP GA 156 -1.73 -75.18 60.31
CA ASP GA 156 -0.50 -74.40 60.46
C ASP GA 156 -0.52 -73.02 59.81
N GLU GA 157 -1.23 -72.86 58.71
CA GLU GA 157 -1.18 -71.59 57.99
C GLU GA 157 -1.79 -70.31 58.61
N PRO GA 158 -2.96 -70.34 59.28
CA PRO GA 158 -3.63 -69.14 59.81
C PRO GA 158 -2.77 -68.36 60.79
N THR GA 159 -2.90 -67.02 60.75
CA THR GA 159 -2.17 -66.13 61.65
C THR GA 159 -3.07 -65.25 62.52
N LEU GA 160 -4.34 -65.04 62.13
CA LEU GA 160 -5.27 -64.19 62.88
C LEU GA 160 -6.54 -64.93 63.27
N LEU GA 161 -7.06 -64.69 64.46
CA LEU GA 161 -8.31 -65.33 64.89
C LEU GA 161 -9.51 -64.39 65.04
N LEU GA 162 -10.60 -64.69 64.32
CA LEU GA 162 -11.85 -63.93 64.36
C LEU GA 162 -13.10 -64.80 64.54
N PHE GA 163 -14.09 -64.29 65.31
CA PHE GA 163 -15.40 -64.94 65.47
C PHE GA 163 -16.56 -64.01 65.08
N PRO GA 164 -17.04 -64.07 63.82
CA PRO GA 164 -18.09 -63.19 63.29
C PRO GA 164 -19.41 -63.16 64.05
N ASP GA 165 -19.76 -64.21 64.80
CA ASP GA 165 -21.04 -64.20 65.49
C ASP GA 165 -20.87 -64.25 67.01
N ALA GA 166 -19.73 -63.82 67.53
CA ALA GA 166 -19.50 -63.87 68.98
C ALA GA 166 -20.41 -62.93 69.77
N THR GA 167 -20.72 -61.79 69.20
CA THR GA 167 -21.50 -60.78 69.92
C THR GA 167 -22.96 -61.17 70.04
N ASN GA 168 -23.38 -62.25 69.38
CA ASN GA 168 -24.76 -62.67 69.51
C ASN GA 168 -24.94 -63.80 70.52
N LEU GA 169 -23.89 -64.13 71.27
CA LEU GA 169 -24.03 -65.12 72.34
C LEU GA 169 -24.94 -64.54 73.43
N PRO GA 170 -25.83 -65.36 74.03
CA PRO GA 170 -26.76 -64.96 75.09
C PRO GA 170 -26.20 -64.19 76.27
N THR GA 171 -24.95 -64.43 76.68
CA THR GA 171 -24.40 -63.69 77.81
C THR GA 171 -23.01 -63.15 77.48
N ASP GA 172 -22.60 -62.18 78.28
CA ASP GA 172 -21.28 -61.62 78.12
C ASP GA 172 -20.27 -62.57 78.70
N ASP GA 173 -20.69 -63.36 79.69
CA ASP GA 173 -19.82 -64.33 80.34
C ASP GA 173 -19.34 -65.34 79.30
N GLU GA 174 -20.22 -65.78 78.41
CA GLU GA 174 -19.80 -66.70 77.36
C GLU GA 174 -18.87 -66.03 76.38
N PHE GA 175 -19.16 -64.77 76.03
CA PHE GA 175 -18.35 -64.00 75.11
C PHE GA 175 -16.91 -63.90 75.63
N TYR GA 176 -16.75 -63.50 76.89
CA TYR GA 176 -15.42 -63.34 77.45
C TYR GA 176 -14.68 -64.66 77.53
N SER GA 177 -15.39 -65.73 77.90
CA SER GA 177 -14.77 -67.04 77.99
C SER GA 177 -14.16 -67.45 76.65
N LEU GA 178 -14.91 -67.22 75.57
CA LEU GA 178 -14.45 -67.55 74.22
C LEU GA 178 -13.15 -66.83 73.89
N TYR GA 179 -13.06 -65.53 74.23
CA TYR GA 179 -11.85 -64.79 73.93
C TYR GA 179 -10.68 -65.15 74.83
N ASN GA 180 -10.92 -65.48 76.09
CA ASN GA 180 -9.80 -65.89 76.92
C ASN GA 180 -9.19 -67.18 76.37
N SER GA 181 -10.04 -68.07 75.86
CA SER GA 181 -9.56 -69.29 75.24
C SER GA 181 -8.67 -69.00 74.05
N ALA GA 182 -9.09 -68.09 73.18
CA ALA GA 182 -8.30 -67.71 72.01
C ALA GA 182 -6.94 -67.13 72.39
N LEU GA 183 -6.89 -66.27 73.43
CA LEU GA 183 -5.61 -65.70 73.83
C LEU GA 183 -4.69 -66.79 74.36
N MET GA 184 -5.22 -67.75 75.10
CA MET GA 184 -4.39 -68.84 75.60
C MET GA 184 -3.85 -69.69 74.46
N GLN GA 185 -4.67 -69.95 73.43
CA GLN GA 185 -4.18 -70.72 72.29
C GLN GA 185 -3.08 -70.00 71.54
N CYS GA 186 -3.17 -68.67 71.44
CA CYS GA 186 -2.14 -67.91 70.76
C CYS GA 186 -0.80 -68.09 71.46
N ASN GA 187 -0.81 -68.07 72.80
CA ASN GA 187 0.42 -68.26 73.54
C ASN GA 187 0.91 -69.71 73.45
N ASP GA 188 0.01 -70.70 73.44
CA ASP GA 188 0.46 -72.09 73.32
C ASP GA 188 1.18 -72.34 72.00
N LEU GA 189 0.67 -71.78 70.91
CA LEU GA 189 1.23 -72.01 69.59
C LEU GA 189 2.39 -71.09 69.24
N GLN GA 190 2.40 -69.87 69.76
CA GLN GA 190 3.49 -68.91 69.58
C GLN GA 190 3.54 -68.21 68.24
N ASP GA 191 2.47 -68.29 67.47
CA ASP GA 191 2.45 -67.69 66.14
C ASP GA 191 1.14 -66.97 65.74
N ARG GA 192 0.24 -66.65 66.68
CA ARG GA 192 -1.04 -66.04 66.29
C ARG GA 192 -1.39 -64.80 67.10
N PHE GA 193 -2.29 -64.00 66.54
CA PHE GA 193 -2.77 -62.78 67.17
C PHE GA 193 -4.29 -62.72 67.11
N THR GA 194 -4.92 -62.26 68.20
CA THR GA 194 -6.38 -62.19 68.30
C THR GA 194 -6.90 -60.75 68.18
N ILE GA 195 -7.94 -60.56 67.36
CA ILE GA 195 -8.57 -59.25 67.22
C ILE GA 195 -9.88 -59.26 68.01
N LEU GA 196 -10.06 -58.30 68.94
CA LEU GA 196 -11.22 -58.30 69.82
C LEU GA 196 -12.16 -57.10 69.62
N ASP GA 197 -13.44 -57.38 69.80
CA ASP GA 197 -14.55 -56.42 69.80
C ASP GA 197 -15.12 -56.30 71.20
N THR GA 198 -15.83 -55.21 71.49
CA THR GA 198 -16.60 -55.14 72.73
C THR GA 198 -17.88 -55.94 72.52
N TYR GA 199 -18.60 -56.22 73.59
CA TYR GA 199 -19.87 -56.96 73.51
C TYR GA 199 -20.97 -56.13 72.84
N SER GA 200 -21.00 -54.84 73.12
CA SER GA 200 -22.00 -53.90 72.63
C SER GA 200 -21.49 -52.48 72.71
N ASP GA 201 -22.04 -51.61 71.87
CA ASP GA 201 -21.68 -50.21 71.91
C ASP GA 201 -22.60 -49.39 72.78
N GLN GA 202 -23.62 -50.01 73.38
CA GLN GA 202 -24.60 -49.36 74.22
C GLN GA 202 -24.54 -49.99 75.59
N THR GA 203 -24.96 -49.21 76.59
CA THR GA 203 -25.00 -49.75 77.93
C THR GA 203 -25.88 -50.94 77.79
N TYR GA 204 -25.39 -52.08 78.25
CA TYR GA 204 -26.15 -53.31 78.14
C TYR GA 204 -26.52 -53.82 79.52
N ASN GA 205 -27.61 -54.57 79.59
CA ASN GA 205 -28.04 -55.10 80.86
C ASN GA 205 -27.67 -56.56 80.98
N ASP GA 206 -27.01 -56.91 82.08
CA ASP GA 206 -26.64 -58.32 82.32
C ASP GA 206 -27.71 -59.08 83.11
N GLY GA 207 -28.86 -58.46 83.36
CA GLY GA 207 -29.94 -59.05 84.14
C GLY GA 207 -29.90 -58.62 85.60
N VAL GA 208 -28.80 -58.00 86.00
CA VAL GA 208 -28.59 -57.53 87.37
C VAL GA 208 -28.32 -56.03 87.38
N GLU GA 209 -27.35 -55.59 86.58
CA GLU GA 209 -26.83 -54.24 86.52
C GLU GA 209 -26.57 -53.74 85.09
N ASP GA 210 -26.60 -52.41 84.94
CA ASP GA 210 -26.31 -51.74 83.67
C ASP GA 210 -24.81 -51.47 83.52
N LEU GA 211 -24.18 -52.09 82.52
CA LEU GA 211 -22.74 -52.00 82.39
C LEU GA 211 -22.20 -51.20 81.19
N ASP GA 212 -21.18 -50.41 81.45
CA ASP GA 212 -20.44 -49.66 80.43
C ASP GA 212 -19.49 -50.61 79.68
N PRO GA 213 -19.55 -50.61 78.33
CA PRO GA 213 -18.80 -51.59 77.53
C PRO GA 213 -17.31 -51.59 77.70
N ILE GA 214 -16.63 -50.47 77.75
CA ILE GA 214 -15.19 -50.52 77.96
C ILE GA 214 -14.80 -51.04 79.33
N PRO GA 215 -15.50 -50.62 80.39
CA PRO GA 215 -15.20 -51.17 81.72
C PRO GA 215 -15.52 -52.65 81.81
N ALA GA 216 -16.59 -53.08 81.13
CA ALA GA 216 -16.96 -54.48 81.08
C ALA GA 216 -15.96 -55.39 80.35
N LEU GA 217 -15.42 -54.97 79.20
CA LEU GA 217 -14.41 -55.77 78.51
C LEU GA 217 -13.16 -55.91 79.36
N ARG GA 218 -12.75 -54.83 80.02
CA ARG GA 218 -11.56 -54.88 80.85
C ARG GA 218 -11.67 -55.85 82.02
N ASN GA 219 -12.84 -55.94 82.65
CA ASN GA 219 -13.02 -56.91 83.73
C ASN GA 219 -13.17 -58.33 83.18
N GLY GA 220 -13.80 -58.45 82.01
CA GLY GA 220 -14.01 -59.73 81.36
C GLY GA 220 -12.72 -60.45 81.03
N ILE GA 221 -11.79 -59.78 80.37
CA ILE GA 221 -10.56 -60.44 79.98
C ILE GA 221 -9.57 -60.35 81.15
N ASN GA 222 -9.57 -61.39 82.00
CA ASN GA 222 -8.80 -61.39 83.24
C ASN GA 222 -7.47 -62.15 83.19
N LEU GA 223 -6.92 -62.35 82.02
CA LEU GA 223 -5.62 -63.00 81.87
C LEU GA 223 -4.49 -62.01 82.12
N THR GA 224 -3.29 -62.56 82.31
CA THR GA 224 -2.03 -61.83 82.56
C THR GA 224 -1.27 -61.40 81.28
N LYS GA 225 -0.26 -60.54 81.42
CA LYS GA 225 0.60 -60.04 80.37
C LYS GA 225 1.01 -61.07 79.34
N ASP GA 226 1.32 -62.29 79.79
CA ASP GA 226 1.75 -63.37 78.91
C ASP GA 226 0.71 -63.70 77.85
N TYR GA 227 -0.53 -63.28 78.04
CA TYR GA 227 -1.59 -63.53 77.11
C TYR GA 227 -2.05 -62.25 76.46
N LEU GA 228 -2.09 -61.17 77.23
CA LEU GA 228 -2.60 -59.89 76.74
C LEU GA 228 -1.76 -59.37 75.58
N LYS GA 229 -0.47 -59.66 75.58
CA LYS GA 229 0.41 -59.24 74.50
C LYS GA 229 0.04 -59.86 73.14
N TYR GA 230 -0.84 -60.86 73.11
CA TYR GA 230 -1.23 -61.51 71.87
C TYR GA 230 -2.54 -61.02 71.27
N GLY GA 231 -3.02 -59.86 71.69
CA GLY GA 231 -4.22 -59.35 71.06
C GLY GA 231 -4.43 -57.87 71.30
N ALA GA 232 -5.43 -57.34 70.59
CA ALA GA 232 -5.80 -55.93 70.65
C ALA GA 232 -7.28 -55.79 70.42
N ALA GA 233 -7.86 -54.72 70.97
CA ALA GA 233 -9.29 -54.46 70.83
C ALA GA 233 -9.55 -53.12 70.17
N TYR GA 234 -10.66 -53.05 69.44
CA TYR GA 234 -11.10 -51.84 68.75
C TYR GA 234 -12.52 -51.42 69.14
N TYR GA 235 -12.79 -50.12 69.14
CA TYR GA 235 -14.09 -49.56 69.49
C TYR GA 235 -14.33 -48.20 68.83
N PRO GA 236 -15.57 -47.87 68.47
CA PRO GA 236 -16.87 -48.53 68.42
C PRO GA 236 -17.15 -49.33 67.14
N PHE GA 237 -18.38 -49.84 67.03
CA PHE GA 237 -18.92 -50.55 65.87
C PHE GA 237 -19.10 -49.58 64.72
N VAL GA 238 -19.20 -50.09 63.50
CA VAL GA 238 -19.32 -49.21 62.34
C VAL GA 238 -20.58 -49.47 61.52
N GLN GA 239 -21.10 -48.37 60.96
CA GLN GA 239 -22.28 -48.41 60.10
C GLN GA 239 -21.80 -48.51 58.68
N THR GA 240 -22.24 -49.53 57.99
CA THR GA 240 -21.79 -49.80 56.63
C THR GA 240 -22.87 -49.47 55.60
N ILE GA 241 -22.60 -49.85 54.35
CA ILE GA 241 -23.45 -49.50 53.23
C ILE GA 241 -24.09 -50.73 52.59
N LEU GA 242 -24.08 -51.82 53.32
CA LEU GA 242 -24.65 -53.08 52.86
C LEU GA 242 -26.14 -53.11 53.18
N ASN GA 243 -26.91 -53.79 52.32
CA ASN GA 243 -28.35 -53.96 52.51
C ASN GA 243 -28.67 -55.28 53.20
N TYR GA 244 -29.85 -55.34 53.80
CA TYR GA 244 -30.33 -56.57 54.40
C TYR GA 244 -30.87 -57.47 53.32
N GLN GA 245 -30.78 -58.77 53.51
CA GLN GA 245 -31.38 -59.70 52.58
C GLN GA 245 -32.80 -60.03 53.03
N TYR GA 246 -33.73 -60.03 52.08
CA TYR GA 246 -35.12 -60.35 52.40
C TYR GA 246 -35.83 -60.90 51.17
N SER GA 247 -37.03 -61.42 51.39
CA SER GA 247 -37.88 -61.96 50.35
C SER GA 247 -39.21 -61.23 50.39
N ALA GA 248 -39.56 -60.57 49.29
CA ALA GA 248 -40.78 -59.77 49.26
C ALA GA 248 -42.03 -60.58 49.57
N ASP GA 249 -42.03 -61.85 49.16
CA ASP GA 249 -43.18 -62.69 49.39
C ASP GA 249 -43.47 -62.87 50.86
N GLU GA 250 -42.47 -62.76 51.71
CA GLU GA 250 -42.65 -63.04 53.13
C GLU GA 250 -43.05 -61.80 53.92
N ILE GA 251 -43.28 -60.66 53.27
CA ILE GA 251 -43.61 -59.43 53.98
C ILE GA 251 -45.10 -59.11 53.91
N VAL GA 252 -45.73 -59.05 55.07
CA VAL GA 252 -47.16 -58.79 55.23
C VAL GA 252 -47.43 -57.30 55.45
N ILE GA 253 -48.38 -56.74 54.70
CA ILE GA 253 -48.70 -55.32 54.78
C ILE GA 253 -49.95 -55.03 55.61
N GLN GA 254 -49.80 -54.14 56.59
CA GLN GA 254 -50.90 -53.67 57.41
C GLN GA 254 -51.53 -52.49 56.70
N HIS GA 255 -52.87 -52.45 56.65
CA HIS GA 255 -53.55 -51.34 56.02
C HIS GA 255 -54.61 -50.73 56.93
N LEU GA 256 -54.60 -49.41 57.07
CA LEU GA 256 -55.61 -48.68 57.83
C LEU GA 256 -56.22 -47.56 57.00
N SER GA 257 -57.55 -47.40 57.02
CA SER GA 257 -58.20 -46.39 56.19
C SER GA 257 -59.42 -45.70 56.81
N TYR GA 258 -59.76 -44.52 56.27
CA TYR GA 258 -60.94 -43.81 56.77
C TYR GA 258 -62.23 -44.57 56.45
N ASN GA 259 -62.35 -45.14 55.24
CA ASN GA 259 -63.49 -45.99 54.93
C ASN GA 259 -63.02 -47.43 54.78
N PRO GA 260 -63.51 -48.32 55.63
CA PRO GA 260 -63.16 -49.74 55.58
C PRO GA 260 -63.78 -50.45 54.40
N ASN GA 261 -62.95 -50.91 53.48
CA ASN GA 261 -63.38 -51.63 52.28
C ASN GA 261 -62.75 -53.01 52.11
N ALA GA 262 -62.13 -53.53 53.16
CA ALA GA 262 -61.42 -54.81 53.08
C ALA GA 262 -62.41 -55.96 52.98
N ILE GA 263 -63.37 -56.00 53.91
CA ILE GA 263 -64.39 -57.04 53.92
C ILE GA 263 -65.18 -56.95 52.66
N ALA GA 264 -65.58 -55.74 52.30
CA ALA GA 264 -66.38 -55.58 51.11
C ALA GA 264 -65.70 -56.18 49.90
N THR GA 265 -64.38 -55.99 49.77
CA THR GA 265 -63.68 -56.58 48.64
C THR GA 265 -63.71 -58.08 48.70
N ALA GA 266 -63.36 -58.66 49.85
CA ALA GA 266 -63.32 -60.11 49.98
C ALA GA 266 -64.68 -60.73 49.73
N LEU GA 267 -65.72 -60.07 50.20
CA LEU GA 267 -67.06 -60.60 50.09
C LEU GA 267 -67.51 -60.57 48.63
N ASP GA 268 -67.21 -59.48 47.91
CA ASP GA 268 -67.59 -59.42 46.49
C ASP GA 268 -66.86 -60.50 45.70
N ASN GA 269 -65.58 -60.74 46.02
CA ASN GA 269 -64.84 -61.78 45.29
C ASN GA 269 -65.44 -63.14 45.59
N LEU GA 270 -65.84 -63.39 46.84
CA LEU GA 270 -66.46 -64.67 47.17
C LEU GA 270 -67.82 -64.83 46.52
N ASN GA 271 -68.59 -63.76 46.40
CA ASN GA 271 -69.85 -63.93 45.70
C ASN GA 271 -69.63 -64.40 44.27
N ALA GA 272 -68.58 -63.90 43.62
CA ALA GA 272 -68.21 -64.37 42.28
C ALA GA 272 -67.82 -65.85 42.30
N VAL GA 273 -67.12 -66.26 43.37
CA VAL GA 273 -66.67 -67.64 43.62
C VAL GA 273 -67.82 -68.62 43.75
N ASN GA 274 -68.82 -68.28 44.51
CA ASN GA 274 -69.90 -69.23 44.73
C ASN GA 274 -70.92 -69.22 43.60
N GLY GA 275 -70.52 -69.81 42.48
CA GLY GA 275 -71.36 -69.84 41.29
C GLY GA 275 -70.87 -70.74 40.15
N PRO GA 276 -71.71 -70.84 39.10
CA PRO GA 276 -71.47 -71.70 37.92
C PRO GA 276 -70.27 -71.36 37.07
N THR GA 277 -69.81 -70.13 37.11
CA THR GA 277 -68.69 -69.73 36.30
C THR GA 277 -67.39 -69.94 37.04
N PHE GA 278 -67.48 -70.38 38.28
CA PHE GA 278 -66.30 -70.64 39.06
C PHE GA 278 -66.16 -72.14 39.28
N ILE GA 279 -67.17 -72.78 39.91
CA ILE GA 279 -67.08 -74.23 40.15
C ILE GA 279 -68.20 -75.14 39.68
N ASP GA 280 -69.40 -74.65 39.29
CA ASP GA 280 -70.38 -75.70 38.96
C ASP GA 280 -69.97 -76.33 37.65
N ALA GA 281 -69.52 -75.52 36.70
CA ALA GA 281 -69.12 -76.10 35.42
C ALA GA 281 -68.02 -77.15 35.61
N ILE GA 282 -67.09 -76.89 36.53
CA ILE GA 282 -66.00 -77.84 36.79
C ILE GA 282 -66.55 -79.13 37.32
N LEU GA 283 -67.36 -79.02 38.36
CA LEU GA 283 -67.89 -80.19 39.04
C LEU GA 283 -68.81 -81.01 38.14
N ASP GA 284 -69.60 -80.35 37.30
CA ASP GA 284 -70.50 -81.10 36.41
C ASP GA 284 -69.70 -81.88 35.39
N ASP GA 285 -68.62 -81.29 34.85
CA ASP GA 285 -67.79 -81.99 33.88
C ASP GA 285 -66.91 -83.05 34.53
N LEU GA 286 -66.42 -82.78 35.74
CA LEU GA 286 -65.54 -83.70 36.43
C LEU GA 286 -66.28 -84.97 36.84
N ARG GA 287 -67.50 -84.83 37.35
CA ARG GA 287 -68.29 -85.97 37.80
C ARG GA 287 -68.90 -86.70 36.61
N ASN GA 321 -51.56 -101.55 19.70
CA ASN GA 321 -52.22 -100.88 20.80
C ASN GA 321 -51.79 -99.44 20.95
N SER GA 322 -50.92 -98.98 20.07
CA SER GA 322 -50.41 -97.60 20.17
C SER GA 322 -51.51 -96.56 20.05
N VAL GA 323 -52.54 -96.87 19.27
CA VAL GA 323 -53.67 -95.97 19.13
C VAL GA 323 -54.49 -95.94 20.39
N LYS GA 324 -54.58 -97.08 21.08
CA LYS GA 324 -55.38 -97.18 22.26
C LYS GA 324 -54.73 -96.33 23.34
N VAL GA 325 -53.39 -96.36 23.41
CA VAL GA 325 -52.66 -95.53 24.36
C VAL GA 325 -52.91 -94.08 24.08
N ALA GA 326 -52.83 -93.68 22.81
CA ALA GA 326 -53.04 -92.28 22.45
C ALA GA 326 -54.44 -91.80 22.83
N ASN GA 327 -55.45 -92.64 22.62
CA ASN GA 327 -56.82 -92.26 22.96
C ASN GA 327 -56.97 -92.14 24.47
N PHE GA 328 -56.43 -93.12 25.18
CA PHE GA 328 -56.48 -93.13 26.63
C PHE GA 328 -55.81 -91.91 27.21
N ALA GA 329 -54.59 -91.64 26.73
CA ALA GA 329 -53.81 -90.53 27.24
C ALA GA 329 -54.57 -89.21 27.10
N SER GA 330 -55.25 -89.02 25.97
CA SER GA 330 -56.08 -87.82 25.79
C SER GA 330 -57.16 -87.71 26.84
N LEU GA 331 -57.85 -88.81 27.11
CA LEU GA 331 -58.94 -88.80 28.08
C LEU GA 331 -58.40 -88.49 29.49
N VAL GA 332 -57.21 -89.02 29.83
CA VAL GA 332 -56.61 -88.75 31.14
C VAL GA 332 -56.30 -87.28 31.27
N GLU GA 333 -55.68 -86.70 30.22
CA GLU GA 333 -55.31 -85.30 30.25
C GLU GA 333 -56.51 -84.40 30.48
N SER GA 334 -57.64 -84.73 29.85
CA SER GA 334 -58.85 -83.94 30.04
C SER GA 334 -59.27 -83.90 31.51
N VAL GA 335 -59.25 -85.07 32.18
CA VAL GA 335 -59.63 -85.12 33.59
C VAL GA 335 -58.63 -84.34 34.43
N LEU GA 336 -57.35 -84.55 34.15
CA LEU GA 336 -56.27 -83.88 34.87
C LEU GA 336 -56.37 -82.37 34.81
N SER GA 337 -56.66 -81.85 33.62
CA SER GA 337 -56.80 -80.41 33.42
C SER GA 337 -57.95 -79.87 34.28
N THR GA 338 -59.09 -80.59 34.26
CA THR GA 338 -60.25 -80.22 35.08
C THR GA 338 -59.91 -80.20 36.57
N LEU GA 339 -59.18 -81.22 37.05
CA LEU GA 339 -58.81 -81.26 38.45
C LEU GA 339 -57.92 -80.07 38.80
N ASN GA 340 -56.99 -79.71 37.92
CA ASN GA 340 -56.11 -78.60 38.20
C ASN GA 340 -56.87 -77.29 38.37
N GLU GA 341 -57.93 -77.07 37.58
CA GLU GA 341 -58.73 -75.85 37.74
C GLU GA 341 -59.41 -75.82 39.11
N LEU GA 342 -59.91 -76.97 39.58
CA LEU GA 342 -60.58 -77.03 40.88
C LEU GA 342 -59.58 -76.71 41.99
N ILE GA 343 -58.36 -77.20 41.85
CA ILE GA 343 -57.31 -76.95 42.83
C ILE GA 343 -56.96 -75.46 42.88
N ASP GA 344 -56.80 -74.81 41.72
CA ASP GA 344 -56.53 -73.38 41.70
C ASP GA 344 -57.64 -72.59 42.37
N ALA GA 345 -58.88 -73.03 42.18
CA ALA GA 345 -60.03 -72.36 42.79
C ALA GA 345 -59.88 -72.32 44.32
N LYS GA 346 -59.44 -73.43 44.91
CA LYS GA 346 -59.24 -73.49 46.36
C LYS GA 346 -58.28 -72.43 46.83
N GLU GA 347 -57.16 -72.28 46.10
CA GLU GA 347 -56.14 -71.33 46.50
C GLU GA 347 -56.67 -69.89 46.47
N GLU GA 348 -57.47 -69.54 45.46
CA GLU GA 348 -58.01 -68.18 45.40
C GLU GA 348 -58.93 -67.89 46.57
N ILE GA 349 -59.72 -68.89 46.98
CA ILE GA 349 -60.62 -68.76 48.11
C ILE GA 349 -59.87 -68.46 49.38
N ASN GA 350 -58.82 -69.23 49.65
CA ASN GA 350 -58.06 -69.00 50.85
C ASN GA 350 -57.45 -67.59 50.89
N LYS GA 351 -56.99 -67.11 49.74
CA LYS GA 351 -56.37 -65.79 49.72
C LYS GA 351 -57.33 -64.66 50.10
N ASP GA 352 -58.60 -64.73 49.66
CA ASP GA 352 -59.53 -63.66 50.04
C ASP GA 352 -60.10 -63.84 51.44
N VAL GA 353 -60.41 -65.08 51.83
CA VAL GA 353 -61.01 -65.29 53.14
C VAL GA 353 -60.07 -64.85 54.23
N ASN GA 354 -58.79 -65.11 54.05
CA ASN GA 354 -57.80 -64.71 55.02
C ASN GA 354 -57.73 -63.19 55.22
N SER GA 355 -58.17 -62.36 54.25
CA SER GA 355 -58.10 -60.93 54.45
C SER GA 355 -59.29 -60.53 55.31
N ALA GA 356 -60.39 -61.30 55.18
CA ALA GA 356 -61.57 -61.04 56.00
C ALA GA 356 -61.25 -61.34 57.45
N ILE GA 357 -60.50 -62.42 57.66
CA ILE GA 357 -60.14 -62.83 59.01
C ILE GA 357 -59.23 -61.80 59.62
N ALA GA 358 -58.18 -61.43 58.88
CA ALA GA 358 -57.21 -60.45 59.33
C ALA GA 358 -57.82 -59.09 59.62
N SER GA 359 -58.81 -58.69 58.83
CA SER GA 359 -59.41 -57.38 58.97
C SER GA 359 -60.47 -57.29 60.06
N SER GA 360 -61.07 -58.43 60.43
CA SER GA 360 -62.12 -58.45 61.44
C SER GA 360 -61.49 -58.40 62.84
N GLU GA 361 -60.87 -57.27 63.16
CA GLU GA 361 -60.17 -57.10 64.44
C GLU GA 361 -61.08 -57.20 65.64
N GLU GA 362 -62.28 -56.68 65.51
CA GLU GA 362 -63.27 -56.66 66.57
C GLU GA 362 -64.16 -57.88 66.45
N ASP GA 363 -64.79 -58.27 67.56
CA ASP GA 363 -65.74 -59.38 67.56
C ASP GA 363 -65.07 -60.68 67.09
N ASN GA 364 -64.12 -61.16 67.90
CA ASN GA 364 -63.36 -62.37 67.60
C ASN GA 364 -64.20 -63.61 67.36
N ALA GA 365 -65.46 -63.57 67.79
CA ALA GA 365 -66.40 -64.65 67.54
C ALA GA 365 -66.60 -64.85 66.06
N ILE GA 366 -66.55 -63.76 65.30
CA ILE GA 366 -66.73 -63.83 63.87
C ILE GA 366 -65.43 -64.29 63.27
N LYS GA 367 -64.29 -63.78 63.74
CA LYS GA 367 -63.04 -64.31 63.21
C LYS GA 367 -63.02 -65.81 63.27
N THR GA 368 -63.51 -66.36 64.39
CA THR GA 368 -63.57 -67.80 64.55
C THR GA 368 -64.55 -68.39 63.53
N ALA GA 369 -65.74 -67.82 63.41
CA ALA GA 369 -66.71 -68.39 62.47
C ALA GA 369 -66.17 -68.46 61.04
N ILE GA 370 -65.44 -67.42 60.63
CA ILE GA 370 -64.88 -67.38 59.28
C ILE GA 370 -63.80 -68.43 59.14
N SER GA 371 -62.90 -68.48 60.12
CA SER GA 371 -61.79 -69.42 60.11
C SER GA 371 -62.28 -70.85 60.07
N ASP GA 372 -63.28 -71.20 60.90
CA ASP GA 372 -63.78 -72.56 60.92
C ASP GA 372 -64.38 -72.95 59.58
N ALA GA 373 -65.14 -72.04 58.94
CA ALA GA 373 -65.74 -72.37 57.65
C ALA GA 373 -64.67 -72.66 56.61
N LEU GA 374 -63.58 -71.89 56.63
CA LEU GA 374 -62.49 -72.09 55.68
C LEU GA 374 -61.77 -73.39 55.94
N ASP GA 375 -61.50 -73.67 57.22
CA ASP GA 375 -60.75 -74.86 57.61
C ASP GA 375 -61.47 -76.11 57.14
N VAL GA 376 -62.80 -76.14 57.27
CA VAL GA 376 -63.55 -77.29 56.79
C VAL GA 376 -63.49 -77.41 55.28
N PHE GA 377 -63.67 -76.30 54.56
CA PHE GA 377 -63.64 -76.34 53.09
C PHE GA 377 -62.37 -77.03 52.58
N ASN GA 378 -61.25 -76.65 53.15
CA ASN GA 378 -59.96 -77.16 52.72
C ASN GA 378 -59.77 -78.68 52.86
N GLU GA 379 -60.57 -79.36 53.70
CA GLU GA 379 -60.39 -80.80 53.92
C GLU GA 379 -60.56 -81.64 52.67
N ASP GA 380 -61.21 -81.14 51.64
CA ASP GA 380 -61.43 -81.95 50.44
C ASP GA 380 -60.18 -81.92 49.57
N PHE GA 381 -59.27 -80.99 49.81
CA PHE GA 381 -58.10 -80.82 48.98
C PHE GA 381 -56.81 -81.24 49.66
N GLU GA 382 -56.78 -81.08 50.99
CA GLU GA 382 -55.68 -81.42 51.85
C GLU GA 382 -55.62 -82.89 52.16
N GLY GA 383 -54.62 -83.30 52.95
CA GLY GA 383 -54.34 -84.69 53.29
C GLY GA 383 -55.51 -85.50 53.81
N ALA GA 384 -56.53 -84.84 54.37
CA ALA GA 384 -57.71 -85.54 54.88
C ALA GA 384 -58.38 -86.38 53.78
N ASP GA 385 -58.41 -85.88 52.56
CA ASP GA 385 -58.96 -86.53 51.36
C ASP GA 385 -58.33 -85.82 50.20
N LYS GA 386 -57.16 -86.24 49.78
CA LYS GA 386 -56.37 -85.29 49.02
C LYS GA 386 -56.59 -85.26 47.49
N ILE GA 387 -57.50 -84.37 47.03
CA ILE GA 387 -57.71 -84.17 45.59
C ILE GA 387 -56.40 -83.80 44.94
N GLU GA 388 -55.58 -83.01 45.63
CA GLU GA 388 -54.31 -82.57 45.06
C GLU GA 388 -53.36 -83.73 44.71
N SER GA 389 -53.36 -84.84 45.46
CA SER GA 389 -52.42 -85.91 45.14
C SER GA 389 -52.97 -86.76 44.03
N VAL GA 390 -54.29 -86.79 43.88
CA VAL GA 390 -54.83 -87.53 42.75
C VAL GA 390 -54.36 -86.88 41.47
N ALA GA 391 -54.48 -85.55 41.41
CA ALA GA 391 -54.05 -84.86 40.21
C ALA GA 391 -52.56 -85.08 39.96
N LYS GA 392 -51.74 -85.03 41.01
CA LYS GA 392 -50.31 -85.23 40.85
C LYS GA 392 -50.01 -86.63 40.30
N ASN GA 393 -50.63 -87.65 40.90
CA ASN GA 393 -50.36 -89.02 40.52
C ASN GA 393 -50.81 -89.31 39.10
N LEU GA 394 -51.94 -88.75 38.67
CA LEU GA 394 -52.39 -88.99 37.30
C LEU GA 394 -51.37 -88.44 36.31
N SER GA 395 -50.79 -87.27 36.61
CA SER GA 395 -49.74 -86.72 35.74
C SER GA 395 -48.55 -87.66 35.58
N ASP GA 396 -48.04 -88.21 36.69
CA ASP GA 396 -46.87 -89.10 36.61
C ASP GA 396 -47.20 -90.37 35.83
N LEU GA 397 -48.41 -90.91 36.07
CA LEU GA 397 -48.86 -92.13 35.41
C LEU GA 397 -49.02 -91.91 33.92
N LEU GA 398 -49.51 -90.72 33.54
CA LEU GA 398 -49.73 -90.38 32.15
C LEU GA 398 -48.42 -90.35 31.38
N ILE GA 399 -47.37 -89.79 31.96
CA ILE GA 399 -46.08 -89.83 31.29
C ILE GA 399 -45.63 -91.26 31.08
N LYS GA 400 -45.73 -92.08 32.13
CA LYS GA 400 -45.27 -93.47 32.03
C LYS GA 400 -46.04 -94.25 30.97
N ILE GA 401 -47.36 -94.06 30.84
CA ILE GA 401 -48.04 -94.86 29.83
C ILE GA 401 -47.64 -94.41 28.43
N LYS GA 402 -47.48 -93.11 28.20
CA LYS GA 402 -47.04 -92.68 26.89
C LYS GA 402 -45.65 -93.21 26.53
N GLN GA 403 -44.76 -93.31 27.52
CA GLN GA 403 -43.42 -93.83 27.26
C GLN GA 403 -43.37 -95.37 27.26
N ALA GA 404 -44.40 -96.05 27.79
CA ALA GA 404 -44.46 -97.52 27.86
C ALA GA 404 -44.24 -98.18 26.51
N ASP GA 405 -44.73 -97.53 25.45
CA ASP GA 405 -44.61 -97.96 24.06
C ASP GA 405 -43.16 -98.11 23.61
N THR GA 406 -42.22 -97.54 24.36
CA THR GA 406 -40.80 -97.63 24.07
C THR GA 406 -40.37 -99.08 23.94
N ASN GA 407 -40.86 -99.95 24.81
CA ASN GA 407 -40.41 -101.33 24.71
C ASN GA 407 -41.35 -102.48 25.00
N THR GA 408 -42.61 -102.29 25.48
CA THR GA 408 -43.44 -103.51 25.63
C THR GA 408 -44.92 -103.31 25.95
N LYS GA 409 -45.71 -104.24 25.38
CA LYS GA 409 -47.14 -104.39 25.63
C LYS GA 409 -47.47 -104.63 27.08
N VAL GA 410 -46.50 -105.12 27.82
CA VAL GA 410 -46.63 -105.39 29.23
C VAL GA 410 -46.75 -104.11 30.00
N GLU GA 411 -45.94 -103.12 29.64
CA GLU GA 411 -45.94 -101.85 30.33
C GLU GA 411 -47.31 -101.21 30.22
N ASN GA 412 -47.91 -101.36 29.05
CA ASN GA 412 -49.24 -100.77 28.79
C ASN GA 412 -50.37 -101.47 29.54
N VAL GA 413 -50.06 -102.51 30.29
CA VAL GA 413 -50.99 -103.21 31.15
C VAL GA 413 -50.66 -102.89 32.59
N LEU GA 414 -49.38 -103.02 32.92
CA LEU GA 414 -48.95 -102.81 34.28
C LEU GA 414 -49.29 -101.41 34.76
N SER GA 415 -49.15 -100.39 33.88
CA SER GA 415 -49.40 -99.00 34.26
C SER GA 415 -50.82 -98.74 34.80
N ILE GA 416 -51.76 -99.63 34.48
CA ILE GA 416 -53.14 -99.50 34.90
C ILE GA 416 -53.52 -100.43 36.05
N ASN GA 417 -53.08 -101.69 36.00
CA ASN GA 417 -53.51 -102.68 37.00
C ASN GA 417 -52.46 -103.15 38.01
N ALA GA 418 -51.16 -102.89 37.79
CA ALA GA 418 -50.13 -103.26 38.74
C ALA GA 418 -49.70 -102.00 39.44
N LEU GA 419 -49.79 -100.94 38.66
CA LEU GA 419 -49.54 -99.57 39.02
C LEU GA 419 -50.88 -98.94 39.24
N ASN GA 420 -50.94 -97.63 39.41
CA ASN GA 420 -52.15 -97.03 39.91
C ASN GA 420 -53.18 -96.34 38.98
N PHE GA 421 -53.20 -96.44 37.64
CA PHE GA 421 -54.31 -95.67 37.03
C PHE GA 421 -55.71 -96.09 37.52
N SER GA 422 -55.96 -97.38 37.68
CA SER GA 422 -57.26 -97.77 38.21
C SER GA 422 -57.50 -97.21 39.60
N ALA GA 423 -56.48 -97.36 40.45
CA ALA GA 423 -56.52 -96.95 41.85
C ALA GA 423 -56.72 -95.46 42.03
N GLU GA 424 -56.15 -94.63 41.16
CA GLU GA 424 -56.30 -93.18 41.31
C GLU GA 424 -57.64 -92.69 40.83
N PHE GA 425 -58.16 -93.23 39.73
CA PHE GA 425 -59.47 -92.72 39.31
C PHE GA 425 -60.55 -93.11 40.31
N GLU GA 426 -60.34 -94.20 41.02
CA GLU GA 426 -61.30 -94.63 42.01
C GLU GA 426 -61.44 -93.59 43.11
N LYS GA 427 -60.36 -92.85 43.40
CA LYS GA 427 -60.40 -91.92 44.51
C LYS GA 427 -61.28 -90.73 44.20
N LEU GA 428 -61.70 -90.58 42.95
CA LEU GA 428 -62.58 -89.49 42.61
C LEU GA 428 -64.01 -90.02 42.68
N LEU GA 429 -64.22 -91.20 42.09
CA LEU GA 429 -65.51 -91.89 42.13
C LEU GA 429 -65.23 -93.37 42.41
N THR GA 430 -65.72 -93.88 43.54
CA THR GA 430 -65.40 -95.23 44.01
C THR GA 430 -65.73 -96.37 43.04
N TYR GA 431 -66.85 -96.29 42.33
CA TYR GA 431 -67.22 -97.37 41.42
C TYR GA 431 -68.06 -96.87 40.27
N ASP GA 432 -67.63 -95.79 39.63
CA ASP GA 432 -68.43 -95.19 38.56
C ASP GA 432 -68.78 -96.19 37.47
N VAL GA 433 -67.84 -97.12 37.21
CA VAL GA 433 -67.87 -98.20 36.21
C VAL GA 433 -69.07 -99.13 36.36
N ASN GA 434 -69.74 -99.08 37.51
CA ASN GA 434 -70.91 -99.89 37.81
C ASN GA 434 -72.04 -99.69 36.79
N THR GA 435 -72.12 -98.52 36.17
CA THR GA 435 -73.18 -98.25 35.20
C THR GA 435 -72.73 -97.25 34.15
N GLY GA 436 -73.46 -97.21 33.01
CA GLY GA 436 -73.13 -96.23 31.97
C GLY GA 436 -73.16 -94.82 32.51
N LEU GA 437 -74.11 -94.53 33.38
CA LEU GA 437 -74.12 -93.25 34.04
C LEU GA 437 -73.33 -93.50 35.30
N THR GA 438 -72.44 -92.60 35.70
CA THR GA 438 -71.66 -92.93 36.89
C THR GA 438 -72.58 -93.31 38.04
N ALA GA 439 -72.30 -94.46 38.63
CA ALA GA 439 -73.12 -95.01 39.69
C ALA GA 439 -72.28 -95.59 40.80
N SER GA 440 -72.95 -96.08 41.85
CA SER GA 440 -72.28 -96.74 42.96
C SER GA 440 -71.19 -95.88 43.57
N VAL GA 441 -71.44 -94.59 43.67
CA VAL GA 441 -70.45 -93.70 44.24
C VAL GA 441 -70.49 -93.81 45.75
N THR GA 442 -69.95 -94.94 46.25
CA THR GA 442 -69.89 -95.27 47.68
C THR GA 442 -69.11 -94.21 48.43
N LEU GA 443 -68.24 -93.56 47.69
CA LEU GA 443 -67.42 -92.47 48.11
C LEU GA 443 -67.14 -91.65 46.87
N ASP GA 444 -66.97 -90.35 47.07
CA ASP GA 444 -66.61 -89.46 45.99
C ASP GA 444 -65.92 -88.23 46.54
N LEU GA 445 -64.96 -87.72 45.79
CA LEU GA 445 -64.21 -86.53 46.17
C LEU GA 445 -64.85 -85.23 45.68
N PHE GA 446 -65.95 -85.33 44.97
CA PHE GA 446 -66.52 -84.16 44.34
C PHE GA 446 -67.77 -83.57 44.96
N ALA GA 447 -67.89 -82.26 44.73
CA ALA GA 447 -69.03 -81.37 44.93
C ALA GA 447 -69.48 -81.13 46.37
N ASN GA 448 -68.67 -81.43 47.38
CA ASN GA 448 -69.04 -81.09 48.76
C ASN GA 448 -68.75 -79.60 49.00
N ILE GA 449 -68.15 -79.06 47.96
CA ILE GA 449 -67.72 -77.70 47.74
C ILE GA 449 -68.90 -76.77 47.81
N GLY GA 450 -70.03 -77.15 47.21
CA GLY GA 450 -71.17 -76.24 47.16
C GLY GA 450 -71.58 -75.75 48.55
N THR GA 451 -71.88 -76.68 49.44
CA THR GA 451 -72.30 -76.35 50.79
C THR GA 451 -71.22 -75.59 51.54
N ARG GA 452 -69.99 -76.06 51.40
CA ARG GA 452 -68.92 -75.43 52.15
C ARG GA 452 -68.68 -73.98 51.68
N LEU GA 453 -68.82 -73.68 50.38
CA LEU GA 453 -68.68 -72.28 49.97
C LEU GA 453 -69.77 -71.41 50.58
N ASP GA 454 -71.00 -71.94 50.65
CA ASP GA 454 -72.07 -71.17 51.25
C ASP GA 454 -71.73 -70.82 52.70
N ASP GA 455 -71.15 -71.78 53.45
CA ASP GA 455 -70.80 -71.57 54.85
C ASP GA 455 -69.74 -70.47 54.98
N ILE GA 456 -68.76 -70.45 54.07
CA ILE GA 456 -67.71 -69.43 54.11
C ILE GA 456 -68.29 -68.07 53.87
N ILE GA 457 -69.12 -67.93 52.84
CA ILE GA 457 -69.65 -66.61 52.53
C ILE GA 457 -70.51 -66.10 53.65
N ALA GA 458 -71.37 -66.97 54.19
CA ALA GA 458 -72.21 -66.50 55.28
C ALA GA 458 -71.37 -66.00 56.44
N ALA GA 459 -70.30 -66.73 56.79
CA ALA GA 459 -69.46 -66.28 57.89
C ALA GA 459 -68.78 -64.96 57.57
N VAL GA 460 -68.29 -64.80 56.35
CA VAL GA 460 -67.57 -63.58 55.98
C VAL GA 460 -68.50 -62.37 56.01
N SER GA 461 -69.72 -62.54 55.51
CA SER GA 461 -70.69 -61.45 55.47
C SER GA 461 -70.98 -60.87 56.84
N ALA GA 462 -70.78 -61.66 57.89
CA ALA GA 462 -71.05 -61.22 59.24
C ALA GA 462 -70.11 -60.09 59.65
N ALA GA 463 -68.97 -59.98 58.98
CA ALA GA 463 -67.96 -58.98 59.28
C ALA GA 463 -68.24 -57.65 58.61
N GLU GA 464 -69.18 -57.58 57.67
CA GLU GA 464 -69.35 -56.30 56.99
C GLU GA 464 -69.65 -55.11 57.93
N PRO GA 465 -70.47 -55.22 58.98
CA PRO GA 465 -70.71 -54.13 59.92
C PRO GA 465 -69.72 -54.10 61.08
N ILE GA 466 -68.67 -54.91 61.03
CA ILE GA 466 -67.71 -55.01 62.12
C ILE GA 466 -66.44 -54.26 61.80
N ASP GA 467 -66.00 -54.38 60.56
CA ASP GA 467 -64.71 -53.81 60.22
C ASP GA 467 -64.75 -52.36 59.76
N VAL GA 468 -64.35 -51.49 60.68
CA VAL GA 468 -64.33 -50.04 60.47
C VAL GA 468 -62.97 -49.47 59.98
N ASN GA 469 -61.85 -50.07 60.27
CA ASN GA 469 -60.59 -49.48 59.83
C ASN GA 469 -59.63 -50.19 58.85
N ASN GA 470 -59.99 -51.25 58.17
CA ASN GA 470 -59.00 -51.88 57.29
C ASN GA 470 -59.29 -51.71 55.80
N GLY GA 471 -58.24 -51.43 55.03
CA GLY GA 471 -58.36 -51.23 53.60
C GLY GA 471 -58.22 -52.51 52.80
N LYS GA 472 -58.30 -52.32 51.49
CA LYS GA 472 -58.31 -53.38 50.49
C LYS GA 472 -57.15 -54.38 50.54
N LEU GA 473 -55.94 -53.92 50.86
CA LEU GA 473 -54.77 -54.79 50.83
C LEU GA 473 -54.43 -55.42 52.17
N ASN GA 474 -55.23 -55.12 53.20
CA ASN GA 474 -54.92 -55.59 54.53
C ASN GA 474 -54.90 -57.11 54.60
N GLY GA 475 -53.82 -57.66 55.14
CA GLY GA 475 -53.69 -59.10 55.30
C GLY GA 475 -53.13 -59.82 54.09
N ARG GA 476 -52.68 -59.08 53.08
CA ARG GA 476 -52.09 -59.63 51.86
C ARG GA 476 -50.56 -59.51 51.80
N LEU GA 477 -49.94 -60.36 50.96
CA LEU GA 477 -48.48 -60.38 50.75
C LEU GA 477 -47.98 -59.31 49.79
N LEU GA 478 -46.74 -58.86 49.99
CA LEU GA 478 -46.18 -57.78 49.18
C LEU GA 478 -46.16 -58.15 47.69
N SER GA 479 -45.73 -59.37 47.38
CA SER GA 479 -45.68 -59.79 45.98
C SER GA 479 -47.07 -59.79 45.35
N ASP GA 480 -48.08 -60.14 46.13
CA ASP GA 480 -49.46 -60.21 45.64
C ASP GA 480 -49.97 -58.87 45.14
N ILE GA 481 -49.65 -57.78 45.84
CA ILE GA 481 -50.14 -56.47 45.45
C ILE GA 481 -49.60 -55.92 44.13
N GLU GA 482 -48.45 -56.41 43.68
CA GLU GA 482 -47.78 -55.85 42.52
C GLU GA 482 -48.70 -55.72 41.32
N PRO GA 483 -49.50 -56.72 40.98
CA PRO GA 483 -50.47 -56.57 39.89
C PRO GA 483 -51.54 -55.53 40.15
N LEU GA 484 -52.10 -55.54 41.37
CA LEU GA 484 -53.18 -54.63 41.74
C LEU GA 484 -52.75 -53.17 41.84
N ASP GA 485 -51.59 -52.91 42.43
CA ASP GA 485 -51.07 -51.56 42.59
C ASP GA 485 -49.59 -51.56 42.26
N ASN GA 486 -49.08 -50.45 41.72
CA ASN GA 486 -47.65 -50.40 41.42
C ASN GA 486 -46.94 -49.22 42.04
N ALA GA 487 -47.64 -48.09 42.16
CA ALA GA 487 -46.98 -46.94 42.74
C ALA GA 487 -46.64 -47.21 44.18
N THR GA 488 -47.59 -47.83 44.89
CA THR GA 488 -47.40 -48.14 46.29
C THR GA 488 -46.34 -49.19 46.44
N TYR GA 489 -46.37 -50.22 45.59
CA TYR GA 489 -45.41 -51.30 45.63
C TYR GA 489 -43.98 -50.79 45.48
N ASN GA 490 -43.74 -49.96 44.48
CA ASN GA 490 -42.40 -49.45 44.27
C ASN GA 490 -41.96 -48.57 45.41
N THR GA 491 -42.89 -47.78 45.97
CA THR GA 491 -42.56 -46.91 47.10
C THR GA 491 -42.11 -47.72 48.29
N ILE GA 492 -42.82 -48.82 48.58
CA ILE GA 492 -42.48 -49.68 49.70
C ILE GA 492 -41.10 -50.26 49.55
N LEU GA 493 -40.78 -50.75 48.35
CA LEU GA 493 -39.45 -51.33 48.16
C LEU GA 493 -38.35 -50.32 48.36
N LEU GA 494 -38.55 -49.09 47.89
CA LEU GA 494 -37.55 -48.07 48.12
C LEU GA 494 -37.36 -47.78 49.59
N GLU GA 495 -38.43 -47.77 50.36
CA GLU GA 495 -38.31 -47.50 51.78
C GLU GA 495 -37.59 -48.66 52.49
N ILE GA 496 -37.88 -49.91 52.10
CA ILE GA 496 -37.23 -51.06 52.75
C ILE GA 496 -35.73 -51.01 52.57
N ASN GA 497 -35.30 -50.66 51.38
CA ASN GA 497 -33.89 -50.67 51.04
C ASN GA 497 -33.14 -49.48 51.64
N SER GA 498 -33.80 -48.60 52.38
CA SER GA 498 -33.10 -47.51 53.03
C SER GA 498 -32.42 -47.94 54.32
N HIS GA 499 -32.72 -49.14 54.83
CA HIS GA 499 -32.17 -49.60 56.09
C HIS GA 499 -30.84 -50.33 55.89
N LYS GA 500 -29.80 -49.90 56.61
CA LYS GA 500 -28.47 -50.49 56.43
C LYS GA 500 -28.01 -51.36 57.61
N VAL GA 501 -27.05 -52.22 57.31
CA VAL GA 501 -26.40 -53.18 58.21
C VAL GA 501 -25.34 -52.50 59.09
N THR GA 502 -25.24 -52.91 60.38
CA THR GA 502 -24.24 -52.42 61.33
C THR GA 502 -23.40 -53.59 61.84
N LEU GA 503 -22.07 -53.46 61.82
CA LEU GA 503 -21.16 -54.53 62.20
C LEU GA 503 -20.05 -54.14 63.22
N PRO GA 504 -19.61 -55.11 64.04
CA PRO GA 504 -18.40 -54.98 64.87
C PRO GA 504 -17.23 -54.71 63.94
N PRO GA 505 -16.20 -53.97 64.37
CA PRO GA 505 -15.05 -53.57 63.52
C PRO GA 505 -13.97 -54.63 63.17
N SER GA 506 -13.85 -55.72 63.93
CA SER GA 506 -12.78 -56.69 63.71
C SER GA 506 -12.58 -57.25 62.30
N SER GA 507 -13.65 -57.43 61.52
CA SER GA 507 -13.43 -57.99 60.18
C SER GA 507 -12.82 -56.98 59.22
N SER GA 508 -13.00 -55.69 59.49
CA SER GA 508 -12.47 -54.68 58.62
C SER GA 508 -11.02 -54.49 58.95
N MET GA 509 -10.70 -54.71 60.22
CA MET GA 509 -9.32 -54.58 60.62
C MET GA 509 -8.48 -55.66 60.01
N ALA GA 510 -8.99 -56.89 59.94
CA ALA GA 510 -8.22 -57.95 59.30
C ALA GA 510 -7.89 -57.58 57.85
N GLY GA 511 -8.85 -56.96 57.17
CA GLY GA 511 -8.62 -56.47 55.81
C GLY GA 511 -7.52 -55.42 55.78
N ALA GA 512 -7.61 -54.43 56.67
CA ALA GA 512 -6.63 -53.36 56.76
C ALA GA 512 -5.23 -53.89 57.06
N TYR GA 513 -5.12 -54.92 57.90
CA TYR GA 513 -3.81 -55.49 58.20
C TYR GA 513 -3.19 -56.03 56.93
N ALA GA 514 -3.97 -56.72 56.09
CA ALA GA 514 -3.44 -57.25 54.85
C ALA GA 514 -2.89 -56.16 53.94
N ARG GA 515 -3.59 -55.03 53.83
CA ARG GA 515 -3.10 -53.94 53.00
C ARG GA 515 -1.76 -53.43 53.46
N VAL GA 516 -1.63 -53.18 54.75
CA VAL GA 516 -0.40 -52.63 55.28
C VAL GA 516 0.77 -53.60 55.07
N ASP GA 517 0.54 -54.89 55.34
CA ASP GA 517 1.61 -55.89 55.16
C ASP GA 517 2.11 -55.92 53.73
N ASN GA 518 1.24 -55.70 52.74
CA ASN GA 518 1.68 -55.71 51.35
C ASN GA 518 2.32 -54.40 50.91
N ASP GA 519 1.80 -53.26 51.37
CA ASP GA 519 2.36 -51.96 50.99
C ASP GA 519 3.67 -51.58 51.66
N ARG GA 520 3.83 -51.90 52.94
CA ARG GA 520 5.02 -51.49 53.66
C ARG GA 520 5.76 -52.63 54.38
N GLY GA 521 5.03 -53.62 54.89
CA GLY GA 521 5.66 -54.69 55.65
C GLY GA 521 5.06 -54.85 57.04
N VAL GA 522 5.26 -56.02 57.64
CA VAL GA 522 4.71 -56.38 58.95
C VAL GA 522 5.19 -55.47 60.08
N TRP GA 523 6.27 -54.74 59.90
CA TRP GA 523 6.78 -53.85 60.93
C TRP GA 523 6.16 -52.46 60.89
N LYS GA 524 5.26 -52.20 59.95
CA LYS GA 524 4.58 -50.92 59.84
C LYS GA 524 3.30 -50.91 60.66
N SER GA 525 3.10 -49.87 61.45
CA SER GA 525 1.86 -49.74 62.22
C SER GA 525 0.58 -49.64 61.37
N PRO GA 526 -0.48 -50.39 61.73
CA PRO GA 526 -1.84 -50.34 61.15
C PRO GA 526 -2.63 -49.04 61.31
N ALA GA 527 -2.20 -48.13 62.15
CA ALA GA 527 -2.96 -46.89 62.39
C ALA GA 527 -2.85 -45.91 61.22
N ASN GA 528 -3.78 -44.95 61.21
CA ASN GA 528 -3.93 -43.86 60.23
C ASN GA 528 -4.23 -44.38 58.83
N ILE GA 529 -5.07 -45.43 58.79
CA ILE GA 529 -5.50 -46.07 57.56
C ILE GA 529 -7.02 -45.97 57.47
N GLY GA 530 -7.52 -45.56 56.31
CA GLY GA 530 -8.96 -45.40 56.11
C GLY GA 530 -9.66 -46.73 55.85
N LEU GA 531 -10.96 -46.77 56.19
CA LEU GA 531 -11.77 -47.95 55.97
C LEU GA 531 -12.74 -47.79 54.79
N ASN GA 532 -12.94 -48.86 54.04
CA ASN GA 532 -13.87 -48.85 52.92
C ASN GA 532 -15.24 -49.33 53.38
N TYR GA 533 -16.27 -48.84 52.69
CA TYR GA 533 -17.67 -49.19 52.95
C TYR GA 533 -18.12 -48.79 54.35
N VAL GA 534 -17.63 -47.70 54.89
CA VAL GA 534 -18.05 -47.25 56.19
C VAL GA 534 -18.61 -45.84 56.07
N SER GA 535 -19.84 -45.66 56.51
CA SER GA 535 -20.45 -44.35 56.49
C SER GA 535 -20.02 -43.56 57.68
N LYS GA 536 -20.00 -44.23 58.83
CA LYS GA 536 -19.64 -43.57 60.07
C LYS GA 536 -19.47 -44.60 61.21
N PRO GA 537 -18.75 -44.22 62.28
CA PRO GA 537 -18.75 -44.92 63.57
C PRO GA 537 -20.14 -44.85 64.17
N SER GA 538 -20.54 -45.88 64.91
CA SER GA 538 -21.87 -45.90 65.55
C SER GA 538 -22.05 -44.78 66.56
N VAL GA 539 -20.99 -44.44 67.30
CA VAL GA 539 -21.04 -43.38 68.31
C VAL GA 539 -19.85 -42.45 68.13
N THR GA 540 -19.94 -41.25 68.68
CA THR GA 540 -18.85 -40.30 68.64
C THR GA 540 -18.13 -40.28 69.98
N VAL GA 541 -16.82 -40.44 69.96
CA VAL GA 541 -16.02 -40.49 71.17
C VAL GA 541 -15.24 -39.19 71.33
N SER GA 542 -15.46 -38.47 72.44
CA SER GA 542 -14.83 -37.18 72.72
C SER GA 542 -13.40 -37.34 73.16
N HIS GA 543 -12.65 -36.23 73.18
CA HIS GA 543 -11.25 -36.29 73.62
C HIS GA 543 -11.11 -36.70 75.08
N GLU GA 544 -12.04 -36.26 75.91
CA GLU GA 544 -12.00 -36.61 77.32
C GLU GA 544 -12.06 -38.10 77.49
N GLU GA 545 -12.88 -38.76 76.67
CA GLU GA 545 -13.01 -40.19 76.72
C GLU GA 545 -11.82 -40.89 76.11
N GLN GA 546 -11.35 -40.37 74.98
CA GLN GA 546 -10.29 -40.99 74.22
C GLN GA 546 -8.99 -41.12 75.01
N GLU GA 547 -8.68 -40.19 75.89
CA GLU GA 547 -7.46 -40.33 76.66
C GLU GA 547 -7.45 -41.59 77.53
N SER GA 548 -8.62 -42.05 77.99
CA SER GA 548 -8.69 -43.22 78.87
C SER GA 548 -8.64 -44.52 78.08
N MET GA 549 -8.75 -44.43 76.76
CA MET GA 549 -8.69 -45.59 75.91
C MET GA 549 -7.25 -45.87 75.58
N ASN GA 550 -6.44 -44.82 75.49
CA ASN GA 550 -5.04 -44.97 75.14
C ASN GA 550 -4.13 -45.25 76.32
N VAL GA 551 -4.34 -44.57 77.44
CA VAL GA 551 -3.52 -44.77 78.62
C VAL GA 551 -4.42 -45.07 79.80
N HIS GA 552 -4.14 -46.15 80.49
CA HIS GA 552 -4.99 -46.57 81.59
C HIS GA 552 -4.20 -47.40 82.60
N GLY GA 553 -4.60 -47.31 83.87
CA GLY GA 553 -3.94 -48.05 84.94
C GLY GA 553 -3.81 -49.55 84.73
N THR GA 554 -4.73 -50.17 83.99
CA THR GA 554 -4.64 -51.60 83.74
C THR GA 554 -3.79 -52.00 82.54
N GLY GA 555 -3.45 -51.07 81.65
CA GLY GA 555 -2.73 -51.34 80.42
C GLY GA 555 -3.60 -51.88 79.30
N LYS GA 556 -4.89 -52.08 79.58
CA LYS GA 556 -5.81 -52.66 78.62
C LYS GA 556 -6.39 -51.59 77.70
N SER GA 557 -5.52 -51.13 76.83
CA SER GA 557 -5.83 -50.11 75.86
C SER GA 557 -6.83 -50.55 74.83
N VAL GA 558 -7.60 -49.60 74.30
CA VAL GA 558 -8.54 -49.86 73.23
C VAL GA 558 -8.28 -48.87 72.09
N ASN GA 559 -8.14 -49.35 70.87
CA ASN GA 559 -7.88 -48.47 69.74
C ASN GA 559 -9.18 -47.83 69.28
N ALA GA 560 -9.14 -46.57 68.82
CA ALA GA 560 -10.38 -45.88 68.47
C ALA GA 560 -10.64 -45.75 66.98
N ILE GA 561 -11.91 -45.81 66.62
CA ILE GA 561 -12.31 -45.53 65.24
C ILE GA 561 -12.90 -44.12 65.24
N ARG GA 562 -12.37 -43.23 64.40
CA ARG GA 562 -12.78 -41.82 64.39
C ARG GA 562 -13.06 -41.22 63.02
N SER GA 563 -13.97 -40.26 62.99
CA SER GA 563 -14.29 -39.50 61.78
C SER GA 563 -13.57 -38.15 61.75
N PHE GA 564 -12.87 -37.88 60.65
CA PHE GA 564 -12.16 -36.61 60.50
C PHE GA 564 -12.70 -35.80 59.34
N VAL GA 565 -12.70 -34.49 59.49
CA VAL GA 565 -13.26 -33.63 58.45
C VAL GA 565 -12.44 -33.68 57.18
N GLY GA 566 -13.11 -33.97 56.08
CA GLY GA 566 -12.50 -34.06 54.78
C GLY GA 566 -11.82 -35.38 54.52
N LYS GA 567 -11.81 -36.30 55.48
CA LYS GA 567 -11.13 -37.57 55.30
C LYS GA 567 -12.02 -38.79 55.44
N GLY GA 568 -12.99 -38.75 56.33
CA GLY GA 568 -13.82 -39.91 56.58
C GLY GA 568 -13.32 -40.69 57.78
N THR GA 569 -13.62 -41.98 57.82
CA THR GA 569 -13.34 -42.78 59.01
C THR GA 569 -11.96 -43.42 58.97
N LEU GA 570 -11.14 -43.12 60.00
CA LEU GA 570 -9.78 -43.62 60.18
C LEU GA 570 -9.57 -44.42 61.46
N VAL GA 571 -8.59 -45.31 61.44
CA VAL GA 571 -8.15 -46.04 62.63
C VAL GA 571 -7.14 -45.19 63.40
N TRP GA 572 -7.44 -44.87 64.65
CA TRP GA 572 -6.58 -43.98 65.43
C TRP GA 572 -5.95 -44.70 66.65
N GLY GA 573 -4.68 -45.03 66.55
CA GLY GA 573 -3.98 -45.79 67.59
C GLY GA 573 -3.74 -47.25 67.19
N ALA GA 574 -2.63 -47.81 67.68
CA ALA GA 574 -2.27 -49.19 67.35
C ALA GA 574 -1.54 -49.91 68.48
N ARG GA 575 -2.14 -49.94 69.65
CA ARG GA 575 -1.52 -50.59 70.79
C ARG GA 575 -2.18 -51.92 71.13
N THR GA 576 -1.44 -52.74 71.87
CA THR GA 576 -1.83 -54.06 72.36
C THR GA 576 -2.52 -53.96 73.72
N LEU GA 577 -3.04 -55.09 74.21
CA LEU GA 577 -3.68 -55.14 75.53
C LEU GA 577 -2.68 -55.13 76.69
N ALA GA 578 -1.42 -54.93 76.41
CA ALA GA 578 -0.35 -54.76 77.38
C ALA GA 578 0.34 -53.46 77.04
N GLY GA 579 -0.47 -52.39 76.94
CA GLY GA 579 -0.10 -51.10 76.40
C GLY GA 579 0.88 -50.28 77.22
N ASN GA 580 1.15 -50.68 78.44
CA ASN GA 580 2.10 -49.95 79.24
C ASN GA 580 3.42 -50.69 79.29
N ASP GA 581 3.50 -51.83 78.62
CA ASP GA 581 4.71 -52.62 78.66
C ASP GA 581 5.83 -51.94 77.89
N ASN GA 582 7.04 -52.07 78.41
CA ASN GA 582 8.19 -51.47 77.77
C ASN GA 582 8.61 -52.16 76.47
N GLU GA 583 8.29 -53.44 76.28
CA GLU GA 583 8.71 -54.12 75.06
C GLU GA 583 7.57 -54.41 74.11
N TRP GA 584 6.40 -54.81 74.64
CA TRP GA 584 5.29 -55.30 73.83
C TRP GA 584 4.03 -54.41 73.71
N ARG GA 585 4.16 -53.09 73.86
CA ARG GA 585 2.98 -52.23 73.75
C ARG GA 585 2.49 -51.99 72.33
N TYR GA 586 3.34 -52.14 71.31
CA TYR GA 586 2.89 -51.87 69.95
C TYR GA 586 2.55 -53.15 69.21
N ILE GA 587 1.50 -53.06 68.38
CA ILE GA 587 1.07 -54.21 67.59
C ILE GA 587 2.14 -54.63 66.62
N SER GA 588 2.72 -53.67 65.90
CA SER GA 588 3.72 -53.97 64.88
C SER GA 588 4.97 -54.61 65.44
N VAL GA 589 5.33 -54.31 66.67
CA VAL GA 589 6.50 -54.94 67.24
C VAL GA 589 6.22 -56.41 67.50
N ARG GA 590 5.08 -56.71 68.11
CA ARG GA 590 4.72 -58.09 68.39
C ARG GA 590 4.52 -58.93 67.12
N ARG GA 591 3.91 -58.36 66.10
CA ARG GA 591 3.72 -59.11 64.88
C ARG GA 591 5.03 -59.35 64.15
N PHE GA 592 5.96 -58.38 64.15
CA PHE GA 592 7.26 -58.58 63.53
C PHE GA 592 7.97 -59.77 64.15
N PHE GA 593 8.02 -59.84 65.47
CA PHE GA 593 8.67 -60.96 66.11
C PHE GA 593 8.03 -62.29 65.74
N ASN GA 594 6.70 -62.37 65.72
CA ASN GA 594 6.11 -63.66 65.37
C ASN GA 594 6.58 -64.13 64.00
N MET GA 595 6.63 -63.20 63.05
CA MET GA 595 7.07 -63.50 61.70
C MET GA 595 8.53 -63.94 61.67
N ALA GA 596 9.40 -63.15 62.27
CA ALA GA 596 10.83 -63.44 62.21
C ALA GA 596 11.15 -64.77 62.86
N GLU GA 597 10.49 -65.09 63.98
CA GLU GA 597 10.78 -66.33 64.66
C GLU GA 597 10.35 -67.53 63.84
N GLU GA 598 9.18 -67.46 63.19
CA GLU GA 598 8.73 -68.58 62.36
C GLU GA 598 9.69 -68.85 61.22
N SER GA 599 10.17 -67.79 60.55
CA SER GA 599 11.07 -67.98 59.43
C SER GA 599 12.39 -68.61 59.85
N ILE GA 600 12.95 -68.17 60.97
CA ILE GA 600 14.19 -68.77 61.41
C ILE GA 600 13.97 -70.22 61.79
N LYS GA 601 12.90 -70.50 62.52
CA LYS GA 601 12.60 -71.88 62.93
C LYS GA 601 12.58 -72.82 61.73
N LYS GA 602 11.95 -72.42 60.64
CA LYS GA 602 11.92 -73.28 59.47
C LYS GA 602 13.31 -73.46 58.86
N ALA GA 603 14.10 -72.39 58.79
CA ALA GA 603 15.44 -72.45 58.24
C ALA GA 603 16.35 -73.44 58.99
N THR GA 604 16.15 -73.59 60.30
CA THR GA 604 17.02 -74.46 61.08
C THR GA 604 16.59 -75.94 61.06
N GLU GA 605 15.49 -76.30 60.40
CA GLU GA 605 15.06 -77.70 60.41
C GLU GA 605 16.07 -78.63 59.74
N GLN GA 606 16.79 -78.11 58.75
CA GLN GA 606 17.76 -78.89 58.00
C GLN GA 606 18.94 -79.38 58.84
N PHE GA 607 19.13 -78.86 60.05
CA PHE GA 607 20.24 -79.28 60.89
C PHE GA 607 19.84 -80.21 62.03
N VAL GA 608 18.58 -80.64 62.09
CA VAL GA 608 18.10 -81.38 63.27
C VAL GA 608 18.86 -82.67 63.57
N PHE GA 609 19.21 -83.45 62.56
CA PHE GA 609 19.89 -84.71 62.86
C PHE GA 609 21.38 -84.66 62.55
N GLU GA 610 21.96 -83.46 62.48
CA GLU GA 610 23.39 -83.32 62.22
C GLU GA 610 24.17 -83.55 63.51
N PRO GA 611 25.47 -83.92 63.42
CA PRO GA 611 26.36 -84.03 64.58
C PRO GA 611 26.41 -82.73 65.35
N ASN GA 612 26.53 -82.82 66.67
CA ASN GA 612 26.55 -81.64 67.53
C ASN GA 612 28.00 -81.31 67.85
N ASP GA 613 28.60 -80.49 66.98
CA ASP GA 613 30.01 -80.10 67.06
C ASP GA 613 30.22 -78.78 66.31
N GLY GA 614 31.46 -78.30 66.31
CA GLY GA 614 31.84 -77.03 65.72
C GLY GA 614 31.50 -76.87 64.25
N ASN GA 615 31.52 -77.96 63.48
CA ASN GA 615 31.24 -77.88 62.06
C ASN GA 615 29.77 -77.66 61.75
N THR GA 616 28.91 -77.79 62.75
CA THR GA 616 27.49 -77.55 62.60
C THR GA 616 27.18 -76.20 63.19
N TRP GA 617 27.77 -75.92 64.34
CA TRP GA 617 27.48 -74.67 65.03
C TRP GA 617 27.75 -73.47 64.14
N VAL GA 618 28.84 -73.52 63.40
CA VAL GA 618 29.23 -72.47 62.47
C VAL GA 618 28.26 -72.31 61.29
N ARG GA 619 27.71 -73.40 60.78
CA ARG GA 619 26.76 -73.36 59.69
C ARG GA 619 25.43 -72.76 60.13
N VAL GA 620 24.98 -73.08 61.34
CA VAL GA 620 23.75 -72.54 61.88
C VAL GA 620 23.87 -71.04 62.04
N ARG GA 621 25.00 -70.58 62.58
CA ARG GA 621 25.21 -69.15 62.72
C ARG GA 621 25.19 -68.42 61.39
N ALA GA 622 25.90 -68.92 60.39
CA ALA GA 622 25.96 -68.20 59.13
C ALA GA 622 24.59 -68.00 58.52
N MET GA 623 23.77 -69.04 58.59
CA MET GA 623 22.44 -68.98 58.04
C MET GA 623 21.54 -67.97 58.74
N ILE GA 624 21.56 -67.96 60.06
CA ILE GA 624 20.71 -67.03 60.81
C ILE GA 624 21.12 -65.61 60.51
N GLU GA 625 22.42 -65.35 60.48
CA GLU GA 625 22.91 -64.00 60.19
C GLU GA 625 22.48 -63.53 58.81
N ASN GA 626 22.47 -64.42 57.81
CA ASN GA 626 22.03 -64.02 56.48
C ASN GA 626 20.55 -63.60 56.48
N PHE GA 627 19.71 -64.32 57.22
CA PHE GA 627 18.31 -63.93 57.30
C PHE GA 627 18.18 -62.53 57.89
N LEU GA 628 18.86 -62.30 59.01
CA LEU GA 628 18.76 -61.06 59.71
C LEU GA 628 19.35 -59.87 58.96
N ILE GA 629 20.43 -60.08 58.19
CA ILE GA 629 21.00 -58.94 57.48
C ILE GA 629 20.01 -58.44 56.43
N LEU GA 630 19.22 -59.34 55.82
CA LEU GA 630 18.23 -58.91 54.86
C LEU GA 630 17.13 -58.09 55.52
N GLN GA 631 16.71 -58.50 56.72
CA GLN GA 631 15.68 -57.76 57.44
C GLN GA 631 16.16 -56.37 57.83
N TRP GA 632 17.44 -56.28 58.16
CA TRP GA 632 18.04 -54.99 58.48
C TRP GA 632 18.03 -54.06 57.27
N ARG GA 633 18.45 -54.55 56.10
CA ARG GA 633 18.46 -53.71 54.91
C ARG GA 633 17.06 -53.26 54.52
N ALA GA 634 16.07 -54.12 54.77
CA ALA GA 634 14.66 -53.85 54.49
C ALA GA 634 14.05 -52.78 55.38
N GLY GA 635 14.71 -52.40 56.48
CA GLY GA 635 14.16 -51.41 57.38
C GLY GA 635 13.40 -51.93 58.60
N ALA GA 636 13.51 -53.23 58.92
CA ALA GA 636 12.79 -53.72 60.09
C ALA GA 636 13.59 -53.52 61.37
N LEU GA 637 14.90 -53.67 61.28
CA LEU GA 637 15.78 -53.61 62.43
C LEU GA 637 16.48 -52.27 62.50
N ALA GA 638 16.73 -51.85 63.71
CA ALA GA 638 17.41 -50.59 64.03
C ALA GA 638 18.93 -50.78 64.04
N GLY GA 639 19.69 -49.70 63.91
CA GLY GA 639 21.17 -49.75 64.00
C GLY GA 639 21.91 -49.30 62.75
N ALA GA 640 22.95 -48.48 62.94
CA ALA GA 640 23.78 -47.93 61.87
C ALA GA 640 24.53 -48.98 61.04
N LYS GA 641 24.97 -50.03 61.70
CA LYS GA 641 25.67 -51.14 61.08
C LYS GA 641 25.24 -52.38 61.85
N PRO GA 642 25.39 -53.60 61.27
CA PRO GA 642 24.93 -54.88 61.86
C PRO GA 642 25.33 -55.09 63.32
N GLU GA 643 26.50 -54.59 63.71
CA GLU GA 643 26.94 -54.71 65.10
C GLU GA 643 26.02 -54.08 66.12
N HIS GA 644 25.14 -53.20 65.67
CA HIS GA 644 24.20 -52.52 66.54
C HIS GA 644 22.77 -52.97 66.31
N ALA GA 645 22.56 -53.89 65.39
CA ALA GA 645 21.23 -54.33 65.03
C ALA GA 645 20.92 -55.71 65.59
N PHE GA 646 21.89 -56.61 65.52
CA PHE GA 646 21.62 -57.97 65.97
C PHE GA 646 22.87 -58.76 66.30
N TYR GA 647 22.67 -59.86 67.02
CA TYR GA 647 23.77 -60.79 67.23
C TYR GA 647 23.24 -62.21 67.36
N VAL GA 648 24.14 -63.18 67.11
CA VAL GA 648 23.86 -64.60 67.28
C VAL GA 648 25.05 -65.25 68.00
N LYS GA 649 24.79 -66.01 69.08
CA LYS GA 649 25.87 -66.69 69.82
C LYS GA 649 25.62 -68.18 69.94
N VAL GA 650 26.61 -68.99 69.54
CA VAL GA 650 26.50 -70.44 69.64
C VAL GA 650 27.83 -71.03 70.08
N GLY GA 651 27.86 -71.89 71.09
CA GLY GA 651 29.13 -72.54 71.37
C GLY GA 651 29.25 -73.14 72.75
N LEU GA 652 30.20 -74.05 72.89
CA LEU GA 652 30.39 -74.66 74.18
C LEU GA 652 31.22 -73.69 74.97
N GLY GA 653 30.78 -73.42 76.18
CA GLY GA 653 31.39 -72.43 77.01
C GLY GA 653 30.74 -71.07 76.84
N GLN GA 654 29.86 -70.93 75.84
CA GLN GA 654 29.16 -69.69 75.61
C GLN GA 654 27.70 -69.87 75.92
N THR GA 655 27.08 -70.86 75.26
CA THR GA 655 25.67 -71.14 75.42
C THR GA 655 25.41 -72.58 75.88
N MET GA 656 26.39 -73.46 75.70
CA MET GA 656 26.26 -74.89 76.01
C MET GA 656 27.29 -75.42 77.00
N THR GA 657 26.93 -76.51 77.68
CA THR GA 657 27.93 -77.18 78.51
C THR GA 657 28.08 -78.65 78.13
N ALA GA 658 28.98 -79.34 78.83
CA ALA GA 658 29.27 -80.74 78.52
C ALA GA 658 28.03 -81.62 78.61
N GLN GA 659 27.18 -81.31 79.58
CA GLN GA 659 25.96 -82.06 79.79
C GLN GA 659 24.99 -81.90 78.63
N ASP GA 660 25.00 -80.77 77.93
CA ASP GA 660 24.06 -80.58 76.84
C ASP GA 660 24.53 -81.39 75.67
N ILE GA 661 25.84 -81.52 75.53
CA ILE GA 661 26.32 -82.32 74.43
C ILE GA 661 25.89 -83.75 74.66
N LEU GA 662 25.98 -84.21 75.91
CA LEU GA 662 25.59 -85.57 76.26
C LEU GA 662 24.08 -85.80 76.09
N GLU GA 663 23.26 -84.81 76.46
CA GLU GA 663 21.80 -84.91 76.30
C GLU GA 663 21.37 -84.83 74.84
N GLY GA 664 22.10 -84.05 74.05
CA GLY GA 664 21.77 -83.83 72.65
C GLY GA 664 21.11 -82.48 72.41
N ASN GA 665 21.39 -81.51 73.28
CA ASN GA 665 20.80 -80.19 73.14
C ASN GA 665 21.75 -79.24 72.41
N MET GA 666 21.17 -78.23 71.77
CA MET GA 666 21.97 -77.17 71.16
C MET GA 666 21.31 -75.84 71.46
N ASN GA 667 22.08 -74.93 72.07
CA ASN GA 667 21.56 -73.64 72.52
C ASN GA 667 22.01 -72.47 71.67
N VAL GA 668 21.07 -71.77 71.06
CA VAL GA 668 21.39 -70.64 70.20
C VAL GA 668 20.77 -69.37 70.78
N GLU GA 669 21.58 -68.34 71.02
CA GLU GA 669 21.08 -67.09 71.58
C GLU GA 669 21.06 -65.98 70.54
N ILE GA 670 19.92 -65.29 70.41
CA ILE GA 670 19.73 -64.24 69.41
C ILE GA 670 19.19 -62.96 70.04
N GLY GA 671 19.74 -61.81 69.67
CA GLY GA 671 19.22 -60.53 70.14
C GLY GA 671 18.87 -59.67 68.95
N LEU GA 672 17.87 -58.78 69.10
CA LEU GA 672 17.41 -57.90 68.01
C LEU GA 672 17.00 -56.49 68.44
N ALA GA 673 17.48 -55.46 67.74
CA ALA GA 673 17.03 -54.09 67.97
C ALA GA 673 15.96 -53.74 66.95
N VAL GA 674 14.79 -53.28 67.38
CA VAL GA 674 13.73 -53.07 66.39
C VAL GA 674 13.27 -51.62 66.35
N VAL GA 675 12.68 -51.27 65.22
CA VAL GA 675 12.14 -49.94 64.96
C VAL GA 675 10.76 -49.74 65.59
N ARG GA 676 10.56 -48.61 66.26
CA ARG GA 676 9.29 -48.27 66.90
C ARG GA 676 8.74 -46.98 66.25
N PRO GA 677 7.40 -46.81 66.19
CA PRO GA 677 6.71 -45.66 65.56
C PRO GA 677 6.70 -44.36 66.36
N ALA GA 678 6.51 -43.25 65.64
CA ALA GA 678 6.27 -41.99 66.31
C ALA GA 678 4.78 -41.77 66.53
N GLU GA 679 4.40 -41.37 67.75
CA GLU GA 679 3.00 -41.10 68.04
C GLU GA 679 2.71 -39.62 68.30
N PHE GA 680 3.70 -38.85 68.69
CA PHE GA 680 3.46 -37.47 69.07
C PHE GA 680 4.40 -36.53 68.35
N ILE GA 681 3.91 -35.34 68.05
CA ILE GA 681 4.72 -34.30 67.43
C ILE GA 681 4.69 -33.06 68.28
N ILE GA 682 5.85 -32.57 68.67
CA ILE GA 682 5.93 -31.38 69.50
C ILE GA 682 6.63 -30.26 68.76
N LEU GA 683 5.98 -29.11 68.66
CA LEU GA 683 6.55 -27.96 67.99
C LEU GA 683 6.96 -26.88 68.96
N LYS GA 684 7.97 -26.12 68.56
CA LYS GA 684 8.47 -24.97 69.31
C LYS GA 684 8.84 -23.86 68.33
N PHE GA 685 8.59 -22.61 68.70
CA PHE GA 685 8.95 -21.48 67.87
C PHE GA 685 9.80 -20.47 68.61
N SER GA 686 10.77 -19.84 67.94
CA SER GA 686 11.54 -18.77 68.54
C SER GA 686 11.91 -17.79 67.43
N HIS GA 687 12.21 -16.56 67.81
CA HIS GA 687 12.46 -15.51 66.87
C HIS GA 687 13.65 -14.62 67.19
N LYS GA 688 14.12 -13.91 66.17
CA LYS GA 688 15.12 -12.86 66.28
C LYS GA 688 14.67 -11.68 65.43
N MET GA 689 15.14 -10.48 65.78
CA MET GA 689 14.84 -9.30 64.97
C MET GA 689 15.88 -9.17 63.87
N GLN GA 690 15.45 -8.70 62.72
CA GLN GA 690 16.39 -8.51 61.63
C GLN GA 690 17.49 -7.55 62.03
N THR HA 3 4.10 -35.86 79.32
CA THR HA 3 3.20 -36.97 79.09
C THR HA 3 2.04 -36.66 78.21
N TYR HA 4 1.91 -37.42 77.13
CA TYR HA 4 0.82 -37.25 76.22
C TYR HA 4 0.10 -38.58 76.18
N LYS HA 5 -1.21 -38.53 75.96
CA LYS HA 5 -1.97 -39.77 75.90
C LYS HA 5 -2.63 -40.03 74.55
N THR HA 6 -2.96 -38.98 73.83
CA THR HA 6 -3.65 -39.10 72.56
C THR HA 6 -2.71 -38.70 71.41
N PRO HA 7 -2.56 -39.53 70.38
CA PRO HA 7 -1.73 -39.20 69.22
C PRO HA 7 -2.16 -37.88 68.62
N GLY HA 8 -1.21 -37.03 68.27
CA GLY HA 8 -1.57 -35.75 67.73
C GLY HA 8 -0.39 -34.81 67.65
N VAL HA 9 -0.68 -33.58 67.24
CA VAL HA 9 0.33 -32.55 67.11
C VAL HA 9 0.14 -31.55 68.24
N TYR HA 10 1.19 -31.34 69.00
CA TYR HA 10 1.11 -30.44 70.14
C TYR HA 10 2.07 -29.29 69.97
N ILE HA 11 1.69 -28.15 70.52
CA ILE HA 11 2.52 -26.95 70.50
C ILE HA 11 2.86 -26.60 71.92
N GLU HA 12 4.15 -26.46 72.21
CA GLU HA 12 4.57 -26.17 73.57
C GLU HA 12 5.49 -24.97 73.62
N GLU HA 13 5.33 -24.15 74.66
CA GLU HA 13 6.18 -22.98 74.89
C GLU HA 13 7.54 -23.37 75.45
N ILE HA 14 7.56 -24.32 76.37
CA ILE HA 14 8.79 -24.71 77.04
C ILE HA 14 9.08 -26.17 76.86
N THR HA 15 10.23 -26.46 76.26
CA THR HA 15 10.62 -27.83 76.02
C THR HA 15 12.07 -28.02 76.44
N LYS HA 16 12.46 -29.28 76.59
CA LYS HA 16 13.84 -29.66 76.87
C LYS HA 16 14.46 -30.17 75.59
N PHE HA 17 15.72 -29.86 75.39
CA PHE HA 17 16.40 -30.30 74.19
C PHE HA 17 17.41 -31.36 74.53
N PRO HA 18 17.69 -32.29 73.60
CA PRO HA 18 18.70 -33.38 73.66
C PRO HA 18 20.11 -33.04 73.14
N PRO HA 19 20.96 -32.30 73.86
CA PRO HA 19 22.33 -32.04 73.41
C PRO HA 19 23.05 -33.37 73.53
N SER HA 20 24.10 -33.59 72.75
CA SER HA 20 24.80 -34.87 72.88
C SER HA 20 26.24 -34.97 72.43
N VAL HA 21 26.65 -34.20 71.44
CA VAL HA 21 28.00 -34.35 70.89
C VAL HA 21 28.91 -33.18 71.21
N ALA HA 22 29.98 -33.49 71.93
CA ALA HA 22 30.99 -32.51 72.25
C ALA HA 22 32.07 -32.57 71.18
N GLN HA 23 32.79 -31.47 71.01
CA GLN HA 23 33.87 -31.43 70.05
C GLN HA 23 34.92 -30.49 70.62
N VAL HA 24 36.14 -30.57 70.12
CA VAL HA 24 37.17 -29.69 70.61
C VAL HA 24 37.05 -28.30 70.01
N GLU HA 25 37.03 -27.30 70.89
CA GLU HA 25 36.96 -25.91 70.53
C GLU HA 25 37.95 -25.16 71.38
N THR HA 26 38.35 -23.98 70.91
CA THR HA 26 39.34 -23.17 71.63
C THR HA 26 38.78 -21.99 72.41
N ALA HA 27 37.56 -21.55 72.15
CA ALA HA 27 36.96 -20.41 72.85
C ALA HA 27 35.91 -20.85 73.86
N ILE HA 28 36.28 -21.45 74.99
CA ILE HA 28 35.28 -21.92 75.93
C ILE HA 28 35.39 -21.20 77.25
N PRO HA 29 34.51 -20.25 77.54
CA PRO HA 29 34.56 -19.51 78.78
C PRO HA 29 33.91 -20.24 79.91
N ALA HA 30 34.35 -19.89 81.11
CA ALA HA 30 33.62 -20.21 82.30
C ALA HA 30 33.12 -18.91 82.90
N PHE HA 31 31.89 -18.92 83.38
CA PHE HA 31 31.27 -17.76 84.00
C PHE HA 31 30.96 -18.04 85.46
N ILE HA 32 31.60 -17.31 86.36
CA ILE HA 32 31.41 -17.52 87.80
C ILE HA 32 30.61 -16.38 88.44
N GLY HA 33 29.43 -16.69 89.02
CA GLY HA 33 28.58 -15.63 89.61
C GLY HA 33 27.26 -16.11 90.24
N TYR HA 34 26.29 -15.21 90.44
CA TYR HA 34 25.04 -15.61 91.12
C TYR HA 34 23.87 -15.87 90.18
N THR HA 35 22.98 -16.80 90.55
CA THR HA 35 21.79 -17.11 89.75
C THR HA 35 20.48 -17.13 90.57
N GLN HA 36 19.33 -17.19 89.89
CA GLN HA 36 18.05 -17.23 90.58
C GLN HA 36 17.89 -18.49 91.41
N PHE HA 37 18.28 -19.63 90.85
CA PHE HA 37 18.20 -20.94 91.46
C PHE HA 37 19.30 -21.82 90.87
N ALA HA 38 19.39 -23.06 91.35
CA ALA HA 38 20.45 -23.93 90.87
C ALA HA 38 20.04 -25.39 91.01
N ARG HA 39 19.10 -25.86 90.19
CA ARG HA 39 18.60 -27.20 90.44
C ARG HA 39 18.66 -28.16 89.25
N THR HA 40 19.13 -29.37 89.55
CA THR HA 40 19.27 -30.45 88.57
C THR HA 40 17.94 -30.81 87.97
N LYS HA 41 16.93 -30.93 88.82
CA LYS HA 41 15.62 -31.30 88.35
C LYS HA 41 14.73 -30.05 88.24
N PRO HA 42 14.23 -29.75 87.04
CA PRO HA 42 13.38 -28.58 86.77
C PRO HA 42 12.23 -28.40 87.75
N SER HA 43 11.68 -29.47 88.32
CA SER HA 43 10.56 -29.31 89.23
C SER HA 43 10.75 -29.85 90.65
N VAL HA 44 11.86 -29.49 91.29
CA VAL HA 44 12.05 -29.81 92.71
C VAL HA 44 12.37 -28.51 93.44
N ASP HA 45 12.26 -28.51 94.76
CA ASP HA 45 12.56 -27.26 95.49
C ASP HA 45 14.05 -27.09 95.79
N SER HA 46 14.81 -28.18 95.87
CA SER HA 46 16.23 -28.12 96.23
C SER HA 46 17.15 -27.53 95.15
N ASP HA 47 18.15 -26.78 95.63
CA ASP HA 47 19.26 -26.27 94.82
C ASP HA 47 20.47 -27.19 95.03
N ASP HA 48 20.97 -27.78 93.96
CA ASP HA 48 22.07 -28.72 94.06
C ASP HA 48 23.15 -28.58 92.98
N LEU HA 49 23.07 -27.56 92.14
CA LEU HA 49 24.04 -27.31 91.09
C LEU HA 49 24.98 -26.18 91.42
N ILE HA 50 24.93 -25.63 92.62
CA ILE HA 50 25.66 -24.37 92.83
C ILE HA 50 27.15 -24.50 92.55
N LEU HA 51 27.83 -25.44 93.18
CA LEU HA 51 29.27 -25.55 92.92
C LEU HA 51 29.59 -26.73 92.04
N LYS HA 52 28.68 -27.05 91.13
CA LYS HA 52 28.89 -28.15 90.19
C LYS HA 52 28.93 -27.59 88.77
N PRO HA 53 30.10 -27.33 88.18
CA PRO HA 53 30.20 -26.71 86.86
C PRO HA 53 29.36 -27.48 85.85
N LYS HA 54 28.58 -26.76 85.07
CA LYS HA 54 27.71 -27.41 84.10
C LYS HA 54 27.87 -26.83 82.71
N ARG HA 55 27.75 -27.69 81.71
CA ARG HA 55 27.81 -27.30 80.32
C ARG HA 55 26.45 -26.88 79.78
N ILE HA 56 26.41 -25.67 79.21
CA ILE HA 56 25.24 -25.00 78.65
C ILE HA 56 25.43 -24.72 77.15
N SER HA 57 24.45 -25.05 76.31
CA SER HA 57 24.58 -24.81 74.87
C SER HA 57 23.91 -23.51 74.44
N SER HA 58 22.87 -23.09 75.16
CA SER HA 58 22.15 -21.86 74.80
C SER HA 58 21.45 -21.30 76.03
N LEU HA 59 20.75 -20.16 75.86
CA LEU HA 59 19.95 -19.53 76.92
C LEU HA 59 18.81 -20.44 77.29
N LEU HA 60 18.40 -21.27 76.33
CA LEU HA 60 17.35 -22.24 76.55
C LEU HA 60 17.72 -23.26 77.60
N ASP HA 61 19.01 -23.51 77.81
CA ASP HA 61 19.37 -24.46 78.85
C ASP HA 61 19.55 -23.70 80.13
N PHE HA 62 20.14 -22.51 80.05
CA PHE HA 62 20.41 -21.74 81.26
C PHE HA 62 19.13 -21.47 82.04
N THR HA 63 18.10 -21.05 81.32
CA THR HA 63 16.80 -20.72 81.85
C THR HA 63 16.10 -21.88 82.59
N THR HA 64 16.49 -23.13 82.36
CA THR HA 64 15.81 -24.24 83.02
C THR HA 64 16.56 -24.75 84.23
N TYR HA 65 17.77 -24.27 84.50
CA TYR HA 65 18.53 -24.77 85.64
C TYR HA 65 18.89 -23.66 86.59
N TYR HA 66 19.09 -22.47 86.04
CA TYR HA 66 19.51 -21.32 86.79
C TYR HA 66 18.45 -20.23 86.81
N GLY HA 67 17.72 -20.06 85.72
CA GLY HA 67 16.65 -19.07 85.66
C GLY HA 67 16.99 -17.76 84.95
N GLY HA 68 16.20 -16.71 85.26
CA GLY HA 68 16.28 -15.41 84.60
C GLY HA 68 16.92 -14.30 85.45
N ALA HA 69 16.50 -13.06 85.23
CA ALA HA 69 17.02 -11.89 85.95
C ALA HA 69 16.16 -11.55 87.16
N GLN HA 70 16.70 -10.73 88.07
CA GLN HA 70 15.98 -10.23 89.23
C GLN HA 70 15.16 -8.98 88.87
N ASN HA 71 13.95 -8.85 89.41
CA ASN HA 71 13.14 -7.64 89.18
C ASN HA 71 13.73 -6.42 89.88
N GLU HA 72 13.86 -5.32 89.15
CA GLU HA 72 14.38 -4.09 89.73
C GLU HA 72 13.41 -3.51 90.74
N GLN HA 73 13.94 -2.96 91.84
CA GLN HA 73 13.14 -2.35 92.88
C GLN HA 73 13.21 -0.82 92.89
N GLY HA 74 14.00 -0.25 91.99
CA GLY HA 74 14.26 1.19 91.94
C GLY HA 74 13.44 2.03 90.97
N ILE HA 75 12.39 1.49 90.36
CA ILE HA 75 11.62 2.26 89.38
C ILE HA 75 10.60 3.15 90.07
N THR HA 76 10.66 4.43 89.76
CA THR HA 76 9.79 5.47 90.27
C THR HA 76 8.95 6.05 89.16
N VAL HA 77 7.68 6.29 89.44
CA VAL HA 77 6.79 6.93 88.48
C VAL HA 77 6.10 8.13 89.12
N LYS HA 78 6.18 9.28 88.47
CA LYS HA 78 5.56 10.50 88.99
C LYS HA 78 4.64 11.18 87.98
N LEU HA 79 3.43 11.51 88.43
CA LEU HA 79 2.46 12.21 87.60
C LEU HA 79 2.12 13.58 88.19
N THR HA 80 1.96 14.60 87.34
CA THR HA 80 1.52 15.92 87.81
C THR HA 80 0.35 16.52 87.00
N ASP HA 81 -0.72 16.92 87.71
CA ASP HA 81 -1.90 17.55 87.09
C ASP HA 81 -1.89 19.10 87.18
N THR HA 82 -1.99 19.79 86.05
CA THR HA 82 -2.10 21.27 86.03
C THR HA 82 -3.19 21.82 85.11
N LEU HA 83 -3.61 23.05 85.34
CA LEU HA 83 -4.70 23.62 84.55
C LEU HA 83 -4.15 24.60 83.50
N ILE HA 84 -4.58 24.42 82.25
CA ILE HA 84 -4.26 25.33 81.16
C ILE HA 84 -5.54 25.96 80.69
N GLU HA 85 -5.65 27.30 80.84
CA GLU HA 85 -6.82 28.10 80.44
C GLU HA 85 -8.17 27.52 80.90
N GLY HA 86 -8.11 26.65 81.90
CA GLY HA 86 -9.23 25.85 82.46
C GLY HA 86 -9.14 24.35 82.18
N ALA HA 87 -8.31 23.93 81.22
CA ALA HA 87 -8.28 22.53 80.83
C ALA HA 87 -7.22 21.78 81.63
N GLU HA 88 -7.46 20.52 81.93
CA GLU HA 88 -6.40 19.79 82.61
C GLU HA 88 -5.32 19.30 81.66
N ASN HA 89 -4.10 19.27 82.16
CA ASN HA 89 -2.92 18.81 81.42
C ASN HA 89 -2.01 17.96 82.31
N ARG HA 90 -1.81 16.70 81.96
CA ARG HA 90 -1.01 15.80 82.80
C ARG HA 90 0.40 15.54 82.25
N THR HA 91 1.39 15.67 83.13
CA THR HA 91 2.79 15.38 82.81
C THR HA 91 3.24 14.06 83.44
N ILE HA 92 3.87 13.21 82.62
CA ILE HA 92 4.36 11.91 83.06
C ILE HA 92 5.89 11.91 83.11
N ASN HA 93 6.46 11.57 84.27
CA ASN HA 93 7.90 11.56 84.48
C ASN HA 93 8.42 10.23 85.07
N VAL HA 94 9.21 9.50 84.30
CA VAL HA 94 9.82 8.26 84.77
C VAL HA 94 11.34 8.36 84.62
N PRO HA 95 12.08 8.70 85.69
CA PRO HA 95 13.53 8.92 85.69
C PRO HA 95 14.30 7.61 85.67
N GLU HA 96 15.58 7.68 85.29
CA GLU HA 96 16.45 6.52 85.37
C GLU HA 96 16.67 6.11 86.83
N PRO HA 97 16.55 4.81 87.17
CA PRO HA 97 16.81 4.32 88.53
C PRO HA 97 18.22 4.60 88.97
N THR HA 98 18.40 4.88 90.25
CA THR HA 98 19.72 5.08 90.83
C THR HA 98 20.17 3.88 91.62
N PHE HA 99 19.23 3.05 92.02
CA PHE HA 99 19.51 1.84 92.76
C PHE HA 99 19.12 0.68 91.88
N LYS HA 100 20.10 -0.12 91.50
CA LYS HA 100 19.88 -1.22 90.57
C LYS HA 100 20.37 -2.52 91.19
N SER HA 101 19.78 -3.65 90.79
CA SER HA 101 20.26 -4.94 91.26
C SER HA 101 21.70 -5.17 90.83
N PRO HA 102 22.54 -5.76 91.70
CA PRO HA 102 23.93 -6.06 91.40
C PRO HA 102 24.15 -7.35 90.62
N TYR HA 103 23.11 -8.07 90.24
CA TYR HA 103 23.32 -9.38 89.62
C TYR HA 103 23.18 -9.34 88.10
N LEU HA 104 24.31 -9.48 87.39
CA LEU HA 104 24.39 -9.33 85.94
C LEU HA 104 24.61 -10.58 85.06
N MET HA 105 24.69 -11.80 85.62
CA MET HA 105 25.02 -12.94 84.75
C MET HA 105 24.02 -13.17 83.62
N PHE HA 106 22.74 -13.00 83.88
CA PHE HA 106 21.76 -13.25 82.84
C PHE HA 106 21.97 -12.33 81.64
N TYR HA 107 22.12 -11.03 81.91
CA TYR HA 107 22.32 -10.06 80.84
C TYR HA 107 23.62 -10.34 80.08
N SER HA 108 24.67 -10.72 80.82
CA SER HA 108 25.95 -11.01 80.19
C SER HA 108 25.85 -12.19 79.24
N LEU HA 109 25.11 -13.24 79.62
CA LEU HA 109 24.94 -14.37 78.71
C LEU HA 109 24.17 -13.97 77.47
N GLN HA 110 23.16 -13.12 77.60
CA GLN HA 110 22.44 -12.72 76.39
C GLN HA 110 23.40 -12.05 75.40
N MET HA 111 24.31 -11.22 75.90
CA MET HA 111 25.29 -10.56 75.03
C MET HA 111 26.26 -11.56 74.42
N TYR HA 112 26.71 -12.53 75.22
CA TYR HA 112 27.64 -13.55 74.77
C TYR HA 112 27.10 -14.34 73.59
N PHE HA 113 25.86 -14.80 73.70
CA PHE HA 113 25.27 -15.57 72.62
C PHE HA 113 24.97 -14.67 71.42
N ALA HA 114 24.51 -13.43 71.65
CA ALA HA 114 24.21 -12.49 70.57
C ALA HA 114 25.42 -12.20 69.71
N ASN HA 115 26.60 -12.22 70.31
CA ASN HA 115 27.84 -11.96 69.63
C ASN HA 115 28.56 -13.17 69.11
N GLY HA 116 27.90 -14.34 69.06
CA GLY HA 116 28.50 -15.51 68.45
C GLY HA 116 29.11 -16.56 69.36
N GLY HA 117 28.87 -16.49 70.66
CA GLY HA 117 29.43 -17.49 71.56
C GLY HA 117 28.83 -18.87 71.37
N GLY HA 118 29.60 -19.90 71.73
CA GLY HA 118 29.17 -21.29 71.66
C GLY HA 118 28.92 -21.84 73.06
N PRO HA 119 29.07 -23.16 73.26
CA PRO HA 119 28.88 -23.84 74.54
C PRO HA 119 29.80 -23.28 75.60
N CYS HA 120 29.33 -23.26 76.84
CA CYS HA 120 30.12 -22.67 77.93
C CYS HA 120 29.85 -23.31 79.28
N TYR HA 121 30.69 -22.97 80.27
CA TYR HA 121 30.48 -23.48 81.63
C TYR HA 121 29.92 -22.46 82.61
N ILE HA 122 28.96 -22.91 83.40
CA ILE HA 122 28.34 -22.09 84.43
C ILE HA 122 28.66 -22.64 85.81
N VAL HA 123 29.15 -21.76 86.67
CA VAL HA 123 29.39 -22.09 88.07
C VAL HA 123 28.66 -21.05 88.89
N SER HA 124 27.77 -21.48 89.77
CA SER HA 124 27.09 -20.49 90.57
C SER HA 124 27.79 -20.40 91.88
N THR HA 125 27.78 -19.25 92.48
CA THR HA 125 28.40 -19.11 93.76
C THR HA 125 27.37 -19.03 94.86
N GLY HA 126 26.13 -19.01 94.47
CA GLY HA 126 25.00 -18.91 95.37
C GLY HA 126 23.83 -18.40 94.57
N VAL HA 127 22.76 -18.09 95.27
CA VAL HA 127 21.57 -17.62 94.59
C VAL HA 127 21.17 -16.26 95.09
N TYR HA 128 20.33 -15.58 94.32
CA TYR HA 128 19.87 -14.22 94.59
C TYR HA 128 19.13 -14.07 95.90
N ASP HA 129 19.41 -12.98 96.60
CA ASP HA 129 18.72 -12.63 97.81
C ASP HA 129 17.89 -11.35 97.64
N ASP HA 130 17.28 -10.90 98.73
CA ASP HA 130 16.36 -9.77 98.73
C ASP HA 130 16.96 -8.42 99.08
N TRP HA 131 16.27 -7.38 98.65
CA TRP HA 131 16.59 -6.01 99.00
C TRP HA 131 16.11 -5.77 100.40
N SER HA 132 16.78 -4.86 101.13
CA SER HA 132 16.31 -4.51 102.46
C SER HA 132 15.28 -3.42 102.41
N ASP HA 133 15.42 -2.55 101.40
CA ASP HA 133 14.51 -1.43 101.23
C ASP HA 133 14.57 -1.01 99.77
N SER HA 134 13.78 -0.02 99.37
CA SER HA 134 13.80 0.40 97.96
C SER HA 134 15.13 1.08 97.61
N GLU HA 135 15.80 1.62 98.62
CA GLU HA 135 17.10 2.26 98.45
C GLU HA 135 18.23 1.39 98.95
N THR HA 136 17.97 0.13 99.30
CA THR HA 136 19.04 -0.74 99.78
C THR HA 136 19.12 -2.08 99.06
N PRO HA 137 19.96 -2.18 98.02
CA PRO HA 137 20.23 -3.39 97.24
C PRO HA 137 21.03 -4.38 98.08
N PRO HA 138 20.99 -5.67 97.72
CA PRO HA 138 21.80 -6.73 98.33
C PRO HA 138 23.25 -6.51 97.91
N THR HA 139 24.19 -7.14 98.61
CA THR HA 139 25.61 -6.98 98.29
C THR HA 139 26.29 -8.31 97.94
N ILE HA 140 27.49 -8.22 97.38
CA ILE HA 140 28.26 -9.39 96.97
C ILE HA 140 29.45 -9.67 97.86
N ASN HA 141 29.51 -10.90 98.34
CA ASN HA 141 30.58 -11.37 99.20
C ASN HA 141 31.73 -11.91 98.40
N PHE HA 142 32.86 -11.25 98.51
CA PHE HA 142 34.06 -11.61 97.78
C PHE HA 142 34.42 -13.10 97.86
N SER HA 143 34.28 -13.70 99.05
CA SER HA 143 34.72 -15.07 99.25
C SER HA 143 33.88 -16.09 98.45
N ASP HA 144 32.71 -15.66 97.95
CA ASP HA 144 31.87 -16.54 97.15
C ASP HA 144 32.50 -16.72 95.77
N LEU HA 145 33.17 -15.68 95.28
CA LEU HA 145 33.74 -15.75 93.96
C LEU HA 145 35.02 -16.55 94.03
N GLU HA 146 35.75 -16.42 95.15
CA GLU HA 146 36.97 -17.18 95.30
C GLU HA 146 36.67 -18.68 95.34
N SER HA 147 35.58 -19.06 96.01
CA SER HA 147 35.18 -20.45 96.02
C SER HA 147 34.91 -20.96 94.63
N GLY HA 148 34.15 -20.21 93.84
CA GLY HA 148 33.85 -20.62 92.47
C GLY HA 148 35.10 -20.79 91.62
N LEU HA 149 36.10 -19.93 91.83
CA LEU HA 149 37.34 -20.04 91.08
C LEU HA 149 38.07 -21.32 91.45
N ALA HA 150 38.12 -21.63 92.75
CA ALA HA 150 38.76 -22.86 93.22
C ALA HA 150 38.11 -24.10 92.61
N VAL HA 151 36.80 -24.04 92.41
CA VAL HA 151 36.05 -25.14 91.80
C VAL HA 151 36.41 -25.32 90.34
N ILE HA 152 36.37 -24.24 89.54
CA ILE HA 152 36.63 -24.38 88.09
C ILE HA 152 38.05 -24.84 87.84
N ARG HA 153 38.98 -24.54 88.75
CA ARG HA 153 40.36 -25.00 88.66
C ARG HA 153 40.48 -26.49 88.36
N LYS HA 154 39.50 -27.30 88.80
CA LYS HA 154 39.56 -28.74 88.62
C LYS HA 154 38.98 -29.25 87.29
N GLU HA 155 38.43 -28.38 86.44
CA GLU HA 155 37.88 -28.81 85.15
C GLU HA 155 38.92 -28.67 84.07
N ASP HA 156 38.91 -29.57 83.08
CA ASP HA 156 39.90 -29.51 82.01
C ASP HA 156 39.47 -28.74 80.76
N GLU HA 157 38.21 -28.76 80.43
CA GLU HA 157 37.78 -28.14 79.18
C GLU HA 157 37.85 -26.60 79.00
N PRO HA 158 37.50 -25.77 79.99
CA PRO HA 158 37.46 -24.30 79.85
C PRO HA 158 38.80 -23.70 79.43
N THR HA 159 38.73 -22.65 78.60
CA THR HA 159 39.92 -21.94 78.12
C THR HA 159 39.94 -20.45 78.50
N LEU HA 160 38.78 -19.84 78.80
CA LEU HA 160 38.70 -18.42 79.14
C LEU HA 160 38.06 -18.19 80.51
N LEU HA 161 38.56 -17.22 81.27
CA LEU HA 161 37.97 -16.91 82.58
C LEU HA 161 37.28 -15.55 82.67
N LEU HA 162 35.98 -15.56 83.04
CA LEU HA 162 35.18 -14.35 83.22
C LEU HA 162 34.39 -14.31 84.55
N PHE HA 163 34.26 -13.12 85.14
CA PHE HA 163 33.45 -12.89 86.34
C PHE HA 163 32.39 -11.80 86.12
N PRO HA 164 31.16 -12.16 85.73
CA PRO HA 164 30.08 -11.21 85.40
C PRO HA 164 29.71 -10.22 86.49
N ASP HA 165 29.95 -10.50 87.77
CA ASP HA 165 29.54 -9.57 88.81
C ASP HA 165 30.75 -9.02 89.58
N ALA HA 166 31.95 -9.02 88.99
CA ALA HA 166 33.14 -8.55 89.70
C ALA HA 166 33.10 -7.06 89.99
N THR HA 167 32.51 -6.28 89.10
CA THR HA 167 32.52 -4.83 89.24
C THR HA 167 31.58 -4.36 90.32
N ASN HA 168 30.78 -5.25 90.89
CA ASN HA 168 29.88 -4.84 91.96
C ASN HA 168 30.44 -5.16 93.33
N LEU HA 169 31.69 -5.60 93.42
CA LEU HA 169 32.32 -5.81 94.72
C LEU HA 169 32.48 -4.45 95.40
N PRO HA 170 32.26 -4.37 96.73
CA PRO HA 170 32.37 -3.15 97.55
C PRO HA 170 33.65 -2.33 97.39
N THR HA 171 34.80 -2.94 97.12
CA THR HA 171 36.03 -2.17 96.96
C THR HA 171 36.78 -2.57 95.71
N ASP HA 172 37.68 -1.69 95.29
CA ASP HA 172 38.51 -1.99 94.15
C ASP HA 172 39.59 -2.96 94.57
N ASP HA 173 39.97 -2.89 95.84
CA ASP HA 173 41.00 -3.78 96.37
C ASP HA 173 40.56 -5.23 96.21
N GLU HA 174 39.29 -5.52 96.48
CA GLU HA 174 38.79 -6.89 96.30
C GLU HA 174 38.77 -7.25 94.82
N PHE HA 175 38.37 -6.32 93.98
CA PHE HA 175 38.32 -6.53 92.53
C PHE HA 175 39.69 -6.93 91.99
N TYR HA 176 40.71 -6.17 92.34
CA TYR HA 176 42.05 -6.44 91.84
C TYR HA 176 42.58 -7.77 92.38
N SER HA 177 42.29 -8.07 93.65
CA SER HA 177 42.74 -9.32 94.24
C SER HA 177 42.19 -10.51 93.45
N LEU HA 178 40.91 -10.44 93.10
CA LEU HA 178 40.27 -11.51 92.34
C LEU HA 178 40.96 -11.75 91.01
N TYR HA 179 41.31 -10.66 90.30
CA TYR HA 179 41.98 -10.82 89.00
C TYR HA 179 43.41 -11.28 89.13
N ASN HA 180 44.14 -10.85 90.16
CA ASN HA 180 45.50 -11.36 90.31
C ASN HA 180 45.48 -12.86 90.52
N SER HA 181 44.49 -13.34 91.28
CA SER HA 181 44.33 -14.78 91.48
C SER HA 181 44.12 -15.51 90.18
N ALA HA 182 43.23 -14.99 89.33
CA ALA HA 182 42.97 -15.61 88.03
C ALA HA 182 44.21 -15.66 87.15
N LEU HA 183 45.02 -14.60 87.13
CA LEU HA 183 46.22 -14.61 86.31
C LEU HA 183 47.22 -15.65 86.81
N MET HA 184 47.33 -15.80 88.14
CA MET HA 184 48.22 -16.79 88.68
C MET HA 184 47.75 -18.21 88.34
N GLN HA 185 46.44 -18.46 88.37
CA GLN HA 185 45.93 -19.77 88.00
C GLN HA 185 46.19 -20.09 86.54
N CYS HA 186 46.11 -19.09 85.67
CA CYS HA 186 46.37 -19.32 84.26
C CYS HA 186 47.80 -19.79 84.05
N ASN HA 187 48.74 -19.19 84.78
CA ASN HA 187 50.13 -19.62 84.68
C ASN HA 187 50.35 -21.00 85.32
N ASP HA 188 49.68 -21.30 86.42
CA ASP HA 188 49.84 -22.62 87.03
C ASP HA 188 49.40 -23.75 86.10
N LEU HA 189 48.28 -23.55 85.40
CA LEU HA 189 47.73 -24.57 84.54
C LEU HA 189 48.33 -24.60 83.14
N GLN HA 190 48.75 -23.45 82.62
CA GLN HA 190 49.43 -23.34 81.33
C GLN HA 190 48.53 -23.43 80.11
N ASP HA 191 47.23 -23.30 80.30
CA ASP HA 191 46.29 -23.41 79.20
C ASP HA 191 45.12 -22.40 79.19
N ARG HA 192 45.17 -21.32 79.95
CA ARG HA 192 44.03 -20.39 80.01
C ARG HA 192 44.41 -18.93 79.83
N PHE HA 193 43.40 -18.14 79.46
CA PHE HA 193 43.58 -16.70 79.26
C PHE HA 193 42.46 -15.93 79.98
N THR HA 194 42.83 -14.81 80.62
CA THR HA 194 41.87 -13.99 81.38
C THR HA 194 41.48 -12.70 80.65
N ILE HA 195 40.18 -12.41 80.61
CA ILE HA 195 39.70 -11.18 80.01
C ILE HA 195 39.34 -10.19 81.13
N LEU HA 196 39.92 -8.99 81.10
CA LEU HA 196 39.74 -8.03 82.18
C LEU HA 196 38.98 -6.76 81.79
N ASP HA 197 38.20 -6.25 82.73
CA ASP HA 197 37.47 -4.99 82.68
C ASP HA 197 38.07 -4.00 83.67
N THR HA 198 37.83 -2.70 83.49
CA THR HA 198 38.19 -1.74 84.52
C THR HA 198 37.10 -1.81 85.59
N TYR HA 199 37.36 -1.20 86.74
CA TYR HA 199 36.39 -1.17 87.85
C TYR HA 199 35.17 -0.31 87.51
N SER HA 200 35.40 0.81 86.84
CA SER HA 200 34.39 1.79 86.47
C SER HA 200 34.86 2.66 85.32
N ASP HA 201 33.91 3.21 84.58
CA ASP HA 201 34.25 4.11 83.50
C ASP HA 201 34.26 5.56 83.92
N GLN HA 202 33.95 5.85 85.18
CA GLN HA 202 33.90 7.19 85.73
C GLN HA 202 34.88 7.29 86.85
N THR HA 203 35.34 8.51 87.11
CA THR HA 203 36.24 8.71 88.22
C THR HA 203 35.49 8.18 89.39
N TYR HA 204 36.11 7.30 90.13
CA TYR HA 204 35.45 6.67 91.27
C TYR HA 204 36.15 7.07 92.55
N ASN HA 205 35.42 7.07 93.64
CA ASN HA 205 36.00 7.44 94.91
C ASN HA 205 36.29 6.21 95.75
N ASP HA 206 37.52 6.09 96.23
CA ASP HA 206 37.89 4.97 97.09
C ASP HA 206 37.68 5.25 98.58
N GLY HA 207 37.07 6.40 98.91
CA GLY HA 207 36.87 6.82 100.29
C GLY HA 207 37.95 7.76 100.78
N VAL HA 208 39.03 7.87 100.02
CA VAL HA 208 40.16 8.72 100.35
C VAL HA 208 40.44 9.72 99.23
N GLU HA 209 40.55 9.22 98.00
CA GLU HA 209 40.93 9.97 96.81
C GLU HA 209 40.11 9.60 95.57
N ASP HA 210 40.03 10.54 94.63
CA ASP HA 210 39.35 10.35 93.35
C ASP HA 210 40.30 9.76 92.30
N LEU HA 211 40.01 8.55 91.83
CA LEU HA 211 40.92 7.85 90.95
C LEU HA 211 40.46 7.67 89.49
N ASP HA 212 41.40 7.88 88.58
CA ASP HA 212 41.21 7.63 87.15
C ASP HA 212 41.31 6.13 86.86
N PRO HA 213 40.30 5.56 86.16
CA PRO HA 213 40.21 4.11 85.97
C PRO HA 213 41.38 3.45 85.28
N ILE HA 214 41.93 4.00 84.22
CA ILE HA 214 43.09 3.33 83.62
C ILE HA 214 44.32 3.36 84.51
N PRO HA 215 44.61 4.48 85.18
CA PRO HA 215 45.74 4.50 86.11
C PRO HA 215 45.51 3.57 87.30
N ALA HA 216 44.28 3.48 87.76
CA ALA HA 216 43.93 2.59 88.85
C ALA HA 216 44.07 1.09 88.52
N LEU HA 217 43.64 0.63 87.34
CA LEU HA 217 43.82 -0.77 86.95
C LEU HA 217 45.29 -1.11 86.86
N ARG HA 218 46.10 -0.20 86.31
CA ARG HA 218 47.52 -0.46 86.16
C ARG HA 218 48.23 -0.64 87.49
N ASN HA 219 47.86 0.14 88.51
CA ASN HA 219 48.47 -0.03 89.83
C ASN HA 219 47.92 -1.26 90.54
N GLY HA 220 46.64 -1.55 90.30
CA GLY HA 220 45.98 -2.70 90.89
C GLY HA 220 46.61 -4.03 90.51
N ILE HA 221 46.81 -4.25 89.22
CA ILE HA 221 47.38 -5.53 88.80
C ILE HA 221 48.90 -5.43 88.86
N ASN HA 222 49.47 -5.84 90.01
CA ASN HA 222 50.90 -5.69 90.29
C ASN HA 222 51.76 -6.93 90.07
N LEU HA 223 51.29 -7.87 89.27
CA LEU HA 223 52.06 -9.05 88.93
C LEU HA 223 53.08 -8.75 87.84
N THR HA 224 54.04 -9.67 87.67
CA THR HA 224 55.12 -9.63 86.67
C THR HA 224 54.75 -10.24 85.30
N LYS HA 225 55.60 -10.01 84.28
CA LYS HA 225 55.46 -10.52 82.93
C LYS HA 225 54.97 -11.95 82.82
N ASP HA 226 55.46 -12.83 83.71
CA ASP HA 226 55.09 -14.23 83.71
C ASP HA 226 53.59 -14.44 83.89
N TYR HA 227 52.89 -13.43 84.36
CA TYR HA 227 51.46 -13.50 84.58
C TYR HA 227 50.73 -12.60 83.62
N LEU HA 228 51.29 -11.43 83.35
CA LEU HA 228 50.64 -10.43 82.52
C LEU HA 228 50.42 -10.95 81.10
N LYS HA 229 51.31 -11.80 80.62
CA LYS HA 229 51.17 -12.39 79.29
C LYS HA 229 49.92 -13.27 79.15
N TYR HA 230 49.23 -13.61 80.25
CA TYR HA 230 48.05 -14.45 80.21
C TYR HA 230 46.73 -13.69 80.24
N GLY HA 231 46.74 -12.40 79.96
CA GLY HA 231 45.48 -11.70 79.90
C GLY HA 231 45.56 -10.38 79.17
N ALA HA 232 44.37 -9.81 78.96
CA ALA HA 232 44.22 -8.53 78.26
C ALA HA 232 43.02 -7.80 78.82
N ALA HA 233 43.05 -6.46 78.73
CA ALA HA 233 41.96 -5.63 79.22
C ALA HA 233 41.36 -4.78 78.12
N TYR HA 234 40.06 -4.50 78.26
CA TYR HA 234 39.32 -3.67 77.32
C TYR HA 234 38.62 -2.50 78.00
N TYR HA 235 38.48 -1.38 77.28
CA TYR HA 235 37.84 -0.17 77.79
C TYR HA 235 37.27 0.68 76.67
N PRO HA 236 36.15 1.39 76.89
CA PRO HA 236 35.17 1.50 77.98
C PRO HA 236 34.04 0.47 77.94
N PHE HA 237 33.07 0.64 78.86
CA PHE HA 237 31.85 -0.14 78.98
C PHE HA 237 30.95 0.19 77.81
N VAL HA 238 29.98 -0.68 77.53
CA VAL HA 238 29.10 -0.47 76.39
C VAL HA 238 27.63 -0.40 76.76
N GLN HA 239 26.90 0.43 76.01
CA GLN HA 239 25.47 0.61 76.17
C GLN HA 239 24.78 -0.33 75.21
N THR HA 240 23.94 -1.19 75.73
CA THR HA 240 23.27 -2.20 74.93
C THR HA 240 21.80 -1.87 74.70
N ILE HA 241 21.07 -2.83 74.14
CA ILE HA 241 19.68 -2.64 73.74
C ILE HA 241 18.74 -3.53 74.53
N LEU HA 242 19.22 -4.05 75.65
CA LEU HA 242 18.45 -4.92 76.52
C LEU HA 242 17.64 -4.08 77.48
N ASN HA 243 16.46 -4.58 77.85
CA ASN HA 243 15.58 -3.93 78.82
C ASN HA 243 15.80 -4.46 80.23
N TYR HA 244 15.39 -3.67 81.21
CA TYR HA 244 15.45 -4.10 82.60
C TYR HA 244 14.25 -4.99 82.88
N GLN HA 245 14.41 -5.94 83.79
CA GLN HA 245 13.28 -6.75 84.20
C GLN HA 245 12.60 -6.11 85.39
N TYR HA 246 11.27 -6.06 85.37
CA TYR HA 246 10.51 -5.49 86.47
C TYR HA 246 9.12 -6.10 86.54
N SER HA 247 8.42 -5.81 87.62
CA SER HA 247 7.06 -6.25 87.85
C SER HA 247 6.18 -5.03 88.09
N ALA HA 248 5.17 -4.84 87.24
CA ALA HA 248 4.33 -3.65 87.34
C ALA HA 248 3.65 -3.52 88.68
N ASP HA 249 3.32 -4.66 89.29
CA ASP HA 249 2.64 -4.63 90.57
C ASP HA 249 3.48 -3.97 91.65
N GLU HA 250 4.79 -4.01 91.52
CA GLU HA 250 5.67 -3.52 92.56
C GLU HA 250 6.00 -2.03 92.40
N ILE HA 251 5.42 -1.35 91.42
CA ILE HA 251 5.76 0.05 91.18
C ILE HA 251 4.67 0.99 91.70
N VAL HA 252 5.07 1.86 92.62
CA VAL HA 252 4.18 2.82 93.28
C VAL HA 252 4.21 4.17 92.57
N ILE HA 253 3.04 4.73 92.29
CA ILE HA 253 2.92 6.00 91.58
C ILE HA 253 2.66 7.19 92.49
N GLN HA 254 3.49 8.21 92.37
CA GLN HA 254 3.33 9.47 93.08
C GLN HA 254 2.43 10.36 92.25
N HIS HA 255 1.47 11.01 92.90
CA HIS HA 255 0.58 11.91 92.18
C HIS HA 255 0.51 13.28 92.83
N LEU HA 256 0.67 14.34 92.03
CA LEU HA 256 0.55 15.72 92.50
C LEU HA 256 -0.43 16.51 91.64
N SER HA 257 -1.34 17.28 92.24
CA SER HA 257 -2.35 18.00 91.45
C SER HA 257 -2.73 19.39 91.98
N TYR HA 258 -3.30 20.21 91.09
CA TYR HA 258 -3.74 21.54 91.51
C TYR HA 258 -4.90 21.46 92.50
N ASN HA 259 -5.88 20.56 92.28
CA ASN HA 259 -6.93 20.34 93.27
C ASN HA 259 -6.77 18.96 93.89
N PRO HA 260 -6.53 18.91 95.19
CA PRO HA 260 -6.37 17.63 95.91
C PRO HA 260 -7.68 16.89 96.05
N ASN HA 261 -7.78 15.73 95.42
CA ASN HA 261 -8.97 14.88 95.46
C ASN HA 261 -8.70 13.45 95.94
N ALA HA 262 -7.53 13.21 96.53
CA ALA HA 262 -7.15 11.87 96.95
C ALA HA 262 -7.96 11.44 98.17
N ILE HA 263 -7.97 12.29 99.20
CA ILE HA 263 -8.72 11.99 100.42
C ILE HA 263 -10.17 11.91 100.08
N ALA HA 264 -10.65 12.85 99.30
CA ALA HA 264 -12.06 12.84 98.97
C ALA HA 264 -12.47 11.53 98.33
N THR HA 265 -11.63 10.97 97.46
CA THR HA 265 -11.98 9.70 96.86
C THR HA 265 -12.02 8.59 97.89
N ALA HA 266 -10.97 8.50 98.73
CA ALA HA 266 -10.91 7.44 99.72
C ALA HA 266 -12.06 7.52 100.69
N LEU HA 267 -12.42 8.74 101.07
CA LEU HA 267 -13.46 8.94 102.05
C LEU HA 267 -14.82 8.55 101.47
N ASP HA 268 -15.08 8.91 100.20
CA ASP HA 268 -16.36 8.53 99.59
C ASP HA 268 -16.45 7.01 99.48
N ASN HA 269 -15.34 6.33 99.14
CA ASN HA 269 -15.38 4.88 99.04
C ASN HA 269 -15.65 4.27 100.40
N LEU HA 270 -15.04 4.82 101.46
CA LEU HA 270 -15.28 4.30 102.79
C LEU HA 270 -16.71 4.56 103.26
N ASN HA 271 -17.29 5.70 102.89
CA ASN HA 271 -18.67 5.88 103.29
C ASN HA 271 -19.56 4.80 102.69
N ALA HA 272 -19.28 4.37 101.46
CA ALA HA 272 -20.00 3.26 100.84
C ALA HA 272 -19.76 1.95 101.62
N VAL HA 273 -18.53 1.76 102.10
CA VAL HA 273 -18.09 0.62 102.92
C VAL HA 273 -18.84 0.49 104.23
N ASN HA 274 -18.98 1.58 104.95
CA ASN HA 274 -19.61 1.48 106.25
C ASN HA 274 -21.13 1.49 106.16
N GLY HA 275 -21.68 0.37 105.71
CA GLY HA 275 -23.12 0.24 105.53
C GLY HA 275 -23.64 -1.18 105.24
N PRO HA 276 -24.97 -1.31 105.16
CA PRO HA 276 -25.68 -2.59 104.96
C PRO HA 276 -25.43 -3.29 103.65
N THR HA 277 -25.04 -2.56 102.62
CA THR HA 277 -24.81 -3.16 101.32
C THR HA 277 -23.38 -3.64 101.20
N PHE HA 278 -22.58 -3.39 102.22
CA PHE HA 278 -21.21 -3.83 102.19
C PHE HA 278 -21.01 -4.92 103.23
N ILE HA 279 -21.30 -4.64 104.51
CA ILE HA 279 -21.12 -5.67 105.54
C ILE HA 279 -22.28 -6.01 106.48
N ASP HA 280 -23.37 -5.24 106.56
CA ASP HA 280 -24.33 -5.70 107.58
C ASP HA 280 -25.01 -6.93 107.06
N ALA HA 281 -25.34 -6.97 105.77
CA ALA HA 281 -25.99 -8.15 105.24
C ALA HA 281 -25.14 -9.40 105.45
N ILE HA 282 -23.81 -9.26 105.32
CA ILE HA 282 -22.91 -10.39 105.50
C ILE HA 282 -22.96 -10.87 106.93
N LEU HA 283 -22.78 -9.93 107.86
CA LEU HA 283 -22.71 -10.26 109.26
C LEU HA 283 -24.03 -10.83 109.78
N ASP HA 284 -25.17 -10.30 109.31
CA ASP HA 284 -26.45 -10.82 109.77
C ASP HA 284 -26.64 -12.25 109.32
N ASP HA 285 -26.26 -12.56 108.07
CA ASP HA 285 -26.41 -13.92 107.57
C ASP HA 285 -25.37 -14.87 108.15
N LEU HA 286 -24.15 -14.37 108.38
CA LEU HA 286 -23.07 -15.20 108.90
C LEU HA 286 -23.35 -15.62 110.35
N ARG HA 287 -23.83 -14.69 111.16
CA ARG HA 287 -24.11 -14.97 112.57
C ARG HA 287 -25.42 -15.75 112.72
N ASN HA 321 -25.97 -42.83 104.13
CA ASN HA 321 -25.62 -41.51 104.65
C ASN HA 321 -25.15 -40.57 103.57
N SER HA 322 -25.16 -41.04 102.33
CA SER HA 322 -24.68 -40.20 101.21
C SER HA 322 -25.49 -38.93 101.04
N VAL HA 323 -26.77 -38.99 101.35
CA VAL HA 323 -27.63 -37.83 101.28
C VAL HA 323 -27.29 -36.86 102.38
N LYS HA 324 -26.92 -37.37 103.54
CA LYS HA 324 -26.62 -36.54 104.68
C LYS HA 324 -25.37 -35.74 104.37
N VAL HA 325 -24.40 -36.39 103.74
CA VAL HA 325 -23.17 -35.70 103.33
C VAL HA 325 -23.49 -34.60 102.34
N ALA HA 326 -24.31 -34.91 101.34
CA ALA HA 326 -24.67 -33.90 100.35
C ALA HA 326 -25.35 -32.69 100.97
N ASN HA 327 -26.25 -32.91 101.94
CA ASN HA 327 -26.94 -31.81 102.59
C ASN HA 327 -25.97 -30.99 103.41
N PHE HA 328 -25.12 -31.68 104.17
CA PHE HA 328 -24.12 -31.03 104.99
C PHE HA 328 -23.18 -30.20 104.16
N ALA HA 329 -22.67 -30.79 103.09
CA ALA HA 329 -21.72 -30.11 102.23
C ALA HA 329 -22.29 -28.81 101.68
N SER HA 330 -23.58 -28.82 101.30
CA SER HA 330 -24.24 -27.59 100.84
C SER HA 330 -24.23 -26.51 101.91
N LEU HA 331 -24.56 -26.89 103.14
CA LEU HA 331 -24.63 -25.93 104.23
C LEU HA 331 -23.23 -25.34 104.52
N VAL HA 332 -22.18 -26.17 104.43
CA VAL HA 332 -20.82 -25.69 104.66
C VAL HA 332 -20.45 -24.69 103.60
N GLU HA 333 -20.73 -25.00 102.33
CA GLU HA 333 -20.40 -24.11 101.23
C GLU HA 333 -21.04 -22.75 101.40
N SER HA 334 -22.29 -22.72 101.86
CA SER HA 334 -22.97 -21.45 102.08
C SER HA 334 -22.21 -20.57 103.08
N VAL HA 335 -21.78 -21.17 104.19
CA VAL HA 335 -21.03 -20.40 105.19
C VAL HA 335 -19.70 -19.93 104.62
N LEU HA 336 -19.01 -20.84 103.94
CA LEU HA 336 -17.72 -20.56 103.34
C LEU HA 336 -17.77 -19.40 102.36
N SER HA 337 -18.81 -19.37 101.52
CA SER HA 337 -18.98 -18.31 100.54
C SER HA 337 -19.16 -16.97 101.27
N THR HA 338 -19.99 -16.95 102.31
CA THR HA 338 -20.20 -15.75 103.13
C THR HA 338 -18.91 -15.25 103.76
N LEU HA 339 -18.10 -16.17 104.29
CA LEU HA 339 -16.83 -15.77 104.90
C LEU HA 339 -15.92 -15.15 103.85
N ASN HA 340 -15.89 -15.72 102.64
CA ASN HA 340 -15.01 -15.19 101.62
C ASN HA 340 -15.38 -13.76 101.25
N GLU HA 341 -16.68 -13.43 101.22
CA GLU HA 341 -17.06 -12.04 100.94
C GLU HA 341 -16.56 -11.08 102.02
N LEU HA 342 -16.63 -11.50 103.28
CA LEU HA 342 -16.16 -10.65 104.38
C LEU HA 342 -14.66 -10.40 104.26
N ILE HA 343 -13.93 -11.44 103.86
CA ILE HA 343 -12.48 -11.34 103.69
C ILE HA 343 -12.15 -10.35 102.57
N ASP HA 344 -12.84 -10.46 101.42
CA ASP HA 344 -12.61 -9.52 100.33
C ASP HA 344 -12.87 -8.08 100.76
N ALA HA 345 -13.89 -7.89 101.59
CA ALA HA 345 -14.22 -6.56 102.09
C ALA HA 345 -13.04 -5.94 102.81
N LYS HA 346 -12.35 -6.74 103.64
CA LYS HA 346 -11.18 -6.25 104.37
C LYS HA 346 -10.13 -5.72 103.42
N GLU HA 347 -9.86 -6.46 102.35
CA GLU HA 347 -8.82 -6.06 101.41
C GLU HA 347 -9.16 -4.74 100.73
N GLU HA 348 -10.42 -4.52 100.36
CA GLU HA 348 -10.80 -3.26 99.73
C GLU HA 348 -10.58 -2.07 100.66
N ILE HA 349 -10.88 -2.26 101.94
CA ILE HA 349 -10.69 -1.23 102.95
C ILE HA 349 -9.26 -0.83 103.06
N ASN HA 350 -8.36 -1.80 103.15
CA ASN HA 350 -6.96 -1.47 103.26
C ASN HA 350 -6.45 -0.69 102.05
N LYS HA 351 -6.94 -1.04 100.87
CA LYS HA 351 -6.46 -0.37 99.66
C LYS HA 351 -6.82 1.12 99.64
N ASP HA 352 -8.02 1.50 100.11
CA ASP HA 352 -8.35 2.93 100.09
C ASP HA 352 -7.76 3.68 101.28
N VAL HA 353 -7.74 3.07 102.46
CA VAL HA 353 -7.25 3.77 103.63
C VAL HA 353 -5.79 4.13 103.45
N ASN HA 354 -5.03 3.22 102.84
CA ASN HA 354 -3.63 3.47 102.59
C ASN HA 354 -3.38 4.67 101.68
N SER HA 355 -4.35 5.08 100.84
CA SER HA 355 -4.10 6.22 99.97
C SER HA 355 -4.31 7.47 100.81
N ALA HA 356 -5.19 7.37 101.81
CA ALA HA 356 -5.41 8.50 102.70
C ALA HA 356 -4.17 8.75 103.53
N ILE HA 357 -3.54 7.67 103.96
CA ILE HA 357 -2.35 7.77 104.77
C ILE HA 357 -1.23 8.37 103.96
N ALA HA 358 -1.01 7.81 102.76
CA ALA HA 358 0.03 8.27 101.86
C ALA HA 358 -0.14 9.73 101.45
N SER HA 359 -1.38 10.17 101.26
CA SER HA 359 -1.65 11.51 100.80
C SER HA 359 -1.60 12.57 101.90
N SER HA 360 -1.80 12.17 103.15
CA SER HA 360 -1.82 13.11 104.27
C SER HA 360 -0.38 13.45 104.67
N GLU HA 361 0.33 14.13 103.77
CA GLU HA 361 1.74 14.48 104.00
C GLU HA 361 1.95 15.37 105.21
N GLU HA 362 1.05 16.30 105.42
CA GLU HA 362 1.11 17.27 106.50
C GLU HA 362 0.36 16.72 107.70
N ASP HA 363 0.70 17.22 108.89
CA ASP HA 363 -0.01 16.84 110.12
C ASP HA 363 0.07 15.33 110.37
N ASN HA 364 1.29 14.86 110.63
CA ASN HA 364 1.56 13.45 110.85
C ASN HA 364 0.75 12.81 111.97
N ALA HA 365 0.17 13.65 112.84
CA ALA HA 365 -0.69 13.18 113.90
C ALA HA 365 -1.90 12.48 113.33
N ILE HA 366 -2.37 12.95 112.16
CA ILE HA 366 -3.51 12.36 111.52
C ILE HA 366 -3.06 11.12 110.82
N LYS HA 367 -1.90 11.16 110.15
CA LYS HA 367 -1.43 9.90 109.56
C LYS HA 367 -1.43 8.79 110.57
N THR HA 368 -1.00 9.11 111.79
CA THR HA 368 -0.98 8.12 112.84
C THR HA 368 -2.40 7.71 113.19
N ALA HA 369 -3.31 8.66 113.37
CA ALA HA 369 -4.69 8.29 113.74
C ALA HA 369 -5.33 7.36 112.72
N ILE HA 370 -5.08 7.61 111.43
CA ILE HA 370 -5.64 6.77 110.38
C ILE HA 370 -5.04 5.39 110.42
N SER HA 371 -3.70 5.34 110.52
CA SER HA 371 -2.98 4.08 110.55
C SER HA 371 -3.41 3.22 111.73
N ASP HA 372 -3.51 3.82 112.93
CA ASP HA 372 -3.91 3.04 114.09
C ASP HA 372 -5.31 2.45 113.93
N ALA HA 373 -6.25 3.23 113.38
CA ALA HA 373 -7.61 2.72 113.20
C ALA HA 373 -7.61 1.51 112.26
N LEU HA 374 -6.80 1.57 111.20
CA LEU HA 374 -6.74 0.48 110.24
C LEU HA 374 -6.09 -0.74 110.86
N ASP HA 375 -5.00 -0.53 111.60
CA ASP HA 375 -4.24 -1.61 112.20
C ASP HA 375 -5.13 -2.42 113.14
N VAL HA 376 -5.98 -1.74 113.92
CA VAL HA 376 -6.89 -2.44 114.81
C VAL HA 376 -7.93 -3.22 114.03
N PHE HA 377 -8.53 -2.61 113.00
CA PHE HA 377 -9.55 -3.31 112.21
C PHE HA 377 -9.06 -4.67 111.72
N ASN HA 378 -7.85 -4.68 111.20
CA ASN HA 378 -7.27 -5.88 110.62
C ASN HA 378 -7.11 -7.05 111.60
N GLU HA 379 -7.09 -6.82 112.91
CA GLU HA 379 -6.86 -7.88 113.88
C GLU HA 379 -7.91 -9.00 113.84
N ASP HA 380 -9.08 -8.75 113.30
CA ASP HA 380 -10.12 -9.78 113.28
C ASP HA 380 -9.88 -10.74 112.13
N PHE HA 381 -9.03 -10.37 111.18
CA PHE HA 381 -8.81 -11.19 110.00
C PHE HA 381 -7.43 -11.84 109.98
N GLU HA 382 -6.46 -11.15 110.58
CA GLU HA 382 -5.07 -11.57 110.70
C GLU HA 382 -4.88 -12.58 111.80
N GLY HA 383 -3.63 -13.04 111.98
CA GLY HA 383 -3.24 -14.07 112.93
C GLY HA 383 -3.73 -13.87 114.36
N ALA HA 384 -4.02 -12.64 114.76
CA ALA HA 384 -4.50 -12.38 116.12
C ALA HA 384 -5.79 -13.16 116.42
N ASP HA 385 -6.67 -13.29 115.43
CA ASP HA 385 -7.92 -14.03 115.50
C ASP HA 385 -8.28 -14.33 114.05
N LYS HA 386 -7.78 -15.39 113.49
CA LYS HA 386 -7.75 -15.38 112.04
C LYS HA 386 -8.98 -15.93 111.30
N ILE HA 387 -9.91 -15.02 110.95
CA ILE HA 387 -11.08 -15.37 110.14
C ILE HA 387 -10.62 -16.03 108.85
N GLU HA 388 -9.52 -15.54 108.29
CA GLU HA 388 -9.03 -16.08 107.03
C GLU HA 388 -8.66 -17.57 107.10
N SER HA 389 -8.16 -18.08 108.24
CA SER HA 389 -7.79 -19.49 108.26
C SER HA 389 -8.99 -20.34 108.51
N VAL HA 390 -10.02 -19.79 109.14
CA VAL HA 390 -11.24 -20.57 109.28
C VAL HA 390 -11.79 -20.87 107.92
N ALA HA 391 -11.87 -19.85 107.07
CA ALA HA 391 -12.39 -20.05 105.73
C ALA HA 391 -11.54 -21.06 104.96
N LYS HA 392 -10.22 -20.96 105.07
CA LYS HA 392 -9.33 -21.88 104.38
C LYS HA 392 -9.58 -23.32 104.83
N ASN HA 393 -9.62 -23.52 106.15
CA ASN HA 393 -9.77 -24.86 106.70
C ASN HA 393 -11.10 -25.47 106.35
N LEU HA 394 -12.18 -24.68 106.33
CA LEU HA 394 -13.47 -25.25 105.98
C LEU HA 394 -13.45 -25.76 104.55
N SER HA 395 -12.78 -25.04 103.64
CA SER HA 395 -12.65 -25.51 102.26
C SER HA 395 -11.97 -26.88 102.16
N ASP HA 396 -10.84 -27.05 102.86
CA ASP HA 396 -10.12 -28.33 102.79
C ASP HA 396 -10.96 -29.47 103.37
N LEU HA 397 -11.65 -29.19 104.49
CA LEU HA 397 -12.48 -30.17 105.16
C LEU HA 397 -13.66 -30.58 104.28
N LEU HA 398 -14.22 -29.60 103.55
CA LEU HA 398 -15.35 -29.85 102.69
C LEU HA 398 -14.99 -30.81 101.56
N ILE HA 399 -13.81 -30.64 100.96
CA ILE HA 399 -13.38 -31.60 99.95
C ILE HA 399 -13.29 -32.99 100.54
N LYS HA 400 -12.64 -33.10 101.71
CA LYS HA 400 -12.45 -34.41 102.31
C LYS HA 400 -13.77 -35.10 102.65
N ILE HA 401 -14.78 -34.35 103.14
CA ILE HA 401 -16.01 -35.08 103.46
C ILE HA 401 -16.72 -35.54 102.20
N LYS HA 402 -16.71 -34.74 101.14
CA LYS HA 402 -17.33 -35.20 99.90
C LYS HA 402 -16.63 -36.43 99.34
N GLN HA 403 -15.30 -36.51 99.49
CA GLN HA 403 -14.57 -37.68 98.97
C GLN HA 403 -14.59 -38.86 99.96
N ALA HA 404 -14.97 -38.64 101.23
CA ALA HA 404 -15.01 -39.69 102.26
C ALA HA 404 -15.86 -40.89 101.85
N ASP HA 405 -16.93 -40.61 101.10
CA ASP HA 405 -17.86 -41.61 100.54
C ASP HA 405 -17.17 -42.64 99.66
N THR HA 406 -15.94 -42.33 99.19
CA THR HA 406 -15.18 -43.22 98.34
C THR HA 406 -15.03 -44.58 99.00
N ASN HA 407 -14.78 -44.62 100.30
CA ASN HA 407 -14.59 -45.92 100.91
C ASN HA 407 -15.09 -46.20 102.32
N THR HA 408 -15.61 -45.24 103.12
CA THR HA 408 -16.12 -45.69 104.42
C THR HA 408 -16.94 -44.67 105.25
N LYS HA 409 -17.92 -45.23 105.96
CA LYS HA 409 -18.76 -44.55 106.94
C LYS HA 409 -17.96 -43.92 108.06
N VAL HA 410 -16.77 -44.45 108.27
CA VAL HA 410 -15.88 -43.98 109.30
C VAL HA 410 -15.35 -42.60 108.94
N GLU HA 411 -15.01 -42.42 107.67
CA GLU HA 411 -14.45 -41.16 107.23
C GLU HA 411 -15.47 -40.05 107.46
N ASN HA 412 -16.73 -40.38 107.23
CA ASN HA 412 -17.82 -39.40 107.39
C ASN HA 412 -18.11 -39.05 108.85
N VAL HA 413 -17.38 -39.67 109.78
CA VAL HA 413 -17.46 -39.35 111.20
C VAL HA 413 -16.19 -38.64 111.61
N LEU HA 414 -15.06 -39.22 111.20
CA LEU HA 414 -13.78 -38.68 111.58
C LEU HA 414 -13.62 -37.25 111.09
N SER HA 415 -14.12 -36.93 109.89
CA SER HA 415 -13.95 -35.59 109.32
C SER HA 415 -14.56 -34.48 110.18
N ILE HA 416 -15.48 -34.82 111.07
CA ILE HA 416 -16.13 -33.86 111.94
C ILE HA 416 -15.61 -33.88 113.36
N ASN HA 417 -15.40 -35.07 113.94
CA ASN HA 417 -15.02 -35.17 115.36
C ASN HA 417 -13.57 -35.61 115.67
N ALA HA 418 -12.83 -36.13 114.71
CA ALA HA 418 -11.43 -36.51 114.93
C ALA HA 418 -10.59 -35.46 114.27
N LEU HA 419 -11.16 -34.95 113.20
CA LEU HA 419 -10.67 -33.89 112.35
C LEU HA 419 -11.43 -32.65 112.78
N ASN HA 420 -11.30 -31.57 112.03
CA ASN HA 420 -11.77 -30.30 112.55
C ASN HA 420 -13.12 -29.67 112.12
N PHE HA 421 -14.10 -30.33 111.47
CA PHE HA 421 -15.28 -29.47 111.21
C PHE HA 421 -15.92 -28.89 112.47
N SER HA 422 -16.03 -29.67 113.55
CA SER HA 422 -16.58 -29.10 114.77
C SER HA 422 -15.73 -27.95 115.28
N ALA HA 423 -14.42 -28.20 115.32
CA ALA HA 423 -13.43 -27.26 115.83
C ALA HA 423 -13.38 -25.94 115.06
N GLU HA 424 -13.58 -25.98 113.74
CA GLU HA 424 -13.50 -24.75 112.95
C GLU HA 424 -14.78 -23.94 113.07
N PHE HA 425 -15.95 -24.57 113.10
CA PHE HA 425 -17.14 -23.73 113.21
C PHE HA 425 -17.19 -23.05 114.59
N GLU HA 426 -16.59 -23.68 115.57
CA GLU HA 426 -16.55 -23.10 116.90
C GLU HA 426 -15.83 -21.76 116.88
N LYS HA 427 -14.84 -21.60 116.00
CA LYS HA 427 -14.04 -20.39 116.02
C LYS HA 427 -14.83 -19.19 115.54
N LEU HA 428 -16.01 -19.43 114.97
CA LEU HA 428 -16.83 -18.32 114.52
C LEU HA 428 -17.78 -17.99 115.65
N LEU HA 429 -18.41 -19.04 116.21
CA LEU HA 429 -19.31 -18.90 117.37
C LEU HA 429 -18.97 -20.04 118.34
N THR HA 430 -18.53 -19.69 119.56
CA THR HA 430 -18.03 -20.66 120.54
C THR HA 430 -18.98 -21.79 120.92
N TYR HA 431 -20.28 -21.50 121.05
CA TYR HA 431 -21.22 -22.52 121.46
C TYR HA 431 -22.62 -22.23 120.94
N ASP HA 432 -22.74 -21.91 119.66
CA ASP HA 432 -24.03 -21.53 119.10
C ASP HA 432 -25.09 -22.60 119.34
N VAL HA 433 -24.66 -23.86 119.32
CA VAL HA 433 -25.43 -25.10 119.49
C VAL HA 433 -26.20 -25.16 120.82
N ASN HA 434 -25.84 -24.29 121.76
CA ASN HA 434 -26.48 -24.19 123.06
C ASN HA 434 -27.99 -23.94 122.96
N THR HA 435 -28.45 -23.28 121.89
CA THR HA 435 -29.87 -22.99 121.75
C THR HA 435 -30.28 -22.91 120.28
N GLY HA 436 -31.58 -23.02 120.01
CA GLY HA 436 -32.07 -22.90 118.63
C GLY HA 436 -31.64 -21.58 118.01
N LEU HA 437 -31.67 -20.52 118.79
CA LEU HA 437 -31.15 -19.25 118.34
C LEU HA 437 -29.72 -19.28 118.77
N THR HA 438 -28.78 -18.86 117.93
CA THR HA 438 -27.40 -18.98 118.40
C THR HA 438 -27.23 -18.31 119.75
N ALA HA 439 -26.65 -19.05 120.68
CA ALA HA 439 -26.50 -18.61 122.05
C ALA HA 439 -25.13 -18.97 122.59
N SER HA 440 -24.88 -18.56 123.84
CA SER HA 440 -23.64 -18.89 124.53
C SER HA 440 -22.40 -18.52 123.73
N VAL HA 441 -22.46 -17.36 123.07
CA VAL HA 441 -21.32 -16.94 122.28
C VAL HA 441 -20.28 -16.34 123.21
N THR HA 442 -19.59 -17.24 123.94
CA THR HA 442 -18.55 -16.89 124.91
C THR HA 442 -17.42 -16.15 124.22
N LEU HA 443 -17.32 -16.40 122.93
CA LEU HA 443 -16.40 -15.80 122.01
C LEU HA 443 -17.05 -15.87 120.65
N ASP HA 444 -16.74 -14.87 119.82
CA ASP HA 444 -17.22 -14.86 118.46
C ASP HA 444 -16.29 -14.02 117.60
N LEU HA 445 -16.14 -14.44 116.35
CA LEU HA 445 -15.30 -13.73 115.39
C LEU HA 445 -16.04 -12.66 114.61
N PHE HA 446 -17.33 -12.49 114.86
CA PHE HA 446 -18.14 -11.61 114.04
C PHE HA 446 -18.54 -10.28 114.65
N ALA HA 447 -18.73 -9.34 113.73
CA ALA HA 447 -19.34 -8.02 113.86
C ALA HA 447 -18.63 -6.99 114.71
N ASN HA 448 -17.35 -7.17 115.04
CA ASN HA 448 -16.61 -6.14 115.77
C ASN HA 448 -16.19 -5.05 114.78
N ILE HA 449 -16.48 -5.39 113.53
CA ILE HA 449 -16.27 -4.67 112.30
C ILE HA 449 -17.02 -3.37 112.34
N GLY HA 450 -18.25 -3.36 112.85
CA GLY HA 450 -19.04 -2.13 112.83
C GLY HA 450 -18.32 -0.94 113.47
N THR HA 451 -17.94 -1.13 114.74
CA THR HA 451 -17.25 -0.07 115.48
C THR HA 451 -15.93 0.29 114.82
N ARG HA 452 -15.18 -0.72 114.42
CA ARG HA 452 -13.88 -0.44 113.85
C ARG HA 452 -13.98 0.33 112.53
N LEU HA 453 -15.00 0.06 111.69
CA LEU HA 453 -15.14 0.87 110.47
C LEU HA 453 -15.43 2.32 110.81
N ASP HA 454 -16.26 2.56 111.83
CA ASP HA 454 -16.55 3.94 112.22
C ASP HA 454 -15.26 4.66 112.61
N ASP HA 455 -14.36 3.97 113.34
CA ASP HA 455 -13.10 4.58 113.78
C ASP HA 455 -12.23 4.94 112.59
N ILE HA 456 -12.20 4.07 111.56
CA ILE HA 456 -11.40 4.35 110.37
C ILE HA 456 -11.92 5.55 109.65
N ILE HA 457 -13.23 5.62 109.42
CA ILE HA 457 -13.77 6.74 108.67
C ILE HA 457 -13.55 8.03 109.41
N ALA HA 458 -13.80 8.04 110.70
CA ALA HA 458 -13.60 9.27 111.43
C ALA HA 458 -12.15 9.74 111.30
N ALA HA 459 -11.18 8.83 111.43
CA ALA HA 459 -9.79 9.24 111.29
C ALA HA 459 -9.49 9.77 109.89
N VAL HA 460 -10.02 9.11 108.85
CA VAL HA 460 -9.72 9.53 107.49
C VAL HA 460 -10.32 10.89 107.20
N SER HA 461 -11.53 11.15 107.68
CA SER HA 461 -12.19 12.43 107.45
C SER HA 461 -11.40 13.60 107.97
N ALA HA 462 -10.53 13.37 108.95
CA ALA HA 462 -9.73 14.43 109.54
C ALA HA 462 -8.75 15.00 108.54
N ALA HA 463 -8.42 14.23 107.51
CA ALA HA 463 -7.46 14.62 106.49
C ALA HA 463 -8.08 15.47 105.39
N GLU HA 464 -9.40 15.57 105.32
CA GLU HA 464 -9.96 16.32 104.20
C GLU HA 464 -9.45 17.78 104.09
N PRO HA 465 -9.29 18.55 105.17
CA PRO HA 465 -8.73 19.91 105.10
C PRO HA 465 -7.20 19.96 105.20
N ILE HA 466 -6.55 18.81 105.14
CA ILE HA 466 -5.10 18.74 105.32
C ILE HA 466 -4.41 18.54 103.98
N ASP HA 467 -4.99 17.70 103.14
CA ASP HA 467 -4.32 17.34 101.91
C ASP HA 467 -4.62 18.26 100.74
N VAL HA 468 -3.64 19.13 100.46
CA VAL HA 468 -3.72 20.11 99.39
C VAL HA 468 -3.09 19.67 98.04
N ASN HA 469 -2.13 18.79 98.01
CA ASN HA 469 -1.54 18.42 96.71
C ASN HA 469 -1.60 17.00 96.15
N ASN HA 470 -2.39 16.06 96.66
CA ASN HA 470 -2.35 14.73 96.08
C ASN HA 470 -3.60 14.35 95.30
N GLY HA 471 -3.41 13.70 94.14
CA GLY HA 471 -4.51 13.29 93.28
C GLY HA 471 -5.03 11.91 93.62
N LYS HA 472 -6.01 11.52 92.83
CA LYS HA 472 -6.77 10.30 92.99
C LYS HA 472 -5.96 9.00 93.05
N LEU HA 473 -4.88 8.89 92.29
CA LEU HA 473 -4.12 7.64 92.24
C LEU HA 473 -2.94 7.59 93.20
N ASN HA 474 -2.76 8.64 93.99
CA ASN HA 474 -1.60 8.73 94.86
C ASN HA 474 -1.61 7.59 95.88
N GLY HA 475 -0.50 6.89 95.98
CA GLY HA 475 -0.34 5.81 96.93
C GLY HA 475 -0.84 4.46 96.46
N ARG HA 476 -1.22 4.36 95.19
CA ARG HA 476 -1.71 3.12 94.57
C ARG HA 476 -0.68 2.43 93.66
N LEU HA 477 -0.87 1.13 93.43
CA LEU HA 477 0.00 0.31 92.57
C LEU HA 477 -0.30 0.45 91.08
N LEU HA 478 0.73 0.27 90.25
CA LEU HA 478 0.59 0.47 88.81
C LEU HA 478 -0.48 -0.48 88.22
N SER HA 479 -0.45 -1.75 88.62
CA SER HA 479 -1.42 -2.70 88.11
C SER HA 479 -2.85 -2.29 88.50
N ASP HA 480 -3.01 -1.72 89.68
CA ASP HA 480 -4.33 -1.31 90.17
C ASP HA 480 -4.98 -0.27 89.29
N ILE HA 481 -4.22 0.70 88.79
CA ILE HA 481 -4.80 1.76 87.98
C ILE HA 481 -5.33 1.34 86.61
N GLU HA 482 -4.87 0.20 86.09
CA GLU HA 482 -5.22 -0.21 84.73
C GLU HA 482 -6.71 -0.18 84.47
N PRO HA 483 -7.55 -0.70 85.36
CA PRO HA 483 -9.00 -0.59 85.17
C PRO HA 483 -9.52 0.83 85.20
N LEU HA 484 -9.04 1.64 86.16
CA LEU HA 484 -9.49 3.02 86.33
C LEU HA 484 -9.06 3.95 85.20
N ASP HA 485 -7.82 3.83 84.75
CA ASP HA 485 -7.29 4.67 83.68
C ASP HA 485 -6.48 3.81 82.72
N ASN HA 486 -6.47 4.15 81.45
CA ASN HA 486 -5.69 3.36 80.51
C ASN HA 486 -4.71 4.18 79.70
N ALA HA 487 -5.07 5.42 79.38
CA ALA HA 487 -4.15 6.23 78.61
C ALA HA 487 -2.89 6.48 79.39
N THR HA 488 -3.07 6.79 80.68
CA THR HA 488 -1.95 7.08 81.55
C THR HA 488 -1.13 5.82 81.77
N TYR HA 489 -1.81 4.70 82.00
CA TYR HA 489 -1.15 3.43 82.22
C TYR HA 489 -0.24 3.05 81.06
N ASN HA 490 -0.76 3.11 79.84
CA ASN HA 490 0.06 2.75 78.70
C ASN HA 490 1.22 3.71 78.52
N THR HA 491 1.00 4.99 78.79
CA THR HA 491 2.06 5.99 78.66
C THR HA 491 3.20 5.66 79.61
N ILE HA 492 2.86 5.32 80.85
CA ILE HA 492 3.87 5.00 81.86
C ILE HA 492 4.70 3.81 81.43
N LEU HA 493 4.05 2.75 80.94
CA LEU HA 493 4.82 1.58 80.52
C LEU HA 493 5.78 1.90 79.39
N LEU HA 494 5.35 2.72 78.43
CA LEU HA 494 6.24 3.11 77.36
C LEU HA 494 7.45 3.86 77.87
N GLU HA 495 7.25 4.74 78.86
CA GLU HA 495 8.36 5.50 79.40
C GLU HA 495 9.32 4.59 80.16
N ILE HA 496 8.80 3.61 80.93
CA ILE HA 496 9.66 2.71 81.69
C ILE HA 496 10.57 1.94 80.78
N ASN HA 497 10.03 1.47 79.67
CA ASN HA 497 10.78 0.63 78.76
C ASN HA 497 11.79 1.42 77.92
N SER HA 498 11.89 2.74 78.09
CA SER HA 498 12.90 3.50 77.36
C SER HA 498 14.27 3.40 78.00
N HIS HA 499 14.36 2.86 79.21
CA HIS HA 499 15.64 2.79 79.91
C HIS HA 499 16.40 1.50 79.60
N LYS HA 500 17.65 1.63 79.16
CA LYS HA 500 18.43 0.46 78.76
C LYS HA 500 19.55 0.10 79.73
N VAL HA 501 19.99 -1.16 79.62
CA VAL HA 501 21.04 -1.80 80.41
C VAL HA 501 22.45 -1.43 79.90
N THR HA 502 23.42 -1.22 80.82
CA THR HA 502 24.82 -0.92 80.49
C THR HA 502 25.72 -1.99 81.10
N LEU HA 503 26.64 -2.55 80.30
CA LEU HA 503 27.51 -3.65 80.75
C LEU HA 503 29.01 -3.46 80.48
N PRO HA 504 29.88 -4.04 81.32
CA PRO HA 504 31.32 -4.17 81.06
C PRO HA 504 31.48 -4.95 79.77
N PRO HA 505 32.54 -4.71 78.98
CA PRO HA 505 32.76 -5.32 77.65
C PRO HA 505 33.21 -6.80 77.59
N SER HA 506 33.79 -7.36 78.65
CA SER HA 506 34.35 -8.71 78.61
C SER HA 506 33.45 -9.85 78.09
N SER HA 507 32.15 -9.81 78.34
CA SER HA 507 31.32 -10.92 77.87
C SER HA 507 31.10 -10.88 76.36
N SER HA 508 31.22 -9.70 75.77
CA SER HA 508 31.00 -9.58 74.34
C SER HA 508 32.27 -9.99 73.65
N MET HA 509 33.39 -9.76 74.32
CA MET HA 509 34.64 -10.16 73.73
C MET HA 509 34.76 -11.66 73.67
N ALA HA 510 34.29 -12.38 74.70
CA ALA HA 510 34.34 -13.83 74.64
C ALA HA 510 33.55 -14.34 73.44
N GLY HA 511 32.41 -13.71 73.15
CA GLY HA 511 31.62 -14.04 71.97
C GLY HA 511 32.41 -13.79 70.69
N ALA HA 512 33.02 -12.61 70.59
CA ALA HA 512 33.81 -12.25 69.42
C ALA HA 512 34.99 -13.21 69.20
N TYR HA 513 35.63 -13.66 70.28
CA TYR HA 513 36.73 -14.60 70.14
C TYR HA 513 36.23 -15.87 69.46
N ALA HA 514 35.06 -16.37 69.87
CA ALA HA 514 34.52 -17.58 69.26
C ALA HA 514 34.30 -17.42 67.75
N ARG HA 515 33.77 -16.28 67.33
CA ARG HA 515 33.57 -16.06 65.90
C ARG HA 515 34.86 -16.13 65.12
N VAL HA 516 35.88 -15.44 65.59
CA VAL HA 516 37.14 -15.39 64.88
C VAL HA 516 37.77 -16.78 64.79
N ASP HA 517 37.74 -17.54 65.90
CA ASP HA 517 38.33 -18.88 65.90
C ASP HA 517 37.65 -19.78 64.87
N ASN HA 518 36.35 -19.62 64.65
CA ASN HA 518 35.66 -20.45 63.67
C ASN HA 518 35.85 -19.97 62.22
N ASP HA 519 35.86 -18.65 62.00
CA ASP HA 519 36.03 -18.10 60.66
C ASP HA 519 37.43 -18.18 60.09
N ARG HA 520 38.45 -17.94 60.91
CA ARG HA 520 39.81 -17.90 60.42
C ARG HA 520 40.80 -18.79 61.18
N GLY HA 521 40.61 -18.97 62.48
CA GLY HA 521 41.55 -19.75 63.27
C GLY HA 521 42.12 -18.97 64.44
N VAL HA 522 42.64 -19.69 65.43
CA VAL HA 522 43.19 -19.12 66.67
C VAL HA 522 44.36 -18.17 66.45
N TRP HA 523 45.01 -18.23 65.31
CA TRP HA 523 46.15 -17.36 65.03
C TRP HA 523 45.73 -16.02 64.41
N LYS HA 524 44.45 -15.80 64.20
CA LYS HA 524 43.95 -14.55 63.65
C LYS HA 524 43.63 -13.55 64.77
N SER HA 525 44.10 -12.32 64.63
CA SER HA 525 43.79 -11.29 65.60
C SER HA 525 42.29 -10.95 65.74
N PRO HA 526 41.78 -10.85 66.98
CA PRO HA 526 40.41 -10.40 67.34
C PRO HA 526 40.03 -8.96 66.99
N ALA HA 527 40.98 -8.11 66.63
CA ALA HA 527 40.65 -6.71 66.34
C ALA HA 527 39.95 -6.52 65.00
N ASN HA 528 39.31 -5.34 64.86
CA ASN HA 528 38.55 -4.88 63.69
C ASN HA 528 37.32 -5.74 63.43
N ILE HA 529 36.67 -6.14 64.52
CA ILE HA 529 35.46 -6.95 64.50
C ILE HA 529 34.34 -6.17 65.18
N GLY HA 530 33.18 -6.11 64.53
CA GLY HA 530 32.04 -5.38 65.08
C GLY HA 530 31.31 -6.15 66.16
N LEU HA 531 30.64 -5.41 67.05
CA LEU HA 531 29.87 -5.99 68.14
C LEU HA 531 28.36 -5.91 67.89
N ASN HA 532 27.64 -6.96 68.28
CA ASN HA 532 26.19 -6.98 68.15
C ASN HA 532 25.54 -6.47 69.42
N TYR HA 533 24.35 -5.90 69.27
CA TYR HA 533 23.55 -5.36 70.37
C TYR HA 533 24.24 -4.23 71.11
N VAL HA 534 25.01 -3.41 70.42
CA VAL HA 534 25.67 -2.29 71.07
C VAL HA 534 25.25 -1.01 70.37
N SER HA 535 24.71 -0.08 71.14
CA SER HA 535 24.32 1.20 70.59
C SER HA 535 25.50 2.10 70.50
N LYS HA 536 26.31 2.09 71.55
CA LYS HA 536 27.48 2.96 71.61
C LYS HA 536 28.37 2.58 72.82
N PRO HA 537 29.66 2.99 72.78
CA PRO HA 537 30.55 3.03 73.94
C PRO HA 537 30.00 4.03 74.95
N SER HA 538 30.20 3.77 76.24
CA SER HA 538 29.74 4.67 77.29
C SER HA 538 30.39 6.05 77.21
N VAL HA 539 31.66 6.12 76.84
CA VAL HA 539 32.40 7.37 76.71
C VAL HA 539 33.14 7.42 75.39
N THR HA 540 33.50 8.61 74.96
CA THR HA 540 34.29 8.78 73.74
C THR HA 540 35.74 9.03 74.10
N VAL HA 541 36.64 8.26 73.49
CA VAL HA 541 38.06 8.36 73.78
C VAL HA 541 38.76 9.03 72.61
N SER HA 542 39.43 10.16 72.85
CA SER HA 542 40.12 10.95 71.84
C SER HA 542 41.44 10.31 71.44
N HIS HA 543 42.02 10.80 70.33
CA HIS HA 543 43.31 10.26 69.88
C HIS HA 543 44.43 10.52 70.87
N GLU HA 544 44.40 11.67 71.53
CA GLU HA 544 45.41 12.00 72.50
C GLU HA 544 45.44 10.97 73.61
N GLU HA 545 44.26 10.54 74.01
CA GLU HA 545 44.13 9.53 75.04
C GLU HA 545 44.50 8.15 74.54
N GLN HA 546 44.05 7.82 73.34
CA GLN HA 546 44.23 6.50 72.79
C GLN HA 546 45.69 6.11 72.62
N GLU HA 547 46.57 7.04 72.34
CA GLU HA 547 47.97 6.67 72.20
C GLU HA 547 48.54 6.10 73.50
N SER HA 548 48.04 6.54 74.67
CA SER HA 548 48.57 6.07 75.95
C SER HA 548 47.98 4.71 76.34
N MET HA 549 46.97 4.26 75.61
CA MET HA 549 46.36 2.99 75.88
C MET HA 549 47.13 1.93 75.14
N ASN HA 550 47.67 2.29 73.98
CA ASN HA 550 48.39 1.34 73.15
C ASN HA 550 49.86 1.20 73.50
N VAL HA 551 50.54 2.30 73.78
CA VAL HA 551 51.94 2.26 74.13
C VAL HA 551 52.14 2.99 75.44
N HIS HA 552 52.79 2.35 76.38
CA HIS HA 552 52.97 2.91 77.70
C HIS HA 552 54.21 2.35 78.37
N GLY HA 553 54.83 3.16 79.22
CA GLY HA 553 56.04 2.75 79.95
C GLY HA 553 55.91 1.45 80.75
N THR HA 554 54.72 1.12 81.23
CA THR HA 554 54.55 -0.11 81.99
C THR HA 554 54.27 -1.36 81.15
N GLY HA 555 53.91 -1.20 79.88
CA GLY HA 555 53.52 -2.31 79.00
C GLY HA 555 52.09 -2.77 79.20
N LYS HA 556 51.38 -2.18 80.15
CA LYS HA 556 50.04 -2.57 80.49
C LYS HA 556 49.01 -1.90 79.59
N SER HA 557 49.02 -2.34 78.35
CA SER HA 557 48.15 -1.85 77.31
C SER HA 557 46.70 -2.14 77.56
N VAL HA 558 45.82 -1.28 77.05
CA VAL HA 558 44.37 -1.48 77.14
C VAL HA 558 43.79 -1.35 75.73
N ASN HA 559 42.99 -2.32 75.31
CA ASN HA 559 42.41 -2.27 73.97
C ASN HA 559 41.20 -1.35 73.98
N ALA HA 560 40.94 -0.63 72.88
CA ALA HA 560 39.86 0.35 72.89
C ALA HA 560 38.62 -0.08 72.12
N ILE HA 561 37.47 0.34 72.62
CA ILE HA 561 36.22 0.15 71.90
C ILE HA 561 35.85 1.50 71.28
N ARG HA 562 35.67 1.54 69.95
CA ARG HA 562 35.42 2.80 69.24
C ARG HA 562 34.27 2.79 68.25
N SER HA 563 33.66 3.95 68.08
CA SER HA 563 32.60 4.15 67.09
C SER HA 563 33.13 4.80 65.81
N PHE HA 564 32.85 4.20 64.67
CA PHE HA 564 33.29 4.73 63.39
C PHE HA 564 32.11 5.10 62.50
N VAL HA 565 32.27 6.17 61.73
CA VAL HA 565 31.18 6.63 60.88
C VAL HA 565 30.84 5.64 59.80
N GLY HA 566 29.57 5.27 59.74
CA GLY HA 566 29.06 4.33 58.77
C GLY HA 566 29.30 2.87 59.13
N LYS HA 567 29.95 2.61 60.27
CA LYS HA 567 30.26 1.24 60.63
C LYS HA 567 29.68 0.82 61.97
N GLY HA 568 29.64 1.72 62.94
CA GLY HA 568 29.20 1.34 64.27
C GLY HA 568 30.37 1.04 65.17
N THR HA 569 30.15 0.23 66.20
CA THR HA 569 31.16 0.01 67.22
C THR HA 569 32.07 -1.17 66.90
N LEU HA 570 33.38 -0.89 66.84
CA LEU HA 570 34.44 -1.86 66.54
C LEU HA 570 35.47 -2.01 67.67
N VAL HA 571 36.11 -3.17 67.73
CA VAL HA 571 37.23 -3.41 68.63
C VAL HA 571 38.52 -2.93 67.97
N TRP HA 572 39.22 -1.99 68.60
CA TRP HA 572 40.42 -1.41 67.99
C TRP HA 572 41.69 -1.73 68.80
N GLY HA 573 42.50 -2.64 68.30
CA GLY HA 573 43.70 -3.10 69.00
C GLY HA 573 43.53 -4.49 69.61
N ALA HA 574 44.63 -5.25 69.67
CA ALA HA 574 44.59 -6.61 70.20
C ALA HA 574 45.88 -7.02 70.90
N ARG HA 575 46.30 -6.23 71.89
CA ARG HA 575 47.52 -6.52 72.61
C ARG HA 575 47.25 -7.06 74.01
N THR HA 576 48.26 -7.73 74.56
CA THR HA 576 48.28 -8.31 75.90
C THR HA 576 48.78 -7.31 76.94
N LEU HA 577 48.71 -7.70 78.22
CA LEU HA 577 49.20 -6.84 79.31
C LEU HA 577 50.74 -6.81 79.42
N ALA HA 578 51.44 -7.40 78.46
CA ALA HA 578 52.88 -7.37 78.34
C ALA HA 578 53.17 -6.88 76.93
N GLY HA 579 52.57 -5.72 76.61
CA GLY HA 579 52.49 -5.16 75.27
C GLY HA 579 53.79 -4.66 74.68
N ASN HA 580 54.84 -4.56 75.46
CA ASN HA 580 56.12 -4.14 74.93
C ASN HA 580 57.03 -5.32 74.74
N ASP HA 581 56.56 -6.51 75.08
CA ASP HA 581 57.41 -7.68 75.00
C ASP HA 581 57.67 -8.04 73.55
N ASN HA 582 58.89 -8.50 73.28
CA ASN HA 582 59.24 -8.91 71.93
C ASN HA 582 58.58 -10.20 71.46
N GLU HA 583 58.19 -11.08 72.36
CA GLU HA 583 57.57 -12.33 71.92
C GLU HA 583 56.08 -12.41 72.18
N TRP HA 584 55.63 -11.91 73.35
CA TRP HA 584 54.25 -12.09 73.80
C TRP HA 584 53.33 -10.86 73.80
N ARG HA 585 53.57 -9.86 72.96
CA ARG HA 585 52.71 -8.68 72.95
C ARG HA 585 51.36 -8.88 72.28
N TYR HA 586 51.22 -9.85 71.38
CA TYR HA 586 49.94 -10.03 70.69
C TYR HA 586 49.13 -11.14 71.29
N ILE HA 587 47.81 -10.92 71.33
CA ILE HA 587 46.90 -11.92 71.87
C ILE HA 587 46.93 -13.20 71.06
N SER HA 588 46.86 -13.07 69.74
CA SER HA 588 46.82 -14.22 68.85
C SER HA 588 48.06 -15.09 68.93
N VAL HA 589 49.21 -14.49 69.22
CA VAL HA 589 50.41 -15.29 69.33
C VAL HA 589 50.35 -16.15 70.58
N ARG HA 590 49.96 -15.56 71.71
CA ARG HA 590 49.86 -16.30 72.95
C ARG HA 590 48.79 -17.38 72.91
N ARG HA 591 47.66 -17.10 72.29
CA ARG HA 591 46.62 -18.11 72.22
C ARG HA 591 47.00 -19.26 71.29
N PHE HA 592 47.69 -18.97 70.18
CA PHE HA 592 48.15 -20.02 69.30
C PHE HA 592 49.03 -21.01 70.04
N PHE HA 593 50.01 -20.50 70.78
CA PHE HA 593 50.89 -21.39 71.52
C PHE HA 593 50.11 -22.23 72.52
N ASN HA 594 49.17 -21.66 73.26
CA ASN HA 594 48.46 -22.50 74.23
C ASN HA 594 47.79 -23.68 73.54
N MET HA 595 47.18 -23.42 72.38
CA MET HA 595 46.51 -24.46 71.60
C MET HA 595 47.49 -25.51 71.12
N ALA HA 596 48.56 -25.08 70.48
CA ALA HA 596 49.50 -26.02 69.90
C ALA HA 596 50.14 -26.90 70.95
N GLU HA 597 50.47 -26.33 72.10
CA GLU HA 597 51.10 -27.10 73.14
C GLU HA 597 50.17 -28.16 73.71
N GLU HA 598 48.89 -27.82 73.92
CA GLU HA 598 47.95 -28.81 74.42
C GLU HA 598 47.78 -29.99 73.48
N SER HA 599 47.68 -29.71 72.17
CA SER HA 599 47.50 -30.79 71.20
C SER HA 599 48.70 -31.71 71.16
N ILE HA 600 49.91 -31.17 71.21
CA ILE HA 600 51.08 -32.04 71.18
C ILE HA 600 51.13 -32.86 72.45
N LYS HA 601 50.89 -32.23 73.61
CA LYS HA 601 50.92 -32.94 74.87
C LYS HA 601 50.01 -34.17 74.85
N LYS HA 602 48.81 -34.03 74.32
CA LYS HA 602 47.92 -35.18 74.25
C LYS HA 602 48.45 -36.26 73.31
N ALA HA 603 48.99 -35.87 72.17
CA ALA HA 603 49.53 -36.81 71.20
C ALA HA 603 50.66 -37.66 71.79
N THR HA 604 51.45 -37.12 72.71
CA THR HA 604 52.59 -37.86 73.25
C THR HA 604 52.21 -38.78 74.43
N GLU HA 605 50.96 -38.79 74.88
CA GLU HA 605 50.61 -39.65 76.03
C GLU HA 605 50.80 -41.14 75.73
N GLN HA 606 50.61 -41.53 74.48
CA GLN HA 606 50.73 -42.92 74.07
C GLN HA 606 52.13 -43.50 74.24
N PHE HA 607 53.15 -42.67 74.46
CA PHE HA 607 54.51 -43.17 74.62
C PHE HA 607 55.00 -43.17 76.06
N VAL HA 608 54.16 -42.86 77.03
CA VAL HA 608 54.63 -42.66 78.41
C VAL HA 608 55.32 -43.88 79.02
N PHE HA 609 54.82 -45.07 78.80
CA PHE HA 609 55.45 -46.22 79.43
C PHE HA 609 56.27 -47.06 78.45
N GLU HA 610 56.68 -46.47 77.33
CA GLU HA 610 57.49 -47.17 76.35
C GLU HA 610 58.96 -47.16 76.80
N PRO HA 611 59.78 -48.11 76.31
CA PRO HA 611 61.23 -48.13 76.55
C PRO HA 611 61.87 -46.84 76.10
N ASN HA 612 62.89 -46.38 76.83
CA ASN HA 612 63.57 -45.13 76.50
C ASN HA 612 64.82 -45.46 75.71
N ASP HA 613 64.65 -45.50 74.38
CA ASP HA 613 65.70 -45.87 73.44
C ASP HA 613 65.36 -45.31 72.06
N GLY HA 614 66.26 -45.54 71.09
CA GLY HA 614 66.15 -45.03 69.73
C GLY HA 614 64.87 -45.38 68.99
N ASN HA 615 64.29 -46.56 69.28
CA ASN HA 615 63.08 -46.97 68.61
C ASN HA 615 61.84 -46.22 69.06
N THR HA 616 61.96 -45.46 70.14
CA THR HA 616 60.87 -44.65 70.63
C THR HA 616 61.12 -43.23 70.24
N TRP HA 617 62.37 -42.80 70.38
CA TRP HA 617 62.71 -41.41 70.09
C TRP HA 617 62.31 -41.03 68.68
N VAL HA 618 62.53 -41.93 67.73
CA VAL HA 618 62.19 -41.73 66.34
C VAL HA 618 60.68 -41.64 66.09
N ARG HA 619 59.88 -42.42 66.81
CA ARG HA 619 58.44 -42.40 66.69
C ARG HA 619 57.84 -41.12 67.22
N VAL HA 620 58.39 -40.60 68.33
CA VAL HA 620 57.93 -39.35 68.92
C VAL HA 620 58.19 -38.21 67.96
N ARG HA 621 59.39 -38.18 67.36
CA ARG HA 621 59.68 -37.15 66.40
C ARG HA 621 58.76 -37.16 65.21
N ALA HA 622 58.52 -38.33 64.61
CA ALA HA 622 57.69 -38.36 63.41
C ALA HA 622 56.30 -37.81 63.68
N MET HA 623 55.74 -38.17 64.82
CA MET HA 623 54.41 -37.70 65.17
C MET HA 623 54.33 -36.20 65.36
N ILE HA 624 55.29 -35.62 66.07
CA ILE HA 624 55.26 -34.18 66.31
C ILE HA 624 55.39 -33.43 65.01
N GLU HA 625 56.30 -33.89 64.13
CA GLU HA 625 56.49 -33.25 62.85
C GLU HA 625 55.21 -33.27 62.02
N ASN HA 626 54.45 -34.38 62.05
CA ASN HA 626 53.21 -34.44 61.29
C ASN HA 626 52.19 -33.41 61.78
N PHE HA 627 52.11 -33.22 63.09
CA PHE HA 627 51.20 -32.19 63.61
C PHE HA 627 51.59 -30.82 63.09
N LEU HA 628 52.87 -30.49 63.19
CA LEU HA 628 53.36 -29.19 62.82
C LEU HA 628 53.28 -28.92 61.32
N ILE HA 629 53.48 -29.93 60.48
CA ILE HA 629 53.41 -29.66 59.05
C ILE HA 629 51.99 -29.27 58.66
N LEU HA 630 50.97 -29.82 59.33
CA LEU HA 630 49.60 -29.43 59.04
C LEU HA 630 49.35 -27.98 59.44
N GLN HA 631 49.89 -27.56 60.58
CA GLN HA 631 49.71 -26.19 61.03
C GLN HA 631 50.38 -25.20 60.08
N TRP HA 632 51.51 -25.62 59.53
CA TRP HA 632 52.21 -24.80 58.55
C TRP HA 632 51.38 -24.63 57.28
N ARG HA 633 50.82 -25.70 56.75
CA ARG HA 633 50.01 -25.60 55.54
C ARG HA 633 48.77 -24.74 55.76
N ALA HA 634 48.22 -24.79 56.98
CA ALA HA 634 47.05 -24.03 57.39
C ALA HA 634 47.30 -22.53 57.49
N GLY HA 635 48.55 -22.09 57.51
CA GLY HA 635 48.86 -20.67 57.63
C GLY HA 635 49.18 -20.17 59.04
N ALA HA 636 49.43 -21.05 60.00
CA ALA HA 636 49.75 -20.57 61.34
C ALA HA 636 51.23 -20.24 61.50
N LEU HA 637 52.07 -21.05 60.86
CA LEU HA 637 53.51 -20.93 60.99
C LEU HA 637 54.11 -20.23 59.78
N ALA HA 638 55.16 -19.50 60.04
CA ALA HA 638 55.92 -18.75 59.04
C ALA HA 638 56.97 -19.63 58.37
N GLY HA 639 57.46 -19.24 57.19
CA GLY HA 639 58.54 -19.97 56.51
C GLY HA 639 58.18 -20.54 55.15
N ALA HA 640 59.09 -20.34 54.17
CA ALA HA 640 58.92 -20.80 52.78
C ALA HA 640 58.82 -22.31 52.62
N LYS HA 641 59.55 -23.04 53.45
CA LYS HA 641 59.55 -24.49 53.46
C LYS HA 641 59.75 -24.88 54.92
N PRO HA 642 59.39 -26.13 55.33
CA PRO HA 642 59.45 -26.60 56.73
C PRO HA 642 60.75 -26.33 57.46
N GLU HA 643 61.88 -26.36 56.74
CA GLU HA 643 63.17 -26.06 57.34
C GLU HA 643 63.28 -24.68 57.97
N HIS HA 644 62.38 -23.77 57.61
CA HIS HA 644 62.37 -22.43 58.13
C HIS HA 644 61.20 -22.17 59.05
N ALA HA 645 60.34 -23.16 59.25
CA ALA HA 645 59.14 -23.00 60.05
C ALA HA 645 59.27 -23.65 61.41
N PHE HA 646 59.86 -24.83 61.45
CA PHE HA 646 59.95 -25.53 62.73
C PHE HA 646 61.03 -26.58 62.77
N TYR HA 647 61.35 -27.01 63.99
CA TYR HA 647 62.23 -28.16 64.15
C TYR HA 647 61.90 -28.91 65.41
N VAL HA 648 62.31 -30.19 65.45
CA VAL HA 648 62.19 -31.06 66.61
C VAL HA 648 63.51 -31.81 66.83
N LYS HA 649 64.07 -31.79 68.04
CA LYS HA 649 65.32 -32.51 68.32
C LYS HA 649 65.17 -33.47 69.50
N VAL HA 650 65.54 -34.73 69.29
CA VAL HA 650 65.48 -35.73 70.35
C VAL HA 650 66.70 -36.63 70.28
N GLY HA 651 67.41 -36.85 71.38
CA GLY HA 651 68.47 -37.84 71.30
C GLY HA 651 69.52 -37.75 72.39
N LEU HA 652 70.24 -38.85 72.56
CA LEU HA 652 71.28 -38.84 73.57
C LEU HA 652 72.46 -38.16 72.93
N GLY HA 653 73.03 -37.21 73.65
CA GLY HA 653 74.10 -36.41 73.13
C GLY HA 653 73.56 -35.14 72.49
N GLN HA 654 72.24 -35.05 72.31
CA GLN HA 654 71.63 -33.86 71.74
C GLN HA 654 70.82 -33.14 72.79
N THR HA 655 69.89 -33.87 73.40
CA THR HA 655 69.00 -33.33 74.41
C THR HA 655 69.09 -34.08 75.73
N MET HA 656 69.62 -35.31 75.72
CA MET HA 656 69.69 -36.19 76.88
C MET HA 656 71.09 -36.68 77.23
N THR HA 657 71.29 -37.01 78.50
CA THR HA 657 72.55 -37.64 78.87
C THR HA 657 72.33 -38.99 79.55
N ALA HA 658 73.43 -39.66 79.91
CA ALA HA 658 73.35 -40.99 80.51
C ALA HA 658 72.52 -41.00 81.77
N GLN HA 659 72.63 -39.92 82.54
CA GLN HA 659 71.90 -39.80 83.79
C GLN HA 659 70.40 -39.72 83.57
N ASP HA 660 69.94 -39.18 82.42
CA ASP HA 660 68.51 -39.06 82.20
C ASP HA 660 67.98 -40.41 81.85
N ILE HA 661 68.79 -41.20 81.17
CA ILE HA 661 68.31 -42.52 80.84
C ILE HA 661 68.11 -43.29 82.14
N LEU HA 662 69.05 -43.14 83.07
CA LEU HA 662 68.97 -43.82 84.36
C LEU HA 662 67.78 -43.33 85.20
N GLU HA 663 67.52 -42.02 85.19
CA GLU HA 663 66.38 -41.45 85.91
C GLU HA 663 65.05 -41.81 85.29
N GLY HA 664 65.01 -41.93 83.97
CA GLY HA 664 63.80 -42.21 83.23
C GLY HA 664 63.22 -40.97 82.57
N ASN HA 665 64.05 -40.00 82.26
CA ASN HA 665 63.62 -38.77 81.62
C ASN HA 665 63.79 -38.84 80.11
N MET HA 666 62.97 -38.07 79.40
CA MET HA 666 63.13 -37.93 77.96
C MET HA 666 62.95 -36.47 77.59
N ASN HA 667 63.95 -35.89 76.93
CA ASN HA 667 63.96 -34.48 76.60
C ASN HA 667 63.72 -34.18 75.13
N VAL HA 668 62.64 -33.46 74.83
CA VAL HA 668 62.30 -33.13 73.46
C VAL HA 668 62.33 -31.62 73.26
N GLU HA 669 63.11 -31.13 72.30
CA GLU HA 669 63.21 -29.70 72.05
C GLU HA 669 62.50 -29.31 70.76
N ILE HA 670 61.65 -28.29 70.84
CA ILE HA 670 60.84 -27.84 69.69
C ILE HA 670 60.96 -26.33 69.49
N GLY HA 671 61.13 -25.89 68.25
CA GLY HA 671 61.15 -24.46 67.94
C GLY HA 671 60.09 -24.16 66.90
N LEU HA 672 59.53 -22.93 66.93
CA LEU HA 672 58.46 -22.53 65.99
C LEU HA 672 58.54 -21.07 65.52
N ALA HA 673 58.42 -20.84 64.21
CA ALA HA 673 58.32 -19.48 63.69
C ALA HA 673 56.86 -19.14 63.44
N VAL HA 674 56.37 -18.03 64.00
CA VAL HA 674 54.93 -17.79 63.87
C VAL HA 674 54.64 -16.49 63.13
N VAL HA 675 53.43 -16.42 62.60
CA VAL HA 675 52.92 -15.27 61.86
C VAL HA 675 52.41 -14.17 62.81
N ARG HA 676 52.80 -12.92 62.54
CA ARG HA 676 52.38 -11.77 63.32
C ARG HA 676 51.58 -10.80 62.41
N PRO HA 677 50.61 -10.05 62.97
CA PRO HA 677 49.72 -9.12 62.23
C PRO HA 677 50.33 -7.79 61.81
N ALA HA 678 49.74 -7.16 60.81
CA ALA HA 678 50.10 -5.81 60.46
C ALA HA 678 49.22 -4.82 61.23
N GLU HA 679 49.84 -3.80 61.82
CA GLU HA 679 49.08 -2.77 62.53
C GLU HA 679 49.13 -1.41 61.86
N PHE HA 680 50.14 -1.13 61.06
CA PHE HA 680 50.29 0.19 60.49
C PHE HA 680 50.47 0.12 58.99
N ILE HA 681 49.96 1.13 58.29
CA ILE HA 681 50.13 1.25 56.85
C ILE HA 681 50.76 2.58 56.52
N ILE HA 682 51.86 2.54 55.80
CA ILE HA 682 52.57 3.75 55.44
C ILE HA 682 52.57 3.94 53.94
N LEU HA 683 52.09 5.08 53.47
CA LEU HA 683 52.05 5.39 52.06
C LEU HA 683 53.08 6.42 51.67
N LYS HA 684 53.53 6.33 50.41
CA LYS HA 684 54.46 7.28 49.82
C LYS HA 684 54.06 7.50 48.37
N PHE HA 685 54.20 8.73 47.88
CA PHE HA 685 53.89 9.05 46.50
C PHE HA 685 55.07 9.71 45.80
N SER HA 686 55.28 9.43 44.52
CA SER HA 686 56.31 10.12 43.74
C SER HA 686 55.80 10.20 42.29
N HIS HA 687 56.34 11.14 41.55
CA HIS HA 687 55.87 11.40 40.20
C HIS HA 687 56.98 11.63 39.18
N LYS HA 688 56.60 11.49 37.92
CA LYS HA 688 57.42 11.84 36.76
C LYS HA 688 56.55 12.58 35.76
N MET HA 689 57.17 13.41 34.93
CA MET HA 689 56.44 14.09 33.87
C MET HA 689 56.38 13.21 32.64
N GLN HA 690 55.28 13.26 31.92
CA GLN HA 690 55.16 12.47 30.71
C GLN HA 690 56.25 12.83 29.72
N THR IA 3 58.12 5.56 64.68
CA THR IA 3 57.29 5.05 65.76
C THR IA 3 55.86 5.47 65.67
N TYR IA 4 54.97 4.50 65.65
CA TYR IA 4 53.55 4.76 65.61
C TYR IA 4 52.97 4.09 66.83
N LYS IA 5 51.90 4.67 67.36
CA LYS IA 5 51.28 4.09 68.54
C LYS IA 5 49.85 3.63 68.32
N THR IA 6 49.14 4.26 67.40
CA THR IA 6 47.74 3.96 67.15
C THR IA 6 47.59 3.29 65.78
N PRO IA 7 46.92 2.14 65.67
CA PRO IA 7 46.69 1.47 64.39
C PRO IA 7 46.02 2.43 63.42
N GLY IA 8 46.47 2.45 62.18
CA GLY IA 8 45.88 3.35 61.23
C GLY IA 8 46.69 3.45 59.96
N VAL IA 9 46.25 4.34 59.09
CA VAL IA 9 46.89 4.58 57.81
C VAL IA 9 47.61 5.90 57.86
N TYR IA 10 48.90 5.89 57.60
CA TYR IA 10 49.69 7.10 57.68
C TYR IA 10 50.28 7.42 56.33
N ILE IA 11 50.45 8.71 56.08
CA ILE IA 11 51.06 9.21 54.85
C ILE IA 11 52.33 9.92 55.22
N GLU IA 12 53.45 9.53 54.61
CA GLU IA 12 54.73 10.13 54.95
C GLU IA 12 55.45 10.61 53.71
N GLU IA 13 56.11 11.76 53.83
CA GLU IA 13 56.91 12.33 52.75
C GLU IA 13 58.24 11.60 52.60
N ILE IA 14 58.89 11.29 53.71
CA ILE IA 14 60.20 10.68 53.69
C ILE IA 14 60.22 9.36 54.39
N THR IA 15 60.58 8.32 53.66
CA THR IA 15 60.64 6.99 54.22
C THR IA 15 61.94 6.32 53.81
N LYS IA 16 62.27 5.24 54.52
CA LYS IA 16 63.42 4.41 54.20
C LYS IA 16 62.92 3.16 53.51
N PHE IA 17 63.67 2.69 52.53
CA PHE IA 17 63.26 1.51 51.81
C PHE IA 17 64.18 0.35 52.18
N PRO IA 18 63.66 -0.90 52.13
CA PRO IA 18 64.38 -2.18 52.34
C PRO IA 18 65.00 -2.84 51.09
N PRO IA 19 66.15 -2.39 50.56
CA PRO IA 19 66.79 -3.06 49.43
C PRO IA 19 67.33 -4.35 49.99
N SER IA 20 67.49 -5.38 49.16
CA SER IA 20 68.01 -6.63 49.72
C SER IA 20 68.71 -7.61 48.78
N VAL IA 21 68.31 -7.66 47.52
CA VAL IA 21 68.86 -8.67 46.61
C VAL IA 21 69.76 -8.10 45.54
N ALA IA 22 71.02 -8.54 45.58
CA ALA IA 22 71.99 -8.16 44.58
C ALA IA 22 71.97 -9.19 43.48
N GLN IA 23 72.41 -8.79 42.28
CA GLN IA 23 72.48 -9.72 41.17
C GLN IA 23 73.66 -9.27 40.32
N VAL IA 24 74.14 -10.14 39.47
CA VAL IA 24 75.25 -9.77 38.61
C VAL IA 24 74.79 -8.92 37.45
N GLU IA 25 75.44 -7.78 37.28
CA GLU IA 25 75.18 -6.85 36.21
C GLU IA 25 76.52 -6.39 35.66
N THR IA 26 76.52 -5.90 34.42
CA THR IA 26 77.74 -5.46 33.77
C THR IA 26 77.96 -3.95 33.72
N ALA IA 27 76.94 -3.14 33.93
CA ALA IA 27 77.07 -1.68 33.87
C ALA IA 27 77.04 -1.05 35.26
N ILE IA 28 78.08 -1.18 36.07
CA ILE IA 28 78.03 -0.65 37.43
C ILE IA 28 79.09 0.42 37.62
N PRO IA 29 78.71 1.69 37.62
CA PRO IA 29 79.66 2.76 37.78
C PRO IA 29 79.99 3.03 39.21
N ALA IA 30 81.16 3.59 39.42
CA ALA IA 30 81.49 4.24 40.67
C ALA IA 30 81.63 5.72 40.39
N PHE IA 31 81.10 6.52 41.32
CA PHE IA 31 81.16 7.98 41.21
C PHE IA 31 81.98 8.56 42.36
N ILE IA 32 83.10 9.18 42.03
CA ILE IA 32 83.99 9.75 43.05
C ILE IA 32 83.92 11.28 43.08
N GLY IA 33 83.50 11.87 44.21
CA GLY IA 33 83.37 13.35 44.29
C GLY IA 33 82.88 13.90 45.63
N TYR IA 34 82.39 15.15 45.66
CA TYR IA 34 81.98 15.76 46.95
C TYR IA 34 80.49 15.73 47.21
N THR IA 35 80.09 15.62 48.49
CA THR IA 35 78.66 15.62 48.88
C THR IA 35 78.34 16.60 50.02
N GLN IA 36 77.05 16.82 50.30
CA GLN IA 36 76.65 17.72 51.37
C GLN IA 36 77.07 17.21 52.73
N PHE IA 37 76.91 15.91 52.95
CA PHE IA 37 77.22 15.22 54.20
C PHE IA 37 77.54 13.77 53.88
N ALA IA 38 77.90 13.00 54.90
CA ALA IA 38 78.26 11.62 54.66
C ALA IA 38 78.02 10.77 55.90
N ARG IA 39 76.76 10.52 56.25
CA ARG IA 39 76.53 9.86 57.52
C ARG IA 39 75.70 8.59 57.46
N THR IA 40 76.18 7.57 58.18
CA THR IA 40 75.54 6.27 58.28
C THR IA 40 74.17 6.37 58.88
N LYS IA 41 74.07 7.15 59.95
CA LYS IA 41 72.80 7.32 60.63
C LYS IA 41 72.15 8.63 60.20
N PRO IA 42 70.95 8.59 59.62
CA PRO IA 42 70.22 9.77 59.15
C PRO IA 42 70.11 10.89 60.16
N SER IA 43 70.10 10.60 61.46
CA SER IA 43 69.97 11.67 62.44
C SER IA 43 71.10 11.79 63.46
N VAL IA 44 72.34 11.80 63.01
CA VAL IA 44 73.47 12.09 63.89
C VAL IA 44 74.27 13.23 63.28
N ASP IA 45 75.14 13.87 64.06
CA ASP IA 45 75.91 14.97 63.49
C ASP IA 45 77.19 14.50 62.75
N SER IA 46 77.73 13.35 63.11
CA SER IA 46 78.97 12.85 62.53
C SER IA 46 78.87 12.38 61.08
N ASP IA 47 79.94 12.66 60.32
CA ASP IA 47 80.16 12.15 58.96
C ASP IA 47 81.11 10.97 59.05
N ASP IA 48 80.67 9.81 58.58
CA ASP IA 48 81.49 8.60 58.69
C ASP IA 48 81.48 7.70 57.45
N LEU IA 49 80.85 8.15 56.36
CA LEU IA 49 80.80 7.40 55.11
C LEU IA 49 81.73 7.94 54.06
N ILE IA 50 82.57 8.91 54.38
CA ILE IA 50 83.28 9.59 53.29
C ILE IA 50 84.12 8.63 52.45
N LEU IA 51 85.02 7.87 53.05
CA LEU IA 51 85.83 6.97 52.23
C LEU IA 51 85.38 5.53 52.35
N LYS IA 52 84.08 5.34 52.54
CA LYS IA 52 83.51 4.01 52.63
C LYS IA 52 82.54 3.78 51.48
N PRO IA 53 82.95 3.15 50.38
CA PRO IA 53 82.10 2.99 49.20
C PRO IA 53 80.77 2.38 49.58
N LYS IA 54 79.69 2.97 49.08
CA LYS IA 54 78.37 2.47 49.45
C LYS IA 54 77.51 2.23 48.21
N ARG IA 55 76.67 1.20 48.29
CA ARG IA 55 75.74 0.85 47.24
C ARG IA 55 74.42 1.61 47.38
N ILE IA 56 74.04 2.30 46.31
CA ILE IA 56 72.83 3.14 46.17
C ILE IA 56 71.92 2.58 45.07
N SER IA 57 70.61 2.44 45.34
CA SER IA 57 69.69 1.94 44.32
C SER IA 57 68.96 3.06 43.59
N SER IA 58 68.76 4.20 44.24
CA SER IA 58 68.06 5.33 43.62
C SER IA 58 68.46 6.64 44.29
N LEU IA 59 67.91 7.76 43.82
CA LEU IA 59 68.12 9.08 44.41
C LEU IA 59 67.55 9.12 45.80
N LEU IA 60 66.55 8.28 46.03
CA LEU IA 60 65.93 8.15 47.34
C LEU IA 60 66.91 7.67 48.39
N ASP IA 61 67.95 6.93 47.99
CA ASP IA 61 68.90 6.49 48.99
C ASP IA 61 69.98 7.54 49.09
N PHE IA 62 70.38 8.12 47.96
CA PHE IA 62 71.46 9.09 47.98
C PHE IA 62 71.13 10.26 48.90
N THR IA 63 69.91 10.76 48.77
CA THR IA 63 69.40 11.88 49.53
C THR IA 63 69.39 11.67 51.05
N THR IA 64 69.45 10.43 51.54
CA THR IA 64 69.40 10.22 52.98
C THR IA 64 70.77 10.00 53.60
N TYR IA 65 71.82 9.88 52.80
CA TYR IA 65 73.16 9.64 53.34
C TYR IA 65 74.13 10.71 52.95
N TYR IA 66 73.93 11.28 51.77
CA TYR IA 66 74.80 12.26 51.20
C TYR IA 66 74.11 13.61 51.05
N GLY IA 67 72.83 13.62 50.71
CA GLY IA 67 72.08 14.87 50.61
C GLY IA 67 71.86 15.38 49.19
N GLY IA 68 71.58 16.69 49.08
CA GLY IA 68 71.21 17.35 47.82
C GLY IA 68 72.31 18.24 47.23
N ALA IA 69 71.91 19.29 46.52
CA ALA IA 69 72.83 20.22 45.87
C ALA IA 69 73.10 21.44 46.76
N GLN IA 70 74.16 22.18 46.43
CA GLN IA 70 74.51 23.43 47.12
C GLN IA 70 73.73 24.60 46.54
N ASN IA 71 73.28 25.55 47.38
CA ASN IA 71 72.59 26.75 46.89
C ASN IA 71 73.55 27.68 46.16
N GLU IA 72 73.17 28.13 44.97
CA GLU IA 72 74.00 29.05 44.20
C GLU IA 72 74.06 30.41 44.89
N GLN IA 73 75.23 31.04 44.85
CA GLN IA 73 75.44 32.36 45.44
C GLN IA 73 75.56 33.48 44.41
N GLY IA 74 75.48 33.14 43.13
CA GLY IA 74 75.69 34.06 42.03
C GLY IA 74 74.46 34.68 41.36
N ILE IA 75 73.27 34.52 41.94
CA ILE IA 75 72.07 35.05 41.30
C ILE IA 75 71.88 36.53 41.64
N THR IA 76 71.75 37.33 40.59
CA THR IA 76 71.54 38.77 40.64
C THR IA 76 70.19 39.13 40.09
N VAL IA 77 69.50 40.05 40.75
CA VAL IA 77 68.23 40.54 40.27
C VAL IA 77 68.26 42.07 40.20
N LYS IA 78 67.90 42.62 39.05
CA LYS IA 78 67.88 44.06 38.86
C LYS IA 78 66.54 44.59 38.34
N LEU IA 79 66.03 45.63 39.01
CA LEU IA 79 64.79 46.28 38.60
C LEU IA 79 65.03 47.72 38.20
N THR IA 80 64.35 48.21 37.14
CA THR IA 80 64.42 49.62 36.76
C THR IA 80 63.05 50.29 36.55
N ASP IA 81 62.83 51.43 37.23
CA ASP IA 81 61.58 52.21 37.10
C ASP IA 81 61.71 53.41 36.13
N THR IA 82 60.86 53.49 35.11
CA THR IA 82 60.84 54.64 34.18
C THR IA 82 59.43 55.20 33.89
N LEU IA 83 59.35 56.44 33.43
CA LEU IA 83 58.05 57.04 33.19
C LEU IA 83 57.73 57.07 31.69
N ILE IA 84 56.53 56.59 31.36
CA ILE IA 84 56.01 56.65 30.00
C ILE IA 84 54.80 57.55 29.99
N GLU IA 85 54.88 58.67 29.27
CA GLU IA 85 53.81 59.68 29.13
C GLU IA 85 53.17 60.11 30.46
N GLY IA 86 53.90 59.85 31.55
CA GLY IA 86 53.48 60.04 32.96
C GLY IA 86 53.29 58.74 33.73
N ALA IA 87 53.16 57.60 33.07
CA ALA IA 87 52.85 56.34 33.74
C ALA IA 87 54.13 55.63 34.11
N GLU IA 88 54.13 54.92 35.23
CA GLU IA 88 55.32 54.14 35.53
C GLU IA 88 55.37 52.83 34.77
N ASN IA 89 56.60 52.43 34.42
CA ASN IA 89 56.87 51.19 33.70
C ASN IA 89 58.11 50.49 34.28
N ARG IA 90 57.95 49.28 34.80
CA ARG IA 90 59.07 48.57 35.43
C ARG IA 90 59.65 47.46 34.57
N THR IA 91 60.99 47.45 34.45
CA THR IA 91 61.71 46.41 33.73
C THR IA 91 62.43 45.47 34.70
N ILE IA 92 62.25 44.17 34.48
CA ILE IA 92 62.86 43.13 35.32
C ILE IA 92 63.96 42.40 34.55
N ASN IA 93 65.17 42.38 35.11
CA ASN IA 93 66.34 41.75 34.48
C ASN IA 93 67.06 40.76 35.40
N VAL IA 94 67.03 39.48 35.05
CA VAL IA 94 67.74 38.46 35.80
C VAL IA 94 68.70 37.72 34.85
N PRO IA 95 70.00 38.09 34.83
CA PRO IA 95 71.03 37.53 33.93
C PRO IA 95 71.50 36.16 34.37
N GLU IA 96 72.13 35.42 33.45
CA GLU IA 96 72.75 34.15 33.80
C GLU IA 96 73.92 34.38 34.75
N PRO IA 97 74.03 33.61 35.85
CA PRO IA 97 75.17 33.70 36.79
C PRO IA 97 76.48 33.41 36.11
N THR IA 98 77.52 34.11 36.53
CA THR IA 98 78.87 33.86 36.01
C THR IA 98 79.70 33.07 37.01
N PHE IA 99 79.30 33.09 38.26
CA PHE IA 99 79.98 32.35 39.31
C PHE IA 99 79.03 31.28 39.79
N LYS IA 100 79.40 30.03 39.59
CA LYS IA 100 78.55 28.90 39.92
C LYS IA 100 79.29 27.95 40.86
N SER IA 101 78.54 27.20 41.68
CA SER IA 101 79.16 26.21 42.53
C SER IA 101 79.85 25.14 41.70
N PRO IA 102 81.03 24.66 42.12
CA PRO IA 102 81.78 23.62 41.42
C PRO IA 102 81.33 22.21 41.73
N TYR IA 103 80.29 22.00 42.53
CA TYR IA 103 79.95 20.65 42.95
C TYR IA 103 78.76 20.08 42.16
N LEU IA 104 79.05 19.11 41.28
CA LEU IA 104 78.07 18.55 40.35
C LEU IA 104 77.55 17.12 40.58
N MET IA 105 77.95 16.40 41.63
CA MET IA 105 77.52 15.00 41.73
C MET IA 105 76.01 14.82 41.78
N PHE IA 106 75.30 15.69 42.49
CA PHE IA 106 73.87 15.53 42.59
C PHE IA 106 73.20 15.60 41.21
N TYR IA 107 73.54 16.61 40.43
CA TYR IA 107 72.96 16.78 39.11
C TYR IA 107 73.30 15.61 38.20
N SER IA 108 74.55 15.13 38.30
CA SER IA 108 74.98 14.01 37.48
C SER IA 108 74.19 12.75 37.79
N LEU IA 109 73.90 12.48 39.06
CA LEU IA 109 73.09 11.33 39.40
C LEU IA 109 71.68 11.46 38.86
N GLN IA 110 71.10 12.65 38.91
CA GLN IA 110 69.76 12.78 38.35
C GLN IA 110 69.75 12.38 36.88
N MET IA 111 70.77 12.78 36.13
CA MET IA 111 70.85 12.41 34.72
C MET IA 111 71.06 10.92 34.52
N TYR IA 112 71.91 10.32 35.35
CA TYR IA 112 72.20 8.90 35.30
C TYR IA 112 70.94 8.06 35.45
N PHE IA 113 70.14 8.36 36.47
CA PHE IA 113 68.93 7.60 36.68
C PHE IA 113 67.89 7.90 35.60
N ALA IA 114 67.79 9.15 35.15
CA ALA IA 114 66.85 9.54 34.10
C ALA IA 114 67.08 8.79 32.81
N ASN IA 115 68.34 8.47 32.54
CA ASN IA 115 68.74 7.76 31.34
C ASN IA 115 68.81 6.26 31.48
N GLY IA 116 68.28 5.69 32.55
CA GLY IA 116 68.20 4.23 32.68
C GLY IA 116 69.24 3.55 33.55
N GLY IA 117 70.01 4.28 34.34
CA GLY IA 117 71.00 3.65 35.19
C GLY IA 117 70.38 2.81 36.31
N GLY IA 118 71.15 1.82 36.77
CA GLY IA 118 70.74 0.95 37.87
C GLY IA 118 71.55 1.27 39.12
N PRO IA 119 71.74 0.28 40.01
CA PRO IA 119 72.49 0.41 41.26
C PRO IA 119 73.92 0.86 41.00
N CYS IA 120 74.48 1.65 41.91
CA CYS IA 120 75.83 2.18 41.70
C CYS IA 120 76.59 2.42 43.00
N TYR IA 121 77.89 2.70 42.89
CA TYR IA 121 78.68 3.02 44.07
C TYR IA 121 79.03 4.49 44.23
N ILE IA 122 78.91 4.96 45.45
CA ILE IA 122 79.25 6.33 45.82
C ILE IA 122 80.44 6.36 46.76
N VAL IA 123 81.43 7.16 46.40
CA VAL IA 123 82.58 7.40 47.25
C VAL IA 123 82.70 8.90 47.41
N SER IA 124 82.68 9.40 48.63
CA SER IA 124 82.83 10.83 48.77
C SER IA 124 84.26 11.13 49.06
N THR IA 125 84.71 12.27 48.65
CA THR IA 125 86.09 12.62 48.93
C THR IA 125 86.16 13.67 50.02
N GLY IA 126 85.00 14.12 50.44
CA GLY IA 126 84.87 15.14 51.44
C GLY IA 126 83.49 15.74 51.29
N VAL IA 127 83.26 16.82 52.03
CA VAL IA 127 81.95 17.45 51.97
C VAL IA 127 82.08 18.90 51.56
N TYR IA 128 80.97 19.48 51.14
CA TYR IA 128 80.90 20.85 50.63
C TYR IA 128 81.33 21.89 51.64
N ASP IA 129 82.07 22.89 51.15
CA ASP IA 129 82.46 24.02 51.97
C ASP IA 129 81.80 25.31 51.45
N ASP IA 130 82.18 26.44 52.08
CA ASP IA 130 81.58 27.73 51.81
C ASP IA 130 82.31 28.61 50.81
N TRP IA 131 81.55 29.55 50.26
CA TRP IA 131 82.07 30.58 49.38
C TRP IA 131 82.76 31.61 50.24
N SER IA 132 83.77 32.28 49.70
CA SER IA 132 84.41 33.37 50.45
C SER IA 132 83.70 34.67 50.23
N ASP IA 133 83.12 34.81 49.04
CA ASP IA 133 82.39 36.03 48.70
C ASP IA 133 81.42 35.67 47.57
N SER IA 134 80.62 36.64 47.13
CA SER IA 134 79.64 36.33 46.07
C SER IA 134 80.35 36.04 44.74
N GLU IA 135 81.56 36.56 44.58
CA GLU IA 135 82.37 36.33 43.40
C GLU IA 135 83.49 35.33 43.64
N THR IA 136 83.50 34.67 44.80
CA THR IA 136 84.57 33.70 45.08
C THR IA 136 84.04 32.34 45.53
N PRO IA 137 83.88 31.39 44.58
CA PRO IA 137 83.47 30.01 44.81
C PRO IA 137 84.59 29.23 45.50
N PRO IA 138 84.25 28.12 46.16
CA PRO IA 138 85.21 27.20 46.75
C PRO IA 138 85.94 26.47 45.64
N THR IA 139 87.07 25.83 45.94
CA THR IA 139 87.84 25.12 44.92
C THR IA 139 88.01 23.65 45.25
N ILE IA 140 88.45 22.88 44.25
CA ILE IA 140 88.65 21.43 44.39
C ILE IA 140 90.11 21.04 44.44
N ASN IA 141 90.45 20.28 45.48
CA ASN IA 141 91.79 19.78 45.70
C ASN IA 141 92.00 18.45 45.01
N PHE IA 142 92.89 18.45 44.04
CA PHE IA 142 93.20 17.27 43.26
C PHE IA 142 93.44 16.01 44.09
N SER IA 143 94.17 16.14 45.22
CA SER IA 143 94.57 14.98 45.99
C SER IA 143 93.37 14.28 46.65
N ASP IA 144 92.21 14.94 46.71
CA ASP IA 144 91.02 14.35 47.29
C ASP IA 144 90.46 13.30 46.32
N LEU IA 145 90.62 13.55 45.02
CA LEU IA 145 90.08 12.63 44.04
C LEU IA 145 90.99 11.43 43.94
N GLU IA 146 92.31 11.66 44.10
CA GLU IA 146 93.24 10.55 44.03
C GLU IA 146 93.00 9.59 45.19
N SER IA 147 92.69 10.13 46.37
CA SER IA 147 92.37 9.29 47.50
C SER IA 147 91.17 8.42 47.22
N GLY IA 148 90.10 9.03 46.69
CA GLY IA 148 88.90 8.25 46.37
C GLY IA 148 89.16 7.14 45.36
N LEU IA 149 90.04 7.40 44.39
CA LEU IA 149 90.37 6.38 43.40
C LEU IA 149 91.10 5.22 44.07
N ALA IA 150 92.04 5.53 44.96
CA ALA IA 150 92.77 4.49 45.67
C ALA IA 150 91.84 3.60 46.49
N VAL IA 151 90.78 4.21 47.03
CA VAL IA 151 89.78 3.47 47.81
C VAL IA 151 88.98 2.52 46.93
N ILE IA 152 88.43 3.00 45.81
CA ILE IA 152 87.57 2.15 44.99
C ILE IA 152 88.36 0.99 44.40
N ARG IA 153 89.67 1.16 44.23
CA ARG IA 153 90.56 0.10 43.75
C ARG IA 153 90.36 -1.22 44.50
N LYS IA 154 89.96 -1.16 45.77
CA LYS IA 154 89.81 -2.35 46.59
C LYS IA 154 88.44 -3.03 46.50
N GLU IA 155 87.49 -2.48 45.76
CA GLU IA 155 86.17 -3.10 45.63
C GLU IA 155 86.13 -3.97 44.39
N ASP IA 156 85.38 -5.07 44.45
CA ASP IA 156 85.31 -5.98 43.31
C ASP IA 156 84.14 -5.75 42.34
N GLU IA 157 83.02 -5.28 42.83
CA GLU IA 157 81.85 -5.15 41.97
C GLU IA 157 81.83 -4.10 40.83
N PRO IA 158 82.34 -2.87 41.01
CA PRO IA 158 82.26 -1.80 39.99
C PRO IA 158 82.91 -2.19 38.67
N THR IA 159 82.33 -1.72 37.56
CA THR IA 159 82.84 -1.98 36.22
C THR IA 159 83.18 -0.70 35.44
N LEU IA 160 82.61 0.46 35.80
CA LEU IA 160 82.86 1.72 35.11
C LEU IA 160 83.39 2.80 36.04
N LEU IA 161 84.33 3.62 35.55
CA LEU IA 161 84.86 4.72 36.38
C LEU IA 161 84.49 6.13 35.90
N LEU IA 162 83.85 6.91 36.78
CA LEU IA 162 83.47 8.30 36.51
C LEU IA 162 83.86 9.29 37.62
N PHE IA 163 84.25 10.51 37.24
CA PHE IA 163 84.54 11.60 38.17
C PHE IA 163 83.69 12.85 37.88
N PRO IA 164 82.55 13.01 38.54
CA PRO IA 164 81.59 14.11 38.31
C PRO IA 164 82.15 15.53 38.45
N ASP IA 165 83.22 15.75 39.21
CA ASP IA 165 83.72 17.11 39.37
C ASP IA 165 85.13 17.27 38.81
N ALA IA 166 85.54 16.42 37.88
CA ALA IA 166 86.90 16.50 37.32
C ALA IA 166 87.14 17.78 36.52
N THR IA 167 86.13 18.26 35.83
CA THR IA 167 86.29 19.40 34.95
C THR IA 167 86.42 20.70 35.74
N ASN IA 168 86.22 20.67 37.05
CA ASN IA 168 86.38 21.88 37.81
C ASN IA 168 87.74 21.98 38.50
N LEU IA 169 88.66 21.07 38.18
CA LEU IA 169 90.01 21.17 38.70
C LEU IA 169 90.68 22.41 38.10
N PRO IA 170 91.47 23.16 38.89
CA PRO IA 170 92.19 24.38 38.47
C PRO IA 170 92.99 24.31 37.18
N THR IA 171 93.59 23.16 36.84
CA THR IA 171 94.36 23.08 35.61
C THR IA 171 93.97 21.86 34.79
N ASP IA 172 94.35 21.90 33.52
CA ASP IA 172 94.10 20.78 32.66
C ASP IA 172 95.11 19.70 32.96
N ASP IA 173 96.28 20.11 33.41
CA ASP IA 173 97.35 19.18 33.74
C ASP IA 173 96.87 18.23 34.84
N GLU IA 174 96.16 18.74 35.84
CA GLU IA 174 95.63 17.88 36.88
C GLU IA 174 94.55 16.96 36.34
N PHE IA 175 93.69 17.51 35.47
CA PHE IA 175 92.62 16.73 34.85
C PHE IA 175 93.18 15.52 34.10
N TYR IA 176 94.18 15.75 33.26
CA TYR IA 176 94.75 14.67 32.46
C TYR IA 176 95.45 13.65 33.35
N SER IA 177 96.14 14.11 34.39
CA SER IA 177 96.82 13.20 35.29
C SER IA 177 95.83 12.23 35.93
N LEU IA 178 94.69 12.76 36.37
CA LEU IA 178 93.65 11.94 36.99
C LEU IA 178 93.18 10.83 36.04
N TYR IA 179 92.96 11.17 34.76
CA TYR IA 179 92.49 10.16 33.81
C TYR IA 179 93.57 9.17 33.43
N ASN IA 180 94.83 9.58 33.34
CA ASN IA 180 95.86 8.60 33.04
C ASN IA 180 95.94 7.57 34.15
N SER IA 181 95.77 8.02 35.40
CA SER IA 181 95.75 7.11 36.53
C SER IA 181 94.64 6.08 36.41
N ALA IA 182 93.43 6.53 36.06
CA ALA IA 182 92.30 5.63 35.90
C ALA IA 182 92.53 4.59 34.80
N LEU IA 183 93.12 5.01 33.67
CA LEU IA 183 93.38 4.04 32.60
C LEU IA 183 94.40 3.00 33.05
N MET IA 184 95.41 3.41 33.80
CA MET IA 184 96.38 2.45 34.30
C MET IA 184 95.75 1.47 35.26
N GLN IA 185 94.85 1.95 36.14
CA GLN IA 185 94.18 1.04 37.06
C GLN IA 185 93.31 0.03 36.34
N CYS IA 186 92.66 0.44 35.25
CA CYS IA 186 91.83 -0.48 34.49
C CYS IA 186 92.67 -1.62 33.94
N ASN IA 187 93.87 -1.32 33.45
CA ASN IA 187 94.75 -2.37 32.95
C ASN IA 187 95.31 -3.23 34.09
N ASP IA 188 95.61 -2.65 35.25
CA ASP IA 188 96.11 -3.46 36.36
C ASP IA 188 95.09 -4.50 36.81
N LEU IA 189 93.82 -4.10 36.88
CA LEU IA 189 92.78 -4.98 37.38
C LEU IA 189 92.19 -5.91 36.32
N GLN IA 190 92.17 -5.48 35.06
CA GLN IA 190 91.72 -6.29 33.93
C GLN IA 190 90.21 -6.44 33.79
N ASP IA 191 89.45 -5.62 34.48
CA ASP IA 191 88.00 -5.74 34.44
C ASP IA 191 87.21 -4.41 34.38
N ARG IA 192 87.84 -3.26 34.07
CA ARG IA 192 87.12 -2.00 34.10
C ARG IA 192 87.31 -1.16 32.84
N PHE IA 193 86.39 -0.22 32.64
CA PHE IA 193 86.42 0.68 31.50
C PHE IA 193 86.19 2.13 31.98
N THR IA 194 86.93 3.07 31.39
CA THR IA 194 86.85 4.49 31.77
C THR IA 194 86.10 5.33 30.73
N ILE IA 195 85.18 6.17 31.20
CA ILE IA 195 84.45 7.08 30.31
C ILE IA 195 85.04 8.49 30.47
N LEU IA 196 85.48 9.10 29.37
CA LEU IA 196 86.16 10.39 29.42
C LEU IA 196 85.40 11.55 28.77
N ASP IA 197 85.55 12.72 29.36
CA ASP IA 197 85.06 14.01 28.89
C ASP IA 197 86.22 14.89 28.47
N THR IA 198 85.97 15.92 27.65
CA THR IA 198 87.00 16.91 27.40
C THR IA 198 87.00 17.86 28.59
N TYR IA 199 88.03 18.70 28.69
CA TYR IA 199 88.14 19.67 29.78
C TYR IA 199 87.08 20.77 29.67
N SER IA 200 86.81 21.21 28.44
CA SER IA 200 85.87 22.29 28.13
C SER IA 200 85.42 22.21 26.70
N ASP IA 201 84.25 22.76 26.41
CA ASP IA 201 83.74 22.80 25.06
C ASP IA 201 84.12 24.08 24.33
N GLN IA 202 84.81 25.01 25.01
CA GLN IA 202 85.21 26.29 24.44
C GLN IA 202 86.71 26.37 24.49
N THR IA 203 87.26 27.18 23.58
CA THR IA 203 88.69 27.37 23.60
C THR IA 203 88.98 27.85 24.98
N TYR IA 204 89.90 27.20 25.64
CA TYR IA 204 90.23 27.55 27.01
C TYR IA 204 91.66 28.06 27.08
N ASN IA 205 91.93 28.91 28.06
CA ASN IA 205 93.25 29.45 28.22
C ASN IA 205 94.00 28.75 29.33
N ASP IA 206 95.19 28.27 29.02
CA ASP IA 206 96.03 27.61 30.04
C ASP IA 206 96.97 28.58 30.77
N GLY IA 207 96.82 29.88 30.52
CA GLY IA 207 97.68 30.91 31.11
C GLY IA 207 98.82 31.30 30.20
N VAL IA 208 99.04 30.52 29.14
CA VAL IA 208 100.09 30.75 28.17
C VAL IA 208 99.53 30.89 26.77
N GLU IA 209 98.72 29.92 26.36
CA GLU IA 209 98.15 29.78 25.03
C GLU IA 209 96.69 29.36 25.01
N ASP IA 210 95.99 29.69 23.92
CA ASP IA 210 94.60 29.33 23.69
C ASP IA 210 94.48 27.96 23.02
N LEU IA 211 93.90 26.98 23.71
CA LEU IA 211 93.88 25.62 23.21
C LEU IA 211 92.51 25.08 22.77
N ASP IA 212 92.53 24.37 21.64
CA ASP IA 212 91.36 23.65 21.11
C ASP IA 212 91.15 22.36 21.90
N PRO IA 213 89.93 22.12 22.41
CA PRO IA 213 89.68 20.97 23.30
C PRO IA 213 89.98 19.60 22.75
N ILE IA 214 89.62 19.28 21.53
CA ILE IA 214 89.97 17.96 21.02
C ILE IA 214 91.48 17.76 20.85
N PRO IA 215 92.20 18.75 20.33
CA PRO IA 215 93.65 18.63 20.24
C PRO IA 215 94.30 18.56 21.61
N ALA IA 216 93.77 19.28 22.57
CA ALA IA 216 94.27 19.26 23.94
C ALA IA 216 94.08 17.93 24.66
N LEU IA 217 92.91 17.26 24.53
CA LEU IA 217 92.70 15.96 25.15
C LEU IA 217 93.66 14.93 24.55
N ARG IA 218 93.86 14.98 23.24
CA ARG IA 218 94.74 14.03 22.59
C ARG IA 218 96.19 14.13 23.05
N ASN IA 219 96.68 15.34 23.29
CA ASN IA 219 98.04 15.50 23.81
C ASN IA 219 98.11 15.15 25.29
N GLY IA 220 97.04 15.44 26.02
CA GLY IA 220 96.95 15.16 27.45
C GLY IA 220 97.07 13.68 27.78
N ILE IA 221 96.28 12.85 27.11
CA ILE IA 221 96.32 11.43 27.43
C ILE IA 221 97.44 10.79 26.60
N ASN IA 222 98.63 10.69 27.20
CA ASN IA 222 99.84 10.24 26.50
C ASN IA 222 100.23 8.77 26.74
N LEU IA 223 99.30 7.95 27.16
CA LEU IA 223 99.56 6.53 27.35
C LEU IA 223 99.49 5.79 26.03
N THR IA 224 100.00 4.55 26.04
CA THR IA 224 100.05 3.61 24.90
C THR IA 224 98.79 2.74 24.73
N LYS IA 225 98.66 2.05 23.59
CA LYS IA 225 97.59 1.14 23.26
C LYS IA 225 97.12 0.26 24.39
N ASP IA 226 98.05 -0.26 25.19
CA ASP IA 226 97.73 -1.14 26.31
C ASP IA 226 96.81 -0.49 27.33
N TYR IA 227 96.69 0.83 27.29
CA TYR IA 227 95.85 1.56 28.20
C TYR IA 227 94.69 2.19 27.47
N LEU IA 228 94.94 2.68 26.26
CA LEU IA 228 93.93 3.38 25.49
C LEU IA 228 92.74 2.48 25.17
N LYS IA 229 92.99 1.20 25.00
CA LYS IA 229 91.92 0.24 24.74
C LYS IA 229 90.90 0.12 25.88
N TYR IA 230 91.19 0.68 27.06
CA TYR IA 230 90.30 0.61 28.21
C TYR IA 230 89.43 1.83 28.42
N GLY IA 231 89.30 2.69 27.41
CA GLY IA 231 88.39 3.81 27.59
C GLY IA 231 87.99 4.45 26.29
N ALA IA 232 87.03 5.37 26.41
CA ALA IA 232 86.47 6.10 25.28
C ALA IA 232 86.07 7.49 25.72
N ALA IA 233 86.08 8.44 24.79
CA ALA IA 233 85.70 9.81 25.08
C ALA IA 233 84.53 10.27 24.22
N TYR IA 234 83.72 11.17 24.80
CA TYR IA 234 82.56 11.75 24.12
C TYR IA 234 82.61 13.28 24.11
N TYR IA 235 82.04 13.87 23.05
CA TYR IA 235 82.02 15.33 22.87
C TYR IA 235 80.84 15.76 21.99
N PRO IA 236 80.24 16.94 22.23
CA PRO IA 236 80.34 17.98 23.26
C PRO IA 236 79.48 17.74 24.52
N PHE IA 237 79.48 18.74 25.41
CA PHE IA 237 78.68 18.81 26.63
C PHE IA 237 77.22 18.98 26.24
N VAL IA 238 76.32 18.67 27.17
CA VAL IA 238 74.89 18.76 26.86
C VAL IA 238 74.12 19.70 27.78
N GLN IA 239 73.11 20.35 27.21
CA GLN IA 239 72.24 21.26 27.93
C GLN IA 239 71.03 20.47 28.38
N THR IA 240 70.78 20.46 29.66
CA THR IA 240 69.71 19.67 30.23
C THR IA 240 68.53 20.55 30.67
N ILE IA 241 67.58 19.93 31.37
CA ILE IA 241 66.33 20.58 31.75
C ILE IA 241 66.20 20.71 33.26
N LEU IA 242 67.31 20.57 33.96
CA LEU IA 242 67.36 20.67 35.41
C LEU IA 242 67.52 22.13 35.81
N ASN IA 243 66.94 22.48 36.95
CA ASN IA 243 67.04 23.84 37.51
C ASN IA 243 68.18 23.94 38.52
N TYR IA 244 68.63 25.16 38.75
CA TYR IA 244 69.65 25.42 39.76
C TYR IA 244 68.97 25.45 41.11
N GLN IA 245 69.69 25.06 42.16
CA GLN IA 245 69.16 25.17 43.50
C GLN IA 245 69.57 26.52 44.09
N TYR IA 246 68.63 27.19 44.74
CA TYR IA 246 68.90 28.48 45.37
C TYR IA 246 67.95 28.72 46.51
N SER IA 247 68.26 29.76 47.29
CA SER IA 247 67.45 30.20 48.41
C SER IA 247 67.06 31.64 48.21
N ALA IA 248 65.75 31.91 48.14
CA ALA IA 248 65.28 33.27 47.86
C ALA IA 248 65.78 34.28 48.86
N ASP IA 249 65.93 33.86 50.11
CA ASP IA 249 66.37 34.77 51.15
C ASP IA 249 67.75 35.31 50.87
N GLU IA 250 68.57 34.59 50.14
CA GLU IA 250 69.95 34.99 49.93
C GLU IA 250 70.13 35.88 48.70
N ILE IA 251 69.04 36.25 48.01
CA ILE IA 251 69.16 37.04 46.79
C ILE IA 251 68.82 38.51 47.03
N VAL IA 252 69.78 39.38 46.75
CA VAL IA 252 69.67 40.82 46.95
C VAL IA 252 69.24 41.51 45.67
N ILE IA 253 68.25 42.39 45.76
CA ILE IA 253 67.70 43.09 44.60
C ILE IA 253 68.22 44.51 44.46
N GLN IA 254 68.75 44.82 43.28
CA GLN IA 254 69.21 46.16 42.93
C GLN IA 254 68.01 46.91 42.38
N HIS IA 255 67.83 48.16 42.79
CA HIS IA 255 66.74 48.96 42.27
C HIS IA 255 67.20 50.31 41.78
N LEU IA 256 66.79 50.69 40.56
CA LEU IA 256 67.09 51.99 39.97
C LEU IA 256 65.82 52.68 39.49
N SER IA 257 65.66 53.98 39.79
CA SER IA 257 64.41 54.67 39.43
C SER IA 257 64.57 56.13 39.00
N TYR IA 258 63.58 56.65 38.28
CA TYR IA 258 63.61 58.05 37.87
C TYR IA 258 63.51 59.00 39.07
N ASN IA 259 62.64 58.70 40.04
CA ASN IA 259 62.60 59.48 41.27
C ASN IA 259 63.09 58.63 42.43
N PRO IA 260 64.18 59.04 43.06
CA PRO IA 260 64.76 58.31 44.20
C PRO IA 260 63.92 58.46 45.45
N ASN IA 261 63.34 57.35 45.92
CA ASN IA 261 62.52 57.30 47.11
C ASN IA 261 62.99 56.31 48.17
N ALA IA 262 64.21 55.81 48.04
CA ALA IA 262 64.73 54.80 48.95
C ALA IA 262 65.02 55.40 50.32
N ILE IA 263 65.79 56.49 50.34
CA ILE IA 263 66.13 57.17 51.59
C ILE IA 263 64.87 57.67 52.22
N ALA IA 264 64.02 58.28 51.42
CA ALA IA 264 62.79 58.82 51.97
C ALA IA 264 61.99 57.74 52.70
N THR IA 265 61.93 56.54 52.15
CA THR IA 265 61.22 55.48 52.84
C THR IA 265 61.89 55.11 54.15
N ALA IA 266 63.20 54.90 54.12
CA ALA IA 266 63.92 54.50 55.33
C ALA IA 266 63.81 55.55 56.41
N LEU IA 267 63.86 56.81 56.00
CA LEU IA 267 63.86 57.90 56.95
C LEU IA 267 62.48 58.01 57.59
N ASP IA 268 61.40 57.86 56.80
CA ASP IA 268 60.06 57.93 57.38
C ASP IA 268 59.85 56.78 58.38
N ASN IA 269 60.35 55.58 58.04
CA ASN IA 269 60.19 54.46 58.96
C ASN IA 269 60.97 54.73 60.25
N LEU IA 270 62.16 55.30 60.14
CA LEU IA 270 62.93 55.61 61.34
C LEU IA 270 62.27 56.71 62.17
N ASN IA 271 61.65 57.69 61.54
CA ASN IA 271 60.97 58.68 62.34
C ASN IA 271 59.88 58.04 63.20
N ALA IA 272 59.19 57.04 62.65
CA ALA IA 272 58.20 56.28 63.43
C ALA IA 272 58.87 55.52 64.58
N VAL IA 273 60.07 54.99 64.32
CA VAL IA 273 60.92 54.26 65.29
C VAL IA 273 61.32 55.11 66.48
N ASN IA 274 61.78 56.30 66.23
CA ASN IA 274 62.27 57.11 67.34
C ASN IA 274 61.13 57.83 68.08
N GLY IA 275 60.39 57.04 68.86
CA GLY IA 275 59.25 57.57 69.59
C GLY IA 275 58.62 56.62 70.63
N PRO IA 276 57.63 57.15 71.37
CA PRO IA 276 56.95 56.44 72.46
C PRO IA 276 56.14 55.22 72.08
N THR IA 277 55.72 55.13 70.83
CA THR IA 277 54.93 53.99 70.40
C THR IA 277 55.82 52.88 69.90
N PHE IA 278 57.12 53.12 69.88
CA PHE IA 278 58.04 52.11 69.42
C PHE IA 278 58.87 51.64 70.61
N ILE IA 279 59.61 52.55 71.28
CA ILE IA 279 60.42 52.13 72.42
C ILE IA 279 60.26 52.85 73.76
N ASP IA 280 59.59 54.02 73.88
CA ASP IA 280 59.63 54.59 75.22
C ASP IA 280 58.74 53.74 76.11
N ALA IA 281 57.58 53.33 75.60
CA ALA IA 281 56.70 52.52 76.43
C ALA IA 281 57.40 51.24 76.91
N ILE IA 282 58.23 50.65 76.05
CA ILE IA 282 58.95 49.43 76.43
C ILE IA 282 59.92 49.72 77.54
N LEU IA 283 60.74 50.74 77.35
CA LEU IA 283 61.78 51.07 78.29
C LEU IA 283 61.21 51.52 79.63
N ASP IA 284 60.10 52.26 79.62
CA ASP IA 284 59.51 52.71 80.88
C ASP IA 284 58.99 51.53 81.68
N ASP IA 285 58.36 50.56 81.00
CA ASP IA 285 57.84 49.38 81.69
C ASP IA 285 58.95 48.41 82.09
N LEU IA 286 59.99 48.29 81.25
CA LEU IA 286 61.07 47.37 81.52
C LEU IA 286 61.90 47.82 82.73
N ARG IA 287 62.19 49.11 82.83
CA ARG IA 287 62.97 49.65 83.91
C ARG IA 287 62.15 49.76 85.18
N ASN IA 321 54.55 25.86 98.51
CA ASN IA 321 55.22 26.89 97.74
C ASN IA 321 54.81 26.90 96.29
N SER IA 322 53.90 26.01 95.92
CA SER IA 322 53.47 25.93 94.52
C SER IA 322 52.84 27.21 94.01
N VAL IA 323 52.16 27.91 94.89
CA VAL IA 323 51.56 29.19 94.54
C VAL IA 323 52.61 30.24 94.32
N LYS IA 324 53.68 30.18 95.11
CA LYS IA 324 54.74 31.16 95.03
C LYS IA 324 55.41 31.01 93.68
N VAL IA 325 55.63 29.75 93.25
CA VAL IA 325 56.21 29.50 91.94
C VAL IA 325 55.34 30.06 90.85
N ALA IA 326 54.03 29.80 90.93
CA ALA IA 326 53.11 30.30 89.91
C ALA IA 326 53.13 31.83 89.82
N ASN IA 327 53.19 32.50 90.96
CA ASN IA 327 53.21 33.96 90.96
C ASN IA 327 54.51 34.47 90.36
N PHE IA 328 55.62 33.86 90.78
CA PHE IA 328 56.93 34.22 90.29
C PHE IA 328 57.02 34.03 88.80
N ALA IA 329 56.58 32.86 88.33
CA ALA IA 329 56.67 32.54 86.92
C ALA IA 329 55.93 33.56 86.07
N SER IA 330 54.76 34.02 86.54
CA SER IA 330 54.02 35.06 85.83
C SER IA 330 54.82 36.35 85.70
N LEU IA 331 55.45 36.76 86.79
CA LEU IA 331 56.23 37.99 86.79
C LEU IA 331 57.43 37.87 85.84
N VAL IA 332 58.07 36.69 85.80
CA VAL IA 332 59.20 36.49 84.89
C VAL IA 332 58.76 36.62 83.45
N GLU IA 333 57.63 35.96 83.12
CA GLU IA 333 57.12 35.99 81.76
C GLU IA 333 56.84 37.41 81.29
N SER IA 334 56.29 38.24 82.18
CA SER IA 334 56.02 39.63 81.82
C SER IA 334 57.30 40.35 81.40
N VAL IA 335 58.39 40.17 82.17
CA VAL IA 335 59.65 40.82 81.83
C VAL IA 335 60.19 40.27 80.52
N LEU IA 336 60.15 38.96 80.37
CA LEU IA 336 60.63 38.28 79.18
C LEU IA 336 59.94 38.76 77.92
N SER IA 337 58.61 38.90 77.99
CA SER IA 337 57.84 39.37 76.85
C SER IA 337 58.28 40.78 76.45
N THR IA 338 58.45 41.66 77.46
CA THR IA 338 58.94 43.02 77.23
C THR IA 338 60.31 43.04 76.56
N LEU IA 339 61.23 42.19 77.04
CA LEU IA 339 62.56 42.13 76.44
C LEU IA 339 62.48 41.70 74.99
N ASN IA 340 61.61 40.73 74.69
CA ASN IA 340 61.50 40.25 73.32
C ASN IA 340 61.04 41.35 72.37
N GLU IA 341 60.13 42.23 72.82
CA GLU IA 341 59.71 43.33 71.95
C GLU IA 341 60.87 44.28 71.66
N LEU IA 342 61.71 44.56 72.66
CA LEU IA 342 62.85 45.45 72.46
C LEU IA 342 63.83 44.85 71.46
N ILE IA 343 64.02 43.53 71.53
CA ILE IA 343 64.91 42.83 70.61
C ILE IA 343 64.38 42.92 69.18
N ASP IA 344 63.07 42.68 68.98
CA ASP IA 344 62.49 42.79 67.64
C ASP IA 344 62.67 44.19 67.07
N ALA IA 345 62.57 45.20 67.95
CA ALA IA 345 62.74 46.58 67.52
C ALA IA 345 64.11 46.79 66.89
N LYS IA 346 65.14 46.22 67.50
CA LYS IA 346 66.50 46.34 66.97
C LYS IA 346 66.59 45.80 65.55
N GLU IA 347 65.97 44.64 65.31
CA GLU IA 347 66.04 44.03 64.00
C GLU IA 347 65.38 44.90 62.93
N GLU IA 348 64.23 45.52 63.26
CA GLU IA 348 63.56 46.37 62.27
C GLU IA 348 64.44 47.57 61.90
N ILE IA 349 65.13 48.13 62.89
CA ILE IA 349 66.02 49.26 62.66
C ILE IA 349 67.13 48.91 61.70
N ASN IA 350 67.78 47.77 61.93
CA ASN IA 350 68.85 47.40 61.03
C ASN IA 350 68.37 47.20 59.60
N LYS IA 351 67.17 46.65 59.42
CA LYS IA 351 66.67 46.40 58.09
C LYS IA 351 66.46 47.69 57.29
N ASP IA 352 65.97 48.77 57.91
CA ASP IA 352 65.79 50.02 57.14
C ASP IA 352 67.07 50.81 56.99
N VAL IA 353 67.91 50.86 58.03
CA VAL IA 353 69.13 51.65 57.95
C VAL IA 353 70.02 51.13 56.86
N ASN IA 354 70.09 49.81 56.74
CA ASN IA 354 70.89 49.20 55.70
C ASN IA 354 70.46 49.59 54.29
N SER IA 355 69.20 50.00 54.06
CA SER IA 355 68.81 50.36 52.71
C SER IA 355 69.30 51.77 52.45
N ALA IA 356 69.41 52.56 53.53
CA ALA IA 356 69.93 53.92 53.40
C ALA IA 356 71.39 53.86 53.03
N ILE IA 357 72.10 52.92 53.65
CA ILE IA 357 73.52 52.77 53.41
C ILE IA 357 73.74 52.32 51.98
N ALA IA 358 73.02 51.28 51.58
CA ALA IA 358 73.12 50.71 50.24
C ALA IA 358 72.77 51.71 49.15
N SER IA 359 71.79 52.57 49.41
CA SER IA 359 71.32 53.52 48.42
C SER IA 359 72.18 54.77 48.30
N SER IA 360 72.92 55.11 49.35
CA SER IA 360 73.73 56.32 49.36
C SER IA 360 75.04 56.05 48.61
N GLU IA 361 74.93 55.83 47.29
CA GLU IA 361 76.09 55.51 46.46
C GLU IA 361 77.14 56.59 46.43
N GLU IA 362 76.69 57.84 46.40
CA GLU IA 362 77.55 59.00 46.32
C GLU IA 362 77.86 59.48 47.73
N ASP IA 363 78.96 60.21 47.87
CA ASP IA 363 79.33 60.82 49.16
C ASP IA 363 79.50 59.74 50.25
N ASN IA 364 80.52 58.90 50.06
CA ASN IA 364 80.82 57.79 50.97
C ASN IA 364 81.02 58.21 52.42
N ALA IA 365 81.28 59.49 52.65
CA ALA IA 365 81.41 60.04 53.99
C ALA IA 365 80.12 59.85 54.77
N ILE IA 366 78.99 59.92 54.07
CA ILE IA 366 77.70 59.75 54.69
C ILE IA 366 77.47 58.29 54.89
N LYS IA 367 77.81 57.46 53.89
CA LYS IA 367 77.66 56.02 54.15
C LYS IA 367 78.33 55.62 55.43
N THR IA 368 79.53 56.18 55.66
CA THR IA 368 80.25 55.88 56.88
C THR IA 368 79.49 56.42 58.08
N ALA IA 369 79.02 57.68 58.03
CA ALA IA 369 78.30 58.23 59.19
C ALA IA 369 77.09 57.39 59.57
N ILE IA 370 76.36 56.89 58.58
CA ILE IA 370 75.18 56.08 58.84
C ILE IA 370 75.59 54.76 59.45
N SER IA 371 76.57 54.10 58.84
CA SER IA 371 77.06 52.81 59.31
C SER IA 371 77.58 52.88 60.73
N ASP IA 372 78.36 53.91 61.06
CA ASP IA 372 78.89 54.03 62.41
C ASP IA 372 77.78 54.20 63.44
N ALA IA 373 76.77 55.01 63.12
CA ALA IA 373 75.67 55.20 64.06
C ALA IA 373 74.95 53.88 64.34
N LEU IA 374 74.75 53.07 63.31
CA LEU IA 374 74.08 51.80 63.46
C LEU IA 374 74.92 50.83 64.26
N ASP IA 375 76.21 50.79 63.95
CA ASP IA 375 77.13 49.85 64.60
C ASP IA 375 77.14 50.09 66.10
N VAL IA 376 77.14 51.36 66.52
CA VAL IA 376 77.11 51.67 67.95
C VAL IA 376 75.80 51.24 68.58
N PHE IA 377 74.67 51.55 67.93
CA PHE IA 377 73.35 51.18 68.48
C PHE IA 377 73.30 49.71 68.85
N ASN IA 378 73.77 48.86 67.94
CA ASN IA 378 73.71 47.43 68.11
C ASN IA 378 74.48 46.88 69.33
N GLU IA 379 75.44 47.64 69.88
CA GLU IA 379 76.25 47.14 71.00
C GLU IA 379 75.45 46.79 72.24
N ASP IA 380 74.24 47.32 72.39
CA ASP IA 380 73.47 47.04 73.59
C ASP IA 380 72.78 45.68 73.48
N PHE IA 381 72.71 45.13 72.27
CA PHE IA 381 71.99 43.90 72.04
C PHE IA 381 72.91 42.72 71.74
N GLU IA 382 74.05 43.03 71.11
CA GLU IA 382 75.08 42.09 70.72
C GLU IA 382 75.97 41.71 71.89
N GLY IA 383 76.95 40.84 71.63
CA GLY IA 383 77.86 40.28 72.63
C GLY IA 383 78.55 41.29 73.54
N ALA IA 384 78.68 42.54 73.09
CA ALA IA 384 79.31 43.57 73.92
C ALA IA 384 78.61 43.74 75.26
N ASP IA 385 77.28 43.63 75.27
CA ASP IA 385 76.42 43.72 76.45
C ASP IA 385 75.13 43.05 76.04
N LYS IA 386 75.04 41.75 76.17
CA LYS IA 386 74.02 41.10 75.36
C LYS IA 386 72.61 40.97 75.95
N ILE IA 387 71.75 41.96 75.65
CA ILE IA 387 70.34 41.90 76.04
C ILE IA 387 69.71 40.62 75.54
N GLU IA 388 70.10 40.22 74.32
CA GLU IA 388 69.51 39.02 73.74
C GLU IA 388 69.77 37.74 74.55
N SER IA 389 70.91 37.61 75.26
CA SER IA 389 71.14 36.38 76.00
C SER IA 389 70.43 36.43 77.32
N VAL IA 390 70.18 37.62 77.83
CA VAL IA 390 69.41 37.68 79.06
C VAL IA 390 68.03 37.13 78.80
N ALA IA 391 67.41 37.58 77.71
CA ALA IA 391 66.08 37.10 77.38
C ALA IA 391 66.08 35.58 77.17
N LYS IA 392 67.11 35.07 76.48
CA LYS IA 392 67.18 33.63 76.25
C LYS IA 392 67.29 32.86 77.56
N ASN IA 393 68.18 33.30 78.44
CA ASN IA 393 68.42 32.60 79.69
C ASN IA 393 67.22 32.64 80.60
N LEU IA 394 66.48 33.76 80.63
CA LEU IA 394 65.30 33.81 81.49
C LEU IA 394 64.27 32.78 81.03
N SER IA 395 64.12 32.61 79.70
CA SER IA 395 63.21 31.58 79.20
C SER IA 395 63.56 30.18 79.68
N ASP IA 396 64.85 29.81 79.59
CA ASP IA 396 65.25 28.45 80.01
C ASP IA 396 65.03 28.26 81.52
N LEU IA 397 65.36 29.30 82.29
CA LEU IA 397 65.20 29.25 83.74
C LEU IA 397 63.75 29.13 84.13
N LEU IA 398 62.87 29.82 83.40
CA LEU IA 398 61.45 29.81 83.67
C LEU IA 398 60.87 28.43 83.49
N ILE IA 399 61.27 27.71 82.44
CA ILE IA 399 60.80 26.34 82.30
C ILE IA 399 61.24 25.50 83.47
N LYS IA 400 62.52 25.61 83.85
CA LYS IA 400 63.04 24.79 84.95
C LYS IA 400 62.32 25.07 86.26
N ILE IA 401 62.00 26.33 86.58
CA ILE IA 401 61.35 26.53 87.86
C ILE IA 401 59.93 25.98 87.85
N LYS IA 402 59.20 26.12 86.74
CA LYS IA 402 57.88 25.53 86.68
C LYS IA 402 57.91 24.01 86.83
N GLN IA 403 58.93 23.37 86.26
CA GLN IA 403 59.04 21.91 86.36
C GLN IA 403 59.68 21.46 87.69
N ALA IA 404 60.33 22.35 88.44
CA ALA IA 404 61.00 22.04 89.71
C ALA IA 404 60.06 21.36 90.71
N ASP IA 405 58.78 21.77 90.68
CA ASP IA 405 57.71 21.23 91.52
C ASP IA 405 57.51 19.73 91.33
N THR IA 406 58.05 19.17 90.25
CA THR IA 406 57.96 17.74 89.97
C THR IA 406 58.47 16.93 91.13
N ASN IA 407 59.58 17.36 91.74
CA ASN IA 407 60.09 16.54 92.84
C ASN IA 407 60.74 17.18 94.05
N THR IA 408 60.97 18.51 94.12
CA THR IA 408 61.53 18.99 95.40
C THR IA 408 61.59 20.52 95.61
N LYS IA 409 61.39 20.89 96.89
CA LYS IA 409 61.53 22.25 97.40
C LYS IA 409 62.91 22.83 97.19
N VAL IA 410 63.88 21.93 97.03
CA VAL IA 410 65.25 22.29 96.82
C VAL IA 410 65.42 22.92 95.45
N GLU IA 411 64.76 22.35 94.45
CA GLU IA 411 64.88 22.84 93.09
C GLU IA 411 64.38 24.26 93.03
N ASN IA 412 63.32 24.52 93.77
CA ASN IA 412 62.71 25.87 93.79
C ASN IA 412 63.57 26.91 94.51
N VAL IA 413 64.71 26.50 95.04
CA VAL IA 413 65.68 27.40 95.65
C VAL IA 413 66.89 27.48 94.75
N LEU IA 414 67.37 26.31 94.32
CA LEU IA 414 68.56 26.27 93.50
C LEU IA 414 68.38 27.05 92.22
N SER IA 415 67.19 27.01 91.61
CA SER IA 415 66.94 27.69 90.33
C SER IA 415 67.18 29.22 90.39
N ILE IA 416 67.17 29.79 91.58
CA ILE IA 416 67.36 31.21 91.77
C ILE IA 416 68.74 31.57 92.30
N ASN IA 417 69.26 30.81 93.28
CA ASN IA 417 70.53 31.18 93.92
C ASN IA 417 71.74 30.28 93.62
N ALA IA 418 71.56 29.09 93.04
CA ALA IA 418 72.67 28.22 92.68
C ALA IA 418 72.84 28.32 91.19
N LEU IA 419 71.69 28.51 90.58
CA LEU IA 419 71.46 28.70 89.16
C LEU IA 419 71.29 30.20 88.98
N ASN IA 420 70.89 30.62 87.80
CA ASN IA 420 70.98 32.03 87.49
C ASN IA 420 69.77 32.98 87.56
N PHE IA 421 68.58 32.68 88.14
CA PHE IA 421 67.61 33.79 88.06
C PHE IA 421 68.09 35.09 88.70
N SER IA 422 68.74 35.03 89.86
CA SER IA 422 69.25 36.26 90.43
C SER IA 422 70.26 36.94 89.52
N ALA IA 423 71.19 36.14 89.01
CA ALA IA 423 72.29 36.58 88.17
C ALA IA 423 71.82 37.21 86.86
N GLU IA 424 70.75 36.69 86.26
CA GLU IA 424 70.28 37.25 84.99
C GLU IA 424 69.51 38.53 85.19
N PHE IA 425 68.69 38.65 86.22
CA PHE IA 425 67.96 39.91 86.36
C PHE IA 425 68.93 41.05 86.69
N GLU IA 426 70.04 40.71 87.33
CA GLU IA 426 71.02 41.71 87.66
C GLU IA 426 71.58 42.36 86.39
N LYS IA 427 71.65 41.61 85.29
CA LYS IA 427 72.27 42.14 84.09
C LYS IA 427 71.42 43.22 83.46
N LEU IA 428 70.19 43.38 83.92
CA LEU IA 428 69.34 44.42 83.37
C LEU IA 428 69.48 45.62 84.28
N LEU IA 429 69.41 45.38 85.60
CA LEU IA 429 69.61 46.42 86.60
C LEU IA 429 70.50 45.83 87.71
N THR IA 430 71.68 46.42 87.91
CA THR IA 430 72.70 45.85 88.82
C THR IA 430 72.25 45.64 90.27
N TYR IA 431 71.46 46.55 90.82
CA TYR IA 431 71.05 46.43 92.21
C TYR IA 431 69.72 47.10 92.46
N ASP IA 432 68.73 46.83 91.61
CA ASP IA 432 67.44 47.52 91.74
C ASP IA 432 66.83 47.34 93.13
N VAL IA 433 67.07 46.14 93.71
CA VAL IA 433 66.60 45.68 95.02
C VAL IA 433 67.00 46.58 96.18
N ASN IA 434 67.96 47.48 95.94
CA ASN IA 434 68.45 48.43 96.92
C ASN IA 434 67.34 49.31 97.49
N THR IA 435 66.28 49.58 96.72
CA THR IA 435 65.20 50.43 97.19
C THR IA 435 63.87 50.05 96.55
N GLY IA 436 62.75 50.49 97.15
CA GLY IA 436 61.44 50.20 96.57
C GLY IA 436 61.34 50.72 95.15
N LEU IA 437 61.93 51.89 94.90
CA LEU IA 437 62.01 52.39 93.55
C LEU IA 437 63.33 51.85 93.06
N THR IA 438 63.40 51.33 91.83
CA THR IA 438 64.69 50.78 91.43
C THR IA 438 65.79 51.80 91.66
N ALA IA 439 66.84 51.35 92.35
CA ALA IA 439 67.93 52.21 92.72
C ALA IA 439 69.27 51.51 92.55
N SER IA 440 70.35 52.24 92.82
CA SER IA 440 71.70 51.69 92.77
C SER IA 440 72.00 51.01 91.44
N VAL IA 441 71.54 51.63 90.37
CA VAL IA 441 71.79 51.04 89.06
C VAL IA 441 73.20 51.40 88.62
N THR IA 442 74.17 50.70 89.26
CA THR IA 442 75.61 50.86 89.01
C THR IA 442 75.93 50.58 87.56
N LEU IA 443 75.07 49.78 86.97
CA LEU IA 443 75.08 49.38 85.59
C LEU IA 443 73.65 49.05 85.23
N ASP IA 444 73.31 49.29 83.97
CA ASP IA 444 72.00 48.94 83.46
C ASP IA 444 72.07 48.74 81.96
N LEU IA 445 71.27 47.81 81.47
CA LEU IA 445 71.20 47.51 80.05
C LEU IA 445 70.17 48.35 79.30
N PHE IA 446 69.46 49.20 80.01
CA PHE IA 446 68.34 49.90 79.41
C PHE IA 446 68.55 51.37 79.08
N ALA IA 447 67.79 51.77 78.06
CA ALA IA 447 67.50 53.13 77.57
C ALA IA 447 68.65 53.94 77.00
N ASN IA 448 69.78 53.32 76.63
CA ASN IA 448 70.86 54.05 75.96
C ASN IA 448 70.49 54.23 74.49
N ILE IA 449 69.38 53.57 74.18
CA ILE IA 449 68.67 53.48 72.93
C ILE IA 449 68.23 54.84 72.49
N GLY IA 450 67.74 55.68 73.41
CA GLY IA 450 67.22 56.98 73.00
C GLY IA 450 68.22 57.80 72.21
N THR IA 451 69.39 58.04 72.81
CA THR IA 451 70.43 58.82 72.16
C THR IA 451 70.91 58.16 70.89
N ARG IA 452 71.10 56.86 70.93
CA ARG IA 452 71.62 56.18 69.76
C ARG IA 452 70.63 56.23 68.59
N LEU IA 453 69.31 56.16 68.84
CA LEU IA 453 68.38 56.31 67.72
C LEU IA 453 68.46 57.69 67.10
N ASP IA 454 68.62 58.72 67.94
CA ASP IA 454 68.76 60.07 67.40
C ASP IA 454 69.97 60.16 66.46
N ASP IA 455 71.09 59.52 66.85
CA ASP IA 455 72.31 59.55 66.04
C ASP IA 455 72.08 58.88 64.68
N ILE IA 456 71.34 57.76 64.68
CA ILE IA 456 71.05 57.06 63.43
C ILE IA 456 70.22 57.91 62.52
N ILE IA 457 69.14 58.50 63.03
CA ILE IA 457 68.28 59.29 62.17
C ILE IA 457 69.01 60.46 61.61
N ALA IA 458 69.77 61.16 62.44
CA ALA IA 458 70.47 62.31 61.93
C ALA IA 458 71.41 61.91 60.80
N ALA IA 459 72.14 60.80 60.95
CA ALA IA 459 73.03 60.37 59.88
C ALA IA 459 72.26 60.01 58.63
N VAL IA 460 71.12 59.32 58.77
CA VAL IA 460 70.37 58.89 57.59
C VAL IA 460 69.81 60.08 56.85
N SER IA 461 69.30 61.08 57.57
CA SER IA 461 68.73 62.26 56.95
C SER IA 461 69.70 62.99 56.05
N ALA IA 462 71.00 62.83 56.29
CA ALA IA 462 72.02 63.49 55.51
C ALA IA 462 72.02 63.00 54.08
N ALA IA 463 71.47 61.81 53.84
CA ALA IA 463 71.44 61.20 52.53
C ALA IA 463 70.25 61.66 51.69
N GLU IA 464 69.28 62.34 52.28
CA GLU IA 464 68.13 62.70 51.46
C GLU IA 464 68.47 63.50 50.19
N PRO IA 465 69.38 64.48 50.18
CA PRO IA 465 69.76 65.20 48.96
C PRO IA 465 70.90 64.53 48.19
N ILE IA 466 71.29 63.31 48.57
CA ILE IA 466 72.41 62.64 47.95
C ILE IA 466 71.92 61.56 47.00
N ASP IA 467 70.89 60.84 47.40
CA ASP IA 467 70.47 59.71 46.60
C ASP IA 467 69.46 60.04 45.52
N VAL IA 468 69.97 60.09 44.29
CA VAL IA 468 69.20 60.41 43.09
C VAL IA 468 68.65 59.17 42.32
N ASN IA 469 69.27 58.03 42.38
CA ASN IA 469 68.75 56.90 41.60
C ASN IA 469 68.24 55.61 42.26
N ASN IA 470 68.02 55.50 43.55
CA ASN IA 470 67.58 54.22 44.09
C ASN IA 470 66.13 54.21 44.57
N GLY IA 471 65.42 53.13 44.27
CA GLY IA 471 64.03 52.98 44.64
C GLY IA 471 63.84 52.34 46.00
N LYS IA 472 62.57 52.17 46.33
CA LYS IA 472 62.10 51.69 47.61
C LYS IA 472 62.66 50.34 48.08
N LEU IA 473 62.87 49.40 47.17
CA LEU IA 473 63.32 48.05 47.55
C LEU IA 473 64.82 47.88 47.51
N ASN IA 474 65.56 48.92 47.14
CA ASN IA 474 67.00 48.80 46.97
C ASN IA 474 67.68 48.40 48.27
N GLY IA 475 68.49 47.35 48.20
CA GLY IA 475 69.24 46.88 49.35
C GLY IA 475 68.50 45.90 50.23
N ARG IA 476 67.33 45.45 49.80
CA ARG IA 476 66.49 44.49 50.52
C ARG IA 476 66.54 43.07 49.94
N LEU IA 477 66.18 42.08 50.77
CA LEU IA 477 66.15 40.66 50.39
C LEU IA 477 64.88 40.26 49.63
N LEU IA 478 65.00 39.25 48.76
CA LEU IA 478 63.87 38.84 47.92
C LEU IA 478 62.68 38.39 48.78
N SER IA 479 62.93 37.60 49.81
CA SER IA 479 61.85 37.14 50.66
C SER IA 479 61.14 38.30 51.35
N ASP IA 480 61.90 39.33 51.72
CA ASP IA 480 61.35 40.50 52.40
C ASP IA 480 60.30 41.22 51.58
N ILE IA 481 60.51 41.36 50.27
CA ILE IA 481 59.57 42.09 49.43
C ILE IA 481 58.20 41.43 49.25
N GLU IA 482 58.10 40.13 49.45
CA GLU IA 482 56.88 39.40 49.17
C GLU IA 482 55.65 40.04 49.78
N PRO IA 483 55.68 40.46 51.05
CA PRO IA 483 54.53 41.16 51.62
C PRO IA 483 54.25 42.50 50.98
N LEU IA 484 55.31 43.28 50.73
CA LEU IA 484 55.17 44.62 50.16
C LEU IA 484 54.70 44.62 48.70
N ASP IA 485 55.24 43.72 47.88
CA ASP IA 485 54.87 43.64 46.47
C ASP IA 485 54.73 42.17 46.10
N ASN IA 486 53.83 41.86 45.16
CA ASN IA 486 53.67 40.48 44.76
C ASN IA 486 53.82 40.26 43.27
N ALA IA 487 53.39 41.23 42.47
CA ALA IA 487 53.51 41.05 41.04
C ALA IA 487 54.96 40.98 40.65
N THR IA 488 55.76 41.85 41.24
CA THR IA 488 57.18 41.90 40.95
C THR IA 488 57.86 40.65 41.47
N TYR IA 489 57.51 40.24 42.68
CA TYR IA 489 58.08 39.05 43.29
C TYR IA 489 57.87 37.82 42.43
N ASN IA 490 56.64 37.59 41.99
CA ASN IA 490 56.37 36.42 41.17
C ASN IA 490 57.10 36.49 39.84
N THR IA 491 57.18 37.69 39.26
CA THR IA 491 57.88 37.86 37.99
C THR IA 491 59.34 37.48 38.12
N ILE IA 492 59.98 37.93 39.21
CA ILE IA 492 61.39 37.62 39.44
C ILE IA 492 61.61 36.13 39.55
N LEU IA 493 60.76 35.44 40.32
CA LEU IA 493 60.95 34.01 40.45
C LEU IA 493 60.83 33.28 39.12
N LEU IA 494 59.88 33.69 38.29
CA LEU IA 494 59.76 33.08 36.98
C LEU IA 494 60.99 33.29 36.13
N GLU IA 495 61.59 34.47 36.21
CA GLU IA 495 62.78 34.74 35.42
C GLU IA 495 63.97 33.91 35.94
N ILE IA 496 64.11 33.76 37.27
CA ILE IA 496 65.22 33.00 37.83
C ILE IA 496 65.18 31.56 37.35
N ASN IA 497 63.99 30.99 37.34
CA ASN IA 497 63.83 29.59 37.00
C ASN IA 497 63.96 29.32 35.49
N SER IA 498 64.21 30.34 34.68
CA SER IA 498 64.41 30.12 33.26
C SER IA 498 65.84 29.64 32.95
N HIS IA 499 66.75 29.72 33.91
CA HIS IA 499 68.14 29.35 33.68
C HIS IA 499 68.38 27.87 33.95
N LYS IA 500 68.95 27.16 32.99
CA LYS IA 500 69.17 25.72 33.11
C LYS IA 500 70.64 25.33 33.29
N VAL IA 501 70.81 24.12 33.84
CA VAL IA 501 72.08 23.46 34.13
C VAL IA 501 72.71 22.83 32.88
N THR IA 502 74.05 22.92 32.74
CA THR IA 502 74.81 22.31 31.64
C THR IA 502 75.83 21.33 32.20
N LEU IA 503 75.88 20.11 31.65
CA LEU IA 503 76.76 19.05 32.15
C LEU IA 503 77.64 18.34 31.09
N PRO IA 504 78.82 17.85 31.49
CA PRO IA 504 79.62 16.93 30.67
C PRO IA 504 78.79 15.69 30.39
N PRO IA 505 78.98 15.01 29.26
CA PRO IA 505 78.15 13.86 28.83
C PRO IA 505 78.37 12.50 29.51
N SER IA 506 79.51 12.26 30.17
CA SER IA 506 79.82 10.94 30.74
C SER IA 506 78.78 10.30 31.66
N SER IA 507 78.05 11.08 32.45
CA SER IA 507 77.08 10.44 33.35
C SER IA 507 75.86 9.91 32.61
N SER IA 508 75.56 10.49 31.45
CA SER IA 508 74.40 10.06 30.71
C SER IA 508 74.77 8.83 29.94
N MET IA 509 76.04 8.74 29.58
CA MET IA 509 76.48 7.58 28.85
C MET IA 509 76.46 6.36 29.75
N ALA IA 510 76.84 6.50 31.02
CA ALA IA 510 76.77 5.35 31.92
C ALA IA 510 75.34 4.82 32.01
N GLY IA 511 74.37 5.74 32.03
CA GLY IA 511 72.96 5.36 32.01
C GLY IA 511 72.60 4.60 30.75
N ALA IA 512 73.00 5.15 29.59
CA ALA IA 512 72.74 4.52 28.31
C ALA IA 512 73.36 3.13 28.20
N TYR IA 513 74.57 2.95 28.75
CA TYR IA 513 75.19 1.63 28.71
C TYR IA 513 74.32 0.62 29.43
N ALA IA 514 73.77 1.00 30.59
CA ALA IA 514 72.91 0.08 31.34
C ALA IA 514 71.69 -0.35 30.52
N ARG IA 515 71.06 0.58 29.82
CA ARG IA 515 69.91 0.23 29.00
C ARG IA 515 70.25 -0.79 27.94
N VAL IA 516 71.33 -0.56 27.22
CA VAL IA 516 71.70 -1.46 26.14
C VAL IA 516 72.02 -2.85 26.67
N ASP IA 517 72.76 -2.93 27.78
CA ASP IA 517 73.11 -4.23 28.36
C ASP IA 517 71.88 -5.02 28.74
N ASN IA 518 70.82 -4.36 29.19
CA ASN IA 518 69.60 -5.09 29.56
C ASN IA 518 68.72 -5.44 28.35
N ASP IA 519 68.62 -4.55 27.37
CA ASP IA 519 67.81 -4.80 26.19
C ASP IA 519 68.37 -5.80 25.19
N ARG IA 520 69.68 -5.75 24.95
CA ARG IA 520 70.29 -6.61 23.95
C ARG IA 520 71.47 -7.43 24.43
N GLY IA 521 72.27 -6.91 25.35
CA GLY IA 521 73.46 -7.61 25.81
C GLY IA 521 74.72 -6.79 25.63
N VAL IA 522 75.77 -7.15 26.38
CA VAL IA 522 77.05 -6.45 26.40
C VAL IA 522 77.76 -6.39 25.05
N TRP IA 523 77.39 -7.27 24.12
CA TRP IA 523 78.01 -7.28 22.81
C TRP IA 523 77.34 -6.35 21.80
N LYS IA 524 76.30 -5.64 22.22
CA LYS IA 524 75.61 -4.69 21.37
C LYS IA 524 76.22 -3.29 21.49
N SER IA 525 76.50 -2.66 20.36
CA SER IA 525 77.03 -1.29 20.38
C SER IA 525 76.09 -0.26 21.01
N PRO IA 526 76.62 0.62 21.90
CA PRO IA 526 75.94 1.78 22.51
C PRO IA 526 75.48 2.91 21.57
N ALA IA 527 75.91 2.93 20.33
CA ALA IA 527 75.54 4.01 19.42
C ALA IA 527 74.09 3.92 18.94
N ASN IA 528 73.59 5.05 18.42
CA ASN IA 528 72.25 5.27 17.87
C ASN IA 528 71.17 5.10 18.93
N ILE IA 529 71.48 5.60 20.13
CA ILE IA 529 70.58 5.57 21.29
C ILE IA 529 70.31 7.00 21.72
N GLY IA 530 69.04 7.33 21.94
CA GLY IA 530 68.67 8.68 22.35
C GLY IA 530 68.90 8.93 23.84
N LEU IA 531 69.10 10.20 24.18
CA LEU IA 531 69.31 10.61 25.56
C LEU IA 531 68.08 11.30 26.17
N ASN IA 532 67.83 11.04 27.43
CA ASN IA 532 66.72 11.68 28.13
C ASN IA 532 67.19 12.93 28.84
N TYR IA 533 66.28 13.89 29.00
CA TYR IA 533 66.52 15.16 29.67
C TYR IA 533 67.58 16.00 28.97
N VAL IA 534 67.65 15.94 27.65
CA VAL IA 534 68.62 16.74 26.94
C VAL IA 534 67.88 17.61 25.94
N SER IA 535 68.08 18.91 26.04
CA SER IA 535 67.47 19.83 25.09
C SER IA 535 68.27 19.90 23.83
N LYS IA 536 69.59 19.95 23.99
CA LYS IA 536 70.48 20.06 22.86
C LYS IA 536 71.95 19.87 23.29
N PRO IA 537 72.84 19.53 22.34
CA PRO IA 537 74.29 19.63 22.47
C PRO IA 537 74.66 21.09 22.67
N SER IA 538 75.73 21.36 23.43
CA SER IA 538 76.18 22.73 23.66
C SER IA 538 76.64 23.43 22.37
N VAL IA 539 77.26 22.68 21.46
CA VAL IA 539 77.74 23.22 20.18
C VAL IA 539 77.31 22.31 19.04
N THR IA 540 77.30 22.84 17.84
CA THR IA 540 76.99 22.06 16.66
C THR IA 540 78.27 21.68 15.93
N VAL IA 541 78.43 20.40 15.63
CA VAL IA 541 79.63 19.91 14.98
C VAL IA 541 79.32 19.56 13.53
N SER IA 542 80.01 20.19 12.59
CA SER IA 542 79.80 20.01 11.15
C SER IA 542 80.39 18.71 10.65
N HIS IA 543 80.04 18.31 9.43
CA HIS IA 543 80.60 17.08 8.86
C HIS IA 543 82.09 17.15 8.65
N GLU IA 544 82.58 18.32 8.28
CA GLU IA 544 84.00 18.51 8.06
C GLU IA 544 84.77 18.21 9.32
N GLU IA 545 84.21 18.62 10.45
CA GLU IA 545 84.83 18.37 11.73
C GLU IA 545 84.67 16.93 12.16
N GLN IA 546 83.49 16.39 11.97
CA GLN IA 546 83.16 15.06 12.42
C GLN IA 546 84.04 13.98 11.84
N GLU IA 547 84.50 14.12 10.60
CA GLU IA 547 85.37 13.10 10.05
C GLU IA 547 86.67 12.95 10.84
N SER IA 548 87.17 14.03 11.45
CA SER IA 548 88.44 13.98 12.16
C SER IA 548 88.26 13.42 13.58
N MET IA 549 87.01 13.26 14.01
CA MET IA 549 86.73 12.71 15.31
C MET IA 549 86.69 11.21 15.20
N ASN IA 550 86.25 10.71 14.05
CA ASN IA 550 86.12 9.28 13.84
C ASN IA 550 87.39 8.61 13.36
N VAL IA 551 88.12 9.23 12.43
CA VAL IA 551 89.34 8.66 11.91
C VAL IA 551 90.45 9.70 12.05
N HIS IA 552 91.54 9.29 12.65
CA HIS IA 552 92.63 10.22 12.90
C HIS IA 552 93.96 9.48 13.00
N GLY IA 553 95.04 10.16 12.61
CA GLY IA 553 96.38 9.58 12.65
C GLY IA 553 96.81 9.01 13.99
N THR IA 554 96.32 9.55 15.09
CA THR IA 554 96.68 9.03 16.41
C THR IA 554 95.84 7.86 16.91
N GLY IA 555 94.69 7.61 16.30
CA GLY IA 555 93.75 6.58 16.74
C GLY IA 555 92.87 7.01 17.90
N LYS IA 556 93.08 8.22 18.40
CA LYS IA 556 92.36 8.73 19.55
C LYS IA 556 91.03 9.35 19.14
N SER IA 557 90.13 8.46 18.76
CA SER IA 557 88.81 8.81 18.32
C SER IA 557 87.95 9.41 19.41
N VAL IA 558 87.02 10.27 19.02
CA VAL IA 558 86.06 10.85 19.96
C VAL IA 558 84.65 10.63 19.41
N ASN IA 559 83.76 10.10 20.23
CA ASN IA 559 82.39 9.84 19.77
C ASN IA 559 81.59 11.13 19.81
N ALA IA 560 80.65 11.32 18.87
CA ALA IA 560 79.93 12.59 18.80
C ALA IA 560 78.51 12.54 19.31
N ILE IA 561 78.08 13.64 19.91
CA ILE IA 561 76.68 13.79 20.28
C ILE IA 561 76.03 14.72 19.26
N ARG IA 562 74.96 14.27 18.60
CA ARG IA 562 74.34 15.03 17.52
C ARG IA 562 72.82 15.14 17.58
N SER IA 563 72.31 16.24 17.05
CA SER IA 563 70.88 16.48 16.92
C SER IA 563 70.37 16.16 15.52
N PHE IA 564 69.32 15.33 15.44
CA PHE IA 564 68.74 14.96 14.16
C PHE IA 564 67.29 15.44 14.05
N VAL IA 565 66.89 15.81 12.84
CA VAL IA 565 65.55 16.34 12.65
C VAL IA 565 64.50 15.29 12.88
N GLY IA 566 63.55 15.60 13.76
CA GLY IA 566 62.46 14.71 14.10
C GLY IA 566 62.84 13.66 15.13
N LYS IA 567 64.09 13.63 15.58
CA LYS IA 567 64.51 12.61 16.52
C LYS IA 567 65.05 13.15 17.83
N GLY IA 568 65.75 14.28 17.80
CA GLY IA 568 66.38 14.80 18.99
C GLY IA 568 67.82 14.39 19.08
N THR IA 569 68.37 14.33 20.29
CA THR IA 569 69.80 14.12 20.46
C THR IA 569 70.16 12.64 20.58
N LEU IA 570 71.05 12.18 19.68
CA LEU IA 570 71.54 10.80 19.61
C LEU IA 570 73.05 10.69 19.78
N VAL IA 571 73.49 9.52 20.24
CA VAL IA 571 74.92 9.18 20.30
C VAL IA 571 75.36 8.62 18.95
N TRP IA 572 76.34 9.26 18.32
CA TRP IA 572 76.76 8.86 16.98
C TRP IA 572 78.22 8.34 16.97
N GLY IA 573 78.40 7.04 16.87
CA GLY IA 573 79.72 6.41 16.92
C GLY IA 573 79.98 5.71 18.25
N ALA IA 574 80.75 4.62 18.21
CA ALA IA 574 81.05 3.85 19.42
C ALA IA 574 82.44 3.22 19.39
N ARG IA 575 83.47 4.03 19.18
CA ARG IA 575 84.82 3.53 19.15
C ARG IA 575 85.61 3.87 20.40
N THR IA 576 86.69 3.12 20.61
CA THR IA 576 87.64 3.25 21.72
C THR IA 576 88.76 4.22 21.36
N LEU IA 577 89.62 4.52 22.35
CA LEU IA 577 90.77 5.40 22.13
C LEU IA 577 91.93 4.72 21.38
N ALA IA 578 91.71 3.52 20.88
CA ALA IA 578 92.62 2.77 20.04
C ALA IA 578 91.85 2.40 18.80
N GLY IA 579 91.24 3.41 18.17
CA GLY IA 579 90.24 3.29 17.11
C GLY IA 579 90.75 2.78 15.79
N ASN IA 580 92.05 2.68 15.60
CA ASN IA 580 92.58 2.15 14.36
C ASN IA 580 93.04 0.72 14.55
N ASP IA 581 92.91 0.20 15.76
CA ASP IA 581 93.39 -1.13 16.04
C ASP IA 581 92.53 -2.17 15.35
N ASN IA 582 93.16 -3.23 14.88
CA ASN IA 582 92.44 -4.29 14.21
C ASN IA 582 91.59 -5.15 15.14
N GLU IA 583 91.91 -5.24 16.43
CA GLU IA 583 91.13 -6.07 17.32
C GLU IA 583 90.27 -5.29 18.30
N TRP IA 584 90.81 -4.17 18.84
CA TRP IA 584 90.16 -3.44 19.93
C TRP IA 584 89.57 -2.07 19.60
N ARG IA 585 89.18 -1.80 18.35
CA ARG IA 585 88.61 -0.48 18.04
C ARG IA 585 87.17 -0.27 18.50
N TYR IA 586 86.40 -1.32 18.72
CA TYR IA 586 85.01 -1.14 19.13
C TYR IA 586 84.83 -1.31 20.61
N ILE IA 587 83.94 -0.49 21.17
CA ILE IA 587 83.66 -0.56 22.60
C ILE IA 587 83.05 -1.89 22.97
N SER IA 588 82.05 -2.34 22.21
CA SER IA 588 81.34 -3.58 22.50
C SER IA 588 82.24 -4.80 22.45
N VAL IA 589 83.27 -4.79 21.63
CA VAL IA 589 84.15 -5.93 21.58
C VAL IA 589 84.96 -6.00 22.86
N ARG IA 590 85.52 -4.88 23.29
CA ARG IA 590 86.32 -4.84 24.51
C ARG IA 590 85.50 -5.15 25.75
N ARG IA 591 84.27 -4.66 25.82
CA ARG IA 591 83.46 -4.94 26.98
C ARG IA 591 83.01 -6.40 27.03
N PHE IA 592 82.71 -7.01 25.88
CA PHE IA 592 82.37 -8.42 25.84
C PHE IA 592 83.47 -9.27 26.43
N PHE IA 593 84.71 -9.04 25.99
CA PHE IA 593 85.81 -9.81 26.53
C PHE IA 593 85.96 -9.64 28.02
N ASN IA 594 85.84 -8.41 28.55
CA ASN IA 594 86.00 -8.28 30.00
C ASN IA 594 85.00 -9.14 30.74
N MET IA 595 83.76 -9.16 30.26
CA MET IA 595 82.69 -9.95 30.86
C MET IA 595 82.98 -11.44 30.78
N ALA IA 596 83.29 -11.92 29.57
CA ALA IA 596 83.50 -13.34 29.39
C ALA IA 596 84.66 -13.86 30.21
N GLU IA 597 85.74 -13.08 30.28
CA GLU IA 597 86.90 -13.53 31.04
C GLU IA 597 86.60 -13.61 32.53
N GLU IA 598 85.87 -12.65 33.08
CA GLU IA 598 85.53 -12.70 34.50
C GLU IA 598 84.70 -13.93 34.84
N SER IA 599 83.70 -14.24 33.99
CA SER IA 599 82.85 -15.38 34.27
C SER IA 599 83.61 -16.69 34.23
N ILE IA 600 84.51 -16.85 33.26
CA ILE IA 600 85.28 -18.09 33.21
C ILE IA 600 86.19 -18.18 34.41
N LYS IA 601 86.87 -17.08 34.76
CA LYS IA 601 87.77 -17.08 35.90
C LYS IA 601 87.07 -17.58 37.16
N LYS IA 602 85.86 -17.11 37.42
CA LYS IA 602 85.14 -17.58 38.59
C LYS IA 602 84.80 -19.06 38.51
N ALA IA 603 84.38 -19.53 37.35
CA ALA IA 603 84.03 -20.92 37.15
C ALA IA 603 85.20 -21.87 37.44
N THR IA 604 86.43 -21.44 37.18
CA THR IA 604 87.58 -22.32 37.36
C THR IA 604 88.12 -22.32 38.81
N GLU IA 605 87.58 -21.52 39.72
CA GLU IA 605 88.12 -21.49 41.08
C GLU IA 605 87.98 -22.83 41.80
N GLN IA 606 86.94 -23.58 41.47
CA GLN IA 606 86.67 -24.87 42.09
C GLN IA 606 87.75 -25.92 41.83
N PHE IA 607 88.66 -25.70 40.88
CA PHE IA 607 89.70 -26.67 40.59
C PHE IA 607 91.07 -26.28 41.11
N VAL IA 608 91.18 -25.21 41.88
CA VAL IA 608 92.50 -24.70 42.26
C VAL IA 608 93.37 -25.68 43.03
N PHE IA 609 92.82 -26.43 43.96
CA PHE IA 609 93.66 -27.34 44.72
C PHE IA 609 93.51 -28.80 44.30
N GLU IA 610 93.01 -29.04 43.09
CA GLU IA 610 92.85 -30.39 42.59
C GLU IA 610 94.20 -30.91 42.07
N PRO IA 611 94.38 -32.24 41.99
CA PRO IA 611 95.58 -32.86 41.39
C PRO IA 611 95.75 -32.40 39.95
N ASN IA 612 96.99 -32.24 39.52
CA ASN IA 612 97.28 -31.76 38.17
C ASN IA 612 97.58 -32.97 37.30
N ASP IA 613 96.51 -33.50 36.69
CA ASP IA 613 96.57 -34.71 35.87
C ASP IA 613 95.36 -34.71 34.91
N GLY IA 614 95.29 -35.75 34.08
CA GLY IA 614 94.26 -35.90 33.05
C GLY IA 614 92.82 -35.87 33.55
N ASN IA 615 92.59 -36.34 34.77
CA ASN IA 615 91.23 -36.36 35.32
C ASN IA 615 90.73 -34.99 35.71
N THR IA 616 91.60 -34.00 35.75
CA THR IA 616 91.23 -32.64 36.06
C THR IA 616 91.18 -31.87 34.77
N TRP IA 617 92.17 -32.09 33.92
CA TRP IA 617 92.26 -31.33 32.68
C TRP IA 617 90.98 -31.47 31.86
N VAL IA 618 90.43 -32.67 31.81
CA VAL IA 618 89.20 -32.96 31.10
C VAL IA 618 87.97 -32.26 31.70
N ARG IA 619 87.90 -32.15 33.02
CA ARG IA 619 86.81 -31.48 33.69
C ARG IA 619 86.82 -29.98 33.46
N VAL IA 620 88.01 -29.38 33.44
CA VAL IA 620 88.17 -27.96 33.18
C VAL IA 620 87.71 -27.64 31.77
N ARG IA 621 88.12 -28.46 30.81
CA ARG IA 621 87.68 -28.24 29.44
C ARG IA 621 86.17 -28.33 29.29
N ALA IA 622 85.53 -29.35 29.84
CA ALA IA 622 84.10 -29.49 29.65
C ALA IA 622 83.34 -28.28 30.16
N MET IA 623 83.75 -27.78 31.31
CA MET IA 623 83.09 -26.63 31.89
C MET IA 623 83.23 -25.36 31.05
N ILE IA 624 84.43 -25.08 30.56
CA ILE IA 624 84.64 -23.88 29.77
C ILE IA 624 83.83 -23.96 28.49
N GLU IA 625 83.82 -25.12 27.84
CA GLU IA 625 83.06 -25.29 26.61
C GLU IA 625 81.57 -25.05 26.85
N ASN IA 626 81.02 -25.50 27.98
CA ASN IA 626 79.61 -25.27 28.26
C ASN IA 626 79.30 -23.78 28.38
N PHE IA 627 80.18 -23.01 29.02
CA PHE IA 627 79.96 -21.57 29.10
C PHE IA 627 79.90 -20.96 27.71
N LEU IA 628 80.88 -21.29 26.90
CA LEU IA 628 81.01 -20.71 25.58
C LEU IA 628 79.90 -21.12 24.63
N ILE IA 629 79.39 -22.35 24.72
CA ILE IA 629 78.34 -22.74 23.80
C ILE IA 629 77.08 -21.91 24.07
N LEU IA 630 76.83 -21.54 25.33
CA LEU IA 630 75.67 -20.71 25.63
C LEU IA 630 75.84 -19.31 25.04
N GLN IA 631 77.06 -18.76 25.11
CA GLN IA 631 77.31 -17.43 24.54
C GLN IA 631 77.13 -17.44 23.04
N TRP IA 632 77.51 -18.54 22.40
CA TRP IA 632 77.34 -18.69 20.98
C TRP IA 632 75.86 -18.71 20.60
N ARG IA 633 75.04 -19.49 21.30
CA ARG IA 633 73.61 -19.55 21.00
C ARG IA 633 72.94 -18.18 21.21
N ALA IA 634 73.43 -17.43 22.19
CA ALA IA 634 72.93 -16.10 22.53
C ALA IA 634 73.24 -15.04 21.47
N GLY IA 635 74.14 -15.31 20.54
CA GLY IA 635 74.50 -14.35 19.52
C GLY IA 635 75.75 -13.51 19.79
N ALA IA 636 76.58 -13.87 20.77
CA ALA IA 636 77.78 -13.08 21.02
C ALA IA 636 78.94 -13.49 20.11
N LEU IA 637 79.03 -14.79 19.85
CA LEU IA 637 80.14 -15.35 19.09
C LEU IA 637 79.71 -15.64 17.67
N ALA IA 638 80.67 -15.49 16.77
CA ALA IA 638 80.51 -15.74 15.34
C ALA IA 638 80.74 -17.20 15.01
N GLY IA 639 80.25 -17.66 13.85
CA GLY IA 639 80.50 -19.04 13.38
C GLY IA 639 79.25 -19.90 13.21
N ALA IA 640 79.20 -20.61 12.06
CA ALA IA 640 78.06 -21.48 11.69
C ALA IA 640 77.82 -22.63 12.65
N LYS IA 641 78.89 -23.18 13.19
CA LYS IA 641 78.84 -24.28 14.14
C LYS IA 641 80.01 -24.04 15.10
N PRO IA 642 80.00 -24.62 16.33
CA PRO IA 642 81.01 -24.39 17.38
C PRO IA 642 82.46 -24.51 16.92
N GLU IA 643 82.73 -25.39 15.96
CA GLU IA 643 84.08 -25.54 15.41
C GLU IA 643 84.66 -24.27 14.79
N HIS IA 644 83.81 -23.31 14.48
CA HIS IA 644 84.23 -22.07 13.88
C HIS IA 644 84.07 -20.89 14.83
N ALA IA 645 83.58 -21.13 16.04
CA ALA IA 645 83.31 -20.08 16.99
C ALA IA 645 84.35 -20.04 18.09
N PHE IA 646 84.75 -21.20 18.59
CA PHE IA 646 85.69 -21.21 19.69
C PHE IA 646 86.45 -22.51 19.85
N TYR IA 647 87.52 -22.46 20.62
CA TYR IA 647 88.20 -23.69 21.00
C TYR IA 647 88.85 -23.55 22.36
N VAL IA 648 89.10 -24.70 23.00
CA VAL IA 648 89.82 -24.79 24.27
C VAL IA 648 90.86 -25.91 24.19
N LYS IA 649 92.12 -25.63 24.54
CA LYS IA 649 93.17 -26.67 24.52
C LYS IA 649 93.87 -26.80 25.86
N VAL IA 650 93.94 -28.02 26.38
CA VAL IA 650 94.61 -28.29 27.65
C VAL IA 650 95.36 -29.60 27.57
N GLY IA 651 96.65 -29.63 27.94
CA GLY IA 651 97.29 -30.93 28.00
C GLY IA 651 98.80 -30.90 27.99
N LEU IA 652 99.39 -32.00 28.42
CA LEU IA 652 100.82 -32.06 28.43
C LEU IA 652 101.22 -32.41 27.01
N GLY IA 653 102.18 -31.65 26.49
CA GLY IA 653 102.58 -31.80 25.13
C GLY IA 653 101.80 -30.86 24.22
N GLN IA 654 100.76 -30.22 24.74
CA GLN IA 654 99.97 -29.28 23.97
C GLN IA 654 100.18 -27.88 24.51
N THR IA 655 99.94 -27.71 25.80
CA THR IA 655 100.06 -26.42 26.46
C THR IA 655 101.03 -26.46 27.63
N MET IA 656 101.35 -27.66 28.15
CA MET IA 656 102.19 -27.84 29.32
C MET IA 656 103.40 -28.74 29.09
N THR IA 657 104.43 -28.53 29.92
CA THR IA 657 105.55 -29.48 29.87
C THR IA 657 105.82 -30.09 31.24
N ALA IA 658 106.83 -30.97 31.30
CA ALA IA 658 107.14 -31.67 32.54
C ALA IA 658 107.47 -30.72 33.68
N GLN IA 659 108.14 -29.62 33.34
CA GLN IA 659 108.53 -28.63 34.31
C GLN IA 659 107.32 -27.94 34.91
N ASP IA 660 106.22 -27.80 34.19
CA ASP IA 660 105.05 -27.10 34.73
C ASP IA 660 104.38 -28.01 35.70
N ILE IA 661 104.43 -29.31 35.42
CA ILE IA 661 103.80 -30.22 36.36
C ILE IA 661 104.56 -30.13 37.67
N LEU IA 662 105.90 -30.07 37.59
CA LEU IA 662 106.73 -29.99 38.78
C LEU IA 662 106.52 -28.67 39.54
N GLU IA 663 106.37 -27.55 38.82
CA GLU IA 663 106.12 -26.25 39.43
C GLU IA 663 104.74 -26.14 40.03
N GLY IA 664 103.76 -26.79 39.40
CA GLY IA 664 102.38 -26.73 39.82
C GLY IA 664 101.54 -25.81 38.95
N ASN IA 665 101.95 -25.61 37.70
CA ASN IA 665 101.23 -24.76 36.78
C ASN IA 665 100.27 -25.54 35.90
N MET IA 666 99.22 -24.88 35.45
CA MET IA 666 98.31 -25.48 34.48
C MET IA 666 97.97 -24.45 33.42
N ASN IA 667 98.23 -24.79 32.17
CA ASN IA 667 98.06 -23.87 31.05
C ASN IA 667 96.84 -24.17 30.17
N VAL IA 668 95.91 -23.23 30.10
CA VAL IA 668 94.71 -23.41 29.30
C VAL IA 668 94.65 -22.37 28.20
N GLU IA 669 94.54 -22.81 26.95
CA GLU IA 669 94.47 -21.88 25.82
C GLU IA 669 93.06 -21.80 25.23
N ILE IA 670 92.57 -20.58 25.05
CA ILE IA 670 91.21 -20.34 24.55
C ILE IA 670 91.21 -19.37 23.39
N GLY IA 671 90.45 -19.65 22.33
CA GLY IA 671 90.30 -18.72 21.22
C GLY IA 671 88.83 -18.42 21.01
N LEU IA 672 88.51 -17.21 20.51
CA LEU IA 672 87.11 -16.79 20.28
C LEU IA 672 86.89 -15.93 19.04
N ALA IA 673 85.87 -16.27 18.24
CA ALA IA 673 85.48 -15.43 17.11
C ALA IA 673 84.30 -14.56 17.51
N VAL IA 674 84.41 -13.23 17.35
CA VAL IA 674 83.31 -12.41 17.87
C VAL IA 674 82.63 -11.62 16.77
N VAL IA 675 81.41 -11.20 17.06
CA VAL IA 675 80.58 -10.41 16.18
C VAL IA 675 80.93 -8.92 16.24
N ARG IA 676 81.06 -8.28 15.07
CA ARG IA 676 81.37 -6.86 14.96
C ARG IA 676 80.21 -6.14 14.24
N PRO IA 677 79.95 -4.85 14.56
CA PRO IA 677 78.85 -4.03 14.02
C PRO IA 677 79.03 -3.51 12.61
N ALA IA 678 77.91 -3.19 11.95
CA ALA IA 678 77.97 -2.49 10.68
C ALA IA 678 77.95 -0.99 10.91
N GLU IA 679 78.84 -0.26 10.25
CA GLU IA 679 78.87 1.20 10.36
C GLU IA 679 78.47 1.91 9.08
N PHE IA 680 78.61 1.28 7.93
CA PHE IA 680 78.36 1.95 6.67
C PHE IA 680 77.42 1.16 5.81
N ILE IA 681 76.60 1.87 5.03
CA ILE IA 681 75.69 1.25 4.08
C ILE IA 681 75.95 1.79 2.70
N ILE IA 682 76.21 0.91 1.75
CA ILE IA 682 76.49 1.33 0.39
C ILE IA 682 75.43 0.81 -0.56
N LEU IA 683 74.80 1.70 -1.30
CA LEU IA 683 73.78 1.33 -2.26
C LEU IA 683 74.26 1.44 -3.69
N LYS IA 684 73.67 0.60 -4.54
CA LYS IA 684 73.94 0.61 -5.97
C LYS IA 684 72.63 0.33 -6.71
N PHE IA 685 72.43 0.98 -7.85
CA PHE IA 685 71.23 0.76 -8.66
C PHE IA 685 71.59 0.39 -10.09
N SER IA 686 70.81 -0.49 -10.71
CA SER IA 686 70.99 -0.81 -12.12
C SER IA 686 69.62 -1.14 -12.70
N HIS IA 687 69.49 -1.01 -14.01
CA HIS IA 687 68.22 -1.18 -14.67
C HIS IA 687 68.27 -1.99 -15.95
N LYS IA 688 67.10 -2.46 -16.36
CA LYS IA 688 66.86 -3.09 -17.65
C LYS IA 688 65.56 -2.56 -18.23
N MET IA 689 65.44 -2.60 -19.54
CA MET IA 689 64.20 -2.19 -20.19
C MET IA 689 63.24 -3.36 -20.26
N GLN IA 690 61.96 -3.09 -20.11
CA GLN IA 690 60.98 -4.16 -20.19
C GLN IA 690 61.06 -4.85 -21.54
N THR JA 3 87.08 4.01 1.35
CA THR JA 3 87.26 4.51 2.70
C THR JA 3 86.21 5.48 3.13
N TYR JA 4 85.54 5.17 4.22
CA TYR JA 4 84.54 6.05 4.77
C TYR JA 4 84.97 6.36 6.18
N LYS JA 5 84.63 7.55 6.65
CA LYS JA 5 85.02 7.93 8.00
C LYS JA 5 83.84 8.19 8.92
N THR JA 6 82.71 8.62 8.38
CA THR JA 6 81.55 8.97 9.17
C THR JA 6 80.44 7.93 8.93
N PRO JA 7 79.85 7.34 9.98
CA PRO JA 7 78.74 6.40 9.84
C PRO JA 7 77.63 7.02 9.04
N GLY JA 8 77.05 6.27 8.12
CA GLY JA 8 75.99 6.83 7.30
C GLY JA 8 75.64 5.96 6.13
N VAL JA 9 74.75 6.47 5.30
CA VAL JA 9 74.30 5.77 4.11
C VAL JA 9 74.89 6.45 2.90
N TYR JA 10 75.60 5.69 2.09
CA TYR JA 10 76.25 6.25 0.92
C TYR JA 10 75.71 5.61 -0.34
N ILE JA 11 75.70 6.39 -1.40
CA ILE JA 11 75.28 5.93 -2.71
C ILE JA 11 76.45 6.01 -3.65
N GLU JA 12 76.79 4.90 -4.31
CA GLU JA 12 77.94 4.87 -5.18
C GLU JA 12 77.57 4.34 -6.55
N GLU JA 13 78.16 4.94 -7.58
CA GLU JA 13 77.98 4.50 -8.97
C GLU JA 13 78.77 3.24 -9.27
N ILE JA 14 80.00 3.17 -8.79
CA ILE JA 14 80.88 2.05 -9.09
C ILE JA 14 81.35 1.36 -7.85
N THR JA 15 81.03 0.06 -7.76
CA THR JA 15 81.42 -0.71 -6.61
C THR JA 15 82.01 -2.04 -7.07
N LYS JA 16 82.70 -2.70 -6.15
CA LYS JA 16 83.24 -4.03 -6.38
C LYS JA 16 82.35 -5.04 -5.68
N PHE JA 17 82.16 -6.18 -6.29
CA PHE JA 17 81.31 -7.18 -5.71
C PHE JA 17 82.16 -8.35 -5.22
N PRO JA 18 81.72 -9.05 -4.16
CA PRO JA 18 82.32 -10.29 -3.58
C PRO JA 18 81.84 -11.63 -4.16
N PRO JA 19 82.27 -12.09 -5.34
CA PRO JA 19 81.88 -13.41 -5.85
C PRO JA 19 82.61 -14.40 -4.98
N SER JA 20 82.10 -15.62 -4.86
CA SER JA 20 82.80 -16.58 -3.99
C SER JA 20 82.57 -18.06 -4.22
N VAL JA 21 81.39 -18.45 -4.68
CA VAL JA 21 81.09 -19.88 -4.80
C VAL JA 21 80.98 -20.36 -6.23
N ALA JA 22 81.86 -21.29 -6.57
CA ALA JA 22 81.85 -21.92 -7.88
C ALA JA 22 81.00 -23.17 -7.80
N GLN JA 23 80.47 -23.60 -8.94
CA GLN JA 23 79.68 -24.81 -8.97
C GLN JA 23 79.90 -25.42 -10.34
N VAL JA 24 79.60 -26.70 -10.50
CA VAL JA 24 79.79 -27.33 -11.79
C VAL JA 24 78.67 -26.98 -12.74
N GLU JA 25 79.05 -26.50 -13.91
CA GLU JA 25 78.13 -26.14 -14.98
C GLU JA 25 78.70 -26.69 -16.27
N THR JA 26 77.83 -26.87 -17.26
CA THR JA 26 78.23 -27.42 -18.55
C THR JA 26 78.41 -26.41 -19.68
N ALA JA 27 77.88 -25.19 -19.56
CA ALA JA 27 77.98 -24.19 -20.62
C ALA JA 27 78.98 -23.09 -20.25
N ILE JA 28 80.28 -23.35 -20.27
CA ILE JA 28 81.24 -22.33 -19.86
C ILE JA 28 82.16 -21.95 -21.01
N PRO JA 29 81.95 -20.82 -21.64
CA PRO JA 29 82.77 -20.40 -22.75
C PRO JA 29 84.03 -19.73 -22.32
N ALA JA 30 85.02 -19.80 -23.19
CA ALA JA 30 86.16 -18.93 -23.10
C ALA JA 30 86.12 -17.98 -24.29
N PHE JA 31 86.44 -16.73 -24.04
CA PHE JA 31 86.47 -15.71 -25.08
C PHE JA 31 87.88 -15.17 -25.26
N ILE JA 32 88.46 -15.38 -26.43
CA ILE JA 32 89.83 -14.95 -26.71
C ILE JA 32 89.87 -13.75 -27.66
N GLY JA 33 90.41 -12.60 -27.22
CA GLY JA 33 90.42 -11.39 -28.07
C GLY JA 33 91.06 -10.14 -27.45
N TYR JA 34 90.79 -8.94 -27.98
CA TYR JA 34 91.46 -7.74 -27.48
C TYR JA 34 90.59 -6.90 -26.53
N THR JA 35 91.24 -6.23 -25.54
CA THR JA 35 90.52 -5.37 -24.59
C THR JA 35 91.15 -3.97 -24.44
N GLN JA 36 90.45 -3.05 -23.76
CA GLN JA 36 90.97 -1.71 -23.56
C GLN JA 36 92.23 -1.71 -22.70
N PHE JA 37 92.22 -2.50 -21.65
CA PHE JA 37 93.30 -2.64 -20.68
C PHE JA 37 93.23 -4.03 -20.07
N ALA JA 38 94.18 -4.35 -19.19
CA ALA JA 38 94.21 -5.67 -18.60
C ALA JA 38 94.90 -5.65 -17.25
N ARG JA 39 94.25 -5.07 -16.23
CA ARG JA 39 94.98 -4.90 -14.99
C ARG JA 39 94.31 -5.47 -13.75
N THR JA 40 95.11 -6.17 -12.95
CA THR JA 40 94.69 -6.79 -11.70
C THR JA 40 94.17 -5.77 -10.73
N LYS JA 41 94.89 -4.67 -10.60
CA LYS JA 41 94.50 -3.63 -9.68
C LYS JA 41 93.80 -2.51 -10.44
N PRO JA 42 92.54 -2.21 -10.10
CA PRO JA 42 91.74 -1.16 -10.75
C PRO JA 42 92.43 0.18 -10.88
N SER JA 43 93.34 0.54 -9.96
CA SER JA 43 93.98 1.83 -10.07
C SER JA 43 95.51 1.82 -10.18
N VAL JA 44 96.07 1.01 -11.08
CA VAL JA 44 97.49 1.06 -11.38
C VAL JA 44 97.65 1.26 -12.87
N ASP JA 45 98.84 1.66 -13.32
CA ASP JA 45 99.01 1.86 -14.76
C ASP JA 45 99.36 0.57 -15.52
N SER JA 46 99.95 -0.41 -14.84
CA SER JA 46 100.38 -1.65 -15.49
C SER JA 46 99.26 -2.59 -15.93
N ASP JA 47 99.47 -3.23 -17.08
CA ASP JA 47 98.63 -4.32 -17.60
C ASP JA 47 99.32 -5.65 -17.27
N ASP JA 48 98.62 -6.50 -16.53
CA ASP JA 48 99.23 -7.77 -16.12
C ASP JA 48 98.30 -8.98 -16.21
N LEU JA 49 97.09 -8.81 -16.77
CA LEU JA 49 96.14 -9.90 -16.92
C LEU JA 49 96.06 -10.41 -18.33
N ILE JA 50 96.92 -9.95 -19.24
CA ILE JA 50 96.65 -10.25 -20.65
C ILE JA 50 96.60 -11.77 -20.92
N LEU JA 51 97.62 -12.51 -20.55
CA LEU JA 51 97.58 -13.94 -20.84
C LEU JA 51 97.29 -14.75 -19.60
N LYS JA 52 96.50 -14.19 -18.69
CA LYS JA 52 96.13 -14.86 -17.46
C LYS JA 52 94.61 -15.06 -17.45
N PRO JA 53 94.09 -16.23 -17.85
CA PRO JA 53 92.64 -16.44 -17.94
C PRO JA 53 91.97 -16.08 -16.64
N LYS JA 54 90.88 -15.33 -16.73
CA LYS JA 54 90.19 -14.90 -15.53
C LYS JA 54 88.71 -15.20 -15.58
N ARG JA 55 88.14 -15.51 -14.43
CA ARG JA 55 86.72 -15.79 -14.28
C ARG JA 55 85.92 -14.51 -14.01
N ILE JA 56 84.91 -14.28 -14.85
CA ILE JA 56 84.02 -13.11 -14.85
C ILE JA 56 82.57 -13.56 -14.61
N SER JA 57 81.85 -12.90 -13.69
CA SER JA 57 80.45 -13.28 -13.43
C SER JA 57 79.47 -12.39 -14.18
N SER JA 58 79.84 -11.15 -14.47
CA SER JA 58 78.95 -10.23 -15.17
C SER JA 58 79.76 -9.15 -15.88
N LEU JA 59 79.08 -8.23 -16.59
CA LEU JA 59 79.70 -7.08 -17.24
C LEU JA 59 80.30 -6.17 -16.21
N LEU JA 60 79.74 -6.21 -15.01
CA LEU JA 60 80.24 -5.42 -13.90
C LEU JA 60 81.65 -5.82 -13.51
N ASP JA 61 82.06 -7.06 -13.79
CA ASP JA 61 83.42 -7.43 -13.46
C ASP JA 61 84.29 -7.11 -14.65
N PHE JA 62 83.78 -7.38 -15.85
CA PHE JA 62 84.59 -7.16 -17.05
C PHE JA 62 85.07 -5.71 -17.13
N THR JA 63 84.14 -4.80 -16.90
CA THR JA 63 84.38 -3.36 -16.95
C THR JA 63 85.43 -2.86 -15.98
N THR JA 64 85.78 -3.61 -14.93
CA THR JA 64 86.77 -3.11 -13.98
C THR JA 64 88.16 -3.68 -14.22
N TYR JA 65 88.32 -4.63 -15.12
CA TYR JA 65 89.63 -5.23 -15.36
C TYR JA 65 90.07 -5.07 -16.80
N TYR JA 66 89.11 -5.06 -17.69
CA TYR JA 66 89.35 -4.99 -19.11
C TYR JA 66 88.82 -3.71 -19.72
N GLY JA 67 87.68 -3.21 -19.23
CA GLY JA 67 87.13 -1.95 -19.73
C GLY JA 67 85.99 -2.08 -20.72
N GLY JA 68 85.75 -1.00 -21.48
CA GLY JA 68 84.63 -0.87 -22.42
C GLY JA 68 85.00 -1.00 -23.89
N ALA JA 69 84.25 -0.31 -24.76
CA ALA JA 69 84.47 -0.35 -26.21
C ALA JA 69 85.35 0.83 -26.66
N GLN JA 70 85.89 0.72 -27.88
CA GLN JA 70 86.67 1.79 -28.50
C GLN JA 70 85.76 2.81 -29.18
N ASN JA 71 86.08 4.11 -29.10
CA ASN JA 71 85.30 5.14 -29.80
C ASN JA 71 85.49 5.05 -31.31
N GLU JA 72 84.38 5.06 -32.05
CA GLU JA 72 84.45 5.01 -33.51
C GLU JA 72 85.04 6.31 -34.06
N GLN JA 73 85.85 6.19 -35.10
CA GLN JA 73 86.47 7.35 -35.76
C GLN JA 73 85.86 7.68 -37.11
N GLY JA 74 84.88 6.90 -37.54
CA GLY JA 74 84.28 7.02 -38.87
C GLY JA 74 82.96 7.79 -38.98
N ILE JA 75 82.54 8.51 -37.95
CA ILE JA 75 81.27 9.22 -38.02
C ILE JA 75 81.43 10.56 -38.70
N THR JA 76 80.63 10.79 -39.73
CA THR JA 76 80.57 12.00 -40.53
C THR JA 76 79.25 12.69 -40.37
N VAL JA 77 79.28 14.01 -40.25
CA VAL JA 77 78.06 14.80 -40.16
C VAL JA 77 78.10 15.91 -41.21
N LYS JA 78 77.03 15.99 -42.02
CA LYS JA 78 76.95 17.00 -43.06
C LYS JA 78 75.68 17.84 -42.99
N LEU JA 79 75.83 19.16 -43.04
CA LEU JA 79 74.69 20.07 -43.04
C LEU JA 79 74.64 20.88 -44.32
N THR JA 80 73.43 21.12 -44.87
CA THR JA 80 73.26 21.98 -46.04
C THR JA 80 72.18 23.06 -45.87
N ASP JA 81 72.55 24.33 -46.13
CA ASP JA 81 71.62 25.48 -46.07
C ASP JA 81 71.08 25.89 -47.45
N THR JA 82 69.75 25.93 -47.62
CA THR JA 82 69.12 26.40 -48.87
C THR JA 82 67.95 27.38 -48.66
N LEU JA 83 67.61 28.15 -49.69
CA LEU JA 83 66.56 29.15 -49.53
C LEU JA 83 65.26 28.66 -50.19
N ILE JA 84 64.16 28.75 -49.43
CA ILE JA 84 62.84 28.45 -49.94
C ILE JA 84 62.02 29.72 -49.90
N GLU JA 85 61.60 30.22 -51.08
CA GLU JA 85 60.80 31.44 -51.26
C GLU JA 85 61.32 32.65 -50.48
N GLY JA 86 62.59 32.57 -50.09
CA GLY JA 86 63.32 33.54 -49.23
C GLY JA 86 63.69 33.00 -47.85
N ALA JA 87 63.07 31.91 -47.40
CA ALA JA 87 63.29 31.41 -46.05
C ALA JA 87 64.42 30.40 -46.04
N GLU JA 88 65.20 30.35 -44.97
CA GLU JA 88 66.20 29.31 -44.92
C GLU JA 88 65.65 27.97 -44.51
N ASN JA 89 66.24 26.91 -45.07
CA ASN JA 89 65.87 25.53 -44.79
C ASN JA 89 67.11 24.65 -44.68
N ARG JA 90 67.33 24.04 -43.50
CA ARG JA 90 68.53 23.23 -43.29
C ARG JA 90 68.28 21.73 -43.33
N THR JA 91 69.12 21.02 -44.08
CA THR JA 91 69.08 19.56 -44.18
C THR JA 91 70.23 18.92 -43.41
N ILE JA 92 69.90 17.93 -42.58
CA ILE JA 92 70.88 17.21 -41.76
C ILE JA 92 71.07 15.79 -42.28
N ASN JA 93 72.31 15.43 -42.58
CA ASN JA 93 72.65 14.12 -43.13
C ASN JA 93 73.78 13.41 -42.37
N VAL JA 94 73.45 12.30 -41.71
CA VAL JA 94 74.44 11.50 -40.99
C VAL JA 94 74.41 10.06 -41.52
N PRO JA 95 75.32 9.70 -42.46
CA PRO JA 95 75.36 8.38 -43.13
C PRO JA 95 75.95 7.32 -42.23
N GLU JA 96 75.70 6.05 -42.57
CA GLU JA 96 76.34 4.94 -41.88
C GLU JA 96 77.84 4.95 -42.11
N PRO JA 97 78.68 4.78 -41.07
CA PRO JA 97 80.14 4.71 -41.21
C PRO JA 97 80.56 3.56 -42.09
N THR JA 98 81.62 3.75 -42.85
CA THR JA 98 82.18 2.68 -43.67
C THR JA 98 83.44 2.10 -43.05
N PHE JA 99 84.06 2.87 -42.17
CA PHE JA 99 85.25 2.43 -41.46
C PHE JA 99 84.89 2.30 -40.01
N LYS JA 100 84.96 1.09 -39.49
CA LYS JA 100 84.55 0.81 -38.13
C LYS JA 100 85.70 0.14 -37.37
N SER JA 101 85.73 0.30 -36.05
CA SER JA 101 86.74 -0.39 -35.25
C SER JA 101 86.60 -1.90 -35.37
N PRO JA 102 87.69 -2.65 -35.44
CA PRO JA 102 87.67 -4.11 -35.54
C PRO JA 102 87.53 -4.82 -34.21
N TYR JA 103 87.37 -4.12 -33.08
CA TYR JA 103 87.37 -4.79 -31.79
C TYR JA 103 85.96 -4.98 -31.23
N LEU JA 104 85.48 -6.24 -31.23
CA LEU JA 104 84.11 -6.59 -30.86
C LEU JA 104 83.85 -7.31 -29.53
N MET JA 105 84.86 -7.59 -28.69
CA MET JA 105 84.58 -8.39 -27.49
C MET JA 105 83.55 -7.77 -26.56
N PHE JA 106 83.59 -6.46 -26.37
CA PHE JA 106 82.66 -5.83 -25.45
C PHE JA 106 81.21 -6.04 -25.90
N TYR JA 107 80.94 -5.80 -27.18
CA TYR JA 107 79.59 -5.95 -27.71
C TYR JA 107 79.14 -7.40 -27.62
N SER JA 108 80.06 -8.34 -27.90
CA SER JA 108 79.74 -9.75 -27.84
C SER JA 108 79.34 -10.18 -26.43
N LEU JA 109 80.05 -9.68 -25.42
CA LEU JA 109 79.67 -10.01 -24.05
C LEU JA 109 78.32 -9.46 -23.69
N GLN JA 110 77.99 -8.25 -24.14
CA GLN JA 110 76.66 -7.74 -23.83
C GLN JA 110 75.58 -8.68 -24.36
N MET JA 111 75.77 -9.21 -25.57
CA MET JA 111 74.81 -10.14 -26.15
C MET JA 111 74.76 -11.46 -25.39
N TYR JA 112 75.92 -11.96 -24.98
CA TYR JA 112 76.03 -13.20 -24.22
C TYR JA 112 75.23 -13.16 -22.94
N PHE JA 113 75.40 -12.09 -22.17
CA PHE JA 113 74.68 -11.97 -20.91
C PHE JA 113 73.19 -11.71 -21.16
N ALA JA 114 72.86 -10.90 -22.18
CA ALA JA 114 71.46 -10.61 -22.51
C ALA JA 114 70.67 -11.86 -22.85
N ASN JA 115 71.34 -12.84 -23.44
CA ASN JA 115 70.73 -14.08 -23.83
C ASN JA 115 70.82 -15.18 -22.81
N GLY JA 116 71.20 -14.90 -21.57
CA GLY JA 116 71.18 -15.90 -20.52
C GLY JA 116 72.50 -16.55 -20.13
N GLY JA 117 73.63 -16.03 -20.59
CA GLY JA 117 74.90 -16.62 -20.21
C GLY JA 117 75.23 -16.45 -18.74
N GLY JA 118 76.06 -17.38 -18.23
CA GLY JA 118 76.53 -17.36 -16.86
C GLY JA 118 78.00 -16.96 -16.80
N PRO JA 119 78.74 -17.41 -15.77
CA PRO JA 119 80.17 -17.13 -15.57
C PRO JA 119 80.98 -17.62 -16.75
N CYS JA 120 82.05 -16.90 -17.06
CA CYS JA 120 82.88 -17.25 -18.22
C CYS JA 120 84.35 -16.87 -18.07
N TYR JA 121 85.18 -17.35 -18.99
CA TYR JA 121 86.59 -16.99 -18.98
C TYR JA 121 87.01 -15.98 -20.03
N ILE JA 122 87.81 -15.02 -19.60
CA ILE JA 122 88.37 -14.01 -20.49
C ILE JA 122 89.87 -14.15 -20.61
N VAL JA 123 90.35 -14.19 -21.85
CA VAL JA 123 91.76 -14.21 -22.15
C VAL JA 123 92.02 -13.06 -23.11
N SER JA 124 92.89 -12.14 -22.75
CA SER JA 124 93.16 -11.07 -23.69
C SER JA 124 94.37 -11.43 -24.48
N THR JA 125 94.44 -10.97 -25.69
CA THR JA 125 95.61 -11.25 -26.48
C THR JA 125 96.48 -10.02 -26.61
N GLY JA 126 95.99 -8.93 -26.07
CA GLY JA 126 96.66 -7.65 -26.12
C GLY JA 126 95.62 -6.59 -25.88
N VAL JA 127 96.02 -5.33 -26.06
CA VAL JA 127 95.10 -4.24 -25.82
C VAL JA 127 94.95 -3.40 -27.07
N TYR JA 128 93.89 -2.60 -27.09
CA TYR JA 128 93.54 -1.75 -28.24
C TYR JA 128 94.60 -0.73 -28.59
N ASP JA 129 94.80 -0.56 -29.89
CA ASP JA 129 95.71 0.45 -30.40
C ASP JA 129 94.93 1.54 -31.18
N ASP JA 130 95.68 2.47 -31.77
CA ASP JA 130 95.13 3.63 -32.45
C ASP JA 130 94.95 3.49 -33.95
N TRP JA 131 94.07 4.33 -34.47
CA TRP JA 131 93.85 4.46 -35.90
C TRP JA 131 94.98 5.29 -36.47
N SER JA 132 95.33 5.06 -37.74
CA SER JA 132 96.36 5.89 -38.36
C SER JA 132 95.75 7.13 -38.96
N ASP JA 133 94.51 7.00 -39.40
CA ASP JA 133 93.80 8.12 -40.01
C ASP JA 133 92.30 7.85 -39.88
N SER JA 134 91.46 8.77 -40.34
CA SER JA 134 90.01 8.56 -40.21
C SER JA 134 89.54 7.41 -41.10
N GLU JA 135 90.29 7.14 -42.17
CA GLU JA 135 90.01 6.05 -43.08
C GLU JA 135 90.93 4.86 -42.88
N THR JA 136 91.73 4.85 -41.82
CA THR JA 136 92.63 3.72 -41.60
C THR JA 136 92.53 3.15 -40.18
N PRO JA 137 91.70 2.10 -39.99
CA PRO JA 137 91.52 1.35 -38.75
C PRO JA 137 92.77 0.52 -38.45
N PRO JA 138 92.97 0.15 -37.19
CA PRO JA 138 94.02 -0.77 -36.76
C PRO JA 138 93.71 -2.16 -37.27
N THR JA 139 94.68 -3.06 -37.28
CA THR JA 139 94.47 -4.42 -37.77
C THR JA 139 94.76 -5.48 -36.72
N ILE JA 140 94.32 -6.71 -36.99
CA ILE JA 140 94.50 -7.83 -36.07
C ILE JA 140 95.55 -8.83 -36.54
N ASN JA 141 96.49 -9.11 -35.66
CA ASN JA 141 97.57 -10.05 -35.91
C ASN JA 141 97.16 -11.45 -35.53
N PHE JA 142 97.10 -12.31 -36.52
CA PHE JA 142 96.70 -13.70 -36.34
C PHE JA 142 97.42 -14.41 -35.18
N SER JA 143 98.73 -14.17 -35.04
CA SER JA 143 99.53 -14.90 -34.06
C SER JA 143 99.13 -14.56 -32.61
N ASP JA 144 98.39 -13.46 -32.42
CA ASP JA 144 97.94 -13.08 -31.09
C ASP JA 144 96.84 -14.02 -30.64
N LEU JA 145 96.02 -14.47 -31.59
CA LEU JA 145 94.91 -15.32 -31.25
C LEU JA 145 95.43 -16.71 -30.99
N GLU JA 146 96.46 -17.12 -31.74
CA GLU JA 146 97.02 -18.44 -31.53
C GLU JA 146 97.64 -18.55 -30.15
N SER JA 147 98.30 -17.48 -29.70
CA SER JA 147 98.85 -17.46 -28.36
C SER JA 147 97.77 -17.66 -27.32
N GLY JA 148 96.67 -16.90 -27.44
CA GLY JA 148 95.58 -17.04 -26.49
C GLY JA 148 94.99 -18.45 -26.44
N LEU JA 149 94.91 -19.11 -27.60
CA LEU JA 149 94.40 -20.47 -27.65
C LEU JA 149 95.34 -21.41 -26.90
N ALA JA 150 96.65 -21.26 -27.11
CA ALA JA 150 97.63 -22.08 -26.41
C ALA JA 150 97.52 -21.93 -24.91
N VAL JA 151 97.21 -20.72 -24.45
CA VAL JA 151 97.03 -20.45 -23.03
C VAL JA 151 95.81 -21.16 -22.46
N ILE JA 152 94.63 -21.01 -23.11
CA ILE JA 152 93.41 -21.59 -22.55
C ILE JA 152 93.50 -23.11 -22.51
N ARG JA 153 94.29 -23.70 -23.41
CA ARG JA 153 94.54 -25.15 -23.44
C ARG JA 153 94.88 -25.72 -22.06
N LYS JA 154 95.51 -24.92 -21.20
CA LYS JA 154 95.95 -25.39 -19.89
C LYS JA 154 94.90 -25.26 -18.78
N GLU JA 155 93.73 -24.71 -19.05
CA GLU JA 155 92.68 -24.59 -18.02
C GLU JA 155 91.74 -25.77 -18.11
N ASP JA 156 91.21 -26.20 -16.96
CA ASP JA 156 90.32 -27.35 -16.96
C ASP JA 156 88.82 -27.02 -17.04
N GLU JA 157 88.41 -25.91 -16.49
CA GLU JA 157 86.98 -25.62 -16.41
C GLU JA 157 86.19 -25.31 -17.73
N PRO JA 158 86.71 -24.55 -18.69
CA PRO JA 158 85.98 -24.16 -19.91
C PRO JA 158 85.47 -25.34 -20.72
N THR JA 159 84.29 -25.19 -21.33
CA THR JA 159 83.68 -26.22 -22.16
C THR JA 159 83.40 -25.76 -23.61
N LEU JA 160 83.32 -24.45 -23.86
CA LEU JA 160 83.04 -23.92 -25.19
C LEU JA 160 84.12 -22.96 -25.68
N LEU JA 161 84.46 -23.01 -26.97
CA LEU JA 161 85.47 -22.08 -27.51
C LEU JA 161 84.93 -21.06 -28.51
N LEU JA 162 85.14 -19.76 -28.21
CA LEU JA 162 84.73 -18.65 -29.06
C LEU JA 162 85.84 -17.61 -29.31
N PHE JA 163 85.88 -17.04 -30.52
CA PHE JA 163 86.80 -15.95 -30.89
C PHE JA 163 86.05 -14.72 -31.41
N PRO JA 164 85.73 -13.75 -30.56
CA PRO JA 164 84.94 -12.55 -30.91
C PRO JA 164 85.48 -11.70 -32.05
N ASP JA 165 86.79 -11.72 -32.34
CA ASP JA 165 87.30 -10.87 -33.40
C ASP JA 165 87.90 -11.69 -34.55
N ALA JA 166 87.48 -12.94 -34.72
CA ALA JA 166 88.03 -13.78 -35.79
C ALA JA 166 87.68 -13.29 -37.18
N THR JA 167 86.49 -12.72 -37.35
CA THR JA 167 86.03 -12.32 -38.66
C THR JA 167 86.73 -11.07 -39.15
N ASN JA 168 87.53 -10.43 -38.31
CA ASN JA 168 88.24 -9.25 -38.77
C ASN JA 168 89.68 -9.55 -39.16
N LEU JA 169 90.06 -10.83 -39.23
CA LEU JA 169 91.37 -11.20 -39.72
C LEU JA 169 91.46 -10.83 -41.21
N PRO JA 170 92.61 -10.31 -41.68
CA PRO JA 170 92.86 -9.93 -43.09
C PRO JA 170 92.50 -10.94 -44.16
N THR JA 171 92.61 -12.24 -43.90
CA THR JA 171 92.27 -13.22 -44.93
C THR JA 171 91.37 -14.31 -44.37
N ASP JA 172 90.72 -15.01 -45.28
CA ASP JA 172 89.89 -16.12 -44.89
C ASP JA 172 90.76 -17.30 -44.55
N ASP JA 173 91.93 -17.35 -45.18
CA ASP JA 173 92.87 -18.44 -44.95
C ASP JA 173 93.28 -18.45 -43.47
N GLU JA 174 93.52 -17.28 -42.91
CA GLU JA 174 93.86 -17.21 -41.49
C GLU JA 174 92.68 -17.61 -40.61
N PHE JA 175 91.49 -17.17 -41.01
CA PHE JA 175 90.26 -17.49 -40.27
C PHE JA 175 90.07 -19.00 -40.18
N TYR JA 176 90.17 -19.69 -41.32
CA TYR JA 176 89.96 -21.13 -41.33
C TYR JA 176 91.04 -21.86 -40.56
N SER JA 177 92.28 -21.39 -40.65
CA SER JA 177 93.37 -22.02 -39.91
C SER JA 177 93.10 -21.99 -38.41
N LEU JA 178 92.63 -20.84 -37.91
CA LEU JA 178 92.32 -20.68 -36.51
C LEU JA 178 91.27 -21.69 -36.04
N TYR JA 179 90.21 -21.89 -36.85
CA TYR JA 179 89.18 -22.84 -36.47
C TYR JA 179 89.61 -24.28 -36.59
N ASN JA 180 90.44 -24.63 -37.57
CA ASN JA 180 90.91 -26.01 -37.63
C ASN JA 180 91.72 -26.34 -36.39
N SER JA 181 92.51 -25.37 -35.91
CA SER JA 181 93.27 -25.55 -34.69
C SER JA 181 92.37 -25.84 -33.50
N ALA JA 182 91.30 -25.05 -33.35
CA ALA JA 182 90.36 -25.25 -32.26
C ALA JA 182 89.68 -26.62 -32.31
N LEU JA 183 89.30 -27.10 -33.50
CA LEU JA 183 88.68 -28.42 -33.59
C LEU JA 183 89.67 -29.51 -33.19
N MET JA 184 90.93 -29.37 -33.58
CA MET JA 184 91.93 -30.35 -33.18
C MET JA 184 92.15 -30.35 -31.68
N GLN JA 185 92.15 -29.18 -31.05
CA GLN JA 185 92.32 -29.13 -29.60
C GLN JA 185 91.15 -29.78 -28.87
N CYS JA 186 89.94 -29.64 -29.41
CA CYS JA 186 88.78 -30.25 -28.78
C CYS JA 186 88.92 -31.76 -28.77
N ASN JA 187 89.42 -32.33 -29.87
CA ASN JA 187 89.63 -33.78 -29.91
C ASN JA 187 90.80 -34.20 -29.02
N ASP JA 188 91.87 -33.40 -28.93
CA ASP JA 188 92.98 -33.78 -28.05
C ASP JA 188 92.56 -33.86 -26.58
N LEU JA 189 91.73 -32.92 -26.14
CA LEU JA 189 91.32 -32.85 -24.74
C LEU JA 189 90.12 -33.73 -24.42
N GLN JA 190 89.22 -33.94 -25.37
CA GLN JA 190 88.06 -34.82 -25.23
C GLN JA 190 86.90 -34.25 -24.41
N ASP JA 191 86.90 -32.96 -24.18
CA ASP JA 191 85.86 -32.36 -23.37
C ASP JA 191 85.32 -31.00 -23.85
N ARG JA 192 85.58 -30.57 -25.10
CA ARG JA 192 85.14 -29.25 -25.54
C ARG JA 192 84.42 -29.27 -26.88
N PHE JA 193 83.66 -28.20 -27.11
CA PHE JA 193 82.90 -28.02 -28.34
C PHE JA 193 83.15 -26.61 -28.91
N THR JA 194 83.29 -26.52 -30.23
CA THR JA 194 83.55 -25.25 -30.92
C THR JA 194 82.33 -24.69 -31.64
N ILE JA 195 82.05 -23.40 -31.46
CA ILE JA 195 80.94 -22.75 -32.16
C ILE JA 195 81.52 -21.91 -33.30
N LEU JA 196 81.06 -22.14 -34.54
CA LEU JA 196 81.63 -21.48 -35.71
C LEU JA 196 80.67 -20.52 -36.42
N ASP JA 197 81.25 -19.45 -36.94
CA ASP JA 197 80.61 -18.44 -37.79
C ASP JA 197 81.16 -18.53 -39.20
N THR JA 198 80.44 -17.99 -40.19
CA THR JA 198 81.02 -17.84 -41.53
C THR JA 198 81.91 -16.62 -41.49
N TYR JA 199 82.74 -16.45 -42.53
CA TYR JA 199 83.63 -15.29 -42.62
C TYR JA 199 82.85 -13.99 -42.86
N SER JA 200 81.80 -14.06 -43.67
CA SER JA 200 80.98 -12.92 -44.05
C SER JA 200 79.62 -13.39 -44.55
N ASP JA 201 78.63 -12.52 -44.45
CA ASP JA 201 77.32 -12.83 -44.96
C ASP JA 201 77.10 -12.36 -46.39
N GLN JA 202 78.10 -11.72 -46.99
CA GLN JA 202 78.03 -11.19 -48.34
C GLN JA 202 79.11 -11.85 -49.16
N THR JA 203 78.88 -11.90 -50.46
CA THR JA 203 79.89 -12.45 -51.33
C THR JA 203 81.11 -11.63 -51.05
N TYR JA 204 82.20 -12.28 -50.74
CA TYR JA 204 83.42 -11.58 -50.40
C TYR JA 204 84.49 -11.86 -51.44
N ASN JA 205 85.41 -10.93 -51.59
CA ASN JA 205 86.47 -11.10 -52.56
C ASN JA 205 87.76 -11.52 -51.88
N ASP JA 206 88.35 -12.60 -52.36
CA ASP JA 206 89.63 -13.06 -51.81
C ASP JA 206 90.85 -12.46 -52.53
N GLY JA 207 90.61 -11.52 -53.45
CA GLY JA 207 91.67 -10.91 -54.24
C GLY JA 207 91.84 -11.57 -55.59
N VAL JA 208 91.20 -12.72 -55.78
CA VAL JA 208 91.26 -13.49 -57.01
C VAL JA 208 89.87 -13.73 -57.57
N GLU JA 209 88.97 -14.23 -56.73
CA GLU JA 209 87.61 -14.64 -57.07
C GLU JA 209 86.56 -14.25 -56.04
N ASP JA 210 85.31 -14.13 -56.50
CA ASP JA 210 84.17 -13.82 -55.64
C ASP JA 210 83.55 -15.10 -55.06
N LEU JA 211 83.60 -15.24 -53.74
CA LEU JA 211 83.17 -16.48 -53.11
C LEU JA 211 81.88 -16.42 -52.28
N ASP JA 212 81.05 -17.44 -52.44
CA ASP JA 212 79.84 -17.65 -51.65
C ASP JA 212 80.20 -18.18 -50.26
N PRO JA 213 79.70 -17.55 -49.19
CA PRO JA 213 80.12 -17.89 -47.82
C PRO JA 213 79.89 -19.32 -47.38
N ILE JA 214 78.75 -19.92 -47.65
CA ILE JA 214 78.58 -21.30 -47.24
C ILE JA 214 79.51 -22.26 -47.99
N PRO JA 215 79.68 -22.10 -49.30
CA PRO JA 215 80.61 -22.94 -50.03
C PRO JA 215 82.04 -22.72 -49.58
N ALA JA 216 82.39 -21.48 -49.25
CA ALA JA 216 83.72 -21.16 -48.76
C ALA JA 216 84.04 -21.76 -47.38
N LEU JA 217 83.11 -21.73 -46.40
CA LEU JA 217 83.36 -22.35 -45.11
C LEU JA 217 83.55 -23.85 -45.25
N ARG JA 218 82.75 -24.48 -46.11
CA ARG JA 218 82.86 -25.92 -46.31
C ARG JA 218 84.21 -26.34 -46.87
N ASN JA 219 84.78 -25.57 -47.80
CA ASN JA 219 86.10 -25.90 -48.32
C ASN JA 219 87.20 -25.55 -47.32
N GLY JA 220 86.98 -24.48 -46.56
CA GLY JA 220 87.92 -24.03 -45.55
C GLY JA 220 88.19 -25.06 -44.47
N ILE JA 221 87.13 -25.59 -43.87
CA ILE JA 221 87.33 -26.55 -42.79
C ILE JA 221 87.50 -27.94 -43.39
N ASN JA 222 88.75 -28.34 -43.63
CA ASN JA 222 89.08 -29.57 -44.35
C ASN JA 222 89.46 -30.77 -43.47
N LEU JA 223 89.09 -30.75 -42.21
CA LEU JA 223 89.34 -31.86 -41.31
C LEU JA 223 88.32 -32.97 -41.51
N THR JA 224 88.63 -34.14 -40.96
CA THR JA 224 87.81 -35.37 -40.99
C THR JA 224 86.78 -35.49 -39.85
N LYS JA 225 85.84 -36.44 -39.95
CA LYS JA 225 84.82 -36.75 -38.98
C LYS JA 225 85.27 -36.69 -37.54
N ASP JA 226 86.47 -37.19 -37.25
CA ASP JA 226 87.02 -37.21 -35.90
C ASP JA 226 87.12 -35.82 -35.29
N TYR JA 227 87.08 -34.79 -36.11
CA TYR JA 227 87.16 -33.43 -35.65
C TYR JA 227 85.85 -32.70 -35.86
N LEU JA 228 85.18 -32.98 -36.97
CA LEU JA 228 83.95 -32.28 -37.32
C LEU JA 228 82.86 -32.52 -36.28
N LYS JA 229 82.86 -33.70 -35.66
CA LYS JA 229 81.88 -34.01 -34.63
C LYS JA 229 81.99 -33.10 -33.39
N TYR JA 230 83.07 -32.31 -33.26
CA TYR JA 230 83.26 -31.42 -32.13
C TYR JA 230 82.85 -29.97 -32.37
N GLY JA 231 82.07 -29.70 -33.40
CA GLY JA 231 81.61 -28.34 -33.57
C GLY JA 231 80.42 -28.22 -34.49
N ALA JA 232 79.87 -27.00 -34.51
CA ALA JA 232 78.71 -26.68 -35.32
C ALA JA 232 78.79 -25.24 -35.78
N ALA JA 233 78.18 -24.94 -36.92
CA ALA JA 233 78.17 -23.59 -37.46
C ALA JA 233 76.77 -23.04 -37.61
N TYR JA 234 76.65 -21.72 -37.47
CA TYR JA 234 75.38 -21.00 -37.61
C TYR JA 234 75.46 -19.88 -38.65
N TYR JA 235 74.34 -19.62 -39.31
CA TYR JA 235 74.24 -18.59 -40.35
C TYR JA 235 72.82 -18.06 -40.50
N PRO JA 236 72.62 -16.78 -40.83
CA PRO JA 236 73.46 -15.59 -40.99
C PRO JA 236 73.75 -14.80 -39.71
N PHE JA 237 74.42 -13.66 -39.87
CA PHE JA 237 74.74 -12.68 -38.83
C PHE JA 237 73.45 -12.00 -38.40
N VAL JA 238 73.47 -11.39 -37.22
CA VAL JA 238 72.26 -10.76 -36.71
C VAL JA 238 72.42 -9.27 -36.41
N GLN JA 239 71.34 -8.53 -36.63
CA GLN JA 239 71.28 -7.11 -36.37
C GLN JA 239 70.72 -6.91 -34.98
N THR JA 240 71.46 -6.24 -34.13
CA THR JA 240 71.09 -6.06 -32.74
C THR JA 240 70.62 -4.63 -32.46
N ILE JA 241 70.43 -4.32 -31.19
CA ILE JA 241 69.85 -3.06 -30.75
C ILE JA 241 70.84 -2.23 -29.94
N LEU JA 242 72.12 -2.58 -30.05
CA LEU JA 242 73.19 -1.90 -29.35
C LEU JA 242 73.64 -0.70 -30.17
N ASN JA 243 74.08 0.35 -29.47
CA ASN JA 243 74.60 1.56 -30.10
C ASN JA 243 76.11 1.53 -30.22
N TYR JA 244 76.65 2.33 -31.13
CA TYR JA 244 78.08 2.46 -31.28
C TYR JA 244 78.59 3.41 -30.20
N GLN JA 245 79.82 3.22 -29.77
CA GLN JA 245 80.42 4.15 -28.82
C GLN JA 245 81.18 5.22 -29.60
N TYR JA 246 81.01 6.47 -29.20
CA TYR JA 246 81.71 7.58 -29.84
C TYR JA 246 81.87 8.75 -28.87
N SER JA 247 82.68 9.71 -29.29
CA SER JA 247 82.93 10.93 -28.54
C SER JA 247 82.57 12.12 -29.39
N ALA JA 248 81.62 12.93 -28.92
CA ALA JA 248 81.15 14.06 -29.72
C ALA JA 248 82.25 15.03 -30.09
N ASP JA 249 83.24 15.17 -29.22
CA ASP JA 249 84.32 16.10 -29.47
C ASP JA 249 85.11 15.72 -30.71
N GLU JA 250 85.14 14.45 -31.06
CA GLU JA 250 85.95 13.98 -32.16
C GLU JA 250 85.23 14.03 -33.51
N ILE JA 251 84.01 14.53 -33.56
CA ILE JA 251 83.24 14.54 -34.81
C ILE JA 251 83.23 15.92 -35.45
N VAL JA 252 83.74 15.98 -36.67
CA VAL JA 252 83.86 17.21 -37.46
C VAL JA 252 82.67 17.38 -38.39
N ILE JA 253 82.07 18.57 -38.39
CA ILE JA 253 80.89 18.86 -39.20
C ILE JA 253 81.21 19.62 -40.48
N GLN JA 254 80.75 19.08 -41.60
CA GLN JA 254 80.87 19.72 -42.91
C GLN JA 254 79.67 20.63 -43.08
N HIS JA 255 79.89 21.83 -43.57
CA HIS JA 255 78.79 22.76 -43.81
C HIS JA 255 78.81 23.33 -45.21
N LEU JA 256 77.67 23.28 -45.90
CA LEU JA 256 77.51 23.86 -47.24
C LEU JA 256 76.31 24.80 -47.28
N SER JA 257 76.46 25.99 -47.88
CA SER JA 257 75.36 26.96 -47.90
C SER JA 257 75.22 27.80 -49.16
N TYR JA 258 74.02 28.36 -49.37
CA TYR JA 258 73.82 29.22 -50.54
C TYR JA 258 74.64 30.51 -50.45
N ASN JA 259 74.72 31.13 -49.27
CA ASN JA 259 75.61 32.27 -49.09
C ASN JA 259 76.74 31.90 -48.15
N PRO JA 260 77.97 31.95 -48.65
CA PRO JA 260 79.15 31.62 -47.85
C PRO JA 260 79.48 32.68 -46.82
N ASN JA 261 79.37 32.33 -45.54
CA ASN JA 261 79.64 33.22 -44.43
C ASN JA 261 80.69 32.70 -43.44
N ALA JA 262 81.43 31.68 -43.84
CA ALA JA 262 82.40 31.06 -42.94
C ALA JA 262 83.61 31.97 -42.74
N ILE JA 263 84.20 32.42 -43.84
CA ILE JA 263 85.35 33.31 -43.78
C ILE JA 263 84.94 34.57 -43.10
N ALA JA 264 83.80 35.11 -43.50
CA ALA JA 264 83.36 36.36 -42.91
C ALA JA 264 83.28 36.26 -41.40
N THR JA 265 82.80 35.13 -40.87
CA THR JA 265 82.75 34.98 -39.42
C THR JA 265 84.14 34.95 -38.83
N ALA JA 266 85.03 34.14 -39.38
CA ALA JA 266 86.38 34.01 -38.84
C ALA JA 266 87.11 35.33 -38.88
N LEU JA 267 86.91 36.07 -39.96
CA LEU JA 267 87.63 37.31 -40.14
C LEU JA 267 87.13 38.35 -39.15
N ASP JA 268 85.82 38.43 -38.91
CA ASP JA 268 85.29 39.39 -37.95
C ASP JA 268 85.81 39.05 -36.55
N ASN JA 269 85.88 37.76 -36.21
CA ASN JA 269 86.38 37.40 -34.89
C ASN JA 269 87.84 37.78 -34.76
N LEU JA 270 88.63 37.58 -35.82
CA LEU JA 270 90.03 37.96 -35.77
C LEU JA 270 90.21 39.47 -35.69
N ASN JA 271 89.36 40.24 -36.36
CA ASN JA 271 89.50 41.67 -36.20
C ASN JA 271 89.33 42.09 -34.75
N ALA JA 272 88.41 41.43 -34.03
CA ALA JA 272 88.25 41.69 -32.60
C ALA JA 272 89.52 41.29 -31.82
N VAL JA 273 90.14 40.19 -32.24
CA VAL JA 273 91.40 39.65 -31.67
C VAL JA 273 92.57 40.61 -31.79
N ASN JA 274 92.76 41.19 -32.95
CA ASN JA 274 93.92 42.03 -33.13
C ASN JA 274 93.68 43.45 -32.60
N GLY JA 275 93.70 43.56 -31.27
CA GLY JA 275 93.44 44.83 -30.63
C GLY JA 275 93.71 44.89 -29.11
N PRO JA 276 93.57 46.09 -28.54
CA PRO JA 276 93.84 46.38 -27.11
C PRO JA 276 92.96 45.67 -26.11
N THR JA 277 91.77 45.27 -26.50
CA THR JA 277 90.87 44.62 -25.59
C THR JA 277 91.08 43.12 -25.60
N PHE JA 278 91.98 42.65 -26.45
CA PHE JA 278 92.27 41.24 -26.51
C PHE JA 278 93.67 40.99 -25.99
N ILE JA 279 94.70 41.61 -26.60
CA ILE JA 279 96.07 41.40 -26.13
C ILE JA 279 96.95 42.60 -25.79
N ASP JA 280 96.60 43.86 -26.14
CA ASP JA 280 97.63 44.86 -25.80
C ASP JA 280 97.60 45.05 -24.29
N ALA JA 281 96.41 45.08 -23.70
CA ALA JA 281 96.36 45.26 -22.25
C ALA JA 281 97.14 44.17 -21.53
N ILE JA 282 97.08 42.94 -22.03
CA ILE JA 282 97.80 41.84 -21.41
C ILE JA 282 99.29 42.06 -21.50
N LEU JA 283 99.76 42.34 -22.70
CA LEU JA 283 101.18 42.49 -22.95
C LEU JA 283 101.76 43.70 -22.21
N ASP JA 284 101.00 44.79 -22.12
CA ASP JA 284 101.51 45.97 -21.42
C ASP JA 284 101.67 45.69 -19.94
N ASP JA 285 100.71 44.97 -19.35
CA ASP JA 285 100.79 44.63 -17.93
C ASP JA 285 101.81 43.54 -17.66
N LEU JA 286 101.93 42.57 -18.57
CA LEU JA 286 102.85 41.45 -18.38
C LEU JA 286 104.30 41.92 -18.45
N ARG JA 287 104.62 42.79 -19.40
CA ARG JA 287 105.98 43.29 -19.57
C ARG JA 287 106.31 44.34 -18.52
N ASN JA 321 109.59 35.82 8.39
CA ASN JA 321 109.55 35.96 6.94
C ASN JA 321 108.23 35.53 6.35
N SER JA 322 107.29 35.13 7.22
CA SER JA 322 106.00 34.67 6.73
C SER JA 322 105.24 35.73 5.95
N VAL JA 323 105.42 36.99 6.32
CA VAL JA 323 104.80 38.09 5.61
C VAL JA 323 105.41 38.27 4.25
N LYS JA 324 106.73 38.03 4.16
CA LYS JA 324 107.44 38.23 2.92
C LYS JA 324 106.95 37.19 1.93
N VAL JA 325 106.74 35.96 2.40
CA VAL JA 325 106.21 34.91 1.54
C VAL JA 325 104.83 35.28 1.05
N ALA JA 326 103.97 35.76 1.94
CA ALA JA 326 102.62 36.14 1.53
C ALA JA 326 102.62 37.24 0.47
N ASN JA 327 103.50 38.22 0.63
CA ASN JA 327 103.58 39.32 -0.35
C ASN JA 327 104.08 38.80 -1.68
N PHE JA 328 105.13 37.98 -1.63
CA PHE JA 328 105.71 37.39 -2.82
C PHE JA 328 104.69 36.56 -3.56
N ALA JA 329 104.01 35.68 -2.83
CA ALA JA 329 103.05 34.78 -3.43
C ALA JA 329 101.96 35.55 -4.16
N SER JA 330 101.50 36.66 -3.60
CA SER JA 330 100.52 37.51 -4.29
C SER JA 330 101.03 38.03 -5.62
N LEU JA 331 102.27 38.50 -5.62
CA LEU JA 331 102.87 39.05 -6.83
C LEU JA 331 103.02 37.96 -7.90
N VAL JA 332 103.39 36.74 -7.49
CA VAL JA 332 103.52 35.64 -8.45
C VAL JA 332 102.18 35.32 -9.07
N GLU JA 333 101.13 35.23 -8.23
CA GLU JA 333 99.80 34.91 -8.72
C GLU JA 333 99.33 35.91 -9.76
N SER JA 334 99.62 37.20 -9.55
CA SER JA 334 99.24 38.22 -10.52
C SER JA 334 99.85 37.96 -11.89
N VAL JA 335 101.15 37.62 -11.91
CA VAL JA 335 101.82 37.35 -13.18
C VAL JA 335 101.23 36.10 -13.82
N LEU JA 336 101.05 35.05 -13.02
CA LEU JA 336 100.50 33.79 -13.48
C LEU JA 336 99.14 33.94 -14.12
N SER JA 337 98.27 34.73 -13.49
CA SER JA 337 96.94 34.97 -14.01
C SER JA 337 97.02 35.64 -15.38
N THR JA 338 97.89 36.65 -15.50
CA THR JA 338 98.11 37.35 -16.77
C THR JA 338 98.59 36.40 -17.86
N LEU JA 339 99.53 35.52 -17.52
CA LEU JA 339 100.04 34.57 -18.50
C LEU JA 339 98.92 33.64 -18.97
N ASN JA 340 98.08 33.20 -18.04
CA ASN JA 340 97.00 32.30 -18.42
C ASN JA 340 96.04 32.94 -19.42
N GLU JA 341 95.76 34.24 -19.28
CA GLU JA 341 94.89 34.90 -20.25
C GLU JA 341 95.53 34.93 -21.64
N LEU JA 342 96.84 35.15 -21.71
CA LEU JA 342 97.53 35.18 -23.00
C LEU JA 342 97.46 33.81 -23.67
N ILE JA 343 97.60 32.76 -22.86
CA ILE JA 343 97.54 31.38 -23.36
C ILE JA 343 96.15 31.09 -23.93
N ASP JA 344 95.09 31.46 -23.20
CA ASP JA 344 93.72 31.25 -23.70
C ASP JA 344 93.50 31.97 -25.02
N ALA JA 345 94.09 33.16 -25.15
CA ALA JA 345 93.96 33.94 -26.38
C ALA JA 345 94.47 33.15 -27.58
N LYS JA 346 95.61 32.47 -27.41
CA LYS JA 346 96.18 31.66 -28.49
C LYS JA 346 95.21 30.60 -28.96
N GLU JA 347 94.56 29.92 -28.00
CA GLU JA 347 93.65 28.84 -28.36
C GLU JA 347 92.46 29.36 -29.16
N GLU JA 348 91.91 30.54 -28.80
CA GLU JA 348 90.78 31.08 -29.54
C GLU JA 348 91.17 31.40 -30.99
N ILE JA 349 92.38 31.91 -31.18
CA ILE JA 349 92.88 32.22 -32.50
C ILE JA 349 92.96 31.00 -33.38
N ASN JA 350 93.53 29.92 -32.85
CA ASN JA 350 93.62 28.72 -33.64
C ASN JA 350 92.25 28.18 -34.05
N LYS JA 351 91.27 28.29 -33.16
CA LYS JA 351 89.95 27.75 -33.47
C LYS JA 351 89.29 28.48 -34.64
N ASP JA 352 89.44 29.82 -34.75
CA ASP JA 352 88.80 30.51 -35.88
C ASP JA 352 89.63 30.41 -37.16
N VAL JA 353 90.95 30.49 -37.06
CA VAL JA 353 91.78 30.45 -38.26
C VAL JA 353 91.59 29.14 -38.97
N ASN JA 354 91.50 28.05 -38.22
CA ASN JA 354 91.30 26.75 -38.82
C ASN JA 354 90.01 26.64 -39.61
N SER JA 355 88.98 27.47 -39.34
CA SER JA 355 87.76 27.35 -40.10
C SER JA 355 87.97 28.06 -41.43
N ALA JA 356 88.85 29.07 -41.42
CA ALA JA 356 89.17 29.79 -42.65
C ALA JA 356 89.93 28.86 -43.58
N ILE JA 357 90.83 28.08 -42.99
CA ILE JA 357 91.64 27.16 -43.77
C ILE JA 357 90.76 26.09 -44.37
N ALA JA 358 89.92 25.48 -43.52
CA ALA JA 358 89.01 24.41 -43.94
C ALA JA 358 88.02 24.88 -45.00
N SER JA 359 87.56 26.12 -44.92
CA SER JA 359 86.56 26.63 -45.83
C SER JA 359 87.13 27.10 -47.17
N SER JA 360 88.41 27.45 -47.20
CA SER JA 360 89.03 27.96 -48.42
C SER JA 360 89.40 26.79 -49.34
N GLU JA 361 88.37 26.11 -49.85
CA GLU JA 361 88.57 24.93 -50.70
C GLU JA 361 89.32 25.23 -51.98
N GLU JA 362 89.04 26.37 -52.56
CA GLU JA 362 89.63 26.80 -53.83
C GLU JA 362 90.87 27.63 -53.53
N ASP JA 363 91.77 27.70 -54.50
CA ASP JA 363 92.98 28.53 -54.39
C ASP JA 363 93.82 28.11 -53.19
N ASN JA 364 94.37 26.89 -53.27
CA ASN JA 364 95.18 26.31 -52.21
C ASN JA 364 96.38 27.16 -51.79
N ALA JA 365 96.78 28.10 -52.65
CA ALA JA 365 97.85 29.03 -52.33
C ALA JA 365 97.50 29.86 -51.11
N ILE JA 366 96.21 30.17 -50.95
CA ILE JA 366 95.75 30.94 -49.82
C ILE JA 366 95.67 30.04 -48.64
N LYS JA 367 95.16 28.81 -48.81
CA LYS JA 367 95.19 27.91 -47.66
C LYS JA 367 96.55 27.84 -47.05
N THR JA 368 97.57 27.78 -47.91
CA THR JA 368 98.94 27.72 -47.44
C THR JA 368 99.29 29.03 -46.73
N ALA JA 369 98.97 30.19 -47.33
CA ALA JA 369 99.32 31.46 -46.69
C ALA JA 369 98.72 31.58 -45.29
N ILE JA 370 97.48 31.13 -45.13
CA ILE JA 370 96.81 31.21 -43.84
C ILE JA 370 97.48 30.28 -42.85
N SER JA 371 97.71 29.04 -43.28
CA SER JA 371 98.33 28.04 -42.43
C SER JA 371 99.71 28.46 -41.96
N ASP JA 372 100.54 28.99 -42.88
CA ASP JA 372 101.88 29.41 -42.49
C ASP JA 372 101.83 30.53 -41.46
N ALA JA 373 100.93 31.50 -41.63
CA ALA JA 373 100.85 32.60 -40.67
C ALA JA 373 100.50 32.08 -39.28
N LEU JA 374 99.58 31.11 -39.21
CA LEU JA 374 99.18 30.55 -37.93
C LEU JA 374 100.29 29.75 -37.30
N ASP JA 375 100.98 28.94 -38.12
CA ASP JA 375 102.04 28.08 -37.64
C ASP JA 375 103.14 28.91 -36.98
N VAL JA 376 103.49 30.05 -37.58
CA VAL JA 376 104.51 30.91 -36.99
C VAL JA 376 104.01 31.51 -35.67
N PHE JA 377 102.78 32.02 -35.64
CA PHE JA 377 102.24 32.62 -34.41
C PHE JA 377 102.40 31.70 -33.22
N ASN JA 378 102.05 30.43 -33.41
CA ASN JA 378 102.08 29.45 -32.35
C ASN JA 378 103.45 29.19 -31.72
N GLU JA 379 104.55 29.53 -32.42
CA GLU JA 379 105.89 29.25 -31.90
C GLU JA 379 106.22 29.92 -30.59
N ASP JA 380 105.51 30.98 -30.21
CA ASP JA 380 105.81 31.67 -28.97
C ASP JA 380 105.20 30.93 -27.78
N PHE JA 381 104.26 30.04 -28.04
CA PHE JA 381 103.54 29.35 -26.99
C PHE JA 381 103.93 27.88 -26.87
N GLU JA 382 104.29 27.29 -28.00
CA GLU JA 382 104.69 25.89 -28.14
C GLU JA 382 106.12 25.68 -27.72
N GLY JA 383 106.59 24.42 -27.80
CA GLY JA 383 107.91 24.00 -27.36
C GLY JA 383 109.09 24.83 -27.88
N ALA JA 384 108.91 25.50 -29.02
CA ALA JA 384 109.98 26.33 -29.58
C ALA JA 384 110.46 27.39 -28.59
N ASP JA 385 109.54 27.96 -27.81
CA ASP JA 385 109.78 28.96 -26.78
C ASP JA 385 108.56 28.92 -25.88
N LYS JA 386 108.54 28.03 -24.92
CA LYS JA 386 107.23 27.68 -24.41
C LYS JA 386 106.66 28.54 -23.26
N ILE JA 387 105.87 29.58 -23.63
CA ILE JA 387 105.17 30.41 -22.63
C ILE JA 387 104.32 29.52 -21.74
N GLU JA 388 103.71 28.49 -22.34
CA GLU JA 388 102.84 27.61 -21.58
C GLU JA 388 103.55 26.89 -20.42
N SER JA 389 104.84 26.54 -20.55
CA SER JA 389 105.48 25.82 -19.46
C SER JA 389 105.94 26.77 -18.40
N VAL JA 390 106.18 28.03 -18.77
CA VAL JA 390 106.52 28.98 -17.74
C VAL JA 390 105.35 29.14 -16.80
N ALA JA 391 104.16 29.30 -17.37
CA ALA JA 391 102.98 29.44 -16.53
C ALA JA 391 102.77 28.20 -15.65
N LYS JA 392 102.96 27.01 -16.22
CA LYS JA 392 102.79 25.79 -15.45
C LYS JA 392 103.77 25.74 -14.28
N ASN JA 393 105.04 26.01 -14.56
CA ASN JA 393 106.09 25.91 -13.55
C ASN JA 393 105.89 26.93 -12.44
N LEU JA 394 105.45 28.16 -12.78
CA LEU JA 394 105.23 29.13 -11.73
C LEU JA 394 104.14 28.67 -10.78
N SER JA 395 103.09 28.03 -11.29
CA SER JA 395 102.04 27.49 -10.43
C SER JA 395 102.59 26.46 -9.43
N ASP JA 396 103.40 25.51 -9.90
CA ASP JA 396 103.92 24.48 -8.99
C ASP JA 396 104.84 25.10 -7.94
N LEU JA 397 105.67 26.05 -8.36
CA LEU JA 397 106.60 26.73 -7.46
C LEU JA 397 105.86 27.53 -6.41
N LEU JA 398 104.75 28.15 -6.81
CA LEU JA 398 103.96 28.96 -5.91
C LEU JA 398 103.37 28.13 -4.79
N ILE JA 399 102.87 26.93 -5.11
CA ILE JA 399 102.38 26.06 -4.05
C ILE JA 399 103.49 25.73 -3.08
N LYS JA 400 104.66 25.35 -3.61
CA LYS JA 400 105.77 24.95 -2.75
C LYS JA 400 106.22 26.08 -1.84
N ILE JA 401 106.27 27.34 -2.32
CA ILE JA 401 106.75 28.37 -1.41
C ILE JA 401 105.73 28.63 -0.32
N LYS JA 402 104.43 28.61 -0.64
CA LYS JA 402 103.45 28.80 0.41
C LYS JA 402 103.51 27.70 1.47
N GLN JA 403 103.80 26.47 1.04
CA GLN JA 403 103.88 25.36 2.01
C GLN JA 403 105.26 25.28 2.69
N ALA JA 404 106.29 25.96 2.17
CA ALA JA 404 107.65 25.95 2.72
C ALA JA 404 107.68 26.34 4.19
N ASP JA 405 106.79 27.26 4.57
CA ASP JA 405 106.61 27.74 5.95
C ASP JA 405 106.29 26.63 6.93
N THR JA 406 105.86 25.46 6.44
CA THR JA 406 105.54 24.31 7.26
C THR JA 406 106.70 23.96 8.16
N ASN JA 407 107.92 24.00 7.64
CA ASN JA 407 109.03 23.61 8.50
C ASN JA 407 110.37 24.31 8.41
N THR JA 408 110.65 25.23 7.45
CA THR JA 408 111.97 25.88 7.54
C THR JA 408 112.22 27.09 6.62
N LYS JA 409 113.01 28.02 7.18
CA LYS JA 409 113.53 29.21 6.49
C LYS JA 409 114.37 28.87 5.29
N VAL JA 410 114.88 27.65 5.28
CA VAL JA 410 115.71 27.17 4.20
C VAL JA 410 114.87 26.96 2.96
N GLU JA 411 113.68 26.40 3.15
CA GLU JA 411 112.80 26.13 2.01
C GLU JA 411 112.46 27.42 1.31
N ASN JA 412 112.27 28.46 2.10
CA ASN JA 412 111.91 29.79 1.55
C ASN JA 412 113.07 30.47 0.80
N VAL JA 413 114.22 29.83 0.76
CA VAL JA 413 115.38 30.29 0.00
C VAL JA 413 115.58 29.37 -1.18
N LEU JA 414 115.55 28.07 -0.90
CA LEU JA 414 115.80 27.08 -1.93
C LEU JA 414 114.79 27.21 -3.06
N SER JA 415 113.52 27.50 -2.73
CA SER JA 415 112.46 27.58 -3.75
C SER JA 415 112.72 28.63 -4.84
N ILE JA 416 113.60 29.60 -4.55
CA ILE JA 416 113.92 30.66 -5.49
C ILE JA 416 115.28 30.48 -6.16
N ASN JA 417 116.31 30.09 -5.39
CA ASN JA 417 117.67 30.01 -5.95
C ASN JA 417 118.26 28.61 -6.16
N ALA JA 418 117.67 27.55 -5.60
CA ALA JA 418 118.17 26.20 -5.81
C ALA JA 418 117.21 25.54 -6.76
N LEU JA 419 115.97 25.97 -6.63
CA LEU JA 419 114.82 25.61 -7.41
C LEU JA 419 114.63 26.74 -8.40
N ASN JA 420 113.52 26.75 -9.12
CA ASN JA 420 113.42 27.63 -10.26
C ASN JA 420 112.66 28.97 -10.20
N PHE JA 421 112.24 29.57 -9.07
CA PHE JA 421 111.54 30.86 -9.34
C PHE JA 421 112.39 31.89 -10.09
N SER JA 422 113.67 32.02 -9.76
CA SER JA 422 114.49 32.95 -10.52
C SER JA 422 114.57 32.57 -11.98
N ALA JA 423 114.82 31.29 -12.23
CA ALA JA 423 115.00 30.72 -13.55
C ALA JA 423 113.76 30.84 -14.43
N GLU JA 424 112.57 30.73 -13.85
CA GLU JA 424 111.35 30.82 -14.68
C GLU JA 424 111.01 32.26 -15.01
N PHE JA 425 111.18 33.20 -14.08
CA PHE JA 425 110.83 34.57 -14.46
C PHE JA 425 111.78 35.09 -15.53
N GLU JA 426 112.99 34.57 -15.54
CA GLU JA 426 113.96 34.98 -16.53
C GLU JA 426 113.47 34.66 -17.94
N LYS JA 427 112.69 33.57 -18.08
CA LYS JA 427 112.28 33.15 -19.41
C LYS JA 427 111.28 34.11 -20.01
N LEU JA 428 110.76 35.02 -19.21
CA LEU JA 428 109.83 35.99 -19.75
C LEU JA 428 110.62 37.22 -20.13
N LEU JA 429 111.50 37.65 -19.22
CA LEU JA 429 112.40 38.78 -19.45
C LEU JA 429 113.79 38.38 -18.93
N THR JA 430 114.78 38.32 -19.81
CA THR JA 430 116.12 37.80 -19.49
C THR JA 430 116.83 38.50 -18.32
N TYR JA 431 116.71 39.81 -18.21
CA TYR JA 431 117.42 40.51 -17.14
C TYR JA 431 116.70 41.79 -16.75
N ASP JA 432 115.39 41.70 -16.53
CA ASP JA 432 114.61 42.90 -16.23
C ASP JA 432 115.15 43.67 -15.04
N VAL JA 433 115.70 42.92 -14.06
CA VAL JA 433 116.29 43.36 -12.79
C VAL JA 433 117.44 44.35 -12.96
N ASN JA 434 117.98 44.45 -14.19
CA ASN JA 434 119.06 45.36 -14.52
C ASN JA 434 118.72 46.82 -14.21
N THR JA 435 117.43 47.19 -14.25
CA THR JA 435 117.05 48.58 -14.00
C THR JA 435 115.65 48.66 -13.40
N GLY JA 436 115.32 49.81 -12.77
CA GLY JA 436 113.98 49.99 -12.21
C GLY JA 436 112.91 49.80 -13.28
N LEU JA 437 113.19 50.28 -14.48
CA LEU JA 437 112.30 50.03 -15.60
C LEU JA 437 112.84 48.77 -16.20
N THR JA 438 112.00 47.81 -16.57
CA THR JA 438 112.60 46.58 -17.10
C THR JA 438 113.57 46.91 -18.22
N ALA JA 439 114.77 46.37 -18.09
CA ALA JA 439 115.84 46.63 -19.04
C ALA JA 439 116.61 45.37 -19.36
N SER JA 440 117.60 45.52 -20.26
CA SER JA 440 118.48 44.42 -20.63
C SER JA 440 117.71 43.18 -21.07
N VAL JA 441 116.64 43.39 -21.81
CA VAL JA 441 115.86 42.26 -22.28
C VAL JA 441 116.55 41.64 -23.48
N THR JA 442 117.65 40.92 -23.19
CA THR JA 442 118.48 40.24 -24.17
C THR JA 442 117.65 39.23 -24.95
N LEU JA 443 116.61 38.78 -24.29
CA LEU JA 443 115.62 37.88 -24.79
C LEU JA 443 114.34 38.18 -24.03
N ASP JA 444 113.22 37.97 -24.70
CA ASP JA 444 111.93 38.13 -24.07
C ASP JA 444 110.89 37.30 -24.78
N LEU JA 445 109.95 36.77 -24.03
CA LEU JA 445 108.86 35.95 -24.57
C LEU JA 445 107.64 36.77 -24.98
N PHE JA 446 107.69 38.07 -24.79
CA PHE JA 446 106.50 38.88 -24.99
C PHE JA 446 106.47 39.74 -26.25
N ALA JA 447 105.24 39.97 -26.67
CA ALA JA 447 104.74 40.93 -27.67
C ALA JA 447 105.16 40.73 -29.12
N ASN JA 448 105.67 39.54 -29.49
CA ASN JA 448 105.96 39.28 -30.91
C ASN JA 448 104.66 38.95 -31.63
N ILE JA 449 103.64 38.86 -30.79
CA ILE JA 449 102.25 38.59 -31.04
C ILE JA 449 101.68 39.64 -31.95
N GLY JA 450 102.03 40.92 -31.74
CA GLY JA 450 101.41 41.97 -32.54
C GLY JA 450 101.58 41.76 -34.04
N THR JA 451 102.84 41.62 -34.47
CA THR JA 451 103.14 41.42 -35.88
C THR JA 451 102.53 40.14 -36.39
N ARG JA 452 102.65 39.07 -35.62
CA ARG JA 452 102.14 37.80 -36.08
C ARG JA 452 100.62 37.81 -36.25
N LEU JA 453 99.87 38.52 -35.37
CA LEU JA 453 98.42 38.60 -35.59
C LEU JA 453 98.10 39.33 -36.87
N ASP JA 454 98.86 40.39 -37.19
CA ASP JA 454 98.61 41.11 -38.43
C ASP JA 454 98.79 40.17 -39.63
N ASP JA 455 99.83 39.31 -39.58
CA ASP JA 455 100.10 38.39 -40.69
C ASP JA 455 98.94 37.39 -40.87
N ILE JA 456 98.37 36.92 -39.75
CA ILE JA 456 97.26 35.98 -39.82
C ILE JA 456 96.06 36.64 -40.45
N ILE JA 457 95.70 37.82 -39.98
CA ILE JA 457 94.52 38.47 -40.52
C ILE JA 457 94.66 38.76 -41.97
N ALA JA 458 95.81 39.28 -42.38
CA ALA JA 458 95.98 39.58 -43.78
C ALA JA 458 95.81 38.32 -44.62
N ALA JA 459 96.39 37.20 -44.19
CA ALA JA 459 96.23 35.96 -44.95
C ALA JA 459 94.77 35.51 -45.01
N VAL JA 460 94.06 35.62 -43.88
CA VAL JA 460 92.67 35.15 -43.85
C VAL JA 460 91.80 36.00 -44.75
N SER JA 461 92.01 37.31 -44.74
CA SER JA 461 91.21 38.21 -45.56
C SER JA 461 91.27 37.90 -47.03
N ALA JA 462 92.34 37.25 -47.47
CA ALA JA 462 92.52 36.90 -48.87
C ALA JA 462 91.47 35.91 -49.32
N ALA JA 463 90.88 35.17 -48.39
CA ALA JA 463 89.89 34.16 -48.68
C ALA JA 463 88.48 34.72 -48.82
N GLU JA 464 88.25 35.98 -48.45
CA GLU JA 464 86.88 36.45 -48.52
C GLU JA 464 86.23 36.32 -49.91
N PRO JA 465 86.90 36.62 -51.04
CA PRO JA 465 86.33 36.44 -52.38
C PRO JA 465 86.55 35.04 -52.96
N ILE JA 466 87.04 34.09 -52.15
CA ILE JA 466 87.35 32.76 -52.64
C ILE JA 466 86.29 31.78 -52.19
N ASP JA 467 85.83 31.91 -50.96
CA ASP JA 467 84.91 30.92 -50.44
C ASP JA 467 83.45 31.19 -50.72
N VAL JA 468 82.93 30.44 -51.70
CA VAL JA 468 81.55 30.54 -52.15
C VAL JA 468 80.57 29.54 -51.47
N ASN JA 469 80.99 28.40 -51.02
CA ASN JA 469 80.03 27.45 -50.43
C ASN JA 469 80.09 27.02 -48.95
N ASN JA 470 80.87 27.61 -48.07
CA ASN JA 470 80.89 27.10 -46.71
C ASN JA 470 80.22 28.01 -45.68
N GLY JA 471 79.46 27.41 -44.76
CA GLY JA 471 78.74 28.14 -43.74
C GLY JA 471 79.57 28.35 -42.47
N LYS JA 472 78.91 28.98 -41.53
CA LYS JA 472 79.48 29.42 -40.25
C LYS JA 472 80.15 28.32 -39.42
N LEU JA 473 79.62 27.11 -39.41
CA LEU JA 473 80.14 26.05 -38.55
C LEU JA 473 81.16 25.15 -39.25
N ASN JA 474 81.45 25.42 -40.50
CA ASN JA 474 82.33 24.56 -41.27
C ASN JA 474 83.71 24.48 -40.66
N GLY JA 475 84.19 23.27 -40.44
CA GLY JA 475 85.51 23.04 -39.89
C GLY JA 475 85.60 23.06 -38.38
N ARG JA 476 84.44 23.10 -37.71
CA ARG JA 476 84.34 23.09 -36.25
C ARG JA 476 83.90 21.75 -35.66
N LEU JA 477 84.21 21.54 -34.37
CA LEU JA 477 83.85 20.32 -33.63
C LEU JA 477 82.42 20.31 -33.12
N LEU JA 478 81.83 19.11 -33.00
CA LEU JA 478 80.43 18.99 -32.60
C LEU JA 478 80.19 19.61 -31.21
N SER JA 479 81.07 19.33 -30.27
CA SER JA 479 80.91 19.89 -28.93
C SER JA 479 80.95 21.41 -28.96
N ASP JA 480 81.78 21.98 -29.83
CA ASP JA 480 81.94 23.42 -29.93
C ASP JA 480 80.64 24.14 -30.30
N ILE JA 481 79.87 23.56 -31.22
CA ILE JA 481 78.64 24.21 -31.66
C ILE JA 481 77.52 24.30 -30.62
N GLU JA 482 77.56 23.46 -29.59
CA GLU JA 482 76.46 23.37 -28.63
C GLU JA 482 76.08 24.73 -28.07
N PRO JA 483 77.02 25.58 -27.66
CA PRO JA 483 76.66 26.93 -27.22
C PRO JA 483 76.05 27.79 -28.29
N LEU JA 484 76.64 27.77 -29.50
CA LEU JA 484 76.18 28.59 -30.62
C LEU JA 484 74.82 28.19 -31.17
N ASP JA 485 74.57 26.89 -31.31
CA ASP JA 485 73.32 26.39 -31.83
C ASP JA 485 72.88 25.19 -31.00
N ASN JA 486 71.57 24.99 -30.84
CA ASN JA 486 71.12 23.84 -30.07
C ASN JA 486 70.14 22.96 -30.81
N ALA JA 487 69.32 23.56 -31.67
CA ALA JA 487 68.36 22.73 -32.39
C ALA JA 487 69.10 21.79 -33.32
N THR JA 488 70.12 22.32 -33.99
CA THR JA 488 70.90 21.53 -34.92
C THR JA 488 71.69 20.48 -34.16
N TYR JA 489 72.30 20.87 -33.05
CA TYR JA 489 73.08 19.96 -32.25
C TYR JA 489 72.28 18.76 -31.79
N ASN JA 490 71.08 19.00 -31.24
CA ASN JA 490 70.27 17.89 -30.78
C ASN JA 490 69.83 17.00 -31.93
N THR JA 491 69.53 17.62 -33.08
CA THR JA 491 69.11 16.85 -34.24
C THR JA 491 70.21 15.91 -34.69
N ILE JA 492 71.44 16.39 -34.73
CA ILE JA 492 72.58 15.59 -35.13
C ILE JA 492 72.76 14.40 -34.21
N LEU JA 493 72.69 14.63 -32.91
CA LEU JA 493 72.86 13.51 -31.99
C LEU JA 493 71.80 12.44 -32.18
N LEU JA 494 70.54 12.86 -32.39
CA LEU JA 494 69.51 11.88 -32.64
C LEU JA 494 69.78 11.06 -33.89
N GLU JA 495 70.29 11.70 -34.94
CA GLU JA 495 70.56 10.97 -36.16
C GLU JA 495 71.73 10.00 -35.96
N ILE JA 496 72.77 10.39 -35.22
CA ILE JA 496 73.92 9.50 -34.99
C ILE JA 496 73.49 8.24 -34.29
N ASN JA 497 72.63 8.39 -33.30
CA ASN JA 497 72.21 7.26 -32.48
C ASN JA 497 71.23 6.34 -33.20
N SER JA 498 70.86 6.63 -34.44
CA SER JA 498 69.98 5.74 -35.17
C SER JA 498 70.73 4.56 -35.77
N HIS JA 499 72.05 4.59 -35.78
CA HIS JA 499 72.84 3.53 -36.39
C HIS JA 499 73.15 2.40 -35.39
N LYS JA 500 72.83 1.16 -35.76
CA LYS JA 500 73.02 0.03 -34.86
C LYS JA 500 74.15 -0.90 -35.26
N VAL JA 501 74.61 -1.67 -34.27
CA VAL JA 501 75.69 -2.66 -34.34
C VAL JA 501 75.21 -3.99 -34.94
N THR JA 502 76.05 -4.65 -35.77
CA THR JA 502 75.75 -5.96 -36.37
C THR JA 502 76.84 -6.95 -35.96
N LEU JA 503 76.43 -8.13 -35.49
CA LEU JA 503 77.37 -9.15 -34.98
C LEU JA 503 77.19 -10.57 -35.55
N PRO JA 504 78.28 -11.35 -35.62
CA PRO JA 504 78.22 -12.79 -35.89
C PRO JA 504 77.39 -13.44 -34.80
N PRO JA 505 76.67 -14.53 -35.07
CA PRO JA 505 75.75 -15.20 -34.13
C PRO JA 505 76.34 -16.03 -32.97
N SER JA 506 77.59 -16.49 -33.05
CA SER JA 506 78.17 -17.38 -32.04
C SER JA 506 78.08 -16.95 -30.57
N SER JA 507 78.16 -15.66 -30.26
CA SER JA 507 78.10 -15.28 -28.85
C SER JA 507 76.71 -15.39 -28.27
N SER JA 508 75.68 -15.32 -29.13
CA SER JA 508 74.32 -15.39 -28.65
C SER JA 508 73.99 -16.85 -28.45
N MET JA 509 74.61 -17.69 -29.26
CA MET JA 509 74.35 -19.10 -29.11
C MET JA 509 74.93 -19.62 -27.82
N ALA JA 510 76.11 -19.15 -27.41
CA ALA JA 510 76.66 -19.59 -26.15
C ALA JA 510 75.70 -19.25 -24.99
N GLY JA 511 75.08 -18.06 -25.09
CA GLY JA 511 74.06 -17.67 -24.11
C GLY JA 511 72.88 -18.63 -24.11
N ALA JA 512 72.35 -18.91 -25.31
CA ALA JA 512 71.22 -19.82 -25.46
C ALA JA 512 71.53 -21.21 -24.94
N TYR JA 513 72.77 -21.70 -25.13
CA TYR JA 513 73.12 -23.02 -24.63
C TYR JA 513 72.98 -23.04 -23.11
N ALA JA 514 73.44 -21.99 -22.44
CA ALA JA 514 73.34 -21.93 -20.99
C ALA JA 514 71.89 -22.01 -20.50
N ARG JA 515 70.98 -21.30 -21.18
CA ARG JA 515 69.57 -21.36 -20.80
C ARG JA 515 69.01 -22.76 -20.88
N VAL JA 516 69.26 -23.44 -21.99
CA VAL JA 516 68.72 -24.77 -22.18
C VAL JA 516 69.27 -25.74 -21.14
N ASP JA 517 70.58 -25.68 -20.87
CA ASP JA 517 71.18 -26.58 -19.89
C ASP JA 517 70.56 -26.41 -18.51
N ASN JA 518 70.17 -25.19 -18.15
CA ASN JA 518 69.54 -24.98 -16.84
C ASN JA 518 68.07 -25.34 -16.81
N ASP JA 519 67.32 -25.06 -17.88
CA ASP JA 519 65.90 -25.36 -17.93
C ASP JA 519 65.54 -26.82 -18.12
N ARG JA 520 66.28 -27.53 -18.96
CA ARG JA 520 65.96 -28.91 -19.27
C ARG JA 520 67.10 -29.90 -19.08
N GLY JA 521 68.33 -29.50 -19.34
CA GLY JA 521 69.47 -30.41 -19.26
C GLY JA 521 70.26 -30.49 -20.54
N VAL JA 522 71.50 -30.95 -20.44
CA VAL JA 522 72.44 -31.04 -21.57
C VAL JA 522 71.97 -31.93 -22.71
N TRP JA 523 71.01 -32.82 -22.45
CA TRP JA 523 70.51 -33.70 -23.48
C TRP JA 523 69.36 -33.11 -24.30
N LYS JA 524 68.96 -31.89 -23.99
CA LYS JA 524 67.90 -31.20 -24.72
C LYS JA 524 68.47 -30.41 -25.88
N SER JA 525 67.88 -30.55 -27.06
CA SER JA 525 68.32 -29.76 -28.22
C SER JA 525 68.16 -28.24 -28.06
N PRO JA 526 69.19 -27.46 -28.43
CA PRO JA 526 69.20 -25.98 -28.50
C PRO JA 526 68.27 -25.32 -29.51
N ALA JA 527 67.68 -26.05 -30.43
CA ALA JA 527 66.81 -25.45 -31.44
C ALA JA 527 65.45 -25.02 -30.88
N ASN JA 528 64.78 -24.15 -31.66
CA ASN JA 528 63.45 -23.57 -31.39
C ASN JA 528 63.46 -22.71 -30.14
N ILE JA 529 64.55 -21.96 -29.97
CA ILE JA 529 64.74 -21.04 -28.86
C ILE JA 529 64.93 -19.63 -29.42
N GLY JA 530 64.22 -18.66 -28.84
CA GLY JA 530 64.30 -17.28 -29.31
C GLY JA 530 65.53 -16.56 -28.79
N LEU JA 531 65.96 -15.55 -29.53
CA LEU JA 531 67.11 -14.73 -29.16
C LEU JA 531 66.72 -13.36 -28.64
N ASN JA 532 67.44 -12.86 -27.64
CA ASN JA 532 67.19 -11.54 -27.10
C ASN JA 532 68.07 -10.52 -27.79
N TYR JA 533 67.58 -9.28 -27.84
CA TYR JA 533 68.28 -8.14 -28.44
C TYR JA 533 68.56 -8.33 -29.92
N VAL JA 534 67.67 -8.99 -30.63
CA VAL JA 534 67.85 -9.17 -32.06
C VAL JA 534 66.66 -8.60 -32.79
N SER JA 535 66.93 -7.67 -33.69
CA SER JA 535 65.86 -7.09 -34.49
C SER JA 535 65.52 -7.98 -35.64
N LYS JA 536 66.55 -8.51 -36.27
CA LYS JA 536 66.37 -9.37 -37.44
C LYS JA 536 67.70 -10.04 -37.84
N PRO JA 537 67.62 -11.15 -38.60
CA PRO JA 537 68.74 -11.72 -39.35
C PRO JA 537 69.19 -10.73 -40.40
N SER JA 538 70.50 -10.70 -40.71
CA SER JA 538 71.02 -9.79 -41.73
C SER JA 538 70.45 -10.05 -43.12
N VAL JA 539 70.21 -11.32 -43.46
CA VAL JA 539 69.65 -11.70 -44.75
C VAL JA 539 68.50 -12.67 -44.55
N THR JA 540 67.65 -12.79 -45.57
CA THR JA 540 66.55 -13.75 -45.53
C THR JA 540 66.91 -14.98 -46.35
N VAL JA 541 66.76 -16.15 -45.75
CA VAL JA 541 67.12 -17.40 -46.41
C VAL JA 541 65.85 -18.15 -46.82
N SER JA 542 65.67 -18.42 -48.11
CA SER JA 542 64.49 -19.08 -48.66
C SER JA 542 64.51 -20.56 -48.39
N HIS JA 543 63.36 -21.23 -48.61
CA HIS JA 543 63.29 -22.67 -48.40
C HIS JA 543 64.20 -23.45 -49.35
N GLU JA 544 64.32 -22.97 -50.58
CA GLU JA 544 65.16 -23.63 -51.55
C GLU JA 544 66.58 -23.67 -51.07
N GLU JA 545 67.02 -22.60 -50.44
CA GLU JA 545 68.36 -22.53 -49.90
C GLU JA 545 68.51 -23.35 -48.65
N GLN JA 546 67.51 -23.26 -47.77
CA GLN JA 546 67.55 -23.90 -46.48
C GLN JA 546 67.71 -25.41 -46.56
N GLU JA 547 67.15 -26.05 -47.56
CA GLU JA 547 67.33 -27.50 -47.65
C GLU JA 547 68.78 -27.91 -47.80
N SER JA 548 69.62 -27.06 -48.43
CA SER JA 548 71.02 -27.42 -48.68
C SER JA 548 71.88 -27.13 -47.43
N MET JA 549 71.31 -26.45 -46.44
CA MET JA 549 72.02 -26.16 -45.22
C MET JA 549 71.85 -27.33 -44.28
N ASN JA 550 70.70 -27.99 -44.36
CA ASN JA 550 70.41 -29.10 -43.47
C ASN JA 550 70.93 -30.44 -43.96
N VAL JA 551 70.79 -30.73 -45.24
CA VAL JA 551 71.26 -31.98 -45.80
C VAL JA 551 72.17 -31.68 -46.97
N HIS JA 552 73.35 -32.26 -46.97
CA HIS JA 552 74.32 -31.99 -48.00
C HIS JA 552 75.29 -33.16 -48.15
N GLY JA 553 75.78 -33.35 -49.38
CA GLY JA 553 76.72 -34.42 -49.67
C GLY JA 553 77.97 -34.47 -48.79
N THR JA 554 78.42 -33.35 -48.28
CA THR JA 554 79.60 -33.34 -47.42
C THR JA 554 79.32 -33.60 -45.94
N GLY JA 555 78.07 -33.49 -45.50
CA GLY JA 555 77.70 -33.61 -44.10
C GLY JA 555 77.93 -32.34 -43.28
N LYS JA 556 78.49 -31.32 -43.92
CA LYS JA 556 78.83 -30.08 -43.25
C LYS JA 556 77.64 -29.14 -43.17
N SER JA 557 76.70 -29.53 -42.34
CA SER JA 557 75.47 -28.81 -42.12
C SER JA 557 75.69 -27.47 -41.46
N VAL JA 558 74.78 -26.53 -41.75
CA VAL JA 558 74.81 -25.21 -41.12
C VAL JA 558 73.42 -24.94 -40.54
N ASN JA 559 73.36 -24.52 -39.28
CA ASN JA 559 72.07 -24.27 -38.64
C ASN JA 559 71.59 -22.88 -39.05
N ALA JA 560 70.27 -22.69 -39.20
CA ALA JA 560 69.78 -21.41 -39.69
C ALA JA 560 69.13 -20.52 -38.64
N ILE JA 561 69.31 -19.22 -38.81
CA ILE JA 561 68.61 -18.26 -37.97
C ILE JA 561 67.47 -17.69 -38.81
N ARG JA 562 66.22 -17.79 -38.30
CA ARG JA 562 65.03 -17.38 -39.07
C ARG JA 562 64.03 -16.52 -38.31
N SER JA 563 63.34 -15.67 -39.06
CA SER JA 563 62.26 -14.84 -38.54
C SER JA 563 60.89 -15.46 -38.82
N PHE JA 564 60.07 -15.60 -37.78
CA PHE JA 564 58.73 -16.16 -37.93
C PHE JA 564 57.66 -15.13 -37.54
N VAL JA 565 56.54 -15.17 -38.25
CA VAL JA 565 55.49 -14.21 -38.00
C VAL JA 565 54.87 -14.39 -36.62
N GLY JA 566 54.86 -13.31 -35.86
CA GLY JA 566 54.31 -13.28 -34.52
C GLY JA 566 55.25 -13.82 -33.47
N LYS JA 567 56.45 -14.26 -33.85
CA LYS JA 567 57.38 -14.82 -32.90
C LYS JA 567 58.71 -14.10 -32.82
N GLY JA 568 59.22 -13.61 -33.94
CA GLY JA 568 60.54 -13.00 -33.95
C GLY JA 568 61.59 -14.00 -34.39
N THR JA 569 62.83 -13.77 -33.98
CA THR JA 569 63.95 -14.55 -34.49
C THR JA 569 64.23 -15.80 -33.64
N LEU JA 570 64.19 -16.97 -34.31
CA LEU JA 570 64.41 -18.29 -33.70
C LEU JA 570 65.59 -19.04 -34.32
N VAL JA 571 66.18 -19.93 -33.53
CA VAL JA 571 67.21 -20.86 -34.02
C VAL JA 571 66.53 -22.09 -34.62
N TRP JA 572 66.78 -22.36 -35.90
CA TRP JA 572 66.10 -23.46 -36.59
C TRP JA 572 67.09 -24.57 -37.02
N GLY JA 573 67.09 -25.68 -36.31
CA GLY JA 573 68.03 -26.77 -36.56
C GLY JA 573 69.14 -26.85 -35.50
N ALA JA 574 69.60 -28.07 -35.22
CA ALA JA 574 70.65 -28.28 -34.21
C ALA JA 574 71.57 -29.45 -34.55
N ARG JA 575 72.17 -29.41 -35.72
CA ARG JA 575 73.07 -30.49 -36.12
C ARG JA 575 74.53 -30.06 -36.07
N THR JA 576 75.40 -31.07 -36.03
CA THR JA 576 76.85 -30.95 -36.01
C THR JA 576 77.43 -30.93 -37.42
N LEU JA 577 78.75 -30.69 -37.52
CA LEU JA 577 79.43 -30.68 -38.82
C LEU JA 577 79.67 -32.09 -39.40
N ALA JA 578 79.11 -33.11 -38.76
CA ALA JA 578 79.12 -34.48 -39.21
C ALA JA 578 77.67 -34.93 -39.24
N GLY JA 579 76.85 -34.14 -39.93
CA GLY JA 579 75.39 -34.21 -39.91
C GLY JA 579 74.77 -35.43 -40.56
N ASN JA 580 75.54 -36.21 -41.28
CA ASN JA 580 75.00 -37.41 -41.89
C ASN JA 580 75.40 -38.63 -41.08
N ASP JA 581 76.16 -38.43 -40.01
CA ASP JA 581 76.64 -39.55 -39.24
C ASP JA 581 75.51 -40.22 -38.48
N ASN JA 582 75.57 -41.54 -38.39
CA ASN JA 582 74.55 -42.27 -37.67
C ASN JA 582 74.58 -42.10 -36.16
N GLU JA 583 75.73 -41.76 -35.57
CA GLU JA 583 75.78 -41.61 -34.13
C GLU JA 583 75.92 -40.18 -33.66
N TRP JA 584 76.71 -39.37 -34.37
CA TRP JA 584 77.07 -38.02 -33.92
C TRP JA 584 76.49 -36.83 -34.69
N ARG JA 585 75.34 -36.98 -35.34
CA ARG JA 585 74.76 -35.85 -36.08
C ARG JA 585 74.10 -34.78 -35.21
N TYR JA 586 73.67 -35.10 -34.00
CA TYR JA 586 73.00 -34.11 -33.19
C TYR JA 586 73.93 -33.50 -32.15
N ILE JA 587 73.74 -32.20 -31.92
CA ILE JA 587 74.56 -31.49 -30.95
C ILE JA 587 74.35 -32.03 -29.56
N SER JA 588 73.09 -32.22 -29.17
CA SER JA 588 72.76 -32.68 -27.83
C SER JA 588 73.30 -34.06 -27.51
N VAL JA 589 73.43 -34.92 -28.51
CA VAL JA 589 73.97 -36.23 -28.25
C VAL JA 589 75.45 -36.12 -27.93
N ARG JA 590 76.19 -35.36 -28.73
CA ARG JA 590 77.62 -35.19 -28.50
C ARG JA 590 77.91 -34.48 -27.18
N ARG JA 591 77.13 -33.48 -26.83
CA ARG JA 591 77.38 -32.78 -25.58
C ARG JA 591 77.06 -33.65 -24.37
N PHE JA 592 75.99 -34.46 -24.44
CA PHE JA 592 75.66 -35.37 -23.35
C PHE JA 592 76.83 -36.30 -23.06
N PHE JA 593 77.38 -36.92 -24.09
CA PHE JA 593 78.50 -37.81 -23.87
C PHE JA 593 79.68 -37.10 -23.24
N ASN JA 594 80.03 -35.89 -23.70
CA ASN JA 594 81.19 -35.24 -23.09
C ASN JA 594 80.98 -35.07 -21.59
N MET JA 595 79.76 -34.68 -21.18
CA MET JA 595 79.42 -34.50 -19.79
C MET JA 595 79.50 -35.80 -19.01
N ALA JA 596 78.85 -36.83 -19.51
CA ALA JA 596 78.80 -38.09 -18.79
C ALA JA 596 80.18 -38.69 -18.61
N GLU JA 597 81.02 -38.61 -19.64
CA GLU JA 597 82.35 -39.18 -19.54
C GLU JA 597 83.21 -38.46 -18.52
N GLU JA 598 83.13 -37.11 -18.47
CA GLU JA 598 83.91 -36.39 -17.48
C GLU JA 598 83.51 -36.74 -16.06
N SER JA 599 82.21 -36.86 -15.80
CA SER JA 599 81.75 -37.19 -14.45
C SER JA 599 82.21 -38.57 -14.01
N ILE JA 600 82.14 -39.56 -14.90
CA ILE JA 600 82.58 -40.88 -14.53
C ILE JA 600 84.08 -40.87 -14.29
N LYS JA 601 84.85 -40.23 -15.17
CA LYS JA 601 86.29 -40.17 -15.01
C LYS JA 601 86.68 -39.66 -13.64
N LYS JA 602 86.04 -38.59 -13.17
CA LYS JA 602 86.36 -38.07 -11.84
C LYS JA 602 86.01 -39.07 -10.74
N ALA JA 603 84.86 -39.72 -10.86
CA ALA JA 603 84.42 -40.70 -9.86
C ALA JA 603 85.41 -41.86 -9.69
N THR JA 604 86.10 -42.25 -10.77
CA THR JA 604 87.01 -43.39 -10.69
C THR JA 604 88.41 -43.03 -10.18
N GLU JA 605 88.71 -41.76 -9.92
CA GLU JA 605 90.07 -41.41 -9.48
C GLU JA 605 90.43 -42.04 -8.13
N GLN JA 606 89.45 -42.23 -7.28
CA GLN JA 606 89.65 -42.80 -5.95
C GLN JA 606 90.17 -44.24 -5.98
N PHE JA 607 90.13 -44.93 -7.11
CA PHE JA 607 90.61 -46.31 -7.18
C PHE JA 607 91.96 -46.46 -7.86
N VAL JA 608 92.62 -45.36 -8.21
CA VAL JA 608 93.85 -45.46 -9.02
C VAL JA 608 94.96 -46.29 -8.42
N PHE JA 609 95.21 -46.19 -7.13
CA PHE JA 609 96.31 -46.95 -6.56
C PHE JA 609 95.84 -48.16 -5.75
N GLU JA 610 94.63 -48.63 -6.00
CA GLU JA 610 94.11 -49.78 -5.30
C GLU JA 610 94.64 -51.07 -5.94
N PRO JA 611 94.66 -52.20 -5.22
CA PRO JA 611 95.04 -53.51 -5.77
C PRO JA 611 94.15 -53.86 -6.95
N ASN JA 612 94.72 -54.54 -7.94
CA ASN JA 612 93.98 -54.91 -9.13
C ASN JA 612 93.50 -56.35 -8.97
N ASP JA 613 92.30 -56.50 -8.40
CA ASP JA 613 91.71 -57.79 -8.08
C ASP JA 613 90.18 -57.62 -7.97
N GLY JA 614 89.50 -58.74 -7.70
CA GLY JA 614 88.04 -58.79 -7.63
C GLY JA 614 87.40 -57.84 -6.63
N ASN JA 615 88.08 -57.55 -5.54
CA ASN JA 615 87.52 -56.67 -4.51
C ASN JA 615 87.51 -55.21 -4.93
N THR JA 616 88.19 -54.87 -6.01
CA THR JA 616 88.20 -53.53 -6.54
C THR JA 616 87.28 -53.48 -7.72
N TRP JA 617 87.35 -54.51 -8.56
CA TRP JA 617 86.55 -54.53 -9.78
C TRP JA 617 85.07 -54.36 -9.48
N VAL JA 618 84.61 -55.02 -8.43
CA VAL JA 618 83.23 -54.94 -7.98
C VAL JA 618 82.83 -53.55 -7.47
N ARG JA 619 83.74 -52.86 -6.79
CA ARG JA 619 83.47 -51.53 -6.29
C ARG JA 619 83.37 -50.51 -7.41
N VAL JA 620 84.21 -50.64 -8.43
CA VAL JA 620 84.20 -49.75 -9.58
C VAL JA 620 82.88 -49.91 -10.32
N ARG JA 621 82.44 -51.16 -10.52
CA ARG JA 621 81.16 -51.37 -11.18
C ARG JA 621 80.00 -50.76 -10.42
N ALA JA 622 79.92 -50.98 -9.11
CA ALA JA 622 78.77 -50.46 -8.39
C ALA JA 622 78.64 -48.96 -8.50
N MET JA 623 79.78 -48.27 -8.42
CA MET JA 623 79.77 -46.83 -8.51
C MET JA 623 79.32 -46.31 -9.86
N ILE JA 624 79.83 -46.90 -10.95
CA ILE JA 624 79.45 -46.45 -12.27
C ILE JA 624 77.97 -46.65 -12.50
N GLU JA 625 77.45 -47.82 -12.09
CA GLU JA 625 76.04 -48.11 -12.25
C GLU JA 625 75.18 -47.10 -11.50
N ASN JA 626 75.59 -46.67 -10.29
CA ASN JA 626 74.81 -45.68 -9.56
C ASN JA 626 74.73 -44.35 -10.30
N PHE JA 627 75.84 -43.92 -10.91
CA PHE JA 627 75.80 -42.69 -11.70
C PHE JA 627 74.79 -42.81 -12.84
N LEU JA 628 74.88 -43.90 -13.58
CA LEU JA 628 74.05 -44.09 -14.74
C LEU JA 628 72.58 -44.27 -14.41
N ILE JA 629 72.24 -44.92 -13.29
CA ILE JA 629 70.83 -45.10 -12.99
C ILE JA 629 70.18 -43.74 -12.73
N LEU JA 630 70.92 -42.78 -12.15
CA LEU JA 630 70.37 -41.45 -11.93
C LEU JA 630 70.11 -40.74 -13.25
N GLN JA 631 71.02 -40.90 -14.21
CA GLN JA 631 70.85 -40.27 -15.52
C GLN JA 631 69.65 -40.84 -16.24
N TRP JA 632 69.42 -42.14 -16.07
CA TRP JA 632 68.27 -42.79 -16.66
C TRP JA 632 66.97 -42.24 -16.08
N ARG JA 633 66.88 -42.11 -14.76
CA ARG JA 633 65.66 -41.59 -14.14
C ARG JA 633 65.39 -40.15 -14.57
N ALA JA 634 66.47 -39.39 -14.78
CA ALA JA 634 66.41 -38.00 -15.21
C ALA JA 634 65.91 -37.80 -16.64
N GLY JA 635 65.86 -38.86 -17.44
CA GLY JA 635 65.42 -38.75 -18.82
C GLY JA 635 66.52 -38.61 -19.87
N ALA JA 636 67.78 -38.87 -19.53
CA ALA JA 636 68.83 -38.75 -20.54
C ALA JA 636 68.98 -40.02 -21.37
N LEU JA 637 68.81 -41.16 -20.71
CA LEU JA 637 69.01 -42.46 -21.34
C LEU JA 637 67.69 -43.08 -21.71
N ALA JA 638 67.72 -43.84 -22.79
CA ALA JA 638 66.57 -44.56 -23.33
C ALA JA 638 66.44 -45.93 -22.67
N GLY JA 639 65.25 -46.54 -22.74
CA GLY JA 639 65.04 -47.91 -22.22
C GLY JA 639 64.00 -48.02 -21.11
N ALA JA 640 63.12 -49.03 -21.24
CA ALA JA 640 62.02 -49.29 -20.27
C ALA JA 640 62.51 -49.63 -18.87
N LYS JA 641 63.62 -50.33 -18.77
CA LYS JA 641 64.22 -50.72 -17.51
C LYS JA 641 65.73 -50.69 -17.75
N PRO JA 642 66.58 -50.59 -16.70
CA PRO JA 642 68.05 -50.46 -16.81
C PRO JA 642 68.72 -51.46 -17.75
N GLU JA 643 68.18 -52.67 -17.82
CA GLU JA 643 68.73 -53.68 -18.73
C GLU JA 643 68.75 -53.28 -20.20
N HIS JA 644 67.96 -52.28 -20.55
CA HIS JA 644 67.88 -51.80 -21.92
C HIS JA 644 68.49 -50.43 -22.09
N ALA JA 645 69.00 -49.85 -21.02
CA ALA JA 645 69.54 -48.50 -21.04
C ALA JA 645 71.06 -48.50 -21.02
N PHE JA 646 71.64 -49.35 -20.20
CA PHE JA 646 73.09 -49.34 -20.07
C PHE JA 646 73.67 -50.63 -19.53
N TYR JA 647 74.98 -50.77 -19.70
CA TYR JA 647 75.67 -51.87 -19.04
C TYR JA 647 77.11 -51.49 -18.74
N VAL JA 648 77.69 -52.20 -17.77
CA VAL JA 648 79.10 -52.06 -17.38
C VAL JA 648 79.72 -53.45 -17.24
N LYS JA 649 80.87 -53.71 -17.89
CA LYS JA 649 81.54 -55.01 -17.77
C LYS JA 649 82.98 -54.86 -17.32
N VAL JA 650 83.35 -55.60 -16.26
CA VAL JA 650 84.73 -55.57 -15.75
C VAL JA 650 85.14 -56.97 -15.34
N GLY JA 651 86.30 -57.46 -15.78
CA GLY JA 651 86.73 -58.73 -15.23
C GLY JA 651 87.78 -59.46 -16.04
N LEU JA 652 88.46 -60.39 -15.40
CA LEU JA 652 89.46 -61.13 -16.10
C LEU JA 652 88.72 -62.21 -16.86
N GLY JA 653 89.04 -62.33 -18.13
CA GLY JA 653 88.33 -63.23 -19.00
C GLY JA 653 87.19 -62.54 -19.71
N GLN JA 654 86.86 -61.32 -19.29
CA GLN JA 654 85.79 -60.55 -19.91
C GLN JA 654 86.38 -59.37 -20.64
N THR JA 655 87.14 -58.56 -19.92
CA THR JA 655 87.75 -57.36 -20.47
C THR JA 655 89.26 -57.36 -20.32
N MET JA 656 89.80 -58.19 -19.41
CA MET JA 656 91.23 -58.22 -19.09
C MET JA 656 91.87 -59.60 -19.25
N THR JA 657 93.19 -59.59 -19.49
CA THR JA 657 93.89 -60.87 -19.48
C THR JA 657 95.04 -60.86 -18.47
N ALA JA 658 95.75 -62.00 -18.39
CA ALA JA 658 96.83 -62.14 -17.41
C ALA JA 658 97.91 -61.08 -17.59
N GLN JA 659 98.18 -60.73 -18.84
CA GLN JA 659 99.19 -59.74 -19.16
C GLN JA 659 98.80 -58.36 -18.65
N ASP JA 660 97.52 -58.05 -18.57
CA ASP JA 660 97.12 -56.72 -18.13
C ASP JA 660 97.30 -56.65 -16.64
N ILE JA 661 97.09 -57.77 -15.97
CA ILE JA 661 97.29 -57.73 -14.54
C ILE JA 661 98.75 -57.48 -14.27
N LEU JA 662 99.64 -58.12 -15.05
CA LEU JA 662 101.08 -57.94 -14.89
C LEU JA 662 101.53 -56.51 -15.23
N GLU JA 663 100.94 -55.91 -16.29
CA GLU JA 663 101.27 -54.54 -16.67
C GLU JA 663 100.72 -53.52 -15.69
N GLY JA 664 99.57 -53.80 -15.10
CA GLY JA 664 98.91 -52.90 -14.18
C GLY JA 664 97.74 -52.18 -14.83
N ASN JA 665 97.13 -52.77 -15.85
CA ASN JA 665 96.01 -52.17 -16.54
C ASN JA 665 94.68 -52.67 -15.99
N MET JA 666 93.64 -51.86 -16.14
CA MET JA 666 92.29 -52.28 -15.80
C MET JA 666 91.34 -51.81 -16.88
N ASN JA 667 90.61 -52.74 -17.47
CA ASN JA 667 89.73 -52.45 -18.60
C ASN JA 667 88.25 -52.46 -18.24
N VAL JA 668 87.59 -51.32 -18.41
CA VAL JA 668 86.17 -51.22 -18.09
C VAL JA 668 85.37 -50.89 -19.35
N GLU JA 669 84.38 -51.71 -19.69
CA GLU JA 669 83.57 -51.47 -20.87
C GLU JA 669 82.17 -50.98 -20.52
N ILE JA 670 81.74 -49.90 -21.15
CA ILE JA 670 80.44 -49.27 -20.87
C ILE JA 670 79.65 -49.03 -22.15
N GLY JA 671 78.36 -49.34 -22.14
CA GLY JA 671 77.49 -49.05 -23.28
C GLY JA 671 76.33 -48.20 -22.82
N LEU JA 672 75.80 -47.34 -23.71
CA LEU JA 672 74.68 -46.44 -23.38
C LEU JA 672 73.67 -46.23 -24.50
N ALA JA 673 72.37 -46.33 -24.20
CA ALA JA 673 71.32 -46.00 -25.16
C ALA JA 673 70.82 -44.59 -24.89
N VAL JA 674 70.83 -43.71 -25.90
CA VAL JA 674 70.46 -42.33 -25.58
C VAL JA 674 69.23 -41.87 -26.36
N VAL JA 675 68.62 -40.83 -25.83
CA VAL JA 675 67.43 -40.22 -26.40
C VAL JA 675 67.78 -39.24 -27.53
N ARG JA 676 67.06 -39.33 -28.65
CA ARG JA 676 67.26 -38.46 -29.80
C ARG JA 676 65.96 -37.65 -30.05
N PRO JA 677 66.06 -36.43 -30.59
CA PRO JA 677 64.93 -35.50 -30.84
C PRO JA 677 64.07 -35.81 -32.05
N ALA JA 678 62.84 -35.31 -32.03
CA ALA JA 678 62.00 -35.36 -33.22
C ALA JA 678 62.21 -34.11 -34.06
N GLU JA 679 62.39 -34.29 -35.38
CA GLU JA 679 62.54 -33.15 -36.28
C GLU JA 679 61.37 -32.97 -37.24
N PHE JA 680 60.62 -34.03 -37.52
CA PHE JA 680 59.58 -33.95 -38.52
C PHE JA 680 58.27 -34.46 -37.98
N ILE JA 681 57.18 -33.87 -38.45
CA ILE JA 681 55.83 -34.30 -38.09
C ILE JA 681 55.05 -34.62 -39.34
N ILE JA 682 54.51 -35.84 -39.41
CA ILE JA 682 53.76 -36.24 -40.57
C ILE JA 682 52.31 -36.53 -40.19
N LEU JA 683 51.38 -35.87 -40.86
CA LEU JA 683 49.97 -36.07 -40.60
C LEU JA 683 49.29 -36.85 -41.70
N LYS JA 684 48.23 -37.56 -41.31
CA LYS JA 684 47.40 -38.31 -42.23
C LYS JA 684 45.94 -38.21 -41.77
N PHE JA 685 45.01 -38.12 -42.72
CA PHE JA 685 43.59 -38.04 -42.39
C PHE JA 685 42.81 -39.13 -43.11
N SER JA 686 41.77 -39.68 -42.46
CA SER JA 686 40.88 -40.63 -43.12
C SER JA 686 39.50 -40.44 -42.51
N HIS JA 687 38.47 -40.86 -43.24
CA HIS JA 687 37.11 -40.66 -42.83
C HIS JA 687 36.19 -41.86 -43.02
N LYS JA 688 35.08 -41.81 -42.32
CA LYS JA 688 33.96 -42.73 -42.50
C LYS JA 688 32.66 -41.95 -42.48
N MET JA 689 31.63 -42.49 -43.10
CA MET JA 689 30.31 -41.86 -43.08
C MET JA 689 29.55 -42.30 -41.85
N GLN JA 690 28.78 -41.40 -41.27
CA GLN JA 690 28.00 -41.77 -40.11
C GLN JA 690 27.05 -42.92 -40.43
N SER KA 2 112.43 -98.45 12.81
CA SER KA 2 111.44 -99.51 12.87
C SER KA 2 110.77 -99.50 14.23
N TYR KA 3 111.21 -98.58 15.06
CA TYR KA 3 110.69 -98.46 16.39
C TYR KA 3 110.10 -97.07 16.61
N PRO KA 4 109.03 -96.96 17.43
CA PRO KA 4 108.39 -95.74 17.83
C PRO KA 4 109.22 -94.95 18.83
N LEU KA 5 108.90 -93.67 18.98
CA LEU KA 5 109.52 -92.80 19.97
C LEU KA 5 108.95 -93.01 21.37
N SER KA 6 109.79 -92.82 22.39
CA SER KA 6 109.39 -92.84 23.80
C SER KA 6 108.84 -91.49 24.21
N LYS KA 7 108.31 -91.37 25.44
CA LYS KA 7 107.67 -90.10 25.88
C LYS KA 7 108.33 -89.43 27.10
N PHE KA 8 109.55 -89.79 27.50
CA PHE KA 8 110.11 -89.15 28.70
C PHE KA 8 111.26 -88.16 28.54
N HIS KA 9 111.83 -87.98 27.35
CA HIS KA 9 112.94 -87.05 27.19
C HIS KA 9 112.50 -85.85 26.34
N PHE KA 10 112.34 -84.70 26.98
CA PHE KA 10 111.80 -83.50 26.33
C PHE KA 10 112.24 -82.21 27.01
N SER KA 11 112.01 -81.07 26.34
CA SER KA 11 112.29 -79.75 26.94
C SER KA 11 111.28 -78.67 26.55
N VAL KA 12 111.13 -77.66 27.43
CA VAL KA 12 110.20 -76.56 27.16
C VAL KA 12 110.81 -75.17 27.25
N GLU KA 13 110.73 -74.39 26.18
CA GLU KA 13 111.24 -73.01 26.18
C GLU KA 13 110.10 -72.01 26.32
N TRP KA 14 110.03 -71.38 27.49
CA TRP KA 14 108.93 -70.49 27.82
C TRP KA 14 109.35 -69.10 28.30
N GLY KA 15 110.62 -68.71 28.11
CA GLY KA 15 111.07 -67.40 28.56
C GLY KA 15 111.49 -67.32 30.03
N GLY KA 16 111.57 -68.46 30.73
CA GLY KA 16 111.96 -68.47 32.13
C GLY KA 16 113.41 -68.85 32.25
N THR KA 17 113.87 -69.21 33.46
CA THR KA 17 115.27 -69.57 33.62
C THR KA 17 115.61 -71.07 33.48
N LYS KA 18 114.60 -71.95 33.57
CA LYS KA 18 114.81 -73.39 33.48
C LYS KA 18 113.91 -74.00 32.41
N ILE KA 19 114.36 -75.09 31.80
CA ILE KA 19 113.58 -75.78 30.76
C ILE KA 19 113.09 -77.18 31.14
N GLY KA 20 113.34 -77.59 32.38
CA GLY KA 20 112.91 -78.91 32.85
C GLY KA 20 111.54 -78.90 33.51
N PHE KA 21 110.70 -79.81 33.09
CA PHE KA 21 109.35 -79.98 33.59
C PHE KA 21 109.04 -81.42 33.92
N THR KA 22 108.11 -81.61 34.82
CA THR KA 22 107.64 -82.93 35.21
C THR KA 22 106.56 -83.43 34.27
N GLU KA 23 105.65 -82.55 33.89
CA GLU KA 23 104.52 -82.94 33.04
C GLU KA 23 104.04 -81.84 32.10
N VAL KA 24 103.72 -82.24 30.86
CA VAL KA 24 103.15 -81.36 29.83
C VAL KA 24 101.90 -82.00 29.21
N SER KA 25 100.77 -81.27 29.15
CA SER KA 25 99.57 -81.82 28.51
C SER KA 25 98.65 -80.78 27.83
N GLY KA 26 97.79 -81.25 26.90
CA GLY KA 26 96.80 -80.38 26.23
C GLY KA 26 97.13 -79.93 24.79
N LEU KA 27 98.09 -80.57 24.14
CA LEU KA 27 98.47 -80.18 22.76
C LEU KA 27 97.50 -80.72 21.69
N ASP KA 28 96.25 -80.24 21.73
CA ASP KA 28 95.14 -80.64 20.86
C ASP KA 28 94.71 -79.61 19.81
N LEU KA 29 94.06 -80.10 18.74
CA LEU KA 29 93.47 -79.30 17.65
C LEU KA 29 92.02 -79.76 17.43
N GLU KA 30 91.06 -78.84 17.25
CA GLU KA 30 89.66 -79.27 17.04
C GLU KA 30 88.84 -78.39 16.08
N THR KA 31 88.01 -79.02 15.23
CA THR KA 31 87.14 -78.31 14.26
C THR KA 31 85.66 -78.70 14.42
N GLU KA 32 84.77 -77.70 14.35
CA GLU KA 32 83.32 -77.89 14.41
C GLU KA 32 82.71 -78.41 13.11
N ILE KA 33 81.53 -79.03 13.21
CA ILE KA 33 80.87 -79.58 12.03
C ILE KA 33 79.49 -78.99 11.75
N ILE KA 34 79.28 -78.59 10.49
CA ILE KA 34 78.03 -78.04 10.03
C ILE KA 34 77.27 -79.11 9.24
N GLU KA 35 76.04 -79.41 9.63
CA GLU KA 35 75.24 -80.47 9.00
C GLU KA 35 74.07 -79.93 8.16
N TYR KA 36 73.71 -80.66 7.08
CA TYR KA 36 72.58 -80.25 6.21
C TYR KA 36 71.81 -81.38 5.48
N ARG KA 37 70.48 -81.23 5.36
CA ARG KA 37 69.68 -82.14 4.52
C ARG KA 37 68.48 -81.47 3.87
N HIS KA 38 68.34 -81.59 2.56
CA HIS KA 38 67.16 -81.03 1.86
C HIS KA 38 66.11 -82.14 1.72
N GLY KA 39 64.84 -81.78 1.94
CA GLY KA 39 63.71 -82.69 2.01
C GLY KA 39 63.57 -83.70 0.88
N ALA KA 40 64.02 -83.38 -0.33
CA ALA KA 40 63.89 -84.30 -1.45
C ALA KA 40 65.01 -85.35 -1.55
N SER KA 41 66.01 -85.33 -0.68
CA SER KA 41 67.08 -86.30 -0.81
C SER KA 41 66.64 -87.76 -0.58
N PRO KA 42 67.08 -88.73 -1.42
CA PRO KA 42 66.90 -90.17 -1.28
C PRO KA 42 67.54 -90.76 -0.02
N GLU KA 43 68.50 -90.05 0.58
CA GLU KA 43 69.12 -90.55 1.80
C GLU KA 43 68.50 -89.87 2.97
N TYR KA 44 68.40 -90.57 4.08
CA TYR KA 44 67.75 -90.06 5.26
C TYR KA 44 68.73 -89.70 6.37
N SER KA 45 69.87 -89.17 5.96
CA SER KA 45 70.94 -88.74 6.83
C SER KA 45 71.50 -87.43 6.28
N LYS KA 46 72.36 -86.77 7.05
CA LYS KA 46 72.89 -85.46 6.66
C LYS KA 46 74.28 -85.44 6.03
N ILE KA 47 74.56 -84.38 5.27
CA ILE KA 47 75.88 -84.15 4.69
C ILE KA 47 76.67 -83.23 5.61
N LYS KA 48 77.97 -83.48 5.75
CA LYS KA 48 78.78 -82.71 6.69
C LYS KA 48 79.92 -81.88 6.09
N MET KA 49 80.16 -80.69 6.65
CA MET KA 49 81.31 -79.88 6.25
C MET KA 49 81.96 -79.15 7.45
N PRO KA 50 83.26 -78.81 7.41
CA PRO KA 50 83.98 -78.04 8.43
C PRO KA 50 83.46 -76.65 8.74
N GLY KA 51 83.46 -76.35 10.03
CA GLY KA 51 83.10 -75.10 10.68
C GLY KA 51 84.33 -74.36 11.21
N MET KA 52 84.13 -73.59 12.29
CA MET KA 52 85.16 -72.80 12.96
C MET KA 52 86.09 -73.69 13.81
N GLN KA 53 87.29 -73.18 14.10
CA GLN KA 53 88.29 -73.96 14.87
C GLN KA 53 88.51 -73.51 16.32
N LYS KA 54 88.95 -74.47 17.15
CA LYS KA 54 89.29 -74.32 18.55
C LYS KA 54 90.66 -74.87 18.95
N PHE KA 55 91.17 -74.35 20.07
CA PHE KA 55 92.39 -74.86 20.68
C PHE KA 55 92.17 -75.12 22.17
N SER KA 56 92.86 -76.11 22.73
CA SER KA 56 92.80 -76.40 24.17
C SER KA 56 93.86 -75.63 24.95
N ASN KA 57 93.64 -75.47 26.26
CA ASN KA 57 94.64 -74.85 27.12
C ASN KA 57 95.76 -75.83 27.41
N ILE KA 58 96.95 -75.32 27.67
CA ILE KA 58 98.12 -76.15 27.96
C ILE KA 58 98.52 -76.14 29.43
N THR KA 59 98.72 -77.32 30.01
CA THR KA 59 99.11 -77.42 31.41
C THR KA 59 100.56 -77.86 31.59
N LEU KA 60 101.29 -77.11 32.43
CA LEU KA 60 102.69 -77.41 32.75
C LEU KA 60 102.89 -77.63 34.26
N LYS KA 61 103.62 -78.70 34.63
CA LYS KA 61 103.86 -79.04 36.05
C LYS KA 61 105.36 -79.13 36.35
N ARG KA 62 105.79 -78.58 37.50
CA ARG KA 62 107.23 -78.60 37.89
C ARG KA 62 107.34 -78.67 39.43
N GLY KA 63 108.50 -79.08 39.94
CA GLY KA 63 108.74 -79.12 41.39
C GLY KA 63 109.12 -77.73 41.91
N THR KA 64 108.72 -77.36 43.11
CA THR KA 64 109.13 -76.11 43.76
C THR KA 64 110.57 -76.10 44.27
N PHE KA 65 111.32 -75.06 43.90
CA PHE KA 65 112.70 -74.86 44.30
C PHE KA 65 112.92 -73.54 45.02
N LYS KA 66 113.91 -73.56 45.91
CA LYS KA 66 114.33 -72.39 46.65
C LYS KA 66 114.73 -71.26 45.73
N SER KA 67 114.21 -70.07 46.02
CA SER KA 67 114.43 -68.80 45.31
C SER KA 67 113.99 -68.78 43.84
N ASP KA 68 113.07 -69.65 43.44
CA ASP KA 68 112.52 -69.65 42.11
C ASP KA 68 111.05 -69.31 42.10
N ASN KA 69 110.72 -68.10 41.68
CA ASN KA 69 109.34 -67.63 41.73
C ASN KA 69 108.89 -67.21 40.33
N GLU KA 70 109.36 -67.93 39.33
CA GLU KA 70 109.08 -67.61 37.94
C GLU KA 70 107.61 -67.63 37.53
N TYR KA 71 106.85 -68.55 38.09
CA TYR KA 71 105.42 -68.66 37.75
C TYR KA 71 104.60 -67.47 38.22
N PHE KA 72 104.84 -67.07 39.45
CA PHE KA 72 104.13 -65.95 40.05
C PHE KA 72 104.47 -64.69 39.31
N GLN KA 73 105.76 -64.47 39.05
CA GLN KA 73 106.18 -63.24 38.40
C GLN KA 73 105.56 -63.05 37.02
N TRP KA 74 105.42 -64.12 36.21
CA TRP KA 74 104.78 -63.98 34.92
C TRP KA 74 103.29 -63.63 35.10
N TYR KA 75 102.61 -64.35 36.00
CA TYR KA 75 101.19 -64.14 36.28
C TYR KA 75 100.94 -62.70 36.70
N ASN KA 76 101.83 -62.18 37.51
CA ASN KA 76 101.73 -60.85 38.08
C ASN KA 76 102.00 -59.72 37.04
N THR KA 77 102.21 -60.05 35.75
CA THR KA 77 102.35 -59.02 34.72
C THR KA 77 100.98 -58.62 34.18
N ILE KA 78 99.91 -59.26 34.64
CA ILE KA 78 98.57 -58.93 34.18
C ILE KA 78 98.13 -57.60 34.80
N ASN KA 79 97.69 -56.68 33.96
CA ASN KA 79 97.25 -55.36 34.38
C ASN KA 79 96.03 -54.94 33.57
N LEU KA 80 94.85 -55.20 34.14
CA LEU KA 80 93.54 -55.02 33.50
C LEU KA 80 93.44 -55.85 32.23
N ASN KA 81 93.72 -55.28 31.05
CA ASN KA 81 93.65 -56.06 29.81
C ASN KA 81 95.02 -56.28 29.17
N LYS KA 82 96.08 -55.95 29.88
CA LYS KA 82 97.43 -56.13 29.38
C LYS KA 82 98.10 -57.30 30.06
N VAL KA 83 98.96 -58.00 29.34
CA VAL KA 83 99.74 -59.11 29.88
C VAL KA 83 100.94 -59.35 28.99
N GLU KA 84 102.04 -59.84 29.55
CA GLU KA 84 103.16 -60.20 28.70
C GLU KA 84 102.85 -61.51 27.96
N ARG KA 85 102.85 -61.46 26.63
CA ARG KA 85 102.58 -62.67 25.85
C ARG KA 85 103.88 -63.27 25.35
N ARG KA 86 103.96 -64.60 25.34
CA ARG KA 86 105.19 -65.26 24.91
C ARG KA 86 105.02 -66.37 23.87
N ASP KA 87 106.09 -66.61 23.14
CA ASP KA 87 106.16 -67.74 22.22
C ASP KA 87 106.65 -68.96 22.96
N LEU KA 88 105.86 -70.02 22.95
CA LEU KA 88 106.15 -71.25 23.66
C LEU KA 88 106.61 -72.37 22.73
N THR KA 89 107.81 -72.91 22.98
CA THR KA 89 108.29 -74.00 22.11
C THR KA 89 108.53 -75.28 22.89
N ILE KA 90 107.83 -76.34 22.48
CA ILE KA 90 107.91 -77.64 23.16
C ILE KA 90 108.54 -78.67 22.25
N SER KA 91 109.56 -79.35 22.75
CA SER KA 91 110.28 -80.29 21.90
C SER KA 91 110.66 -81.65 22.49
N LEU KA 92 110.38 -82.69 21.68
CA LEU KA 92 110.72 -84.10 21.96
C LEU KA 92 112.14 -84.34 21.45
N LEU KA 93 113.00 -84.88 22.31
CA LEU KA 93 114.43 -85.04 22.00
C LEU KA 93 114.96 -86.44 21.67
N ASN KA 94 116.04 -86.48 20.87
CA ASN KA 94 116.76 -87.73 20.54
C ASN KA 94 117.93 -87.98 21.51
N GLU KA 95 118.72 -89.03 21.24
CA GLU KA 95 119.85 -89.42 22.08
C GLU KA 95 121.02 -88.42 22.12
N GLU KA 96 121.04 -87.44 21.20
CA GLU KA 96 122.07 -86.40 21.14
C GLU KA 96 121.55 -85.14 21.79
N HIS KA 97 120.34 -85.24 22.37
CA HIS KA 97 119.58 -84.21 23.01
C HIS KA 97 119.16 -83.11 22.01
N GLU KA 98 118.88 -83.51 20.77
CA GLU KA 98 118.44 -82.62 19.71
C GLU KA 98 116.95 -82.84 19.45
N PRO KA 99 116.18 -81.83 19.00
CA PRO KA 99 114.79 -81.94 18.62
C PRO KA 99 114.48 -82.96 17.53
N VAL KA 100 113.35 -83.63 17.69
CA VAL KA 100 112.80 -84.59 16.75
C VAL KA 100 111.41 -84.09 16.35
N VAL KA 101 110.56 -83.84 17.36
CA VAL KA 101 109.19 -83.37 17.11
C VAL KA 101 108.97 -82.07 17.86
N THR KA 102 108.55 -81.02 17.14
CA THR KA 102 108.34 -79.73 17.79
C THR KA 102 106.91 -79.20 17.67
N TRP KA 103 106.41 -78.71 18.80
CA TRP KA 103 105.10 -78.07 18.88
C TRP KA 103 105.31 -76.57 19.09
N LYS KA 104 104.86 -75.78 18.13
CA LYS KA 104 105.03 -74.33 18.18
C LYS KA 104 103.76 -73.60 18.58
N VAL KA 105 103.79 -72.87 19.70
CA VAL KA 105 102.61 -72.19 20.23
C VAL KA 105 102.72 -70.67 20.25
N LYS KA 106 101.73 -70.02 19.63
CA LYS KA 106 101.62 -68.57 19.47
C LYS KA 106 100.87 -67.82 20.61
N ASN KA 107 101.41 -66.71 21.08
CA ASN KA 107 100.77 -65.81 22.05
C ASN KA 107 100.27 -66.34 23.40
N ALA KA 108 101.01 -67.20 24.06
CA ALA KA 108 100.54 -67.74 25.33
C ALA KA 108 100.65 -66.80 26.54
N TRP KA 109 99.71 -66.92 27.48
CA TRP KA 109 99.73 -66.18 28.74
C TRP KA 109 99.13 -67.04 29.82
N PRO KA 110 99.44 -66.80 31.09
CA PRO KA 110 98.84 -67.67 32.10
C PRO KA 110 97.45 -67.31 32.67
N LEU KA 111 96.53 -68.26 32.53
CA LEU KA 111 95.16 -68.27 33.01
C LEU KA 111 95.05 -68.50 34.53
N LYS KA 112 95.82 -69.45 35.05
CA LYS KA 112 95.82 -69.77 36.50
C LYS KA 112 97.16 -70.36 36.92
N VAL KA 113 97.50 -70.10 38.18
CA VAL KA 113 98.66 -70.64 38.87
C VAL KA 113 98.17 -71.35 40.12
N GLN KA 114 98.48 -72.66 40.23
CA GLN KA 114 98.06 -73.48 41.39
C GLN KA 114 99.24 -73.93 42.26
N SER KA 115 99.14 -73.62 43.54
CA SER KA 115 100.12 -74.03 44.56
C SER KA 115 99.81 -75.40 45.13
N THR KA 116 100.75 -75.92 45.89
CA THR KA 116 100.63 -77.21 46.53
C THR KA 116 99.82 -77.23 47.80
N ASP KA 117 99.43 -78.44 48.20
CA ASP KA 117 98.70 -78.69 49.46
C ASP KA 117 99.71 -79.24 50.46
N LEU KA 118 99.54 -78.96 51.75
CA LEU KA 118 100.47 -79.33 52.79
C LEU KA 118 99.88 -80.41 53.67
N LYS KA 119 100.67 -81.44 54.00
CA LYS KA 119 100.20 -82.52 54.86
C LYS KA 119 101.24 -82.94 55.88
N GLY KA 120 100.80 -83.22 57.11
CA GLY KA 120 101.67 -83.66 58.21
C GLY KA 120 102.42 -84.95 57.91
N ASP KA 121 101.80 -85.85 57.17
CA ASP KA 121 102.36 -87.11 56.77
C ASP KA 121 102.61 -87.16 55.25
N GLY KA 122 102.74 -85.99 54.64
CA GLY KA 122 102.93 -85.86 53.21
C GLY KA 122 104.35 -86.11 52.76
N ASN KA 123 104.76 -87.37 52.76
CA ASN KA 123 106.12 -87.73 52.38
C ASN KA 123 106.32 -87.71 50.86
N GLU KA 124 106.29 -86.50 50.27
CA GLU KA 124 106.42 -86.33 48.82
C GLU KA 124 106.99 -84.94 48.43
N VAL KA 125 107.20 -84.73 47.14
CA VAL KA 125 107.68 -83.48 46.55
C VAL KA 125 106.56 -82.48 46.34
N ALA KA 126 106.81 -81.23 46.71
CA ALA KA 126 105.85 -80.17 46.48
C ALA KA 126 105.85 -79.75 45.00
N ILE KA 127 104.73 -79.98 44.31
CA ILE KA 127 104.60 -79.67 42.87
C ILE KA 127 103.64 -78.54 42.55
N GLU KA 128 104.14 -77.53 41.86
CA GLU KA 128 103.33 -76.39 41.43
C GLU KA 128 102.94 -76.54 39.96
N SER KA 129 101.82 -75.92 39.56
CA SER KA 129 101.39 -75.99 38.16
C SER KA 129 100.76 -74.71 37.59
N MET KA 130 100.82 -74.61 36.27
CA MET KA 130 100.29 -73.48 35.52
C MET KA 130 99.46 -73.87 34.29
N GLU KA 131 98.38 -73.12 34.05
CA GLU KA 131 97.53 -73.31 32.86
C GLU KA 131 97.60 -72.10 31.91
N LEU KA 132 97.94 -72.39 30.64
CA LEU KA 132 98.11 -71.36 29.63
C LEU KA 132 97.09 -71.31 28.48
N ALA KA 133 96.67 -70.09 28.17
CA ALA KA 133 95.83 -69.76 27.03
C ALA KA 133 96.73 -69.47 25.85
N HIS KA 134 96.28 -69.72 24.62
CA HIS KA 134 97.11 -69.38 23.45
C HIS KA 134 96.23 -69.19 22.23
N GLU KA 135 96.84 -68.76 21.13
CA GLU KA 135 96.12 -68.52 19.88
C GLU KA 135 96.50 -69.39 18.67
N GLY KA 136 97.10 -70.55 18.88
CA GLY KA 136 97.43 -71.38 17.73
C GLY KA 136 98.62 -72.30 17.90
N LEU KA 137 98.51 -73.45 17.26
CA LEU KA 137 99.49 -74.53 17.30
C LEU KA 137 99.86 -75.12 15.95
N VAL KA 138 101.16 -75.20 15.68
CA VAL KA 138 101.74 -75.81 14.48
C VAL KA 138 102.65 -76.98 14.86
N ILE KA 139 102.50 -78.13 14.18
CA ILE KA 139 103.31 -79.29 14.50
C ILE KA 139 104.33 -79.62 13.41
N GLN KA 140 105.60 -79.68 13.80
CA GLN KA 140 106.69 -79.96 12.89
C GLN KA 140 107.40 -81.29 13.16
N ASN KA 141 107.45 -82.15 12.16
CA ASN KA 141 108.12 -83.45 12.26
C ASN KA 141 108.70 -83.82 10.90
N GLU KA 142 109.97 -83.54 10.71
CA GLU KA 142 110.61 -83.71 9.42
C GLU KA 142 111.57 -84.90 9.42
N SER LA 2 83.80 -123.73 12.77
CA SER LA 2 83.11 -124.02 14.01
C SER LA 2 83.62 -123.11 15.10
N TYR LA 3 84.55 -122.26 14.71
CA TYR LA 3 85.16 -121.34 15.64
C TYR LA 3 84.95 -119.90 15.17
N PRO LA 4 84.79 -118.94 16.10
CA PRO LA 4 84.67 -117.52 15.85
C PRO LA 4 86.00 -116.89 15.45
N LEU LA 5 85.93 -115.71 14.86
CA LEU LA 5 87.11 -114.93 14.50
C LEU LA 5 87.70 -114.19 15.70
N SER LA 6 89.02 -114.01 15.69
CA SER LA 6 89.75 -113.22 16.69
C SER LA 6 89.72 -111.74 16.31
N LYS LA 7 90.22 -110.87 17.19
CA LYS LA 7 90.14 -109.40 16.93
C LYS LA 7 91.50 -108.68 16.82
N PHE LA 8 92.62 -109.37 16.64
CA PHE LA 8 93.91 -108.64 16.58
C PHE LA 8 94.64 -108.53 15.24
N HIS LA 9 94.18 -109.19 14.18
CA HIS LA 9 94.88 -109.11 12.90
C HIS LA 9 94.01 -108.35 11.88
N PHE LA 10 94.40 -107.12 11.56
CA PHE LA 10 93.61 -106.24 10.70
C PHE LA 10 94.45 -105.18 9.99
N SER LA 11 93.87 -104.51 9.00
CA SER LA 11 94.54 -103.39 8.33
C SER LA 11 93.60 -102.25 7.94
N VAL LA 12 94.16 -101.03 7.83
CA VAL LA 12 93.36 -99.86 7.44
C VAL LA 12 93.92 -99.07 6.26
N GLU LA 13 93.12 -98.90 5.22
CA GLU LA 13 93.53 -98.12 4.05
C GLU LA 13 92.88 -96.74 4.06
N TRP LA 14 93.69 -95.72 4.33
CA TRP LA 14 93.20 -94.37 4.50
C TRP LA 14 93.88 -93.31 3.63
N GLY LA 15 94.65 -93.73 2.60
CA GLY LA 15 95.34 -92.76 1.75
C GLY LA 15 96.69 -92.27 2.30
N GLY LA 16 97.20 -92.85 3.37
CA GLY LA 16 98.47 -92.44 3.95
C GLY LA 16 99.56 -93.39 3.50
N THR LA 17 100.71 -93.36 4.16
CA THR LA 17 101.80 -94.25 3.76
C THR LA 17 101.88 -95.60 4.49
N LYS LA 18 101.21 -95.73 5.63
CA LYS LA 18 101.22 -96.97 6.42
C LYS LA 18 99.81 -97.43 6.71
N ILE LA 19 99.64 -98.76 6.85
CA ILE LA 19 98.33 -99.34 7.14
C ILE LA 19 98.20 -100.00 8.52
N GLY LA 20 99.24 -99.89 9.34
CA GLY LA 20 99.23 -100.48 10.68
C GLY LA 20 98.75 -99.50 11.75
N PHE LA 21 97.82 -99.97 12.55
CA PHE LA 21 97.22 -99.21 13.66
C PHE LA 21 97.18 -100.01 14.93
N THR LA 22 97.18 -99.30 16.03
CA THR LA 22 97.07 -99.89 17.36
C THR LA 22 95.62 -100.16 17.73
N GLU LA 23 94.74 -99.20 17.41
CA GLU LA 23 93.34 -99.32 17.80
C GLU LA 23 92.38 -98.68 16.82
N VAL LA 24 91.25 -99.36 16.57
CA VAL LA 24 90.15 -98.86 15.73
C VAL LA 24 88.81 -99.01 16.45
N SER LA 25 88.01 -97.94 16.53
CA SER LA 25 86.68 -98.03 17.18
C SER LA 25 85.61 -97.09 16.60
N GLY LA 26 84.32 -97.44 16.85
CA GLY LA 26 83.19 -96.59 16.42
C GLY LA 26 82.40 -97.05 15.17
N LEU LA 27 82.59 -98.28 14.72
CA LEU LA 27 81.89 -98.77 13.53
C LEU LA 27 80.42 -99.18 13.81
N ASP LA 28 79.60 -98.18 14.15
CA ASP LA 28 78.18 -98.32 14.52
C ASP LA 28 77.16 -97.79 13.51
N LEU LA 29 75.93 -98.32 13.57
CA LEU LA 29 74.77 -97.89 12.76
C LEU LA 29 73.58 -97.64 13.69
N GLU LA 30 72.82 -96.54 13.51
CA GLU LA 30 71.67 -96.28 14.39
C GLU LA 30 70.45 -95.63 13.71
N THR LA 31 69.24 -96.07 14.09
CA THR LA 31 67.97 -95.53 13.56
C THR LA 31 67.03 -95.03 14.68
N GLU LA 32 66.40 -93.87 14.45
CA GLU LA 32 65.42 -93.28 15.37
C GLU LA 32 64.05 -93.94 15.32
N ILE LA 33 63.27 -93.79 16.39
CA ILE LA 33 61.94 -94.39 16.45
C ILE LA 33 60.80 -93.40 16.62
N ILE LA 34 59.78 -93.55 15.78
CA ILE LA 34 58.58 -92.72 15.82
C ILE LA 34 57.44 -93.50 16.47
N GLU LA 35 56.86 -92.96 17.55
CA GLU LA 35 55.80 -93.64 18.31
C GLU LA 35 54.41 -93.03 18.10
N TYR LA 36 53.36 -93.87 18.16
CA TYR LA 36 51.97 -93.39 18.02
C TYR LA 36 50.86 -94.18 18.75
N ARG LA 37 49.85 -93.48 19.29
CA ARG LA 37 48.66 -94.14 19.85
C ARG LA 37 47.37 -93.32 19.67
N HIS LA 38 46.34 -93.92 19.11
CA HIS LA 38 45.04 -93.24 18.98
C HIS LA 38 44.16 -93.60 20.18
N GLY LA 39 43.46 -92.62 20.73
CA GLY LA 39 42.66 -92.72 21.96
C GLY LA 39 41.72 -93.92 22.07
N ALA LA 40 41.19 -94.42 20.96
CA ALA LA 40 40.26 -95.54 21.01
C ALA LA 40 40.92 -96.92 21.07
N SER LA 41 42.24 -97.01 21.01
CA SER LA 41 42.87 -98.33 21.01
C SER LA 41 42.67 -99.11 22.32
N PRO LA 42 42.34 -100.44 22.26
CA PRO LA 42 42.26 -101.37 23.39
C PRO LA 42 43.58 -101.57 24.13
N GLU LA 43 44.70 -101.25 23.49
CA GLU LA 43 45.99 -101.41 24.16
C GLU LA 43 46.42 -100.06 24.68
N TYR LA 44 47.11 -100.06 25.80
CA TYR LA 44 47.52 -98.84 26.44
C TYR LA 44 49.01 -98.56 26.31
N SER LA 45 49.53 -98.90 25.15
CA SER LA 45 50.93 -98.72 24.78
C SER LA 45 50.98 -98.24 23.32
N LYS LA 46 52.15 -97.83 22.86
CA LYS LA 46 52.29 -97.27 21.52
C LYS LA 46 52.82 -98.22 20.44
N ILE LA 47 52.52 -97.88 19.17
CA ILE LA 47 53.03 -98.61 18.02
C ILE LA 47 54.28 -97.89 17.51
N LYS LA 48 55.28 -98.66 17.08
CA LYS LA 48 56.55 -98.06 16.67
C LYS LA 48 56.94 -98.27 15.20
N MET LA 49 57.56 -97.24 14.60
CA MET LA 49 58.11 -97.37 13.24
C MET LA 49 59.45 -96.61 13.09
N PRO LA 50 60.34 -97.01 12.16
CA PRO LA 50 61.60 -96.34 11.84
C PRO LA 50 61.51 -94.89 11.38
N GLY LA 51 62.45 -94.10 11.88
CA GLY LA 51 62.71 -92.70 11.61
C GLY LA 51 63.99 -92.52 10.78
N MET LA 52 64.64 -91.36 10.97
CA MET LA 52 65.87 -90.97 10.28
C MET LA 52 67.09 -91.73 10.84
N GLN LA 53 68.16 -91.81 10.04
CA GLN LA 53 69.37 -92.54 10.45
C GLN LA 53 70.59 -91.69 10.83
N LYS LA 54 71.44 -92.26 11.68
CA LYS LA 54 72.70 -91.69 12.18
C LYS LA 54 73.92 -92.61 12.04
N PHE LA 55 75.09 -91.98 12.05
CA PHE LA 55 76.36 -92.69 12.08
C PHE LA 55 77.26 -92.13 13.18
N SER LA 56 78.10 -92.97 13.77
CA SER LA 56 79.08 -92.53 14.77
C SER LA 56 80.41 -92.13 14.15
N ASN LA 57 81.19 -91.31 14.87
CA ASN LA 57 82.54 -90.96 14.42
C ASN LA 57 83.49 -92.13 14.63
N ILE LA 58 84.52 -92.22 13.82
CA ILE LA 58 85.52 -93.29 13.90
C ILE LA 58 86.85 -92.83 14.50
N THR LA 59 87.34 -93.57 15.48
CA THR LA 59 88.61 -93.22 16.12
C THR LA 59 89.75 -94.18 15.75
N LEU LA 60 90.88 -93.61 15.33
CA LEU LA 60 92.08 -94.38 14.97
C LEU LA 60 93.29 -93.99 15.84
N LYS LA 61 94.02 -94.99 16.36
CA LYS LA 61 95.19 -94.74 17.24
C LYS LA 61 96.45 -95.41 16.68
N ARG LA 62 97.59 -94.71 16.72
CA ARG LA 62 98.88 -95.25 16.20
C ARG LA 62 100.04 -94.69 17.03
N GLY LA 63 101.20 -95.34 16.97
CA GLY LA 63 102.41 -94.85 17.67
C GLY LA 63 103.09 -93.76 16.84
N THR LA 64 103.69 -92.76 17.47
CA THR LA 64 104.49 -91.74 16.79
C THR LA 64 105.85 -92.21 16.31
N PHE LA 65 106.15 -91.96 15.04
CA PHE LA 65 107.42 -92.29 14.39
C PHE LA 65 108.15 -91.10 13.82
N LYS LA 66 109.46 -91.22 13.80
CA LYS LA 66 110.34 -90.21 13.22
C LYS LA 66 110.00 -89.96 11.76
N SER LA 67 109.89 -88.68 11.42
CA SER LA 67 109.59 -88.15 10.08
C SER LA 67 108.24 -88.55 9.49
N ASP LA 68 107.28 -88.93 10.33
CA ASP LA 68 105.93 -89.25 9.87
C ASP LA 68 104.92 -88.27 10.42
N ASN LA 69 104.44 -87.38 9.57
CA ASN LA 69 103.52 -86.33 10.02
C ASN LA 69 102.22 -86.41 9.21
N GLU LA 70 101.80 -87.62 8.88
CA GLU LA 70 100.63 -87.84 8.06
C GLU LA 70 99.33 -87.32 8.62
N TYR LA 71 99.14 -87.40 9.92
CA TYR LA 71 97.90 -86.93 10.56
C TYR LA 71 97.71 -85.43 10.46
N PHE LA 72 98.78 -84.70 10.75
CA PHE LA 72 98.75 -83.25 10.70
C PHE LA 72 98.51 -82.78 9.30
N GLN LA 73 99.23 -83.36 8.34
CA GLN LA 73 99.11 -82.92 6.96
C GLN LA 73 97.70 -83.08 6.40
N TRP LA 74 96.99 -84.18 6.74
CA TRP LA 74 95.61 -84.32 6.27
C TRP LA 74 94.73 -83.24 6.92
N TYR LA 75 94.86 -83.07 8.24
CA TYR LA 75 94.08 -82.09 8.99
C TYR LA 75 94.25 -80.69 8.41
N ASN LA 76 95.49 -80.38 8.05
CA ASN LA 76 95.87 -79.08 7.54
C ASN LA 76 95.36 -78.82 6.10
N THR LA 77 94.57 -79.73 5.50
CA THR LA 77 93.97 -79.47 4.19
C THR LA 77 92.64 -78.74 4.33
N ILE LA 78 92.20 -78.50 5.58
CA ILE LA 78 90.96 -77.78 5.80
C ILE LA 78 91.14 -76.30 5.50
N ASN LA 79 90.27 -75.76 4.67
CA ASN LA 79 90.31 -74.37 4.26
C ASN LA 79 88.89 -73.80 4.18
N LEU LA 80 88.47 -73.18 5.27
CA LEU LA 80 87.11 -72.68 5.49
C LEU LA 80 86.09 -73.82 5.39
N ASN LA 81 85.46 -74.04 4.22
CA ASN LA 81 84.50 -75.13 4.09
C ASN LA 81 85.00 -76.25 3.19
N LYS LA 82 86.26 -76.20 2.80
CA LYS LA 82 86.84 -77.23 1.93
C LYS LA 82 87.74 -78.13 2.73
N VAL LA 83 87.81 -79.40 2.35
CA VAL LA 83 88.68 -80.38 2.96
C VAL LA 83 88.89 -81.53 2.00
N GLU LA 84 90.03 -82.21 2.06
CA GLU LA 84 90.19 -83.39 1.24
C GLU LA 84 89.40 -84.56 1.85
N ARG LA 85 88.45 -85.10 1.11
CA ARG LA 85 87.64 -86.22 1.61
C ARG LA 85 88.18 -87.52 1.05
N ARG LA 86 88.18 -88.57 1.87
CA ARG LA 86 88.70 -89.86 1.42
C ARG LA 86 87.81 -91.07 1.68
N ASP LA 87 88.01 -92.10 0.88
CA ASP LA 87 87.36 -93.38 1.07
C ASP LA 87 88.20 -94.23 2.01
N LEU LA 88 87.59 -94.63 3.12
CA LEU LA 88 88.25 -95.39 4.16
C LEU LA 88 87.87 -96.87 4.15
N THR LA 89 88.85 -97.77 4.02
CA THR LA 89 88.52 -99.19 4.00
C THR LA 89 89.19 -99.95 5.15
N ILE LA 90 88.37 -100.57 5.98
CA ILE LA 90 88.86 -101.30 7.14
C ILE LA 90 88.62 -102.79 7.00
N SER LA 91 89.66 -103.58 7.19
CA SER LA 91 89.52 -105.02 6.97
C SER LA 91 90.14 -105.96 7.99
N LEU LA 92 89.35 -106.97 8.36
CA LEU LA 92 89.72 -108.08 9.27
C LEU LA 92 90.33 -109.17 8.41
N LEU LA 93 91.54 -109.63 8.79
CA LEU LA 93 92.30 -110.58 7.97
C LEU LA 93 92.38 -112.05 8.44
N ASN LA 94 92.56 -112.95 7.47
CA ASN LA 94 92.79 -114.39 7.71
C ASN LA 94 94.28 -114.73 7.81
N GLU LA 95 94.60 -116.02 7.93
CA GLU LA 95 95.98 -116.50 8.05
C GLU LA 95 96.86 -116.31 6.81
N GLU LA 96 96.26 -115.97 5.67
CA GLU LA 96 96.97 -115.72 4.41
C GLU LA 96 97.13 -114.23 4.21
N HIS LA 97 96.69 -113.47 5.22
CA HIS LA 97 96.66 -112.03 5.28
C HIS LA 97 95.69 -111.44 4.23
N GLU LA 98 94.59 -112.15 3.97
CA GLU LA 98 93.56 -111.71 3.05
C GLU LA 98 92.33 -111.26 3.83
N PRO LA 99 91.51 -110.33 3.31
CA PRO LA 99 90.25 -109.90 3.91
C PRO LA 99 89.22 -110.99 4.13
N VAL LA 100 88.53 -110.87 5.25
CA VAL LA 100 87.43 -111.74 5.65
C VAL LA 100 86.19 -110.86 5.83
N VAL LA 101 86.34 -109.81 6.66
CA VAL LA 101 85.22 -108.90 6.94
C VAL LA 101 85.66 -107.48 6.60
N THR LA 102 84.88 -106.80 5.76
CA THR LA 102 85.24 -105.44 5.37
C THR LA 102 84.19 -104.38 5.69
N TRP LA 103 84.66 -103.28 6.25
CA TRP LA 103 83.84 -102.12 6.56
C TRP LA 103 84.19 -101.00 5.59
N LYS LA 104 83.22 -100.61 4.78
CA LYS LA 104 83.43 -99.58 3.77
C LYS LA 104 82.85 -98.22 4.19
N VAL LA 105 83.70 -97.20 4.29
CA VAL LA 105 83.28 -95.88 4.75
C VAL LA 105 83.44 -94.76 3.71
N LYS LA 106 82.34 -94.08 3.46
CA LYS LA 106 82.19 -92.98 2.49
C LYS LA 106 82.51 -91.56 3.01
N ASN LA 107 83.27 -90.79 2.24
CA ASN LA 107 83.54 -89.36 2.52
C ASN LA 107 84.15 -88.93 3.86
N ALA LA 108 85.10 -89.66 4.42
CA ALA LA 108 85.66 -89.27 5.70
C ALA LA 108 86.63 -88.08 5.70
N TRP LA 109 86.65 -87.31 6.77
CA TRP LA 109 87.59 -86.20 6.96
C TRP LA 109 87.90 -86.09 8.44
N PRO LA 110 89.04 -85.50 8.81
CA PRO LA 110 89.30 -85.43 10.26
C PRO LA 110 88.76 -84.23 11.04
N LEU LA 111 87.98 -84.56 12.06
CA LEU LA 111 87.37 -83.68 13.06
C LEU LA 111 88.36 -83.14 14.09
N LYS LA 112 89.24 -84.01 14.59
CA LYS LA 112 90.25 -83.61 15.60
C LYS LA 112 91.47 -84.53 15.52
N VAL LA 113 92.61 -83.95 15.86
CA VAL LA 113 93.90 -84.62 15.99
C VAL LA 113 94.43 -84.38 17.39
N GLN LA 114 94.66 -85.46 18.14
CA GLN LA 114 95.17 -85.38 19.55
C GLN LA 114 96.60 -85.91 19.70
N SER LA 115 97.45 -85.07 20.24
CA SER LA 115 98.84 -85.40 20.56
C SER LA 115 98.98 -86.04 21.94
N THR LA 116 100.17 -86.57 22.19
CA THR LA 116 100.49 -87.20 23.46
C THR LA 116 100.83 -86.26 24.58
N ASP LA 117 100.79 -86.80 25.80
CA ASP LA 117 101.16 -86.10 27.02
C ASP LA 117 102.56 -86.57 27.42
N LEU LA 118 103.37 -85.70 28.02
CA LEU LA 118 104.75 -85.99 28.35
C LEU LA 118 104.93 -86.12 29.85
N LYS LA 119 105.67 -87.14 30.28
CA LYS LA 119 105.91 -87.36 31.71
C LYS LA 119 107.36 -87.74 32.01
N GLY LA 120 107.91 -87.19 33.08
CA GLY LA 120 109.29 -87.46 33.52
C GLY LA 120 109.55 -88.94 33.82
N ASP LA 121 108.55 -89.64 34.32
CA ASP LA 121 108.61 -91.04 34.63
C ASP LA 121 107.69 -91.87 33.71
N GLY LA 122 107.39 -91.31 32.54
CA GLY LA 122 106.51 -91.94 31.57
C GLY LA 122 107.18 -93.02 30.75
N ASN LA 123 107.41 -94.16 31.36
CA ASN LA 123 108.07 -95.27 30.68
C ASN LA 123 107.14 -96.01 29.72
N GLU LA 124 106.74 -95.34 28.63
CA GLU LA 124 105.80 -95.92 27.66
C GLU LA 124 105.99 -95.32 26.25
N VAL LA 125 105.20 -95.82 25.29
CA VAL LA 125 105.18 -95.37 23.90
C VAL LA 125 104.28 -94.16 23.70
N ALA LA 126 104.78 -93.18 22.97
CA ALA LA 126 103.99 -92.01 22.65
C ALA LA 126 102.94 -92.34 21.56
N ILE LA 127 101.65 -92.27 21.91
CA ILE LA 127 100.54 -92.61 21.01
C ILE LA 127 99.69 -91.41 20.58
N GLU LA 128 99.59 -91.20 19.27
CA GLU LA 128 98.75 -90.14 18.72
C GLU LA 128 97.43 -90.71 18.21
N SER LA 129 96.39 -89.86 18.17
CA SER LA 129 95.09 -90.31 17.68
C SER LA 129 94.30 -89.29 16.86
N MET LA 130 93.39 -89.82 16.04
CA MET LA 130 92.53 -89.04 15.16
C MET LA 130 91.06 -89.46 15.19
N GLU LA 131 90.16 -88.46 15.11
CA GLU LA 131 88.71 -88.72 15.04
C GLU LA 131 88.13 -88.25 13.70
N LEU LA 132 87.45 -89.18 13.02
CA LEU LA 132 86.88 -88.94 11.68
C LEU LA 132 85.35 -88.90 11.56
N ALA LA 133 84.89 -87.91 10.81
CA ALA LA 133 83.50 -87.75 10.42
C ALA LA 133 83.30 -88.49 9.10
N HIS LA 134 82.10 -88.99 8.84
CA HIS LA 134 81.85 -89.66 7.54
C HIS LA 134 80.37 -89.62 7.21
N GLU LA 135 80.03 -90.08 6.00
CA GLU LA 135 78.64 -90.08 5.54
C GLU LA 135 78.02 -91.45 5.24
N GLY LA 136 78.54 -92.54 5.81
CA GLY LA 136 77.91 -93.82 5.55
C GLY LA 136 78.82 -95.02 5.62
N LEU LA 137 78.25 -96.12 6.09
CA LEU LA 137 78.93 -97.39 6.31
C LEU LA 137 78.18 -98.61 5.75
N VAL LA 138 78.91 -99.42 5.00
CA VAL LA 138 78.43 -100.69 4.44
C VAL LA 138 79.29 -101.86 4.93
N ILE LA 139 78.65 -102.94 5.39
CA ILE LA 139 79.40 -104.08 5.90
C ILE LA 139 79.33 -105.30 5.00
N GLN LA 140 80.49 -105.80 4.58
CA GLN LA 140 80.58 -106.95 3.70
C GLN LA 140 81.23 -108.17 4.35
N ASN LA 141 80.51 -109.29 4.33
CA ASN LA 141 81.00 -110.56 4.89
C ASN LA 141 80.42 -111.71 4.09
N GLU LA 142 81.19 -112.20 3.14
CA GLU LA 142 80.70 -113.21 2.21
C GLU LA 142 81.33 -114.57 2.49
N SER MA 2 62.76 -128.85 44.24
CA SER MA 2 63.16 -128.18 45.47
C SER MA 2 64.32 -127.27 45.20
N TYR MA 3 64.73 -127.24 43.95
CA TYR MA 3 65.85 -126.43 43.53
C TYR MA 3 65.43 -125.47 42.44
N PRO MA 4 66.02 -124.26 42.40
CA PRO MA 4 65.81 -123.23 41.40
C PRO MA 4 66.48 -123.58 40.08
N LEU MA 5 66.06 -122.92 39.02
CA LEU MA 5 66.66 -123.06 37.70
C LEU MA 5 67.96 -122.27 37.56
N SER MA 6 68.89 -122.78 36.74
CA SER MA 6 70.14 -122.12 36.40
C SER MA 6 69.89 -121.15 35.24
N LYS MA 7 70.92 -120.34 34.88
CA LYS MA 7 70.73 -119.31 33.83
C LYS MA 7 71.62 -119.48 32.58
N PHE MA 8 72.26 -120.63 32.35
CA PHE MA 8 73.14 -120.73 31.17
C PHE MA 8 72.69 -121.60 29.98
N HIS MA 9 71.59 -122.33 30.07
CA HIS MA 9 71.17 -123.17 28.95
C HIS MA 9 69.86 -122.62 28.35
N PHE MA 10 69.95 -122.03 27.16
CA PHE MA 10 68.83 -121.34 26.53
C PHE MA 10 68.95 -121.26 25.02
N SER MA 11 67.86 -120.91 24.34
CA SER MA 11 67.89 -120.69 22.89
C SER MA 11 67.00 -119.54 22.41
N VAL MA 12 67.36 -118.94 21.26
CA VAL MA 12 66.57 -117.83 20.71
C VAL MA 12 66.16 -118.02 19.26
N GLU MA 13 64.85 -117.97 18.99
CA GLU MA 13 64.34 -118.08 17.62
C GLU MA 13 63.95 -116.71 17.07
N TRP MA 14 64.74 -116.23 16.12
CA TRP MA 14 64.56 -114.88 15.59
C TRP MA 14 64.47 -114.81 14.06
N GLY MA 15 64.27 -115.94 13.38
CA GLY MA 15 64.18 -115.92 11.92
C GLY MA 15 65.52 -115.98 11.18
N GLY MA 16 66.63 -116.20 11.89
CA GLY MA 16 67.94 -116.26 11.28
C GLY MA 16 68.34 -117.70 11.09
N THR MA 17 69.62 -117.95 10.82
CA THR MA 17 70.05 -119.34 10.61
C THR MA 17 70.58 -120.08 11.86
N LYS MA 18 70.92 -119.35 12.93
CA LYS MA 18 71.45 -119.94 14.15
C LYS MA 18 70.65 -119.48 15.35
N ILE MA 19 70.58 -120.33 16.39
CA ILE MA 19 69.85 -120.00 17.61
C ILE MA 19 70.72 -119.83 18.86
N GLY MA 20 72.04 -119.90 18.69
CA GLY MA 20 72.96 -119.75 19.82
C GLY MA 20 73.43 -118.32 20.02
N PHE MA 21 73.33 -117.86 21.25
CA PHE MA 21 73.73 -116.52 21.66
C PHE MA 21 74.59 -116.55 22.90
N THR MA 22 75.40 -115.52 23.04
CA THR MA 22 76.25 -115.33 24.21
C THR MA 22 75.49 -114.67 25.34
N GLU MA 23 74.70 -113.66 25.01
CA GLU MA 23 73.98 -112.89 26.03
C GLU MA 23 72.63 -112.36 25.57
N VAL MA 24 71.64 -112.43 26.47
CA VAL MA 24 70.30 -111.89 26.25
C VAL MA 24 69.87 -111.02 27.45
N SER MA 25 69.41 -109.80 27.20
CA SER MA 25 68.94 -108.94 28.32
C SER MA 25 67.82 -107.94 27.95
N GLY MA 26 67.08 -107.47 28.98
CA GLY MA 26 66.01 -106.46 28.79
C GLY MA 26 64.57 -106.96 28.81
N LEU MA 27 64.32 -108.18 29.28
CA LEU MA 27 62.96 -108.72 29.31
C LEU MA 27 62.11 -108.19 30.50
N ASP MA 28 61.83 -106.89 30.46
CA ASP MA 28 61.10 -106.13 31.50
C ASP MA 28 59.68 -105.69 31.12
N LEU MA 29 58.84 -105.45 32.15
CA LEU MA 29 57.48 -104.92 32.05
C LEU MA 29 57.32 -103.73 33.00
N GLU MA 30 56.70 -102.61 32.57
CA GLU MA 30 56.54 -101.46 33.49
C GLU MA 30 55.23 -100.68 33.33
N THR MA 31 54.63 -100.25 34.47
CA THR MA 31 53.40 -99.46 34.48
C THR MA 31 53.55 -98.14 35.25
N GLU MA 32 53.00 -97.05 34.70
CA GLU MA 32 52.99 -95.72 35.32
C GLU MA 32 51.96 -95.57 36.45
N ILE MA 33 52.20 -94.61 37.33
CA ILE MA 33 51.29 -94.39 38.46
C ILE MA 33 50.65 -93.01 38.50
N ILE MA 34 49.34 -92.99 38.67
CA ILE MA 34 48.57 -91.76 38.77
C ILE MA 34 48.21 -91.51 40.24
N GLU MA 35 48.58 -90.33 40.76
CA GLU MA 35 48.36 -90.00 42.18
C GLU MA 35 47.27 -88.95 42.40
N TYR MA 36 46.54 -89.03 43.53
CA TYR MA 36 45.49 -88.06 43.87
C TYR MA 36 45.21 -87.79 45.37
N ARG MA 37 44.91 -86.53 45.73
CA ARG MA 37 44.46 -86.20 47.08
C ARG MA 37 43.46 -85.03 47.12
N HIS MA 38 42.31 -85.22 47.75
CA HIS MA 38 41.35 -84.13 47.91
C HIS MA 38 41.58 -83.46 49.27
N GLY MA 39 41.50 -82.13 49.29
CA GLY MA 39 41.83 -81.28 50.44
C GLY MA 39 41.20 -81.67 51.78
N ALA MA 40 40.02 -82.27 51.78
CA ALA MA 40 39.37 -82.64 53.03
C ALA MA 40 39.81 -83.98 53.61
N SER MA 41 40.69 -84.73 52.95
CA SER MA 41 41.08 -86.03 53.49
C SER MA 41 41.84 -85.96 54.82
N PRO MA 42 41.51 -86.81 55.83
CA PRO MA 42 42.23 -86.98 57.10
C PRO MA 42 43.68 -87.46 56.95
N GLU MA 43 44.02 -88.05 55.79
CA GLU MA 43 45.38 -88.50 55.60
C GLU MA 43 46.11 -87.47 54.77
N TYR MA 44 47.40 -87.33 55.02
CA TYR MA 44 48.20 -86.32 54.36
C TYR MA 44 49.13 -86.90 53.33
N SER MA 45 48.67 -87.93 52.65
CA SER MA 45 49.38 -88.63 51.60
C SER MA 45 48.40 -88.92 50.47
N LYS MA 46 48.90 -89.39 49.33
CA LYS MA 46 48.05 -89.62 48.15
C LYS MA 46 47.62 -91.06 47.91
N ILE MA 47 46.52 -91.21 47.16
CA ILE MA 47 46.02 -92.52 46.73
C ILE MA 47 46.56 -92.81 45.34
N LYS MA 48 46.91 -94.07 45.07
CA LYS MA 48 47.53 -94.42 43.80
C LYS MA 48 46.75 -95.41 42.92
N MET MA 49 46.80 -95.20 41.60
CA MET MA 49 46.20 -96.15 40.65
C MET MA 49 47.06 -96.31 39.37
N PRO MA 50 47.01 -97.45 38.66
CA PRO MA 50 47.68 -97.70 37.39
C PRO MA 50 47.35 -96.77 36.24
N GLY MA 51 48.40 -96.40 35.50
CA GLY MA 51 48.44 -95.59 34.30
C GLY MA 51 48.74 -96.44 33.06
N MET MA 52 49.38 -95.81 32.07
CA MET MA 52 49.76 -96.43 30.80
C MET MA 52 50.98 -97.34 30.96
N GLN MA 53 51.16 -98.28 30.02
CA GLN MA 53 52.26 -99.25 30.09
C GLN MA 53 53.42 -99.03 29.09
N LYS MA 54 54.61 -99.52 29.50
CA LYS MA 54 55.85 -99.48 28.74
C LYS MA 54 56.57 -100.83 28.63
N PHE MA 55 57.43 -100.93 27.61
CA PHE MA 55 58.30 -102.07 27.43
C PHE MA 55 59.74 -101.61 27.19
N SER MA 56 60.72 -102.40 27.63
CA SER MA 56 62.14 -102.10 27.38
C SER MA 56 62.63 -102.72 26.07
N ASN MA 57 63.73 -102.18 25.53
CA ASN MA 57 64.35 -102.77 24.35
C ASN MA 57 65.13 -104.02 24.73
N ILE MA 58 65.26 -104.94 23.79
CA ILE MA 58 65.98 -106.20 24.03
C ILE MA 58 67.34 -106.25 23.36
N THR MA 59 68.37 -106.63 24.13
CA THR MA 59 69.72 -106.71 23.58
C THR MA 59 70.21 -108.15 23.42
N LEU MA 60 70.72 -108.46 22.23
CA LEU MA 60 71.28 -109.77 21.91
C LEU MA 60 72.76 -109.69 21.49
N LYS MA 61 73.60 -110.58 22.05
CA LYS MA 61 75.05 -110.58 21.76
C LYS MA 61 75.51 -111.95 21.22
N ARG MA 62 76.36 -111.96 20.19
CA ARG MA 62 76.86 -113.23 19.60
C ARG MA 62 78.30 -113.01 19.08
N GLY MA 63 79.04 -114.10 18.86
CA GLY MA 63 80.40 -114.01 18.29
C GLY MA 63 80.33 -113.90 16.77
N THR MA 64 81.23 -113.16 16.15
CA THR MA 64 81.34 -113.07 14.68
C THR MA 64 81.94 -114.31 14.02
N PHE MA 65 81.24 -114.81 13.01
CA PHE MA 65 81.66 -115.97 12.22
C PHE MA 65 81.80 -115.68 10.74
N LYS MA 66 82.70 -116.41 10.11
CA LYS MA 66 82.94 -116.34 8.68
C LYS MA 66 81.67 -116.62 7.90
N SER MA 67 81.40 -115.75 6.92
CA SER MA 67 80.26 -115.78 6.02
C SER MA 67 78.87 -115.68 6.66
N ASP MA 68 78.79 -115.13 7.86
CA ASP MA 68 77.51 -114.91 8.52
C ASP MA 68 77.24 -113.43 8.71
N ASN MA 69 76.32 -112.90 7.92
CA ASN MA 69 76.04 -111.47 7.96
C ASN MA 69 74.55 -111.24 8.24
N GLU MA 70 73.98 -112.09 9.07
CA GLU MA 70 72.57 -112.05 9.39
C GLU MA 70 72.08 -110.77 10.02
N TYR MA 71 72.88 -110.17 10.89
CA TYR MA 71 72.47 -108.93 11.57
C TYR MA 71 72.34 -107.75 10.64
N PHE MA 72 73.32 -107.59 9.76
CA PHE MA 72 73.33 -106.51 8.80
C PHE MA 72 72.17 -106.65 7.85
N GLN MA 73 71.97 -107.86 7.33
CA GLN MA 73 70.93 -108.07 6.36
C GLN MA 73 69.52 -107.74 6.90
N TRP MA 74 69.23 -108.08 8.16
CA TRP MA 74 67.92 -107.71 8.72
C TRP MA 74 67.81 -106.18 8.83
N TYR MA 75 68.85 -105.54 9.37
CA TYR MA 75 68.89 -104.08 9.55
C TYR MA 75 68.65 -103.37 8.22
N ASN MA 76 69.26 -103.90 7.18
CA ASN MA 76 69.21 -103.33 5.85
C ASN MA 76 67.83 -103.52 5.15
N THR MA 77 66.82 -104.07 5.85
CA THR MA 77 65.48 -104.16 5.27
C THR MA 77 64.68 -102.89 5.56
N ILE MA 78 65.28 -101.95 6.31
CA ILE MA 78 64.60 -100.71 6.61
C ILE MA 78 64.57 -99.80 5.37
N ASN MA 79 63.38 -99.34 5.03
CA ASN MA 79 63.18 -98.48 3.87
C ASN MA 79 62.16 -97.40 4.20
N LEU MA 80 62.66 -96.24 4.61
CA LEU MA 80 61.89 -95.10 5.11
C LEU MA 80 61.06 -95.51 6.33
N ASN MA 81 59.79 -95.88 6.17
CA ASN MA 81 58.98 -96.28 7.31
C ASN MA 81 58.63 -97.77 7.29
N LYS MA 82 59.23 -98.52 6.38
CA LYS MA 82 58.98 -99.95 6.28
C LYS MA 82 60.15 -100.74 6.84
N VAL MA 83 59.86 -101.89 7.43
CA VAL MA 83 60.87 -102.79 7.95
C VAL MA 83 60.28 -104.19 8.07
N GLU MA 84 61.10 -105.22 7.95
CA GLU MA 84 60.59 -106.56 8.20
C GLU MA 84 60.42 -106.77 9.71
N ARG MA 85 59.19 -107.05 10.15
CA ARG MA 85 58.96 -107.28 11.57
C ARG MA 85 58.88 -108.77 11.85
N ARG MA 86 59.42 -109.20 12.99
CA ARG MA 86 59.41 -110.63 13.31
C ARG MA 86 58.92 -110.99 14.71
N ASP MA 87 58.46 -112.22 14.83
CA ASP MA 87 58.09 -112.78 16.12
C ASP MA 87 59.31 -113.42 16.76
N LEU MA 88 59.66 -112.94 17.94
CA LEU MA 88 60.84 -113.38 18.67
C LEU MA 88 60.49 -114.33 19.83
N THR MA 89 61.05 -115.53 19.81
CA THR MA 89 60.75 -116.46 20.92
C THR MA 89 62.02 -116.86 21.69
N ILE MA 90 62.02 -116.56 22.98
CA ILE MA 90 63.16 -116.84 23.84
C ILE MA 90 62.83 -117.91 24.86
N SER MA 91 63.67 -118.93 24.94
CA SER MA 91 63.34 -120.05 25.83
C SER MA 91 64.47 -120.63 26.68
N LEU MA 92 64.15 -120.83 27.96
CA LEU MA 92 65.01 -121.45 28.99
C LEU MA 92 64.78 -122.95 28.92
N LEU MA 93 65.87 -123.72 28.79
CA LEU MA 93 65.78 -125.17 28.58
C LEU MA 93 66.12 -126.12 29.74
N ASN MA 94 65.51 -127.31 29.71
CA ASN MA 94 65.79 -128.39 30.67
C ASN MA 94 66.88 -129.35 30.17
N GLU MA 95 67.15 -130.42 30.92
CA GLU MA 95 68.18 -131.41 30.57
C GLU MA 95 67.91 -132.24 29.31
N GLU MA 96 66.68 -132.18 28.78
CA GLU MA 96 66.30 -132.90 27.56
C GLU MA 96 66.32 -131.92 26.39
N HIS MA 97 66.77 -130.71 26.67
CA HIS MA 97 66.84 -129.57 25.78
C HIS MA 97 65.45 -129.11 25.33
N GLU MA 98 64.47 -129.22 26.22
CA GLU MA 98 63.10 -128.79 25.96
C GLU MA 98 62.82 -127.51 26.74
N PRO MA 99 61.91 -126.63 26.28
CA PRO MA 99 61.48 -125.42 26.96
C PRO MA 99 60.88 -125.65 28.35
N VAL MA 100 61.19 -124.72 29.25
CA VAL MA 100 60.68 -124.67 30.61
C VAL MA 100 59.99 -123.32 30.78
N VAL MA 101 60.72 -122.24 30.47
CA VAL MA 101 60.17 -120.88 30.60
C VAL MA 101 60.29 -120.16 29.26
N THR MA 102 59.17 -119.66 28.76
CA THR MA 102 59.20 -118.97 27.47
C THR MA 102 58.74 -117.52 27.51
N TRP MA 103 59.51 -116.67 26.85
CA TRP MA 103 59.20 -115.26 26.69
C TRP MA 103 58.80 -115.01 25.24
N LYS MA 104 57.56 -114.57 25.04
CA LYS MA 104 57.02 -114.34 23.70
C LYS MA 104 56.96 -112.87 23.35
N VAL MA 105 57.68 -112.47 22.29
CA VAL MA 105 57.76 -111.06 21.90
C VAL MA 105 57.17 -110.76 20.51
N LYS MA 106 56.25 -109.80 20.50
CA LYS MA 106 55.50 -109.34 19.33
C LYS MA 106 56.16 -108.19 18.52
N ASN MA 107 56.18 -108.31 17.20
CA ASN MA 107 56.62 -107.24 16.28
C ASN MA 107 58.02 -106.62 16.41
N ALA MA 108 59.05 -107.40 16.69
CA ALA MA 108 60.37 -106.83 16.85
C ALA MA 108 61.09 -106.40 15.56
N TRP MA 109 61.90 -105.36 15.64
CA TRP MA 109 62.74 -104.90 14.52
C TRP MA 109 64.02 -104.33 15.09
N PRO MA 110 65.10 -104.28 14.32
CA PRO MA 110 66.32 -103.72 14.91
C PRO MA 110 66.55 -102.20 14.84
N LEU MA 111 66.72 -101.63 16.03
CA LEU MA 111 67.04 -100.23 16.32
C LEU MA 111 68.50 -99.85 16.01
N LYS MA 112 69.44 -100.72 16.39
CA LYS MA 112 70.87 -100.49 16.15
C LYS MA 112 71.64 -101.80 16.08
N VAL MA 113 72.70 -101.78 15.28
CA VAL MA 113 73.66 -102.87 15.12
C VAL MA 113 75.04 -102.32 15.45
N GLN MA 114 75.70 -102.93 16.45
CA GLN MA 114 77.06 -102.50 16.89
C GLN MA 114 78.15 -103.53 16.59
N SER MA 115 79.17 -103.07 15.89
CA SER MA 115 80.34 -103.88 15.55
C SER MA 115 81.41 -103.82 16.65
N THR MA 116 82.39 -104.69 16.52
CA THR MA 116 83.50 -104.77 17.45
C THR MA 116 84.58 -103.74 17.28
N ASP MA 117 85.40 -103.60 18.33
CA ASP MA 117 86.57 -102.71 18.33
C ASP MA 117 87.81 -103.59 18.11
N LEU MA 118 88.83 -103.06 17.46
CA LEU MA 118 90.03 -103.81 17.10
C LEU MA 118 91.22 -103.35 17.92
N LYS MA 119 91.99 -104.28 18.44
CA LYS MA 119 93.18 -103.95 19.23
C LYS MA 119 94.39 -104.81 18.88
N GLY MA 120 95.56 -104.20 18.82
CA GLY MA 120 96.82 -104.89 18.52
C GLY MA 120 97.17 -106.00 19.51
N ASP MA 121 96.80 -105.81 20.77
CA ASP MA 121 97.01 -106.77 21.84
C ASP MA 121 95.68 -107.35 22.35
N GLY MA 122 94.65 -107.29 21.51
CA GLY MA 122 93.32 -107.76 21.84
C GLY MA 122 93.15 -109.25 21.75
N ASN MA 123 93.70 -109.96 22.71
CA ASN MA 123 93.64 -111.43 22.72
C ASN MA 123 92.27 -111.95 23.18
N GLU MA 124 91.24 -111.73 22.35
CA GLU MA 124 89.86 -112.12 22.68
C GLU MA 124 89.01 -112.37 21.42
N VAL MA 125 87.76 -112.80 21.63
CA VAL MA 125 86.76 -113.04 20.59
C VAL MA 125 86.05 -111.77 20.15
N ALA MA 126 85.90 -111.60 18.86
CA ALA MA 126 85.17 -110.46 18.33
C ALA MA 126 83.66 -110.68 18.50
N ILE MA 127 83.00 -109.84 19.32
CA ILE MA 127 81.57 -109.95 19.62
C ILE MA 127 80.72 -108.82 19.05
N GLU MA 128 79.72 -109.18 18.25
CA GLU MA 128 78.79 -108.20 17.69
C GLU MA 128 77.47 -108.21 18.47
N SER MA 129 76.76 -107.08 18.44
CA SER MA 129 75.47 -106.99 19.15
C SER MA 129 74.38 -106.19 18.44
N MET MA 130 73.14 -106.51 18.81
CA MET MA 130 71.94 -105.88 18.27
C MET MA 130 70.91 -105.47 19.34
N GLU MA 131 70.27 -104.31 19.12
CA GLU MA 131 69.20 -103.82 19.99
C GLU MA 131 67.85 -103.77 19.26
N LEU MA 132 66.85 -104.45 19.85
CA LEU MA 132 65.52 -104.56 19.27
C LEU MA 132 64.36 -103.84 19.96
N ALA MA 133 63.53 -103.19 19.14
CA ALA MA 133 62.29 -102.56 19.55
C ALA MA 133 61.18 -103.59 19.43
N HIS MA 134 60.13 -103.50 20.23
CA HIS MA 134 59.02 -104.44 20.09
C HIS MA 134 57.75 -103.84 20.66
N GLU MA 135 56.63 -104.54 20.48
CA GLU MA 135 55.32 -104.07 20.95
C GLU MA 135 54.63 -104.92 22.02
N GLY MA 136 55.35 -105.75 22.77
CA GLY MA 136 54.67 -106.53 23.78
C GLY MA 136 55.32 -107.85 24.13
N LEU MA 137 55.20 -108.20 25.42
CA LEU MA 137 55.78 -109.40 26.01
C LEU MA 137 54.81 -110.19 26.90
N VAL MA 138 54.75 -111.49 26.64
CA VAL MA 138 53.97 -112.46 27.41
C VAL MA 138 54.88 -113.54 28.00
N ILE MA 139 54.71 -113.84 29.29
CA ILE MA 139 55.56 -114.85 29.93
C ILE MA 139 54.81 -116.13 30.26
N GLN MA 140 55.30 -117.25 29.75
CA GLN MA 140 54.69 -118.56 29.97
C GLN MA 140 55.56 -119.52 30.80
N ASN MA 141 55.00 -120.01 31.89
CA ASN MA 141 55.70 -120.96 32.77
C ASN MA 141 54.67 -121.90 33.39
N GLU MA 142 54.50 -123.06 32.80
CA GLU MA 142 53.47 -123.99 33.21
C GLU MA 142 54.05 -125.20 33.92
N SER NA 2 70.36 -108.65 75.76
CA SER NA 2 71.55 -107.81 75.79
C SER NA 2 72.20 -107.80 74.43
N TYR NA 3 71.60 -108.54 73.52
CA TYR NA 3 72.11 -108.65 72.18
C TYR NA 3 71.07 -108.18 71.17
N PRO NA 4 71.50 -107.58 70.05
CA PRO NA 4 70.69 -107.15 68.94
C PRO NA 4 70.20 -108.32 68.10
N LEU NA 5 69.17 -108.07 67.30
CA LEU NA 5 68.64 -109.04 66.36
C LEU NA 5 69.48 -109.15 65.09
N SER NA 6 69.52 -110.35 64.49
CA SER NA 6 70.18 -110.59 63.21
C SER NA 6 69.23 -110.26 62.07
N LYS NA 7 69.71 -110.31 60.82
CA LYS NA 7 68.86 -109.90 59.66
C LYS NA 7 68.59 -111.02 58.63
N PHE NA 8 68.82 -112.29 58.93
CA PHE NA 8 68.59 -113.31 57.89
C PHE NA 8 67.40 -114.26 58.03
N HIS NA 9 66.67 -114.25 59.14
CA HIS NA 9 65.53 -115.16 59.29
C HIS NA 9 64.22 -114.37 59.29
N PHE NA 10 63.46 -114.48 58.20
CA PHE NA 10 62.24 -113.68 58.00
C PHE NA 10 61.25 -114.36 57.06
N SER NA 11 60.02 -113.84 57.02
CA SER NA 11 59.01 -114.32 56.07
C SER NA 11 58.10 -113.22 55.51
N VAL NA 12 57.55 -113.45 54.31
CA VAL NA 12 56.65 -112.47 53.69
C VAL NA 12 55.31 -113.04 53.24
N GLU NA 13 54.22 -112.49 53.75
CA GLU NA 13 52.87 -112.92 53.33
C GLU NA 13 52.26 -111.93 52.35
N TRP NA 14 52.15 -112.37 51.10
CA TRP NA 14 51.71 -111.51 50.02
C TRP NA 14 50.56 -112.07 49.18
N GLY NA 15 49.87 -113.12 49.65
CA GLY NA 15 48.77 -113.70 48.89
C GLY NA 15 49.18 -114.72 47.82
N GLY NA 16 50.45 -115.11 47.78
CA GLY NA 16 50.92 -116.07 46.79
C GLY NA 16 51.02 -117.44 47.42
N THR NA 17 51.71 -118.38 46.78
CA THR NA 17 51.80 -119.72 47.34
C THR NA 17 53.03 -119.99 48.23
N LYS NA 18 54.06 -119.14 48.16
CA LYS NA 18 55.28 -119.31 48.94
C LYS NA 18 55.61 -118.05 49.72
N ILE NA 19 56.26 -118.22 50.87
CA ILE NA 19 56.64 -117.07 51.71
C ILE NA 19 58.14 -116.83 51.83
N GLY NA 20 58.95 -117.60 51.09
CA GLY NA 20 60.39 -117.44 51.13
C GLY NA 20 60.92 -116.50 50.05
N PHE NA 21 61.76 -115.58 50.48
CA PHE NA 21 62.38 -114.58 49.62
C PHE NA 21 63.86 -114.47 49.86
N THR NA 22 64.58 -114.04 48.85
CA THR NA 22 66.01 -113.81 48.93
C THR NA 22 66.32 -112.43 49.50
N GLU NA 23 65.56 -111.42 49.07
CA GLU NA 23 65.82 -110.06 49.50
C GLU NA 23 64.57 -109.19 49.60
N VAL NA 24 64.52 -108.37 50.66
CA VAL NA 24 63.45 -107.40 50.89
C VAL NA 24 64.05 -106.01 51.20
N SER NA 25 63.60 -104.96 50.50
CA SER NA 25 64.09 -103.60 50.79
C SER NA 25 63.08 -102.46 50.54
N GLY NA 26 63.33 -101.29 51.17
CA GLY NA 26 62.49 -100.09 50.95
C GLY NA 26 61.47 -99.75 52.06
N LEU NA 27 61.58 -100.34 53.23
CA LEU NA 27 60.63 -100.08 54.33
C LEU NA 27 60.91 -98.75 55.06
N ASP NA 28 60.74 -97.64 54.34
CA ASP NA 28 61.00 -96.26 54.80
C ASP NA 28 59.76 -95.39 55.03
N LEU NA 29 59.92 -94.36 55.87
CA LEU NA 29 58.90 -93.33 56.19
C LEU NA 29 59.53 -91.94 56.01
N GLU NA 30 58.83 -90.98 55.37
CA GLU NA 30 59.43 -89.64 55.19
C GLU NA 30 58.43 -88.45 55.28
N THR NA 31 58.84 -87.36 55.93
CA THR NA 31 58.01 -86.14 56.07
C THR NA 31 58.73 -84.90 55.54
N GLU NA 32 57.98 -84.04 54.82
CA GLU NA 32 58.49 -82.75 54.29
C GLU NA 32 58.58 -81.65 55.34
N ILE NA 33 59.41 -80.65 55.08
CA ILE NA 33 59.59 -79.55 56.03
C ILE NA 33 59.23 -78.18 55.47
N ILE NA 34 58.43 -77.43 56.24
CA ILE NA 34 58.02 -76.10 55.89
C ILE NA 34 58.83 -75.08 56.72
N GLU NA 35 59.51 -74.16 56.04
CA GLU NA 35 60.37 -73.17 56.71
C GLU NA 35 59.81 -71.75 56.72
N TYR NA 36 60.12 -70.97 57.77
CA TYR NA 36 59.65 -69.57 57.87
C TYR NA 36 60.54 -68.58 58.66
N ARG NA 37 60.64 -67.33 58.18
CA ARG NA 37 61.30 -66.26 58.95
C ARG NA 37 60.69 -64.88 58.72
N HIS NA 38 60.33 -64.18 59.79
CA HIS NA 38 59.80 -62.81 59.66
C HIS NA 38 60.96 -61.82 59.85
N GLY NA 39 60.98 -60.77 59.02
CA GLY NA 39 62.06 -59.80 58.93
C GLY NA 39 62.56 -59.20 60.24
N ALA NA 40 61.71 -59.07 61.25
CA ALA NA 40 62.14 -58.49 62.52
C ALA NA 40 62.82 -59.47 63.49
N SER NA 41 62.92 -60.75 63.16
CA SER NA 41 63.52 -61.68 64.09
C SER NA 41 65.02 -61.41 64.38
N PRO NA 42 65.48 -61.46 65.66
CA PRO NA 42 66.87 -61.39 66.09
C PRO NA 42 67.76 -62.52 65.57
N GLU NA 43 67.15 -63.63 65.14
CA GLU NA 43 67.94 -64.73 64.61
C GLU NA 43 67.90 -64.67 63.12
N TYR NA 44 68.98 -65.08 62.49
CA TYR NA 44 69.11 -65.00 61.05
C TYR NA 44 69.01 -66.36 60.37
N SER NA 45 68.15 -67.19 60.92
CA SER NA 45 67.87 -68.52 60.43
C SER NA 45 66.36 -68.77 60.52
N LYS NA 46 65.89 -69.86 59.94
CA LYS NA 46 64.45 -70.14 59.89
C LYS NA 46 63.90 -71.12 60.93
N ILE NA 47 62.60 -71.02 61.19
CA ILE NA 47 61.90 -71.95 62.07
C ILE NA 47 61.26 -73.04 61.22
N LYS NA 48 61.27 -74.28 61.72
CA LYS NA 48 60.78 -75.40 60.93
C LYS NA 48 59.57 -76.15 61.50
N MET NA 49 58.66 -76.59 60.62
CA MET NA 49 57.54 -77.43 61.03
C MET NA 49 57.21 -78.53 59.98
N PRO NA 50 56.62 -79.68 60.37
CA PRO NA 50 56.17 -80.75 59.49
C PRO NA 50 55.15 -80.39 58.42
N GLY NA 51 55.38 -80.95 57.24
CA GLY NA 51 54.58 -80.88 56.03
C GLY NA 51 53.86 -82.21 55.75
N MET NA 52 53.63 -82.48 54.46
CA MET NA 52 52.96 -83.68 53.97
C MET NA 52 53.89 -84.90 54.02
N GLN NA 53 53.31 -86.11 54.02
CA GLN NA 53 54.09 -87.35 54.12
C GLN NA 53 54.20 -88.18 52.83
N LYS NA 54 55.30 -88.94 52.75
CA LYS NA 54 55.63 -89.88 51.66
C LYS NA 54 56.00 -91.29 52.11
N PHE NA 55 55.85 -92.23 51.17
CA PHE NA 55 56.30 -93.60 51.36
C PHE NA 55 57.15 -94.05 50.18
N SER NA 56 58.11 -94.94 50.43
CA SER NA 56 58.94 -95.52 49.36
C SER NA 56 58.33 -96.80 48.79
N ASN NA 57 58.73 -97.16 47.57
CA ASN NA 57 58.30 -98.43 46.98
C ASN NA 57 59.06 -99.58 47.61
N ILE NA 58 58.46 -100.76 47.63
CA ILE NA 58 59.07 -101.96 48.21
C ILE NA 58 59.55 -102.95 47.16
N THR NA 59 60.80 -103.40 47.29
CA THR NA 59 61.34 -104.37 46.34
C THR NA 59 61.51 -105.77 46.94
N LEU NA 60 61.01 -106.77 46.22
CA LEU NA 60 61.11 -108.17 46.62
C LEU NA 60 61.85 -109.02 45.57
N LYS NA 61 62.80 -109.86 46.01
CA LYS NA 61 63.61 -110.70 45.09
C LYS NA 61 63.49 -112.18 45.47
N ARG NA 62 63.35 -113.06 44.46
CA ARG NA 62 63.23 -114.52 44.70
C ARG NA 62 63.86 -115.30 43.53
N GLY NA 63 64.19 -116.57 43.73
CA GLY NA 63 64.73 -117.42 42.66
C GLY NA 63 63.61 -117.96 41.79
N THR NA 64 63.82 -118.11 40.49
CA THR NA 64 62.85 -118.74 39.58
C THR NA 64 62.74 -120.26 39.71
N PHE NA 65 61.51 -120.75 39.85
CA PHE NA 65 61.19 -122.16 39.96
C PHE NA 65 60.25 -122.65 38.88
N LYS NA 66 60.40 -123.93 38.56
CA LYS NA 66 59.55 -124.61 37.60
C LYS NA 66 58.09 -124.55 38.02
N SER NA 67 57.25 -124.18 37.06
CA SER NA 67 55.78 -124.05 37.17
C SER NA 67 55.29 -123.01 38.19
N ASP NA 68 56.12 -122.02 38.53
CA ASP NA 68 55.70 -120.95 39.41
C ASP NA 68 55.70 -119.62 38.70
N ASN NA 69 54.51 -119.11 38.38
CA ASN NA 69 54.40 -117.88 37.61
C ASN NA 69 53.58 -116.86 38.39
N GLU NA 70 53.74 -116.86 39.70
CA GLU NA 70 52.98 -115.99 40.59
C GLU NA 70 53.14 -114.50 40.36
N TYR NA 71 54.34 -114.08 40.01
CA TYR NA 71 54.60 -112.64 39.79
C TYR NA 71 53.88 -112.09 38.58
N PHE NA 72 53.95 -112.83 37.49
CA PHE NA 72 53.31 -112.44 36.24
C PHE NA 72 51.82 -112.39 36.41
N GLN NA 73 51.26 -113.43 37.04
CA GLN NA 73 49.82 -113.51 37.19
C GLN NA 73 49.25 -112.34 37.99
N TRP NA 74 49.92 -111.89 39.06
CA TRP NA 74 49.43 -110.74 39.81
C TRP NA 74 49.49 -109.48 38.93
N TYR NA 75 50.63 -109.27 38.26
CA TYR NA 75 50.84 -108.11 37.39
C TYR NA 75 49.76 -108.04 36.32
N ASN NA 76 49.41 -109.18 35.77
CA ASN NA 76 48.46 -109.32 34.70
C ASN NA 76 46.99 -109.08 35.16
N THR NA 77 46.75 -108.71 36.43
CA THR NA 77 45.40 -108.37 36.87
C THR NA 77 45.11 -106.89 36.61
N ILE NA 78 46.09 -106.14 36.10
CA ILE NA 78 45.88 -104.74 35.80
C ILE NA 78 45.02 -104.58 34.56
N ASN NA 79 43.96 -103.80 34.67
CA ASN NA 79 43.02 -103.56 33.59
C ASN NA 79 42.58 -102.10 33.59
N LEU NA 80 43.28 -101.29 32.80
CA LEU NA 80 43.14 -99.84 32.73
C LEU NA 80 43.42 -99.20 34.10
N ASN NA 81 42.39 -98.94 34.91
CA ASN NA 81 42.63 -98.34 36.22
C ASN NA 81 42.31 -99.30 37.37
N LYS NA 82 42.06 -100.56 37.05
CA LYS NA 82 41.75 -101.56 38.06
C LYS NA 82 42.93 -102.48 38.27
N VAL NA 83 43.11 -102.96 39.50
CA VAL NA 83 44.15 -103.91 39.84
C VAL NA 83 43.78 -104.62 41.13
N GLU NA 84 44.21 -105.85 41.32
CA GLU NA 84 43.98 -106.50 42.60
C GLU NA 84 44.93 -105.93 43.65
N ARG NA 85 44.38 -105.34 44.71
CA ARG NA 85 45.22 -104.78 45.76
C ARG NA 85 45.31 -105.74 46.93
N ARG NA 86 46.47 -105.84 47.55
CA ARG NA 86 46.66 -106.77 48.66
C ARG NA 86 47.29 -106.19 49.93
N ASP NA 87 47.01 -106.84 51.04
CA ASP NA 87 47.65 -106.52 52.31
C ASP NA 87 48.93 -107.31 52.42
N LEU NA 88 50.04 -106.61 52.59
CA LEU NA 88 51.37 -107.20 52.66
C LEU NA 88 51.92 -107.23 54.08
N THR NA 89 52.25 -108.43 54.58
CA THR NA 89 52.79 -108.50 55.94
C THR NA 89 54.20 -109.09 55.97
N ILE NA 90 55.14 -108.30 56.49
CA ILE NA 90 56.54 -108.68 56.53
C ILE NA 90 57.00 -108.88 57.97
N SER NA 91 57.59 -110.03 58.24
CA SER NA 91 57.97 -110.33 59.63
C SER NA 91 59.34 -110.95 59.89
N LEU NA 92 60.03 -110.38 60.89
CA LEU NA 92 61.32 -110.83 61.40
C LEU NA 92 61.06 -111.88 62.47
N LEU NA 93 61.70 -113.05 62.34
CA LEU NA 93 61.43 -114.20 63.21
C LEU NA 93 62.45 -114.56 64.29
N ASN NA 94 61.96 -115.19 65.38
CA ASN NA 94 62.80 -115.72 66.46
C ASN NA 94 63.16 -117.19 66.24
N GLU NA 95 63.84 -117.80 67.22
CA GLU NA 95 64.28 -119.20 67.14
C GLU NA 95 63.15 -120.25 67.13
N GLU NA 96 61.92 -119.84 67.45
CA GLU NA 96 60.75 -120.73 67.45
C GLU NA 96 59.97 -120.52 66.15
N HIS NA 97 60.53 -119.69 65.28
CA HIS NA 97 60.00 -119.26 64.01
C HIS NA 97 58.72 -118.42 64.18
N GLU NA 98 58.66 -117.63 65.26
CA GLU NA 98 57.54 -116.76 65.56
C GLU NA 98 57.95 -115.31 65.29
N PRO NA 99 57.03 -114.40 64.93
CA PRO NA 99 57.26 -112.98 64.75
C PRO NA 99 57.82 -112.25 65.96
N VAL NA 100 58.72 -111.32 65.69
CA VAL NA 100 59.33 -110.43 66.66
C VAL NA 100 59.02 -109.00 66.23
N VAL NA 101 59.35 -108.67 64.97
CA VAL NA 101 59.12 -107.33 64.44
C VAL NA 101 58.28 -107.43 63.18
N THR NA 102 57.15 -106.71 63.16
CA THR NA 102 56.29 -106.77 61.98
C THR NA 102 56.05 -105.43 61.30
N TRP NA 103 56.15 -105.46 59.97
CA TRP NA 103 55.87 -104.32 59.12
C TRP NA 103 54.56 -104.56 58.38
N LYS NA 104 53.58 -103.72 58.64
CA LYS NA 104 52.26 -103.87 58.03
C LYS NA 104 52.02 -102.88 56.90
N VAL NA 105 51.78 -103.38 55.69
CA VAL NA 105 51.61 -102.54 54.50
C VAL NA 105 50.22 -102.63 53.86
N LYS NA 106 49.62 -101.45 53.71
CA LYS NA 106 48.27 -101.25 53.15
C LYS NA 106 48.19 -101.06 51.62
N ASN NA 107 47.25 -101.73 50.96
CA ASN NA 107 46.95 -101.55 49.53
C ASN NA 107 48.05 -101.70 48.46
N ALA NA 108 48.94 -102.67 48.59
CA ALA NA 108 50.00 -102.82 47.62
C ALA NA 108 49.60 -103.42 46.26
N TRP NA 109 50.26 -102.99 45.19
CA TRP NA 109 50.06 -103.55 43.86
C TRP NA 109 51.39 -103.49 43.11
N PRO NA 110 51.59 -104.32 42.09
CA PRO NA 110 52.89 -104.23 41.42
C PRO NA 110 53.07 -103.22 40.27
N LEU NA 111 54.06 -102.36 40.44
CA LEU NA 111 54.54 -101.33 39.53
C LEU NA 111 55.35 -101.91 38.35
N LYS NA 112 56.24 -102.84 38.64
CA LYS NA 112 57.09 -103.48 37.59
C LYS NA 112 57.51 -104.88 38.02
N VAL NA 113 57.69 -105.73 37.02
CA VAL NA 113 58.21 -107.09 37.14
C VAL NA 113 59.44 -107.21 36.25
N GLN NA 114 60.58 -107.56 36.85
CA GLN NA 114 61.86 -107.71 36.09
C GLN NA 114 62.36 -109.15 36.04
N SER NA 115 62.59 -109.61 34.82
CA SER NA 115 63.14 -110.94 34.55
C SER NA 115 64.66 -110.94 34.56
N THR NA 116 65.22 -112.13 34.55
CA THR NA 116 66.66 -112.33 34.53
C THR NA 116 67.33 -112.15 33.19
N ASP NA 117 68.66 -112.00 33.24
CA ASP NA 117 69.51 -111.89 32.05
C ASP NA 117 70.20 -113.26 31.86
N LEU NA 118 70.46 -113.65 30.63
CA LEU NA 118 71.01 -114.95 30.30
C LEU NA 118 72.45 -114.82 29.83
N LYS NA 119 73.33 -115.70 30.31
CA LYS NA 119 74.73 -115.67 29.91
C LYS NA 119 75.29 -117.06 29.66
N GLY NA 120 76.10 -117.20 28.61
CA GLY NA 120 76.74 -118.48 28.24
C GLY NA 120 77.64 -119.05 29.33
N ASP NA 121 78.28 -118.18 30.09
CA ASP NA 121 79.15 -118.54 31.19
C ASP NA 121 78.56 -118.10 32.54
N GLY NA 122 77.25 -117.92 32.58
CA GLY NA 122 76.54 -117.47 33.75
C GLY NA 122 76.30 -118.56 34.78
N ASN NA 123 77.34 -118.95 35.48
CA ASN NA 123 77.24 -120.02 36.47
C ASN NA 123 76.60 -119.54 37.78
N GLU NA 124 75.29 -119.23 37.72
CA GLU NA 124 74.56 -118.71 38.88
C GLU NA 124 73.04 -119.03 38.80
N VAL NA 125 72.31 -118.64 39.84
CA VAL NA 125 70.85 -118.80 39.96
C VAL NA 125 70.11 -117.68 39.26
N ALA NA 126 69.08 -118.04 38.51
CA ALA NA 126 68.23 -117.06 37.87
C ALA NA 126 67.29 -116.41 38.89
N ILE NA 127 67.45 -115.10 39.12
CA ILE NA 127 66.65 -114.35 40.11
C ILE NA 127 65.71 -113.33 39.50
N GLU NA 128 64.42 -113.45 39.82
CA GLU NA 128 63.41 -112.51 39.36
C GLU NA 128 63.05 -111.53 40.48
N SER NA 129 62.57 -110.33 40.10
CA SER NA 129 62.19 -109.34 41.10
C SER NA 129 60.95 -108.50 40.76
N MET NA 130 60.33 -107.98 41.82
CA MET NA 130 59.14 -107.14 41.73
C MET NA 130 59.19 -105.87 42.58
N GLU NA 131 58.64 -104.78 42.04
CA GLU NA 131 58.53 -103.50 42.76
C GLU NA 131 57.06 -103.13 43.04
N LEU NA 132 56.76 -102.89 44.32
CA LEU NA 132 55.41 -102.57 44.76
C LEU NA 132 55.13 -101.15 45.28
N ALA NA 133 54.00 -100.62 44.84
CA ALA NA 133 53.44 -99.36 45.30
C ALA NA 133 52.54 -99.65 46.48
N HIS NA 134 52.38 -98.72 47.42
CA HIS NA 134 51.46 -98.94 48.54
C HIS NA 134 51.00 -97.62 49.11
N GLU NA 135 50.06 -97.68 50.06
CA GLU NA 135 49.51 -96.48 50.69
C GLU NA 135 49.75 -96.32 52.19
N GLY NA 136 50.76 -96.96 52.76
CA GLY NA 136 50.99 -96.77 54.19
C GLY NA 136 51.64 -97.93 54.91
N LEU NA 137 52.45 -97.58 55.90
CA LEU NA 137 53.23 -98.51 56.70
C LEU NA 137 53.17 -98.26 58.20
N VAL NA 138 52.88 -99.31 58.95
CA VAL NA 138 52.84 -99.32 60.42
C VAL NA 138 53.85 -100.33 60.97
N ILE NA 139 54.65 -99.91 61.96
CA ILE NA 139 55.66 -100.81 62.52
C ILE NA 139 55.33 -101.26 63.94
N GLN NA 140 55.27 -102.58 64.14
CA GLN NA 140 54.94 -103.16 65.43
C GLN NA 140 56.10 -103.95 66.06
N ASN NA 141 56.47 -103.58 67.28
CA ASN NA 141 57.55 -104.24 68.01
C ASN NA 141 57.23 -104.18 69.50
N GLU NA 142 56.65 -105.24 70.03
CA GLU NA 142 56.18 -105.25 71.40
C GLU NA 142 57.05 -106.14 72.28
N SER OA 2 98.99 -83.38 75.81
CA SER OA 2 99.87 -83.30 74.65
C SER OA 2 99.37 -84.20 73.57
N TYR OA 3 98.26 -84.86 73.87
CA TYR OA 3 97.66 -85.79 72.94
C TYR OA 3 96.23 -85.38 72.62
N PRO OA 4 95.76 -85.62 71.39
CA PRO OA 4 94.41 -85.37 70.93
C PRO OA 4 93.41 -86.39 71.48
N LEU OA 5 92.14 -86.04 71.42
CA LEU OA 5 91.05 -86.93 71.84
C LEU OA 5 90.73 -87.97 70.76
N SER OA 6 90.30 -89.15 71.19
CA SER OA 6 89.82 -90.23 70.32
C SER OA 6 88.35 -90.00 69.97
N LYS OA 7 87.80 -90.82 69.07
CA LYS OA 7 86.39 -90.60 68.61
C LYS OA 7 85.42 -91.76 68.91
N PHE OA 8 85.75 -92.71 69.79
CA PHE OA 8 84.80 -93.83 70.01
C PHE OA 8 84.04 -93.90 71.34
N HIS OA 9 84.32 -93.04 72.31
CA HIS OA 9 83.60 -93.11 73.58
C HIS OA 9 82.71 -91.87 73.75
N PHE OA 10 81.40 -92.05 73.63
CA PHE OA 10 80.43 -90.95 73.64
C PHE OA 10 79.04 -91.38 74.07
N SER OA 11 78.17 -90.41 74.36
CA SER OA 11 76.77 -90.70 74.68
C SER OA 11 75.78 -89.66 74.13
N VAL OA 12 74.53 -90.09 73.91
CA VAL OA 12 73.50 -89.18 73.40
C VAL OA 12 72.21 -89.16 74.24
N GLU OA 13 71.83 -87.98 74.71
CA GLU OA 13 70.59 -87.82 75.47
C GLU OA 13 69.49 -87.21 74.61
N TRP OA 14 68.51 -88.05 74.26
CA TRP OA 14 67.46 -87.64 73.35
C TRP OA 14 66.03 -87.86 73.86
N GLY OA 15 65.85 -88.11 75.17
CA GLY OA 15 64.51 -88.35 75.70
C GLY OA 15 64.00 -89.79 75.56
N GLY OA 16 64.84 -90.73 75.14
CA GLY OA 16 64.42 -92.11 74.98
C GLY OA 16 64.88 -92.92 76.18
N THR OA 17 64.87 -94.24 76.07
CA THR OA 17 65.29 -95.06 77.22
C THR OA 17 66.77 -95.48 77.23
N LYS OA 18 67.47 -95.38 76.10
CA LYS OA 18 68.88 -95.76 76.00
C LYS OA 18 69.70 -94.62 75.43
N ILE OA 19 70.98 -94.55 75.82
CA ILE OA 19 71.89 -93.51 75.34
C ILE OA 19 73.04 -94.01 74.45
N GLY OA 20 73.04 -95.31 74.14
CA GLY OA 20 74.08 -95.89 73.31
C GLY OA 20 73.72 -95.90 71.83
N PHE OA 21 74.64 -95.42 71.01
CA PHE OA 21 74.51 -95.35 69.56
C PHE OA 21 75.72 -95.89 68.85
N THR OA 22 75.52 -96.35 67.64
CA THR OA 22 76.57 -96.84 66.78
C THR OA 22 77.26 -95.71 66.04
N GLU OA 23 76.46 -94.76 65.54
CA GLU OA 23 77.00 -93.67 64.74
C GLU OA 23 76.24 -92.36 64.89
N VAL OA 24 76.99 -91.25 64.95
CA VAL OA 24 76.44 -89.89 65.00
C VAL OA 24 77.13 -89.00 63.95
N SER OA 25 76.36 -88.29 63.11
CA SER OA 25 76.97 -87.38 62.12
C SER OA 25 76.12 -86.15 61.77
N GLY OA 26 76.79 -85.11 61.22
CA GLY OA 26 76.10 -83.88 60.76
C GLY OA 26 76.19 -82.64 61.68
N LEU OA 27 77.09 -82.63 62.65
CA LEU OA 27 77.22 -81.49 63.56
C LEU OA 27 77.99 -80.30 62.95
N ASP OA 28 77.40 -79.69 61.92
CA ASP OA 28 77.96 -78.58 61.13
C ASP OA 28 77.30 -77.21 61.34
N LEU OA 29 78.06 -76.14 61.04
CA LEU OA 29 77.60 -74.74 61.07
C LEU OA 29 77.97 -74.07 59.74
N GLU OA 30 77.07 -73.28 59.12
CA GLU OA 30 77.41 -72.63 57.84
C GLU OA 30 76.82 -71.22 57.64
N THR OA 31 77.61 -70.31 57.06
CA THR OA 31 77.18 -68.92 56.77
C THR OA 31 77.35 -68.55 55.28
N GLU OA 32 76.35 -67.86 54.73
CA GLU OA 32 76.38 -67.37 53.34
C GLU OA 32 77.24 -66.12 53.15
N ILE OA 33 77.67 -65.89 51.91
CA ILE OA 33 78.52 -64.74 51.61
C ILE OA 33 77.91 -63.76 50.60
N ILE OA 34 77.93 -62.48 50.95
CA ILE OA 34 77.45 -61.41 50.09
C ILE OA 34 78.64 -60.68 49.47
N GLU OA 35 78.68 -60.61 48.13
CA GLU OA 35 79.81 -60.01 47.40
C GLU OA 35 79.46 -58.65 46.77
N TYR OA 36 80.46 -57.75 46.68
CA TYR OA 36 80.26 -56.42 46.06
C TYR OA 36 81.49 -55.77 45.38
N ARG OA 37 81.27 -55.08 44.25
CA ARG OA 37 82.33 -54.26 43.62
C ARG OA 37 81.79 -53.01 42.91
N HIS OA 38 82.31 -51.84 43.23
CA HIS OA 38 81.92 -50.61 42.54
C HIS OA 38 82.89 -50.35 41.38
N GLY OA 39 82.36 -49.93 40.24
CA GLY OA 39 83.09 -49.75 38.98
C GLY OA 39 84.41 -48.98 39.05
N ALA OA 40 84.54 -48.03 39.97
CA ALA OA 40 85.76 -47.24 40.05
C ALA OA 40 86.89 -47.88 40.86
N SER OA 41 86.68 -49.05 41.46
CA SER OA 41 87.73 -49.64 42.27
C SER OA 41 88.98 -50.04 41.47
N PRO OA 42 90.22 -49.75 41.97
CA PRO OA 42 91.51 -50.19 41.43
C PRO OA 42 91.71 -51.70 41.42
N GLU OA 43 90.94 -52.43 42.24
CA GLU OA 43 91.07 -53.88 42.26
C GLU OA 43 89.97 -54.47 41.41
N TYR OA 44 90.26 -55.57 40.77
CA TYR OA 44 89.32 -56.20 39.86
C TYR OA 44 88.72 -57.48 40.43
N SER OA 45 88.47 -57.45 41.72
CA SER OA 45 87.87 -58.54 42.48
C SER OA 45 86.88 -57.94 43.47
N LYS OA 46 86.09 -58.78 44.12
CA LYS OA 46 85.03 -58.32 45.02
C LYS OA 46 85.36 -58.34 46.52
N ILE OA 47 84.64 -57.52 47.29
CA ILE OA 47 84.74 -57.48 48.74
C ILE OA 47 83.64 -58.37 49.32
N LYS OA 48 83.96 -59.09 50.39
CA LYS OA 48 83.01 -60.05 50.95
C LYS OA 48 82.55 -59.77 52.39
N MET OA 49 81.26 -60.04 52.67
CA MET OA 49 80.74 -59.94 54.03
C MET OA 49 79.72 -61.07 54.34
N PRO OA 50 79.54 -61.47 55.62
CA PRO OA 50 78.56 -62.46 56.08
C PRO OA 50 77.09 -62.15 55.79
N GLY OA 51 76.38 -63.20 55.39
CA GLY OA 51 74.96 -63.29 55.10
C GLY OA 51 74.21 -64.06 56.19
N MET OA 52 73.11 -64.71 55.78
CA MET OA 52 72.25 -65.51 56.65
C MET OA 52 72.89 -66.87 56.99
N GLN OA 53 72.44 -67.49 58.08
CA GLN OA 53 73.01 -68.77 58.54
C GLN OA 53 72.13 -70.01 58.33
N LYS OA 54 72.80 -71.16 58.21
CA LYS OA 54 72.22 -72.50 58.04
C LYS OA 54 72.74 -73.55 59.03
N PHE OA 55 71.94 -74.60 59.19
CA PHE OA 55 72.33 -75.77 59.97
C PHE OA 55 72.06 -77.05 59.17
N SER OA 56 72.87 -78.08 59.39
CA SER OA 56 72.67 -79.38 58.75
C SER OA 56 71.78 -80.31 59.59
N ASN OA 57 71.17 -81.31 58.95
CA ASN OA 57 70.40 -82.31 59.69
C ASN OA 57 71.34 -83.29 60.38
N ILE OA 58 70.89 -83.86 61.49
CA ILE OA 58 71.68 -84.81 62.27
C ILE OA 58 71.22 -86.26 62.09
N THR OA 59 72.16 -87.15 61.81
CA THR OA 59 71.84 -88.56 61.63
C THR OA 59 72.33 -89.44 62.79
N LEU OA 60 71.43 -90.27 63.31
CA LEU OA 60 71.73 -91.20 64.39
C LEU OA 60 71.46 -92.66 63.99
N LYS OA 61 72.41 -93.56 64.28
CA LYS OA 61 72.29 -95.00 63.90
C LYS OA 61 72.41 -95.90 65.14
N ARG OA 62 71.56 -96.93 65.24
CA ARG OA 62 71.58 -97.87 66.39
C ARG OA 62 71.16 -99.27 65.92
N GLY OA 63 71.48 -100.30 66.70
CA GLY OA 63 71.06 -101.69 66.39
C GLY OA 63 69.62 -101.92 66.85
N THR OA 64 68.84 -102.71 66.13
CA THR OA 64 67.49 -103.11 66.55
C THR OA 64 67.45 -104.14 67.67
N PHE OA 65 66.68 -103.85 68.71
CA PHE OA 65 66.47 -104.71 69.86
C PHE OA 65 65.02 -105.10 70.09
N LYS OA 66 64.85 -106.28 70.66
CA LYS OA 66 63.54 -106.79 71.03
C LYS OA 66 62.82 -105.85 71.98
N SER OA 67 61.56 -105.57 71.66
CA SER OA 67 60.63 -104.70 72.40
C SER OA 67 61.05 -103.24 72.53
N ASP OA 68 61.90 -102.75 71.65
CA ASP OA 68 62.30 -101.34 71.64
C ASP OA 68 61.84 -100.65 70.38
N ASN OA 69 60.80 -99.83 70.49
CA ASN OA 69 60.22 -99.18 69.32
C ASN OA 69 60.25 -97.66 69.51
N GLU OA 70 61.29 -97.17 70.15
CA GLU OA 70 61.43 -95.76 70.46
C GLU OA 70 61.43 -94.82 69.28
N TYR OA 71 62.05 -95.23 68.18
CA TYR OA 71 62.12 -94.37 66.98
C TYR OA 71 60.78 -94.13 66.33
N PHE OA 72 60.01 -95.20 66.19
CA PHE OA 72 58.70 -95.14 65.59
C PHE OA 72 57.78 -94.29 66.43
N GLN OA 73 57.79 -94.53 67.75
CA GLN OA 73 56.89 -93.82 68.63
C GLN OA 73 57.11 -92.31 68.61
N TRP OA 74 58.37 -91.84 68.54
CA TRP OA 74 58.60 -90.39 68.45
C TRP OA 74 58.06 -89.86 67.11
N TYR OA 75 58.39 -90.55 66.01
CA TYR OA 75 57.96 -90.16 64.67
C TYR OA 75 56.44 -90.04 64.61
N ASN OA 76 55.76 -90.98 65.24
CA ASN OA 76 54.32 -91.08 65.24
C ASN OA 76 53.63 -89.99 66.10
N THR OA 77 54.39 -89.03 66.68
CA THR OA 77 53.78 -87.92 67.40
C THR OA 77 53.44 -86.77 66.45
N ILE OA 78 53.79 -86.92 65.17
CA ILE OA 78 53.50 -85.88 64.19
C ILE OA 78 52.01 -85.88 63.86
N ASN OA 79 51.38 -84.72 63.97
CA ASN OA 79 49.96 -84.56 63.71
C ASN OA 79 49.72 -83.23 62.98
N LEU OA 80 49.66 -83.32 61.66
CA LEU OA 80 49.57 -82.18 60.74
C LEU OA 80 50.77 -81.24 60.93
N ASN OA 81 50.65 -80.17 61.73
CA ASN OA 81 51.77 -79.27 61.94
C ASN OA 81 52.34 -79.35 63.35
N LYS OA 82 51.88 -80.31 64.14
CA LYS OA 82 52.35 -80.47 65.51
C LYS OA 82 53.29 -81.66 65.61
N VAL OA 83 54.27 -81.57 66.50
CA VAL OA 83 55.21 -82.64 66.76
C VAL OA 83 55.84 -82.43 68.13
N GLU OA 84 56.23 -83.50 68.81
CA GLU OA 84 56.95 -83.31 70.05
C GLU OA 84 58.39 -82.88 69.76
N ARG OA 85 58.79 -81.72 70.24
CA ARG OA 85 60.15 -81.23 70.01
C ARG OA 85 61.00 -81.50 71.23
N ARG OA 86 62.26 -81.87 71.03
CA ARG OA 86 63.14 -82.17 72.15
C ARG OA 86 64.51 -81.50 72.13
N ASP OA 87 65.09 -81.36 73.31
CA ASP OA 87 66.45 -80.88 73.46
C ASP OA 87 67.40 -82.06 73.38
N LEU OA 88 68.31 -82.00 72.42
CA LEU OA 88 69.27 -83.06 72.15
C LEU OA 88 70.67 -82.74 72.67
N THR OA 89 71.22 -83.59 73.54
CA THR OA 89 72.57 -83.32 74.06
C THR OA 89 73.55 -84.43 73.71
N ILE OA 90 74.60 -84.07 72.99
CA ILE OA 90 75.60 -85.04 72.54
C ILE OA 90 76.94 -84.78 73.22
N SER OA 91 77.51 -85.81 73.81
CA SER OA 91 78.74 -85.62 74.56
C SER OA 91 79.86 -86.64 74.38
N LEU OA 92 81.07 -86.11 74.22
CA LEU OA 92 82.34 -86.86 74.10
C LEU OA 92 82.87 -87.06 75.51
N LEU OA 93 83.18 -88.32 75.87
CA LEU OA 93 83.56 -88.67 77.25
C LEU OA 93 85.05 -88.97 77.54
N ASN OA 94 85.45 -88.72 78.79
CA ASN OA 94 86.79 -89.07 79.30
C ASN OA 94 86.82 -90.46 79.95
N GLU OA 95 87.97 -90.82 80.53
CA GLU OA 95 88.16 -92.13 81.17
C GLU OA 95 87.34 -92.37 82.45
N GLU OA 96 86.71 -91.33 82.99
CA GLU OA 96 85.86 -91.42 84.18
C GLU OA 96 84.40 -91.45 83.75
N HIS OA 97 84.20 -91.47 82.43
CA HIS OA 97 82.94 -91.44 81.74
C HIS OA 97 82.20 -90.11 81.96
N GLU OA 98 82.96 -89.01 82.06
CA GLU OA 98 82.43 -87.68 82.23
C GLU OA 98 82.58 -86.90 80.93
N PRO OA 99 81.71 -85.93 80.62
CA PRO OA 99 81.81 -85.04 79.46
C PRO OA 99 83.09 -84.23 79.36
N VAL OA 100 83.55 -84.08 78.13
CA VAL OA 100 84.72 -83.30 77.76
C VAL OA 100 84.25 -82.25 76.76
N VAL OA 101 83.59 -82.71 75.68
CA VAL OA 101 83.11 -81.81 74.63
C VAL OA 101 81.61 -82.03 74.45
N THR OA 102 80.84 -80.95 74.54
CA THR OA 102 79.39 -81.08 74.41
C THR OA 102 78.78 -80.26 73.28
N TRP OA 103 77.91 -80.90 72.52
CA TRP OA 103 77.15 -80.28 71.44
C TRP OA 103 75.69 -80.14 71.88
N LYS OA 104 75.23 -78.91 72.00
CA LYS OA 104 73.87 -78.64 72.45
C LYS OA 104 72.93 -78.28 71.30
N VAL OA 105 71.88 -79.07 71.10
CA VAL OA 105 70.95 -78.86 69.99
C VAL OA 105 69.51 -78.52 70.42
N LYS OA 106 69.03 -77.41 69.88
CA LYS OA 106 67.69 -76.84 70.15
C LYS OA 106 66.56 -77.33 69.23
N ASN OA 107 65.41 -77.66 69.80
CA ASN OA 107 64.18 -78.00 69.05
C ASN OA 107 64.18 -79.12 68.01
N ALA OA 108 64.85 -80.23 68.24
CA ALA OA 108 64.88 -81.29 67.25
C ALA OA 108 63.61 -82.14 67.10
N TRP OA 109 63.33 -82.61 65.90
CA TRP OA 109 62.21 -83.51 65.62
C TRP OA 109 62.62 -84.44 64.49
N PRO OA 110 61.99 -85.61 64.38
CA PRO OA 110 62.43 -86.48 63.27
C PRO OA 110 61.76 -86.30 61.90
N LEU OA 111 62.61 -86.06 60.90
CA LEU OA 111 62.33 -85.92 59.48
C LEU OA 111 62.04 -87.25 58.78
N LYS OA 112 62.83 -88.28 59.09
CA LYS OA 112 62.65 -89.62 58.49
C LYS OA 112 63.20 -90.70 59.42
N VAL OA 113 62.57 -91.87 59.34
CA VAL OA 113 62.96 -93.10 60.02
C VAL OA 113 63.18 -94.18 58.97
N GLN OA 114 64.39 -94.74 58.92
CA GLN OA 114 64.75 -95.81 57.94
C GLN OA 114 64.99 -97.16 58.60
N SER OA 115 64.27 -98.16 58.12
CA SER OA 115 64.40 -99.55 58.54
C SER OA 115 65.48 -100.28 57.76
N THR OA 116 65.81 -101.47 58.23
CA THR OA 116 66.80 -102.34 57.60
C THR OA 116 66.32 -103.12 56.41
N ASP OA 117 67.28 -103.62 55.64
CA ASP OA 117 67.04 -104.47 54.48
C ASP OA 117 67.33 -105.91 54.90
N LEU OA 118 66.61 -106.88 54.34
CA LEU OA 118 66.71 -108.28 54.73
C LEU OA 118 67.38 -109.10 53.64
N LYS OA 119 68.31 -109.98 54.02
CA LYS OA 119 69.00 -110.81 53.05
C LYS OA 119 69.16 -112.25 53.53
N GLY OA 120 68.96 -113.20 52.62
CA GLY OA 120 69.09 -114.64 52.92
C GLY OA 120 70.48 -115.04 53.42
N ASP OA 121 71.51 -114.37 52.93
CA ASP OA 121 72.89 -114.59 53.31
C ASP OA 121 73.46 -113.38 54.07
N GLY OA 122 72.57 -112.58 54.66
CA GLY OA 122 72.94 -111.38 55.39
C GLY OA 122 73.46 -111.64 56.78
N ASN OA 123 74.68 -112.14 56.87
CA ASN OA 123 75.27 -112.46 58.17
C ASN OA 123 75.77 -111.22 58.91
N GLU OA 124 74.83 -110.37 59.35
CA GLU OA 124 75.17 -109.11 60.02
C GLU OA 124 74.04 -108.64 60.99
N VAL OA 125 74.29 -107.54 61.68
CA VAL OA 125 73.35 -106.91 62.61
C VAL OA 125 72.37 -105.99 61.90
N ALA OA 126 71.11 -106.09 62.27
CA ALA OA 126 70.09 -105.22 61.70
C ALA OA 126 70.19 -103.81 62.33
N ILE OA 127 70.52 -102.80 61.51
CA ILE OA 127 70.70 -101.42 61.98
C ILE OA 127 69.64 -100.44 61.48
N GLU OA 128 68.98 -99.78 62.41
CA GLU OA 128 67.98 -98.76 62.07
C GLU OA 128 68.57 -97.36 62.22
N SER OA 129 68.01 -96.39 61.48
CA SER OA 129 68.48 -95.01 61.58
C SER OA 129 67.41 -93.92 61.50
N MET OA 130 67.76 -92.77 62.04
CA MET OA 130 66.90 -91.59 62.09
C MET OA 130 67.59 -90.29 61.68
N GLU OA 131 66.86 -89.43 60.97
CA GLU OA 131 67.35 -88.09 60.58
C GLU OA 131 66.54 -86.98 61.25
N LEU OA 132 67.25 -86.09 61.95
CA LEU OA 132 66.64 -84.99 62.70
C LEU OA 132 66.87 -83.56 62.20
N ALA OA 133 65.78 -82.80 62.20
CA ALA OA 133 65.78 -81.37 61.91
C ALA OA 133 65.98 -80.63 63.23
N HIS OA 134 66.56 -79.45 63.21
CA HIS OA 134 66.72 -78.68 64.45
C HIS OA 134 66.87 -77.20 64.14
N GLU OA 135 66.88 -76.37 65.18
CA GLU OA 135 66.99 -74.91 65.03
C GLU OA 135 68.24 -74.25 65.63
N GLY OA 136 69.33 -75.00 65.84
CA GLY OA 136 70.51 -74.34 66.37
C GLY OA 136 71.43 -75.22 67.18
N LEU OA 137 72.72 -74.92 67.06
CA LEU OA 137 73.81 -75.65 67.70
C LEU OA 137 74.84 -74.77 68.39
N VAL OA 138 75.13 -75.11 69.65
CA VAL OA 138 76.16 -74.45 70.47
C VAL OA 138 77.23 -75.47 70.91
N ILE OA 139 78.50 -75.11 70.76
CA ILE OA 139 79.58 -76.03 71.13
C ILE OA 139 80.34 -75.60 72.37
N GLN OA 140 80.39 -76.47 73.37
CA GLN OA 140 81.07 -76.19 74.63
C GLN OA 140 82.28 -77.08 74.88
N ASN OA 141 83.43 -76.45 75.11
CA ASN OA 141 84.68 -77.15 75.39
C ASN OA 141 85.53 -76.30 76.32
N GLU OA 142 85.45 -76.59 77.60
CA GLU OA 142 86.10 -75.77 78.61
C GLU OA 142 87.30 -76.48 79.22
N SER PA 2 120.04 -78.25 44.34
CA SER PA 2 119.83 -79.14 43.19
C SER PA 2 118.66 -80.05 43.47
N TYR PA 3 118.08 -79.87 44.62
CA TYR PA 3 116.96 -80.68 45.05
C TYR PA 3 115.75 -79.81 45.34
N PRO PA 4 114.53 -80.30 45.08
CA PRO PA 4 113.26 -79.65 45.38
C PRO PA 4 112.93 -79.69 46.85
N LEU PA 5 112.01 -78.83 47.26
CA LEU PA 5 111.51 -78.80 48.63
C LEU PA 5 110.48 -79.89 48.90
N SER PA 6 110.43 -80.38 50.14
CA SER PA 6 109.44 -81.34 50.61
C SER PA 6 108.17 -80.60 51.04
N LYS PA 7 107.10 -81.35 51.38
CA LYS PA 7 105.81 -80.70 51.71
C LYS PA 7 105.30 -80.96 53.15
N PHE PA 8 106.11 -81.45 54.09
CA PHE PA 8 105.57 -81.74 55.42
C PHE PA 8 105.98 -80.83 56.60
N HIS PA 9 106.91 -79.90 56.42
CA HIS PA 9 107.31 -79.05 57.53
C HIS PA 9 106.86 -77.59 57.28
N PHE PA 10 105.85 -77.15 58.02
CA PHE PA 10 105.22 -75.85 57.80
C PHE PA 10 104.54 -75.30 59.05
N SER PA 11 104.18 -74.01 59.02
CA SER PA 11 103.42 -73.40 60.12
C SER PA 11 102.39 -72.37 59.66
N VAL PA 12 101.33 -72.19 60.48
CA VAL PA 12 100.28 -71.21 60.14
C VAL PA 12 99.98 -70.21 61.24
N GLU PA 13 100.10 -68.91 60.94
CA GLU PA 13 99.78 -67.86 61.90
C GLU PA 13 98.42 -67.24 61.60
N TRP PA 14 97.46 -67.54 62.47
CA TRP PA 14 96.08 -67.12 62.25
C TRP PA 14 95.44 -66.36 63.42
N GLY PA 15 96.23 -65.90 64.39
CA GLY PA 15 95.67 -65.19 65.54
C GLY PA 15 95.17 -66.08 66.68
N GLY PA 16 95.41 -67.39 66.62
CA GLY PA 16 94.95 -68.30 67.66
C GLY PA 16 96.10 -68.61 68.59
N THR PA 17 95.96 -69.65 69.42
CA THR PA 17 97.04 -69.97 70.35
C THR PA 17 98.07 -71.00 69.87
N LYS PA 18 97.76 -71.76 68.81
CA LYS PA 18 98.65 -72.78 68.28
C LYS PA 18 98.87 -72.57 66.78
N ILE PA 19 100.04 -72.98 66.29
CA ILE PA 19 100.37 -72.85 64.87
C ILE PA 19 100.52 -74.17 64.12
N GLY PA 20 100.24 -75.29 64.79
CA GLY PA 20 100.35 -76.61 64.17
C GLY PA 20 99.05 -77.09 63.55
N PHE PA 21 99.13 -77.53 62.32
CA PHE PA 21 97.99 -78.05 61.55
C PHE PA 21 98.32 -79.36 60.89
N THR PA 22 97.29 -80.13 60.63
CA THR PA 22 97.39 -81.39 59.94
C THR PA 22 97.38 -81.20 58.42
N GLU PA 23 96.51 -80.32 57.95
CA GLU PA 23 96.36 -80.10 56.51
C GLU PA 23 95.98 -78.68 56.13
N VAL PA 24 96.60 -78.18 55.05
CA VAL PA 24 96.30 -76.87 54.47
C VAL PA 24 96.07 -76.99 52.95
N SER PA 25 94.97 -76.45 52.44
CA SER PA 25 94.72 -76.49 50.98
C SER PA 25 93.92 -75.30 50.42
N GLY PA 26 94.04 -75.08 49.09
CA GLY PA 26 93.28 -74.01 48.40
C GLY PA 26 94.04 -72.72 48.03
N LEU PA 27 95.36 -72.73 48.10
CA LEU PA 27 96.15 -71.53 47.78
C LEU PA 27 96.30 -71.28 46.26
N ASP PA 28 95.16 -70.99 45.61
CA ASP PA 28 95.04 -70.77 44.16
C ASP PA 28 94.78 -69.31 43.72
N LEU PA 29 95.14 -69.01 42.46
CA LEU PA 29 94.90 -67.72 41.79
C LEU PA 29 94.23 -67.97 40.44
N GLU PA 30 93.19 -67.20 40.06
CA GLU PA 30 92.54 -67.44 38.75
C GLU PA 30 92.04 -66.17 38.03
N THR PA 31 92.21 -66.13 36.70
CA THR PA 31 91.76 -65.01 35.86
C THR PA 31 90.84 -65.45 34.72
N GLU PA 32 89.76 -64.69 34.48
CA GLU PA 32 88.80 -64.94 33.39
C GLU PA 32 89.32 -64.50 32.01
N ILE PA 33 88.74 -65.08 30.96
CA ILE PA 33 89.16 -64.75 29.61
C ILE PA 33 88.07 -64.16 28.72
N ILE PA 34 88.39 -63.05 28.07
CA ILE PA 34 87.48 -62.38 27.16
C ILE PA 34 87.89 -62.69 25.71
N GLU PA 35 86.96 -63.24 24.92
CA GLU PA 35 87.25 -63.64 23.53
C GLU PA 35 86.62 -62.74 22.47
N TYR PA 36 87.28 -62.58 21.31
CA TYR PA 36 86.75 -61.76 20.20
C TYR PA 36 87.14 -62.16 18.77
N ARG PA 37 86.21 -62.02 17.81
CA ARG PA 37 86.53 -62.20 16.38
C ARG PA 37 85.69 -61.30 15.46
N HIS PA 38 86.34 -60.54 14.58
CA HIS PA 38 85.62 -59.72 13.61
C HIS PA 38 85.49 -60.51 12.30
N GLY PA 39 84.32 -60.42 11.68
CA GLY PA 39 83.93 -61.21 10.50
C GLY PA 39 84.93 -61.23 9.34
N ALA PA 40 85.71 -60.18 9.14
CA ALA PA 40 86.66 -60.14 8.04
C ALA PA 40 87.99 -60.82 8.32
N SER PA 41 88.24 -61.34 9.52
CA SER PA 41 89.53 -61.95 9.80
C SER PA 41 89.82 -63.21 8.97
N PRO PA 42 91.05 -63.38 8.40
CA PRO PA 42 91.54 -64.58 7.72
C PRO PA 42 91.62 -65.82 8.61
N GLU PA 43 91.63 -65.64 9.93
CA GLU PA 43 91.67 -66.79 10.82
C GLU PA 43 90.30 -67.06 11.33
N TYR PA 44 89.99 -68.33 11.54
CA TYR PA 44 88.66 -68.74 11.95
C TYR PA 44 88.59 -69.14 13.41
N SER PA 45 89.35 -68.44 14.23
CA SER PA 45 89.43 -68.64 15.66
C SER PA 45 89.47 -67.27 16.33
N LYS PA 46 89.34 -67.24 17.67
CA LYS PA 46 89.28 -65.97 18.39
C LYS PA 46 90.56 -65.50 19.05
N ILE PA 47 90.63 -64.19 19.31
CA ILE PA 47 91.76 -63.58 20.03
C ILE PA 47 91.37 -63.46 21.50
N LYS PA 48 92.33 -63.69 22.40
CA LYS PA 48 92.02 -63.69 23.82
C LYS PA 48 92.74 -62.63 24.67
N MET PA 49 92.03 -62.09 25.67
CA MET PA 49 92.65 -61.16 26.63
C MET PA 49 92.11 -61.38 28.07
N PRO PA 50 92.88 -61.05 29.12
CA PRO PA 50 92.48 -61.10 30.52
C PRO PA 50 91.26 -60.27 30.93
N GLY PA 51 90.44 -60.89 31.77
CA GLY PA 51 89.24 -60.39 32.41
C GLY PA 51 89.46 -60.14 33.91
N MET PA 52 88.38 -60.26 34.68
CA MET PA 52 88.36 -60.06 36.13
C MET PA 52 89.00 -61.25 36.87
N GLN PA 53 89.44 -61.02 38.11
CA GLN PA 53 90.12 -62.06 38.90
C GLN PA 53 89.30 -62.67 40.06
N LYS PA 54 89.64 -63.91 40.40
CA LYS PA 54 89.07 -64.71 41.48
C LYS PA 54 90.09 -65.34 42.44
N PHE PA 55 89.61 -65.66 43.64
CA PHE PA 55 90.40 -66.40 44.63
C PHE PA 55 89.58 -67.57 45.17
N SER PA 56 90.27 -68.66 45.53
CA SER PA 56 89.61 -69.83 46.15
C SER PA 56 89.56 -69.71 47.67
N ASN PA 57 88.64 -70.45 48.30
CA ASN PA 57 88.59 -70.51 49.76
C ASN PA 57 89.70 -71.40 50.29
N ILE PA 58 90.15 -71.13 51.51
CA ILE PA 58 91.22 -71.90 52.14
C ILE PA 58 90.72 -72.84 53.23
N THR PA 59 91.15 -74.10 53.16
CA THR PA 59 90.74 -75.09 54.17
C THR PA 59 91.86 -75.48 55.11
N LEU PA 60 91.58 -75.43 56.42
CA LEU PA 60 92.52 -75.81 57.46
C LEU PA 60 91.99 -76.96 58.34
N LYS PA 61 92.83 -77.97 58.58
CA LYS PA 61 92.41 -79.16 59.39
C LYS PA 61 93.35 -79.36 60.60
N ARG PA 62 92.78 -79.68 61.77
CA ARG PA 62 93.59 -79.90 63.00
C ARG PA 62 92.90 -80.95 63.88
N GLY PA 63 93.65 -81.55 64.81
CA GLY PA 63 93.07 -82.52 65.76
C GLY PA 63 92.40 -81.80 66.92
N THR PA 64 91.30 -82.32 67.45
CA THR PA 64 90.64 -81.78 68.65
C THR PA 64 91.37 -82.06 69.96
N PHE PA 65 91.58 -81.00 70.74
CA PHE PA 65 92.24 -81.05 72.04
C PHE PA 65 91.37 -80.53 73.17
N LYS PA 66 91.61 -81.08 74.35
CA LYS PA 66 90.94 -80.67 75.57
C LYS PA 66 91.16 -79.19 75.85
N SER PA 67 90.06 -78.50 76.15
CA SER PA 67 89.97 -77.08 76.47
C SER PA 67 90.41 -76.11 75.37
N ASP PA 68 90.39 -76.55 74.12
CA ASP PA 68 90.71 -75.69 72.99
C ASP PA 68 89.51 -75.49 72.09
N ASN PA 69 88.92 -74.31 72.15
CA ASN PA 69 87.71 -74.05 71.39
C ASN PA 69 87.91 -72.83 70.48
N GLU PA 70 89.12 -72.69 69.96
CA GLU PA 70 89.49 -71.56 69.14
C GLU PA 70 88.69 -71.37 67.87
N TYR PA 71 88.31 -72.46 67.22
CA TYR PA 71 87.55 -72.37 65.97
C TYR PA 71 86.15 -71.81 66.15
N PHE PA 72 85.47 -72.31 67.18
CA PHE PA 72 84.12 -71.88 67.49
C PHE PA 72 84.12 -70.43 67.88
N GLN PA 73 85.06 -70.04 68.76
CA GLN PA 73 85.09 -68.68 69.24
C GLN PA 73 85.28 -67.65 68.11
N TRP PA 74 86.13 -67.94 67.12
CA TRP PA 74 86.29 -67.01 66.00
C TRP PA 74 84.97 -66.92 65.21
N TYR PA 75 84.39 -68.08 64.88
CA TYR PA 75 83.14 -68.16 64.11
C TYR PA 75 82.04 -67.36 64.80
N ASN PA 76 81.99 -67.46 66.11
CA ASN PA 76 80.98 -66.83 66.92
C ASN PA 76 81.16 -65.29 67.04
N THR PA 77 82.13 -64.69 66.33
CA THR PA 77 82.27 -63.24 66.33
C THR PA 77 81.40 -62.62 65.23
N ILE PA 78 80.71 -63.46 64.44
CA ILE PA 78 79.86 -62.96 63.38
C ILE PA 78 78.57 -62.38 63.99
N ASN PA 79 78.26 -61.15 63.61
CA ASN PA 79 77.09 -60.44 64.10
C ASN PA 79 76.45 -59.64 62.96
N LEU PA 80 75.47 -60.26 62.32
CA LEU PA 80 74.79 -59.75 61.12
C LEU PA 80 75.80 -59.55 59.98
N ASN PA 81 76.33 -58.35 59.79
CA ASN PA 81 77.30 -58.12 58.72
C ASN PA 81 78.70 -57.83 59.26
N LYS PA 82 78.91 -57.99 60.55
CA LYS PA 82 80.21 -57.74 61.15
C LYS PA 82 80.89 -59.06 61.50
N VAL PA 83 82.21 -59.07 61.42
CA VAL PA 83 83.02 -60.23 61.77
C VAL PA 83 84.44 -59.78 62.05
N GLU PA 84 85.16 -60.48 62.92
CA GLU PA 84 86.56 -60.15 63.10
C GLU PA 84 87.36 -60.66 61.90
N ARG PA 85 88.04 -59.76 61.20
CA ARG PA 85 88.84 -60.17 60.05
C ARG PA 85 90.30 -60.25 60.45
N ARG PA 86 91.02 -61.25 59.91
CA ARG PA 86 92.43 -61.40 60.27
C ARG PA 86 93.39 -61.57 59.10
N ASP PA 87 94.64 -61.24 59.35
CA ASP PA 87 95.72 -61.48 58.41
C ASP PA 87 96.28 -62.87 58.63
N LEU PA 88 96.24 -63.69 57.60
CA LEU PA 88 96.67 -65.08 57.66
C LEU PA 88 98.04 -65.29 56.99
N THR PA 89 99.00 -65.81 57.75
CA THR PA 89 100.33 -66.04 57.13
C THR PA 89 100.72 -67.52 57.16
N ILE PA 90 100.95 -68.08 55.99
CA ILE PA 90 101.29 -69.49 55.85
C ILE PA 90 102.72 -69.66 55.36
N SER PA 91 103.50 -70.46 56.06
CA SER PA 91 104.92 -70.58 55.70
C SER PA 91 105.53 -71.98 55.69
N LEU PA 92 106.27 -72.25 54.61
CA LEU PA 92 107.05 -73.48 54.38
C LEU PA 92 108.42 -73.28 55.01
N LEU PA 93 108.84 -74.21 55.86
CA LEU PA 93 110.08 -74.07 56.64
C LEU PA 93 111.30 -74.89 56.23
N ASN PA 94 112.50 -74.36 56.54
CA ASN PA 94 113.78 -75.06 56.34
C ASN PA 94 114.22 -75.84 57.59
N GLU PA 95 115.42 -76.42 57.55
CA GLU PA 95 115.97 -77.22 58.65
C GLU PA 95 116.28 -76.45 59.94
N GLU PA 96 116.28 -75.10 59.88
CA GLU PA 96 116.53 -74.25 61.03
C GLU PA 96 115.20 -73.74 61.57
N HIS PA 97 114.12 -74.24 60.98
CA HIS PA 97 112.74 -73.89 61.24
C HIS PA 97 112.43 -72.44 60.88
N GLU PA 98 113.09 -71.94 59.81
CA GLU PA 98 112.88 -70.59 59.31
C GLU PA 98 112.08 -70.65 58.01
N PRO PA 99 111.30 -69.62 57.65
CA PRO PA 99 110.57 -69.50 56.40
C PRO PA 99 111.43 -69.57 55.14
N VAL PA 100 110.88 -70.23 54.13
CA VAL PA 100 111.46 -70.36 52.81
C VAL PA 100 110.45 -69.79 51.81
N VAL PA 101 109.21 -70.28 51.87
CA VAL PA 101 108.15 -69.82 50.96
C VAL PA 101 106.97 -69.33 51.78
N THR PA 102 106.55 -68.10 51.54
CA THR PA 102 105.43 -67.55 52.30
C THR PA 102 104.23 -67.12 51.46
N TRP PA 103 103.05 -67.51 51.93
CA TRP PA 103 101.79 -67.14 51.32
C TRP PA 103 101.09 -66.14 52.23
N LYS PA 104 100.87 -64.93 51.73
CA LYS PA 104 100.27 -63.86 52.51
C LYS PA 104 98.81 -63.62 52.14
N VAL PA 105 97.90 -63.79 53.09
CA VAL PA 105 96.46 -63.67 52.83
C VAL PA 105 95.78 -62.53 53.61
N LYS PA 106 95.10 -61.68 52.84
CA LYS PA 106 94.39 -60.48 53.30
C LYS PA 106 92.91 -60.70 53.71
N ASN PA 107 92.50 -60.14 54.85
CA ASN PA 107 91.10 -60.12 55.30
C ASN PA 107 90.30 -61.43 55.46
N ALA PA 108 90.90 -62.49 55.97
CA ALA PA 108 90.17 -63.74 56.10
C ALA PA 108 89.15 -63.81 57.24
N TRP PA 109 88.07 -64.56 57.04
CA TRP PA 109 87.06 -64.82 58.06
C TRP PA 109 86.50 -66.20 57.84
N PRO PA 110 85.94 -66.84 58.87
CA PRO PA 110 85.41 -68.19 58.61
C PRO PA 110 83.97 -68.33 58.09
N LEU PA 111 83.86 -69.00 56.94
CA LEU PA 111 82.66 -69.38 56.22
C LEU PA 111 81.91 -70.55 56.87
N LYS PA 112 82.63 -71.57 57.30
CA LYS PA 112 82.04 -72.76 57.94
C LYS PA 112 83.04 -73.44 58.87
N VAL PA 113 82.49 -74.05 59.92
CA VAL PA 113 83.21 -74.87 60.89
C VAL PA 113 82.56 -76.24 60.91
N GLN PA 114 83.36 -77.28 60.62
CA GLN PA 114 82.86 -78.69 60.60
C GLN PA 114 83.45 -79.55 61.72
N SER PA 115 82.56 -80.15 62.48
CA SER PA 115 82.91 -81.08 63.56
C SER PA 115 83.07 -82.51 63.06
N THR PA 116 83.59 -83.36 63.91
CA THR PA 116 83.80 -84.77 63.61
C THR PA 116 82.58 -85.64 63.72
N ASP PA 117 82.69 -86.83 63.13
CA ASP PA 117 81.64 -87.87 63.18
C ASP PA 117 82.10 -88.91 64.21
N LEU PA 118 81.16 -89.54 64.91
CA LEU PA 118 81.45 -90.47 65.99
C LEU PA 118 81.11 -91.89 65.58
N LYS PA 119 81.99 -92.83 65.87
CA LYS PA 119 81.75 -94.24 65.53
C LYS PA 119 82.14 -95.19 66.65
N GLY PA 120 81.32 -96.21 66.88
CA GLY PA 120 81.57 -97.23 67.92
C GLY PA 120 82.88 -97.99 67.73
N ASP PA 121 83.28 -98.20 66.48
CA ASP PA 121 84.50 -98.87 66.11
C ASP PA 121 85.49 -97.91 65.44
N GLY PA 122 85.32 -96.62 65.70
CA GLY PA 122 86.15 -95.57 65.12
C GLY PA 122 87.49 -95.41 65.78
N ASN PA 123 88.38 -96.34 65.53
CA ASN PA 123 89.72 -96.32 66.13
C ASN PA 123 90.65 -95.29 65.46
N GLU PA 124 90.35 -94.00 65.64
CA GLU PA 124 91.11 -92.91 65.01
C GLU PA 124 91.03 -91.60 65.81
N VAL PA 125 91.75 -90.58 65.35
CA VAL PA 125 91.77 -89.23 65.92
C VAL PA 125 90.61 -88.38 65.45
N ALA PA 126 89.99 -87.67 66.37
CA ALA PA 126 88.91 -86.76 66.03
C ALA PA 126 89.48 -85.48 65.39
N ILE PA 127 89.17 -85.23 64.11
CA ILE PA 127 89.68 -84.07 63.36
C ILE PA 127 88.63 -83.04 63.01
N GLU PA 128 88.85 -81.80 63.42
CA GLU PA 128 87.94 -80.71 63.10
C GLU PA 128 88.52 -79.86 61.96
N SER PA 129 87.64 -79.18 61.21
CA SER PA 129 88.10 -78.33 60.11
C SER PA 129 87.33 -77.02 59.91
N MET PA 130 88.02 -76.08 59.27
CA MET PA 130 87.48 -74.75 58.98
C MET PA 130 87.73 -74.28 57.54
N GLU PA 131 86.75 -73.59 56.97
CA GLU PA 131 86.86 -72.99 55.64
C GLU PA 131 86.82 -71.46 55.68
N LEU PA 132 87.85 -70.82 55.12
CA LEU PA 132 88.00 -69.38 55.12
C LEU PA 132 87.86 -68.62 53.80
N ALA PA 133 87.13 -67.52 53.86
CA ALA PA 133 86.98 -66.56 52.76
C ALA PA 133 88.09 -65.53 52.90
N HIS PA 134 88.53 -64.93 51.80
CA HIS PA 134 89.56 -63.89 51.90
C HIS PA 134 89.50 -62.98 50.68
N GLU PA 135 90.29 -61.91 50.71
CA GLU PA 135 90.31 -60.93 49.62
C GLU PA 135 91.63 -60.78 48.85
N GLY PA 136 92.52 -61.78 48.88
CA GLY PA 136 93.75 -61.62 48.13
C GLY PA 136 94.94 -62.39 48.67
N LEU PA 137 95.77 -62.85 47.73
CA LEU PA 137 96.96 -63.65 48.00
C LEU PA 137 98.21 -63.19 47.25
N VAL PA 138 99.29 -63.04 48.01
CA VAL PA 138 100.62 -62.69 47.49
C VAL PA 138 101.64 -63.78 47.84
N ILE PA 139 102.44 -64.20 46.86
CA ILE PA 139 103.41 -65.27 47.11
C ILE PA 139 104.85 -64.76 47.10
N GLN PA 140 105.56 -65.00 48.20
CA GLN PA 140 106.95 -64.57 48.34
C GLN PA 140 107.95 -65.74 48.43
N ASN PA 141 108.93 -65.72 47.55
CA ASN PA 141 109.97 -66.74 47.51
C ASN PA 141 111.27 -66.11 47.02
N GLU PA 142 112.12 -65.72 47.94
CA GLU PA 142 113.33 -64.99 47.61
C GLU PA 142 114.58 -65.85 47.79
#